data_8JJR
#
_entry.id   8JJR
#
_cell.length_a   1.00
_cell.length_b   1.00
_cell.length_c   1.00
_cell.angle_alpha   90.00
_cell.angle_beta   90.00
_cell.angle_gamma   90.00
#
_symmetry.space_group_name_H-M   'P 1'
#
loop_
_entity.id
_entity.type
_entity.pdbx_description
1 polymer PCPI-7
2 polymer PCPI-1
3 polymer PCP-11
4 polymer PCPI-6
5 polymer PCPI-5
6 polymer PCPI-8
7 polymer PCPI-4
8 polymer PCPI-10
9 polymer PCPI-3
10 polymer PCPI-9
11 polymer PCPI-13
12 polymer PCPI-12
13 polymer PCPI-2
14 polymer PsaA
15 polymer PsaB
16 polymer PsaC
17 polymer PsaD
18 polymer PsaE
19 polymer PsaF
20 polymer PsaI
21 polymer PsaJ
22 polymer PsaL
23 polymer PsaM
24 polymer PsaR
25 polymer PsaT
26 polymer PsaU
27 non-polymer 'CHLOROPHYLL A'
28 non-polymer 'Chlorophyll c2'
29 non-polymer '[(1~{S},5~{R})-3,3,5-trimethyl-5-oxidanyl-4-[(3~{E},5~{E},7~{E},9~{E},11~{E},13~{E},15~{E},17~{E})-3,7,12,16-tetramethyl-18-[(1~{S},4~{S},6~{R})-2,2,6-trimethyl-4-oxidanyl-7-oxabicyclo[4.1.0]heptan-1-yl]octadeca-1,3,5,7,9,11,13,15,17-nonaenylidene]cyclohexyl] ethanoate'
30 non-polymer "(3S,3'R,5R,6S,7cis)-7',8'-didehydro-5,6-dihydro-5,6-epoxy-beta,beta-carotene-3,3'-diol"
31 non-polymer 1,2-DI-O-ACYL-3-O-[6-DEOXY-6-SULFO-ALPHA-D-GLUCOPYRANOSYL]-SN-GLYCEROL
32 non-polymer PERIDININ
33 non-polymer 1,2-DISTEAROYL-MONOGALACTOSYL-DIGLYCERIDE
34 non-polymer 1,2-DIPALMITOYL-PHOSPHATIDYL-GLYCEROLE
35 non-polymer 'DIGALACTOSYL DIACYL GLYCEROL (DGDG)'
36 non-polymer DODECYL-ALPHA-D-MALTOSIDE
37 non-polymer PHYLLOQUINONE
38 non-polymer BETA-CAROTENE
39 non-polymer 'IRON/SULFUR CLUSTER'
#
loop_
_entity_poly.entity_id
_entity_poly.type
_entity_poly.pdbx_seq_one_letter_code
_entity_poly.pdbx_strand_id
1 'polypeptide(L)'
;MLAYGGIVTTAVLTQEKWPFFDAVVNAVPDNKQVRAPATFCGGAAPRSVSRTACHASSSKSLPFLPKPQNLGGLAGGDAE
FDPLGFSDTFDVKWLRESELKHGRVCMLATVGFVAEQYIQFPGFTPAEDALQAIYTAPPNITALLLFACGYIESSAYDGK
LTMLDMFDGEGAKRAPGDLNFGKRFLPGDKAAADDLATKELSNGRLAMLAFAGMVHHNLVVKGPLFPLFPEGWAGPQGSW
DLDSTAGALNSGSLGL
;
A
2 'polypeptide(L)'
;MARVAALALSAGGLAFVVPRSSTSTSSLRGVSVSAPAAEPTSSASWGAAAATATAALGLAAASATSATRRTARKAVGVCL
PLTDKFDPLNLASTDEKLERYTQVEIKHGRVAMIAVVGYIMPEIFRFPGCESFQHGLAALESIPLEGWVQLAALVGAHEV
LVKPRAGGLGTSDFGLGTELLDGIEEPELERKLTAERNNGRLAMVAIMGLMVQDGMFGEPPLSYMSKNGWWGEGVQYFVQ
HLNNCQSFSGSFVDNAGVCALPSRQGRTA
;
B
3 'polypeptide(L)'
;ATKLSEGPFIETETYPAPKEMEMSAAVPFLRYPQVLKGWVGEEKGFDPLGVTDALPVYWVREAELKHGRVCMLATVGWIA
TDLGMRFPGDQFQSVQTTLEAHDKMVEAGLMAPFLGAVGTFELYSLWLFFKGWEMEVNRDAGDFFLGKQFLPKEPAKEKD
MRLKELENGRLAMFAFSGIVTQAAMTGQAWPFM
;
C
4 'polypeptide(L)'
;GGYKMSPAVPFLPMSPALEGIPGEEEGFDPMGFSLAIDIRWLREAELKHGRVAMLATVGWIATDLGLRVPGEPFQVSTVE
AHDAMVKFGSMPQMLVWMGYAELFGFLAIVNMFEGKTDRKPGDFGLRGFYPQDAKGQYDMQVKELRNGRLAMLAYGGIVT
TAVLTQEKWPFFDAVVN
;
D
5 'polypeptide(L)'
;MAVAAGLLALPAFVPSSLTGAQAPAAPALRGNSQGSAGAGSASVGIAGAACAVLGAAALRRGVAARKALRRELAIAYEDS
GIDLLDNGKFCQGLAGADGAWGRYEFDPLGFSKKTELVPYFREAELKHGRLAMLAWVGMVVPDFVRIPGEKFSFEAVPLP
IDGHDAFSGATGVNAQILFWVGILEFCCAKKVFEWNSLEVAGDYGLTKFFPSDEEGQKKMRTAELKNGRLAMLAFGGAIT
QAVITRHPFPWLY
;
E
6 'polypeptide(L)'
;MEVAFLTPIATNVASSVAPAHAGKAPGPPGPAGASFGLTAAFGVAAALGLASRKRVQRAAQEMATLPKHMQPVDTADYPV
YKPGPSGVPKLPQLVGDWGVPLPGSYKACLTMVGPDVETACEVGKPWDPLGLSKLYDRNFDFNGNMTYPHVQWLRESELK
HGRCAMLAIVGIFAQQSFHIDGYPEAPWYEALKACYDNPAGIVGFGIAQISAFAMVIEGAYFPKDSWIGQMDREPGDLGF
DPLKLAKDAESMKSMQLKELKNGRLAMMAFMSCVVGHYVPGSVPGV
;
F
7 'polypeptide(L)'
;MLGLAGAGAVTAASMGVSQRQRVVRRAEFAAGMAGSKLHGWGEYQFDPAGFATSYPELLGWFRESELKHGRVAMLAYVGL
IVPDAFRLPFEEVQDSSLDLLSAHNKLIGPGLGEGPMWWLLLACGVIESFRFKQVGLAFESLTTENAGDLGLRMFAPSSA
EGMESMKMKELKNGRLAMLAIGGALTQGVLFNAHHFPFMSALRSEKQSGIGSRSTMVGTAASMGVSQR
;
G
8 'polypeptide(L)'
;MALGAAAAAYLGSSAVQAFLAPSAPSPALRGAPGTSGTSASASSSGFSATSFGATAVATAALALARRGRGLVPRAAEAEP
FAGGLIGGESAFAGQDFNFDPLGLATKCEKFLPWFREAELKHGRIAMLAWVGLVAPEFVRIPGPEQCYGAKTVVEAHNAC
AGDPYFPFIIDATDFYGKDGHQVGPLFQVFAFCGAVEMLTTFAKTANVSNKPGLTLANAGDYRLGANFLPEDEAKAKEMK
LKELKNGRLAMLAFGGAITQATLTGNGFPWL
;
H
9 'polypeptide(L)'
;MFFQDGLTGSAWGDWALYTDSPLRALTPAQESIAGTGGPFPENFWDPAGITSKKSKEEILELRAIELKHGRVAMLAVLGW
FHVAAGFHIIGDLATGTYLDNNPLVSVTQLPMGGMWQTVFFIMCLEWVSTYVCPPPKSKPWDILGWSDILLEDEDNYWNQ
FRKAEVQELNNGRLAMMAIVGLIVQDIFFGDFGEVKVCFSSQTCQDIGDYLPGWTGPLPPVAYDFPPLYPAPEVPYTGYQ
APLKLM
;
I
10 'polypeptide(L)'
;MAIIGMFFQDGLTGSAWGDWANYTDSPLRAFEGELGVQAPVGYFDPLGLSKDGDVETFRRRRESELKNGRVAMFATIGYM
VPEYFKFPGYLAPSASLKFADVPNGIQAITKVPAEGWLQWVALCGCYELCVNQPVDAADPGNYGKGKLGYGNMVLGITAE
SISDPEARKRGLNSELANGRLAMMAIMGLWVQDGLFGTPYGLY
;
J
11 'polypeptide(L)'
;MLAIAGCGLSYQAFVQTAGSSHGAPTQALRGNASQATRTNLSSASVSAAASITGLAVLGASRARGDKVRRCAEFNGADMP
GATAPLGWFDPLGLGKTEERFNKMRAAELKHGRVAMMASLGCVVQHWAKFPGFESAPAGLGALSNPAALGGMGALFLGCG
VLELGFWSDEAAKEPGNFGDPANFSAEYGAYSKEFRDKEINHGRMAMMAIIGQLSAEAVTGMDAAQ
;
K
12 'polypeptide(L)'
;MAIIGQLSAEAVTGMDAAQQAGLAAVARPRQIQSSSAFVGAASIAPKRLTARRAFDASQEAGVTAPLGYFDPAGFVQDEE
SFLNLRRAEIKHGRVAMMAALGLLVQSLIKLPGFDSVPAGLGAQWTAPGDAGLWTVVVLCGFFETGLNQWREDPKQPGNF
GDPMNLGNYTMEMRNKELNNGRIAMFAVMGIISAEIYTGNVAVAQF
;
T
13 'polypeptide(L)'
;SETFRRRRISEIKNGRVAMIACMGYIAPEYFRWPGYCSPSTDLKFADIPNGIQALYKMPAEAWAQIGVFIAFLELFPMRQ
EKDALPGDAPNFGRLGVPFFSSKADPEKNRRGLEAEINNGRLAMVAITGMISQNAFF
;
U
14 'polypeptide(L)'
;AIFRYVNATLWSKAGHFNKALSKGAKTTTWIWNLHASAHDFDIQQGSAGLIARKVFSSGLAHLSLVFFWLGGMHFHGAYL
SNYSAWLKDPKSVAPSSHIAYSLVGQDILNSYTSQYFSGITITSGFFQLYRSEGIVTQSQLKYACAASLIATLICLSGSY
LHMQLMSKFTSFYKKFQSLSQSHLIIMFGFGSVSFSAHQIHEALPINSLLDSGIWDPQLFSAITGKSTMAILLGTPSAIT
GKLLNPSTGSIFLSQVAAHHLAVGIVFITLGLIKWCNLFFSRNAILSLRLAYMDYHAQLSINLAVWASLSMVAAHHLTEI
PVYPYESTDYPTVLCLFVHHACLSGFFTVASGAHASIFVIRQLPTSEIRHRDPIIGHLIWVCIALGLHSFGLYCHNDTLE
ALGRPEDTFCDNSIQLKPIFAKQFLGLQPGIEVLDGKIVRMTQELGTADFMVHHIHAFTIHVTLLILLKGVLYARNSRLV
SDKLELGFAYPCDGPGRGGTCQISPWDHLFLAVFWMYNCLSVVIFHYFWKMQSDVWGSYVHLSQHLQLHCCSSLAHSSLT
CSHYSQGDFSVNSITINGWLRNLLWSEASQVIQSYALPSICSYGFIFLAAHFVWAFSLMFLFSGRAYWQELIESILWSHH
KLKIVPHIQPRALSISQGRAVGLTHYVLGGIGCTWAFIISRMLVLTT
;
a
15 'polypeptide(L)'
;MSFNGRCATSRYLQVMGSIHDIESYFALDNTLSLNLQIFTAHWGHLAIILMWISGNLYHIASNANYSLWIKNPIPSMPIA
HNIWDPHFTSSTSTPYSHTTTAAVLIAYSGIYNQLYTSGFSTVNQIYKATFAFSCLAVISILLAKIHIRTHSEVLHNSAT
HASQIPSFFQLLYFLDVGISSINIRLNFHTGVLVGFFSIAYTGHLLDVAIPASRAPLSHTSLSYLTFFGGLKSDTASLYL
TDIAHHHLAIGVIFVYIGHLYSSCSTALGTYIRDMLYTSAIYMFQIKSLHLALSLALAGCAVLTSATAQHIYSLTPYFYL
SYDYVTSVTLYVHHSYIASFLAIASHAHAAITLVRDWVAPLELESSCTIARIHTHKAAIISHLSWVSLWLGFHTLAIYSH
NDTNMAFGSPSKQILIEPTNAQLIQESSGKALYSFAINSLANYNKSFGSFIYPIGPGDLYVHHAIALGLHVTVLILLKGA
LEARGSKLMPDKMEHSFGFSCDGPGRGGTCDISAWDCFYLAMFWMLNTNAWIDFYFHYKYLAPRQFSESSTYLESWFRDY
LWFNSAPLIRAYSALGTNDLSVQAWFFLLTHLAWATGFMFLISWRGYWQELIDIILYMHLKTPILIDLWNGGVYTPLALS
IVQARFIGLVHFTAGLILTYPPFIISTTS
;
b
16 'polypeptide(L)'
;MSRLLMIAACAGLAARYVPQAFVPGLAQGAAPSTPHASFAEGKSTGALAGFAAVSCAIGAGAAAVQSRAARMARRSHAVK
IYDTCIGCTLCVRACPTDVLEMVPATVNAAKQVASSPRVEDCVGCKRCETACPTDFLSIRVYLQENEETQYSLGLDLADW
S
;
c
17 'polypeptide(L)'
;MASRGVGVAAVAVFGLATVAFVAPSSGARRLRAPVAQPAAFGASAPSGTSGLWTACSLGGVVLAVGAAVTRRAESKEIVV
ESIPRPEDLLESPKFPMFEGSTGGYMSRSTRERHAITWTAKDQNKFEMPTGGFAIMNKGENLCYFRKKEQCISLGKQLRK
MKIENYKIYRLKKDGTVIFMHPADGVFPEKVNKGRVQVNGRPFTIRGNPQQSELKWTKYHMKSYEADPLTTLFIKARVMA
FQDIPNLFALPQPNMEEMVPVEEVGEYTKQEYTTRLMEALKRVQDDRKAKEAKSL
;
d
18 'polypeptide(L)'
;MARVRSLALLLAAAYALAPCFVGSAAALDGSRLGATARSAEAKKKAKAPWVGPKKGSWVKVLRPESYWYQTRGQVVNVNQ
KPEIKYPVTVKFDRVNFSNVNTNGFALWEVIEAPAPGPGEV
;
e
19 'polypeptide(L)'
;MARPGSALLCVAAATVLVAAAVAFVGSPAGTHAPSTGRSVELGSRALPPAAESAAASGEAAAEQSGAESFMKWTAAGLLA
GLVMAVSSSTPASALPKPTDMFGGVDIDLENTPEHWTIKASKRLELCKDNKAYKKKFKDELYKTEKQQKKYATGSAVYAR
FNKKIAQIKNRQEAYGDRLCGKQDGNPRVVATGEWNVRASVMWPASIFLYTAGWIGWAGRSYLIRTNDETKELNIDVPLA
LTCMASGFSWPVAAWQEIVNGEMAVPSSQIHPGGPYTQS
;
f
20 'polypeptide(L)'
;MARPGRMLLVALAAVLGLSYCFLSSPEKLPKAKGVDFNAAVAASAALPALTMLAEDAEAKYGDNRKWSAVLVPLTTLVFP
AVAMGSFVLYSFQEDAFWRLVPGTKRAAEAEKAWREHPLFKDSKDPMFGLLNPDDYEKGLEEAWERAKPAGSTVTVKDKL
KQLSKQDSPHWESWRSLSA
;
i
21 'polypeptide(L)'
;MARFTNLILVAACVLLGNRFYTLLFANAPSQNLRSHVAVRAVDERDEGLVLITPEESGKVVKRDVNNNPPRIVMKTNDWD
QPEIQLSTGASNQINYITPVVASDDIKAWLSLNVNFFSILALLTVGGIIEIQRFFPDTLYW
;
j
22 'polypeptide(L)'
;MRDFASVSTALTLAAVCACTVLLTGDVLAFTAGVSRGPQLPPHATGASSLAGSSMPFASAQEVMGAKGVVCFGMGFGVLL
ALSRGLSQSRVSCKAEGSDIAVKEKADISKIAYLQDVPRTILEADVLEKLLMNTPRDQWEDPPEDTYLYTLKTFAEVYGP
GKATKMGWWDYFRLKLDLPPGFELLDEDEMKVAADYDKLMMEGKIPFAVPGPAGFWYTGAVIQWKGKEQFAGDQVQTLTE
NGRFSKQFLANLAFYRDGLKPWQRGLEIGMAHGYFLIGPFTSLGPLRNTPEAATVGLLCGCAIVGLVSIGGLIFGSTIKP
TRFDKEGDKPASGFIEMINWHAIGGLGGAGFAHALITVFGS
;
l
23 'polypeptide(L)'
;MARSPLILCLVAAAVMLVAPRAFVSSPKSQNAAALTAGVAAGSMVMPAWAYDQQMMDAQLLLARVPGGKRTKELGLVVPI
PEEDGLTDGQIAALFVVALVVLIAAVDLARSLYFGLQPNKFKTAKGKGSITPFMKRLIENGF
;
m
24 'polypeptide(L)'
;MGLAAAWRARSSTAAGAEGGAYKETPADERLFEQVYLQYTSEYMKGPMYWHKDKLQGSLPDYPGRPMIRDGKYTPYVLGN
LKSFSSNELAFLSMLFFGVGLYGNLQFNYYDPQWAKVDAGGYFNVSYIVESLLLPISFFMHIACYIQKQNGK
;
r
25 'polypeptide(L)'
;MSRRAGSVVVLGALACLVWGPSFTGSVPRRQESALARMASSKWVNPEDPEMSHPSGLYVLPLKPAKPQENYIYTWKKGED
GSIEDYVKTPFKGPERAADYYTQRKGNGAWDHWGPQGEGEA
;
x
26 'polypeptide(L)'
;MARSLAVAALIAVAGGLAFVPGAIPRGTTAPPSRALQAAPAAESSWGSLPTLVGGMALGVFFSLATLAPVRAEEAPATPA
PTPAEQAPTPAPGPSDEEILAKGCDIRVDCTTKEQQFAWAKAYYRKYNQETDGKDPKYSKPSTGAGVFRKFKIDWPNPDP
SIPDTTDGTYPIRNEDFLPIWKQQQEDLRAKMKEYIGREFTEIRWIGDYDNARSPYKPHNGYY
;
y
#
loop_
_chem_comp.id
_chem_comp.type
_chem_comp.name
_chem_comp.formula
BCR non-polymer BETA-CAROTENE 'C40 H56'
CLA non-polymer 'CHLOROPHYLL A' 'C55 H72 Mg N4 O5'
DD6 non-polymer (3S,3'R,5R,6S,7cis)-7',8'-didehydro-5,6-dihydro-5,6-epoxy-beta,beta-carotene-3,3'-diol 'C40 H54 O3'
DGD saccharide 'DIGALACTOSYL DIACYL GLYCEROL (DGDG)' 'C51 H96 O15'
KC2 non-polymer 'Chlorophyll c2' 'C35 H28 Mg N4 O5'
LHG non-polymer 1,2-DIPALMITOYL-PHOSPHATIDYL-GLYCEROLE 'C38 H75 O10 P'
LMG non-polymer 1,2-DISTEAROYL-MONOGALACTOSYL-DIGLYCERIDE 'C45 H86 O10'
LMU D-saccharide DODECYL-ALPHA-D-MALTOSIDE 'C24 H46 O11'
PID non-polymer PERIDININ 'C39 H50 O7'
PQN non-polymer PHYLLOQUINONE 'C31 H46 O2'
SF4 non-polymer 'IRON/SULFUR CLUSTER' 'Fe4 S4'
SQD non-polymer 1,2-DI-O-ACYL-3-O-[6-DEOXY-6-SULFO-ALPHA-D-GLUCOPYRANOSYL]-SN-GLYCEROL 'C41 H78 O12 S'
UIX non-polymer '[(1~{S},5~{R})-3,3,5-trimethyl-5-oxidanyl-4-[(3~{E},5~{E},7~{E},9~{E},11~{E},13~{E},15~{E},17~{E})-3,7,12,16-tetramethyl-18-[(1~{S},4~{S},6~{R})-2,2,6-trimethyl-4-oxidanyl-7-oxabicyclo[4.1.0]heptan-1-yl]octadeca-1,3,5,7,9,11,13,15,17-nonaenylidene]cyclohexyl] ethanoate' 'C42 H58 O5'
#
# COMPACT_ATOMS: atom_id res chain seq x y z
N SER A 57 -43.45 -46.81 -22.42
CA SER A 57 -43.35 -47.33 -23.81
C SER A 57 -41.91 -47.31 -24.29
N SER A 58 -41.35 -48.50 -24.52
CA SER A 58 -39.96 -48.62 -24.96
C SER A 58 -39.84 -48.28 -26.44
N SER A 59 -38.71 -47.66 -26.80
CA SER A 59 -38.46 -47.35 -28.19
C SER A 59 -38.28 -48.62 -29.00
N LYS A 60 -38.78 -48.60 -30.24
CA LYS A 60 -38.65 -49.79 -31.10
C LYS A 60 -37.19 -50.11 -31.37
N SER A 61 -36.41 -49.10 -31.76
CA SER A 61 -35.00 -49.34 -32.09
C SER A 61 -34.22 -49.78 -30.87
N LEU A 62 -34.50 -49.18 -29.71
CA LEU A 62 -33.79 -49.46 -28.45
C LEU A 62 -34.84 -49.86 -27.42
N PRO A 63 -35.26 -51.13 -27.40
CA PRO A 63 -36.35 -51.53 -26.52
C PRO A 63 -36.03 -51.41 -25.03
N PHE A 64 -34.81 -51.05 -24.66
CA PHE A 64 -34.42 -50.87 -23.27
C PHE A 64 -34.43 -49.41 -22.85
N LEU A 65 -34.91 -48.52 -23.70
CA LEU A 65 -34.94 -47.09 -23.42
C LEU A 65 -36.34 -46.55 -23.64
N PRO A 66 -36.70 -45.45 -22.97
CA PRO A 66 -38.04 -44.88 -23.15
C PRO A 66 -38.22 -44.34 -24.57
N LYS A 67 -39.46 -44.41 -25.04
CA LYS A 67 -39.78 -43.97 -26.39
C LYS A 67 -39.74 -42.44 -26.46
N PRO A 68 -39.06 -41.84 -27.44
CA PRO A 68 -39.15 -40.39 -27.60
C PRO A 68 -40.53 -39.98 -28.09
N GLN A 69 -41.06 -38.91 -27.50
CA GLN A 69 -42.43 -38.49 -27.72
C GLN A 69 -42.57 -37.28 -28.63
N ASN A 70 -41.49 -36.54 -28.87
CA ASN A 70 -41.56 -35.29 -29.60
C ASN A 70 -41.24 -35.43 -31.09
N LEU A 71 -40.74 -36.57 -31.52
CA LEU A 71 -40.37 -36.77 -32.92
C LEU A 71 -41.46 -37.43 -33.75
N GLY A 72 -42.65 -37.64 -33.18
CA GLY A 72 -43.71 -38.28 -33.93
C GLY A 72 -44.23 -37.40 -35.05
N GLY A 73 -44.78 -38.05 -36.07
CA GLY A 73 -45.37 -37.36 -37.20
C GLY A 73 -44.44 -37.07 -38.36
N LEU A 74 -43.20 -37.55 -38.31
CA LEU A 74 -42.23 -37.34 -39.37
C LEU A 74 -41.87 -38.66 -40.03
N ALA A 75 -41.71 -38.61 -41.35
CA ALA A 75 -41.33 -39.80 -42.10
C ALA A 75 -39.92 -40.25 -41.74
N GLY A 76 -39.69 -41.55 -41.78
CA GLY A 76 -38.41 -42.12 -41.43
C GLY A 76 -38.20 -42.37 -39.95
N GLY A 77 -39.20 -42.11 -39.13
CA GLY A 77 -39.08 -42.33 -37.70
C GLY A 77 -39.69 -43.65 -37.26
N ASP A 78 -39.85 -44.59 -38.20
CA ASP A 78 -40.45 -45.88 -37.87
C ASP A 78 -39.76 -46.50 -36.67
N ALA A 79 -38.42 -46.54 -36.71
CA ALA A 79 -37.63 -46.98 -35.56
C ALA A 79 -37.26 -45.74 -34.76
N GLU A 80 -38.17 -45.33 -33.88
CA GLU A 80 -37.97 -44.11 -33.13
C GLU A 80 -36.64 -44.19 -32.40
N PHE A 81 -35.67 -43.39 -32.83
CA PHE A 81 -34.28 -43.52 -32.40
C PHE A 81 -33.75 -42.14 -32.02
N ASP A 82 -33.96 -41.77 -30.77
CA ASP A 82 -33.41 -40.53 -30.21
C ASP A 82 -32.94 -40.80 -28.79
N PRO A 83 -31.94 -41.67 -28.63
CA PRO A 83 -31.50 -42.02 -27.28
C PRO A 83 -31.03 -40.84 -26.45
N LEU A 84 -30.44 -39.82 -27.07
CA LEU A 84 -29.90 -38.68 -26.35
C LEU A 84 -30.90 -37.54 -26.20
N GLY A 85 -32.14 -37.73 -26.66
CA GLY A 85 -33.17 -36.72 -26.47
C GLY A 85 -32.91 -35.41 -27.19
N PHE A 86 -32.29 -35.46 -28.37
CA PHE A 86 -32.06 -34.23 -29.12
C PHE A 86 -33.38 -33.62 -29.58
N SER A 87 -34.33 -34.46 -30.00
CA SER A 87 -35.63 -33.95 -30.38
C SER A 87 -36.34 -33.31 -29.18
N ASP A 88 -36.11 -33.84 -27.98
CA ASP A 88 -36.66 -33.21 -26.79
C ASP A 88 -36.01 -31.85 -26.54
N THR A 89 -34.68 -31.77 -26.66
CA THR A 89 -33.99 -30.52 -26.35
C THR A 89 -34.32 -29.44 -27.37
N PHE A 90 -34.22 -29.76 -28.66
CA PHE A 90 -34.36 -28.79 -29.73
C PHE A 90 -35.62 -29.08 -30.54
N ASP A 91 -35.87 -28.22 -31.53
CA ASP A 91 -37.07 -28.34 -32.34
C ASP A 91 -36.87 -29.39 -33.43
N VAL A 92 -37.78 -30.36 -33.46
CA VAL A 92 -37.65 -31.46 -34.41
C VAL A 92 -37.74 -30.95 -35.84
N LYS A 93 -38.44 -29.83 -36.06
CA LYS A 93 -38.49 -29.27 -37.40
C LYS A 93 -37.10 -28.86 -37.88
N TRP A 94 -36.36 -28.13 -37.05
CA TRP A 94 -35.00 -27.76 -37.41
C TRP A 94 -34.12 -28.99 -37.54
N LEU A 95 -34.27 -29.95 -36.62
CA LEU A 95 -33.46 -31.16 -36.70
C LEU A 95 -33.70 -31.90 -38.01
N ARG A 96 -34.96 -32.01 -38.43
CA ARG A 96 -35.28 -32.73 -39.65
C ARG A 96 -34.81 -31.97 -40.88
N GLU A 97 -34.92 -30.64 -40.86
CA GLU A 97 -34.38 -29.85 -41.96
C GLU A 97 -32.89 -30.10 -42.10
N SER A 98 -32.17 -30.08 -40.98
CA SER A 98 -30.72 -30.32 -41.02
C SER A 98 -30.42 -31.73 -41.50
N GLU A 99 -31.21 -32.71 -41.05
CA GLU A 99 -30.98 -34.09 -41.48
C GLU A 99 -31.17 -34.23 -42.98
N LEU A 100 -32.25 -33.67 -43.53
CA LEU A 100 -32.46 -33.70 -44.96
C LEU A 100 -31.30 -33.03 -45.68
N LYS A 101 -30.89 -31.86 -45.21
CA LYS A 101 -29.82 -31.14 -45.89
C LYS A 101 -28.54 -31.96 -45.91
N HIS A 102 -28.20 -32.56 -44.78
CA HIS A 102 -27.02 -33.41 -44.72
C HIS A 102 -27.14 -34.58 -45.67
N GLY A 103 -28.31 -35.21 -45.72
CA GLY A 103 -28.50 -36.34 -46.60
C GLY A 103 -28.31 -35.95 -48.06
N ARG A 104 -28.92 -34.85 -48.48
CA ARG A 104 -28.82 -34.44 -49.88
C ARG A 104 -27.39 -34.04 -50.24
N VAL A 105 -26.77 -33.22 -49.41
CA VAL A 105 -25.40 -32.80 -49.69
C VAL A 105 -24.49 -34.01 -49.71
N CYS A 106 -24.74 -34.99 -48.83
CA CYS A 106 -23.84 -36.13 -48.72
C CYS A 106 -24.02 -37.11 -49.87
N MET A 107 -25.24 -37.31 -50.34
CA MET A 107 -25.42 -38.20 -51.49
C MET A 107 -24.86 -37.57 -52.76
N LEU A 108 -25.10 -36.27 -52.97
CA LEU A 108 -24.41 -35.59 -54.06
C LEU A 108 -22.90 -35.67 -53.87
N ALA A 109 -22.43 -35.58 -52.63
CA ALA A 109 -21.00 -35.60 -52.35
C ALA A 109 -20.40 -36.96 -52.66
N THR A 110 -21.10 -38.04 -52.33
CA THR A 110 -20.60 -39.37 -52.66
C THR A 110 -20.53 -39.56 -54.17
N VAL A 111 -21.57 -39.14 -54.89
CA VAL A 111 -21.54 -39.28 -56.34
C VAL A 111 -20.38 -38.49 -56.92
N GLY A 112 -20.19 -37.26 -56.46
CA GLY A 112 -19.08 -36.45 -56.97
C GLY A 112 -17.73 -37.00 -56.57
N PHE A 113 -17.61 -37.51 -55.36
CA PHE A 113 -16.37 -38.12 -54.89
C PHE A 113 -15.98 -39.28 -55.78
N VAL A 114 -16.94 -40.12 -56.16
CA VAL A 114 -16.65 -41.21 -57.06
C VAL A 114 -16.28 -40.68 -58.45
N ALA A 115 -17.07 -39.73 -58.96
CA ALA A 115 -16.89 -39.31 -60.35
C ALA A 115 -15.56 -38.59 -60.56
N GLU A 116 -15.17 -37.73 -59.61
CA GLU A 116 -14.02 -36.86 -59.85
C GLU A 116 -12.74 -37.66 -60.06
N GLN A 117 -12.63 -38.83 -59.43
CA GLN A 117 -11.40 -39.61 -59.57
C GLN A 117 -11.15 -40.01 -61.02
N TYR A 118 -12.22 -40.20 -61.81
CA TYR A 118 -12.09 -40.58 -63.21
C TYR A 118 -12.24 -39.40 -64.16
N ILE A 119 -13.37 -38.71 -64.08
CA ILE A 119 -13.76 -37.71 -65.06
C ILE A 119 -13.68 -36.33 -64.43
N GLN A 120 -13.12 -35.37 -65.17
CA GLN A 120 -13.03 -34.00 -64.74
C GLN A 120 -13.43 -33.10 -65.92
N PHE A 121 -13.77 -31.86 -65.60
CA PHE A 121 -14.10 -30.90 -66.64
C PHE A 121 -12.87 -30.64 -67.50
N PRO A 122 -13.06 -30.21 -68.75
CA PRO A 122 -11.90 -29.87 -69.59
C PRO A 122 -11.01 -28.88 -68.86
N GLY A 123 -9.70 -29.14 -68.91
CA GLY A 123 -8.81 -28.48 -67.97
C GLY A 123 -9.02 -29.11 -66.61
N PHE A 124 -9.12 -28.28 -65.57
CA PHE A 124 -9.47 -28.74 -64.23
C PHE A 124 -8.58 -29.92 -63.82
N THR A 125 -7.30 -29.62 -63.60
CA THR A 125 -6.29 -30.63 -63.30
C THR A 125 -6.86 -31.67 -62.34
N PRO A 126 -6.62 -32.96 -62.57
CA PRO A 126 -7.26 -33.99 -61.76
C PRO A 126 -6.54 -34.20 -60.43
N ALA A 127 -7.21 -34.96 -59.56
CA ALA A 127 -6.63 -35.35 -58.27
C ALA A 127 -7.24 -36.71 -57.93
N GLU A 128 -6.45 -37.77 -58.11
CA GLU A 128 -6.96 -39.12 -57.85
C GLU A 128 -7.49 -39.23 -56.43
N ASP A 129 -6.74 -38.74 -55.45
CA ASP A 129 -7.24 -38.60 -54.08
C ASP A 129 -8.21 -37.45 -54.07
N ALA A 130 -9.51 -37.75 -54.10
CA ALA A 130 -10.52 -36.71 -54.25
C ALA A 130 -10.49 -35.71 -53.10
N LEU A 131 -9.89 -36.07 -51.97
CA LEU A 131 -9.75 -35.10 -50.88
C LEU A 131 -8.92 -33.90 -51.31
N GLN A 132 -7.94 -34.11 -52.20
CA GLN A 132 -7.09 -33.03 -52.68
C GLN A 132 -7.69 -32.28 -53.86
N ALA A 133 -8.85 -32.72 -54.35
CA ALA A 133 -9.48 -32.03 -55.48
C ALA A 133 -9.86 -30.61 -55.11
N ILE A 134 -10.17 -30.35 -53.84
CA ILE A 134 -10.51 -28.99 -53.44
C ILE A 134 -9.33 -28.06 -53.67
N TYR A 135 -8.13 -28.50 -53.31
CA TYR A 135 -6.93 -27.69 -53.53
C TYR A 135 -6.59 -27.63 -55.02
N THR A 136 -6.74 -28.73 -55.73
CA THR A 136 -6.33 -28.79 -57.13
C THR A 136 -7.30 -28.07 -58.06
N ALA A 137 -8.52 -27.81 -57.62
CA ALA A 137 -9.54 -27.23 -58.49
C ALA A 137 -9.30 -25.74 -58.70
N PRO A 138 -9.83 -25.17 -59.78
CA PRO A 138 -9.74 -23.73 -59.99
C PRO A 138 -10.39 -22.97 -58.84
N PRO A 139 -9.63 -22.11 -58.14
CA PRO A 139 -10.22 -21.38 -57.01
C PRO A 139 -11.43 -20.54 -57.40
N ASN A 140 -11.42 -19.93 -58.58
CA ASN A 140 -12.55 -19.12 -58.99
C ASN A 140 -13.81 -19.96 -59.17
N ILE A 141 -13.66 -21.16 -59.74
CA ILE A 141 -14.82 -22.03 -59.92
C ILE A 141 -15.31 -22.56 -58.58
N THR A 142 -14.39 -22.88 -57.65
CA THR A 142 -14.82 -23.29 -56.33
C THR A 142 -15.58 -22.17 -55.62
N ALA A 143 -15.09 -20.93 -55.76
CA ALA A 143 -15.82 -19.79 -55.22
C ALA A 143 -17.17 -19.61 -55.89
N LEU A 144 -17.26 -19.93 -57.18
CA LEU A 144 -18.55 -19.91 -57.86
C LEU A 144 -19.51 -20.94 -57.26
N LEU A 145 -19.00 -22.13 -56.94
CA LEU A 145 -19.83 -23.13 -56.27
C LEU A 145 -20.32 -22.61 -54.94
N LEU A 146 -19.42 -22.00 -54.15
CA LEU A 146 -19.82 -21.44 -52.87
C LEU A 146 -20.87 -20.34 -53.06
N PHE A 147 -20.69 -19.50 -54.08
CA PHE A 147 -21.63 -18.41 -54.35
C PHE A 147 -23.02 -18.96 -54.69
N ALA A 148 -23.07 -19.98 -55.55
CA ALA A 148 -24.35 -20.57 -55.90
C ALA A 148 -25.01 -21.22 -54.69
N CYS A 149 -24.21 -21.91 -53.87
CA CYS A 149 -24.76 -22.53 -52.66
C CYS A 149 -25.33 -21.47 -51.74
N GLY A 150 -24.62 -20.35 -51.57
CA GLY A 150 -25.12 -19.28 -50.72
C GLY A 150 -26.40 -18.66 -51.27
N TYR A 151 -26.46 -18.45 -52.58
CA TYR A 151 -27.67 -17.90 -53.18
C TYR A 151 -28.84 -18.82 -52.91
N ILE A 152 -28.65 -20.12 -53.12
CA ILE A 152 -29.75 -21.07 -52.89
C ILE A 152 -30.14 -21.08 -51.43
N GLU A 153 -29.16 -21.09 -50.53
CA GLU A 153 -29.46 -21.13 -49.11
C GLU A 153 -30.27 -19.92 -48.67
N SER A 154 -29.88 -18.73 -49.13
CA SER A 154 -30.59 -17.52 -48.76
C SER A 154 -32.00 -17.50 -49.36
N SER A 155 -32.10 -17.82 -50.66
CA SER A 155 -33.38 -17.70 -51.35
C SER A 155 -34.39 -18.71 -50.82
N ALA A 156 -33.96 -19.94 -50.56
CA ALA A 156 -34.92 -20.98 -50.16
C ALA A 156 -35.62 -20.61 -48.86
N TYR A 157 -34.90 -19.99 -47.93
CA TYR A 157 -35.43 -19.67 -46.62
C TYR A 157 -35.82 -18.20 -46.48
N ASP A 158 -35.67 -17.39 -47.53
CA ASP A 158 -36.21 -16.04 -47.62
C ASP A 158 -35.40 -15.06 -46.76
N GLY A 159 -34.46 -15.56 -45.96
CA GLY A 159 -33.73 -14.75 -45.01
C GLY A 159 -33.84 -15.23 -43.57
N LYS A 160 -34.83 -16.09 -43.28
CA LYS A 160 -34.95 -16.72 -41.98
C LYS A 160 -34.08 -17.97 -41.98
N LEU A 161 -32.77 -17.75 -41.82
CA LEU A 161 -31.77 -18.81 -41.95
C LEU A 161 -31.37 -19.44 -40.62
N THR A 162 -31.64 -18.78 -39.50
CA THR A 162 -31.05 -19.18 -38.23
C THR A 162 -31.95 -20.17 -37.49
N MET A 163 -31.40 -20.71 -36.40
CA MET A 163 -32.15 -21.67 -35.60
C MET A 163 -33.42 -21.04 -35.01
N LEU A 164 -33.41 -19.72 -34.80
CA LEU A 164 -34.58 -19.04 -34.26
C LEU A 164 -35.47 -18.48 -35.35
N ASP A 165 -34.89 -17.86 -36.37
CA ASP A 165 -35.69 -17.22 -37.41
C ASP A 165 -36.49 -18.24 -38.20
N MET A 166 -35.83 -19.29 -38.68
CA MET A 166 -36.54 -20.29 -39.47
C MET A 166 -37.58 -21.00 -38.62
N PHE A 167 -38.67 -21.39 -39.27
CA PHE A 167 -39.79 -22.04 -38.59
C PHE A 167 -40.37 -21.15 -37.49
N ASP A 168 -40.33 -19.83 -37.70
CA ASP A 168 -40.86 -18.86 -36.75
C ASP A 168 -41.83 -17.95 -37.48
N GLY A 169 -43.00 -17.73 -36.88
CA GLY A 169 -44.02 -16.95 -37.55
C GLY A 169 -44.35 -17.57 -38.89
N GLU A 170 -44.32 -16.75 -39.94
CA GLU A 170 -44.46 -17.28 -41.29
C GLU A 170 -43.27 -18.17 -41.62
N GLY A 171 -43.54 -19.27 -42.31
CA GLY A 171 -42.54 -20.29 -42.56
C GLY A 171 -42.55 -21.44 -41.58
N ALA A 172 -43.26 -21.31 -40.46
CA ALA A 172 -43.44 -22.45 -39.56
C ALA A 172 -44.37 -23.49 -40.17
N LYS A 173 -45.37 -23.04 -40.93
CA LYS A 173 -46.27 -23.97 -41.60
C LYS A 173 -45.57 -24.77 -42.69
N ARG A 174 -44.38 -24.33 -43.13
CA ARG A 174 -43.64 -25.08 -44.13
C ARG A 174 -43.13 -26.39 -43.53
N ALA A 175 -43.15 -27.45 -44.34
CA ALA A 175 -42.66 -28.73 -43.89
C ALA A 175 -41.16 -28.65 -43.61
N PRO A 176 -40.65 -29.46 -42.69
CA PRO A 176 -39.23 -29.34 -42.31
C PRO A 176 -38.27 -29.29 -43.48
N GLY A 177 -38.32 -30.27 -44.36
CA GLY A 177 -37.38 -30.37 -45.46
C GLY A 177 -37.88 -29.88 -46.80
N ASP A 178 -39.09 -29.36 -46.87
CA ASP A 178 -39.70 -28.99 -48.15
C ASP A 178 -39.17 -27.64 -48.60
N LEU A 179 -38.45 -27.63 -49.72
CA LEU A 179 -38.03 -26.40 -50.37
C LEU A 179 -38.77 -26.16 -51.68
N ASN A 180 -39.88 -26.88 -51.89
CA ASN A 180 -40.72 -26.71 -53.07
C ASN A 180 -39.91 -26.92 -54.35
N PHE A 181 -38.95 -27.85 -54.30
CA PHE A 181 -38.10 -28.17 -55.44
C PHE A 181 -38.45 -29.57 -55.92
N GLY A 182 -38.82 -29.68 -57.19
CA GLY A 182 -39.19 -30.98 -57.75
C GLY A 182 -40.36 -31.63 -57.06
N LYS A 183 -41.35 -30.83 -56.65
CA LYS A 183 -42.55 -31.38 -56.02
C LYS A 183 -43.58 -31.83 -57.03
N ARG A 184 -43.39 -31.54 -58.31
CA ARG A 184 -44.32 -31.99 -59.34
C ARG A 184 -44.36 -33.52 -59.42
N PHE A 185 -43.30 -34.20 -59.01
CA PHE A 185 -43.21 -35.66 -59.10
C PHE A 185 -43.68 -36.36 -57.83
N LEU A 186 -44.10 -35.62 -56.81
CA LEU A 186 -44.53 -36.25 -55.57
C LEU A 186 -45.83 -37.00 -55.80
N PRO A 187 -45.89 -38.30 -55.52
CA PRO A 187 -47.15 -39.03 -55.76
C PRO A 187 -48.30 -38.44 -54.96
N GLY A 188 -49.48 -38.43 -55.56
CA GLY A 188 -50.64 -37.87 -54.89
C GLY A 188 -51.03 -38.63 -53.65
N ASP A 189 -51.05 -39.96 -53.73
CA ASP A 189 -51.46 -40.77 -52.60
C ASP A 189 -50.49 -40.62 -51.45
N LYS A 190 -51.03 -40.44 -50.24
CA LYS A 190 -50.19 -40.21 -49.07
C LYS A 190 -49.30 -41.40 -48.76
N ALA A 191 -49.77 -42.62 -49.02
CA ALA A 191 -48.94 -43.79 -48.77
C ALA A 191 -47.66 -43.73 -49.59
N ALA A 192 -47.80 -43.50 -50.90
CA ALA A 192 -46.62 -43.42 -51.76
C ALA A 192 -45.77 -42.21 -51.42
N ALA A 193 -46.40 -41.09 -51.07
CA ALA A 193 -45.62 -39.90 -50.69
C ALA A 193 -44.76 -40.18 -49.47
N ASP A 194 -45.34 -40.83 -48.45
CA ASP A 194 -44.57 -41.15 -47.25
C ASP A 194 -43.50 -42.18 -47.55
N ASP A 195 -43.80 -43.15 -48.41
CA ASP A 195 -42.78 -44.13 -48.80
C ASP A 195 -41.62 -43.44 -49.49
N LEU A 196 -41.90 -42.47 -50.37
CA LEU A 196 -40.85 -41.75 -51.06
C LEU A 196 -40.03 -40.90 -50.08
N ALA A 197 -40.69 -40.28 -49.11
CA ALA A 197 -39.96 -39.52 -48.10
C ALA A 197 -39.03 -40.42 -47.29
N THR A 198 -39.53 -41.59 -46.90
CA THR A 198 -38.70 -42.55 -46.16
C THR A 198 -37.53 -43.02 -47.02
N LYS A 199 -37.77 -43.26 -48.31
CA LYS A 199 -36.69 -43.65 -49.20
C LYS A 199 -35.63 -42.56 -49.30
N GLU A 200 -36.07 -41.31 -49.40
CA GLU A 200 -35.12 -40.19 -49.43
C GLU A 200 -34.30 -40.16 -48.17
N LEU A 201 -34.94 -40.30 -47.01
CA LEU A 201 -34.21 -40.23 -45.75
C LEU A 201 -33.23 -41.40 -45.62
N SER A 202 -33.64 -42.60 -46.02
CA SER A 202 -32.76 -43.75 -45.94
C SER A 202 -31.54 -43.58 -46.84
N ASN A 203 -31.77 -43.15 -48.09
CA ASN A 203 -30.66 -42.92 -48.99
C ASN A 203 -29.76 -41.81 -48.48
N GLY A 204 -30.33 -40.77 -47.87
CA GLY A 204 -29.52 -39.70 -47.34
C GLY A 204 -28.65 -40.13 -46.18
N ARG A 205 -29.22 -40.92 -45.26
CA ARG A 205 -28.45 -41.41 -44.12
C ARG A 205 -27.34 -42.34 -44.59
N LEU A 206 -27.67 -43.25 -45.50
CA LEU A 206 -26.65 -44.14 -46.05
C LEU A 206 -25.57 -43.33 -46.76
N ALA A 207 -25.95 -42.24 -47.42
CA ALA A 207 -24.99 -41.39 -48.10
C ALA A 207 -24.09 -40.67 -47.12
N MET A 208 -24.65 -40.21 -45.99
CA MET A 208 -23.82 -39.59 -44.96
C MET A 208 -22.76 -40.56 -44.47
N LEU A 209 -23.18 -41.77 -44.10
CA LEU A 209 -22.24 -42.76 -43.61
C LEU A 209 -21.23 -43.13 -44.70
N ALA A 210 -21.70 -43.26 -45.94
CA ALA A 210 -20.82 -43.62 -47.04
C ALA A 210 -19.78 -42.54 -47.32
N PHE A 211 -20.18 -41.27 -47.25
CA PHE A 211 -19.21 -40.21 -47.47
C PHE A 211 -18.18 -40.17 -46.36
N ALA A 212 -18.62 -40.35 -45.11
CA ALA A 212 -17.64 -40.43 -44.02
C ALA A 212 -16.66 -41.57 -44.26
N GLY A 213 -17.18 -42.73 -44.66
CA GLY A 213 -16.31 -43.85 -44.94
C GLY A 213 -15.37 -43.59 -46.09
N MET A 214 -15.85 -42.93 -47.14
CA MET A 214 -15.01 -42.59 -48.28
C MET A 214 -13.86 -41.69 -47.85
N VAL A 215 -14.18 -40.63 -47.11
CA VAL A 215 -13.15 -39.68 -46.69
C VAL A 215 -12.12 -40.38 -45.82
N HIS A 216 -12.58 -41.20 -44.86
CA HIS A 216 -11.63 -41.82 -43.95
C HIS A 216 -10.84 -42.94 -44.61
N HIS A 217 -11.42 -43.64 -45.57
CA HIS A 217 -10.66 -44.60 -46.34
C HIS A 217 -9.57 -43.90 -47.15
N ASN A 218 -9.90 -42.77 -47.76
CA ASN A 218 -8.88 -42.00 -48.46
C ASN A 218 -7.79 -41.55 -47.50
N LEU A 219 -8.17 -41.15 -46.29
CA LEU A 219 -7.16 -40.72 -45.32
C LEU A 219 -6.25 -41.86 -44.91
N VAL A 220 -6.80 -43.05 -44.64
CA VAL A 220 -5.97 -44.15 -44.17
C VAL A 220 -5.07 -44.66 -45.30
N VAL A 221 -5.64 -44.82 -46.50
CA VAL A 221 -4.87 -45.34 -47.62
C VAL A 221 -3.90 -44.29 -48.17
N LYS A 222 -4.14 -43.01 -47.89
CA LYS A 222 -3.36 -41.93 -48.47
C LYS A 222 -3.32 -42.05 -49.99
N GLY A 223 -4.47 -42.35 -50.58
CA GLY A 223 -4.55 -42.58 -52.01
C GLY A 223 -5.98 -42.59 -52.53
N PRO A 224 -6.14 -42.99 -53.78
CA PRO A 224 -7.48 -42.95 -54.40
C PRO A 224 -8.44 -43.93 -53.76
N LEU A 225 -9.74 -43.65 -53.95
CA LEU A 225 -10.78 -44.44 -53.31
C LEU A 225 -10.88 -45.84 -53.92
N PHE A 226 -10.95 -45.94 -55.23
CA PHE A 226 -11.43 -47.17 -55.85
C PHE A 226 -10.61 -48.39 -55.48
N PRO A 227 -9.27 -48.38 -55.55
CA PRO A 227 -8.53 -49.54 -55.05
C PRO A 227 -8.64 -49.58 -53.53
N LEU A 228 -9.49 -50.49 -53.03
CA LEU A 228 -9.75 -50.51 -51.59
C LEU A 228 -8.48 -50.79 -50.80
N PHE A 229 -7.69 -51.75 -51.26
CA PHE A 229 -6.41 -52.07 -50.66
C PHE A 229 -5.31 -51.79 -51.68
N PRO A 230 -4.52 -50.72 -51.52
CA PRO A 230 -3.47 -50.45 -52.50
C PRO A 230 -2.47 -51.59 -52.55
N GLU A 231 -1.60 -51.55 -53.56
CA GLU A 231 -0.57 -52.56 -53.68
C GLU A 231 0.32 -52.56 -52.44
N GLY A 232 0.53 -53.74 -51.87
CA GLY A 232 1.34 -53.84 -50.68
C GLY A 232 0.67 -53.39 -49.41
N TRP A 233 -0.65 -53.22 -49.42
CA TRP A 233 -1.36 -52.80 -48.22
C TRP A 233 -1.15 -53.83 -47.10
N ALA A 234 -0.87 -53.32 -45.90
CA ALA A 234 -0.62 -54.17 -44.75
C ALA A 234 -1.51 -53.89 -43.55
N GLY A 235 -2.16 -52.73 -43.51
CA GLY A 235 -3.03 -52.38 -42.40
C GLY A 235 -3.01 -50.90 -42.11
N PRO A 236 -4.03 -50.39 -41.41
CA PRO A 236 -4.09 -48.95 -41.14
C PRO A 236 -3.37 -48.55 -39.86
N GLN A 237 -2.50 -49.43 -39.36
CA GLN A 237 -1.91 -49.20 -38.04
C GLN A 237 -1.09 -47.91 -38.01
N GLY A 238 -0.33 -47.64 -39.07
CA GLY A 238 0.60 -46.52 -39.06
C GLY A 238 0.04 -45.18 -39.44
N SER A 239 -1.27 -45.06 -39.66
CA SER A 239 -1.84 -43.81 -40.12
C SER A 239 -1.97 -42.79 -38.99
N TRP A 240 -2.58 -43.21 -37.87
CA TRP A 240 -2.76 -42.32 -36.71
C TRP A 240 -1.46 -42.35 -35.91
N ASP A 241 -0.52 -41.50 -36.31
CA ASP A 241 0.84 -41.53 -35.78
C ASP A 241 1.15 -40.42 -34.79
N LEU A 242 0.38 -39.34 -34.77
CA LEU A 242 0.68 -38.24 -33.87
C LEU A 242 0.62 -38.71 -32.42
N ASP A 243 1.55 -38.20 -31.61
CA ASP A 243 1.74 -38.73 -30.27
C ASP A 243 0.51 -38.50 -29.40
N SER A 244 0.12 -39.54 -28.66
CA SER A 244 -0.97 -39.48 -27.69
C SER A 244 -0.40 -39.67 -26.28
N THR A 245 -1.27 -39.46 -25.29
CA THR A 245 -0.83 -39.61 -23.90
C THR A 245 -0.45 -41.06 -23.60
N ALA A 246 -1.40 -41.98 -23.76
CA ALA A 246 -1.12 -43.38 -23.49
C ALA A 246 -0.08 -43.94 -24.46
N GLY A 247 -0.15 -43.53 -25.73
CA GLY A 247 0.84 -43.99 -26.69
C GLY A 247 2.25 -43.58 -26.32
N ALA A 248 2.43 -42.32 -25.91
CA ALA A 248 3.75 -41.86 -25.50
C ALA A 248 4.19 -42.56 -24.22
N LEU A 249 3.27 -42.78 -23.28
CA LEU A 249 3.63 -43.47 -22.05
C LEU A 249 4.09 -44.89 -22.33
N ASN A 250 3.41 -45.59 -23.23
CA ASN A 250 3.77 -46.95 -23.59
C ASN A 250 4.41 -47.00 -24.97
N ALA B 75 6.64 46.17 25.98
CA ALA B 75 7.33 47.46 26.21
C ALA B 75 8.45 47.65 25.18
N VAL B 76 9.14 48.79 25.27
CA VAL B 76 10.25 49.07 24.37
C VAL B 76 11.48 48.32 24.84
N GLY B 77 12.17 47.66 23.91
CA GLY B 77 13.36 46.89 24.22
C GLY B 77 13.12 45.43 24.52
N VAL B 78 11.87 44.99 24.60
CA VAL B 78 11.53 43.60 24.88
C VAL B 78 10.94 43.00 23.61
N CYS B 79 11.53 41.92 23.12
CA CYS B 79 11.14 41.26 21.89
C CYS B 79 10.55 39.88 22.19
N LEU B 80 10.24 39.16 21.13
CA LEU B 80 9.63 37.83 21.27
C LEU B 80 10.48 36.87 22.08
N PRO B 81 11.78 36.73 21.83
CA PRO B 81 12.55 35.70 22.57
C PRO B 81 12.51 35.89 24.07
N LEU B 82 12.28 37.10 24.56
CA LEU B 82 12.16 37.38 25.99
C LEU B 82 10.76 37.93 26.25
N THR B 83 9.92 37.14 26.91
CA THR B 83 8.56 37.57 27.19
C THR B 83 8.54 38.78 28.12
N ASP B 84 9.43 38.81 29.11
CA ASP B 84 9.50 39.89 30.09
C ASP B 84 10.84 40.58 30.01
N LYS B 85 10.95 41.71 30.70
CA LYS B 85 12.18 42.48 30.71
C LYS B 85 13.30 41.65 31.31
N PHE B 86 14.49 41.76 30.72
CA PHE B 86 15.67 41.02 31.16
C PHE B 86 16.49 41.91 32.07
N ASP B 87 16.47 41.63 33.37
CA ASP B 87 17.23 42.40 34.36
C ASP B 87 17.50 41.51 35.56
N PRO B 88 18.35 40.49 35.39
CA PRO B 88 18.58 39.57 36.51
C PRO B 88 19.12 40.24 37.77
N LEU B 89 19.95 41.27 37.63
CA LEU B 89 20.55 41.94 38.78
C LEU B 89 19.67 43.04 39.35
N ASN B 90 18.50 43.29 38.77
CA ASN B 90 17.59 44.30 39.28
C ASN B 90 18.27 45.66 39.41
N LEU B 91 19.05 46.01 38.39
CA LEU B 91 19.74 47.30 38.40
C LEU B 91 18.78 48.46 38.18
N ALA B 92 17.74 48.25 37.39
CA ALA B 92 16.75 49.29 37.12
C ALA B 92 15.61 49.24 38.13
N SER B 93 16.00 49.33 39.41
CA SER B 93 15.03 49.23 40.49
C SER B 93 14.01 50.36 40.44
N THR B 94 14.47 51.58 40.16
CA THR B 94 13.62 52.77 40.19
C THR B 94 13.50 53.36 38.79
N ASP B 95 12.49 54.24 38.65
CA ASP B 95 12.23 54.86 37.35
C ASP B 95 13.40 55.73 36.91
N GLU B 96 14.00 56.47 37.83
CA GLU B 96 15.13 57.32 37.48
C GLU B 96 16.30 56.50 36.95
N LYS B 97 16.62 55.38 37.62
CA LYS B 97 17.72 54.54 37.17
C LYS B 97 17.38 53.87 35.85
N LEU B 98 16.12 53.46 35.67
CA LEU B 98 15.72 52.85 34.41
C LEU B 98 15.86 53.85 33.26
N GLU B 99 15.46 55.10 33.48
CA GLU B 99 15.59 56.12 32.42
C GLU B 99 17.06 56.38 32.12
N ARG B 100 17.89 56.50 33.16
CA ARG B 100 19.31 56.75 32.92
C ARG B 100 19.94 55.60 32.15
N TYR B 101 19.61 54.36 32.53
CA TYR B 101 20.17 53.21 31.83
C TYR B 101 19.65 53.12 30.41
N THR B 102 18.39 53.49 30.17
CA THR B 102 17.87 53.50 28.80
C THR B 102 18.63 54.49 27.95
N GLN B 103 18.86 55.70 28.48
CA GLN B 103 19.60 56.70 27.72
C GLN B 103 21.02 56.22 27.43
N VAL B 104 21.70 55.69 28.44
CA VAL B 104 23.07 55.22 28.26
C VAL B 104 23.11 54.08 27.25
N GLU B 105 22.16 53.15 27.34
CA GLU B 105 22.13 52.02 26.42
C GLU B 105 21.90 52.49 24.99
N ILE B 106 21.00 53.45 24.80
CA ILE B 106 20.72 53.94 23.46
C ILE B 106 21.98 54.57 22.87
N LYS B 107 22.64 55.44 23.65
CA LYS B 107 23.85 56.08 23.13
C LYS B 107 24.93 55.05 22.84
N HIS B 108 25.12 54.09 23.75
CA HIS B 108 26.14 53.06 23.55
C HIS B 108 25.84 52.25 22.30
N GLY B 109 24.58 51.87 22.10
CA GLY B 109 24.23 51.09 20.93
C GLY B 109 24.43 51.86 19.64
N ARG B 110 24.12 53.16 19.65
CA ARG B 110 24.35 53.97 18.46
C ARG B 110 25.83 54.04 18.12
N VAL B 111 26.66 54.37 19.12
CA VAL B 111 28.10 54.43 18.88
C VAL B 111 28.62 53.08 18.42
N ALA B 112 28.12 52.00 19.02
CA ALA B 112 28.58 50.66 18.65
C ALA B 112 28.17 50.31 17.23
N MET B 113 26.96 50.69 16.82
CA MET B 113 26.52 50.40 15.46
C MET B 113 27.40 51.11 14.44
N ILE B 114 27.62 52.42 14.65
CA ILE B 114 28.47 53.13 13.70
C ILE B 114 29.89 52.61 13.75
N ALA B 115 30.36 52.18 14.93
CA ALA B 115 31.72 51.66 15.04
C ALA B 115 31.86 50.34 14.31
N VAL B 116 30.85 49.47 14.38
CA VAL B 116 30.90 48.21 13.64
C VAL B 116 30.92 48.49 12.15
N VAL B 117 30.08 49.34 11.58
CA VAL B 117 30.18 49.63 10.14
C VAL B 117 31.55 50.22 9.93
N GLY B 118 32.03 50.96 10.90
CA GLY B 118 33.33 51.55 10.81
C GLY B 118 34.40 50.56 10.70
N TYR B 119 34.26 49.42 11.35
CA TYR B 119 35.21 48.32 11.16
C TYR B 119 35.12 47.66 9.82
N ILE B 120 33.93 47.37 9.35
CA ILE B 120 33.77 46.68 8.07
C ILE B 120 34.15 47.49 6.84
N MET B 121 33.80 48.76 6.78
CA MET B 121 34.00 49.56 5.57
C MET B 121 35.37 49.99 5.15
N PRO B 122 36.26 50.32 6.08
CA PRO B 122 37.63 50.63 5.64
C PRO B 122 38.31 49.48 4.94
N GLU B 123 37.97 48.24 5.29
CA GLU B 123 38.49 47.09 4.55
C GLU B 123 38.05 47.14 3.10
N ILE B 124 36.79 47.49 2.86
CA ILE B 124 36.27 47.55 1.50
C ILE B 124 36.92 48.69 0.73
N PHE B 125 37.01 49.87 1.34
CA PHE B 125 37.63 51.00 0.66
C PHE B 125 38.10 52.02 1.68
N ARG B 126 38.97 52.91 1.23
CA ARG B 126 39.52 53.98 2.05
C ARG B 126 39.31 55.31 1.36
N PHE B 127 38.96 56.33 2.14
CA PHE B 127 38.77 57.65 1.58
C PHE B 127 40.10 58.20 1.07
N PRO B 128 40.08 59.06 0.07
CA PRO B 128 41.34 59.63 -0.43
C PRO B 128 42.10 60.31 0.69
N GLY B 129 43.40 60.02 0.77
CA GLY B 129 44.24 60.53 1.83
C GLY B 129 44.30 59.66 3.06
N CYS B 130 43.36 58.73 3.22
CA CYS B 130 43.34 57.82 4.36
C CYS B 130 43.86 56.44 4.02
N GLU B 131 44.48 56.27 2.85
CA GLU B 131 44.98 54.96 2.45
C GLU B 131 46.10 54.49 3.37
N SER B 132 46.98 55.40 3.78
CA SER B 132 48.16 55.01 4.54
C SER B 132 47.79 54.54 5.95
N PHE B 133 46.78 55.15 6.55
CA PHE B 133 46.46 54.88 7.95
C PHE B 133 46.10 53.41 8.16
N GLN B 134 46.52 52.87 9.30
CA GLN B 134 46.09 51.55 9.71
C GLN B 134 44.61 51.56 10.06
N HIS B 135 44.00 50.37 10.08
CA HIS B 135 42.55 50.27 10.11
C HIS B 135 41.99 50.20 11.54
N GLY B 136 42.34 49.16 12.28
CA GLY B 136 41.67 48.91 13.55
C GLY B 136 42.28 49.65 14.72
N LEU B 137 42.51 48.93 15.82
CA LEU B 137 43.16 49.55 16.96
C LEU B 137 44.52 50.12 16.60
N ALA B 138 45.16 49.58 15.56
CA ALA B 138 46.38 50.17 15.04
C ALA B 138 46.16 51.58 14.54
N ALA B 139 44.92 51.94 14.19
CA ALA B 139 44.63 53.29 13.74
C ALA B 139 44.89 54.30 14.84
N LEU B 140 44.75 53.90 16.11
CA LEU B 140 45.02 54.81 17.20
C LEU B 140 46.47 55.30 17.17
N GLU B 141 47.40 54.38 16.91
CA GLU B 141 48.80 54.77 16.78
C GLU B 141 49.09 55.43 15.44
N SER B 142 48.48 54.92 14.36
CA SER B 142 48.82 55.40 13.03
C SER B 142 48.35 56.84 12.80
N ILE B 143 47.10 57.13 13.13
CA ILE B 143 46.57 58.47 12.89
C ILE B 143 47.31 59.46 13.76
N PRO B 144 47.62 60.67 13.30
CA PRO B 144 48.30 61.63 14.16
C PRO B 144 47.48 61.97 15.40
N LEU B 145 48.19 62.23 16.50
CA LEU B 145 47.53 62.68 17.72
C LEU B 145 46.71 63.92 17.45
N GLU B 146 47.19 64.79 16.56
CA GLU B 146 46.40 65.96 16.19
C GLU B 146 45.09 65.56 15.53
N GLY B 147 45.14 64.58 14.63
CA GLY B 147 43.91 64.13 14.00
C GLY B 147 42.93 63.52 15.00
N TRP B 148 43.44 62.73 15.94
CA TRP B 148 42.57 62.19 16.98
C TRP B 148 41.97 63.30 17.82
N VAL B 149 42.77 64.33 18.12
CA VAL B 149 42.26 65.48 18.87
C VAL B 149 41.14 66.16 18.09
N GLN B 150 41.31 66.31 16.78
CA GLN B 150 40.26 66.94 15.97
C GLN B 150 38.99 66.10 15.97
N LEU B 151 39.13 64.78 15.83
CA LEU B 151 37.95 63.91 15.84
C LEU B 151 37.22 63.99 17.17
N ALA B 152 37.97 63.90 18.29
CA ALA B 152 37.35 63.99 19.60
C ALA B 152 36.73 65.36 19.82
N ALA B 153 37.35 66.41 19.28
CA ALA B 153 36.78 67.74 19.41
C ALA B 153 35.46 67.85 18.65
N LEU B 154 35.38 67.25 17.47
CA LEU B 154 34.11 67.24 16.74
C LEU B 154 33.04 66.50 17.54
N VAL B 155 33.39 65.33 18.07
CA VAL B 155 32.41 64.55 18.84
C VAL B 155 31.98 65.33 20.08
N GLY B 156 32.93 65.99 20.74
CA GLY B 156 32.58 66.78 21.92
C GLY B 156 31.71 67.97 21.60
N ALA B 157 32.00 68.65 20.48
CA ALA B 157 31.14 69.75 20.07
C ALA B 157 29.72 69.25 19.82
N HIS B 158 29.58 68.09 19.18
CA HIS B 158 28.25 67.54 18.97
C HIS B 158 27.58 67.19 20.29
N GLU B 159 28.34 66.63 21.24
CA GLU B 159 27.75 66.20 22.50
C GLU B 159 27.40 67.38 23.40
N VAL B 160 28.05 68.52 23.23
CA VAL B 160 27.88 69.65 24.14
C VAL B 160 26.92 70.69 23.57
N LEU B 161 26.87 70.81 22.24
CA LEU B 161 26.07 71.84 21.58
C LEU B 161 24.73 71.32 21.07
N VAL B 162 24.43 70.04 21.25
CA VAL B 162 23.17 69.44 20.82
C VAL B 162 22.46 68.90 22.05
N LYS B 163 21.19 69.27 22.20
CA LYS B 163 20.37 68.89 23.33
C LYS B 163 19.10 68.22 22.83
N PRO B 164 18.45 67.42 23.66
CA PRO B 164 17.21 66.76 23.23
C PRO B 164 16.16 67.79 22.83
N ARG B 165 15.40 67.48 21.79
CA ARG B 165 14.38 68.40 21.32
C ARG B 165 13.26 68.51 22.34
N ALA B 166 12.81 69.75 22.57
CA ALA B 166 11.74 69.99 23.52
C ALA B 166 10.49 69.23 23.10
N GLY B 167 9.87 68.55 24.06
CA GLY B 167 8.72 67.72 23.78
C GLY B 167 9.04 66.39 23.14
N GLY B 168 10.31 65.97 23.16
CA GLY B 168 10.70 64.72 22.56
C GLY B 168 10.39 63.53 23.43
N LEU B 169 10.71 62.34 22.91
CA LEU B 169 10.45 61.11 23.63
C LEU B 169 11.28 60.99 24.90
N GLY B 170 12.34 61.78 25.03
CA GLY B 170 13.19 61.72 26.20
C GLY B 170 14.54 62.36 25.90
N THR B 171 15.53 62.00 26.74
CA THR B 171 16.88 62.49 26.54
C THR B 171 17.61 61.75 25.42
N SER B 172 17.12 60.58 25.01
CA SER B 172 17.81 59.81 23.99
C SER B 172 17.61 60.40 22.60
N ASP B 173 16.54 61.14 22.38
CA ASP B 173 16.24 61.71 21.07
C ASP B 173 16.77 63.12 20.97
N PHE B 174 17.15 63.52 19.75
CA PHE B 174 17.72 64.84 19.49
C PHE B 174 17.05 65.50 18.29
N GLY B 175 15.83 65.11 17.95
CA GLY B 175 15.16 65.69 16.80
C GLY B 175 15.88 65.45 15.50
N LEU B 176 16.38 64.24 15.30
CA LEU B 176 17.10 63.86 14.08
C LEU B 176 16.31 62.75 13.40
N GLY B 177 15.63 63.09 12.31
CA GLY B 177 14.77 62.14 11.64
C GLY B 177 13.42 61.95 12.29
N THR B 178 13.04 62.81 13.23
CA THR B 178 11.76 62.67 13.92
C THR B 178 10.58 62.87 12.97
N GLU B 179 10.80 63.42 11.78
CA GLU B 179 9.73 63.51 10.80
C GLU B 179 9.20 62.13 10.45
N LEU B 180 10.07 61.14 10.40
CA LEU B 180 9.66 59.78 10.03
C LEU B 180 8.81 59.14 11.11
N LEU B 181 9.02 59.50 12.38
CA LEU B 181 8.28 58.90 13.48
C LEU B 181 7.10 59.74 13.95
N ASP B 182 7.00 60.99 13.51
CA ASP B 182 5.86 61.80 13.93
C ASP B 182 4.57 61.28 13.30
N GLY B 183 3.47 61.37 14.04
CA GLY B 183 2.18 60.96 13.53
C GLY B 183 2.14 59.53 13.02
N ILE B 184 2.73 58.60 13.75
CA ILE B 184 2.68 57.19 13.41
C ILE B 184 2.01 56.44 14.56
N GLU B 185 1.58 55.22 14.26
CA GLU B 185 0.93 54.40 15.27
C GLU B 185 1.93 54.01 16.35
N GLU B 186 1.45 54.03 17.60
CA GLU B 186 2.32 53.72 18.72
C GLU B 186 2.97 52.35 18.62
N PRO B 187 2.28 51.29 18.18
CA PRO B 187 2.99 50.02 17.96
C PRO B 187 4.15 50.14 17.00
N GLU B 188 4.01 50.93 15.93
CA GLU B 188 5.10 51.09 14.99
C GLU B 188 6.24 51.88 15.60
N LEU B 189 5.93 52.92 16.38
CA LEU B 189 6.98 53.66 17.08
C LEU B 189 7.74 52.74 18.04
N GLU B 190 6.99 51.90 18.77
CA GLU B 190 7.63 50.96 19.68
C GLU B 190 8.50 49.97 18.93
N ARG B 191 8.03 49.49 17.77
CA ARG B 191 8.84 48.58 16.97
C ARG B 191 10.13 49.25 16.50
N LYS B 192 10.04 50.51 16.08
CA LYS B 192 11.24 51.22 15.64
C LYS B 192 12.22 51.40 16.80
N LEU B 193 11.72 51.81 17.97
CA LEU B 193 12.59 51.98 19.12
C LEU B 193 13.25 50.65 19.53
N THR B 194 12.46 49.57 19.53
CA THR B 194 12.99 48.27 19.91
C THR B 194 14.01 47.77 18.89
N ALA B 195 13.76 48.01 17.61
CA ALA B 195 14.75 47.65 16.59
C ALA B 195 16.04 48.43 16.80
N GLU B 196 15.93 49.72 17.08
CA GLU B 196 17.12 50.52 17.39
C GLU B 196 17.89 49.90 18.54
N ARG B 197 17.18 49.56 19.63
CA ARG B 197 17.86 49.04 20.81
C ARG B 197 18.49 47.68 20.54
N ASN B 198 17.76 46.79 19.86
CA ASN B 198 18.30 45.46 19.58
C ASN B 198 19.51 45.53 18.67
N ASN B 199 19.45 46.36 17.63
CA ASN B 199 20.61 46.54 16.77
C ASN B 199 21.77 47.14 17.54
N GLY B 200 21.49 48.09 18.44
CA GLY B 200 22.54 48.64 19.26
C GLY B 200 23.20 47.60 20.14
N ARG B 201 22.40 46.71 20.74
CA ARG B 201 22.95 45.68 21.60
C ARG B 201 23.81 44.70 20.81
N LEU B 202 23.30 44.21 19.68
CA LEU B 202 24.10 43.33 18.84
C LEU B 202 25.35 44.04 18.36
N ALA B 203 25.28 45.35 18.13
CA ALA B 203 26.45 46.11 17.71
C ALA B 203 27.46 46.24 18.84
N MET B 204 26.99 46.40 20.07
CA MET B 204 27.91 46.41 21.22
C MET B 204 28.66 45.10 21.30
N VAL B 205 27.93 43.99 21.24
CA VAL B 205 28.57 42.68 21.31
C VAL B 205 29.56 42.51 20.17
N ALA B 206 29.14 42.88 18.95
CA ALA B 206 29.99 42.71 17.77
C ALA B 206 31.21 43.60 17.82
N ILE B 207 31.07 44.84 18.30
CA ILE B 207 32.21 45.74 18.33
C ILE B 207 33.20 45.29 19.39
N MET B 208 32.72 44.80 20.54
CA MET B 208 33.66 44.24 21.50
C MET B 208 34.38 43.03 20.92
N GLY B 209 33.65 42.16 20.22
CA GLY B 209 34.31 41.05 19.56
C GLY B 209 35.37 41.52 18.58
N LEU B 210 35.04 42.53 17.76
CA LEU B 210 35.96 43.01 16.75
C LEU B 210 37.20 43.62 17.38
N MET B 211 37.02 44.47 18.39
CA MET B 211 38.15 45.12 19.03
C MET B 211 39.02 44.11 19.77
N VAL B 212 38.41 43.15 20.48
CA VAL B 212 39.19 42.16 21.20
C VAL B 212 39.99 41.30 20.23
N GLN B 213 39.35 40.85 19.15
CA GLN B 213 40.06 40.04 18.16
C GLN B 213 41.18 40.85 17.51
N ASP B 214 40.92 42.11 17.19
CA ASP B 214 41.95 42.96 16.60
C ASP B 214 43.14 43.09 17.53
N GLY B 215 42.88 43.36 18.81
CA GLY B 215 43.96 43.49 19.76
C GLY B 215 44.74 42.20 19.93
N MET B 216 44.04 41.08 19.98
CA MET B 216 44.71 39.81 20.26
C MET B 216 45.53 39.34 19.07
N PHE B 217 45.01 39.49 17.84
CA PHE B 217 45.62 38.89 16.67
C PHE B 217 46.31 39.92 15.77
N GLY B 218 46.38 41.18 16.19
CA GLY B 218 47.25 42.15 15.54
C GLY B 218 46.74 42.75 14.26
N GLU B 219 45.55 42.37 13.79
CA GLU B 219 45.02 42.88 12.54
C GLU B 219 43.51 42.92 12.62
N PRO B 220 42.86 43.74 11.80
CA PRO B 220 41.40 43.84 11.87
C PRO B 220 40.77 42.48 11.61
N PRO B 221 39.63 42.20 12.25
CA PRO B 221 39.01 40.88 12.09
C PRO B 221 38.68 40.51 10.65
N LEU B 222 38.29 41.47 9.81
CA LEU B 222 37.91 41.13 8.44
C LEU B 222 39.13 40.69 7.63
N SER B 223 40.21 41.45 7.72
CA SER B 223 41.45 41.04 7.04
C SER B 223 41.97 39.73 7.62
N TYR B 224 41.85 39.56 8.93
CA TYR B 224 42.29 38.32 9.56
C TYR B 224 41.50 37.13 9.03
N MET B 225 40.18 37.31 8.87
CA MET B 225 39.36 36.22 8.33
C MET B 225 39.68 35.96 6.86
N SER B 226 39.97 37.01 6.11
CA SER B 226 40.38 36.81 4.72
C SER B 226 41.66 35.98 4.64
N LYS B 227 42.61 36.26 5.54
CA LYS B 227 43.87 35.52 5.52
C LYS B 227 43.72 34.11 6.06
N ASN B 228 42.96 33.94 7.15
CA ASN B 228 42.91 32.69 7.89
C ASN B 228 41.52 32.05 7.93
N GLY B 229 40.46 32.80 7.69
CA GLY B 229 39.12 32.25 7.67
C GLY B 229 38.40 32.45 8.99
N TRP B 230 37.21 31.84 9.06
CA TRP B 230 36.38 31.96 10.25
C TRP B 230 37.08 31.38 11.48
N TRP B 231 37.74 30.23 11.32
CA TRP B 231 38.52 29.61 12.38
C TRP B 231 39.99 29.91 12.10
N GLY B 232 40.60 30.75 12.92
CA GLY B 232 42.01 31.06 12.72
C GLY B 232 42.87 31.07 13.96
N GLU B 233 43.79 30.11 14.05
CA GLU B 233 44.91 30.14 14.99
C GLU B 233 44.46 30.11 16.46
N GLY B 234 43.16 30.06 16.70
CA GLY B 234 42.66 29.95 18.06
C GLY B 234 41.67 28.82 18.19
N VAL B 235 41.01 28.49 17.07
CA VAL B 235 39.96 27.47 17.05
C VAL B 235 40.21 26.51 15.90
N GLN B 236 41.19 26.80 15.06
CA GLN B 236 41.51 25.91 13.96
C GLN B 236 41.89 24.52 14.46
N TYR B 237 42.41 24.44 15.69
CA TYR B 237 42.78 23.15 16.26
C TYR B 237 41.57 22.23 16.33
N PHE B 238 40.39 22.79 16.63
CA PHE B 238 39.18 21.98 16.69
C PHE B 238 38.83 21.40 15.33
N VAL B 239 38.99 22.17 14.27
CA VAL B 239 38.51 21.81 12.95
C VAL B 239 39.65 21.38 12.04
N GLN B 240 40.81 21.02 12.61
CA GLN B 240 41.96 20.64 11.79
C GLN B 240 41.74 19.35 11.00
N HIS B 241 40.70 18.59 11.29
CA HIS B 241 40.45 17.32 10.61
C HIS B 241 39.16 17.33 9.80
N LEU B 242 38.58 18.50 9.55
CA LEU B 242 37.32 18.61 8.83
C LEU B 242 37.57 18.77 7.33
N ASN B 243 36.61 18.30 6.54
CA ASN B 243 36.71 18.43 5.10
C ASN B 243 36.65 19.90 4.69
N ASN B 244 37.54 20.29 3.79
CA ASN B 244 37.73 21.67 3.32
C ASN B 244 38.31 22.57 4.40
N CYS B 245 38.64 22.03 5.58
CA CYS B 245 39.16 22.81 6.69
C CYS B 245 40.28 22.06 7.41
N GLN B 246 40.99 21.20 6.69
CA GLN B 246 41.86 20.19 7.28
C GLN B 246 43.29 20.68 7.27
N SER B 247 43.79 21.09 8.44
CA SER B 247 45.15 21.59 8.58
C SER B 247 46.02 20.68 9.45
N PHE B 248 45.59 19.44 9.67
CA PHE B 248 46.34 18.54 10.52
C PHE B 248 47.68 18.18 9.87
N SER B 249 48.67 17.90 10.71
CA SER B 249 50.01 17.59 10.22
C SER B 249 49.98 16.39 9.28
N GLY B 250 50.71 16.49 8.18
CA GLY B 250 50.75 15.44 7.19
C GLY B 250 49.55 15.41 6.26
N SER B 251 48.64 16.37 6.36
CA SER B 251 47.47 16.39 5.50
C SER B 251 47.88 16.61 4.05
N PHE B 252 47.20 15.91 3.15
CA PHE B 252 47.45 16.07 1.72
C PHE B 252 47.05 17.46 1.22
N VAL B 253 46.30 18.23 2.01
CA VAL B 253 45.96 19.61 1.68
C VAL B 253 45.92 20.42 2.96
N ASP B 254 46.31 21.70 2.86
CA ASP B 254 46.31 22.56 4.03
C ASP B 254 44.92 23.08 4.35
N ASN B 255 44.29 23.76 3.38
CA ASN B 255 42.90 24.22 3.52
C ASN B 255 42.67 24.94 4.84
N ALA B 256 43.72 25.52 5.41
CA ALA B 256 43.59 26.26 6.67
C ALA B 256 43.11 27.69 6.45
N GLY B 257 43.45 28.29 5.32
CA GLY B 257 43.02 29.63 4.98
C GLY B 257 41.62 29.72 4.43
N VAL B 258 40.94 28.58 4.26
CA VAL B 258 39.58 28.56 3.73
C VAL B 258 38.61 28.23 4.86
N CYS B 259 39.00 28.54 6.09
CA CYS B 259 38.15 28.33 7.25
C CYS B 259 38.82 28.88 8.50
N ALA C 1 -15.57 74.15 -16.22
CA ALA C 1 -16.08 72.77 -16.00
C ALA C 1 -14.93 71.79 -15.80
N THR C 2 -14.81 71.26 -14.58
CA THR C 2 -13.76 70.30 -14.25
C THR C 2 -14.19 68.86 -14.42
N LYS C 3 -15.45 68.61 -14.78
CA LYS C 3 -15.96 67.25 -14.91
C LYS C 3 -15.88 66.79 -16.35
N LEU C 4 -15.30 65.61 -16.56
CA LEU C 4 -15.16 65.08 -17.91
C LEU C 4 -16.53 64.86 -18.55
N SER C 5 -17.47 64.31 -17.80
CA SER C 5 -18.82 64.09 -18.29
C SER C 5 -19.77 64.11 -17.11
N GLU C 6 -20.96 64.70 -17.33
CA GLU C 6 -21.98 64.82 -16.30
C GLU C 6 -23.10 63.82 -16.57
N GLY C 7 -23.44 63.04 -15.55
CA GLY C 7 -24.52 62.09 -15.65
C GLY C 7 -24.25 60.84 -14.84
N PRO C 8 -25.30 60.17 -14.38
CA PRO C 8 -25.10 58.98 -13.55
C PRO C 8 -24.46 57.82 -14.30
N PHE C 9 -24.68 57.72 -15.61
CA PHE C 9 -24.22 56.59 -16.40
C PHE C 9 -23.49 57.07 -17.65
N ILE C 10 -22.59 56.24 -18.15
CA ILE C 10 -21.75 56.62 -19.27
C ILE C 10 -22.57 56.77 -20.54
N GLU C 11 -23.42 55.78 -20.84
CA GLU C 11 -24.10 55.75 -22.13
C GLU C 11 -25.09 56.89 -22.28
N THR C 12 -25.61 57.43 -21.17
CA THR C 12 -26.54 58.55 -21.20
C THR C 12 -25.91 59.82 -20.62
N GLU C 13 -24.58 59.92 -20.69
CA GLU C 13 -23.87 61.07 -20.14
C GLU C 13 -23.93 62.25 -21.11
N THR C 14 -23.73 63.44 -20.56
CA THR C 14 -23.67 64.68 -21.31
C THR C 14 -22.34 65.36 -21.04
N TYR C 15 -21.74 65.93 -22.09
CA TYR C 15 -20.43 66.53 -21.93
C TYR C 15 -20.55 68.04 -21.76
N PRO C 16 -19.71 68.66 -20.93
CA PRO C 16 -19.76 70.11 -20.79
C PRO C 16 -19.43 70.80 -22.10
N ALA C 17 -19.97 72.00 -22.28
CA ALA C 17 -19.70 72.77 -23.48
C ALA C 17 -18.22 73.10 -23.57
N PRO C 18 -17.65 73.18 -24.77
CA PRO C 18 -16.22 73.46 -24.89
C PRO C 18 -15.80 74.77 -24.25
N LYS C 19 -16.65 75.80 -24.31
CA LYS C 19 -16.34 77.05 -23.62
C LYS C 19 -16.30 76.85 -22.11
N GLU C 20 -17.14 75.98 -21.58
CA GLU C 20 -17.14 75.70 -20.15
C GLU C 20 -15.95 74.85 -19.74
N MET C 21 -15.46 73.99 -20.64
CA MET C 21 -14.36 73.11 -20.29
C MET C 21 -13.11 73.91 -19.90
N GLU C 22 -12.39 73.40 -18.91
CA GLU C 22 -11.16 74.02 -18.43
C GLU C 22 -10.00 73.46 -19.24
N MET C 23 -9.37 74.30 -20.04
CA MET C 23 -8.34 73.87 -20.99
C MET C 23 -6.95 74.18 -20.43
N SER C 24 -6.00 73.31 -20.72
CA SER C 24 -4.63 73.50 -20.28
C SER C 24 -4.04 74.76 -20.91
N ALA C 25 -3.25 75.49 -20.12
CA ALA C 25 -2.64 76.70 -20.63
C ALA C 25 -1.47 76.39 -21.56
N ALA C 26 -0.71 75.34 -21.27
CA ALA C 26 0.44 75.00 -22.09
C ALA C 26 0.02 74.54 -23.48
N VAL C 27 -0.94 73.62 -23.55
CA VAL C 27 -1.48 73.12 -24.80
C VAL C 27 -2.98 73.41 -24.81
N PRO C 28 -3.42 74.48 -25.48
CA PRO C 28 -4.81 74.93 -25.31
C PRO C 28 -5.84 73.99 -25.91
N PHE C 29 -5.46 73.00 -26.70
CA PHE C 29 -6.43 72.10 -27.30
C PHE C 29 -6.67 70.85 -26.47
N LEU C 30 -6.10 70.76 -25.28
CA LEU C 30 -6.36 69.67 -24.36
C LEU C 30 -6.95 70.22 -23.07
N ARG C 31 -7.80 69.42 -22.43
CA ARG C 31 -8.36 69.81 -21.15
C ARG C 31 -7.30 69.73 -20.06
N TYR C 32 -7.55 70.45 -18.97
CA TYR C 32 -6.63 70.44 -17.85
C TYR C 32 -6.57 69.04 -17.26
N PRO C 33 -5.38 68.49 -17.00
CA PRO C 33 -5.32 67.12 -16.45
C PRO C 33 -6.10 66.97 -15.14
N GLN C 34 -6.08 67.99 -14.29
CA GLN C 34 -6.93 68.03 -13.11
C GLN C 34 -6.43 67.12 -11.99
N VAL C 35 -5.41 66.32 -12.26
CA VAL C 35 -4.78 65.54 -11.20
C VAL C 35 -3.59 66.28 -10.63
N LEU C 36 -2.92 67.10 -11.43
CA LEU C 36 -1.83 67.94 -10.96
C LEU C 36 -2.34 69.29 -10.48
N LYS C 37 -3.35 69.25 -9.61
CA LYS C 37 -3.95 70.43 -9.03
C LYS C 37 -3.53 70.54 -7.57
N GLY C 38 -3.15 71.74 -7.16
CA GLY C 38 -2.56 71.93 -5.85
C GLY C 38 -1.08 71.64 -5.78
N TRP C 39 -0.47 71.22 -6.87
CA TRP C 39 0.96 70.97 -6.92
C TRP C 39 1.69 72.22 -7.41
N VAL C 40 3.01 72.19 -7.35
CA VAL C 40 3.83 73.31 -7.77
C VAL C 40 4.04 73.25 -9.27
N GLY C 41 3.92 74.40 -9.93
CA GLY C 41 4.01 74.45 -11.38
C GLY C 41 2.73 74.12 -12.10
N GLU C 42 1.63 73.89 -11.37
CA GLU C 42 0.35 73.59 -11.99
C GLU C 42 -0.21 74.75 -12.80
N GLU C 43 0.34 75.96 -12.63
CA GLU C 43 -0.23 77.12 -13.29
C GLU C 43 -0.31 76.93 -14.79
N LYS C 44 0.60 76.16 -15.37
CA LYS C 44 0.61 75.84 -16.79
C LYS C 44 0.44 74.33 -16.91
N GLY C 45 -0.81 73.87 -16.86
CA GLY C 45 -1.08 72.45 -16.92
C GLY C 45 -0.50 71.81 -18.17
N PHE C 46 0.58 71.05 -18.00
CA PHE C 46 1.33 70.50 -19.12
C PHE C 46 1.49 69.00 -18.93
N ASP C 47 0.62 68.22 -19.56
CA ASP C 47 0.75 66.77 -19.58
C ASP C 47 0.14 66.22 -20.86
N PRO C 48 0.62 66.63 -22.03
CA PRO C 48 0.01 66.13 -23.27
C PRO C 48 0.10 64.63 -23.43
N LEU C 49 1.16 64.00 -22.93
CA LEU C 49 1.34 62.57 -23.09
C LEU C 49 0.48 61.75 -22.14
N GLY C 50 -0.21 62.39 -21.20
CA GLY C 50 -1.08 61.66 -20.30
C GLY C 50 -0.34 60.71 -19.38
N VAL C 51 0.87 61.10 -18.94
CA VAL C 51 1.59 60.27 -17.99
C VAL C 51 0.89 60.28 -16.64
N THR C 52 0.46 61.45 -16.18
CA THR C 52 -0.24 61.54 -14.91
C THR C 52 -1.58 60.82 -14.94
N ASP C 53 -2.10 60.53 -16.13
CA ASP C 53 -3.31 59.73 -16.25
C ASP C 53 -3.08 58.28 -15.88
N ALA C 54 -1.83 57.86 -15.71
CA ALA C 54 -1.50 56.49 -15.29
C ALA C 54 -0.72 56.46 -14.00
N LEU C 55 0.26 57.35 -13.82
CA LEU C 55 1.05 57.36 -12.60
C LEU C 55 0.57 58.45 -11.66
N PRO C 56 0.57 58.21 -10.35
CA PRO C 56 0.23 59.29 -9.43
C PRO C 56 1.21 60.45 -9.58
N VAL C 57 0.67 61.67 -9.49
CA VAL C 57 1.50 62.86 -9.68
C VAL C 57 2.65 62.89 -8.69
N TYR C 58 2.51 62.22 -7.54
CA TYR C 58 3.57 62.15 -6.55
C TYR C 58 4.84 61.54 -7.16
N TRP C 59 4.69 60.41 -7.84
CA TRP C 59 5.85 59.73 -8.43
C TRP C 59 6.55 60.63 -9.44
N VAL C 60 5.78 61.21 -10.36
CA VAL C 60 6.40 62.01 -11.41
C VAL C 60 7.04 63.26 -10.83
N ARG C 61 6.46 63.85 -9.79
CA ARG C 61 7.10 65.00 -9.17
C ARG C 61 8.39 64.61 -8.46
N GLU C 62 8.40 63.47 -7.77
CA GLU C 62 9.63 62.99 -7.16
C GLU C 62 10.71 62.80 -8.22
N ALA C 63 10.33 62.16 -9.34
CA ALA C 63 11.28 61.93 -10.41
C ALA C 63 11.76 63.23 -11.04
N GLU C 64 10.85 64.20 -11.22
CA GLU C 64 11.23 65.48 -11.80
C GLU C 64 12.23 66.20 -10.90
N LEU C 65 11.97 66.22 -9.59
CA LEU C 65 12.89 66.87 -8.68
C LEU C 65 14.24 66.17 -8.66
N LYS C 66 14.23 64.83 -8.63
CA LYS C 66 15.50 64.10 -8.65
C LYS C 66 16.28 64.42 -9.91
N HIS C 67 15.63 64.38 -11.06
CA HIS C 67 16.31 64.67 -12.32
C HIS C 67 16.83 66.09 -12.34
N GLY C 68 16.03 67.06 -11.91
CA GLY C 68 16.46 68.44 -11.95
C GLY C 68 17.66 68.69 -11.06
N ARG C 69 17.63 68.15 -9.84
CA ARG C 69 18.75 68.30 -8.93
C ARG C 69 20.00 67.64 -9.48
N VAL C 70 19.87 66.40 -9.96
CA VAL C 70 21.02 65.69 -10.49
C VAL C 70 21.59 66.43 -11.69
N CYS C 71 20.73 66.96 -12.56
CA CYS C 71 21.20 67.65 -13.74
C CYS C 71 21.84 68.99 -13.40
N MET C 72 21.32 69.68 -12.39
CA MET C 72 21.93 70.93 -11.96
C MET C 72 23.33 70.69 -11.43
N LEU C 73 23.47 69.70 -10.55
CA LEU C 73 24.80 69.34 -10.06
C LEU C 73 25.70 68.88 -11.20
N ALA C 74 25.15 68.08 -12.12
CA ALA C 74 25.96 67.56 -13.21
C ALA C 74 26.45 68.67 -14.14
N THR C 75 25.59 69.63 -14.46
CA THR C 75 26.01 70.70 -15.35
C THR C 75 27.04 71.60 -14.68
N VAL C 76 26.84 71.93 -13.40
CA VAL C 76 27.83 72.77 -12.72
C VAL C 76 29.16 72.03 -12.64
N GLY C 77 29.12 70.73 -12.33
CA GLY C 77 30.36 69.96 -12.23
C GLY C 77 31.06 69.82 -13.56
N TRP C 78 30.31 69.55 -14.63
CA TRP C 78 30.90 69.47 -15.95
C TRP C 78 31.54 70.80 -16.35
N ILE C 79 30.85 71.90 -16.08
CA ILE C 79 31.40 73.21 -16.42
C ILE C 79 32.68 73.47 -15.65
N ALA C 80 32.69 73.16 -14.35
CA ALA C 80 33.89 73.38 -13.55
C ALA C 80 35.05 72.54 -14.05
N THR C 81 34.79 71.25 -14.29
CA THR C 81 35.86 70.37 -14.76
C THR C 81 36.40 70.83 -16.12
N ASP C 82 35.52 71.25 -17.02
CA ASP C 82 35.97 71.76 -18.32
C ASP C 82 36.81 73.02 -18.13
N LEU C 83 36.37 73.93 -17.27
CA LEU C 83 37.17 75.13 -17.00
C LEU C 83 38.49 74.78 -16.35
N GLY C 84 38.61 73.58 -15.77
CA GLY C 84 39.87 73.07 -15.30
C GLY C 84 39.95 72.82 -13.81
N MET C 85 38.96 73.25 -13.04
CA MET C 85 38.97 73.00 -11.61
C MET C 85 39.03 71.50 -11.34
N ARG C 86 39.91 71.09 -10.43
CA ARG C 86 40.09 69.68 -10.11
C ARG C 86 40.49 69.56 -8.65
N PHE C 87 40.24 68.38 -8.07
CA PHE C 87 40.62 68.13 -6.70
C PHE C 87 42.14 68.16 -6.57
N PRO C 88 42.67 68.61 -5.42
CA PRO C 88 44.11 68.49 -5.21
C PRO C 88 44.51 67.04 -4.93
N GLY C 89 45.14 66.39 -5.91
CA GLY C 89 45.52 65.01 -5.78
C GLY C 89 46.06 64.46 -7.09
N ASP C 90 47.00 63.53 -7.01
CA ASP C 90 47.63 63.03 -8.22
C ASP C 90 46.62 62.34 -9.13
N GLN C 91 45.76 61.49 -8.55
CA GLN C 91 44.82 60.74 -9.36
C GLN C 91 43.80 61.67 -10.03
N PHE C 92 43.37 62.70 -9.32
CA PHE C 92 42.39 63.63 -9.91
C PHE C 92 43.02 64.58 -10.91
N GLN C 93 44.28 64.96 -10.70
CA GLN C 93 44.95 65.87 -11.63
C GLN C 93 45.47 65.15 -12.87
N SER C 94 45.68 63.83 -12.81
CA SER C 94 46.17 63.10 -13.97
C SER C 94 45.18 63.18 -15.13
N VAL C 95 43.89 63.01 -14.84
CA VAL C 95 42.88 63.03 -15.89
C VAL C 95 42.88 64.41 -16.55
N GLN C 96 42.85 64.42 -17.88
CA GLN C 96 43.00 65.65 -18.65
C GLN C 96 41.66 66.31 -18.96
N THR C 97 40.75 65.59 -19.61
CA THR C 97 39.48 66.14 -20.05
C THR C 97 38.33 65.47 -19.31
N THR C 98 37.19 66.16 -19.28
CA THR C 98 36.04 65.65 -18.53
C THR C 98 35.40 64.44 -19.19
N LEU C 99 35.52 64.32 -20.52
CA LEU C 99 34.84 63.24 -21.22
C LEU C 99 35.37 61.89 -20.77
N GLU C 100 36.69 61.77 -20.62
CA GLU C 100 37.29 60.51 -20.18
C GLU C 100 37.34 60.39 -18.67
N ALA C 101 36.81 61.37 -17.93
CA ALA C 101 36.89 61.33 -16.48
C ALA C 101 36.15 60.14 -15.91
N HIS C 102 34.97 59.82 -16.44
CA HIS C 102 34.21 58.69 -15.93
C HIS C 102 35.03 57.41 -16.00
N ASP C 103 35.58 57.11 -17.18
CA ASP C 103 36.36 55.88 -17.33
C ASP C 103 37.63 55.92 -16.50
N LYS C 104 38.31 57.07 -16.46
CA LYS C 104 39.55 57.15 -15.71
C LYS C 104 39.31 56.90 -14.22
N MET C 105 38.23 57.47 -13.66
CA MET C 105 37.95 57.27 -12.25
C MET C 105 37.41 55.87 -11.98
N VAL C 106 36.66 55.29 -12.91
CA VAL C 106 36.25 53.90 -12.74
C VAL C 106 37.47 52.99 -12.67
N GLU C 107 38.46 53.25 -13.53
CA GLU C 107 39.70 52.47 -13.47
C GLU C 107 40.46 52.74 -12.18
N ALA C 108 40.55 54.00 -11.77
CA ALA C 108 41.30 54.35 -10.56
C ALA C 108 40.64 53.76 -9.32
N GLY C 109 39.35 53.51 -9.36
CA GLY C 109 38.65 52.86 -8.26
C GLY C 109 37.86 53.77 -7.35
N LEU C 110 37.77 55.07 -7.67
CA LEU C 110 36.98 55.97 -6.85
C LEU C 110 35.49 55.85 -7.15
N MET C 111 35.14 55.59 -8.41
CA MET C 111 33.73 55.56 -8.78
C MET C 111 33.00 54.42 -8.10
N ALA C 112 33.69 53.32 -7.76
CA ALA C 112 33.02 52.26 -7.03
C ALA C 112 32.58 52.70 -5.65
N PRO C 113 33.44 53.26 -4.79
CA PRO C 113 32.94 53.83 -3.53
C PRO C 113 31.93 54.94 -3.72
N PHE C 114 32.10 55.77 -4.76
CA PHE C 114 31.14 56.84 -5.01
C PHE C 114 29.76 56.27 -5.28
N LEU C 115 29.69 55.25 -6.15
CA LEU C 115 28.42 54.60 -6.43
C LEU C 115 27.88 53.87 -5.22
N GLY C 116 28.75 53.34 -4.37
CA GLY C 116 28.27 52.72 -3.14
C GLY C 116 27.58 53.71 -2.24
N ALA C 117 28.20 54.88 -2.04
CA ALA C 117 27.58 55.91 -1.21
C ALA C 117 26.26 56.39 -1.83
N VAL C 118 26.27 56.65 -3.14
CA VAL C 118 25.06 57.11 -3.81
C VAL C 118 23.96 56.05 -3.71
N GLY C 119 24.34 54.78 -3.84
CA GLY C 119 23.35 53.71 -3.74
C GLY C 119 22.78 53.55 -2.34
N THR C 120 23.61 53.74 -1.32
CA THR C 120 23.10 53.72 0.04
C THR C 120 22.08 54.85 0.24
N PHE C 121 22.45 56.07 -0.17
CA PHE C 121 21.50 57.16 -0.06
C PHE C 121 20.25 56.92 -0.89
N GLU C 122 20.40 56.23 -2.02
CA GLU C 122 19.26 55.98 -2.90
C GLU C 122 18.34 54.90 -2.36
N LEU C 123 18.89 53.89 -1.69
CA LEU C 123 18.04 52.93 -1.00
C LEU C 123 17.28 53.61 0.14
N TYR C 124 17.96 54.49 0.88
CA TYR C 124 17.24 55.27 1.89
C TYR C 124 16.15 56.12 1.23
N SER C 125 16.45 56.72 0.09
CA SER C 125 15.48 57.55 -0.61
C SER C 125 14.30 56.72 -1.10
N LEU C 126 14.56 55.49 -1.56
CA LEU C 126 13.47 54.62 -1.98
C LEU C 126 12.57 54.26 -0.82
N TRP C 127 13.17 53.89 0.32
CA TRP C 127 12.36 53.60 1.51
C TRP C 127 11.54 54.82 1.91
N LEU C 128 12.17 56.00 1.93
CA LEU C 128 11.46 57.21 2.32
C LEU C 128 10.36 57.56 1.33
N PHE C 129 10.62 57.37 0.04
CA PHE C 129 9.62 57.68 -0.98
C PHE C 129 8.41 56.77 -0.83
N PHE C 130 8.64 55.48 -0.61
CA PHE C 130 7.51 54.58 -0.40
C PHE C 130 6.75 54.97 0.86
N LYS C 131 7.46 55.29 1.94
CA LYS C 131 6.79 55.71 3.17
C LYS C 131 5.92 56.93 2.93
N GLY C 132 6.47 57.95 2.27
CA GLY C 132 5.72 59.17 2.05
C GLY C 132 4.54 58.97 1.12
N TRP C 133 4.73 58.20 0.04
CA TRP C 133 3.64 57.95 -0.88
C TRP C 133 2.51 57.19 -0.20
N GLU C 134 2.84 56.16 0.57
CA GLU C 134 1.82 55.44 1.31
C GLU C 134 1.28 56.24 2.50
N MET C 135 1.91 57.37 2.82
CA MET C 135 1.44 58.28 3.86
C MET C 135 1.72 57.76 5.25
N GLU C 136 2.60 56.76 5.39
CA GLU C 136 3.01 56.33 6.72
C GLU C 136 3.69 57.47 7.46
N VAL C 137 4.54 58.21 6.77
CA VAL C 137 5.15 59.43 7.30
C VAL C 137 4.56 60.62 6.54
N ASN C 138 4.64 61.79 7.17
CA ASN C 138 4.12 63.02 6.56
C ASN C 138 5.25 63.64 5.74
N ARG C 139 5.35 63.21 4.48
CA ARG C 139 6.39 63.68 3.58
C ARG C 139 5.78 64.05 2.23
N ASP C 140 6.39 65.04 1.58
CA ASP C 140 6.03 65.43 0.23
C ASP C 140 7.01 64.83 -0.76
N ALA C 141 6.67 64.93 -2.04
CA ALA C 141 7.51 64.37 -3.09
C ALA C 141 8.83 65.14 -3.16
N GLY C 142 9.94 64.42 -3.22
CA GLY C 142 11.24 65.05 -3.32
C GLY C 142 11.61 65.88 -2.11
N ASP C 143 11.10 65.53 -0.94
CA ASP C 143 11.38 66.24 0.29
C ASP C 143 12.21 65.35 1.20
N PHE C 144 13.43 65.78 1.51
CA PHE C 144 14.33 65.06 2.39
C PHE C 144 14.64 65.82 3.67
N PHE C 145 13.90 66.88 3.97
CA PHE C 145 14.04 67.64 5.20
C PHE C 145 15.38 68.36 5.29
N LEU C 146 16.04 68.59 4.17
CA LEU C 146 17.32 69.30 4.15
C LEU C 146 17.07 70.79 3.92
N GLY C 147 17.66 71.62 4.77
CA GLY C 147 17.55 73.05 4.61
C GLY C 147 16.13 73.59 4.74
N LYS C 148 15.28 72.94 5.53
CA LYS C 148 13.96 73.48 5.78
C LYS C 148 14.02 74.82 6.48
N GLN C 149 15.15 75.15 7.11
CA GLN C 149 15.28 76.44 7.78
C GLN C 149 15.18 77.59 6.79
N PHE C 150 15.79 77.44 5.62
CA PHE C 150 15.80 78.49 4.62
C PHE C 150 14.50 78.56 3.83
N LEU C 151 13.61 77.58 3.99
CA LEU C 151 12.35 77.61 3.27
C LEU C 151 11.50 78.78 3.76
N PRO C 152 10.99 79.63 2.86
CA PRO C 152 10.20 80.77 3.32
C PRO C 152 8.98 80.35 4.12
N LYS C 153 8.64 81.14 5.13
CA LYS C 153 7.49 80.82 5.98
C LYS C 153 6.17 81.10 5.26
N GLU C 154 6.09 82.22 4.54
CA GLU C 154 4.85 82.56 3.87
C GLU C 154 4.51 81.50 2.82
N PRO C 155 3.25 81.07 2.73
CA PRO C 155 2.92 80.06 1.71
C PRO C 155 3.23 80.50 0.29
N ALA C 156 2.98 81.77 -0.04
CA ALA C 156 3.27 82.24 -1.39
C ALA C 156 4.77 82.21 -1.68
N LYS C 157 5.59 82.65 -0.73
CA LYS C 157 7.03 82.63 -0.95
C LYS C 157 7.55 81.20 -1.01
N GLU C 158 6.99 80.31 -0.21
CA GLU C 158 7.39 78.90 -0.28
C GLU C 158 7.05 78.32 -1.66
N LYS C 159 5.86 78.61 -2.16
CA LYS C 159 5.49 78.13 -3.49
C LYS C 159 6.42 78.72 -4.56
N ASP C 160 6.77 80.00 -4.40
CA ASP C 160 7.69 80.62 -5.36
C ASP C 160 9.05 79.95 -5.33
N MET C 161 9.54 79.63 -4.12
CA MET C 161 10.83 78.95 -4.01
C MET C 161 10.79 77.59 -4.66
N ARG C 162 9.72 76.83 -4.41
CA ARG C 162 9.60 75.51 -5.03
C ARG C 162 9.52 75.62 -6.55
N LEU C 163 8.79 76.63 -7.04
CA LEU C 163 8.69 76.83 -8.48
C LEU C 163 10.04 77.20 -9.07
N LYS C 164 10.83 78.01 -8.36
CA LYS C 164 12.17 78.33 -8.83
C LYS C 164 13.03 77.08 -8.90
N GLU C 165 12.94 76.23 -7.87
CA GLU C 165 13.66 74.95 -7.90
C GLU C 165 13.29 74.15 -9.13
N LEU C 166 11.99 73.99 -9.38
CA LEU C 166 11.54 73.17 -10.49
C LEU C 166 11.96 73.75 -11.83
N GLU C 167 11.81 75.07 -12.00
CA GLU C 167 12.18 75.69 -13.27
C GLU C 167 13.68 75.59 -13.51
N ASN C 168 14.49 75.80 -12.47
CA ASN C 168 15.94 75.67 -12.64
C ASN C 168 16.33 74.24 -12.94
N GLY C 169 15.68 73.26 -12.31
CA GLY C 169 15.95 71.87 -12.65
C GLY C 169 15.57 71.55 -14.09
N ARG C 170 14.43 72.06 -14.54
CA ARG C 170 14.02 71.85 -15.92
C ARG C 170 15.02 72.46 -16.89
N LEU C 171 15.48 73.68 -16.61
CA LEU C 171 16.49 74.30 -17.46
C LEU C 171 17.78 73.50 -17.44
N ALA C 172 18.20 73.02 -16.26
CA ALA C 172 19.44 72.26 -16.16
C ALA C 172 19.35 70.94 -16.91
N MET C 173 18.16 70.34 -16.98
CA MET C 173 17.98 69.14 -17.79
C MET C 173 18.49 69.38 -19.21
N PHE C 174 17.88 70.34 -19.90
CA PHE C 174 18.29 70.66 -21.27
C PHE C 174 19.74 71.14 -21.30
N ALA C 175 20.15 71.94 -20.32
CA ALA C 175 21.50 72.47 -20.33
C ALA C 175 22.53 71.34 -20.33
N PHE C 176 22.39 70.40 -19.40
CA PHE C 176 23.36 69.31 -19.34
C PHE C 176 23.25 68.40 -20.54
N SER C 177 22.03 68.12 -21.02
CA SER C 177 21.91 67.27 -22.19
C SER C 177 22.65 67.88 -23.38
N GLY C 178 22.42 69.18 -23.63
CA GLY C 178 23.14 69.84 -24.70
C GLY C 178 24.63 69.89 -24.47
N ILE C 179 25.05 70.16 -23.23
CA ILE C 179 26.48 70.26 -22.93
C ILE C 179 27.17 68.93 -23.20
N VAL C 180 26.62 67.84 -22.68
CA VAL C 180 27.25 66.54 -22.85
C VAL C 180 27.22 66.11 -24.30
N THR C 181 26.11 66.33 -24.99
CA THR C 181 26.03 65.93 -26.40
C THR C 181 27.04 66.71 -27.24
N GLN C 182 27.12 68.03 -27.04
CA GLN C 182 28.07 68.83 -27.80
C GLN C 182 29.51 68.45 -27.46
N ALA C 183 29.78 68.18 -26.19
CA ALA C 183 31.14 67.77 -25.80
C ALA C 183 31.52 66.46 -26.47
N ALA C 184 30.63 65.47 -26.44
CA ALA C 184 30.92 64.21 -27.10
C ALA C 184 31.07 64.40 -28.61
N MET C 185 30.29 65.32 -29.18
CA MET C 185 30.33 65.52 -30.63
C MET C 185 31.63 66.17 -31.07
N THR C 186 32.04 67.24 -30.39
CA THR C 186 33.18 68.05 -30.82
C THR C 186 34.46 67.77 -30.05
N GLY C 187 34.39 67.80 -28.72
CA GLY C 187 35.58 67.58 -27.91
C GLY C 187 36.26 68.88 -27.50
N GLN C 188 35.50 69.80 -26.89
CA GLN C 188 36.03 71.08 -26.45
C GLN C 188 35.48 71.39 -25.07
N ALA C 189 35.92 72.52 -24.52
CA ALA C 189 35.48 72.96 -23.21
C ALA C 189 34.03 73.43 -23.25
N TRP C 190 33.46 73.63 -22.05
CA TRP C 190 32.04 73.96 -21.95
C TRP C 190 31.63 75.14 -22.82
N PRO C 191 32.38 76.24 -22.89
CA PRO C 191 31.94 77.34 -23.76
C PRO C 191 31.80 76.92 -25.21
N PHE C 192 32.58 75.93 -25.66
CA PHE C 192 32.50 75.43 -27.02
C PHE C 192 32.69 76.56 -28.03
N GLY D 1 -41.81 -68.43 13.11
CA GLY D 1 -40.62 -69.18 12.61
C GLY D 1 -39.35 -68.35 12.61
N GLY D 2 -39.46 -67.10 13.05
CA GLY D 2 -38.30 -66.24 13.10
C GLY D 2 -37.90 -65.74 11.71
N TYR D 3 -36.65 -65.28 11.63
CA TYR D 3 -36.13 -64.75 10.38
C TYR D 3 -36.01 -65.85 9.33
N LYS D 4 -35.91 -65.43 8.07
CA LYS D 4 -35.65 -66.34 6.96
C LYS D 4 -34.14 -66.39 6.74
N MET D 5 -33.55 -67.55 6.98
CA MET D 5 -32.10 -67.69 6.99
C MET D 5 -31.57 -67.96 5.58
N SER D 6 -30.38 -67.44 5.32
CA SER D 6 -29.75 -67.64 4.03
C SER D 6 -29.40 -69.11 3.85
N PRO D 7 -29.84 -69.75 2.76
CA PRO D 7 -29.37 -71.12 2.51
C PRO D 7 -27.86 -71.23 2.39
N ALA D 8 -27.20 -70.22 1.83
CA ALA D 8 -25.75 -70.25 1.70
C ALA D 8 -25.08 -70.22 3.07
N VAL D 9 -25.47 -69.29 3.92
CA VAL D 9 -24.91 -69.18 5.27
C VAL D 9 -26.06 -69.36 6.26
N PRO D 10 -26.32 -70.58 6.72
CA PRO D 10 -27.52 -70.82 7.53
C PRO D 10 -27.56 -70.02 8.83
N PHE D 11 -26.43 -69.53 9.32
CA PHE D 11 -26.38 -68.79 10.57
C PHE D 11 -26.57 -67.29 10.39
N LEU D 12 -27.04 -66.86 9.22
CA LEU D 12 -27.32 -65.46 8.98
C LEU D 12 -28.69 -65.32 8.33
N PRO D 13 -29.43 -64.26 8.63
CA PRO D 13 -30.74 -64.06 8.00
C PRO D 13 -30.60 -63.52 6.59
N MET D 14 -31.45 -64.00 5.70
CA MET D 14 -31.42 -63.57 4.31
C MET D 14 -31.65 -62.07 4.22
N SER D 15 -30.86 -61.41 3.38
CA SER D 15 -31.07 -59.99 3.13
C SER D 15 -32.38 -59.80 2.39
N PRO D 16 -33.27 -58.91 2.86
CA PRO D 16 -34.56 -58.74 2.18
C PRO D 16 -34.44 -58.21 0.77
N ALA D 17 -33.32 -57.58 0.42
CA ALA D 17 -33.18 -57.00 -0.91
C ALA D 17 -33.10 -58.08 -1.99
N LEU D 18 -32.55 -59.25 -1.66
CA LEU D 18 -32.33 -60.30 -2.63
C LEU D 18 -33.42 -61.36 -2.58
N GLU D 19 -34.66 -60.95 -2.33
CA GLU D 19 -35.82 -61.83 -2.37
C GLU D 19 -36.64 -61.51 -3.61
N GLY D 20 -37.07 -62.56 -4.31
CA GLY D 20 -37.80 -62.40 -5.56
C GLY D 20 -36.94 -62.17 -6.78
N ILE D 21 -35.62 -62.12 -6.62
CA ILE D 21 -34.70 -61.92 -7.74
C ILE D 21 -34.16 -63.29 -8.14
N PRO D 22 -33.88 -63.53 -9.42
CA PRO D 22 -33.22 -64.79 -9.79
C PRO D 22 -31.90 -64.93 -9.05
N GLY D 23 -31.65 -66.15 -8.56
CA GLY D 23 -30.49 -66.40 -7.73
C GLY D 23 -30.74 -66.28 -6.25
N GLU D 24 -31.99 -66.13 -5.83
CA GLU D 24 -32.31 -66.09 -4.40
C GLU D 24 -32.32 -67.49 -3.78
N GLU D 25 -32.28 -68.54 -4.58
CA GLU D 25 -32.25 -69.89 -4.02
C GLU D 25 -31.03 -70.08 -3.14
N GLU D 26 -29.90 -69.46 -3.51
CA GLU D 26 -28.71 -69.51 -2.67
C GLU D 26 -28.78 -68.45 -1.57
N GLY D 27 -29.15 -67.23 -1.91
CA GLY D 27 -29.29 -66.17 -0.94
C GLY D 27 -27.99 -65.87 -0.22
N PHE D 28 -26.91 -65.74 -0.98
CA PHE D 28 -25.57 -65.57 -0.41
C PHE D 28 -25.21 -64.09 -0.39
N ASP D 29 -25.16 -63.52 0.81
CA ASP D 29 -24.65 -62.17 1.00
C ASP D 29 -24.25 -61.97 2.45
N PRO D 30 -23.30 -62.75 2.97
CA PRO D 30 -22.93 -62.60 4.38
C PRO D 30 -22.39 -61.23 4.75
N MET D 31 -21.66 -60.57 3.84
CA MET D 31 -21.11 -59.25 4.11
C MET D 31 -22.15 -58.15 4.00
N GLY D 32 -23.37 -58.45 3.58
CA GLY D 32 -24.43 -57.46 3.55
C GLY D 32 -24.21 -56.33 2.56
N PHE D 33 -23.76 -56.64 1.34
CA PHE D 33 -23.63 -55.60 0.33
C PHE D 33 -25.00 -55.18 -0.19
N SER D 34 -25.98 -56.08 -0.17
CA SER D 34 -27.32 -55.73 -0.61
C SER D 34 -28.04 -54.84 0.39
N LEU D 35 -27.57 -54.81 1.65
CA LEU D 35 -28.11 -53.89 2.65
C LEU D 35 -27.55 -52.49 2.51
N ALA D 36 -26.50 -52.29 1.71
CA ALA D 36 -25.87 -51.00 1.54
C ALA D 36 -26.01 -50.42 0.14
N ILE D 37 -26.07 -51.27 -0.89
CA ILE D 37 -26.16 -50.80 -2.27
C ILE D 37 -27.47 -51.30 -2.86
N ASP D 38 -27.95 -50.58 -3.87
CA ASP D 38 -29.18 -50.98 -4.54
C ASP D 38 -28.99 -52.32 -5.22
N ILE D 39 -29.96 -53.23 -5.01
CA ILE D 39 -29.85 -54.55 -5.61
C ILE D 39 -29.94 -54.46 -7.12
N ARG D 40 -30.64 -53.46 -7.65
CA ARG D 40 -30.68 -53.27 -9.09
C ARG D 40 -29.28 -53.01 -9.63
N TRP D 41 -28.55 -52.08 -9.01
CA TRP D 41 -27.18 -51.81 -9.42
C TRP D 41 -26.30 -53.03 -9.24
N LEU D 42 -26.46 -53.73 -8.11
CA LEU D 42 -25.63 -54.90 -7.85
C LEU D 42 -25.83 -55.97 -8.91
N ARG D 43 -27.08 -56.24 -9.29
CA ARG D 43 -27.37 -57.27 -10.28
C ARG D 43 -26.94 -56.83 -11.67
N GLU D 44 -27.11 -55.55 -12.00
CA GLU D 44 -26.63 -55.05 -13.28
C GLU D 44 -25.12 -55.25 -13.40
N ALA D 45 -24.39 -54.89 -12.34
CA ALA D 45 -22.94 -55.08 -12.35
C ALA D 45 -22.57 -56.55 -12.41
N GLU D 46 -23.30 -57.39 -11.67
CA GLU D 46 -23.00 -58.82 -11.68
C GLU D 46 -23.18 -59.40 -13.07
N LEU D 47 -24.27 -59.04 -13.75
CA LEU D 47 -24.51 -59.57 -15.09
C LEU D 47 -23.50 -59.03 -16.09
N LYS D 48 -23.16 -57.74 -16.00
CA LYS D 48 -22.13 -57.20 -16.87
C LYS D 48 -20.81 -57.93 -16.69
N HIS D 49 -20.41 -58.14 -15.43
CA HIS D 49 -19.18 -58.87 -15.15
C HIS D 49 -19.25 -60.29 -15.69
N GLY D 50 -20.38 -60.96 -15.48
CA GLY D 50 -20.49 -62.34 -15.93
C GLY D 50 -20.37 -62.46 -17.43
N ARG D 51 -21.07 -61.60 -18.16
CA ARG D 51 -21.01 -61.65 -19.62
C ARG D 51 -19.62 -61.32 -20.13
N VAL D 52 -19.03 -60.24 -19.62
CA VAL D 52 -17.70 -59.84 -20.06
C VAL D 52 -16.70 -60.94 -19.75
N ALA D 53 -16.83 -61.56 -18.57
CA ALA D 53 -15.89 -62.60 -18.17
C ALA D 53 -16.07 -63.88 -18.98
N MET D 54 -17.31 -64.21 -19.36
CA MET D 54 -17.52 -65.36 -20.23
C MET D 54 -16.84 -65.13 -21.57
N LEU D 55 -17.04 -63.96 -22.16
CA LEU D 55 -16.38 -63.67 -23.43
C LEU D 55 -14.86 -63.70 -23.27
N ALA D 56 -14.36 -63.10 -22.18
CA ALA D 56 -12.92 -63.07 -21.95
C ALA D 56 -12.35 -64.47 -21.75
N THR D 57 -13.05 -65.32 -21.01
CA THR D 57 -12.59 -66.68 -20.80
C THR D 57 -12.51 -67.44 -22.10
N VAL D 58 -13.57 -67.36 -22.92
CA VAL D 58 -13.56 -68.07 -24.19
C VAL D 58 -12.45 -67.53 -25.09
N GLY D 59 -12.26 -66.22 -25.10
CA GLY D 59 -11.21 -65.64 -25.93
C GLY D 59 -9.82 -66.05 -25.49
N TRP D 60 -9.55 -66.03 -24.18
CA TRP D 60 -8.26 -66.46 -23.68
C TRP D 60 -8.01 -67.92 -24.00
N ILE D 61 -9.03 -68.76 -23.81
CA ILE D 61 -8.88 -70.18 -24.13
C ILE D 61 -8.56 -70.36 -25.61
N ALA D 62 -9.28 -69.65 -26.47
CA ALA D 62 -9.07 -69.78 -27.91
C ALA D 62 -7.67 -69.34 -28.31
N THR D 63 -7.24 -68.17 -27.84
CA THR D 63 -5.91 -67.68 -28.18
C THR D 63 -4.82 -68.61 -27.65
N ASP D 64 -4.98 -69.10 -26.42
CA ASP D 64 -4.00 -70.02 -25.87
C ASP D 64 -3.93 -71.30 -26.69
N LEU D 65 -5.08 -71.85 -27.08
CA LEU D 65 -5.09 -73.01 -27.95
C LEU D 65 -4.51 -72.70 -29.33
N GLY D 66 -4.49 -71.43 -29.72
CA GLY D 66 -4.04 -71.05 -31.04
C GLY D 66 -5.07 -70.16 -31.70
N LEU D 67 -5.47 -70.50 -32.92
CA LEU D 67 -6.56 -69.82 -33.61
C LEU D 67 -6.38 -68.31 -33.52
N ARG D 68 -5.34 -67.82 -34.19
CA ARG D 68 -5.12 -66.39 -34.33
C ARG D 68 -5.65 -65.92 -35.66
N VAL D 69 -6.24 -64.73 -35.67
CA VAL D 69 -6.85 -64.18 -36.89
C VAL D 69 -5.73 -63.96 -37.89
N PRO D 70 -6.00 -64.06 -39.20
CA PRO D 70 -4.92 -63.89 -40.18
C PRO D 70 -4.26 -62.54 -40.03
N GLY D 71 -2.93 -62.52 -40.17
CA GLY D 71 -2.15 -61.29 -40.04
C GLY D 71 -0.91 -61.50 -39.19
N GLU D 72 0.10 -60.68 -39.45
CA GLU D 72 1.36 -60.73 -38.74
C GLU D 72 1.25 -60.11 -37.35
N PRO D 73 0.56 -58.97 -37.20
CA PRO D 73 0.56 -58.30 -35.88
C PRO D 73 -0.02 -59.15 -34.77
N PHE D 74 -0.81 -60.18 -35.08
CA PHE D 74 -1.48 -60.99 -34.08
C PHE D 74 -0.69 -62.22 -33.69
N GLN D 75 0.55 -62.37 -34.16
CA GLN D 75 1.39 -63.51 -33.79
C GLN D 75 2.10 -63.24 -32.47
N VAL D 76 1.30 -63.05 -31.43
CA VAL D 76 1.78 -62.82 -30.08
C VAL D 76 0.98 -63.71 -29.13
N SER D 77 1.55 -63.93 -27.94
CA SER D 77 0.87 -64.72 -26.94
C SER D 77 -0.25 -63.91 -26.29
N THR D 78 -1.16 -64.63 -25.63
CA THR D 78 -2.33 -63.98 -25.04
C THR D 78 -1.93 -62.97 -23.97
N VAL D 79 -0.88 -63.27 -23.22
CA VAL D 79 -0.49 -62.40 -22.10
C VAL D 79 -0.06 -61.03 -22.64
N GLU D 80 0.73 -61.00 -23.69
CA GLU D 80 1.22 -59.76 -24.27
C GLU D 80 0.31 -59.22 -25.36
N ALA D 81 -0.78 -59.91 -25.66
CA ALA D 81 -1.70 -59.45 -26.71
C ALA D 81 -2.27 -58.09 -26.36
N HIS D 82 -2.53 -57.83 -25.08
CA HIS D 82 -3.09 -56.54 -24.70
C HIS D 82 -2.20 -55.40 -25.15
N ASP D 83 -0.92 -55.44 -24.77
CA ASP D 83 0.00 -54.37 -25.16
C ASP D 83 0.24 -54.37 -26.66
N ALA D 84 0.40 -55.55 -27.26
CA ALA D 84 0.67 -55.61 -28.69
C ALA D 84 -0.45 -54.96 -29.48
N MET D 85 -1.70 -55.26 -29.15
CA MET D 85 -2.83 -54.69 -29.86
C MET D 85 -3.09 -53.24 -29.48
N VAL D 86 -2.75 -52.83 -28.26
CA VAL D 86 -2.81 -51.42 -27.93
C VAL D 86 -1.88 -50.63 -28.83
N LYS D 87 -0.66 -51.14 -29.04
CA LYS D 87 0.26 -50.49 -29.97
C LYS D 87 -0.27 -50.59 -31.40
N PHE D 88 -0.84 -51.73 -31.77
CA PHE D 88 -1.31 -51.94 -33.14
C PHE D 88 -2.42 -50.96 -33.50
N GLY D 89 -3.35 -50.72 -32.58
CA GLY D 89 -4.48 -49.85 -32.82
C GLY D 89 -5.82 -50.55 -32.74
N SER D 90 -5.85 -51.88 -32.60
CA SER D 90 -7.12 -52.57 -32.46
C SER D 90 -7.81 -52.18 -31.17
N MET D 91 -7.08 -52.13 -30.06
CA MET D 91 -7.66 -51.92 -28.74
C MET D 91 -8.29 -50.54 -28.61
N PRO D 92 -7.66 -49.46 -29.09
CA PRO D 92 -8.35 -48.15 -29.04
C PRO D 92 -9.68 -48.14 -29.77
N GLN D 93 -9.75 -48.73 -30.95
CA GLN D 93 -11.02 -48.80 -31.68
C GLN D 93 -12.04 -49.65 -30.93
N MET D 94 -11.60 -50.79 -30.41
CA MET D 94 -12.50 -51.62 -29.61
C MET D 94 -13.01 -50.83 -28.42
N LEU D 95 -12.16 -50.02 -27.80
CA LEU D 95 -12.58 -49.23 -26.64
C LEU D 95 -13.54 -48.14 -27.03
N VAL D 96 -13.39 -47.56 -28.23
CA VAL D 96 -14.39 -46.61 -28.72
C VAL D 96 -15.74 -47.28 -28.85
N TRP D 97 -15.75 -48.49 -29.43
CA TRP D 97 -17.01 -49.22 -29.55
C TRP D 97 -17.58 -49.59 -28.18
N MET D 98 -16.71 -49.96 -27.24
CA MET D 98 -17.16 -50.22 -25.87
C MET D 98 -17.77 -48.97 -25.25
N GLY D 99 -17.17 -47.81 -25.51
CA GLY D 99 -17.72 -46.58 -24.98
C GLY D 99 -19.08 -46.27 -25.55
N TYR D 100 -19.28 -46.55 -26.84
CA TYR D 100 -20.61 -46.39 -27.43
C TYR D 100 -21.63 -47.31 -26.76
N ALA D 101 -21.31 -48.61 -26.70
CA ALA D 101 -22.23 -49.57 -26.10
C ALA D 101 -22.49 -49.25 -24.65
N GLU D 102 -21.48 -48.75 -23.93
CA GLU D 102 -21.63 -48.44 -22.52
C GLU D 102 -22.34 -47.12 -22.30
N LEU D 103 -22.27 -46.20 -23.26
CA LEU D 103 -23.15 -45.04 -23.21
C LEU D 103 -24.60 -45.48 -23.27
N PHE D 104 -24.91 -46.41 -24.17
CA PHE D 104 -26.28 -46.90 -24.24
C PHE D 104 -26.66 -47.68 -22.98
N GLY D 105 -25.74 -48.47 -22.45
CA GLY D 105 -26.00 -49.16 -21.19
C GLY D 105 -26.22 -48.20 -20.04
N PHE D 106 -25.45 -47.11 -20.01
CA PHE D 106 -25.61 -46.10 -18.97
C PHE D 106 -26.95 -45.40 -19.08
N LEU D 107 -27.38 -45.08 -20.31
CA LEU D 107 -28.72 -44.53 -20.49
C LEU D 107 -29.77 -45.52 -19.99
N ALA D 108 -29.60 -46.80 -20.29
CA ALA D 108 -30.54 -47.81 -19.82
C ALA D 108 -30.59 -47.83 -18.30
N ILE D 109 -29.42 -47.80 -17.65
CA ILE D 109 -29.37 -47.85 -16.20
C ILE D 109 -30.04 -46.62 -15.59
N VAL D 110 -29.75 -45.44 -16.15
CA VAL D 110 -30.32 -44.21 -15.61
C VAL D 110 -31.83 -44.23 -15.74
N ASN D 111 -32.34 -44.62 -16.91
CA ASN D 111 -33.79 -44.67 -17.10
C ASN D 111 -34.43 -45.69 -16.18
N MET D 112 -33.78 -46.85 -16.00
CA MET D 112 -34.31 -47.86 -15.09
C MET D 112 -34.40 -47.32 -13.68
N PHE D 113 -33.35 -46.65 -13.21
CA PHE D 113 -33.36 -46.12 -11.86
C PHE D 113 -34.42 -45.03 -11.69
N GLU D 114 -34.58 -44.17 -12.70
CA GLU D 114 -35.59 -43.12 -12.61
C GLU D 114 -36.99 -43.63 -12.87
N GLY D 115 -37.15 -44.88 -13.29
CA GLY D 115 -38.46 -45.46 -13.46
C GLY D 115 -39.16 -45.11 -14.76
N LYS D 116 -38.44 -44.50 -15.71
CA LYS D 116 -39.06 -44.18 -16.99
C LYS D 116 -39.46 -45.44 -17.75
N THR D 117 -38.66 -46.49 -17.64
CA THR D 117 -38.92 -47.77 -18.28
C THR D 117 -38.89 -48.87 -17.23
N ASP D 118 -39.76 -49.87 -17.41
CA ASP D 118 -39.82 -51.02 -16.51
C ASP D 118 -38.78 -52.07 -16.91
N ARG D 119 -37.52 -51.63 -16.93
CA ARG D 119 -36.42 -52.47 -17.37
C ARG D 119 -35.80 -53.20 -16.18
N LYS D 120 -35.66 -54.51 -16.31
CA LYS D 120 -34.98 -55.30 -15.31
C LYS D 120 -33.48 -55.01 -15.35
N PRO D 121 -32.77 -55.30 -14.26
CA PRO D 121 -31.36 -54.86 -14.16
C PRO D 121 -30.53 -55.11 -15.40
N GLY D 122 -30.41 -56.37 -15.83
CA GLY D 122 -29.57 -56.72 -16.95
C GLY D 122 -30.28 -56.88 -18.28
N ASP D 123 -31.57 -56.57 -18.35
CA ASP D 123 -32.33 -56.80 -19.57
C ASP D 123 -32.06 -55.70 -20.59
N PHE D 124 -31.75 -56.11 -21.82
CA PHE D 124 -31.56 -55.19 -22.94
C PHE D 124 -32.55 -55.44 -24.06
N GLY D 125 -33.50 -56.35 -23.88
CA GLY D 125 -34.52 -56.62 -24.88
C GLY D 125 -34.25 -57.82 -25.76
N LEU D 126 -33.11 -58.49 -25.60
CA LEU D 126 -32.78 -59.64 -26.44
C LEU D 126 -33.58 -60.85 -26.00
N ARG D 127 -34.24 -61.50 -26.96
CA ARG D 127 -35.04 -62.71 -26.70
C ARG D 127 -34.65 -63.75 -27.73
N GLY D 128 -33.60 -64.51 -27.42
CA GLY D 128 -33.17 -65.61 -28.27
C GLY D 128 -33.03 -66.89 -27.48
N PHE D 129 -33.72 -67.95 -27.93
CA PHE D 129 -33.78 -69.21 -27.19
C PHE D 129 -34.39 -69.03 -25.81
N TYR D 130 -35.19 -67.99 -25.62
CA TYR D 130 -35.75 -67.67 -24.31
C TYR D 130 -37.06 -68.41 -24.12
N PRO D 131 -37.19 -69.25 -23.09
CA PRO D 131 -38.45 -69.97 -22.89
C PRO D 131 -39.62 -69.01 -22.67
N GLN D 132 -40.79 -69.44 -23.13
CA GLN D 132 -41.99 -68.62 -22.99
C GLN D 132 -42.51 -68.61 -21.56
N ASP D 133 -42.50 -69.77 -20.90
CA ASP D 133 -43.07 -69.88 -19.57
C ASP D 133 -42.22 -69.14 -18.53
N ALA D 134 -42.88 -68.61 -17.50
CA ALA D 134 -42.20 -67.84 -16.48
C ALA D 134 -41.16 -68.67 -15.73
N LYS D 135 -41.49 -69.92 -15.42
CA LYS D 135 -40.53 -70.79 -14.76
C LYS D 135 -39.31 -70.99 -15.65
N GLY D 136 -39.52 -71.18 -16.95
CA GLY D 136 -38.39 -71.31 -17.86
C GLY D 136 -37.55 -70.06 -17.90
N GLN D 137 -38.19 -68.88 -17.90
CA GLN D 137 -37.43 -67.64 -17.89
C GLN D 137 -36.59 -67.52 -16.62
N TYR D 138 -37.17 -67.87 -15.48
CA TYR D 138 -36.43 -67.84 -14.23
C TYR D 138 -35.23 -68.78 -14.28
N ASP D 139 -35.45 -70.00 -14.78
CA ASP D 139 -34.36 -70.96 -14.88
C ASP D 139 -33.27 -70.46 -15.81
N MET D 140 -33.65 -69.85 -16.93
CA MET D 140 -32.65 -69.35 -17.87
C MET D 140 -31.85 -68.20 -17.27
N GLN D 141 -32.52 -67.32 -16.51
CA GLN D 141 -31.80 -66.24 -15.84
C GLN D 141 -30.81 -66.80 -14.82
N VAL D 142 -31.24 -67.82 -14.07
CA VAL D 142 -30.34 -68.45 -13.10
C VAL D 142 -29.17 -69.10 -13.82
N LYS D 143 -29.43 -69.74 -14.96
CA LYS D 143 -28.36 -70.34 -15.74
C LYS D 143 -27.36 -69.29 -16.20
N GLU D 144 -27.86 -68.15 -16.67
CA GLU D 144 -26.97 -67.06 -17.07
C GLU D 144 -26.12 -66.62 -15.90
N LEU D 145 -26.74 -66.42 -14.73
CA LEU D 145 -26.00 -65.94 -13.58
C LEU D 145 -24.93 -66.92 -13.15
N ARG D 146 -25.26 -68.21 -13.12
CA ARG D 146 -24.30 -69.21 -12.65
C ARG D 146 -23.17 -69.40 -13.64
N ASN D 147 -23.47 -69.42 -14.94
CA ASN D 147 -22.41 -69.49 -15.94
C ASN D 147 -21.52 -68.27 -15.88
N GLY D 148 -22.11 -67.09 -15.67
CA GLY D 148 -21.30 -65.88 -15.58
C GLY D 148 -20.41 -65.88 -14.36
N ARG D 149 -20.93 -66.32 -13.22
CA ARG D 149 -20.10 -66.40 -12.01
C ARG D 149 -18.95 -67.39 -12.19
N LEU D 150 -19.27 -68.56 -12.73
CA LEU D 150 -18.23 -69.54 -13.02
C LEU D 150 -17.20 -68.95 -13.97
N ALA D 151 -17.64 -68.14 -14.94
CA ALA D 151 -16.70 -67.55 -15.89
C ALA D 151 -15.84 -66.49 -15.22
N MET D 152 -16.40 -65.73 -14.28
CA MET D 152 -15.57 -64.78 -13.53
C MET D 152 -14.45 -65.51 -12.81
N LEU D 153 -14.81 -66.54 -12.05
CA LEU D 153 -13.79 -67.28 -11.31
C LEU D 153 -12.80 -67.94 -12.26
N ALA D 154 -13.30 -68.50 -13.36
CA ALA D 154 -12.44 -69.19 -14.31
C ALA D 154 -11.46 -68.24 -14.97
N TYR D 155 -11.91 -67.03 -15.32
CA TYR D 155 -11.00 -66.07 -15.93
C TYR D 155 -9.97 -65.59 -14.92
N GLY D 156 -10.38 -65.35 -13.67
CA GLY D 156 -9.39 -65.00 -12.67
C GLY D 156 -8.31 -66.07 -12.55
N GLY D 157 -8.73 -67.32 -12.44
CA GLY D 157 -7.77 -68.40 -12.36
C GLY D 157 -6.90 -68.50 -13.60
N ILE D 158 -7.52 -68.37 -14.78
CA ILE D 158 -6.79 -68.52 -16.03
C ILE D 158 -5.72 -67.44 -16.15
N VAL D 159 -6.10 -66.17 -15.96
CA VAL D 159 -5.14 -65.09 -16.12
C VAL D 159 -4.02 -65.21 -15.09
N THR D 160 -4.39 -65.47 -13.83
CA THR D 160 -3.36 -65.54 -12.79
C THR D 160 -2.39 -66.70 -13.04
N THR D 161 -2.92 -67.89 -13.32
CA THR D 161 -2.07 -69.05 -13.55
C THR D 161 -1.23 -68.87 -14.81
N ALA D 162 -1.79 -68.26 -15.85
CA ALA D 162 -1.02 -68.02 -17.06
C ALA D 162 0.15 -67.09 -16.77
N VAL D 163 -0.11 -65.99 -16.06
CA VAL D 163 0.96 -65.06 -15.77
C VAL D 163 2.02 -65.71 -14.88
N LEU D 164 1.59 -66.59 -13.97
CA LEU D 164 2.54 -67.23 -13.05
C LEU D 164 3.39 -68.28 -13.76
N THR D 165 2.74 -69.30 -14.32
CA THR D 165 3.44 -70.46 -14.85
C THR D 165 3.95 -70.26 -16.27
N GLN D 166 3.49 -69.24 -16.98
CA GLN D 166 3.88 -69.01 -18.37
C GLN D 166 3.53 -70.20 -19.26
N GLU D 167 2.45 -70.90 -18.93
CA GLU D 167 1.99 -72.05 -19.68
C GLU D 167 0.75 -71.68 -20.49
N LYS D 168 0.27 -72.64 -21.28
CA LYS D 168 -0.94 -72.44 -22.07
C LYS D 168 -2.17 -72.72 -21.21
N TRP D 169 -3.35 -72.52 -21.80
CA TRP D 169 -4.58 -72.45 -21.01
C TRP D 169 -4.79 -73.63 -20.07
N PRO D 170 -4.62 -74.88 -20.50
CA PRO D 170 -4.89 -75.99 -19.56
C PRO D 170 -4.02 -75.94 -18.32
N PHE D 171 -2.77 -75.52 -18.46
CA PHE D 171 -1.79 -75.47 -17.38
C PHE D 171 -1.51 -76.84 -16.78
N PHE D 172 -2.02 -77.91 -17.38
CA PHE D 172 -1.85 -79.24 -16.80
C PHE D 172 -0.39 -79.65 -16.77
N ASP D 173 0.35 -79.34 -17.84
CA ASP D 173 1.78 -79.62 -17.89
C ASP D 173 2.60 -78.47 -17.31
N ALA D 174 2.24 -78.07 -16.10
CA ALA D 174 2.94 -77.00 -15.39
C ALA D 174 3.58 -77.56 -14.14
N VAL D 175 4.68 -76.94 -13.71
CA VAL D 175 5.47 -77.39 -12.58
C VAL D 175 5.24 -76.44 -11.42
N VAL D 176 4.78 -76.97 -10.29
CA VAL D 176 4.59 -76.21 -9.07
C VAL D 176 5.20 -76.98 -7.92
N ASN D 177 5.95 -76.27 -7.07
CA ASN D 177 6.62 -76.91 -5.93
C ASN D 177 6.88 -75.89 -4.83
N LEU E 69 -32.99 -74.57 26.90
CA LEU E 69 -32.72 -75.29 25.61
C LEU E 69 -32.13 -74.33 24.59
N ARG E 70 -31.71 -74.89 23.46
CA ARG E 70 -31.16 -74.10 22.36
C ARG E 70 -32.19 -74.07 21.23
N ARG E 71 -32.57 -72.87 20.83
CA ARG E 71 -33.52 -72.67 19.74
C ARG E 71 -32.77 -72.37 18.46
N GLU E 72 -33.46 -72.59 17.34
CA GLU E 72 -32.86 -72.31 16.04
C GLU E 72 -32.44 -70.85 15.96
N LEU E 73 -31.33 -70.60 15.26
CA LEU E 73 -30.80 -69.24 15.18
C LEU E 73 -31.84 -68.27 14.65
N ALA E 74 -32.72 -68.73 13.77
CA ALA E 74 -33.76 -67.84 13.24
C ALA E 74 -34.65 -67.31 14.36
N ILE E 75 -35.07 -68.19 15.28
CA ILE E 75 -35.91 -67.77 16.39
C ILE E 75 -35.09 -66.97 17.40
N ALA E 76 -33.86 -67.41 17.67
CA ALA E 76 -33.04 -66.76 18.69
C ALA E 76 -32.72 -65.32 18.29
N TYR E 77 -32.53 -65.07 16.99
CA TYR E 77 -32.19 -63.74 16.51
C TYR E 77 -33.35 -62.76 16.70
N GLU E 78 -34.55 -63.24 17.02
CA GLU E 78 -35.66 -62.34 17.26
C GLU E 78 -35.35 -61.36 18.39
N ASP E 79 -34.76 -61.86 19.47
CA ASP E 79 -34.32 -61.03 20.58
C ASP E 79 -32.78 -61.04 20.57
N SER E 80 -32.21 -60.13 19.79
CA SER E 80 -30.77 -60.00 19.66
C SER E 80 -30.40 -58.53 19.66
N GLY E 81 -29.14 -58.26 20.00
CA GLY E 81 -28.64 -56.91 20.09
C GLY E 81 -28.04 -56.63 21.46
N ILE E 82 -27.51 -55.42 21.59
CA ILE E 82 -26.86 -55.02 22.83
C ILE E 82 -27.94 -54.76 23.87
N ASP E 83 -28.10 -55.70 24.81
CA ASP E 83 -29.02 -55.49 25.90
C ASP E 83 -28.52 -54.37 26.82
N LEU E 84 -29.47 -53.70 27.47
CA LEU E 84 -29.15 -52.59 28.37
C LEU E 84 -29.42 -52.91 29.83
N LEU E 85 -30.52 -53.59 30.12
CA LEU E 85 -30.74 -54.12 31.45
C LEU E 85 -29.93 -55.40 31.64
N ASP E 86 -29.72 -55.76 32.92
CA ASP E 86 -28.90 -56.92 33.24
C ASP E 86 -29.59 -58.03 33.99
N ASN E 87 -29.55 -59.24 33.44
CA ASN E 87 -30.08 -60.37 34.17
C ASN E 87 -29.12 -60.35 35.33
N GLY E 88 -29.59 -60.56 36.53
CA GLY E 88 -28.72 -60.48 37.67
C GLY E 88 -28.09 -61.81 37.96
N LYS E 89 -27.21 -62.28 37.08
CA LYS E 89 -26.58 -63.58 37.25
C LYS E 89 -25.12 -63.33 37.03
N PHE E 90 -24.25 -64.25 37.42
CA PHE E 90 -22.84 -64.05 37.13
C PHE E 90 -22.59 -64.22 35.64
N CYS E 91 -22.09 -63.16 34.99
CA CYS E 91 -21.86 -63.18 33.55
C CYS E 91 -23.15 -63.45 32.78
N GLN E 92 -24.28 -62.97 33.31
CA GLN E 92 -25.57 -63.12 32.64
C GLN E 92 -25.98 -64.58 32.51
N GLY E 93 -25.48 -65.44 33.40
CA GLY E 93 -25.88 -66.83 33.38
C GLY E 93 -25.23 -67.66 32.31
N LEU E 94 -24.18 -67.16 31.67
CA LEU E 94 -23.50 -67.93 30.63
C LEU E 94 -22.85 -69.18 31.22
N ALA E 95 -22.76 -70.21 30.40
CA ALA E 95 -22.10 -71.44 30.81
C ALA E 95 -20.60 -71.24 30.90
N GLY E 96 -19.94 -72.14 31.63
CA GLY E 96 -18.50 -72.13 31.76
C GLY E 96 -17.98 -71.63 33.09
N ALA E 97 -18.85 -71.27 34.03
CA ALA E 97 -18.45 -70.90 35.39
C ALA E 97 -19.02 -71.97 36.32
N ASP E 98 -18.27 -73.05 36.48
CA ASP E 98 -18.72 -74.18 37.27
C ASP E 98 -17.51 -74.95 37.75
N GLY E 99 -17.32 -75.02 39.06
CA GLY E 99 -16.24 -75.79 39.62
C GLY E 99 -16.50 -77.28 39.53
N ALA E 100 -15.45 -78.05 39.82
CA ALA E 100 -15.57 -79.50 39.76
C ALA E 100 -16.60 -80.01 40.78
N TRP E 101 -16.58 -79.44 41.98
CA TRP E 101 -17.50 -79.85 43.04
C TRP E 101 -18.62 -78.86 43.29
N GLY E 102 -18.45 -77.59 42.92
CA GLY E 102 -19.47 -76.59 43.15
C GLY E 102 -19.53 -75.55 42.06
N ARG E 103 -19.62 -74.28 42.45
CA ARG E 103 -19.69 -73.16 41.52
C ARG E 103 -18.41 -72.33 41.64
N TYR E 104 -17.79 -72.03 40.50
CA TYR E 104 -16.55 -71.27 40.46
C TYR E 104 -16.76 -70.08 39.53
N GLU E 105 -17.07 -68.92 40.12
CA GLU E 105 -17.32 -67.69 39.36
C GLU E 105 -16.02 -66.90 39.33
N PHE E 106 -15.21 -67.16 38.30
CA PHE E 106 -13.89 -66.56 38.19
C PHE E 106 -13.98 -65.27 37.38
N ASP E 107 -13.81 -64.15 38.05
CA ASP E 107 -13.71 -62.85 37.40
C ASP E 107 -13.06 -61.85 38.34
N PRO E 108 -11.80 -62.07 38.73
CA PRO E 108 -11.19 -61.17 39.72
C PRO E 108 -11.19 -59.70 39.32
N LEU E 109 -10.97 -59.40 38.05
CA LEU E 109 -10.91 -58.03 37.58
C LEU E 109 -12.29 -57.48 37.21
N GLY E 110 -13.34 -58.26 37.36
CA GLY E 110 -14.69 -57.76 37.10
C GLY E 110 -14.92 -57.32 35.67
N PHE E 111 -14.43 -58.10 34.70
CA PHE E 111 -14.69 -57.78 33.31
C PHE E 111 -16.15 -58.04 32.95
N SER E 112 -16.77 -59.05 33.56
CA SER E 112 -18.16 -59.38 33.27
C SER E 112 -19.13 -58.31 33.72
N LYS E 113 -18.68 -57.34 34.51
CA LYS E 113 -19.56 -56.24 34.91
C LYS E 113 -20.00 -55.41 33.71
N LYS E 114 -19.31 -55.53 32.57
CA LYS E 114 -19.77 -54.94 31.32
C LYS E 114 -20.71 -55.96 30.66
N THR E 115 -21.96 -55.94 31.14
CA THR E 115 -22.93 -56.93 30.69
C THR E 115 -23.22 -56.82 29.20
N GLU E 116 -23.15 -55.61 28.65
CA GLU E 116 -23.38 -55.44 27.23
C GLU E 116 -22.30 -56.14 26.40
N LEU E 117 -21.05 -56.13 26.87
CA LEU E 117 -19.96 -56.77 26.17
C LEU E 117 -19.80 -58.24 26.55
N VAL E 118 -20.50 -58.71 27.58
CA VAL E 118 -20.38 -60.12 27.97
C VAL E 118 -20.57 -61.06 26.79
N PRO E 119 -21.60 -60.90 25.93
CA PRO E 119 -21.70 -61.78 24.76
C PRO E 119 -20.48 -61.70 23.86
N TYR E 120 -19.92 -60.51 23.66
CA TYR E 120 -18.70 -60.38 22.88
C TYR E 120 -17.55 -61.12 23.56
N PHE E 121 -17.45 -61.01 24.88
CA PHE E 121 -16.39 -61.70 25.59
C PHE E 121 -16.52 -63.22 25.44
N ARG E 122 -17.73 -63.75 25.51
CA ARG E 122 -17.90 -65.19 25.33
C ARG E 122 -17.59 -65.61 23.89
N GLU E 123 -18.01 -64.81 22.91
CA GLU E 123 -17.67 -65.13 21.53
C GLU E 123 -16.17 -65.16 21.34
N ALA E 124 -15.47 -64.16 21.89
CA ALA E 124 -14.01 -64.12 21.77
C ALA E 124 -13.37 -65.29 22.49
N GLU E 125 -13.88 -65.64 23.67
CA GLU E 125 -13.31 -66.75 24.42
C GLU E 125 -13.44 -68.05 23.64
N LEU E 126 -14.62 -68.30 23.06
CA LEU E 126 -14.82 -69.53 22.32
C LEU E 126 -13.97 -69.53 21.05
N LYS E 127 -13.85 -68.39 20.38
CA LYS E 127 -12.99 -68.33 19.20
C LYS E 127 -11.55 -68.66 19.57
N HIS E 128 -11.04 -68.06 20.66
CA HIS E 128 -9.69 -68.34 21.09
C HIS E 128 -9.52 -69.80 21.47
N GLY E 129 -10.49 -70.37 22.19
CA GLY E 129 -10.37 -71.75 22.60
C GLY E 129 -10.34 -72.70 21.42
N ARG E 130 -11.23 -72.49 20.45
CA ARG E 130 -11.26 -73.35 19.26
C ARG E 130 -9.97 -73.20 18.46
N LEU E 131 -9.52 -71.95 18.27
CA LEU E 131 -8.31 -71.71 17.49
C LEU E 131 -7.09 -72.34 18.16
N ALA E 132 -6.99 -72.23 19.49
CA ALA E 132 -5.87 -72.83 20.19
C ALA E 132 -5.98 -74.34 20.25
N MET E 133 -7.19 -74.89 20.30
CA MET E 133 -7.36 -76.33 20.22
C MET E 133 -6.83 -76.85 18.89
N LEU E 134 -7.14 -76.15 17.80
CA LEU E 134 -6.55 -76.53 16.51
C LEU E 134 -5.04 -76.34 16.52
N ALA E 135 -4.56 -75.23 17.10
CA ALA E 135 -3.14 -74.90 17.02
C ALA E 135 -2.28 -75.91 17.78
N TRP E 136 -2.73 -76.36 18.95
CA TRP E 136 -1.94 -77.32 19.72
C TRP E 136 -1.81 -78.63 18.95
N VAL E 137 -2.91 -79.12 18.38
CA VAL E 137 -2.84 -80.34 17.59
C VAL E 137 -1.99 -80.12 16.35
N GLY E 138 -2.00 -78.91 15.79
CA GLY E 138 -1.16 -78.61 14.65
C GLY E 138 0.29 -78.44 15.00
N MET E 139 0.60 -78.23 16.27
CA MET E 139 1.99 -78.26 16.72
C MET E 139 2.43 -79.67 17.06
N VAL E 140 1.50 -80.55 17.43
CA VAL E 140 1.85 -81.92 17.79
C VAL E 140 1.99 -82.78 16.54
N VAL E 141 1.00 -82.74 15.64
CA VAL E 141 0.95 -83.70 14.53
C VAL E 141 2.13 -83.56 13.58
N PRO E 142 2.56 -82.37 13.17
CA PRO E 142 3.56 -82.29 12.09
C PRO E 142 4.82 -83.10 12.35
N ASP E 143 5.30 -83.14 13.60
CA ASP E 143 6.51 -83.89 13.88
C ASP E 143 6.31 -85.38 13.65
N PHE E 144 5.12 -85.90 13.96
CA PHE E 144 4.85 -87.32 13.72
C PHE E 144 4.59 -87.61 12.25
N VAL E 145 3.92 -86.69 11.54
CA VAL E 145 3.59 -86.90 10.13
C VAL E 145 3.58 -85.55 9.42
N ARG E 146 3.81 -85.59 8.11
CA ARG E 146 3.86 -84.37 7.31
C ARG E 146 3.09 -84.58 6.02
N ILE E 147 2.70 -83.46 5.40
CA ILE E 147 2.05 -83.52 4.10
C ILE E 147 2.99 -84.16 3.09
N PRO E 148 2.52 -85.05 2.21
CA PRO E 148 3.45 -85.67 1.25
C PRO E 148 3.95 -84.68 0.23
N GLY E 149 4.88 -83.81 0.62
CA GLY E 149 5.46 -82.83 -0.27
C GLY E 149 6.91 -82.61 0.07
N GLU E 150 7.63 -82.06 -0.91
CA GLU E 150 9.08 -81.85 -0.72
C GLU E 150 9.35 -80.67 0.20
N LYS E 151 8.53 -79.63 0.14
CA LYS E 151 8.73 -78.46 0.99
C LYS E 151 8.16 -78.63 2.38
N PHE E 152 7.36 -79.67 2.62
CA PHE E 152 6.86 -79.99 3.95
C PHE E 152 7.64 -81.11 4.62
N SER E 153 8.66 -81.64 3.96
CA SER E 153 9.41 -82.76 4.50
C SER E 153 10.20 -82.34 5.74
N PHE E 154 10.55 -83.32 6.56
CA PHE E 154 11.33 -83.05 7.77
C PHE E 154 12.66 -82.40 7.43
N GLU E 155 13.20 -82.67 6.23
CA GLU E 155 14.48 -82.09 5.85
C GLU E 155 14.33 -80.60 5.56
N ALA E 156 13.26 -80.22 4.87
CA ALA E 156 13.05 -78.80 4.59
C ALA E 156 12.64 -78.04 5.85
N VAL E 157 11.80 -78.64 6.68
CA VAL E 157 11.33 -77.99 7.91
C VAL E 157 11.45 -78.96 9.08
N PRO E 158 12.38 -78.74 10.01
CA PRO E 158 12.58 -79.73 11.07
C PRO E 158 11.45 -79.79 12.08
N LEU E 159 10.96 -78.65 12.56
CA LEU E 159 9.98 -78.60 13.62
C LEU E 159 8.82 -77.68 13.23
N PRO E 160 7.65 -77.86 13.84
CA PRO E 160 6.51 -77.01 13.50
C PRO E 160 6.77 -75.53 13.72
N ILE E 161 7.52 -75.18 14.77
CA ILE E 161 7.79 -73.78 15.06
C ILE E 161 8.48 -73.10 13.89
N ASP E 162 9.15 -73.86 13.03
CA ASP E 162 9.79 -73.30 11.85
C ASP E 162 8.82 -73.02 10.72
N GLY E 163 7.60 -73.53 10.79
CA GLY E 163 6.69 -73.43 9.66
C GLY E 163 6.36 -72.00 9.30
N HIS E 164 6.16 -71.14 10.30
CA HIS E 164 5.81 -69.75 10.02
C HIS E 164 6.86 -69.10 9.13
N ASP E 165 8.13 -69.18 9.53
CA ASP E 165 9.19 -68.55 8.75
C ASP E 165 9.41 -69.29 7.43
N ALA E 166 9.25 -70.61 7.43
CA ALA E 166 9.49 -71.37 6.21
C ALA E 166 8.49 -71.01 5.13
N PHE E 167 7.22 -70.81 5.51
CA PHE E 167 6.15 -70.61 4.56
C PHE E 167 5.66 -69.17 4.48
N SER E 168 6.32 -68.25 5.18
CA SER E 168 5.95 -66.84 5.05
C SER E 168 6.44 -66.27 3.73
N GLY E 169 5.70 -65.29 3.23
CA GLY E 169 6.18 -64.48 2.12
C GLY E 169 5.84 -64.97 0.74
N ALA E 170 6.82 -64.93 -0.16
CA ALA E 170 6.59 -65.20 -1.58
C ALA E 170 6.14 -66.63 -1.83
N THR E 171 6.40 -67.55 -0.90
CA THR E 171 5.98 -68.93 -1.13
C THR E 171 4.47 -69.06 -1.19
N GLY E 172 3.75 -68.23 -0.43
CA GLY E 172 2.30 -68.18 -0.50
C GLY E 172 1.59 -69.30 0.22
N VAL E 173 2.32 -70.28 0.76
CA VAL E 173 1.67 -71.41 1.42
C VAL E 173 0.87 -70.93 2.61
N ASN E 174 1.44 -70.05 3.43
CA ASN E 174 0.72 -69.47 4.54
C ASN E 174 -0.15 -68.28 4.13
N ALA E 175 0.20 -67.63 3.02
CA ALA E 175 -0.63 -66.53 2.53
C ALA E 175 -2.02 -67.03 2.14
N GLN E 176 -2.10 -68.22 1.54
CA GLN E 176 -3.40 -68.78 1.20
C GLN E 176 -4.24 -69.04 2.44
N ILE E 177 -3.62 -69.60 3.48
CA ILE E 177 -4.34 -69.84 4.73
C ILE E 177 -4.84 -68.53 5.31
N LEU E 178 -3.99 -67.51 5.33
CA LEU E 178 -4.40 -66.21 5.82
C LEU E 178 -5.55 -65.64 5.01
N PHE E 179 -5.49 -65.79 3.68
CA PHE E 179 -6.53 -65.27 2.80
C PHE E 179 -7.87 -65.93 3.09
N TRP E 180 -7.88 -67.26 3.17
CA TRP E 180 -9.14 -67.96 3.40
C TRP E 180 -9.69 -67.69 4.79
N VAL E 181 -8.81 -67.61 5.80
CA VAL E 181 -9.27 -67.27 7.14
C VAL E 181 -9.87 -65.86 7.15
N GLY E 182 -9.24 -64.93 6.44
CA GLY E 182 -9.78 -63.58 6.37
C GLY E 182 -11.13 -63.54 5.70
N ILE E 183 -11.31 -64.32 4.63
CA ILE E 183 -12.61 -64.37 3.96
C ILE E 183 -13.67 -64.93 4.91
N LEU E 184 -13.34 -66.00 5.62
CA LEU E 184 -14.28 -66.59 6.57
C LEU E 184 -14.66 -65.59 7.67
N GLU E 185 -13.66 -64.87 8.18
CA GLU E 185 -13.95 -63.90 9.24
C GLU E 185 -14.76 -62.72 8.72
N PHE E 186 -14.48 -62.28 7.49
CA PHE E 186 -15.29 -61.22 6.89
C PHE E 186 -16.75 -61.67 6.76
N CYS E 187 -16.96 -62.94 6.43
CA CYS E 187 -18.32 -63.44 6.30
C CYS E 187 -19.00 -63.64 7.66
N CYS E 188 -18.23 -63.95 8.71
CA CYS E 188 -18.81 -64.18 10.03
C CYS E 188 -18.91 -62.91 10.89
N ALA E 189 -18.31 -61.81 10.44
CA ALA E 189 -18.37 -60.58 11.23
C ALA E 189 -19.81 -60.13 11.46
N LYS E 190 -20.71 -60.38 10.50
CA LYS E 190 -22.09 -59.96 10.67
C LYS E 190 -22.72 -60.62 11.89
N LYS E 191 -22.53 -61.93 12.05
CA LYS E 191 -23.01 -62.56 13.28
C LYS E 191 -22.25 -62.04 14.48
N VAL E 192 -20.93 -61.89 14.37
CA VAL E 192 -20.13 -61.52 15.54
C VAL E 192 -20.65 -60.22 16.13
N PHE E 193 -20.99 -59.25 15.28
CA PHE E 193 -21.40 -57.93 15.76
C PHE E 193 -22.91 -57.80 15.88
N GLU E 194 -23.64 -57.98 14.77
CA GLU E 194 -25.07 -57.70 14.76
C GLU E 194 -25.85 -58.73 15.57
N TRP E 195 -25.70 -60.01 15.22
CA TRP E 195 -26.57 -61.06 15.74
C TRP E 195 -25.98 -61.76 16.96
N ASN E 196 -25.20 -61.04 17.76
CA ASN E 196 -24.61 -61.63 18.96
C ASN E 196 -25.51 -61.36 20.16
N SER E 197 -25.73 -62.40 20.97
CA SER E 197 -26.55 -62.29 22.16
C SER E 197 -26.10 -63.36 23.15
N LEU E 198 -26.70 -63.35 24.33
CA LEU E 198 -26.28 -64.28 25.38
C LEU E 198 -26.47 -65.73 24.96
N GLU E 199 -27.46 -66.00 24.10
CA GLU E 199 -27.78 -67.37 23.74
C GLU E 199 -27.12 -67.82 22.45
N VAL E 200 -26.76 -66.90 21.57
CA VAL E 200 -26.18 -67.23 20.27
C VAL E 200 -24.70 -66.83 20.21
N ALA E 201 -24.03 -66.71 21.35
CA ALA E 201 -22.62 -66.36 21.38
C ALA E 201 -21.80 -67.62 21.11
N GLY E 202 -21.14 -67.66 19.96
CA GLY E 202 -20.39 -68.82 19.56
C GLY E 202 -21.21 -69.90 18.87
N ASP E 203 -22.44 -69.61 18.49
CA ASP E 203 -23.35 -70.59 17.89
C ASP E 203 -23.49 -70.29 16.40
N TYR E 204 -22.87 -71.12 15.57
CA TYR E 204 -22.95 -70.98 14.13
C TYR E 204 -23.87 -72.01 13.48
N GLY E 205 -24.66 -72.72 14.28
CA GLY E 205 -25.57 -73.72 13.77
C GLY E 205 -24.97 -75.08 13.57
N LEU E 206 -23.68 -75.26 13.82
CA LEU E 206 -23.02 -76.55 13.68
C LEU E 206 -23.30 -77.42 14.92
N THR E 207 -24.57 -77.72 15.12
CA THR E 207 -25.05 -78.40 16.31
C THR E 207 -25.18 -79.91 16.14
N LYS E 208 -24.52 -80.48 15.13
CA LYS E 208 -24.49 -81.93 15.02
C LYS E 208 -23.81 -82.53 16.24
N PHE E 209 -24.39 -83.61 16.76
CA PHE E 209 -23.96 -84.32 17.96
C PHE E 209 -24.34 -83.56 19.23
N PHE E 210 -24.97 -82.40 19.12
CA PHE E 210 -25.34 -81.64 20.31
C PHE E 210 -26.50 -82.35 21.02
N PRO E 211 -26.37 -82.63 22.32
CA PRO E 211 -27.45 -83.34 23.01
C PRO E 211 -28.77 -82.57 22.95
N SER E 212 -29.87 -83.32 22.93
CA SER E 212 -31.21 -82.74 22.83
C SER E 212 -31.85 -82.50 24.21
N ASP E 213 -31.03 -82.29 25.24
CA ASP E 213 -31.51 -82.05 26.58
C ASP E 213 -30.84 -80.79 27.13
N GLU E 214 -31.52 -80.13 28.07
CA GLU E 214 -30.95 -78.93 28.66
C GLU E 214 -29.65 -79.24 29.40
N GLU E 215 -29.68 -80.27 30.24
CA GLU E 215 -28.49 -80.62 31.00
C GLU E 215 -27.37 -81.10 30.07
N GLY E 216 -27.72 -81.87 29.05
CA GLY E 216 -26.70 -82.33 28.12
C GLY E 216 -26.07 -81.19 27.34
N GLN E 217 -26.87 -80.25 26.87
CA GLN E 217 -26.33 -79.10 26.16
C GLN E 217 -25.44 -78.27 27.07
N LYS E 218 -25.88 -78.06 28.32
CA LYS E 218 -25.06 -77.28 29.25
C LYS E 218 -23.74 -77.99 29.52
N LYS E 219 -23.77 -79.30 29.71
CA LYS E 219 -22.53 -80.04 29.96
C LYS E 219 -21.60 -80.01 28.76
N MET E 220 -22.17 -80.12 27.54
CA MET E 220 -21.33 -80.06 26.35
C MET E 220 -20.70 -78.69 26.19
N ARG E 221 -21.46 -77.62 26.46
CA ARG E 221 -20.89 -76.28 26.39
C ARG E 221 -19.78 -76.12 27.44
N THR E 222 -20.00 -76.63 28.64
CA THR E 222 -18.98 -76.56 29.67
C THR E 222 -17.73 -77.32 29.26
N ALA E 223 -17.90 -78.50 28.67
CA ALA E 223 -16.75 -79.28 28.21
C ALA E 223 -16.00 -78.55 27.12
N GLU E 224 -16.72 -77.95 26.17
CA GLU E 224 -16.05 -77.17 25.13
C GLU E 224 -15.24 -76.05 25.75
N LEU E 225 -15.84 -75.31 26.67
CA LEU E 225 -15.14 -74.17 27.26
C LEU E 225 -13.93 -74.62 28.06
N LYS E 226 -14.06 -75.70 28.82
CA LYS E 226 -12.95 -76.17 29.64
C LYS E 226 -11.80 -76.67 28.77
N ASN E 227 -12.11 -77.48 27.74
CA ASN E 227 -11.07 -77.94 26.84
C ASN E 227 -10.45 -76.80 26.06
N GLY E 228 -11.27 -75.82 25.68
CA GLY E 228 -10.74 -74.67 24.97
C GLY E 228 -9.79 -73.86 25.82
N ARG E 229 -10.12 -73.68 27.10
CA ARG E 229 -9.23 -72.95 28.00
C ARG E 229 -7.95 -73.75 28.28
N LEU E 230 -8.09 -75.06 28.48
CA LEU E 230 -6.92 -75.90 28.69
C LEU E 230 -5.99 -75.83 27.50
N ALA E 231 -6.54 -75.91 26.28
CA ALA E 231 -5.72 -75.79 25.10
C ALA E 231 -5.22 -74.37 24.90
N MET E 232 -5.96 -73.38 25.38
CA MET E 232 -5.52 -71.99 25.28
C MET E 232 -4.24 -71.78 26.08
N LEU E 233 -4.17 -72.36 27.28
CA LEU E 233 -2.94 -72.31 28.06
C LEU E 233 -1.88 -73.26 27.51
N ALA E 234 -2.31 -74.44 27.06
CA ALA E 234 -1.37 -75.44 26.60
C ALA E 234 -0.64 -75.01 25.33
N PHE E 235 -1.29 -74.24 24.46
CA PHE E 235 -0.60 -73.77 23.28
C PHE E 235 0.49 -72.78 23.63
N GLY E 236 0.21 -71.85 24.55
CA GLY E 236 1.26 -70.96 25.01
C GLY E 236 2.41 -71.73 25.62
N GLY E 237 2.09 -72.68 26.51
CA GLY E 237 3.13 -73.49 27.11
C GLY E 237 3.95 -74.24 26.08
N ALA E 238 3.27 -74.88 25.12
CA ALA E 238 3.94 -75.70 24.14
C ALA E 238 4.78 -74.86 23.20
N ILE E 239 4.25 -73.74 22.72
CA ILE E 239 5.02 -72.90 21.80
C ILE E 239 6.25 -72.33 22.51
N THR E 240 6.09 -71.88 23.75
CA THR E 240 7.24 -71.34 24.48
C THR E 240 8.28 -72.43 24.74
N GLN E 241 7.84 -73.61 25.18
CA GLN E 241 8.78 -74.70 25.43
C GLN E 241 9.47 -75.13 24.14
N ALA E 242 8.74 -75.20 23.03
CA ALA E 242 9.34 -75.58 21.76
C ALA E 242 10.37 -74.55 21.30
N VAL E 243 10.08 -73.27 21.47
CA VAL E 243 11.06 -72.26 21.09
C VAL E 243 12.28 -72.34 21.99
N ILE E 244 12.08 -72.63 23.28
CA ILE E 244 13.20 -72.67 24.20
C ILE E 244 14.07 -73.91 23.98
N THR E 245 13.48 -75.04 23.61
CA THR E 245 14.21 -76.31 23.55
C THR E 245 14.58 -76.77 22.15
N ARG E 246 13.90 -76.29 21.12
CA ARG E 246 14.10 -76.78 19.75
C ARG E 246 14.04 -78.30 19.73
N HIS E 247 12.97 -78.85 20.29
CA HIS E 247 12.84 -80.28 20.51
C HIS E 247 11.51 -80.79 19.95
N PRO E 248 11.35 -82.10 19.83
CA PRO E 248 10.10 -82.66 19.28
C PRO E 248 8.93 -82.53 20.24
N PHE E 249 7.81 -83.16 19.89
CA PHE E 249 6.53 -83.01 20.59
C PHE E 249 6.67 -82.89 22.11
N PRO E 250 7.31 -83.86 22.78
CA PRO E 250 7.26 -83.89 24.25
C PRO E 250 7.38 -82.52 24.91
N TRP E 251 8.29 -81.69 24.40
CA TRP E 251 8.36 -80.29 24.86
C TRP E 251 7.52 -79.38 23.97
N LEU E 252 6.25 -79.77 23.77
CA LEU E 252 5.26 -78.89 23.15
C LEU E 252 3.90 -79.59 23.07
N GLU F 62 -62.08 6.83 -11.73
CA GLU F 62 -62.02 8.20 -12.29
C GLU F 62 -60.70 8.88 -11.93
N MET F 63 -60.19 9.71 -12.84
CA MET F 63 -58.91 10.37 -12.65
C MET F 63 -59.15 11.79 -12.13
N ALA F 64 -58.42 12.15 -11.08
CA ALA F 64 -58.40 13.53 -10.62
C ALA F 64 -57.43 14.31 -11.48
N THR F 65 -57.92 15.37 -12.12
CA THR F 65 -57.10 16.15 -13.03
C THR F 65 -55.88 16.69 -12.30
N LEU F 66 -54.70 16.22 -12.70
CA LEU F 66 -53.47 16.69 -12.07
C LEU F 66 -53.26 18.16 -12.40
N PRO F 67 -53.06 19.03 -11.41
CA PRO F 67 -52.79 20.44 -11.71
C PRO F 67 -51.49 20.59 -12.49
N LYS F 68 -51.34 21.76 -13.13
CA LYS F 68 -50.16 22.01 -13.94
C LYS F 68 -48.89 21.92 -13.11
N HIS F 69 -48.90 22.52 -11.92
CA HIS F 69 -47.72 22.49 -11.07
C HIS F 69 -47.38 21.07 -10.64
N MET F 70 -48.38 20.20 -10.52
CA MET F 70 -48.14 18.80 -10.17
C MET F 70 -47.80 17.94 -11.38
N GLN F 71 -47.99 18.44 -12.59
CA GLN F 71 -47.78 17.62 -13.78
C GLN F 71 -46.29 17.35 -13.97
N PRO F 72 -45.88 16.10 -14.17
CA PRO F 72 -44.46 15.84 -14.42
C PRO F 72 -44.01 16.38 -15.76
N VAL F 73 -42.72 16.74 -15.83
CA VAL F 73 -42.10 17.25 -17.04
C VAL F 73 -41.19 16.13 -17.55
N ASP F 74 -41.65 15.43 -18.59
CA ASP F 74 -40.89 14.30 -19.12
C ASP F 74 -39.62 14.77 -19.81
N THR F 75 -38.55 13.99 -19.66
CA THR F 75 -37.28 14.33 -20.31
C THR F 75 -37.36 14.14 -21.82
N ALA F 76 -38.13 13.16 -22.28
CA ALA F 76 -38.24 12.91 -23.71
C ALA F 76 -38.85 14.08 -24.46
N ASP F 77 -39.63 14.92 -23.78
CA ASP F 77 -40.27 16.06 -24.43
C ASP F 77 -39.28 17.18 -24.76
N TYR F 78 -38.05 17.11 -24.27
CA TYR F 78 -37.05 18.16 -24.49
C TYR F 78 -35.76 17.51 -24.98
N PRO F 79 -35.70 17.16 -26.27
CA PRO F 79 -34.47 16.56 -26.81
C PRO F 79 -33.35 17.59 -26.96
N VAL F 80 -32.14 17.07 -27.15
CA VAL F 80 -30.96 17.93 -27.23
C VAL F 80 -31.07 18.85 -28.44
N TYR F 81 -31.61 18.35 -29.55
CA TYR F 81 -31.71 19.15 -30.77
C TYR F 81 -32.79 20.23 -30.70
N LYS F 82 -33.49 20.35 -29.57
CA LYS F 82 -34.59 21.27 -29.42
C LYS F 82 -34.34 22.15 -28.20
N PRO F 83 -34.80 23.40 -28.22
CA PRO F 83 -34.63 24.25 -27.03
C PRO F 83 -35.31 23.65 -25.82
N GLY F 84 -34.68 23.85 -24.66
CA GLY F 84 -35.17 23.28 -23.43
C GLY F 84 -36.39 24.01 -22.92
N PRO F 85 -36.80 23.73 -21.68
CA PRO F 85 -37.98 24.38 -21.13
C PRO F 85 -37.89 25.90 -21.14
N SER F 86 -36.68 26.45 -21.04
CA SER F 86 -36.52 27.90 -21.06
C SER F 86 -37.04 28.51 -22.36
N GLY F 87 -36.96 27.77 -23.46
CA GLY F 87 -37.44 28.25 -24.73
C GLY F 87 -36.50 29.15 -25.49
N VAL F 88 -35.24 29.25 -25.06
CA VAL F 88 -34.28 30.11 -25.76
C VAL F 88 -33.85 29.43 -27.06
N PRO F 89 -33.92 30.10 -28.21
CA PRO F 89 -33.45 29.48 -29.45
C PRO F 89 -31.96 29.17 -29.37
N LYS F 90 -31.56 28.10 -30.06
CA LYS F 90 -30.17 27.69 -30.08
C LYS F 90 -29.35 28.66 -30.93
N LEU F 91 -28.05 28.43 -30.97
CA LEU F 91 -27.15 29.29 -31.74
C LEU F 91 -27.53 29.22 -33.22
N PRO F 92 -27.64 30.35 -33.92
CA PRO F 92 -28.03 30.28 -35.33
C PRO F 92 -27.00 29.52 -36.16
N GLN F 93 -27.50 28.77 -37.14
CA GLN F 93 -26.67 28.00 -38.04
C GLN F 93 -26.61 28.67 -39.40
N LEU F 94 -25.41 28.72 -39.98
CA LEU F 94 -25.19 29.46 -41.22
C LEU F 94 -25.43 28.63 -42.46
N VAL F 95 -24.96 27.37 -42.49
CA VAL F 95 -25.13 26.56 -43.68
C VAL F 95 -26.60 26.43 -44.03
N GLY F 96 -27.45 26.26 -43.01
CA GLY F 96 -28.88 26.29 -43.21
C GLY F 96 -29.55 26.67 -41.91
N ASP F 97 -30.83 27.04 -42.01
CA ASP F 97 -31.63 27.28 -40.81
C ASP F 97 -32.10 25.92 -40.33
N TRP F 98 -31.29 25.28 -39.49
CA TRP F 98 -31.58 23.93 -39.04
C TRP F 98 -32.77 23.95 -38.08
N GLY F 99 -33.97 23.77 -38.61
CA GLY F 99 -35.15 23.75 -37.80
C GLY F 99 -35.27 22.46 -37.02
N VAL F 100 -36.30 22.39 -36.19
CA VAL F 100 -36.55 21.21 -35.37
C VAL F 100 -36.75 20.02 -36.30
N PRO F 101 -35.81 19.07 -36.38
CA PRO F 101 -36.00 17.94 -37.27
C PRO F 101 -37.12 17.02 -36.81
N LEU F 102 -37.76 16.37 -37.78
CA LEU F 102 -38.82 15.41 -37.51
C LEU F 102 -38.55 14.13 -38.28
N PRO F 103 -38.96 12.97 -37.74
CA PRO F 103 -38.74 11.71 -38.48
C PRO F 103 -39.76 11.49 -39.59
N GLY F 104 -39.31 11.62 -40.84
CA GLY F 104 -40.18 11.38 -41.98
C GLY F 104 -39.45 10.82 -43.17
N SER F 105 -38.21 10.37 -42.96
CA SER F 105 -37.36 9.97 -44.08
C SER F 105 -37.96 8.78 -44.83
N TYR F 106 -38.35 7.73 -44.11
CA TYR F 106 -38.84 6.54 -44.79
C TYR F 106 -40.18 6.79 -45.45
N LYS F 107 -41.06 7.57 -44.82
CA LYS F 107 -42.33 7.90 -45.44
C LYS F 107 -42.12 8.69 -46.73
N ALA F 108 -41.20 9.65 -46.70
CA ALA F 108 -40.87 10.40 -47.91
C ALA F 108 -40.29 9.48 -48.98
N CYS F 109 -39.45 8.53 -48.57
CA CYS F 109 -38.90 7.58 -49.52
C CYS F 109 -40.00 6.76 -50.18
N LEU F 110 -40.98 6.31 -49.39
CA LEU F 110 -42.10 5.57 -49.96
C LEU F 110 -42.86 6.44 -50.95
N THR F 111 -43.07 7.72 -50.61
CA THR F 111 -43.81 8.60 -51.50
C THR F 111 -43.02 8.92 -52.78
N MET F 112 -41.69 8.86 -52.71
CA MET F 112 -40.86 9.35 -53.80
C MET F 112 -40.90 8.41 -55.01
N VAL F 113 -40.64 8.99 -56.18
CA VAL F 113 -40.55 8.25 -57.43
C VAL F 113 -39.13 7.68 -57.56
N GLY F 114 -38.94 6.75 -58.50
CA GLY F 114 -37.64 6.17 -58.74
C GLY F 114 -37.68 4.65 -58.90
N PRO F 115 -38.44 3.96 -58.04
CA PRO F 115 -38.50 2.49 -58.16
C PRO F 115 -39.48 2.03 -59.22
N ASP F 116 -39.00 1.30 -60.23
CA ASP F 116 -39.89 0.76 -61.27
C ASP F 116 -39.32 -0.57 -61.78
N VAL F 117 -39.92 -1.67 -61.30
CA VAL F 117 -39.63 -3.03 -61.78
C VAL F 117 -38.22 -3.51 -62.06
N GLU F 118 -37.28 -2.59 -62.13
CA GLU F 118 -35.91 -3.03 -62.36
C GLU F 118 -35.43 -3.93 -61.25
N THR F 119 -35.74 -3.57 -60.00
CA THR F 119 -35.43 -4.40 -58.84
C THR F 119 -36.67 -5.12 -58.31
N ALA F 120 -37.71 -5.26 -59.14
CA ALA F 120 -38.98 -5.85 -58.72
C ALA F 120 -39.62 -5.02 -57.61
N CYS F 121 -39.79 -3.72 -57.88
CA CYS F 121 -40.31 -2.79 -56.90
C CYS F 121 -41.20 -1.77 -57.59
N GLU F 122 -42.00 -1.07 -56.79
CA GLU F 122 -42.97 -0.11 -57.30
C GLU F 122 -42.99 1.11 -56.37
N VAL F 123 -43.52 2.22 -56.88
CA VAL F 123 -43.68 3.42 -56.07
C VAL F 123 -44.41 3.06 -54.79
N GLY F 124 -43.92 3.56 -53.67
CA GLY F 124 -44.33 3.09 -52.37
C GLY F 124 -43.57 1.87 -51.89
N LYS F 125 -42.75 1.29 -52.75
CA LYS F 125 -41.88 0.16 -52.40
C LYS F 125 -40.50 0.46 -52.98
N PRO F 126 -39.77 1.41 -52.37
CA PRO F 126 -38.45 1.76 -52.90
C PRO F 126 -37.45 0.65 -52.70
N TRP F 127 -36.44 0.62 -53.57
CA TRP F 127 -35.33 -0.33 -53.44
C TRP F 127 -34.33 0.25 -52.46
N ASP F 128 -34.21 -0.36 -51.29
CA ASP F 128 -33.30 0.10 -50.26
C ASP F 128 -32.91 -1.08 -49.37
N PRO F 129 -32.21 -2.08 -49.91
CA PRO F 129 -31.90 -3.27 -49.10
C PRO F 129 -31.13 -2.94 -47.84
N LEU F 130 -30.19 -2.00 -47.91
CA LEU F 130 -29.46 -1.58 -46.72
C LEU F 130 -30.22 -0.56 -45.89
N GLY F 131 -31.34 -0.06 -46.39
CA GLY F 131 -32.15 0.88 -45.63
C GLY F 131 -31.41 2.14 -45.25
N LEU F 132 -30.56 2.65 -46.15
CA LEU F 132 -29.84 3.88 -45.87
C LEU F 132 -30.77 5.08 -45.78
N SER F 133 -32.02 4.95 -46.23
CA SER F 133 -32.99 6.03 -46.11
C SER F 133 -33.55 6.14 -44.69
N LYS F 134 -33.52 5.04 -43.93
CA LYS F 134 -34.06 5.03 -42.56
C LYS F 134 -33.06 5.55 -41.53
N LEU F 135 -31.80 5.76 -41.93
CA LEU F 135 -30.80 6.20 -40.96
C LEU F 135 -31.12 7.59 -40.42
N TYR F 136 -31.80 8.43 -41.21
CA TYR F 136 -32.22 9.73 -40.70
C TYR F 136 -33.20 9.56 -39.55
N ASP F 137 -34.18 8.67 -39.71
CA ASP F 137 -35.10 8.39 -38.61
C ASP F 137 -34.36 7.78 -37.43
N ARG F 138 -33.33 6.99 -37.71
CA ARG F 138 -32.60 6.33 -36.62
C ARG F 138 -31.76 7.31 -35.82
N ASN F 139 -31.26 8.38 -36.45
CA ASN F 139 -30.42 9.31 -35.71
C ASN F 139 -31.18 9.99 -34.57
N PHE F 140 -32.51 9.95 -34.60
CA PHE F 140 -33.28 10.42 -33.45
C PHE F 140 -33.09 9.52 -32.23
N ASP F 141 -32.91 8.23 -32.45
CA ASP F 141 -32.62 7.29 -31.37
C ASP F 141 -31.14 7.19 -31.06
N PHE F 142 -30.27 7.51 -32.02
CA PHE F 142 -28.84 7.36 -31.80
C PHE F 142 -28.29 8.45 -30.87
N ASN F 143 -28.41 9.71 -31.27
CA ASN F 143 -27.79 10.80 -30.53
C ASN F 143 -28.78 11.90 -30.18
N GLY F 144 -29.81 12.08 -31.00
CA GLY F 144 -30.53 13.32 -31.03
C GLY F 144 -29.86 14.37 -31.90
N ASN F 145 -28.79 13.99 -32.60
CA ASN F 145 -28.11 14.87 -33.56
C ASN F 145 -28.30 14.27 -34.94
N MET F 146 -28.76 15.07 -35.89
CA MET F 146 -29.09 14.60 -37.23
C MET F 146 -27.79 14.35 -37.99
N THR F 147 -27.16 13.21 -37.69
CA THR F 147 -25.92 12.84 -38.36
C THR F 147 -26.17 12.31 -39.76
N TYR F 148 -27.25 11.57 -39.96
CA TYR F 148 -27.47 10.95 -41.26
C TYR F 148 -28.52 11.72 -42.06
N PRO F 149 -28.33 11.86 -43.37
CA PRO F 149 -29.18 12.78 -44.13
C PRO F 149 -30.57 12.23 -44.41
N HIS F 150 -31.48 13.16 -44.66
CA HIS F 150 -32.85 12.82 -45.04
C HIS F 150 -32.88 12.28 -46.46
N VAL F 151 -33.97 11.57 -46.78
CA VAL F 151 -34.13 11.05 -48.14
C VAL F 151 -34.21 12.18 -49.14
N GLN F 152 -34.60 13.39 -48.71
CA GLN F 152 -34.54 14.55 -49.60
C GLN F 152 -33.10 14.83 -50.02
N TRP F 153 -32.18 14.86 -49.06
CA TRP F 153 -30.77 15.04 -49.38
C TRP F 153 -30.25 13.89 -50.23
N LEU F 154 -30.68 12.66 -49.91
CA LEU F 154 -30.23 11.52 -50.69
C LEU F 154 -30.68 11.63 -52.14
N ARG F 155 -31.92 12.03 -52.38
CA ARG F 155 -32.41 12.18 -53.75
C ARG F 155 -31.72 13.34 -54.45
N GLU F 156 -31.48 14.43 -53.75
CA GLU F 156 -30.74 15.55 -54.34
C GLU F 156 -29.36 15.10 -54.79
N SER F 157 -28.65 14.39 -53.93
CA SER F 157 -27.32 13.89 -54.28
C SER F 157 -27.39 12.88 -55.40
N GLU F 158 -28.40 12.01 -55.39
CA GLU F 158 -28.54 11.03 -56.47
C GLU F 158 -28.75 11.71 -57.80
N LEU F 159 -29.61 12.73 -57.86
CA LEU F 159 -29.83 13.43 -59.12
C LEU F 159 -28.58 14.18 -59.56
N LYS F 160 -27.88 14.81 -58.62
CA LYS F 160 -26.65 15.49 -58.96
C LYS F 160 -25.64 14.53 -59.56
N HIS F 161 -25.49 13.36 -58.92
CA HIS F 161 -24.55 12.36 -59.42
C HIS F 161 -24.99 11.83 -60.78
N GLY F 162 -26.30 11.60 -60.96
CA GLY F 162 -26.78 11.12 -62.23
C GLY F 162 -26.47 12.09 -63.35
N ARG F 163 -26.74 13.37 -63.12
CA ARG F 163 -26.46 14.37 -64.14
C ARG F 163 -24.97 14.49 -64.41
N CYS F 164 -24.16 14.54 -63.35
CA CYS F 164 -22.72 14.66 -63.51
C CYS F 164 -22.15 13.46 -64.27
N ALA F 165 -22.60 12.25 -63.94
CA ALA F 165 -22.08 11.06 -64.62
C ALA F 165 -22.62 10.94 -66.04
N MET F 166 -23.85 11.38 -66.28
CA MET F 166 -24.37 11.41 -67.64
C MET F 166 -23.50 12.30 -68.52
N LEU F 167 -23.10 13.46 -67.98
CA LEU F 167 -22.15 14.30 -68.71
C LEU F 167 -20.79 13.62 -68.82
N ALA F 168 -20.34 12.96 -67.74
CA ALA F 168 -18.97 12.47 -67.67
C ALA F 168 -18.73 11.31 -68.64
N ILE F 169 -19.70 10.43 -68.82
CA ILE F 169 -19.50 9.28 -69.71
C ILE F 169 -19.33 9.76 -71.15
N VAL F 170 -20.26 10.60 -71.61
CA VAL F 170 -20.15 11.15 -72.95
C VAL F 170 -18.89 12.00 -73.06
N GLY F 171 -18.47 12.64 -71.96
CA GLY F 171 -17.24 13.40 -71.98
C GLY F 171 -16.03 12.51 -72.19
N ILE F 172 -16.00 11.36 -71.53
CA ILE F 172 -14.90 10.42 -71.72
C ILE F 172 -14.84 9.97 -73.17
N PHE F 173 -15.98 9.56 -73.71
CA PHE F 173 -15.99 9.09 -75.10
C PHE F 173 -15.59 10.19 -76.07
N ALA F 174 -16.13 11.40 -75.89
CA ALA F 174 -15.84 12.50 -76.80
C ALA F 174 -14.42 13.04 -76.61
N GLN F 175 -13.83 12.86 -75.43
CA GLN F 175 -12.43 13.24 -75.26
C GLN F 175 -11.52 12.23 -75.94
N GLN F 176 -11.89 10.95 -75.88
CA GLN F 176 -11.15 9.95 -76.65
C GLN F 176 -11.24 10.24 -78.14
N SER F 177 -12.41 10.68 -78.61
CA SER F 177 -12.61 10.85 -80.05
C SER F 177 -12.07 12.20 -80.55
N PHE F 178 -12.62 13.32 -80.06
CA PHE F 178 -12.26 14.64 -80.54
C PHE F 178 -11.22 15.27 -79.61
N HIS F 179 -10.89 16.53 -79.89
CA HIS F 179 -10.03 17.33 -79.02
C HIS F 179 -10.18 18.80 -79.40
N ILE F 180 -9.72 19.67 -78.50
CA ILE F 180 -9.78 21.12 -78.68
C ILE F 180 -8.37 21.67 -78.67
N ASP F 181 -8.05 22.50 -79.66
CA ASP F 181 -6.72 23.08 -79.74
C ASP F 181 -6.46 24.00 -78.57
N GLY F 182 -5.20 24.04 -78.12
CA GLY F 182 -4.81 24.85 -76.99
C GLY F 182 -4.83 24.14 -75.66
N TYR F 183 -5.49 22.98 -75.57
CA TYR F 183 -5.56 22.24 -74.34
C TYR F 183 -4.60 21.06 -74.38
N PRO F 184 -4.00 20.68 -73.25
CA PRO F 184 -3.03 19.58 -73.28
C PRO F 184 -3.67 18.26 -73.69
N GLU F 185 -2.91 17.46 -74.42
CA GLU F 185 -3.33 16.13 -74.82
C GLU F 185 -3.07 15.16 -73.68
N ALA F 186 -4.11 14.48 -73.22
CA ALA F 186 -3.98 13.49 -72.16
C ALA F 186 -5.22 12.61 -72.16
N PRO F 187 -5.15 11.44 -71.53
CA PRO F 187 -6.35 10.60 -71.42
C PRO F 187 -7.37 11.22 -70.48
N TRP F 188 -8.58 10.66 -70.51
CA TRP F 188 -9.65 11.17 -69.68
C TRP F 188 -9.30 11.10 -68.20
N TYR F 189 -8.41 10.19 -67.82
CA TYR F 189 -8.05 10.02 -66.41
C TYR F 189 -6.88 10.90 -66.00
N GLU F 190 -6.36 11.74 -66.88
CA GLU F 190 -5.31 12.69 -66.53
C GLU F 190 -5.51 14.06 -67.13
N ALA F 191 -6.61 14.32 -67.83
CA ALA F 191 -6.80 15.61 -68.48
C ALA F 191 -6.86 16.74 -67.45
N LEU F 192 -7.62 16.54 -66.38
CA LEU F 192 -7.73 17.59 -65.37
C LEU F 192 -6.40 17.86 -64.69
N LYS F 193 -5.65 16.80 -64.38
CA LYS F 193 -4.35 16.99 -63.75
C LYS F 193 -3.39 17.72 -64.69
N ALA F 194 -3.42 17.38 -65.97
CA ALA F 194 -2.56 18.08 -66.93
C ALA F 194 -2.93 19.54 -67.03
N CYS F 195 -4.24 19.85 -67.08
CA CYS F 195 -4.67 21.23 -67.13
C CYS F 195 -4.25 21.99 -65.88
N TYR F 196 -4.38 21.36 -64.72
CA TYR F 196 -3.94 21.99 -63.47
C TYR F 196 -2.44 22.25 -63.49
N ASP F 197 -1.66 21.29 -63.99
CA ASP F 197 -0.21 21.39 -63.93
C ASP F 197 0.35 22.37 -64.94
N ASN F 198 -0.32 22.56 -66.07
CA ASN F 198 0.18 23.41 -67.15
C ASN F 198 -0.85 24.46 -67.53
N PRO F 199 -1.13 25.41 -66.64
CA PRO F 199 -2.00 26.54 -66.99
C PRO F 199 -1.23 27.59 -67.78
N ALA F 200 -1.48 27.65 -69.08
CA ALA F 200 -0.81 28.61 -69.95
C ALA F 200 -1.57 28.68 -71.25
N GLY F 201 -1.75 29.90 -71.75
CA GLY F 201 -2.52 30.10 -72.96
C GLY F 201 -4.00 30.30 -72.69
N ILE F 202 -4.78 29.23 -72.81
CA ILE F 202 -6.21 29.31 -72.59
C ILE F 202 -6.71 28.30 -71.56
N VAL F 203 -5.93 27.26 -71.23
CA VAL F 203 -6.42 26.23 -70.32
C VAL F 203 -6.67 26.81 -68.94
N GLY F 204 -5.80 27.70 -68.47
CA GLY F 204 -6.01 28.29 -67.16
C GLY F 204 -7.30 29.09 -67.08
N PHE F 205 -7.52 29.95 -68.08
CA PHE F 205 -8.75 30.73 -68.10
C PHE F 205 -9.98 29.84 -68.23
N GLY F 206 -9.90 28.81 -69.06
CA GLY F 206 -11.04 27.93 -69.22
C GLY F 206 -11.39 27.19 -67.94
N ILE F 207 -10.38 26.63 -67.27
CA ILE F 207 -10.65 25.90 -66.04
C ILE F 207 -11.12 26.85 -64.95
N ALA F 208 -10.60 28.09 -64.94
CA ALA F 208 -11.13 29.09 -64.02
C ALA F 208 -12.61 29.34 -64.28
N GLN F 209 -12.99 29.45 -65.56
CA GLN F 209 -14.39 29.67 -65.91
C GLN F 209 -15.25 28.51 -65.43
N ILE F 210 -14.79 27.27 -65.68
CA ILE F 210 -15.57 26.10 -65.31
C ILE F 210 -15.74 26.05 -63.79
N SER F 211 -14.65 26.25 -63.06
CA SER F 211 -14.73 26.20 -61.60
C SER F 211 -15.63 27.29 -61.05
N ALA F 212 -15.51 28.51 -61.59
CA ALA F 212 -16.35 29.61 -61.12
C ALA F 212 -17.82 29.33 -61.39
N PHE F 213 -18.13 28.81 -62.58
CA PHE F 213 -19.52 28.49 -62.90
C PHE F 213 -20.07 27.43 -61.95
N ALA F 214 -19.28 26.36 -61.73
CA ALA F 214 -19.73 25.29 -60.85
C ALA F 214 -19.97 25.82 -59.43
N MET F 215 -19.03 26.62 -58.92
CA MET F 215 -19.18 27.13 -57.56
C MET F 215 -20.37 28.08 -57.45
N VAL F 216 -20.56 28.93 -58.45
CA VAL F 216 -21.70 29.86 -58.42
C VAL F 216 -23.01 29.08 -58.43
N ILE F 217 -23.11 28.06 -59.29
CA ILE F 217 -24.34 27.28 -59.36
C ILE F 217 -24.59 26.57 -58.03
N GLU F 218 -23.54 25.97 -57.46
CA GLU F 218 -23.71 25.24 -56.20
C GLU F 218 -24.15 26.17 -55.09
N GLY F 219 -23.55 27.36 -55.01
CA GLY F 219 -23.96 28.31 -54.00
C GLY F 219 -25.40 28.78 -54.19
N ALA F 220 -25.76 29.08 -55.44
CA ALA F 220 -27.10 29.60 -55.72
C ALA F 220 -28.16 28.54 -55.48
N TYR F 221 -27.85 27.27 -55.68
CA TYR F 221 -28.83 26.19 -55.56
C TYR F 221 -28.42 25.19 -54.49
N PHE F 222 -27.81 25.68 -53.42
CA PHE F 222 -27.55 24.83 -52.26
C PHE F 222 -28.86 24.23 -51.76
N PRO F 223 -28.93 22.91 -51.55
CA PRO F 223 -30.16 22.33 -50.99
C PRO F 223 -30.34 22.67 -49.52
N LYS F 224 -30.82 23.88 -49.25
CA LYS F 224 -30.96 24.34 -47.88
C LYS F 224 -31.97 23.49 -47.12
N ASP F 225 -31.57 23.01 -45.95
CA ASP F 225 -32.39 22.23 -45.03
C ASP F 225 -32.80 20.87 -45.59
N SER F 226 -32.35 20.50 -46.79
CA SER F 226 -32.71 19.18 -47.32
C SER F 226 -32.15 18.08 -46.45
N TRP F 227 -31.05 18.33 -45.75
CA TRP F 227 -30.52 17.35 -44.81
C TRP F 227 -31.58 16.94 -43.79
N ILE F 228 -32.45 17.87 -43.41
CA ILE F 228 -33.55 17.58 -42.48
C ILE F 228 -34.84 17.20 -43.21
N GLY F 229 -34.89 17.35 -44.53
CA GLY F 229 -36.11 17.15 -45.26
C GLY F 229 -36.99 18.37 -45.36
N GLN F 230 -36.61 19.47 -44.72
CA GLN F 230 -37.40 20.71 -44.77
C GLN F 230 -36.84 21.65 -45.84
N MET F 231 -36.82 21.15 -47.07
CA MET F 231 -36.39 21.94 -48.22
C MET F 231 -37.61 22.42 -48.98
N ASP F 232 -37.65 23.72 -49.25
CA ASP F 232 -38.83 24.30 -49.90
C ASP F 232 -39.05 23.71 -51.29
N ARG F 233 -38.00 23.64 -52.09
CA ARG F 233 -38.10 23.17 -53.46
C ARG F 233 -37.96 21.65 -53.52
N GLU F 234 -38.40 21.07 -54.63
CA GLU F 234 -38.26 19.65 -54.84
C GLU F 234 -36.78 19.30 -55.02
N PRO F 235 -36.36 18.12 -54.55
CA PRO F 235 -34.95 17.75 -54.69
C PRO F 235 -34.56 17.65 -56.16
N GLY F 236 -33.46 18.31 -56.51
CA GLY F 236 -32.97 18.33 -57.87
C GLY F 236 -33.68 19.28 -58.79
N ASP F 237 -34.65 20.06 -58.28
CA ASP F 237 -35.43 20.99 -59.11
C ASP F 237 -34.73 22.34 -59.09
N LEU F 238 -33.68 22.44 -59.91
CA LEU F 238 -32.95 23.70 -60.05
C LEU F 238 -33.70 24.71 -60.89
N GLY F 239 -34.81 24.33 -61.51
CA GLY F 239 -35.55 25.21 -62.39
C GLY F 239 -34.98 25.35 -63.78
N PHE F 240 -33.95 24.58 -64.13
CA PHE F 240 -33.30 24.65 -65.43
C PHE F 240 -34.17 23.95 -66.46
N ASP F 241 -35.12 24.70 -67.02
CA ASP F 241 -36.00 24.20 -68.08
C ASP F 241 -36.08 25.25 -69.19
N PRO F 242 -34.97 25.50 -69.88
CA PRO F 242 -35.00 26.54 -70.93
C PRO F 242 -36.03 26.29 -72.01
N LEU F 243 -36.19 25.04 -72.45
CA LEU F 243 -37.08 24.72 -73.55
C LEU F 243 -38.47 24.28 -73.09
N LYS F 244 -38.70 24.16 -71.79
CA LYS F 244 -40.02 23.81 -71.26
C LYS F 244 -40.54 22.52 -71.87
N LEU F 245 -39.65 21.52 -71.99
CA LEU F 245 -40.05 20.24 -72.57
C LEU F 245 -41.11 19.56 -71.73
N ALA F 246 -40.93 19.53 -70.41
CA ALA F 246 -41.84 18.85 -69.50
C ALA F 246 -42.46 19.88 -68.56
N LYS F 247 -43.78 19.98 -68.59
CA LYS F 247 -44.52 20.90 -67.73
C LYS F 247 -45.64 20.23 -66.95
N ASP F 248 -46.31 19.25 -67.55
CA ASP F 248 -47.45 18.60 -66.91
C ASP F 248 -46.97 17.65 -65.82
N ALA F 249 -47.82 17.42 -64.82
CA ALA F 249 -47.45 16.57 -63.70
C ALA F 249 -47.15 15.14 -64.17
N GLU F 250 -48.00 14.59 -65.04
CA GLU F 250 -47.75 13.24 -65.55
C GLU F 250 -46.45 13.19 -66.34
N SER F 251 -46.26 14.16 -67.24
CA SER F 251 -45.02 14.25 -67.99
C SER F 251 -43.84 14.46 -67.06
N MET F 252 -44.03 15.28 -66.02
CA MET F 252 -42.95 15.52 -65.07
C MET F 252 -42.55 14.23 -64.37
N LYS F 253 -43.52 13.42 -63.94
CA LYS F 253 -43.19 12.18 -63.26
C LYS F 253 -42.51 11.19 -64.19
N SER F 254 -43.04 11.04 -65.41
CA SER F 254 -42.41 10.13 -66.36
C SER F 254 -40.98 10.55 -66.67
N MET F 255 -40.77 11.85 -66.90
CA MET F 255 -39.44 12.34 -67.20
C MET F 255 -38.52 12.22 -66.00
N GLN F 256 -39.04 12.39 -64.78
CA GLN F 256 -38.22 12.19 -63.60
C GLN F 256 -37.74 10.75 -63.52
N LEU F 257 -38.64 9.79 -63.76
CA LEU F 257 -38.23 8.39 -63.75
C LEU F 257 -37.20 8.11 -64.83
N LYS F 258 -37.42 8.63 -66.04
CA LYS F 258 -36.46 8.40 -67.12
C LYS F 258 -35.10 8.99 -66.78
N GLU F 259 -35.09 10.22 -66.25
CA GLU F 259 -33.85 10.87 -65.87
C GLU F 259 -33.13 10.07 -64.80
N LEU F 260 -33.86 9.59 -63.79
CA LEU F 260 -33.24 8.82 -62.73
C LEU F 260 -32.64 7.53 -63.28
N LYS F 261 -33.37 6.84 -64.16
CA LYS F 261 -32.86 5.60 -64.73
C LYS F 261 -31.58 5.85 -65.53
N ASN F 262 -31.61 6.86 -66.40
CA ASN F 262 -30.43 7.15 -67.22
C ASN F 262 -29.27 7.62 -66.36
N GLY F 263 -29.54 8.39 -65.30
CA GLY F 263 -28.48 8.84 -64.42
C GLY F 263 -27.85 7.69 -63.66
N ARG F 264 -28.67 6.74 -63.20
CA ARG F 264 -28.13 5.56 -62.55
C ARG F 264 -27.27 4.75 -63.51
N LEU F 265 -27.74 4.59 -64.75
CA LEU F 265 -26.96 3.87 -65.75
C LEU F 265 -25.63 4.57 -66.01
N ALA F 266 -25.66 5.90 -66.11
CA ALA F 266 -24.43 6.65 -66.34
C ALA F 266 -23.49 6.56 -65.16
N MET F 267 -24.03 6.59 -63.94
CA MET F 267 -23.20 6.43 -62.76
C MET F 267 -22.50 5.08 -62.76
N MET F 268 -23.26 4.02 -63.06
CA MET F 268 -22.67 2.68 -63.12
C MET F 268 -21.62 2.61 -64.23
N ALA F 269 -21.90 3.21 -65.39
CA ALA F 269 -20.94 3.16 -66.48
C ALA F 269 -19.66 3.90 -66.14
N PHE F 270 -19.78 5.07 -65.48
CA PHE F 270 -18.59 5.81 -65.10
C PHE F 270 -17.78 5.07 -64.05
N MET F 271 -18.46 4.48 -63.06
CA MET F 271 -17.73 3.69 -62.08
C MET F 271 -17.05 2.50 -62.74
N SER F 272 -17.72 1.87 -63.70
CA SER F 272 -17.11 0.77 -64.43
C SER F 272 -15.88 1.25 -65.19
N CYS F 273 -15.96 2.40 -65.83
CA CYS F 273 -14.80 2.94 -66.54
C CYS F 273 -13.63 3.14 -65.59
N VAL F 274 -13.87 3.82 -64.47
CA VAL F 274 -12.78 4.14 -63.55
C VAL F 274 -12.19 2.86 -62.97
N VAL F 275 -13.04 1.94 -62.52
CA VAL F 275 -12.55 0.72 -61.89
C VAL F 275 -11.85 -0.16 -62.90
N GLY F 276 -12.36 -0.24 -64.13
CA GLY F 276 -11.71 -1.03 -65.16
C GLY F 276 -10.34 -0.49 -65.51
N HIS F 277 -10.21 0.84 -65.58
CA HIS F 277 -8.91 1.42 -65.88
C HIS F 277 -7.93 1.18 -64.74
N TYR F 278 -8.37 1.36 -63.49
CA TYR F 278 -7.46 1.26 -62.37
C TYR F 278 -7.27 -0.17 -61.87
N VAL F 279 -8.02 -1.12 -62.41
CA VAL F 279 -7.78 -2.55 -62.20
C VAL F 279 -8.00 -3.20 -63.55
N PRO F 280 -6.94 -3.43 -64.35
CA PRO F 280 -7.15 -3.67 -65.79
C PRO F 280 -8.14 -4.77 -66.13
N GLY F 281 -8.15 -5.86 -65.36
CA GLY F 281 -9.01 -6.98 -65.68
C GLY F 281 -10.39 -6.93 -65.07
N SER F 282 -10.75 -5.87 -64.35
CA SER F 282 -12.02 -5.87 -63.63
C SER F 282 -13.21 -5.76 -64.56
N VAL F 283 -13.10 -5.03 -65.66
CA VAL F 283 -14.21 -4.83 -66.60
C VAL F 283 -13.74 -5.26 -67.98
N PRO F 284 -14.56 -5.99 -68.75
CA PRO F 284 -14.09 -6.49 -70.06
C PRO F 284 -13.83 -5.39 -71.07
N GLY F 285 -14.77 -4.46 -71.21
CA GLY F 285 -14.65 -3.46 -72.27
C GLY F 285 -13.41 -2.60 -72.11
N VAL F 286 -13.16 -2.12 -70.91
CA VAL F 286 -12.04 -1.23 -70.66
C VAL F 286 -10.74 -2.01 -70.62
N GLU G 28 -11.76 -47.62 56.69
CA GLU G 28 -11.85 -46.42 55.81
C GLU G 28 -10.86 -46.54 54.65
N PHE G 29 -9.56 -46.39 54.94
CA PHE G 29 -8.53 -46.61 53.95
C PHE G 29 -8.18 -48.11 53.93
N ALA G 30 -8.11 -48.68 52.74
CA ALA G 30 -7.97 -50.12 52.61
C ALA G 30 -9.08 -50.79 53.40
N ALA G 31 -8.73 -51.53 54.46
CA ALA G 31 -9.71 -52.10 55.38
C ALA G 31 -9.23 -51.98 56.81
N GLY G 32 -8.68 -50.82 57.16
CA GLY G 32 -8.07 -50.66 58.46
C GLY G 32 -6.83 -51.49 58.67
N MET G 33 -6.24 -51.98 57.58
CA MET G 33 -5.05 -52.81 57.68
C MET G 33 -3.84 -51.97 58.06
N ALA G 34 -2.91 -52.60 58.78
CA ALA G 34 -1.63 -51.97 59.05
C ALA G 34 -0.86 -51.77 57.74
N GLY G 35 -0.19 -50.64 57.64
CA GLY G 35 0.57 -50.34 56.45
C GLY G 35 0.47 -48.89 56.01
N SER G 36 -0.36 -48.12 56.69
CA SER G 36 -0.50 -46.69 56.41
C SER G 36 -0.18 -45.81 57.60
N LYS G 37 -0.30 -46.33 58.82
CA LYS G 37 0.04 -45.58 60.02
C LYS G 37 1.51 -45.78 60.36
N LEU G 38 1.96 -45.08 61.41
CA LEU G 38 3.32 -45.23 61.93
C LEU G 38 4.37 -44.95 60.86
N HIS G 39 4.02 -44.13 59.87
CA HIS G 39 4.98 -43.70 58.87
C HIS G 39 5.88 -42.62 59.47
N GLY G 40 6.79 -42.08 58.66
CA GLY G 40 7.66 -41.03 59.14
C GLY G 40 6.89 -39.83 59.62
N TRP G 41 5.81 -39.46 58.93
CA TRP G 41 4.98 -38.33 59.29
C TRP G 41 3.57 -38.72 59.72
N GLY G 42 3.28 -40.03 59.80
CA GLY G 42 2.18 -40.54 60.60
C GLY G 42 1.11 -41.27 59.81
N GLU G 43 0.62 -40.67 58.74
CA GLU G 43 -0.58 -41.18 58.08
C GLU G 43 -0.41 -41.20 56.56
N TYR G 44 0.70 -41.75 56.08
CA TYR G 44 0.86 -41.92 54.65
C TYR G 44 -0.17 -42.95 54.15
N GLN G 45 -0.99 -42.53 53.19
CA GLN G 45 -1.99 -43.39 52.57
C GLN G 45 -1.62 -43.50 51.09
N PHE G 46 -0.76 -44.46 50.77
CA PHE G 46 -0.20 -44.59 49.42
C PHE G 46 -1.11 -45.48 48.59
N ASP G 47 -1.82 -44.88 47.65
CA ASP G 47 -2.63 -45.64 46.70
C ASP G 47 -2.97 -44.76 45.50
N PRO G 48 -1.98 -44.35 44.70
CA PRO G 48 -2.28 -43.48 43.55
C PRO G 48 -3.27 -44.12 42.60
N ALA G 49 -2.94 -45.31 42.09
CA ALA G 49 -3.86 -46.10 41.30
C ALA G 49 -4.82 -46.80 42.24
N GLY G 50 -6.09 -46.40 42.22
CA GLY G 50 -7.03 -46.80 43.25
C GLY G 50 -7.39 -48.26 43.23
N PHE G 51 -6.40 -49.14 43.36
CA PHE G 51 -6.69 -50.57 43.41
C PHE G 51 -7.50 -50.92 44.64
N ALA G 52 -7.18 -50.33 45.78
CA ALA G 52 -7.90 -50.66 47.01
C ALA G 52 -9.38 -50.35 46.89
N THR G 53 -9.73 -49.20 46.31
CA THR G 53 -11.12 -48.84 46.15
C THR G 53 -11.77 -49.63 45.02
N SER G 54 -11.01 -49.88 43.94
CA SER G 54 -11.57 -50.54 42.77
C SER G 54 -11.88 -52.01 43.05
N TYR G 55 -11.09 -52.68 43.88
CA TYR G 55 -11.25 -54.10 44.17
C TYR G 55 -11.25 -54.30 45.68
N PRO G 56 -12.31 -53.85 46.37
CA PRO G 56 -12.38 -54.09 47.82
C PRO G 56 -12.38 -55.57 48.17
N GLU G 57 -12.95 -56.41 47.32
CA GLU G 57 -13.02 -57.85 47.61
C GLU G 57 -11.64 -58.51 47.57
N LEU G 58 -10.64 -57.85 46.96
CA LEU G 58 -9.30 -58.41 46.84
C LEU G 58 -8.32 -57.79 47.82
N LEU G 59 -8.78 -57.05 48.83
CA LEU G 59 -7.85 -56.38 49.73
C LEU G 59 -7.07 -57.38 50.57
N GLY G 60 -7.75 -58.43 51.06
CA GLY G 60 -7.04 -59.46 51.80
C GLY G 60 -6.02 -60.18 50.94
N TRP G 61 -6.38 -60.47 49.69
CA TRP G 61 -5.43 -61.08 48.76
C TRP G 61 -4.24 -60.16 48.52
N PHE G 62 -4.50 -58.86 48.37
CA PHE G 62 -3.42 -57.91 48.16
C PHE G 62 -2.48 -57.87 49.36
N ARG G 63 -3.04 -57.87 50.58
CA ARG G 63 -2.20 -57.85 51.76
C ARG G 63 -1.38 -59.13 51.87
N GLU G 64 -2.00 -60.28 51.60
CA GLU G 64 -1.26 -61.54 51.64
C GLU G 64 -0.13 -61.53 50.62
N SER G 65 -0.42 -61.04 49.41
CA SER G 65 0.61 -61.00 48.37
C SER G 65 1.74 -60.05 48.74
N GLU G 66 1.40 -58.88 49.30
CA GLU G 66 2.44 -57.94 49.71
C GLU G 66 3.34 -58.53 50.77
N LEU G 67 2.74 -59.17 51.77
CA LEU G 67 3.54 -59.77 52.83
C LEU G 67 4.40 -60.91 52.28
N LYS G 68 3.84 -61.71 51.38
CA LYS G 68 4.62 -62.79 50.78
C LYS G 68 5.81 -62.23 50.01
N HIS G 69 5.59 -61.20 49.20
CA HIS G 69 6.68 -60.60 48.44
C HIS G 69 7.74 -60.02 49.37
N GLY G 70 7.31 -59.33 50.43
CA GLY G 70 8.28 -58.74 51.33
C GLY G 70 9.11 -59.78 52.07
N ARG G 71 8.45 -60.82 52.57
CA ARG G 71 9.15 -61.88 53.30
C ARG G 71 9.98 -62.75 52.36
N VAL G 72 9.66 -62.76 51.07
CA VAL G 72 10.52 -63.44 50.11
C VAL G 72 11.72 -62.59 49.75
N ALA G 73 11.52 -61.27 49.66
CA ALA G 73 12.62 -60.38 49.29
C ALA G 73 13.64 -60.25 50.41
N MET G 74 13.17 -60.23 51.67
CA MET G 74 14.10 -60.22 52.79
C MET G 74 15.05 -61.41 52.72
N LEU G 75 14.46 -62.61 52.62
CA LEU G 75 15.26 -63.82 52.55
C LEU G 75 16.08 -63.87 51.28
N ALA G 76 15.58 -63.28 50.19
CA ALA G 76 16.35 -63.24 48.95
C ALA G 76 17.61 -62.41 49.12
N TYR G 77 17.51 -61.25 49.78
CA TYR G 77 18.70 -60.44 50.02
C TYR G 77 19.67 -61.17 50.94
N VAL G 78 19.15 -61.76 52.02
CA VAL G 78 20.04 -62.44 52.96
C VAL G 78 20.71 -63.62 52.30
N GLY G 79 20.01 -64.33 51.41
CA GLY G 79 20.59 -65.44 50.67
C GLY G 79 21.37 -65.03 49.45
N LEU G 80 21.30 -63.77 49.05
CA LEU G 80 22.25 -63.23 48.09
C LEU G 80 23.57 -62.92 48.77
N ILE G 81 23.53 -62.55 50.05
CA ILE G 81 24.75 -62.22 50.78
C ILE G 81 25.43 -63.46 51.34
N VAL G 82 24.68 -64.27 52.11
CA VAL G 82 25.30 -65.31 52.92
C VAL G 82 26.08 -66.33 52.09
N PRO G 83 25.62 -66.75 50.91
CA PRO G 83 26.31 -67.87 50.23
C PRO G 83 27.81 -67.66 50.07
N ASP G 84 28.25 -66.42 49.86
CA ASP G 84 29.68 -66.17 49.78
C ASP G 84 30.39 -66.62 51.05
N ALA G 85 29.81 -66.33 52.20
CA ALA G 85 30.42 -66.73 53.47
C ALA G 85 30.27 -68.23 53.72
N PHE G 86 29.09 -68.79 53.45
CA PHE G 86 28.81 -70.17 53.79
C PHE G 86 28.06 -70.86 52.65
N ARG G 87 28.15 -72.19 52.62
CA ARG G 87 27.44 -73.01 51.65
C ARG G 87 26.81 -74.19 52.38
N LEU G 88 25.70 -74.70 51.83
CA LEU G 88 24.98 -75.76 52.50
C LEU G 88 25.81 -77.00 52.57
N PRO G 89 25.51 -77.87 53.53
CA PRO G 89 26.35 -79.05 53.68
C PRO G 89 26.39 -79.98 52.48
N PHE G 90 25.29 -80.14 51.75
CA PHE G 90 25.27 -81.13 50.64
C PHE G 90 26.29 -80.84 49.57
N GLU G 91 26.84 -81.88 48.96
CA GLU G 91 27.92 -81.72 47.98
C GLU G 91 27.48 -81.41 46.57
N GLU G 92 26.53 -80.50 46.40
CA GLU G 92 26.09 -80.09 45.07
C GLU G 92 26.06 -78.58 44.89
N VAL G 93 26.19 -77.81 45.96
CA VAL G 93 26.21 -76.35 45.91
C VAL G 93 27.58 -75.80 46.30
N GLN G 94 28.60 -76.66 46.38
CA GLN G 94 29.91 -76.24 46.85
C GLN G 94 30.72 -75.50 45.80
N ASP G 95 30.27 -75.47 44.55
CA ASP G 95 30.98 -74.74 43.52
C ASP G 95 31.11 -73.27 43.90
N SER G 96 32.30 -72.72 43.69
CA SER G 96 32.59 -71.33 44.06
C SER G 96 32.12 -70.33 43.01
N SER G 97 31.61 -70.79 41.88
CA SER G 97 31.14 -69.91 40.80
C SER G 97 29.63 -69.79 40.77
N LEU G 98 28.95 -70.14 41.86
CA LEU G 98 27.49 -70.09 41.91
C LEU G 98 27.06 -68.71 42.43
N ASP G 99 27.13 -67.72 41.54
CA ASP G 99 26.69 -66.38 41.86
C ASP G 99 25.18 -66.27 41.65
N LEU G 100 24.65 -65.06 41.85
CA LEU G 100 23.22 -64.86 41.67
C LEU G 100 22.79 -65.12 40.23
N LEU G 101 23.72 -65.09 39.28
CA LEU G 101 23.37 -65.24 37.87
C LEU G 101 23.26 -66.70 37.48
N SER G 102 24.30 -67.48 37.75
CA SER G 102 24.36 -68.87 37.30
C SER G 102 23.78 -69.86 38.30
N ALA G 103 23.44 -69.43 39.51
CA ALA G 103 23.03 -70.37 40.55
C ALA G 103 21.78 -71.13 40.15
N HIS G 104 20.72 -70.43 39.75
CA HIS G 104 19.46 -71.09 39.46
C HIS G 104 19.59 -72.05 38.29
N ASN G 105 20.14 -71.57 37.17
CA ASN G 105 20.26 -72.40 35.99
C ASN G 105 21.14 -73.62 36.25
N LYS G 106 22.26 -73.42 36.95
CA LYS G 106 23.14 -74.55 37.25
C LYS G 106 22.45 -75.55 38.16
N LEU G 107 21.70 -75.06 39.16
CA LEU G 107 21.15 -75.94 40.17
C LEU G 107 19.86 -76.63 39.72
N ILE G 108 19.22 -76.16 38.65
CA ILE G 108 18.07 -76.89 38.13
C ILE G 108 18.45 -78.33 37.80
N GLY G 109 19.64 -78.52 37.21
CA GLY G 109 20.16 -79.84 36.97
C GLY G 109 19.47 -80.54 35.82
N PRO G 110 19.67 -81.85 35.72
CA PRO G 110 19.09 -82.61 34.61
C PRO G 110 17.68 -83.10 34.90
N GLY G 111 16.92 -83.27 33.81
CA GLY G 111 15.58 -83.80 33.93
C GLY G 111 14.68 -82.91 34.77
N LEU G 112 13.72 -83.54 35.44
CA LEU G 112 12.76 -82.86 36.29
C LEU G 112 12.79 -83.49 37.68
N GLY G 113 12.61 -82.65 38.70
CA GLY G 113 12.54 -83.14 40.07
C GLY G 113 13.79 -83.85 40.53
N GLU G 114 14.96 -83.27 40.25
CA GLU G 114 16.24 -83.88 40.62
C GLU G 114 17.20 -82.93 41.32
N GLY G 115 17.01 -81.62 41.26
CA GLY G 115 17.97 -80.68 41.76
C GLY G 115 17.63 -80.12 43.13
N PRO G 116 18.63 -79.54 43.80
CA PRO G 116 18.35 -78.82 45.06
C PRO G 116 17.38 -77.67 44.87
N MET G 117 17.36 -77.05 43.69
CA MET G 117 16.31 -76.09 43.40
C MET G 117 14.94 -76.75 43.51
N TRP G 118 14.82 -77.99 43.03
CA TRP G 118 13.55 -78.70 43.15
C TRP G 118 13.26 -79.05 44.61
N TRP G 119 14.29 -79.39 45.38
CA TRP G 119 14.08 -79.62 46.82
C TRP G 119 13.52 -78.37 47.47
N LEU G 120 14.09 -77.21 47.14
CA LEU G 120 13.59 -75.95 47.70
C LEU G 120 12.15 -75.69 47.26
N LEU G 121 11.85 -75.95 45.99
CA LEU G 121 10.49 -75.75 45.50
C LEU G 121 9.50 -76.63 46.27
N LEU G 122 9.85 -77.90 46.49
CA LEU G 122 8.97 -78.79 47.22
C LEU G 122 8.80 -78.36 48.67
N ALA G 123 9.88 -77.91 49.31
CA ALA G 123 9.77 -77.42 50.68
C ALA G 123 8.87 -76.21 50.76
N CYS G 124 9.03 -75.27 49.82
CA CYS G 124 8.19 -74.09 49.80
C CYS G 124 6.74 -74.45 49.57
N GLY G 125 6.48 -75.44 48.71
CA GLY G 125 5.11 -75.89 48.50
C GLY G 125 4.51 -76.51 49.74
N VAL G 126 5.29 -77.31 50.46
CA VAL G 126 4.82 -77.89 51.71
C VAL G 126 4.47 -76.78 52.69
N ILE G 127 5.31 -75.75 52.77
CA ILE G 127 5.03 -74.63 53.65
C ILE G 127 3.76 -73.92 53.22
N GLU G 128 3.60 -73.69 51.91
CA GLU G 128 2.43 -72.96 51.41
C GLU G 128 1.14 -73.70 51.69
N SER G 129 1.17 -75.03 51.61
CA SER G 129 -0.07 -75.80 51.75
C SER G 129 -0.74 -75.58 53.10
N PHE G 130 0.00 -75.18 54.13
CA PHE G 130 -0.62 -74.92 55.43
C PHE G 130 -1.52 -73.69 55.38
N ARG G 131 -1.23 -72.74 54.50
CA ARG G 131 -2.10 -71.58 54.37
C ARG G 131 -3.48 -71.98 53.90
N PHE G 132 -3.58 -73.03 53.08
CA PHE G 132 -4.89 -73.53 52.68
C PHE G 132 -5.66 -74.07 53.88
N LYS G 133 -4.97 -74.80 54.77
CA LYS G 133 -5.63 -75.23 55.99
C LYS G 133 -6.11 -74.03 56.80
N GLN G 134 -5.30 -72.98 56.88
CA GLN G 134 -5.65 -71.83 57.72
C GLN G 134 -6.84 -71.07 57.15
N VAL G 135 -6.81 -70.74 55.86
CA VAL G 135 -7.80 -69.84 55.27
C VAL G 135 -8.69 -70.57 54.28
N GLY G 136 -8.91 -71.86 54.49
CA GLY G 136 -9.79 -72.63 53.63
C GLY G 136 -9.10 -73.04 52.35
N LEU G 137 -9.79 -73.92 51.61
CA LEU G 137 -9.21 -74.46 50.37
C LEU G 137 -9.01 -73.37 49.33
N ALA G 138 -9.99 -72.48 49.17
CA ALA G 138 -9.98 -71.48 48.11
C ALA G 138 -9.80 -70.06 48.66
N PHE G 139 -9.14 -69.93 49.80
CA PHE G 139 -8.92 -68.63 50.42
C PHE G 139 -10.24 -67.91 50.70
N GLU G 140 -11.29 -68.68 50.96
CA GLU G 140 -12.59 -68.08 51.26
C GLU G 140 -12.54 -67.29 52.56
N SER G 141 -11.82 -67.80 53.56
CA SER G 141 -11.71 -67.16 54.87
C SER G 141 -10.66 -66.08 54.92
N LEU G 142 -9.92 -65.84 53.83
CA LEU G 142 -8.90 -64.80 53.81
C LEU G 142 -9.58 -63.45 53.93
N THR G 143 -9.47 -62.83 55.10
CA THR G 143 -10.01 -61.51 55.37
C THR G 143 -8.87 -60.50 55.46
N THR G 144 -9.25 -59.23 55.66
CA THR G 144 -8.26 -58.17 55.77
C THR G 144 -7.57 -58.16 57.13
N GLU G 145 -8.20 -58.70 58.16
CA GLU G 145 -7.63 -58.73 59.50
C GLU G 145 -6.85 -60.00 59.77
N ASN G 146 -6.80 -60.93 58.83
CA ASN G 146 -5.98 -62.14 58.97
C ASN G 146 -5.13 -62.40 57.74
N ALA G 147 -5.06 -61.46 56.80
CA ALA G 147 -4.26 -61.63 55.59
C ALA G 147 -2.78 -61.63 55.96
N GLY G 148 -2.06 -62.68 55.57
CA GLY G 148 -0.65 -62.79 55.83
C GLY G 148 -0.29 -63.28 57.21
N ASP G 149 -1.27 -63.53 58.08
CA ASP G 149 -1.02 -64.00 59.44
C ASP G 149 -1.01 -65.52 59.44
N LEU G 150 0.15 -66.10 59.70
CA LEU G 150 0.31 -67.55 59.72
C LEU G 150 0.28 -68.13 61.13
N GLY G 151 -0.06 -67.32 62.13
CA GLY G 151 -0.21 -67.82 63.49
C GLY G 151 1.05 -67.90 64.29
N LEU G 152 2.18 -67.42 63.78
CA LEU G 152 3.44 -67.43 64.52
C LEU G 152 3.45 -66.26 65.50
N ARG G 153 3.54 -66.55 66.79
CA ARG G 153 3.51 -65.55 67.84
C ARG G 153 4.64 -65.80 68.85
N MET G 154 5.83 -66.05 68.33
CA MET G 154 7.03 -66.20 69.16
C MET G 154 7.85 -64.93 69.08
N PHE G 155 8.29 -64.42 70.23
CA PHE G 155 9.04 -63.18 70.30
C PHE G 155 8.22 -62.03 69.72
N ALA G 156 7.01 -61.86 70.28
CA ALA G 156 6.04 -60.91 69.76
C ALA G 156 5.62 -59.93 70.86
N PRO G 157 5.23 -58.71 70.50
CA PRO G 157 4.71 -57.79 71.52
C PRO G 157 3.45 -58.34 72.17
N SER G 158 3.33 -58.10 73.48
CA SER G 158 2.15 -58.56 74.20
C SER G 158 0.95 -57.67 73.93
N SER G 159 1.17 -56.37 73.79
CA SER G 159 0.06 -55.42 73.63
C SER G 159 -0.39 -55.35 72.18
N ALA G 160 -1.65 -54.96 72.00
CA ALA G 160 -2.19 -54.78 70.65
C ALA G 160 -1.48 -53.66 69.91
N GLU G 161 -1.19 -52.56 70.61
CA GLU G 161 -0.46 -51.46 69.97
C GLU G 161 0.93 -51.90 69.58
N GLY G 162 1.60 -52.66 70.44
CA GLY G 162 2.92 -53.19 70.07
C GLY G 162 2.86 -54.11 68.88
N MET G 163 1.83 -54.97 68.82
CA MET G 163 1.68 -55.86 67.68
C MET G 163 1.46 -55.06 66.40
N GLU G 164 0.64 -54.02 66.46
CA GLU G 164 0.44 -53.17 65.28
C GLU G 164 1.73 -52.49 64.86
N SER G 165 2.51 -52.01 65.84
CA SER G 165 3.78 -51.36 65.52
C SER G 165 4.73 -52.34 64.84
N MET G 166 4.80 -53.58 65.36
CA MET G 166 5.65 -54.58 64.72
C MET G 166 5.14 -54.94 63.33
N LYS G 167 3.85 -54.90 63.09
CA LYS G 167 3.37 -55.16 61.76
C LYS G 167 3.79 -54.08 60.84
N MET G 168 3.79 -52.83 61.27
CA MET G 168 4.28 -51.76 60.42
C MET G 168 5.75 -51.86 60.19
N LYS G 169 6.50 -52.29 61.18
CA LYS G 169 7.92 -52.47 60.96
C LYS G 169 8.01 -53.49 59.89
N GLU G 170 7.34 -54.61 60.02
CA GLU G 170 7.48 -55.70 59.06
C GLU G 170 7.13 -55.23 57.65
N LEU G 171 6.06 -54.45 57.51
CA LEU G 171 5.66 -53.99 56.19
C LEU G 171 6.71 -53.06 55.60
N LYS G 172 7.25 -52.15 56.41
CA LYS G 172 8.28 -51.24 55.92
C LYS G 172 9.53 -52.02 55.50
N ASN G 173 9.98 -52.95 56.34
CA ASN G 173 11.14 -53.75 56.01
C ASN G 173 10.91 -54.57 54.75
N GLY G 174 9.72 -55.13 54.60
CA GLY G 174 9.42 -55.92 53.42
C GLY G 174 9.39 -55.10 52.15
N ARG G 175 8.78 -53.92 52.21
CA ARG G 175 8.77 -53.06 51.02
C ARG G 175 10.19 -52.64 50.65
N LEU G 176 10.99 -52.27 51.65
CA LEU G 176 12.38 -51.92 51.37
C LEU G 176 13.14 -53.10 50.80
N ALA G 177 12.90 -54.30 51.32
CA ALA G 177 13.60 -55.48 50.84
C ALA G 177 13.18 -55.84 49.42
N MET G 178 11.89 -55.67 49.09
CA MET G 178 11.45 -55.87 47.72
C MET G 178 12.18 -54.94 46.77
N LEU G 179 12.18 -53.64 47.08
CA LEU G 179 12.87 -52.69 46.21
C LEU G 179 14.36 -53.00 46.15
N ALA G 180 14.95 -53.35 47.29
CA ALA G 180 16.39 -53.60 47.35
C ALA G 180 16.78 -54.84 46.57
N ILE G 181 15.98 -55.91 46.66
CA ILE G 181 16.29 -57.13 45.92
C ILE G 181 16.11 -56.89 44.43
N GLY G 182 15.07 -56.15 44.05
CA GLY G 182 14.92 -55.81 42.64
C GLY G 182 16.14 -55.05 42.12
N GLY G 183 16.55 -54.02 42.85
CA GLY G 183 17.70 -53.25 42.43
C GLY G 183 18.98 -54.06 42.44
N ALA G 184 19.17 -54.89 43.46
CA ALA G 184 20.39 -55.68 43.56
C ALA G 184 20.49 -56.67 42.41
N LEU G 185 19.40 -57.37 42.12
CA LEU G 185 19.42 -58.33 41.02
C LEU G 185 19.66 -57.62 39.68
N THR G 186 18.92 -56.54 39.44
CA THR G 186 19.07 -55.82 38.18
C THR G 186 20.50 -55.33 38.01
N GLN G 187 21.05 -54.68 39.04
CA GLN G 187 22.41 -54.16 38.95
C GLN G 187 23.43 -55.28 38.81
N GLY G 188 23.27 -56.35 39.58
CA GLY G 188 24.23 -57.43 39.52
C GLY G 188 24.30 -58.07 38.15
N VAL G 189 23.14 -58.29 37.52
CA VAL G 189 23.17 -58.86 36.17
C VAL G 189 23.68 -57.82 35.18
N LEU G 190 23.23 -56.58 35.27
CA LEU G 190 23.60 -55.58 34.27
C LEU G 190 25.10 -55.32 34.27
N PHE G 191 25.66 -55.03 35.44
CA PHE G 191 27.09 -54.90 35.63
C PHE G 191 27.55 -56.07 36.49
N ASN G 192 28.60 -56.77 36.05
CA ASN G 192 28.92 -58.06 36.64
C ASN G 192 29.46 -57.86 38.05
N ALA G 193 28.57 -57.47 38.97
CA ALA G 193 28.88 -57.35 40.40
C ALA G 193 27.81 -58.14 41.13
N HIS G 194 28.06 -59.43 41.33
CA HIS G 194 27.08 -60.34 41.90
C HIS G 194 27.18 -60.42 43.42
N HIS G 195 28.05 -59.65 44.06
CA HIS G 195 28.28 -59.72 45.49
C HIS G 195 27.83 -58.42 46.15
N PHE G 196 28.06 -58.32 47.45
CA PHE G 196 27.36 -57.35 48.29
C PHE G 196 27.34 -55.94 47.72
N PRO G 197 28.46 -55.35 47.27
CA PRO G 197 28.37 -53.98 46.75
C PRO G 197 27.39 -53.84 45.61
N PHE G 198 27.29 -54.86 44.75
CA PHE G 198 26.36 -54.83 43.62
C PHE G 198 26.56 -53.58 42.76
N MET G 199 27.81 -53.12 42.66
CA MET G 199 28.16 -51.93 41.91
C MET G 199 29.38 -52.24 41.05
N SER G 200 29.14 -52.56 39.78
CA SER G 200 30.20 -52.82 38.82
C SER G 200 31.36 -53.62 39.43
N PRO H 80 -27.73 65.18 -40.31
CA PRO H 80 -27.53 65.59 -41.70
C PRO H 80 -26.63 64.63 -42.47
N PHE H 81 -25.86 65.16 -43.42
CA PHE H 81 -24.94 64.35 -44.21
C PHE H 81 -23.55 64.42 -43.59
N ALA H 82 -22.96 63.24 -43.35
CA ALA H 82 -21.62 63.15 -42.77
C ALA H 82 -21.56 63.90 -41.44
N GLY H 83 -22.63 63.77 -40.65
CA GLY H 83 -22.65 64.37 -39.32
C GLY H 83 -22.50 65.87 -39.33
N GLY H 84 -23.07 66.54 -40.34
CA GLY H 84 -23.02 67.99 -40.37
C GLY H 84 -21.65 68.58 -40.57
N LEU H 85 -20.68 67.77 -41.01
CA LEU H 85 -19.34 68.28 -41.24
C LEU H 85 -19.32 69.25 -42.41
N ILE H 86 -18.39 70.20 -42.36
CA ILE H 86 -18.27 71.20 -43.41
C ILE H 86 -17.51 70.61 -44.60
N GLY H 87 -17.63 71.27 -45.75
CA GLY H 87 -16.89 70.90 -46.93
C GLY H 87 -17.69 70.15 -47.98
N GLY H 88 -18.94 69.78 -47.68
CA GLY H 88 -19.73 69.01 -48.62
C GLY H 88 -20.71 69.84 -49.42
N GLU H 89 -20.48 71.14 -49.49
CA GLU H 89 -21.39 72.07 -50.16
C GLU H 89 -20.86 72.44 -51.53
N SER H 90 -21.76 72.44 -52.51
CA SER H 90 -21.39 72.78 -53.88
C SER H 90 -21.14 74.28 -54.00
N ALA H 91 -20.39 74.65 -55.04
CA ALA H 91 -20.16 76.06 -55.32
C ALA H 91 -21.47 76.78 -55.61
N PHE H 92 -22.35 76.15 -56.37
CA PHE H 92 -23.65 76.75 -56.65
C PHE H 92 -24.50 76.79 -55.39
N ALA H 93 -25.16 77.92 -55.17
CA ALA H 93 -25.95 78.12 -53.96
C ALA H 93 -27.27 77.36 -54.07
N GLY H 94 -27.56 76.57 -53.03
CA GLY H 94 -28.78 75.79 -52.96
C GLY H 94 -28.60 74.32 -53.26
N GLN H 95 -27.47 73.92 -53.83
CA GLN H 95 -27.19 72.52 -54.13
C GLN H 95 -26.01 72.06 -53.29
N ASP H 96 -26.15 70.89 -52.66
CA ASP H 96 -25.09 70.31 -51.84
C ASP H 96 -24.36 69.26 -52.67
N PHE H 97 -23.07 69.46 -52.88
CA PHE H 97 -22.28 68.51 -53.66
C PHE H 97 -22.28 67.14 -52.98
N ASN H 98 -22.06 67.11 -51.67
CA ASN H 98 -22.15 65.89 -50.87
C ASN H 98 -21.49 64.72 -51.58
N PHE H 99 -20.20 64.86 -51.83
CA PHE H 99 -19.44 63.89 -52.62
C PHE H 99 -19.06 62.71 -51.73
N ASP H 100 -19.89 61.67 -51.73
CA ASP H 100 -19.56 60.39 -51.09
C ASP H 100 -20.02 59.26 -52.01
N PRO H 101 -19.35 59.08 -53.15
CA PRO H 101 -19.78 58.03 -54.08
C PRO H 101 -19.86 56.65 -53.46
N LEU H 102 -18.92 56.30 -52.58
CA LEU H 102 -18.91 55.00 -51.93
C LEU H 102 -19.74 54.98 -50.66
N GLY H 103 -20.37 56.08 -50.29
CA GLY H 103 -21.16 56.12 -49.08
C GLY H 103 -20.35 55.80 -47.84
N LEU H 104 -19.09 56.24 -47.81
CA LEU H 104 -18.22 55.88 -46.70
C LEU H 104 -18.66 56.53 -45.39
N ALA H 105 -19.24 57.72 -45.46
CA ALA H 105 -19.75 58.36 -44.25
C ALA H 105 -20.80 57.49 -43.58
N THR H 106 -21.81 57.07 -44.35
CA THR H 106 -22.86 56.22 -43.78
C THR H 106 -22.30 54.87 -43.37
N LYS H 107 -21.41 54.30 -44.18
CA LYS H 107 -20.87 52.98 -43.86
C LYS H 107 -20.09 53.01 -42.55
N CYS H 108 -19.27 54.05 -42.35
CA CYS H 108 -18.47 54.20 -41.13
C CYS H 108 -18.68 55.63 -40.63
N GLU H 109 -19.79 55.86 -39.94
CA GLU H 109 -20.06 57.16 -39.34
C GLU H 109 -19.26 57.40 -38.07
N LYS H 110 -19.01 56.35 -37.28
CA LYS H 110 -18.29 56.54 -36.03
C LYS H 110 -16.87 57.02 -36.23
N PHE H 111 -16.34 56.90 -37.44
CA PHE H 111 -15.00 57.34 -37.78
C PHE H 111 -14.98 58.67 -38.52
N LEU H 112 -16.09 59.40 -38.53
CA LEU H 112 -16.14 60.66 -39.27
C LEU H 112 -15.19 61.72 -38.71
N PRO H 113 -15.10 61.93 -37.40
CA PRO H 113 -14.09 62.87 -36.90
C PRO H 113 -12.69 62.49 -37.31
N TRP H 114 -12.36 61.21 -37.27
CA TRP H 114 -11.04 60.76 -37.70
C TRP H 114 -10.82 61.01 -39.17
N PHE H 115 -11.86 60.78 -39.99
CA PHE H 115 -11.76 61.06 -41.41
C PHE H 115 -11.50 62.54 -41.67
N ARG H 116 -12.20 63.41 -40.96
CA ARG H 116 -12.00 64.85 -41.14
C ARG H 116 -10.60 65.26 -40.70
N GLU H 117 -10.13 64.72 -39.57
CA GLU H 117 -8.78 65.02 -39.12
C GLU H 117 -7.76 64.59 -40.17
N ALA H 118 -7.93 63.37 -40.72
CA ALA H 118 -7.01 62.89 -41.73
C ALA H 118 -7.07 63.74 -42.99
N GLU H 119 -8.27 64.14 -43.41
CA GLU H 119 -8.40 64.97 -44.60
C GLU H 119 -7.67 66.28 -44.42
N LEU H 120 -7.89 66.95 -43.28
CA LEU H 120 -7.24 68.23 -43.05
C LEU H 120 -5.73 68.06 -42.93
N LYS H 121 -5.27 66.98 -42.29
CA LYS H 121 -3.84 66.75 -42.17
C LYS H 121 -3.21 66.52 -43.54
N HIS H 122 -3.86 65.72 -44.39
CA HIS H 122 -3.35 65.51 -45.74
C HIS H 122 -3.31 66.83 -46.49
N GLY H 123 -4.36 67.63 -46.37
CA GLY H 123 -4.37 68.91 -47.06
C GLY H 123 -3.26 69.83 -46.60
N ARG H 124 -2.99 69.85 -45.30
CA ARG H 124 -1.93 70.70 -44.76
C ARG H 124 -0.56 70.24 -45.26
N ILE H 125 -0.28 68.94 -45.13
CA ILE H 125 1.00 68.41 -45.60
C ILE H 125 1.15 68.66 -47.09
N ALA H 126 0.04 68.58 -47.85
CA ALA H 126 0.12 68.75 -49.29
C ALA H 126 0.33 70.21 -49.68
N MET H 127 -0.37 71.13 -49.01
CA MET H 127 -0.14 72.55 -49.29
C MET H 127 1.30 72.93 -49.00
N LEU H 128 1.89 72.36 -47.94
CA LEU H 128 3.31 72.60 -47.70
C LEU H 128 4.17 71.92 -48.77
N ALA H 129 3.82 70.69 -49.16
CA ALA H 129 4.69 69.91 -50.02
C ALA H 129 4.73 70.45 -51.44
N TRP H 130 3.65 71.05 -51.93
CA TRP H 130 3.69 71.61 -53.27
C TRP H 130 4.67 72.78 -53.34
N VAL H 131 4.58 73.71 -52.39
CA VAL H 131 5.54 74.80 -52.34
C VAL H 131 6.93 74.25 -52.09
N GLY H 132 7.05 73.13 -51.37
CA GLY H 132 8.34 72.50 -51.20
C GLY H 132 8.87 71.84 -52.47
N LEU H 133 7.98 71.49 -53.39
CA LEU H 133 8.41 71.03 -54.70
C LEU H 133 8.85 72.19 -55.58
N VAL H 134 8.24 73.35 -55.40
CA VAL H 134 8.54 74.49 -56.27
C VAL H 134 9.80 75.23 -55.81
N ALA H 135 9.88 75.56 -54.53
CA ALA H 135 10.94 76.47 -54.06
C ALA H 135 12.35 75.92 -54.25
N PRO H 136 12.65 74.66 -53.94
CA PRO H 136 14.05 74.19 -54.09
C PRO H 136 14.66 74.52 -55.43
N GLU H 137 13.86 74.56 -56.50
CA GLU H 137 14.39 74.97 -57.79
C GLU H 137 14.93 76.39 -57.75
N PHE H 138 14.21 77.30 -57.07
CA PHE H 138 14.64 78.69 -57.00
C PHE H 138 15.80 78.87 -56.03
N VAL H 139 15.76 78.20 -54.87
CA VAL H 139 16.79 78.38 -53.85
C VAL H 139 17.05 77.05 -53.16
N ARG H 140 18.30 76.84 -52.75
CA ARG H 140 18.71 75.67 -52.00
C ARG H 140 19.63 76.10 -50.87
N ILE H 141 19.36 75.65 -49.66
CA ILE H 141 20.20 75.97 -48.51
C ILE H 141 21.47 75.13 -48.61
N PRO H 142 22.64 75.67 -48.24
CA PRO H 142 23.90 74.93 -48.43
C PRO H 142 24.24 73.97 -47.29
N GLY H 143 23.45 72.92 -47.16
CA GLY H 143 23.71 71.89 -46.18
C GLY H 143 24.73 70.90 -46.70
N PRO H 144 24.84 69.74 -46.05
CA PRO H 144 25.74 68.71 -46.57
C PRO H 144 25.37 68.34 -47.99
N GLU H 145 26.39 68.19 -48.84
CA GLU H 145 26.15 67.97 -50.26
C GLU H 145 25.66 66.55 -50.57
N GLN H 146 25.65 65.66 -49.57
CA GLN H 146 25.13 64.32 -49.82
C GLN H 146 23.67 64.37 -50.27
N CYS H 147 22.91 65.34 -49.78
CA CYS H 147 21.53 65.53 -50.19
C CYS H 147 21.28 66.89 -50.84
N TYR H 148 21.76 67.97 -50.22
CA TYR H 148 21.40 69.30 -50.68
C TYR H 148 21.97 69.60 -52.06
N GLY H 149 22.76 68.67 -52.61
CA GLY H 149 23.19 68.76 -53.99
C GLY H 149 22.31 67.95 -54.92
N ALA H 150 21.13 67.55 -54.44
CA ALA H 150 20.23 66.73 -55.23
C ALA H 150 19.82 67.45 -56.50
N LYS H 151 19.76 66.71 -57.61
CA LYS H 151 19.43 67.31 -58.89
C LYS H 151 18.00 67.85 -58.92
N THR H 152 17.05 67.07 -58.42
CA THR H 152 15.64 67.44 -58.50
C THR H 152 14.90 66.89 -57.28
N VAL H 153 13.67 67.37 -57.11
CA VAL H 153 12.86 66.97 -55.96
C VAL H 153 12.63 65.47 -55.94
N VAL H 154 12.63 64.83 -57.10
CA VAL H 154 12.39 63.39 -57.16
C VAL H 154 13.49 62.64 -56.42
N GLU H 155 14.75 63.02 -56.67
CA GLU H 155 15.89 62.40 -56.01
C GLU H 155 16.20 63.02 -54.65
N ALA H 156 15.57 64.15 -54.32
CA ALA H 156 15.86 64.81 -53.05
C ALA H 156 15.52 63.91 -51.88
N HIS H 157 14.37 63.22 -51.94
CA HIS H 157 13.98 62.36 -50.82
C HIS H 157 14.98 61.23 -50.64
N ASN H 158 15.37 60.57 -51.73
CA ASN H 158 16.32 59.47 -51.62
C ASN H 158 17.67 59.95 -51.12
N ALA H 159 18.10 61.14 -51.55
CA ALA H 159 19.38 61.65 -51.09
C ALA H 159 19.34 62.00 -49.61
N CYS H 160 18.26 62.64 -49.14
CA CYS H 160 18.20 63.06 -47.75
C CYS H 160 17.88 61.92 -46.80
N ALA H 161 17.17 60.89 -47.25
CA ALA H 161 16.88 59.76 -46.38
C ALA H 161 18.11 58.93 -46.08
N GLY H 162 19.21 59.15 -46.80
CA GLY H 162 20.41 58.37 -46.59
C GLY H 162 20.26 56.96 -47.12
N ASP H 163 21.23 56.13 -46.73
CA ASP H 163 21.24 54.72 -47.12
C ASP H 163 21.48 53.86 -45.88
N PRO H 164 20.56 53.88 -44.92
CA PRO H 164 20.71 53.05 -43.73
C PRO H 164 20.49 51.59 -44.06
N TYR H 165 21.04 50.73 -43.20
CA TYR H 165 20.85 49.29 -43.39
C TYR H 165 19.39 48.89 -43.28
N PHE H 166 18.61 49.65 -42.51
CA PHE H 166 17.16 49.51 -42.44
C PHE H 166 16.54 50.89 -42.60
N PRO H 167 15.32 50.97 -43.15
CA PRO H 167 14.76 52.29 -43.51
C PRO H 167 14.97 53.37 -42.48
N PHE H 168 14.49 53.18 -41.25
CA PHE H 168 14.53 54.21 -40.22
C PHE H 168 15.43 53.80 -39.05
N ILE H 169 16.59 53.23 -39.37
CA ILE H 169 17.53 52.73 -38.36
C ILE H 169 18.77 53.60 -38.38
N ILE H 170 19.12 54.16 -37.22
CA ILE H 170 20.34 54.92 -37.08
C ILE H 170 21.54 53.97 -37.09
N ASP H 171 22.62 54.38 -37.72
CA ASP H 171 23.87 53.63 -37.66
C ASP H 171 24.52 53.84 -36.30
N ALA H 172 24.80 52.74 -35.61
CA ALA H 172 25.37 52.82 -34.26
C ALA H 172 26.89 52.81 -34.28
N THR H 173 27.50 51.91 -35.05
CA THR H 173 28.96 51.84 -35.11
C THR H 173 29.54 53.12 -35.72
N ASP H 174 28.91 53.63 -36.77
CA ASP H 174 29.38 54.82 -37.48
C ASP H 174 28.30 55.89 -37.31
N PHE H 175 28.38 56.63 -36.20
CA PHE H 175 27.35 57.61 -35.90
C PHE H 175 27.40 58.81 -36.82
N TYR H 176 28.61 59.22 -37.22
CA TYR H 176 28.80 60.43 -38.01
C TYR H 176 28.81 60.14 -39.51
N GLY H 177 28.40 58.96 -39.94
CA GLY H 177 28.23 58.67 -41.36
C GLY H 177 29.50 58.69 -42.17
N LYS H 178 30.60 58.15 -41.63
CA LYS H 178 31.82 58.03 -42.42
C LYS H 178 31.74 56.89 -43.43
N ASP H 179 30.99 55.84 -43.11
CA ASP H 179 30.80 54.72 -44.04
C ASP H 179 29.70 54.97 -45.06
N GLY H 180 28.98 56.09 -44.96
CA GLY H 180 27.95 56.41 -45.92
C GLY H 180 26.63 55.68 -45.71
N HIS H 181 26.44 55.04 -44.56
CA HIS H 181 25.24 54.28 -44.27
C HIS H 181 24.49 54.87 -43.09
N GLN H 182 24.40 56.20 -43.04
CA GLN H 182 23.76 56.92 -41.96
C GLN H 182 22.52 57.65 -42.47
N VAL H 183 21.48 57.68 -41.63
CA VAL H 183 20.27 58.41 -41.98
C VAL H 183 20.61 59.89 -42.08
N GLY H 184 19.89 60.60 -42.95
CA GLY H 184 20.14 61.99 -43.22
C GLY H 184 19.19 62.92 -42.50
N PRO H 185 19.15 64.19 -42.94
CA PRO H 185 18.30 65.18 -42.25
C PRO H 185 16.83 64.83 -42.27
N LEU H 186 16.38 64.03 -43.24
CA LEU H 186 14.98 63.61 -43.25
C LEU H 186 14.66 62.78 -42.01
N PHE H 187 15.65 62.08 -41.45
CA PHE H 187 15.40 61.38 -40.19
C PHE H 187 15.16 62.36 -39.06
N GLN H 188 15.92 63.45 -39.01
CA GLN H 188 15.69 64.46 -37.98
C GLN H 188 14.29 65.04 -38.10
N VAL H 189 13.91 65.44 -39.31
CA VAL H 189 12.59 66.04 -39.48
C VAL H 189 11.50 65.01 -39.20
N PHE H 190 11.74 63.74 -39.54
CA PHE H 190 10.77 62.69 -39.25
C PHE H 190 10.60 62.49 -37.74
N ALA H 191 11.71 62.50 -37.00
CA ALA H 191 11.61 62.35 -35.54
C ALA H 191 10.84 63.52 -34.93
N PHE H 192 11.12 64.74 -35.39
CA PHE H 192 10.38 65.88 -34.85
C PHE H 192 8.90 65.82 -35.23
N CYS H 193 8.61 65.38 -36.46
CA CYS H 193 7.21 65.20 -36.87
C CYS H 193 6.53 64.17 -35.98
N GLY H 194 7.22 63.08 -35.66
CA GLY H 194 6.65 62.08 -34.79
C GLY H 194 6.37 62.60 -33.39
N ALA H 195 7.31 63.38 -32.85
CA ALA H 195 7.08 63.99 -31.54
C ALA H 195 5.85 64.90 -31.59
N VAL H 196 5.76 65.74 -32.61
CA VAL H 196 4.63 66.66 -32.72
C VAL H 196 3.32 65.88 -32.86
N GLU H 197 3.33 64.81 -33.66
CA GLU H 197 2.12 64.01 -33.83
C GLU H 197 1.69 63.38 -32.52
N MET H 198 2.62 62.72 -31.83
CA MET H 198 2.29 62.07 -30.57
C MET H 198 1.82 63.08 -29.53
N LEU H 199 2.30 64.32 -29.59
CA LEU H 199 1.94 65.31 -28.60
C LEU H 199 0.71 66.13 -28.99
N THR H 200 0.26 66.08 -30.25
CA THR H 200 -0.93 66.82 -30.66
C THR H 200 -2.10 65.92 -31.03
N THR H 201 -1.94 65.04 -32.03
CA THR H 201 -3.10 64.31 -32.53
C THR H 201 -3.45 63.15 -31.61
N PHE H 202 -2.47 62.29 -31.32
CA PHE H 202 -2.71 61.23 -30.35
C PHE H 202 -3.13 61.80 -29.00
N ALA H 203 -2.54 62.94 -28.62
CA ALA H 203 -2.91 63.57 -27.36
C ALA H 203 -4.38 63.97 -27.36
N LYS H 204 -4.83 64.61 -28.43
CA LYS H 204 -6.22 65.05 -28.49
C LYS H 204 -7.19 63.86 -28.57
N THR H 205 -6.76 62.76 -29.19
CA THR H 205 -7.68 61.67 -29.46
C THR H 205 -7.75 60.65 -28.33
N ALA H 206 -6.60 60.23 -27.79
CA ALA H 206 -6.54 59.07 -26.91
C ALA H 206 -6.41 59.43 -25.43
N ASN H 207 -6.10 60.67 -25.09
CA ASN H 207 -5.88 61.01 -23.68
C ASN H 207 -7.11 60.70 -22.85
N VAL H 208 -6.89 60.09 -21.69
CA VAL H 208 -8.00 59.79 -20.78
C VAL H 208 -8.58 61.08 -20.20
N SER H 209 -7.71 62.03 -19.88
CA SER H 209 -8.14 63.30 -19.29
C SER H 209 -8.80 64.22 -20.29
N ASN H 210 -9.04 63.77 -21.52
CA ASN H 210 -9.74 64.52 -22.56
C ASN H 210 -10.83 63.61 -23.09
N LYS H 211 -11.99 63.61 -22.42
CA LYS H 211 -12.98 62.57 -22.68
C LYS H 211 -13.77 62.87 -23.95
N PRO H 212 -14.31 64.07 -24.13
CA PRO H 212 -14.91 64.37 -25.44
C PRO H 212 -13.93 64.18 -26.58
N GLY H 213 -12.67 64.55 -26.34
CA GLY H 213 -11.61 64.21 -27.28
C GLY H 213 -11.90 64.72 -28.68
N LEU H 214 -11.68 63.85 -29.65
CA LEU H 214 -11.85 64.19 -31.06
C LEU H 214 -13.30 63.96 -31.46
N THR H 215 -14.00 65.04 -31.78
CA THR H 215 -15.40 64.99 -32.21
C THR H 215 -15.53 65.70 -33.56
N LEU H 216 -16.74 65.68 -34.10
CA LEU H 216 -16.97 66.32 -35.39
C LEU H 216 -16.72 67.82 -35.31
N ALA H 217 -17.13 68.45 -34.21
CA ALA H 217 -17.03 69.90 -34.11
C ALA H 217 -15.57 70.35 -34.11
N ASN H 218 -14.70 69.66 -33.38
CA ASN H 218 -13.33 70.09 -33.18
C ASN H 218 -12.34 69.33 -34.04
N ALA H 219 -12.81 68.53 -35.00
CA ALA H 219 -11.91 67.75 -35.83
C ALA H 219 -10.98 68.68 -36.61
N GLY H 220 -9.68 68.39 -36.56
CA GLY H 220 -8.70 69.19 -37.25
C GLY H 220 -8.39 70.52 -36.62
N ASP H 221 -8.92 70.78 -35.42
CA ASP H 221 -8.72 72.04 -34.72
C ASP H 221 -7.77 71.80 -33.55
N TYR H 222 -6.57 72.38 -33.64
CA TYR H 222 -5.59 72.33 -32.56
C TYR H 222 -5.42 73.69 -31.89
N ARG H 223 -6.36 74.61 -32.11
CA ARG H 223 -6.36 75.94 -31.50
C ARG H 223 -5.15 76.77 -31.90
N LEU H 224 -4.43 76.37 -32.94
CA LEU H 224 -3.23 77.06 -33.39
C LEU H 224 -3.66 78.20 -34.32
N GLY H 225 -3.59 79.43 -33.83
CA GLY H 225 -4.00 80.58 -34.61
C GLY H 225 -5.48 80.84 -34.60
N ALA H 226 -6.27 80.12 -33.80
CA ALA H 226 -7.70 80.31 -33.78
C ALA H 226 -8.09 81.73 -33.39
N ASN H 227 -7.20 82.47 -32.73
CA ASN H 227 -7.47 83.86 -32.40
C ASN H 227 -7.53 84.75 -33.64
N PHE H 228 -7.09 84.25 -34.80
CA PHE H 228 -7.07 85.05 -36.03
C PHE H 228 -8.38 84.97 -36.80
N LEU H 229 -9.08 83.84 -36.75
CA LEU H 229 -10.24 83.66 -37.60
C LEU H 229 -11.34 84.64 -37.22
N PRO H 230 -12.18 85.04 -38.19
CA PRO H 230 -13.21 86.05 -37.90
C PRO H 230 -14.17 85.58 -36.82
N GLU H 231 -14.64 86.56 -36.04
CA GLU H 231 -15.55 86.25 -34.93
C GLU H 231 -16.85 85.63 -35.43
N ASP H 232 -17.39 86.14 -36.53
CA ASP H 232 -18.68 85.66 -37.02
C ASP H 232 -18.60 84.17 -37.32
N GLU H 233 -19.64 83.44 -36.90
CA GLU H 233 -19.65 81.99 -37.13
C GLU H 233 -19.75 81.66 -38.61
N ALA H 234 -20.52 82.43 -39.37
CA ALA H 234 -20.60 82.19 -40.81
C ALA H 234 -19.25 82.40 -41.47
N LYS H 235 -18.53 83.46 -41.09
CA LYS H 235 -17.21 83.69 -41.65
C LYS H 235 -16.22 82.63 -41.20
N ALA H 236 -16.34 82.13 -39.97
CA ALA H 236 -15.49 81.02 -39.55
C ALA H 236 -15.75 79.78 -40.38
N LYS H 237 -17.03 79.48 -40.65
CA LYS H 237 -17.35 78.36 -41.52
C LYS H 237 -16.77 78.55 -42.91
N GLU H 238 -16.87 79.77 -43.45
CA GLU H 238 -16.31 80.04 -44.77
C GLU H 238 -14.80 79.85 -44.77
N MET H 239 -14.12 80.31 -43.72
CA MET H 239 -12.66 80.15 -43.65
C MET H 239 -12.27 78.68 -43.55
N LYS H 240 -13.02 77.91 -42.76
CA LYS H 240 -12.76 76.47 -42.68
C LYS H 240 -12.97 75.81 -44.04
N LEU H 241 -14.02 76.22 -44.76
CA LEU H 241 -14.26 75.69 -46.10
C LEU H 241 -13.12 76.05 -47.04
N LYS H 242 -12.61 77.28 -46.94
CA LYS H 242 -11.48 77.67 -47.77
C LYS H 242 -10.27 76.80 -47.45
N GLU H 243 -10.01 76.55 -46.17
CA GLU H 243 -8.91 75.67 -45.80
C GLU H 243 -9.09 74.29 -46.42
N LEU H 244 -10.29 73.73 -46.30
CA LEU H 244 -10.53 72.39 -46.81
C LEU H 244 -10.35 72.33 -48.33
N LYS H 245 -10.91 73.31 -49.04
CA LYS H 245 -10.81 73.30 -50.50
C LYS H 245 -9.37 73.49 -50.95
N ASN H 246 -8.63 74.41 -50.32
CA ASN H 246 -7.23 74.60 -50.69
C ASN H 246 -6.42 73.36 -50.37
N GLY H 247 -6.71 72.69 -49.26
CA GLY H 247 -5.99 71.46 -48.93
C GLY H 247 -6.27 70.35 -49.91
N ARG H 248 -7.52 70.20 -50.34
CA ARG H 248 -7.85 69.19 -51.34
C ARG H 248 -7.16 69.50 -52.67
N LEU H 249 -7.24 70.76 -53.10
CA LEU H 249 -6.57 71.17 -54.32
C LEU H 249 -5.07 70.92 -54.23
N ALA H 250 -4.48 71.16 -53.05
CA ALA H 250 -3.05 70.93 -52.88
C ALA H 250 -2.72 69.44 -52.89
N MET H 251 -3.60 68.62 -52.31
CA MET H 251 -3.39 67.17 -52.40
C MET H 251 -3.30 66.74 -53.86
N LEU H 252 -4.30 67.12 -54.65
CA LEU H 252 -4.30 66.73 -56.06
C LEU H 252 -3.13 67.33 -56.81
N ALA H 253 -2.82 68.60 -56.55
CA ALA H 253 -1.74 69.27 -57.25
C ALA H 253 -0.39 68.65 -56.93
N PHE H 254 -0.16 68.30 -55.65
CA PHE H 254 1.09 67.66 -55.30
C PHE H 254 1.20 66.28 -55.91
N GLY H 255 0.11 65.51 -55.92
CA GLY H 255 0.15 64.23 -56.59
C GLY H 255 0.55 64.38 -58.05
N GLY H 256 -0.13 65.28 -58.75
CA GLY H 256 0.20 65.50 -60.15
C GLY H 256 1.62 65.99 -60.34
N ALA H 257 2.07 66.92 -59.49
CA ALA H 257 3.39 67.51 -59.63
C ALA H 257 4.47 66.48 -59.42
N ILE H 258 4.37 65.68 -58.36
CA ILE H 258 5.40 64.68 -58.08
C ILE H 258 5.40 63.61 -59.15
N THR H 259 4.22 63.16 -59.59
CA THR H 259 4.19 62.14 -60.64
C THR H 259 4.78 62.67 -61.94
N GLN H 260 4.44 63.91 -62.32
CA GLN H 260 5.01 64.48 -63.53
C GLN H 260 6.51 64.67 -63.39
N ALA H 261 6.98 65.09 -62.22
CA ALA H 261 8.42 65.21 -62.00
C ALA H 261 9.10 63.87 -62.19
N THR H 262 8.52 62.81 -61.65
CA THR H 262 9.11 61.48 -61.84
C THR H 262 9.13 61.10 -63.31
N LEU H 263 8.04 61.35 -64.03
CA LEU H 263 7.94 60.89 -65.41
C LEU H 263 8.90 61.66 -66.32
N THR H 264 8.88 63.00 -66.24
CA THR H 264 9.66 63.82 -67.16
C THR H 264 10.95 64.36 -66.55
N GLY H 265 11.04 64.45 -65.22
CA GLY H 265 12.24 64.96 -64.59
C GLY H 265 12.58 66.37 -65.05
N ASN H 266 11.58 67.25 -65.07
CA ASN H 266 11.74 68.62 -65.55
C ASN H 266 11.52 69.59 -64.40
N GLY H 267 11.56 70.89 -64.73
CA GLY H 267 11.46 71.94 -63.74
C GLY H 267 10.05 72.16 -63.24
N PHE H 268 9.76 73.41 -62.89
CA PHE H 268 8.48 73.72 -62.26
C PHE H 268 7.28 73.39 -63.14
N PRO H 269 7.25 73.71 -64.43
CA PRO H 269 6.01 73.52 -65.20
C PRO H 269 5.44 72.11 -65.08
N TRP H 270 6.29 71.09 -65.10
CA TRP H 270 5.89 69.73 -64.74
C TRP H 270 6.40 69.34 -63.36
N LEU H 271 6.82 70.32 -62.58
CA LEU H 271 7.39 70.13 -61.24
C LEU H 271 8.22 68.87 -61.16
N LEU I 26 5.75 -21.55 70.49
CA LEU I 26 6.48 -20.34 70.06
C LEU I 26 6.16 -19.17 70.98
N THR I 27 6.48 -17.97 70.53
CA THR I 27 6.24 -16.73 71.27
C THR I 27 5.60 -15.71 70.34
N PRO I 28 4.98 -14.66 70.89
CA PRO I 28 4.37 -13.65 70.01
C PRO I 28 5.36 -13.04 69.04
N ALA I 29 6.60 -12.81 69.47
CA ALA I 29 7.62 -12.29 68.56
C ALA I 29 8.00 -13.32 67.52
N GLN I 30 8.17 -14.58 67.94
CA GLN I 30 8.58 -15.62 67.01
C GLN I 30 7.51 -15.88 65.95
N GLU I 31 6.25 -15.65 66.28
CA GLU I 31 5.17 -15.89 65.31
C GLU I 31 5.23 -14.96 64.11
N SER I 32 6.01 -13.88 64.18
CA SER I 32 6.08 -12.95 63.06
C SER I 32 6.65 -13.61 61.81
N ILE I 33 7.36 -14.73 61.94
CA ILE I 33 7.93 -15.43 60.81
C ILE I 33 7.55 -16.90 60.78
N ALA I 34 6.71 -17.36 61.69
CA ALA I 34 6.35 -18.77 61.74
C ALA I 34 5.68 -19.20 60.44
N GLY I 35 5.99 -20.42 60.00
CA GLY I 35 5.47 -20.93 58.76
C GLY I 35 6.38 -20.75 57.57
N THR I 36 7.59 -20.24 57.77
CA THR I 36 8.56 -19.99 56.70
C THR I 36 9.93 -20.49 57.10
N GLY I 37 10.00 -21.71 57.62
CA GLY I 37 11.28 -22.25 58.03
C GLY I 37 11.19 -23.75 58.28
N GLY I 38 12.34 -24.32 58.58
CA GLY I 38 12.44 -25.74 58.86
C GLY I 38 12.27 -26.56 57.60
N PRO I 39 12.45 -27.88 57.70
CA PRO I 39 12.19 -28.73 56.53
C PRO I 39 10.79 -28.52 55.96
N PHE I 40 9.76 -28.75 56.78
CA PHE I 40 8.43 -28.33 56.39
C PHE I 40 8.20 -26.88 56.80
N PRO I 41 7.38 -26.13 56.06
CA PRO I 41 7.22 -24.71 56.42
C PRO I 41 6.70 -24.50 57.83
N GLU I 42 5.92 -25.43 58.36
CA GLU I 42 5.30 -25.25 59.66
C GLU I 42 6.26 -25.44 60.83
N ASN I 43 7.47 -25.92 60.59
CA ASN I 43 8.42 -26.10 61.68
C ASN I 43 9.09 -24.78 62.03
N PHE I 44 9.80 -24.79 63.16
CA PHE I 44 10.62 -23.65 63.59
C PHE I 44 11.96 -24.22 64.05
N TRP I 45 12.89 -24.36 63.11
CA TRP I 45 14.21 -24.91 63.42
C TRP I 45 15.04 -23.84 64.13
N ASP I 46 15.43 -24.12 65.37
CA ASP I 46 16.23 -23.20 66.14
C ASP I 46 16.97 -23.94 67.25
N PRO I 47 17.86 -24.88 66.91
CA PRO I 47 18.55 -25.62 67.97
C PRO I 47 19.31 -24.74 68.94
N ALA I 48 19.86 -23.61 68.47
CA ALA I 48 20.59 -22.71 69.35
C ALA I 48 19.67 -21.86 70.22
N GLY I 49 18.39 -21.75 69.87
CA GLY I 49 17.50 -20.89 70.62
C GLY I 49 17.90 -19.43 70.53
N ILE I 50 18.37 -18.99 69.37
CA ILE I 50 18.80 -17.61 69.22
C ILE I 50 17.62 -16.65 69.30
N THR I 51 16.50 -17.04 68.69
CA THR I 51 15.32 -16.19 68.61
C THR I 51 14.37 -16.36 69.80
N SER I 52 14.73 -17.18 70.79
CA SER I 52 13.83 -17.42 71.90
C SER I 52 13.56 -16.14 72.68
N LYS I 53 14.60 -15.34 72.91
CA LYS I 53 14.49 -14.13 73.73
C LYS I 53 14.36 -12.87 72.90
N LYS I 54 14.41 -12.96 71.57
CA LYS I 54 14.38 -11.79 70.72
C LYS I 54 12.97 -11.18 70.66
N SER I 55 12.92 -9.90 70.34
CA SER I 55 11.67 -9.21 70.12
C SER I 55 11.29 -9.24 68.64
N LYS I 56 10.05 -8.84 68.35
CA LYS I 56 9.54 -8.97 66.99
C LYS I 56 10.42 -8.21 66.00
N GLU I 57 10.88 -7.01 66.37
CA GLU I 57 11.76 -6.25 65.49
C GLU I 57 13.05 -7.00 65.22
N GLU I 58 13.63 -7.62 66.26
CA GLU I 58 14.85 -8.39 66.07
C GLU I 58 14.61 -9.59 65.17
N ILE I 59 13.46 -10.25 65.32
CA ILE I 59 13.15 -11.40 64.47
C ILE I 59 13.01 -10.95 63.02
N LEU I 60 12.33 -9.83 62.79
CA LEU I 60 12.19 -9.34 61.43
C LEU I 60 13.54 -8.96 60.83
N GLU I 61 14.42 -8.36 61.64
CA GLU I 61 15.76 -8.04 61.15
C GLU I 61 16.55 -9.30 60.83
N LEU I 62 16.43 -10.33 61.68
CA LEU I 62 17.10 -11.59 61.40
C LEU I 62 16.60 -12.19 60.09
N ARG I 63 15.29 -12.13 59.85
CA ARG I 63 14.75 -12.64 58.59
C ARG I 63 15.24 -11.82 57.41
N ALA I 64 15.34 -10.50 57.58
CA ALA I 64 15.87 -9.66 56.50
C ALA I 64 17.32 -10.03 56.19
N ILE I 65 18.13 -10.25 57.22
CA ILE I 65 19.51 -10.67 57.00
C ILE I 65 19.55 -12.01 56.29
N GLU I 66 18.71 -12.96 56.74
CA GLU I 66 18.68 -14.27 56.12
C GLU I 66 18.31 -14.18 54.65
N LEU I 67 17.31 -13.36 54.33
CA LEU I 67 16.86 -13.28 52.94
C LEU I 67 17.88 -12.56 52.07
N LYS I 68 18.51 -11.50 52.59
CA LYS I 68 19.55 -10.83 51.81
C LYS I 68 20.72 -11.77 51.54
N HIS I 69 21.15 -12.51 52.56
CA HIS I 69 22.23 -13.47 52.38
C HIS I 69 21.81 -14.56 51.40
N GLY I 70 20.57 -15.05 51.49
CA GLY I 70 20.13 -16.09 50.60
C GLY I 70 20.06 -15.65 49.15
N ARG I 71 19.53 -14.45 48.90
CA ARG I 71 19.46 -13.94 47.54
C ARG I 71 20.87 -13.69 46.99
N VAL I 72 21.74 -13.07 47.79
CA VAL I 72 23.10 -12.85 47.34
C VAL I 72 23.80 -14.18 47.06
N ALA I 73 23.52 -15.20 47.87
CA ALA I 73 24.13 -16.50 47.68
C ALA I 73 23.60 -17.19 46.43
N MET I 74 22.31 -17.05 46.14
CA MET I 74 21.76 -17.63 44.93
C MET I 74 22.39 -17.00 43.70
N LEU I 75 22.47 -15.66 43.68
CA LEU I 75 23.13 -14.98 42.57
C LEU I 75 24.61 -15.36 42.51
N ALA I 76 25.25 -15.52 43.68
CA ALA I 76 26.66 -15.85 43.72
C ALA I 76 26.90 -17.24 43.13
N VAL I 77 26.06 -18.21 43.46
CA VAL I 77 26.21 -19.55 42.90
C VAL I 77 25.98 -19.52 41.39
N LEU I 78 24.94 -18.79 40.96
CA LEU I 78 24.70 -18.67 39.52
C LEU I 78 25.94 -18.12 38.82
N GLY I 79 26.48 -17.00 39.30
CA GLY I 79 27.65 -16.42 38.66
C GLY I 79 28.88 -17.29 38.78
N TRP I 80 29.04 -17.97 39.91
CA TRP I 80 30.19 -18.85 40.11
C TRP I 80 30.18 -19.97 39.09
N PHE I 81 29.04 -20.64 38.92
CA PHE I 81 28.96 -21.70 37.91
C PHE I 81 29.11 -21.12 36.51
N HIS I 82 28.53 -19.95 36.26
CA HIS I 82 28.64 -19.32 34.95
C HIS I 82 30.09 -19.07 34.57
N VAL I 83 30.88 -18.57 35.53
CA VAL I 83 32.28 -18.26 35.23
C VAL I 83 33.14 -19.52 35.27
N ALA I 84 32.76 -20.53 36.06
CA ALA I 84 33.50 -21.78 36.08
C ALA I 84 33.27 -22.60 34.83
N ALA I 85 32.17 -22.37 34.12
CA ALA I 85 31.94 -22.98 32.82
C ALA I 85 32.72 -22.30 31.71
N GLY I 86 33.59 -21.37 32.04
CA GLY I 86 34.10 -20.42 31.06
C GLY I 86 33.24 -19.18 31.09
N PHE I 87 32.62 -18.86 29.96
CA PHE I 87 31.66 -17.79 29.91
C PHE I 87 31.97 -16.70 30.82
N HIS I 88 33.08 -16.04 30.59
CA HIS I 88 33.45 -14.91 31.38
C HIS I 88 33.87 -13.84 30.41
N ILE I 89 32.93 -13.29 29.66
CA ILE I 89 33.26 -12.36 28.61
C ILE I 89 33.73 -11.00 29.02
N ILE I 90 33.10 -10.36 29.97
CA ILE I 90 33.53 -9.04 30.44
C ILE I 90 34.99 -9.08 30.85
N GLY I 91 35.37 -10.09 31.64
CA GLY I 91 36.77 -10.24 32.01
C GLY I 91 37.67 -10.53 30.83
N ASP I 92 37.24 -11.43 29.94
CA ASP I 92 38.02 -11.74 28.75
C ASP I 92 38.32 -10.48 27.95
N LEU I 93 37.29 -9.69 27.65
CA LEU I 93 37.48 -8.49 26.84
C LEU I 93 38.29 -7.44 27.59
N ALA I 94 38.04 -7.26 28.89
CA ALA I 94 38.77 -6.25 29.64
C ALA I 94 40.25 -6.56 29.68
N THR I 95 40.63 -7.82 29.90
CA THR I 95 42.03 -8.19 30.02
C THR I 95 42.67 -8.54 28.70
N GLY I 96 41.91 -8.64 27.61
CA GLY I 96 42.49 -9.05 26.35
C GLY I 96 43.02 -10.47 26.36
N THR I 97 42.60 -11.28 27.32
CA THR I 97 43.07 -12.65 27.44
C THR I 97 42.02 -13.50 28.13
N TYR I 98 42.13 -14.80 27.97
CA TYR I 98 41.18 -15.74 28.55
C TYR I 98 41.50 -15.92 30.03
N LEU I 99 40.56 -15.53 30.89
CA LEU I 99 40.76 -15.63 32.32
C LEU I 99 40.58 -17.05 32.81
N ASP I 100 41.25 -17.38 33.91
CA ASP I 100 41.18 -18.72 34.46
C ASP I 100 39.75 -19.05 34.85
N ASN I 101 39.34 -20.29 34.60
CA ASN I 101 37.97 -20.69 34.90
C ASN I 101 37.69 -20.66 36.39
N ASN I 102 38.68 -20.97 37.23
CA ASN I 102 38.49 -20.91 38.66
C ASN I 102 38.05 -19.50 39.06
N PRO I 103 36.86 -19.33 39.63
CA PRO I 103 36.41 -17.97 39.95
C PRO I 103 37.33 -17.22 40.89
N LEU I 104 37.93 -17.90 41.87
CA LEU I 104 38.82 -17.21 42.80
C LEU I 104 40.07 -16.71 42.10
N VAL I 105 40.58 -17.46 41.13
CA VAL I 105 41.70 -16.98 40.32
C VAL I 105 41.25 -15.84 39.42
N SER I 106 40.06 -15.96 38.85
CA SER I 106 39.55 -14.92 37.95
C SER I 106 39.36 -13.59 38.67
N VAL I 107 39.03 -13.63 39.97
CA VAL I 107 38.93 -12.39 40.73
C VAL I 107 40.26 -11.64 40.65
N THR I 108 41.36 -12.34 40.90
CA THR I 108 42.67 -11.70 40.86
C THR I 108 43.06 -11.32 39.43
N GLN I 109 42.62 -12.09 38.45
CA GLN I 109 42.95 -11.78 37.07
C GLN I 109 42.20 -10.56 36.57
N LEU I 110 41.05 -10.25 37.16
CA LEU I 110 40.24 -9.12 36.70
C LEU I 110 40.95 -7.80 36.97
N PRO I 111 40.74 -6.80 36.12
CA PRO I 111 41.33 -5.48 36.39
C PRO I 111 40.70 -4.80 37.60
N MET I 112 41.54 -4.02 38.29
CA MET I 112 41.05 -3.20 39.39
C MET I 112 39.95 -2.25 38.92
N GLY I 113 40.01 -1.82 37.65
CA GLY I 113 38.94 -1.00 37.12
C GLY I 113 37.58 -1.68 37.25
N GLY I 114 37.48 -2.91 36.74
CA GLY I 114 36.23 -3.62 36.83
C GLY I 114 35.85 -3.96 38.26
N MET I 115 36.85 -4.30 39.08
CA MET I 115 36.54 -4.65 40.47
C MET I 115 35.93 -3.46 41.21
N TRP I 116 36.53 -2.27 41.09
CA TRP I 116 35.97 -1.11 41.76
C TRP I 116 34.65 -0.69 41.14
N GLN I 117 34.48 -0.89 39.83
CA GLN I 117 33.19 -0.59 39.23
C GLN I 117 32.10 -1.48 39.83
N THR I 118 32.38 -2.77 40.01
CA THR I 118 31.41 -3.68 40.61
C THR I 118 31.10 -3.26 42.04
N VAL I 119 32.13 -2.97 42.83
CA VAL I 119 31.91 -2.58 44.21
C VAL I 119 31.07 -1.31 44.28
N PHE I 120 31.38 -0.33 43.42
CA PHE I 120 30.63 0.92 43.41
C PHE I 120 29.18 0.70 43.00
N PHE I 121 28.94 -0.15 41.99
CA PHE I 121 27.57 -0.40 41.57
C PHE I 121 26.76 -1.04 42.69
N ILE I 122 27.34 -2.03 43.38
CA ILE I 122 26.61 -2.66 44.48
C ILE I 122 26.40 -1.67 45.61
N MET I 123 27.38 -0.79 45.86
CA MET I 123 27.21 0.23 46.88
C MET I 123 26.07 1.16 46.54
N CYS I 124 25.96 1.56 45.26
CA CYS I 124 24.87 2.43 44.85
C CYS I 124 23.52 1.73 44.99
N LEU I 125 23.47 0.44 44.63
CA LEU I 125 22.23 -0.32 44.81
C LEU I 125 21.83 -0.35 46.28
N GLU I 126 22.80 -0.61 47.17
CA GLU I 126 22.51 -0.66 48.59
C GLU I 126 22.05 0.70 49.10
N TRP I 127 22.70 1.77 48.66
CA TRP I 127 22.31 3.11 49.11
C TRP I 127 20.88 3.42 48.68
N VAL I 128 20.55 3.13 47.42
CA VAL I 128 19.19 3.40 46.95
C VAL I 128 18.19 2.58 47.72
N SER I 129 18.50 1.30 47.96
CA SER I 129 17.53 0.42 48.61
C SER I 129 17.38 0.71 50.10
N THR I 130 18.38 1.33 50.74
CA THR I 130 18.35 1.55 52.18
C THR I 130 18.08 2.98 52.59
N TYR I 131 18.25 3.96 51.69
CA TYR I 131 18.01 5.36 52.01
C TYR I 131 16.96 6.00 51.14
N VAL I 132 16.98 5.76 49.83
CA VAL I 132 16.02 6.42 48.95
C VAL I 132 14.69 5.67 48.94
N CYS I 133 14.72 4.34 48.92
CA CYS I 133 13.53 3.52 48.90
C CYS I 133 13.60 2.47 50.00
N PRO I 134 13.69 2.89 51.25
CA PRO I 134 13.82 1.93 52.35
C PRO I 134 12.61 1.04 52.44
N PRO I 135 12.78 -0.25 52.73
CA PRO I 135 11.63 -1.14 52.89
C PRO I 135 10.87 -0.83 54.17
N PRO I 136 9.61 -1.22 54.25
CA PRO I 136 8.83 -0.93 55.45
C PRO I 136 9.40 -1.63 56.68
N LYS I 137 9.18 -1.02 57.84
CA LYS I 137 9.68 -1.60 59.08
C LYS I 137 9.03 -2.95 59.37
N SER I 138 7.81 -3.16 58.88
CA SER I 138 7.12 -4.43 59.13
C SER I 138 7.65 -5.55 58.24
N LYS I 139 8.11 -5.22 57.03
CA LYS I 139 8.65 -6.20 56.08
C LYS I 139 10.00 -5.71 55.59
N PRO I 140 11.03 -5.77 56.43
CA PRO I 140 12.33 -5.23 56.01
C PRO I 140 12.91 -5.90 54.78
N TRP I 141 12.48 -7.11 54.46
CA TRP I 141 12.96 -7.84 53.29
C TRP I 141 12.21 -7.49 52.02
N ASP I 142 11.16 -6.68 52.11
CA ASP I 142 10.36 -6.30 50.94
C ASP I 142 11.06 -5.15 50.22
N ILE I 143 12.09 -5.51 49.45
CA ILE I 143 12.89 -4.51 48.76
C ILE I 143 12.07 -3.84 47.65
N LEU I 144 11.39 -4.64 46.84
CA LEU I 144 10.67 -4.11 45.69
C LEU I 144 9.32 -3.52 46.04
N GLY I 145 8.97 -3.45 47.32
CA GLY I 145 7.70 -2.85 47.71
C GLY I 145 6.49 -3.62 47.26
N TRP I 146 6.51 -4.96 47.40
CA TRP I 146 5.35 -5.74 47.02
C TRP I 146 4.17 -5.49 47.95
N SER I 147 4.44 -5.21 49.22
CA SER I 147 3.37 -5.00 50.20
C SER I 147 2.78 -3.59 50.09
N ASP I 148 2.43 -3.20 48.88
CA ASP I 148 1.59 -2.04 48.61
C ASP I 148 0.52 -2.35 47.57
N ILE I 149 0.73 -3.35 46.72
CA ILE I 149 -0.30 -3.86 45.83
C ILE I 149 -0.58 -5.34 46.05
N LEU I 150 0.20 -6.02 46.89
CA LEU I 150 0.00 -7.44 47.15
C LEU I 150 -1.04 -7.63 48.25
N LEU I 151 -1.80 -8.72 48.12
CA LEU I 151 -2.81 -9.11 49.10
C LEU I 151 -2.44 -10.50 49.62
N GLU I 152 -1.59 -10.53 50.65
CA GLU I 152 -1.13 -11.80 51.18
C GLU I 152 -2.26 -12.57 51.87
N ASP I 153 -3.17 -11.86 52.53
CA ASP I 153 -4.26 -12.50 53.28
C ASP I 153 -5.52 -12.59 52.40
N GLU I 154 -5.36 -13.27 51.27
CA GLU I 154 -6.46 -13.52 50.34
C GLU I 154 -6.78 -15.01 50.37
N ASP I 155 -8.05 -15.34 50.63
CA ASP I 155 -8.47 -16.72 50.82
C ASP I 155 -8.71 -17.47 49.53
N ASN I 156 -8.23 -16.95 48.40
CA ASN I 156 -8.35 -17.65 47.13
C ASN I 156 -7.35 -18.80 47.05
N TYR I 157 -7.64 -19.74 46.15
CA TYR I 157 -6.68 -20.81 45.89
C TYR I 157 -5.43 -20.28 45.20
N TRP I 158 -5.60 -19.26 44.34
CA TRP I 158 -4.47 -18.71 43.62
C TRP I 158 -3.72 -17.70 44.47
N ASN I 159 -3.36 -18.09 45.69
CA ASN I 159 -2.71 -17.19 46.64
C ASN I 159 -1.55 -17.92 47.31
N GLN I 160 -0.71 -18.56 46.52
CA GLN I 160 0.40 -19.34 47.07
C GLN I 160 1.64 -18.47 47.29
N PHE I 161 1.44 -17.32 47.92
CA PHE I 161 2.55 -16.46 48.26
C PHE I 161 3.38 -17.06 49.38
N ARG I 162 2.76 -17.79 50.30
CA ARG I 162 3.53 -18.51 51.31
C ARG I 162 4.41 -19.56 50.66
N LYS I 163 3.88 -20.27 49.66
CA LYS I 163 4.69 -21.22 48.92
C LYS I 163 5.87 -20.53 48.26
N ALA I 164 5.62 -19.38 47.62
CA ALA I 164 6.71 -18.65 46.97
C ALA I 164 7.76 -18.23 47.99
N GLU I 165 7.32 -17.73 49.15
CA GLU I 165 8.26 -17.27 50.17
C GLU I 165 9.11 -18.42 50.70
N VAL I 166 8.47 -19.57 50.97
CA VAL I 166 9.22 -20.69 51.51
C VAL I 166 10.18 -21.25 50.46
N GLN I 167 9.76 -21.27 49.19
CA GLN I 167 10.67 -21.66 48.12
C GLN I 167 11.88 -20.74 48.09
N GLU I 168 11.64 -19.43 48.17
CA GLU I 168 12.74 -18.48 48.19
C GLU I 168 13.69 -18.79 49.33
N LEU I 169 13.15 -18.95 50.54
CA LEU I 169 14.00 -19.13 51.71
C LEU I 169 14.79 -20.42 51.63
N ASN I 170 14.15 -21.51 51.22
CA ASN I 170 14.84 -22.79 51.14
C ASN I 170 15.93 -22.77 50.08
N ASN I 171 15.61 -22.23 48.90
CA ASN I 171 16.62 -22.13 47.86
C ASN I 171 17.78 -21.24 48.30
N GLY I 172 17.47 -20.13 48.98
CA GLY I 172 18.53 -19.25 49.45
C GLY I 172 19.42 -19.91 50.48
N ARG I 173 18.83 -20.66 51.40
CA ARG I 173 19.63 -21.36 52.40
C ARG I 173 20.53 -22.40 51.75
N LEU I 174 19.98 -23.17 50.81
CA LEU I 174 20.78 -24.15 50.09
C LEU I 174 21.90 -23.46 49.32
N ALA I 175 21.62 -22.31 48.71
CA ALA I 175 22.64 -21.60 47.95
C ALA I 175 23.71 -21.03 48.87
N MET I 176 23.32 -20.56 50.07
CA MET I 176 24.31 -20.11 51.03
C MET I 176 25.28 -21.24 51.37
N MET I 177 24.74 -22.40 51.75
CA MET I 177 25.61 -23.53 52.07
C MET I 177 26.46 -23.91 50.87
N ALA I 178 25.87 -23.91 49.67
CA ALA I 178 26.59 -24.32 48.48
C ALA I 178 27.73 -23.37 48.16
N ILE I 179 27.49 -22.06 48.23
CA ILE I 179 28.54 -21.10 47.88
C ILE I 179 29.65 -21.13 48.92
N VAL I 180 29.30 -21.24 50.20
CA VAL I 180 30.35 -21.36 51.21
C VAL I 180 31.18 -22.62 50.98
N GLY I 181 30.52 -23.72 50.68
CA GLY I 181 31.25 -24.95 50.40
C GLY I 181 32.14 -24.84 49.17
N LEU I 182 31.63 -24.23 48.10
CA LEU I 182 32.42 -24.05 46.90
C LEU I 182 33.65 -23.21 47.17
N ILE I 183 33.49 -22.10 47.89
CA ILE I 183 34.62 -21.23 48.18
C ILE I 183 35.64 -21.96 49.07
N VAL I 184 35.16 -22.65 50.09
CA VAL I 184 36.08 -23.35 51.00
C VAL I 184 36.84 -24.44 50.25
N GLN I 185 36.14 -25.23 49.42
CA GLN I 185 36.80 -26.28 48.68
C GLN I 185 37.79 -25.72 47.66
N ASP I 186 37.44 -24.60 47.01
CA ASP I 186 38.38 -23.98 46.08
C ASP I 186 39.62 -23.51 46.81
N ILE I 187 39.45 -22.89 47.98
CA ILE I 187 40.61 -22.38 48.72
C ILE I 187 41.47 -23.53 49.22
N PHE I 188 40.85 -24.64 49.60
CA PHE I 188 41.61 -25.75 50.20
C PHE I 188 42.26 -26.62 49.13
N PHE I 189 41.45 -27.25 48.28
CA PHE I 189 41.93 -28.22 47.30
C PHE I 189 41.92 -27.69 45.88
N GLY I 190 41.73 -26.39 45.69
CA GLY I 190 41.72 -25.83 44.35
C GLY I 190 40.61 -26.38 43.47
N ASP I 191 39.56 -26.94 44.07
CA ASP I 191 38.42 -27.47 43.33
C ASP I 191 37.29 -26.46 43.39
N PHE I 192 36.90 -25.95 42.22
CA PHE I 192 35.85 -24.92 42.13
C PHE I 192 34.55 -25.49 41.59
N GLY I 193 34.34 -26.78 41.67
CA GLY I 193 33.09 -27.30 41.23
C GLY I 193 32.97 -27.05 39.78
N GLU I 194 33.93 -27.56 39.02
CA GLU I 194 33.93 -27.31 37.59
C GLU I 194 32.68 -27.87 36.96
N VAL I 195 32.09 -27.13 36.03
CA VAL I 195 30.86 -27.55 35.41
C VAL I 195 31.19 -28.09 34.05
N LYS I 196 30.42 -29.04 33.54
CA LYS I 196 30.74 -29.72 32.29
C LYS I 196 29.53 -29.49 31.47
N VAL I 197 29.35 -28.25 31.10
CA VAL I 197 28.21 -27.85 30.31
C VAL I 197 28.28 -28.52 28.95
N CYS I 198 29.44 -28.61 28.34
CA CYS I 198 29.66 -29.37 27.10
C CYS I 198 29.15 -28.85 25.79
N PHE I 199 28.74 -27.59 25.76
CA PHE I 199 28.29 -27.00 24.51
C PHE I 199 29.11 -25.92 23.88
N SER I 200 29.43 -24.86 24.58
CA SER I 200 30.09 -23.73 23.93
C SER I 200 31.48 -23.44 24.33
N SER I 201 31.71 -23.35 25.63
CA SER I 201 33.09 -23.14 26.07
C SER I 201 33.90 -24.43 25.98
N GLN I 202 33.26 -25.57 26.19
CA GLN I 202 33.91 -26.87 26.14
C GLN I 202 33.50 -27.60 24.87
N THR I 203 34.47 -28.08 24.11
CA THR I 203 34.23 -28.80 22.87
C THR I 203 34.39 -30.29 23.17
N CYS I 204 33.27 -30.98 23.37
CA CYS I 204 33.28 -32.40 23.67
C CYS I 204 33.24 -33.17 22.35
N GLN I 205 34.32 -33.91 22.08
CA GLN I 205 34.45 -34.57 20.79
C GLN I 205 33.73 -35.92 20.76
N ASP I 206 33.68 -36.63 21.89
CA ASP I 206 33.31 -38.03 21.92
C ASP I 206 32.09 -38.27 22.80
N ILE I 207 31.41 -39.38 22.51
CA ILE I 207 30.29 -39.82 23.33
C ILE I 207 30.74 -40.08 24.76
N GLY I 208 31.95 -40.60 24.93
CA GLY I 208 32.49 -40.76 26.26
C GLY I 208 32.64 -39.43 26.98
N ASP I 209 33.07 -38.40 26.26
CA ASP I 209 33.15 -37.07 26.84
C ASP I 209 31.77 -36.58 27.25
N TYR I 210 30.77 -36.77 26.38
CA TYR I 210 29.43 -36.28 26.69
C TYR I 210 28.85 -37.00 27.90
N LEU I 211 28.86 -38.33 27.89
CA LEU I 211 28.33 -39.15 28.97
C LEU I 211 29.46 -40.00 29.54
N PRO I 212 29.80 -39.88 30.82
CA PRO I 212 30.96 -40.63 31.33
C PRO I 212 30.74 -42.13 31.20
N GLY I 213 31.82 -42.83 30.85
CA GLY I 213 31.80 -44.28 30.75
C GLY I 213 31.23 -44.82 29.46
N TRP I 214 30.78 -43.97 28.54
CA TRP I 214 30.24 -44.42 27.28
C TRP I 214 31.33 -44.49 26.23
N THR I 215 31.26 -45.52 25.37
CA THR I 215 32.23 -45.67 24.30
C THR I 215 31.60 -46.09 22.98
N GLY I 216 30.27 -46.13 22.90
CA GLY I 216 29.60 -46.55 21.69
C GLY I 216 28.12 -46.24 21.70
N PRO I 217 27.42 -46.62 20.62
CA PRO I 217 25.99 -46.33 20.55
C PRO I 217 25.19 -46.95 21.68
N LEU I 218 25.55 -48.14 22.12
CA LEU I 218 24.81 -48.82 23.17
C LEU I 218 25.30 -48.41 24.55
N PRO I 219 24.48 -48.54 25.59
CA PRO I 219 24.93 -48.17 26.92
C PRO I 219 26.07 -49.08 27.38
N PRO I 220 26.95 -48.60 28.26
CA PRO I 220 28.07 -49.43 28.73
C PRO I 220 27.66 -50.41 29.82
N VAL I 221 26.86 -51.39 29.44
CA VAL I 221 26.44 -52.46 30.35
C VAL I 221 27.35 -53.65 30.15
N ALA I 222 27.89 -54.18 31.25
CA ALA I 222 28.81 -55.31 31.19
C ALA I 222 28.10 -56.64 31.01
N TYR I 223 26.81 -56.63 30.66
CA TYR I 223 26.03 -57.85 30.50
C TYR I 223 25.89 -58.14 29.02
N ASP I 224 26.38 -59.31 28.59
CA ASP I 224 26.17 -59.78 27.23
C ASP I 224 24.83 -60.48 27.18
N PHE I 225 23.87 -59.88 26.48
CA PHE I 225 22.51 -60.39 26.48
C PHE I 225 22.45 -61.67 25.64
N PRO I 226 22.37 -62.84 26.25
CA PRO I 226 22.38 -64.08 25.49
C PRO I 226 21.03 -64.32 24.83
N PRO I 227 20.97 -65.17 23.80
CA PRO I 227 19.68 -65.46 23.17
C PRO I 227 18.76 -66.20 24.12
N LEU I 228 17.51 -65.74 24.19
CA LEU I 228 16.53 -66.40 25.06
C LEU I 228 16.22 -67.81 24.60
N TYR I 229 16.43 -68.11 23.32
CA TYR I 229 16.14 -69.41 22.75
C TYR I 229 17.29 -69.85 21.85
N PRO I 230 17.62 -71.15 21.84
CA PRO I 230 18.69 -71.61 20.95
C PRO I 230 18.31 -71.51 19.49
N ALA I 231 19.31 -71.35 18.64
CA ALA I 231 19.12 -71.27 17.20
C ALA I 231 19.46 -72.60 16.55
N PRO I 232 18.96 -72.84 15.33
CA PRO I 232 19.27 -74.10 14.65
C PRO I 232 20.70 -74.09 14.11
N GLU I 233 21.46 -75.13 14.46
CA GLU I 233 22.84 -75.21 13.96
C GLU I 233 22.86 -75.33 12.44
N VAL I 234 21.96 -76.14 11.88
CA VAL I 234 21.82 -76.30 10.43
C VAL I 234 20.55 -75.57 10.01
N PRO I 235 20.64 -74.56 9.15
CA PRO I 235 19.45 -73.78 8.79
C PRO I 235 18.61 -74.52 7.75
N TYR I 236 17.52 -73.87 7.36
CA TYR I 236 16.61 -74.40 6.35
C TYR I 236 16.18 -73.25 5.45
N THR I 237 15.75 -73.60 4.24
CA THR I 237 15.28 -72.60 3.29
C THR I 237 14.12 -71.81 3.90
N GLY I 238 14.19 -70.50 3.79
CA GLY I 238 13.18 -69.64 4.39
C GLY I 238 13.30 -69.58 5.89
N TYR I 239 14.48 -69.21 6.38
CA TYR I 239 14.75 -69.14 7.81
C TYR I 239 14.61 -67.71 8.36
N GLN I 240 15.32 -66.76 7.77
CA GLN I 240 15.31 -65.37 8.22
C GLN I 240 15.77 -65.29 9.69
N ALA I 241 17.04 -65.62 9.88
CA ALA I 241 17.62 -65.63 11.21
C ALA I 241 17.50 -64.25 11.85
N PRO I 242 17.32 -64.18 13.17
CA PRO I 242 17.12 -62.88 13.82
C PRO I 242 18.31 -61.95 13.58
N LEU I 243 18.01 -60.67 13.41
CA LEU I 243 19.05 -59.69 13.18
C LEU I 243 19.82 -59.41 14.48
N LYS I 244 21.03 -58.89 14.32
CA LYS I 244 21.91 -58.58 15.44
C LYS I 244 22.14 -57.08 15.49
N LEU I 245 21.92 -56.48 16.66
CA LEU I 245 22.17 -55.05 16.82
C LEU I 245 23.65 -54.73 16.70
N MET I 246 24.51 -55.65 17.12
CA MET I 246 25.97 -55.51 17.06
C MET I 246 26.44 -54.05 17.14
N PHE J 31 -47.69 42.49 -75.17
CA PHE J 31 -46.68 43.48 -74.94
C PHE J 31 -46.42 44.16 -76.25
N GLU J 32 -47.45 44.78 -76.82
CA GLU J 32 -47.31 45.48 -78.09
C GLU J 32 -47.13 46.94 -77.83
N GLY J 33 -47.89 47.47 -76.90
CA GLY J 33 -47.79 48.87 -76.52
C GLY J 33 -46.50 49.25 -75.83
N GLU J 34 -45.69 48.28 -75.42
CA GLU J 34 -44.47 48.58 -74.71
C GLU J 34 -43.47 49.26 -75.65
N LEU J 35 -42.38 49.76 -75.07
CA LEU J 35 -41.36 50.43 -75.85
C LEU J 35 -40.68 49.44 -76.78
N GLY J 36 -40.38 49.90 -78.00
CA GLY J 36 -39.67 49.08 -78.99
C GLY J 36 -40.41 48.88 -80.30
N VAL J 37 -41.57 49.48 -80.50
CA VAL J 37 -42.33 49.35 -81.74
C VAL J 37 -42.31 50.68 -82.46
N GLN J 38 -41.95 50.65 -83.75
CA GLN J 38 -41.74 51.88 -84.51
C GLN J 38 -42.22 51.66 -85.94
N ALA J 39 -41.91 52.63 -86.81
CA ALA J 39 -42.40 52.58 -88.18
C ALA J 39 -41.89 51.38 -88.97
N PRO J 40 -40.60 51.04 -88.97
CA PRO J 40 -40.15 49.99 -89.91
C PRO J 40 -40.87 48.67 -89.72
N VAL J 41 -41.02 48.21 -88.49
CA VAL J 41 -41.78 47.00 -88.19
C VAL J 41 -42.66 47.28 -86.97
N GLY J 42 -43.71 46.47 -86.83
CA GLY J 42 -44.62 46.63 -85.72
C GLY J 42 -44.18 45.85 -84.51
N TYR J 43 -45.04 44.96 -84.01
CA TYR J 43 -44.67 44.14 -82.87
C TYR J 43 -43.50 43.23 -83.20
N PHE J 44 -43.51 42.64 -84.40
CA PHE J 44 -42.41 41.83 -84.90
C PHE J 44 -42.03 40.72 -83.90
N ASP J 45 -42.96 39.78 -83.73
CA ASP J 45 -42.72 38.56 -82.97
C ASP J 45 -43.11 37.38 -83.84
N PRO J 46 -42.37 37.14 -84.93
CA PRO J 46 -42.69 35.99 -85.79
C PRO J 46 -42.80 34.68 -85.02
N LEU J 47 -41.80 34.36 -84.20
CA LEU J 47 -41.85 33.14 -83.41
C LEU J 47 -42.91 33.19 -82.32
N GLY J 48 -43.49 34.35 -82.05
CA GLY J 48 -44.52 34.46 -81.02
C GLY J 48 -44.04 34.05 -79.65
N LEU J 49 -42.78 34.38 -79.32
CA LEU J 49 -42.25 34.04 -78.01
C LEU J 49 -42.97 34.77 -76.89
N SER J 50 -43.64 35.89 -77.19
CA SER J 50 -44.40 36.65 -76.22
C SER J 50 -45.89 36.39 -76.31
N LYS J 51 -46.31 35.39 -77.07
CA LYS J 51 -47.75 35.11 -77.21
C LYS J 51 -48.36 34.72 -75.88
N ASP J 52 -47.61 34.01 -75.02
CA ASP J 52 -48.15 33.59 -73.74
C ASP J 52 -48.50 34.77 -72.85
N GLY J 53 -47.99 35.96 -73.15
CA GLY J 53 -48.34 37.14 -72.38
C GLY J 53 -47.88 37.11 -70.94
N ASP J 54 -46.68 36.59 -70.68
CA ASP J 54 -46.14 36.52 -69.33
C ASP J 54 -45.36 37.81 -69.07
N VAL J 55 -45.86 38.61 -68.12
CA VAL J 55 -45.28 39.93 -67.87
C VAL J 55 -43.87 39.79 -67.31
N GLU J 56 -43.63 38.84 -66.41
CA GLU J 56 -42.30 38.67 -65.86
C GLU J 56 -41.31 38.24 -66.94
N THR J 57 -41.72 37.31 -67.80
CA THR J 57 -40.85 36.86 -68.88
C THR J 57 -40.53 38.01 -69.83
N PHE J 58 -41.53 38.82 -70.17
CA PHE J 58 -41.27 39.96 -71.04
C PHE J 58 -40.35 40.96 -70.38
N ARG J 59 -40.52 41.19 -69.07
CA ARG J 59 -39.65 42.11 -68.36
C ARG J 59 -38.21 41.62 -68.38
N ARG J 60 -37.99 40.33 -68.12
CA ARG J 60 -36.64 39.78 -68.20
C ARG J 60 -36.09 39.93 -69.63
N ARG J 61 -36.92 39.65 -70.63
CA ARG J 61 -36.48 39.74 -72.01
C ARG J 61 -36.04 41.17 -72.35
N ARG J 62 -36.83 42.16 -71.91
CA ARG J 62 -36.50 43.54 -72.23
C ARG J 62 -35.25 44.00 -71.46
N GLU J 63 -35.11 43.58 -70.20
CA GLU J 63 -33.90 43.93 -69.46
C GLU J 63 -32.67 43.36 -70.14
N SER J 64 -32.74 42.08 -70.55
CA SER J 64 -31.62 41.46 -71.22
C SER J 64 -31.38 42.11 -72.59
N GLU J 65 -32.43 42.52 -73.28
CA GLU J 65 -32.27 43.21 -74.55
C GLU J 65 -31.51 44.51 -74.36
N LEU J 66 -31.91 45.29 -73.35
CA LEU J 66 -31.25 46.58 -73.12
C LEU J 66 -29.79 46.37 -72.73
N LYS J 67 -29.51 45.41 -71.85
CA LYS J 67 -28.13 45.17 -71.46
C LYS J 67 -27.29 44.71 -72.65
N ASN J 68 -27.84 43.79 -73.46
CA ASN J 68 -27.11 43.31 -74.63
C ASN J 68 -26.86 44.45 -75.61
N GLY J 69 -27.85 45.31 -75.83
CA GLY J 69 -27.67 46.42 -76.75
C GLY J 69 -26.63 47.41 -76.26
N ARG J 70 -26.64 47.71 -74.96
CA ARG J 70 -25.63 48.63 -74.42
C ARG J 70 -24.23 48.04 -74.54
N VAL J 71 -24.07 46.77 -74.18
CA VAL J 71 -22.77 46.13 -74.30
C VAL J 71 -22.35 46.04 -75.76
N ALA J 72 -23.31 45.84 -76.66
CA ALA J 72 -22.98 45.78 -78.09
C ALA J 72 -22.54 47.13 -78.62
N MET J 73 -23.17 48.22 -78.17
CA MET J 73 -22.73 49.55 -78.57
C MET J 73 -21.32 49.81 -78.06
N PHE J 74 -21.05 49.45 -76.80
CA PHE J 74 -19.70 49.57 -76.27
C PHE J 74 -18.71 48.76 -77.10
N ALA J 75 -19.08 47.53 -77.46
CA ALA J 75 -18.17 46.68 -78.22
C ALA J 75 -17.93 47.23 -79.61
N THR J 76 -18.96 47.80 -80.25
CA THR J 76 -18.77 48.41 -81.56
C THR J 76 -17.81 49.58 -81.49
N ILE J 77 -17.97 50.45 -80.48
CA ILE J 77 -17.07 51.58 -80.35
C ILE J 77 -15.65 51.09 -80.04
N GLY J 78 -15.53 50.02 -79.25
CA GLY J 78 -14.23 49.45 -78.93
C GLY J 78 -13.60 48.72 -80.08
N TYR J 79 -14.39 48.30 -81.07
CA TYR J 79 -13.84 47.83 -82.32
C TYR J 79 -13.36 49.01 -83.17
N MET J 80 -14.11 50.11 -83.12
CA MET J 80 -13.87 51.22 -84.04
C MET J 80 -12.64 52.03 -83.65
N VAL J 81 -12.44 52.29 -82.35
CA VAL J 81 -11.44 53.25 -81.92
C VAL J 81 -10.02 52.68 -82.02
N PRO J 82 -9.75 51.47 -81.51
CA PRO J 82 -8.38 50.94 -81.60
C PRO J 82 -7.82 50.95 -83.01
N GLU J 83 -8.70 50.94 -84.02
CA GLU J 83 -8.23 50.97 -85.39
C GLU J 83 -7.38 52.22 -85.65
N TYR J 84 -7.77 53.35 -85.08
CA TYR J 84 -7.08 54.62 -85.30
C TYR J 84 -6.17 55.01 -84.13
N PHE J 85 -6.62 54.82 -82.89
CA PHE J 85 -5.87 55.25 -81.72
C PHE J 85 -5.67 54.08 -80.77
N LYS J 86 -4.44 53.90 -80.33
CA LYS J 86 -4.09 52.87 -79.35
C LYS J 86 -3.47 53.55 -78.14
N PHE J 87 -3.82 53.08 -76.95
CA PHE J 87 -3.35 53.72 -75.73
C PHE J 87 -1.82 53.61 -75.62
N PRO J 88 -1.17 54.59 -75.02
CA PRO J 88 0.25 54.43 -74.68
C PRO J 88 0.42 53.57 -73.44
N GLY J 89 1.67 53.23 -73.16
CA GLY J 89 1.98 52.50 -71.95
C GLY J 89 1.96 51.00 -72.14
N TYR J 90 2.00 50.31 -71.01
CA TYR J 90 2.08 48.84 -70.97
C TYR J 90 0.77 48.28 -70.45
N LEU J 91 0.10 47.47 -71.26
CA LEU J 91 -1.09 46.77 -70.79
C LEU J 91 -0.74 45.83 -69.65
N ALA J 92 0.35 45.08 -69.79
CA ALA J 92 0.87 44.19 -68.74
C ALA J 92 2.36 44.44 -68.61
N PRO J 93 2.77 45.38 -67.76
CA PRO J 93 4.20 45.66 -67.63
C PRO J 93 5.04 44.44 -67.28
N SER J 94 4.48 43.48 -66.55
CA SER J 94 5.24 42.28 -66.19
C SER J 94 5.68 41.53 -67.44
N ALA J 95 4.77 41.37 -68.40
CA ALA J 95 5.06 40.67 -69.65
C ALA J 95 5.55 41.61 -70.75
N SER J 96 5.75 42.89 -70.45
CA SER J 96 6.17 43.87 -71.44
C SER J 96 5.17 43.94 -72.59
N LEU J 97 3.89 43.80 -72.26
CA LEU J 97 2.82 43.84 -73.25
C LEU J 97 2.29 45.27 -73.34
N LYS J 98 2.59 45.93 -74.45
CA LYS J 98 2.09 47.28 -74.68
C LYS J 98 0.75 47.24 -75.39
N PHE J 99 -0.04 48.30 -75.20
CA PHE J 99 -1.33 48.37 -75.85
C PHE J 99 -1.20 48.31 -77.37
N ALA J 100 -0.07 48.76 -77.90
CA ALA J 100 0.18 48.66 -79.33
C ALA J 100 0.51 47.24 -79.77
N ASP J 101 1.03 46.41 -78.86
CA ASP J 101 1.38 45.04 -79.24
C ASP J 101 0.14 44.23 -79.58
N VAL J 102 -0.87 44.25 -78.72
CA VAL J 102 -2.04 43.40 -78.92
C VAL J 102 -2.88 43.96 -80.06
N PRO J 103 -3.40 43.13 -80.97
CA PRO J 103 -4.26 43.63 -82.03
C PRO J 103 -5.74 43.60 -81.65
N ASN J 104 -6.46 44.62 -82.08
CA ASN J 104 -7.88 44.71 -81.74
C ASN J 104 -8.69 43.71 -82.56
N GLY J 105 -9.75 43.21 -81.95
CA GLY J 105 -10.61 42.20 -82.54
C GLY J 105 -10.62 40.95 -81.71
N ILE J 106 -11.23 39.90 -82.28
CA ILE J 106 -11.30 38.62 -81.60
C ILE J 106 -9.92 38.08 -81.30
N GLN J 107 -8.90 38.52 -82.06
CA GLN J 107 -7.54 38.07 -81.80
C GLN J 107 -7.03 38.54 -80.45
N ALA J 108 -7.66 39.56 -79.86
CA ALA J 108 -7.22 40.10 -78.59
C ALA J 108 -7.56 39.21 -77.41
N ILE J 109 -8.47 38.24 -77.58
CA ILE J 109 -8.84 37.39 -76.46
C ILE J 109 -7.63 36.62 -75.94
N THR J 110 -6.84 36.07 -76.86
CA THR J 110 -5.65 35.31 -76.44
C THR J 110 -4.51 36.24 -76.01
N LYS J 111 -4.36 37.38 -76.67
CA LYS J 111 -3.23 38.25 -76.37
C LYS J 111 -3.40 38.93 -75.01
N VAL J 112 -4.57 39.48 -74.75
CA VAL J 112 -4.82 40.12 -73.46
C VAL J 112 -4.77 39.06 -72.36
N PRO J 113 -4.03 39.28 -71.27
CA PRO J 113 -3.89 38.22 -70.26
C PRO J 113 -5.21 37.87 -69.61
N ALA J 114 -5.32 36.59 -69.22
CA ALA J 114 -6.49 36.13 -68.50
C ALA J 114 -6.72 36.95 -67.24
N GLU J 115 -5.65 37.45 -66.63
CA GLU J 115 -5.82 38.34 -65.49
C GLU J 115 -6.54 39.62 -65.89
N GLY J 116 -6.18 40.19 -67.04
CA GLY J 116 -6.88 41.37 -67.52
C GLY J 116 -8.34 41.09 -67.80
N TRP J 117 -8.63 39.95 -68.42
CA TRP J 117 -10.03 39.60 -68.68
C TRP J 117 -10.79 39.42 -67.37
N LEU J 118 -10.18 38.76 -66.40
CA LEU J 118 -10.85 38.55 -65.12
C LEU J 118 -11.09 39.87 -64.40
N GLN J 119 -10.17 40.83 -64.52
CA GLN J 119 -10.38 42.12 -63.87
C GLN J 119 -11.44 42.95 -64.58
N TRP J 120 -11.52 42.85 -65.91
CA TRP J 120 -12.64 43.44 -66.62
C TRP J 120 -13.96 42.85 -66.15
N VAL J 121 -13.99 41.52 -65.99
CA VAL J 121 -15.19 40.87 -65.46
C VAL J 121 -15.49 41.36 -64.05
N ALA J 122 -14.45 41.58 -63.25
CA ALA J 122 -14.65 42.04 -61.88
C ALA J 122 -15.25 43.44 -61.85
N LEU J 123 -14.75 44.34 -62.71
CA LEU J 123 -15.33 45.67 -62.78
C LEU J 123 -16.80 45.60 -63.21
N CYS J 124 -17.09 44.78 -64.22
CA CYS J 124 -18.46 44.65 -64.67
C CYS J 124 -19.36 44.07 -63.58
N GLY J 125 -18.84 43.12 -62.80
CA GLY J 125 -19.62 42.58 -61.71
C GLY J 125 -19.87 43.59 -60.63
N CYS J 126 -18.87 44.42 -60.32
CA CYS J 126 -19.08 45.52 -59.39
C CYS J 126 -20.22 46.41 -59.87
N TYR J 127 -20.17 46.79 -61.14
CA TYR J 127 -21.18 47.70 -61.67
C TYR J 127 -22.52 47.02 -61.95
N GLU J 128 -22.58 45.69 -61.86
CA GLU J 128 -23.84 44.98 -62.00
C GLU J 128 -24.51 44.72 -60.65
N LEU J 129 -23.71 44.45 -59.61
CA LEU J 129 -24.27 44.11 -58.30
C LEU J 129 -24.40 45.31 -57.39
N CYS J 130 -23.45 46.25 -57.42
CA CYS J 130 -23.39 47.30 -56.40
C CYS J 130 -24.09 48.58 -56.84
N VAL J 131 -23.64 49.19 -57.94
CA VAL J 131 -24.05 50.55 -58.28
C VAL J 131 -25.08 50.61 -59.38
N ASN J 132 -25.55 49.47 -59.89
CA ASN J 132 -26.69 49.42 -60.81
C ASN J 132 -27.77 48.62 -60.11
N GLN J 133 -28.77 49.31 -59.58
CA GLN J 133 -29.86 48.70 -58.85
C GLN J 133 -31.18 49.06 -59.51
N PRO J 134 -32.07 48.10 -59.79
CA PRO J 134 -33.33 48.45 -60.44
C PRO J 134 -34.23 49.27 -59.55
N VAL J 135 -34.41 50.55 -59.89
CA VAL J 135 -35.25 51.43 -59.06
C VAL J 135 -36.69 50.95 -59.08
N ASP J 136 -37.20 50.59 -60.25
CA ASP J 136 -38.58 50.14 -60.41
C ASP J 136 -38.60 48.82 -61.18
N ALA J 137 -39.27 47.82 -60.61
CA ALA J 137 -39.40 46.53 -61.28
C ALA J 137 -40.38 46.57 -62.43
N ALA J 138 -41.33 47.52 -62.42
CA ALA J 138 -42.32 47.58 -63.49
C ALA J 138 -41.65 47.82 -64.85
N ASP J 139 -40.68 48.73 -64.91
CA ASP J 139 -39.95 48.99 -66.14
C ASP J 139 -38.55 48.42 -66.01
N PRO J 140 -38.11 47.52 -66.91
CA PRO J 140 -36.79 46.94 -66.78
C PRO J 140 -35.72 47.73 -67.53
N GLY J 141 -34.47 47.49 -67.14
CA GLY J 141 -33.33 48.13 -67.75
C GLY J 141 -33.08 49.55 -67.31
N ASN J 142 -33.86 50.07 -66.36
CA ASN J 142 -33.72 51.43 -65.86
C ASN J 142 -33.17 51.38 -64.44
N TYR J 143 -31.97 51.93 -64.26
CA TYR J 143 -31.33 51.96 -62.94
C TYR J 143 -31.18 53.39 -62.42
N GLY J 144 -31.95 54.33 -62.97
CA GLY J 144 -31.90 55.69 -62.48
C GLY J 144 -30.65 56.46 -62.86
N LYS J 145 -29.96 56.04 -63.91
CA LYS J 145 -28.75 56.73 -64.35
C LYS J 145 -29.05 57.87 -65.32
N GLY J 146 -30.32 58.08 -65.67
CA GLY J 146 -30.70 59.23 -66.46
C GLY J 146 -30.43 59.04 -67.95
N LYS J 147 -30.66 60.12 -68.69
CA LYS J 147 -30.49 60.09 -70.14
C LYS J 147 -29.08 59.67 -70.51
N LEU J 148 -28.97 58.80 -71.51
CA LEU J 148 -27.68 58.31 -71.98
C LEU J 148 -26.86 57.77 -70.82
N GLY J 149 -27.53 57.17 -69.84
CA GLY J 149 -26.87 56.61 -68.68
C GLY J 149 -25.77 57.49 -68.13
N TYR J 150 -26.03 58.79 -68.06
CA TYR J 150 -25.02 59.75 -67.65
C TYR J 150 -24.88 59.86 -66.13
N GLY J 151 -25.67 59.11 -65.37
CA GLY J 151 -25.49 59.08 -63.93
C GLY J 151 -24.26 58.30 -63.49
N ASN J 152 -23.63 57.60 -64.42
CA ASN J 152 -22.39 56.90 -64.12
C ASN J 152 -21.22 57.53 -64.86
N MET J 153 -21.35 58.75 -65.39
CA MET J 153 -20.24 59.38 -66.06
C MET J 153 -19.11 59.55 -65.10
N VAL J 154 -19.38 60.06 -63.91
CA VAL J 154 -18.36 60.32 -62.92
C VAL J 154 -18.90 60.04 -61.57
N LEU J 155 -18.06 59.58 -60.68
CA LEU J 155 -18.49 59.25 -59.34
C LEU J 155 -19.00 60.50 -58.63
N GLY J 156 -20.01 60.31 -57.79
CA GLY J 156 -20.50 61.38 -56.95
C GLY J 156 -21.59 62.24 -57.54
N ILE J 157 -22.32 61.76 -58.54
CA ILE J 157 -23.43 62.49 -59.13
C ILE J 157 -24.64 61.59 -59.19
N THR J 158 -25.82 62.21 -59.11
CA THR J 158 -27.10 61.52 -59.23
C THR J 158 -27.84 62.07 -60.43
N ALA J 159 -28.35 61.17 -61.26
CA ALA J 159 -29.03 61.55 -62.49
C ALA J 159 -30.52 61.72 -62.25
N GLU J 160 -31.18 62.40 -63.19
CA GLU J 160 -32.60 62.67 -63.13
C GLU J 160 -33.27 62.17 -64.40
N SER J 161 -34.43 61.55 -64.25
CA SER J 161 -35.20 61.11 -65.41
C SER J 161 -35.79 62.30 -66.15
N ILE J 162 -35.93 62.16 -67.46
CA ILE J 162 -36.47 63.24 -68.27
C ILE J 162 -37.94 63.45 -67.91
N SER J 163 -38.30 64.71 -67.65
CA SER J 163 -39.65 65.00 -67.18
C SER J 163 -40.68 64.75 -68.28
N ASP J 164 -40.40 65.21 -69.49
CA ASP J 164 -41.40 65.13 -70.55
C ASP J 164 -41.67 63.67 -70.92
N PRO J 165 -42.93 63.22 -70.89
CA PRO J 165 -43.20 61.84 -71.32
C PRO J 165 -42.79 61.56 -72.77
N GLU J 166 -43.01 62.53 -73.65
CA GLU J 166 -42.60 62.35 -75.04
C GLU J 166 -41.09 62.20 -75.14
N ALA J 167 -40.34 63.03 -74.41
CA ALA J 167 -38.89 62.93 -74.42
C ALA J 167 -38.43 61.60 -73.87
N ARG J 168 -39.04 61.14 -72.78
CA ARG J 168 -38.70 59.83 -72.23
C ARG J 168 -38.93 58.73 -73.26
N LYS J 169 -40.10 58.75 -73.90
CA LYS J 169 -40.44 57.70 -74.86
C LYS J 169 -39.47 57.72 -76.04
N ARG J 170 -39.21 58.91 -76.58
CA ARG J 170 -38.33 59.01 -77.74
C ARG J 170 -36.92 58.56 -77.38
N GLY J 171 -36.41 58.99 -76.23
CA GLY J 171 -35.08 58.58 -75.82
C GLY J 171 -34.96 57.09 -75.62
N LEU J 172 -35.95 56.49 -74.95
CA LEU J 172 -35.91 55.05 -74.73
C LEU J 172 -36.01 54.27 -76.03
N ASN J 173 -36.87 54.73 -76.94
CA ASN J 173 -36.98 54.08 -78.24
C ASN J 173 -35.67 54.18 -79.00
N SER J 174 -35.02 55.34 -78.97
CA SER J 174 -33.73 55.47 -79.63
C SER J 174 -32.69 54.56 -78.98
N GLU J 175 -32.70 54.48 -77.66
CA GLU J 175 -31.80 53.56 -76.97
C GLU J 175 -31.99 52.14 -77.48
N LEU J 176 -33.25 51.68 -77.51
CA LEU J 176 -33.51 50.30 -77.91
C LEU J 176 -33.10 50.08 -79.36
N ALA J 177 -33.44 51.00 -80.25
CA ALA J 177 -33.12 50.83 -81.66
C ALA J 177 -31.61 50.80 -81.89
N ASN J 178 -30.88 51.71 -81.23
CA ASN J 178 -29.42 51.69 -81.36
C ASN J 178 -28.82 50.44 -80.74
N GLY J 179 -29.43 49.94 -79.66
CA GLY J 179 -28.96 48.68 -79.09
C GLY J 179 -29.12 47.53 -80.07
N ARG J 180 -30.26 47.46 -80.76
CA ARG J 180 -30.45 46.42 -81.76
C ARG J 180 -29.44 46.57 -82.90
N LEU J 181 -29.25 47.80 -83.37
CA LEU J 181 -28.30 48.03 -84.46
C LEU J 181 -26.90 47.62 -84.06
N ALA J 182 -26.49 47.95 -82.84
CA ALA J 182 -25.17 47.56 -82.37
C ALA J 182 -25.07 46.06 -82.15
N MET J 183 -26.17 45.42 -81.72
CA MET J 183 -26.15 43.97 -81.57
C MET J 183 -25.91 43.28 -82.90
N MET J 184 -26.53 43.79 -83.96
CA MET J 184 -26.28 43.24 -85.29
C MET J 184 -24.88 43.60 -85.77
N ALA J 185 -24.44 44.83 -85.50
CA ALA J 185 -23.16 45.30 -86.02
C ALA J 185 -21.98 44.58 -85.38
N ILE J 186 -22.08 44.27 -84.09
CA ILE J 186 -20.98 43.57 -83.42
C ILE J 186 -20.86 42.15 -83.96
N MET J 187 -22.00 41.49 -84.23
CA MET J 187 -21.94 40.18 -84.88
C MET J 187 -21.32 40.28 -86.25
N GLY J 188 -21.69 41.31 -87.02
CA GLY J 188 -21.06 41.52 -88.32
C GLY J 188 -19.56 41.73 -88.20
N LEU J 189 -19.11 42.46 -87.21
CA LEU J 189 -17.70 42.70 -87.09
C LEU J 189 -17.00 41.44 -86.61
N TRP J 190 -17.60 40.63 -85.76
CA TRP J 190 -17.01 39.34 -85.43
C TRP J 190 -16.88 38.45 -86.65
N VAL J 191 -17.90 38.45 -87.51
CA VAL J 191 -17.85 37.65 -88.72
C VAL J 191 -16.73 38.16 -89.64
N GLN J 192 -16.59 39.49 -89.75
CA GLN J 192 -15.51 40.03 -90.57
C GLN J 192 -14.14 39.68 -90.00
N ASP J 193 -14.01 39.71 -88.67
CA ASP J 193 -12.75 39.35 -88.04
C ASP J 193 -12.43 37.88 -88.27
N GLY J 194 -13.45 37.02 -88.27
CA GLY J 194 -13.23 35.62 -88.60
C GLY J 194 -12.81 35.45 -90.06
N LEU J 195 -13.49 36.15 -90.97
CA LEU J 195 -13.19 36.01 -92.39
C LEU J 195 -11.77 36.49 -92.69
N PHE J 196 -11.37 37.61 -92.11
CA PHE J 196 -10.04 38.17 -92.31
C PHE J 196 -9.39 38.39 -90.95
N GLY J 197 -8.11 38.04 -90.86
CA GLY J 197 -7.43 38.11 -89.57
C GLY J 197 -7.61 39.45 -88.88
N THR J 198 -7.45 40.53 -89.62
CA THR J 198 -7.69 41.85 -89.07
C THR J 198 -9.19 42.14 -89.07
N PRO J 199 -9.68 42.94 -88.11
CA PRO J 199 -11.12 43.21 -88.06
C PRO J 199 -11.66 43.91 -89.29
N TYR J 200 -10.80 44.55 -90.09
CA TYR J 200 -11.22 45.27 -91.29
C TYR J 200 -10.35 44.86 -92.46
N GLY J 201 -10.17 43.56 -92.64
CA GLY J 201 -9.29 43.07 -93.69
C GLY J 201 -9.73 43.51 -95.07
N LEU J 202 -11.04 43.55 -95.32
CA LEU J 202 -11.53 43.87 -96.65
C LEU J 202 -11.08 45.26 -97.10
N TYR J 203 -11.09 46.22 -96.18
CA TYR J 203 -10.62 47.57 -96.50
C TYR J 203 -9.11 47.67 -96.29
N GLU K 73 13.62 -28.41 92.58
CA GLU K 73 14.14 -29.80 92.69
C GLU K 73 14.73 -30.04 94.07
N PHE K 74 13.89 -29.91 95.09
CA PHE K 74 14.36 -30.15 96.46
C PHE K 74 14.81 -31.59 96.64
N ASN K 75 14.07 -32.54 96.06
CA ASN K 75 14.40 -33.96 96.12
C ASN K 75 14.54 -34.51 94.72
N GLY K 76 15.47 -35.44 94.55
CA GLY K 76 15.70 -36.07 93.26
C GLY K 76 15.90 -37.57 93.39
N ALA K 77 15.66 -38.11 94.58
CA ALA K 77 15.82 -39.55 94.78
C ALA K 77 14.86 -40.35 93.92
N ASP K 78 13.73 -39.75 93.54
CA ASP K 78 12.78 -40.42 92.67
C ASP K 78 13.15 -40.34 91.19
N MET K 79 14.20 -39.60 90.84
CA MET K 79 14.66 -39.54 89.48
C MET K 79 15.28 -40.88 89.07
N PRO K 80 15.34 -41.16 87.77
CA PRO K 80 15.80 -42.50 87.34
C PRO K 80 17.19 -42.86 87.82
N GLY K 81 18.08 -41.89 87.97
CA GLY K 81 19.48 -42.17 88.26
C GLY K 81 19.79 -42.47 89.71
N ALA K 82 18.80 -42.52 90.59
CA ALA K 82 19.06 -42.75 92.00
C ALA K 82 19.86 -44.03 92.22
N THR K 83 19.28 -45.17 91.86
CA THR K 83 19.96 -46.46 91.98
C THR K 83 20.22 -46.80 93.44
N ALA K 84 20.35 -48.09 93.75
CA ALA K 84 20.48 -48.57 95.12
C ALA K 84 21.87 -48.31 95.70
N PRO K 85 22.95 -48.68 94.99
CA PRO K 85 24.31 -48.46 95.53
C PRO K 85 24.47 -47.12 96.22
N LEU K 86 24.17 -46.03 95.50
CA LEU K 86 24.28 -44.68 96.05
C LEU K 86 23.10 -43.87 95.55
N GLY K 87 22.14 -43.61 96.45
CA GLY K 87 20.96 -42.85 96.08
C GLY K 87 21.29 -41.37 95.95
N TRP K 88 21.03 -40.79 94.79
CA TRP K 88 21.28 -39.38 94.53
C TRP K 88 22.72 -39.00 94.89
N PHE K 89 23.67 -39.79 94.38
CA PHE K 89 25.08 -39.54 94.63
C PHE K 89 25.49 -38.23 93.95
N ASP K 90 25.81 -37.22 94.75
CA ASP K 90 26.19 -35.92 94.23
C ASP K 90 26.95 -35.12 95.28
N PRO K 91 28.15 -35.56 95.68
CA PRO K 91 28.87 -34.81 96.72
C PRO K 91 29.17 -33.38 96.33
N LEU K 92 29.49 -33.13 95.06
CA LEU K 92 29.83 -31.77 94.63
C LEU K 92 28.60 -30.89 94.42
N GLY K 93 27.42 -31.49 94.29
CA GLY K 93 26.20 -30.70 94.15
C GLY K 93 26.20 -29.79 92.94
N LEU K 94 26.64 -30.30 91.79
CA LEU K 94 26.61 -29.49 90.57
C LEU K 94 25.18 -29.21 90.14
N GLY K 95 24.36 -30.26 90.07
CA GLY K 95 22.96 -30.10 89.72
C GLY K 95 22.03 -30.35 90.88
N LYS K 96 21.44 -29.28 91.41
CA LYS K 96 20.46 -29.39 92.49
C LYS K 96 19.16 -28.64 92.22
N THR K 97 19.09 -27.83 91.16
CA THR K 97 17.85 -27.19 90.75
C THR K 97 17.37 -27.83 89.45
N GLU K 98 16.05 -27.86 89.28
CA GLU K 98 15.45 -28.65 88.20
C GLU K 98 16.11 -28.35 86.86
N GLU K 99 16.40 -27.08 86.58
CA GLU K 99 16.95 -26.72 85.28
C GLU K 99 18.36 -27.30 85.11
N ARG K 100 19.21 -27.11 86.12
CA ARG K 100 20.57 -27.66 86.05
C ARG K 100 20.53 -29.18 85.94
N PHE K 101 19.65 -29.82 86.70
CA PHE K 101 19.56 -31.27 86.65
C PHE K 101 19.08 -31.74 85.27
N ASN K 102 18.13 -31.03 84.67
CA ASN K 102 17.67 -31.40 83.34
C ASN K 102 18.80 -31.29 82.33
N LYS K 103 19.56 -30.19 82.38
CA LYS K 103 20.67 -30.03 81.45
C LYS K 103 21.71 -31.13 81.65
N MET K 104 22.08 -31.38 82.91
CA MET K 104 23.07 -32.40 83.21
C MET K 104 22.60 -33.79 82.83
N ARG K 105 21.30 -34.06 82.94
CA ARG K 105 20.78 -35.36 82.56
C ARG K 105 20.76 -35.53 81.06
N ALA K 106 20.43 -34.47 80.32
CA ALA K 106 20.56 -34.54 78.87
C ALA K 106 21.99 -34.86 78.47
N ALA K 107 22.95 -34.16 79.08
CA ALA K 107 24.36 -34.43 78.78
C ALA K 107 24.75 -35.86 79.17
N GLU K 108 24.28 -36.33 80.33
CA GLU K 108 24.63 -37.66 80.79
C GLU K 108 24.06 -38.73 79.87
N LEU K 109 22.81 -38.57 79.44
CA LEU K 109 22.22 -39.54 78.54
C LEU K 109 22.95 -39.56 77.21
N LYS K 110 23.28 -38.38 76.67
CA LYS K 110 24.03 -38.33 75.41
C LYS K 110 25.37 -39.04 75.56
N HIS K 111 26.10 -38.74 76.63
CA HIS K 111 27.40 -39.36 76.83
C HIS K 111 27.27 -40.87 77.00
N GLY K 112 26.29 -41.31 77.78
CA GLY K 112 26.10 -42.73 77.99
C GLY K 112 25.81 -43.47 76.70
N ARG K 113 24.87 -42.94 75.91
CA ARG K 113 24.52 -43.58 74.65
C ARG K 113 25.71 -43.62 73.71
N VAL K 114 26.43 -42.50 73.60
CA VAL K 114 27.61 -42.47 72.74
C VAL K 114 28.62 -43.51 73.20
N ALA K 115 28.73 -43.70 74.51
CA ALA K 115 29.62 -44.70 75.01
C ALA K 115 29.13 -46.11 74.77
N MET K 116 27.83 -46.33 74.89
CA MET K 116 27.31 -47.66 74.72
C MET K 116 27.62 -48.06 73.32
N MET K 117 27.46 -47.16 72.39
CA MET K 117 27.65 -47.48 71.00
C MET K 117 29.12 -47.52 70.62
N ALA K 118 29.97 -46.70 71.20
CA ALA K 118 31.40 -46.77 70.95
C ALA K 118 31.98 -48.12 71.37
N SER K 119 31.55 -48.59 72.53
CA SER K 119 32.06 -49.85 73.06
C SER K 119 31.68 -51.01 72.18
N LEU K 120 30.41 -51.11 71.81
CA LEU K 120 29.99 -52.15 70.90
C LEU K 120 30.69 -51.96 69.56
N GLY K 121 30.84 -50.73 69.09
CA GLY K 121 31.55 -50.48 67.84
C GLY K 121 32.94 -51.05 67.86
N CYS K 122 33.72 -50.80 68.88
CA CYS K 122 35.04 -51.43 69.02
C CYS K 122 34.92 -52.94 68.88
N VAL K 123 34.03 -53.54 69.68
CA VAL K 123 33.96 -54.99 69.74
C VAL K 123 33.63 -55.58 68.37
N VAL K 124 32.63 -55.01 67.70
CA VAL K 124 32.22 -55.55 66.41
C VAL K 124 33.28 -55.27 65.35
N GLN K 125 33.80 -54.03 65.30
CA GLN K 125 34.77 -53.63 64.28
C GLN K 125 36.03 -54.50 64.24
N HIS K 126 36.43 -55.03 65.39
CA HIS K 126 37.60 -55.89 65.45
C HIS K 126 37.42 -57.13 64.59
N TRP K 127 36.25 -57.75 64.66
CA TRP K 127 35.97 -58.95 63.86
C TRP K 127 35.01 -58.74 62.67
N ALA K 128 34.74 -57.49 62.31
CA ALA K 128 33.87 -57.20 61.17
C ALA K 128 34.18 -55.83 60.56
N LYS K 129 34.04 -55.69 59.25
CA LYS K 129 34.28 -54.43 58.55
C LYS K 129 33.41 -54.36 57.31
N PHE K 130 33.14 -53.14 56.86
CA PHE K 130 32.39 -52.93 55.63
C PHE K 130 33.28 -53.18 54.41
N PRO K 131 32.68 -53.42 53.25
CA PRO K 131 33.47 -53.45 52.02
C PRO K 131 34.17 -52.13 51.78
N GLY K 132 35.42 -52.20 51.33
CA GLY K 132 36.23 -51.01 51.11
C GLY K 132 36.93 -50.49 52.34
N PHE K 133 36.65 -51.04 53.52
CA PHE K 133 37.32 -50.64 54.76
C PHE K 133 38.14 -51.81 55.32
N GLU K 134 38.58 -52.71 54.44
CA GLU K 134 39.28 -53.91 54.89
C GLU K 134 40.62 -53.56 55.53
N SER K 135 41.33 -52.58 54.96
CA SER K 135 42.67 -52.24 55.45
C SER K 135 42.63 -51.54 56.81
N ALA K 136 41.49 -50.99 57.20
CA ALA K 136 41.44 -50.23 58.44
C ALA K 136 41.77 -51.14 59.63
N PRO K 137 42.62 -50.69 60.57
CA PRO K 137 42.95 -51.55 61.72
C PRO K 137 41.74 -51.89 62.58
N ALA K 138 40.71 -51.04 62.58
CA ALA K 138 39.46 -51.22 63.32
C ALA K 138 39.63 -50.90 64.80
N GLY K 139 40.77 -50.39 65.23
CA GLY K 139 40.98 -50.05 66.62
C GLY K 139 41.05 -48.55 66.86
N LEU K 140 41.94 -48.14 67.77
CA LEU K 140 42.10 -46.73 68.06
C LEU K 140 42.64 -45.97 66.85
N GLY K 141 43.54 -46.59 66.09
CA GLY K 141 44.15 -45.93 64.95
C GLY K 141 43.36 -46.06 63.68
N ALA K 142 42.08 -46.44 63.80
CA ALA K 142 41.24 -46.60 62.61
C ALA K 142 41.17 -45.32 61.79
N LEU K 143 41.22 -44.16 62.44
CA LEU K 143 41.12 -42.90 61.70
C LEU K 143 42.28 -42.69 60.75
N SER K 144 43.40 -43.41 60.95
CA SER K 144 44.57 -43.20 60.09
C SER K 144 44.26 -43.52 58.63
N ASN K 145 43.56 -44.61 58.38
CA ASN K 145 43.26 -45.01 57.02
C ASN K 145 42.41 -43.95 56.33
N PRO K 146 42.74 -43.52 55.11
CA PRO K 146 41.91 -42.51 54.44
C PRO K 146 40.46 -42.93 54.25
N ALA K 147 40.21 -44.20 53.93
CA ALA K 147 38.83 -44.65 53.76
C ALA K 147 38.07 -44.59 55.08
N ALA K 148 38.73 -45.00 56.17
CA ALA K 148 38.11 -44.89 57.49
C ALA K 148 37.86 -43.43 57.85
N LEU K 149 38.75 -42.54 57.44
CA LEU K 149 38.55 -41.11 57.69
C LEU K 149 37.33 -40.59 56.92
N GLY K 150 37.17 -41.03 55.67
CA GLY K 150 35.98 -40.65 54.92
C GLY K 150 34.71 -41.18 55.55
N GLY K 151 34.80 -42.39 56.12
CA GLY K 151 33.67 -42.98 56.81
C GLY K 151 33.35 -42.26 58.10
N MET K 152 34.37 -41.89 58.87
CA MET K 152 34.15 -41.12 60.09
C MET K 152 33.53 -39.83 59.66
N GLY K 153 33.97 -39.28 58.55
CA GLY K 153 33.43 -38.04 58.07
C GLY K 153 31.97 -38.10 57.69
N ALA K 154 31.54 -39.17 57.05
CA ALA K 154 30.13 -39.33 56.69
C ALA K 154 29.32 -39.57 57.94
N LEU K 155 29.87 -40.30 58.90
CA LEU K 155 29.23 -40.49 60.19
C LEU K 155 29.04 -39.17 60.93
N PHE K 156 30.03 -38.29 60.83
CA PHE K 156 29.94 -36.98 61.46
C PHE K 156 28.79 -36.18 60.87
N LEU K 157 28.64 -36.21 59.54
CA LEU K 157 27.54 -35.49 58.90
C LEU K 157 26.19 -36.08 59.32
N GLY K 158 26.09 -37.41 59.36
CA GLY K 158 24.85 -38.03 59.81
C GLY K 158 24.52 -37.69 61.25
N CYS K 159 25.53 -37.68 62.12
CA CYS K 159 25.32 -37.31 63.51
C CYS K 159 24.89 -35.86 63.63
N GLY K 160 25.45 -34.98 62.80
CA GLY K 160 24.98 -33.62 62.77
C GLY K 160 23.53 -33.51 62.35
N VAL K 161 23.13 -34.31 61.35
CA VAL K 161 21.74 -34.33 60.93
C VAL K 161 20.85 -34.75 62.10
N LEU K 162 21.25 -35.78 62.83
CA LEU K 162 20.47 -36.22 63.99
C LEU K 162 20.43 -35.15 65.07
N GLU K 163 21.57 -34.49 65.33
CA GLU K 163 21.66 -33.57 66.45
C GLU K 163 20.90 -32.28 66.18
N LEU K 164 21.30 -31.55 65.14
CA LEU K 164 20.60 -30.32 64.81
C LEU K 164 19.18 -30.57 64.31
N GLY K 165 18.84 -31.81 64.00
CA GLY K 165 17.54 -32.11 63.42
C GLY K 165 16.61 -32.91 64.31
N PHE K 166 16.52 -34.21 64.04
CA PHE K 166 15.51 -35.05 64.70
C PHE K 166 15.72 -35.07 66.20
N TRP K 167 16.95 -35.34 66.65
CA TRP K 167 17.23 -35.58 68.06
C TRP K 167 17.83 -34.34 68.73
N SER K 168 17.40 -33.15 68.34
CA SER K 168 17.91 -31.94 68.96
C SER K 168 17.46 -31.86 70.41
N ASP K 169 18.40 -31.52 71.30
CA ASP K 169 18.09 -31.48 72.73
C ASP K 169 17.09 -30.36 73.04
N GLU K 170 17.21 -29.23 72.35
CA GLU K 170 16.30 -28.12 72.62
C GLU K 170 14.85 -28.52 72.33
N ALA K 171 14.62 -29.20 71.20
CA ALA K 171 13.27 -29.63 70.86
C ALA K 171 12.80 -30.79 71.71
N ALA K 172 13.71 -31.46 72.41
CA ALA K 172 13.32 -32.60 73.23
C ALA K 172 12.34 -32.17 74.31
N LYS K 173 11.34 -33.02 74.55
CA LYS K 173 10.34 -32.70 75.57
C LYS K 173 10.92 -32.85 76.97
N GLU K 174 11.73 -33.88 77.18
CA GLU K 174 12.41 -34.16 78.43
C GLU K 174 13.84 -34.52 78.13
N PRO K 175 14.74 -34.44 79.13
CA PRO K 175 16.15 -34.75 78.87
C PRO K 175 16.31 -36.17 78.35
N GLY K 176 16.78 -36.27 77.11
CA GLY K 176 16.97 -37.55 76.47
C GLY K 176 15.73 -38.14 75.83
N ASN K 177 14.59 -37.47 75.92
CA ASN K 177 13.35 -37.93 75.32
C ASN K 177 13.25 -37.33 73.92
N PHE K 178 13.46 -38.16 72.90
CA PHE K 178 13.43 -37.72 71.51
C PHE K 178 12.20 -38.25 70.77
N GLY K 179 11.18 -38.70 71.50
CA GLY K 179 9.94 -39.13 70.90
C GLY K 179 9.81 -40.62 70.69
N ASP K 180 10.81 -41.41 71.08
CA ASP K 180 10.77 -42.86 70.90
C ASP K 180 10.45 -43.18 69.44
N PRO K 181 11.39 -42.94 68.52
CA PRO K 181 11.11 -43.15 67.09
C PRO K 181 10.51 -44.52 66.81
N ALA K 182 11.22 -45.58 67.20
CA ALA K 182 10.68 -46.92 67.16
C ALA K 182 9.99 -47.20 68.49
N ASN K 183 8.76 -47.68 68.43
CA ASN K 183 7.93 -47.76 69.63
C ASN K 183 8.38 -48.88 70.55
N PHE K 184 9.60 -48.76 71.10
CA PHE K 184 10.06 -49.73 72.09
C PHE K 184 9.20 -49.66 73.35
N SER K 185 8.68 -48.47 73.67
CA SER K 185 7.73 -48.36 74.77
C SER K 185 6.47 -49.15 74.49
N ALA K 186 6.08 -49.27 73.22
CA ALA K 186 4.93 -50.09 72.87
C ALA K 186 5.27 -51.58 72.89
N GLU K 187 6.47 -51.94 72.47
CA GLU K 187 6.85 -53.34 72.32
C GLU K 187 8.17 -53.60 73.03
N TYR K 188 8.20 -54.64 73.87
CA TYR K 188 9.41 -55.03 74.59
C TYR K 188 9.99 -53.89 75.40
N GLY K 189 9.12 -53.11 76.05
CA GLY K 189 9.59 -52.06 76.92
C GLY K 189 8.49 -51.07 77.22
N ALA K 190 8.84 -50.11 78.08
CA ALA K 190 7.93 -49.04 78.47
C ALA K 190 8.76 -47.86 78.94
N TYR K 191 8.16 -46.67 78.89
CA TYR K 191 8.84 -45.45 79.33
C TYR K 191 8.72 -45.31 80.85
N SER K 192 9.12 -46.36 81.55
CA SER K 192 8.99 -46.43 83.00
C SER K 192 10.30 -46.00 83.67
N LYS K 193 10.17 -45.60 84.93
CA LYS K 193 11.36 -45.20 85.69
C LYS K 193 12.39 -46.32 85.73
N GLU K 194 11.92 -47.57 85.79
CA GLU K 194 12.86 -48.69 85.80
C GLU K 194 13.71 -48.70 84.54
N PHE K 195 13.09 -48.53 83.38
CA PHE K 195 13.85 -48.55 82.13
C PHE K 195 14.70 -47.30 81.96
N ARG K 196 14.22 -46.15 82.45
CA ARG K 196 15.06 -44.96 82.42
C ARG K 196 16.32 -45.17 83.25
N ASP K 197 16.17 -45.75 84.44
CA ASP K 197 17.32 -46.04 85.29
C ASP K 197 18.24 -47.05 84.61
N LYS K 198 17.65 -48.05 83.95
CA LYS K 198 18.47 -49.02 83.22
C LYS K 198 19.32 -48.32 82.16
N GLU K 199 18.69 -47.45 81.37
CA GLU K 199 19.43 -46.73 80.34
C GLU K 199 20.54 -45.90 80.95
N ILE K 200 20.23 -45.18 82.03
CA ILE K 200 21.23 -44.30 82.64
C ILE K 200 22.41 -45.11 83.15
N ASN K 201 22.12 -46.20 83.87
CA ASN K 201 23.20 -46.98 84.47
C ASN K 201 24.05 -47.65 83.39
N HIS K 202 23.41 -48.18 82.35
CA HIS K 202 24.16 -48.76 81.25
C HIS K 202 25.02 -47.71 80.56
N GLY K 203 24.50 -46.50 80.42
CA GLY K 203 25.30 -45.43 79.85
C GLY K 203 26.53 -45.11 80.69
N ARG K 204 26.36 -45.07 82.01
CA ARG K 204 27.50 -44.85 82.89
C ARG K 204 28.54 -45.96 82.73
N MET K 205 28.09 -47.20 82.77
CA MET K 205 29.03 -48.28 82.68
C MET K 205 29.72 -48.28 81.32
N ALA K 206 29.02 -47.94 80.24
CA ALA K 206 29.64 -47.88 78.93
C ALA K 206 30.62 -46.73 78.84
N MET K 207 30.30 -45.63 79.51
CA MET K 207 31.17 -44.50 79.50
C MET K 207 32.45 -44.93 80.15
N MET K 208 32.40 -45.32 81.41
CA MET K 208 33.61 -45.67 82.12
C MET K 208 34.41 -46.66 81.33
N ALA K 209 33.73 -47.53 80.61
CA ALA K 209 34.43 -48.57 79.88
C ALA K 209 35.15 -48.05 78.67
N ILE K 210 34.50 -47.31 77.79
CA ILE K 210 35.14 -46.93 76.56
C ILE K 210 36.42 -46.24 76.91
N ILE K 211 36.40 -45.49 77.99
CA ILE K 211 37.59 -44.78 78.40
C ILE K 211 38.62 -45.81 78.71
N GLY K 212 38.26 -46.79 79.53
CA GLY K 212 39.17 -47.87 79.81
C GLY K 212 39.67 -48.58 78.57
N GLN K 213 38.77 -49.02 77.68
CA GLN K 213 39.20 -49.80 76.54
C GLN K 213 40.14 -48.99 75.69
N LEU K 214 39.76 -47.76 75.38
CA LEU K 214 40.59 -46.95 74.51
C LEU K 214 41.93 -46.63 75.15
N SER K 215 41.92 -46.27 76.42
CA SER K 215 43.15 -45.93 77.12
C SER K 215 44.08 -47.10 77.29
N ALA K 216 43.53 -48.24 77.66
CA ALA K 216 44.35 -49.40 77.83
C ALA K 216 44.94 -49.73 76.48
N GLU K 217 44.15 -49.55 75.42
CA GLU K 217 44.64 -49.82 74.09
C GLU K 217 45.81 -48.92 73.76
N ALA K 218 45.71 -47.66 74.11
CA ALA K 218 46.81 -46.76 73.85
C ALA K 218 48.07 -47.15 74.61
N VAL K 219 47.93 -47.46 75.90
CA VAL K 219 49.08 -47.80 76.72
C VAL K 219 49.72 -49.09 76.25
N THR K 220 48.91 -50.09 75.95
CA THR K 220 49.40 -51.39 75.50
C THR K 220 48.63 -51.64 74.23
N GLY K 221 49.29 -51.62 73.06
CA GLY K 221 48.53 -51.71 71.84
C GLY K 221 47.77 -53.01 71.73
N MET K 222 46.43 -52.97 71.81
CA MET K 222 45.61 -54.16 71.75
C MET K 222 44.30 -53.65 71.20
N ASP K 223 43.43 -54.55 70.76
CA ASP K 223 42.11 -54.15 70.27
C ASP K 223 41.12 -54.19 71.44
N ALA K 224 39.83 -54.07 71.16
CA ALA K 224 38.82 -54.04 72.21
C ALA K 224 38.89 -55.30 73.04
N ALA K 225 39.14 -56.43 72.40
CA ALA K 225 39.13 -57.68 73.14
C ALA K 225 40.14 -57.52 74.24
N GLN K 226 39.74 -57.82 75.47
CA GLN K 226 40.61 -57.61 76.62
C GLN K 226 40.05 -58.38 77.80
N GLU L 60 24.02 4.54 84.99
CA GLU L 60 25.03 3.85 84.13
C GLU L 60 26.44 4.06 84.66
N ALA L 61 27.39 3.31 84.11
CA ALA L 61 28.80 3.44 84.48
C ALA L 61 29.02 3.14 85.96
N GLY L 62 28.19 2.29 86.54
CA GLY L 62 28.33 1.93 87.94
C GLY L 62 28.43 0.44 88.16
N VAL L 63 29.14 -0.25 87.26
CA VAL L 63 29.27 -1.70 87.31
C VAL L 63 30.71 -2.06 86.92
N THR L 64 31.51 -2.50 87.90
CA THR L 64 32.86 -2.99 87.68
C THR L 64 33.75 -1.91 87.06
N ALA L 65 33.94 -0.83 87.81
CA ALA L 65 34.80 0.29 87.41
C ALA L 65 35.67 0.70 88.59
N PRO L 66 36.67 -0.11 88.95
CA PRO L 66 37.52 0.23 90.10
C PRO L 66 38.79 0.99 89.73
N LEU L 67 39.20 1.92 90.58
CA LEU L 67 40.51 2.57 90.49
C LEU L 67 40.74 3.17 89.10
N GLY L 68 39.94 4.19 88.82
CA GLY L 68 39.97 4.87 87.54
C GLY L 68 38.60 5.30 87.09
N TYR L 69 37.57 4.85 87.81
CA TYR L 69 36.19 5.24 87.55
C TYR L 69 35.87 4.86 86.10
N PHE L 70 35.31 5.74 85.29
CA PHE L 70 34.94 5.41 83.92
C PHE L 70 36.07 5.76 82.98
N ASP L 71 36.37 4.84 82.07
CA ASP L 71 37.48 5.06 81.14
C ASP L 71 37.15 6.20 80.19
N PRO L 72 38.14 7.02 79.82
CA PRO L 72 37.85 8.18 78.98
C PRO L 72 37.53 7.79 77.54
N ALA L 73 36.80 8.67 76.85
CA ALA L 73 36.38 8.39 75.48
C ALA L 73 35.67 7.06 75.39
N GLY L 74 34.94 6.69 76.44
CA GLY L 74 34.28 5.40 76.48
C GLY L 74 33.28 5.32 75.35
N PHE L 75 33.11 4.14 74.77
CA PHE L 75 32.23 3.97 73.61
C PHE L 75 30.84 3.51 74.03
N VAL L 76 30.59 3.38 75.33
CA VAL L 76 29.31 2.88 75.85
C VAL L 76 28.03 3.30 75.13
N GLN L 77 27.83 4.58 74.84
CA GLN L 77 26.67 5.09 74.09
C GLN L 77 25.42 4.73 74.90
N ASP L 78 24.51 3.90 74.39
CA ASP L 78 23.30 3.57 75.11
C ASP L 78 23.48 2.27 75.89
N GLU L 79 22.42 1.86 76.59
CA GLU L 79 22.50 0.69 77.46
C GLU L 79 22.77 -0.58 76.66
N GLU L 80 22.10 -0.73 75.51
CA GLU L 80 22.32 -1.92 74.69
C GLU L 80 23.74 -1.95 74.15
N SER L 81 24.26 -0.80 73.72
CA SER L 81 25.64 -0.73 73.25
C SER L 81 26.61 -1.10 74.36
N PHE L 82 26.38 -0.61 75.58
CA PHE L 82 27.25 -0.97 76.68
C PHE L 82 27.15 -2.46 76.99
N LEU L 83 25.95 -3.03 76.87
CA LEU L 83 25.77 -4.46 77.10
C LEU L 83 26.60 -5.27 76.11
N ASN L 84 26.51 -4.90 74.83
CA ASN L 84 27.31 -5.58 73.81
C ASN L 84 28.80 -5.42 74.08
N LEU L 85 29.23 -4.22 74.46
CA LEU L 85 30.65 -3.98 74.72
C LEU L 85 31.14 -4.78 75.91
N ARG L 86 30.33 -4.89 76.97
CA ARG L 86 30.71 -5.69 78.11
C ARG L 86 30.76 -7.17 77.75
N ARG L 87 29.81 -7.65 76.95
CA ARG L 87 29.88 -9.03 76.49
C ARG L 87 31.18 -9.28 75.76
N ALA L 88 31.52 -8.41 74.82
CA ALA L 88 32.77 -8.58 74.07
C ALA L 88 33.99 -8.51 74.97
N GLU L 89 33.98 -7.58 75.93
CA GLU L 89 35.12 -7.41 76.82
C GLU L 89 35.33 -8.66 77.67
N ILE L 90 34.25 -9.19 78.26
CA ILE L 90 34.38 -10.37 79.10
C ILE L 90 34.79 -11.58 78.27
N LYS L 91 34.25 -11.69 77.06
CA LYS L 91 34.65 -12.79 76.18
C LYS L 91 36.13 -12.71 75.85
N HIS L 92 36.61 -11.53 75.46
CA HIS L 92 38.02 -11.36 75.13
C HIS L 92 38.90 -11.64 76.34
N GLY L 93 38.47 -11.18 77.53
CA GLY L 93 39.26 -11.45 78.72
C GLY L 93 39.36 -12.94 79.00
N ARG L 94 38.23 -13.62 78.97
CA ARG L 94 38.24 -15.03 79.28
C ARG L 94 39.11 -15.77 78.28
N VAL L 95 39.01 -15.44 77.01
CA VAL L 95 39.86 -16.07 76.00
C VAL L 95 41.29 -15.81 76.31
N ALA L 96 41.63 -14.56 76.58
CA ALA L 96 43.01 -14.21 76.83
C ALA L 96 43.53 -14.90 78.06
N MET L 97 42.74 -15.01 79.11
CA MET L 97 43.18 -15.74 80.28
C MET L 97 43.45 -17.16 79.87
N MET L 98 42.59 -17.73 79.05
CA MET L 98 42.74 -19.11 78.62
C MET L 98 44.01 -19.24 77.81
N ALA L 99 44.29 -18.30 76.92
CA ALA L 99 45.46 -18.37 76.06
C ALA L 99 46.74 -18.27 76.84
N ALA L 100 46.76 -17.45 77.87
CA ALA L 100 47.93 -17.34 78.70
C ALA L 100 48.21 -18.68 79.30
N LEU L 101 47.18 -19.33 79.85
CA LEU L 101 47.37 -20.62 80.51
C LEU L 101 47.79 -21.68 79.51
N GLY L 102 47.22 -21.64 78.30
CA GLY L 102 47.58 -22.62 77.29
C GLY L 102 49.03 -22.52 76.87
N LEU L 103 49.52 -21.29 76.68
CA LEU L 103 50.93 -21.12 76.37
C LEU L 103 51.81 -21.60 77.51
N LEU L 104 51.44 -21.27 78.75
CA LEU L 104 52.21 -21.73 79.89
C LEU L 104 52.30 -23.25 79.93
N VAL L 105 51.17 -23.93 79.75
CA VAL L 105 51.15 -25.38 79.85
C VAL L 105 51.82 -26.02 78.63
N GLN L 106 51.72 -25.39 77.46
CA GLN L 106 52.36 -25.93 76.27
C GLN L 106 53.87 -25.85 76.39
N SER L 107 54.38 -24.79 77.01
CA SER L 107 55.82 -24.69 77.23
C SER L 107 56.35 -25.83 78.10
N LEU L 108 55.48 -26.50 78.85
CA LEU L 108 55.87 -27.56 79.77
C LEU L 108 55.60 -28.95 79.19
N ILE L 109 54.35 -29.22 78.82
CA ILE L 109 53.92 -30.55 78.40
C ILE L 109 53.24 -30.44 77.04
N LYS L 110 53.14 -31.57 76.35
CA LYS L 110 52.49 -31.67 75.06
C LYS L 110 51.45 -32.77 75.10
N LEU L 111 50.49 -32.69 74.18
CA LEU L 111 49.47 -33.72 74.06
C LEU L 111 50.08 -34.99 73.48
N PRO L 112 49.41 -36.13 73.66
CA PRO L 112 49.89 -37.36 73.02
C PRO L 112 49.91 -37.20 71.51
N GLY L 113 50.95 -37.75 70.88
CA GLY L 113 51.11 -37.56 69.45
C GLY L 113 51.27 -36.12 69.05
N PHE L 114 51.67 -35.25 69.99
CA PHE L 114 51.84 -33.82 69.72
C PHE L 114 53.20 -33.32 70.19
N ASP L 115 54.12 -34.23 70.50
CA ASP L 115 55.44 -33.81 70.99
C ASP L 115 56.26 -33.16 69.89
N SER L 116 56.11 -33.62 68.64
CA SER L 116 56.93 -33.11 67.56
C SER L 116 56.68 -31.62 67.31
N VAL L 117 55.42 -31.20 67.37
CA VAL L 117 55.05 -29.84 66.98
C VAL L 117 55.68 -28.84 67.95
N PRO L 118 56.02 -27.63 67.51
CA PRO L 118 56.59 -26.64 68.44
C PRO L 118 55.61 -26.28 69.54
N ALA L 119 56.17 -25.99 70.72
CA ALA L 119 55.33 -25.60 71.85
C ALA L 119 54.77 -24.20 71.69
N GLY L 120 55.44 -23.35 70.92
CA GLY L 120 55.05 -21.96 70.76
C GLY L 120 54.04 -21.76 69.65
N LEU L 121 54.04 -20.55 69.09
CA LEU L 121 53.10 -20.22 68.03
C LEU L 121 53.20 -21.20 66.86
N GLY L 122 54.38 -21.75 66.62
CA GLY L 122 54.62 -22.57 65.44
C GLY L 122 53.64 -23.70 65.22
N ALA L 123 52.82 -24.00 66.23
CA ALA L 123 51.84 -25.08 66.09
C ALA L 123 50.80 -24.76 65.04
N GLN L 124 50.67 -23.50 64.62
CA GLN L 124 49.62 -23.16 63.65
C GLN L 124 49.85 -23.87 62.32
N TRP L 125 51.07 -23.79 61.79
CA TRP L 125 51.36 -24.30 60.45
C TRP L 125 51.93 -25.71 60.45
N THR L 126 52.10 -26.33 61.61
CA THR L 126 52.51 -27.72 61.66
C THR L 126 51.30 -28.63 61.41
N ALA L 127 51.58 -29.86 60.97
CA ALA L 127 50.50 -30.75 60.56
C ALA L 127 49.60 -31.11 61.73
N PRO L 128 50.08 -31.79 62.79
CA PRO L 128 49.17 -32.09 63.91
C PRO L 128 48.58 -30.84 64.54
N GLY L 129 49.38 -29.78 64.68
CA GLY L 129 48.86 -28.55 65.25
C GLY L 129 47.78 -27.93 64.39
N ASP L 130 47.90 -28.05 63.08
CA ASP L 130 46.88 -27.50 62.18
C ASP L 130 45.53 -28.18 62.41
N ALA L 131 45.53 -29.51 62.45
CA ALA L 131 44.28 -30.24 62.69
C ALA L 131 43.73 -29.93 64.07
N GLY L 132 44.61 -29.88 65.08
CA GLY L 132 44.15 -29.53 66.42
C GLY L 132 43.49 -28.18 66.47
N LEU L 133 44.11 -27.17 65.83
CA LEU L 133 43.55 -25.84 65.82
C LEU L 133 42.22 -25.80 65.08
N TRP L 134 42.12 -26.50 63.95
CA TRP L 134 40.87 -26.52 63.21
C TRP L 134 39.74 -27.14 64.02
N THR L 135 40.01 -28.27 64.68
CA THR L 135 38.97 -28.90 65.48
C THR L 135 38.63 -28.04 66.71
N VAL L 136 39.61 -27.36 67.29
CA VAL L 136 39.32 -26.44 68.39
C VAL L 136 38.40 -25.34 67.91
N VAL L 137 38.65 -24.80 66.71
CA VAL L 137 37.78 -23.76 66.16
C VAL L 137 36.37 -24.30 65.95
N VAL L 138 36.26 -25.53 65.44
CA VAL L 138 34.93 -26.11 65.21
C VAL L 138 34.18 -26.26 66.53
N LEU L 139 34.86 -26.75 67.56
CA LEU L 139 34.21 -26.91 68.86
C LEU L 139 33.83 -25.56 69.45
N CYS L 140 34.68 -24.56 69.29
CA CYS L 140 34.34 -23.21 69.76
C CYS L 140 33.13 -22.68 69.02
N GLY L 141 33.01 -22.99 67.73
CA GLY L 141 31.81 -22.60 67.00
C GLY L 141 30.57 -23.27 67.55
N PHE L 142 30.65 -24.58 67.81
CA PHE L 142 29.54 -25.27 68.44
C PHE L 142 29.15 -24.60 69.75
N PHE L 143 30.14 -24.19 70.54
CA PHE L 143 29.86 -23.59 71.84
C PHE L 143 29.28 -22.18 71.71
N GLU L 144 29.71 -21.42 70.70
CA GLU L 144 29.36 -20.02 70.59
C GLU L 144 28.08 -19.76 69.82
N THR L 145 27.73 -20.63 68.87
CA THR L 145 26.49 -20.45 68.14
C THR L 145 25.26 -20.63 69.01
N GLY L 146 25.43 -21.14 70.24
CA GLY L 146 24.34 -21.39 71.13
C GLY L 146 23.91 -22.83 71.23
N LEU L 147 24.44 -23.71 70.36
CA LEU L 147 24.07 -25.11 70.41
C LEU L 147 24.31 -25.71 71.78
N ASN L 148 25.32 -25.22 72.50
CA ASN L 148 25.57 -25.70 73.85
C ASN L 148 24.40 -25.35 74.75
N GLN L 149 24.13 -26.24 75.72
CA GLN L 149 22.99 -26.04 76.60
C GLN L 149 23.22 -24.88 77.57
N TRP L 150 24.48 -24.63 77.93
CA TRP L 150 24.80 -23.52 78.83
C TRP L 150 25.02 -22.32 77.95
N ARG L 151 24.03 -21.45 77.85
CA ARG L 151 24.12 -20.33 76.94
C ARG L 151 23.88 -19.08 77.73
N GLU L 152 24.43 -17.95 77.31
CA GLU L 152 24.35 -16.73 78.09
C GLU L 152 23.02 -16.04 78.03
N ASP L 153 22.63 -15.35 79.11
CA ASP L 153 21.40 -14.57 79.07
C ASP L 153 21.60 -13.37 78.16
N PRO L 154 20.65 -13.08 77.26
CA PRO L 154 20.83 -11.91 76.38
C PRO L 154 21.13 -10.64 77.16
N LYS L 155 20.44 -10.43 78.28
CA LYS L 155 20.81 -9.40 79.23
C LYS L 155 21.77 -10.00 80.26
N GLN L 156 22.43 -9.12 81.00
CA GLN L 156 23.42 -9.57 81.96
C GLN L 156 24.46 -10.39 81.22
N PRO L 157 25.24 -9.77 80.35
CA PRO L 157 26.22 -10.52 79.54
C PRO L 157 27.34 -11.08 80.40
N GLY L 158 27.94 -12.16 79.88
CA GLY L 158 29.00 -12.85 80.59
C GLY L 158 28.53 -13.84 81.62
N ASN L 159 27.22 -14.03 81.77
CA ASN L 159 26.65 -14.99 82.71
C ASN L 159 26.10 -16.17 81.92
N PHE L 160 26.82 -17.29 81.97
CA PHE L 160 26.43 -18.51 81.27
C PHE L 160 25.61 -19.44 82.15
N GLY L 161 25.06 -18.94 83.26
CA GLY L 161 24.34 -19.77 84.19
C GLY L 161 25.19 -20.52 85.17
N ASP L 162 26.50 -20.26 85.20
CA ASP L 162 27.39 -20.90 86.16
C ASP L 162 27.34 -22.42 85.98
N PRO L 163 27.89 -22.95 84.89
CA PRO L 163 27.85 -24.40 84.66
C PRO L 163 28.30 -25.20 85.87
N MET L 164 29.50 -24.96 86.35
CA MET L 164 30.01 -25.61 87.55
C MET L 164 29.66 -24.74 88.76
N ASN L 165 29.05 -25.36 89.77
CA ASN L 165 28.57 -24.61 90.93
C ASN L 165 29.74 -24.21 91.81
N LEU L 166 30.64 -23.40 91.25
CA LEU L 166 31.83 -22.99 91.98
C LEU L 166 31.46 -22.16 93.21
N GLY L 167 30.53 -21.22 93.06
CA GLY L 167 30.09 -20.44 94.20
C GLY L 167 29.46 -19.10 93.88
N ASN L 168 29.93 -18.06 94.56
CA ASN L 168 29.26 -16.77 94.59
C ASN L 168 29.45 -16.01 93.27
N TYR L 169 28.68 -14.94 93.13
CA TYR L 169 28.71 -14.05 91.97
C TYR L 169 28.69 -12.60 92.44
N THR L 170 29.53 -12.29 93.42
CA THR L 170 29.52 -10.97 94.03
C THR L 170 30.21 -9.95 93.12
N MET L 171 29.88 -8.67 93.35
CA MET L 171 30.49 -7.60 92.56
C MET L 171 32.00 -7.64 92.65
N GLU L 172 32.54 -7.98 93.82
CA GLU L 172 33.98 -8.10 93.96
C GLU L 172 34.54 -9.20 93.06
N MET L 173 33.83 -10.33 92.99
CA MET L 173 34.27 -11.41 92.10
C MET L 173 34.20 -10.99 90.64
N ARG L 174 33.13 -10.28 90.25
CA ARG L 174 33.04 -9.82 88.87
C ARG L 174 34.18 -8.86 88.54
N ASN L 175 34.48 -7.94 89.46
CA ASN L 175 35.58 -7.01 89.24
C ASN L 175 36.91 -7.76 89.10
N LYS L 176 37.14 -8.74 89.97
CA LYS L 176 38.38 -9.50 89.91
C LYS L 176 38.48 -10.25 88.58
N GLU L 177 37.39 -10.89 88.15
CA GLU L 177 37.42 -11.60 86.88
C GLU L 177 37.73 -10.66 85.73
N LEU L 178 37.04 -9.52 85.68
CA LEU L 178 37.24 -8.58 84.58
C LEU L 178 38.66 -8.04 84.58
N ASN L 179 39.20 -7.72 85.76
CA ASN L 179 40.54 -7.13 85.80
C ASN L 179 41.61 -8.17 85.49
N ASN L 180 41.42 -9.42 85.93
CA ASN L 180 42.37 -10.46 85.58
C ASN L 180 42.34 -10.72 84.08
N GLY L 181 41.16 -10.71 83.47
CA GLY L 181 41.08 -10.78 82.02
C GLY L 181 41.76 -9.60 81.35
N ARG L 182 41.64 -8.42 81.97
CA ARG L 182 42.30 -7.23 81.43
C ARG L 182 43.82 -7.42 81.41
N ILE L 183 44.38 -7.94 82.50
CA ILE L 183 45.82 -8.23 82.52
C ILE L 183 46.15 -9.28 81.47
N ALA L 184 45.38 -10.37 81.44
CA ALA L 184 45.68 -11.47 80.53
C ALA L 184 45.67 -11.00 79.09
N MET L 185 44.84 -10.00 78.77
CA MET L 185 44.84 -9.43 77.43
C MET L 185 46.24 -8.94 77.06
N PHE L 186 46.80 -8.06 77.89
CA PHE L 186 48.12 -7.52 77.61
C PHE L 186 49.18 -8.60 77.66
N ALA L 187 49.05 -9.55 78.60
CA ALA L 187 50.04 -10.61 78.70
C ALA L 187 50.10 -11.43 77.42
N VAL L 188 48.95 -11.88 76.93
CA VAL L 188 48.92 -12.70 75.73
C VAL L 188 49.37 -11.87 74.52
N MET L 189 48.90 -10.64 74.41
CA MET L 189 49.29 -9.81 73.26
C MET L 189 50.79 -9.59 73.24
N GLY L 190 51.38 -9.28 74.40
CA GLY L 190 52.81 -9.09 74.46
C GLY L 190 53.57 -10.35 74.16
N ILE L 191 53.11 -11.49 74.68
CA ILE L 191 53.80 -12.75 74.40
C ILE L 191 53.79 -13.04 72.91
N ILE L 192 52.62 -12.93 72.29
CA ILE L 192 52.50 -13.25 70.86
C ILE L 192 53.36 -12.29 70.03
N SER L 193 53.29 -11.00 70.34
CA SER L 193 54.09 -10.02 69.61
C SER L 193 55.58 -10.33 69.76
N ALA L 194 56.02 -10.62 70.99
CA ALA L 194 57.42 -10.90 71.23
C ALA L 194 57.87 -12.13 70.45
N GLU L 195 57.06 -13.19 70.44
CA GLU L 195 57.44 -14.39 69.71
C GLU L 195 57.52 -14.10 68.22
N ILE L 196 56.48 -13.51 67.65
CA ILE L 196 56.49 -13.27 66.20
C ILE L 196 57.61 -12.32 65.81
N TYR L 197 58.04 -11.46 66.73
CA TYR L 197 59.09 -10.50 66.41
C TYR L 197 60.48 -11.12 66.54
N THR L 198 60.82 -11.61 67.74
CA THR L 198 62.15 -12.18 67.95
C THR L 198 62.38 -13.41 67.08
N GLY L 199 61.39 -14.29 67.01
CA GLY L 199 61.52 -15.52 66.25
C GLY L 199 60.69 -16.65 66.85
N SER M 1 17.09 30.51 57.28
CA SER M 1 16.27 29.93 56.18
C SER M 1 16.94 28.70 55.59
N GLU M 2 16.27 28.07 54.62
CA GLU M 2 16.83 26.88 54.00
C GLU M 2 18.14 27.18 53.28
N THR M 3 18.21 28.33 52.60
CA THR M 3 19.45 28.69 51.91
C THR M 3 20.58 28.92 52.90
N PHE M 4 20.29 29.61 54.01
CA PHE M 4 21.34 29.83 55.01
C PHE M 4 21.81 28.51 55.62
N ARG M 5 20.87 27.61 55.91
CA ARG M 5 21.27 26.32 56.49
C ARG M 5 22.10 25.50 55.51
N ARG M 6 21.69 25.46 54.24
CA ARG M 6 22.45 24.73 53.24
C ARG M 6 23.84 25.34 53.08
N ARG M 7 23.92 26.67 53.05
CA ARG M 7 25.21 27.33 52.92
C ARG M 7 26.08 27.10 54.15
N ARG M 8 25.48 27.03 55.34
CA ARG M 8 26.25 26.74 56.55
C ARG M 8 26.83 25.32 56.49
N ILE M 9 26.01 24.35 56.10
CA ILE M 9 26.52 22.98 55.99
C ILE M 9 27.63 22.93 54.94
N SER M 10 27.42 23.60 53.81
CA SER M 10 28.43 23.59 52.76
C SER M 10 29.72 24.25 53.22
N GLU M 11 29.63 25.36 53.94
CA GLU M 11 30.82 26.02 54.46
C GLU M 11 31.55 25.13 55.44
N ILE M 12 30.83 24.51 56.37
CA ILE M 12 31.49 23.70 57.36
C ILE M 12 32.24 22.64 56.61
N LYS M 13 31.59 21.98 55.67
CA LYS M 13 32.22 20.90 54.92
C LYS M 13 33.39 21.33 54.10
N ASN M 14 33.28 22.46 53.42
CA ASN M 14 34.38 22.97 52.62
C ASN M 14 35.53 23.32 53.56
N GLY M 15 35.27 23.75 54.79
CA GLY M 15 36.34 24.03 55.73
C GLY M 15 37.03 22.75 56.20
N ARG M 16 36.24 21.71 56.49
CA ARG M 16 36.84 20.43 56.88
C ARG M 16 37.72 19.89 55.75
N VAL M 17 37.18 19.85 54.53
CA VAL M 17 37.96 19.33 53.40
C VAL M 17 39.16 20.21 53.13
N ALA M 18 39.08 21.50 53.46
CA ALA M 18 40.20 22.40 53.22
C ALA M 18 41.31 22.18 54.24
N MET M 19 40.96 22.00 55.52
CA MET M 19 41.96 21.56 56.49
C MET M 19 42.63 20.27 56.02
N ILE M 20 41.82 19.32 55.57
CA ILE M 20 42.35 18.04 55.14
C ILE M 20 43.31 18.22 53.97
N ALA M 21 42.92 19.05 52.99
CA ALA M 21 43.76 19.27 51.81
C ALA M 21 45.04 20.01 52.18
N CYS M 22 44.96 20.99 53.08
CA CYS M 22 46.17 21.69 53.51
C CYS M 22 47.12 20.75 54.21
N MET M 23 46.60 19.87 55.07
CA MET M 23 47.45 18.89 55.73
C MET M 23 48.08 17.95 54.71
N GLY M 24 47.30 17.51 53.72
CA GLY M 24 47.82 16.62 52.70
C GLY M 24 48.82 17.27 51.77
N TYR M 25 48.76 18.59 51.64
CA TYR M 25 49.80 19.32 50.90
C TYR M 25 51.05 19.48 51.74
N ILE M 26 50.90 19.74 53.04
CA ILE M 26 52.03 20.05 53.89
C ILE M 26 52.84 18.80 54.24
N ALA M 27 52.16 17.70 54.56
CA ALA M 27 52.82 16.52 55.11
C ALA M 27 53.78 15.86 54.13
N PRO M 28 53.40 15.63 52.87
CA PRO M 28 54.23 14.80 51.99
C PRO M 28 55.67 15.27 51.87
N GLU M 29 55.91 16.58 51.80
CA GLU M 29 57.28 17.07 51.73
C GLU M 29 58.06 16.69 52.98
N TYR M 30 57.44 16.81 54.15
CA TYR M 30 58.10 16.43 55.39
C TYR M 30 58.40 14.93 55.43
N PHE M 31 57.38 14.12 55.15
CA PHE M 31 57.57 12.67 55.13
C PHE M 31 56.51 12.03 54.26
N ARG M 32 56.82 10.83 53.77
CA ARG M 32 55.92 10.09 52.89
C ARG M 32 55.84 8.64 53.36
N TRP M 33 54.65 8.07 53.28
CA TRP M 33 54.45 6.69 53.71
C TRP M 33 55.23 5.75 52.79
N PRO M 34 55.87 4.72 53.33
CA PRO M 34 56.46 3.69 52.47
C PRO M 34 55.47 2.55 52.22
N GLY M 35 55.86 1.66 51.31
CA GLY M 35 55.10 0.44 51.11
C GLY M 35 54.49 0.24 49.74
N TYR M 36 55.13 0.76 48.68
CA TYR M 36 54.76 0.41 47.31
C TYR M 36 53.30 0.74 47.03
N CYS M 37 53.02 2.04 46.96
CA CYS M 37 51.67 2.55 46.69
C CYS M 37 50.91 1.68 45.70
N SER M 38 51.56 1.32 44.59
CA SER M 38 50.97 0.44 43.57
C SER M 38 52.00 -0.63 43.23
N PRO M 39 52.03 -1.73 43.98
CA PRO M 39 53.06 -2.76 43.71
C PRO M 39 52.98 -3.34 42.31
N SER M 40 51.79 -3.38 41.70
CA SER M 40 51.67 -3.99 40.38
C SER M 40 52.51 -3.26 39.35
N THR M 41 52.50 -1.93 39.38
CA THR M 41 53.27 -1.11 38.45
C THR M 41 54.61 -0.68 39.02
N ASP M 42 55.00 -1.20 40.19
CA ASP M 42 56.25 -0.84 40.83
C ASP M 42 56.32 0.68 41.07
N LEU M 43 55.30 1.18 41.75
CA LEU M 43 55.19 2.59 42.11
C LEU M 43 55.32 2.75 43.60
N LYS M 44 56.02 3.79 44.03
CA LYS M 44 56.28 4.03 45.44
C LYS M 44 56.08 5.51 45.75
N PHE M 45 55.78 5.79 47.01
CA PHE M 45 55.46 7.15 47.43
C PHE M 45 56.61 8.10 47.16
N ALA M 46 57.84 7.67 47.44
CA ALA M 46 59.01 8.51 47.16
C ALA M 46 59.03 8.91 45.69
N ASP M 47 58.63 8.01 44.79
CA ASP M 47 58.61 8.32 43.37
C ASP M 47 57.46 9.25 43.01
N ILE M 48 56.27 9.00 43.55
CA ILE M 48 55.13 9.86 43.18
C ILE M 48 55.41 11.29 43.64
N PRO M 49 55.05 12.31 42.86
CA PRO M 49 55.22 13.69 43.31
C PRO M 49 54.01 14.18 44.12
N ASN M 50 54.19 15.34 44.73
CA ASN M 50 53.16 15.98 45.54
C ASN M 50 52.60 17.18 44.81
N GLY M 51 51.27 17.30 44.78
CA GLY M 51 50.62 18.41 44.12
C GLY M 51 49.65 17.96 43.04
N ILE M 52 49.40 18.84 42.07
CA ILE M 52 48.52 18.49 40.96
C ILE M 52 49.13 17.37 40.12
N GLN M 53 50.43 17.16 40.22
CA GLN M 53 51.07 16.13 39.41
C GLN M 53 50.62 14.74 39.84
N ALA M 54 50.20 14.57 41.10
CA ALA M 54 49.75 13.27 41.56
C ALA M 54 48.56 12.78 40.75
N LEU M 55 47.69 13.70 40.33
CA LEU M 55 46.50 13.32 39.58
C LEU M 55 46.88 12.54 38.33
N TYR M 56 47.88 13.02 37.59
CA TYR M 56 48.37 12.27 36.43
C TYR M 56 49.18 11.05 36.86
N LYS M 57 50.04 11.21 37.87
CA LYS M 57 50.98 10.16 38.22
C LYS M 57 50.29 8.90 38.71
N MET M 58 49.62 8.96 39.85
CA MET M 58 49.11 7.73 40.44
C MET M 58 47.92 7.21 39.63
N PRO M 59 47.74 5.90 39.58
CA PRO M 59 46.84 5.33 38.57
C PRO M 59 45.39 5.78 38.73
N ALA M 60 44.71 5.87 37.59
CA ALA M 60 43.28 6.16 37.60
C ALA M 60 42.52 5.16 38.45
N GLU M 61 42.99 3.91 38.51
CA GLU M 61 42.36 2.93 39.38
C GLU M 61 42.43 3.36 40.84
N ALA M 62 43.62 3.80 41.27
CA ALA M 62 43.77 4.25 42.66
C ALA M 62 42.89 5.47 42.93
N TRP M 63 42.86 6.41 41.99
CA TRP M 63 42.02 7.59 42.19
C TRP M 63 40.55 7.19 42.26
N ALA M 64 40.13 6.25 41.43
CA ALA M 64 38.73 5.82 41.46
C ALA M 64 38.40 5.10 42.76
N GLN M 65 39.33 4.32 43.30
CA GLN M 65 39.08 3.67 44.58
C GLN M 65 38.97 4.70 45.71
N ILE M 66 39.82 5.72 45.68
CA ILE M 66 39.68 6.79 46.66
C ILE M 66 38.32 7.47 46.51
N GLY M 67 37.91 7.73 45.27
CA GLY M 67 36.61 8.34 45.04
C GLY M 67 35.47 7.47 45.54
N VAL M 68 35.59 6.16 45.36
CA VAL M 68 34.55 5.24 45.86
C VAL M 68 34.50 5.27 47.38
N PHE M 69 35.66 5.35 48.03
CA PHE M 69 35.66 5.45 49.49
C PHE M 69 34.99 6.74 49.95
N ILE M 70 35.27 7.86 49.28
CA ILE M 70 34.62 9.11 49.65
C ILE M 70 33.13 9.02 49.38
N ALA M 71 32.74 8.34 48.31
CA ALA M 71 31.32 8.17 48.02
C ALA M 71 30.64 7.37 49.11
N PHE M 72 31.28 6.31 49.59
CA PHE M 72 30.74 5.54 50.70
C PHE M 72 30.59 6.43 51.94
N LEU M 73 31.62 7.23 52.23
CA LEU M 73 31.55 8.11 53.40
C LEU M 73 30.38 9.08 53.28
N GLU M 74 30.19 9.67 52.10
CA GLU M 74 29.14 10.66 51.92
C GLU M 74 27.76 10.02 51.96
N LEU M 75 27.61 8.86 51.32
CA LEU M 75 26.30 8.23 51.20
C LEU M 75 25.88 7.55 52.50
N PHE M 76 26.82 7.06 53.29
CA PHE M 76 26.49 6.35 54.53
C PHE M 76 27.16 7.02 55.72
N ARG M 110 29.69 26.36 72.46
CA ARG M 110 29.80 26.32 71.01
C ARG M 110 31.11 26.94 70.54
N ARG M 111 32.00 27.22 71.49
CA ARG M 111 33.31 27.75 71.14
C ARG M 111 34.08 26.75 70.26
N GLY M 112 33.89 25.46 70.49
CA GLY M 112 34.52 24.47 69.63
C GLY M 112 34.06 24.59 68.19
N LEU M 113 32.75 24.75 67.98
CA LEU M 113 32.24 24.89 66.62
C LEU M 113 32.68 26.20 65.99
N GLU M 114 32.75 27.27 66.79
CA GLU M 114 33.25 28.53 66.26
C GLU M 114 34.70 28.40 65.82
N ALA M 115 35.52 27.72 66.62
CA ALA M 115 36.90 27.46 66.21
C ALA M 115 36.94 26.61 64.96
N GLU M 116 36.06 25.60 64.87
CA GLU M 116 35.99 24.77 63.68
C GLU M 116 35.73 25.61 62.44
N ILE M 117 34.74 26.50 62.50
CA ILE M 117 34.38 27.27 61.31
C ILE M 117 35.46 28.29 60.98
N ASN M 118 36.07 28.92 61.99
CA ASN M 118 37.14 29.87 61.72
C ASN M 118 38.34 29.18 61.06
N ASN M 119 38.72 28.01 61.59
CA ASN M 119 39.80 27.25 60.98
C ASN M 119 39.41 26.75 59.60
N GLY M 120 38.13 26.46 59.38
CA GLY M 120 37.67 26.12 58.05
C GLY M 120 37.88 27.24 57.07
N ARG M 121 37.56 28.47 57.48
CA ARG M 121 37.79 29.63 56.63
C ARG M 121 39.27 29.79 56.32
N LEU M 122 40.11 29.71 57.35
CA LEU M 122 41.55 29.86 57.14
C LEU M 122 42.08 28.77 56.21
N ALA M 123 41.64 27.53 56.42
CA ALA M 123 42.13 26.42 55.61
C ALA M 123 41.64 26.53 54.17
N MET M 124 40.41 27.00 53.98
CA MET M 124 39.92 27.20 52.62
C MET M 124 40.76 28.24 51.89
N VAL M 125 41.06 29.34 52.56
CA VAL M 125 41.92 30.36 51.96
C VAL M 125 43.29 29.76 51.63
N ALA M 126 43.86 29.02 52.58
CA ALA M 126 45.19 28.46 52.38
C ALA M 126 45.21 27.47 51.23
N ILE M 127 44.21 26.59 51.15
CA ILE M 127 44.21 25.56 50.12
C ILE M 127 43.98 26.17 48.75
N THR M 128 43.05 27.14 48.65
CA THR M 128 42.86 27.77 47.35
C THR M 128 44.12 28.50 46.91
N GLY M 129 44.79 29.20 47.85
CA GLY M 129 46.03 29.85 47.50
C GLY M 129 47.10 28.87 47.05
N MET M 130 47.25 27.76 47.78
CA MET M 130 48.29 26.78 47.43
C MET M 130 48.01 26.14 46.08
N ILE M 131 46.76 25.77 45.82
CA ILE M 131 46.43 25.14 44.53
C ILE M 131 46.61 26.13 43.39
N SER M 132 46.19 27.38 43.59
CA SER M 132 46.38 28.39 42.56
C SER M 132 47.86 28.61 42.28
N GLN M 133 48.68 28.68 43.34
CA GLN M 133 50.11 28.86 43.15
C GLN M 133 50.71 27.68 42.39
N ASN M 134 50.33 26.45 42.77
CA ASN M 134 50.87 25.28 42.10
C ASN M 134 50.48 25.26 40.63
N ALA M 135 49.23 25.59 40.32
CA ALA M 135 48.79 25.60 38.93
C ALA M 135 49.49 26.69 38.13
N PHE M 136 49.62 27.88 38.71
CA PHE M 136 50.24 28.99 37.99
C PHE M 136 51.71 28.73 37.74
N PHE M 137 52.45 28.35 38.79
CA PHE M 137 53.89 28.16 38.68
C PHE M 137 54.23 26.69 38.50
N ALA N 1 -26.33 -41.38 9.48
CA ALA N 1 -26.69 -42.79 9.17
C ALA N 1 -27.73 -42.87 8.07
N ILE N 2 -28.54 -41.82 7.95
CA ILE N 2 -29.62 -41.77 6.97
C ILE N 2 -29.07 -41.06 5.74
N PHE N 3 -28.80 -41.84 4.68
CA PHE N 3 -28.19 -41.31 3.47
C PHE N 3 -29.20 -40.98 2.38
N ARG N 4 -30.49 -40.98 2.70
CA ARG N 4 -31.50 -40.59 1.73
C ARG N 4 -31.62 -39.08 1.59
N TYR N 5 -30.96 -38.32 2.46
CA TYR N 5 -31.03 -36.86 2.43
C TYR N 5 -29.88 -36.23 1.67
N VAL N 6 -29.00 -37.03 1.06
CA VAL N 6 -27.90 -36.52 0.25
C VAL N 6 -28.35 -36.64 -1.20
N ASN N 7 -28.77 -35.52 -1.79
CA ASN N 7 -29.22 -35.48 -3.17
C ASN N 7 -28.56 -34.31 -3.89
N ALA N 8 -28.45 -34.46 -5.20
CA ALA N 8 -27.84 -33.44 -6.05
C ALA N 8 -28.76 -32.26 -6.32
N THR N 9 -29.92 -32.19 -5.66
CA THR N 9 -30.82 -31.07 -5.87
C THR N 9 -30.19 -29.76 -5.42
N LEU N 10 -29.44 -29.78 -4.32
CA LEU N 10 -28.82 -28.57 -3.80
C LEU N 10 -27.60 -28.14 -4.61
N TRP N 11 -27.11 -28.99 -5.51
CA TRP N 11 -25.92 -28.63 -6.29
C TRP N 11 -26.17 -27.41 -7.15
N SER N 12 -27.37 -27.28 -7.70
CA SER N 12 -27.71 -26.19 -8.59
C SER N 12 -28.24 -24.97 -7.87
N LYS N 13 -28.40 -25.02 -6.55
CA LYS N 13 -28.91 -23.86 -5.83
C LYS N 13 -27.84 -22.79 -5.66
N ALA N 14 -26.59 -23.18 -5.46
CA ALA N 14 -25.45 -22.25 -5.47
C ALA N 14 -25.66 -21.11 -4.47
N GLY N 15 -25.63 -21.47 -3.19
CA GLY N 15 -25.78 -20.47 -2.14
C GLY N 15 -26.69 -20.93 -1.02
N HIS N 16 -27.13 -22.18 -1.09
CA HIS N 16 -28.01 -22.72 -0.06
C HIS N 16 -27.39 -22.59 1.33
N PHE N 17 -26.07 -22.71 1.44
CA PHE N 17 -25.43 -22.76 2.75
C PHE N 17 -25.60 -21.45 3.52
N ASN N 18 -25.58 -20.32 2.82
CA ASN N 18 -25.66 -19.01 3.47
C ASN N 18 -27.06 -18.45 3.32
N LYS N 19 -27.66 -18.07 4.45
CA LYS N 19 -28.99 -17.47 4.42
C LYS N 19 -28.96 -16.08 3.80
N ALA N 20 -27.85 -15.36 3.94
CA ALA N 20 -27.73 -14.03 3.35
C ALA N 20 -27.72 -14.05 1.84
N LEU N 21 -27.53 -15.23 1.22
CA LEU N 21 -27.53 -15.38 -0.22
C LEU N 21 -28.86 -15.88 -0.76
N SER N 22 -29.93 -15.77 0.03
CA SER N 22 -31.23 -16.29 -0.40
C SER N 22 -31.74 -15.56 -1.63
N LYS N 23 -31.62 -14.23 -1.67
CA LYS N 23 -32.02 -13.45 -2.83
C LYS N 23 -30.94 -13.62 -3.91
N GLY N 24 -30.98 -14.77 -4.56
CA GLY N 24 -29.91 -15.17 -5.45
C GLY N 24 -29.64 -14.25 -6.62
N ALA N 25 -28.38 -13.84 -6.75
CA ALA N 25 -27.86 -13.22 -7.96
C ALA N 25 -28.67 -11.99 -8.38
N LYS N 26 -28.64 -10.99 -7.51
CA LYS N 26 -29.07 -9.65 -7.91
C LYS N 26 -27.90 -8.80 -8.40
N THR N 27 -26.67 -9.18 -8.04
CA THR N 27 -25.47 -8.47 -8.44
C THR N 27 -24.31 -9.47 -8.45
N THR N 28 -23.15 -9.00 -8.91
CA THR N 28 -21.94 -9.82 -8.89
C THR N 28 -21.33 -9.91 -7.49
N THR N 29 -21.65 -8.95 -6.63
CA THR N 29 -21.28 -9.07 -5.23
C THR N 29 -21.84 -10.35 -4.63
N TRP N 30 -22.98 -10.81 -5.13
CA TRP N 30 -23.53 -12.08 -4.66
C TRP N 30 -22.61 -13.24 -5.00
N ILE N 31 -22.08 -13.27 -6.22
CA ILE N 31 -21.13 -14.31 -6.60
C ILE N 31 -19.91 -14.27 -5.70
N TRP N 32 -19.38 -13.06 -5.51
CA TRP N 32 -18.16 -12.93 -4.71
C TRP N 32 -18.40 -13.35 -3.26
N ASN N 33 -19.56 -12.99 -2.70
CA ASN N 33 -19.88 -13.40 -1.33
C ASN N 33 -20.07 -14.90 -1.24
N LEU N 34 -20.71 -15.51 -2.25
CA LEU N 34 -20.83 -16.96 -2.28
C LEU N 34 -19.46 -17.60 -2.15
N HIS N 35 -18.51 -17.16 -2.98
CA HIS N 35 -17.18 -17.75 -2.92
C HIS N 35 -16.50 -17.47 -1.58
N ALA N 36 -16.63 -16.24 -1.08
CA ALA N 36 -15.94 -15.88 0.15
C ALA N 36 -16.44 -16.70 1.34
N SER N 37 -17.75 -16.90 1.44
CA SER N 37 -18.34 -17.57 2.59
C SER N 37 -18.60 -19.05 2.32
N ALA N 38 -18.13 -19.60 1.21
CA ALA N 38 -18.34 -21.00 0.91
C ALA N 38 -17.93 -21.90 2.08
N HIS N 39 -16.74 -21.69 2.63
CA HIS N 39 -16.17 -22.58 3.63
C HIS N 39 -16.23 -22.01 5.04
N ASP N 40 -16.99 -20.94 5.27
CA ASP N 40 -17.18 -20.40 6.62
C ASP N 40 -18.35 -21.13 7.28
N PHE N 41 -18.07 -22.38 7.67
CA PHE N 41 -19.13 -23.25 8.15
C PHE N 41 -19.83 -22.73 9.40
N ASP N 42 -19.20 -21.82 10.14
CA ASP N 42 -19.80 -21.34 11.37
C ASP N 42 -21.03 -20.48 11.11
N ILE N 43 -20.99 -19.66 10.06
CA ILE N 43 -22.05 -18.69 9.80
C ILE N 43 -23.08 -19.27 8.85
N GLN N 44 -22.97 -20.54 8.52
CA GLN N 44 -23.85 -21.18 7.56
C GLN N 44 -25.07 -21.78 8.25
N GLN N 45 -26.12 -22.02 7.46
CA GLN N 45 -27.35 -22.57 8.00
C GLN N 45 -27.10 -23.94 8.61
N GLY N 46 -27.75 -24.20 9.75
CA GLY N 46 -27.62 -25.48 10.41
C GLY N 46 -27.43 -25.37 11.91
N SER N 47 -26.63 -26.25 12.48
CA SER N 47 -26.41 -26.31 13.92
C SER N 47 -24.96 -26.64 14.20
N ALA N 48 -24.60 -26.67 15.48
CA ALA N 48 -23.22 -26.96 15.88
C ALA N 48 -22.81 -28.36 15.44
N GLY N 49 -23.74 -29.31 15.53
CA GLY N 49 -23.45 -30.65 15.02
C GLY N 49 -23.11 -30.62 13.55
N LEU N 50 -23.85 -29.84 12.77
CA LEU N 50 -23.55 -29.71 11.34
C LEU N 50 -22.20 -29.05 11.13
N ILE N 51 -21.85 -28.06 11.96
CA ILE N 51 -20.55 -27.42 11.83
C ILE N 51 -19.43 -28.44 12.05
N ALA N 52 -19.56 -29.26 13.09
CA ALA N 52 -18.57 -30.29 13.35
C ALA N 52 -18.51 -31.29 12.21
N ARG N 53 -19.67 -31.70 11.71
CA ARG N 53 -19.75 -32.61 10.56
C ARG N 53 -18.93 -32.05 9.40
N LYS N 54 -19.21 -30.81 9.03
CA LYS N 54 -18.54 -30.20 7.89
C LYS N 54 -17.04 -30.08 8.13
N VAL N 55 -16.65 -29.68 9.34
CA VAL N 55 -15.22 -29.51 9.63
C VAL N 55 -14.49 -30.83 9.45
N PHE N 56 -15.01 -31.89 10.07
CA PHE N 56 -14.33 -33.18 10.01
C PHE N 56 -14.33 -33.75 8.59
N SER N 57 -15.47 -33.69 7.91
CA SER N 57 -15.54 -34.24 6.57
C SER N 57 -14.65 -33.47 5.60
N SER N 58 -14.56 -32.15 5.76
CA SER N 58 -13.68 -31.36 4.91
C SER N 58 -12.22 -31.69 5.20
N GLY N 59 -11.87 -31.90 6.47
CA GLY N 59 -10.53 -32.35 6.77
C GLY N 59 -10.20 -33.65 6.08
N LEU N 60 -11.14 -34.60 6.09
CA LEU N 60 -10.91 -35.87 5.42
C LEU N 60 -10.80 -35.70 3.91
N ALA N 61 -11.64 -34.84 3.33
CA ALA N 61 -11.56 -34.60 1.88
C ALA N 61 -10.23 -33.99 1.49
N HIS N 62 -9.73 -33.04 2.30
CA HIS N 62 -8.42 -32.48 2.04
C HIS N 62 -7.32 -33.54 2.21
N LEU N 63 -7.49 -34.43 3.18
CA LEU N 63 -6.57 -35.56 3.30
C LEU N 63 -6.53 -36.37 2.02
N SER N 64 -7.71 -36.65 1.45
CA SER N 64 -7.77 -37.38 0.20
C SER N 64 -7.08 -36.61 -0.92
N LEU N 65 -7.26 -35.29 -0.95
CA LEU N 65 -6.58 -34.46 -1.96
C LEU N 65 -5.08 -34.58 -1.85
N VAL N 66 -4.55 -34.51 -0.62
CA VAL N 66 -3.11 -34.62 -0.41
C VAL N 66 -2.62 -36.00 -0.82
N PHE N 67 -3.40 -37.03 -0.51
CA PHE N 67 -3.01 -38.39 -0.90
C PHE N 67 -2.99 -38.51 -2.43
N PHE N 68 -3.95 -37.90 -3.11
CA PHE N 68 -3.95 -37.89 -4.56
C PHE N 68 -2.71 -37.20 -5.11
N TRP N 69 -2.34 -36.07 -4.50
CA TRP N 69 -1.15 -35.36 -4.95
C TRP N 69 0.11 -36.20 -4.74
N LEU N 70 0.21 -36.88 -3.61
CA LEU N 70 1.36 -37.75 -3.36
C LEU N 70 1.39 -38.92 -4.34
N GLY N 71 0.23 -39.50 -4.62
CA GLY N 71 0.17 -40.57 -5.60
C GLY N 71 0.58 -40.12 -6.98
N GLY N 72 0.18 -38.90 -7.36
CA GLY N 72 0.64 -38.35 -8.62
C GLY N 72 2.13 -38.15 -8.65
N MET N 73 2.71 -37.68 -7.53
CA MET N 73 4.16 -37.56 -7.45
C MET N 73 4.83 -38.91 -7.65
N HIS N 74 4.32 -39.94 -6.99
CA HIS N 74 4.90 -41.27 -7.12
C HIS N 74 4.77 -41.80 -8.54
N PHE N 75 3.62 -41.58 -9.17
CA PHE N 75 3.43 -42.03 -10.55
C PHE N 75 4.40 -41.33 -11.49
N HIS N 76 4.58 -40.01 -11.32
CA HIS N 76 5.51 -39.28 -12.17
C HIS N 76 6.93 -39.79 -11.96
N GLY N 77 7.31 -40.05 -10.72
CA GLY N 77 8.62 -40.63 -10.47
C GLY N 77 8.77 -41.98 -11.14
N ALA N 78 7.73 -42.80 -11.11
CA ALA N 78 7.81 -44.16 -11.64
C ALA N 78 7.93 -44.16 -13.16
N TYR N 79 7.06 -43.42 -13.84
CA TYR N 79 6.90 -43.55 -15.28
C TYR N 79 7.45 -42.38 -16.08
N LEU N 80 7.47 -41.18 -15.52
CA LEU N 80 7.89 -39.98 -16.23
C LEU N 80 9.11 -39.34 -15.57
N SER N 81 10.11 -40.16 -15.24
CA SER N 81 11.26 -39.66 -14.51
C SER N 81 12.50 -40.45 -14.90
N ASN N 82 13.66 -39.85 -14.63
CA ASN N 82 14.96 -40.47 -14.82
C ASN N 82 15.52 -41.02 -13.51
N TYR N 83 14.64 -41.52 -12.65
CA TYR N 83 15.07 -41.98 -11.34
C TYR N 83 16.10 -43.09 -11.44
N SER N 84 16.00 -43.93 -12.48
CA SER N 84 16.99 -44.99 -12.66
C SER N 84 18.38 -44.41 -12.87
N ALA N 85 18.50 -43.46 -13.80
CA ALA N 85 19.79 -42.83 -14.06
C ALA N 85 20.30 -42.09 -12.83
N TRP N 86 19.41 -41.38 -12.14
CA TRP N 86 19.82 -40.67 -10.93
C TRP N 86 20.34 -41.64 -9.87
N LEU N 87 19.72 -42.80 -9.72
CA LEU N 87 20.11 -43.71 -8.64
C LEU N 87 21.47 -44.28 -8.88
N LYS N 88 21.73 -44.70 -10.11
CA LYS N 88 23.04 -45.23 -10.45
C LYS N 88 24.13 -44.19 -10.37
N ASP N 89 23.86 -42.95 -10.78
CA ASP N 89 24.84 -41.86 -10.71
C ASP N 89 24.15 -40.53 -10.37
N PRO N 90 23.88 -40.26 -9.09
CA PRO N 90 23.16 -39.03 -8.70
C PRO N 90 23.86 -37.75 -9.14
N LYS N 91 25.20 -37.70 -9.07
CA LYS N 91 25.90 -36.46 -9.33
C LYS N 91 25.73 -35.99 -10.77
N SER N 92 25.99 -36.89 -11.73
CA SER N 92 25.97 -36.50 -13.12
C SER N 92 24.58 -36.07 -13.58
N VAL N 93 23.54 -36.79 -13.13
CA VAL N 93 22.19 -36.59 -13.63
C VAL N 93 21.39 -35.80 -12.60
N ALA N 94 20.78 -34.71 -13.05
CA ALA N 94 19.91 -33.92 -12.17
C ALA N 94 18.54 -34.58 -12.06
N PRO N 95 17.91 -34.54 -10.89
CA PRO N 95 16.58 -35.14 -10.77
C PRO N 95 15.58 -34.49 -11.70
N SER N 96 14.76 -35.32 -12.36
CA SER N 96 13.74 -34.79 -13.25
C SER N 96 12.66 -35.85 -13.43
N SER N 97 11.49 -35.61 -12.84
CA SER N 97 10.29 -36.40 -13.08
C SER N 97 9.20 -35.56 -13.74
N HIS N 98 9.61 -34.62 -14.58
CA HIS N 98 8.73 -33.60 -15.13
C HIS N 98 9.07 -33.41 -16.59
N ILE N 99 8.08 -33.62 -17.47
CA ILE N 99 8.28 -33.54 -18.92
C ILE N 99 7.20 -32.63 -19.49
N ALA N 100 7.60 -31.80 -20.46
CA ALA N 100 6.72 -30.84 -21.10
C ALA N 100 6.47 -31.23 -22.55
N TYR N 101 5.36 -30.74 -23.09
CA TYR N 101 4.96 -31.07 -24.46
C TYR N 101 5.75 -30.21 -25.46
N SER N 102 5.57 -30.55 -26.74
CA SER N 102 6.20 -29.85 -27.86
C SER N 102 5.17 -29.05 -28.65
N LEU N 103 4.23 -28.42 -27.96
CA LEU N 103 3.06 -27.83 -28.62
C LEU N 103 3.46 -26.70 -29.56
N VAL N 104 4.04 -25.64 -29.00
CA VAL N 104 4.27 -24.39 -29.74
C VAL N 104 5.76 -24.06 -29.76
N GLY N 105 6.60 -25.08 -29.83
CA GLY N 105 8.00 -24.93 -29.51
C GLY N 105 8.28 -25.08 -28.04
N GLN N 106 7.30 -25.51 -27.27
CA GLN N 106 7.42 -25.69 -25.83
C GLN N 106 8.38 -26.83 -25.46
N ASP N 107 8.79 -27.65 -26.43
CA ASP N 107 9.79 -28.67 -26.15
C ASP N 107 11.11 -28.08 -25.72
N ILE N 108 11.34 -26.78 -25.99
CA ILE N 108 12.57 -26.14 -25.57
C ILE N 108 12.72 -26.16 -24.06
N LEU N 109 11.59 -26.24 -23.33
CA LEU N 109 11.66 -26.24 -21.87
C LEU N 109 12.43 -27.46 -21.36
N ASN N 110 12.20 -28.62 -21.95
CA ASN N 110 12.93 -29.81 -21.54
C ASN N 110 14.42 -29.60 -21.77
N SER N 111 15.21 -29.94 -20.76
CA SER N 111 16.65 -29.76 -20.80
C SER N 111 17.37 -31.08 -20.58
N TYR N 112 18.61 -31.13 -21.03
CA TYR N 112 19.42 -32.34 -20.89
C TYR N 112 19.63 -32.70 -19.43
N THR N 113 19.06 -33.83 -19.00
CA THR N 113 19.32 -34.39 -17.69
C THR N 113 20.09 -35.70 -17.75
N SER N 114 19.86 -36.50 -18.78
CA SER N 114 20.58 -37.74 -18.99
C SER N 114 20.68 -37.98 -20.49
N GLN N 115 21.39 -39.05 -20.86
CA GLN N 115 21.57 -39.35 -22.28
C GLN N 115 20.22 -39.63 -22.96
N TYR N 116 19.36 -40.39 -22.31
CA TYR N 116 18.11 -40.83 -22.90
C TYR N 116 16.89 -40.06 -22.39
N PHE N 117 17.08 -39.08 -21.51
CA PHE N 117 15.98 -38.36 -20.91
C PHE N 117 16.18 -36.86 -21.05
N SER N 118 15.08 -36.16 -21.36
CA SER N 118 15.08 -34.70 -21.44
C SER N 118 13.81 -34.20 -20.77
N GLY N 119 13.95 -33.25 -19.85
CA GLY N 119 12.80 -32.77 -19.13
C GLY N 119 13.15 -31.59 -18.25
N ILE N 120 12.31 -31.36 -17.25
CA ILE N 120 12.46 -30.25 -16.32
C ILE N 120 13.03 -30.79 -15.02
N THR N 121 14.06 -30.13 -14.51
CA THR N 121 14.73 -30.56 -13.30
C THR N 121 13.86 -30.24 -12.09
N ILE N 122 13.53 -31.26 -11.31
CA ILE N 122 12.68 -31.09 -10.13
C ILE N 122 13.56 -30.68 -8.95
N THR N 123 12.95 -29.98 -7.99
CA THR N 123 13.67 -29.43 -6.85
C THR N 123 13.01 -29.78 -5.53
N SER N 124 12.17 -30.82 -5.51
CA SER N 124 11.44 -31.20 -4.31
C SER N 124 12.17 -32.22 -3.46
N GLY N 125 13.28 -32.77 -3.94
CA GLY N 125 13.99 -33.78 -3.18
C GLY N 125 13.30 -35.12 -3.13
N PHE N 126 12.37 -35.38 -4.05
CA PHE N 126 11.63 -36.63 -4.02
C PHE N 126 12.53 -37.80 -4.35
N PHE N 127 13.51 -37.61 -5.24
CA PHE N 127 14.45 -38.69 -5.55
C PHE N 127 15.25 -39.07 -4.32
N GLN N 128 15.75 -38.08 -3.59
CA GLN N 128 16.50 -38.35 -2.37
C GLN N 128 15.59 -39.01 -1.33
N LEU N 129 14.33 -38.58 -1.24
CA LEU N 129 13.39 -39.21 -0.32
C LEU N 129 13.18 -40.67 -0.67
N TYR N 130 13.01 -40.98 -1.96
CA TYR N 130 12.87 -42.37 -2.38
C TYR N 130 14.11 -43.17 -2.02
N ARG N 131 15.28 -42.61 -2.28
CA ARG N 131 16.52 -43.32 -1.99
C ARG N 131 16.63 -43.62 -0.50
N SER N 132 16.29 -42.64 0.35
CA SER N 132 16.30 -42.88 1.79
C SER N 132 15.30 -43.96 2.18
N GLU N 133 14.10 -43.93 1.58
CA GLU N 133 13.09 -44.93 1.87
C GLU N 133 13.46 -46.30 1.34
N GLY N 134 14.44 -46.40 0.45
CA GLY N 134 14.84 -47.67 -0.12
C GLY N 134 14.12 -48.04 -1.39
N ILE N 135 13.44 -47.09 -2.03
CA ILE N 135 12.71 -47.37 -3.26
C ILE N 135 13.71 -47.30 -4.42
N VAL N 136 13.94 -48.42 -5.06
CA VAL N 136 14.98 -48.52 -6.10
C VAL N 136 14.43 -49.17 -7.36
N THR N 137 13.13 -49.42 -7.40
CA THR N 137 12.53 -50.12 -8.53
C THR N 137 11.24 -49.45 -8.96
N GLN N 138 10.99 -49.51 -10.27
CA GLN N 138 9.74 -48.99 -10.82
C GLN N 138 8.54 -49.69 -10.21
N SER N 139 8.67 -50.99 -9.93
CA SER N 139 7.57 -51.71 -9.29
C SER N 139 7.29 -51.14 -7.90
N GLN N 140 8.34 -50.86 -7.13
CA GLN N 140 8.14 -50.28 -5.80
C GLN N 140 7.47 -48.92 -5.90
N LEU N 141 7.92 -48.07 -6.83
CA LEU N 141 7.30 -46.76 -6.98
C LEU N 141 5.85 -46.89 -7.43
N LYS N 142 5.57 -47.85 -8.32
CA LYS N 142 4.21 -48.07 -8.79
C LYS N 142 3.30 -48.51 -7.65
N TYR N 143 3.80 -49.39 -6.78
CA TYR N 143 2.97 -49.82 -5.66
C TYR N 143 2.79 -48.71 -4.64
N ALA N 144 3.79 -47.84 -4.48
CA ALA N 144 3.59 -46.66 -3.65
C ALA N 144 2.50 -45.77 -4.22
N CYS N 145 2.49 -45.57 -5.53
CA CYS N 145 1.42 -44.79 -6.18
C CYS N 145 0.06 -45.45 -5.96
N ALA N 146 0.01 -46.77 -6.09
CA ALA N 146 -1.25 -47.49 -5.89
C ALA N 146 -1.74 -47.31 -4.45
N ALA N 147 -0.83 -47.39 -3.49
CA ALA N 147 -1.20 -47.18 -2.09
C ALA N 147 -1.72 -45.77 -1.88
N SER N 148 -1.08 -44.78 -2.48
CA SER N 148 -1.53 -43.40 -2.33
C SER N 148 -2.93 -43.23 -2.93
N LEU N 149 -3.18 -43.82 -4.09
CA LEU N 149 -4.51 -43.71 -4.70
C LEU N 149 -5.56 -44.42 -3.85
N ILE N 150 -5.22 -45.58 -3.30
CA ILE N 150 -6.16 -46.29 -2.43
C ILE N 150 -6.46 -45.45 -1.19
N ALA N 151 -5.44 -44.81 -0.64
CA ALA N 151 -5.65 -43.92 0.51
C ALA N 151 -6.55 -42.75 0.13
N THR N 152 -6.36 -42.20 -1.08
CA THR N 152 -7.23 -41.13 -1.55
C THR N 152 -8.68 -41.58 -1.58
N LEU N 153 -8.92 -42.77 -2.17
CA LEU N 153 -10.29 -43.28 -2.23
C LEU N 153 -10.85 -43.51 -0.84
N ILE N 154 -10.04 -44.06 0.07
CA ILE N 154 -10.50 -44.33 1.43
C ILE N 154 -10.88 -43.03 2.12
N CYS N 155 -10.05 -41.99 1.99
CA CYS N 155 -10.34 -40.73 2.64
C CYS N 155 -11.57 -40.07 2.05
N LEU N 156 -11.74 -40.15 0.73
CA LEU N 156 -12.95 -39.61 0.12
C LEU N 156 -14.19 -40.32 0.64
N SER N 157 -14.13 -41.65 0.72
CA SER N 157 -15.26 -42.41 1.25
C SER N 157 -15.52 -42.03 2.71
N GLY N 158 -14.46 -41.84 3.48
CA GLY N 158 -14.63 -41.46 4.88
C GLY N 158 -15.30 -40.12 5.04
N SER N 159 -14.89 -39.14 4.23
CA SER N 159 -15.54 -37.84 4.27
C SER N 159 -17.02 -37.97 3.92
N TYR N 160 -17.32 -38.64 2.81
CA TYR N 160 -18.71 -38.79 2.39
C TYR N 160 -19.54 -39.48 3.46
N LEU N 161 -19.00 -40.53 4.06
CA LEU N 161 -19.73 -41.26 5.09
C LEU N 161 -19.93 -40.41 6.33
N HIS N 162 -18.86 -39.79 6.82
CA HIS N 162 -18.96 -39.01 8.06
C HIS N 162 -19.88 -37.81 7.91
N MET N 163 -20.15 -37.36 6.68
CA MET N 163 -21.13 -36.31 6.53
C MET N 163 -22.49 -36.71 7.07
N GLN N 164 -22.76 -38.01 7.19
CA GLN N 164 -24.03 -38.51 7.71
C GLN N 164 -23.91 -39.41 8.93
N LEU N 165 -22.77 -40.07 9.12
CA LEU N 165 -22.58 -40.90 10.31
C LEU N 165 -22.68 -40.06 11.57
N MET N 166 -22.04 -38.91 11.57
CA MET N 166 -22.08 -38.02 12.72
C MET N 166 -23.43 -37.30 12.76
N SER N 167 -24.13 -37.44 13.88
CA SER N 167 -25.44 -36.82 14.08
C SER N 167 -25.29 -35.65 15.07
N LYS N 168 -26.42 -35.04 15.42
CA LYS N 168 -26.38 -33.94 16.38
C LYS N 168 -25.91 -34.37 17.75
N PHE N 169 -26.04 -35.66 18.09
CA PHE N 169 -25.53 -36.17 19.35
C PHE N 169 -24.03 -36.39 19.32
N THR N 170 -23.42 -36.43 18.14
CA THR N 170 -22.00 -36.73 18.02
C THR N 170 -21.17 -35.78 18.87
N SER N 171 -20.25 -36.35 19.66
CA SER N 171 -19.41 -35.56 20.55
C SER N 171 -17.96 -36.07 20.59
N PHE N 172 -17.58 -37.02 19.74
CA PHE N 172 -16.23 -37.56 19.79
C PHE N 172 -15.18 -36.50 19.51
N TYR N 173 -15.54 -35.43 18.79
CA TYR N 173 -14.60 -34.38 18.47
C TYR N 173 -14.37 -33.42 19.64
N LYS N 174 -15.18 -33.50 20.69
CA LYS N 174 -14.99 -32.69 21.88
C LYS N 174 -14.19 -33.41 22.98
N LYS N 175 -13.79 -34.66 22.73
CA LYS N 175 -13.05 -35.45 23.72
C LYS N 175 -11.57 -35.13 23.57
N PHE N 176 -11.19 -33.96 24.10
CA PHE N 176 -9.83 -33.47 23.90
C PHE N 176 -8.79 -34.37 24.57
N GLN N 177 -9.10 -34.88 25.77
CA GLN N 177 -8.17 -35.78 26.43
C GLN N 177 -7.95 -37.03 25.59
N SER N 178 -9.04 -37.64 25.11
CA SER N 178 -8.92 -38.83 24.27
C SER N 178 -8.20 -38.51 22.98
N LEU N 179 -8.55 -37.39 22.33
CA LEU N 179 -7.90 -37.02 21.08
C LEU N 179 -6.39 -36.88 21.28
N SER N 180 -5.99 -36.08 22.27
CA SER N 180 -4.57 -35.83 22.47
C SER N 180 -3.83 -37.11 22.86
N GLN N 181 -4.43 -37.93 23.72
CA GLN N 181 -3.76 -39.16 24.13
C GLN N 181 -3.57 -40.08 22.94
N SER N 182 -4.61 -40.24 22.12
CA SER N 182 -4.51 -41.12 20.95
C SER N 182 -3.45 -40.61 19.98
N HIS N 183 -3.45 -39.31 19.71
CA HIS N 183 -2.48 -38.75 18.77
C HIS N 183 -1.06 -38.89 19.31
N LEU N 184 -0.88 -38.69 20.61
CA LEU N 184 0.46 -38.72 21.18
C LEU N 184 1.01 -40.13 21.25
N ILE N 185 0.17 -41.11 21.59
CA ILE N 185 0.65 -42.47 21.79
C ILE N 185 0.69 -43.26 20.49
N ILE N 186 -0.35 -43.16 19.66
CA ILE N 186 -0.47 -43.99 18.46
C ILE N 186 0.08 -43.24 17.27
N MET N 187 -0.49 -42.07 16.97
CA MET N 187 -0.12 -41.36 15.74
C MET N 187 1.35 -40.97 15.75
N PHE N 188 1.89 -40.59 16.91
CA PHE N 188 3.26 -40.11 17.01
C PHE N 188 4.21 -41.18 17.56
N GLY N 189 3.91 -41.73 18.73
CA GLY N 189 4.77 -42.72 19.33
C GLY N 189 4.85 -44.00 18.51
N PHE N 190 3.71 -44.67 18.33
CA PHE N 190 3.68 -45.90 17.55
C PHE N 190 4.08 -45.63 16.11
N GLY N 191 3.70 -44.47 15.56
CA GLY N 191 4.10 -44.14 14.21
C GLY N 191 5.60 -44.06 14.06
N SER N 192 6.27 -43.37 14.98
CA SER N 192 7.72 -43.26 14.93
C SER N 192 8.39 -44.62 15.13
N VAL N 193 7.87 -45.43 16.06
CA VAL N 193 8.45 -46.76 16.27
C VAL N 193 8.30 -47.60 15.02
N SER N 194 7.12 -47.56 14.39
CA SER N 194 6.89 -48.34 13.18
C SER N 194 7.78 -47.86 12.04
N PHE N 195 8.00 -46.55 11.92
CA PHE N 195 8.87 -46.09 10.85
C PHE N 195 10.32 -46.45 11.13
N SER N 196 10.73 -46.46 12.39
CA SER N 196 12.06 -46.97 12.72
C SER N 196 12.19 -48.43 12.31
N ALA N 197 11.14 -49.21 12.57
CA ALA N 197 11.12 -50.60 12.13
C ALA N 197 11.25 -50.69 10.62
N HIS N 198 10.50 -49.86 9.89
CA HIS N 198 10.58 -49.87 8.44
C HIS N 198 12.00 -49.56 7.98
N GLN N 199 12.60 -48.52 8.53
CA GLN N 199 13.96 -48.16 8.15
C GLN N 199 14.89 -49.34 8.39
N ILE N 200 14.87 -49.89 9.61
CA ILE N 200 15.80 -50.96 9.98
C ILE N 200 15.63 -52.16 9.05
N HIS N 201 14.39 -52.48 8.68
CA HIS N 201 14.13 -53.72 7.98
C HIS N 201 14.22 -53.60 6.47
N GLU N 202 14.01 -52.41 5.91
CA GLU N 202 14.02 -52.22 4.46
C GLU N 202 15.10 -51.26 4.00
N ALA N 203 15.16 -50.06 4.58
CA ALA N 203 16.01 -49.01 4.01
C ALA N 203 17.47 -49.26 4.34
N LEU N 204 17.77 -49.73 5.55
CA LEU N 204 19.16 -49.88 5.95
C LEU N 204 19.92 -50.84 5.05
N PRO N 205 19.45 -52.06 4.79
CA PRO N 205 20.20 -52.94 3.87
C PRO N 205 20.30 -52.35 2.47
N ILE N 206 19.21 -51.81 1.94
CA ILE N 206 19.24 -51.27 0.59
C ILE N 206 20.19 -50.08 0.50
N ASN N 207 20.13 -49.18 1.48
CA ASN N 207 21.00 -48.01 1.45
C ASN N 207 22.46 -48.41 1.61
N SER N 208 22.74 -49.39 2.49
CA SER N 208 24.12 -49.85 2.63
C SER N 208 24.63 -50.45 1.33
N LEU N 209 23.81 -51.26 0.67
CA LEU N 209 24.21 -51.84 -0.62
C LEU N 209 24.46 -50.75 -1.65
N LEU N 210 23.59 -49.74 -1.69
CA LEU N 210 23.76 -48.65 -2.65
C LEU N 210 25.05 -47.89 -2.38
N ASP N 211 25.35 -47.61 -1.11
CA ASP N 211 26.61 -46.95 -0.78
C ASP N 211 27.80 -47.79 -1.22
N SER N 212 27.75 -49.10 -0.98
CA SER N 212 28.84 -49.96 -1.40
C SER N 212 29.01 -49.95 -2.91
N GLY N 213 27.89 -50.00 -3.64
CA GLY N 213 27.92 -50.07 -5.09
C GLY N 213 27.24 -51.31 -5.62
N ILE N 214 26.56 -52.04 -4.74
CA ILE N 214 25.90 -53.28 -5.13
C ILE N 214 24.50 -52.95 -5.64
N TRP N 215 24.15 -53.51 -6.80
CA TRP N 215 22.84 -53.33 -7.43
C TRP N 215 22.26 -54.67 -7.83
N ASP N 216 22.31 -55.64 -6.92
CA ASP N 216 21.89 -57.01 -7.25
C ASP N 216 20.45 -57.24 -6.81
N PRO N 217 19.60 -57.79 -7.69
CA PRO N 217 18.19 -57.99 -7.30
C PRO N 217 18.02 -58.90 -6.08
N GLN N 218 18.82 -59.97 -5.98
CA GLN N 218 18.67 -60.87 -4.84
C GLN N 218 18.97 -60.15 -3.54
N LEU N 219 20.02 -59.33 -3.53
CA LEU N 219 20.34 -58.56 -2.33
C LEU N 219 19.25 -57.55 -2.03
N PHE N 220 18.73 -56.88 -3.06
CA PHE N 220 17.67 -55.90 -2.86
C PHE N 220 16.37 -56.55 -2.39
N SER N 221 16.20 -57.85 -2.62
CA SER N 221 15.01 -58.55 -2.17
C SER N 221 15.34 -59.98 -1.76
N ALA N 230 21.79 -57.07 10.72
CA ALA N 230 23.09 -56.50 11.09
C ALA N 230 23.04 -54.99 11.11
N ILE N 231 22.31 -54.43 12.08
CA ILE N 231 22.23 -52.98 12.20
C ILE N 231 23.54 -52.45 12.77
N LEU N 232 23.78 -51.15 12.55
CA LEU N 232 25.00 -50.49 13.00
C LEU N 232 26.25 -51.12 12.38
N LEU N 233 26.09 -51.68 11.17
CA LEU N 233 27.19 -52.41 10.55
C LEU N 233 28.38 -51.50 10.26
N GLY N 234 28.11 -50.30 9.73
CA GLY N 234 29.18 -49.43 9.29
C GLY N 234 29.38 -48.19 10.14
N THR N 235 28.46 -47.92 11.05
CA THR N 235 28.52 -46.69 11.84
C THR N 235 29.57 -46.83 12.94
N PRO N 236 30.55 -45.92 13.02
CA PRO N 236 31.53 -45.97 14.10
C PRO N 236 30.94 -45.40 15.39
N SER N 237 31.79 -45.30 16.41
CA SER N 237 31.38 -44.75 17.69
C SER N 237 31.24 -43.23 17.65
N ALA N 238 31.58 -42.59 16.53
CA ALA N 238 31.46 -41.14 16.43
C ALA N 238 30.02 -40.71 16.66
N ILE N 239 29.86 -39.60 17.39
CA ILE N 239 28.54 -39.05 17.65
C ILE N 239 27.81 -38.84 16.34
N THR N 240 26.50 -39.11 16.34
CA THR N 240 25.69 -38.85 15.15
C THR N 240 25.73 -37.37 14.82
N GLY N 241 25.88 -37.07 13.53
CA GLY N 241 26.03 -35.71 13.06
C GLY N 241 27.46 -35.23 13.01
N LYS N 242 28.33 -35.79 13.85
CA LYS N 242 29.75 -35.44 13.82
C LYS N 242 30.50 -36.17 12.72
N LEU N 243 29.91 -37.19 12.12
CA LEU N 243 30.54 -37.94 11.03
C LEU N 243 29.48 -38.25 9.99
N LEU N 244 29.62 -37.69 8.80
CA LEU N 244 28.70 -37.93 7.70
C LEU N 244 29.17 -39.09 6.84
N ASN N 245 28.22 -39.75 6.19
CA ASN N 245 28.54 -40.82 5.26
C ASN N 245 29.55 -40.31 4.24
N PRO N 246 30.80 -40.80 4.24
CA PRO N 246 31.77 -40.29 3.26
C PRO N 246 31.34 -40.47 1.83
N SER N 247 30.61 -41.55 1.51
CA SER N 247 30.18 -41.83 0.16
C SER N 247 28.81 -41.22 -0.17
N THR N 248 28.14 -40.62 0.81
CA THR N 248 26.82 -40.03 0.58
C THR N 248 26.66 -38.63 1.16
N GLY N 249 27.49 -38.22 2.11
CA GLY N 249 27.39 -36.89 2.68
C GLY N 249 26.10 -36.65 3.43
N SER N 250 25.70 -37.60 4.27
CA SER N 250 24.48 -37.45 5.05
C SER N 250 24.61 -38.31 6.31
N ILE N 251 23.79 -37.96 7.31
CA ILE N 251 23.79 -38.72 8.55
C ILE N 251 23.43 -40.17 8.26
N PHE N 252 24.04 -41.08 9.00
CA PHE N 252 23.80 -42.50 8.78
C PHE N 252 22.33 -42.84 8.99
N LEU N 253 21.75 -43.57 8.04
CA LEU N 253 20.35 -43.94 8.15
C LEU N 253 20.08 -44.84 9.34
N SER N 254 21.09 -45.61 9.79
CA SER N 254 20.91 -46.37 11.03
C SER N 254 20.78 -45.44 12.22
N GLN N 255 21.55 -44.36 12.23
CA GLN N 255 21.38 -43.35 13.27
C GLN N 255 20.00 -42.72 13.19
N VAL N 256 19.50 -42.49 11.97
CA VAL N 256 18.15 -41.94 11.83
C VAL N 256 17.11 -42.92 12.37
N ALA N 257 17.27 -44.20 12.07
CA ALA N 257 16.33 -45.20 12.56
C ALA N 257 16.35 -45.29 14.09
N ALA N 258 17.56 -45.25 14.68
CA ALA N 258 17.66 -45.22 16.13
C ALA N 258 16.99 -43.98 16.69
N HIS N 259 17.15 -42.85 16.00
CA HIS N 259 16.48 -41.62 16.41
C HIS N 259 14.98 -41.81 16.45
N HIS N 260 14.42 -42.40 15.40
CA HIS N 260 12.96 -42.56 15.35
C HIS N 260 12.48 -43.53 16.42
N LEU N 261 13.24 -44.60 16.68
CA LEU N 261 12.88 -45.51 17.76
C LEU N 261 12.87 -44.77 19.11
N ALA N 262 13.91 -43.98 19.36
CA ALA N 262 13.99 -43.25 20.62
C ALA N 262 12.86 -42.22 20.73
N VAL N 263 12.54 -41.53 19.63
CA VAL N 263 11.48 -40.54 19.65
C VAL N 263 10.14 -41.20 19.92
N GLY N 264 9.88 -42.35 19.28
CA GLY N 264 8.65 -43.05 19.55
C GLY N 264 8.55 -43.51 20.99
N ILE N 265 9.65 -44.02 21.55
CA ILE N 265 9.64 -44.43 22.94
C ILE N 265 9.37 -43.24 23.85
N VAL N 266 9.98 -42.09 23.56
CA VAL N 266 9.78 -40.90 24.38
C VAL N 266 8.33 -40.44 24.30
N PHE N 267 7.75 -40.45 23.11
CA PHE N 267 6.35 -40.05 22.96
C PHE N 267 5.43 -41.00 23.72
N ILE N 268 5.69 -42.31 23.63
CA ILE N 268 4.87 -43.27 24.36
C ILE N 268 5.01 -43.04 25.87
N THR N 269 6.23 -42.76 26.33
CA THR N 269 6.43 -42.51 27.75
C THR N 269 5.71 -41.25 28.21
N LEU N 270 5.75 -40.19 27.40
CA LEU N 270 5.02 -38.97 27.74
C LEU N 270 3.53 -39.25 27.82
N GLY N 271 3.00 -39.99 26.84
CA GLY N 271 1.60 -40.33 26.87
C GLY N 271 1.23 -41.15 28.09
N LEU N 272 2.10 -42.09 28.48
CA LEU N 272 1.80 -42.95 29.62
C LEU N 272 1.86 -42.17 30.94
N ILE N 273 2.80 -41.25 31.07
CA ILE N 273 2.86 -40.45 32.30
C ILE N 273 1.65 -39.52 32.36
N LYS N 274 1.22 -38.98 31.22
CA LYS N 274 -0.02 -38.21 31.21
C LYS N 274 -1.21 -39.07 31.59
N TRP N 275 -1.24 -40.31 31.09
CA TRP N 275 -2.31 -41.25 31.44
C TRP N 275 -2.33 -41.52 32.94
N CYS N 276 -1.16 -41.71 33.54
CA CYS N 276 -1.05 -41.93 34.97
C CYS N 276 -1.16 -40.65 35.78
N ASN N 277 -1.25 -39.50 35.13
CA ASN N 277 -1.42 -38.20 35.79
C ASN N 277 -0.15 -37.73 36.49
N LEU N 278 1.02 -38.23 36.05
CA LEU N 278 2.27 -37.83 36.68
C LEU N 278 2.48 -36.32 36.55
N PHE N 279 2.16 -35.75 35.40
CA PHE N 279 2.17 -34.30 35.28
C PHE N 279 1.21 -33.71 36.30
N PHE N 280 1.66 -32.67 37.00
CA PHE N 280 0.94 -32.14 38.15
C PHE N 280 0.43 -30.72 37.96
N SER N 281 1.14 -29.88 37.21
CA SER N 281 0.76 -28.47 37.06
C SER N 281 -0.35 -28.35 36.02
N ARG N 282 -1.50 -28.92 36.37
CA ARG N 282 -2.69 -28.76 35.53
C ARG N 282 -3.32 -27.39 35.70
N ASN N 283 -3.22 -26.81 36.91
CA ASN N 283 -3.91 -25.55 37.19
C ASN N 283 -3.33 -24.41 36.37
N ALA N 284 -2.01 -24.41 36.15
CA ALA N 284 -1.38 -23.34 35.39
C ALA N 284 -1.95 -23.25 33.98
N ILE N 285 -2.45 -24.35 33.45
CA ILE N 285 -3.01 -24.40 32.09
C ILE N 285 -4.52 -24.55 32.09
N LEU N 286 -5.15 -24.73 33.24
CA LEU N 286 -6.60 -24.94 33.28
C LEU N 286 -7.35 -23.77 32.65
N SER N 287 -6.86 -22.54 32.85
CA SER N 287 -7.54 -21.38 32.26
C SER N 287 -7.56 -21.48 30.75
N LEU N 288 -6.42 -21.81 30.14
CA LEU N 288 -6.37 -22.00 28.70
C LEU N 288 -7.23 -23.18 28.28
N ARG N 289 -7.25 -24.24 29.09
CA ARG N 289 -8.05 -25.41 28.75
C ARG N 289 -9.53 -25.05 28.68
N LEU N 290 -10.00 -24.24 29.61
CA LEU N 290 -11.40 -23.83 29.59
C LEU N 290 -11.67 -22.83 28.47
N ALA N 291 -10.74 -21.92 28.22
CA ALA N 291 -11.00 -20.85 27.26
C ALA N 291 -10.93 -21.33 25.81
N TYR N 292 -9.94 -22.16 25.49
CA TYR N 292 -9.58 -22.46 24.11
C TYR N 292 -10.14 -23.78 23.62
N MET N 293 -11.32 -24.18 24.09
CA MET N 293 -12.02 -25.31 23.52
C MET N 293 -12.91 -24.84 22.37
N ASP N 294 -12.30 -24.24 21.36
CA ASP N 294 -13.01 -23.66 20.24
C ASP N 294 -12.33 -24.06 18.93
N TYR N 295 -13.13 -24.11 17.86
CA TYR N 295 -12.59 -24.44 16.55
C TYR N 295 -11.47 -23.49 16.16
N HIS N 296 -11.70 -22.19 16.30
CA HIS N 296 -10.72 -21.22 15.84
C HIS N 296 -9.53 -21.14 16.78
N ALA N 297 -9.74 -21.33 18.09
CA ALA N 297 -8.61 -21.38 19.01
C ALA N 297 -7.68 -22.54 18.65
N GLN N 298 -8.26 -23.73 18.45
CA GLN N 298 -7.45 -24.88 18.09
C GLN N 298 -6.80 -24.69 16.73
N LEU N 299 -7.52 -24.11 15.77
CA LEU N 299 -6.93 -23.88 14.46
C LEU N 299 -5.75 -22.92 14.55
N SER N 300 -5.89 -21.84 15.33
CA SER N 300 -4.79 -20.89 15.49
C SER N 300 -3.59 -21.54 16.15
N ILE N 301 -3.82 -22.29 17.23
CA ILE N 301 -2.72 -22.92 17.94
C ILE N 301 -2.01 -23.92 17.04
N ASN N 302 -2.77 -24.75 16.32
CA ASN N 302 -2.17 -25.74 15.44
C ASN N 302 -1.43 -25.06 14.29
N LEU N 303 -1.99 -23.98 13.74
CA LEU N 303 -1.31 -23.29 12.65
C LEU N 303 0.02 -22.72 13.11
N ALA N 304 0.04 -22.13 14.31
CA ALA N 304 1.31 -21.62 14.84
C ALA N 304 2.31 -22.74 15.10
N VAL N 305 1.83 -23.86 15.65
CA VAL N 305 2.72 -25.00 15.91
C VAL N 305 3.33 -25.48 14.61
N TRP N 306 2.52 -25.65 13.57
CA TRP N 306 3.02 -26.16 12.31
C TRP N 306 3.87 -25.13 11.58
N ALA N 307 3.60 -23.84 11.77
CA ALA N 307 4.48 -22.81 11.22
C ALA N 307 5.86 -22.89 11.83
N SER N 308 5.93 -23.00 13.15
CA SER N 308 7.23 -23.10 13.82
C SER N 308 7.94 -24.38 13.42
N LEU N 309 7.21 -25.50 13.33
CA LEU N 309 7.83 -26.74 12.89
C LEU N 309 8.30 -26.66 11.46
N SER N 310 7.58 -25.94 10.60
CA SER N 310 8.01 -25.76 9.22
C SER N 310 9.28 -24.93 9.15
N MET N 311 9.39 -23.89 9.98
CA MET N 311 10.62 -23.11 10.00
C MET N 311 11.79 -23.95 10.50
N VAL N 312 11.58 -24.74 11.55
CA VAL N 312 12.64 -25.61 12.04
C VAL N 312 13.02 -26.63 10.98
N ALA N 313 12.03 -27.14 10.23
CA ALA N 313 12.32 -28.05 9.13
C ALA N 313 13.16 -27.36 8.06
N ALA N 314 12.80 -26.12 7.72
CA ALA N 314 13.56 -25.38 6.72
C ALA N 314 15.01 -25.25 7.14
N HIS N 315 15.25 -24.94 8.42
CA HIS N 315 16.62 -24.80 8.88
C HIS N 315 17.35 -26.14 8.91
N HIS N 316 16.71 -27.17 9.45
CA HIS N 316 17.40 -28.43 9.70
C HIS N 316 17.62 -29.22 8.41
N LEU N 317 16.67 -29.19 7.47
CA LEU N 317 16.84 -29.95 6.24
C LEU N 317 18.13 -29.58 5.53
N THR N 318 18.60 -28.35 5.71
CA THR N 318 19.85 -27.89 5.13
C THR N 318 21.02 -28.02 6.09
N GLU N 319 20.91 -27.49 7.31
CA GLU N 319 22.04 -27.48 8.22
C GLU N 319 22.44 -28.90 8.62
N ILE N 320 21.47 -29.76 8.89
CA ILE N 320 21.69 -31.14 9.29
C ILE N 320 21.34 -32.03 8.10
N PRO N 321 22.30 -32.65 7.43
CA PRO N 321 21.96 -33.48 6.26
C PRO N 321 21.55 -34.89 6.63
N VAL N 322 20.36 -35.31 6.20
CA VAL N 322 19.88 -36.66 6.48
C VAL N 322 19.48 -37.41 5.21
N TYR N 323 19.17 -36.73 4.10
CA TYR N 323 18.80 -37.44 2.89
C TYR N 323 20.03 -37.69 2.02
N PRO N 324 20.10 -38.82 1.32
CA PRO N 324 21.27 -39.09 0.47
C PRO N 324 21.39 -38.06 -0.65
N TYR N 325 22.56 -37.42 -0.73
CA TYR N 325 22.97 -36.53 -1.81
C TYR N 325 22.17 -35.23 -1.85
N GLU N 326 21.21 -35.03 -0.95
CA GLU N 326 20.50 -33.76 -0.90
C GLU N 326 21.44 -32.62 -0.53
N SER N 327 22.51 -32.92 0.22
CA SER N 327 23.47 -31.88 0.58
C SER N 327 24.13 -31.30 -0.65
N THR N 328 24.53 -32.15 -1.59
CA THR N 328 25.17 -31.67 -2.81
C THR N 328 24.17 -31.27 -3.88
N ASP N 329 22.90 -31.68 -3.75
CA ASP N 329 21.86 -31.23 -4.66
C ASP N 329 21.43 -29.83 -4.24
N TYR N 330 22.24 -28.85 -4.64
CA TYR N 330 22.03 -27.48 -4.15
C TYR N 330 20.66 -26.92 -4.49
N PRO N 331 20.12 -27.08 -5.69
CA PRO N 331 18.75 -26.59 -5.94
C PRO N 331 17.73 -27.21 -5.00
N THR N 332 17.89 -28.50 -4.68
CA THR N 332 16.92 -29.17 -3.82
C THR N 332 16.92 -28.58 -2.42
N VAL N 333 18.09 -28.45 -1.80
CA VAL N 333 18.16 -27.95 -0.43
C VAL N 333 17.64 -26.52 -0.37
N LEU N 334 18.05 -25.68 -1.33
CA LEU N 334 17.60 -24.30 -1.35
C LEU N 334 16.08 -24.23 -1.48
N CYS N 335 15.51 -24.99 -2.42
CA CYS N 335 14.07 -24.94 -2.63
C CYS N 335 13.33 -25.45 -1.40
N LEU N 336 13.83 -26.50 -0.77
CA LEU N 336 13.19 -27.01 0.45
C LEU N 336 13.17 -25.95 1.53
N PHE N 337 14.33 -25.32 1.79
CA PHE N 337 14.39 -24.28 2.81
C PHE N 337 13.41 -23.16 2.51
N VAL N 338 13.43 -22.67 1.27
CA VAL N 338 12.59 -21.51 0.92
C VAL N 338 11.12 -21.87 1.03
N HIS N 339 10.74 -23.04 0.52
CA HIS N 339 9.35 -23.47 0.57
C HIS N 339 8.86 -23.56 2.01
N HIS N 340 9.65 -24.20 2.88
CA HIS N 340 9.18 -24.40 4.24
C HIS N 340 9.21 -23.10 5.04
N ALA N 341 10.13 -22.19 4.74
CA ALA N 341 10.09 -20.88 5.37
C ALA N 341 8.84 -20.12 4.97
N CYS N 342 8.49 -20.15 3.68
CA CYS N 342 7.26 -19.48 3.24
C CYS N 342 6.03 -20.07 3.91
N LEU N 343 5.98 -21.39 4.02
CA LEU N 343 4.85 -22.02 4.70
C LEU N 343 4.80 -21.62 6.16
N SER N 344 5.97 -21.53 6.81
CA SER N 344 6.01 -21.06 8.20
C SER N 344 5.37 -19.68 8.32
N GLY N 345 5.79 -18.75 7.45
CA GLY N 345 5.22 -17.41 7.52
C GLY N 345 3.72 -17.40 7.30
N PHE N 346 3.27 -18.13 6.28
CA PHE N 346 1.85 -18.14 5.97
C PHE N 346 1.03 -18.72 7.11
N PHE N 347 1.49 -19.82 7.69
CA PHE N 347 0.74 -20.44 8.78
C PHE N 347 0.79 -19.59 10.05
N THR N 348 1.87 -18.82 10.24
CA THR N 348 1.90 -17.91 11.40
C THR N 348 0.87 -16.80 11.24
N VAL N 349 0.81 -16.17 10.07
CA VAL N 349 -0.21 -15.15 9.88
C VAL N 349 -1.60 -15.76 9.97
N ALA N 350 -1.75 -17.02 9.55
CA ALA N 350 -3.01 -17.72 9.72
C ALA N 350 -3.38 -17.88 11.19
N SER N 351 -2.39 -18.23 12.02
CA SER N 351 -2.64 -18.35 13.44
C SER N 351 -3.10 -17.03 14.02
N GLY N 352 -2.49 -15.93 13.59
CA GLY N 352 -2.96 -14.62 14.02
C GLY N 352 -4.41 -14.37 13.62
N ALA N 353 -4.74 -14.70 12.36
CA ALA N 353 -6.10 -14.50 11.88
C ALA N 353 -7.11 -15.25 12.74
N HIS N 354 -6.86 -16.53 12.97
CA HIS N 354 -7.84 -17.34 13.67
C HIS N 354 -7.84 -17.07 15.17
N ALA N 355 -6.74 -16.57 15.72
CA ALA N 355 -6.79 -16.00 17.07
C ALA N 355 -7.75 -14.84 17.13
N SER N 356 -7.69 -13.95 16.13
CA SER N 356 -8.63 -12.84 16.10
C SER N 356 -10.06 -13.32 15.98
N ILE N 357 -10.29 -14.33 15.13
CA ILE N 357 -11.65 -14.86 14.96
C ILE N 357 -12.14 -15.46 16.27
N PHE N 358 -11.28 -16.20 16.98
CA PHE N 358 -11.67 -16.76 18.27
C PHE N 358 -12.00 -15.66 19.26
N VAL N 359 -11.23 -14.58 19.27
CA VAL N 359 -11.52 -13.49 20.19
C VAL N 359 -12.88 -12.88 19.86
N ILE N 360 -13.17 -12.73 18.57
CA ILE N 360 -14.45 -12.13 18.16
C ILE N 360 -15.61 -13.02 18.57
N ARG N 361 -15.50 -14.34 18.33
CA ARG N 361 -16.63 -15.23 18.53
C ARG N 361 -16.77 -15.74 19.96
N GLN N 362 -15.69 -15.69 20.76
CA GLN N 362 -15.68 -16.22 22.12
C GLN N 362 -15.06 -15.20 23.05
N LEU N 363 -15.10 -15.49 24.34
CA LEU N 363 -14.54 -14.58 25.33
C LEU N 363 -13.02 -14.69 25.34
N PRO N 364 -12.30 -13.57 25.32
CA PRO N 364 -10.83 -13.64 25.32
C PRO N 364 -10.28 -13.91 26.72
N THR N 365 -8.98 -14.21 26.75
CA THR N 365 -8.28 -14.41 28.00
C THR N 365 -7.96 -13.07 28.66
N SER N 366 -7.59 -13.13 29.94
CA SER N 366 -7.46 -11.92 30.73
C SER N 366 -6.22 -11.09 30.40
N GLU N 367 -5.30 -11.60 29.58
CA GLU N 367 -4.18 -10.77 29.16
C GLU N 367 -4.62 -9.67 28.20
N ILE N 368 -5.86 -9.71 27.72
CA ILE N 368 -6.39 -8.63 26.88
C ILE N 368 -6.77 -7.40 27.68
N ARG N 369 -6.80 -7.48 29.00
CA ARG N 369 -7.25 -6.37 29.83
C ARG N 369 -6.13 -5.40 30.18
N HIS N 370 -4.88 -5.74 29.88
CA HIS N 370 -3.77 -4.78 29.90
C HIS N 370 -3.10 -4.74 28.54
N ARG N 371 -3.93 -4.74 27.50
CA ARG N 371 -3.42 -4.79 26.13
C ARG N 371 -2.63 -3.53 25.77
N ASP N 372 -2.98 -2.39 26.35
CA ASP N 372 -2.28 -1.17 26.01
C ASP N 372 -0.80 -1.22 26.34
N PRO N 373 -0.38 -1.61 27.54
CA PRO N 373 1.07 -1.78 27.78
C PRO N 373 1.73 -2.78 26.85
N ILE N 374 1.07 -3.90 26.57
CA ILE N 374 1.67 -4.93 25.73
C ILE N 374 2.00 -4.36 24.36
N ILE N 375 0.99 -3.81 23.68
CA ILE N 375 1.20 -3.32 22.33
C ILE N 375 2.08 -2.07 22.35
N GLY N 376 2.02 -1.27 23.40
CA GLY N 376 2.89 -0.10 23.48
C GLY N 376 4.36 -0.49 23.53
N HIS N 377 4.70 -1.45 24.39
CA HIS N 377 6.08 -1.91 24.47
C HIS N 377 6.50 -2.64 23.21
N LEU N 378 5.58 -3.37 22.58
CA LEU N 378 5.91 -4.00 21.30
C LEU N 378 6.16 -2.95 20.23
N ILE N 379 5.38 -1.88 20.22
CA ILE N 379 5.60 -0.78 19.28
C ILE N 379 6.98 -0.17 19.52
N TRP N 380 7.32 0.07 20.78
CA TRP N 380 8.63 0.65 21.07
C TRP N 380 9.76 -0.27 20.63
N VAL N 381 9.65 -1.56 20.93
CA VAL N 381 10.73 -2.48 20.56
C VAL N 381 10.83 -2.58 19.05
N CYS N 382 9.69 -2.58 18.35
CA CYS N 382 9.73 -2.58 16.90
C CYS N 382 10.43 -1.35 16.36
N ILE N 383 10.10 -0.17 16.91
CA ILE N 383 10.70 1.06 16.42
C ILE N 383 12.21 1.05 16.69
N ALA N 384 12.60 0.67 17.91
CA ALA N 384 14.03 0.68 18.25
C ALA N 384 14.79 -0.34 17.42
N LEU N 385 14.25 -1.54 17.27
CA LEU N 385 14.90 -2.57 16.47
C LEU N 385 15.06 -2.10 15.03
N GLY N 386 13.98 -1.61 14.42
CA GLY N 386 14.09 -1.15 13.05
C GLY N 386 15.09 -0.04 12.91
N LEU N 387 14.99 0.97 13.78
CA LEU N 387 15.93 2.09 13.75
C LEU N 387 17.36 1.57 13.77
N HIS N 388 17.73 0.87 14.83
CA HIS N 388 19.13 0.45 14.96
C HIS N 388 19.54 -0.47 13.81
N SER N 389 18.79 -1.54 13.59
CA SER N 389 19.21 -2.56 12.63
C SER N 389 19.32 -1.99 11.21
N PHE N 390 18.28 -1.30 10.74
CA PHE N 390 18.31 -0.78 9.37
C PHE N 390 19.18 0.46 9.26
N GLY N 391 19.28 1.26 10.32
CA GLY N 391 20.12 2.44 10.28
C GLY N 391 21.59 2.12 10.32
N LEU N 392 21.97 0.94 10.83
CA LEU N 392 23.34 0.51 10.63
C LEU N 392 23.64 0.32 9.14
N TYR N 393 22.71 -0.29 8.40
CA TYR N 393 22.87 -0.43 6.96
C TYR N 393 22.91 0.93 6.28
N CYS N 394 22.01 1.84 6.67
CA CYS N 394 21.98 3.17 6.08
C CYS N 394 23.25 3.96 6.39
N HIS N 395 23.75 3.82 7.63
CA HIS N 395 25.01 4.45 8.00
C HIS N 395 26.15 3.92 7.16
N ASN N 396 26.20 2.60 6.98
CA ASN N 396 27.24 2.02 6.14
C ASN N 396 27.16 2.58 4.74
N ASP N 397 25.95 2.65 4.18
CA ASP N 397 25.78 3.17 2.83
C ASP N 397 26.27 4.61 2.74
N THR N 398 25.81 5.47 3.64
CA THR N 398 26.16 6.89 3.57
C THR N 398 27.66 7.09 3.73
N LEU N 399 28.26 6.44 4.73
CA LEU N 399 29.67 6.64 4.99
C LEU N 399 30.52 6.09 3.85
N GLU N 400 30.18 4.91 3.34
CA GLU N 400 30.93 4.34 2.22
C GLU N 400 30.82 5.23 0.99
N ALA N 401 29.63 5.78 0.74
CA ALA N 401 29.47 6.71 -0.38
C ALA N 401 30.33 7.95 -0.18
N LEU N 402 30.34 8.49 1.04
CA LEU N 402 31.17 9.65 1.33
C LEU N 402 32.66 9.32 1.23
N GLY N 403 33.02 8.06 1.30
CA GLY N 403 34.39 7.65 1.16
C GLY N 403 35.11 7.40 2.48
N ARG N 404 34.40 6.93 3.50
CA ARG N 404 34.97 6.71 4.83
C ARG N 404 34.65 5.29 5.28
N PRO N 405 35.28 4.29 4.65
CA PRO N 405 35.04 2.91 5.10
C PRO N 405 35.44 2.67 6.54
N GLU N 406 36.42 3.42 7.06
CA GLU N 406 36.84 3.26 8.44
C GLU N 406 35.73 3.62 9.42
N ASP N 407 34.72 4.36 8.97
CA ASP N 407 33.62 4.78 9.83
C ASP N 407 32.41 3.85 9.75
N THR N 408 32.43 2.85 8.88
CA THR N 408 31.29 1.96 8.70
C THR N 408 31.35 0.81 9.69
N PHE N 409 30.23 0.08 9.77
CA PHE N 409 30.15 -1.12 10.61
C PHE N 409 30.50 -2.32 9.74
N CYS N 410 31.72 -2.83 9.89
CA CYS N 410 32.13 -4.02 9.18
C CYS N 410 33.29 -4.66 9.93
N ASP N 411 33.70 -5.85 9.47
CA ASP N 411 34.75 -6.59 10.15
C ASP N 411 36.06 -5.81 10.16
N ASN N 412 36.40 -5.17 9.04
CA ASN N 412 37.62 -4.38 8.98
C ASN N 412 37.48 -3.08 9.77
N SER N 413 36.31 -2.44 9.67
CA SER N 413 36.02 -1.21 10.40
C SER N 413 35.38 -1.57 11.74
N ILE N 414 34.69 -0.61 12.36
CA ILE N 414 33.91 -0.88 13.56
C ILE N 414 33.15 -2.19 13.32
N GLN N 415 33.28 -3.14 14.23
CA GLN N 415 32.71 -4.46 14.05
C GLN N 415 31.77 -4.79 15.21
N LEU N 416 30.63 -5.36 14.88
CA LEU N 416 29.62 -5.77 15.85
C LEU N 416 29.68 -7.30 15.94
N LYS N 417 30.48 -7.79 16.86
CA LYS N 417 30.74 -9.23 16.96
C LYS N 417 29.55 -9.93 17.62
N PRO N 418 29.01 -10.99 17.00
CA PRO N 418 27.94 -11.76 17.68
C PRO N 418 28.49 -12.67 18.77
N ILE N 419 28.68 -12.10 19.96
CA ILE N 419 29.34 -12.83 21.04
C ILE N 419 28.49 -14.03 21.47
N PHE N 420 27.17 -13.90 21.44
CA PHE N 420 26.30 -14.96 21.94
C PHE N 420 26.15 -16.12 20.97
N ALA N 421 26.49 -15.92 19.70
CA ALA N 421 26.36 -16.98 18.70
C ALA N 421 27.52 -17.95 18.90
N LYS N 422 27.30 -18.96 19.73
CA LYS N 422 28.32 -19.91 20.13
C LYS N 422 28.00 -21.29 19.59
N GLN N 423 29.05 -22.04 19.29
CA GLN N 423 28.89 -23.40 18.78
C GLN N 423 28.31 -24.32 19.85
N PHE N 424 27.63 -25.36 19.39
CA PHE N 424 27.17 -26.44 20.25
C PHE N 424 27.44 -27.82 19.69
N LEU N 425 27.67 -27.97 18.38
CA LEU N 425 27.94 -29.28 17.82
C LEU N 425 29.32 -29.79 18.23
N GLY N 426 30.28 -28.90 18.42
CA GLY N 426 31.63 -29.32 18.75
C GLY N 426 32.28 -30.15 17.66
N LEU N 427 32.08 -29.75 16.40
CA LEU N 427 32.61 -30.51 15.27
C LEU N 427 34.13 -30.37 15.20
N GLN N 428 34.75 -31.32 14.48
CA GLN N 428 36.18 -31.26 14.26
C GLN N 428 36.51 -30.17 13.24
N PRO N 429 37.73 -29.63 13.28
CA PRO N 429 38.10 -28.61 12.30
C PRO N 429 38.05 -29.15 10.88
N GLY N 430 37.67 -28.28 9.96
CA GLY N 430 37.64 -28.60 8.55
C GLY N 430 36.22 -28.62 7.99
N ILE N 431 36.12 -29.10 6.76
CA ILE N 431 34.85 -29.17 6.04
C ILE N 431 34.69 -30.57 5.48
N GLU N 432 33.45 -30.91 5.11
CA GLU N 432 33.11 -32.19 4.53
C GLU N 432 32.79 -32.00 3.06
N VAL N 433 33.40 -32.82 2.20
CA VAL N 433 33.25 -32.69 0.76
C VAL N 433 32.84 -34.02 0.17
N LEU N 434 32.23 -33.97 -1.01
CA LEU N 434 31.76 -35.17 -1.70
C LEU N 434 31.74 -34.89 -3.20
N ASP N 435 32.74 -35.39 -3.90
CA ASP N 435 32.80 -35.33 -5.36
C ASP N 435 32.73 -33.88 -5.86
N GLY N 436 33.75 -33.11 -5.49
CA GLY N 436 33.88 -31.76 -6.02
C GLY N 436 32.87 -30.78 -5.48
N LYS N 437 32.27 -31.04 -4.32
CA LYS N 437 31.29 -30.14 -3.73
C LYS N 437 31.43 -30.18 -2.22
N ILE N 438 30.97 -29.10 -1.58
CA ILE N 438 31.08 -28.92 -0.14
C ILE N 438 29.74 -29.31 0.46
N VAL N 439 29.64 -30.54 0.97
CA VAL N 439 28.38 -31.00 1.55
C VAL N 439 28.10 -30.27 2.86
N ARG N 440 29.13 -29.99 3.64
CA ARG N 440 28.96 -29.38 4.95
C ARG N 440 30.14 -28.46 5.22
N MET N 441 29.85 -27.28 5.75
CA MET N 441 30.88 -26.31 6.10
C MET N 441 30.32 -25.40 7.19
N THR N 442 31.16 -25.08 8.18
CA THR N 442 30.74 -24.20 9.25
C THR N 442 30.50 -22.79 8.73
N GLN N 443 29.42 -22.18 9.18
CA GLN N 443 29.11 -20.80 8.84
C GLN N 443 29.75 -19.88 9.87
N GLU N 444 30.62 -18.99 9.40
CA GLU N 444 31.36 -18.09 10.27
C GLU N 444 30.60 -16.77 10.38
N LEU N 445 30.27 -16.38 11.61
CA LEU N 445 29.42 -15.23 11.86
C LEU N 445 30.25 -14.00 12.17
N GLY N 446 29.84 -12.87 11.61
CA GLY N 446 30.52 -11.62 11.84
C GLY N 446 29.56 -10.44 11.90
N THR N 447 30.05 -9.26 11.52
CA THR N 447 29.20 -8.07 11.56
C THR N 447 28.01 -8.21 10.63
N ALA N 448 28.22 -8.76 9.43
CA ALA N 448 27.13 -8.93 8.49
C ALA N 448 26.05 -9.84 9.07
N ASP N 449 26.45 -10.95 9.69
CA ASP N 449 25.48 -11.85 10.29
C ASP N 449 24.75 -11.17 11.45
N PHE N 450 25.48 -10.41 12.27
CA PHE N 450 24.83 -9.64 13.34
C PHE N 450 23.74 -8.73 12.79
N MET N 451 24.10 -7.94 11.78
CA MET N 451 23.15 -6.97 11.21
C MET N 451 21.95 -7.67 10.60
N VAL N 452 22.19 -8.73 9.83
CA VAL N 452 21.08 -9.39 9.14
C VAL N 452 20.18 -10.10 10.15
N HIS N 453 20.76 -10.68 11.20
CA HIS N 453 19.94 -11.33 12.21
C HIS N 453 19.07 -10.33 12.95
N HIS N 454 19.61 -9.13 13.22
CA HIS N 454 18.78 -8.13 13.88
C HIS N 454 17.73 -7.57 12.94
N ILE N 455 18.01 -7.54 11.63
CA ILE N 455 16.96 -7.21 10.67
C ILE N 455 15.86 -8.26 10.72
N HIS N 456 16.24 -9.53 10.80
CA HIS N 456 15.26 -10.61 10.93
C HIS N 456 14.40 -10.40 12.17
N ALA N 457 15.04 -10.12 13.30
CA ALA N 457 14.29 -9.92 14.53
C ALA N 457 13.33 -8.73 14.40
N PHE N 458 13.80 -7.64 13.79
CA PHE N 458 12.95 -6.48 13.59
C PHE N 458 11.70 -6.83 12.78
N THR N 459 11.89 -7.50 11.65
CA THR N 459 10.74 -7.83 10.81
C THR N 459 9.80 -8.78 11.51
N ILE N 460 10.33 -9.78 12.21
CA ILE N 460 9.49 -10.71 12.95
C ILE N 460 8.67 -9.95 13.99
N HIS N 461 9.30 -9.01 14.68
CA HIS N 461 8.60 -8.28 15.73
C HIS N 461 7.52 -7.36 15.15
N VAL N 462 7.76 -6.78 13.98
CA VAL N 462 6.73 -5.92 13.40
C VAL N 462 5.53 -6.75 12.92
N THR N 463 5.80 -7.90 12.30
CA THR N 463 4.69 -8.78 11.93
C THR N 463 3.91 -9.22 13.16
N LEU N 464 4.62 -9.58 14.23
CA LEU N 464 3.96 -9.96 15.47
C LEU N 464 3.17 -8.78 16.04
N LEU N 465 3.69 -7.57 15.92
CA LEU N 465 2.96 -6.40 16.38
C LEU N 465 1.63 -6.28 15.67
N ILE N 466 1.64 -6.39 14.34
CA ILE N 466 0.40 -6.26 13.59
C ILE N 466 -0.59 -7.34 14.01
N LEU N 467 -0.13 -8.59 14.08
CA LEU N 467 -1.03 -9.69 14.44
C LEU N 467 -1.59 -9.51 15.84
N LEU N 468 -0.72 -9.14 16.80
CA LEU N 468 -1.16 -9.01 18.18
C LEU N 468 -2.11 -7.84 18.37
N LYS N 469 -1.86 -6.73 17.67
CA LYS N 469 -2.79 -5.61 17.73
C LYS N 469 -4.15 -6.02 17.20
N GLY N 470 -4.16 -6.72 16.05
CA GLY N 470 -5.42 -7.21 15.53
C GLY N 470 -6.15 -8.11 16.49
N VAL N 471 -5.41 -8.99 17.18
CA VAL N 471 -6.04 -9.93 18.11
C VAL N 471 -6.59 -9.19 19.32
N LEU N 472 -5.78 -8.32 19.92
CA LEU N 472 -6.13 -7.73 21.21
C LEU N 472 -7.18 -6.65 21.07
N TYR N 473 -7.14 -5.87 20.00
CA TYR N 473 -8.10 -4.80 19.78
C TYR N 473 -9.23 -5.23 18.86
N ALA N 474 -9.54 -6.53 18.83
CA ALA N 474 -10.60 -7.03 17.96
C ALA N 474 -11.98 -6.69 18.51
N ARG N 475 -12.20 -6.83 19.82
CA ARG N 475 -13.52 -6.63 20.38
C ARG N 475 -13.89 -5.16 20.46
N ASN N 476 -12.96 -4.30 20.89
CA ASN N 476 -13.24 -2.88 21.00
C ASN N 476 -11.93 -2.14 21.19
N SER N 477 -12.00 -0.82 21.07
CA SER N 477 -10.83 0.05 21.21
C SER N 477 -11.31 1.43 21.60
N ARG N 478 -10.36 2.34 21.82
CA ARG N 478 -10.72 3.72 22.13
C ARG N 478 -11.44 4.37 20.96
N LEU N 479 -11.01 4.06 19.73
CA LEU N 479 -11.63 4.63 18.54
C LEU N 479 -13.09 4.19 18.43
N VAL N 480 -13.31 2.88 18.29
CA VAL N 480 -14.65 2.31 18.13
C VAL N 480 -14.87 1.29 19.24
N SER N 481 -15.99 1.41 19.94
CA SER N 481 -16.29 0.58 21.09
C SER N 481 -17.19 -0.61 20.78
N ASP N 482 -17.70 -0.72 19.55
CA ASP N 482 -18.59 -1.80 19.15
C ASP N 482 -18.00 -2.60 18.00
N LYS N 483 -16.67 -2.75 18.00
CA LYS N 483 -16.03 -3.57 16.97
C LYS N 483 -16.53 -5.01 17.03
N LEU N 484 -16.90 -5.49 18.22
CA LEU N 484 -17.49 -6.82 18.32
C LEU N 484 -18.80 -6.89 17.54
N GLU N 485 -19.63 -5.86 17.65
CA GLU N 485 -20.86 -5.81 16.87
C GLU N 485 -20.55 -5.71 15.38
N LEU N 486 -19.51 -4.96 15.02
CA LEU N 486 -19.12 -4.86 13.62
C LEU N 486 -18.73 -6.22 13.06
N GLY N 487 -18.02 -7.03 13.86
CA GLY N 487 -17.73 -8.40 13.50
C GLY N 487 -16.25 -8.64 13.34
N PHE N 488 -15.90 -9.52 12.40
CA PHE N 488 -14.52 -9.87 12.11
C PHE N 488 -14.01 -9.21 10.82
N ALA N 489 -14.74 -9.38 9.72
CA ALA N 489 -14.33 -8.89 8.41
C ALA N 489 -15.31 -7.80 7.97
N TYR N 490 -14.99 -6.56 8.32
CA TYR N 490 -15.68 -5.40 7.80
C TYR N 490 -14.64 -4.40 7.31
N PRO N 491 -14.99 -3.56 6.32
CA PRO N 491 -13.97 -2.66 5.78
C PRO N 491 -13.56 -1.56 6.74
N CYS N 492 -14.51 -1.02 7.48
CA CYS N 492 -14.29 0.17 8.30
C CYS N 492 -15.46 0.33 9.24
N ASP N 493 -15.50 1.47 9.93
CA ASP N 493 -16.70 1.94 10.59
C ASP N 493 -17.20 3.25 10.00
N GLY N 494 -16.40 3.93 9.18
CA GLY N 494 -16.83 5.12 8.51
C GLY N 494 -15.73 6.17 8.43
N PRO N 495 -16.01 7.28 7.73
CA PRO N 495 -15.03 8.34 7.60
C PRO N 495 -14.96 9.15 8.83
N GLY N 496 -15.75 8.82 9.81
CA GLY N 496 -15.82 9.55 11.03
C GLY N 496 -14.78 9.32 12.03
N ARG N 497 -14.71 10.16 13.03
CA ARG N 497 -13.69 10.07 14.04
C ARG N 497 -12.37 10.12 13.38
N GLY N 498 -12.26 10.95 12.35
CA GLY N 498 -11.06 11.08 11.56
C GLY N 498 -10.97 10.11 10.41
N GLY N 499 -11.55 8.92 10.54
CA GLY N 499 -11.48 7.87 9.56
C GLY N 499 -11.10 6.56 10.21
N THR N 500 -11.91 5.53 10.01
CA THR N 500 -11.75 4.25 10.67
C THR N 500 -11.43 3.16 9.66
N CYS N 501 -10.52 3.45 8.75
CA CYS N 501 -10.15 2.49 7.72
C CYS N 501 -9.34 1.35 8.31
N GLN N 502 -9.66 0.13 7.90
CA GLN N 502 -8.86 -1.04 8.24
C GLN N 502 -8.67 -1.18 9.74
N ILE N 503 -9.76 -0.99 10.50
CA ILE N 503 -9.72 -1.22 11.95
C ILE N 503 -10.05 -2.65 12.31
N SER N 504 -10.37 -3.49 11.34
CA SER N 504 -10.84 -4.83 11.63
C SER N 504 -9.68 -5.81 11.72
N PRO N 505 -9.87 -6.91 12.45
CA PRO N 505 -8.81 -7.94 12.48
C PRO N 505 -8.51 -8.50 11.11
N TRP N 506 -9.50 -8.55 10.23
CA TRP N 506 -9.24 -8.99 8.86
C TRP N 506 -8.22 -8.08 8.19
N ASP N 507 -8.37 -6.77 8.35
CA ASP N 507 -7.40 -5.84 7.75
C ASP N 507 -6.06 -5.91 8.47
N HIS N 508 -6.07 -6.18 9.77
CA HIS N 508 -4.81 -6.38 10.47
C HIS N 508 -4.03 -7.55 9.89
N LEU N 509 -4.73 -8.65 9.58
CA LEU N 509 -4.09 -9.73 8.84
C LEU N 509 -3.66 -9.27 7.45
N PHE N 510 -4.50 -8.47 6.79
CA PHE N 510 -4.17 -8.04 5.44
C PHE N 510 -2.85 -7.29 5.40
N LEU N 511 -2.51 -6.60 6.49
CA LEU N 511 -1.21 -5.93 6.60
C LEU N 511 -0.12 -6.86 7.13
N ALA N 512 -0.46 -7.73 8.08
CA ALA N 512 0.52 -8.66 8.61
C ALA N 512 1.01 -9.61 7.53
N VAL N 513 0.21 -9.86 6.50
CA VAL N 513 0.67 -10.71 5.40
C VAL N 513 1.74 -10.00 4.59
N PHE N 514 1.54 -8.71 4.31
CA PHE N 514 2.59 -7.92 3.67
C PHE N 514 3.87 -7.99 4.49
N TRP N 515 3.76 -7.82 5.80
CA TRP N 515 4.96 -7.79 6.63
C TRP N 515 5.62 -9.16 6.73
N MET N 516 4.83 -10.22 6.80
CA MET N 516 5.38 -11.57 6.77
C MET N 516 6.10 -11.83 5.47
N TYR N 517 5.52 -11.38 4.35
CA TYR N 517 6.17 -11.56 3.06
C TYR N 517 7.49 -10.81 3.00
N ASN N 518 7.52 -9.59 3.54
CA ASN N 518 8.77 -8.83 3.59
C ASN N 518 9.82 -9.57 4.42
N CYS N 519 9.42 -10.04 5.60
CA CYS N 519 10.33 -10.78 6.46
C CYS N 519 10.88 -12.01 5.75
N LEU N 520 9.99 -12.78 5.13
CA LEU N 520 10.42 -14.02 4.49
C LEU N 520 11.27 -13.76 3.27
N SER N 521 11.01 -12.68 2.53
CA SER N 521 11.87 -12.33 1.41
C SER N 521 13.28 -11.99 1.88
N VAL N 522 13.39 -11.22 2.98
CA VAL N 522 14.71 -10.91 3.50
C VAL N 522 15.39 -12.18 4.00
N VAL N 523 14.64 -13.08 4.64
CA VAL N 523 15.22 -14.34 5.12
C VAL N 523 15.72 -15.18 3.95
N ILE N 524 14.93 -15.25 2.88
CA ILE N 524 15.32 -16.03 1.71
C ILE N 524 16.58 -15.46 1.10
N PHE N 525 16.64 -14.14 0.96
CA PHE N 525 17.83 -13.51 0.38
C PHE N 525 19.05 -13.74 1.25
N HIS N 526 18.89 -13.62 2.58
CA HIS N 526 20.01 -13.87 3.48
C HIS N 526 20.52 -15.30 3.31
N TYR N 527 19.61 -16.28 3.38
CA TYR N 527 20.03 -17.67 3.27
C TYR N 527 20.72 -17.91 1.93
N PHE N 528 20.10 -17.44 0.84
CA PHE N 528 20.64 -17.67 -0.49
C PHE N 528 22.05 -17.10 -0.61
N TRP N 529 22.21 -15.82 -0.28
CA TRP N 529 23.51 -15.18 -0.46
C TRP N 529 24.56 -15.77 0.47
N LYS N 530 24.20 -16.01 1.74
CA LYS N 530 25.17 -16.55 2.68
C LYS N 530 25.63 -17.94 2.25
N MET N 531 24.69 -18.79 1.83
CA MET N 531 25.06 -20.12 1.40
C MET N 531 25.93 -20.08 0.14
N GLN N 532 25.57 -19.23 -0.82
CA GLN N 532 26.37 -19.15 -2.04
C GLN N 532 27.77 -18.63 -1.75
N SER N 533 27.90 -17.67 -0.84
CA SER N 533 29.19 -17.02 -0.64
C SER N 533 30.10 -17.79 0.30
N ASP N 534 29.54 -18.40 1.34
CA ASP N 534 30.36 -18.94 2.43
C ASP N 534 30.24 -20.43 2.64
N VAL N 535 29.31 -21.12 1.98
CA VAL N 535 29.11 -22.55 2.23
C VAL N 535 29.25 -23.35 0.96
N TRP N 536 28.40 -23.08 -0.03
CA TRP N 536 28.37 -23.88 -1.24
C TRP N 536 29.55 -23.51 -2.15
N GLY N 537 29.82 -24.41 -3.10
CA GLY N 537 30.86 -24.24 -4.09
C GLY N 537 31.67 -25.50 -4.26
N SER N 538 32.80 -25.36 -4.94
CA SER N 538 33.72 -26.46 -5.18
C SER N 538 35.02 -26.19 -4.43
N TYR N 539 35.97 -27.13 -4.55
CA TYR N 539 37.24 -27.01 -3.85
C TYR N 539 38.37 -27.40 -4.79
N VAL N 540 39.55 -26.83 -4.55
CA VAL N 540 40.76 -27.14 -5.30
C VAL N 540 41.85 -27.50 -4.31
N HIS N 541 42.51 -28.63 -4.55
CA HIS N 541 43.57 -29.10 -3.64
C HIS N 541 44.73 -28.11 -3.62
N HIS N 556 47.23 -35.20 5.59
CA HIS N 556 46.63 -33.88 5.77
C HIS N 556 46.67 -33.07 4.49
N SER N 557 45.49 -32.67 4.01
CA SER N 557 45.37 -31.89 2.78
C SER N 557 44.52 -30.66 3.07
N SER N 558 44.93 -29.54 2.49
CA SER N 558 44.22 -28.27 2.61
C SER N 558 43.65 -27.87 1.26
N LEU N 559 42.38 -27.49 1.25
CA LEU N 559 41.67 -27.14 0.02
C LEU N 559 41.33 -25.66 0.04
N THR N 560 41.52 -25.01 -1.11
CA THR N 560 41.03 -23.65 -1.33
C THR N 560 39.63 -23.77 -1.92
N CYS N 561 38.65 -23.19 -1.23
CA CYS N 561 37.25 -23.38 -1.58
C CYS N 561 36.78 -22.22 -2.48
N SER N 562 36.37 -22.55 -3.70
CA SER N 562 35.82 -21.58 -4.64
C SER N 562 34.30 -21.62 -4.50
N HIS N 563 33.74 -20.58 -3.90
CA HIS N 563 32.31 -20.49 -3.68
C HIS N 563 31.63 -19.84 -4.88
N TYR N 564 30.34 -20.14 -5.04
CA TYR N 564 29.61 -19.66 -6.20
C TYR N 564 29.56 -18.14 -6.24
N SER N 565 29.29 -17.50 -5.10
CA SER N 565 29.27 -16.05 -5.03
C SER N 565 30.62 -15.46 -4.66
N GLN N 566 31.64 -16.30 -4.43
CA GLN N 566 33.01 -15.85 -4.19
C GLN N 566 33.15 -15.17 -2.84
N GLY N 567 32.38 -15.60 -1.84
CA GLY N 567 32.54 -15.07 -0.49
C GLY N 567 32.33 -13.59 -0.38
N ASP N 568 31.43 -13.02 -1.17
CA ASP N 568 31.21 -11.58 -1.18
C ASP N 568 30.16 -11.14 -0.16
N PHE N 569 29.53 -12.07 0.55
CA PHE N 569 28.51 -11.70 1.52
C PHE N 569 29.12 -10.85 2.64
N SER N 570 30.26 -11.28 3.17
CA SER N 570 30.85 -10.61 4.32
C SER N 570 31.40 -9.23 3.98
N VAL N 571 31.59 -8.93 2.70
CA VAL N 571 32.20 -7.66 2.31
C VAL N 571 31.16 -6.71 1.75
N ASN N 572 30.17 -7.26 1.03
CA ASN N 572 29.18 -6.44 0.35
C ASN N 572 27.83 -6.40 1.05
N SER N 573 27.48 -7.41 1.84
CA SER N 573 26.19 -7.43 2.50
C SER N 573 26.04 -6.35 3.55
N ILE N 574 27.12 -5.66 3.92
CA ILE N 574 27.04 -4.61 4.94
C ILE N 574 26.34 -3.36 4.45
N THR N 575 26.02 -3.28 3.16
CA THR N 575 25.38 -2.10 2.59
C THR N 575 24.19 -2.51 1.74
N ILE N 576 23.15 -1.67 1.77
CA ILE N 576 21.98 -1.91 0.93
C ILE N 576 22.36 -1.90 -0.53
N ASN N 577 23.31 -1.04 -0.91
CA ASN N 577 23.81 -1.05 -2.28
C ASN N 577 24.48 -2.38 -2.59
N GLY N 578 25.21 -2.94 -1.62
CA GLY N 578 25.79 -4.26 -1.83
C GLY N 578 24.73 -5.32 -2.06
N TRP N 579 23.65 -5.27 -1.28
CA TRP N 579 22.55 -6.20 -1.52
C TRP N 579 21.95 -6.01 -2.91
N LEU N 580 21.75 -4.76 -3.32
CA LEU N 580 21.13 -4.49 -4.60
C LEU N 580 22.00 -4.94 -5.76
N ARG N 581 23.32 -4.77 -5.64
CA ARG N 581 24.23 -5.04 -6.75
C ARG N 581 24.69 -6.49 -6.76
N ASN N 582 25.27 -6.97 -5.67
CA ASN N 582 25.89 -8.29 -5.66
C ASN N 582 24.90 -9.43 -5.56
N LEU N 583 23.67 -9.17 -5.11
CA LEU N 583 22.66 -10.22 -4.97
C LEU N 583 21.58 -10.14 -6.04
N LEU N 584 20.89 -9.00 -6.16
CA LEU N 584 19.81 -8.92 -7.14
C LEU N 584 20.37 -8.74 -8.55
N TRP N 585 21.08 -7.65 -8.80
CA TRP N 585 21.57 -7.37 -10.15
C TRP N 585 22.56 -8.43 -10.59
N SER N 586 23.58 -8.71 -9.77
CA SER N 586 24.65 -9.60 -10.21
C SER N 586 24.15 -11.03 -10.40
N GLU N 587 23.30 -11.52 -9.51
CA GLU N 587 22.82 -12.89 -9.57
C GLU N 587 21.54 -13.05 -10.38
N ALA N 588 20.98 -11.96 -10.89
CA ALA N 588 19.87 -12.04 -11.83
C ALA N 588 20.34 -12.24 -13.26
N SER N 589 21.65 -12.40 -13.47
CA SER N 589 22.16 -12.62 -14.81
C SER N 589 21.60 -13.91 -15.40
N GLN N 590 21.50 -14.95 -14.59
CA GLN N 590 20.99 -16.23 -15.08
C GLN N 590 19.55 -16.11 -15.53
N VAL N 591 18.68 -15.59 -14.67
CA VAL N 591 17.26 -15.51 -14.99
C VAL N 591 17.00 -14.47 -16.07
N ILE N 592 17.71 -13.34 -16.01
CA ILE N 592 17.49 -12.28 -16.98
C ILE N 592 17.97 -12.71 -18.37
N GLN N 593 19.04 -13.49 -18.44
CA GLN N 593 19.61 -13.96 -19.71
C GLN N 593 19.24 -15.41 -19.99
N SER N 594 18.03 -15.83 -19.64
CA SER N 594 17.62 -17.22 -19.74
C SER N 594 16.79 -17.53 -20.97
N TYR N 595 16.54 -16.54 -21.83
CA TYR N 595 15.57 -16.74 -22.91
C TYR N 595 16.07 -17.78 -23.91
N ALA N 596 17.30 -17.62 -24.40
CA ALA N 596 17.81 -18.55 -25.39
C ALA N 596 18.05 -19.95 -24.81
N LEU N 597 18.36 -20.04 -23.53
CA LEU N 597 18.75 -21.32 -22.94
C LEU N 597 17.52 -22.24 -22.82
N PRO N 598 17.60 -23.48 -23.30
CA PRO N 598 16.43 -24.37 -23.18
C PRO N 598 16.02 -24.65 -21.75
N SER N 599 16.96 -24.67 -20.82
CA SER N 599 16.67 -25.13 -19.47
C SER N 599 15.76 -24.15 -18.73
N ILE N 600 16.08 -22.86 -18.79
CA ILE N 600 15.53 -21.90 -17.84
C ILE N 600 14.80 -20.76 -18.55
N CYS N 601 14.46 -20.93 -19.83
CA CYS N 601 13.66 -19.93 -20.52
C CYS N 601 12.30 -19.77 -19.86
N SER N 602 11.72 -20.88 -19.39
CA SER N 602 10.48 -20.79 -18.63
C SER N 602 10.67 -19.97 -17.37
N TYR N 603 11.81 -20.13 -16.69
CA TYR N 603 12.07 -19.35 -15.49
C TYR N 603 12.19 -17.86 -15.81
N GLY N 604 12.84 -17.52 -16.91
CA GLY N 604 12.91 -16.12 -17.31
C GLY N 604 11.53 -15.54 -17.61
N PHE N 605 10.72 -16.29 -18.35
CA PHE N 605 9.38 -15.81 -18.66
C PHE N 605 8.56 -15.66 -17.39
N ILE N 606 8.69 -16.59 -16.44
CA ILE N 606 7.95 -16.50 -15.19
C ILE N 606 8.44 -15.32 -14.37
N PHE N 607 9.74 -15.04 -14.42
CA PHE N 607 10.28 -13.82 -13.81
C PHE N 607 9.54 -12.59 -14.33
N LEU N 608 9.48 -12.47 -15.66
CA LEU N 608 8.81 -11.33 -16.27
C LEU N 608 7.33 -11.27 -15.88
N ALA N 609 6.65 -12.41 -15.96
CA ALA N 609 5.22 -12.45 -15.69
C ALA N 609 4.92 -12.16 -14.23
N ALA N 610 5.78 -12.62 -13.32
CA ALA N 610 5.60 -12.33 -11.91
C ALA N 610 5.81 -10.85 -11.64
N HIS N 611 6.78 -10.23 -12.30
CA HIS N 611 6.90 -8.78 -12.21
C HIS N 611 5.60 -8.11 -12.65
N PHE N 612 5.04 -8.57 -13.76
CA PHE N 612 3.78 -8.00 -14.25
C PHE N 612 2.67 -8.14 -13.22
N VAL N 613 2.52 -9.35 -12.66
CA VAL N 613 1.44 -9.59 -11.71
C VAL N 613 1.61 -8.75 -10.45
N TRP N 614 2.84 -8.65 -9.96
CA TRP N 614 3.09 -7.82 -8.78
C TRP N 614 2.71 -6.38 -9.05
N ALA N 615 3.10 -5.85 -10.22
CA ALA N 615 2.72 -4.48 -10.55
C ALA N 615 1.20 -4.34 -10.67
N PHE N 616 0.55 -5.35 -11.25
CA PHE N 616 -0.89 -5.32 -11.45
C PHE N 616 -1.63 -5.31 -10.12
N SER N 617 -1.05 -5.92 -9.08
CA SER N 617 -1.67 -5.90 -7.76
C SER N 617 -1.78 -4.48 -7.20
N LEU N 618 -0.83 -3.61 -7.55
CA LEU N 618 -0.86 -2.25 -7.02
C LEU N 618 -2.13 -1.53 -7.42
N MET N 619 -2.71 -1.88 -8.57
CA MET N 619 -4.01 -1.36 -8.96
C MET N 619 -5.01 -1.46 -7.82
N PHE N 620 -5.25 -2.68 -7.35
CA PHE N 620 -6.22 -2.91 -6.29
C PHE N 620 -5.72 -2.39 -4.95
N LEU N 621 -4.41 -2.41 -4.73
CA LEU N 621 -3.89 -1.98 -3.43
C LEU N 621 -4.00 -0.47 -3.25
N PHE N 622 -3.95 0.29 -4.33
CA PHE N 622 -3.99 1.76 -4.26
C PHE N 622 -5.36 2.33 -4.54
N SER N 623 -6.13 1.75 -5.46
CA SER N 623 -7.38 2.37 -5.89
C SER N 623 -8.49 2.10 -4.87
N GLY N 624 -9.70 2.58 -5.19
CA GLY N 624 -10.83 2.44 -4.30
C GLY N 624 -12.08 2.03 -5.05
N ARG N 625 -13.08 1.62 -4.28
CA ARG N 625 -14.28 1.01 -4.85
C ARG N 625 -15.05 1.99 -5.73
N ALA N 626 -15.19 3.24 -5.28
CA ALA N 626 -16.14 4.15 -5.92
C ALA N 626 -15.75 4.48 -7.35
N TYR N 627 -14.46 4.69 -7.60
CA TYR N 627 -14.03 4.98 -8.97
C TYR N 627 -14.48 3.88 -9.91
N TRP N 628 -14.25 2.63 -9.51
CA TRP N 628 -14.58 1.50 -10.37
C TRP N 628 -16.08 1.33 -10.51
N GLN N 629 -16.83 1.58 -9.44
CA GLN N 629 -18.29 1.51 -9.56
C GLN N 629 -18.81 2.54 -10.54
N GLU N 630 -18.30 3.77 -10.47
CA GLU N 630 -18.75 4.81 -11.39
C GLU N 630 -18.33 4.50 -12.83
N LEU N 631 -17.11 3.98 -13.01
CA LEU N 631 -16.68 3.58 -14.34
C LEU N 631 -17.56 2.46 -14.88
N ILE N 632 -17.92 1.49 -14.03
CA ILE N 632 -18.78 0.40 -14.44
C ILE N 632 -20.15 0.92 -14.87
N GLU N 633 -20.68 1.89 -14.13
CA GLU N 633 -21.98 2.46 -14.50
C GLU N 633 -21.88 3.18 -15.85
N SER N 634 -20.81 3.95 -16.06
CA SER N 634 -20.64 4.64 -17.33
C SER N 634 -20.53 3.64 -18.47
N ILE N 635 -19.81 2.54 -18.26
CA ILE N 635 -19.69 1.50 -19.28
C ILE N 635 -21.05 0.86 -19.54
N LEU N 636 -21.78 0.54 -18.47
CA LEU N 636 -23.08 -0.10 -18.58
C LEU N 636 -24.09 0.77 -19.30
N TRP N 637 -23.87 2.09 -19.31
CA TRP N 637 -24.74 2.95 -20.11
C TRP N 637 -24.80 2.47 -21.55
N SER N 638 -23.63 2.16 -22.15
CA SER N 638 -23.60 1.76 -23.55
C SER N 638 -24.29 0.41 -23.76
N HIS N 639 -24.09 -0.52 -22.83
CA HIS N 639 -24.77 -1.81 -22.93
C HIS N 639 -26.28 -1.62 -22.90
N HIS N 640 -26.76 -0.79 -21.98
CA HIS N 640 -28.20 -0.51 -21.94
C HIS N 640 -28.66 0.18 -23.22
N LYS N 641 -27.85 1.07 -23.76
CA LYS N 641 -28.20 1.73 -25.00
C LYS N 641 -28.40 0.72 -26.12
N LEU N 642 -27.51 -0.26 -26.22
CA LEU N 642 -27.59 -1.29 -27.24
C LEU N 642 -28.47 -2.46 -26.84
N LYS N 643 -29.16 -2.37 -25.69
CA LYS N 643 -30.11 -3.35 -25.20
C LYS N 643 -29.42 -4.57 -24.61
N ILE N 644 -28.12 -4.47 -24.29
CA ILE N 644 -27.42 -5.54 -23.57
C ILE N 644 -27.64 -5.22 -22.09
N VAL N 645 -28.66 -5.85 -21.50
CA VAL N 645 -29.01 -5.59 -20.11
C VAL N 645 -28.64 -6.81 -19.27
N PRO N 646 -27.51 -6.79 -18.56
CA PRO N 646 -27.21 -7.89 -17.63
C PRO N 646 -28.02 -7.73 -16.35
N HIS N 647 -28.87 -8.72 -16.07
CA HIS N 647 -29.75 -8.64 -14.91
C HIS N 647 -29.06 -9.03 -13.61
N ILE N 648 -27.87 -9.65 -13.69
CA ILE N 648 -26.96 -9.72 -12.54
C ILE N 648 -26.14 -8.45 -12.62
N GLN N 649 -26.65 -7.39 -12.01
CA GLN N 649 -26.11 -6.05 -12.25
C GLN N 649 -24.62 -6.01 -11.91
N PRO N 650 -23.77 -5.56 -12.82
CA PRO N 650 -22.34 -5.49 -12.50
C PRO N 650 -22.08 -4.56 -11.33
N ARG N 651 -21.14 -4.97 -10.48
CA ARG N 651 -20.75 -4.18 -9.31
C ARG N 651 -19.23 -4.21 -9.18
N ALA N 652 -18.68 -3.13 -8.64
CA ALA N 652 -17.27 -3.12 -8.31
C ALA N 652 -17.03 -4.03 -7.11
N LEU N 653 -15.82 -4.60 -7.05
CA LEU N 653 -15.47 -5.47 -5.94
C LEU N 653 -15.60 -4.73 -4.63
N SER N 654 -16.09 -5.43 -3.60
CA SER N 654 -16.19 -4.83 -2.28
C SER N 654 -14.81 -4.36 -1.82
N ILE N 655 -14.79 -3.58 -0.74
CA ILE N 655 -13.54 -3.01 -0.24
C ILE N 655 -12.63 -4.13 0.25
N SER N 656 -13.16 -5.04 1.07
CA SER N 656 -12.38 -6.14 1.58
C SER N 656 -11.91 -7.05 0.46
N GLN N 657 -12.76 -7.29 -0.53
CA GLN N 657 -12.34 -8.12 -1.66
C GLN N 657 -11.23 -7.45 -2.47
N GLY N 658 -11.33 -6.15 -2.68
CA GLY N 658 -10.26 -5.46 -3.37
C GLY N 658 -8.94 -5.58 -2.63
N ARG N 659 -9.00 -5.41 -1.30
CA ARG N 659 -7.79 -5.61 -0.50
C ARG N 659 -7.26 -7.04 -0.64
N ALA N 660 -8.14 -8.03 -0.59
CA ALA N 660 -7.72 -9.42 -0.69
C ALA N 660 -7.08 -9.71 -2.04
N VAL N 661 -7.70 -9.22 -3.12
CA VAL N 661 -7.16 -9.45 -4.46
C VAL N 661 -5.79 -8.79 -4.60
N GLY N 662 -5.68 -7.54 -4.14
CA GLY N 662 -4.40 -6.87 -4.20
C GLY N 662 -3.32 -7.62 -3.42
N LEU N 663 -3.65 -8.07 -2.21
CA LEU N 663 -2.69 -8.80 -1.40
C LEU N 663 -2.26 -10.09 -2.08
N THR N 664 -3.23 -10.83 -2.62
CA THR N 664 -2.92 -12.09 -3.27
C THR N 664 -2.00 -11.88 -4.47
N HIS N 665 -2.34 -10.93 -5.34
CA HIS N 665 -1.50 -10.69 -6.50
C HIS N 665 -0.12 -10.17 -6.11
N TYR N 666 -0.06 -9.28 -5.11
CA TYR N 666 1.23 -8.76 -4.65
C TYR N 666 2.14 -9.89 -4.18
N VAL N 667 1.63 -10.72 -3.26
CA VAL N 667 2.45 -11.79 -2.71
C VAL N 667 2.82 -12.79 -3.80
N LEU N 668 1.87 -13.14 -4.66
CA LEU N 668 2.15 -14.12 -5.70
C LEU N 668 3.23 -13.61 -6.66
N GLY N 669 3.14 -12.33 -7.06
CA GLY N 669 4.14 -11.79 -7.96
C GLY N 669 5.51 -11.74 -7.33
N GLY N 670 5.60 -11.26 -6.09
CA GLY N 670 6.89 -11.22 -5.42
C GLY N 670 7.49 -12.60 -5.26
N ILE N 671 6.67 -13.55 -4.81
CA ILE N 671 7.15 -14.91 -4.60
C ILE N 671 7.58 -15.54 -5.93
N GLY N 672 6.86 -15.24 -7.01
CA GLY N 672 7.23 -15.79 -8.30
C GLY N 672 8.54 -15.22 -8.80
N CYS N 673 8.76 -13.93 -8.63
CA CYS N 673 10.03 -13.33 -9.01
C CYS N 673 11.18 -13.98 -8.24
N THR N 674 11.03 -14.09 -6.91
CA THR N 674 12.09 -14.70 -6.11
C THR N 674 12.31 -16.16 -6.51
N TRP N 675 11.21 -16.90 -6.71
CA TRP N 675 11.28 -18.30 -7.08
C TRP N 675 12.08 -18.48 -8.36
N ALA N 676 11.68 -17.76 -9.42
CA ALA N 676 12.37 -17.90 -10.70
C ALA N 676 13.81 -17.48 -10.58
N PHE N 677 14.08 -16.36 -9.90
CA PHE N 677 15.46 -15.87 -9.79
C PHE N 677 16.36 -16.90 -9.12
N ILE N 678 15.96 -17.39 -7.95
CA ILE N 678 16.83 -18.31 -7.21
C ILE N 678 16.96 -19.62 -7.97
N ILE N 679 15.87 -20.15 -8.52
CA ILE N 679 15.96 -21.46 -9.16
C ILE N 679 16.79 -21.38 -10.44
N SER N 680 16.62 -20.31 -11.22
CA SER N 680 17.47 -20.14 -12.41
C SER N 680 18.94 -20.08 -12.02
N ARG N 681 19.25 -19.26 -11.02
CA ARG N 681 20.65 -19.16 -10.59
C ARG N 681 21.20 -20.53 -10.21
N MET N 682 20.46 -21.26 -9.38
CA MET N 682 20.96 -22.54 -8.89
C MET N 682 21.11 -23.55 -10.03
N LEU N 683 20.11 -23.63 -10.91
CA LEU N 683 20.17 -24.59 -12.00
C LEU N 683 21.36 -24.31 -12.90
N VAL N 684 21.56 -23.05 -13.29
CA VAL N 684 22.67 -22.72 -14.17
C VAL N 684 23.99 -23.01 -13.48
N LEU N 685 24.13 -22.58 -12.22
CA LEU N 685 25.40 -22.74 -11.53
C LEU N 685 25.76 -24.21 -11.37
N THR N 686 24.80 -25.05 -10.98
CA THR N 686 25.07 -26.47 -10.81
C THR N 686 25.13 -27.22 -12.13
N THR N 687 24.70 -26.61 -13.24
CA THR N 687 24.82 -27.24 -14.55
C THR N 687 25.10 -26.20 -15.62
N ASN O 4 -8.09 29.33 17.88
CA ASN O 4 -8.76 28.07 18.32
C ASN O 4 -7.75 27.15 19.00
N GLY O 5 -7.75 27.17 20.34
CA GLY O 5 -6.79 26.36 21.07
C GLY O 5 -7.02 24.87 20.91
N ARG O 6 -8.28 24.46 20.80
CA ARG O 6 -8.62 23.05 20.67
C ARG O 6 -8.18 22.58 19.29
N CYS O 7 -7.06 21.84 19.23
CA CYS O 7 -6.50 21.43 17.96
C CYS O 7 -5.75 20.12 18.14
N ALA O 8 -5.57 19.42 17.02
CA ALA O 8 -4.79 18.20 16.95
C ALA O 8 -3.60 18.42 16.02
N THR O 9 -2.78 17.38 15.88
CA THR O 9 -1.64 17.46 14.98
C THR O 9 -2.06 17.46 13.52
N SER O 10 -3.30 17.09 13.22
CA SER O 10 -3.82 17.22 11.87
C SER O 10 -4.00 18.67 11.47
N ARG O 11 -3.90 19.62 12.41
CA ARG O 11 -4.02 21.02 12.08
C ARG O 11 -2.98 21.44 11.06
N TYR O 12 -1.73 21.03 11.26
CA TYR O 12 -0.66 21.44 10.35
C TYR O 12 -0.91 20.92 8.95
N LEU O 13 -1.32 19.65 8.83
CA LEU O 13 -1.55 19.07 7.51
C LEU O 13 -2.76 19.70 6.85
N GLN O 14 -3.83 19.95 7.62
CA GLN O 14 -5.01 20.60 7.06
C GLN O 14 -4.65 21.99 6.53
N VAL O 15 -3.83 22.73 7.26
CA VAL O 15 -3.44 24.06 6.81
C VAL O 15 -2.55 23.96 5.58
N MET O 16 -1.53 23.12 5.63
CA MET O 16 -0.57 23.01 4.54
C MET O 16 -1.20 22.49 3.26
N GLY O 17 -2.30 21.75 3.36
CA GLY O 17 -2.97 21.31 2.16
C GLY O 17 -3.73 22.40 1.43
N SER O 18 -3.93 23.55 2.06
CA SER O 18 -4.65 24.66 1.44
C SER O 18 -4.02 26.00 1.75
N ILE O 19 -2.72 26.03 2.01
CA ILE O 19 -2.04 27.30 2.30
C ILE O 19 -2.25 28.27 1.15
N HIS O 20 -2.11 27.79 -0.09
CA HIS O 20 -2.24 28.64 -1.26
C HIS O 20 -3.61 28.55 -1.91
N ASP O 21 -4.56 27.86 -1.27
CA ASP O 21 -5.95 27.83 -1.74
C ASP O 21 -6.64 29.12 -1.27
N ILE O 22 -6.27 30.21 -1.94
CA ILE O 22 -6.68 31.54 -1.47
C ILE O 22 -8.20 31.65 -1.44
N GLU O 23 -8.89 30.97 -2.36
CA GLU O 23 -10.35 31.06 -2.36
C GLU O 23 -10.94 30.49 -1.07
N SER O 24 -10.24 29.58 -0.42
CA SER O 24 -10.70 28.97 0.82
C SER O 24 -10.32 29.77 2.05
N TYR O 25 -9.60 30.88 1.90
CA TYR O 25 -9.16 31.65 3.05
C TYR O 25 -10.35 32.22 3.80
N PHE O 26 -10.25 32.22 5.13
CA PHE O 26 -11.22 32.93 5.95
C PHE O 26 -10.98 34.44 5.84
N ALA O 27 -12.07 35.19 5.89
CA ALA O 27 -12.04 36.64 5.84
C ALA O 27 -11.54 37.18 4.51
N LEU O 28 -11.48 36.33 3.47
CA LEU O 28 -11.24 36.79 2.11
C LEU O 28 -12.61 37.04 1.49
N ASP O 29 -13.14 38.23 1.79
CA ASP O 29 -14.56 38.47 1.58
C ASP O 29 -14.96 38.39 0.11
N ASN O 30 -14.15 38.95 -0.79
CA ASN O 30 -14.62 39.25 -2.13
C ASN O 30 -13.58 38.91 -3.19
N THR O 31 -14.06 38.92 -4.44
CA THR O 31 -13.18 38.70 -5.58
C THR O 31 -12.09 39.76 -5.65
N LEU O 32 -12.35 40.96 -5.13
CA LEU O 32 -11.30 41.97 -5.07
C LEU O 32 -10.12 41.49 -4.24
N SER O 33 -10.41 40.98 -3.03
CA SER O 33 -9.34 40.43 -2.19
C SER O 33 -8.68 39.24 -2.87
N LEU O 34 -9.49 38.35 -3.46
CA LEU O 34 -8.92 37.18 -4.11
C LEU O 34 -7.94 37.58 -5.21
N ASN O 35 -8.38 38.48 -6.10
CA ASN O 35 -7.56 38.87 -7.24
C ASN O 35 -6.31 39.61 -6.79
N LEU O 36 -6.44 40.51 -5.80
CA LEU O 36 -5.25 41.22 -5.32
C LEU O 36 -4.25 40.26 -4.70
N GLN O 37 -4.73 39.31 -3.89
CA GLN O 37 -3.82 38.33 -3.31
C GLN O 37 -3.12 37.53 -4.38
N ILE O 38 -3.87 37.11 -5.42
CA ILE O 38 -3.27 36.33 -6.48
C ILE O 38 -2.23 37.14 -7.24
N PHE O 39 -2.52 38.41 -7.49
CA PHE O 39 -1.57 39.28 -8.19
C PHE O 39 -0.28 39.43 -7.38
N THR O 40 -0.41 39.65 -6.07
CA THR O 40 0.77 39.77 -5.23
C THR O 40 1.57 38.48 -5.20
N ALA O 41 0.87 37.34 -5.12
CA ALA O 41 1.55 36.06 -5.17
C ALA O 41 2.29 35.88 -6.49
N HIS O 42 1.68 36.33 -7.60
CA HIS O 42 2.36 36.25 -8.89
C HIS O 42 3.64 37.08 -8.89
N TRP O 43 3.59 38.28 -8.32
CA TRP O 43 4.79 39.10 -8.24
C TRP O 43 5.87 38.42 -7.43
N GLY O 44 5.50 37.85 -6.29
CA GLY O 44 6.49 37.12 -5.49
C GLY O 44 7.06 35.94 -6.24
N HIS O 45 6.23 35.26 -7.03
CA HIS O 45 6.70 34.15 -7.83
C HIS O 45 7.71 34.59 -8.89
N LEU O 46 7.43 35.72 -9.54
CA LEU O 46 8.40 36.25 -10.50
C LEU O 46 9.71 36.60 -9.80
N ALA O 47 9.62 37.15 -8.59
CA ALA O 47 10.84 37.42 -7.82
C ALA O 47 11.63 36.15 -7.56
N ILE O 48 10.92 35.06 -7.20
CA ILE O 48 11.60 33.79 -6.96
C ILE O 48 12.28 33.29 -8.24
N ILE O 49 11.60 33.39 -9.37
CA ILE O 49 12.19 32.94 -10.63
C ILE O 49 13.46 33.74 -10.93
N LEU O 50 13.38 35.06 -10.75
CA LEU O 50 14.54 35.90 -11.05
C LEU O 50 15.70 35.59 -10.11
N MET O 51 15.40 35.30 -8.84
CA MET O 51 16.45 34.91 -7.92
C MET O 51 17.06 33.57 -8.31
N TRP O 52 16.24 32.65 -8.82
CA TRP O 52 16.78 31.37 -9.30
C TRP O 52 17.72 31.58 -10.47
N ILE O 53 17.34 32.44 -11.42
CA ILE O 53 18.22 32.75 -12.54
C ILE O 53 19.50 33.40 -12.05
N SER O 54 19.39 34.34 -11.11
CA SER O 54 20.57 35.02 -10.60
C SER O 54 21.49 34.06 -9.87
N GLY O 55 20.92 33.10 -9.12
CA GLY O 55 21.75 32.13 -8.44
C GLY O 55 22.48 31.21 -9.41
N ASN O 56 21.78 30.75 -10.44
CA ASN O 56 22.45 29.94 -11.46
C ASN O 56 23.59 30.71 -12.10
N LEU O 57 23.34 31.96 -12.47
CA LEU O 57 24.38 32.76 -13.11
C LEU O 57 25.56 33.00 -12.16
N TYR O 58 25.27 33.30 -10.90
CA TYR O 58 26.34 33.53 -9.94
C TYR O 58 27.20 32.30 -9.76
N HIS O 59 26.58 31.13 -9.63
CA HIS O 59 27.36 29.93 -9.39
C HIS O 59 28.17 29.56 -10.62
N ILE O 60 27.62 29.79 -11.82
CA ILE O 60 28.41 29.59 -13.04
C ILE O 60 29.61 30.52 -13.03
N ALA O 61 29.40 31.79 -12.66
CA ALA O 61 30.50 32.75 -12.69
C ALA O 61 31.59 32.41 -11.67
N SER O 62 31.18 32.00 -10.47
CA SER O 62 32.12 31.87 -9.36
C SER O 62 32.68 30.46 -9.22
N ASN O 63 31.80 29.48 -9.03
CA ASN O 63 32.25 28.12 -8.71
C ASN O 63 32.65 27.32 -9.94
N ALA O 64 32.45 27.85 -11.14
CA ALA O 64 32.49 27.05 -12.36
C ALA O 64 33.60 27.51 -13.28
N ASN O 65 33.63 26.94 -14.49
CA ASN O 65 34.71 27.09 -15.45
C ASN O 65 34.18 27.46 -16.82
N TYR O 66 33.31 28.48 -16.89
CA TYR O 66 32.72 28.87 -18.16
C TYR O 66 33.79 29.34 -19.15
N SER O 67 34.74 30.15 -18.68
CA SER O 67 35.75 30.70 -19.58
C SER O 67 36.61 29.59 -20.18
N LEU O 68 36.98 28.59 -19.37
CA LEU O 68 37.76 27.47 -19.88
C LEU O 68 36.93 26.58 -20.78
N TRP O 69 35.66 26.38 -20.44
CA TRP O 69 34.80 25.50 -21.22
C TRP O 69 34.56 26.05 -22.61
N ILE O 70 34.33 27.37 -22.73
CA ILE O 70 34.06 27.94 -24.04
C ILE O 70 35.26 27.83 -24.98
N LYS O 71 36.45 27.61 -24.44
CA LYS O 71 37.62 27.43 -25.31
C LYS O 71 37.60 26.06 -25.99
N ASN O 72 37.24 25.01 -25.24
CA ASN O 72 37.19 23.64 -25.75
C ASN O 72 35.87 23.01 -25.32
N PRO O 73 34.76 23.41 -25.92
CA PRO O 73 33.45 22.92 -25.45
C PRO O 73 33.23 21.43 -25.66
N ILE O 74 33.85 20.82 -26.66
CA ILE O 74 33.50 19.45 -27.04
C ILE O 74 33.94 18.47 -25.94
N PRO O 75 35.22 18.43 -25.54
CA PRO O 75 35.61 17.46 -24.52
C PRO O 75 35.42 17.94 -23.10
N SER O 76 35.39 19.25 -22.90
CA SER O 76 35.25 19.81 -21.56
C SER O 76 33.83 19.57 -21.04
N MET O 77 33.72 19.56 -19.72
CA MET O 77 32.45 19.37 -19.04
C MET O 77 32.17 20.56 -18.12
N PRO O 78 31.01 21.20 -18.24
CA PRO O 78 30.74 22.36 -17.39
C PRO O 78 30.62 21.99 -15.92
N ILE O 79 30.94 22.95 -15.06
CA ILE O 79 30.83 22.78 -13.61
C ILE O 79 29.55 23.47 -13.15
N ALA O 80 28.77 22.78 -12.32
CA ALA O 80 27.56 23.38 -11.78
C ALA O 80 27.87 24.27 -10.59
N HIS O 81 28.44 23.68 -9.54
CA HIS O 81 28.82 24.43 -8.34
C HIS O 81 29.75 23.56 -7.52
N ASN O 82 30.42 24.19 -6.57
CA ASN O 82 31.31 23.46 -5.67
C ASN O 82 30.51 22.65 -4.67
N ILE O 83 31.18 21.68 -4.06
CA ILE O 83 30.63 20.89 -2.96
C ILE O 83 31.34 21.32 -1.69
N TRP O 84 30.58 21.85 -0.73
CA TRP O 84 31.09 22.12 0.61
C TRP O 84 30.22 21.31 1.56
N ASP O 85 30.64 20.09 1.82
CA ASP O 85 29.91 19.15 2.68
C ASP O 85 30.88 18.58 3.71
N PRO O 86 30.72 18.90 4.99
CA PRO O 86 31.69 18.40 5.97
C PRO O 86 31.74 16.88 6.07
N HIS O 87 30.65 16.19 5.70
CA HIS O 87 30.59 14.75 5.89
C HIS O 87 31.54 14.00 4.98
N PHE O 88 32.02 14.63 3.91
CA PHE O 88 32.93 13.93 3.01
C PHE O 88 34.21 13.57 3.73
N THR O 89 34.91 12.58 3.18
CA THR O 89 36.17 12.14 3.77
C THR O 89 37.19 13.28 3.71
N SER O 90 37.91 13.45 4.82
CA SER O 90 38.97 14.45 4.90
C SER O 90 40.36 13.84 4.79
N SER O 91 40.51 12.56 5.11
CA SER O 91 41.83 11.94 5.06
C SER O 91 42.37 11.90 3.64
N THR O 92 41.52 11.60 2.67
CA THR O 92 41.94 11.47 1.28
C THR O 92 41.02 12.28 0.39
N SER O 93 41.49 12.56 -0.82
CA SER O 93 40.72 13.35 -1.77
C SER O 93 39.47 12.59 -2.22
N THR O 94 38.42 13.33 -2.50
CA THR O 94 37.17 12.75 -2.95
C THR O 94 37.19 12.56 -4.46
N PRO O 95 36.28 11.75 -5.01
CA PRO O 95 36.26 11.55 -6.47
C PRO O 95 35.98 12.82 -7.25
N TYR O 96 35.43 13.84 -6.62
CA TYR O 96 35.02 15.06 -7.31
C TYR O 96 36.11 16.13 -7.33
N SER O 97 37.26 15.87 -6.73
CA SER O 97 38.37 16.81 -6.67
C SER O 97 39.52 16.34 -7.55
N HIS O 98 40.46 17.25 -7.80
CA HIS O 98 41.69 16.93 -8.51
C HIS O 98 42.84 16.59 -7.58
N THR O 99 42.53 16.06 -6.41
CA THR O 99 43.44 15.60 -5.35
C THR O 99 44.04 16.76 -4.56
N THR O 100 43.86 18.02 -4.99
CA THR O 100 44.25 19.16 -4.16
C THR O 100 43.30 20.33 -4.37
N THR O 101 42.09 20.07 -4.86
CA THR O 101 41.22 21.10 -5.40
C THR O 101 39.82 20.94 -4.82
N ALA O 102 39.08 22.04 -4.83
CA ALA O 102 37.71 22.01 -4.35
C ALA O 102 36.86 21.05 -5.19
N ALA O 103 35.96 20.33 -4.53
CA ALA O 103 35.09 19.41 -5.22
C ALA O 103 34.09 20.16 -6.08
N VAL O 104 33.79 19.61 -7.26
CA VAL O 104 32.93 20.25 -8.24
C VAL O 104 31.91 19.24 -8.76
N LEU O 105 30.80 19.77 -9.26
CA LEU O 105 29.75 18.98 -9.88
C LEU O 105 29.60 19.39 -11.33
N ILE O 106 29.46 18.41 -12.22
CA ILE O 106 29.22 18.70 -13.63
C ILE O 106 27.78 19.20 -13.79
N ALA O 107 27.58 20.10 -14.75
CA ALA O 107 26.28 20.72 -14.98
C ALA O 107 25.59 20.03 -16.15
N TYR O 108 24.37 19.57 -15.91
CA TYR O 108 23.57 18.87 -16.91
C TYR O 108 22.33 19.65 -17.30
N SER O 109 22.41 20.97 -17.30
CA SER O 109 21.27 21.83 -17.59
C SER O 109 21.39 22.56 -18.92
N GLY O 110 22.52 22.48 -19.61
CA GLY O 110 22.68 23.17 -20.86
C GLY O 110 22.74 24.67 -20.75
N ILE O 111 22.79 25.20 -19.53
CA ILE O 111 22.87 26.65 -19.35
C ILE O 111 24.16 27.19 -19.95
N TYR O 112 25.22 26.38 -19.97
CA TYR O 112 26.46 26.80 -20.60
C TYR O 112 26.25 27.05 -22.09
N ASN O 113 25.61 26.10 -22.78
CA ASN O 113 25.34 26.28 -24.20
C ASN O 113 24.40 27.47 -24.41
N GLN O 114 23.41 27.62 -23.53
CA GLN O 114 22.49 28.75 -23.63
C GLN O 114 23.25 30.07 -23.60
N LEU O 115 24.10 30.27 -22.58
CA LEU O 115 24.87 31.50 -22.48
C LEU O 115 25.81 31.66 -23.66
N TYR O 116 26.48 30.58 -24.06
CA TYR O 116 27.49 30.68 -25.10
C TYR O 116 26.87 31.11 -26.42
N THR O 117 25.70 30.56 -26.77
CA THR O 117 25.05 30.99 -28.00
C THR O 117 24.26 32.28 -27.83
N SER O 118 23.98 32.68 -26.59
CA SER O 118 23.38 34.00 -26.37
C SER O 118 24.41 35.10 -26.59
N GLY O 119 25.68 34.82 -26.31
CA GLY O 119 26.74 35.77 -26.61
C GLY O 119 27.63 36.09 -25.44
N PHE O 120 27.60 35.27 -24.40
CA PHE O 120 28.46 35.49 -23.23
C PHE O 120 29.87 35.01 -23.56
N SER O 121 30.84 35.90 -23.42
CA SER O 121 32.24 35.59 -23.70
C SER O 121 33.11 35.60 -22.46
N THR O 122 32.74 36.32 -21.42
CA THR O 122 33.56 36.48 -20.23
C THR O 122 32.71 36.33 -18.98
N VAL O 123 33.34 35.93 -17.89
CA VAL O 123 32.65 35.79 -16.61
C VAL O 123 32.15 37.15 -16.11
N ASN O 124 32.75 38.24 -16.56
CA ASN O 124 32.27 39.56 -16.16
C ASN O 124 30.84 39.79 -16.65
N GLN O 125 30.53 39.33 -17.87
CA GLN O 125 29.18 39.45 -18.38
C GLN O 125 28.19 38.65 -17.54
N ILE O 126 28.58 37.45 -17.13
CA ILE O 126 27.71 36.64 -16.27
C ILE O 126 27.49 37.35 -14.94
N TYR O 127 28.54 37.96 -14.40
CA TYR O 127 28.40 38.70 -13.14
C TYR O 127 27.43 39.86 -13.30
N LYS O 128 27.55 40.60 -14.40
CA LYS O 128 26.63 41.70 -14.65
C LYS O 128 25.20 41.20 -14.78
N ALA O 129 25.01 40.04 -15.34
CA ALA O 129 23.69 39.48 -15.42
C ALA O 129 23.19 39.06 -14.07
N THR O 130 24.01 38.51 -13.22
CA THR O 130 23.61 38.11 -11.89
C THR O 130 23.14 39.31 -11.14
N PHE O 131 23.86 40.39 -11.26
CA PHE O 131 23.49 41.61 -10.60
C PHE O 131 22.21 42.15 -11.10
N ALA O 132 21.99 42.12 -12.40
CA ALA O 132 20.81 42.70 -13.00
C ALA O 132 19.57 41.93 -12.76
N PHE O 133 19.67 40.63 -12.69
CA PHE O 133 18.51 39.81 -12.36
C PHE O 133 18.15 39.92 -10.88
N SER O 134 19.13 40.10 -10.00
CA SER O 134 18.80 40.40 -8.61
C SER O 134 18.05 41.73 -8.51
N CYS O 135 18.50 42.73 -9.27
CA CYS O 135 17.79 44.01 -9.29
C CYS O 135 16.36 43.82 -9.82
N LEU O 136 16.20 42.94 -10.82
CA LEU O 136 14.86 42.68 -11.35
C LEU O 136 13.97 42.03 -10.31
N ALA O 137 14.53 41.14 -9.48
CA ALA O 137 13.76 40.58 -8.38
C ALA O 137 13.33 41.67 -7.40
N VAL O 138 14.23 42.59 -7.07
CA VAL O 138 13.85 43.73 -6.23
C VAL O 138 12.70 44.49 -6.87
N ILE O 139 12.79 44.74 -8.17
CA ILE O 139 11.76 45.49 -8.88
C ILE O 139 10.43 44.77 -8.80
N SER O 140 10.45 43.44 -8.95
CA SER O 140 9.22 42.66 -8.90
C SER O 140 8.55 42.79 -7.53
N ILE O 141 9.32 42.64 -6.47
CA ILE O 141 8.75 42.75 -5.14
C ILE O 141 8.20 44.16 -4.90
N LEU O 142 8.94 45.18 -5.33
CA LEU O 142 8.46 46.54 -5.16
C LEU O 142 7.20 46.80 -5.96
N LEU O 143 7.07 46.19 -7.14
CA LEU O 143 5.84 46.32 -7.91
C LEU O 143 4.67 45.67 -7.19
N ALA O 144 4.90 44.51 -6.56
CA ALA O 144 3.86 43.90 -5.74
C ALA O 144 3.38 44.87 -4.67
N LYS O 145 4.34 45.47 -3.96
CA LYS O 145 3.97 46.44 -2.91
C LYS O 145 3.22 47.62 -3.50
N ILE O 146 3.68 48.14 -4.63
CA ILE O 146 3.04 49.28 -5.28
C ILE O 146 1.59 48.96 -5.59
N HIS O 147 1.34 47.78 -6.13
CA HIS O 147 -0.02 47.44 -6.55
C HIS O 147 -0.93 47.19 -5.36
N ILE O 148 -0.40 46.59 -4.29
CA ILE O 148 -1.17 46.49 -3.06
C ILE O 148 -1.61 47.88 -2.61
N ARG O 149 -0.67 48.83 -2.61
CA ARG O 149 -0.99 50.17 -2.16
C ARG O 149 -2.02 50.84 -3.06
N THR O 150 -1.88 50.67 -4.37
CA THR O 150 -2.83 51.32 -5.29
C THR O 150 -4.24 50.77 -5.10
N HIS O 151 -4.37 49.45 -4.94
CA HIS O 151 -5.70 48.89 -4.74
C HIS O 151 -6.27 49.30 -3.39
N SER O 152 -5.44 49.38 -2.36
CA SER O 152 -5.92 49.89 -1.08
C SER O 152 -6.40 51.33 -1.21
N GLU O 153 -5.68 52.14 -1.97
CA GLU O 153 -6.10 53.53 -2.18
C GLU O 153 -7.42 53.60 -2.93
N VAL O 154 -7.75 52.70 -3.83
CA VAL O 154 -9.08 52.69 -4.51
C VAL O 154 -10.20 52.29 -3.57
N LEU O 155 -10.01 51.32 -2.69
CA LEU O 155 -11.02 50.99 -1.70
C LEU O 155 -11.27 52.15 -0.80
N HIS O 156 -10.25 52.87 -0.37
CA HIS O 156 -10.40 54.02 0.50
C HIS O 156 -11.20 55.06 -0.24
N ASN O 157 -10.96 55.25 -1.51
CA ASN O 157 -11.66 56.24 -2.27
C ASN O 157 -13.07 55.90 -2.39
N SER O 158 -13.37 54.63 -2.58
CA SER O 158 -14.73 54.23 -2.79
C SER O 158 -15.42 54.37 -1.50
N ALA O 159 -14.71 54.11 -0.43
CA ALA O 159 -15.36 54.35 0.86
C ALA O 159 -15.65 55.82 1.07
N THR O 160 -14.70 56.69 0.69
CA THR O 160 -14.84 58.11 0.99
C THR O 160 -15.84 58.81 0.07
N HIS O 161 -15.91 58.40 -1.19
CA HIS O 161 -16.79 59.02 -2.17
C HIS O 161 -17.91 58.04 -2.54
N ALA O 162 -19.09 58.58 -2.79
CA ALA O 162 -20.24 57.76 -3.16
C ALA O 162 -21.07 58.47 -4.22
N SER O 163 -21.52 57.70 -5.21
CA SER O 163 -22.46 58.22 -6.19
C SER O 163 -23.78 58.55 -5.52
N GLN O 164 -24.42 59.63 -5.97
CA GLN O 164 -25.63 60.10 -5.31
C GLN O 164 -26.75 59.07 -5.40
N ILE O 165 -26.93 58.46 -6.57
CA ILE O 165 -28.03 57.51 -6.78
C ILE O 165 -27.75 56.23 -6.01
N PRO O 166 -28.77 55.43 -5.71
CA PRO O 166 -28.54 54.20 -4.93
C PRO O 166 -27.71 53.15 -5.65
N SER O 167 -27.43 53.32 -6.93
CA SER O 167 -26.67 52.35 -7.70
C SER O 167 -25.18 52.38 -7.37
N PHE O 168 -24.78 53.11 -6.33
CA PHE O 168 -23.36 53.16 -5.97
C PHE O 168 -22.80 51.77 -5.69
N PHE O 169 -23.66 50.84 -5.27
CA PHE O 169 -23.18 49.49 -5.01
C PHE O 169 -22.69 48.79 -6.27
N GLN O 170 -23.02 49.32 -7.45
CA GLN O 170 -22.52 48.73 -8.69
C GLN O 170 -20.99 48.80 -8.76
N LEU O 171 -20.39 49.80 -8.12
CA LEU O 171 -18.94 49.91 -8.13
C LEU O 171 -18.27 48.73 -7.44
N LEU O 172 -19.03 47.96 -6.67
CA LEU O 172 -18.46 46.77 -6.02
C LEU O 172 -17.86 45.81 -7.02
N TYR O 173 -18.38 45.79 -8.25
CA TYR O 173 -17.93 44.82 -9.24
C TYR O 173 -16.67 45.26 -9.97
N PHE O 174 -16.42 46.57 -10.06
CA PHE O 174 -15.36 47.11 -10.90
C PHE O 174 -14.08 47.43 -10.15
N LEU O 175 -14.01 47.11 -8.85
CA LEU O 175 -12.80 47.44 -8.09
C LEU O 175 -11.60 46.62 -8.55
N ASP O 176 -11.83 45.41 -9.06
CA ASP O 176 -10.77 44.53 -9.54
C ASP O 176 -10.75 44.46 -11.07
N VAL O 177 -11.17 45.54 -11.73
CA VAL O 177 -11.22 45.54 -13.19
C VAL O 177 -9.81 45.41 -13.76
N GLY O 178 -8.84 46.07 -13.16
CA GLY O 178 -7.48 46.02 -13.67
C GLY O 178 -6.92 44.61 -13.67
N ILE O 179 -7.29 43.81 -12.67
CA ILE O 179 -6.76 42.45 -12.57
C ILE O 179 -7.62 41.43 -13.30
N SER O 180 -8.91 41.70 -13.50
CA SER O 180 -9.82 40.71 -14.06
C SER O 180 -10.31 41.07 -15.46
N SER O 181 -9.83 42.15 -16.06
CA SER O 181 -10.21 42.48 -17.43
C SER O 181 -9.47 41.56 -18.40
N ILE O 182 -10.19 41.10 -19.42
CA ILE O 182 -9.70 40.06 -20.31
C ILE O 182 -9.28 40.62 -21.67
N ASN O 183 -10.04 41.56 -22.22
CA ASN O 183 -9.72 42.07 -23.56
C ASN O 183 -8.37 42.78 -23.57
N ILE O 184 -8.20 43.74 -22.65
CA ILE O 184 -6.96 44.51 -22.61
C ILE O 184 -5.78 43.61 -22.27
N ARG O 185 -5.98 42.70 -21.32
CA ARG O 185 -4.91 41.78 -20.95
C ARG O 185 -4.50 40.93 -22.14
N LEU O 186 -5.47 40.38 -22.88
CA LEU O 186 -5.16 39.57 -24.05
C LEU O 186 -4.39 40.38 -25.07
N ASN O 187 -4.88 41.58 -25.39
CA ASN O 187 -4.22 42.41 -26.40
C ASN O 187 -2.78 42.66 -26.02
N PHE O 188 -2.54 43.12 -24.79
CA PHE O 188 -1.20 43.53 -24.40
C PHE O 188 -0.28 42.32 -24.23
N HIS O 189 -0.80 41.21 -23.71
CA HIS O 189 0.01 40.00 -23.60
C HIS O 189 0.45 39.53 -24.98
N THR O 190 -0.48 39.36 -25.91
CA THR O 190 -0.14 38.78 -27.19
C THR O 190 0.65 39.76 -28.06
N GLY O 191 0.49 41.06 -27.85
CA GLY O 191 1.19 42.03 -28.67
C GLY O 191 2.56 42.40 -28.14
N VAL O 192 2.65 42.68 -26.84
CA VAL O 192 3.89 43.16 -26.23
C VAL O 192 4.65 42.04 -25.54
N LEU O 193 3.97 41.25 -24.71
CA LEU O 193 4.65 40.22 -23.95
C LEU O 193 5.15 39.08 -24.84
N VAL O 194 4.56 38.89 -26.02
CA VAL O 194 4.94 37.82 -26.93
C VAL O 194 5.56 38.38 -28.20
N GLY O 195 4.79 39.14 -28.98
CA GLY O 195 5.29 39.62 -30.26
C GLY O 195 6.44 40.60 -30.12
N PHE O 196 6.26 41.63 -29.29
CA PHE O 196 7.32 42.61 -29.13
C PHE O 196 8.51 42.02 -28.39
N PHE O 197 8.27 41.06 -27.50
CA PHE O 197 9.39 40.36 -26.87
C PHE O 197 10.20 39.60 -27.89
N SER O 198 9.52 38.96 -28.86
CA SER O 198 10.25 38.27 -29.92
C SER O 198 11.04 39.25 -30.77
N ILE O 199 10.45 40.39 -31.10
CA ILE O 199 11.18 41.39 -31.89
C ILE O 199 12.39 41.90 -31.11
N ALA O 200 12.22 42.13 -29.81
CA ALA O 200 13.33 42.57 -28.98
C ALA O 200 14.44 41.52 -28.96
N TYR O 201 14.08 40.25 -28.85
CA TYR O 201 15.12 39.23 -28.85
C TYR O 201 15.79 39.12 -30.21
N THR O 202 15.07 39.39 -31.30
CA THR O 202 15.72 39.48 -32.61
C THR O 202 16.77 40.58 -32.59
N GLY O 203 16.41 41.75 -32.05
CA GLY O 203 17.38 42.82 -31.93
C GLY O 203 18.59 42.40 -31.11
N HIS O 204 18.35 41.72 -29.99
CA HIS O 204 19.45 41.24 -29.17
C HIS O 204 20.36 40.32 -29.96
N LEU O 205 19.76 39.36 -30.68
CA LEU O 205 20.56 38.44 -31.47
C LEU O 205 21.43 39.22 -32.45
N LEU O 206 20.80 40.06 -33.27
CA LEU O 206 21.54 40.81 -34.27
C LEU O 206 22.67 41.63 -33.67
N ASP O 207 22.46 42.19 -32.47
CA ASP O 207 23.46 43.09 -31.91
C ASP O 207 24.58 42.37 -31.17
N VAL O 208 24.29 41.26 -30.50
CA VAL O 208 25.23 40.61 -29.60
C VAL O 208 25.58 39.20 -30.06
N ALA O 209 24.56 38.39 -30.33
CA ALA O 209 24.82 36.96 -30.56
C ALA O 209 25.49 36.71 -31.89
N ILE O 210 25.01 37.37 -32.95
CA ILE O 210 25.61 37.17 -34.28
C ILE O 210 27.06 37.62 -34.30
N PRO O 211 27.41 38.83 -33.84
CA PRO O 211 28.83 39.22 -33.84
C PRO O 211 29.68 38.31 -32.98
N ALA O 212 29.16 37.84 -31.86
CA ALA O 212 29.93 36.96 -30.98
C ALA O 212 30.26 35.66 -31.68
N SER O 213 29.28 35.07 -32.38
CA SER O 213 29.52 33.81 -33.08
C SER O 213 30.44 34.01 -34.28
N ARG O 214 30.20 35.06 -35.07
CA ARG O 214 30.97 35.29 -36.28
C ARG O 214 32.34 35.86 -35.92
N ALA O 215 33.40 35.17 -36.33
CA ALA O 215 34.75 35.67 -36.09
C ALA O 215 35.01 37.00 -36.79
N PRO O 216 34.68 37.18 -38.07
CA PRO O 216 34.93 38.46 -38.72
C PRO O 216 33.82 39.48 -38.48
N LEU O 217 34.24 40.72 -38.24
CA LEU O 217 33.27 41.78 -37.98
C LEU O 217 32.49 42.12 -39.24
N SER O 218 31.19 42.33 -39.09
CA SER O 218 30.32 42.72 -40.20
C SER O 218 29.15 43.50 -39.63
N HIS O 219 28.85 44.64 -40.26
CA HIS O 219 27.77 45.49 -39.76
C HIS O 219 26.43 44.78 -39.86
N THR O 220 25.59 44.98 -38.85
CA THR O 220 24.26 44.39 -38.84
C THR O 220 23.47 44.90 -40.04
N SER O 221 22.80 43.97 -40.72
CA SER O 221 22.01 44.29 -41.90
C SER O 221 21.05 43.14 -42.16
N LEU O 222 20.32 43.22 -43.28
CA LEU O 222 19.42 42.13 -43.64
C LEU O 222 20.16 40.84 -43.94
N SER O 223 21.47 40.91 -44.18
CA SER O 223 22.26 39.70 -44.34
C SER O 223 22.22 38.83 -43.09
N TYR O 224 21.93 39.42 -41.93
CA TYR O 224 21.78 38.67 -40.70
C TYR O 224 20.47 37.90 -40.63
N LEU O 225 19.54 38.17 -41.54
CA LEU O 225 18.27 37.46 -41.61
C LEU O 225 18.32 36.51 -42.80
N THR O 226 18.15 35.21 -42.55
CA THR O 226 18.31 34.22 -43.58
C THR O 226 17.25 33.18 -43.41
N PHE O 227 17.06 32.31 -44.39
CA PHE O 227 16.10 31.23 -44.26
C PHE O 227 16.79 29.98 -44.73
N PHE O 228 17.93 29.67 -44.13
CA PHE O 228 18.61 28.42 -44.40
C PHE O 228 17.81 27.56 -43.47
N GLY O 229 18.11 26.28 -43.41
CA GLY O 229 17.45 25.42 -42.48
C GLY O 229 18.45 24.43 -42.02
N GLY O 230 18.15 23.73 -40.96
CA GLY O 230 19.05 22.70 -40.53
C GLY O 230 20.17 23.20 -39.68
N LEU O 231 21.13 22.33 -39.40
CA LEU O 231 22.16 22.70 -38.46
C LEU O 231 23.50 23.07 -39.06
N LYS O 232 24.06 24.20 -38.66
CA LYS O 232 25.37 24.60 -39.10
C LYS O 232 26.27 23.50 -38.67
N SER O 233 27.18 23.10 -39.52
CA SER O 233 28.05 22.01 -39.22
C SER O 233 28.96 22.27 -38.08
N ASP O 234 29.55 23.46 -38.03
CA ASP O 234 30.54 23.76 -37.03
C ASP O 234 30.08 23.71 -35.59
N THR O 235 28.95 24.34 -35.29
CA THR O 235 28.43 24.31 -33.95
C THR O 235 27.44 23.20 -33.77
N ALA O 236 27.05 22.52 -34.85
CA ALA O 236 26.04 21.48 -34.79
C ALA O 236 24.74 22.00 -34.26
N SER O 237 24.37 23.22 -34.63
CA SER O 237 23.18 23.84 -34.12
C SER O 237 22.53 24.69 -35.18
N LEU O 238 21.31 25.13 -34.95
CA LEU O 238 20.58 25.93 -35.90
C LEU O 238 21.29 27.22 -36.13
N TYR O 239 21.24 27.71 -37.35
CA TYR O 239 21.98 28.89 -37.67
C TYR O 239 21.40 29.97 -36.83
N LEU O 240 22.24 30.81 -36.26
CA LEU O 240 21.79 31.89 -35.40
C LEU O 240 21.06 32.89 -36.22
N THR O 241 21.47 33.08 -37.45
CA THR O 241 20.81 34.02 -38.36
C THR O 241 19.39 33.62 -38.66
N ASP O 242 19.11 32.33 -38.70
CA ASP O 242 17.76 31.85 -38.89
C ASP O 242 16.96 32.04 -37.63
N ILE O 243 17.51 31.80 -36.47
CA ILE O 243 16.75 32.04 -35.24
C ILE O 243 16.29 33.48 -35.17
N ALA O 244 17.14 34.44 -35.54
CA ALA O 244 16.75 35.83 -35.54
C ALA O 244 15.66 36.16 -36.47
N HIS O 245 15.64 35.60 -37.65
CA HIS O 245 14.52 35.78 -38.57
C HIS O 245 13.29 35.11 -38.07
N HIS O 246 13.44 33.98 -37.47
CA HIS O 246 12.31 33.30 -36.93
C HIS O 246 11.62 34.14 -35.98
N HIS O 247 12.34 34.65 -34.99
CA HIS O 247 11.73 35.46 -33.94
C HIS O 247 11.21 36.78 -34.50
N LEU O 248 11.86 37.34 -35.50
CA LEU O 248 11.34 38.54 -36.15
C LEU O 248 9.97 38.27 -36.76
N ALA O 249 9.85 37.17 -37.50
CA ALA O 249 8.59 36.85 -38.16
C ALA O 249 7.48 36.62 -37.15
N ILE O 250 7.76 35.80 -36.12
CA ILE O 250 6.74 35.53 -35.12
C ILE O 250 6.36 36.80 -34.38
N GLY O 251 7.34 37.65 -34.08
CA GLY O 251 7.05 38.89 -33.40
C GLY O 251 6.15 39.79 -34.21
N VAL O 252 6.42 39.91 -35.52
CA VAL O 252 5.58 40.74 -36.37
C VAL O 252 4.17 40.19 -36.40
N ILE O 253 4.03 38.87 -36.56
CA ILE O 253 2.71 38.27 -36.66
C ILE O 253 1.92 38.53 -35.38
N PHE O 254 2.55 38.34 -34.22
CA PHE O 254 1.83 38.49 -32.96
C PHE O 254 1.60 39.95 -32.59
N VAL O 255 2.50 40.85 -33.00
CA VAL O 255 2.21 42.27 -32.85
C VAL O 255 0.97 42.64 -33.64
N TYR O 256 0.84 42.10 -34.86
CA TYR O 256 -0.37 42.32 -35.64
C TYR O 256 -1.59 41.77 -34.91
N ILE O 257 -1.49 40.55 -34.40
CA ILE O 257 -2.63 39.92 -33.73
C ILE O 257 -2.99 40.65 -32.44
N GLY O 258 -2.07 41.41 -31.86
CA GLY O 258 -2.32 42.08 -30.61
C GLY O 258 -3.17 43.32 -30.68
N HIS O 259 -3.72 43.64 -31.86
CA HIS O 259 -4.69 44.72 -32.01
C HIS O 259 -6.11 44.18 -32.15
N LEU O 260 -6.32 42.91 -31.81
CA LEU O 260 -7.59 42.26 -32.12
C LEU O 260 -8.71 42.79 -31.24
N TYR O 261 -8.49 42.86 -29.93
CA TYR O 261 -9.54 43.20 -28.98
C TYR O 261 -9.52 44.69 -28.64
N SER O 262 -10.65 45.17 -28.12
CA SER O 262 -10.75 46.53 -27.63
C SER O 262 -10.16 46.59 -26.22
N SER O 263 -9.06 47.32 -26.07
CA SER O 263 -8.30 47.32 -24.82
C SER O 263 -8.41 48.66 -24.09
N CYS O 264 -8.01 49.75 -24.72
CA CYS O 264 -7.99 51.05 -24.08
C CYS O 264 -9.14 51.96 -24.50
N SER O 265 -9.71 51.74 -25.68
CA SER O 265 -10.86 52.48 -26.15
C SER O 265 -11.87 51.52 -26.75
N THR O 266 -13.14 51.91 -26.70
CA THR O 266 -14.22 51.11 -27.26
C THR O 266 -14.45 51.38 -28.75
N ALA O 267 -13.70 52.32 -29.33
CA ALA O 267 -13.85 52.62 -30.74
C ALA O 267 -13.23 51.56 -31.63
N LEU O 268 -12.20 50.86 -31.15
CA LEU O 268 -11.50 49.85 -31.92
C LEU O 268 -11.55 48.51 -31.21
N GLY O 269 -11.44 47.44 -31.99
CA GLY O 269 -11.34 46.11 -31.46
C GLY O 269 -12.69 45.46 -31.22
N THR O 270 -12.64 44.15 -31.02
CA THR O 270 -13.80 43.31 -30.76
C THR O 270 -13.72 42.74 -29.35
N TYR O 271 -14.82 42.12 -28.92
CA TYR O 271 -14.98 41.66 -27.55
C TYR O 271 -14.94 40.14 -27.52
N ILE O 272 -14.31 39.60 -26.49
CA ILE O 272 -14.21 38.17 -26.37
C ILE O 272 -15.54 37.60 -26.00
N ARG O 273 -16.37 38.31 -25.26
CA ARG O 273 -17.68 37.80 -24.97
C ARG O 273 -18.44 37.65 -26.22
N ASP O 274 -18.33 38.61 -27.10
CA ASP O 274 -19.04 38.60 -28.33
C ASP O 274 -18.55 37.50 -29.24
N MET O 275 -17.24 37.24 -29.35
CA MET O 275 -16.76 36.13 -30.15
C MET O 275 -17.26 34.80 -29.61
N LEU O 276 -17.14 34.59 -28.30
CA LEU O 276 -17.56 33.33 -27.71
C LEU O 276 -19.05 33.14 -27.88
N TYR O 277 -19.84 34.21 -27.73
CA TYR O 277 -21.27 34.10 -27.90
C TYR O 277 -21.63 33.70 -29.32
N THR O 278 -20.94 34.26 -30.31
CA THR O 278 -21.26 33.97 -31.71
C THR O 278 -20.56 32.74 -32.26
N SER O 279 -19.67 32.12 -31.50
CA SER O 279 -18.91 30.98 -32.00
C SER O 279 -19.57 29.67 -31.60
N ALA O 280 -18.93 28.56 -31.97
CA ALA O 280 -19.48 27.24 -31.68
C ALA O 280 -19.64 27.02 -30.18
N ILE O 281 -18.55 27.23 -29.42
CA ILE O 281 -18.65 27.19 -27.97
C ILE O 281 -19.54 28.34 -27.54
N TYR O 282 -20.70 28.01 -26.97
CA TYR O 282 -21.71 29.02 -26.67
C TYR O 282 -21.13 30.13 -25.83
N MET O 283 -20.71 29.80 -24.61
CA MET O 283 -20.10 30.76 -23.70
C MET O 283 -19.74 30.00 -22.43
N PHE O 284 -18.84 30.58 -21.64
CA PHE O 284 -18.44 29.97 -20.38
C PHE O 284 -17.97 31.07 -19.43
N GLN O 285 -17.62 30.66 -18.22
CA GLN O 285 -17.19 31.59 -17.17
C GLN O 285 -15.74 31.98 -17.45
N ILE O 286 -15.56 32.89 -18.41
CA ILE O 286 -14.22 33.41 -18.68
C ILE O 286 -13.67 34.08 -17.44
N LYS O 287 -14.54 34.61 -16.58
CA LYS O 287 -14.10 35.18 -15.31
C LYS O 287 -13.58 34.12 -14.35
N SER O 288 -13.94 32.86 -14.54
CA SER O 288 -13.52 31.81 -13.63
C SER O 288 -12.00 31.70 -13.61
N LEU O 289 -11.41 31.99 -12.45
CA LEU O 289 -9.96 31.92 -12.33
C LEU O 289 -9.46 30.50 -12.53
N HIS O 290 -10.23 29.51 -12.04
CA HIS O 290 -9.83 28.12 -12.25
C HIS O 290 -9.88 27.76 -13.73
N LEU O 291 -10.88 28.24 -14.47
CA LEU O 291 -10.95 27.97 -15.90
C LEU O 291 -9.78 28.62 -16.64
N ALA O 292 -9.47 29.87 -16.30
CA ALA O 292 -8.31 30.53 -16.91
C ALA O 292 -7.03 29.79 -16.61
N LEU O 293 -6.87 29.33 -15.36
CA LEU O 293 -5.71 28.55 -14.99
C LEU O 293 -5.63 27.25 -15.78
N SER O 294 -6.78 26.59 -15.97
CA SER O 294 -6.80 25.34 -16.74
C SER O 294 -6.35 25.58 -18.18
N LEU O 295 -6.89 26.62 -18.81
CA LEU O 295 -6.49 26.91 -20.19
C LEU O 295 -5.01 27.25 -20.29
N ALA O 296 -4.52 28.08 -19.36
CA ALA O 296 -3.11 28.43 -19.36
C ALA O 296 -2.24 27.20 -19.16
N LEU O 297 -2.66 26.30 -18.27
CA LEU O 297 -1.87 25.10 -18.01
C LEU O 297 -1.87 24.17 -19.20
N ALA O 298 -3.00 24.04 -19.89
CA ALA O 298 -3.03 23.21 -21.10
C ALA O 298 -2.09 23.76 -22.17
N GLY O 299 -2.16 25.07 -22.40
CA GLY O 299 -1.25 25.67 -23.37
C GLY O 299 0.20 25.50 -22.97
N CYS O 300 0.51 25.71 -21.69
CA CYS O 300 1.88 25.56 -21.22
C CYS O 300 2.35 24.12 -21.35
N ALA O 301 1.46 23.16 -21.11
CA ALA O 301 1.82 21.75 -21.25
C ALA O 301 2.17 21.41 -22.69
N VAL O 302 1.33 21.86 -23.64
CA VAL O 302 1.62 21.55 -25.04
C VAL O 302 2.92 22.24 -25.46
N LEU O 303 3.15 23.47 -25.01
CA LEU O 303 4.38 24.16 -25.39
C LEU O 303 5.60 23.51 -24.76
N THR O 304 5.48 23.03 -23.52
CA THR O 304 6.60 22.36 -22.87
C THR O 304 6.93 21.04 -23.57
N SER O 305 5.91 20.30 -23.99
CA SER O 305 6.15 19.10 -24.79
C SER O 305 6.82 19.46 -26.11
N ALA O 306 6.35 20.52 -26.75
CA ALA O 306 6.92 20.93 -28.03
C ALA O 306 8.39 21.28 -27.89
N THR O 307 8.75 22.04 -26.84
CA THR O 307 10.15 22.36 -26.63
C THR O 307 10.97 21.13 -26.29
N ALA O 308 10.41 20.23 -25.47
CA ALA O 308 11.12 19.00 -25.13
C ALA O 308 11.48 18.23 -26.40
N GLN O 309 10.55 18.15 -27.35
CA GLN O 309 10.84 17.40 -28.57
C GLN O 309 11.77 18.18 -29.49
N HIS O 310 11.57 19.50 -29.62
CA HIS O 310 12.27 20.26 -30.65
C HIS O 310 13.69 20.65 -30.25
N ILE O 311 13.95 20.87 -28.96
CA ILE O 311 15.32 21.13 -28.54
C ILE O 311 16.20 19.93 -28.87
N TYR O 312 15.68 18.72 -28.70
CA TYR O 312 16.43 17.53 -29.07
C TYR O 312 16.51 17.37 -30.59
N SER O 313 15.37 17.51 -31.28
CA SER O 313 15.38 17.30 -32.72
C SER O 313 16.30 18.29 -33.42
N LEU O 314 15.97 19.57 -33.34
CA LEU O 314 16.73 20.64 -33.99
C LEU O 314 17.52 21.36 -32.91
N THR O 315 18.81 21.12 -32.86
CA THR O 315 19.64 21.66 -31.79
C THR O 315 19.75 23.17 -31.94
N PRO O 316 19.27 23.97 -30.98
CA PRO O 316 19.33 25.42 -31.13
C PRO O 316 20.52 26.06 -30.43
N TYR O 317 21.23 25.28 -29.62
CA TYR O 317 22.31 25.79 -28.78
C TYR O 317 23.64 25.20 -29.22
N PHE O 318 24.68 26.01 -29.16
CA PHE O 318 26.00 25.58 -29.62
C PHE O 318 26.47 24.35 -28.85
N TYR O 319 26.92 23.34 -29.59
CA TYR O 319 27.53 22.14 -29.05
C TYR O 319 26.62 21.38 -28.10
N LEU O 320 25.31 21.71 -28.07
CA LEU O 320 24.41 21.01 -27.15
C LEU O 320 24.30 19.54 -27.51
N SER O 321 24.27 19.23 -28.81
CA SER O 321 24.17 17.83 -29.22
C SER O 321 25.37 17.02 -28.77
N TYR O 322 26.56 17.63 -28.74
CA TYR O 322 27.76 16.91 -28.33
C TYR O 322 27.67 16.44 -26.88
N ASP O 323 26.93 17.17 -26.04
CA ASP O 323 26.76 16.79 -24.64
C ASP O 323 25.80 15.61 -24.57
N TYR O 324 26.34 14.41 -24.35
CA TYR O 324 25.52 13.21 -24.34
C TYR O 324 24.46 13.27 -23.25
N VAL O 325 24.85 13.72 -22.05
CA VAL O 325 23.94 13.66 -20.91
C VAL O 325 22.93 14.80 -20.95
N THR O 326 23.38 16.01 -21.30
CA THR O 326 22.52 17.19 -21.19
C THR O 326 21.29 17.05 -22.08
N SER O 327 21.45 16.46 -23.26
CA SER O 327 20.31 16.28 -24.16
C SER O 327 19.22 15.44 -23.49
N VAL O 328 19.61 14.28 -22.96
CA VAL O 328 18.65 13.40 -22.31
C VAL O 328 18.03 14.09 -21.11
N THR O 329 18.85 14.77 -20.31
CA THR O 329 18.32 15.43 -19.11
C THR O 329 17.29 16.49 -19.50
N LEU O 330 17.58 17.30 -20.51
CA LEU O 330 16.64 18.33 -20.93
C LEU O 330 15.34 17.71 -21.42
N TYR O 331 15.44 16.69 -22.27
CA TYR O 331 14.23 16.06 -22.80
C TYR O 331 13.37 15.52 -21.67
N VAL O 332 13.97 14.77 -20.75
CA VAL O 332 13.21 14.16 -19.66
C VAL O 332 12.62 15.23 -18.76
N HIS O 333 13.41 16.26 -18.43
CA HIS O 333 12.93 17.34 -17.58
C HIS O 333 11.67 17.97 -18.17
N HIS O 334 11.74 18.38 -19.44
CA HIS O 334 10.61 19.09 -20.01
C HIS O 334 9.44 18.16 -20.28
N SER O 335 9.69 16.88 -20.56
CA SER O 335 8.59 15.94 -20.68
C SER O 335 7.84 15.81 -19.36
N TYR O 336 8.57 15.70 -18.25
CA TYR O 336 7.91 15.60 -16.95
C TYR O 336 7.15 16.88 -16.62
N ILE O 337 7.74 18.04 -16.90
CA ILE O 337 7.03 19.29 -16.64
C ILE O 337 5.76 19.37 -17.48
N ALA O 338 5.84 18.95 -18.75
CA ALA O 338 4.66 18.98 -19.61
C ALA O 338 3.57 18.06 -19.09
N SER O 339 3.93 16.85 -18.67
CA SER O 339 2.93 15.93 -18.13
C SER O 339 2.27 16.52 -16.89
N PHE O 340 3.08 17.11 -16.00
CA PHE O 340 2.52 17.74 -14.81
C PHE O 340 1.55 18.84 -15.18
N LEU O 341 1.91 19.67 -16.16
CA LEU O 341 1.03 20.77 -16.54
C LEU O 341 -0.26 20.27 -17.17
N ALA O 342 -0.18 19.19 -17.96
CA ALA O 342 -1.40 18.64 -18.56
C ALA O 342 -2.35 18.13 -17.49
N ILE O 343 -1.85 17.29 -16.58
CA ILE O 343 -2.70 16.77 -15.52
C ILE O 343 -3.20 17.92 -14.64
N ALA O 344 -2.40 18.99 -14.52
CA ALA O 344 -2.83 20.16 -13.77
C ALA O 344 -4.02 20.83 -14.43
N SER O 345 -3.95 21.01 -15.75
CA SER O 345 -5.08 21.60 -16.47
C SER O 345 -6.33 20.77 -16.25
N HIS O 346 -6.20 19.43 -16.31
CA HIS O 346 -7.37 18.59 -16.09
C HIS O 346 -7.91 18.76 -14.67
N ALA O 347 -7.03 18.77 -13.66
CA ALA O 347 -7.48 18.91 -12.29
C ALA O 347 -8.19 20.23 -12.06
N HIS O 348 -7.67 21.31 -12.65
CA HIS O 348 -8.30 22.61 -12.46
C HIS O 348 -9.58 22.75 -13.26
N ALA O 349 -9.71 22.03 -14.38
CA ALA O 349 -11.02 21.95 -15.03
C ALA O 349 -12.02 21.27 -14.13
N ALA O 350 -11.60 20.20 -13.46
CA ALA O 350 -12.49 19.54 -12.51
C ALA O 350 -12.89 20.48 -11.38
N ILE O 351 -11.94 21.25 -10.85
CA ILE O 351 -12.26 22.19 -9.79
C ILE O 351 -13.21 23.26 -10.28
N THR O 352 -12.98 23.77 -11.50
CA THR O 352 -13.90 24.71 -12.12
C THR O 352 -15.32 24.15 -12.12
N LEU O 353 -15.47 22.91 -12.57
CA LEU O 353 -16.79 22.30 -12.58
C LEU O 353 -17.36 22.21 -11.17
N VAL O 354 -16.53 21.87 -10.19
CA VAL O 354 -17.00 21.67 -8.83
C VAL O 354 -17.57 22.97 -8.26
N ARG O 355 -16.80 24.06 -8.35
CA ARG O 355 -17.11 25.26 -7.58
C ARG O 355 -17.24 26.54 -8.39
N ASP O 356 -17.11 26.49 -9.72
CA ASP O 356 -17.20 27.70 -10.53
C ASP O 356 -18.34 27.65 -11.53
N TRP O 357 -18.48 26.56 -12.27
CA TRP O 357 -19.48 26.50 -13.34
C TRP O 357 -20.88 26.66 -12.76
N VAL O 358 -21.69 27.48 -13.42
CA VAL O 358 -23.08 27.70 -13.04
C VAL O 358 -23.92 26.86 -14.00
N ALA O 359 -24.23 25.64 -13.58
CA ALA O 359 -24.97 24.74 -14.44
C ALA O 359 -26.38 25.26 -14.66
N PRO O 360 -26.92 25.17 -15.88
CA PRO O 360 -28.32 25.52 -16.09
C PRO O 360 -29.24 24.43 -15.56
N LEU O 361 -30.54 24.58 -15.74
CA LEU O 361 -31.44 23.52 -15.34
C LEU O 361 -31.23 22.30 -16.23
N GLU O 362 -31.58 21.13 -15.71
CA GLU O 362 -31.16 19.87 -16.31
C GLU O 362 -31.54 19.81 -17.78
N LEU O 363 -32.81 20.07 -18.11
CA LEU O 363 -33.27 19.88 -19.47
C LEU O 363 -32.66 20.91 -20.42
N GLU O 364 -32.29 22.08 -19.92
CA GLU O 364 -31.66 23.08 -20.77
C GLU O 364 -30.27 22.62 -21.19
N SER O 365 -29.97 22.73 -22.49
CA SER O 365 -28.67 22.37 -23.05
C SER O 365 -28.26 23.51 -23.98
N SER O 366 -27.57 24.51 -23.41
CA SER O 366 -27.16 25.69 -24.15
C SER O 366 -25.65 25.89 -24.18
N CYS O 367 -24.94 25.48 -23.14
CA CYS O 367 -23.51 25.68 -23.05
C CYS O 367 -22.75 24.40 -23.39
N THR O 368 -21.47 24.56 -23.74
CA THR O 368 -20.64 23.42 -24.09
C THR O 368 -20.53 22.45 -22.93
N ILE O 369 -20.39 22.97 -21.71
CA ILE O 369 -20.23 22.10 -20.55
C ILE O 369 -21.50 21.28 -20.32
N ALA O 370 -22.66 21.90 -20.45
CA ALA O 370 -23.92 21.17 -20.30
C ALA O 370 -24.06 20.11 -21.40
N ARG O 371 -23.69 20.46 -22.63
CA ARG O 371 -23.78 19.50 -23.72
C ARG O 371 -22.86 18.31 -23.46
N ILE O 372 -21.67 18.57 -22.92
CA ILE O 372 -20.76 17.48 -22.58
C ILE O 372 -21.34 16.63 -21.46
N HIS O 373 -21.95 17.27 -20.46
CA HIS O 373 -22.54 16.52 -19.36
C HIS O 373 -23.73 15.69 -19.80
N THR O 374 -24.37 16.05 -20.91
CA THR O 374 -25.48 15.25 -21.41
C THR O 374 -25.03 13.85 -21.79
N HIS O 375 -23.87 13.73 -22.43
CA HIS O 375 -23.38 12.44 -22.93
C HIS O 375 -22.01 12.09 -22.34
N LYS O 376 -21.74 12.56 -21.12
CA LYS O 376 -20.55 12.12 -20.42
C LYS O 376 -20.45 10.60 -20.35
N ALA O 377 -21.59 9.92 -20.22
CA ALA O 377 -21.56 8.46 -20.16
C ALA O 377 -21.02 7.87 -21.46
N ALA O 378 -21.48 8.39 -22.60
CA ALA O 378 -20.97 7.92 -23.89
C ALA O 378 -19.47 8.23 -24.02
N ILE O 379 -19.07 9.43 -23.62
CA ILE O 379 -17.66 9.81 -23.70
C ILE O 379 -16.82 8.81 -22.91
N ILE O 380 -17.21 8.54 -21.67
CA ILE O 380 -16.42 7.69 -20.80
C ILE O 380 -16.41 6.25 -21.32
N SER O 381 -17.56 5.76 -21.80
CA SER O 381 -17.61 4.39 -22.31
C SER O 381 -16.71 4.22 -23.53
N HIS O 382 -16.73 5.19 -24.45
CA HIS O 382 -15.89 5.08 -25.64
C HIS O 382 -14.40 5.20 -25.28
N LEU O 383 -14.07 6.09 -24.35
CA LEU O 383 -12.68 6.19 -23.92
C LEU O 383 -12.22 4.91 -23.25
N SER O 384 -13.09 4.29 -22.46
CA SER O 384 -12.77 3.00 -21.86
C SER O 384 -12.57 1.94 -22.92
N TRP O 385 -13.40 1.94 -23.96
CA TRP O 385 -13.23 0.97 -25.03
C TRP O 385 -11.88 1.14 -25.71
N VAL O 386 -11.52 2.38 -26.03
CA VAL O 386 -10.24 2.61 -26.70
C VAL O 386 -9.09 2.16 -25.81
N SER O 387 -9.15 2.51 -24.52
CA SER O 387 -8.09 2.11 -23.60
C SER O 387 -7.98 0.59 -23.53
N LEU O 388 -9.13 -0.09 -23.42
CA LEU O 388 -9.11 -1.55 -23.33
C LEU O 388 -8.52 -2.16 -24.61
N TRP O 389 -8.93 -1.66 -25.77
CA TRP O 389 -8.38 -2.18 -27.02
C TRP O 389 -6.87 -2.01 -27.05
N LEU O 390 -6.39 -0.80 -26.79
CA LEU O 390 -4.97 -0.53 -26.86
C LEU O 390 -4.21 -1.43 -25.89
N GLY O 391 -4.67 -1.51 -24.64
CA GLY O 391 -3.97 -2.32 -23.67
C GLY O 391 -3.96 -3.79 -24.05
N PHE O 392 -5.14 -4.34 -24.36
CA PHE O 392 -5.22 -5.74 -24.73
C PHE O 392 -4.25 -6.06 -25.84
N HIS O 393 -4.30 -5.30 -26.93
CA HIS O 393 -3.56 -5.70 -28.12
C HIS O 393 -2.07 -5.40 -27.98
N THR O 394 -1.69 -4.27 -27.39
CA THR O 394 -0.29 -4.00 -27.16
C THR O 394 0.33 -5.06 -26.27
N LEU O 395 -0.31 -5.33 -25.11
CA LEU O 395 0.24 -6.32 -24.19
C LEU O 395 0.26 -7.70 -24.82
N ALA O 396 -0.78 -8.04 -25.60
CA ALA O 396 -0.85 -9.38 -26.18
C ALA O 396 0.22 -9.57 -27.24
N ILE O 397 0.44 -8.57 -28.10
CA ILE O 397 1.50 -8.67 -29.10
C ILE O 397 2.86 -8.76 -28.42
N TYR O 398 3.07 -7.93 -27.39
CA TYR O 398 4.34 -7.96 -26.67
C TYR O 398 4.56 -9.33 -26.03
N SER O 399 3.50 -9.92 -25.46
CA SER O 399 3.63 -11.23 -24.82
C SER O 399 3.85 -12.33 -25.84
N HIS O 400 3.20 -12.24 -27.00
CA HIS O 400 3.46 -13.19 -28.08
C HIS O 400 4.93 -13.15 -28.47
N ASN O 401 5.46 -11.95 -28.69
CA ASN O 401 6.87 -11.82 -29.03
C ASN O 401 7.75 -12.34 -27.90
N ASP O 402 7.37 -12.04 -26.66
CA ASP O 402 8.14 -12.51 -25.51
C ASP O 402 8.23 -14.03 -25.50
N THR O 403 7.09 -14.71 -25.61
CA THR O 403 7.08 -16.16 -25.56
C THR O 403 7.86 -16.77 -26.72
N ASN O 404 7.67 -16.23 -27.92
CA ASN O 404 8.37 -16.79 -29.08
C ASN O 404 9.88 -16.57 -28.96
N MET O 405 10.31 -15.41 -28.48
CA MET O 405 11.73 -15.17 -28.26
C MET O 405 12.27 -16.07 -27.16
N ALA O 406 11.51 -16.28 -26.09
CA ALA O 406 11.96 -17.18 -25.03
C ALA O 406 12.14 -18.58 -25.55
N PHE O 407 11.25 -19.04 -26.43
CA PHE O 407 11.43 -20.32 -27.07
C PHE O 407 12.47 -20.29 -28.19
N GLY O 408 12.93 -19.10 -28.57
CA GLY O 408 14.06 -18.99 -29.47
C GLY O 408 13.72 -18.89 -30.93
N SER O 409 12.56 -18.33 -31.28
CA SER O 409 12.09 -18.24 -32.66
C SER O 409 11.70 -16.80 -32.95
N PRO O 410 12.66 -15.92 -33.23
CA PRO O 410 12.30 -14.55 -33.62
C PRO O 410 11.40 -14.49 -34.85
N SER O 411 11.54 -15.45 -35.76
CA SER O 411 10.73 -15.45 -36.97
C SER O 411 9.25 -15.55 -36.67
N LYS O 412 8.89 -16.05 -35.48
CA LYS O 412 7.49 -16.22 -35.10
C LYS O 412 6.89 -14.96 -34.48
N GLN O 413 7.67 -13.90 -34.33
CA GLN O 413 7.16 -12.67 -33.73
C GLN O 413 6.22 -11.95 -34.68
N ILE O 414 5.20 -11.31 -34.10
CA ILE O 414 4.32 -10.42 -34.85
C ILE O 414 5.00 -9.07 -34.95
N LEU O 415 5.32 -8.63 -36.15
CA LEU O 415 6.04 -7.38 -36.39
C LEU O 415 5.26 -6.57 -37.42
N ILE O 416 4.42 -5.66 -36.94
CA ILE O 416 3.60 -4.83 -37.81
C ILE O 416 4.42 -3.61 -38.20
N GLU O 417 4.66 -3.45 -39.51
CA GLU O 417 5.42 -2.31 -39.97
C GLU O 417 4.63 -1.02 -39.78
N PRO O 418 5.25 0.04 -39.26
CA PRO O 418 4.54 1.33 -39.09
C PRO O 418 4.37 2.08 -40.41
N THR O 419 3.39 1.63 -41.21
CA THR O 419 3.23 2.16 -42.55
C THR O 419 2.74 3.60 -42.54
N ASN O 420 1.79 3.93 -41.66
CA ASN O 420 1.27 5.30 -41.60
C ASN O 420 2.37 6.29 -41.21
N ALA O 421 3.08 5.98 -40.12
CA ALA O 421 4.15 6.86 -39.67
C ALA O 421 5.25 6.95 -40.71
N GLN O 422 5.57 5.83 -41.36
CA GLN O 422 6.60 5.87 -42.39
C GLN O 422 6.17 6.72 -43.58
N LEU O 423 4.89 6.66 -43.95
CA LEU O 423 4.40 7.50 -45.04
C LEU O 423 4.48 8.98 -44.67
N ILE O 424 4.06 9.33 -43.46
CA ILE O 424 4.16 10.73 -43.03
C ILE O 424 5.61 11.17 -43.02
N GLN O 425 6.50 10.32 -42.51
CA GLN O 425 7.92 10.65 -42.46
C GLN O 425 8.49 10.82 -43.86
N GLU O 426 8.07 9.96 -44.80
CA GLU O 426 8.56 10.07 -46.18
C GLU O 426 8.06 11.36 -46.83
N SER O 427 6.80 11.74 -46.56
CA SER O 427 6.32 13.01 -47.09
C SER O 427 7.11 14.19 -46.54
N SER O 428 7.37 14.17 -45.22
CA SER O 428 8.17 15.23 -44.62
C SER O 428 9.58 15.26 -45.22
N GLY O 429 10.18 14.09 -45.42
CA GLY O 429 11.49 14.03 -46.02
C GLY O 429 11.50 14.52 -47.45
N LYS O 430 10.42 14.23 -48.20
CA LYS O 430 10.30 14.74 -49.56
C LYS O 430 10.25 16.26 -49.56
N ALA O 431 9.46 16.84 -48.65
CA ALA O 431 9.39 18.30 -48.57
C ALA O 431 10.75 18.89 -48.21
N LEU O 432 11.44 18.28 -47.23
CA LEU O 432 12.75 18.79 -46.82
C LEU O 432 13.77 18.66 -47.93
N TYR O 433 13.73 17.55 -48.68
CA TYR O 433 14.65 17.37 -49.79
C TYR O 433 14.38 18.38 -50.89
N SER O 434 13.10 18.65 -51.18
CA SER O 434 12.79 19.70 -52.15
C SER O 434 13.32 21.05 -51.69
N PHE O 435 13.16 21.35 -50.40
CA PHE O 435 13.70 22.60 -49.87
C PHE O 435 15.21 22.66 -50.03
N ALA O 436 15.90 21.55 -49.74
CA ALA O 436 17.36 21.52 -49.88
C ALA O 436 17.77 21.72 -51.33
N ILE O 437 17.08 21.08 -52.26
CA ILE O 437 17.40 21.25 -53.68
C ILE O 437 17.17 22.69 -54.10
N ASN O 438 16.13 23.31 -53.56
CA ASN O 438 15.83 24.71 -53.86
C ASN O 438 17.08 25.58 -53.71
N SER O 446 21.66 20.20 -42.45
CA SER O 446 20.96 18.93 -42.33
C SER O 446 19.99 18.96 -41.15
N PHE O 447 18.93 18.15 -41.25
CA PHE O 447 17.90 18.06 -40.22
C PHE O 447 18.12 16.76 -39.46
N GLY O 448 18.82 16.84 -38.33
CA GLY O 448 19.17 15.66 -37.57
C GLY O 448 18.16 15.35 -36.50
N SER O 449 17.80 14.08 -36.39
CA SER O 449 16.91 13.58 -35.34
C SER O 449 15.45 13.97 -35.58
N PHE O 450 15.20 14.81 -36.59
CA PHE O 450 13.82 15.10 -36.97
C PHE O 450 13.18 13.92 -37.69
N ILE O 451 14.00 13.06 -38.31
CA ILE O 451 13.55 11.84 -38.96
C ILE O 451 14.37 10.69 -38.40
N TYR O 452 13.70 9.63 -37.97
CA TYR O 452 14.32 8.48 -37.34
C TYR O 452 13.86 7.21 -38.02
N PRO O 453 14.61 6.11 -37.89
CA PRO O 453 14.33 4.93 -38.73
C PRO O 453 12.91 4.42 -38.63
N ILE O 454 12.32 4.40 -37.44
CA ILE O 454 10.94 3.97 -37.25
C ILE O 454 10.78 2.50 -37.65
N GLY O 455 10.47 1.65 -36.68
CA GLY O 455 10.25 0.24 -36.94
C GLY O 455 9.08 -0.32 -36.17
N PRO O 456 8.86 -1.63 -36.26
CA PRO O 456 7.77 -2.24 -35.49
C PRO O 456 7.90 -2.03 -33.99
N GLY O 457 9.12 -2.00 -33.46
CA GLY O 457 9.29 -1.65 -32.06
C GLY O 457 8.80 -0.25 -31.76
N ASP O 458 9.09 0.69 -32.65
CA ASP O 458 8.55 2.04 -32.50
C ASP O 458 7.04 2.02 -32.55
N LEU O 459 6.45 1.22 -33.43
CA LEU O 459 5.00 1.14 -33.51
C LEU O 459 4.40 0.64 -32.19
N TYR O 460 4.98 -0.41 -31.63
CA TYR O 460 4.47 -0.96 -30.38
C TYR O 460 4.63 0.05 -29.24
N VAL O 461 5.76 0.73 -29.18
CA VAL O 461 5.97 1.71 -28.11
C VAL O 461 5.01 2.88 -28.27
N HIS O 462 4.75 3.30 -29.51
CA HIS O 462 3.82 4.38 -29.74
C HIS O 462 2.40 3.99 -29.33
N HIS O 463 2.00 2.75 -29.61
CA HIS O 463 0.69 2.30 -29.17
C HIS O 463 0.62 2.21 -27.64
N ALA O 464 1.73 1.82 -27.00
CA ALA O 464 1.76 1.83 -25.53
C ALA O 464 1.60 3.23 -24.98
N ILE O 465 2.28 4.20 -25.58
CA ILE O 465 2.17 5.58 -25.11
C ILE O 465 0.77 6.12 -25.36
N ALA O 466 0.16 5.72 -26.49
CA ALA O 466 -1.23 6.09 -26.74
C ALA O 466 -2.15 5.49 -25.68
N LEU O 467 -1.90 4.24 -25.30
CA LEU O 467 -2.65 3.65 -24.20
C LEU O 467 -2.52 4.47 -22.94
N GLY O 468 -1.29 4.87 -22.60
CA GLY O 468 -1.09 5.66 -21.39
C GLY O 468 -1.84 6.97 -21.43
N LEU O 469 -1.74 7.69 -22.55
CA LEU O 469 -2.44 8.95 -22.69
C LEU O 469 -3.95 8.75 -22.59
N HIS O 470 -4.46 7.73 -23.26
CA HIS O 470 -5.90 7.50 -23.27
C HIS O 470 -6.41 7.16 -21.88
N VAL O 471 -5.67 6.35 -21.13
CA VAL O 471 -6.12 5.98 -19.78
C VAL O 471 -6.03 7.18 -18.84
N THR O 472 -4.96 7.96 -18.94
CA THR O 472 -4.85 9.16 -18.11
C THR O 472 -6.02 10.10 -18.38
N VAL O 473 -6.32 10.33 -19.66
CA VAL O 473 -7.44 11.20 -20.01
C VAL O 473 -8.75 10.57 -19.57
N LEU O 474 -8.87 9.25 -19.62
CA LEU O 474 -10.07 8.57 -19.14
C LEU O 474 -10.31 8.90 -17.67
N ILE O 475 -9.29 8.72 -16.85
CA ILE O 475 -9.45 8.96 -15.42
C ILE O 475 -9.78 10.43 -15.16
N LEU O 476 -9.05 11.33 -15.82
CA LEU O 476 -9.27 12.75 -15.57
C LEU O 476 -10.65 13.20 -16.05
N LEU O 477 -11.08 12.74 -17.22
CA LEU O 477 -12.40 13.09 -17.73
C LEU O 477 -13.50 12.53 -16.84
N LYS O 478 -13.33 11.28 -16.37
CA LYS O 478 -14.32 10.72 -15.46
C LYS O 478 -14.41 11.56 -14.20
N GLY O 479 -13.28 11.94 -13.63
CA GLY O 479 -13.31 12.79 -12.44
C GLY O 479 -14.01 14.11 -12.70
N ALA O 480 -13.67 14.76 -13.82
CA ALA O 480 -14.26 16.06 -14.12
C ALA O 480 -15.76 15.96 -14.34
N LEU O 481 -16.20 14.97 -15.10
CA LEU O 481 -17.61 14.86 -15.46
C LEU O 481 -18.46 14.23 -14.38
N GLU O 482 -17.86 13.56 -13.40
CA GLU O 482 -18.58 13.08 -12.23
C GLU O 482 -18.34 13.94 -11.00
N ALA O 483 -17.61 15.04 -11.14
CA ALA O 483 -17.31 15.88 -9.98
C ALA O 483 -18.58 16.47 -9.38
N ARG O 484 -19.49 16.96 -10.22
CA ARG O 484 -20.70 17.58 -9.70
C ARG O 484 -21.67 16.54 -9.17
N GLY O 485 -21.83 15.44 -9.90
CA GLY O 485 -22.71 14.37 -9.46
C GLY O 485 -22.33 13.06 -10.09
N SER O 486 -22.85 11.99 -9.52
CA SER O 486 -22.58 10.65 -10.03
C SER O 486 -23.73 9.73 -9.63
N LYS O 487 -23.85 8.62 -10.36
CA LYS O 487 -24.88 7.64 -10.02
C LYS O 487 -24.66 7.08 -8.63
N LEU O 488 -23.39 6.89 -8.23
CA LEU O 488 -23.11 6.41 -6.89
C LEU O 488 -23.31 7.51 -5.85
N MET O 489 -22.93 8.74 -6.18
CA MET O 489 -23.03 9.89 -5.27
C MET O 489 -23.67 11.05 -6.01
N PRO O 490 -25.00 11.04 -6.16
CA PRO O 490 -25.65 12.12 -6.92
C PRO O 490 -25.37 13.52 -6.38
N ASP O 491 -25.31 13.68 -5.06
CA ASP O 491 -25.15 15.00 -4.46
C ASP O 491 -23.69 15.32 -4.17
N LYS O 492 -22.83 15.24 -5.18
CA LYS O 492 -21.41 15.50 -5.00
C LYS O 492 -21.04 16.97 -5.13
N MET O 493 -21.98 17.84 -5.53
CA MET O 493 -21.66 19.25 -5.63
C MET O 493 -21.48 19.87 -4.24
N GLU O 494 -22.30 19.46 -3.28
CA GLU O 494 -22.26 20.06 -1.96
C GLU O 494 -20.91 19.83 -1.29
N HIS O 495 -20.36 18.63 -1.45
CA HIS O 495 -19.11 18.27 -0.80
C HIS O 495 -17.93 18.96 -1.50
N SER O 496 -16.83 19.09 -0.77
CA SER O 496 -15.67 19.80 -1.27
C SER O 496 -15.05 19.04 -2.44
N PHE O 497 -14.04 19.67 -3.05
CA PHE O 497 -13.35 19.03 -4.17
C PHE O 497 -12.72 17.71 -3.75
N GLY O 498 -12.07 17.69 -2.59
CA GLY O 498 -11.48 16.48 -2.07
C GLY O 498 -12.02 16.13 -0.70
N PHE O 499 -12.74 15.02 -0.60
CA PHE O 499 -13.23 14.51 0.67
C PHE O 499 -12.89 13.02 0.76
N SER O 500 -12.82 12.53 1.99
CA SER O 500 -12.34 11.17 2.22
C SER O 500 -13.17 10.15 1.45
N CYS O 501 -14.46 10.06 1.78
CA CYS O 501 -15.29 8.98 1.26
C CYS O 501 -16.75 9.37 1.45
N ASP O 502 -17.65 8.40 1.30
CA ASP O 502 -19.05 8.56 1.64
C ASP O 502 -19.54 7.47 2.58
N GLY O 503 -18.64 6.67 3.15
CA GLY O 503 -19.00 5.65 4.10
C GLY O 503 -18.96 4.27 3.49
N PRO O 504 -19.00 3.23 4.32
CA PRO O 504 -19.03 1.86 3.81
C PRO O 504 -20.39 1.42 3.30
N GLY O 505 -21.41 2.28 3.43
CA GLY O 505 -22.71 1.95 2.88
C GLY O 505 -22.75 2.14 1.38
N ARG O 506 -23.85 1.70 0.79
CA ARG O 506 -24.02 1.71 -0.67
C ARG O 506 -22.93 0.89 -1.35
N GLY O 507 -22.41 -0.11 -0.65
CA GLY O 507 -21.39 -0.99 -1.18
C GLY O 507 -19.96 -0.55 -0.91
N GLY O 508 -19.75 0.62 -0.36
CA GLY O 508 -18.41 1.13 -0.11
C GLY O 508 -18.08 2.24 -1.09
N THR O 509 -17.46 3.30 -0.59
CA THR O 509 -17.25 4.52 -1.38
C THR O 509 -15.82 5.04 -1.19
N CYS O 510 -14.84 4.15 -1.31
CA CYS O 510 -13.45 4.60 -1.37
C CYS O 510 -13.20 5.36 -2.66
N ASP O 511 -12.33 6.36 -2.58
CA ASP O 511 -11.87 7.09 -3.75
C ASP O 511 -13.05 7.51 -4.64
N ILE O 512 -13.97 8.27 -4.03
CA ILE O 512 -15.19 8.69 -4.72
C ILE O 512 -15.15 10.14 -5.17
N SER O 513 -14.13 10.90 -4.78
CA SER O 513 -14.08 12.33 -5.08
C SER O 513 -13.27 12.61 -6.33
N ALA O 514 -13.49 13.81 -6.89
CA ALA O 514 -12.72 14.23 -8.04
C ALA O 514 -11.24 14.35 -7.71
N TRP O 515 -10.91 14.75 -6.48
CA TRP O 515 -9.51 14.72 -6.06
C TRP O 515 -8.98 13.30 -6.06
N ASP O 516 -9.80 12.32 -5.71
CA ASP O 516 -9.38 10.93 -5.78
C ASP O 516 -9.15 10.49 -7.22
N CYS O 517 -9.87 11.03 -8.19
CA CYS O 517 -9.62 10.71 -9.59
C CYS O 517 -8.30 11.30 -10.00
N PHE O 518 -7.96 12.48 -9.56
CA PHE O 518 -6.63 13.05 -9.82
C PHE O 518 -5.53 12.21 -9.20
N TYR O 519 -5.74 11.71 -8.02
CA TYR O 519 -4.76 10.91 -7.34
C TYR O 519 -4.49 9.73 -8.16
N LEU O 520 -5.52 9.12 -8.73
CA LEU O 520 -5.40 7.94 -9.57
C LEU O 520 -4.77 8.20 -10.88
N ALA O 521 -5.05 9.35 -11.47
CA ALA O 521 -4.48 9.73 -12.76
C ALA O 521 -3.10 10.14 -12.63
N MET O 522 -2.69 10.48 -11.42
CA MET O 522 -1.28 10.80 -11.24
C MET O 522 -0.41 9.58 -11.48
N PHE O 523 -0.77 8.41 -10.99
CA PHE O 523 -0.03 7.18 -11.25
C PHE O 523 0.13 6.93 -12.71
N TRP O 524 -0.92 7.10 -13.47
CA TRP O 524 -0.84 6.97 -14.90
C TRP O 524 -0.01 7.93 -15.61
N MET O 525 0.01 9.15 -15.19
CA MET O 525 0.84 10.12 -15.79
C MET O 525 2.23 9.70 -15.61
N LEU O 526 2.59 9.23 -14.45
CA LEU O 526 3.93 8.84 -14.16
C LEU O 526 4.27 7.67 -14.97
N ASN O 527 3.36 6.73 -15.16
CA ASN O 527 3.62 5.58 -16.03
C ASN O 527 3.81 5.92 -17.46
N THR O 528 3.02 6.81 -17.99
CA THR O 528 3.07 7.09 -19.39
C THR O 528 4.29 7.91 -19.61
N ASN O 529 4.63 8.78 -18.67
CA ASN O 529 5.87 9.54 -18.80
C ASN O 529 7.09 8.64 -18.68
N ALA O 530 7.03 7.64 -17.79
CA ALA O 530 8.11 6.68 -17.70
C ALA O 530 8.26 5.90 -19.00
N TRP O 531 7.15 5.52 -19.61
CA TRP O 531 7.22 4.84 -20.91
C TRP O 531 7.88 5.73 -21.95
N ILE O 532 7.48 7.00 -22.01
CA ILE O 532 8.04 7.93 -23.00
C ILE O 532 9.53 8.09 -22.77
N ASP O 533 9.93 8.30 -21.51
CA ASP O 533 11.34 8.51 -21.20
C ASP O 533 12.16 7.26 -21.49
N PHE O 534 11.62 6.09 -21.15
CA PHE O 534 12.32 4.84 -21.46
C PHE O 534 12.49 4.68 -22.96
N TYR O 535 11.45 4.97 -23.73
CA TYR O 535 11.56 4.89 -25.18
C TYR O 535 12.68 5.80 -25.69
N PHE O 536 12.65 7.07 -25.29
CA PHE O 536 13.64 8.01 -25.77
C PHE O 536 15.04 7.58 -25.35
N HIS O 537 15.21 7.22 -24.09
CA HIS O 537 16.53 6.88 -23.57
C HIS O 537 17.08 5.62 -24.23
N TYR O 538 16.23 4.61 -24.43
CA TYR O 538 16.69 3.37 -25.06
C TYR O 538 17.08 3.61 -26.51
N LYS O 539 16.22 4.29 -27.27
CA LYS O 539 16.54 4.57 -28.66
C LYS O 539 17.76 5.47 -28.78
N TYR O 540 18.00 6.33 -27.78
CA TYR O 540 19.16 7.21 -27.79
C TYR O 540 20.44 6.44 -27.48
N LEU O 541 20.40 5.58 -26.46
CA LEU O 541 21.58 4.82 -26.08
C LEU O 541 21.97 3.81 -27.14
N ALA O 542 21.02 3.00 -27.58
CA ALA O 542 21.29 1.88 -28.49
C ALA O 542 20.27 1.90 -29.62
N PRO O 543 20.48 2.75 -30.63
CA PRO O 543 19.52 2.76 -31.76
C PRO O 543 19.41 1.42 -32.45
N ARG O 544 20.53 0.76 -32.73
CA ARG O 544 20.50 -0.50 -33.46
C ARG O 544 19.88 -1.62 -32.61
N GLN O 545 20.33 -1.75 -31.36
CA GLN O 545 19.77 -2.77 -30.50
C GLN O 545 18.29 -2.51 -30.24
N PHE O 546 17.91 -1.25 -30.06
CA PHE O 546 16.49 -0.94 -29.90
C PHE O 546 15.70 -1.35 -31.13
N SER O 547 16.21 -1.04 -32.32
CA SER O 547 15.49 -1.37 -33.53
C SER O 547 15.31 -2.87 -33.67
N GLU O 548 16.36 -3.65 -33.39
CA GLU O 548 16.28 -5.08 -33.60
C GLU O 548 15.50 -5.81 -32.51
N SER O 549 15.63 -5.36 -31.25
CA SER O 549 15.18 -6.15 -30.11
C SER O 549 14.03 -5.53 -29.33
N SER O 550 13.65 -4.29 -29.62
CA SER O 550 12.61 -3.63 -28.81
C SER O 550 11.23 -4.18 -29.06
N THR O 551 11.05 -5.27 -29.80
CA THR O 551 9.73 -5.79 -30.11
C THR O 551 9.17 -6.69 -29.02
N TYR O 552 9.97 -7.06 -28.02
CA TYR O 552 9.53 -7.89 -26.92
C TYR O 552 10.05 -7.31 -25.62
N LEU O 553 9.27 -7.47 -24.54
CA LEU O 553 9.53 -6.75 -23.31
C LEU O 553 10.78 -7.24 -22.58
N GLU O 554 11.25 -8.46 -22.85
CA GLU O 554 12.48 -8.90 -22.22
C GLU O 554 13.66 -8.08 -22.69
N SER O 555 13.63 -7.57 -23.92
CA SER O 555 14.68 -6.67 -24.37
C SER O 555 14.70 -5.41 -23.53
N TRP O 556 13.54 -4.85 -23.23
CA TRP O 556 13.47 -3.68 -22.36
C TRP O 556 13.97 -4.01 -20.96
N PHE O 557 13.60 -5.18 -20.44
CA PHE O 557 13.96 -5.53 -19.07
C PHE O 557 15.44 -5.90 -18.92
N ARG O 558 16.07 -6.39 -19.99
CA ARG O 558 17.45 -6.90 -19.92
C ARG O 558 18.46 -5.97 -20.57
N ASP O 559 18.24 -5.60 -21.83
CA ASP O 559 19.20 -4.80 -22.57
C ASP O 559 19.19 -3.33 -22.16
N TYR O 560 18.12 -2.86 -21.50
CA TYR O 560 18.01 -1.46 -21.12
C TYR O 560 18.23 -1.25 -19.63
N LEU O 561 17.46 -1.92 -18.78
CA LEU O 561 17.55 -1.69 -17.35
C LEU O 561 18.72 -2.45 -16.75
N TRP O 562 18.68 -3.78 -16.83
CA TRP O 562 19.68 -4.61 -16.16
C TRP O 562 21.07 -4.34 -16.71
N PHE O 563 21.20 -4.21 -18.04
CA PHE O 563 22.52 -4.04 -18.63
C PHE O 563 23.12 -2.68 -18.26
N ASN O 564 22.33 -1.61 -18.39
CA ASN O 564 22.84 -0.27 -18.17
C ASN O 564 22.85 0.13 -16.69
N SER O 565 22.36 -0.73 -15.81
CA SER O 565 22.39 -0.42 -14.38
C SER O 565 23.76 -0.63 -13.75
N ALA O 566 24.71 -1.19 -14.47
CA ALA O 566 25.99 -1.56 -13.86
C ALA O 566 26.77 -0.37 -13.33
N PRO O 567 27.06 0.67 -14.12
CA PRO O 567 27.91 1.76 -13.57
C PRO O 567 27.32 2.41 -12.33
N LEU O 568 26.00 2.61 -12.29
CA LEU O 568 25.39 3.29 -11.15
C LEU O 568 25.60 2.48 -9.87
N ILE O 569 25.23 1.20 -9.90
CA ILE O 569 25.37 0.40 -8.69
C ILE O 569 26.83 0.19 -8.34
N ARG O 570 27.71 0.18 -9.33
CA ARG O 570 29.14 0.03 -9.06
C ARG O 570 29.81 1.32 -8.65
N ALA O 571 29.08 2.45 -8.66
CA ALA O 571 29.65 3.74 -8.29
C ALA O 571 30.52 3.65 -7.03
N TYR O 572 29.92 3.27 -5.92
CA TYR O 572 30.64 3.11 -4.66
C TYR O 572 30.46 1.68 -4.16
N SER O 573 31.56 1.07 -3.74
CA SER O 573 31.56 -0.33 -3.31
C SER O 573 32.78 -0.54 -2.40
N ALA O 574 33.07 -1.80 -2.11
CA ALA O 574 34.26 -2.12 -1.32
C ALA O 574 35.55 -1.80 -2.06
N LEU O 575 35.50 -1.70 -3.39
CA LEU O 575 36.69 -1.36 -4.16
C LEU O 575 37.01 0.12 -4.07
N GLY O 576 35.99 0.97 -4.04
CA GLY O 576 36.20 2.40 -3.97
C GLY O 576 34.96 3.15 -4.41
N THR O 577 35.16 4.43 -4.71
CA THR O 577 34.08 5.32 -5.15
C THR O 577 34.55 6.12 -6.36
N ASN O 578 33.58 6.56 -7.15
CA ASN O 578 33.86 7.43 -8.28
C ASN O 578 32.90 8.61 -8.27
N ASP O 579 32.89 9.40 -9.35
CA ASP O 579 32.07 10.60 -9.37
C ASP O 579 30.58 10.33 -9.44
N LEU O 580 30.18 9.08 -9.63
CA LEU O 580 28.76 8.71 -9.65
C LEU O 580 28.28 8.17 -8.31
N SER O 581 29.09 8.27 -7.26
CA SER O 581 28.69 7.77 -5.95
C SER O 581 27.46 8.50 -5.44
N VAL O 582 27.42 9.82 -5.62
CA VAL O 582 26.24 10.60 -5.24
C VAL O 582 25.03 10.10 -6.01
N GLN O 583 25.18 9.73 -7.27
CA GLN O 583 24.04 9.30 -8.04
C GLN O 583 23.58 7.99 -7.51
N ALA O 584 24.48 7.12 -7.06
CA ALA O 584 24.14 5.83 -6.52
C ALA O 584 23.48 5.91 -5.20
N TRP O 585 23.72 6.96 -4.45
CA TRP O 585 23.11 7.13 -3.13
C TRP O 585 21.73 7.74 -3.27
N PHE O 586 21.47 8.42 -4.37
CA PHE O 586 20.21 9.06 -4.58
C PHE O 586 19.38 8.10 -5.33
N PHE O 587 19.97 7.06 -5.90
CA PHE O 587 19.21 6.04 -6.55
C PHE O 587 18.55 5.24 -5.49
N LEU O 588 19.27 4.93 -4.44
CA LEU O 588 18.73 4.17 -3.34
C LEU O 588 17.87 4.96 -2.42
N LEU O 589 18.19 6.20 -2.18
CA LEU O 589 17.29 7.03 -1.37
C LEU O 589 15.92 7.14 -2.02
N THR O 590 15.88 7.31 -3.35
CA THR O 590 14.60 7.45 -4.03
C THR O 590 13.85 6.12 -4.08
N HIS O 591 14.55 5.00 -4.23
CA HIS O 591 13.90 3.71 -4.07
C HIS O 591 13.22 3.61 -2.72
N LEU O 592 13.91 4.02 -1.67
CA LEU O 592 13.35 3.97 -0.32
C LEU O 592 12.13 4.90 -0.20
N ALA O 593 12.19 6.08 -0.80
CA ALA O 593 11.05 7.00 -0.75
C ALA O 593 9.83 6.39 -1.44
N TRP O 594 10.04 5.76 -2.59
CA TRP O 594 8.94 5.08 -3.29
C TRP O 594 8.33 4.00 -2.39
N ALA O 595 9.18 3.17 -1.79
CA ALA O 595 8.69 2.12 -0.93
C ALA O 595 7.93 2.69 0.27
N THR O 596 8.39 3.82 0.81
CA THR O 596 7.66 4.45 1.90
C THR O 596 6.29 4.91 1.45
N GLY O 597 6.21 5.51 0.26
CA GLY O 597 4.91 5.91 -0.26
C GLY O 597 3.95 4.74 -0.35
N PHE O 598 4.49 3.56 -0.65
CA PHE O 598 3.63 2.36 -0.63
C PHE O 598 2.89 2.23 0.70
N MET O 599 3.53 2.59 1.81
CA MET O 599 2.90 2.43 3.12
C MET O 599 1.63 3.28 3.23
N PHE O 600 1.77 4.57 2.95
CA PHE O 600 0.60 5.45 3.03
C PHE O 600 -0.44 5.09 1.99
N LEU O 601 -0.03 4.50 0.87
CA LEU O 601 -0.99 4.12 -0.15
C LEU O 601 -1.77 2.86 0.22
N ILE O 602 -1.15 1.93 0.95
CA ILE O 602 -1.77 0.63 1.21
C ILE O 602 -2.47 0.63 2.56
N SER O 603 -1.73 0.94 3.63
CA SER O 603 -2.30 0.89 4.98
C SER O 603 -3.04 2.19 5.26
N TRP O 604 -4.31 2.07 5.66
CA TRP O 604 -5.19 3.21 5.80
C TRP O 604 -5.37 3.58 7.29
N ARG O 605 -6.25 4.54 7.55
CA ARG O 605 -6.12 5.38 8.73
C ARG O 605 -6.50 4.71 10.04
N GLY O 606 -7.43 3.75 10.05
CA GLY O 606 -7.90 3.23 11.33
C GLY O 606 -6.81 2.52 12.10
N TYR O 607 -6.04 1.67 11.43
CA TYR O 607 -4.94 0.98 12.08
C TYR O 607 -3.98 1.97 12.71
N TRP O 608 -3.62 3.02 11.96
CA TRP O 608 -2.65 3.98 12.44
C TRP O 608 -3.22 4.85 13.55
N GLN O 609 -4.52 5.14 13.51
CA GLN O 609 -5.14 5.87 14.61
C GLN O 609 -5.11 5.07 15.89
N GLU O 610 -5.39 3.77 15.81
CA GLU O 610 -5.32 2.94 17.02
C GLU O 610 -3.89 2.82 17.52
N LEU O 611 -2.93 2.69 16.60
CA LEU O 611 -1.52 2.65 17.01
C LEU O 611 -1.12 3.96 17.69
N ILE O 612 -1.57 5.09 17.14
CA ILE O 612 -1.28 6.39 17.74
C ILE O 612 -1.92 6.49 19.11
N ASP O 613 -3.11 5.93 19.28
CA ASP O 613 -3.76 5.91 20.59
C ASP O 613 -2.91 5.15 21.60
N ILE O 614 -2.36 4.01 21.19
CA ILE O 614 -1.52 3.24 22.10
C ILE O 614 -0.25 4.02 22.45
N ILE O 615 0.37 4.66 21.45
CA ILE O 615 1.58 5.44 21.71
C ILE O 615 1.28 6.59 22.65
N LEU O 616 0.14 7.25 22.45
CA LEU O 616 -0.27 8.35 23.33
C LEU O 616 -0.50 7.85 24.74
N TYR O 617 -1.10 6.66 24.88
CA TYR O 617 -1.26 6.06 26.20
C TYR O 617 0.10 5.85 26.87
N MET O 618 1.07 5.34 26.11
CA MET O 618 2.40 5.13 26.67
C MET O 618 3.01 6.45 27.13
N HIS O 619 2.89 7.50 26.31
CA HIS O 619 3.45 8.79 26.68
C HIS O 619 2.78 9.33 27.94
N LEU O 620 1.46 9.20 28.03
CA LEU O 620 0.73 9.70 29.19
C LEU O 620 0.99 8.86 30.43
N LYS O 621 1.43 7.62 30.27
CA LYS O 621 1.80 6.79 31.41
C LYS O 621 3.25 6.94 31.82
N THR O 622 4.10 7.52 30.96
CA THR O 622 5.49 7.72 31.33
C THR O 622 5.57 8.70 32.51
N PRO O 623 6.46 8.44 33.49
CA PRO O 623 6.44 9.24 34.72
C PRO O 623 6.74 10.72 34.53
N ILE O 624 7.89 11.04 33.95
CA ILE O 624 8.29 12.44 33.84
C ILE O 624 7.44 13.17 32.81
N LEU O 625 7.15 12.52 31.68
CA LEU O 625 6.53 13.21 30.55
C LEU O 625 5.09 13.60 30.84
N ILE O 626 4.37 12.81 31.64
CA ILE O 626 2.96 13.10 31.89
C ILE O 626 2.80 14.43 32.62
N ASP O 627 3.66 14.68 33.61
CA ASP O 627 3.52 15.88 34.42
C ASP O 627 3.82 17.16 33.66
N LEU O 628 4.41 17.07 32.46
CA LEU O 628 4.67 18.22 31.62
C LEU O 628 3.71 18.31 30.43
N TRP O 629 3.50 17.20 29.74
CA TRP O 629 2.74 17.16 28.50
C TRP O 629 1.40 16.47 28.76
N ASN O 630 0.33 17.24 28.70
CA ASN O 630 -1.01 16.69 28.88
C ASN O 630 -1.50 15.96 27.64
N GLY O 631 -1.12 16.43 26.46
CA GLY O 631 -1.70 15.95 25.22
C GLY O 631 -2.90 16.75 24.76
N GLY O 632 -3.38 17.70 25.57
CA GLY O 632 -4.54 18.48 25.17
C GLY O 632 -4.28 19.36 23.97
N VAL O 633 -3.14 20.06 23.96
CA VAL O 633 -2.79 20.94 22.85
C VAL O 633 -2.10 20.12 21.78
N TYR O 634 -2.56 20.27 20.54
CA TYR O 634 -2.03 19.52 19.41
C TYR O 634 -1.99 18.03 19.73
N THR O 635 -3.12 17.52 20.19
CA THR O 635 -3.22 16.10 20.52
C THR O 635 -2.86 15.27 19.30
N PRO O 636 -1.88 14.37 19.40
CA PRO O 636 -1.48 13.61 18.21
C PRO O 636 -2.63 12.78 17.64
N LEU O 637 -2.68 12.71 16.32
CA LEU O 637 -3.70 11.96 15.62
C LEU O 637 -3.08 11.36 14.37
N ALA O 638 -3.70 10.30 13.87
CA ALA O 638 -3.29 9.73 12.59
C ALA O 638 -3.72 10.65 11.45
N LEU O 639 -2.95 10.61 10.36
CA LEU O 639 -3.26 11.45 9.21
C LEU O 639 -4.62 11.09 8.65
N SER O 640 -5.39 12.11 8.27
CA SER O 640 -6.70 11.87 7.70
C SER O 640 -6.58 11.05 6.42
N ILE O 641 -7.72 10.59 5.91
CA ILE O 641 -7.71 9.72 4.74
C ILE O 641 -7.13 10.46 3.54
N VAL O 642 -7.60 11.67 3.28
CA VAL O 642 -7.12 12.43 2.13
C VAL O 642 -5.67 12.86 2.36
N GLN O 643 -5.33 13.24 3.59
CA GLN O 643 -3.95 13.62 3.88
C GLN O 643 -3.00 12.47 3.59
N ALA O 644 -3.38 11.26 3.99
CA ALA O 644 -2.51 10.11 3.76
C ALA O 644 -2.46 9.73 2.29
N ARG O 645 -3.60 9.82 1.59
CA ARG O 645 -3.59 9.61 0.16
C ARG O 645 -2.57 10.54 -0.51
N PHE O 646 -2.64 11.83 -0.16
CA PHE O 646 -1.73 12.80 -0.77
C PHE O 646 -0.29 12.54 -0.38
N ILE O 647 -0.02 12.20 0.88
CA ILE O 647 1.35 11.98 1.31
C ILE O 647 1.94 10.75 0.62
N GLY O 648 1.16 9.67 0.54
CA GLY O 648 1.63 8.50 -0.18
C GLY O 648 1.86 8.78 -1.65
N LEU O 649 0.98 9.58 -2.26
CA LEU O 649 1.17 9.96 -3.64
C LEU O 649 2.45 10.79 -3.81
N VAL O 650 2.72 11.68 -2.86
CA VAL O 650 3.92 12.51 -2.94
C VAL O 650 5.16 11.64 -2.82
N HIS O 651 5.16 10.69 -1.88
CA HIS O 651 6.30 9.78 -1.75
C HIS O 651 6.50 8.97 -3.02
N PHE O 652 5.40 8.43 -3.56
CA PHE O 652 5.47 7.65 -4.80
C PHE O 652 6.04 8.49 -5.93
N THR O 653 5.51 9.70 -6.12
CA THR O 653 5.97 10.56 -7.20
C THR O 653 7.42 10.95 -7.02
N ALA O 654 7.82 11.32 -5.81
CA ALA O 654 9.20 11.72 -5.57
C ALA O 654 10.15 10.57 -5.87
N GLY O 655 9.86 9.38 -5.33
CA GLY O 655 10.72 8.24 -5.62
C GLY O 655 10.81 7.93 -7.09
N LEU O 656 9.65 7.85 -7.75
CA LEU O 656 9.62 7.49 -9.17
C LEU O 656 10.38 8.50 -10.01
N ILE O 657 10.13 9.79 -9.81
CA ILE O 657 10.78 10.80 -10.62
C ILE O 657 12.27 10.87 -10.33
N LEU O 658 12.63 10.89 -9.05
CA LEU O 658 14.01 11.15 -8.66
C LEU O 658 14.91 9.94 -8.80
N THR O 659 14.38 8.74 -8.97
CA THR O 659 15.25 7.59 -9.19
C THR O 659 15.71 7.46 -10.63
N TYR O 660 15.13 8.22 -11.55
CA TYR O 660 15.49 8.15 -12.97
C TYR O 660 16.73 8.98 -13.31
N PRO O 661 16.82 10.23 -12.89
CA PRO O 661 17.95 11.08 -13.29
C PRO O 661 19.28 10.43 -12.94
N PRO O 662 19.41 9.80 -11.78
CA PRO O 662 20.67 9.07 -11.52
C PRO O 662 20.97 8.03 -12.57
N PHE O 663 19.94 7.29 -13.00
CA PHE O 663 20.14 6.26 -14.01
C PHE O 663 20.57 6.87 -15.34
N ILE O 664 19.88 7.93 -15.79
CA ILE O 664 20.20 8.50 -17.08
C ILE O 664 21.60 9.11 -17.06
N ILE O 665 21.95 9.80 -15.97
CA ILE O 665 23.29 10.37 -15.87
C ILE O 665 24.34 9.28 -15.89
N SER O 666 24.13 8.22 -15.11
CA SER O 666 25.11 7.13 -15.06
C SER O 666 25.30 6.50 -16.43
N THR O 667 24.20 6.26 -17.15
CA THR O 667 24.30 5.55 -18.42
C THR O 667 24.85 6.43 -19.53
N THR O 668 24.50 7.72 -19.55
CA THR O 668 24.92 8.60 -20.62
C THR O 668 26.24 9.31 -20.34
N SER O 669 26.77 9.20 -19.13
CA SER O 669 28.03 9.84 -18.80
C SER O 669 29.19 8.87 -19.01
N SER P 76 -17.47 20.51 13.73
CA SER P 76 -18.49 19.42 13.74
C SER P 76 -19.04 19.18 12.35
N HIS P 77 -19.60 17.99 12.14
CA HIS P 77 -20.21 17.64 10.87
C HIS P 77 -21.62 18.22 10.79
N ALA P 78 -22.20 18.16 9.59
CA ALA P 78 -23.54 18.68 9.35
C ALA P 78 -24.45 17.52 8.96
N VAL P 79 -25.42 17.22 9.81
CA VAL P 79 -26.39 16.15 9.55
C VAL P 79 -27.71 16.83 9.19
N LYS P 80 -28.15 16.62 7.95
CA LYS P 80 -29.36 17.24 7.44
C LYS P 80 -30.36 16.15 7.05
N ILE P 81 -31.64 16.47 7.19
CA ILE P 81 -32.73 15.56 6.86
C ILE P 81 -33.65 16.24 5.86
N TYR P 82 -34.07 15.49 4.85
CA TYR P 82 -34.87 15.97 3.75
C TYR P 82 -36.25 15.32 3.79
N ASP P 83 -37.23 16.00 3.18
CA ASP P 83 -38.62 15.58 3.32
C ASP P 83 -38.88 14.21 2.70
N THR P 84 -37.98 13.68 1.89
CA THR P 84 -38.15 12.33 1.38
C THR P 84 -38.22 11.31 2.50
N CYS P 85 -37.74 11.68 3.69
CA CYS P 85 -37.85 10.86 4.90
C CYS P 85 -39.20 10.18 5.01
N ILE P 86 -39.21 8.90 5.38
CA ILE P 86 -40.42 8.13 5.60
C ILE P 86 -40.62 7.75 7.06
N GLY P 87 -39.71 8.14 7.94
CA GLY P 87 -39.87 7.87 9.36
C GLY P 87 -39.82 6.40 9.73
N CYS P 88 -38.85 5.66 9.22
CA CYS P 88 -38.69 4.27 9.62
C CYS P 88 -37.83 4.10 10.86
N THR P 89 -37.13 5.15 11.29
CA THR P 89 -36.34 5.20 12.52
C THR P 89 -35.03 4.44 12.44
N LEU P 90 -34.68 3.87 11.28
CA LEU P 90 -33.46 3.07 11.19
C LEU P 90 -32.22 3.92 11.44
N CYS P 91 -32.21 5.16 10.96
CA CYS P 91 -31.10 6.06 11.24
C CYS P 91 -30.93 6.26 12.74
N VAL P 92 -32.05 6.54 13.43
CA VAL P 92 -32.00 6.77 14.87
C VAL P 92 -31.46 5.53 15.57
N ARG P 93 -31.93 4.35 15.17
CA ARG P 93 -31.48 3.12 15.81
C ARG P 93 -30.02 2.83 15.52
N ALA P 94 -29.52 3.26 14.36
CA ALA P 94 -28.13 3.03 13.99
C ALA P 94 -27.19 4.10 14.55
N CYS P 95 -27.72 5.19 15.08
CA CYS P 95 -26.86 6.23 15.62
C CYS P 95 -25.98 5.67 16.74
N PRO P 96 -24.66 5.85 16.68
CA PRO P 96 -23.80 5.34 17.75
C PRO P 96 -23.69 6.26 18.95
N THR P 97 -23.89 7.57 18.76
CA THR P 97 -23.79 8.54 19.83
C THR P 97 -25.09 9.32 20.04
N ASP P 98 -26.21 8.77 19.57
CA ASP P 98 -27.54 9.36 19.78
C ASP P 98 -27.55 10.84 19.37
N VAL P 99 -27.34 11.05 18.07
CA VAL P 99 -27.48 12.38 17.48
C VAL P 99 -28.89 12.65 16.97
N LEU P 100 -29.67 11.61 16.69
CA LEU P 100 -30.93 11.76 15.98
C LEU P 100 -32.10 11.35 16.84
N GLU P 101 -33.28 11.85 16.48
CA GLU P 101 -34.51 11.53 17.18
C GLU P 101 -35.69 11.74 16.23
N MET P 102 -36.68 10.87 16.35
CA MET P 102 -37.88 11.00 15.54
C MET P 102 -38.79 12.08 16.12
N VAL P 103 -39.40 12.87 15.24
CA VAL P 103 -40.26 13.97 15.66
C VAL P 103 -41.56 13.88 14.88
N PRO P 104 -42.68 14.33 15.45
CA PRO P 104 -43.96 14.25 14.71
C PRO P 104 -43.92 15.10 13.46
N ALA P 105 -44.61 14.61 12.43
CA ALA P 105 -44.69 15.31 11.15
C ALA P 105 -45.92 14.81 10.42
N THR P 106 -46.31 15.56 9.38
CA THR P 106 -47.42 15.20 8.52
C THR P 106 -47.00 14.95 7.07
N VAL P 107 -45.70 15.04 6.77
CA VAL P 107 -45.26 14.94 5.38
C VAL P 107 -45.47 13.55 4.82
N ASN P 108 -45.30 12.51 5.65
CA ASN P 108 -45.34 11.13 5.17
C ASN P 108 -46.44 10.36 5.90
N ALA P 109 -46.62 9.11 5.50
CA ALA P 109 -47.67 8.27 6.08
C ALA P 109 -47.34 7.87 7.51
N ALA P 110 -46.06 7.67 7.82
CA ALA P 110 -45.67 7.28 9.17
C ALA P 110 -45.88 8.40 10.18
N LYS P 111 -46.09 9.63 9.71
CA LYS P 111 -46.34 10.77 10.58
C LYS P 111 -45.19 10.99 11.56
N GLN P 112 -43.96 10.95 11.03
CA GLN P 112 -42.78 11.23 11.84
C GLN P 112 -41.59 11.36 10.89
N VAL P 113 -40.64 12.20 11.28
CA VAL P 113 -39.42 12.41 10.50
C VAL P 113 -38.25 12.50 11.46
N ALA P 114 -37.14 11.86 11.09
CA ALA P 114 -35.94 11.94 11.90
C ALA P 114 -35.41 13.37 11.94
N SER P 115 -34.92 13.78 13.10
CA SER P 115 -34.26 15.06 13.29
C SER P 115 -32.85 14.83 13.79
N SER P 116 -32.04 15.88 13.75
CA SER P 116 -30.65 15.82 14.20
C SER P 116 -30.41 16.99 15.15
N PRO P 117 -30.92 16.92 16.38
CA PRO P 117 -30.68 18.03 17.33
C PRO P 117 -29.26 18.04 17.87
N ARG P 118 -28.71 16.88 18.19
CA ARG P 118 -27.39 16.78 18.80
C ARG P 118 -26.30 16.56 17.75
N VAL P 119 -26.25 17.42 16.73
CA VAL P 119 -25.24 17.28 15.70
C VAL P 119 -23.84 17.51 16.23
N GLU P 120 -23.70 18.13 17.39
CA GLU P 120 -22.39 18.32 17.98
C GLU P 120 -21.72 17.00 18.35
N ASP P 121 -22.50 15.96 18.60
CA ASP P 121 -21.96 14.65 18.92
C ASP P 121 -21.72 13.77 17.70
N CYS P 122 -22.18 14.20 16.52
CA CYS P 122 -21.98 13.40 15.33
C CYS P 122 -20.50 13.16 15.08
N VAL P 123 -20.13 11.89 14.92
CA VAL P 123 -18.73 11.55 14.63
C VAL P 123 -18.46 11.44 13.15
N GLY P 124 -19.48 11.22 12.32
CA GLY P 124 -19.30 11.12 10.88
C GLY P 124 -19.15 9.71 10.36
N CYS P 125 -19.67 8.72 11.05
CA CYS P 125 -19.56 7.34 10.65
C CYS P 125 -20.48 6.96 9.51
N LYS P 126 -21.49 7.75 9.22
CA LYS P 126 -22.39 7.54 8.16
C LYS P 126 -23.05 6.21 8.29
N ARG P 127 -23.44 5.81 9.50
CA ARG P 127 -24.21 4.59 9.73
C ARG P 127 -25.63 4.92 9.50
N CYS P 128 -26.12 6.10 9.86
CA CYS P 128 -27.43 6.55 9.45
C CYS P 128 -27.59 6.48 7.94
N GLU P 129 -26.59 6.97 7.22
CA GLU P 129 -26.64 6.93 5.76
C GLU P 129 -26.68 5.50 5.25
N THR P 130 -25.92 4.60 5.88
CA THR P 130 -25.97 3.20 5.49
C THR P 130 -27.35 2.62 5.68
N ALA P 131 -28.02 2.97 6.79
CA ALA P 131 -29.31 2.39 7.13
C ALA P 131 -30.48 3.07 6.44
N CYS P 132 -30.27 4.20 5.79
CA CYS P 132 -31.37 4.89 5.12
C CYS P 132 -31.90 4.05 3.96
N PRO P 133 -33.22 3.79 3.88
CA PRO P 133 -33.74 2.98 2.77
C PRO P 133 -33.98 3.74 1.47
N THR P 134 -34.38 5.02 1.56
CA THR P 134 -34.87 5.75 0.40
C THR P 134 -33.92 5.65 -0.78
N ASP P 135 -34.43 5.87 -1.99
CA ASP P 135 -33.63 5.63 -3.19
C ASP P 135 -32.30 6.36 -3.12
N PHE P 136 -32.35 7.66 -2.85
CA PHE P 136 -31.17 8.36 -2.34
C PHE P 136 -31.51 8.94 -0.98
N LEU P 137 -30.45 9.09 -0.18
CA LEU P 137 -30.61 9.22 1.26
C LEU P 137 -31.44 10.44 1.62
N SER P 138 -32.43 10.22 2.49
CA SER P 138 -33.15 11.31 3.12
C SER P 138 -32.39 11.91 4.31
N ILE P 139 -31.25 11.33 4.67
CA ILE P 139 -30.37 11.89 5.68
C ILE P 139 -28.97 11.97 5.10
N ARG P 140 -28.33 13.13 5.23
CA ARG P 140 -27.01 13.35 4.67
C ARG P 140 -26.08 13.88 5.75
N VAL P 141 -24.90 13.28 5.85
CA VAL P 141 -23.85 13.71 6.76
C VAL P 141 -22.74 14.32 5.92
N TYR P 142 -22.55 15.62 6.07
CA TYR P 142 -21.48 16.35 5.39
C TYR P 142 -20.32 16.48 6.37
N LEU P 143 -19.17 15.92 6.01
CA LEU P 143 -18.00 15.97 6.84
C LEU P 143 -17.32 17.33 6.73
N GLN P 144 -16.85 17.85 7.86
CA GLN P 144 -16.20 19.16 7.93
C GLN P 144 -14.91 18.98 8.73
N GLU P 145 -13.83 18.66 8.02
CA GLU P 145 -12.57 18.36 8.69
C GLU P 145 -11.95 19.60 9.32
N ASN P 146 -12.28 20.79 8.80
CA ASN P 146 -11.72 22.01 9.37
C ASN P 146 -12.30 22.32 10.73
N GLU P 147 -13.57 21.98 10.96
CA GLU P 147 -14.25 22.28 12.21
C GLU P 147 -14.29 21.08 13.15
N GLU P 148 -13.27 20.23 13.11
CA GLU P 148 -13.26 19.03 13.94
C GLU P 148 -13.22 19.42 15.42
N THR P 149 -14.08 18.79 16.21
CA THR P 149 -14.12 18.95 17.65
C THR P 149 -13.75 17.62 18.30
N GLN P 150 -13.57 17.64 19.62
CA GLN P 150 -13.21 16.40 20.31
C GLN P 150 -14.36 15.40 20.25
N TYR P 151 -15.60 15.88 20.32
CA TYR P 151 -16.74 14.97 20.23
C TYR P 151 -16.84 14.33 18.85
N SER P 152 -16.60 15.11 17.79
CA SER P 152 -16.65 14.56 16.44
C SER P 152 -15.41 13.72 16.13
N LEU P 153 -14.32 13.92 16.87
CA LEU P 153 -13.12 13.11 16.71
C LEU P 153 -13.09 11.90 17.62
N GLY P 154 -14.04 11.79 18.55
CA GLY P 154 -14.03 10.67 19.47
C GLY P 154 -12.76 10.60 20.30
N LEU P 155 -12.25 11.76 20.72
CA LEU P 155 -11.03 11.79 21.52
C LEU P 155 -11.27 11.10 22.86
N ASP P 156 -10.34 10.25 23.25
CA ASP P 156 -10.42 9.53 24.51
C ASP P 156 -9.27 9.87 25.45
N LEU P 157 -8.03 9.77 24.97
CA LEU P 157 -6.88 9.98 25.84
C LEU P 157 -6.63 11.46 26.13
N ALA P 158 -7.02 12.35 25.22
CA ALA P 158 -6.85 13.78 25.38
C ALA P 158 -8.20 14.46 25.51
N ASP P 159 -8.23 15.56 26.26
CA ASP P 159 -9.46 16.27 26.55
C ASP P 159 -9.30 17.73 26.15
N TRP P 160 -10.21 18.22 25.32
CA TRP P 160 -10.24 19.62 24.91
C TRP P 160 -11.25 20.45 25.70
N SER P 161 -11.92 19.86 26.67
CA SER P 161 -12.93 20.57 27.44
C SER P 161 -12.29 21.31 28.62
N GLU Q 77 -40.02 18.18 34.39
CA GLU Q 77 -40.48 16.97 35.14
C GLU Q 77 -39.33 15.99 35.36
N ILE Q 78 -38.43 15.94 34.39
CA ILE Q 78 -37.27 15.05 34.51
C ILE Q 78 -36.33 15.59 35.58
N VAL Q 79 -35.84 14.69 36.42
CA VAL Q 79 -34.93 15.04 37.52
C VAL Q 79 -33.55 14.51 37.18
N VAL Q 80 -32.54 15.38 37.32
CA VAL Q 80 -31.16 15.02 37.02
C VAL Q 80 -30.52 14.47 38.29
N GLU Q 81 -29.89 13.31 38.17
CA GLU Q 81 -29.29 12.66 39.32
C GLU Q 81 -28.05 13.42 39.79
N SER Q 82 -27.67 13.19 41.04
CA SER Q 82 -26.51 13.86 41.61
C SER Q 82 -25.24 13.49 40.85
N ILE Q 83 -24.98 12.19 40.70
CA ILE Q 83 -23.85 11.69 39.92
C ILE Q 83 -22.57 12.39 40.38
N PRO Q 84 -22.03 12.06 41.55
CA PRO Q 84 -20.81 12.74 42.01
C PRO Q 84 -19.63 12.44 41.11
N ARG Q 85 -18.67 13.36 41.14
CA ARG Q 85 -17.50 13.21 40.28
C ARG Q 85 -16.80 11.89 40.58
N PRO Q 86 -16.29 11.19 39.56
CA PRO Q 86 -15.65 9.89 39.84
C PRO Q 86 -14.49 9.98 40.79
N GLU Q 87 -13.71 11.06 40.73
CA GLU Q 87 -12.60 11.21 41.67
C GLU Q 87 -13.10 11.31 43.10
N ASP Q 88 -14.28 11.89 43.31
CA ASP Q 88 -14.85 11.94 44.65
C ASP Q 88 -15.46 10.60 45.05
N LEU Q 89 -16.12 9.91 44.13
CA LEU Q 89 -16.77 8.64 44.43
C LEU Q 89 -15.79 7.50 44.16
N LEU Q 90 -14.91 7.28 45.14
CA LEU Q 90 -13.90 6.22 45.00
C LEU Q 90 -14.54 4.84 45.05
N GLU Q 91 -15.40 4.61 46.04
CA GLU Q 91 -16.07 3.33 46.22
C GLU Q 91 -17.55 3.59 46.48
N SER Q 92 -18.41 2.94 45.71
CA SER Q 92 -19.85 3.10 45.85
C SER Q 92 -20.52 1.75 45.69
N PRO Q 93 -21.64 1.51 46.39
CA PRO Q 93 -22.41 0.29 46.14
C PRO Q 93 -22.96 0.21 44.74
N LYS Q 94 -23.14 1.34 44.07
CA LYS Q 94 -23.76 1.34 42.75
C LYS Q 94 -22.85 0.71 41.70
N PHE Q 95 -21.54 0.92 41.81
CA PHE Q 95 -20.63 0.44 40.79
C PHE Q 95 -20.80 -1.07 40.61
N PRO Q 96 -20.95 -1.55 39.37
CA PRO Q 96 -21.05 -3.00 39.16
C PRO Q 96 -19.71 -3.68 39.38
N MET Q 97 -19.77 -4.99 39.55
CA MET Q 97 -18.56 -5.80 39.72
C MET Q 97 -17.95 -6.02 38.33
N PHE Q 98 -16.82 -5.37 38.07
CA PHE Q 98 -16.14 -5.50 36.79
C PHE Q 98 -14.66 -5.75 37.01
N GLU Q 99 -14.03 -6.33 35.99
CA GLU Q 99 -12.66 -6.81 36.13
C GLU Q 99 -11.66 -5.67 36.19
N GLY Q 100 -11.82 -4.66 35.34
CA GLY Q 100 -10.86 -3.58 35.26
C GLY Q 100 -9.85 -3.83 34.15
N SER Q 101 -9.32 -2.74 33.59
CA SER Q 101 -8.43 -2.83 32.45
C SER Q 101 -7.73 -1.49 32.28
N THR Q 102 -6.82 -1.43 31.30
CA THR Q 102 -6.17 -0.18 30.92
C THR Q 102 -7.00 0.62 29.93
N GLY Q 103 -8.16 0.12 29.52
CA GLY Q 103 -9.01 0.85 28.60
C GLY Q 103 -9.88 1.91 29.24
N GLY Q 104 -9.85 2.03 30.56
CA GLY Q 104 -10.59 3.07 31.24
C GLY Q 104 -10.03 4.44 30.93
N TYR Q 105 -10.78 5.47 31.32
CA TYR Q 105 -10.38 6.82 31.02
C TYR Q 105 -9.07 7.16 31.71
N MET Q 106 -8.27 7.99 31.04
CA MET Q 106 -7.01 8.46 31.60
C MET Q 106 -7.31 9.58 32.60
N SER Q 107 -7.18 9.27 33.88
CA SER Q 107 -7.55 10.24 34.92
C SER Q 107 -6.58 11.40 34.97
N ARG Q 108 -5.31 11.18 34.61
CA ARG Q 108 -4.32 12.24 34.72
C ARG Q 108 -4.52 13.32 33.67
N SER Q 109 -4.97 12.94 32.47
CA SER Q 109 -4.96 13.83 31.32
C SER Q 109 -6.35 14.33 30.91
N THR Q 110 -7.42 13.77 31.46
CA THR Q 110 -8.78 14.16 31.08
C THR Q 110 -9.61 14.37 32.34
N ARG Q 111 -10.63 15.22 32.21
CA ARG Q 111 -11.49 15.55 33.34
C ARG Q 111 -12.96 15.37 33.00
N GLU Q 112 -13.32 15.59 31.74
CA GLU Q 112 -14.70 15.37 31.32
C GLU Q 112 -15.05 13.89 31.39
N ARG Q 113 -16.25 13.60 31.90
CA ARG Q 113 -16.68 12.21 32.08
C ARG Q 113 -18.10 12.03 31.57
N HIS Q 114 -18.51 10.77 31.45
CA HIS Q 114 -19.88 10.42 31.12
C HIS Q 114 -20.31 9.28 32.04
N ALA Q 115 -21.42 9.48 32.76
CA ALA Q 115 -21.93 8.50 33.70
C ALA Q 115 -23.21 7.87 33.15
N ILE Q 116 -23.31 6.56 33.24
CA ILE Q 116 -24.51 5.83 32.83
C ILE Q 116 -25.06 5.13 34.05
N THR Q 117 -26.32 5.42 34.38
CA THR Q 117 -26.97 4.88 35.56
C THR Q 117 -28.24 4.14 35.14
N TRP Q 118 -28.36 2.89 35.57
CA TRP Q 118 -29.53 2.09 35.23
C TRP Q 118 -29.94 1.27 36.44
N THR Q 119 -31.05 0.56 36.29
CA THR Q 119 -31.58 -0.31 37.34
C THR Q 119 -31.84 -1.68 36.74
N ALA Q 120 -31.32 -2.73 37.39
CA ALA Q 120 -31.40 -4.09 36.88
C ALA Q 120 -32.18 -4.97 37.85
N LYS Q 121 -33.04 -5.81 37.29
CA LYS Q 121 -33.79 -6.76 38.11
C LYS Q 121 -32.92 -7.93 38.56
N ASP Q 122 -31.88 -8.27 37.80
CA ASP Q 122 -31.02 -9.39 38.11
C ASP Q 122 -29.62 -9.07 37.62
N GLN Q 123 -28.65 -9.85 38.11
CA GLN Q 123 -27.25 -9.65 37.77
C GLN Q 123 -26.96 -10.35 36.46
N ASN Q 124 -26.90 -9.59 35.37
CA ASN Q 124 -26.59 -10.11 34.05
C ASN Q 124 -25.16 -9.76 33.69
N LYS Q 125 -24.39 -10.75 33.24
CA LYS Q 125 -23.04 -10.50 32.78
C LYS Q 125 -23.08 -9.64 31.52
N PHE Q 126 -22.30 -8.57 31.51
CA PHE Q 126 -22.25 -7.67 30.36
C PHE Q 126 -20.81 -7.23 30.14
N GLU Q 127 -20.53 -6.80 28.92
CA GLU Q 127 -19.18 -6.43 28.50
C GLU Q 127 -19.00 -4.93 28.61
N MET Q 128 -17.96 -4.52 29.34
CA MET Q 128 -17.65 -3.11 29.44
C MET Q 128 -17.13 -2.59 28.11
N PRO Q 129 -17.58 -1.41 27.66
CA PRO Q 129 -16.98 -0.82 26.46
C PRO Q 129 -15.50 -0.56 26.60
N THR Q 130 -14.98 -0.52 27.83
CA THR Q 130 -13.55 -0.30 28.08
C THR Q 130 -12.96 -1.60 28.60
N GLY Q 131 -12.55 -2.45 27.67
CA GLY Q 131 -11.82 -3.67 28.01
C GLY Q 131 -12.74 -4.80 28.43
N GLY Q 132 -12.51 -5.36 29.62
CA GLY Q 132 -13.10 -6.62 30.02
C GLY Q 132 -14.58 -6.61 30.27
N PHE Q 133 -15.05 -7.60 31.03
CA PHE Q 133 -16.47 -7.82 31.28
C PHE Q 133 -16.86 -7.25 32.64
N ALA Q 134 -18.13 -7.41 32.99
CA ALA Q 134 -18.66 -6.87 34.23
C ALA Q 134 -19.94 -7.61 34.61
N ILE Q 135 -20.34 -7.43 35.86
CA ILE Q 135 -21.59 -7.99 36.38
C ILE Q 135 -22.35 -6.85 37.03
N MET Q 136 -23.59 -6.61 36.57
CA MET Q 136 -24.38 -5.50 37.07
C MET Q 136 -25.14 -5.90 38.32
N ASN Q 137 -25.11 -5.01 39.32
CA ASN Q 137 -25.78 -5.30 40.57
C ASN Q 137 -27.28 -5.35 40.39
N LYS Q 138 -27.94 -6.24 41.14
CA LYS Q 138 -29.39 -6.21 41.22
C LYS Q 138 -29.80 -4.97 42.00
N GLY Q 139 -30.48 -4.04 41.32
CA GLY Q 139 -30.77 -2.73 41.86
C GLY Q 139 -30.20 -1.64 40.97
N GLU Q 140 -29.63 -0.62 41.60
CA GLU Q 140 -29.07 0.51 40.87
C GLU Q 140 -27.61 0.27 40.56
N ASN Q 141 -27.22 0.52 39.31
CA ASN Q 141 -25.84 0.42 38.86
C ASN Q 141 -25.44 1.72 38.20
N LEU Q 142 -24.17 2.09 38.37
CA LEU Q 142 -23.61 3.30 37.80
C LEU Q 142 -22.22 2.99 37.26
N CYS Q 143 -21.94 3.48 36.05
CA CYS Q 143 -20.65 3.30 35.41
C CYS Q 143 -20.15 4.62 34.89
N TYR Q 144 -18.83 4.76 34.81
CA TYR Q 144 -18.17 5.96 34.32
C TYR Q 144 -17.35 5.61 33.08
N PHE Q 145 -17.39 6.51 32.09
CA PHE Q 145 -16.65 6.35 30.85
C PHE Q 145 -16.16 7.72 30.41
N ARG Q 146 -15.41 7.72 29.31
CA ARG Q 146 -14.88 8.95 28.75
C ARG Q 146 -15.74 9.53 27.64
N LYS Q 147 -16.46 8.70 26.90
CA LYS Q 147 -17.15 9.16 25.69
C LYS Q 147 -18.61 8.75 25.68
N LYS Q 148 -19.43 9.67 25.16
CA LYS Q 148 -20.83 9.37 24.92
C LYS Q 148 -21.00 8.15 24.04
N GLU Q 149 -20.03 7.88 23.16
CA GLU Q 149 -20.10 6.68 22.34
C GLU Q 149 -20.05 5.43 23.19
N GLN Q 150 -19.12 5.38 24.15
CA GLN Q 150 -19.04 4.22 25.04
C GLN Q 150 -20.33 4.09 25.85
N CYS Q 151 -20.82 5.22 26.38
CA CYS Q 151 -22.05 5.16 27.17
C CYS Q 151 -23.22 4.66 26.33
N ILE Q 152 -23.32 5.13 25.08
CA ILE Q 152 -24.44 4.76 24.23
C ILE Q 152 -24.35 3.30 23.80
N SER Q 153 -23.14 2.81 23.55
CA SER Q 153 -22.99 1.39 23.22
C SER Q 153 -23.41 0.52 24.40
N LEU Q 154 -22.98 0.88 25.61
CA LEU Q 154 -23.43 0.14 26.78
C LEU Q 154 -24.94 0.22 26.94
N GLY Q 155 -25.53 1.38 26.66
CA GLY Q 155 -26.97 1.52 26.73
C GLY Q 155 -27.69 0.66 25.72
N LYS Q 156 -27.15 0.56 24.50
CA LYS Q 156 -27.73 -0.33 23.50
C LYS Q 156 -27.69 -1.77 23.96
N GLN Q 157 -26.56 -2.19 24.54
CA GLN Q 157 -26.46 -3.56 25.05
C GLN Q 157 -27.47 -3.79 26.17
N LEU Q 158 -27.63 -2.82 27.07
CA LEU Q 158 -28.63 -2.94 28.13
C LEU Q 158 -30.04 -3.02 27.55
N ARG Q 159 -30.33 -2.23 26.52
CA ARG Q 159 -31.63 -2.30 25.87
C ARG Q 159 -31.86 -3.68 25.28
N LYS Q 160 -30.82 -4.26 24.67
CA LYS Q 160 -30.92 -5.64 24.22
C LYS Q 160 -31.27 -6.57 25.38
N MET Q 161 -30.70 -6.31 26.55
CA MET Q 161 -31.07 -7.07 27.74
C MET Q 161 -32.39 -6.61 28.36
N LYS Q 162 -33.08 -5.65 27.74
CA LYS Q 162 -34.38 -5.18 28.21
C LYS Q 162 -34.26 -4.37 29.51
N ILE Q 163 -33.28 -3.49 29.57
CA ILE Q 163 -33.16 -2.51 30.65
C ILE Q 163 -33.39 -1.15 30.02
N GLU Q 164 -34.60 -0.61 30.19
CA GLU Q 164 -35.02 0.61 29.52
C GLU Q 164 -34.97 1.83 30.43
N ASN Q 165 -34.50 1.69 31.67
CA ASN Q 165 -34.46 2.79 32.62
C ASN Q 165 -33.10 3.46 32.69
N TYR Q 166 -32.18 3.12 31.80
CA TYR Q 166 -30.84 3.67 31.86
C TYR Q 166 -30.82 5.12 31.38
N LYS Q 167 -30.01 5.93 32.04
CA LYS Q 167 -29.83 7.34 31.72
C LYS Q 167 -28.35 7.65 31.61
N ILE Q 168 -28.03 8.63 30.78
CA ILE Q 168 -26.65 9.04 30.55
C ILE Q 168 -26.51 10.51 30.90
N TYR Q 169 -25.41 10.85 31.55
CA TYR Q 169 -25.10 12.22 31.95
C TYR Q 169 -23.68 12.55 31.53
N ARG Q 170 -23.47 13.81 31.17
CA ARG Q 170 -22.14 14.35 30.94
C ARG Q 170 -21.73 15.15 32.16
N LEU Q 171 -20.55 14.82 32.71
CA LEU Q 171 -20.01 15.49 33.87
C LEU Q 171 -18.85 16.38 33.43
N LYS Q 172 -19.02 17.68 33.63
CA LYS Q 172 -17.98 18.66 33.32
C LYS Q 172 -16.83 18.51 34.32
N LYS Q 173 -15.81 19.36 34.15
CA LYS Q 173 -14.69 19.35 35.07
C LYS Q 173 -15.12 19.80 36.46
N ASP Q 174 -16.10 20.71 36.55
CA ASP Q 174 -16.49 21.31 37.82
C ASP Q 174 -17.63 20.57 38.50
N GLY Q 175 -18.12 19.47 37.93
CA GLY Q 175 -19.16 18.69 38.55
C GLY Q 175 -20.56 18.91 38.01
N THR Q 176 -20.74 19.86 37.10
CA THR Q 176 -22.05 20.07 36.50
C THR Q 176 -22.48 18.81 35.76
N VAL Q 177 -23.74 18.42 35.95
CA VAL Q 177 -24.29 17.18 35.38
C VAL Q 177 -25.33 17.58 34.34
N ILE Q 178 -25.13 17.10 33.11
CA ILE Q 178 -26.04 17.39 32.01
C ILE Q 178 -26.67 16.08 31.55
N PHE Q 179 -27.98 15.96 31.73
CA PHE Q 179 -28.70 14.76 31.30
C PHE Q 179 -28.78 14.73 29.78
N MET Q 180 -28.27 13.68 29.15
CA MET Q 180 -27.97 13.69 27.73
C MET Q 180 -28.85 12.75 26.91
N HIS Q 181 -28.81 11.43 27.16
CA HIS Q 181 -29.28 10.51 26.13
C HIS Q 181 -30.80 10.49 26.02
N PRO Q 182 -31.57 10.00 27.02
CA PRO Q 182 -33.03 10.23 26.86
C PRO Q 182 -33.37 11.69 27.13
N ALA Q 183 -33.05 12.54 26.15
CA ALA Q 183 -33.03 13.98 26.37
C ALA Q 183 -34.31 14.47 27.01
N ASP Q 184 -35.46 13.98 26.55
CA ASP Q 184 -36.76 14.36 27.09
C ASP Q 184 -37.46 13.21 27.80
N GLY Q 185 -36.71 12.18 28.20
CA GLY Q 185 -37.29 11.05 28.89
C GLY Q 185 -37.90 10.00 28.00
N VAL Q 186 -37.91 10.21 26.68
CA VAL Q 186 -38.42 9.25 25.72
C VAL Q 186 -37.31 8.93 24.74
N PHE Q 187 -37.15 7.64 24.43
CA PHE Q 187 -36.06 7.23 23.58
C PHE Q 187 -36.21 7.87 22.20
N PRO Q 188 -35.10 8.27 21.56
CA PRO Q 188 -35.23 9.01 20.29
C PRO Q 188 -35.96 8.26 19.21
N GLU Q 189 -35.83 6.93 19.14
CA GLU Q 189 -36.51 6.17 18.09
C GLU Q 189 -38.02 6.24 18.22
N LYS Q 190 -38.55 6.51 19.41
CA LYS Q 190 -39.98 6.64 19.61
C LYS Q 190 -40.40 8.09 19.45
N VAL Q 191 -41.44 8.32 18.65
CA VAL Q 191 -41.91 9.68 18.41
C VAL Q 191 -42.49 10.25 19.70
N ASN Q 192 -42.25 11.54 19.91
CA ASN Q 192 -42.73 12.22 21.11
C ASN Q 192 -43.25 13.60 20.74
N LYS Q 193 -44.33 14.01 21.40
CA LYS Q 193 -44.85 15.35 21.21
C LYS Q 193 -43.89 16.38 21.80
N GLY Q 194 -43.92 17.59 21.25
CA GLY Q 194 -43.01 18.64 21.65
C GLY Q 194 -41.66 18.57 20.97
N ARG Q 195 -41.48 17.67 20.03
CA ARG Q 195 -40.24 17.56 19.26
C ARG Q 195 -40.43 18.23 17.91
N VAL Q 196 -39.48 19.10 17.55
CA VAL Q 196 -39.53 19.85 16.29
C VAL Q 196 -38.29 19.49 15.49
N GLN Q 197 -38.46 19.35 14.17
CA GLN Q 197 -37.37 18.89 13.33
C GLN Q 197 -36.27 19.95 13.28
N VAL Q 198 -35.03 19.49 13.46
CA VAL Q 198 -33.85 20.34 13.41
C VAL Q 198 -32.99 19.88 12.25
N ASN Q 199 -32.35 20.84 11.58
CA ASN Q 199 -31.54 20.55 10.40
C ASN Q 199 -32.37 19.81 9.34
N GLY Q 200 -33.61 20.23 9.17
CA GLY Q 200 -34.51 19.65 8.18
C GLY Q 200 -34.65 20.56 6.98
N ARG Q 201 -34.62 19.97 5.79
CA ARG Q 201 -34.66 20.71 4.55
C ARG Q 201 -35.93 20.37 3.77
N PRO Q 202 -36.73 21.36 3.35
CA PRO Q 202 -38.00 21.07 2.68
C PRO Q 202 -37.86 20.89 1.17
N PHE Q 203 -37.13 19.85 0.77
CA PHE Q 203 -37.02 19.47 -0.63
C PHE Q 203 -36.15 18.22 -0.69
N THR Q 204 -36.15 17.57 -1.86
CA THR Q 204 -35.30 16.41 -2.07
C THR Q 204 -33.83 16.80 -1.88
N ILE Q 205 -32.98 15.79 -1.74
CA ILE Q 205 -31.58 16.04 -1.47
C ILE Q 205 -30.94 16.83 -2.61
N ARG Q 206 -31.34 16.57 -3.84
CA ARG Q 206 -30.81 17.28 -4.98
C ARG Q 206 -31.44 18.66 -5.15
N GLY Q 207 -32.37 19.04 -4.27
CA GLY Q 207 -32.95 20.36 -4.32
C GLY Q 207 -32.03 21.46 -3.82
N ASN Q 208 -30.87 21.11 -3.26
CA ASN Q 208 -29.96 22.11 -2.74
C ASN Q 208 -29.48 23.03 -3.87
N PRO Q 209 -29.18 24.28 -3.56
CA PRO Q 209 -28.69 25.19 -4.60
C PRO Q 209 -27.29 24.80 -5.06
N GLN Q 210 -26.94 25.28 -6.24
CA GLN Q 210 -25.60 25.04 -6.76
C GLN Q 210 -24.57 25.81 -5.93
N GLN Q 211 -23.45 25.13 -5.63
CA GLN Q 211 -22.43 25.74 -4.80
C GLN Q 211 -21.84 26.97 -5.48
N SER Q 212 -21.65 26.91 -6.80
CA SER Q 212 -21.08 28.04 -7.53
C SER Q 212 -22.04 29.23 -7.58
N GLU Q 213 -23.34 29.01 -7.36
CA GLU Q 213 -24.30 30.10 -7.49
C GLU Q 213 -24.21 31.05 -6.31
N LEU Q 214 -24.05 30.51 -5.10
CA LEU Q 214 -23.87 31.31 -3.89
C LEU Q 214 -22.40 31.32 -3.51
N LYS Q 215 -21.66 32.20 -4.16
CA LYS Q 215 -20.23 32.39 -3.93
C LYS Q 215 -19.99 33.80 -3.39
N TRP Q 216 -19.09 33.91 -2.41
CA TRP Q 216 -18.81 35.17 -1.75
C TRP Q 216 -20.04 35.71 -1.01
N THR Q 217 -20.91 34.81 -0.59
CA THR Q 217 -22.08 35.13 0.20
C THR Q 217 -21.98 34.43 1.55
N LYS Q 218 -23.06 34.48 2.33
CA LYS Q 218 -23.08 33.80 3.61
C LYS Q 218 -22.68 32.34 3.47
N TYR Q 219 -23.27 31.65 2.50
CA TYR Q 219 -23.03 30.24 2.26
C TYR Q 219 -21.95 30.04 1.20
N HIS Q 220 -20.78 30.64 1.40
CA HIS Q 220 -19.77 30.68 0.33
C HIS Q 220 -19.49 29.27 -0.21
N MET Q 221 -19.32 28.29 0.67
CA MET Q 221 -19.00 26.94 0.25
C MET Q 221 -19.90 25.90 0.91
N LYS Q 222 -21.01 26.33 1.50
CA LYS Q 222 -21.96 25.41 2.15
C LYS Q 222 -23.33 25.62 1.51
N SER Q 223 -23.55 24.97 0.37
CA SER Q 223 -24.84 25.02 -0.29
C SER Q 223 -25.89 24.15 0.40
N TYR Q 224 -25.47 23.29 1.32
CA TYR Q 224 -26.39 22.44 2.08
C TYR Q 224 -26.90 23.12 3.33
N GLU Q 225 -26.55 24.39 3.55
CA GLU Q 225 -27.05 25.15 4.68
C GLU Q 225 -27.87 26.36 4.25
N ALA Q 226 -28.02 26.60 2.95
CA ALA Q 226 -28.81 27.72 2.48
C ALA Q 226 -30.27 27.53 2.85
N ASP Q 227 -30.93 28.64 3.21
CA ASP Q 227 -32.33 28.57 3.57
C ASP Q 227 -33.18 28.22 2.35
N PRO Q 228 -34.39 27.69 2.56
CA PRO Q 228 -35.25 27.39 1.40
C PRO Q 228 -35.54 28.60 0.54
N LEU Q 229 -35.70 29.78 1.14
CA LEU Q 229 -35.94 30.98 0.35
C LEU Q 229 -34.73 31.30 -0.53
N THR Q 230 -33.52 31.17 0.02
CA THR Q 230 -32.32 31.40 -0.78
C THR Q 230 -32.21 30.38 -1.90
N THR Q 231 -32.54 29.11 -1.61
CA THR Q 231 -32.50 28.08 -2.65
C THR Q 231 -33.48 28.43 -3.78
N LEU Q 232 -34.69 28.83 -3.41
CA LEU Q 232 -35.69 29.20 -4.41
C LEU Q 232 -35.24 30.39 -5.23
N PHE Q 233 -34.69 31.41 -4.57
CA PHE Q 233 -34.23 32.61 -5.26
C PHE Q 233 -33.10 32.28 -6.23
N ILE Q 234 -32.15 31.46 -5.80
CA ILE Q 234 -31.03 31.10 -6.67
C ILE Q 234 -31.51 30.27 -7.85
N LYS Q 235 -32.43 29.34 -7.61
CA LYS Q 235 -33.00 28.56 -8.71
C LYS Q 235 -33.67 29.49 -9.72
N ALA Q 236 -34.48 30.43 -9.24
CA ALA Q 236 -35.12 31.35 -10.15
C ALA Q 236 -34.11 32.20 -10.90
N ARG Q 237 -33.01 32.56 -10.25
CA ARG Q 237 -31.97 33.32 -10.94
C ARG Q 237 -31.36 32.52 -12.08
N VAL Q 238 -31.07 31.24 -11.83
CA VAL Q 238 -30.46 30.44 -12.89
C VAL Q 238 -31.45 30.22 -14.04
N MET Q 239 -32.75 30.08 -13.73
CA MET Q 239 -33.73 30.05 -14.82
C MET Q 239 -33.78 31.37 -15.58
N ALA Q 240 -33.71 32.49 -14.86
CA ALA Q 240 -33.81 33.79 -15.51
C ALA Q 240 -32.64 34.04 -16.44
N PHE Q 241 -31.44 33.66 -16.02
CA PHE Q 241 -30.23 34.02 -16.76
C PHE Q 241 -29.97 33.09 -17.95
N GLN Q 242 -30.88 32.19 -18.27
CA GLN Q 242 -30.77 31.44 -19.52
C GLN Q 242 -31.19 32.28 -20.72
N ASP Q 243 -32.15 33.19 -20.55
CA ASP Q 243 -32.68 33.98 -21.65
C ASP Q 243 -31.72 35.14 -21.92
N ILE Q 244 -30.62 34.81 -22.59
CA ILE Q 244 -29.60 35.82 -22.90
C ILE Q 244 -30.17 36.93 -23.77
N PRO Q 245 -30.98 36.66 -24.80
CA PRO Q 245 -31.33 37.75 -25.73
C PRO Q 245 -31.95 38.97 -25.07
N ASN Q 246 -32.76 38.79 -24.03
CA ASN Q 246 -33.36 39.91 -23.30
C ASN Q 246 -32.93 39.82 -21.85
N LEU Q 247 -31.74 40.36 -21.57
CA LEU Q 247 -31.23 40.55 -20.22
C LEU Q 247 -30.72 41.97 -20.11
N PHE Q 248 -31.15 42.69 -19.08
CA PHE Q 248 -30.76 44.08 -18.93
C PHE Q 248 -29.30 44.15 -18.52
N ALA Q 249 -28.44 44.64 -19.42
CA ALA Q 249 -27.05 44.83 -19.08
C ALA Q 249 -26.89 46.05 -18.17
N LEU Q 250 -26.22 45.85 -17.04
CA LEU Q 250 -26.09 46.92 -16.07
C LEU Q 250 -25.35 48.10 -16.70
N PRO Q 251 -25.88 49.32 -16.62
CA PRO Q 251 -25.17 50.45 -17.20
C PRO Q 251 -23.81 50.66 -16.53
N GLN Q 252 -22.84 51.07 -17.33
CA GLN Q 252 -21.51 51.33 -16.80
C GLN Q 252 -21.54 52.61 -15.97
N PRO Q 253 -21.00 52.61 -14.75
CA PRO Q 253 -21.08 53.81 -13.93
C PRO Q 253 -20.22 54.94 -14.48
N ASN Q 254 -20.68 56.16 -14.24
CA ASN Q 254 -19.91 57.35 -14.59
C ASN Q 254 -19.07 57.73 -13.38
N MET Q 255 -17.79 57.36 -13.41
CA MET Q 255 -16.92 57.61 -12.26
C MET Q 255 -16.70 59.09 -12.02
N GLU Q 256 -17.00 59.94 -13.00
CA GLU Q 256 -16.83 61.39 -12.81
C GLU Q 256 -17.75 61.91 -11.71
N GLU Q 257 -18.98 61.39 -11.66
CA GLU Q 257 -19.97 61.86 -10.69
C GLU Q 257 -19.80 61.11 -9.37
N MET Q 258 -18.68 61.39 -8.72
CA MET Q 258 -18.38 60.87 -7.39
C MET Q 258 -18.17 62.05 -6.44
N VAL Q 259 -18.85 62.01 -5.30
CA VAL Q 259 -18.78 63.09 -4.33
C VAL Q 259 -18.56 62.48 -2.95
N PRO Q 260 -18.00 63.26 -2.02
CA PRO Q 260 -17.79 62.74 -0.66
C PRO Q 260 -19.11 62.35 -0.01
N VAL Q 261 -19.03 61.37 0.89
CA VAL Q 261 -20.24 60.87 1.55
C VAL Q 261 -20.96 62.00 2.27
N GLU Q 262 -20.21 62.90 2.91
CA GLU Q 262 -20.83 64.03 3.59
C GLU Q 262 -21.60 64.90 2.60
N GLU Q 263 -21.03 65.13 1.42
CA GLU Q 263 -21.68 65.94 0.41
C GLU Q 263 -22.80 65.17 -0.27
N TYR Q 267 -32.94 65.25 1.10
CA TYR Q 267 -33.33 64.22 0.15
C TYR Q 267 -34.04 63.07 0.89
N THR Q 268 -34.61 62.14 0.12
CA THR Q 268 -35.31 60.99 0.68
C THR Q 268 -34.89 59.73 -0.08
N LYS Q 269 -34.94 58.61 0.62
CA LYS Q 269 -34.60 57.33 -0.01
C LYS Q 269 -35.54 57.02 -1.16
N GLN Q 270 -36.85 57.27 -0.97
CA GLN Q 270 -37.81 57.07 -2.05
C GLN Q 270 -37.50 57.99 -3.21
N GLU Q 271 -37.15 59.25 -2.92
CA GLU Q 271 -36.85 60.20 -3.99
C GLU Q 271 -35.64 59.74 -4.80
N TYR Q 272 -34.60 59.24 -4.11
CA TYR Q 272 -33.42 58.77 -4.82
C TYR Q 272 -33.74 57.52 -5.64
N THR Q 273 -34.59 56.64 -5.11
CA THR Q 273 -35.03 55.49 -5.88
C THR Q 273 -35.76 55.93 -7.15
N THR Q 274 -36.65 56.92 -7.02
CA THR Q 274 -37.37 57.42 -8.19
C THR Q 274 -36.43 58.03 -9.20
N ARG Q 275 -35.44 58.80 -8.74
CA ARG Q 275 -34.46 59.39 -9.66
C ARG Q 275 -33.66 58.31 -10.36
N LEU Q 276 -33.26 57.27 -9.63
CA LEU Q 276 -32.58 56.15 -10.25
C LEU Q 276 -33.45 55.50 -11.31
N MET Q 277 -34.77 55.47 -11.06
CA MET Q 277 -35.65 54.80 -12.01
C MET Q 277 -35.80 55.64 -13.28
N GLU Q 278 -35.85 56.96 -13.12
CA GLU Q 278 -35.84 57.83 -14.29
C GLU Q 278 -34.55 57.64 -15.09
N ALA Q 279 -33.42 57.55 -14.40
CA ALA Q 279 -32.15 57.33 -15.09
C ALA Q 279 -32.16 56.00 -15.84
N LEU Q 280 -32.68 54.95 -15.20
CA LEU Q 280 -32.75 53.64 -15.85
C LEU Q 280 -33.64 53.68 -17.08
N LYS Q 281 -34.78 54.36 -16.99
CA LYS Q 281 -35.66 54.46 -18.16
C LYS Q 281 -34.97 55.23 -19.29
N ARG Q 282 -34.24 56.30 -18.95
CA ARG Q 282 -33.49 57.03 -19.96
C ARG Q 282 -32.46 56.13 -20.63
N VAL Q 283 -31.77 55.31 -19.83
CA VAL Q 283 -30.78 54.40 -20.38
C VAL Q 283 -31.44 53.39 -21.32
N GLN Q 284 -32.60 52.86 -20.92
CA GLN Q 284 -33.30 51.90 -21.76
C GLN Q 284 -33.74 52.54 -23.08
N ASP Q 285 -34.26 53.77 -23.02
CA ASP Q 285 -34.65 54.45 -24.25
C ASP Q 285 -33.45 54.68 -25.16
N ASP Q 286 -32.33 55.10 -24.58
CA ASP Q 286 -31.12 55.30 -25.39
C ASP Q 286 -30.67 53.99 -26.03
N ARG Q 287 -30.71 52.90 -25.26
CA ARG Q 287 -30.33 51.60 -25.81
C ARG Q 287 -31.25 51.20 -26.97
N LYS Q 288 -32.56 51.41 -26.79
CA LYS Q 288 -33.49 51.06 -27.86
C LYS Q 288 -33.20 51.86 -29.12
N ALA Q 289 -32.96 53.16 -28.98
CA ALA Q 289 -32.66 53.99 -30.14
C ALA Q 289 -31.37 53.53 -30.82
N LYS Q 290 -30.33 53.27 -30.02
CA LYS Q 290 -29.05 52.87 -30.58
C LYS Q 290 -29.17 51.56 -31.34
N GLU Q 291 -29.90 50.60 -30.77
CA GLU Q 291 -30.02 49.30 -31.44
C GLU Q 291 -30.90 49.40 -32.68
N ALA Q 292 -31.95 50.22 -32.63
CA ALA Q 292 -32.84 50.37 -33.78
C ALA Q 292 -32.19 51.17 -34.90
N LYS Q 293 -31.14 51.93 -34.60
CA LYS Q 293 -30.44 52.66 -35.66
C LYS Q 293 -30.07 51.75 -36.83
N SER Q 294 -29.47 50.60 -36.52
CA SER Q 294 -29.01 49.66 -37.53
C SER Q 294 -29.57 48.27 -37.23
N LEU Q 295 -30.75 47.99 -37.77
CA LEU Q 295 -31.37 46.68 -37.63
C LEU Q 295 -32.55 46.54 -38.57
N PRO R 49 -61.42 10.36 -6.05
CA PRO R 49 -60.79 9.87 -7.29
C PRO R 49 -59.30 9.56 -7.10
N TRP R 50 -58.72 8.87 -8.07
CA TRP R 50 -57.31 8.49 -8.01
C TRP R 50 -56.45 9.66 -8.46
N VAL R 51 -55.69 10.24 -7.53
CA VAL R 51 -54.86 11.39 -7.88
C VAL R 51 -53.69 10.98 -8.78
N GLY R 52 -53.03 9.87 -8.45
CA GLY R 52 -51.83 9.46 -9.14
C GLY R 52 -52.09 8.46 -10.24
N PRO R 53 -51.04 7.76 -10.67
CA PRO R 53 -51.22 6.71 -11.67
C PRO R 53 -51.95 5.51 -11.10
N LYS R 54 -52.54 4.72 -12.00
CA LYS R 54 -53.25 3.52 -11.58
C LYS R 54 -52.29 2.51 -10.96
N LYS R 55 -52.80 1.76 -9.98
CA LYS R 55 -52.01 0.71 -9.37
C LYS R 55 -51.62 -0.33 -10.41
N GLY R 56 -50.36 -0.75 -10.38
CA GLY R 56 -49.84 -1.75 -11.28
C GLY R 56 -49.36 -1.21 -12.61
N SER R 57 -49.70 0.03 -12.96
CA SER R 57 -49.25 0.61 -14.21
C SER R 57 -47.77 0.96 -14.13
N TRP R 58 -47.14 1.03 -15.30
CA TRP R 58 -45.72 1.33 -15.40
C TRP R 58 -45.53 2.84 -15.51
N VAL R 59 -44.61 3.37 -14.70
CA VAL R 59 -44.31 4.79 -14.65
C VAL R 59 -42.81 4.97 -14.79
N LYS R 60 -42.41 5.98 -15.57
CA LYS R 60 -41.01 6.33 -15.76
C LYS R 60 -40.60 7.34 -14.70
N VAL R 61 -39.52 7.03 -13.98
CA VAL R 61 -39.08 7.86 -12.87
C VAL R 61 -38.34 9.07 -13.42
N LEU R 62 -38.73 10.26 -12.95
CA LEU R 62 -38.15 11.52 -13.39
C LEU R 62 -37.36 12.23 -12.30
N ARG R 63 -36.96 11.50 -11.25
CA ARG R 63 -36.17 12.09 -10.18
C ARG R 63 -34.69 11.97 -10.55
N PRO R 64 -34.00 13.07 -10.81
CA PRO R 64 -32.62 12.96 -11.35
C PRO R 64 -31.67 12.19 -10.44
N GLU R 65 -31.84 12.28 -9.12
CA GLU R 65 -30.94 11.60 -8.19
C GLU R 65 -31.33 10.15 -7.94
N SER R 66 -32.41 9.67 -8.54
CA SER R 66 -32.87 8.31 -8.33
C SER R 66 -31.99 7.33 -9.09
N TYR R 67 -31.75 6.17 -8.47
CA TYR R 67 -31.00 5.11 -9.14
C TYR R 67 -31.73 4.63 -10.39
N TRP R 68 -33.05 4.80 -10.44
CA TRP R 68 -33.87 4.37 -11.55
C TRP R 68 -34.33 5.55 -12.40
N TYR R 69 -33.56 6.63 -12.42
CA TYR R 69 -33.94 7.81 -13.18
C TYR R 69 -34.08 7.46 -14.66
N GLN R 70 -35.19 7.89 -15.26
CA GLN R 70 -35.53 7.70 -16.66
C GLN R 70 -35.87 6.26 -17.00
N THR R 71 -35.79 5.33 -16.05
CA THR R 71 -36.24 3.96 -16.23
C THR R 71 -37.61 3.80 -15.59
N ARG R 72 -38.25 2.67 -15.89
CA ARG R 72 -39.64 2.43 -15.54
C ARG R 72 -39.77 1.44 -14.40
N GLY R 73 -40.76 1.68 -13.55
CA GLY R 73 -41.14 0.75 -12.50
C GLY R 73 -42.65 0.60 -12.46
N GLN R 74 -43.11 -0.26 -11.57
CA GLN R 74 -44.53 -0.53 -11.40
C GLN R 74 -45.07 0.19 -10.17
N VAL R 75 -46.20 0.87 -10.33
CA VAL R 75 -46.81 1.62 -9.24
C VAL R 75 -47.38 0.64 -8.22
N VAL R 76 -46.68 0.46 -7.10
CA VAL R 76 -47.17 -0.44 -6.06
C VAL R 76 -48.44 0.11 -5.44
N ASN R 77 -48.45 1.40 -5.11
CA ASN R 77 -49.59 2.03 -4.49
C ASN R 77 -49.40 3.54 -4.53
N VAL R 78 -50.49 4.27 -4.32
CA VAL R 78 -50.49 5.72 -4.27
C VAL R 78 -51.28 6.15 -3.04
N ASN R 79 -50.68 7.04 -2.24
CA ASN R 79 -51.35 7.55 -1.05
C ASN R 79 -52.31 8.66 -1.46
N GLN R 80 -53.60 8.48 -1.15
CA GLN R 80 -54.61 9.46 -1.51
C GLN R 80 -54.65 10.65 -0.55
N LYS R 81 -53.93 10.58 0.57
CA LYS R 81 -53.90 11.70 1.49
C LYS R 81 -53.27 12.91 0.81
N PRO R 82 -53.92 14.09 0.82
CA PRO R 82 -53.29 15.26 0.18
C PRO R 82 -52.05 15.76 0.90
N GLU R 83 -51.79 15.30 2.13
CA GLU R 83 -50.66 15.78 2.91
C GLU R 83 -49.38 14.98 2.67
N ILE R 84 -49.41 14.00 1.78
CA ILE R 84 -48.23 13.19 1.49
C ILE R 84 -47.47 13.84 0.34
N LYS R 85 -46.21 14.19 0.59
CA LYS R 85 -45.40 14.83 -0.45
C LYS R 85 -44.98 13.83 -1.52
N TYR R 86 -44.73 12.58 -1.11
CA TYR R 86 -44.25 11.53 -2.02
C TYR R 86 -45.16 10.32 -1.88
N PRO R 87 -46.39 10.42 -2.39
CA PRO R 87 -47.34 9.31 -2.20
C PRO R 87 -47.05 8.09 -3.05
N VAL R 88 -46.71 8.29 -4.33
CA VAL R 88 -46.60 7.16 -5.24
C VAL R 88 -45.52 6.21 -4.75
N THR R 89 -45.76 4.91 -4.87
CA THR R 89 -44.79 3.89 -4.52
C THR R 89 -44.51 3.06 -5.76
N VAL R 90 -43.23 3.00 -6.15
CA VAL R 90 -42.82 2.32 -7.37
C VAL R 90 -41.76 1.29 -7.02
N LYS R 91 -41.92 0.08 -7.53
CA LYS R 91 -40.96 -1.00 -7.34
C LYS R 91 -40.30 -1.32 -8.68
N PHE R 92 -39.01 -1.61 -8.64
CA PHE R 92 -38.22 -1.88 -9.84
C PHE R 92 -37.52 -3.21 -9.68
N ASP R 93 -37.36 -3.92 -10.81
CA ASP R 93 -36.70 -5.23 -10.77
C ASP R 93 -35.21 -5.13 -10.51
N ARG R 94 -34.62 -3.95 -10.72
CA ARG R 94 -33.18 -3.74 -10.52
C ARG R 94 -32.97 -3.05 -9.18
N VAL R 95 -32.34 -3.76 -8.24
CA VAL R 95 -32.04 -3.18 -6.95
C VAL R 95 -30.92 -2.16 -7.09
N ASN R 96 -31.02 -1.07 -6.34
CA ASN R 96 -30.01 -0.02 -6.39
C ASN R 96 -28.79 -0.46 -5.60
N PHE R 97 -27.84 0.46 -5.39
CA PHE R 97 -26.60 0.10 -4.71
C PHE R 97 -26.85 -0.38 -3.29
N SER R 98 -27.89 0.16 -2.64
CA SER R 98 -28.26 -0.26 -1.29
C SER R 98 -29.15 -1.50 -1.28
N ASN R 99 -29.27 -2.20 -2.41
CA ASN R 99 -30.09 -3.40 -2.52
C ASN R 99 -31.55 -3.12 -2.18
N VAL R 100 -32.02 -1.93 -2.54
CA VAL R 100 -33.40 -1.51 -2.29
C VAL R 100 -34.17 -1.61 -3.60
N ASN R 101 -35.36 -2.19 -3.54
CA ASN R 101 -36.16 -2.47 -4.72
C ASN R 101 -37.25 -1.44 -4.98
N THR R 102 -37.82 -0.85 -3.93
CA THR R 102 -38.93 0.08 -4.06
C THR R 102 -38.55 1.45 -3.53
N ASN R 103 -39.33 2.45 -3.93
CA ASN R 103 -39.12 3.81 -3.46
C ASN R 103 -40.43 4.58 -3.57
N GLY R 104 -40.44 5.75 -2.93
CA GLY R 104 -41.58 6.65 -2.97
C GLY R 104 -41.25 7.89 -3.77
N PHE R 105 -42.17 8.28 -4.65
CA PHE R 105 -42.02 9.40 -5.54
C PHE R 105 -43.25 10.30 -5.46
N ALA R 106 -43.04 11.58 -5.75
CA ALA R 106 -44.15 12.52 -5.81
C ALA R 106 -44.85 12.42 -7.16
N LEU R 107 -46.04 13.02 -7.24
CA LEU R 107 -46.84 12.93 -8.46
C LEU R 107 -46.14 13.57 -9.65
N TRP R 108 -45.22 14.50 -9.42
CA TRP R 108 -44.49 15.15 -10.49
C TRP R 108 -43.17 14.47 -10.82
N GLU R 109 -42.80 13.42 -10.10
CA GLU R 109 -41.56 12.69 -10.35
C GLU R 109 -41.80 11.39 -11.10
N VAL R 110 -43.04 11.08 -11.49
CA VAL R 110 -43.37 9.88 -12.22
C VAL R 110 -44.35 10.22 -13.32
N ILE R 111 -44.12 9.66 -14.51
CA ILE R 111 -45.03 9.82 -15.65
C ILE R 111 -45.37 8.44 -16.17
N GLU R 112 -46.53 8.33 -16.82
CA GLU R 112 -47.01 7.04 -17.28
C GLU R 112 -46.24 6.62 -18.53
N ALA R 113 -45.79 5.38 -18.55
CA ALA R 113 -45.01 4.85 -19.65
C ALA R 113 -45.43 3.42 -19.93
N PRO R 114 -45.21 2.91 -21.13
CA PRO R 114 -45.52 1.52 -21.44
C PRO R 114 -44.58 0.57 -20.70
N ALA R 115 -45.02 -0.68 -20.58
CA ALA R 115 -44.20 -1.68 -19.93
C ALA R 115 -42.90 -1.88 -20.72
N PRO R 116 -41.77 -2.12 -20.05
CA PRO R 116 -40.53 -2.33 -20.79
C PRO R 116 -40.62 -3.51 -21.74
N GLY R 117 -39.99 -3.37 -22.90
CA GLY R 117 -39.93 -4.43 -23.87
C GLY R 117 -38.75 -5.34 -23.61
N PRO R 118 -38.44 -6.21 -24.58
CA PRO R 118 -37.26 -7.08 -24.43
C PRO R 118 -35.98 -6.28 -24.54
N GLY R 119 -35.12 -6.44 -23.53
CA GLY R 119 -33.84 -5.75 -23.51
C GLY R 119 -33.91 -4.29 -23.14
N GLU R 120 -35.04 -3.82 -22.61
CA GLU R 120 -35.22 -2.43 -22.23
C GLU R 120 -35.32 -2.32 -20.71
N VAL R 121 -34.75 -1.26 -20.16
CA VAL R 121 -34.76 -1.04 -18.72
C VAL R 121 -35.87 -0.06 -18.35
N ASN S 111 6.79 8.56 -55.07
CA ASN S 111 6.58 9.54 -56.18
C ASN S 111 5.71 8.95 -57.28
N THR S 112 5.31 7.69 -57.12
CA THR S 112 4.51 6.98 -58.10
C THR S 112 3.42 6.19 -57.39
N PRO S 113 2.26 6.00 -58.04
CA PRO S 113 1.25 5.13 -57.43
C PRO S 113 1.74 3.71 -57.17
N GLU S 114 2.71 3.24 -57.96
CA GLU S 114 3.23 1.90 -57.76
C GLU S 114 3.88 1.75 -56.40
N HIS S 115 4.54 2.82 -55.91
CA HIS S 115 5.21 2.77 -54.62
C HIS S 115 4.24 2.68 -53.44
N TRP S 116 2.94 2.89 -53.67
CA TRP S 116 1.97 2.78 -52.58
C TRP S 116 2.01 1.41 -51.92
N THR S 117 2.22 0.37 -52.73
CA THR S 117 2.28 -0.98 -52.18
C THR S 117 3.46 -1.12 -51.22
N ILE S 118 3.25 -1.89 -50.15
CA ILE S 118 4.31 -2.13 -49.18
C ILE S 118 5.45 -2.93 -49.80
N LYS S 119 5.20 -3.65 -50.89
CA LYS S 119 6.25 -4.43 -51.53
C LYS S 119 7.39 -3.53 -51.99
N ALA S 120 7.06 -2.38 -52.57
CA ALA S 120 8.07 -1.46 -53.08
C ALA S 120 8.43 -0.45 -51.99
N SER S 121 9.18 -0.93 -51.01
CA SER S 121 9.69 -0.11 -49.93
C SER S 121 11.17 -0.39 -49.74
N LYS S 122 11.92 0.65 -49.39
CA LYS S 122 13.36 0.55 -49.26
C LYS S 122 13.82 -0.02 -47.92
N ARG S 123 12.93 -0.07 -46.91
CA ARG S 123 13.29 -0.57 -45.60
C ARG S 123 13.01 -2.07 -45.43
N LEU S 124 12.44 -2.71 -46.45
CA LEU S 124 12.08 -4.12 -46.38
C LEU S 124 12.68 -4.86 -47.56
N GLU S 125 12.83 -6.18 -47.38
CA GLU S 125 13.32 -7.05 -48.44
C GLU S 125 12.70 -8.42 -48.26
N LEU S 126 12.66 -9.17 -49.36
CA LEU S 126 12.17 -10.55 -49.29
C LEU S 126 13.07 -11.38 -48.38
N CYS S 127 12.46 -12.20 -47.55
CA CYS S 127 13.23 -12.92 -46.53
C CYS S 127 14.17 -13.94 -47.15
N LYS S 128 13.76 -14.59 -48.23
CA LYS S 128 14.64 -15.56 -48.88
C LYS S 128 15.92 -14.91 -49.38
N ASP S 129 15.92 -13.59 -49.57
CA ASP S 129 17.09 -12.85 -50.03
C ASP S 129 17.72 -12.00 -48.94
N ASN S 130 17.34 -12.20 -47.68
CA ASN S 130 17.80 -11.37 -46.57
C ASN S 130 18.90 -12.10 -45.81
N LYS S 131 20.08 -11.48 -45.78
CA LYS S 131 21.22 -12.09 -45.09
C LYS S 131 20.94 -12.26 -43.60
N ALA S 132 20.32 -11.24 -42.98
CA ALA S 132 20.03 -11.33 -41.55
C ALA S 132 19.04 -12.46 -41.26
N TYR S 133 18.01 -12.59 -42.08
CA TYR S 133 17.05 -13.67 -41.90
C TYR S 133 17.72 -15.03 -42.05
N LYS S 134 18.55 -15.18 -43.08
CA LYS S 134 19.27 -16.43 -43.29
C LYS S 134 20.18 -16.74 -42.10
N LYS S 135 20.90 -15.73 -41.60
CA LYS S 135 21.80 -15.94 -40.47
C LYS S 135 21.02 -16.33 -39.21
N LYS S 136 19.87 -15.72 -38.98
CA LYS S 136 19.12 -16.01 -37.77
C LYS S 136 18.67 -17.42 -37.80
N PHE S 137 18.10 -17.85 -38.91
CA PHE S 137 17.63 -19.24 -39.04
C PHE S 137 18.75 -20.24 -38.96
N LYS S 138 19.90 -19.91 -39.54
CA LYS S 138 21.06 -20.78 -39.50
C LYS S 138 21.52 -20.94 -38.08
N ASP S 139 21.42 -19.89 -37.29
CA ASP S 139 21.81 -19.95 -35.89
C ASP S 139 20.83 -20.74 -35.08
N GLU S 140 19.54 -20.57 -35.34
CA GLU S 140 18.54 -21.40 -34.67
C GLU S 140 18.74 -22.87 -34.97
N LEU S 141 19.00 -23.21 -36.24
CA LEU S 141 19.24 -24.60 -36.61
C LEU S 141 20.49 -25.15 -35.94
N TYR S 142 21.55 -24.34 -35.88
CA TYR S 142 22.77 -24.79 -35.21
C TYR S 142 22.52 -25.04 -33.74
N LYS S 143 21.77 -24.16 -33.08
CA LYS S 143 21.47 -24.37 -31.67
C LYS S 143 20.67 -25.65 -31.46
N THR S 144 19.65 -25.87 -32.31
CA THR S 144 18.84 -27.08 -32.16
C THR S 144 19.69 -28.33 -32.39
N GLU S 145 20.55 -28.33 -33.41
CA GLU S 145 21.38 -29.49 -33.67
C GLU S 145 22.36 -29.73 -32.52
N LYS S 146 22.95 -28.66 -31.97
CA LYS S 146 23.87 -28.82 -30.86
C LYS S 146 23.16 -29.40 -29.64
N GLN S 147 21.93 -28.92 -29.37
CA GLN S 147 21.16 -29.50 -28.28
C GLN S 147 20.85 -30.97 -28.54
N GLN S 148 20.54 -31.31 -29.79
CA GLN S 148 20.22 -32.70 -30.13
C GLN S 148 21.43 -33.61 -29.93
N LYS S 149 22.62 -33.13 -30.28
CA LYS S 149 23.80 -33.98 -30.25
C LYS S 149 24.08 -34.53 -28.85
N LYS S 150 23.58 -33.89 -27.80
CA LYS S 150 23.88 -34.34 -26.44
C LYS S 150 23.31 -35.72 -26.17
N TYR S 151 22.09 -35.98 -26.66
CA TYR S 151 21.41 -37.23 -26.37
C TYR S 151 21.87 -38.33 -27.33
N ALA S 152 21.52 -39.58 -26.98
CA ALA S 152 21.91 -40.72 -27.78
C ALA S 152 21.14 -40.74 -29.11
N THR S 153 21.73 -41.42 -30.09
CA THR S 153 21.20 -41.36 -31.45
C THR S 153 19.80 -41.95 -31.54
N GLY S 154 19.56 -43.08 -30.89
CA GLY S 154 18.30 -43.78 -31.04
C GLY S 154 17.25 -43.39 -30.02
N SER S 155 17.43 -42.23 -29.39
CA SER S 155 16.55 -41.82 -28.31
C SER S 155 15.26 -41.19 -28.84
N ALA S 156 14.20 -41.33 -28.05
CA ALA S 156 12.96 -40.64 -28.36
C ALA S 156 13.18 -39.14 -28.40
N VAL S 157 14.02 -38.62 -27.51
CA VAL S 157 14.36 -37.19 -27.56
C VAL S 157 15.09 -36.86 -28.84
N TYR S 158 15.92 -37.79 -29.33
CA TYR S 158 16.57 -37.59 -30.63
C TYR S 158 15.55 -37.49 -31.75
N ALA S 159 14.54 -38.36 -31.73
CA ALA S 159 13.50 -38.28 -32.75
C ALA S 159 12.73 -36.97 -32.64
N ARG S 160 12.43 -36.54 -31.42
CA ARG S 160 11.73 -35.27 -31.23
C ARG S 160 12.55 -34.11 -31.76
N PHE S 161 13.87 -34.14 -31.54
CA PHE S 161 14.72 -33.08 -32.05
C PHE S 161 14.78 -33.10 -33.56
N ASN S 162 14.77 -34.29 -34.17
CA ASN S 162 14.67 -34.36 -35.63
C ASN S 162 13.38 -33.72 -36.11
N LYS S 163 12.27 -33.99 -35.41
CA LYS S 163 11.00 -33.35 -35.76
C LYS S 163 11.09 -31.83 -35.64
N LYS S 164 11.73 -31.34 -34.58
CA LYS S 164 11.85 -29.90 -34.38
C LYS S 164 12.71 -29.27 -35.47
N ILE S 165 13.79 -29.96 -35.87
CA ILE S 165 14.64 -29.45 -36.95
C ILE S 165 13.83 -29.37 -38.24
N ALA S 166 13.03 -30.41 -38.53
CA ALA S 166 12.17 -30.37 -39.70
C ALA S 166 11.20 -29.20 -39.61
N GLN S 167 10.61 -28.98 -38.43
CA GLN S 167 9.70 -27.85 -38.27
C GLN S 167 10.40 -26.54 -38.58
N ILE S 168 11.63 -26.38 -38.09
CA ILE S 168 12.37 -25.14 -38.34
C ILE S 168 12.64 -24.96 -39.83
N LYS S 169 13.02 -26.03 -40.53
CA LYS S 169 13.30 -25.91 -41.96
C LYS S 169 12.04 -25.56 -42.74
N ASN S 170 10.92 -26.22 -42.44
CA ASN S 170 9.66 -25.86 -43.08
C ASN S 170 9.25 -24.43 -42.77
N ARG S 171 9.48 -23.98 -41.53
CA ARG S 171 9.17 -22.60 -41.19
C ARG S 171 10.01 -21.63 -42.01
N GLN S 172 11.30 -21.93 -42.18
CA GLN S 172 12.15 -21.08 -43.00
C GLN S 172 11.64 -21.03 -44.43
N GLU S 173 11.31 -22.20 -45.00
CA GLU S 173 10.83 -22.23 -46.37
C GLU S 173 9.54 -21.42 -46.52
N ALA S 174 8.61 -21.59 -45.57
CA ALA S 174 7.34 -20.87 -45.65
C ALA S 174 7.54 -19.37 -45.51
N TYR S 175 8.41 -18.94 -44.60
CA TYR S 175 8.60 -17.52 -44.33
C TYR S 175 9.52 -16.85 -45.34
N GLY S 176 10.20 -17.61 -46.18
CA GLY S 176 11.08 -16.99 -47.17
C GLY S 176 10.36 -15.99 -48.06
N ASP S 177 9.06 -16.21 -48.31
CA ASP S 177 8.32 -15.32 -49.19
C ASP S 177 7.95 -14.00 -48.53
N ARG S 178 7.81 -13.99 -47.20
CA ARG S 178 7.35 -12.79 -46.51
C ARG S 178 8.44 -11.71 -46.51
N LEU S 179 8.00 -10.46 -46.41
CA LEU S 179 8.92 -9.34 -46.30
C LEU S 179 9.51 -9.27 -44.89
N CYS S 180 10.73 -8.74 -44.81
CA CYS S 180 11.37 -8.52 -43.52
C CYS S 180 12.40 -7.40 -43.66
N GLY S 181 12.62 -6.70 -42.54
CA GLY S 181 13.54 -5.59 -42.56
C GLY S 181 14.96 -6.01 -42.87
N LYS S 182 15.70 -5.13 -43.55
CA LYS S 182 17.06 -5.43 -43.93
C LYS S 182 17.95 -5.62 -42.71
N GLN S 183 17.79 -4.76 -41.70
CA GLN S 183 18.74 -4.75 -40.58
C GLN S 183 18.61 -6.02 -39.74
N ASP S 184 17.39 -6.40 -39.37
CA ASP S 184 17.16 -7.53 -38.47
C ASP S 184 16.67 -8.78 -39.18
N GLY S 185 16.01 -8.64 -40.32
CA GLY S 185 15.57 -9.79 -41.08
C GLY S 185 14.55 -10.65 -40.36
N ASN S 186 13.54 -10.03 -39.78
CA ASN S 186 12.43 -10.74 -39.17
C ASN S 186 11.15 -10.48 -39.97
N PRO S 187 10.35 -11.50 -40.24
CA PRO S 187 9.15 -11.29 -41.09
C PRO S 187 8.22 -10.25 -40.49
N ARG S 188 7.63 -9.45 -41.36
CA ARG S 188 6.77 -8.34 -40.99
C ARG S 188 5.33 -8.63 -41.38
N VAL S 189 4.42 -7.96 -40.68
CA VAL S 189 2.98 -8.09 -40.92
C VAL S 189 2.51 -6.82 -41.61
N VAL S 190 1.88 -6.96 -42.76
CA VAL S 190 1.40 -5.82 -43.53
C VAL S 190 0.05 -5.38 -42.98
N ALA S 191 -0.05 -4.10 -42.62
CA ALA S 191 -1.28 -3.54 -42.06
C ALA S 191 -1.80 -2.36 -42.87
N THR S 192 -1.38 -2.24 -44.13
CA THR S 192 -1.88 -1.14 -44.97
C THR S 192 -3.32 -1.38 -45.39
N GLY S 193 -3.73 -2.64 -45.52
CA GLY S 193 -5.00 -2.99 -46.11
C GLY S 193 -4.90 -3.75 -47.41
N GLU S 194 -3.70 -4.11 -47.85
CA GLU S 194 -3.51 -4.88 -49.07
C GLU S 194 -3.85 -6.34 -48.81
N TRP S 195 -4.91 -6.82 -49.45
CA TRP S 195 -5.35 -8.21 -49.23
C TRP S 195 -4.39 -9.19 -49.88
N ASN S 196 -4.00 -8.93 -51.12
CA ASN S 196 -3.18 -9.87 -51.89
C ASN S 196 -1.70 -9.62 -51.62
N VAL S 197 -1.33 -9.88 -50.36
CA VAL S 197 0.05 -9.74 -49.92
C VAL S 197 0.29 -10.75 -48.80
N ARG S 198 1.48 -11.33 -48.76
CA ARG S 198 1.80 -12.31 -47.74
C ARG S 198 1.83 -11.66 -46.36
N ALA S 199 1.39 -12.41 -45.35
CA ALA S 199 1.32 -11.92 -43.98
C ALA S 199 0.43 -10.69 -43.87
N SER S 200 -0.64 -10.67 -44.68
CA SER S 200 -1.61 -9.59 -44.60
C SER S 200 -2.40 -9.70 -43.30
N VAL S 201 -2.74 -8.53 -42.72
CA VAL S 201 -3.54 -8.50 -41.51
C VAL S 201 -5.04 -8.56 -41.79
N MET S 202 -5.44 -8.38 -43.05
CA MET S 202 -6.87 -8.27 -43.35
C MET S 202 -7.60 -9.59 -43.13
N TRP S 203 -7.04 -10.70 -43.61
CA TRP S 203 -7.69 -11.99 -43.44
C TRP S 203 -7.90 -12.32 -41.97
N PRO S 204 -6.86 -12.33 -41.12
CA PRO S 204 -7.11 -12.56 -39.69
C PRO S 204 -8.04 -11.51 -39.10
N ALA S 205 -7.92 -10.25 -39.54
CA ALA S 205 -8.80 -9.21 -39.03
C ALA S 205 -10.25 -9.51 -39.37
N SER S 206 -10.52 -9.87 -40.63
CA SER S 206 -11.89 -10.12 -41.05
C SER S 206 -12.48 -11.33 -40.32
N ILE S 207 -11.71 -12.42 -40.25
CA ILE S 207 -12.24 -13.61 -39.60
C ILE S 207 -12.47 -13.37 -38.11
N PHE S 208 -11.54 -12.67 -37.45
CA PHE S 208 -11.75 -12.38 -36.04
C PHE S 208 -12.96 -11.47 -35.84
N LEU S 209 -13.12 -10.46 -36.69
CA LEU S 209 -14.27 -9.57 -36.54
C LEU S 209 -15.56 -10.35 -36.69
N TYR S 210 -15.62 -11.26 -37.66
CA TYR S 210 -16.81 -12.09 -37.82
C TYR S 210 -17.06 -12.93 -36.56
N THR S 211 -16.02 -13.57 -36.04
CA THR S 211 -16.19 -14.42 -34.87
C THR S 211 -16.60 -13.62 -33.65
N ALA S 212 -15.98 -12.46 -33.44
CA ALA S 212 -16.29 -11.63 -32.28
C ALA S 212 -17.71 -11.08 -32.36
N GLY S 213 -18.14 -10.65 -33.55
CA GLY S 213 -19.52 -10.26 -33.73
C GLY S 213 -20.47 -11.41 -33.49
N TRP S 214 -20.06 -12.62 -33.88
CA TRP S 214 -20.87 -13.81 -33.59
C TRP S 214 -21.06 -13.97 -32.09
N ILE S 215 -19.96 -13.87 -31.34
CA ILE S 215 -20.04 -14.03 -29.89
C ILE S 215 -20.94 -12.96 -29.28
N GLY S 216 -20.72 -11.70 -29.68
CA GLY S 216 -21.51 -10.62 -29.13
C GLY S 216 -22.99 -10.74 -29.47
N TRP S 217 -23.30 -11.15 -30.68
CA TRP S 217 -24.66 -11.23 -31.09
C TRP S 217 -25.32 -12.30 -30.35
N ALA S 218 -24.74 -13.50 -30.31
CA ALA S 218 -25.28 -14.58 -29.55
C ALA S 218 -25.60 -14.14 -28.19
N GLY S 219 -24.65 -13.52 -27.53
CA GLY S 219 -24.89 -13.16 -26.17
C GLY S 219 -25.98 -12.19 -25.94
N ARG S 220 -26.04 -11.17 -26.75
CA ARG S 220 -27.07 -10.18 -26.67
C ARG S 220 -28.38 -10.78 -26.92
N SER S 221 -28.47 -11.69 -27.86
CA SER S 221 -29.71 -12.39 -28.12
C SER S 221 -30.14 -13.25 -26.98
N TYR S 222 -29.25 -13.95 -26.30
CA TYR S 222 -29.67 -14.69 -25.13
C TYR S 222 -30.18 -13.74 -24.13
N LEU S 223 -29.50 -12.64 -23.88
CA LEU S 223 -29.95 -11.73 -22.84
C LEU S 223 -31.34 -11.19 -23.14
N ILE S 224 -31.58 -10.80 -24.40
CA ILE S 224 -32.90 -10.27 -24.77
C ILE S 224 -33.96 -11.33 -24.60
N ARG S 225 -33.68 -12.57 -25.02
CA ARG S 225 -34.69 -13.62 -24.93
C ARG S 225 -35.01 -13.97 -23.49
N THR S 226 -33.98 -14.04 -22.63
CA THR S 226 -34.22 -14.45 -21.24
C THR S 226 -34.80 -13.31 -20.42
N ASN S 227 -34.06 -12.21 -20.29
CA ASN S 227 -34.52 -11.07 -19.50
C ASN S 227 -34.85 -11.48 -18.07
N ASP S 228 -33.89 -12.11 -17.41
CA ASP S 228 -34.12 -12.59 -16.05
C ASP S 228 -32.78 -12.95 -15.40
N GLU S 229 -32.57 -12.46 -14.18
CA GLU S 229 -31.36 -12.80 -13.44
C GLU S 229 -31.30 -14.30 -13.15
N THR S 230 -32.45 -14.94 -12.95
CA THR S 230 -32.44 -16.38 -12.70
C THR S 230 -31.93 -17.14 -13.91
N LYS S 231 -32.35 -16.74 -15.11
CA LYS S 231 -31.83 -17.36 -16.32
C LYS S 231 -30.38 -17.00 -16.55
N GLU S 232 -29.97 -15.80 -16.14
CA GLU S 232 -28.56 -15.42 -16.23
C GLU S 232 -27.70 -16.32 -15.35
N LEU S 233 -28.19 -16.66 -14.16
CA LEU S 233 -27.42 -17.50 -13.25
C LEU S 233 -27.46 -18.96 -13.68
N ASN S 234 -28.65 -19.53 -13.83
CA ASN S 234 -28.83 -20.90 -14.27
C ASN S 234 -29.14 -20.85 -15.77
N ILE S 235 -28.13 -21.14 -16.59
CA ILE S 235 -28.26 -20.97 -18.02
C ILE S 235 -29.31 -21.92 -18.57
N ASP S 236 -30.16 -21.40 -19.46
CA ASP S 236 -31.11 -22.22 -20.21
C ASP S 236 -30.37 -22.78 -21.42
N VAL S 237 -29.65 -23.88 -21.17
CA VAL S 237 -28.67 -24.41 -22.12
C VAL S 237 -29.28 -24.60 -23.50
N PRO S 238 -30.49 -25.14 -23.62
CA PRO S 238 -31.11 -25.21 -24.96
C PRO S 238 -31.18 -23.86 -25.67
N LEU S 239 -31.71 -22.85 -25.00
CA LEU S 239 -31.81 -21.52 -25.61
C LEU S 239 -30.43 -20.94 -25.89
N ALA S 240 -29.48 -21.15 -24.98
CA ALA S 240 -28.13 -20.64 -25.18
C ALA S 240 -27.51 -21.24 -26.43
N LEU S 241 -27.63 -22.56 -26.60
CA LEU S 241 -27.10 -23.21 -27.80
C LEU S 241 -27.82 -22.72 -29.04
N THR S 242 -29.14 -22.52 -28.94
CA THR S 242 -29.90 -22.02 -30.08
C THR S 242 -29.39 -20.66 -30.51
N CYS S 243 -29.16 -19.76 -29.55
CA CYS S 243 -28.64 -18.43 -29.86
C CYS S 243 -27.22 -18.50 -30.42
N MET S 244 -26.39 -19.37 -29.85
CA MET S 244 -25.03 -19.53 -30.36
C MET S 244 -25.06 -19.97 -31.82
N ALA S 245 -25.91 -20.93 -32.15
CA ALA S 245 -26.03 -21.36 -33.53
C ALA S 245 -26.60 -20.26 -34.42
N SER S 246 -27.57 -19.50 -33.91
CA SER S 246 -28.23 -18.47 -34.70
C SER S 246 -27.32 -17.28 -34.98
N GLY S 247 -26.31 -17.07 -34.15
CA GLY S 247 -25.45 -15.92 -34.32
C GLY S 247 -24.60 -15.90 -35.57
N PHE S 248 -24.78 -16.84 -36.50
CA PHE S 248 -23.92 -16.87 -37.68
C PHE S 248 -24.29 -15.79 -38.68
N SER S 249 -25.57 -15.41 -38.76
CA SER S 249 -26.02 -14.33 -39.63
C SER S 249 -25.95 -12.97 -38.95
N TRP S 250 -25.07 -12.83 -37.96
CA TRP S 250 -25.02 -11.60 -37.18
C TRP S 250 -24.79 -10.35 -38.02
N PRO S 251 -23.97 -10.36 -39.07
CA PRO S 251 -23.80 -9.10 -39.82
C PRO S 251 -25.11 -8.57 -40.39
N VAL S 252 -25.82 -9.42 -41.14
CA VAL S 252 -27.08 -9.00 -41.75
C VAL S 252 -28.10 -8.67 -40.67
N ALA S 253 -28.20 -9.52 -39.65
CA ALA S 253 -29.19 -9.28 -38.60
C ALA S 253 -28.93 -7.96 -37.88
N ALA S 254 -27.66 -7.69 -37.57
CA ALA S 254 -27.32 -6.47 -36.85
C ALA S 254 -27.56 -5.24 -37.71
N TRP S 255 -27.18 -5.29 -39.00
CA TRP S 255 -27.45 -4.13 -39.84
C TRP S 255 -28.94 -3.88 -39.96
N GLN S 256 -29.72 -4.96 -40.11
CA GLN S 256 -31.16 -4.79 -40.21
C GLN S 256 -31.74 -4.18 -38.95
N GLU S 257 -31.29 -4.65 -37.78
CA GLU S 257 -31.82 -4.09 -36.53
C GLU S 257 -31.40 -2.64 -36.36
N ILE S 258 -30.15 -2.31 -36.70
CA ILE S 258 -29.69 -0.93 -36.62
C ILE S 258 -30.56 -0.05 -37.50
N VAL S 259 -30.83 -0.50 -38.73
CA VAL S 259 -31.60 0.29 -39.67
C VAL S 259 -33.03 0.48 -39.18
N ASN S 260 -33.64 -0.60 -38.68
CA ASN S 260 -35.05 -0.58 -38.30
C ASN S 260 -35.28 -0.06 -36.89
N GLY S 261 -34.23 0.25 -36.14
CA GLY S 261 -34.38 0.86 -34.83
C GLY S 261 -34.57 -0.10 -33.70
N GLU S 262 -34.30 -1.39 -33.90
CA GLU S 262 -34.42 -2.38 -32.84
C GLU S 262 -33.10 -2.65 -32.13
N MET S 263 -32.03 -1.94 -32.49
CA MET S 263 -30.72 -2.14 -31.89
C MET S 263 -30.51 -1.20 -30.70
N ALA S 264 -30.56 0.11 -30.96
CA ALA S 264 -30.32 1.11 -29.93
C ALA S 264 -31.63 1.73 -29.47
N VAL S 265 -31.69 2.05 -28.18
CA VAL S 265 -32.86 2.69 -27.58
C VAL S 265 -32.52 4.16 -27.35
N PRO S 266 -33.50 5.06 -27.39
CA PRO S 266 -33.20 6.48 -27.14
C PRO S 266 -32.57 6.67 -25.77
N SER S 267 -31.63 7.63 -25.69
CA SER S 267 -30.93 7.88 -24.44
C SER S 267 -31.88 8.29 -23.32
N SER S 268 -33.07 8.76 -23.65
CA SER S 268 -34.05 9.13 -22.63
C SER S 268 -34.67 7.92 -21.94
N GLN S 269 -34.43 6.71 -22.46
CA GLN S 269 -34.96 5.49 -21.85
C GLN S 269 -33.99 4.83 -20.89
N ILE S 270 -32.78 5.37 -20.73
CA ILE S 270 -31.75 4.78 -19.89
C ILE S 270 -31.20 5.84 -18.96
N HIS S 271 -30.61 5.38 -17.86
CA HIS S 271 -30.04 6.29 -16.88
C HIS S 271 -28.92 7.11 -17.53
N PRO S 272 -28.96 8.44 -17.45
CA PRO S 272 -27.91 9.24 -18.10
C PRO S 272 -26.64 9.30 -17.28
N GLY S 273 -26.79 9.28 -15.96
CA GLY S 273 -25.70 9.40 -15.03
C GLY S 273 -26.12 10.24 -13.84
N GLY S 274 -25.13 10.76 -13.12
CA GLY S 274 -25.41 11.57 -11.97
C GLY S 274 -25.96 12.93 -12.34
N PRO S 275 -26.68 13.58 -11.42
CA PRO S 275 -27.20 14.92 -11.71
C PRO S 275 -26.12 15.97 -11.54
N TYR S 276 -25.93 16.79 -12.57
CA TYR S 276 -24.90 17.81 -12.58
C TYR S 276 -25.44 19.19 -12.24
N THR S 277 -26.73 19.33 -11.94
CA THR S 277 -27.33 20.63 -11.70
C THR S 277 -28.40 20.50 -10.62
N GLN S 278 -29.00 21.63 -10.28
CA GLN S 278 -30.05 21.69 -9.28
C GLN S 278 -31.38 21.28 -9.88
N SER S 279 -32.18 20.56 -9.11
CA SER S 279 -33.50 20.13 -9.54
C SER S 279 -34.59 20.93 -8.84
N LYS T 60 43.99 31.38 -5.26
CA LYS T 60 43.81 30.24 -6.20
C LYS T 60 42.36 29.78 -6.23
N TYR T 61 42.05 28.85 -7.12
CA TYR T 61 40.68 28.35 -7.23
C TYR T 61 40.27 27.68 -5.93
N GLY T 62 39.01 27.90 -5.54
CA GLY T 62 38.50 27.36 -4.30
C GLY T 62 38.77 28.20 -3.07
N ASP T 63 39.48 29.32 -3.21
CA ASP T 63 39.73 30.19 -2.08
C ASP T 63 38.47 30.90 -1.59
N ASN T 64 37.38 30.82 -2.35
CA ASN T 64 36.11 31.36 -1.91
C ASN T 64 35.36 30.41 -0.97
N ARG T 65 35.96 29.26 -0.64
CA ARG T 65 35.36 28.33 0.31
C ARG T 65 35.24 28.91 1.70
N LYS T 66 35.94 30.00 2.00
CA LYS T 66 35.75 30.67 3.28
C LYS T 66 34.34 31.23 3.40
N TRP T 67 33.76 31.68 2.30
CA TRP T 67 32.36 32.08 2.31
C TRP T 67 31.46 30.88 2.62
N SER T 68 31.75 29.73 2.00
CA SER T 68 30.92 28.55 2.22
C SER T 68 30.98 28.11 3.67
N ALA T 69 32.17 28.17 4.28
CA ALA T 69 32.33 27.71 5.66
C ALA T 69 31.44 28.47 6.62
N VAL T 70 30.98 29.67 6.23
CA VAL T 70 30.12 30.48 7.10
C VAL T 70 28.67 30.39 6.63
N LEU T 71 28.48 30.24 5.32
CA LEU T 71 27.12 30.30 4.76
C LEU T 71 26.41 28.96 4.82
N VAL T 72 27.08 27.87 4.42
CA VAL T 72 26.42 26.56 4.39
C VAL T 72 25.89 26.18 5.77
N PRO T 73 26.67 26.26 6.85
CA PRO T 73 26.08 26.04 8.17
C PRO T 73 25.01 27.08 8.49
N LEU T 74 25.33 28.36 8.37
CA LEU T 74 24.38 29.41 8.74
C LEU T 74 23.08 29.29 7.97
N THR T 75 23.09 28.67 6.79
CA THR T 75 21.90 28.57 5.95
C THR T 75 21.17 27.26 6.10
N THR T 76 21.85 26.15 6.41
CA THR T 76 21.24 24.84 6.42
C THR T 76 21.15 24.20 7.80
N LEU T 77 21.77 24.80 8.83
CA LEU T 77 21.67 24.32 10.20
C LEU T 77 21.08 25.36 11.12
N VAL T 78 21.59 26.60 11.06
CA VAL T 78 21.15 27.64 11.98
C VAL T 78 19.80 28.20 11.54
N PHE T 79 19.69 28.64 10.29
CA PHE T 79 18.42 29.21 9.83
C PHE T 79 17.27 28.22 9.92
N PRO T 80 17.41 26.98 9.46
CA PRO T 80 16.30 26.03 9.61
C PRO T 80 15.90 25.79 11.05
N ALA T 81 16.87 25.70 11.96
CA ALA T 81 16.54 25.49 13.36
C ALA T 81 15.78 26.67 13.94
N VAL T 82 16.23 27.89 13.63
CA VAL T 82 15.53 29.08 14.10
C VAL T 82 14.12 29.12 13.52
N ALA T 83 13.98 28.78 12.24
CA ALA T 83 12.66 28.78 11.61
C ALA T 83 11.75 27.75 12.25
N MET T 84 12.27 26.57 12.58
CA MET T 84 11.45 25.54 13.20
C MET T 84 11.02 25.96 14.60
N GLY T 85 11.94 26.49 15.40
CA GLY T 85 11.57 26.98 16.71
C GLY T 85 10.54 28.10 16.63
N SER T 86 10.74 29.03 15.70
CA SER T 86 9.79 30.13 15.54
C SER T 86 8.44 29.61 15.08
N PHE T 87 8.42 28.60 14.23
CA PHE T 87 7.15 28.02 13.79
C PHE T 87 6.42 27.37 14.96
N VAL T 88 7.15 26.65 15.82
CA VAL T 88 6.52 26.06 16.99
C VAL T 88 5.96 27.14 17.90
N LEU T 89 6.73 28.20 18.12
CA LEU T 89 6.24 29.31 18.94
C LEU T 89 5.00 29.94 18.32
N TYR T 90 5.00 30.11 16.99
CA TYR T 90 3.89 30.73 16.29
C TYR T 90 2.65 29.87 16.31
N SER T 91 2.83 28.54 16.33
CA SER T 91 1.69 27.64 16.34
C SER T 91 0.81 27.84 17.55
N PHE T 92 1.38 28.30 18.67
CA PHE T 92 0.65 28.47 19.91
C PHE T 92 0.09 29.88 20.08
N GLN T 93 0.22 30.73 19.07
CA GLN T 93 -0.38 32.05 19.13
C GLN T 93 -1.90 31.95 19.05
N GLU T 94 -2.57 33.03 19.46
CA GLU T 94 -4.03 33.04 19.41
C GLU T 94 -4.52 32.81 17.98
N ASP T 95 -3.89 33.47 17.02
CA ASP T 95 -4.20 33.30 15.61
C ASP T 95 -3.00 32.61 14.96
N ALA T 96 -2.97 31.28 15.05
CA ALA T 96 -1.89 30.53 14.42
C ALA T 96 -2.02 30.57 12.91
N PHE T 97 -3.10 30.02 12.39
CA PHE T 97 -3.40 30.08 10.95
C PHE T 97 -4.84 30.57 10.86
N TRP T 98 -5.00 31.89 10.91
CA TRP T 98 -6.32 32.49 11.01
C TRP T 98 -7.10 32.42 9.71
N ARG T 99 -6.42 32.22 8.58
CA ARG T 99 -7.08 32.15 7.30
C ARG T 99 -7.46 30.73 6.91
N LEU T 100 -7.12 29.74 7.72
CA LEU T 100 -7.53 28.37 7.47
C LEU T 100 -8.05 27.64 8.70
N VAL T 101 -7.88 28.19 9.90
CA VAL T 101 -8.40 27.60 11.13
C VAL T 101 -9.63 28.39 11.55
N PRO T 102 -10.81 27.79 11.62
CA PRO T 102 -12.02 28.55 11.94
C PRO T 102 -12.02 29.05 13.37
N GLY T 103 -12.76 30.13 13.59
CA GLY T 103 -12.95 30.68 14.91
C GLY T 103 -11.74 31.42 15.44
N THR T 104 -11.31 32.45 14.72
CA THR T 104 -10.17 33.27 15.11
C THR T 104 -10.57 34.72 15.21
N LYS T 105 -10.07 35.39 16.26
CA LYS T 105 -10.40 36.79 16.48
C LYS T 105 -9.97 37.66 15.31
N ARG T 106 -8.79 37.37 14.74
CA ARG T 106 -8.31 38.14 13.60
C ARG T 106 -9.25 37.99 12.41
N ALA T 107 -9.69 36.77 12.13
CA ALA T 107 -10.62 36.55 11.02
C ALA T 107 -11.93 37.28 11.26
N ALA T 108 -12.45 37.21 12.49
CA ALA T 108 -13.70 37.90 12.80
C ALA T 108 -13.55 39.40 12.63
N GLU T 109 -12.42 39.96 13.08
CA GLU T 109 -12.19 41.38 12.92
C GLU T 109 -12.10 41.78 11.46
N ALA T 110 -11.44 40.95 10.64
CA ALA T 110 -11.37 41.25 9.21
C ALA T 110 -12.75 41.23 8.57
N GLU T 111 -13.58 40.24 8.92
CA GLU T 111 -14.94 40.20 8.39
C GLU T 111 -15.73 41.43 8.82
N LYS T 112 -15.59 41.82 10.08
CA LYS T 112 -16.29 43.02 10.55
C LYS T 112 -15.81 44.28 9.85
N ALA T 113 -14.52 44.35 9.53
CA ALA T 113 -14.01 45.49 8.76
C ALA T 113 -14.64 45.53 7.36
N TRP T 114 -14.71 44.37 6.71
CA TRP T 114 -15.36 44.33 5.40
C TRP T 114 -16.81 44.78 5.50
N ARG T 115 -17.52 44.33 6.54
CA ARG T 115 -18.90 44.76 6.74
C ARG T 115 -18.98 46.26 6.98
N GLU T 116 -18.00 46.81 7.70
CA GLU T 116 -17.98 48.24 7.96
C GLU T 116 -17.84 49.03 6.66
N HIS T 117 -17.02 48.54 5.74
CA HIS T 117 -16.85 49.26 4.49
C HIS T 117 -18.20 49.43 3.79
N PRO T 118 -18.49 50.61 3.23
CA PRO T 118 -19.85 50.82 2.67
C PRO T 118 -20.21 49.90 1.52
N LEU T 119 -19.30 49.70 0.56
CA LEU T 119 -19.64 48.89 -0.60
C LEU T 119 -20.00 47.46 -0.21
N PHE T 120 -19.25 46.88 0.73
CA PHE T 120 -19.37 45.47 1.07
C PHE T 120 -20.23 45.25 2.32
N LYS T 121 -20.95 46.27 2.77
CA LYS T 121 -21.66 46.15 4.04
C LYS T 121 -22.73 45.06 4.00
N ASP T 122 -23.31 44.80 2.83
CA ASP T 122 -24.33 43.77 2.68
C ASP T 122 -24.08 42.96 1.42
N SER T 123 -22.81 42.72 1.09
CA SER T 123 -22.48 41.90 -0.06
C SER T 123 -22.57 40.41 0.22
N LYS T 124 -22.70 40.01 1.48
CA LYS T 124 -22.82 38.61 1.84
C LYS T 124 -24.26 38.11 1.80
N ASP T 125 -25.23 38.99 1.53
CA ASP T 125 -26.62 38.58 1.48
C ASP T 125 -26.89 37.86 0.15
N PRO T 126 -27.34 36.61 0.18
CA PRO T 126 -27.61 35.91 -1.09
C PRO T 126 -28.67 36.60 -1.94
N MET T 127 -29.62 37.29 -1.31
CA MET T 127 -30.72 37.94 -2.03
C MET T 127 -30.39 39.37 -2.44
N PHE T 128 -29.16 39.82 -2.23
CA PHE T 128 -28.79 41.17 -2.61
C PHE T 128 -28.89 41.36 -4.11
N GLY T 129 -29.33 42.55 -4.52
CA GLY T 129 -29.42 42.88 -5.93
C GLY T 129 -30.75 43.48 -6.32
N LEU T 130 -31.76 43.32 -5.47
CA LEU T 130 -33.09 43.85 -5.76
C LEU T 130 -33.07 45.37 -5.54
N LEU T 131 -33.18 46.12 -6.64
CA LEU T 131 -33.18 47.58 -6.53
C LEU T 131 -34.41 48.07 -5.79
N ASN T 132 -35.57 47.48 -6.05
CA ASN T 132 -36.84 47.93 -5.49
C ASN T 132 -37.54 46.74 -4.83
N PRO T 133 -37.12 46.37 -3.62
CA PRO T 133 -37.78 45.25 -2.94
C PRO T 133 -39.27 45.45 -2.75
N ASP T 134 -39.72 46.69 -2.52
CA ASP T 134 -41.14 46.92 -2.36
C ASP T 134 -41.91 46.58 -3.63
N ASP T 135 -41.39 47.00 -4.79
CA ASP T 135 -42.06 46.69 -6.04
C ASP T 135 -42.02 45.19 -6.32
N TYR T 136 -40.89 44.55 -6.05
CA TYR T 136 -40.80 43.10 -6.21
C TYR T 136 -41.85 42.40 -5.36
N GLU T 137 -41.97 42.81 -4.10
CA GLU T 137 -42.95 42.23 -3.20
C GLU T 137 -44.37 42.48 -3.69
N LYS T 138 -44.65 43.68 -4.20
CA LYS T 138 -45.99 43.98 -4.68
C LYS T 138 -46.34 43.09 -5.86
N GLY T 139 -45.41 42.91 -6.80
CA GLY T 139 -45.65 42.00 -7.90
C GLY T 139 -45.86 40.58 -7.45
N LEU T 140 -45.09 40.14 -6.45
CA LEU T 140 -45.25 38.78 -5.95
C LEU T 140 -46.61 38.59 -5.30
N GLU T 141 -47.08 39.59 -4.54
CA GLU T 141 -48.43 39.52 -3.99
C GLU T 141 -49.48 39.47 -5.09
N GLU T 142 -49.31 40.26 -6.15
CA GLU T 142 -50.28 40.20 -7.25
C GLU T 142 -50.31 38.80 -7.87
N ALA T 143 -49.12 38.23 -8.09
CA ALA T 143 -49.05 36.89 -8.69
C ALA T 143 -49.70 35.86 -7.78
N TRP T 144 -49.43 35.92 -6.48
CA TRP T 144 -50.03 34.95 -5.56
C TRP T 144 -51.54 35.16 -5.45
N GLU T 145 -52.00 36.41 -5.55
CA GLU T 145 -53.44 36.65 -5.56
C GLU T 145 -54.09 36.01 -6.78
N ARG T 146 -53.45 36.12 -7.94
CA ARG T 146 -54.03 35.54 -9.14
C ARG T 146 -53.99 34.00 -9.08
N ALA T 147 -52.91 33.44 -8.54
CA ALA T 147 -52.73 31.99 -8.53
C ALA T 147 -53.24 31.33 -7.24
N LYS T 148 -53.88 32.08 -6.36
CA LYS T 148 -54.26 31.55 -5.05
C LYS T 148 -55.31 30.45 -5.21
N PRO T 149 -55.12 29.30 -4.57
CA PRO T 149 -56.22 28.33 -4.49
C PRO T 149 -57.38 28.88 -3.68
N ALA T 150 -58.58 28.41 -4.01
CA ALA T 150 -59.77 28.86 -3.30
C ALA T 150 -59.64 28.57 -1.82
N GLY T 151 -60.00 29.57 -1.00
CA GLY T 151 -59.91 29.41 0.45
C GLY T 151 -58.49 29.21 0.94
N SER T 152 -57.54 29.98 0.40
CA SER T 152 -56.14 29.89 0.80
C SER T 152 -55.81 31.04 1.75
N THR T 153 -55.27 30.70 2.92
CA THR T 153 -54.89 31.69 3.92
C THR T 153 -53.39 31.98 3.92
N VAL T 154 -52.65 31.46 2.95
CA VAL T 154 -51.21 31.67 2.87
C VAL T 154 -50.95 33.01 2.19
N THR T 155 -50.24 33.89 2.88
CA THR T 155 -49.89 35.21 2.36
C THR T 155 -48.43 35.21 1.94
N VAL T 156 -48.12 36.08 0.97
CA VAL T 156 -46.78 36.11 0.40
C VAL T 156 -45.75 36.50 1.45
N LYS T 157 -46.04 37.53 2.25
CA LYS T 157 -45.07 37.96 3.25
C LYS T 157 -44.80 36.86 4.26
N ASP T 158 -45.87 36.22 4.75
CA ASP T 158 -45.70 35.16 5.74
C ASP T 158 -44.91 34.00 5.14
N LYS T 159 -45.22 33.62 3.90
CA LYS T 159 -44.52 32.51 3.27
C LYS T 159 -43.05 32.84 3.07
N LEU T 160 -42.75 34.07 2.64
CA LEU T 160 -41.35 34.46 2.45
C LEU T 160 -40.60 34.43 3.77
N LYS T 161 -41.23 34.93 4.85
CA LYS T 161 -40.59 34.88 6.15
C LYS T 161 -40.33 33.45 6.59
N GLN T 162 -41.32 32.57 6.41
CA GLN T 162 -41.15 31.17 6.81
C GLN T 162 -40.03 30.52 6.03
N LEU T 163 -39.96 30.77 4.72
CA LEU T 163 -38.92 30.16 3.90
C LEU T 163 -37.54 30.72 4.26
N SER T 164 -37.46 32.02 4.56
CA SER T 164 -36.19 32.60 4.98
C SER T 164 -35.71 31.99 6.29
N LYS T 165 -36.63 31.79 7.23
CA LYS T 165 -36.26 31.20 8.51
C LYS T 165 -36.12 29.69 8.38
N GLN T 166 -35.17 29.14 9.14
CA GLN T 166 -34.96 27.70 9.21
C GLN T 166 -34.37 27.37 10.57
N ASP T 167 -34.13 26.08 10.81
CA ASP T 167 -33.67 25.57 12.10
C ASP T 167 -32.36 24.81 11.88
N SER T 168 -31.24 25.56 11.88
CA SER T 168 -29.91 24.99 11.71
C SER T 168 -28.97 25.61 12.73
N PRO T 169 -29.12 25.25 14.01
CA PRO T 169 -28.31 25.91 15.06
C PRO T 169 -26.85 25.48 15.08
N HIS T 170 -26.45 24.48 14.30
CA HIS T 170 -25.08 23.97 14.31
C HIS T 170 -24.25 24.49 13.16
N TRP T 171 -24.74 25.48 12.42
CA TRP T 171 -23.98 26.04 11.30
C TRP T 171 -22.99 27.07 11.84
N GLU T 172 -21.71 26.83 11.61
CA GLU T 172 -20.64 27.76 11.99
C GLU T 172 -20.77 28.15 13.46
N SER T 173 -20.95 27.15 14.32
CA SER T 173 -21.00 27.38 15.76
C SER T 173 -19.68 27.87 16.32
N TRP T 174 -18.58 27.73 15.57
CA TRP T 174 -17.29 28.21 16.03
C TRP T 174 -17.19 29.73 16.05
N ARG T 175 -18.19 30.43 15.51
CA ARG T 175 -18.18 31.89 15.56
C ARG T 175 -18.10 32.41 16.99
N SER T 176 -18.56 31.61 17.96
CA SER T 176 -18.55 32.05 19.35
C SER T 176 -17.13 32.28 19.84
N LEU T 177 -16.19 31.40 19.46
CA LEU T 177 -14.80 31.56 19.88
C LEU T 177 -14.29 32.96 19.56
N SER T 178 -14.47 33.38 18.31
CA SER T 178 -14.08 34.73 17.92
C SER T 178 -14.92 35.77 18.66
N ALA T 179 -16.21 35.52 18.80
CA ALA T 179 -17.10 36.44 19.51
C ALA T 179 -18.40 35.74 19.89
N ASP U 43 -42.58 -41.98 1.27
CA ASP U 43 -41.19 -42.52 1.22
C ASP U 43 -41.22 -44.05 1.08
N GLU U 44 -40.67 -44.54 -0.04
CA GLU U 44 -40.70 -45.96 -0.33
C GLU U 44 -39.69 -46.75 0.50
N ARG U 45 -38.60 -46.10 0.93
CA ARG U 45 -37.55 -46.83 1.63
C ARG U 45 -38.05 -47.44 2.92
N ASP U 46 -38.85 -46.70 3.69
CA ASP U 46 -39.30 -47.13 5.00
C ASP U 46 -40.70 -47.72 4.98
N GLU U 47 -41.26 -47.99 3.81
CA GLU U 47 -42.56 -48.62 3.74
C GLU U 47 -42.50 -50.01 4.35
N GLY U 48 -43.51 -50.35 5.15
CA GLY U 48 -43.54 -51.61 5.85
C GLY U 48 -42.77 -51.66 7.15
N LEU U 49 -42.07 -50.59 7.49
CA LEU U 49 -41.34 -50.51 8.75
C LEU U 49 -42.24 -49.94 9.83
N VAL U 50 -42.15 -50.50 11.03
CA VAL U 50 -42.85 -49.96 12.19
C VAL U 50 -41.99 -48.84 12.76
N LEU U 51 -42.44 -47.59 12.58
CA LEU U 51 -41.73 -46.41 13.03
C LEU U 51 -42.47 -45.82 14.21
N ILE U 52 -42.01 -46.12 15.41
CA ILE U 52 -42.64 -45.64 16.64
C ILE U 52 -42.00 -44.33 17.05
N THR U 53 -42.80 -43.43 17.59
CA THR U 53 -42.29 -42.20 18.16
C THR U 53 -41.59 -42.50 19.48
N PRO U 54 -40.75 -41.59 19.96
CA PRO U 54 -40.04 -41.86 21.22
C PRO U 54 -40.96 -42.13 22.39
N GLU U 55 -42.19 -41.59 22.35
CA GLU U 55 -43.12 -41.81 23.46
C GLU U 55 -43.57 -43.26 23.53
N GLU U 56 -43.65 -43.95 22.40
CA GLU U 56 -44.13 -45.32 22.35
C GLU U 56 -42.99 -46.35 22.47
N SER U 57 -41.76 -45.90 22.71
CA SER U 57 -40.65 -46.84 22.80
C SER U 57 -40.92 -47.87 23.88
N GLY U 58 -40.70 -49.14 23.53
CA GLY U 58 -40.93 -50.24 24.46
C GLY U 58 -42.37 -50.67 24.61
N LYS U 59 -43.33 -49.78 24.33
CA LYS U 59 -44.73 -50.16 24.46
C LYS U 59 -45.19 -50.97 23.24
N VAL U 60 -44.63 -50.66 22.07
CA VAL U 60 -44.94 -51.37 20.83
C VAL U 60 -43.80 -52.34 20.54
N VAL U 61 -44.13 -53.61 20.34
CA VAL U 61 -43.13 -54.65 20.13
C VAL U 61 -43.48 -55.48 18.90
N LYS U 62 -44.40 -54.99 18.08
CA LYS U 62 -44.77 -55.70 16.87
C LYS U 62 -43.62 -55.69 15.87
N ARG U 63 -43.37 -56.83 15.24
CA ARG U 63 -42.28 -56.96 14.29
C ARG U 63 -42.65 -56.31 12.95
N ASP U 64 -41.63 -56.06 12.15
CA ASP U 64 -41.79 -55.41 10.86
C ASP U 64 -42.17 -56.42 9.79
N VAL U 65 -42.31 -55.95 8.55
CA VAL U 65 -42.54 -56.86 7.42
C VAL U 65 -41.33 -57.77 7.23
N ASN U 66 -40.13 -57.23 7.47
CA ASN U 66 -38.90 -58.00 7.38
C ASN U 66 -38.58 -58.76 8.67
N ASN U 67 -39.47 -58.72 9.65
CA ASN U 67 -39.33 -59.37 10.95
C ASN U 67 -38.44 -58.59 11.90
N ASN U 68 -38.06 -57.36 11.55
CA ASN U 68 -37.25 -56.54 12.43
C ASN U 68 -38.11 -55.91 13.52
N PRO U 69 -37.50 -55.53 14.64
CA PRO U 69 -38.25 -54.84 15.69
C PRO U 69 -38.57 -53.42 15.29
N PRO U 70 -39.47 -52.74 16.01
CA PRO U 70 -39.80 -51.36 15.67
C PRO U 70 -38.62 -50.43 15.84
N ARG U 71 -38.62 -49.34 15.09
CA ARG U 71 -37.55 -48.35 15.12
C ARG U 71 -38.08 -47.02 15.64
N ILE U 72 -37.33 -46.41 16.55
CA ILE U 72 -37.71 -45.13 17.12
C ILE U 72 -37.30 -44.02 16.16
N VAL U 73 -38.25 -43.15 15.83
CA VAL U 73 -38.02 -42.02 14.93
C VAL U 73 -37.94 -40.75 15.77
N MET U 74 -36.92 -39.93 15.52
CA MET U 74 -36.78 -38.65 16.21
C MET U 74 -36.53 -37.53 15.21
N LYS U 75 -37.17 -36.39 15.46
CA LYS U 75 -36.90 -35.18 14.71
C LYS U 75 -35.67 -34.50 15.30
N THR U 76 -34.71 -34.15 14.44
CA THR U 76 -33.46 -33.55 14.89
C THR U 76 -33.43 -32.04 14.68
N ASN U 77 -34.34 -31.50 13.86
CA ASN U 77 -34.33 -30.08 13.50
C ASN U 77 -33.09 -29.72 12.67
N ASP U 78 -32.56 -30.70 11.94
CA ASP U 78 -31.45 -30.49 11.02
C ASP U 78 -31.99 -30.59 9.59
N TRP U 79 -31.68 -29.59 8.78
CA TRP U 79 -32.13 -29.63 7.39
C TRP U 79 -31.48 -30.79 6.64
N ASP U 80 -30.21 -31.09 6.95
CA ASP U 80 -29.52 -32.16 6.25
C ASP U 80 -30.05 -33.53 6.65
N GLN U 81 -30.33 -33.73 7.94
CA GLN U 81 -30.92 -34.98 8.43
C GLN U 81 -32.11 -34.63 9.30
N PRO U 82 -33.27 -34.36 8.70
CA PRO U 82 -34.45 -34.00 9.51
C PRO U 82 -34.83 -35.04 10.55
N GLU U 83 -34.67 -36.32 10.23
CA GLU U 83 -35.07 -37.41 11.11
C GLU U 83 -33.94 -38.40 11.26
N ILE U 84 -33.86 -39.01 12.44
CA ILE U 84 -32.93 -40.10 12.69
C ILE U 84 -33.68 -41.24 13.36
N GLN U 85 -33.31 -42.47 12.98
CA GLN U 85 -33.96 -43.69 13.48
C GLN U 85 -32.97 -44.47 14.33
N LEU U 86 -33.44 -44.93 15.49
CA LEU U 86 -32.70 -45.86 16.32
C LEU U 86 -33.38 -47.21 16.32
N SER U 87 -32.58 -48.26 16.51
CA SER U 87 -33.08 -49.62 16.54
C SER U 87 -33.42 -50.04 17.97
N THR U 88 -34.52 -50.76 18.12
CA THR U 88 -34.87 -51.37 19.39
C THR U 88 -34.17 -52.71 19.61
N GLY U 89 -33.55 -53.25 18.58
CA GLY U 89 -32.83 -54.50 18.71
C GLY U 89 -32.09 -54.82 17.42
N ALA U 90 -31.56 -56.03 17.35
CA ALA U 90 -30.89 -56.46 16.13
C ALA U 90 -31.88 -56.44 14.98
N SER U 91 -31.47 -55.84 13.86
CA SER U 91 -32.36 -55.65 12.72
C SER U 91 -31.67 -56.13 11.45
N ASN U 92 -32.47 -56.60 10.51
CA ASN U 92 -32.03 -57.06 9.20
C ASN U 92 -32.79 -56.24 8.17
N GLN U 93 -32.26 -55.07 7.84
CA GLN U 93 -32.95 -54.13 6.98
C GLN U 93 -31.95 -53.44 6.06
N ILE U 94 -32.48 -52.90 4.96
CA ILE U 94 -31.68 -52.25 3.94
C ILE U 94 -31.52 -50.78 4.32
N ASN U 95 -30.26 -50.33 4.40
CA ASN U 95 -29.93 -48.94 4.71
C ASN U 95 -28.92 -48.48 3.66
N TYR U 96 -29.43 -47.95 2.55
CA TYR U 96 -28.56 -47.56 1.44
C TYR U 96 -27.61 -46.45 1.88
N ILE U 97 -26.32 -46.63 1.58
CA ILE U 97 -25.33 -45.59 1.79
C ILE U 97 -25.08 -44.76 0.54
N THR U 98 -25.57 -45.20 -0.62
CA THR U 98 -25.40 -44.43 -1.83
C THR U 98 -26.34 -43.23 -1.83
N PRO U 99 -25.93 -42.12 -2.42
CA PRO U 99 -26.80 -40.95 -2.49
C PRO U 99 -27.82 -41.07 -3.60
N VAL U 100 -28.88 -40.27 -3.47
CA VAL U 100 -29.97 -40.26 -4.43
C VAL U 100 -29.71 -39.10 -5.40
N VAL U 101 -29.23 -39.44 -6.59
CA VAL U 101 -28.87 -38.46 -7.61
C VAL U 101 -29.78 -38.66 -8.81
N ALA U 102 -30.35 -37.56 -9.30
CA ALA U 102 -31.25 -37.59 -10.44
C ALA U 102 -30.59 -36.94 -11.64
N SER U 103 -30.85 -37.50 -12.82
CA SER U 103 -30.32 -36.90 -14.04
C SER U 103 -30.79 -35.48 -14.21
N ASP U 104 -32.02 -35.17 -13.77
CA ASP U 104 -32.50 -33.79 -13.82
C ASP U 104 -31.64 -32.89 -12.94
N ASP U 105 -31.29 -33.37 -11.74
CA ASP U 105 -30.45 -32.57 -10.86
C ASP U 105 -29.06 -32.37 -11.46
N ILE U 106 -28.50 -33.41 -12.07
CA ILE U 106 -27.18 -33.28 -12.69
C ILE U 106 -27.24 -32.30 -13.86
N LYS U 107 -28.31 -32.37 -14.66
CA LYS U 107 -28.46 -31.46 -15.78
C LYS U 107 -28.62 -30.02 -15.31
N ALA U 108 -29.36 -29.80 -14.22
CA ALA U 108 -29.45 -28.46 -13.66
C ALA U 108 -28.10 -27.96 -13.16
N TRP U 109 -27.34 -28.84 -12.49
CA TRP U 109 -26.03 -28.43 -12.01
C TRP U 109 -25.12 -28.05 -13.16
N LEU U 110 -25.16 -28.81 -14.26
CA LEU U 110 -24.35 -28.47 -15.41
C LEU U 110 -24.89 -27.23 -16.13
N SER U 111 -26.19 -26.97 -16.04
CA SER U 111 -26.76 -25.76 -16.59
C SER U 111 -26.35 -24.53 -15.82
N LEU U 112 -26.01 -24.68 -14.53
CA LEU U 112 -25.39 -23.59 -13.79
C LEU U 112 -24.35 -22.90 -14.65
N ASN U 113 -24.35 -21.57 -14.63
CA ASN U 113 -23.54 -20.81 -15.58
C ASN U 113 -22.07 -21.20 -15.49
N VAL U 114 -21.62 -21.60 -14.32
CA VAL U 114 -20.20 -21.92 -14.14
C VAL U 114 -19.82 -23.11 -15.00
N ASN U 115 -20.58 -24.19 -14.90
CA ASN U 115 -20.25 -25.39 -15.66
C ASN U 115 -20.41 -25.13 -17.15
N PHE U 116 -21.46 -24.42 -17.55
CA PHE U 116 -21.66 -24.08 -18.95
C PHE U 116 -20.44 -23.35 -19.51
N PHE U 117 -20.04 -22.27 -18.84
CA PHE U 117 -18.95 -21.45 -19.37
C PHE U 117 -17.59 -22.11 -19.22
N SER U 118 -17.39 -22.91 -18.16
CA SER U 118 -16.14 -23.65 -18.03
C SER U 118 -16.01 -24.70 -19.12
N ILE U 119 -17.10 -25.40 -19.44
CA ILE U 119 -17.06 -26.35 -20.54
C ILE U 119 -16.82 -25.64 -21.86
N LEU U 120 -17.48 -24.51 -22.07
CA LEU U 120 -17.25 -23.74 -23.30
C LEU U 120 -15.79 -23.33 -23.42
N ALA U 121 -15.21 -22.81 -22.33
CA ALA U 121 -13.83 -22.33 -22.37
C ALA U 121 -12.86 -23.51 -22.53
N LEU U 122 -13.14 -24.63 -21.88
CA LEU U 122 -12.27 -25.79 -22.03
C LEU U 122 -12.29 -26.30 -23.46
N LEU U 123 -13.47 -26.36 -24.07
CA LEU U 123 -13.55 -26.78 -25.46
C LEU U 123 -12.83 -25.80 -26.37
N THR U 124 -12.97 -24.50 -26.12
CA THR U 124 -12.29 -23.51 -26.93
C THR U 124 -10.77 -23.63 -26.80
N VAL U 125 -10.28 -23.79 -25.57
CA VAL U 125 -8.84 -23.92 -25.35
C VAL U 125 -8.31 -25.18 -26.01
N GLY U 126 -9.03 -26.29 -25.86
CA GLY U 126 -8.63 -27.51 -26.54
C GLY U 126 -8.60 -27.34 -28.05
N GLY U 127 -9.59 -26.64 -28.61
CA GLY U 127 -9.59 -26.41 -30.04
C GLY U 127 -8.39 -25.59 -30.49
N ILE U 128 -8.05 -24.54 -29.74
CA ILE U 128 -6.90 -23.72 -30.11
C ILE U 128 -5.62 -24.55 -30.00
N ILE U 129 -5.49 -25.34 -28.94
CA ILE U 129 -4.30 -26.16 -28.76
C ILE U 129 -4.17 -27.16 -29.89
N GLU U 130 -5.27 -27.79 -30.28
CA GLU U 130 -5.22 -28.78 -31.35
C GLU U 130 -4.93 -28.11 -32.70
N ILE U 131 -5.44 -26.90 -32.91
CA ILE U 131 -5.09 -26.16 -34.12
C ILE U 131 -3.59 -25.88 -34.16
N GLN U 132 -3.03 -25.47 -33.02
CA GLN U 132 -1.59 -25.25 -32.96
C GLN U 132 -0.82 -26.53 -33.25
N ARG U 133 -1.30 -27.66 -32.73
CA ARG U 133 -0.67 -28.93 -33.01
C ARG U 133 -0.70 -29.27 -34.50
N PHE U 134 -1.87 -29.19 -35.11
CA PHE U 134 -2.05 -29.68 -36.46
C PHE U 134 -1.44 -28.75 -37.51
N PHE U 135 -1.44 -27.45 -37.26
CA PHE U 135 -0.92 -26.46 -38.20
C PHE U 135 0.05 -25.53 -37.47
N PRO U 136 1.23 -26.03 -37.12
CA PRO U 136 2.17 -25.19 -36.36
C PRO U 136 2.77 -24.08 -37.20
N ASP U 137 3.16 -23.00 -36.51
CA ASP U 137 3.94 -21.89 -37.05
C ASP U 137 3.21 -21.06 -38.09
N THR U 138 1.96 -21.38 -38.42
CA THR U 138 1.17 -20.61 -39.37
C THR U 138 1.94 -20.46 -40.70
N LEU U 139 2.34 -21.60 -41.25
CA LEU U 139 3.06 -21.59 -42.52
C LEU U 139 2.16 -21.11 -43.65
N TYR U 140 0.85 -21.39 -43.56
CA TYR U 140 -0.08 -20.96 -44.60
C TYR U 140 -0.10 -19.45 -44.74
N TRP U 141 -0.10 -18.73 -43.62
CA TRP U 141 -0.16 -17.28 -43.64
C TRP U 141 1.09 -16.70 -44.30
N ILE V 108 -31.13 -35.42 40.51
CA ILE V 108 -32.03 -35.30 41.69
C ILE V 108 -33.31 -36.09 41.43
N SER V 109 -34.06 -36.38 42.50
CA SER V 109 -35.23 -37.24 42.37
C SER V 109 -36.29 -36.64 41.47
N LYS V 110 -36.44 -35.31 41.48
CA LYS V 110 -37.49 -34.66 40.71
C LYS V 110 -37.30 -34.80 39.20
N ILE V 111 -36.11 -35.20 38.75
CA ILE V 111 -35.83 -35.35 37.32
C ILE V 111 -36.16 -36.79 36.91
N ALA V 112 -37.10 -36.93 35.98
CA ALA V 112 -37.53 -38.27 35.58
C ALA V 112 -36.43 -39.02 34.87
N TYR V 113 -35.80 -38.40 33.87
CA TYR V 113 -34.82 -39.12 33.06
C TYR V 113 -33.54 -39.43 33.83
N LEU V 114 -33.24 -38.69 34.89
CA LEU V 114 -32.07 -38.98 35.71
C LEU V 114 -32.32 -40.10 36.72
N GLN V 115 -33.56 -40.57 36.85
CA GLN V 115 -33.86 -41.66 37.75
C GLN V 115 -33.48 -42.99 37.12
N ASP V 116 -32.82 -43.83 37.91
CA ASP V 116 -32.46 -45.20 37.53
C ASP V 116 -32.02 -45.28 36.07
N VAL V 117 -31.04 -44.45 35.73
CA VAL V 117 -30.43 -44.55 34.40
C VAL V 117 -29.64 -45.85 34.31
N PRO V 118 -29.89 -46.70 33.31
CA PRO V 118 -29.18 -47.98 33.27
C PRO V 118 -27.67 -47.78 33.17
N ARG V 119 -26.94 -48.68 33.82
CA ARG V 119 -25.48 -48.57 33.85
C ARG V 119 -24.88 -48.60 32.45
N THR V 120 -25.48 -49.37 31.54
CA THR V 120 -24.93 -49.47 30.19
C THR V 120 -24.95 -48.13 29.48
N ILE V 121 -26.06 -47.40 29.58
CA ILE V 121 -26.16 -46.11 28.90
C ILE V 121 -25.11 -45.15 29.45
N LEU V 122 -24.98 -45.08 30.78
CA LEU V 122 -23.97 -44.25 31.40
C LEU V 122 -23.70 -44.75 32.81
N GLU V 123 -22.43 -44.83 33.17
CA GLU V 123 -22.05 -45.27 34.50
C GLU V 123 -22.51 -44.28 35.55
N ALA V 124 -22.74 -44.78 36.78
CA ALA V 124 -23.23 -43.92 37.85
C ALA V 124 -22.22 -42.83 38.19
N ASP V 125 -20.94 -43.19 38.31
CA ASP V 125 -19.93 -42.19 38.66
C ASP V 125 -19.80 -41.14 37.57
N VAL V 126 -19.79 -41.56 36.30
CA VAL V 126 -19.69 -40.60 35.21
C VAL V 126 -20.92 -39.71 35.16
N LEU V 127 -22.09 -40.27 35.46
CA LEU V 127 -23.31 -39.47 35.50
C LEU V 127 -23.23 -38.42 36.61
N GLU V 128 -22.73 -38.81 37.78
CA GLU V 128 -22.57 -37.86 38.87
C GLU V 128 -21.61 -36.75 38.47
N LYS V 129 -20.49 -37.11 37.84
CA LYS V 129 -19.52 -36.11 37.40
C LYS V 129 -20.13 -35.18 36.36
N LEU V 130 -20.90 -35.72 35.43
CA LEU V 130 -21.53 -34.89 34.40
C LEU V 130 -22.53 -33.93 35.01
N LEU V 131 -23.35 -34.40 35.94
CA LEU V 131 -24.30 -33.53 36.61
C LEU V 131 -23.58 -32.43 37.38
N MET V 132 -22.51 -32.78 38.09
CA MET V 132 -21.74 -31.78 38.82
C MET V 132 -21.15 -30.73 37.88
N ASN V 133 -20.60 -31.18 36.75
CA ASN V 133 -20.02 -30.24 35.80
C ASN V 133 -21.08 -29.32 35.21
N THR V 134 -22.24 -29.88 34.86
CA THR V 134 -23.28 -29.09 34.22
C THR V 134 -23.91 -28.13 35.23
N PRO V 135 -24.29 -26.92 34.82
CA PRO V 135 -25.01 -26.03 35.72
C PRO V 135 -26.34 -26.65 36.15
N ARG V 136 -26.74 -26.36 37.38
CA ARG V 136 -27.94 -26.97 37.94
C ARG V 136 -29.18 -26.59 37.12
N ASP V 137 -29.28 -25.33 36.71
CA ASP V 137 -30.48 -24.87 36.00
C ASP V 137 -30.68 -25.60 34.68
N GLN V 138 -29.63 -26.19 34.12
CA GLN V 138 -29.74 -26.85 32.82
C GLN V 138 -30.21 -28.30 32.93
N TRP V 139 -30.32 -28.85 34.15
CA TRP V 139 -30.74 -30.24 34.29
C TRP V 139 -32.15 -30.45 33.77
N GLU V 140 -33.04 -29.48 34.00
CA GLU V 140 -34.43 -29.63 33.58
C GLU V 140 -34.52 -29.87 32.07
N ASP V 141 -33.88 -29.01 31.28
CA ASP V 141 -33.94 -29.12 29.82
C ASP V 141 -32.62 -28.62 29.27
N PRO V 142 -31.62 -29.49 29.15
CA PRO V 142 -30.28 -29.04 28.76
C PRO V 142 -30.26 -28.55 27.33
N PRO V 143 -29.30 -27.69 26.97
CA PRO V 143 -29.18 -27.25 25.58
C PRO V 143 -28.87 -28.41 24.65
N GLU V 144 -29.11 -28.19 23.36
CA GLU V 144 -29.11 -29.29 22.39
C GLU V 144 -27.75 -29.96 22.26
N ASP V 145 -26.67 -29.20 22.41
CA ASP V 145 -25.32 -29.68 22.09
C ASP V 145 -24.54 -30.12 23.32
N THR V 146 -25.19 -30.76 24.30
CA THR V 146 -24.56 -31.12 25.55
C THR V 146 -24.69 -32.61 25.83
N TYR V 147 -23.70 -33.12 26.56
CA TYR V 147 -23.72 -34.52 26.97
C TYR V 147 -24.99 -34.83 27.76
N LEU V 148 -25.41 -33.89 28.62
CA LEU V 148 -26.62 -34.11 29.39
C LEU V 148 -27.84 -34.19 28.48
N TYR V 149 -27.87 -33.39 27.42
CA TYR V 149 -28.96 -33.47 26.46
C TYR V 149 -28.98 -34.82 25.75
N THR V 150 -27.81 -35.31 25.34
CA THR V 150 -27.75 -36.64 24.74
C THR V 150 -28.25 -37.71 25.71
N LEU V 151 -27.80 -37.62 26.97
CA LEU V 151 -28.22 -38.60 27.96
C LEU V 151 -29.73 -38.55 28.17
N LYS V 152 -30.30 -37.35 28.26
CA LYS V 152 -31.75 -37.22 28.41
C LYS V 152 -32.48 -37.83 27.23
N THR V 153 -32.05 -37.49 26.02
CA THR V 153 -32.73 -37.98 24.83
C THR V 153 -32.70 -39.50 24.76
N PHE V 154 -31.57 -40.10 25.12
CA PHE V 154 -31.46 -41.55 25.00
C PHE V 154 -32.02 -42.31 26.20
N ALA V 155 -32.06 -41.69 27.38
CA ALA V 155 -32.68 -42.32 28.53
C ALA V 155 -34.20 -42.25 28.46
N GLU V 156 -34.75 -41.23 27.80
CA GLU V 156 -36.18 -41.19 27.57
C GLU V 156 -36.66 -42.30 26.65
N VAL V 157 -35.75 -42.88 25.85
CA VAL V 157 -36.11 -43.91 24.89
C VAL V 157 -35.66 -45.30 25.35
N TYR V 158 -34.58 -45.40 26.11
CA TYR V 158 -34.02 -46.67 26.52
C TYR V 158 -33.97 -46.76 28.04
N GLY V 159 -34.07 -47.98 28.55
CA GLY V 159 -34.05 -48.22 29.97
C GLY V 159 -35.17 -49.14 30.41
N PRO V 160 -35.38 -49.26 31.72
CA PRO V 160 -36.48 -50.09 32.21
C PRO V 160 -37.83 -49.53 31.78
N GLY V 161 -38.76 -50.42 31.47
CA GLY V 161 -40.06 -50.00 30.98
C GLY V 161 -40.05 -49.46 29.57
N LYS V 162 -38.94 -49.61 28.85
CA LYS V 162 -38.80 -49.10 27.49
C LYS V 162 -37.93 -50.08 26.72
N ALA V 163 -37.46 -49.66 25.55
CA ALA V 163 -36.61 -50.52 24.74
C ALA V 163 -35.41 -50.99 25.55
N THR V 164 -35.33 -52.31 25.78
CA THR V 164 -34.26 -52.91 26.55
C THR V 164 -33.13 -53.45 25.69
N LYS V 165 -33.19 -53.25 24.38
CA LYS V 165 -32.15 -53.70 23.47
C LYS V 165 -31.84 -52.60 22.48
N MET V 166 -30.64 -52.66 21.91
CA MET V 166 -30.19 -51.70 20.92
C MET V 166 -29.32 -52.42 19.90
N GLY V 167 -29.35 -51.93 18.66
CA GLY V 167 -28.45 -52.47 17.66
C GLY V 167 -27.01 -52.22 18.05
N TRP V 168 -26.13 -53.11 17.59
CA TRP V 168 -24.73 -52.98 17.95
C TRP V 168 -24.18 -51.62 17.52
N TRP V 169 -24.52 -51.18 16.31
CA TRP V 169 -24.00 -49.92 15.80
C TRP V 169 -24.61 -48.74 16.56
N ASP V 170 -25.90 -48.81 16.89
CA ASP V 170 -26.52 -47.73 17.64
C ASP V 170 -25.88 -47.59 19.02
N TYR V 171 -25.66 -48.71 19.70
CA TYR V 171 -25.00 -48.67 20.99
C TYR V 171 -23.57 -48.17 20.87
N PHE V 172 -22.87 -48.57 19.80
CA PHE V 172 -21.51 -48.12 19.58
C PHE V 172 -21.47 -46.60 19.43
N ARG V 173 -22.39 -46.04 18.64
CA ARG V 173 -22.44 -44.60 18.47
C ARG V 173 -22.82 -43.91 19.77
N LEU V 174 -23.74 -44.50 20.53
CA LEU V 174 -24.12 -43.91 21.81
C LEU V 174 -22.93 -43.83 22.76
N LYS V 175 -22.14 -44.91 22.83
CA LYS V 175 -20.96 -44.88 23.69
C LYS V 175 -19.88 -43.95 23.13
N LEU V 176 -19.82 -43.80 21.82
CA LEU V 176 -18.87 -42.85 21.23
C LEU V 176 -19.21 -41.42 21.62
N ASP V 177 -20.48 -41.05 21.56
CA ASP V 177 -20.88 -39.66 21.76
C ASP V 177 -21.26 -39.34 23.20
N LEU V 178 -21.31 -40.36 24.10
CA LEU V 178 -21.45 -40.01 25.51
C LEU V 178 -20.07 -39.80 26.14
N PRO V 179 -20.00 -39.02 27.21
CA PRO V 179 -18.69 -38.64 27.74
C PRO V 179 -18.10 -39.72 28.63
N PRO V 180 -16.78 -39.88 28.63
CA PRO V 180 -16.14 -40.72 29.65
C PRO V 180 -15.84 -39.91 30.90
N GLY V 181 -15.46 -40.63 31.96
CA GLY V 181 -15.22 -39.97 33.23
C GLY V 181 -14.10 -38.96 33.18
N PHE V 182 -13.00 -39.31 32.50
CA PHE V 182 -11.82 -38.44 32.48
C PHE V 182 -12.00 -37.22 31.59
N GLU V 183 -13.04 -37.15 30.78
CA GLU V 183 -13.25 -35.99 29.92
C GLU V 183 -13.80 -34.80 30.70
N LEU V 184 -14.55 -35.03 31.75
CA LEU V 184 -15.19 -33.95 32.51
C LEU V 184 -14.27 -33.46 33.62
N LEU V 185 -14.46 -32.20 34.00
CA LEU V 185 -13.62 -31.58 35.01
C LEU V 185 -13.85 -32.23 36.38
N ASP V 186 -12.83 -32.17 37.21
CA ASP V 186 -12.88 -32.71 38.56
C ASP V 186 -13.35 -31.63 39.54
N GLU V 187 -13.61 -32.06 40.77
CA GLU V 187 -14.00 -31.11 41.81
C GLU V 187 -12.94 -30.04 42.02
N ASP V 188 -11.68 -30.47 42.14
CA ASP V 188 -10.59 -29.52 42.36
C ASP V 188 -10.44 -28.58 41.17
N GLU V 189 -10.55 -29.12 39.95
CA GLU V 189 -10.41 -28.28 38.77
C GLU V 189 -11.52 -27.24 38.70
N MET V 190 -12.76 -27.66 38.98
CA MET V 190 -13.86 -26.70 38.97
C MET V 190 -13.66 -25.64 40.05
N LYS V 191 -13.20 -26.05 41.24
CA LYS V 191 -12.92 -25.08 42.30
C LYS V 191 -11.86 -24.08 41.86
N VAL V 192 -10.79 -24.57 41.23
CA VAL V 192 -9.71 -23.69 40.80
C VAL V 192 -10.21 -22.69 39.77
N ALA V 193 -10.99 -23.18 38.80
CA ALA V 193 -11.53 -22.28 37.77
C ALA V 193 -12.46 -21.24 38.39
N ALA V 194 -13.31 -21.68 39.32
CA ALA V 194 -14.22 -20.74 39.97
C ALA V 194 -13.46 -19.68 40.75
N ASP V 195 -12.41 -20.09 41.47
CA ASP V 195 -11.61 -19.12 42.21
C ASP V 195 -10.93 -18.14 41.27
N TYR V 196 -10.41 -18.63 40.14
CA TYR V 196 -9.79 -17.75 39.17
C TYR V 196 -10.77 -16.70 38.66
N ASP V 197 -11.96 -17.16 38.26
CA ASP V 197 -12.96 -16.23 37.74
C ASP V 197 -13.41 -15.24 38.81
N LYS V 198 -13.60 -15.72 40.04
CA LYS V 198 -14.00 -14.85 41.12
C LYS V 198 -12.96 -13.77 41.38
N LEU V 199 -11.67 -14.15 41.38
CA LEU V 199 -10.61 -13.18 41.56
C LEU V 199 -10.66 -12.12 40.47
N MET V 200 -10.73 -12.56 39.20
CA MET V 200 -10.71 -11.60 38.11
C MET V 200 -11.90 -10.66 38.18
N MET V 201 -13.08 -11.18 38.53
CA MET V 201 -14.26 -10.31 38.61
C MET V 201 -14.16 -9.36 39.79
N GLU V 202 -13.63 -9.82 40.92
CA GLU V 202 -13.41 -8.93 42.05
C GLU V 202 -12.37 -7.87 41.75
N GLY V 203 -11.60 -7.91 40.67
CA GLY V 203 -10.57 -6.92 40.41
C GLY V 203 -9.21 -7.20 40.97
N LYS V 204 -8.87 -8.46 41.15
CA LYS V 204 -7.63 -8.87 41.73
C LYS V 204 -7.05 -9.74 40.66
N ILE V 205 -5.74 -9.79 40.53
CA ILE V 205 -5.09 -10.53 39.46
C ILE V 205 -4.12 -11.50 40.05
N PRO V 206 -4.27 -12.79 39.82
CA PRO V 206 -3.23 -13.73 40.23
C PRO V 206 -1.96 -13.48 39.43
N PHE V 207 -0.96 -12.88 40.07
CA PHE V 207 0.16 -12.33 39.32
C PHE V 207 0.86 -13.39 38.50
N ALA V 208 1.19 -13.02 37.26
CA ALA V 208 1.99 -13.85 36.37
C ALA V 208 2.89 -12.94 35.55
N VAL V 209 4.03 -13.48 35.14
CA VAL V 209 4.97 -12.77 34.27
C VAL V 209 5.14 -13.60 33.01
N PRO V 210 5.07 -13.01 31.81
CA PRO V 210 5.30 -13.80 30.60
C PRO V 210 6.70 -14.40 30.59
N GLY V 211 6.78 -15.63 30.10
CA GLY V 211 8.05 -16.30 29.92
C GLY V 211 8.25 -16.69 28.48
N PRO V 212 9.06 -17.71 28.23
CA PRO V 212 9.23 -18.18 26.84
C PRO V 212 7.96 -18.80 26.29
N ALA V 213 7.29 -18.11 25.37
CA ALA V 213 6.06 -18.61 24.75
C ALA V 213 5.05 -19.03 25.81
N GLY V 214 4.91 -18.20 26.84
CA GLY V 214 3.99 -18.51 27.92
C GLY V 214 4.18 -17.53 29.06
N PHE V 215 3.55 -17.85 30.19
CA PHE V 215 3.69 -17.02 31.39
C PHE V 215 3.66 -17.90 32.63
N TRP V 216 4.48 -17.54 33.61
CA TRP V 216 4.56 -18.22 34.88
C TRP V 216 3.69 -17.51 35.90
N TYR V 217 3.15 -18.29 36.84
CA TYR V 217 2.39 -17.75 37.95
C TYR V 217 3.30 -17.63 39.16
N THR V 218 3.42 -16.42 39.70
CA THR V 218 4.32 -16.16 40.81
C THR V 218 3.69 -16.48 42.16
N GLY V 219 2.44 -16.93 42.19
CA GLY V 219 1.78 -17.28 43.43
C GLY V 219 1.26 -16.10 44.22
N ALA V 220 1.22 -14.92 43.63
CA ALA V 220 0.81 -13.70 44.33
C ALA V 220 -0.50 -13.18 43.75
N VAL V 221 -1.33 -12.62 44.63
CA VAL V 221 -2.58 -11.97 44.24
C VAL V 221 -2.41 -10.48 44.47
N ILE V 222 -2.53 -9.71 43.40
CA ILE V 222 -2.35 -8.26 43.47
C ILE V 222 -3.71 -7.59 43.28
N GLN V 223 -3.76 -6.31 43.64
CA GLN V 223 -4.96 -5.50 43.45
C GLN V 223 -4.85 -4.79 42.12
N TRP V 224 -5.45 -5.38 41.07
CA TRP V 224 -5.30 -4.83 39.74
C TRP V 224 -5.98 -3.46 39.61
N LYS V 225 -7.17 -3.32 40.18
CA LYS V 225 -7.92 -2.08 40.05
C LYS V 225 -7.43 -1.06 41.07
N GLY V 226 -7.29 0.18 40.62
CA GLY V 226 -6.79 1.25 41.46
C GLY V 226 -7.90 1.89 42.28
N LYS V 227 -7.57 3.07 42.84
CA LYS V 227 -8.55 3.80 43.63
C LYS V 227 -9.76 4.18 42.79
N GLU V 228 -9.51 4.71 41.60
CA GLU V 228 -10.58 4.98 40.63
C GLU V 228 -10.79 3.73 39.80
N GLN V 229 -11.93 3.07 40.04
CA GLN V 229 -12.15 1.75 39.44
C GLN V 229 -12.23 1.84 37.92
N PHE V 230 -12.87 2.89 37.40
CA PHE V 230 -13.07 3.03 35.97
C PHE V 230 -11.91 3.71 35.26
N ALA V 231 -10.86 4.08 35.99
CA ALA V 231 -9.73 4.79 35.40
C ALA V 231 -8.67 3.78 34.98
N GLY V 232 -8.36 3.75 33.69
CA GLY V 232 -7.30 2.89 33.18
C GLY V 232 -5.91 3.37 33.48
N ASP V 233 -5.78 4.61 33.96
CA ASP V 233 -4.48 5.13 34.35
C ASP V 233 -4.05 4.57 35.70
N GLN V 234 -5.01 4.13 36.52
CA GLN V 234 -4.75 3.82 37.92
C GLN V 234 -4.63 2.33 38.20
N VAL V 235 -4.65 1.48 37.17
CA VAL V 235 -4.48 0.04 37.40
C VAL V 235 -3.11 -0.20 38.01
N GLN V 236 -3.08 -0.98 39.08
CA GLN V 236 -1.87 -1.11 39.89
C GLN V 236 -0.87 -2.06 39.23
N THR V 237 0.41 -1.69 39.32
CA THR V 237 1.49 -2.54 38.86
C THR V 237 2.70 -2.29 39.74
N LEU V 238 3.50 -3.34 39.95
CA LEU V 238 4.70 -3.19 40.78
C LEU V 238 5.68 -2.20 40.14
N THR V 239 5.71 -2.14 38.81
CA THR V 239 6.68 -1.27 38.14
C THR V 239 6.46 0.19 38.50
N GLU V 240 5.20 0.63 38.56
CA GLU V 240 4.89 2.03 38.83
C GLU V 240 4.25 2.26 40.18
N ASN V 241 3.47 1.30 40.69
CA ASN V 241 2.71 1.49 41.91
C ASN V 241 3.29 0.73 43.11
N GLY V 242 4.43 0.06 42.95
CA GLY V 242 5.09 -0.53 44.08
C GLY V 242 5.74 0.51 44.96
N ARG V 243 6.06 0.12 46.19
CA ARG V 243 6.66 1.07 47.13
C ARG V 243 8.01 1.55 46.62
N PHE V 244 8.83 0.64 46.11
CA PHE V 244 10.15 1.03 45.63
C PHE V 244 10.04 2.00 44.45
N SER V 245 9.16 1.70 43.50
CA SER V 245 9.01 2.57 42.34
C SER V 245 8.46 3.93 42.74
N LYS V 246 7.47 3.94 43.62
CA LYS V 246 6.94 5.21 44.11
C LYS V 246 8.03 6.04 44.73
N GLN V 247 8.81 5.45 45.63
CA GLN V 247 9.87 6.20 46.32
C GLN V 247 10.92 6.69 45.33
N PHE V 248 11.33 5.84 44.40
CA PHE V 248 12.35 6.22 43.43
C PHE V 248 11.88 7.39 42.58
N LEU V 249 10.67 7.29 42.01
CA LEU V 249 10.17 8.36 41.15
C LEU V 249 9.95 9.63 41.95
N ALA V 250 9.47 9.52 43.18
CA ALA V 250 9.29 10.71 44.00
C ALA V 250 10.61 11.35 44.36
N ASN V 251 11.69 10.57 44.42
CA ASN V 251 13.00 11.09 44.75
C ASN V 251 13.83 11.45 43.53
N LEU V 252 13.30 11.27 42.32
CA LEU V 252 13.97 11.85 41.17
C LEU V 252 14.06 13.37 41.32
N ALA V 253 15.04 13.95 40.63
CA ALA V 253 15.25 15.40 40.73
C ALA V 253 14.03 16.18 40.28
N PHE V 254 13.36 15.69 39.23
CA PHE V 254 12.16 16.37 38.75
C PHE V 254 11.09 16.44 39.82
N TYR V 255 11.07 15.47 40.74
CA TYR V 255 9.99 15.34 41.71
C TYR V 255 10.40 15.56 43.15
N ARG V 256 11.70 15.54 43.46
CA ARG V 256 12.14 15.50 44.85
C ARG V 256 11.58 16.67 45.63
N ASP V 257 11.21 16.41 46.88
CA ASP V 257 10.65 17.43 47.75
C ASP V 257 11.75 18.39 48.22
N GLY V 258 11.34 19.61 48.51
CA GLY V 258 12.26 20.59 49.08
C GLY V 258 13.42 20.94 48.17
N LEU V 259 13.19 20.97 46.86
CA LEU V 259 14.21 21.31 45.89
C LEU V 259 13.77 22.55 45.12
N LYS V 260 14.69 23.50 44.97
CA LYS V 260 14.41 24.66 44.14
C LYS V 260 14.54 24.28 42.67
N PRO V 261 13.86 25.00 41.79
CA PRO V 261 13.94 24.66 40.35
C PRO V 261 15.36 24.69 39.84
N TRP V 262 16.19 25.60 40.35
CA TRP V 262 17.58 25.64 39.92
C TRP V 262 18.32 24.40 40.37
N GLN V 263 18.03 23.90 41.57
CA GLN V 263 18.64 22.65 42.02
C GLN V 263 18.24 21.49 41.12
N ARG V 264 16.94 21.38 40.83
CA ARG V 264 16.48 20.30 39.96
C ARG V 264 17.19 20.36 38.61
N GLY V 265 17.17 21.52 37.97
CA GLY V 265 17.78 21.66 36.67
C GLY V 265 19.27 21.40 36.70
N LEU V 266 19.96 21.91 37.72
CA LEU V 266 21.40 21.73 37.81
C LEU V 266 21.76 20.25 37.90
N GLU V 267 21.05 19.51 38.77
CA GLU V 267 21.37 18.09 38.90
C GLU V 267 21.09 17.34 37.60
N ILE V 268 19.92 17.58 37.01
CA ILE V 268 19.55 16.88 35.78
C ILE V 268 20.56 17.18 34.68
N GLY V 269 20.94 18.44 34.54
CA GLY V 269 21.89 18.82 33.50
C GLY V 269 23.27 18.25 33.75
N MET V 270 23.72 18.24 35.01
CA MET V 270 24.99 17.62 35.32
C MET V 270 25.01 16.19 34.79
N ALA V 271 23.99 15.40 35.15
CA ALA V 271 23.92 14.03 34.68
C ALA V 271 23.92 13.97 33.15
N HIS V 272 23.07 14.79 32.53
CA HIS V 272 22.87 14.69 31.09
C HIS V 272 24.14 15.01 30.32
N GLY V 273 24.79 16.13 30.62
CA GLY V 273 26.03 16.45 29.94
C GLY V 273 27.11 15.44 30.20
N TYR V 274 27.23 14.99 31.46
CA TYR V 274 28.31 14.07 31.80
C TYR V 274 28.19 12.79 30.98
N PHE V 275 26.98 12.26 30.80
CA PHE V 275 26.91 11.06 29.98
C PHE V 275 26.87 11.38 28.49
N LEU V 276 26.51 12.61 28.12
CA LEU V 276 26.36 12.93 26.70
C LEU V 276 27.69 13.12 26.00
N ILE V 277 28.71 13.60 26.70
CA ILE V 277 29.97 13.84 26.01
C ILE V 277 30.56 12.55 25.44
N GLY V 278 30.29 11.41 26.10
CA GLY V 278 30.99 10.18 25.81
C GLY V 278 30.77 9.59 24.43
N PRO V 279 29.52 9.50 23.98
CA PRO V 279 29.27 8.90 22.66
C PRO V 279 30.04 9.54 21.53
N PHE V 280 30.10 10.87 21.50
CA PHE V 280 30.86 11.55 20.46
C PHE V 280 32.35 11.31 20.64
N THR V 281 32.82 11.29 21.89
CA THR V 281 34.24 11.08 22.16
C THR V 281 34.69 9.72 21.62
N SER V 282 33.88 8.68 21.83
CA SER V 282 34.29 7.33 21.50
C SER V 282 33.97 6.93 20.06
N LEU V 283 32.85 7.37 19.51
CA LEU V 283 32.38 6.91 18.21
C LEU V 283 32.25 8.03 17.19
N GLY V 284 32.84 9.18 17.44
CA GLY V 284 32.74 10.30 16.53
C GLY V 284 33.67 10.16 15.34
N PRO V 285 33.50 11.03 14.36
CA PRO V 285 34.41 11.00 13.20
C PRO V 285 35.86 11.19 13.58
N LEU V 286 36.13 12.03 14.58
CA LEU V 286 37.48 12.32 15.04
C LEU V 286 37.83 11.51 16.28
N ARG V 287 37.25 10.30 16.43
CA ARG V 287 37.49 9.50 17.62
C ARG V 287 38.94 9.06 17.72
N ASN V 288 39.62 8.86 16.60
CA ASN V 288 41.01 8.43 16.60
C ASN V 288 41.99 9.59 16.64
N THR V 289 41.52 10.82 16.49
CA THR V 289 42.41 11.98 16.48
C THR V 289 42.72 12.41 17.92
N PRO V 290 43.82 13.14 18.11
CA PRO V 290 44.16 13.60 19.47
C PRO V 290 43.13 14.53 20.08
N GLU V 291 42.28 15.17 19.28
CA GLU V 291 41.26 16.08 19.78
C GLU V 291 39.90 15.41 19.94
N ALA V 292 39.87 14.08 20.03
CA ALA V 292 38.60 13.37 20.12
C ALA V 292 37.80 13.81 21.34
N ALA V 293 38.46 13.88 22.50
CA ALA V 293 37.76 14.24 23.73
C ALA V 293 37.20 15.64 23.66
N THR V 294 37.99 16.60 23.16
CA THR V 294 37.51 17.98 23.10
C THR V 294 36.38 18.13 22.10
N VAL V 295 36.47 17.47 20.94
CA VAL V 295 35.40 17.54 19.96
C VAL V 295 34.14 16.90 20.53
N GLY V 296 34.28 15.80 21.26
CA GLY V 296 33.12 15.20 21.89
C GLY V 296 32.51 16.10 22.95
N LEU V 297 33.35 16.82 23.69
CA LEU V 297 32.84 17.79 24.65
C LEU V 297 32.05 18.89 23.96
N LEU V 298 32.58 19.39 22.83
CA LEU V 298 31.85 20.41 22.09
C LEU V 298 30.51 19.88 21.60
N CYS V 299 30.49 18.65 21.08
CA CYS V 299 29.24 18.07 20.60
C CYS V 299 28.25 17.86 21.74
N GLY V 300 28.73 17.41 22.89
CA GLY V 300 27.84 17.24 24.03
C GLY V 300 27.27 18.55 24.52
N CYS V 301 28.09 19.61 24.54
CA CYS V 301 27.59 20.92 24.91
C CYS V 301 26.57 21.43 23.90
N ALA V 302 26.79 21.15 22.62
CA ALA V 302 25.81 21.50 21.60
C ALA V 302 24.50 20.77 21.82
N ILE V 303 24.56 19.49 22.16
CA ILE V 303 23.34 18.72 22.42
C ILE V 303 22.61 19.27 23.64
N VAL V 304 23.37 19.59 24.70
CA VAL V 304 22.76 20.18 25.89
C VAL V 304 22.06 21.48 25.52
N GLY V 305 22.72 22.32 24.71
CA GLY V 305 22.10 23.56 24.30
C GLY V 305 20.84 23.35 23.48
N LEU V 306 20.86 22.37 22.57
CA LEU V 306 19.68 22.12 21.75
C LEU V 306 18.52 21.64 22.60
N VAL V 307 18.77 20.70 23.52
CA VAL V 307 17.67 20.22 24.35
C VAL V 307 17.18 21.31 25.28
N SER V 308 18.06 22.18 25.77
CA SER V 308 17.62 23.28 26.62
C SER V 308 16.81 24.30 25.83
N ILE V 309 17.17 24.52 24.56
CA ILE V 309 16.37 25.40 23.72
C ILE V 309 14.99 24.80 23.49
N GLY V 310 14.94 23.48 23.27
CA GLY V 310 13.65 22.82 23.16
C GLY V 310 12.82 22.95 24.42
N GLY V 311 13.47 22.82 25.58
CA GLY V 311 12.77 22.99 26.83
C GLY V 311 12.27 24.41 27.03
N LEU V 312 13.05 25.40 26.58
CA LEU V 312 12.60 26.78 26.65
C LEU V 312 11.39 26.98 25.74
N ILE V 313 11.39 26.38 24.56
CA ILE V 313 10.22 26.44 23.68
C ILE V 313 9.02 25.81 24.38
N PHE V 314 9.23 24.67 25.03
CA PHE V 314 8.14 23.98 25.73
C PHE V 314 7.57 24.87 26.83
N GLY V 315 8.44 25.50 27.61
CA GLY V 315 7.97 26.37 28.69
C GLY V 315 7.38 27.67 28.21
N SER V 316 7.73 28.09 26.99
CA SER V 316 7.13 29.30 26.43
C SER V 316 5.77 29.01 25.79
N THR V 317 5.57 27.78 25.32
CA THR V 317 4.32 27.43 24.64
C THR V 317 3.29 26.83 25.60
N ILE V 318 3.65 25.72 26.25
CA ILE V 318 2.70 25.07 27.15
C ILE V 318 2.70 25.76 28.51
N LYS V 319 3.85 26.20 28.98
CA LYS V 319 3.97 26.93 30.24
C LYS V 319 3.52 26.08 31.43
N PRO V 320 4.22 24.98 31.74
CA PRO V 320 3.91 24.26 32.97
C PRO V 320 4.11 25.15 34.19
N THR V 321 3.22 24.98 35.18
CA THR V 321 3.22 25.83 36.36
C THR V 321 3.35 25.02 37.65
N ARG V 322 3.93 23.83 37.58
CA ARG V 322 4.09 23.00 38.77
C ARG V 322 5.27 23.42 39.62
N PHE V 323 6.29 24.03 39.01
CA PHE V 323 7.47 24.50 39.75
C PHE V 323 7.38 25.97 40.14
N ASP V 324 6.32 26.66 39.75
CA ASP V 324 6.22 28.09 39.97
C ASP V 324 5.92 28.41 41.43
N LYS V 325 6.55 29.47 41.93
CA LYS V 325 6.23 29.98 43.25
C LYS V 325 4.87 30.68 43.22
N GLU V 326 4.27 30.80 44.40
CA GLU V 326 2.99 31.50 44.49
C GLU V 326 3.18 32.97 44.11
N GLY V 327 2.22 33.49 43.36
CA GLY V 327 2.31 34.87 42.92
C GLY V 327 3.50 35.14 42.01
N ASP V 328 3.76 34.24 41.07
CA ASP V 328 4.87 34.37 40.15
C ASP V 328 4.39 34.16 38.73
N LYS V 329 5.16 34.69 37.78
CA LYS V 329 4.78 34.56 36.38
C LYS V 329 4.67 33.08 36.02
N PRO V 330 3.67 32.68 35.23
CA PRO V 330 3.54 31.26 34.88
C PRO V 330 4.76 30.77 34.13
N ALA V 331 5.17 29.53 34.44
CA ALA V 331 6.31 28.86 33.82
C ALA V 331 7.65 29.47 34.21
N SER V 332 7.67 30.40 35.16
CA SER V 332 8.94 30.96 35.60
C SER V 332 9.83 29.88 36.22
N GLY V 333 9.25 29.03 37.07
CA GLY V 333 10.02 27.95 37.66
C GLY V 333 10.55 26.98 36.63
N PHE V 334 9.71 26.63 35.65
CA PHE V 334 10.14 25.71 34.60
C PHE V 334 11.28 26.31 33.77
N ILE V 335 11.16 27.59 33.41
CA ILE V 335 12.21 28.23 32.62
C ILE V 335 13.50 28.30 33.43
N GLU V 336 13.40 28.61 34.73
CA GLU V 336 14.59 28.62 35.58
C GLU V 336 15.24 27.24 35.62
N MET V 337 14.41 26.20 35.75
CA MET V 337 14.94 24.84 35.78
C MET V 337 15.63 24.49 34.48
N ILE V 338 15.08 24.93 33.35
CA ILE V 338 15.70 24.61 32.06
C ILE V 338 17.01 25.36 31.87
N ASN V 339 17.05 26.63 32.28
CA ASN V 339 18.31 27.37 32.19
C ASN V 339 19.38 26.72 33.05
N TRP V 340 19.02 26.31 34.27
CA TRP V 340 19.99 25.65 35.11
C TRP V 340 20.34 24.25 34.61
N HIS V 341 19.44 23.62 33.86
CA HIS V 341 19.81 22.36 33.21
C HIS V 341 20.87 22.61 32.15
N ALA V 342 20.74 23.70 31.39
CA ALA V 342 21.80 24.04 30.43
C ALA V 342 23.12 24.27 31.15
N ILE V 343 23.09 25.03 32.25
CA ILE V 343 24.31 25.28 33.01
C ILE V 343 24.92 23.97 33.51
N GLY V 344 24.08 23.12 34.10
CA GLY V 344 24.56 21.86 34.62
C GLY V 344 25.08 20.93 33.54
N GLY V 345 24.46 20.96 32.37
CA GLY V 345 24.98 20.17 31.26
C GLY V 345 26.35 20.63 30.82
N LEU V 346 26.53 21.95 30.71
CA LEU V 346 27.87 22.45 30.41
C LEU V 346 28.86 21.99 31.47
N GLY V 347 28.49 22.12 32.74
CA GLY V 347 29.40 21.76 33.80
C GLY V 347 29.75 20.28 33.80
N GLY V 348 28.74 19.43 33.63
CA GLY V 348 28.98 18.00 33.62
C GLY V 348 29.79 17.55 32.43
N ALA V 349 29.51 18.12 31.25
CA ALA V 349 30.32 17.80 30.08
C ALA V 349 31.76 18.22 30.30
N GLY V 350 31.98 19.41 30.85
CA GLY V 350 33.35 19.83 31.13
C GLY V 350 34.04 18.95 32.14
N PHE V 351 33.31 18.53 33.18
CA PHE V 351 33.91 17.67 34.20
C PHE V 351 34.28 16.32 33.63
N ALA V 352 33.40 15.73 32.82
CA ALA V 352 33.73 14.46 32.18
C ALA V 352 34.93 14.59 31.26
N HIS V 353 34.97 15.68 30.48
CA HIS V 353 36.12 15.90 29.60
C HIS V 353 37.40 16.07 30.39
N ALA V 354 37.34 16.80 31.50
CA ALA V 354 38.51 16.98 32.34
C ALA V 354 38.99 15.66 32.91
N LEU V 355 38.06 14.82 33.38
CA LEU V 355 38.45 13.52 33.90
C LEU V 355 39.09 12.67 32.82
N ILE V 356 38.50 12.65 31.63
CA ILE V 356 39.07 11.87 30.53
C ILE V 356 40.48 12.35 30.23
N THR V 357 40.66 13.67 30.10
CA THR V 357 41.97 14.21 29.76
C THR V 357 43.00 13.90 30.85
N VAL V 358 42.62 14.09 32.12
CA VAL V 358 43.57 13.96 33.21
C VAL V 358 43.95 12.50 33.42
N PHE V 359 42.98 11.58 33.35
CA PHE V 359 43.22 10.17 33.62
C PHE V 359 43.26 9.32 32.36
N GLY V 360 43.57 9.92 31.22
CA GLY V 360 43.71 9.16 29.98
C GLY V 360 42.43 8.48 29.57
N ARG W 64 39.69 14.11 -10.94
CA ARG W 64 38.45 13.38 -10.77
C ARG W 64 38.64 11.90 -10.96
N VAL W 65 37.78 11.09 -10.38
CA VAL W 65 37.81 9.68 -10.61
C VAL W 65 36.50 9.48 -11.38
N PRO W 66 36.52 9.56 -12.74
CA PRO W 66 35.28 9.39 -13.50
C PRO W 66 34.70 8.00 -13.36
N GLY W 67 33.38 7.92 -13.38
CA GLY W 67 32.68 6.65 -13.30
C GLY W 67 31.84 6.35 -14.53
N GLY W 68 31.92 7.23 -15.53
CA GLY W 68 31.12 7.07 -16.73
C GLY W 68 31.89 6.36 -17.84
N LYS W 69 31.21 5.41 -18.49
CA LYS W 69 31.84 4.67 -19.58
C LYS W 69 32.27 5.62 -20.69
N ARG W 70 31.38 6.51 -21.10
CA ARG W 70 31.70 7.46 -22.17
C ARG W 70 32.81 8.40 -21.76
N THR W 71 32.78 8.87 -20.51
CA THR W 71 33.84 9.75 -20.03
C THR W 71 35.19 9.07 -20.11
N LYS W 72 35.28 7.83 -19.62
CA LYS W 72 36.55 7.11 -19.66
C LYS W 72 36.97 6.83 -21.10
N GLU W 73 36.01 6.50 -21.98
CA GLU W 73 36.35 6.15 -23.35
C GLU W 73 36.88 7.36 -24.11
N LEU W 74 36.18 8.49 -24.05
CA LEU W 74 36.52 9.66 -24.84
C LEU W 74 37.46 10.63 -24.15
N GLY W 75 37.82 10.36 -22.90
CA GLY W 75 38.72 11.26 -22.19
C GLY W 75 38.13 12.64 -21.93
N LEU W 76 36.82 12.70 -21.67
CA LEU W 76 36.21 13.97 -21.29
C LEU W 76 36.75 14.42 -19.94
N VAL W 77 36.94 15.73 -19.79
CA VAL W 77 37.59 16.30 -18.63
C VAL W 77 36.75 17.43 -18.07
N VAL W 78 36.93 17.68 -16.77
CA VAL W 78 36.29 18.80 -16.10
C VAL W 78 37.37 19.84 -15.81
N PRO W 79 37.72 20.69 -16.77
CA PRO W 79 38.79 21.67 -16.52
C PRO W 79 38.41 22.60 -15.38
N ILE W 80 39.41 22.94 -14.57
CA ILE W 80 39.23 23.75 -13.37
C ILE W 80 40.13 24.98 -13.51
N PRO W 81 39.62 26.19 -13.27
CA PRO W 81 40.48 27.38 -13.42
C PRO W 81 41.55 27.43 -12.36
N GLU W 82 42.57 28.24 -12.63
CA GLU W 82 43.61 28.49 -11.64
C GLU W 82 43.15 29.46 -10.56
N GLU W 83 42.27 30.40 -10.91
CA GLU W 83 41.79 31.41 -9.98
C GLU W 83 40.26 31.41 -9.99
N ASP W 84 39.68 31.68 -8.82
CA ASP W 84 38.22 31.75 -8.72
C ASP W 84 37.70 32.88 -9.59
N GLY W 85 36.50 32.66 -10.16
CA GLY W 85 35.96 33.61 -11.12
C GLY W 85 35.71 34.98 -10.53
N LEU W 86 35.09 35.02 -9.36
CA LEU W 86 34.71 36.27 -8.72
C LEU W 86 35.57 36.54 -7.50
N THR W 87 35.72 37.81 -7.16
CA THR W 87 36.49 38.24 -6.00
C THR W 87 35.57 38.55 -4.83
N ASP W 88 36.19 38.77 -3.67
CA ASP W 88 35.43 39.01 -2.45
C ASP W 88 34.54 40.24 -2.59
N GLY W 89 35.06 41.30 -3.22
CA GLY W 89 34.25 42.49 -3.40
C GLY W 89 33.03 42.25 -4.27
N GLN W 90 33.20 41.47 -5.35
CA GLN W 90 32.06 41.15 -6.21
C GLN W 90 31.03 40.32 -5.47
N ILE W 91 31.48 39.34 -4.69
CA ILE W 91 30.54 38.53 -3.91
C ILE W 91 29.84 39.41 -2.88
N ALA W 92 30.55 40.38 -2.30
CA ALA W 92 29.94 41.27 -1.34
C ALA W 92 28.86 42.14 -1.98
N ALA W 93 29.13 42.64 -3.19
CA ALA W 93 28.11 43.44 -3.88
C ALA W 93 26.88 42.60 -4.18
N LEU W 94 27.09 41.37 -4.67
CA LEU W 94 25.95 40.50 -4.93
C LEU W 94 25.17 40.22 -3.64
N PHE W 95 25.88 40.06 -2.52
CA PHE W 95 25.19 39.82 -1.25
C PHE W 95 24.44 41.05 -0.79
N VAL W 96 24.94 42.25 -1.07
CA VAL W 96 24.20 43.46 -0.74
C VAL W 96 22.88 43.51 -1.52
N VAL W 97 22.95 43.19 -2.82
CA VAL W 97 21.72 43.17 -3.61
C VAL W 97 20.77 42.09 -3.07
N ALA W 98 21.31 40.93 -2.70
CA ALA W 98 20.48 39.87 -2.15
C ALA W 98 19.84 40.30 -0.84
N LEU W 99 20.56 41.06 -0.02
CA LEU W 99 20.01 41.57 1.23
C LEU W 99 18.86 42.54 0.97
N VAL W 100 19.01 43.41 -0.03
CA VAL W 100 17.90 44.28 -0.41
C VAL W 100 16.70 43.44 -0.82
N VAL W 101 16.94 42.41 -1.62
CA VAL W 101 15.87 41.51 -2.04
C VAL W 101 15.20 40.89 -0.81
N LEU W 102 16.00 40.46 0.16
CA LEU W 102 15.46 39.79 1.33
C LEU W 102 14.59 40.73 2.15
N ILE W 103 15.03 41.97 2.34
CA ILE W 103 14.23 42.93 3.10
C ILE W 103 12.90 43.18 2.38
N ALA W 104 12.96 43.42 1.07
CA ALA W 104 11.74 43.64 0.32
C ALA W 104 10.84 42.41 0.38
N ALA W 105 11.43 41.21 0.35
CA ALA W 105 10.64 39.99 0.36
C ALA W 105 9.97 39.78 1.71
N VAL W 106 10.65 40.12 2.80
CA VAL W 106 10.01 40.04 4.12
C VAL W 106 8.84 41.00 4.19
N ASP W 107 9.02 42.22 3.67
CA ASP W 107 7.90 43.16 3.66
C ASP W 107 6.74 42.62 2.83
N LEU W 108 7.05 42.03 1.68
CA LEU W 108 5.99 41.48 0.83
C LEU W 108 5.28 40.32 1.51
N ALA W 109 6.03 39.47 2.21
CA ALA W 109 5.40 38.36 2.93
C ALA W 109 4.48 38.87 4.02
N ARG W 110 4.89 39.92 4.73
CA ARG W 110 4.01 40.52 5.74
C ARG W 110 2.74 41.06 5.09
N SER W 111 2.89 41.76 3.97
CA SER W 111 1.71 42.31 3.29
C SER W 111 0.78 41.19 2.84
N LEU W 112 1.33 40.12 2.28
CA LEU W 112 0.50 38.99 1.85
C LEU W 112 -0.20 38.35 3.05
N TYR W 113 0.51 38.20 4.16
CA TYR W 113 -0.08 37.58 5.34
C TYR W 113 -1.26 38.39 5.85
N PHE W 114 -1.13 39.71 5.89
CA PHE W 114 -2.18 40.54 6.46
C PHE W 114 -3.27 40.91 5.46
N GLY W 115 -3.04 40.77 4.16
CA GLY W 115 -4.09 41.01 3.20
C GLY W 115 -4.51 42.47 3.15
N LEU W 116 -5.70 42.68 2.58
CA LEU W 116 -6.25 44.03 2.46
C LEU W 116 -6.85 44.47 3.79
N GLN W 117 -6.84 45.79 4.00
CA GLN W 117 -7.34 46.41 5.22
C GLN W 117 -8.43 47.41 4.85
N PRO W 118 -9.70 47.00 4.82
CA PRO W 118 -10.77 47.94 4.45
C PRO W 118 -11.06 48.99 5.52
N ASN W 119 -10.55 48.82 6.74
CA ASN W 119 -10.74 49.82 7.78
C ASN W 119 -9.98 51.10 7.52
N LYS W 120 -9.06 51.10 6.56
CA LYS W 120 -8.15 52.24 6.40
C LYS W 120 -8.92 53.55 6.18
N PHE W 121 -10.09 53.49 5.56
CA PHE W 121 -10.82 54.72 5.29
C PHE W 121 -11.27 55.41 6.58
N LYS W 122 -11.23 54.73 7.72
CA LYS W 122 -11.67 55.34 8.97
C LYS W 122 -10.61 56.24 9.60
N THR W 123 -9.33 55.89 9.45
CA THR W 123 -8.29 56.59 10.19
C THR W 123 -7.15 57.09 9.30
N ALA W 124 -6.88 56.38 8.21
CA ALA W 124 -5.72 56.69 7.39
C ALA W 124 -5.80 58.10 6.82
N LYS W 125 -4.64 58.69 6.59
CA LYS W 125 -4.56 60.03 6.03
C LYS W 125 -4.98 60.01 4.56
N GLY W 126 -5.40 61.17 4.07
CA GLY W 126 -5.84 61.29 2.70
C GLY W 126 -7.28 60.84 2.53
N LYS W 127 -7.77 60.97 1.29
CA LYS W 127 -9.13 60.59 0.95
C LYS W 127 -9.17 59.54 -0.15
N GLY W 128 -8.08 58.80 -0.34
CA GLY W 128 -8.03 57.80 -1.39
C GLY W 128 -8.01 58.43 -2.77
N SER W 129 -7.53 57.68 -3.77
CA SER W 129 -7.45 58.21 -5.12
C SER W 129 -7.52 57.07 -6.11
N ILE W 130 -8.22 57.32 -7.22
CA ILE W 130 -8.27 56.39 -8.35
C ILE W 130 -7.66 57.10 -9.55
N THR W 131 -6.70 56.43 -10.19
CA THR W 131 -6.03 57.03 -11.33
C THR W 131 -7.04 57.26 -12.46
N PRO W 132 -6.87 58.31 -13.26
CA PRO W 132 -7.80 58.52 -14.38
C PRO W 132 -7.87 57.34 -15.33
N PHE W 133 -6.75 56.67 -15.58
CA PHE W 133 -6.79 55.48 -16.42
C PHE W 133 -7.60 54.36 -15.77
N MET W 134 -7.47 54.20 -14.46
CA MET W 134 -8.28 53.21 -13.76
C MET W 134 -9.76 53.55 -13.84
N LYS W 135 -10.10 54.84 -13.71
CA LYS W 135 -11.48 55.26 -13.88
C LYS W 135 -11.98 54.95 -15.28
N ARG W 136 -11.15 55.20 -16.29
CA ARG W 136 -11.53 54.90 -17.67
C ARG W 136 -11.76 53.41 -17.85
N LEU W 137 -10.90 52.58 -17.26
CA LEU W 137 -11.09 51.13 -17.33
C LEU W 137 -12.41 50.73 -16.67
N ILE W 138 -12.72 51.32 -15.51
CA ILE W 138 -13.96 51.01 -14.82
C ILE W 138 -15.15 51.39 -15.70
N GLU W 139 -15.10 52.58 -16.31
CA GLU W 139 -16.19 53.02 -17.18
C GLU W 139 -16.34 52.09 -18.39
N ASN W 140 -15.22 51.67 -18.96
CA ASN W 140 -15.27 50.75 -20.10
C ASN W 140 -15.90 49.42 -19.68
N GLY W 141 -15.55 48.93 -18.51
CA GLY W 141 -16.11 47.71 -18.00
C GLY W 141 -15.18 46.60 -18.27
N PHE W 142 -15.70 45.40 -18.25
CA PHE W 142 -14.90 44.22 -18.46
C PHE W 142 -14.86 43.82 -19.93
N TYR X 22 -58.30 25.33 7.08
CA TYR X 22 -57.50 25.16 5.83
C TYR X 22 -56.08 24.68 6.15
N LYS X 23 -55.61 23.71 5.38
CA LYS X 23 -54.27 23.16 5.53
C LYS X 23 -53.49 23.35 4.24
N GLU X 24 -52.27 23.86 4.35
CA GLU X 24 -51.41 24.06 3.19
C GLU X 24 -50.73 22.74 2.86
N THR X 25 -51.21 22.09 1.82
CA THR X 25 -50.71 20.78 1.44
C THR X 25 -49.47 20.89 0.56
N PRO X 26 -48.72 19.80 0.42
CA PRO X 26 -47.54 19.83 -0.48
C PRO X 26 -47.85 20.35 -1.87
N ALA X 27 -49.03 20.03 -2.41
CA ALA X 27 -49.40 20.57 -3.70
C ALA X 27 -49.49 22.09 -3.66
N ASP X 28 -50.07 22.64 -2.60
CA ASP X 28 -50.15 24.09 -2.47
C ASP X 28 -48.77 24.72 -2.35
N GLU X 29 -47.88 24.09 -1.58
CA GLU X 29 -46.52 24.61 -1.48
C GLU X 29 -45.83 24.59 -2.84
N ARG X 30 -46.01 23.51 -3.60
CA ARG X 30 -45.41 23.44 -4.92
C ARG X 30 -45.98 24.51 -5.85
N LEU X 31 -47.28 24.77 -5.75
CA LEU X 31 -47.88 25.83 -6.56
C LEU X 31 -47.27 27.19 -6.21
N PHE X 32 -47.11 27.46 -4.91
CA PHE X 32 -46.47 28.71 -4.51
C PHE X 32 -45.05 28.78 -5.04
N GLU X 33 -44.31 27.68 -4.96
CA GLU X 33 -42.95 27.66 -5.47
C GLU X 33 -42.92 27.96 -6.96
N GLN X 34 -43.85 27.37 -7.73
CA GLN X 34 -43.86 27.59 -9.17
C GLN X 34 -44.17 29.05 -9.51
N VAL X 35 -45.20 29.62 -8.86
CA VAL X 35 -45.53 31.02 -9.14
C VAL X 35 -44.38 31.93 -8.77
N TYR X 36 -43.77 31.69 -7.60
CA TYR X 36 -42.63 32.49 -7.19
C TYR X 36 -41.50 32.39 -8.20
N LEU X 37 -41.17 31.16 -8.62
CA LEU X 37 -40.11 30.96 -9.58
C LEU X 37 -40.38 31.75 -10.85
N GLN X 38 -41.56 31.60 -11.43
CA GLN X 38 -41.85 32.28 -12.69
C GLN X 38 -41.79 33.79 -12.55
N TYR X 39 -42.52 34.34 -11.57
CA TYR X 39 -42.58 35.78 -11.43
C TYR X 39 -41.21 36.36 -11.14
N THR X 40 -40.50 35.79 -10.17
CA THR X 40 -39.21 36.36 -9.79
C THR X 40 -38.16 36.15 -10.88
N SER X 41 -38.28 35.10 -11.68
CA SER X 41 -37.38 34.95 -12.83
C SER X 41 -37.62 36.06 -13.83
N GLU X 42 -38.88 36.39 -14.11
CA GLU X 42 -39.16 37.54 -14.96
C GLU X 42 -38.55 38.80 -14.36
N TYR X 43 -38.69 38.97 -13.04
CA TYR X 43 -38.14 40.15 -12.38
C TYR X 43 -36.63 40.22 -12.54
N MET X 44 -35.94 39.10 -12.33
CA MET X 44 -34.49 39.09 -12.46
C MET X 44 -34.08 39.42 -13.88
N LYS X 45 -34.79 38.87 -14.87
CA LYS X 45 -34.54 39.26 -16.25
C LYS X 45 -34.67 40.77 -16.42
N GLY X 46 -35.68 41.36 -15.80
CA GLY X 46 -35.92 42.78 -15.91
C GLY X 46 -34.76 43.62 -15.40
N PRO X 47 -34.88 44.94 -15.52
CA PRO X 47 -33.81 45.83 -15.05
C PRO X 47 -33.82 46.10 -13.57
N MET X 48 -34.81 45.59 -12.83
CA MET X 48 -34.93 45.89 -11.41
C MET X 48 -33.95 45.10 -10.55
N TYR X 49 -33.33 44.05 -11.10
CA TYR X 49 -32.43 43.19 -10.36
C TYR X 49 -31.02 43.36 -10.91
N TRP X 50 -30.05 43.60 -10.04
CA TRP X 50 -28.67 43.83 -10.44
C TRP X 50 -27.80 42.72 -9.88
N HIS X 51 -27.06 42.06 -10.77
CA HIS X 51 -26.18 40.96 -10.41
C HIS X 51 -24.89 41.09 -11.20
N LYS X 52 -23.81 40.54 -10.65
CA LYS X 52 -22.51 40.64 -11.32
C LYS X 52 -22.55 39.99 -12.70
N ASP X 53 -23.39 38.97 -12.89
CA ASP X 53 -23.50 38.30 -14.17
C ASP X 53 -24.22 39.15 -15.22
N LYS X 54 -24.81 40.27 -14.83
CA LYS X 54 -25.54 41.13 -15.75
C LYS X 54 -24.72 42.33 -16.21
N LEU X 55 -23.42 42.33 -15.95
CA LEU X 55 -22.56 43.40 -16.42
C LEU X 55 -22.22 43.20 -17.90
N GLN X 56 -21.76 44.28 -18.53
CA GLN X 56 -21.24 44.17 -19.88
C GLN X 56 -19.99 43.30 -19.89
N GLY X 57 -19.90 42.40 -20.86
CA GLY X 57 -18.88 41.38 -20.88
C GLY X 57 -19.29 40.09 -20.21
N SER X 58 -20.30 40.13 -19.36
CA SER X 58 -20.92 38.93 -18.79
C SER X 58 -22.07 38.51 -19.70
N LEU X 59 -22.94 37.63 -19.21
CA LEU X 59 -24.04 37.06 -19.98
C LEU X 59 -24.70 38.05 -20.92
N PRO X 60 -25.23 39.18 -20.44
CA PRO X 60 -26.04 40.03 -21.32
C PRO X 60 -25.22 40.63 -22.45
N ASP X 61 -25.90 40.87 -23.58
CA ASP X 61 -25.27 41.50 -24.72
C ASP X 61 -24.92 42.94 -24.40
N TYR X 62 -23.87 43.43 -25.06
CA TYR X 62 -23.48 44.82 -24.86
C TYR X 62 -24.61 45.74 -25.30
N PRO X 63 -24.86 46.83 -24.59
CA PRO X 63 -26.01 47.68 -24.92
C PRO X 63 -25.95 48.21 -26.34
N GLY X 64 -27.06 48.12 -27.04
CA GLY X 64 -27.17 48.63 -28.39
C GLY X 64 -26.52 47.76 -29.46
N ARG X 65 -25.98 46.62 -29.09
CA ARG X 65 -25.34 45.71 -30.04
C ARG X 65 -25.80 44.28 -29.77
N PRO X 66 -27.09 44.00 -30.00
CA PRO X 66 -27.58 42.63 -29.80
C PRO X 66 -27.11 41.69 -30.90
N MET X 67 -26.26 40.73 -30.54
CA MET X 67 -25.64 39.88 -31.56
C MET X 67 -26.63 38.90 -32.15
N ILE X 68 -27.40 38.22 -31.31
CA ILE X 68 -28.35 37.19 -31.74
C ILE X 68 -29.74 37.62 -31.34
N ARG X 69 -30.65 37.65 -32.31
CA ARG X 69 -32.04 37.99 -32.08
C ARG X 69 -32.93 36.97 -32.78
N ASP X 70 -33.94 36.48 -32.06
CA ASP X 70 -34.88 35.49 -32.60
C ASP X 70 -34.13 34.26 -33.13
N GLY X 71 -32.97 33.97 -32.58
CA GLY X 71 -32.15 32.88 -33.06
C GLY X 71 -31.58 33.12 -34.44
N LYS X 72 -31.14 34.35 -34.71
CA LYS X 72 -30.60 34.71 -36.00
C LYS X 72 -29.54 35.79 -35.80
N TYR X 73 -28.41 35.65 -36.47
CA TYR X 73 -27.34 36.64 -36.32
C TYR X 73 -27.82 38.00 -36.79
N THR X 74 -27.48 39.03 -36.01
CA THR X 74 -27.81 40.40 -36.34
C THR X 74 -26.69 41.04 -37.15
N PRO X 75 -26.94 42.19 -37.76
CA PRO X 75 -25.85 42.88 -38.47
C PRO X 75 -24.70 43.27 -37.56
N TYR X 76 -24.96 43.44 -36.26
CA TYR X 76 -23.91 43.83 -35.33
C TYR X 76 -22.82 42.77 -35.20
N VAL X 77 -23.12 41.52 -35.55
CA VAL X 77 -22.09 40.48 -35.52
C VAL X 77 -20.99 40.79 -36.51
N LEU X 78 -21.28 41.60 -37.53
CA LEU X 78 -20.29 41.99 -38.52
C LEU X 78 -19.49 43.21 -38.10
N GLY X 79 -19.78 43.79 -36.94
CA GLY X 79 -19.03 44.93 -36.45
C GLY X 79 -19.21 46.16 -37.31
N ASN X 80 -18.14 46.59 -37.97
CA ASN X 80 -18.17 47.79 -38.79
C ASN X 80 -18.77 47.56 -40.17
N LEU X 81 -18.95 46.31 -40.58
CA LEU X 81 -19.53 45.99 -41.88
C LEU X 81 -21.04 45.92 -41.83
N LYS X 82 -21.66 46.16 -40.67
CA LYS X 82 -23.11 46.08 -40.56
C LYS X 82 -23.80 47.07 -41.49
N SER X 83 -23.12 48.13 -41.92
CA SER X 83 -23.69 49.11 -42.82
C SER X 83 -23.49 48.75 -44.30
N PHE X 84 -22.71 47.71 -44.59
CA PHE X 84 -22.52 47.28 -45.97
C PHE X 84 -23.72 46.46 -46.43
N SER X 85 -24.17 46.72 -47.65
CA SER X 85 -25.28 45.97 -48.20
C SER X 85 -24.83 44.57 -48.60
N SER X 86 -25.81 43.66 -48.69
CA SER X 86 -25.50 42.28 -49.06
C SER X 86 -24.86 42.20 -50.44
N ASN X 87 -25.32 43.04 -51.37
CA ASN X 87 -24.78 42.99 -52.73
C ASN X 87 -23.30 43.35 -52.75
N GLU X 88 -22.94 44.48 -52.13
CA GLU X 88 -21.54 44.88 -52.13
C GLU X 88 -20.68 43.95 -51.29
N LEU X 89 -21.24 43.40 -50.20
CA LEU X 89 -20.50 42.39 -49.45
C LEU X 89 -20.21 41.17 -50.32
N ALA X 90 -21.20 40.74 -51.11
CA ALA X 90 -21.00 39.61 -52.01
C ALA X 90 -19.92 39.91 -53.04
N PHE X 91 -19.98 41.11 -53.63
CA PHE X 91 -18.98 41.47 -54.62
C PHE X 91 -17.58 41.49 -54.01
N LEU X 92 -17.46 42.10 -52.82
CA LEU X 92 -16.16 42.16 -52.17
C LEU X 92 -15.64 40.78 -51.84
N SER X 93 -16.51 39.90 -51.34
CA SER X 93 -16.07 38.55 -51.01
C SER X 93 -15.61 37.81 -52.26
N MET X 94 -16.36 37.93 -53.35
CA MET X 94 -15.98 37.23 -54.57
C MET X 94 -14.66 37.76 -55.11
N LEU X 95 -14.51 39.09 -55.13
CA LEU X 95 -13.29 39.70 -55.64
C LEU X 95 -12.08 39.31 -54.80
N PHE X 96 -12.24 39.36 -53.48
CA PHE X 96 -11.14 38.97 -52.59
C PHE X 96 -10.80 37.50 -52.77
N PHE X 97 -11.80 36.64 -52.92
CA PHE X 97 -11.52 35.23 -53.14
C PHE X 97 -10.74 35.04 -54.43
N GLY X 98 -11.17 35.68 -55.51
CA GLY X 98 -10.46 35.54 -56.77
C GLY X 98 -9.02 36.01 -56.68
N VAL X 99 -8.82 37.21 -56.13
CA VAL X 99 -7.48 37.78 -56.06
C VAL X 99 -6.60 36.95 -55.14
N GLY X 100 -7.12 36.53 -53.99
CA GLY X 100 -6.32 35.75 -53.06
C GLY X 100 -5.98 34.37 -53.60
N LEU X 101 -6.93 33.71 -54.24
CA LEU X 101 -6.65 32.42 -54.84
C LEU X 101 -5.61 32.56 -55.94
N TYR X 102 -5.74 33.59 -56.78
CA TYR X 102 -4.74 33.84 -57.82
C TYR X 102 -3.37 34.04 -57.20
N GLY X 103 -3.28 34.87 -56.17
CA GLY X 103 -2.00 35.12 -55.53
C GLY X 103 -1.41 33.86 -54.93
N ASN X 104 -2.23 33.07 -54.24
CA ASN X 104 -1.72 31.86 -53.60
C ASN X 104 -1.22 30.86 -54.64
N LEU X 105 -2.01 30.60 -55.68
CA LEU X 105 -1.60 29.66 -56.71
C LEU X 105 -0.34 30.15 -57.42
N GLN X 106 -0.29 31.44 -57.75
CA GLN X 106 0.88 31.98 -58.43
C GLN X 106 2.12 31.87 -57.55
N PHE X 107 1.98 32.19 -56.26
CA PHE X 107 3.13 32.14 -55.36
C PHE X 107 3.61 30.70 -55.17
N ASN X 108 2.69 29.75 -55.07
CA ASN X 108 3.06 28.39 -54.70
C ASN X 108 3.51 27.55 -55.89
N TYR X 109 2.70 27.49 -56.95
CA TYR X 109 2.90 26.52 -58.02
C TYR X 109 3.32 27.17 -59.33
N TYR X 110 2.54 28.13 -59.84
CA TYR X 110 2.72 28.58 -61.21
C TYR X 110 3.78 29.67 -61.34
N ASP X 111 4.09 30.37 -60.26
CA ASP X 111 5.19 31.35 -60.24
C ASP X 111 5.91 31.25 -58.90
N PRO X 112 6.61 30.14 -58.66
CA PRO X 112 7.32 29.99 -57.38
C PRO X 112 8.35 31.09 -57.18
N GLN X 113 8.48 31.55 -55.95
CA GLN X 113 9.42 32.60 -55.59
C GLN X 113 10.60 32.10 -54.77
N TRP X 114 10.58 30.83 -54.34
CA TRP X 114 11.64 30.32 -53.48
C TRP X 114 12.99 30.37 -54.18
N ALA X 115 13.04 29.97 -55.45
CA ALA X 115 14.29 29.99 -56.18
C ALA X 115 14.83 31.40 -56.33
N LYS X 116 13.97 32.36 -56.66
CA LYS X 116 14.39 33.74 -56.80
C LYS X 116 14.92 34.28 -55.47
N VAL X 117 14.21 34.01 -54.38
CA VAL X 117 14.65 34.50 -53.08
C VAL X 117 15.99 33.88 -52.69
N ASP X 118 16.15 32.58 -52.94
CA ASP X 118 17.44 31.94 -52.66
C ASP X 118 18.55 32.57 -53.49
N ALA X 119 18.28 32.84 -54.76
CA ALA X 119 19.25 33.58 -55.57
C ALA X 119 19.59 34.92 -54.94
N GLY X 120 18.61 35.56 -54.31
CA GLY X 120 18.86 36.80 -53.60
C GLY X 120 17.84 37.89 -53.87
N GLY X 121 16.96 37.65 -54.83
CA GLY X 121 15.95 38.63 -55.15
C GLY X 121 14.88 38.73 -54.08
N TYR X 122 14.13 39.82 -54.14
CA TYR X 122 13.02 40.04 -53.23
C TYR X 122 11.76 39.35 -53.74
N PHE X 123 10.88 39.00 -52.81
CA PHE X 123 9.62 38.38 -53.19
C PHE X 123 8.82 39.31 -54.10
N ASN X 124 7.77 38.76 -54.70
CA ASN X 124 6.79 39.55 -55.43
C ASN X 124 5.77 40.05 -54.42
N VAL X 125 5.95 41.28 -53.94
CA VAL X 125 5.15 41.79 -52.84
C VAL X 125 3.66 41.67 -53.14
N SER X 126 3.28 41.64 -54.41
CA SER X 126 1.87 41.51 -54.76
C SER X 126 1.30 40.21 -54.24
N TYR X 127 2.05 39.11 -54.39
CA TYR X 127 1.51 37.80 -54.01
C TYR X 127 1.26 37.69 -52.51
N ILE X 128 2.14 38.27 -51.69
CA ILE X 128 1.99 38.13 -50.25
C ILE X 128 0.75 38.90 -49.78
N VAL X 129 0.60 40.15 -50.21
CA VAL X 129 -0.57 40.92 -49.81
C VAL X 129 -1.84 40.31 -50.41
N GLU X 130 -1.75 39.82 -51.64
CA GLU X 130 -2.92 39.22 -52.28
C GLU X 130 -3.38 37.98 -51.54
N SER X 131 -2.44 37.13 -51.12
CA SER X 131 -2.81 35.84 -50.54
C SER X 131 -3.59 35.99 -49.24
N LEU X 132 -3.41 37.12 -48.53
CA LEU X 132 -4.18 37.34 -47.31
C LEU X 132 -5.67 37.52 -47.59
N LEU X 133 -6.04 37.80 -48.84
CA LEU X 133 -7.43 38.10 -49.13
C LEU X 133 -8.32 36.86 -49.14
N LEU X 134 -7.73 35.67 -49.27
CA LEU X 134 -8.55 34.45 -49.30
C LEU X 134 -9.31 34.23 -48.00
N PRO X 135 -8.66 34.19 -46.83
CA PRO X 135 -9.45 34.11 -45.58
C PRO X 135 -10.35 35.31 -45.38
N ILE X 136 -9.88 36.49 -45.79
CA ILE X 136 -10.74 37.67 -45.76
C ILE X 136 -11.95 37.45 -46.64
N SER X 137 -11.75 36.82 -47.81
CA SER X 137 -12.87 36.50 -48.69
C SER X 137 -13.84 35.54 -48.02
N PHE X 138 -13.31 34.54 -47.32
CA PHE X 138 -14.17 33.59 -46.63
C PHE X 138 -15.06 34.29 -45.61
N PHE X 139 -14.45 35.09 -44.74
CA PHE X 139 -15.23 35.79 -43.73
C PHE X 139 -16.14 36.83 -44.35
N MET X 140 -15.78 37.38 -45.48
CA MET X 140 -16.65 38.31 -46.15
C MET X 140 -17.85 37.61 -46.70
N HIS X 141 -17.76 36.34 -47.09
CA HIS X 141 -18.95 35.59 -47.51
C HIS X 141 -19.88 35.26 -46.39
N ILE X 142 -19.37 34.92 -45.23
CA ILE X 142 -20.19 34.63 -44.10
C ILE X 142 -20.81 35.95 -43.73
N ALA X 143 -20.14 37.08 -43.91
CA ALA X 143 -20.81 38.33 -43.59
C ALA X 143 -21.89 38.66 -44.62
N CYS X 144 -21.61 38.37 -45.88
CA CYS X 144 -22.61 38.59 -46.92
C CYS X 144 -23.85 37.75 -46.68
N TYR X 145 -23.67 36.48 -46.32
CA TYR X 145 -24.82 35.64 -46.00
C TYR X 145 -25.59 36.20 -44.82
N ILE X 146 -24.87 36.61 -43.77
CA ILE X 146 -25.55 37.14 -42.59
C ILE X 146 -26.36 38.39 -42.95
N GLN X 147 -25.77 39.29 -43.72
CA GLN X 147 -26.47 40.51 -44.10
C GLN X 147 -27.69 40.20 -44.97
N LYS X 148 -27.51 39.33 -45.96
CA LYS X 148 -28.63 38.95 -46.82
C LYS X 148 -29.73 38.29 -46.01
N GLN X 149 -29.36 37.37 -45.12
CA GLN X 149 -30.34 36.69 -44.29
C GLN X 149 -31.08 37.65 -43.38
N ASN X 150 -30.52 38.82 -43.12
CA ASN X 150 -31.13 39.82 -42.25
C ASN X 150 -31.98 40.83 -43.01
N GLY X 151 -32.13 40.66 -44.33
CA GLY X 151 -32.95 41.55 -45.12
C GLY X 151 -32.28 42.81 -45.60
N LYS X 152 -30.96 42.94 -45.42
CA LYS X 152 -30.23 44.11 -45.87
C LYS X 152 -29.67 43.90 -47.27
N SER Y 40 -40.47 21.92 23.40
CA SER Y 40 -40.58 21.59 24.85
C SER Y 40 -39.21 21.54 25.51
N SER Y 41 -38.22 22.11 24.85
CA SER Y 41 -36.85 22.13 25.35
C SER Y 41 -36.63 23.39 26.19
N LYS Y 42 -36.16 23.20 27.42
CA LYS Y 42 -35.92 24.34 28.30
C LYS Y 42 -34.74 25.17 27.82
N TRP Y 43 -33.81 24.57 27.09
CA TRP Y 43 -32.66 25.32 26.59
C TRP Y 43 -33.10 26.36 25.58
N VAL Y 44 -32.53 27.56 25.69
CA VAL Y 44 -32.82 28.67 24.79
C VAL Y 44 -31.54 29.02 24.06
N ASN Y 45 -31.61 29.07 22.74
CA ASN Y 45 -30.43 29.38 21.95
C ASN Y 45 -29.97 30.81 22.23
N PRO Y 46 -28.70 31.02 22.57
CA PRO Y 46 -28.27 32.40 22.82
C PRO Y 46 -28.13 33.23 21.55
N GLU Y 47 -27.57 32.66 20.50
CA GLU Y 47 -27.32 33.43 19.28
C GLU Y 47 -28.62 33.77 18.55
N ASP Y 48 -29.48 32.77 18.36
CA ASP Y 48 -30.72 32.93 17.59
C ASP Y 48 -31.88 32.33 18.38
N PRO Y 49 -32.67 33.14 19.07
CA PRO Y 49 -33.75 32.57 19.90
C PRO Y 49 -34.73 31.70 19.13
N GLU Y 50 -34.99 32.01 17.86
CA GLU Y 50 -35.95 31.23 17.09
C GLU Y 50 -35.47 29.78 16.93
N MET Y 51 -34.18 29.59 16.64
CA MET Y 51 -33.65 28.25 16.47
C MET Y 51 -33.55 27.53 17.81
N SER Y 52 -33.40 26.22 17.74
CA SER Y 52 -33.18 25.42 18.94
C SER Y 52 -31.76 25.59 19.44
N HIS Y 53 -31.54 25.20 20.70
CA HIS Y 53 -30.20 25.28 21.25
C HIS Y 53 -29.28 24.33 20.51
N PRO Y 54 -28.01 24.70 20.30
CA PRO Y 54 -27.09 23.76 19.63
C PRO Y 54 -26.94 22.44 20.38
N SER Y 55 -27.08 22.46 21.71
CA SER Y 55 -26.91 21.23 22.48
C SER Y 55 -27.91 20.17 22.05
N GLY Y 56 -29.15 20.58 21.80
CA GLY Y 56 -30.19 19.62 21.45
C GLY Y 56 -30.71 18.82 22.62
N LEU Y 57 -30.60 19.36 23.83
CA LEU Y 57 -31.08 18.70 25.03
C LEU Y 57 -32.35 19.38 25.53
N TYR Y 58 -33.08 18.69 26.40
CA TYR Y 58 -34.37 19.15 26.87
C TYR Y 58 -34.44 19.39 28.37
N VAL Y 59 -33.39 19.06 29.12
CA VAL Y 59 -33.37 19.24 30.57
C VAL Y 59 -32.16 20.09 30.92
N LEU Y 60 -32.39 21.15 31.71
CA LEU Y 60 -31.31 22.05 32.06
C LEU Y 60 -30.31 21.36 32.97
N PRO Y 61 -29.05 21.79 32.97
CA PRO Y 61 -28.03 21.10 33.76
C PRO Y 61 -28.21 21.35 35.25
N LEU Y 62 -27.64 20.44 36.04
CA LEU Y 62 -27.72 20.50 37.48
C LEU Y 62 -26.36 20.92 38.04
N LYS Y 63 -26.32 22.06 38.73
CA LYS Y 63 -25.08 22.53 39.31
C LYS Y 63 -24.80 21.81 40.62
N PRO Y 64 -23.54 21.50 40.92
CA PRO Y 64 -23.22 20.84 42.19
C PRO Y 64 -23.31 21.80 43.36
N ALA Y 65 -23.36 21.23 44.56
CA ALA Y 65 -23.38 22.04 45.77
C ALA Y 65 -22.12 22.88 45.88
N LYS Y 66 -20.96 22.27 45.60
CA LYS Y 66 -19.70 23.00 45.58
C LYS Y 66 -18.89 22.52 44.37
N PRO Y 67 -18.55 23.41 43.43
CA PRO Y 67 -17.85 22.96 42.23
C PRO Y 67 -16.50 22.34 42.57
N GLN Y 68 -16.14 21.29 41.84
CA GLN Y 68 -14.85 20.65 42.03
C GLN Y 68 -13.72 21.63 41.72
N GLU Y 69 -12.71 21.66 42.58
CA GLU Y 69 -11.58 22.54 42.40
C GLU Y 69 -10.46 21.82 41.65
N ASN Y 70 -9.64 22.60 40.97
CA ASN Y 70 -8.54 22.04 40.18
C ASN Y 70 -7.63 21.20 41.06
N TYR Y 71 -7.20 20.06 40.54
CA TYR Y 71 -6.38 19.13 41.32
C TYR Y 71 -5.42 18.41 40.38
N ILE Y 72 -4.42 17.77 40.99
CA ILE Y 72 -3.46 16.94 40.26
C ILE Y 72 -3.20 15.69 41.08
N TYR Y 73 -2.88 14.59 40.38
CA TYR Y 73 -2.54 13.34 41.03
C TYR Y 73 -1.04 13.29 41.29
N THR Y 74 -0.66 13.24 42.57
CA THR Y 74 0.74 13.20 42.96
C THR Y 74 0.89 12.22 44.12
N TRP Y 75 2.12 12.08 44.60
CA TRP Y 75 2.41 11.25 45.76
C TRP Y 75 2.16 12.04 47.03
N LYS Y 76 1.88 11.31 48.11
CA LYS Y 76 1.70 11.90 49.44
C LYS Y 76 2.48 11.05 50.43
N LYS Y 77 3.70 11.45 50.73
CA LYS Y 77 4.50 10.72 51.71
C LYS Y 77 3.75 10.67 53.04
N GLY Y 78 3.66 9.48 53.61
CA GLY Y 78 2.81 9.25 54.76
C GLY Y 78 3.36 9.71 56.08
N GLU Y 79 4.60 10.21 56.12
CA GLU Y 79 5.23 10.71 57.34
C GLU Y 79 5.63 9.57 58.27
N ASP Y 80 5.28 8.33 57.91
CA ASP Y 80 5.74 7.15 58.63
C ASP Y 80 6.44 6.17 57.71
N GLY Y 81 6.99 6.64 56.60
CA GLY Y 81 7.67 5.80 55.63
C GLY Y 81 6.81 5.33 54.48
N SER Y 82 5.50 5.51 54.56
CA SER Y 82 4.60 5.09 53.49
C SER Y 82 4.52 6.17 52.42
N ILE Y 83 3.91 5.82 51.29
CA ILE Y 83 3.76 6.74 50.18
C ILE Y 83 2.64 6.24 49.27
N GLU Y 84 1.73 7.14 48.89
CA GLU Y 84 0.65 6.84 47.96
C GLU Y 84 1.01 7.31 46.56
N ASP Y 85 0.39 6.69 45.57
CA ASP Y 85 0.76 6.96 44.17
C ASP Y 85 -0.12 8.02 43.54
N TYR Y 86 -1.43 7.76 43.45
CA TYR Y 86 -2.37 8.67 42.81
C TYR Y 86 -3.23 9.30 43.91
N VAL Y 87 -2.71 10.37 44.49
CA VAL Y 87 -3.43 11.16 45.49
C VAL Y 87 -3.84 12.46 44.82
N LYS Y 88 -5.14 12.72 44.78
CA LYS Y 88 -5.64 13.95 44.21
C LYS Y 88 -5.43 15.08 45.21
N THR Y 89 -4.62 16.06 44.83
CA THR Y 89 -4.30 17.18 45.69
C THR Y 89 -4.65 18.49 45.01
N PRO Y 90 -5.08 19.49 45.77
CA PRO Y 90 -5.49 20.75 45.14
C PRO Y 90 -4.35 21.42 44.40
N PHE Y 91 -4.70 22.12 43.32
CA PHE Y 91 -3.77 22.92 42.54
C PHE Y 91 -4.34 24.32 42.41
N LYS Y 92 -3.53 25.32 42.75
CA LYS Y 92 -4.06 26.68 42.88
C LYS Y 92 -4.61 27.20 41.55
N GLY Y 93 -3.87 27.01 40.47
CA GLY Y 93 -4.24 27.54 39.18
C GLY Y 93 -4.25 26.49 38.10
N PRO Y 94 -4.17 26.92 36.84
CA PRO Y 94 -4.07 25.94 35.75
C PRO Y 94 -2.75 25.19 35.81
N GLU Y 95 -2.81 23.88 35.53
CA GLU Y 95 -1.60 23.09 35.50
C GLU Y 95 -0.67 23.55 34.39
N ARG Y 96 -1.24 24.00 33.27
CA ARG Y 96 -0.48 24.55 32.15
C ARG Y 96 -1.11 25.87 31.78
N ALA Y 97 -0.38 26.97 31.96
CA ALA Y 97 -0.92 28.31 31.80
C ALA Y 97 -0.90 28.79 30.36
N ALA Y 98 -0.80 27.89 29.39
CA ALA Y 98 -0.86 28.31 28.00
C ALA Y 98 -2.21 28.92 27.69
N ASP Y 99 -2.21 29.92 26.80
CA ASP Y 99 -3.46 30.55 26.39
C ASP Y 99 -4.41 29.50 25.83
N TYR Y 100 -3.88 28.56 25.04
CA TYR Y 100 -4.70 27.52 24.46
C TYR Y 100 -5.41 26.71 25.55
N TYR Y 101 -4.68 26.34 26.61
CA TYR Y 101 -5.29 25.57 27.68
C TYR Y 101 -6.31 26.40 28.46
N THR Y 102 -5.97 27.64 28.78
CA THR Y 102 -6.81 28.44 29.67
C THR Y 102 -8.06 28.95 28.98
N GLN Y 103 -8.04 29.13 27.66
CA GLN Y 103 -9.22 29.65 26.97
C GLN Y 103 -10.40 28.69 27.01
N ARG Y 104 -10.17 27.43 27.38
CA ARG Y 104 -11.22 26.41 27.33
C ARG Y 104 -12.04 26.48 28.62
N LYS Y 105 -13.35 26.64 28.47
CA LYS Y 105 -14.26 26.68 29.61
C LYS Y 105 -15.15 25.45 29.72
N GLY Y 106 -15.23 24.63 28.66
CA GLY Y 106 -16.01 23.42 28.71
C GLY Y 106 -17.50 23.60 28.58
N ASN Y 107 -17.97 24.81 28.28
CA ASN Y 107 -19.41 25.03 28.14
C ASN Y 107 -19.99 24.22 26.99
N GLY Y 108 -19.27 24.15 25.88
CA GLY Y 108 -19.68 23.35 24.76
C GLY Y 108 -18.49 22.96 23.92
N ALA Y 109 -18.76 22.57 22.67
CA ALA Y 109 -17.68 22.26 21.75
C ALA Y 109 -16.81 23.49 21.50
N TRP Y 110 -17.46 24.65 21.33
CA TRP Y 110 -16.75 25.93 21.19
C TRP Y 110 -17.12 26.89 22.30
N ASP Y 111 -17.56 26.38 23.45
CA ASP Y 111 -18.09 27.22 24.52
C ASP Y 111 -19.22 28.10 24.01
N HIS Y 112 -20.01 27.56 23.09
CA HIS Y 112 -21.06 28.30 22.43
C HIS Y 112 -22.41 28.20 23.13
N TRP Y 113 -22.53 27.38 24.16
CA TRP Y 113 -23.78 27.28 24.88
C TRP Y 113 -23.97 28.53 25.74
N GLY Y 114 -25.24 28.94 25.89
CA GLY Y 114 -25.55 30.14 26.62
C GLY Y 114 -25.22 30.01 28.08
N PRO Y 115 -25.66 30.99 28.88
CA PRO Y 115 -25.45 30.88 30.34
C PRO Y 115 -26.10 29.65 30.94
N GLN Y 116 -27.15 29.13 30.30
CA GLN Y 116 -27.80 27.92 30.81
C GLN Y 116 -26.87 26.72 30.83
N GLY Y 117 -25.80 26.74 30.02
CA GLY Y 117 -24.86 25.64 30.04
C GLY Y 117 -24.18 25.46 31.38
N GLU Y 118 -24.12 26.53 32.18
CA GLU Y 118 -23.52 26.47 33.51
C GLU Y 118 -24.60 26.54 34.58
N PRO Z 94 52.77 15.77 -29.48
CA PRO Z 94 54.12 15.65 -28.93
C PRO Z 94 54.14 15.00 -27.55
N SER Z 95 54.09 15.81 -26.49
CA SER Z 95 54.06 15.30 -25.13
C SER Z 95 53.00 16.07 -24.35
N ASP Z 96 52.53 15.46 -23.26
CA ASP Z 96 51.45 16.05 -22.48
C ASP Z 96 51.85 17.42 -21.93
N GLU Z 97 53.10 17.56 -21.49
CA GLU Z 97 53.53 18.82 -20.90
C GLU Z 97 53.37 19.96 -21.88
N GLU Z 98 53.93 19.82 -23.09
CA GLU Z 98 53.83 20.90 -24.07
C GLU Z 98 52.41 21.03 -24.60
N ILE Z 99 51.66 19.93 -24.68
CA ILE Z 99 50.27 20.02 -25.12
C ILE Z 99 49.48 20.91 -24.18
N LEU Z 100 49.63 20.69 -22.88
CA LEU Z 100 48.92 21.49 -21.89
C LEU Z 100 49.48 22.90 -21.81
N ALA Z 101 50.78 23.08 -22.04
CA ALA Z 101 51.37 24.41 -22.06
C ALA Z 101 50.77 25.24 -23.19
N LYS Z 102 50.66 24.65 -24.38
CA LYS Z 102 50.04 25.36 -25.50
C LYS Z 102 48.57 25.60 -25.24
N GLY Z 103 47.87 24.60 -24.71
CA GLY Z 103 46.46 24.72 -24.43
C GLY Z 103 45.61 24.59 -25.67
N CYS Z 104 44.30 24.52 -25.45
CA CYS Z 104 43.32 24.35 -26.52
C CYS Z 104 42.34 25.52 -26.52
N ASP Z 105 42.04 26.04 -27.72
CA ASP Z 105 41.03 27.09 -27.89
C ASP Z 105 40.41 26.99 -29.29
N ILE Z 106 39.16 26.54 -29.39
CA ILE Z 106 38.45 26.34 -30.65
C ILE Z 106 38.31 27.63 -31.38
N ARG Z 107 38.11 28.69 -30.64
CA ARG Z 107 37.91 29.99 -31.23
C ARG Z 107 39.10 30.42 -32.07
N VAL Z 108 40.32 30.13 -31.64
CA VAL Z 108 41.52 30.63 -32.35
C VAL Z 108 42.35 29.66 -33.20
N ASP Z 109 42.90 28.58 -32.65
CA ASP Z 109 43.81 27.68 -33.35
C ASP Z 109 43.36 26.23 -33.37
N CYS Z 110 42.80 25.73 -32.27
CA CYS Z 110 42.45 24.31 -32.17
C CYS Z 110 41.08 24.08 -32.83
N THR Z 111 41.06 24.29 -34.13
CA THR Z 111 39.87 24.03 -34.94
C THR Z 111 39.77 22.56 -35.34
N THR Z 112 40.69 21.72 -34.89
CA THR Z 112 40.76 20.32 -35.28
C THR Z 112 40.27 19.46 -34.13
N LYS Z 113 39.21 18.68 -34.38
CA LYS Z 113 38.63 17.85 -33.32
C LYS Z 113 39.67 16.87 -32.79
N GLU Z 114 40.57 16.39 -33.65
CA GLU Z 114 41.62 15.49 -33.21
C GLU Z 114 42.55 16.18 -32.22
N GLN Z 115 42.93 17.42 -32.50
CA GLN Z 115 43.75 18.17 -31.56
C GLN Z 115 42.99 18.43 -30.26
N GLN Z 116 41.70 18.76 -30.37
CA GLN Z 116 40.91 19.03 -29.17
C GLN Z 116 40.89 17.81 -28.26
N PHE Z 117 40.61 16.64 -28.82
CA PHE Z 117 40.55 15.44 -27.99
C PHE Z 117 41.93 14.96 -27.57
N ALA Z 118 42.98 15.30 -28.32
CA ALA Z 118 44.33 15.02 -27.84
C ALA Z 118 44.65 15.83 -26.57
N TRP Z 119 44.30 17.12 -26.59
CA TRP Z 119 44.47 17.93 -25.38
C TRP Z 119 43.61 17.41 -24.25
N ALA Z 120 42.38 17.00 -24.57
CA ALA Z 120 41.50 16.44 -23.53
C ALA Z 120 42.12 15.19 -22.92
N LYS Z 121 42.69 14.32 -23.75
CA LYS Z 121 43.32 13.11 -23.23
C LYS Z 121 44.53 13.44 -22.36
N ALA Z 122 45.32 14.43 -22.77
CA ALA Z 122 46.47 14.85 -21.95
C ALA Z 122 46.01 15.35 -20.59
N TYR Z 123 44.99 16.21 -20.58
CA TYR Z 123 44.45 16.71 -19.32
C TYR Z 123 43.89 15.59 -18.47
N TYR Z 124 43.19 14.64 -19.10
CA TYR Z 124 42.67 13.47 -18.39
C TYR Z 124 43.79 12.69 -17.72
N ARG Z 125 44.83 12.36 -18.48
CA ARG Z 125 45.93 11.60 -17.93
C ARG Z 125 46.60 12.36 -16.79
N LYS Z 126 46.67 13.69 -16.89
CA LYS Z 126 47.34 14.47 -15.85
C LYS Z 126 46.52 14.54 -14.58
N TYR Z 127 45.20 14.79 -14.69
CA TYR Z 127 44.41 15.21 -13.54
C TYR Z 127 43.39 14.17 -13.07
N ASN Z 128 43.26 13.02 -13.74
CA ASN Z 128 42.28 12.03 -13.38
C ASN Z 128 42.96 10.75 -12.91
N GLN Z 129 42.32 10.06 -11.97
CA GLN Z 129 42.84 8.84 -11.39
C GLN Z 129 41.89 7.69 -11.68
N GLU Z 130 42.45 6.50 -11.93
CA GLU Z 130 41.62 5.35 -12.26
C GLU Z 130 40.70 4.98 -11.11
N THR Z 131 41.21 4.98 -9.88
CA THR Z 131 40.44 4.58 -8.71
C THR Z 131 40.73 5.56 -7.57
N ASP Z 132 39.80 5.60 -6.62
CA ASP Z 132 39.92 6.48 -5.46
C ASP Z 132 41.05 6.06 -4.53
N GLY Z 133 41.61 4.86 -4.71
CA GLY Z 133 42.69 4.41 -3.85
C GLY Z 133 42.25 3.81 -2.54
N LYS Z 134 41.03 3.28 -2.47
CA LYS Z 134 40.53 2.70 -1.23
C LYS Z 134 41.41 1.54 -0.80
N ASP Z 135 41.54 1.36 0.51
CA ASP Z 135 42.39 0.32 1.04
C ASP Z 135 41.94 -1.04 0.53
N PRO Z 136 42.85 -1.88 0.02
CA PRO Z 136 42.42 -3.21 -0.47
C PRO Z 136 41.83 -4.10 0.61
N LYS Z 137 42.09 -3.81 1.88
CA LYS Z 137 41.62 -4.70 2.94
C LYS Z 137 40.10 -4.78 2.95
N TYR Z 138 39.42 -3.66 2.69
CA TYR Z 138 37.96 -3.66 2.73
C TYR Z 138 37.34 -4.56 1.67
N SER Z 139 38.11 -4.94 0.65
CA SER Z 139 37.61 -5.81 -0.40
C SER Z 139 37.81 -7.29 -0.12
N LYS Z 140 38.71 -7.63 0.79
CA LYS Z 140 39.00 -9.04 1.07
C LYS Z 140 37.87 -9.65 1.91
N PRO Z 141 37.49 -10.90 1.63
CA PRO Z 141 36.46 -11.55 2.44
C PRO Z 141 36.93 -11.86 3.85
N SER Z 142 35.95 -11.97 4.75
CA SER Z 142 36.17 -12.33 6.15
C SER Z 142 35.66 -13.71 6.51
N THR Z 143 34.45 -14.06 6.08
CA THR Z 143 33.82 -15.32 6.42
C THR Z 143 33.73 -16.21 5.18
N GLY Z 144 34.09 -17.49 5.35
CA GLY Z 144 34.05 -18.44 4.28
C GLY Z 144 35.29 -18.50 3.42
N ALA Z 145 36.26 -17.61 3.65
CA ALA Z 145 37.51 -17.60 2.91
C ALA Z 145 38.64 -18.29 3.65
N GLY Z 146 38.39 -18.84 4.83
CA GLY Z 146 39.43 -19.48 5.61
C GLY Z 146 40.34 -18.54 6.35
N VAL Z 147 39.96 -17.27 6.50
CA VAL Z 147 40.79 -16.28 7.17
C VAL Z 147 40.00 -15.62 8.29
N PHE Z 148 39.02 -16.35 8.83
CA PHE Z 148 38.17 -15.79 9.87
C PHE Z 148 38.92 -15.43 11.14
N ARG Z 149 39.91 -16.24 11.51
CA ARG Z 149 40.62 -16.02 12.76
C ARG Z 149 41.39 -14.70 12.77
N LYS Z 150 41.69 -14.13 11.60
CA LYS Z 150 42.42 -12.87 11.57
C LYS Z 150 41.65 -11.76 12.28
N PHE Z 151 40.32 -11.74 12.10
CA PHE Z 151 39.52 -10.64 12.63
C PHE Z 151 39.21 -10.78 14.11
N LYS Z 152 39.42 -11.95 14.69
CA LYS Z 152 39.18 -12.18 16.12
C LYS Z 152 37.73 -11.84 16.49
N ILE Z 153 36.80 -12.19 15.61
CA ILE Z 153 35.39 -11.87 15.86
C ILE Z 153 34.85 -12.72 17.00
N ASP Z 154 35.24 -13.99 17.06
CA ASP Z 154 34.72 -14.95 18.03
C ASP Z 154 35.82 -15.45 18.94
N TRP Z 155 36.70 -14.56 19.40
CA TRP Z 155 37.82 -15.00 20.22
C TRP Z 155 37.38 -15.68 21.51
N PRO Z 156 36.47 -15.11 22.31
CA PRO Z 156 36.07 -15.78 23.56
C PRO Z 156 35.34 -17.08 23.26
N ASN Z 157 35.94 -18.20 23.64
CA ASN Z 157 35.38 -19.51 23.34
C ASN Z 157 35.22 -19.66 21.83
N PRO Z 158 36.31 -19.75 21.09
CA PRO Z 158 36.20 -19.86 19.63
C PRO Z 158 35.62 -21.20 19.21
N ASP Z 159 35.01 -21.19 18.03
CA ASP Z 159 34.39 -22.41 17.50
C ASP Z 159 35.45 -23.35 16.96
N PRO Z 160 35.58 -24.57 17.49
CA PRO Z 160 36.66 -25.45 17.02
C PRO Z 160 36.57 -25.80 15.55
N SER Z 161 35.35 -25.92 15.01
CA SER Z 161 35.20 -26.38 13.63
C SER Z 161 35.86 -25.44 12.65
N ILE Z 162 35.94 -24.15 12.98
CA ILE Z 162 36.61 -23.19 12.09
C ILE Z 162 38.11 -23.41 12.18
N PRO Z 163 38.81 -23.62 11.06
CA PRO Z 163 40.26 -23.86 11.14
C PRO Z 163 40.98 -22.67 11.75
N ASP Z 164 42.03 -22.98 12.53
CA ASP Z 164 42.83 -21.93 13.15
C ASP Z 164 43.76 -21.25 12.15
N THR Z 165 44.21 -21.97 11.14
CA THR Z 165 45.11 -21.39 10.15
C THR Z 165 44.43 -20.25 9.41
N THR Z 166 45.19 -19.18 9.15
CA THR Z 166 44.68 -18.01 8.46
C THR Z 166 45.13 -17.96 7.00
N ASP Z 167 45.73 -19.03 6.49
CA ASP Z 167 46.21 -19.04 5.11
C ASP Z 167 45.07 -19.04 4.09
N GLY Z 168 43.84 -19.32 4.52
CA GLY Z 168 42.71 -19.35 3.61
C GLY Z 168 42.36 -20.71 3.05
N THR Z 169 42.92 -21.78 3.61
CA THR Z 169 42.65 -23.13 3.16
C THR Z 169 41.89 -23.90 4.22
N TYR Z 170 40.97 -24.75 3.78
CA TYR Z 170 40.12 -25.52 4.68
C TYR Z 170 40.51 -26.98 4.65
N PRO Z 171 40.92 -27.59 5.76
CA PRO Z 171 41.16 -29.04 5.76
C PRO Z 171 39.86 -29.82 5.66
N ILE Z 172 39.98 -31.05 5.17
CA ILE Z 172 38.82 -31.93 5.05
C ILE Z 172 38.55 -32.55 6.41
N ARG Z 173 37.34 -32.36 6.93
CA ARG Z 173 36.98 -32.93 8.22
C ARG Z 173 36.94 -34.44 8.15
N ASN Z 174 37.45 -35.09 9.19
CA ASN Z 174 37.45 -36.55 9.29
C ASN Z 174 38.11 -37.19 8.08
N GLU Z 175 39.33 -36.72 7.76
CA GLU Z 175 40.10 -37.32 6.68
C GLU Z 175 40.41 -38.79 6.97
N ASP Z 176 40.77 -39.09 8.21
CA ASP Z 176 41.20 -40.43 8.56
C ASP Z 176 40.13 -41.49 8.28
N PHE Z 177 38.85 -41.11 8.31
CA PHE Z 177 37.79 -42.10 8.15
C PHE Z 177 37.66 -42.59 6.71
N LEU Z 178 37.97 -41.73 5.73
CA LEU Z 178 37.75 -42.09 4.34
C LEU Z 178 38.45 -43.39 3.94
N PRO Z 179 39.74 -43.59 4.22
CA PRO Z 179 40.33 -44.92 3.97
C PRO Z 179 39.62 -46.02 4.72
N ILE Z 180 39.23 -45.76 5.97
CA ILE Z 180 38.51 -46.77 6.75
C ILE Z 180 37.17 -47.07 6.11
N TRP Z 181 36.44 -46.03 5.69
CA TRP Z 181 35.14 -46.26 5.06
C TRP Z 181 35.30 -47.07 3.78
N LYS Z 182 36.31 -46.74 2.97
CA LYS Z 182 36.55 -47.50 1.75
C LYS Z 182 36.84 -48.96 2.07
N GLN Z 183 37.66 -49.21 3.10
CA GLN Z 183 37.96 -50.58 3.49
C GLN Z 183 36.70 -51.31 3.95
N GLN Z 184 35.86 -50.65 4.75
CA GLN Z 184 34.63 -51.29 5.21
C GLN Z 184 33.72 -51.66 4.05
N GLN Z 185 33.54 -50.73 3.10
CA GLN Z 185 32.63 -51.00 2.00
C GLN Z 185 33.18 -52.09 1.09
N GLU Z 186 34.50 -52.09 0.86
CA GLU Z 186 35.09 -53.17 0.06
C GLU Z 186 34.94 -54.51 0.76
N ASP Z 187 35.14 -54.54 2.08
CA ASP Z 187 34.98 -55.79 2.83
C ASP Z 187 33.55 -56.28 2.74
N LEU Z 188 32.58 -55.38 2.87
CA LEU Z 188 31.18 -55.78 2.76
C LEU Z 188 30.87 -56.28 1.35
N ARG Z 189 31.43 -55.62 0.33
CA ARG Z 189 31.23 -56.07 -1.04
C ARG Z 189 31.74 -57.49 -1.21
N ALA Z 190 32.95 -57.77 -0.73
CA ALA Z 190 33.51 -59.11 -0.83
C ALA Z 190 32.67 -60.12 -0.06
N LYS Z 191 32.21 -59.74 1.14
CA LYS Z 191 31.40 -60.63 1.95
C LYS Z 191 30.12 -61.03 1.23
N MET Z 192 29.42 -60.05 0.67
CA MET Z 192 28.17 -60.35 -0.02
C MET Z 192 28.43 -61.12 -1.30
N LYS Z 193 29.53 -60.81 -2.00
CA LYS Z 193 29.89 -61.57 -3.19
C LYS Z 193 30.08 -63.04 -2.85
N GLU Z 194 30.84 -63.32 -1.79
CA GLU Z 194 31.04 -64.71 -1.37
C GLU Z 194 29.72 -65.35 -0.95
N TYR Z 195 28.90 -64.61 -0.20
CA TYR Z 195 27.64 -65.17 0.28
C TYR Z 195 26.73 -65.58 -0.88
N ILE Z 196 26.63 -64.73 -1.90
CA ILE Z 196 25.78 -65.06 -3.04
C ILE Z 196 26.40 -66.18 -3.86
N GLY Z 197 27.70 -66.10 -4.13
CA GLY Z 197 28.39 -67.10 -4.92
C GLY Z 197 28.52 -66.80 -6.40
N ARG Z 198 27.96 -65.68 -6.87
CA ARG Z 198 28.06 -65.29 -8.27
C ARG Z 198 28.26 -63.79 -8.35
N GLU Z 199 28.69 -63.34 -9.52
CA GLU Z 199 28.96 -61.91 -9.72
C GLU Z 199 27.67 -61.11 -9.59
N PHE Z 200 27.81 -59.90 -9.05
CA PHE Z 200 26.66 -59.01 -8.93
C PHE Z 200 26.16 -58.60 -10.31
N THR Z 201 24.85 -58.60 -10.47
CA THR Z 201 24.21 -58.24 -11.73
C THR Z 201 23.42 -56.95 -11.55
N GLU Z 202 23.64 -55.99 -12.44
CA GLU Z 202 22.94 -54.72 -12.35
C GLU Z 202 21.43 -54.93 -12.41
N ILE Z 203 20.71 -54.28 -11.49
CA ILE Z 203 19.26 -54.39 -11.49
C ILE Z 203 18.68 -53.59 -12.65
N ARG Z 204 17.53 -54.04 -13.14
CA ARG Z 204 16.83 -53.37 -14.23
C ARG Z 204 15.71 -52.51 -13.66
N TRP Z 205 15.69 -51.23 -14.03
CA TRP Z 205 14.67 -50.32 -13.52
C TRP Z 205 13.28 -50.78 -13.92
N ILE Z 206 13.10 -51.18 -15.18
CA ILE Z 206 11.82 -51.64 -15.69
C ILE Z 206 11.70 -53.16 -15.69
N GLY Z 207 12.73 -53.87 -15.27
CA GLY Z 207 12.70 -55.31 -15.33
C GLY Z 207 11.83 -55.93 -14.25
N ASP Z 208 11.50 -57.20 -14.47
CA ASP Z 208 10.70 -57.98 -13.54
C ASP Z 208 11.49 -59.22 -13.14
N TYR Z 209 11.54 -59.50 -11.84
CA TYR Z 209 12.32 -60.62 -11.31
C TYR Z 209 11.41 -61.51 -10.48
N ASP Z 210 11.53 -62.83 -10.68
CA ASP Z 210 10.80 -63.78 -9.87
C ASP Z 210 11.35 -63.80 -8.45
N ASN Z 211 10.46 -64.03 -7.49
CA ASN Z 211 10.89 -64.19 -6.11
C ASN Z 211 11.66 -65.48 -5.94
N ALA Z 212 12.71 -65.43 -5.10
CA ALA Z 212 13.57 -66.59 -4.92
C ALA Z 212 12.79 -67.76 -4.31
N ARG Z 213 11.71 -67.48 -3.58
CA ARG Z 213 10.94 -68.50 -2.89
C ARG Z 213 9.65 -68.86 -3.61
N SER Z 214 9.45 -68.35 -4.83
CA SER Z 214 8.22 -68.63 -5.55
C SER Z 214 8.12 -70.13 -5.85
N PRO Z 215 6.90 -70.68 -5.84
CA PRO Z 215 6.74 -72.12 -6.08
C PRO Z 215 6.68 -72.51 -7.55
N TYR Z 216 6.64 -71.54 -8.46
CA TYR Z 216 6.51 -71.81 -9.89
C TYR Z 216 7.87 -71.73 -10.58
N LYS Z 217 7.94 -72.33 -11.76
CA LYS Z 217 9.19 -72.37 -12.49
C LYS Z 217 9.63 -70.95 -12.83
N PRO Z 218 10.92 -70.63 -12.74
CA PRO Z 218 11.35 -69.26 -13.04
C PRO Z 218 11.06 -68.87 -14.49
N HIS Z 219 10.57 -67.65 -14.67
CA HIS Z 219 10.44 -67.04 -15.99
C HIS Z 219 11.63 -66.13 -16.29
N ASN Z 220 11.90 -65.18 -15.40
CA ASN Z 220 13.14 -64.42 -15.40
C ASN Z 220 13.93 -64.79 -14.15
N GLY Z 221 15.23 -64.97 -14.31
CA GLY Z 221 16.08 -65.32 -13.18
C GLY Z 221 15.78 -64.46 -11.97
N TYR Z 222 15.65 -65.09 -10.80
CA TYR Z 222 15.23 -64.37 -9.61
C TYR Z 222 16.29 -63.37 -9.18
N TYR Z 223 17.48 -63.47 -9.77
CA TYR Z 223 18.53 -62.48 -9.53
C TYR Z 223 18.78 -61.66 -10.79
MG CLA AA . -31.75 -52.34 -32.38
CHA CLA AA . -33.94 -51.73 -34.93
CHB CLA AA . -33.78 -54.69 -31.22
CHC CLA AA . -29.75 -52.53 -29.61
CHD CLA AA . -30.00 -49.36 -33.24
NA CLA AA . -33.42 -53.09 -33.02
C1A CLA AA . -34.18 -52.80 -34.13
C2A CLA AA . -35.32 -53.75 -34.39
C3A CLA AA . -35.31 -54.60 -33.14
C4A CLA AA . -34.10 -54.11 -32.40
CMA CLA AA . -36.59 -54.52 -32.32
CAA CLA AA . -34.97 -54.55 -35.65
CBA CLA AA . -33.50 -54.93 -35.77
NB CLA AA . -31.76 -53.39 -30.74
C1B CLA AA . -32.70 -54.41 -30.38
C2B CLA AA . -32.35 -55.00 -29.15
C3B CLA AA . -31.19 -54.37 -28.72
C4B CLA AA . -30.84 -53.39 -29.66
CMB CLA AA . -33.08 -56.11 -28.46
CAB CLA AA . -30.42 -54.65 -27.50
CBB CLA AA . -29.46 -55.54 -27.35
NC CLA AA . -30.25 -51.27 -31.65
C1C CLA AA . -29.50 -51.56 -30.53
C2C CLA AA . -28.38 -50.67 -30.37
C3C CLA AA . -28.41 -49.78 -31.41
C4C CLA AA . -29.57 -50.12 -32.19
CMC CLA AA . -27.37 -50.69 -29.25
CAC CLA AA . -27.38 -48.74 -31.75
CBC CLA AA . -27.39 -47.58 -30.79
ND CLA AA . -31.88 -50.89 -33.68
C1D CLA AA . -31.11 -49.69 -33.99
C2D CLA AA . -31.68 -49.04 -35.10
C3D CLA AA . -32.80 -49.79 -35.52
C4D CLA AA . -32.86 -50.88 -34.65
CMD CLA AA . -31.18 -47.76 -35.71
CAD CLA AA . -33.88 -49.92 -36.47
OBD CLA AA . -34.20 -49.18 -37.38
CBD CLA AA . -34.64 -51.19 -36.17
CGD CLA AA . -36.12 -50.92 -35.93
O1D CLA AA . -36.63 -50.79 -34.85
O2D CLA AA . -36.79 -50.83 -37.08
CED CLA AA . -38.22 -50.66 -36.97
MG CLA BA . -30.99 -39.07 -37.42
CHA CLA BA . -34.14 -39.83 -36.34
CHB CLA BA . -31.69 -35.84 -37.07
CHC CLA BA . -28.07 -38.36 -39.08
CHD CLA BA . -30.59 -42.44 -38.46
NA CLA BA . -32.53 -38.10 -36.72
C1A CLA BA . -33.73 -38.54 -36.19
C2A CLA BA . -34.51 -37.48 -35.50
C3A CLA BA . -33.91 -36.23 -36.07
C4A CLA BA . -32.62 -36.73 -36.65
CMA CLA BA . -34.79 -35.53 -37.10
CAA CLA BA . -34.32 -37.64 -33.97
CBA CLA BA . -32.88 -37.74 -33.47
CGA CLA BA . -32.18 -36.42 -33.36
O1A CLA BA . -32.65 -35.43 -32.85
O2A CLA BA . -30.97 -36.47 -33.91
NB CLA BA . -30.05 -37.44 -37.94
C1B CLA BA . -30.46 -36.09 -37.65
C2B CLA BA . -29.47 -35.18 -38.08
C3B CLA BA . -28.45 -35.92 -38.65
C4B CLA BA . -28.78 -37.28 -38.58
CMB CLA BA . -29.53 -33.68 -37.93
CAB CLA BA . -27.21 -35.42 -39.26
CBB CLA BA . -26.42 -34.49 -38.78
NC CLA BA . -29.68 -40.12 -38.45
C1C CLA BA . -28.50 -39.65 -39.03
C2C CLA BA . -27.74 -40.72 -39.66
C3C CLA BA . -28.45 -41.87 -39.48
C4C CLA BA . -29.64 -41.52 -38.75
CMC CLA BA . -26.44 -40.58 -40.39
CAC CLA BA . -28.07 -43.25 -39.93
CBC CLA BA . -27.47 -44.09 -38.82
ND CLA BA . -32.03 -40.71 -37.44
C1D CLA BA . -31.80 -42.10 -37.85
C2D CLA BA . -32.89 -42.90 -37.51
C3D CLA BA . -33.86 -42.05 -36.91
C4D CLA BA . -33.30 -40.78 -36.91
CMD CLA BA . -33.02 -44.37 -37.74
CAD CLA BA . -35.17 -41.96 -36.28
OBD CLA BA . -35.97 -42.84 -36.04
CBD CLA BA . -35.45 -40.53 -35.94
CGD CLA BA . -36.63 -40.03 -36.77
O1D CLA BA . -36.82 -40.29 -37.92
O2D CLA BA . -37.42 -39.25 -36.04
CED CLA BA . -38.51 -38.63 -36.76
C1 CLA BA . -30.21 -35.23 -33.86
C2 CLA BA . -28.80 -35.55 -34.24
C3 CLA BA . -27.78 -34.74 -33.98
C4 CLA BA . -27.93 -33.40 -33.29
C5 CLA BA . -26.37 -35.12 -34.36
C6 CLA BA . -25.51 -35.47 -33.16
C7 CLA BA . -24.12 -35.95 -33.53
C8 CLA BA . -23.22 -36.31 -32.35
C9 CLA BA . -22.88 -35.09 -31.50
C10 CLA BA . -21.95 -37.04 -32.81
C11 CLA BA . -22.18 -38.46 -33.31
C12 CLA BA . -20.89 -39.29 -33.35
C13 CLA BA . -21.09 -40.80 -33.33
C14 CLA BA . -19.77 -41.54 -33.15
C15 CLA BA . -21.82 -41.27 -34.59
MG CLA CA . -23.13 -31.00 -39.50
CHA CLA CA . -25.33 -28.68 -38.31
CHB CLA CA . -23.73 -32.90 -36.86
CHC CLA CA . -20.55 -33.03 -40.50
CHD CLA CA . -21.94 -28.59 -41.83
NA CLA CA . -24.35 -30.84 -37.99
C1A CLA CA . -25.27 -29.85 -37.65
C2A CLA CA . -26.15 -30.21 -36.49
C3A CLA CA . -25.51 -31.46 -35.96
C4A CLA CA . -24.45 -31.76 -36.99
CMA CLA CA . -24.91 -31.29 -34.57
CAA CLA CA . -27.57 -30.47 -37.04
CBA CLA CA . -28.63 -30.69 -35.96
CGA CLA CA . -28.78 -29.53 -35.04
O1A CLA CA . -28.94 -28.39 -35.39
O2A CLA CA . -28.67 -29.90 -33.76
NB CLA CA . -22.31 -32.64 -38.84
C1B CLA CA . -22.71 -33.37 -37.67
C2B CLA CA . -21.93 -34.53 -37.52
C3B CLA CA . -21.02 -34.55 -38.57
C4B CLA CA . -21.25 -33.41 -39.37
CMB CLA CA . -22.07 -35.56 -36.43
CAB CLA CA . -19.98 -35.54 -38.83
CBB CLA CA . -19.09 -36.00 -37.99
NC CLA CA . -21.68 -30.87 -40.84
C1C CLA CA . -20.75 -31.85 -41.16
C2C CLA CA . -19.88 -31.46 -42.24
C3C CLA CA . -20.25 -30.19 -42.62
C4C CLA CA . -21.35 -29.81 -41.76
CMC CLA CA . -18.77 -32.27 -42.85
CAC CLA CA . -19.65 -29.32 -43.68
CBC CLA CA . -20.51 -29.22 -44.92
ND CLA CA . -23.47 -29.14 -39.99
C1D CLA CA . -22.95 -28.21 -40.98
C2D CLA CA . -23.65 -26.99 -40.91
C3D CLA CA . -24.62 -27.12 -39.88
C4D CLA CA . -24.46 -28.40 -39.38
CMD CLA CA . -23.41 -25.78 -41.77
CAD CLA CA . -25.68 -26.48 -39.12
OBD CLA CA . -26.10 -25.34 -39.22
CBD CLA CA . -26.22 -27.45 -38.14
CGD CLA CA . -26.16 -26.85 -36.73
O1D CLA CA . -25.30 -27.09 -35.93
O2D CLA CA . -27.18 -26.03 -36.51
CED CLA CA . -27.23 -25.42 -35.20
C1 CLA CA . -28.51 -28.83 -32.79
C2 CLA CA . -27.06 -28.52 -32.69
C3 CLA CA . -26.57 -27.51 -31.99
C4 CLA CA . -27.42 -26.54 -31.22
C5 CLA CA . -25.08 -27.29 -31.88
C6 CLA CA . -24.65 -25.86 -32.21
C7 CLA CA . -23.93 -25.18 -31.04
C8 CLA CA . -22.62 -25.82 -30.59
C9 CLA CA . -22.01 -25.09 -29.39
C10 CLA CA . -21.62 -25.92 -31.75
MG CLA DA . -18.23 -31.62 -58.03
CHA CLA DA . -15.28 -30.89 -59.61
CHB CLA DA . -17.19 -30.01 -55.33
CHC CLA DA . -20.98 -32.86 -56.36
CHD CLA DA . -18.96 -33.96 -60.62
NA CLA DA . -16.63 -30.60 -57.64
C1A CLA DA . -15.52 -30.30 -58.42
C2A CLA DA . -14.61 -29.27 -57.80
C3A CLA DA . -15.16 -29.12 -56.40
C4A CLA DA . -16.41 -29.96 -56.43
CMA CLA DA . -14.19 -29.56 -55.30
CAA CLA DA . -14.67 -27.97 -58.62
CBA CLA DA . -15.87 -27.77 -59.56
CGA CLA DA . -17.19 -27.64 -58.84
O1A CLA DA . -17.31 -27.53 -57.64
O2A CLA DA . -18.21 -27.65 -59.69
NB CLA DA . -18.94 -31.48 -56.22
C1B CLA DA . -18.37 -30.71 -55.15
C2B CLA DA . -19.18 -30.80 -54.00
C3B CLA DA . -20.25 -31.62 -54.30
C4B CLA DA . -20.13 -32.03 -55.64
CMB CLA DA . -18.92 -30.13 -52.67
CAB CLA DA . -21.35 -32.03 -53.42
CBB CLA DA . -21.89 -31.38 -52.43
NC CLA DA . -19.61 -33.00 -58.40
C1C CLA DA . -20.71 -33.32 -57.62
C2C CLA DA . -21.57 -34.31 -58.24
C3C CLA DA . -20.98 -34.65 -59.43
C4C CLA DA . -19.79 -33.86 -59.54
CMC CLA DA . -22.85 -34.87 -57.71
CAC CLA DA . -21.45 -35.67 -60.43
CBC CLA DA . -22.01 -35.04 -61.69
ND CLA DA . -17.42 -32.27 -59.67
C1D CLA DA . -17.80 -33.22 -60.73
C2D CLA DA . -16.84 -33.20 -61.76
C3D CLA DA . -15.84 -32.27 -61.39
C4D CLA DA . -16.23 -31.78 -60.15
CMD CLA DA . -16.89 -34.00 -63.02
CAD CLA DA . -14.63 -31.57 -61.78
OBD CLA DA . -14.05 -31.58 -62.85
CBD CLA DA . -14.15 -30.75 -60.62
CGD CLA DA . -12.80 -31.35 -60.22
O1D CLA DA . -12.39 -32.41 -60.58
O2D CLA DA . -12.13 -30.51 -59.43
CED CLA DA . -10.79 -30.93 -59.08
MG CLA EA . -25.20 -23.97 -45.06
CHA CLA EA . -27.35 -25.40 -42.83
CHB CLA EA . -26.80 -21.08 -44.73
CHC CLA EA . -23.22 -22.70 -47.55
CHD CLA EA . -24.24 -27.21 -46.13
NA CLA EA . -26.69 -23.39 -43.95
C1A CLA EA . -27.44 -24.06 -42.99
C2A CLA EA . -28.37 -23.17 -42.21
C3A CLA EA . -28.41 -21.94 -43.07
C4A CLA EA . -27.22 -22.13 -43.98
CMA CLA EA . -29.71 -21.76 -43.85
CAA CLA EA . -27.76 -22.93 -40.81
CBA CLA EA . -26.24 -22.81 -40.72
CGA CLA EA . -25.78 -22.54 -39.32
O1A CLA EA . -26.51 -22.26 -38.41
O2A CLA EA . -24.45 -22.61 -39.22
NB CLA EA . -25.00 -22.23 -45.93
C1B CLA EA . -25.74 -21.03 -45.62
C2B CLA EA . -25.23 -19.94 -46.34
C3B CLA EA . -24.17 -20.42 -47.11
C4B CLA EA . -24.05 -21.80 -46.89
CMB CLA EA . -25.74 -18.54 -46.29
CAB CLA EA . -23.28 -19.62 -47.97
CBB CLA EA . -21.98 -19.75 -48.12
NC CLA EA . -24.02 -24.74 -46.45
C1C CLA EA . -23.24 -24.04 -47.35
C2C CLA EA . -22.45 -24.93 -48.19
C3C CLA EA . -22.75 -26.21 -47.81
C4C CLA EA . -23.72 -26.12 -46.75
CMC CLA EA . -21.48 -24.52 -49.26
CAC CLA EA . -22.18 -27.48 -48.38
CBC CLA EA . -23.06 -28.08 -49.45
ND CLA EA . -25.62 -25.82 -44.65
C1D CLA EA . -25.15 -27.13 -45.10
C2D CLA EA . -25.77 -28.14 -44.35
C3D CLA EA . -26.63 -27.52 -43.41
C4D CLA EA . -26.50 -26.16 -43.64
CMD CLA EA . -25.53 -29.62 -44.50
CAD CLA EA . -27.57 -27.70 -42.32
OBD CLA EA . -27.96 -28.74 -41.81
CBD CLA EA . -28.06 -26.36 -41.87
CGD CLA EA . -29.58 -26.30 -41.94
O1D CLA EA . -30.21 -26.04 -42.92
O2D CLA EA . -30.12 -26.61 -40.76
CED CLA EA . -31.56 -26.68 -40.72
C1 CLA EA . -23.87 -22.17 -37.96
C2 CLA EA . -23.49 -23.34 -37.13
C3 CLA EA . -22.46 -24.14 -37.39
C4 CLA EA . -21.56 -23.98 -38.57
C5 CLA EA . -22.11 -25.29 -36.46
C6 CLA EA . -21.53 -26.49 -37.18
C7 CLA EA . -21.36 -27.70 -36.28
C8 CLA EA . -20.93 -28.99 -36.98
C9 CLA EA . -20.76 -30.15 -35.99
C10 CLA EA . -19.66 -28.78 -37.81
MG CLA FA . -35.52 -35.09 -53.32
CHA CLA FA . -38.14 -33.03 -52.56
CHB CLA FA . -37.47 -37.73 -52.80
CHC CLA FA . -32.72 -37.07 -53.55
CHD CLA FA . -33.35 -32.30 -53.18
NA CLA FA . -37.40 -35.29 -52.89
C1A CLA FA . -38.41 -34.35 -52.70
C2A CLA FA . -39.80 -34.92 -52.66
C3A CLA FA . -39.51 -36.40 -52.42
C4A CLA FA . -38.03 -36.50 -52.72
CMA CLA FA . -39.84 -36.88 -51.01
CAA CLA FA . -40.47 -34.54 -53.99
CBA CLA FA . -40.62 -35.61 -55.07
CGA CLA FA . -39.31 -36.18 -55.53
O1A CLA FA . -38.25 -35.61 -55.45
O2A CLA FA . -39.46 -37.41 -56.02
NB CLA FA . -35.16 -37.01 -53.23
C1B CLA FA . -36.14 -38.04 -53.05
C2B CLA FA . -35.52 -39.31 -53.09
C3B CLA FA . -34.16 -39.10 -53.29
C4B CLA FA . -33.94 -37.72 -53.37
CMB CLA FA . -36.21 -40.64 -52.96
CAB CLA FA . -33.11 -40.11 -53.37
CBB CLA FA . -33.18 -41.31 -53.90
NC CLA FA . -33.58 -34.76 -53.42
C1C CLA FA . -32.57 -35.71 -53.57
C2C CLA FA . -31.25 -35.10 -53.69
C3C CLA FA . -31.44 -33.75 -53.60
C4C CLA FA . -32.84 -33.53 -53.42
CMC CLA FA . -29.93 -35.79 -53.88
CAC CLA FA . -30.39 -32.67 -53.69
CBC CLA FA . -30.37 -31.99 -55.04
ND CLA FA . -35.62 -33.19 -52.92
C1D CLA FA . -34.68 -32.09 -52.87
C2D CLA FA . -35.35 -30.89 -52.56
C3D CLA FA . -36.73 -31.20 -52.43
C4D CLA FA . -36.82 -32.57 -52.66
CMD CLA FA . -34.72 -29.54 -52.40
CAD CLA FA . -38.05 -30.71 -52.10
OBD CLA FA . -38.39 -29.59 -51.73
CBD CLA FA . -39.04 -31.82 -52.29
CGD CLA FA . -39.95 -31.99 -51.07
O1D CLA FA . -41.10 -31.69 -51.03
O2D CLA FA . -39.27 -32.52 -50.05
CED CLA FA . -40.04 -32.76 -48.85
C1 CLA FA . -38.23 -38.09 -56.39
C2 CLA FA . -38.54 -39.17 -57.36
MG CLA GA . -33.24 -51.68 -46.26
CHA CLA GA . -35.42 -49.51 -47.77
CHB CLA GA . -35.80 -53.53 -45.27
CHC CLA GA . -31.05 -53.46 -44.32
CHD CLA GA . -30.64 -49.29 -46.73
NA CLA GA . -35.15 -51.57 -46.57
C1A CLA GA . -35.92 -50.66 -47.27
C2A CLA GA . -37.37 -51.07 -47.44
C3A CLA GA . -37.48 -52.25 -46.53
C4A CLA GA . -36.07 -52.48 -46.08
CMA CLA GA . -38.44 -52.02 -45.36
CAA CLA GA . -37.60 -51.43 -48.92
CBA CLA GA . -36.50 -52.21 -49.61
CGA CLA GA . -36.87 -52.62 -51.00
O1A CLA GA . -37.75 -52.13 -51.66
O2A CLA GA . -36.08 -53.61 -51.44
NB CLA GA . -33.38 -53.19 -45.05
C1B CLA GA . -34.58 -53.93 -44.74
C2B CLA GA . -34.29 -55.00 -43.87
C3B CLA GA . -32.93 -54.96 -43.60
C4B CLA GA . -32.37 -53.87 -44.31
CMB CLA GA . -35.27 -56.00 -43.34
CAB CLA GA . -32.16 -55.86 -42.75
CBB CLA GA . -31.10 -56.56 -43.06
NC CLA GA . -31.35 -51.46 -45.71
C1C CLA GA . -30.60 -52.35 -44.96
C2C CLA GA . -29.22 -51.93 -44.81
C3C CLA GA . -29.09 -50.74 -45.49
C4C CLA GA . -30.39 -50.44 -46.04
CMC CLA GA . -28.13 -52.64 -44.08
CAC CLA GA . -27.85 -49.91 -45.66
CBC CLA GA . -27.00 -50.36 -46.82
ND CLA GA . -33.01 -49.89 -47.00
C1D CLA GA . -31.89 -48.97 -47.20
C2D CLA GA . -32.33 -47.83 -47.90
C3D CLA GA . -33.71 -47.99 -48.16
C4D CLA GA . -34.05 -49.22 -47.60
CMD CLA GA . -31.47 -46.66 -48.31
CAD CLA GA . -34.90 -47.44 -48.78
OBD CLA GA . -35.02 -46.39 -49.41
CBD CLA GA . -36.06 -48.35 -48.53
CGD CLA GA . -37.17 -47.66 -47.75
O1D CLA GA . -37.03 -47.15 -46.67
O2D CLA GA . -38.32 -47.71 -48.41
CED CLA GA . -39.45 -47.11 -47.75
NB KC2 HA . -29.35 -45.34 -54.86
ND KC2 HA . -31.52 -47.80 -52.75
C1A KC2 HA . -33.50 -45.97 -54.54
C1B KC2 HA . -29.73 -44.32 -55.78
C1C KC2 HA . -27.54 -47.03 -53.24
C1D KC2 HA . -31.24 -48.77 -51.81
C2A KC2 HA . -34.30 -45.11 -55.37
C2B KC2 HA . -28.54 -43.64 -56.30
C2C KC2 HA . -26.68 -47.85 -52.45
C2D KC2 HA . -32.43 -49.34 -51.36
C3A KC2 HA . -33.43 -44.29 -56.03
C3B KC2 HA . -27.44 -44.22 -55.73
C3C KC2 HA . -27.47 -48.67 -51.71
C3D KC2 HA . -33.51 -48.66 -52.04
C4A KC2 HA . -32.12 -44.64 -55.63
C4B KC2 HA . -27.91 -45.26 -54.83
C4C KC2 HA . -28.84 -48.41 -52.02
C4D KC2 HA . -32.88 -47.71 -52.91
CAA KC2 HA . -35.74 -45.17 -55.56
CAB KC2 HA . -26.03 -43.89 -55.92
CAC KC2 HA . -26.99 -49.67 -50.75
CAD KC2 HA . -34.95 -48.61 -52.19
CBA KC2 HA . -36.59 -44.16 -55.45
CBB KC2 HA . -25.08 -44.67 -56.38
CBC KC2 HA . -26.03 -50.54 -50.91
CBD KC2 HA . -35.23 -47.53 -53.21
CED KC2 HA . -35.92 -48.98 -56.54
CGA KC2 HA . -38.05 -44.28 -55.67
CGD KC2 HA . -36.03 -48.18 -54.33
CHA KC2 HA . -33.86 -46.98 -53.64
CHB KC2 HA . -30.99 -43.99 -56.16
CHC KC2 HA . -27.07 -46.03 -54.09
CHD KC2 HA . -29.92 -49.06 -51.47
CMA KC2 HA . -33.78 -43.21 -57.02
CMB KC2 HA . -28.57 -42.52 -57.31
CMC KC2 HA . -25.18 -47.80 -52.48
CMD KC2 HA . -32.60 -50.45 -50.37
NA KC2 HA . -32.17 -45.67 -54.72
NC KC2 HA . -28.86 -47.36 -52.99
O1A KC2 HA . -38.83 -44.28 -54.73
O1D KC2 HA . -37.19 -48.47 -54.26
O2A KC2 HA . -38.42 -44.41 -56.91
O2D KC2 HA . -35.26 -48.39 -55.39
OBD KC2 HA . -35.79 -49.30 -51.62
MG KC2 HA . -30.59 -46.64 -53.85
MG CLA IA . -15.56 -48.00 -43.43
CHA CLA IA . -12.52 -49.43 -44.05
CHB CLA IA . -16.92 -49.90 -45.76
CHC CLA IA . -18.43 -46.15 -43.10
CHD CLA IA . -13.92 -45.50 -41.50
NA CLA IA . -14.87 -49.42 -44.55
C1A CLA IA . -13.60 -49.98 -44.65
C2A CLA IA . -13.52 -51.21 -45.51
C3A CLA IA . -14.92 -51.29 -46.10
C4A CLA IA . -15.63 -50.13 -45.44
CMA CLA IA . -14.95 -51.23 -47.62
CAA CLA IA . -13.20 -52.42 -44.61
CBA CLA IA . -13.88 -52.42 -43.24
CGA CLA IA . -13.73 -53.73 -42.52
O1A CLA IA . -13.75 -54.82 -43.06
O2A CLA IA . -13.57 -53.56 -41.21
NB CLA IA . -17.32 -48.00 -44.27
C1B CLA IA . -17.77 -48.91 -45.29
C2B CLA IA . -19.10 -48.64 -45.64
C3B CLA IA . -19.52 -47.56 -44.86
C4B CLA IA . -18.45 -47.18 -44.03
CMB CLA IA . -19.93 -49.37 -46.66
CAB CLA IA . -20.84 -46.91 -44.85
CBB CLA IA . -22.00 -47.47 -44.97
NC CLA IA . -16.05 -46.31 -42.51
C1C CLA IA . -17.32 -45.75 -42.43
C2C CLA IA . -17.34 -44.56 -41.61
C3C CLA IA . -16.06 -44.35 -41.16
C4C CLA IA . -15.26 -45.41 -41.71
CMC CLA IA . -18.54 -43.73 -41.27
CAC CLA IA . -15.54 -43.22 -40.31
CBC CLA IA . -15.39 -43.61 -38.87
ND CLA IA . -13.75 -47.52 -42.89
C1D CLA IA . -13.13 -46.49 -42.04
C2D CLA IA . -11.76 -46.72 -41.93
C3D CLA IA . -11.45 -47.87 -42.70
C4D CLA IA . -12.66 -48.29 -43.24
CMD CLA IA . -10.79 -45.90 -41.13
CAD CLA IA . -10.41 -48.78 -43.17
OBD CLA IA . -9.22 -48.78 -42.92
CBD CLA IA . -11.04 -49.82 -44.05
CGD CLA IA . -10.44 -49.77 -45.45
O1D CLA IA . -11.03 -49.50 -46.44
O2D CLA IA . -9.14 -50.07 -45.42
CED CLA IA . -8.46 -50.06 -46.69
C1 CLA IA . -13.41 -54.77 -40.41
C2 CLA IA . -14.73 -55.21 -39.90
MG CLA JA . -11.80 -38.23 -37.79
CHA CLA JA . -8.83 -39.65 -38.68
CHB CLA JA . -12.77 -41.11 -36.44
CHC CLA JA . -14.89 -36.84 -37.28
CHD CLA JA . -11.12 -35.53 -40.02
NA CLA JA . -10.94 -39.96 -37.59
C1A CLA JA . -9.67 -40.39 -37.94
C2A CLA JA . -9.33 -41.76 -37.40
C3A CLA JA . -10.70 -42.31 -37.05
C4A CLA JA . -11.54 -41.05 -37.02
CMA CLA JA . -11.24 -43.33 -38.05
CAA CLA JA . -8.37 -41.61 -36.22
CBA CLA JA . -8.95 -41.11 -34.89
CGA CLA JA . -9.48 -39.71 -34.94
O1A CLA JA . -8.98 -38.81 -35.57
O2A CLA JA . -10.57 -39.58 -34.19
NB CLA JA . -13.46 -38.82 -36.98
C1B CLA JA . -13.69 -40.08 -36.32
C2B CLA JA . -14.94 -40.08 -35.66
C3B CLA JA . -15.54 -38.85 -35.94
C4B CLA JA . -14.67 -38.09 -36.74
CMB CLA JA . -15.47 -41.17 -34.79
CAB CLA JA . -16.85 -38.37 -35.49
CBB CLA JA . -17.12 -37.28 -34.82
NC CLA JA . -12.73 -36.62 -38.44
C1C CLA JA . -14.02 -36.19 -38.09
C2C CLA JA . -14.37 -34.93 -38.71
C3C CLA JA . -13.31 -34.56 -39.50
C4C CLA JA . -12.30 -35.58 -39.36
CMC CLA JA . -15.65 -34.17 -38.54
CAC CLA JA . -13.17 -33.32 -40.34
CBC CLA JA . -12.49 -32.19 -39.62
ND CLA JA . -10.41 -37.68 -39.04
C1D CLA JA . -10.17 -36.53 -39.91
C2D CLA JA . -8.90 -36.64 -40.51
C3D CLA JA . -8.31 -37.84 -40.06
C4D CLA JA . -9.25 -38.41 -39.19
CMD CLA JA . -8.28 -35.63 -41.43
CAD CLA JA . -7.19 -38.75 -40.14
OBD CLA JA . -6.19 -38.68 -40.85
CBD CLA JA . -7.39 -39.88 -39.17
CGD CLA JA . -7.18 -41.24 -39.82
O1D CLA JA . -7.70 -41.60 -40.83
O2D CLA JA . -6.34 -41.97 -39.09
CED CLA JA . -6.14 -43.33 -39.55
C1 CLA JA . -11.18 -38.25 -34.18
C2 CLA JA . -11.96 -38.10 -32.93
C3 CLA JA . -12.83 -37.10 -32.73
C4 CLA JA . -13.12 -36.04 -33.74
C5 CLA JA . -13.56 -36.98 -31.43
C6 CLA JA . -13.58 -35.57 -30.86
C7 CLA JA . -13.90 -35.52 -29.37
C8 CLA JA . -14.15 -34.13 -28.78
C9 CLA JA . -15.53 -33.60 -29.18
C10 CLA JA . -13.05 -33.15 -29.19
MG CLA KA . -10.37 -39.75 -26.53
CHA CLA KA . -7.53 -39.92 -24.61
CHB CLA KA . -12.16 -39.18 -23.79
CHC CLA KA . -13.21 -40.10 -28.43
CHD CLA KA . -8.58 -41.26 -29.21
NA CLA KA . -9.89 -39.49 -24.67
C1A CLA KA . -8.67 -39.48 -24.02
C2A CLA KA . -8.73 -38.97 -22.61
C3A CLA KA . -10.20 -39.10 -22.30
C4A CLA KA . -10.82 -39.27 -23.66
CMA CLA KA . -10.55 -40.26 -21.36
CAA CLA KA . -8.23 -37.51 -22.61
CBA CLA KA . -7.11 -37.24 -21.62
CGA CLA KA . -7.46 -37.59 -20.21
O1A CLA KA . -8.57 -37.55 -19.74
O2A CLA KA . -6.39 -37.96 -19.52
NB CLA KA . -12.29 -39.62 -26.20
C1B CLA KA . -12.92 -39.30 -24.94
C2B CLA KA . -14.32 -39.20 -25.10
C3B CLA KA . -14.60 -39.46 -26.44
C4B CLA KA . -13.38 -39.72 -27.11
CMB CLA KA . -15.31 -38.87 -24.03
CAB CLA KA . -15.91 -39.48 -27.09
CBB CLA KA . -16.90 -38.64 -26.91
NC CLA KA . -10.77 -40.44 -28.33
C1C CLA KA . -12.02 -40.45 -28.97
C2C CLA KA . -11.95 -40.99 -30.31
C3C CLA KA . -10.64 -41.33 -30.54
C4C CLA KA . -9.91 -41.01 -29.34
CMC CLA KA . -13.09 -41.15 -31.27
CAC CLA KA . -10.05 -41.93 -31.78
CBC CLA KA . -9.75 -43.40 -31.64
ND CLA KA . -8.57 -40.42 -26.89
C1D CLA KA . -7.88 -41.00 -28.04
C2D CLA KA . -6.53 -41.21 -27.74
C3D CLA KA . -6.32 -40.80 -26.40
C4D CLA KA . -7.57 -40.35 -25.96
CMD CLA KA . -5.49 -41.78 -28.67
CAD CLA KA . -5.38 -40.65 -25.30
OBD CLA KA . -4.20 -40.93 -25.26
CBD CLA KA . -6.10 -40.07 -24.11
CGD CLA KA . -5.99 -40.99 -22.90
O1D CLA KA . -6.92 -41.56 -22.39
O2D CLA KA . -4.74 -41.08 -22.48
CED CLA KA . -4.53 -41.84 -21.26
MG CLA LA . -27.15 -13.86 -48.74
CHA CLA LA . -30.33 -12.63 -48.74
CHB CLA LA . -27.40 -14.28 -52.03
CHC CLA LA . -24.09 -15.37 -48.65
CHD CLA LA . -27.34 -14.31 -45.23
NA CLA LA . -28.50 -13.41 -50.03
C1A CLA LA . -29.67 -12.73 -49.91
C2A CLA LA . -30.11 -12.19 -51.24
C3A CLA LA . -29.72 -13.38 -52.09
C4A CLA LA . -28.45 -13.73 -51.36
CMA CLA LA . -30.75 -14.49 -52.17
CAA CLA LA . -29.25 -10.95 -51.54
CBA CLA LA . -29.92 -9.62 -51.29
CGA CLA LA . -29.04 -8.46 -51.63
O1A CLA LA . -27.84 -8.50 -51.68
O2A CLA LA . -29.76 -7.36 -51.92
NB CLA LA . -25.96 -14.62 -50.07
C1B CLA LA . -26.18 -14.65 -51.49
C2B CLA LA . -25.02 -15.13 -52.15
C3B CLA LA . -24.08 -15.45 -51.16
C4B CLA LA . -24.64 -15.16 -49.91
CMB CLA LA . -24.83 -15.23 -53.64
CAB CLA LA . -22.73 -15.97 -51.37
CBB CLA LA . -22.14 -16.96 -50.75
NC CLA LA . -26.01 -14.62 -47.32
C1C CLA LA . -24.74 -15.14 -47.49
C2C CLA LA . -24.15 -15.51 -46.21
C3C CLA LA . -25.06 -15.25 -45.24
C4C CLA LA . -26.23 -14.69 -45.90
CMC CLA LA . -22.78 -16.09 -46.02
CAC CLA LA . -24.90 -15.44 -43.76
CBC CLA LA . -24.21 -14.27 -43.09
ND CLA LA . -28.45 -13.61 -47.32
C1D CLA LA . -28.46 -13.80 -45.87
C2D CLA LA . -29.69 -13.35 -45.34
C3D CLA LA . -30.47 -12.88 -46.42
C4D CLA LA . -29.69 -13.06 -47.55
CMD CLA LA . -30.08 -13.37 -43.89
CAD CLA LA . -31.72 -12.26 -46.84
OBD CLA LA . -32.67 -11.92 -46.17
CBD CLA LA . -31.69 -12.08 -48.34
CGD CLA LA . -32.85 -12.83 -48.99
O1D CLA LA . -32.75 -13.87 -49.59
O2D CLA LA . -34.00 -12.17 -48.84
CED CLA LA . -35.14 -12.73 -49.53
C1 CLA LA . -28.98 -6.24 -52.43
C2 CLA LA . -28.17 -5.64 -51.34
C7 UIX MA . -19.65 -47.44 -49.82
C8 UIX MA . -18.43 -49.82 -50.94
C9 UIX MA . -17.60 -48.02 -52.39
O1 UIX MA . -13.92 -48.13 -50.12
C1 UIX MA . -17.27 -46.81 -49.01
C5 UIX MA . -15.30 -47.72 -50.25
C6 UIX MA . -17.92 -46.05 -47.86
C4 UIX MA . -16.15 -48.94 -50.59
O4 UIX MA . -36.78 -30.04 -59.37
C3 UIX MA . -15.78 -47.14 -48.94
O3 UIX MA . -37.40 -34.21 -57.75
C2 UIX MA . -17.58 -48.56 -50.97
C UIX MA . -18.16 -47.52 -50.02
O UIX MA . -17.61 -46.22 -50.27
C10 UIX MA . -20.35 -46.49 -50.44
C11 UIX MA . -21.82 -46.33 -50.32
C12 UIX MA . -22.67 -47.20 -49.45
C13 UIX MA . -22.36 -45.32 -51.03
C14 UIX MA . -23.79 -45.01 -51.03
C15 UIX MA . -35.54 -35.37 -59.94
C16 UIX MA . -35.99 -34.02 -57.77
C17 UIX MA . -35.33 -34.03 -60.65
C18 UIX MA . -36.11 -32.89 -59.99
C19 UIX MA . -35.67 -32.76 -58.53
C20 UIX MA . -35.34 -35.19 -58.46
C21 UIX MA . -34.53 -36.39 -60.48
C22 UIX MA . -36.94 -35.91 -60.21
C23 UIX MA . -24.20 -44.01 -51.80
C24 UIX MA . -35.49 -33.91 -56.33
C25 UIX MA . -34.67 -36.03 -57.80
C26 UIX MA . -25.61 -43.59 -51.97
C27 UIX MA . -36.85 -30.65 -60.42
C28 UIX MA . -34.04 -36.86 -57.11
O2 UIX MA . -35.85 -31.68 -60.70
C29 UIX MA . -26.75 -44.21 -51.22
C30 UIX MA . -25.83 -42.60 -52.86
C31 UIX MA . -37.91 -30.37 -61.44
C32 UIX MA . -32.57 -37.01 -57.19
C33 UIX MA . -31.76 -36.12 -58.09
C34 UIX MA . -27.15 -42.08 -53.17
C35 UIX MA . -32.02 -37.97 -56.42
C36 UIX MA . -30.60 -38.26 -56.35
C37 UIX MA . -27.26 -41.14 -54.10
C38 UIX MA . -30.22 -39.22 -55.52
C39 UIX MA . -28.58 -40.61 -54.44
C40 UIX MA . -28.80 -39.62 -55.33
C41 UIX MA . -27.73 -38.94 -56.12
C DD6 NA . -22.22 -32.68 -44.69
C1 DD6 NA . -21.25 -33.80 -44.91
C10 DD6 NA . -24.69 -38.88 -37.31
C11 DD6 NA . -25.12 -39.91 -36.55
C12 DD6 NA . -24.74 -41.33 -36.82
C13 DD6 NA . -25.96 -39.63 -35.41
C14 DD6 NA . -26.54 -40.47 -34.57
C15 DD6 NA . -27.41 -40.08 -33.40
C16 DD6 NA . -26.91 -40.46 -32.03
C17 DD6 NA . -28.10 -40.56 -31.05
C18 DD6 NA . -29.17 -39.50 -31.21
C19 DD6 NA . -29.86 -39.68 -32.55
C2 DD6 NA . -21.19 -34.89 -44.11
C20 DD6 NA . -28.87 -39.75 -33.69
C21 DD6 NA . -29.46 -39.83 -35.07
C22 DD6 NA . -26.18 -41.81 -32.06
C23 DD6 NA . -25.92 -39.41 -31.49
C24 DD6 NA . -20.34 -33.72 -46.05
C25 DD6 NA . -20.23 -32.73 -46.93
C26 DD6 NA . -19.30 -32.77 -48.01
C27 DD6 NA . -19.07 -31.83 -48.95
C28 DD6 NA . -19.80 -30.51 -49.03
C29 DD6 NA . -18.07 -32.09 -49.93
C3 DD6 NA . -21.98 -35.17 -42.95
C30 DD6 NA . -17.21 -32.40 -50.72
C31 DD6 NA . -16.25 -32.87 -51.65
C32 DD6 NA . -14.78 -32.60 -51.36
C33 DD6 NA . -13.99 -32.56 -52.68
C34 DD6 NA . -14.34 -33.69 -53.64
C35 DD6 NA . -15.81 -33.59 -53.98
C36 DD6 NA . -16.67 -33.53 -52.75
C37 DD6 NA . -17.98 -34.26 -52.85
C4 DD6 NA . -21.92 -36.34 -42.27
C40 DD6 NA . -14.61 -31.25 -50.65
C41 DD6 NA . -14.19 -33.69 -50.46
C5 DD6 NA . -22.70 -36.61 -41.11
C6 DD6 NA . -22.73 -37.76 -40.39
C7 DD6 NA . -21.92 -38.97 -40.74
C8 DD6 NA . -23.59 -37.84 -39.21
C9 DD6 NA . -23.83 -38.91 -38.46
O1 DD6 NA . -27.83 -38.73 -33.53
O2 DD6 NA . -30.11 -39.60 -30.16
O4 DD6 NA . -13.55 -33.57 -54.82
C DD6 OA . -17.11 -45.59 -35.84
C1 DD6 OA . -16.47 -46.27 -37.02
C10 DD6 OA . -25.02 -48.37 -41.32
C11 DD6 OA . -25.92 -49.14 -41.98
C12 DD6 OA . -25.52 -50.37 -42.74
C13 DD6 OA . -27.32 -48.74 -42.03
C14 DD6 OA . -27.97 -47.74 -41.47
C15 DD6 OA . -29.44 -47.46 -41.63
C16 DD6 OA . -29.80 -46.51 -42.74
C17 DD6 OA . -31.05 -45.70 -42.32
C18 DD6 OA . -32.18 -46.52 -41.72
C19 DD6 OA . -31.73 -47.10 -40.39
C2 DD6 OA . -17.18 -46.74 -38.08
C20 DD6 OA . -30.36 -47.75 -40.46
C21 DD6 OA . -29.88 -48.32 -39.15
C22 DD6 OA . -30.12 -47.29 -44.01
C23 DD6 OA . -28.67 -45.54 -43.06
C24 DD6 OA . -15.03 -46.42 -37.02
C25 DD6 OA . -14.19 -46.03 -36.05
C26 DD6 OA . -12.77 -46.23 -36.13
C27 DD6 OA . -11.85 -45.86 -35.20
C28 DD6 OA . -12.16 -45.18 -33.90
C29 DD6 OA . -10.48 -46.14 -35.46
C3 DD6 OA . -18.61 -46.71 -38.27
C30 DD6 OA . -9.29 -46.31 -35.61
C31 DD6 OA . -7.89 -46.40 -35.77
C32 DD6 OA . -7.33 -46.71 -37.15
C33 DD6 OA . -6.01 -45.93 -37.31
C34 DD6 OA . -4.98 -46.21 -36.21
C35 DD6 OA . -5.59 -46.62 -34.88
C36 DD6 OA . -7.02 -46.21 -34.75
C37 DD6 OA . -7.40 -45.61 -33.43
C4 DD6 OA . -19.21 -47.27 -39.32
C40 DD6 OA . -8.30 -46.27 -38.25
C41 DD6 OA . -7.05 -48.21 -37.31
C5 DD6 OA . -20.63 -47.26 -39.55
C6 DD6 OA . -21.32 -47.92 -40.50
C7 DD6 OA . -20.65 -48.80 -41.53
C8 DD6 OA . -22.77 -47.79 -40.56
C9 DD6 OA . -23.61 -48.54 -41.27
O1 DD6 OA . -30.23 -48.65 -41.60
O2 DD6 OA . -33.33 -45.70 -41.54
O4 DD6 OA . -4.11 -47.25 -36.68
C7 UIX PA . -25.89 -28.15 -52.09
C8 UIX PA . -29.21 -28.86 -52.73
C9 UIX PA . -27.67 -30.52 -51.70
O1 UIX PA . -31.12 -27.90 -50.80
C1 UIX PA . -27.68 -26.74 -50.84
C5 UIX PA . -29.90 -27.82 -50.05
C6 UIX PA . -26.82 -25.52 -51.16
C4 UIX PA . -29.13 -29.12 -50.26
O4 UIX PA . -13.31 -34.08 -74.77
C3 UIX PA . -29.16 -26.55 -50.49
O3 UIX PA . -18.38 -34.64 -73.08
C2 UIX PA . -28.30 -29.14 -51.54
C UIX PA . -27.22 -28.07 -51.38
O UIX PA . -27.02 -27.70 -50.02
C10 UIX PA . -25.81 -28.59 -53.35
C11 UIX PA . -24.54 -28.70 -54.10
C12 UIX PA . -23.20 -28.29 -53.55
C13 UIX PA . -24.64 -29.19 -55.35
C14 UIX PA . -23.50 -29.36 -56.24
C15 UIX PA . -16.12 -34.93 -71.03
C16 UIX PA . -17.98 -33.57 -72.22
C17 UIX PA . -15.08 -34.09 -71.77
C18 UIX PA . -15.59 -33.50 -73.09
C19 UIX PA . -16.90 -32.75 -72.91
C20 UIX PA . -17.39 -34.12 -70.95
C21 UIX PA . -15.61 -35.22 -69.63
C22 UIX PA . -16.39 -36.24 -71.75
C23 UIX PA . -23.75 -29.87 -57.44
C24 UIX PA . -19.21 -32.71 -71.93
C25 UIX PA . -17.88 -33.86 -69.83
C26 UIX PA . -22.72 -30.14 -58.47
C27 UIX PA . -13.35 -33.21 -73.92
C28 UIX PA . -18.25 -33.59 -68.66
O2 UIX PA . -14.63 -32.59 -73.62
C29 UIX PA . -21.27 -29.82 -58.28
C30 UIX PA . -23.17 -30.70 -59.61
C31 UIX PA . -12.12 -32.76 -73.18
C32 UIX PA . -19.65 -33.66 -68.18
C33 UIX PA . -20.79 -34.13 -69.05
C34 UIX PA . -22.27 -31.03 -60.72
C35 UIX PA . -19.82 -33.25 -66.91
C36 UIX PA . -21.09 -33.18 -66.20
C37 UIX PA . -22.76 -31.60 -61.81
C38 UIX PA . -21.00 -32.68 -64.96
C39 UIX PA . -21.83 -31.92 -62.88
C40 UIX PA . -22.15 -32.49 -64.05
C41 UIX PA . -23.53 -32.90 -64.46
C DD6 QA . -17.49 -41.38 -37.25
C1 DD6 QA . -18.72 -41.13 -38.06
C10 DD6 QA . -14.50 -34.38 -43.62
C11 DD6 QA . -14.14 -33.75 -44.77
C12 DD6 QA . -15.04 -33.66 -45.97
C13 DD6 QA . -12.80 -33.21 -44.87
C14 DD6 QA . -12.07 -33.06 -45.96
C15 DD6 QA . -10.67 -32.50 -46.01
C16 DD6 QA . -10.26 -31.70 -47.22
C17 DD6 QA . -8.85 -32.13 -47.66
C18 DD6 QA . -7.81 -32.12 -46.55
C19 DD6 QA . -8.15 -33.17 -45.50
C2 DD6 QA . -18.81 -40.17 -39.03
C20 DD6 QA . -9.63 -33.25 -45.18
C21 DD6 QA . -9.98 -34.42 -44.29
C22 DD6 QA . -10.24 -30.21 -46.86
C23 DD6 QA . -11.22 -31.88 -48.40
C24 DD6 QA . -19.88 -41.96 -37.81
C25 DD6 QA . -20.00 -42.92 -36.88
C26 DD6 QA . -21.18 -43.69 -36.70
C27 DD6 QA . -21.39 -44.65 -35.76
C28 DD6 QA . -20.41 -45.06 -34.70
C29 DD6 QA . -22.66 -45.31 -35.78
C3 DD6 QA . -17.79 -39.26 -39.44
C30 DD6 QA . -23.69 -45.94 -35.76
C31 DD6 QA . -24.84 -46.76 -35.72
C32 DD6 QA . -24.66 -48.27 -35.86
C33 DD6 QA . -25.92 -48.94 -35.31
C34 DD6 QA . -27.21 -48.47 -35.95
C35 DD6 QA . -27.27 -46.96 -36.12
C36 DD6 QA . -26.07 -46.26 -35.54
C37 DD6 QA . -26.38 -45.00 -34.78
C4 DD6 QA . -17.98 -38.37 -40.43
C40 DD6 QA . -24.45 -48.64 -37.33
C41 DD6 QA . -23.45 -48.75 -35.06
C5 DD6 QA . -16.98 -37.46 -40.87
C6 DD6 QA . -17.06 -36.57 -41.89
C7 DD6 QA . -18.30 -36.40 -42.73
C8 DD6 QA . -15.88 -35.80 -42.25
C9 DD6 QA . -15.70 -35.09 -43.36
O1 DD6 QA . -10.19 -31.98 -44.77
O2 DD6 QA . -6.53 -32.40 -47.09
O4 DD6 QA . -27.36 -49.10 -37.22
O6 SQD RA . -32.26 -52.88 -39.58
C44 SQD RA . -31.76 -52.44 -38.31
C45 SQD RA . -30.29 -52.84 -38.16
C46 SQD RA . -29.44 -52.27 -39.29
O47 SQD RA . -29.77 -52.34 -36.93
C7 SQD RA . -29.96 -53.23 -35.80
O49 SQD RA . -30.67 -54.21 -35.92
C8 SQD RA . -29.25 -52.95 -34.50
C9 SQD RA . -27.74 -53.09 -34.68
C10 SQD RA . -27.02 -52.96 -33.35
O48 SQD RA . -28.41 -53.22 -39.60
C23 SQD RA . -27.11 -52.78 -40.08
O10 SQD RA . -26.77 -51.62 -39.94
C24 SQD RA . -26.18 -53.77 -40.73
C1 SQD RA . -33.61 -52.50 -39.81
C2 SQD RA . -33.72 -51.95 -41.22
O2 SQD RA . -32.89 -50.80 -41.38
C3 SQD RA . -35.17 -51.58 -41.51
O3 SQD RA . -35.30 -51.12 -42.86
C4 SQD RA . -36.05 -52.80 -41.29
O4 SQD RA . -37.40 -52.41 -41.59
C5 SQD RA . -35.87 -53.34 -39.86
C6 SQD RA . -36.63 -54.63 -39.57
O5 SQD RA . -34.48 -53.62 -39.64
S SQD RA . -38.18 -54.39 -38.99
O7 SQD RA . -39.14 -54.67 -40.03
O8 SQD RA . -38.45 -55.40 -37.74
O9 SQD RA . -38.35 -53.05 -38.53
MG CLA SA . 21.00 46.09 28.39
CHA CLA SA . 17.68 45.72 29.12
CHB CLA SA . 20.97 49.08 29.83
CHC CLA SA . 24.16 46.63 27.12
CHD CLA SA . 20.79 43.28 26.24
NA CLA SA . 19.64 47.09 29.34
C1A CLA SA . 18.33 46.78 29.67
C2A CLA SA . 17.71 47.71 30.67
C3A CLA SA . 18.62 48.92 30.55
C4A CLA SA . 19.83 48.35 29.85
CMA CLA SA . 18.02 50.05 29.75
CAA CLA SA . 17.69 46.94 32.00
CBA CLA SA . 18.29 47.60 33.24
CGA CLA SA . 19.73 47.25 33.46
O1A CLA SA . 20.14 46.52 34.32
O2A CLA SA . 20.52 47.85 32.57
NB CLA SA . 22.32 47.53 28.49
C1B CLA SA . 22.18 48.76 29.24
C2B CLA SA . 23.38 49.50 29.17
C3B CLA SA . 24.26 48.79 28.38
C4B CLA SA . 23.64 47.61 27.96
CMB CLA SA . 23.64 50.81 29.85
CAB CLA SA . 25.62 49.18 28.00
CBB CLA SA . 26.62 49.50 28.76
NC CLA SA . 22.17 45.18 27.08
C1C CLA SA . 23.47 45.54 26.70
C2C CLA SA . 24.04 44.59 25.75
C3C CLA SA . 23.09 43.63 25.52
C4C CLA SA . 21.94 43.99 26.31
CMC CLA SA . 25.39 44.64 25.10
CAC CLA SA . 23.19 42.42 24.64
CBC CLA SA . 23.39 41.16 25.43
ND CLA SA . 19.65 44.82 27.79
C1D CLA SA . 19.64 43.65 26.92
C2D CLA SA . 18.37 43.05 26.95
C3D CLA SA . 17.56 43.82 27.81
C4D CLA SA . 18.37 44.86 28.26
CMD CLA SA . 17.97 41.81 26.22
CAD CLA SA . 16.24 43.98 28.42
OBD CLA SA . 15.26 43.27 28.31
CBD CLA SA . 16.24 45.21 29.27
CGD CLA SA . 15.20 46.20 28.77
O1D CLA SA . 15.34 46.91 27.80
O2D CLA SA . 14.13 46.20 29.54
CED CLA SA . 13.07 47.13 29.17
C1 CLA SA . 21.94 47.50 32.64
C2 CLA SA . 22.64 48.52 33.46
C3 CLA SA . 23.92 48.45 33.83
C4 CLA SA . 24.59 49.51 34.66
C5 CLA SA . 24.80 47.29 33.43
C6 CLA SA . 26.05 47.72 32.66
C7 CLA SA . 27.01 46.57 32.36
C8 CLA SA . 27.65 45.85 33.56
C9 CLA SA . 28.04 46.82 34.66
C10 CLA SA . 28.86 45.03 33.10
C11 CLA SA . 28.58 43.88 32.13
C12 CLA SA . 29.84 43.38 31.43
C13 CLA SA . 29.61 42.34 30.34
C14 CLA SA . 29.11 41.01 30.92
C15 CLA SA . 30.87 42.13 29.50
NB KC2 TA . 30.83 51.11 28.66
ND KC2 TA . 30.96 55.01 28.84
C1A KC2 TA . 28.86 53.97 31.06
C1B KC2 TA . 30.11 50.18 29.46
C1C KC2 TA . 32.54 52.11 26.46
C1D KC2 TA . 31.63 55.99 28.15
C2A KC2 TA . 27.92 53.43 31.98
C2B KC2 TA . 30.43 48.81 29.03
C2C KC2 TA . 33.35 52.58 25.39
C2D KC2 TA . 31.35 57.24 28.71
C3A KC2 TA . 27.94 52.06 31.84
C3B KC2 TA . 31.30 48.89 27.99
C3C KC2 TA . 33.36 53.95 25.48
C3D KC2 TA . 30.44 57.02 29.80
C4A KC2 TA . 28.89 51.77 30.82
C4B KC2 TA . 31.55 50.29 27.72
C4C KC2 TA . 32.57 54.35 26.60
C4D KC2 TA . 30.21 55.60 29.83
CAA KC2 TA . 27.05 54.21 32.85
CAB KC2 TA . 31.93 47.80 27.24
CAC KC2 TA . 34.04 54.86 24.55
CAD KC2 TA . 29.71 57.66 30.89
CBA KC2 TA . 26.59 53.88 34.05
CBB KC2 TA . 32.40 46.68 27.72
CBC KC2 TA . 35.28 54.80 24.13
CBD KC2 TA . 28.87 56.58 31.53
CED KC2 TA . 30.47 55.64 34.73
CGA KC2 TA . 25.71 54.71 34.89
CGD KC2 TA . 29.11 56.55 33.03
CHA KC2 TA . 29.27 55.27 30.83
CHB KC2 TA . 29.22 50.46 30.45
CHC KC2 TA . 32.33 50.74 26.69
CHD KC2 TA . 32.42 55.64 27.04
CMA KC2 TA . 27.12 51.05 32.57
CMB KC2 TA . 29.85 47.57 29.66
CMC KC2 TA . 34.03 51.73 24.37
CMD KC2 TA . 31.89 58.57 28.29
NA KC2 TA . 29.45 52.94 30.35
NC KC2 TA . 32.06 53.16 27.20
O1A KC2 TA . 25.01 54.21 35.76
O1D KC2 TA . 28.40 57.07 33.85
O2A KC2 TA . 25.74 56.00 34.66
O2D KC2 TA . 30.20 55.85 33.32
OBD KC2 TA . 29.77 58.83 31.24
MG KC2 TA . 30.83 53.17 28.85
MG CLA UA . 35.75 55.96 10.15
CHA CLA UA . 38.75 56.16 8.54
CHB CLA UA . 37.33 56.31 13.04
CHC CLA UA . 32.76 55.36 11.73
CHD CLA UA . 34.29 54.66 7.19
NA CLA UA . 37.59 56.29 10.62
C1A CLA UA . 38.70 56.53 9.84
C2A CLA UA . 39.82 57.14 10.63
C3A CLA UA . 39.56 56.52 11.96
C4A CLA UA . 38.06 56.35 11.90
CMA CLA UA . 40.30 55.20 12.19
CAA CLA UA . 39.65 58.67 10.69
CBA CLA UA . 39.23 59.34 9.39
CGA CLA UA . 37.76 59.58 9.28
O1A CLA UA . 37.11 60.27 10.04
O2A CLA UA . 37.24 58.98 8.21
NB CLA UA . 35.15 55.90 12.00
C1B CLA UA . 35.96 56.16 13.16
C2B CLA UA . 35.17 56.13 14.33
C3B CLA UA . 33.86 55.83 13.94
C4B CLA UA . 33.85 55.68 12.53
CMB CLA UA . 35.64 56.41 15.73
CAB CLA UA . 32.70 55.65 14.80
CBB CLA UA . 32.62 54.94 15.89
NC CLA UA . 33.99 55.25 9.60
C1C CLA UA . 32.84 55.14 10.39
C2C CLA UA . 31.70 54.70 9.61
C3C CLA UA . 32.13 54.51 8.33
C4C CLA UA . 33.54 54.82 8.30
CMC CLA UA . 30.30 54.49 10.12
CAC CLA UA . 31.31 54.10 7.14
CBC CLA UA . 30.95 55.27 6.25
ND CLA UA . 36.30 55.48 8.35
C1D CLA UA . 35.64 54.95 7.16
C2D CLA UA . 36.56 54.86 6.10
C3D CLA UA . 37.81 55.34 6.58
C4D CLA UA . 37.60 55.68 7.91
CMD CLA UA . 36.27 54.35 4.72
CAD CLA UA . 39.20 55.64 6.27
OBD CLA UA . 39.78 55.53 5.21
CBD CLA UA . 39.88 56.15 7.51
CGD CLA UA . 41.01 55.21 7.89
O1D CLA UA . 42.02 55.53 8.44
O2D CLA UA . 40.73 53.96 7.55
CED CLA UA . 41.67 52.94 7.97
C1 CLA UA . 35.96 59.50 7.76
C2 CLA UA . 34.82 58.78 8.39
C3 CLA UA . 33.57 58.91 7.96
C4 CLA UA . 33.19 59.79 6.79
C5 CLA UA . 32.43 58.21 8.63
C6 CLA UA . 31.35 59.15 9.14
C7 CLA UA . 30.12 58.43 9.67
C8 CLA UA . 29.01 59.33 10.21
C9 CLA UA . 29.47 60.13 11.43
C10 CLA UA . 27.75 58.52 10.53
C11 CLA UA . 26.97 58.05 9.30
C12 CLA UA . 26.60 56.57 9.34
C13 CLA UA . 25.88 56.05 8.10
C14 CLA UA . 24.58 56.82 7.83
C15 CLA UA . 25.62 54.55 8.20
C16 CLA UA . 26.14 53.71 7.04
C17 CLA UA . 25.41 52.38 6.89
C18 CLA UA . 26.13 51.30 6.11
C19 CLA UA . 25.18 50.18 5.70
C20 CLA UA . 26.86 51.84 4.89
MG CLA VA . 41.33 68.04 9.62
CHA CLA VA . 44.33 66.40 9.62
CHB CLA VA . 42.96 70.87 8.98
CHC CLA VA . 38.39 69.70 10.11
CHD CLA VA . 39.83 65.19 11.11
NA CLA VA . 43.17 68.45 9.21
C1A CLA VA . 44.28 67.64 9.07
C2A CLA VA . 45.44 68.28 8.37
C3A CLA VA . 45.13 69.75 8.63
C4A CLA VA . 43.67 69.71 8.96
CMA CLA VA . 45.98 70.36 9.75
CAA CLA VA . 45.38 67.90 6.87
CBA CLA VA . 44.05 68.14 6.15
CGA CLA VA . 43.05 67.03 6.33
O1A CLA VA . 43.34 65.87 6.51
O2A CLA VA . 41.80 67.48 6.24
NB CLA VA . 40.78 69.90 9.56
C1B CLA VA . 41.61 71.04 9.25
C2B CLA VA . 40.85 72.22 9.28
C3B CLA VA . 39.53 71.87 9.58
C4B CLA VA . 39.49 70.47 9.76
CMB CLA VA . 41.36 73.61 9.01
CAB CLA VA . 38.36 72.75 9.69
CBB CLA VA . 37.39 72.88 8.84
NC CLA VA . 39.58 67.56 10.35
C1C CLA VA . 38.45 68.37 10.41
C2C CLA VA . 37.29 67.68 10.94
C3C CLA VA . 37.70 66.40 11.24
C4C CLA VA . 39.10 66.32 10.90
CMC CLA VA . 35.91 68.23 11.12
CAC CLA VA . 36.88 65.29 11.83
CBC CLA VA . 36.42 64.30 10.80
ND CLA VA . 41.87 66.27 10.24
C1D CLA VA . 41.18 65.12 10.83
C2D CLA VA . 42.10 64.06 11.00
C3D CLA VA . 43.36 64.51 10.54
C4D CLA VA . 43.16 65.81 10.11
CMD CLA VA . 41.77 62.71 11.57
CAD CLA VA . 44.74 64.17 10.30
OBD CLA VA . 45.32 63.11 10.47
CBD CLA VA . 45.46 65.38 9.77
CGD CLA VA . 46.51 65.86 10.75
O1D CLA VA . 46.29 66.56 11.70
O2D CLA VA . 47.72 65.39 10.42
CED CLA VA . 48.80 65.79 11.30
C1 CLA VA . 40.75 66.47 6.34
C2 CLA VA . 39.43 67.14 6.49
MG CLA WA . 31.01 60.99 25.63
CHA CLA WA . 28.40 59.68 27.38
CHB CLA WA . 30.33 64.00 26.85
CHC CLA WA . 33.48 62.26 23.61
CHD CLA WA . 31.10 58.05 23.63
NA CLA WA . 29.67 61.65 26.87
C1A CLA WA . 28.67 60.98 27.57
C2A CLA WA . 27.93 61.84 28.57
C3A CLA WA . 28.46 63.23 28.25
C4A CLA WA . 29.56 62.96 27.27
CMA CLA WA . 27.39 64.18 27.69
CAA CLA WA . 28.32 61.24 29.94
CBA CLA WA . 28.54 62.22 31.09
CGA CLA WA . 29.97 62.62 31.26
O1A CLA WA . 30.40 63.73 31.04
O2A CLA WA . 30.71 61.60 31.67
NB CLA WA . 31.77 62.76 25.31
C1B CLA WA . 31.39 63.99 25.96
C2B CLA WA . 32.23 65.04 25.57
C3B CLA WA . 33.15 64.51 24.66
C4B CLA WA . 32.86 63.15 24.48
CMB CLA WA . 32.16 66.46 26.05
CAB CLA WA . 34.26 65.20 24.01
CBB CLA WA . 35.08 66.08 24.53
NC CLA WA . 32.03 60.33 24.08
C1C CLA WA . 33.07 60.99 23.41
C2C CLA WA . 33.64 60.18 22.35
C3C CLA WA . 32.95 59.00 22.34
C4C CLA WA . 31.96 59.07 23.38
CMC CLA WA . 34.77 60.57 21.45
CAC CLA WA . 33.17 57.82 21.43
CBC CLA WA . 32.10 57.70 20.36
ND CLA WA . 30.06 59.30 25.48
C1D CLA WA . 30.15 58.12 24.63
C2D CLA WA . 29.20 57.16 25.06
C3D CLA WA . 28.51 57.70 26.16
C4D CLA WA . 29.05 58.97 26.36
CMD CLA WA . 29.00 55.80 24.45
CAD CLA WA . 27.46 57.52 27.15
OBD CLA WA . 26.71 56.57 27.31
CBD CLA WA . 27.41 58.73 28.04
CGD CLA WA . 25.99 59.29 28.14
O1D CLA WA . 25.52 60.07 27.37
O2D CLA WA . 25.37 58.81 29.21
CED CLA WA . 24.03 59.31 29.43
MG CLA XA . 18.16 56.15 15.05
CHA CLA XA . 16.23 58.66 16.31
CHB CLA XA . 15.45 54.24 14.86
CHC CLA XA . 20.22 53.50 14.36
CHD CLA XA . 21.06 58.01 15.90
NA CLA XA . 16.29 56.48 15.35
C1A CLA XA . 15.62 57.62 15.71
C2A CLA XA . 14.15 57.56 15.41
C3A CLA XA . 13.91 56.07 15.49
C4A CLA XA . 15.30 55.54 15.22
CMA CLA XA . 13.35 55.57 16.81
CAA CLA XA . 14.02 58.18 14.01
CBA CLA XA . 12.74 57.84 13.25
CGA CLA XA . 12.90 56.75 12.23
O1A CLA XA . 12.13 56.54 11.32
O2A CLA XA . 13.97 56.00 12.47
NB CLA XA . 17.91 54.26 14.67
C1B CLA XA . 16.64 53.58 14.58
C2B CLA XA . 16.84 52.22 14.22
C3B CLA XA . 18.21 52.02 14.11
C4B CLA XA . 18.86 53.25 14.37
CMB CLA XA . 15.76 51.21 14.00
CAB CLA XA . 18.91 50.78 13.79
CBB CLA XA . 18.51 49.80 13.04
NC CLA XA . 20.11 55.85 15.07
C1C CLA XA . 20.78 54.71 14.68
C2C CLA XA . 22.22 54.87 14.72
C3C CLA XA . 22.46 56.15 15.15
C4C CLA XA . 21.18 56.76 15.38
CMC CLA XA . 23.24 53.84 14.34
CAC CLA XA . 23.80 56.82 15.32
CBC CLA XA . 24.24 57.57 14.08
ND CLA XA . 18.61 57.83 15.91
C1D CLA XA . 19.83 58.57 16.22
C2D CLA XA . 19.51 59.82 16.78
C3D CLA XA . 18.11 59.91 16.87
C4D CLA XA . 17.63 58.72 16.34
CMD CLA XA . 20.50 60.86 17.20
CAD CLA XA . 16.96 60.69 17.29
OBD CLA XA . 16.94 61.78 17.83
CBD CLA XA . 15.70 59.95 16.93
CGD CLA XA . 14.84 59.64 18.17
O1D CLA XA . 15.27 59.30 19.23
O2D CLA XA . 13.55 59.78 17.90
CED CLA XA . 12.63 59.32 18.92
C1 CLA XA . 14.00 54.71 11.80
C2 CLA XA . 14.53 54.87 10.41
C3 CLA XA . 15.50 54.13 9.90
C4 CLA XA . 16.23 53.04 10.65
C5 CLA XA . 15.92 54.29 8.46
C6 CLA XA . 15.36 53.22 7.55
C7 CLA XA . 15.99 53.17 6.16
C8 CLA XA . 17.19 52.26 5.99
C9 CLA XA . 18.45 52.84 6.62
C10 CLA XA . 17.41 51.89 4.53
C11 CLA XA . 16.46 50.84 3.95
C12 CLA XA . 17.05 50.10 2.77
C13 CLA XA . 16.17 49.00 2.15
C14 CLA XA . 17.02 47.97 1.42
C15 CLA XA . 15.10 49.59 1.24
C16 CLA XA . 13.68 49.15 1.51
C17 CLA XA . 12.88 48.87 0.23
C18 CLA XA . 11.39 48.62 0.41
C19 CLA XA . 11.09 47.64 1.54
C20 CLA XA . 10.63 49.92 0.62
MG CLA YA . 15.71 38.51 16.79
CHA CLA YA . 14.49 41.62 16.06
CHB CLA YA . 12.61 37.36 17.09
CHC CLA YA . 17.02 35.64 18.13
CHD CLA YA . 18.97 39.91 17.04
NA CLA YA . 13.96 39.33 16.55
C1A CLA YA . 13.59 40.62 16.19
C2A CLA YA . 12.10 40.81 15.99
C3A CLA YA . 11.54 39.45 16.36
C4A CLA YA . 12.77 38.64 16.70
CMA CLA YA . 10.53 39.51 17.50
CAA CLA YA . 11.81 41.15 14.52
CBA CLA YA . 12.36 40.17 13.48
CGA CLA YA . 12.02 40.58 12.08
O1A CLA YA . 11.04 41.18 11.76
O2A CLA YA . 12.96 40.18 11.22
NB CLA YA . 14.97 36.84 17.45
C1B CLA YA . 13.59 36.46 17.45
C2B CLA YA . 13.44 35.12 17.88
C3B CLA YA . 14.72 34.65 18.19
C4B CLA YA . 15.65 35.68 17.94
CMB CLA YA . 12.16 34.35 17.97
CAB CLA YA . 15.09 33.31 18.67
CBB CLA YA . 16.07 32.55 18.25
NC CLA YA . 17.50 37.92 17.39
C1C CLA YA . 17.85 36.68 17.88
C2C CLA YA . 19.26 36.55 18.13
C3C CLA YA . 19.84 37.76 17.82
C4C CLA YA . 18.77 38.61 17.37
CMC CLA YA . 19.98 35.34 18.65
CAC CLA YA . 21.29 38.12 17.88
CBC CLA YA . 22.01 37.95 16.56
ND CLA YA . 16.57 40.26 16.63
C1D CLA YA . 17.94 40.76 16.71
C2D CLA YA . 17.96 42.12 16.36
C3D CLA YA . 16.64 42.52 16.10
C4D CLA YA . 15.86 41.39 16.28
CMD CLA YA . 19.19 42.98 16.29
CAD CLA YA . 15.75 43.61 15.73
OBD CLA YA . 16.02 44.77 15.47
CBD CLA YA . 14.34 43.10 15.68
CGD CLA YA . 13.48 43.89 16.66
O1D CLA YA . 13.87 44.34 17.71
O2D CLA YA . 12.24 44.02 16.21
CED CLA YA . 11.34 44.76 17.06
C1 CLA YA . 12.78 40.62 9.85
C2 CLA YA . 14.07 40.47 9.13
C3 CLA YA . 14.48 41.34 8.21
C4 CLA YA . 13.70 42.55 7.81
C5 CLA YA . 15.80 41.16 7.51
C6 CLA YA . 16.99 41.04 8.46
C7 CLA YA . 18.24 41.71 7.91
C8 CLA YA . 19.50 41.62 8.77
C9 CLA YA . 20.69 42.30 8.08
C10 CLA YA . 19.83 40.19 9.19
C11 CLA YA . 20.08 39.18 8.07
C12 CLA YA . 21.56 39.03 7.72
C13 CLA YA . 22.43 38.21 8.68
C14 CLA YA . 23.88 38.18 8.24
C15 CLA YA . 21.86 36.80 8.86
NB KC2 ZA . 21.64 45.57 10.54
ND KC2 ZA . 18.41 43.73 11.74
C1A KC2 ZA . 17.58 46.71 10.83
C1B KC2 ZA . 21.81 46.87 10.01
C1C KC2 ZA . 22.39 42.87 11.51
C1D KC2 ZA . 18.15 42.47 12.25
C2A KC2 ZA . 17.33 48.05 10.41
C2B KC2 ZA . 23.22 47.09 9.64
C2C KC2 ZA . 22.76 41.58 11.99
C2D KC2 ZA . 16.78 42.34 12.47
C3A KC2 ZA . 18.52 48.61 10.06
C3B KC2 ZA . 23.89 45.95 9.95
C3C KC2 ZA . 21.61 40.98 12.43
C3D KC2 ZA . 16.16 43.59 12.09
C4A KC2 ZA . 19.52 47.62 10.23
C4B KC2 ZA . 22.96 45.00 10.51
C4C KC2 ZA . 20.51 41.87 12.21
C4D KC2 ZA . 17.24 44.42 11.64
CAA KC2 ZA . 16.01 48.67 10.30
CAB KC2 ZA . 25.31 45.64 9.75
CAC KC2 ZA . 21.51 39.64 13.03
CAD KC2 ZA . 14.90 44.29 11.99
CBA KC2 ZA . 15.19 49.02 11.28
CBB KC2 ZA . 26.35 46.42 9.95
CBC KC2 ZA . 22.13 38.55 12.65
CBD KC2 ZA . 15.21 45.66 11.44
CED KC2 ZA . 14.71 46.04 7.78
CGA KC2 ZA . 13.87 49.65 11.06
CGD KC2 ZA . 14.47 45.83 10.12
CHA KC2 ZA . 16.74 45.70 11.26
CHB KC2 ZA . 20.85 47.84 9.87
CHC KC2 ZA . 23.32 43.76 10.97
CHD KC2 ZA . 19.19 41.58 12.48
CMA KC2 ZA . 18.77 50.02 9.60
CMB KC2 ZA . 23.74 48.34 9.00
CMC KC2 ZA . 24.14 41.02 11.99
CMD KC2 ZA . 16.05 41.14 12.98
NA KC2 ZA . 18.94 46.47 10.70
NC KC2 ZA . 21.04 43.06 11.64
O1A KC2 ZA . 13.31 49.57 9.97
O1D KC2 ZA . 13.28 45.89 10.01
O2A KC2 ZA . 13.36 50.29 12.07
O2D KC2 ZA . 15.32 45.89 9.09
OBD KC2 ZA . 13.77 43.89 12.29
MG KC2 ZA . 19.88 44.69 11.13
MG CLA AB . 34.39 36.07 18.86
CHA CLA AB . 37.04 34.21 17.82
CHB CLA AB . 32.95 35.68 15.89
CHC CLA AB . 31.91 38.20 19.90
CHD CLA AB . 36.37 37.31 21.54
NA CLA AB . 34.90 35.12 17.24
C1A CLA AB . 36.02 34.33 16.95
C2A CLA AB . 35.96 33.64 15.62
C3A CLA AB . 34.78 34.30 14.96
C4A CLA AB . 34.16 35.09 16.09
CMA CLA AB . 35.15 35.18 13.77
CAA CLA AB . 35.77 32.14 15.83
CBA CLA AB . 34.54 31.74 16.66
CGA CLA AB . 34.34 30.25 16.70
O1A CLA AB . 33.86 29.60 15.82
O2A CLA AB . 34.75 29.74 17.86
NB CLA AB . 32.75 36.77 18.07
C1B CLA AB . 32.22 36.45 16.77
C2B CLA AB . 30.95 37.04 16.61
C3B CLA AB . 30.67 37.77 17.77
C4B CLA AB . 31.76 37.61 18.65
CMB CLA AB . 30.06 36.89 15.40
CAB CLA AB . 29.49 38.59 18.05
CBB CLA AB . 28.24 38.24 17.95
NC CLA AB . 34.18 37.36 20.33
C1C CLA AB . 33.04 38.10 20.64
C2C CLA AB . 33.21 38.90 21.84
C3C CLA AB . 34.49 38.68 22.28
C4C CLA AB . 35.10 37.75 21.38
CMC CLA AB . 32.18 39.77 22.48
CAC CLA AB . 35.16 39.32 23.47
CBC CLA AB . 35.21 38.40 24.67
ND CLA AB . 36.19 35.86 19.55
C1D CLA AB . 36.95 36.39 20.69
C2D CLA AB . 38.23 35.80 20.72
C3D CLA AB . 38.30 34.89 19.64
C4D CLA AB . 37.09 34.98 18.99
CMD CLA AB . 39.30 36.09 21.73
CAD CLA AB . 39.11 33.90 18.94
OBD CLA AB . 40.22 33.48 19.22
CBD CLA AB . 38.34 33.39 17.76
CGD CLA AB . 39.13 33.60 16.47
O1D CLA AB . 39.40 32.73 15.69
O2D CLA AB . 39.49 34.87 16.34
CED CLA AB . 40.25 35.19 15.15
C1 CLA AB . 34.57 28.31 18.01
C2 CLA AB . 35.08 27.87 19.34
C3 CLA AB . 34.80 26.68 19.85
C4 CLA AB . 33.95 25.66 19.15
C5 CLA AB . 35.36 26.26 21.18
C6 CLA AB . 34.68 26.94 22.36
C7 CLA AB . 35.52 28.05 22.98
C8 CLA AB . 34.88 28.82 24.14
C9 CLA AB . 34.80 27.97 25.40
C10 CLA AB . 33.51 29.35 23.72
C11 CLA AB . 32.93 30.47 24.58
C12 CLA AB . 31.82 31.24 23.88
C13 CLA AB . 30.54 30.46 23.55
C14 CLA AB . 30.64 29.77 22.19
C15 CLA AB . 29.30 31.36 23.63
C16 CLA AB . 28.00 30.63 23.92
C17 CLA AB . 26.78 31.54 24.03
C18 CLA AB . 26.91 32.71 25.02
C19 CLA AB . 25.59 33.44 25.18
C20 CLA AB . 27.44 32.27 26.37
MG CLA BB . 26.19 66.34 12.63
CHA CLA BB . 24.20 64.57 14.77
CHB CLA BB . 28.37 63.83 12.61
CHC CLA BB . 28.42 68.40 10.99
CHD CLA BB . 24.28 69.26 13.36
NA CLA BB . 26.21 64.58 13.45
C1A CLA BB . 25.27 63.94 14.25
C2A CLA BB . 25.57 62.48 14.51
C3A CLA BB . 27.00 62.36 14.02
C4A CLA BB . 27.22 63.67 13.31
CMA CLA BB . 28.02 62.12 15.12
CAA CLA BB . 24.59 61.61 13.71
CBA CLA BB . 24.34 62.08 12.28
CGA CLA BB . 23.63 61.05 11.44
O1A CLA BB . 22.87 60.23 11.86
O2A CLA BB . 23.95 61.18 10.15
NB CLA BB . 28.00 66.15 11.90
C1B CLA BB . 28.79 64.95 11.91
C2B CLA BB . 30.00 65.16 11.22
C3B CLA BB . 30.01 66.48 10.78
C4B CLA BB . 28.80 67.09 11.19
CMB CLA BB . 31.07 64.13 10.99
CAB CLA BB . 31.08 67.17 10.05
CBB CLA BB . 30.99 67.90 8.98
NC CLA BB . 26.29 68.29 12.24
C1C CLA BB . 27.28 68.94 11.51
C2C CLA BB . 27.03 70.35 11.39
C3C CLA BB . 25.87 70.63 12.06
C4C CLA BB . 25.40 69.37 12.59
CMC CLA BB . 27.88 71.35 10.67
CAC CLA BB . 25.21 71.97 12.23
CBC CLA BB . 24.69 72.53 10.92
ND CLA BB . 24.67 66.85 13.73
C1D CLA BB . 23.89 68.07 13.95
C2D CLA BB . 22.79 67.80 14.78
C3D CLA BB . 22.84 66.43 15.12
C4D CLA BB . 23.98 65.93 14.49
CMD CLA BB . 21.75 68.79 15.22
CAD CLA BB . 22.21 65.32 15.81
OBD CLA BB . 21.14 65.30 16.41
CBD CLA BB . 23.08 64.10 15.70
CGD CLA BB . 23.56 63.69 17.09
O1D CLA BB . 23.65 62.57 17.48
O2D CLA BB . 23.86 64.77 17.81
CED CLA BB . 24.31 64.51 19.17
C1 CLA BB . 23.29 60.25 9.25
C2 CLA BB . 23.65 60.59 7.85
C7 UIX CB . 29.89 39.95 13.70
C8 UIX CB . 30.49 38.06 11.63
C9 UIX CB . 31.92 39.92 10.92
O1 UIX CB . 35.23 37.99 12.78
C1 UIX CB . 32.40 39.82 14.44
C5 UIX CB . 34.07 38.82 12.82
C6 UIX CB . 31.96 40.26 15.83
C4 UIX CB . 32.88 38.04 12.29
O4 UIX CB . 19.95 62.87 8.63
C3 UIX CB . 33.79 39.23 14.26
O3 UIX CB . 18.75 57.26 8.02
C2 UIX CB . 31.66 38.92 12.06
C UIX CB . 31.34 39.68 13.34
O UIX CB . 32.14 40.86 13.49
C10 UIX CB . 29.41 41.17 13.53
C11 UIX CB . 28.02 41.55 13.84
C12 UIX CB . 26.99 40.62 14.40
C13 UIX CB . 27.72 42.83 13.59
C14 UIX CB . 26.40 43.42 13.81
C15 UIX CB . 18.55 58.76 11.49
C16 UIX CB . 18.29 58.26 8.93
C17 UIX CB . 18.16 60.15 11.00
C18 UIX CB . 18.87 60.61 9.73
C19 UIX CB . 19.11 59.52 8.70
C20 UIX CB . 18.54 57.79 10.33
C21 UIX CB . 17.52 58.29 12.50
C22 UIX CB . 19.93 58.75 12.11
C23 UIX CB . 26.28 44.69 13.46
C24 UIX CB . 16.81 58.47 8.67
C25 UIX CB . 18.77 56.59 10.60
C26 UIX CB . 25.04 45.48 13.55
C27 UIX CB . 18.77 62.89 8.91
C28 UIX CB . 19.02 55.42 10.91
O2 UIX CB . 18.07 61.63 9.11
C29 UIX CB . 23.75 44.96 14.13
C30 UIX CB . 25.11 46.71 13.04
C31 UIX CB . 17.99 64.17 9.00
C32 UIX CB . 20.38 54.88 10.72
C33 UIX CB . 21.42 55.75 10.07
C34 UIX CB . 23.99 47.62 12.99
C35 UIX CB . 20.60 53.64 11.17
C36 UIX CB . 21.87 52.94 11.11
C37 UIX CB . 24.17 48.79 12.39
C38 UIX CB . 21.93 51.74 11.65
C39 UIX CB . 23.07 49.73 12.27
C40 UIX CB . 23.16 50.93 11.67
C41 UIX CB . 24.41 51.48 11.03
C DD6 DB . 30.47 52.04 22.81
C1 DD6 DB . 31.15 50.77 22.35
C10 DD6 DB . 26.49 44.91 28.65
C11 DD6 DB . 25.87 43.79 29.10
C12 DD6 DB . 26.05 42.44 28.46
C13 DD6 DB . 24.96 43.90 30.22
C14 DD6 DB . 24.21 42.96 30.77
C15 DD6 DB . 23.30 43.16 31.95
C16 DD6 DB . 23.64 42.41 33.20
C17 DD6 DB . 22.35 42.09 33.97
C18 DD6 DB . 21.39 43.26 34.11
C19 DD6 DB . 20.83 43.61 32.74
C2 DD6 DB . 30.92 49.56 22.90
C20 DD6 DB . 21.92 43.74 31.70
C21 DD6 DB . 21.43 44.08 30.31
C22 DD6 DB . 24.56 43.26 34.09
C23 DD6 DB . 24.38 41.09 32.91
C24 DD6 DB . 32.13 50.89 21.29
C25 DD6 DB . 32.67 52.01 20.79
C26 DD6 DB . 33.65 52.01 19.75
C27 DD6 DB . 34.29 53.08 19.22
C28 DD6 DB . 34.10 54.50 19.66
C29 DD6 DB . 35.24 52.82 18.18
C3 DD6 DB . 30.05 49.24 23.98
C30 DD6 DB . 36.08 52.70 17.32
C31 DD6 DB . 37.07 52.66 16.30
C32 DD6 DB . 38.51 52.98 16.71
C33 DD6 DB . 39.38 53.06 15.45
C34 DD6 DB . 39.06 52.00 14.43
C35 DD6 DB . 37.65 52.20 13.93
C36 DD6 DB . 36.66 52.34 15.05
C37 DD6 DB . 35.22 52.11 14.68
C4 DD6 DB . 29.91 47.98 24.45
C40 DD6 DB . 39.06 51.89 17.63
C41 DD6 DB . 38.58 54.33 17.44
C5 DD6 DB . 29.06 47.61 25.54
C6 DD6 DB . 28.82 46.37 26.02
C7 DD6 DB . 29.46 45.13 25.44
C8 DD6 DB . 27.88 46.18 27.12
C9 DD6 DB . 27.42 45.02 27.57
O1 DD6 DB . 23.04 44.55 32.17
O2 DD6 DB . 20.31 42.91 34.99
O4 DD6 DB . 39.97 52.09 13.34
C1 PID EB . 19.69 40.72 21.11
C2 PID EB . 18.22 41.11 21.07
C3 PID EB . 17.37 40.34 22.07
C4 PID EB . 17.68 38.85 21.97
C5 PID EB . 19.08 38.53 22.46
C6 PID EB . 20.13 39.43 21.82
C7 PID EB . 21.50 38.87 21.56
C8 PID EB . 22.39 38.76 22.55
C9 PID EB . 23.73 38.21 22.29
C10 PID EB . 24.35 37.69 21.05
C11 PID EB . 24.67 38.09 23.29
C12 PID EB . 25.77 37.53 22.63
C13 PID EB . 27.02 37.25 23.39
C14 PID EB . 28.26 36.67 22.81
C15 PID EB . 29.29 36.49 23.66
C16 PID EB . 30.55 35.92 23.24
C17 PID EB . 31.52 35.77 24.15
C18 PID EB . 32.81 35.19 23.77
C19 PID EB . 33.74 35.03 24.69
C20 PID EB . 35.03 34.46 24.33
C21 PID EB . 36.00 34.25 25.24
C22 PID EB . 37.27 33.65 24.78
C23 PID EB . 38.23 33.46 25.57
C24 PID EB . 39.22 33.23 26.31
C25 PID EB . 40.29 34.28 26.41
C26 PID EB . 41.15 33.99 27.62
C27 PID EB . 40.27 33.52 28.78
C28 PID EB . 39.79 32.10 28.48
C29 PID EB . 39.29 31.92 27.05
C30 PID EB . 40.76 34.73 30.78
C31 PID EB . 41.27 36.06 30.29
CM1 PID EB . 20.66 41.42 20.15
CM2 PID EB . 19.39 37.08 22.13
CM3 PID EB . 19.15 38.68 23.98
CM4 PID EB . 28.42 36.27 21.37
CM5 PID EB . 35.79 34.64 26.68
CM6 PID EB . 39.64 35.65 26.54
CM7 PID EB . 41.13 34.22 25.14
CM8 PID EB . 40.20 30.98 26.29
O1 PID EB . 20.20 40.73 22.44
O2 PID EB . 15.99 40.55 21.78
O3 PID EB . 23.78 37.63 19.91
O4 PID EB . 25.63 37.28 21.28
O5 PID EB . 37.98 31.34 27.12
O6 PID EB . 41.02 33.53 30.00
O7 PID EB . 40.14 34.62 31.83
C DD6 FB . 30.37 61.10 4.90
C1 DD6 FB . 29.13 60.48 5.47
C10 DD6 FB . 29.73 52.12 0.55
C11 DD6 FB . 29.44 50.83 0.28
C12 DD6 FB . 28.36 50.07 1.00
C13 DD6 FB . 30.18 50.13 -0.75
C14 DD6 FB . 30.34 48.82 -0.82
C15 DD6 FB . 31.06 48.04 -1.89
C16 DD6 FB . 30.95 46.60 -1.82
C17 DD6 FB . 31.23 46.01 -3.22
C18 DD6 FB . 32.43 46.53 -3.99
C19 DD6 FB . 33.19 47.61 -3.24
C2 DD6 FB . 28.74 59.23 5.15
C20 DD6 FB . 32.29 48.59 -2.54
C21 DD6 FB . 32.87 49.96 -2.26
C22 DD6 FB . 29.53 46.21 -1.41
C23 DD6 FB . 31.90 45.98 -0.80
C24 DD6 FB . 28.26 61.30 6.29
C25 DD6 FB . 28.38 62.60 6.52
C26 DD6 FB . 27.46 63.33 7.31
C27 DD6 FB . 27.48 64.65 7.58
C28 DD6 FB . 28.57 65.59 7.12
C29 DD6 FB . 26.37 65.21 8.25
C3 DD6 FB . 29.35 58.34 4.24
C30 DD6 FB . 25.37 65.72 8.69
C31 DD6 FB . 24.23 66.42 9.13
C32 DD6 FB . 24.12 67.91 8.76
C33 DD6 FB . 23.14 68.57 9.70
C34 DD6 FB . 21.86 67.79 9.87
C35 DD6 FB . 22.18 66.46 10.53
C36 DD6 FB . 23.32 65.75 9.86
C37 DD6 FB . 23.36 64.26 10.09
C4 DD6 FB . 28.78 57.19 3.92
C40 DD6 FB . 23.65 68.05 7.31
C41 DD6 FB . 25.48 68.60 8.90
C5 DD6 FB . 29.30 56.25 3.01
C6 DD6 FB . 28.73 55.06 2.67
C7 DD6 FB . 27.42 54.61 3.25
C8 DD6 FB . 29.41 54.19 1.74
C9 DD6 FB . 29.08 52.94 1.48
O1 DD6 FB . 30.98 48.62 -3.19
O2 DD6 FB . 33.33 45.44 -4.23
O4 DD6 FB . 20.95 68.53 10.69
C7 UIX GB . 42.60 45.30 23.59
C8 UIX GB . 45.14 45.95 22.30
C9 UIX GB . 45.67 45.65 24.69
O1 UIX GB . 47.15 41.70 23.66
C1 UIX GB . 43.56 42.86 23.87
C5 UIX GB . 46.07 42.61 23.95
C6 UIX GB . 42.15 42.30 23.85
C4 UIX GB . 46.18 43.83 23.05
O4 UIX GB . 24.49 50.25 41.74
C3 UIX GB . 44.74 41.91 23.69
O3 UIX GB . 26.31 50.45 37.15
C2 UIX GB . 45.18 44.92 23.43
C UIX GB . 43.78 44.37 23.70
O UIX GB . 43.77 43.73 24.98
C10 UIX GB . 41.66 45.31 24.53
C11 UIX GB . 40.48 46.22 24.51
C12 UIX GB . 40.18 47.16 23.38
C13 UIX GB . 39.70 46.19 25.61
C14 UIX GB . 38.54 47.06 25.78
C15 UIX GB . 28.12 53.28 38.76
C16 UIX GB . 26.94 51.00 38.32
C17 UIX GB . 27.79 52.92 40.21
C18 UIX GB . 26.38 52.37 40.41
C19 UIX GB . 25.85 51.61 39.19
C20 UIX GB . 27.91 52.06 37.90
C21 UIX GB . 29.58 53.71 38.66
C22 UIX GB . 27.25 54.43 38.26
C23 UIX GB . 37.90 46.99 26.94
C24 UIX GB . 27.68 49.86 39.03
C25 UIX GB . 28.54 51.93 36.82
C26 UIX GB . 36.74 47.83 27.30
C27 UIX GB . 25.08 51.26 42.09
C28 UIX GB . 29.14 51.81 35.72
O2 UIX GB . 26.40 51.51 41.55
C29 UIX GB . 36.10 48.82 26.37
C30 UIX GB . 36.29 47.69 28.57
C31 UIX GB . 24.46 52.24 43.04
C32 UIX GB . 30.24 50.85 35.55
C33 UIX GB . 30.72 50.00 36.70
C34 UIX GB . 35.19 48.47 29.11
C35 UIX GB . 30.77 50.75 34.32
C36 UIX GB . 31.85 49.83 33.97
C37 UIX GB . 34.86 48.27 30.38
C38 UIX GB . 32.29 49.82 32.71
C39 UIX GB . 33.77 49.04 30.98
C40 UIX GB . 33.39 48.94 32.27
C41 UIX GB . 34.03 48.00 33.26
C DD6 HB . 34.75 59.95 12.58
C1 DD6 HB . 33.43 60.65 12.35
C10 DD6 HB . 35.70 65.31 3.97
C11 DD6 HB . 35.50 66.12 2.90
C12 DD6 HB . 34.17 66.72 2.56
C13 DD6 HB . 36.63 66.43 2.03
C14 DD6 HB . 36.67 67.35 1.09
C15 DD6 HB . 37.82 67.69 0.18
C16 DD6 HB . 39.06 68.24 0.81
C17 DD6 HB . 39.55 69.46 0.00
C18 DD6 HB . 39.67 69.22 -1.48
C19 DD6 HB . 38.28 68.98 -2.08
C2 DD6 HB . 33.19 61.44 11.28
C20 DD6 HB . 37.42 68.06 -1.24
C21 DD6 HB . 36.00 67.93 -1.75
C22 DD6 HB . 40.16 67.17 0.79
C23 DD6 HB . 38.87 68.66 2.27
C24 DD6 HB . 32.38 60.49 13.34
C25 DD6 HB . 32.42 59.80 14.48
C26 DD6 HB . 31.31 59.74 15.37
C27 DD6 HB . 31.22 59.06 16.54
C28 DD6 HB . 32.30 58.18 17.09
C29 DD6 HB . 30.01 59.19 17.30
C3 DD6 HB . 34.07 61.79 10.21
C30 DD6 HB . 28.98 59.40 17.88
C31 DD6 HB . 27.76 59.76 18.51
C32 DD6 HB . 27.83 60.82 19.61
C33 DD6 HB . 26.60 60.69 20.53
C34 DD6 HB . 25.29 60.49 19.78
C35 DD6 HB . 25.40 59.20 19.00
C36 DD6 HB . 26.61 59.19 18.11
C37 DD6 HB . 26.42 58.51 16.79
C4 DD6 HB . 33.64 62.57 9.19
C40 DD6 HB . 27.88 62.23 19.01
C41 DD6 HB . 29.09 60.62 20.48
C5 DD6 HB . 34.44 63.00 8.08
C6 DD6 HB . 34.02 63.72 7.01
C7 DD6 HB . 32.59 64.15 6.83
C8 DD6 HB . 34.98 64.13 5.99
C9 DD6 HB . 34.73 64.93 4.95
O1 DD6 HB . 38.06 66.80 -0.91
O2 DD6 HB . 40.25 70.36 -2.11
O4 DD6 HB . 24.21 60.41 20.72
MG CLA IB . 40.28 63.81 2.19
CHA CLA IB . 42.40 64.82 -0.28
CHB CLA IB . 42.83 63.81 4.32
CHC CLA IB . 38.21 62.35 4.50
CHD CLA IB . 37.84 63.03 -0.28
NA CLA IB . 42.14 64.35 2.05
C1A CLA IB . 42.85 64.88 0.99
C2A CLA IB . 44.18 65.47 1.38
C3A CLA IB . 44.43 64.78 2.71
C4A CLA IB . 43.06 64.27 3.07
CMA CLA IB . 45.49 63.69 2.66
CAA CLA IB . 44.00 66.98 1.50
CBA CLA IB . 43.17 67.45 2.70
NB CLA IB . 40.47 63.21 4.03
C1B CLA IB . 41.65 63.31 4.85
C2B CLA IB . 41.39 62.85 6.16
C3B CLA IB . 40.04 62.46 6.19
C4B CLA IB . 39.49 62.66 4.91
CMB CLA IB . 42.37 62.78 7.29
CAB CLA IB . 39.28 61.97 7.34
CBB CLA IB . 38.98 62.64 8.43
NC CLA IB . 38.50 62.96 2.13
C1C CLA IB . 37.78 62.46 3.21
C2C CLA IB . 36.47 61.96 2.82
C3C CLA IB . 36.37 62.15 1.47
C4C CLA IB . 37.59 62.74 1.03
CMC CLA IB . 35.43 61.36 3.72
CAC CLA IB . 35.20 61.80 0.58
CBC CLA IB . 34.28 62.97 0.33
ND CLA IB . 40.10 63.85 0.25
C1D CLA IB . 39.05 63.55 -0.71
C2D CLA IB . 39.47 63.89 -2.01
C3D CLA IB . 40.79 64.39 -1.91
C4D CLA IB . 41.10 64.34 -0.56
CMD CLA IB . 38.66 63.75 -3.26
CAD CLA IB . 41.95 64.92 -2.61
OBD CLA IB . 42.09 65.10 -3.80
CBD CLA IB . 43.03 65.23 -1.61
CGD CLA IB . 44.30 64.42 -1.91
O1D CLA IB . 45.41 64.88 -1.90
O2D CLA IB . 44.01 63.16 -2.17
CED CLA IB . 45.13 62.29 -2.45
MG CLA JB . 2.48 75.58 -26.37
CHA CLA JB . 3.45 77.57 -23.77
CHB CLA JB . 0.20 77.85 -27.23
CHC CLA JB . 1.20 73.32 -28.61
CHD CLA JB . 4.35 72.91 -24.97
NA CLA JB . 2.04 77.34 -25.69
C1A CLA JB . 2.58 78.09 -24.66
C2A CLA JB . 2.11 79.52 -24.61
C3A CLA JB . 0.93 79.51 -25.55
C4A CLA JB . 1.04 78.15 -26.21
CMA CLA JB . -0.43 79.71 -24.88
CAA CLA JB . 3.25 80.43 -25.09
CBA CLA JB . 3.85 80.05 -26.44
CGA CLA JB . 4.80 81.10 -26.96
O1A CLA JB . 4.91 82.21 -26.51
O2A CLA JB . 5.52 80.64 -27.98
NB CLA JB . 1.01 75.58 -27.67
C1B CLA JB . 0.13 76.68 -27.96
C2B CLA JB . -0.75 76.33 -29.00
C3B CLA JB . -0.46 75.02 -29.38
C4B CLA JB . 0.60 74.57 -28.58
CMB CLA JB . -1.81 77.22 -29.61
CAB CLA JB . -1.12 74.22 -30.42
CBB CLA JB . -0.58 73.62 -31.44
NC CLA JB . 2.75 73.65 -26.74
C1C CLA JB . 2.16 72.91 -27.75
C2C CLA JB . 2.64 71.55 -27.77
C3C CLA JB . 3.55 71.42 -26.76
C4C CLA JB . 3.61 72.69 -26.09
CMC CLA JB . 2.23 70.48 -28.74
CAC CLA JB . 4.35 70.19 -26.41
CBC CLA JB . 5.55 70.00 -27.30
ND CLA JB . 3.58 75.24 -24.82
C1D CLA JB . 4.34 74.11 -24.29
C2D CLA JB . 5.03 74.49 -23.12
C3D CLA JB . 4.71 75.84 -22.86
C4D CLA JB . 3.87 76.23 -23.89
CMD CLA JB . 5.90 73.60 -22.29
CAD CLA JB . 4.88 76.99 -21.97
OBD CLA JB . 5.52 77.06 -20.93
CBD CLA JB . 4.14 78.15 -22.54
CGD CLA JB . 3.14 78.72 -21.53
O1D CLA JB . 3.01 79.88 -21.27
O2D CLA JB . 2.42 77.74 -20.98
CED CLA JB . 1.36 78.17 -20.11
MG CLA KB . 7.60 67.96 -16.40
CHA CLA KB . 4.65 69.16 -15.16
CHB CLA KB . 7.34 65.34 -14.40
CHC CLA KB . 10.85 67.14 -17.21
CHD CLA KB . 8.11 71.05 -18.05
NA CLA KB . 6.22 67.37 -15.18
C1A CLA KB . 4.99 67.89 -14.85
C2A CLA KB . 4.10 66.95 -14.11
C3A CLA KB . 5.08 65.96 -13.59
C4A CLA KB . 6.31 66.21 -14.43
CMA CLA KB . 5.37 66.12 -12.10
CAA CLA KB . 3.07 66.37 -15.10
CBA CLA KB . 3.60 65.82 -16.42
CGA CLA KB . 4.16 64.43 -16.32
O1A CLA KB . 3.58 63.49 -15.85
O2A CLA KB . 5.38 64.36 -16.85
NB CLA KB . 8.83 66.52 -15.94
C1B CLA KB . 8.54 65.40 -15.10
C2B CLA KB . 9.61 64.49 -15.10
C3B CLA KB . 10.61 65.02 -15.91
C4B CLA KB . 10.15 66.25 -16.40
CMB CLA KB . 9.67 63.18 -14.35
CAB CLA KB . 11.89 64.42 -16.26
CBB CLA KB . 12.16 63.16 -16.42
NC CLA KB . 9.06 68.84 -17.39
C1C CLA KB . 10.34 68.33 -17.65
C2C CLA KB . 11.14 69.24 -18.44
C3C CLA KB . 10.36 70.34 -18.69
C4C CLA KB . 9.09 70.12 -18.05
CMC CLA KB . 12.55 69.06 -18.92
CAC CLA KB . 10.73 71.57 -19.47
CBC CLA KB . 10.33 71.47 -20.92
ND CLA KB . 6.70 69.67 -16.58
C1D CLA KB . 6.94 70.90 -17.32
C2D CLA KB . 5.86 71.78 -17.17
C3D CLA KB . 4.92 71.16 -16.31
C4D CLA KB . 5.48 69.92 -15.99
CMD CLA KB . 5.71 73.13 -17.81
CAD CLA KB . 3.65 71.25 -15.63
OBD CLA KB . 2.83 72.16 -15.64
CBD CLA KB . 3.42 70.00 -14.83
CGD CLA KB . 3.30 70.37 -13.36
O1D CLA KB . 3.88 71.28 -12.83
O2D CLA KB . 2.48 69.54 -12.72
CED CLA KB . 2.25 69.83 -11.32
C1 CLA KB . 5.96 63.02 -16.91
C2 CLA KB . 7.14 63.04 -17.81
C3 CLA KB . 7.81 61.93 -18.10
C4 CLA KB . 7.47 60.58 -17.54
C5 CLA KB . 8.97 61.97 -19.06
C6 CLA KB . 8.68 61.21 -20.36
C7 CLA KB . 9.81 61.32 -21.37
C8 CLA KB . 9.50 60.72 -22.74
C9 CLA KB . 9.35 59.20 -22.66
C10 CLA KB . 10.56 61.10 -23.79
C11 CLA KB . 10.68 62.60 -24.08
C12 CLA KB . 11.33 62.89 -25.42
C13 CLA KB . 12.77 62.43 -25.60
C14 CLA KB . 13.70 63.10 -24.61
C15 CLA KB . 13.24 62.64 -27.05
C16 CLA KB . 12.64 61.70 -28.08
C17 CLA KB . 13.28 61.79 -29.46
C18 CLA KB . 13.11 63.09 -30.24
C19 CLA KB . 11.74 63.72 -30.05
C20 CLA KB . 14.22 64.10 -29.98
MG CLA LB . 15.33 59.18 -16.48
CHA CLA LB . 13.21 57.20 -14.68
CHB CLA LB . 12.80 60.10 -18.42
CHC CLA LB . 17.61 60.68 -18.55
CHD CLA LB . 18.08 57.61 -14.85
NA CLA LB . 13.43 58.80 -16.44
C1A CLA LB . 12.66 58.03 -15.59
C2A CLA LB . 11.18 58.15 -15.79
C3A CLA LB . 11.09 58.97 -17.06
C4A CLA LB . 12.53 59.32 -17.34
CMA CLA LB . 10.43 58.23 -18.22
CAA CLA LB . 10.56 58.87 -14.57
CBA CLA LB . 9.07 58.60 -14.39
CGA CLA LB . 8.70 58.13 -13.00
O1A CLA LB . 8.34 58.85 -12.11
O2A CLA LB . 8.79 56.80 -12.91
NB CLA LB . 15.24 60.18 -18.14
C1B CLA LB . 14.05 60.51 -18.87
C2B CLA LB . 14.36 61.29 -20.01
C3B CLA LB . 15.74 61.44 -20.03
C4B CLA LB . 16.28 60.78 -18.91
CMB CLA LB . 13.38 61.85 -20.99
CAB CLA LB . 16.55 62.15 -21.03
CBB CLA LB . 16.35 62.19 -22.32
NC CLA LB . 17.30 59.20 -16.62
C1C CLA LB . 18.07 59.94 -17.51
C2C CLA LB . 19.48 59.77 -17.28
C3C CLA LB . 19.63 58.91 -16.24
C4C CLA LB . 18.30 58.53 -15.82
CMC CLA LB . 20.60 60.43 -18.05
CAC CLA LB . 20.91 58.41 -15.62
CBC CLA LB . 21.31 59.19 -14.40
ND CLA LB . 15.64 57.80 -15.16
C1D CLA LB . 16.81 57.20 -14.50
C2D CLA LB . 16.40 56.25 -13.56
C3D CLA LB . 14.99 56.20 -13.58
C4D CLA LB . 14.60 57.13 -14.53
CMD CLA LB . 17.31 55.43 -12.68
CAD CLA LB . 13.79 55.57 -13.06
OBD CLA LB . 13.68 54.66 -12.27
CBD CLA LB . 12.60 56.21 -13.68
CGD CLA LB . 11.77 55.13 -14.37
O1D CLA LB . 10.73 54.70 -13.96
O2D CLA LB . 12.37 54.70 -15.47
CED CLA LB . 11.77 53.56 -16.13
C1 CLA LB . 8.24 56.20 -11.70
C2 CLA LB . 9.33 55.67 -10.84
C3 CLA LB . 9.09 55.07 -9.68
C4 CLA LB . 7.70 54.88 -9.12
C5 CLA LB . 10.21 54.58 -8.80
C6 CLA LB . 10.51 53.10 -8.96
C7 CLA LB . 9.38 52.18 -8.48
C8 CLA LB . 9.65 50.68 -8.40
C9 CLA LB . 11.05 50.36 -7.88
C10 CLA LB . 9.37 49.95 -9.72
C11 CLA LB . 9.99 50.56 -10.97
C12 CLA LB . 9.83 49.69 -12.22
C13 CLA LB . 10.33 50.31 -13.52
C14 CLA LB . 9.85 51.74 -13.68
C15 CLA LB . 9.92 49.45 -14.72
C16 CLA LB . 10.70 48.17 -14.95
C17 CLA LB . 12.12 48.39 -15.45
C18 CLA LB . 12.71 47.27 -16.31
C19 CLA LB . 14.15 47.53 -16.68
C20 CLA LB . 12.57 45.91 -15.64
MG CLA MB . 32.37 65.91 -9.77
CHA CLA MB . 35.61 64.99 -10.37
CHB CLA MB . 31.39 63.13 -11.27
CHC CLA MB . 29.17 67.03 -9.43
CHD CLA MB . 33.48 69.21 -9.10
NA CLA MB . 33.31 64.40 -10.49
C1A CLA MB . 34.64 64.06 -10.48
C2A CLA MB . 34.82 62.59 -10.69
C3A CLA MB . 33.74 62.39 -11.70
C4A CLA MB . 32.72 63.35 -11.14
CMA CLA MB . 34.17 62.70 -13.12
CAA CLA MB . 34.50 61.92 -9.34
CBA CLA MB . 35.60 61.04 -8.76
CGA CLA MB . 35.24 60.53 -7.40
O1A CLA MB . 34.91 59.40 -7.15
O2A CLA MB . 35.29 61.50 -6.50
NB CLA MB . 30.62 65.21 -10.23
C1B CLA MB . 30.35 63.93 -10.81
C2B CLA MB . 28.96 63.71 -10.86
C3B CLA MB . 28.34 64.86 -10.35
C4B CLA MB . 29.33 65.76 -9.97
CMB CLA MB . 28.28 62.45 -11.33
CAB CLA MB . 26.90 65.10 -10.22
CBB CLA MB . 25.94 64.69 -10.99
NC CLA MB . 31.55 67.65 -9.34
C1C CLA MB . 30.20 67.89 -9.17
C2C CLA MB . 29.95 69.24 -8.71
C3C CLA MB . 31.16 69.88 -8.64
C4C CLA MB . 32.16 68.91 -9.04
CMC CLA MB . 28.61 69.84 -8.37
CAC CLA MB . 31.44 71.28 -8.19
CBC CLA MB . 31.77 72.21 -9.35
ND CLA MB . 34.04 66.91 -9.76
C1D CLA MB . 34.44 68.28 -9.46
C2D CLA MB . 35.83 68.41 -9.58
C3D CLA MB . 36.35 67.15 -9.93
C4D CLA MB . 35.26 66.31 -10.02
CMD CLA MB . 36.61 69.67 -9.33
CAD CLA MB . 37.54 66.36 -10.23
OBD CLA MB . 38.71 66.71 -10.28
CBD CLA MB . 37.13 64.94 -10.50
CGD CLA MB . 37.60 64.51 -11.88
O1D CLA MB . 37.98 63.41 -12.17
O2D CLA MB . 37.51 65.52 -12.74
CED CLA MB . 37.82 65.22 -14.13
C1 CLA MB . 34.65 61.22 -5.22
C2 CLA MB . 34.54 62.51 -4.50
C3 CLA MB . 33.53 62.88 -3.71
C4 CLA MB . 32.34 62.01 -3.40
C5 CLA MB . 33.53 64.24 -3.06
C6 CLA MB . 32.18 64.68 -2.52
C7 CLA MB . 32.17 66.14 -2.07
C8 CLA MB . 31.02 66.54 -1.15
C9 CLA MB . 29.67 66.17 -1.73
C10 CLA MB . 31.10 68.04 -0.82
MG CLA NB . 28.20 54.75 -14.72
CHA CLA NB . 30.09 51.96 -15.32
CHB CLA NB . 27.27 54.80 -17.91
CHC CLA NB . 26.89 57.88 -14.19
CHD CLA NB . 29.72 55.02 -11.51
NA CLA NB . 28.59 53.60 -16.24
C1A CLA NB . 29.38 52.46 -16.37
C2A CLA NB . 29.36 51.83 -17.73
C3A CLA NB . 28.38 52.69 -18.48
C4A CLA NB . 28.06 53.78 -17.51
CMA CLA NB . 28.95 53.23 -19.79
CAA CLA NB . 28.88 50.37 -17.63
CBA CLA NB . 27.66 50.12 -16.74
CGA CLA NB . 27.31 48.67 -16.62
O1A CLA NB . 27.94 47.77 -17.12
O2A CLA NB . 26.23 48.49 -15.87
NB CLA NB . 27.25 56.06 -15.81
C1B CLA NB . 26.86 55.91 -17.19
C2B CLA NB . 26.09 57.01 -17.60
C3B CLA NB . 26.00 57.88 -16.52
C4B CLA NB . 26.70 57.33 -15.44
CMB CLA NB . 25.48 57.20 -18.96
CAB CLA NB . 25.30 59.17 -16.47
CBB CLA NB . 24.16 59.48 -16.99
NC CLA NB . 28.25 56.07 -13.25
C1C CLA NB . 27.61 57.30 -13.20
C2C CLA NB . 27.83 57.99 -11.95
C3C CLA NB . 28.64 57.21 -11.18
C4C CLA NB . 28.91 56.02 -11.96
CMC CLA NB . 27.29 59.34 -11.58
CAC CLA NB . 29.15 57.50 -9.80
CBC CLA NB . 28.11 57.24 -8.73
ND CLA NB . 29.52 53.80 -13.65
C1D CLA NB . 30.07 53.94 -12.30
C2D CLA NB . 30.91 52.85 -12.01
C3D CLA NB . 30.94 52.02 -13.16
C4D CLA NB . 30.12 52.64 -14.10
CMD CLA NB . 31.62 52.61 -10.71
CAD CLA NB . 31.46 50.81 -13.76
OBD CLA NB . 32.18 49.95 -13.27
CBD CLA NB . 30.96 50.71 -15.17
CGD CLA NB . 32.16 50.68 -16.12
O1D CLA NB . 32.79 49.71 -16.41
O2D CLA NB . 32.42 51.90 -16.59
CED CLA NB . 33.58 52.01 -17.44
C1 CLA NB . 25.86 47.11 -15.61
C2 CLA NB . 24.64 47.08 -14.76
MG CLA OB . 18.89 56.03 -9.13
CHA CLA OB . 15.65 57.01 -9.52
CHB CLA OB . 17.93 53.84 -6.82
CHC CLA OB . 22.19 55.31 -8.56
CHD CLA OB . 19.95 59.04 -10.69
NA CLA OB . 17.16 55.52 -8.41
C1A CLA OB . 15.87 55.93 -8.74
C2A CLA OB . 14.80 55.08 -8.12
C3A CLA OB . 15.55 54.52 -6.92
C4A CLA OB . 16.98 54.62 -7.39
CMA CLA OB . 15.30 55.29 -5.63
CAA CLA OB . 14.38 53.99 -9.11
CBA CLA OB . 15.42 52.94 -9.45
CGA CLA OB . 14.96 51.94 -10.48
O1A CLA OB . 14.67 50.80 -10.25
O2A CLA OB . 14.96 52.48 -11.70
NB CLA OB . 19.86 54.78 -7.99
C1B CLA OB . 19.28 53.80 -7.11
C2B CLA OB . 20.28 52.97 -6.56
C3B CLA OB . 21.51 53.42 -7.07
C4B CLA OB . 21.25 54.52 -7.92
CMB CLA OB . 20.07 51.82 -5.63
CAB CLA OB . 22.84 52.89 -6.80
CBB CLA OB . 23.19 51.63 -6.66
NC CLA OB . 20.61 56.92 -9.54
C1C CLA OB . 21.87 56.43 -9.27
C2C CLA OB . 22.92 57.32 -9.76
C3C CLA OB . 22.30 58.39 -10.34
C4C CLA OB . 20.88 58.17 -10.21
CMC CLA OB . 24.40 57.11 -9.65
CAC CLA OB . 22.94 59.57 -11.02
CBC CLA OB . 23.07 60.76 -10.11
ND CLA OB . 18.09 57.62 -9.92
C1D CLA OB . 18.59 58.82 -10.57
C2D CLA OB . 17.51 59.60 -11.02
C3D CLA OB . 16.31 58.92 -10.66
C4D CLA OB . 16.73 57.77 -10.00
CMD CLA OB . 17.61 60.91 -11.75
CAD CLA OB . 14.87 58.92 -10.68
OBD CLA OB . 14.11 59.75 -11.15
CBD CLA OB . 14.36 57.68 -10.01
CGD CLA OB . 13.39 58.07 -8.89
O1D CLA OB . 13.72 58.31 -7.76
O2D CLA OB . 12.14 58.12 -9.34
CED CLA OB . 11.14 58.55 -8.39
C1 CLA OB . 14.89 51.56 -12.82
C2 CLA OB . 15.59 52.22 -13.95
C3 CLA OB . 15.87 51.63 -15.10
C4 CLA OB . 15.51 50.21 -15.42
C5 CLA OB . 16.55 52.40 -16.21
C6 CLA OB . 15.74 53.61 -16.67
C7 CLA OB . 16.40 54.40 -17.79
C8 CLA OB . 15.66 55.67 -18.24
C9 CLA OB . 14.15 55.49 -18.21
C10 CLA OB . 16.15 56.13 -19.62
C11 CLA OB . 15.19 56.99 -20.43
C12 CLA OB . 15.73 57.40 -21.80
C13 CLA OB . 14.82 58.31 -22.62
C14 CLA OB . 13.37 57.81 -22.62
C15 CLA OB . 15.34 58.47 -24.04
MG CLA PB . 16.94 72.52 -3.15
CHA CLA PB . 14.91 71.44 -0.61
CHB CLA PB . 15.04 75.21 -3.49
CHC CLA PB . 18.65 73.23 -6.04
CHD CLA PB . 18.50 69.33 -3.18
NA CLA PB . 15.41 73.19 -2.17
C1A CLA PB . 14.75 72.71 -1.05
C2A CLA PB . 13.84 73.71 -0.41
C3A CLA PB . 13.62 74.69 -1.54
C4A CLA PB . 14.76 74.36 -2.48
CMA CLA PB . 12.26 74.57 -2.22
CAA CLA PB . 14.56 74.30 0.81
CBA CLA PB . 15.97 74.88 0.58
CGA CLA PB . 15.97 76.28 0.06
O1A CLA PB . 15.12 77.10 0.27
O2A CLA PB . 17.05 76.52 -0.69
NB CLA PB . 16.88 73.93 -4.48
C1B CLA PB . 16.02 75.08 -4.46
C2B CLA PB . 16.31 75.94 -5.55
C3B CLA PB . 17.33 75.34 -6.28
C4B CLA PB . 17.67 74.13 -5.65
CMB CLA PB . 15.65 77.26 -5.83
CAB CLA PB . 17.93 75.84 -7.52
CBB CLA PB . 18.28 77.05 -7.81
NC CLA PB . 18.26 71.56 -4.27
C1C CLA PB . 18.91 72.05 -5.40
C2C CLA PB . 19.91 71.13 -5.90
C3C CLA PB . 19.87 70.02 -5.08
C4C CLA PB . 18.85 70.26 -4.09
CMC CLA PB . 20.81 71.34 -7.07
CAC CLA PB . 20.75 68.80 -5.14
CBC CLA PB . 21.87 68.85 -4.12
ND CLA PB . 16.79 70.81 -2.22
C1D CLA PB . 17.49 69.53 -2.26
C2D CLA PB . 16.98 68.68 -1.27
C3D CLA PB . 15.96 69.37 -0.58
C4D CLA PB . 15.90 70.62 -1.19
CMD CLA PB . 17.45 67.28 -0.99
CAD CLA PB . 15.00 69.36 0.51
OBD CLA PB . 14.78 68.48 1.32
CBD CLA PB . 14.23 70.65 0.51
CGD CLA PB . 12.76 70.36 0.24
O1D CLA PB . 12.35 69.44 -0.41
O2D CLA PB . 11.99 71.27 0.83
CED CLA PB . 10.57 71.14 0.59
C1 CLA PB . 17.15 77.87 -1.23
C2 CLA PB . 18.36 77.95 -2.09
MG CLA QB . 11.92 82.70 -17.58
CHA CLA QB . 11.64 82.19 -14.21
CHB CLA QB . 9.33 84.76 -17.46
CHC CLA QB . 11.97 82.77 -21.01
CHD CLA QB . 14.14 79.92 -17.76
NA CLA QB . 10.86 83.40 -16.13
C1A CLA QB . 10.94 83.20 -14.75
C2A CLA QB . 10.14 84.19 -13.95
C3A CLA QB . 9.19 84.75 -15.00
C4A CLA QB . 9.81 84.29 -16.29
CMA CLA QB . 7.75 84.27 -14.85
CAA CLA QB . 11.18 85.19 -13.42
CBA CLA QB . 10.63 86.54 -12.95
CGA CLA QB . 11.57 87.26 -12.04
O1A CLA QB . 11.25 87.98 -11.12
O2A CLA QB . 12.84 87.02 -12.37
NB CLA QB . 10.87 83.59 -18.96
C1B CLA QB . 9.76 84.48 -18.75
C2B CLA QB . 9.27 84.95 -19.98
C3B CLA QB . 10.04 84.37 -20.98
C4B CLA QB . 11.00 83.54 -20.38
CMB CLA QB . 8.13 85.92 -20.16
CAB CLA QB . 9.91 84.56 -22.43
CBB CLA QB . 9.80 85.68 -23.09
NC CLA QB . 12.85 81.68 -18.99
C1C CLA QB . 12.79 81.91 -20.36
C2C CLA QB . 13.70 81.04 -21.10
C3C CLA QB . 14.32 80.23 -20.19
C4C CLA QB . 13.80 80.59 -18.90
CMC CLA QB . 13.89 81.03 -22.59
CAC CLA QB . 15.38 79.20 -20.46
CBC CLA QB . 16.77 79.78 -20.49
ND CLA QB . 12.69 81.36 -16.38
C1D CLA QB . 13.60 80.23 -16.53
C2D CLA QB . 13.83 79.63 -15.27
C3D CLA QB . 13.09 80.37 -14.31
C4D CLA QB . 12.44 81.37 -15.03
CMD CLA QB . 14.70 78.44 -15.00
CAD CLA QB . 12.71 80.51 -12.91
OBD CLA QB . 13.02 79.82 -11.96
CBD CLA QB . 11.81 81.71 -12.77
CGD CLA QB . 10.49 81.34 -12.11
O1D CLA QB . 9.57 80.82 -12.67
O2D CLA QB . 10.49 81.68 -10.82
CED CLA QB . 9.27 81.42 -10.10
NB KC2 RB . 21.22 79.81 -11.81
ND KC2 RB . 17.94 81.75 -12.70
C1A KC2 RB . 18.03 81.30 -9.50
C1B KC2 RB . 21.72 79.35 -10.56
C1C KC2 RB . 21.10 80.17 -14.75
C1D KC2 RB . 17.36 82.15 -13.87
C2A KC2 RB . 18.14 81.04 -8.10
C2B KC2 RB . 23.00 78.65 -10.73
C2C KC2 RB . 21.03 80.34 -16.16
C2D KC2 RB . 16.15 82.80 -13.58
C3A KC2 RB . 19.31 80.35 -7.90
C3B KC2 RB . 23.27 78.66 -12.07
C3C KC2 RB . 19.88 81.00 -16.44
C3D KC2 RB . 15.99 82.77 -12.15
C4A KC2 RB . 19.91 80.19 -9.17
C4B KC2 RB . 22.20 79.34 -12.76
C4C KC2 RB . 19.19 81.26 -15.21
C4D KC2 RB . 17.15 82.10 -11.65
CAA KC2 RB . 17.15 81.41 -7.09
CAB KC2 RB . 24.43 78.07 -12.76
CAC KC2 RB . 19.43 81.39 -17.78
CAD KC2 RB . 15.12 83.18 -11.05
CBA KC2 RB . 17.41 81.91 -5.90
CBB KC2 RB . 25.67 78.06 -12.34
CBC KC2 RB . 19.44 82.58 -18.32
CBD KC2 RB . 15.80 82.72 -9.78
CED KC2 RB . 17.82 85.41 -8.22
CGA KC2 RB . 16.41 82.28 -4.87
CGD KC2 RB . 16.11 83.93 -8.91
CHA KC2 RB . 17.07 81.99 -10.23
CHB KC2 RB . 21.14 79.53 -9.33
CHC KC2 RB . 22.15 79.51 -14.12
CHD KC2 RB . 17.98 81.92 -15.10
CMA KC2 RB . 19.87 79.87 -6.59
CMB KC2 RB . 23.81 78.04 -9.63
CMC KC2 RB . 22.09 79.89 -17.13
CMD KC2 RB . 15.18 83.41 -14.55
NA KC2 RB . 19.13 80.77 -10.14
NC KC2 RB . 20.00 80.73 -14.16
O1A KC2 RB . 15.90 81.42 -4.15
O1D KC2 RB . 15.30 84.55 -8.26
O2A KC2 RB . 16.11 83.54 -4.78
O2D KC2 RB . 17.41 84.24 -8.98
OBD KC2 RB . 14.04 83.79 -11.12
MG KC2 RB . 19.50 80.89 -12.16
MG CLA SB . 22.10 71.98 -28.64
CHA CLA SB . 24.37 72.06 -31.22
CHB CLA SB . 22.87 75.11 -27.87
CHC CLA SB . 20.19 71.63 -25.83
CHD CLA SB . 21.81 68.46 -29.09
NA CLA SB . 23.27 73.29 -29.45
C1A CLA SB . 24.11 73.22 -30.57
C2A CLA SB . 24.69 74.54 -30.99
C3A CLA SB . 24.25 75.48 -29.88
C4A CLA SB . 23.41 74.59 -29.00
CMA CLA SB . 25.41 76.13 -29.14
CAA CLA SB . 24.06 74.92 -32.35
CBA CLA SB . 22.54 74.77 -32.45
CGA CLA SB . 22.01 75.08 -33.81
O1A CLA SB . 22.28 76.05 -34.46
O2A CLA SB . 21.18 74.11 -34.23
NB CLA SB . 21.65 73.12 -27.14
C1B CLA SB . 22.07 74.48 -26.94
C2B CLA SB . 21.53 74.99 -25.74
C3B CLA SB . 20.77 73.97 -25.16
C4B CLA SB . 20.83 72.85 -26.00
CMB CLA SB . 21.73 76.38 -25.19
CAB CLA SB . 20.02 74.01 -23.90
CBB CLA SB . 19.30 75.00 -23.43
NC CLA SB . 21.21 70.47 -27.73
C1C CLA SB . 20.39 70.55 -26.62
C2C CLA SB . 19.77 69.27 -26.30
C3C CLA SB . 20.23 68.36 -27.22
C4C CLA SB . 21.13 69.08 -28.10
CMC CLA SB . 18.80 68.99 -25.19
CAC CLA SB . 19.86 66.91 -27.34
CBC CLA SB . 20.93 65.99 -26.83
ND CLA SB . 22.87 70.59 -29.78
C1D CLA SB . 22.69 69.14 -29.91
C2D CLA SB . 23.47 68.66 -30.98
C3D CLA SB . 24.15 69.76 -31.53
C4D CLA SB . 23.76 70.87 -30.79
CMD CLA SB . 23.55 67.24 -31.44
CAD CLA SB . 25.09 70.23 -32.54
OBD CLA SB . 25.70 69.58 -33.37
CBD CLA SB . 25.24 71.72 -32.43
CGD CLA SB . 26.72 72.08 -32.28
O1D CLA SB . 27.53 71.39 -31.75
O2D CLA SB . 26.97 73.26 -32.83
CED CLA SB . 28.36 73.68 -32.81
C1 CLA SB . 20.57 74.30 -35.54
C2 CLA SB . 19.27 75.00 -35.38
MG CLA TB . 23.23 60.33 -27.21
CHA CLA TB . 26.46 59.38 -26.61
CHB CLA TB . 24.27 62.20 -29.76
CHC CLA TB . 20.04 61.57 -27.47
CHD CLA TB . 22.33 59.10 -24.01
NA CLA TB . 24.96 60.60 -28.04
C1A CLA TB . 26.21 60.06 -27.75
C2A CLA TB . 27.24 60.31 -28.81
C3A CLA TB . 26.61 61.40 -29.63
C4A CLA TB . 25.19 61.42 -29.12
CMA CLA TB . 27.28 62.77 -29.49
CAA CLA TB . 27.39 58.99 -29.59
CBA CLA TB . 26.12 58.46 -30.25
CGA CLA TB . 26.23 57.03 -30.67
O1A CLA TB . 27.26 56.41 -30.75
O2A CLA TB . 25.03 56.51 -30.93
NB CLA TB . 22.33 61.62 -28.37
C1B CLA TB . 22.93 62.35 -29.46
C2B CLA TB . 21.96 63.14 -30.11
C3B CLA TB . 20.76 62.96 -29.44
C4B CLA TB . 20.98 62.04 -28.40
CMB CLA TB . 22.20 64.04 -31.29
CAB CLA TB . 19.47 63.58 -29.73
CBB CLA TB . 18.34 63.00 -30.03
NC CLA TB . 21.62 60.30 -26.07
C1C CLA TB . 20.36 60.80 -26.40
C2C CLA TB . 19.37 60.53 -25.36
C3C CLA TB . 20.04 59.87 -24.36
C4C CLA TB . 21.40 59.72 -24.78
CMC CLA TB . 17.91 60.87 -25.40
CAC CLA TB . 19.47 59.41 -23.04
CBC CLA TB . 19.27 57.90 -22.99
ND CLA TB . 24.08 59.47 -25.69
C1D CLA TB . 23.64 58.94 -24.40
C2D CLA TB . 24.72 58.33 -23.74
C3D CLA TB . 25.86 58.44 -24.57
C4D CLA TB . 25.42 59.14 -25.70
CMD CLA TB . 24.66 57.67 -22.39
CAD CLA TB . 27.25 58.12 -24.77
OBD CLA TB . 27.99 57.45 -24.06
CBD CLA TB . 27.73 58.72 -26.05
CGD CLA TB . 28.85 59.72 -25.76
O1D CLA TB . 28.68 60.87 -25.48
O2D CLA TB . 30.04 59.14 -25.87
CED CLA TB . 31.18 59.98 -25.59
C1 CLA TB . 25.02 55.11 -31.33
C2 CLA TB . 23.63 54.71 -31.66
C7 UIX UB . 23.57 76.58 -21.70
C8 UIX UB . 24.42 78.72 -23.41
C9 UIX UB . 26.57 77.93 -22.52
O1 UIX UB . 27.06 75.73 -26.21
C1 UIX UB . 24.73 74.97 -23.37
C5 UIX UB . 26.51 75.86 -24.90
C6 UIX UB . 23.70 73.92 -22.93
C4 UIX UB . 25.82 77.23 -24.78
O4 UIX UB . 20.54 70.84 4.41
C3 UIX UB . 25.49 74.76 -24.67
O3 UIX UB . 18.76 72.76 -0.29
C2 UIX UB . 25.37 77.54 -23.36
C UIX UB . 24.67 76.35 -22.71
O UIX UB . 25.59 75.33 -22.29
C10 UIX UB . 23.77 76.27 -20.42
C11 UIX UB . 22.75 76.46 -19.35
C12 UIX UB . 21.39 77.06 -19.60
C13 UIX UB . 23.10 76.09 -18.11
C14 UIX UB . 22.22 76.23 -16.96
C15 UIX UB . 21.57 74.97 0.62
C16 UIX UB . 20.09 72.85 0.26
C17 UIX UB . 22.23 74.06 1.64
C18 UIX UB . 21.21 73.35 2.52
C19 UIX UB . 19.97 72.89 1.77
C20 UIX UB . 20.76 74.10 -0.30
C21 UIX UB . 22.65 75.67 -0.20
C22 UIX UB . 20.69 76.02 1.28
C23 UIX UB . 22.67 75.83 -15.77
C24 UIX UB . 20.86 71.61 -0.20
C25 UIX UB . 20.62 74.39 -1.52
C26 UIX UB . 21.91 75.93 -14.50
C27 UIX UB . 21.22 71.85 4.39
C28 UIX UB . 20.43 74.70 -2.72
O2 UIX UB . 21.85 72.23 3.14
C29 UIX UB . 20.51 76.46 -14.42
C30 UIX UB . 22.55 75.53 -13.39
C31 UIX UB . 21.43 72.71 5.59
C32 UIX UB . 21.49 74.46 -3.72
C33 UIX UB . 22.80 73.84 -3.32
C34 UIX UB . 21.93 75.60 -12.07
C35 UIX UB . 21.22 74.82 -4.98
C36 UIX UB . 22.13 74.65 -6.10
C37 UIX UB . 22.61 75.21 -11.00
C38 UIX UB . 21.72 75.03 -7.31
C39 UIX UB . 21.98 75.27 -9.69
C40 UIX UB . 22.55 74.89 -8.53
C41 UIX UB . 23.94 74.33 -8.42
C DD6 VB . 19.75 62.65 -15.15
C1 DD6 VB . 20.46 63.41 -16.23
C10 DD6 VB . 12.11 65.61 -20.65
C11 DD6 VB . 11.15 66.23 -21.39
C12 DD6 VB . 11.44 67.29 -22.40
C13 DD6 VB . 9.77 65.81 -21.20
C14 DD6 VB . 8.66 66.35 -21.67
C15 DD6 VB . 7.27 65.82 -21.43
C16 DD6 VB . 6.48 65.42 -22.63
C17 DD6 VB . 4.97 65.60 -22.34
C18 DD6 VB . 4.52 65.07 -20.99
C19 DD6 VB . 5.14 65.91 -19.89
C2 DD6 VB . 19.82 63.99 -17.28
C20 DD6 VB . 6.62 66.09 -20.07
C21 DD6 VB . 7.29 66.90 -18.98
C22 DD6 VB . 6.76 63.95 -22.95
C23 DD6 VB . 6.85 66.24 -23.87
C24 DD6 VB . 21.91 63.55 -16.12
C25 DD6 VB . 22.71 62.96 -15.24
C26 DD6 VB . 24.13 63.18 -15.23
C27 DD6 VB . 25.04 62.58 -14.45
C28 DD6 VB . 24.73 61.53 -13.41
C29 DD6 VB . 26.41 62.95 -14.64
C3 DD6 VB . 18.42 63.99 -17.56
C30 DD6 VB . 27.56 63.18 -14.87
C31 DD6 VB . 28.94 63.35 -15.14
C32 DD6 VB . 29.67 62.13 -15.71
C33 DD6 VB . 31.18 62.37 -15.67
C34 DD6 VB . 31.59 63.76 -16.08
C35 DD6 VB . 31.01 64.74 -15.08
C36 DD6 VB . 29.53 64.54 -14.88
C37 DD6 VB . 28.78 65.75 -14.38
C4 DD6 VB . 17.87 64.66 -18.59
C40 DD6 VB . 29.24 61.88 -17.17
C41 DD6 VB . 29.36 60.88 -14.88
C5 DD6 VB . 16.48 64.66 -18.84
C6 DD6 VB . 15.81 65.31 -19.82
C7 DD6 VB . 16.48 66.19 -20.83
C8 DD6 VB . 14.37 65.18 -19.88
C9 DD6 VB . 13.52 65.85 -20.68
O1 DD6 VB . 7.29 64.84 -20.39
O2 DD6 VB . 3.09 65.12 -20.91
O4 DD6 VB . 33.01 63.88 -16.10
C7 UIX WB . 22.98 62.46 -6.63
C8 UIX WB . 21.02 60.28 -7.02
C9 UIX WB . 21.45 60.59 -4.62
O1 UIX WB . 17.59 62.64 -4.48
C1 UIX WB . 20.77 63.87 -6.04
C5 UIX WB . 18.98 62.64 -4.81
C6 UIX WB . 21.36 65.14 -6.64
C4 UIX WB . 19.32 61.40 -5.63
O4 UIX WB . 43.37 73.73 -7.73
C3 UIX WB . 19.31 63.87 -5.64
O3 UIX WB . 41.83 74.92 -3.35
C2 UIX WB . 20.82 61.22 -5.85
C UIX WB . 21.53 62.54 -6.14
O UIX WB . 21.55 63.36 -4.96
C10 UIX WB . 23.86 63.35 -6.22
C11 UIX WB . 25.29 63.36 -6.63
C12 UIX WB . 25.92 62.32 -7.53
C13 UIX WB . 26.02 64.36 -6.13
C14 UIX WB . 27.44 64.55 -6.40
C15 UIX WB . 39.83 76.48 -5.58
C16 UIX WB . 41.67 74.74 -4.77
C17 UIX WB . 40.91 77.14 -6.42
C18 UIX WB . 42.05 76.20 -6.79
C19 UIX WB . 42.65 75.66 -5.50
C20 UIX WB . 40.25 75.08 -5.15
C21 UIX WB . 38.55 76.39 -6.40
C22 UIX WB . 39.58 77.30 -4.32
C23 UIX WB . 27.99 65.62 -5.83
C24 UIX WB . 41.96 73.28 -5.12
C25 UIX WB . 39.40 74.16 -5.09
C26 UIX WB . 29.41 66.01 -5.99
C27 UIX WB . 42.62 74.46 -8.34
C28 UIX WB . 38.61 73.20 -5.10
O2 UIX WB . 41.55 75.14 -7.62
C29 UIX WB . 30.42 65.23 -6.79
C30 UIX WB . 29.75 67.14 -5.36
C31 UIX WB . 42.77 74.70 -9.81
C32 UIX WB . 37.24 73.26 -4.55
C33 UIX WB . 36.71 74.49 -3.84
C34 UIX WB . 31.10 67.69 -5.43
C35 UIX WB . 36.49 72.17 -4.73
C36 UIX WB . 35.10 72.03 -4.31
C37 UIX WB . 31.37 68.84 -4.81
C38 UIX WB . 34.52 70.88 -4.67
C39 UIX WB . 32.71 69.38 -4.92
C40 UIX WB . 33.11 70.55 -4.39
C41 UIX WB . 32.24 71.49 -3.61
C DD6 XB . 21.27 63.36 -20.59
C1 DD6 XB . 21.71 62.88 -21.95
C10 DD6 XB . 14.18 67.43 -25.94
C11 DD6 XB . 13.22 67.94 -26.76
C12 DD6 XB . 13.04 67.51 -28.18
C13 DD6 XB . 12.36 69.00 -26.23
C14 DD6 XB . 11.42 69.70 -26.82
C15 DD6 XB . 10.61 70.78 -26.15
C16 DD6 XB . 9.43 70.36 -25.35
C17 DD6 XB . 8.36 71.46 -25.38
C18 DD6 XB . 8.89 72.87 -25.13
C19 DD6 XB . 9.79 73.28 -26.27
C2 DD6 XB . 21.01 63.14 -23.08
C20 DD6 XB . 10.79 72.21 -26.64
C21 DD6 XB . 11.71 72.57 -27.80
C22 DD6 XB . 9.86 70.12 -23.90
C23 DD6 XB . 8.80 69.05 -25.87
C24 DD6 XB . 22.97 62.16 -22.04
C25 DD6 XB . 23.85 61.98 -21.05
C26 DD6 XB . 25.07 61.26 -21.21
C27 DD6 XB . 26.01 61.06 -20.25
C28 DD6 XB . 25.88 61.53 -18.83
C29 DD6 XB . 27.22 60.37 -20.60
C3 DD6 XB . 19.82 63.92 -23.21
C30 DD6 XB . 28.28 59.85 -20.77
C31 DD6 XB . 29.57 59.25 -20.86
C32 DD6 XB . 29.72 57.84 -20.27
C33 DD6 XB . 31.21 57.45 -20.25
C34 DD6 XB . 32.02 57.93 -21.43
C35 DD6 XB . 31.97 59.45 -21.45
C36 DD6 XB . 30.56 59.98 -21.41
C37 DD6 XB . 30.38 61.34 -22.01
C4 DD6 XB . 19.14 64.09 -24.36
C40 DD6 XB . 28.94 56.83 -21.14
C41 DD6 XB . 29.18 57.78 -18.85
C5 DD6 XB . 17.96 64.90 -24.41
C6 DD6 XB . 17.15 65.12 -25.48
C7 DD6 XB . 17.34 64.46 -26.82
C8 DD6 XB . 16.07 66.07 -25.32
C9 DD6 XB . 15.16 66.46 -26.24
O1 DD6 XB . 11.48 71.70 -25.47
O2 DD6 XB . 7.80 73.78 -25.02
O4 DD6 XB . 33.37 57.49 -21.31
C1 LMG YB . 6.73 81.23 -21.42
O1 LMG YB . 7.71 81.10 -22.38
C2 LMG YB . 7.36 81.21 -20.04
O2 LMG YB . 8.04 80.00 -19.89
C3 LMG YB . 6.23 81.37 -19.03
O3 LMG YB . 6.79 81.34 -17.75
C4 LMG YB . 5.40 82.63 -19.29
O4 LMG YB . 6.19 83.75 -18.97
C5 LMG YB . 4.95 82.63 -20.76
O5 LMG YB . 4.79 84.25 -22.47
C6 LMG YB . 4.29 83.91 -21.20
O6 LMG YB . 6.05 82.44 -21.62
C7 LMG YB . 7.24 80.73 -23.65
C8 LMG YB . 7.59 79.25 -23.88
C9 LMG YB . 6.97 78.67 -25.13
O7 LMG YB . 9.01 79.12 -23.93
C10 LMG YB . 9.86 80.16 -23.93
O9 LMG YB . 10.42 80.56 -22.95
C11 LMG YB . 10.01 80.72 -25.32
C12 LMG YB . 11.38 80.42 -25.93
C13 LMG YB . 11.43 79.04 -26.60
C14 LMG YB . 11.82 77.93 -25.64
C15 LMG YB . 12.03 76.58 -26.32
C16 LMG YB . 13.27 76.55 -27.19
C17 LMG YB . 13.03 76.12 -28.63
C18 LMG YB . 13.86 74.91 -29.07
C19 LMG YB . 13.25 74.13 -30.22
C20 LMG YB . 13.80 72.71 -30.35
O8 LMG YB . 7.70 77.51 -25.50
C28 LMG YB . 7.06 76.51 -26.11
O10 LMG YB . 6.81 75.47 -25.58
C29 LMG YB . 6.72 76.87 -27.53
C30 LMG YB . 6.02 75.77 -28.30
C31 LMG YB . 6.93 74.61 -28.69
MG CLA ZB . -22.38 -72.78 2.88
CHA CLA ZB . -24.12 -73.47 0.02
CHB CLA ZB . -24.16 -75.05 4.51
CHC CLA ZB . -21.08 -71.55 5.81
CHD CLA ZB . -20.92 -69.97 1.25
NA CLA ZB . -23.76 -74.02 2.33
C1A CLA ZB . -24.37 -74.25 1.09
C2A CLA ZB . -25.32 -75.41 1.09
C3A CLA ZB . -25.29 -75.90 2.50
C4A CLA ZB . -24.36 -74.94 3.18
CMA CLA ZB . -26.67 -75.95 3.16
CAA CLA ZB . -24.79 -76.47 0.11
CBA CLA ZB . -23.27 -76.62 0.07
CGA CLA ZB . -22.81 -77.92 -0.53
O1A CLA ZB . -23.44 -78.56 -1.33
O2A CLA ZB . -21.60 -78.26 -0.09
NB CLA ZB . -22.56 -73.21 4.78
C1B CLA ZB . -23.36 -74.27 5.34
C2B CLA ZB . -23.20 -74.33 6.73
C3B CLA ZB . -22.33 -73.30 7.08
C4B CLA ZB . -21.94 -72.63 5.91
CMB CLA ZB . -23.83 -75.33 7.65
CAB CLA ZB . -21.86 -72.95 8.43
CBB CLA ZB . -22.59 -72.67 9.47
NC CLA ZB . -21.25 -71.23 3.39
C1C CLA ZB . -20.79 -70.91 4.65
C2C CLA ZB . -19.94 -69.75 4.66
C3C CLA ZB . -19.85 -69.30 3.36
C4C CLA ZB . -20.67 -70.18 2.58
CMC CLA ZB . -19.27 -69.13 5.85
CAC CLA ZB . -19.05 -68.13 2.87
CBC CLA ZB . -17.56 -68.41 2.86
ND CLA ZB . -22.45 -71.90 1.15
C1D CLA ZB . -21.80 -70.75 0.52
C2D CLA ZB . -22.18 -70.66 -0.82
C3D CLA ZB . -23.08 -71.71 -1.09
C4D CLA ZB . -23.21 -72.40 0.12
CMD CLA ZB . -21.72 -69.61 -1.79
CAD CLA ZB . -23.89 -72.38 -2.08
OBD CLA ZB . -24.00 -72.15 -3.27
CBD CLA ZB . -24.65 -73.49 -1.41
CGD CLA ZB . -26.14 -73.19 -1.53
O1D CLA ZB . -26.60 -72.12 -1.82
O2D CLA ZB . -26.87 -74.27 -1.26
CED CLA ZB . -28.30 -74.07 -1.22
MG CLA AC . -22.55 -62.34 -6.31
CHA CLA AC . -25.65 -62.83 -4.93
CHB CLA AC . -23.39 -59.20 -6.95
CHC CLA AC . -19.74 -62.09 -8.25
CHD CLA AC . -21.98 -65.83 -6.16
NA CLA AC . -24.09 -61.27 -5.87
C1A CLA AC . -25.24 -61.56 -5.15
C2A CLA AC . -25.98 -60.33 -4.70
C3A CLA AC . -25.56 -59.34 -5.76
C4A CLA AC . -24.27 -59.96 -6.24
CMA CLA AC . -26.56 -59.15 -6.89
CAA CLA AC . -25.53 -59.95 -3.28
CBA CLA AC . -24.03 -59.88 -2.99
CGA CLA AC . -23.38 -58.60 -3.45
O1A CLA AC . -23.96 -57.57 -3.63
O2A CLA AC . -22.07 -58.77 -3.67
NB CLA AC . -21.71 -60.93 -7.35
C1B CLA AC . -22.17 -59.57 -7.48
C2B CLA AC . -21.25 -58.80 -8.21
C3B CLA AC . -20.20 -59.65 -8.57
C4B CLA AC . -20.48 -60.93 -8.07
CMB CLA AC . -21.36 -57.33 -8.51
CAB CLA AC . -19.00 -59.29 -9.32
CBB CLA AC . -18.22 -58.27 -9.13
NC CLA AC . -21.20 -63.61 -6.98
C1C CLA AC . -20.09 -63.31 -7.76
C2C CLA AC . -19.29 -64.49 -8.04
C3C CLA AC . -19.91 -65.54 -7.42
C4C CLA AC . -21.08 -65.03 -6.78
CMC CLA AC . -18.03 -64.56 -8.87
CAC CLA AC . -19.46 -66.98 -7.38
CBC CLA AC . -18.85 -67.37 -6.05
ND CLA AC . -23.50 -63.94 -5.76
C1D CLA AC . -23.19 -65.36 -5.67
C2D CLA AC . -24.25 -66.05 -5.06
C3D CLA AC . -25.26 -65.11 -4.77
C4D CLA AC . -24.76 -63.89 -5.20
CMD CLA AC . -24.28 -67.53 -4.77
CAD CLA AC . -26.58 -64.88 -4.20
OBD CLA AC . -27.33 -65.68 -3.68
CBD CLA AC . -26.91 -63.42 -4.33
CGD CLA AC . -28.13 -63.30 -5.23
O1D CLA AC . -28.30 -63.92 -6.24
O2D CLA AC . -29.01 -62.42 -4.75
CED CLA AC . -30.24 -62.29 -5.48
C1 CLA AC . -21.40 -57.73 -4.45
C2 CLA AC . -20.09 -57.34 -3.87
C3 CLA AC . -18.92 -57.79 -4.30
C4 CLA AC . -18.75 -58.83 -5.38
C5 CLA AC . -17.63 -57.23 -3.76
C6 CLA AC . -16.66 -58.27 -3.24
C7 CLA AC . -16.02 -57.89 -1.91
C8 CLA AC . -14.86 -56.89 -1.91
C9 CLA AC . -14.94 -55.89 -3.05
C10 CLA AC . -13.51 -57.62 -1.89
MG CLA BC . -15.48 -55.04 -10.81
CHA CLA BC . -17.58 -52.45 -10.10
CHB CLA BC . -15.84 -56.14 -7.70
CHC CLA BC . -13.07 -57.37 -11.48
CHD CLA BC . -14.48 -53.35 -13.78
NA CLA BC . -16.58 -54.47 -9.32
C1A CLA BC . -17.50 -53.46 -9.21
C2A CLA BC . -18.37 -53.57 -7.98
C3A CLA BC . -17.50 -54.42 -7.09
C4A CLA BC . -16.57 -55.06 -8.09
CMA CLA BC . -16.74 -53.64 -6.03
CAA CLA BC . -19.65 -54.29 -8.43
CBA CLA BC . -20.84 -54.10 -7.48
CGA CLA BC . -21.14 -52.66 -7.20
O1A CLA BC . -21.21 -51.79 -8.03
O2A CLA BC . -21.26 -52.45 -5.89
NB CLA BC . -14.63 -56.48 -9.81
C1B CLA BC . -14.93 -56.86 -8.46
C2B CLA BC . -14.18 -57.99 -8.09
C3B CLA BC . -13.38 -58.33 -9.19
C4B CLA BC . -13.65 -57.42 -10.23
CMB CLA BC . -14.24 -58.72 -6.78
CAB CLA BC . -12.42 -59.43 -9.29
CBB CLA BC . -11.63 -59.88 -8.36
NC CLA BC . -14.17 -55.31 -12.26
C1C CLA BC . -13.30 -56.39 -12.39
C2C CLA BC . -12.54 -56.31 -13.63
C3C CLA BC . -12.92 -55.17 -14.27
C4C CLA BC . -13.91 -54.53 -13.45
CMC CLA BC . -11.54 -57.32 -14.12
CAC CLA BC . -12.43 -54.66 -15.59
CBC CLA BC . -13.30 -55.10 -16.75
ND CLA BC . -15.86 -53.37 -11.73
C1D CLA BC . -15.43 -52.73 -12.97
C2D CLA BC . -16.10 -51.52 -13.15
C3D CLA BC . -16.99 -51.36 -12.07
C4D CLA BC . -16.79 -52.48 -11.26
CMD CLA BC . -15.93 -50.58 -14.31
CAD CLA BC . -18.01 -50.55 -11.44
OBD CLA BC . -18.49 -49.48 -11.82
CBD CLA BC . -18.45 -51.18 -10.15
CGD CLA BC . -18.17 -50.21 -9.01
O1D CLA BC . -17.48 -50.44 -8.06
O2D CLA BC . -18.79 -49.04 -9.23
CED CLA BC . -18.50 -47.98 -8.29
C1 CLA BC . -21.10 -51.06 -5.46
C2 CLA BC . -19.66 -50.82 -5.23
C3 CLA BC . -19.19 -49.69 -4.71
C4 CLA BC . -20.06 -48.54 -4.28
C5 CLA BC . -17.71 -49.50 -4.49
C6 CLA BC . -17.21 -50.07 -3.18
C7 CLA BC . -16.58 -51.45 -3.31
C8 CLA BC . -15.68 -51.88 -2.15
C9 CLA BC . -14.24 -52.10 -2.61
C10 CLA BC . -16.24 -53.11 -1.45
MG CLA CC . -10.37 -61.58 -28.75
CHA CLA CC . -7.44 -61.34 -30.49
CHB CLA CC . -9.46 -59.00 -26.88
CHC CLA CC . -13.09 -62.22 -26.75
CHD CLA CC . -10.93 -64.73 -30.27
NA CLA CC . -8.83 -60.41 -28.78
C1A CLA CC . -7.74 -60.35 -29.62
C2A CLA CC . -6.92 -59.10 -29.47
C3A CLA CC . -7.41 -58.54 -28.17
C4A CLA CC . -8.65 -59.36 -27.90
CMA CLA CC . -6.39 -58.63 -27.03
CAA CLA CC . -7.29 -58.20 -30.67
CBA CLA CC . -8.77 -58.14 -31.03
CGA CLA CC . -9.20 -59.17 -32.04
O1A CLA CC . -8.63 -59.39 -33.08
O2A CLA CC . -10.29 -59.81 -31.64
NB CLA CC . -11.13 -60.78 -27.15
C1B CLA CC . -10.64 -59.60 -26.48
C2B CLA CC . -11.51 -59.25 -25.42
C3B CLA CC . -12.52 -60.19 -25.39
C4B CLA CC . -12.30 -61.12 -26.43
CMB CLA CC . -11.36 -58.05 -24.53
CAB CLA CC . -13.65 -60.28 -24.45
CBB CLA CC . -13.67 -59.95 -23.19
NC CLA CC . -11.68 -63.05 -28.58
C1C CLA CC . -12.77 -63.10 -27.74
C2C CLA CC . -13.57 -64.31 -27.95
C3C CLA CC . -12.95 -65.03 -28.93
C4C CLA CC . -11.79 -64.28 -29.32
CMC CLA CC . -14.84 -64.68 -27.24
CAC CLA CC . -13.36 -66.36 -29.49
CBC CLA CC . -13.94 -66.26 -30.88
ND CLA CC . -9.48 -62.78 -30.00
C1D CLA CC . -9.80 -64.04 -30.64
C2D CLA CC . -8.82 -64.36 -31.58
C3D CLA CC . -7.85 -63.34 -31.57
C4D CLA CC . -8.29 -62.43 -30.62
CMD CLA CC . -8.85 -65.55 -32.50
CAD CLA CC . -6.59 -62.84 -32.10
OBD CLA CC . -5.84 -63.36 -32.92
CBD CLA CC . -6.28 -61.51 -31.49
CGD CLA CC . -4.91 -61.51 -30.82
O1D CLA CC . -4.19 -60.54 -30.74
O2D CLA CC . -4.59 -62.71 -30.36
CED CLA CC . -3.33 -62.81 -29.67
C1 CLA CC . -10.79 -60.84 -32.55
C2 CLA CC . -12.19 -61.20 -32.22
C3 CLA CC . -12.80 -62.19 -32.86
C4 CLA CC . -12.14 -63.03 -33.92
C5 CLA CC . -14.25 -62.55 -32.58
C6 CLA CC . -14.78 -62.02 -31.26
C7 CLA CC . -16.15 -62.60 -30.91
C8 CLA CC . -16.86 -62.04 -29.67
C9 CLA CC . -17.96 -61.06 -30.05
C10 CLA CC . -15.86 -61.41 -28.70
MG CLA DC . -13.20 -52.91 -37.19
CHA CLA DC . -9.84 -53.29 -37.50
CHB CLA DC . -13.15 -50.51 -39.49
CHC CLA DC . -16.55 -52.43 -36.63
CHD CLA DC . -13.05 -54.47 -33.99
NA CLA DC . -11.79 -52.12 -38.25
C1A CLA DC . -10.42 -52.40 -38.32
C2A CLA DC . -9.67 -51.59 -39.35
C3A CLA DC . -10.70 -50.56 -39.77
C4A CLA DC . -11.97 -51.08 -39.15
CMA CLA DC . -10.37 -49.15 -39.30
CAA CLA DC . -9.19 -52.50 -40.50
CBA CLA DC . -10.26 -53.13 -41.39
CGA CLA DC . -9.65 -53.89 -42.54
O1A CLA DC . -8.61 -53.62 -43.06
O2A CLA DC . -10.42 -54.92 -42.91
NB CLA DC . -14.59 -51.76 -37.96
C1B CLA DC . -14.42 -50.82 -39.03
C2B CLA DC . -15.67 -50.30 -39.42
C3B CLA DC . -16.63 -50.88 -38.58
C4B CLA DC . -15.98 -51.74 -37.69
CMB CLA DC . -15.91 -49.32 -40.53
CAB CLA DC . -18.09 -50.66 -38.60
CBB CLA DC . -19.02 -51.56 -38.73
NC CLA DC . -14.47 -53.35 -35.72
C1C CLA DC . -15.83 -53.12 -35.71
C2C CLA DC . -16.46 -53.62 -34.50
C3C CLA DC . -15.47 -54.15 -33.72
C4C CLA DC . -14.24 -54.00 -34.45
CMC CLA DC . -17.92 -53.55 -34.17
CAC CLA DC . -15.64 -54.80 -32.36
CBC CLA DC . -15.59 -53.79 -31.24
ND CLA DC . -11.88 -53.72 -36.02
C1D CLA DC . -11.88 -54.36 -34.73
C2D CLA DC . -10.59 -54.82 -34.42
C3D CLA DC . -9.75 -54.49 -35.51
C4D CLA DC . -10.56 -53.83 -36.42
CMD CLA DC . -10.17 -55.51 -33.15
CAD CLA DC . -8.43 -54.60 -36.10
OBD CLA DC . -7.45 -55.19 -35.68
CBD CLA DC . -8.40 -53.84 -37.39
CGD CLA DC . -7.32 -52.78 -37.28
O1D CLA DC . -6.37 -52.69 -38.02
O2D CLA DC . -7.54 -51.98 -36.25
CED CLA DC . -6.46 -51.07 -35.90
C1 CLA DC . -9.87 -55.77 -43.95
C2 CLA DC . -10.97 -56.61 -44.50
MG CLA EC . -7.10 -51.72 -20.74
CHA CLA EC . -4.68 -49.36 -21.32
CHB CLA EC . -5.57 -52.57 -17.93
CHC CLA EC . -9.19 -54.43 -20.56
CHD CLA EC . -8.29 -51.24 -24.06
NA CLA EC . -5.52 -51.04 -19.82
C1A CLA EC . -4.65 -50.01 -20.14
C2A CLA EC . -3.64 -49.70 -19.05
C3A CLA EC . -3.88 -50.79 -18.05
C4A CLA EC . -5.07 -51.53 -18.62
CMA CLA EC . -2.68 -51.70 -17.82
CAA CLA EC . -3.98 -48.32 -18.48
CBA CLA EC . -5.46 -48.06 -18.24
CGA CLA EC . -5.71 -46.93 -17.28
O1A CLA EC . -4.89 -46.11 -16.95
O2A CLA EC . -6.97 -46.93 -16.85
NB CLA EC . -7.35 -53.19 -19.49
C1B CLA EC . -6.63 -53.39 -18.26
C2B CLA EC . -7.15 -54.52 -17.58
C3B CLA EC . -8.17 -55.04 -18.36
C4B CLA EC . -8.29 -54.24 -19.51
CMB CLA EC . -6.68 -55.03 -16.24
CAB CLA EC . -8.99 -56.23 -18.10
CBB CLA EC . -9.54 -56.58 -16.98
NC CLA EC . -8.41 -52.57 -21.95
C1C CLA EC . -9.21 -53.67 -21.67
C2C CLA EC . -10.10 -54.00 -22.76
C3C CLA EC . -9.85 -53.12 -23.77
C4C CLA EC . -8.81 -52.23 -23.29
CMC CLA EC . -11.09 -55.12 -22.79
CAC CLA EC . -10.49 -53.07 -25.13
CBC CLA EC . -11.78 -52.27 -25.14
ND CLA EC . -6.66 -50.65 -22.30
C1D CLA EC . -7.22 -50.47 -23.64
C2D CLA EC . -6.54 -49.43 -24.31
C3D CLA EC . -5.53 -48.95 -23.44
C4D CLA EC . -5.65 -49.71 -22.29
CMD CLA EC . -6.85 -48.93 -25.70
CAD CLA EC . -4.44 -48.02 -23.25
OBD CLA EC . -4.02 -47.17 -24.02
CBD CLA EC . -3.84 -48.22 -21.89
CGD CLA EC . -2.37 -48.57 -22.03
O1D CLA EC . -1.48 -47.77 -22.08
O2D CLA EC . -2.19 -49.88 -22.09
CED CLA EC . -0.82 -50.33 -22.24
MG CLA FC . -17.52 -49.98 -18.15
CHA CLA FC . -19.61 -50.72 -15.56
CHB CLA FC . -19.09 -47.08 -18.55
CHC CLA FC . -15.60 -49.44 -20.94
CHD CLA FC . -16.60 -53.40 -18.34
NA CLA FC . -18.95 -49.10 -17.19
C1A CLA FC . -19.67 -49.47 -16.06
C2A CLA FC . -20.52 -48.38 -15.49
C3A CLA FC . -20.64 -47.44 -16.66
C4A CLA FC . -19.49 -47.88 -17.54
CMA CLA FC . -21.98 -47.51 -17.38
CAA CLA FC . -19.78 -47.76 -14.29
CBA CLA FC . -18.36 -47.28 -14.56
CGA CLA FC . -17.66 -46.79 -13.32
O1A CLA FC . -18.20 -46.30 -12.37
O2A CLA FC . -16.34 -46.99 -13.41
NB CLA FC . -17.35 -48.55 -19.46
C1B CLA FC . -18.08 -47.30 -19.46
C2B CLA FC . -17.59 -46.46 -20.48
C3B CLA FC . -16.58 -47.15 -21.15
C4B CLA FC . -16.45 -48.42 -20.54
CMB CLA FC . -18.08 -45.07 -20.79
CAB CLA FC . -15.76 -46.69 -22.27
CBB CLA FC . -15.01 -45.61 -22.30
NC CLA FC . -16.39 -51.12 -19.30
C1C CLA FC . -15.63 -50.69 -20.39
C2C CLA FC . -14.85 -51.76 -20.96
C3C CLA FC . -15.14 -52.90 -20.26
C4C CLA FC . -16.08 -52.53 -19.23
CMC CLA FC . -13.90 -51.67 -22.12
CAC CLA FC . -14.58 -54.28 -20.48
CBC CLA FC . -15.34 -55.06 -21.53
ND CLA FC . -17.94 -51.65 -17.25
C1D CLA FC . -17.50 -53.04 -17.35
C2D CLA FC . -18.10 -53.81 -16.35
C3D CLA FC . -18.95 -52.95 -15.59
C4D CLA FC . -18.80 -51.69 -16.18
CMD CLA FC . -17.89 -55.28 -16.12
CAD CLA FC . -19.89 -52.83 -14.51
OBD CLA FC . -20.35 -53.70 -13.79
CBD CLA FC . -20.30 -51.39 -14.36
CGD CLA FC . -21.83 -51.29 -14.40
O1D CLA FC . -22.48 -51.22 -15.41
O2D CLA FC . -22.33 -51.28 -13.17
CED CLA FC . -23.78 -51.25 -13.09
C1 CLA FC . -15.52 -46.39 -12.34
C2 CLA FC . -15.21 -47.42 -11.31
C3 CLA FC . -14.19 -48.27 -11.35
C4 CLA FC . -13.19 -48.36 -12.48
C5 CLA FC . -13.93 -49.21 -10.20
C6 CLA FC . -13.33 -50.55 -10.61
C7 CLA FC . -13.56 -51.64 -9.56
C8 CLA FC . -12.36 -52.47 -9.13
C9 CLA FC . -11.72 -53.22 -10.30
C10 CLA FC . -12.77 -53.42 -8.01
C11 CLA FC . -11.67 -54.29 -7.39
C12 CLA FC . -12.16 -55.08 -6.18
C13 CLA FC . -11.08 -55.75 -5.35
C14 CLA FC . -10.16 -56.61 -6.20
C15 CLA FC . -11.69 -56.54 -4.20
MG CLA GC . -27.47 -63.76 -22.32
CHA CLA GC . -30.25 -61.79 -22.12
CHB CLA GC . -29.16 -66.23 -20.87
CHC CLA GC . -24.51 -65.48 -22.03
CHD CLA GC . -25.56 -60.91 -23.20
NA CLA GC . -29.31 -63.96 -21.74
C1A CLA GC . -30.39 -63.10 -21.83
C2A CLA GC . -31.71 -63.74 -21.55
C3A CLA GC . -31.30 -65.00 -20.82
C4A CLA GC . -29.82 -65.09 -21.16
CMA CLA GC . -31.54 -64.96 -19.32
CAA CLA GC . -32.42 -63.99 -22.89
CBA CLA GC . -31.60 -64.68 -23.99
CGA CLA GC . -31.45 -66.16 -23.78
O1A CLA GC . -32.31 -66.88 -23.38
O2A CLA GC . -30.23 -66.56 -24.12
NB CLA GC . -26.95 -65.51 -21.64
C1B CLA GC . -27.82 -66.51 -21.09
C2B CLA GC . -27.11 -67.70 -20.82
C3B CLA GC . -25.78 -67.47 -21.18
C4B CLA GC . -25.66 -66.15 -21.65
CMB CLA GC . -27.68 -68.96 -20.26
CAB CLA GC . -24.67 -68.42 -21.15
CBB CLA GC . -24.46 -69.39 -20.30
NC CLA GC . -25.56 -63.33 -22.59
C1C CLA GC . -24.48 -64.19 -22.45
C2C CLA GC . -23.23 -63.55 -22.80
C3C CLA GC . -23.53 -62.27 -23.16
C4C CLA GC . -24.94 -62.11 -23.01
CMC CLA GC . -21.86 -64.14 -22.75
CAC CLA GC . -22.58 -61.22 -23.68
CBC CLA GC . -22.56 -61.15 -25.19
ND CLA GC . -27.74 -61.86 -22.57
C1D CLA GC . -26.91 -60.71 -22.96
C2D CLA GC . -27.69 -59.56 -23.07
C3D CLA GC . -29.03 -59.91 -22.75
C4D CLA GC . -28.99 -61.27 -22.46
CMD CLA GC . -27.20 -58.20 -23.46
CAD CLA GC . -30.40 -59.47 -22.59
OBD CLA GC . -30.87 -58.35 -22.74
CBD CLA GC . -31.26 -60.64 -22.19
CGD CLA GC . -31.93 -60.41 -20.84
O1D CLA GC . -31.40 -59.91 -19.89
O2D CLA GC . -33.18 -60.85 -20.85
CED CLA GC . -33.88 -60.81 -19.59
C1 CLA GC . -30.01 -68.00 -24.04
C2 CLA GC . -28.56 -68.29 -24.16
C3 CLA GC . -28.10 -69.49 -24.53
C4 CLA GC . -29.00 -70.66 -24.85
C5 CLA GC . -26.62 -69.75 -24.63
C6 CLA GC . -26.09 -69.66 -26.05
C7 CLA GC . -24.60 -69.97 -26.14
C8 CLA GC . -23.97 -69.78 -27.52
C9 CLA GC . -24.66 -70.63 -28.57
C10 CLA GC . -22.46 -70.06 -27.47
MG CLA HC . -24.44 -77.20 -10.84
CHA CLA HC . -26.65 -75.56 -12.87
CHB CLA HC . -26.98 -78.76 -9.37
CHC CLA HC . -22.22 -78.39 -8.50
CHD CLA HC . -21.88 -74.97 -11.90
NA CLA HC . -26.36 -77.22 -11.17
C1A CLA HC . -27.12 -76.57 -12.11
C2A CLA HC . -28.54 -77.08 -12.20
C3A CLA HC . -28.68 -77.87 -10.92
C4A CLA HC . -27.25 -77.96 -10.44
CMA CLA HC . -29.60 -77.23 -9.89
CAA CLA HC . -28.64 -77.95 -13.47
CBA CLA HC . -27.64 -79.11 -13.56
CGA CLA HC . -27.78 -79.90 -14.82
O1A CLA HC . -28.81 -80.27 -15.28
O2A CLA HC . -26.59 -80.14 -15.37
NB CLA HC . -24.57 -78.34 -9.27
C1B CLA HC . -25.76 -78.99 -8.76
C2B CLA HC . -25.45 -79.79 -7.65
C3B CLA HC . -24.08 -79.67 -7.42
C4B CLA HC . -23.54 -78.80 -8.38
CMB CLA HC . -26.42 -80.64 -6.87
CAB CLA HC . -23.29 -80.31 -6.36
CBB CLA HC . -23.41 -81.53 -5.91
NC CLA HC . -22.56 -76.82 -10.37
C1C CLA HC . -21.79 -77.47 -9.41
C2C CLA HC . -20.42 -77.01 -9.40
C3C CLA HC . -20.32 -76.03 -10.35
C4C CLA HC . -21.62 -75.90 -10.96
CMC CLA HC . -19.32 -77.49 -8.51
CAC CLA HC . -19.09 -75.26 -10.75
CBC CLA HC . -18.44 -75.79 -12.00
ND CLA HC . -24.24 -75.66 -12.02
C1D CLA HC . -23.15 -74.80 -12.44
C2D CLA HC . -23.60 -73.89 -13.41
C3D CLA HC . -24.97 -74.13 -13.63
C4D CLA HC . -25.29 -75.19 -12.78
CMD CLA HC . -22.76 -72.85 -14.10
CAD CLA HC . -26.18 -73.75 -14.34
OBD CLA HC . -26.34 -72.88 -15.17
CBD CLA HC . -27.30 -74.66 -13.92
CGD CLA HC . -28.47 -73.85 -13.35
O1D CLA HC . -28.39 -73.08 -12.44
O2D CLA HC . -29.60 -74.13 -13.99
CED CLA HC . -30.78 -73.44 -13.51
MG CLA IC . -22.18 -74.20 -19.20
CHA CLA IC . -25.48 -75.01 -18.77
CHB CLA IC . -22.90 -72.90 -22.17
CHC CLA IC . -18.80 -73.94 -19.80
CHD CLA IC . -21.36 -76.29 -16.44
NA CLA IC . -23.84 -73.96 -20.18
C1A CLA IC . -25.17 -74.30 -19.88
C2A CLA IC . -26.18 -73.82 -20.88
C3A CLA IC . -25.33 -73.21 -21.97
C4A CLA IC . -23.93 -73.36 -21.43
CMA CLA IC . -25.50 -73.88 -23.33
CAA CLA IC . -27.09 -72.78 -20.23
CBA CLA IC . -28.18 -72.22 -21.14
CGA CLA IC . -29.14 -73.24 -21.66
O1A CLA IC . -30.01 -73.75 -21.00
O2A CLA IC . -28.92 -73.52 -22.93
NB CLA IC . -21.07 -73.52 -20.66
C1B CLA IC . -21.54 -72.94 -21.89
C2B CLA IC . -20.46 -72.49 -22.67
C3B CLA IC . -19.29 -72.80 -21.98
C4B CLA IC . -19.65 -73.44 -20.77
CMB CLA IC . -20.55 -71.80 -24.00
CAB CLA IC . -17.91 -72.53 -22.37
CBB CLA IC . -17.41 -72.53 -23.59
NC CLA IC . -20.53 -74.87 -18.33
C1C CLA IC . -19.22 -74.63 -18.70
C2C CLA IC . -18.26 -75.25 -17.81
C3C CLA IC . -18.98 -75.91 -16.85
C4C CLA IC . -20.37 -75.70 -17.15
CMC CLA IC . -16.77 -75.22 -17.93
CAC CLA IC . -18.44 -76.70 -15.69
CBC CLA IC . -18.22 -78.16 -16.04
ND CLA IC . -23.10 -75.35 -17.92
C1D CLA IC . -22.69 -76.17 -16.78
C2D CLA IC . -23.83 -76.73 -16.16
C3D CLA IC . -24.96 -76.30 -16.90
C4D CLA IC . -24.47 -75.49 -17.92
CMD CLA IC . -23.83 -77.61 -14.95
CAD CLA IC . -26.40 -76.38 -17.06
OBD CLA IC . -27.20 -77.04 -16.42
CBD CLA IC . -26.81 -75.49 -18.19
CGD CLA IC . -27.67 -76.29 -19.18
O1D CLA IC . -28.85 -76.42 -19.10
O2D CLA IC . -26.92 -76.82 -20.14
CED CLA IC . -27.62 -77.58 -21.14
C1 CLA IC . -29.84 -74.46 -23.55
C2 CLA IC . -29.22 -75.03 -24.78
MG CLA JC . -7.24 -72.00 -9.65
CHA CLA JC . -4.17 -73.51 -9.76
CHB CLA JC . -8.61 -74.67 -11.03
CHC CLA JC . -10.12 -70.18 -10.03
CHD CLA JC . -5.65 -68.97 -8.68
NA CLA JC . -6.53 -73.72 -10.19
C1A CLA JC . -5.24 -74.25 -10.13
C2A CLA JC . -5.15 -75.70 -10.51
C3A CLA JC . -6.57 -76.05 -10.88
C4A CLA JC . -7.30 -74.74 -10.70
CMA CLA JC . -6.71 -76.63 -12.28
CAA CLA JC . -4.68 -76.48 -9.26
CBA CLA JC . -5.32 -76.02 -7.96
CGA CLA JC . -5.23 -77.05 -6.87
O1A CLA JC . -4.76 -78.15 -7.00
O2A CLA JC . -5.75 -76.59 -5.74
NB CLA JC . -9.01 -72.33 -10.40
C1B CLA JC . -9.46 -73.59 -10.95
C2B CLA JC . -10.81 -73.49 -11.33
C3B CLA JC . -11.23 -72.18 -11.03
C4B CLA JC . -10.14 -71.49 -10.48
CMB CLA JC . -11.65 -74.59 -11.92
CAB CLA JC . -12.56 -71.60 -11.22
CBB CLA JC . -13.34 -71.70 -12.26
NC CLA JC . -7.76 -70.11 -9.37
C1C CLA JC . -9.03 -69.56 -9.53
C2C CLA JC . -9.08 -68.17 -9.12
C3C CLA JC . -7.82 -67.83 -8.70
C4C CLA JC . -7.00 -68.99 -8.88
CMC CLA JC . -10.28 -67.27 -9.15
CAC CLA JC . -7.37 -66.52 -8.10
CBC CLA JC . -6.63 -65.66 -9.08
ND CLA JC . -5.44 -71.33 -9.34
C1D CLA JC . -4.84 -70.06 -8.92
C2D CLA JC . -3.45 -70.19 -8.80
C3D CLA JC . -3.13 -71.53 -9.12
C4D CLA JC . -4.33 -72.15 -9.42
CMD CLA JC . -2.50 -69.12 -8.39
CAD CLA JC . -2.07 -72.51 -9.30
OBD CLA JC . -0.87 -72.35 -9.23
CBD CLA JC . -2.68 -73.84 -9.62
CGD CLA JC . -2.04 -74.46 -10.85
O1D CLA JC . -1.76 -73.85 -11.86
O2D CLA JC . -1.80 -75.75 -10.68
CED CLA JC . -1.11 -76.43 -11.76
C1 CLA JC . -5.74 -77.52 -4.62
C2 CLA JC . -6.82 -77.13 -3.66
C3 CLA JC . -6.77 -77.44 -2.37
C4 CLA JC . -5.64 -78.22 -1.75
C5 CLA JC . -7.87 -77.02 -1.44
C6 CLA JC . -8.74 -78.19 -0.96
C7 CLA JC . -9.80 -77.75 0.03
C8 CLA JC . -9.92 -78.62 1.28
C9 CLA JC . -10.33 -80.05 0.93
C10 CLA JC . -10.87 -78.00 2.31
C11 CLA JC . -10.33 -76.82 3.12
C12 CLA JC . -9.15 -77.18 4.01
C13 CLA JC . -9.33 -78.39 4.92
C14 CLA JC . -8.60 -78.20 6.25
C15 CLA JC . -8.90 -79.68 4.22
MG CLA KC . -3.42 -60.17 -9.43
CHA CLA KC . -1.22 -59.21 -11.87
CHB CLA KC . -1.56 -62.85 -8.84
CHC CLA KC . -5.90 -61.29 -7.35
CHD CLA KC . -5.72 -57.74 -10.64
NA CLA KC . -1.72 -60.78 -10.13
C1A CLA KC . -0.85 -60.22 -11.06
C2A CLA KC . 0.50 -60.86 -11.08
C3A CLA KC . 0.24 -62.17 -10.39
C4A CLA KC . -1.10 -61.94 -9.73
CMA CLA KC . 0.21 -63.39 -11.31
CAA CLA KC . 1.45 -59.95 -10.29
CBA CLA KC . 0.82 -59.21 -9.11
CGA CLA KC . 1.82 -58.56 -8.22
O1A CLA KC . 2.94 -58.23 -8.56
O2A CLA KC . 1.34 -58.37 -6.99
NB CLA KC . -3.68 -61.74 -8.31
C1B CLA KC . -2.74 -62.82 -8.13
C2B CLA KC . -3.24 -63.74 -7.18
C3B CLA KC . -4.49 -63.27 -6.76
C4B CLA KC . -4.77 -62.07 -7.45
CMB CLA KC . -2.55 -64.98 -6.71
CAB CLA KC . -5.38 -63.88 -5.77
CBB CLA KC . -5.70 -63.42 -4.59
NC CLA KC . -5.29 -59.64 -9.06
C1C CLA KC . -6.13 -60.19 -8.11
C2C CLA KC . -7.40 -59.49 -8.04
C3C CLA KC . -7.36 -58.49 -8.98
C4C CLA KC . -6.08 -58.57 -9.62
CMC CLA KC . -8.53 -59.81 -7.09
CAC CLA KC . -8.44 -57.49 -9.30
CBC CLA KC . -9.13 -57.77 -10.61
ND CLA KC . -3.53 -58.84 -10.86
C1D CLA KC . -4.51 -57.84 -11.28
C2D CLA KC . -3.99 -57.08 -12.34
C3D CLA KC . -2.68 -57.56 -12.61
C4D CLA KC . -2.49 -58.60 -11.72
CMD CLA KC . -4.69 -55.95 -13.04
CAD CLA KC . -1.48 -57.41 -13.40
OBD CLA KC . -1.21 -56.57 -14.23
CBD CLA KC . -0.50 -58.48 -13.01
CGD CLA KC . -0.22 -59.36 -14.22
O1D CLA KC . -0.73 -60.43 -14.42
O2D CLA KC . 0.65 -58.78 -15.05
CED CLA KC . 0.95 -59.50 -16.26
C1 CLA KC . 2.21 -57.68 -6.06
C2 CLA KC . 1.86 -58.06 -4.66
C3 CLA KC . 0.71 -57.74 -4.08
C4 CLA KC . -0.37 -56.93 -4.75
C5 CLA KC . 0.43 -58.15 -2.66
C6 CLA KC . -0.66 -57.34 -1.98
C7 CLA KC . -0.86 -57.73 -0.51
C8 CLA KC . -1.71 -56.78 0.32
C9 CLA KC . -1.76 -57.19 1.78
C10 CLA KC . -3.12 -56.64 -0.28
C DD6 LC . -18.12 -71.04 -17.98
C1 DD6 LC . -17.02 -70.71 -18.92
C10 DD6 LC . -23.22 -66.72 -25.24
C11 DD6 LC . -23.71 -65.95 -26.24
C12 DD6 LC . -22.83 -65.23 -27.22
C13 DD6 LC . -25.14 -65.73 -26.30
C14 DD6 LC . -25.83 -64.83 -26.98
C15 DD6 LC . -27.32 -64.70 -26.95
C16 DD6 LC . -28.07 -65.53 -27.86
C17 DD6 LC . -29.58 -65.36 -27.59
C18 DD6 LC . -30.09 -63.93 -27.64
C19 DD6 LC . -29.32 -63.01 -26.71
C2 DD6 LC . -17.25 -70.08 -20.11
C20 DD6 LC . -27.89 -63.42 -26.44
C21 DD6 LC . -27.01 -62.30 -25.95
C22 DD6 LC . -27.77 -65.13 -29.31
C23 DD6 LC . -27.73 -67.02 -27.73
C24 DD6 LC . -15.70 -71.17 -18.59
C25 DD6 LC . -15.40 -71.91 -17.51
C26 DD6 LC . -14.11 -72.35 -17.21
C27 DD6 LC . -13.76 -73.16 -16.18
C28 DD6 LC . -14.73 -73.71 -15.17
C29 DD6 LC . -12.39 -73.51 -16.05
C3 DD6 LC . -18.52 -69.70 -20.64
C30 DD6 LC . -11.23 -73.72 -15.90
C31 DD6 LC . -9.86 -74.05 -15.67
C32 DD6 LC . -9.43 -75.47 -16.04
C33 DD6 LC . -8.12 -75.75 -15.38
C34 DD6 LC . -7.13 -74.62 -15.59
C35 DD6 LC . -7.61 -73.38 -14.88
C36 DD6 LC . -9.08 -73.11 -15.13
C37 DD6 LC . -9.55 -71.74 -14.72
C4 DD6 LC . -18.65 -69.05 -21.80
C40 DD6 LC . -9.26 -75.60 -17.55
C41 DD6 LC . -10.48 -76.48 -15.58
C5 DD6 LC . -19.90 -68.68 -22.35
C6 DD6 LC . -20.13 -67.92 -23.44
C7 DD6 LC . -19.01 -67.34 -24.28
C8 DD6 LC . -21.49 -67.64 -23.85
C9 DD6 LC . -21.88 -66.96 -24.93
O1 DD6 LC . -27.84 -64.63 -25.63
O2 DD6 LC . -29.97 -63.44 -28.97
O4 DD6 LC . -5.87 -75.02 -15.06
C DD6 MC . -14.72 -58.72 -15.61
C1 DD6 MC . -13.75 -59.86 -15.56
C10 DD6 MC . -16.21 -62.20 -6.42
C11 DD6 MC . -16.47 -62.92 -5.30
C12 DD6 MC . -15.93 -64.31 -5.06
C13 DD6 MC . -17.36 -62.36 -4.30
C14 DD6 MC . -17.97 -62.96 -3.29
C15 DD6 MC . -18.87 -62.29 -2.29
C16 DD6 MC . -18.34 -62.11 -0.91
C17 DD6 MC . -19.51 -62.15 0.09
C18 DD6 MC . -20.70 -61.30 -0.30
C19 DD6 MC . -21.36 -61.90 -1.52
C2 DD6 MC . -13.60 -60.66 -14.47
C20 DD6 MC . -20.36 -62.21 -2.62
C21 DD6 MC . -20.96 -62.83 -3.87
C22 DD6 MC . -17.35 -63.24 -0.56
C23 DD6 MC . -17.59 -60.79 -0.76
C24 DD6 MC . -12.90 -60.09 -16.71
C25 DD6 MC . -12.73 -59.28 -17.76
C26 DD6 MC . -11.85 -59.59 -18.85
C27 DD6 MC . -11.59 -58.83 -19.94
C28 DD6 MC . -12.23 -57.50 -20.22
C29 DD6 MC . -10.61 -59.31 -20.87
C3 DD6 MC . -14.26 -60.55 -13.21
C30 DD6 MC . -9.72 -59.66 -21.58
C31 DD6 MC . -8.59 -60.03 -22.36
C32 DD6 MC . -7.35 -59.13 -22.25
C33 DD6 MC . -6.35 -59.49 -23.37
C34 DD6 MC . -6.22 -60.98 -23.63
C35 DD6 MC . -7.57 -61.49 -24.09
C36 DD6 MC . -8.67 -61.14 -23.12
C37 DD6 MC . -9.83 -62.10 -23.10
C4 DD6 MC . -14.02 -61.38 -12.17
C40 DD6 MC . -7.74 -57.66 -22.43
C41 DD6 MC . -6.67 -59.30 -20.89
C5 DD6 MC . -14.67 -61.27 -10.91
C6 DD6 MC . -14.55 -62.10 -9.84
C7 DD6 MC . -13.66 -63.31 -9.84
C8 DD6 MC . -15.32 -61.82 -8.64
C9 DD6 MC . -15.42 -62.58 -7.54
O1 DD6 MC . -19.45 -61.10 -2.85
O2 DD6 MC . -21.63 -61.25 0.78
O4 DD6 MC . -5.24 -61.21 -24.64
C DD6 NC . -8.55 -66.94 -3.79
C1 DD6 NC . -7.85 -68.02 -4.57
C10 DD6 NC . -16.25 -72.15 -7.39
C11 DD6 NC . -17.12 -73.13 -7.72
C12 DD6 NC . -16.67 -74.54 -8.01
C13 DD6 NC . -18.54 -72.84 -7.81
C14 DD6 NC . -19.20 -71.71 -7.61
C15 DD6 NC . -20.68 -71.53 -7.76
C16 DD6 NC . -21.17 -71.02 -9.07
C17 DD6 NC . -22.27 -69.96 -8.83
C18 DD6 NC . -23.36 -70.40 -7.87
C19 DD6 NC . -22.80 -70.59 -6.48
C2 DD6 NC . -8.51 -68.94 -5.32
C20 DD6 NC . -21.46 -71.31 -6.48
C21 DD6 NC . -20.81 -71.36 -5.11
C22 DD6 NC . -21.77 -72.18 -9.89
C23 DD6 NC . -20.05 -70.39 -9.91
C24 DD6 NC . -6.40 -68.06 -4.51
C25 DD6 NC . -5.61 -67.37 -3.67
C26 DD6 NC . -4.18 -67.46 -3.68
C27 DD6 NC . -3.34 -66.83 -2.84
C28 DD6 NC . -3.77 -65.97 -1.67
C29 DD6 NC . -1.93 -66.93 -3.09
C3 DD6 NC . -9.92 -69.07 -5.49
C30 DD6 NC . -0.77 -66.89 -3.39
C31 DD6 NC . 0.58 -66.76 -3.81
C32 DD6 NC . 1.05 -67.71 -4.91
C33 DD6 NC . 2.59 -67.73 -4.93
C34 DD6 NC . 3.19 -66.34 -4.85
C35 DD6 NC . 2.82 -65.72 -3.52
C36 DD6 NC . 1.34 -65.80 -3.24
C37 DD6 NC . 0.82 -64.75 -2.30
C4 DD6 NC . -10.49 -70.07 -6.18
C40 DD6 NC . 0.55 -67.25 -6.28
C41 DD6 NC . 0.55 -69.14 -4.65
C5 DD6 NC . -11.90 -70.21 -6.36
C6 DD6 NC . -12.56 -71.27 -6.90
C7 DD6 NC . -11.87 -72.49 -7.42
C8 DD6 NC . -14.02 -71.23 -6.98
C9 DD6 NC . -14.82 -72.24 -7.32
O1 DD6 NC . -21.48 -72.57 -7.19
O2 DD6 NC . -24.39 -69.41 -7.85
O4 DD6 NC . 4.61 -66.42 -4.96
C7 UIX OC . -19.37 -56.45 -24.67
C8 UIX OC . -21.92 -57.78 -24.58
C9 UIX OC . -21.00 -58.06 -22.30
O1 UIX OC . -23.62 -54.87 -21.06
C1 UIX OC . -20.51 -54.60 -23.16
C5 UIX OC . -22.40 -55.32 -21.68
C6 UIX OC . -19.56 -53.56 -23.75
C4 UIX OC . -22.76 -56.36 -22.74
O4 UIX OC . -3.54 -55.97 -44.75
C3 UIX OC . -21.70 -54.14 -22.34
O3 UIX OC . -6.15 -55.30 -40.48
C2 UIX OC . -21.52 -57.05 -23.31
C UIX OC . -20.40 -56.05 -23.63
O UIX OC . -19.77 -55.58 -22.44
C10 UIX OC . -18.20 -56.89 -24.24
C11 UIX OC . -17.09 -57.29 -25.13
C12 UIX OC . -15.80 -57.62 -24.46
C13 UIX OC . -17.18 -57.36 -26.49
C14 UIX OC . -16.02 -57.74 -27.29
C15 UIX OC . -6.35 -58.67 -41.99
C16 UIX OC . -5.44 -56.47 -40.91
C17 UIX OC . -6.48 -57.97 -43.34
C18 UIX OC . -6.13 -56.48 -43.29
C19 UIX OC . -4.96 -56.26 -42.34
C20 UIX OC . -6.34 -57.68 -40.85
C21 UIX OC . -5.07 -59.49 -41.93
C22 UIX OC . -7.55 -59.62 -41.82
C23 UIX OC . -16.07 -57.73 -28.63
C24 UIX OC . -4.25 -56.67 -39.98
C25 UIX OC . -7.03 -57.89 -39.83
C26 UIX OC . -14.90 -58.04 -29.48
C27 UIX OC . -4.58 -56.44 -45.17
C28 UIX OC . -7.68 -58.11 -38.77
O2 UIX OC . -5.84 -55.99 -44.59
C29 UIX OC . -13.56 -58.47 -28.93
C30 UIX OC . -15.02 -57.89 -30.82
C31 UIX OC . -4.61 -57.46 -46.26
C32 UIX OC . -9.10 -57.77 -38.61
C33 UIX OC . -9.87 -57.16 -39.74
C34 UIX OC . -13.89 -58.13 -31.73
C35 UIX OC . -9.64 -58.07 -37.41
C36 UIX OC . -11.02 -57.80 -37.01
C37 UIX OC . -14.00 -57.92 -33.04
C38 UIX OC . -11.35 -58.12 -35.75
C39 UIX OC . -12.80 -58.13 -33.85
C40 UIX OC . -12.68 -57.88 -35.17
C41 UIX OC . -13.81 -57.34 -36.02
C DD6 PC . -9.92 -60.99 -12.96
C1 DD6 PC . -8.60 -61.04 -12.25
C10 DD6 PC . -12.64 -65.94 -4.94
C11 DD6 PC . -12.99 -66.40 -3.71
C12 DD6 PC . -12.18 -66.11 -2.48
C13 DD6 PC . -14.18 -67.21 -3.59
C14 DD6 PC . -14.64 -67.87 -2.55
C15 DD6 PC . -15.90 -68.69 -2.51
C16 DD6 PC . -17.04 -68.16 -1.72
C17 DD6 PC . -17.82 -69.32 -1.08
C18 DD6 PC . -18.12 -70.47 -2.04
C19 DD6 PC . -16.83 -71.15 -2.44
C2 DD6 PC . -8.43 -61.65 -11.05
C20 DD6 PC . -15.76 -70.17 -2.86
C21 DD6 PC . -14.44 -70.79 -3.25
C22 DD6 PC . -16.55 -67.23 -0.60
C23 DD6 PC . -18.00 -67.33 -2.59
C24 DD6 PC . -7.44 -60.46 -12.91
C25 DD6 PC . -7.41 -59.97 -14.15
C26 DD6 PC . -6.24 -59.43 -14.78
C27 DD6 PC . -6.15 -58.97 -16.05
C28 DD6 PC . -7.32 -58.94 -17.00
C29 DD6 PC . -4.90 -58.54 -16.56
C3 DD6 PC . -9.41 -62.36 -10.31
C30 DD6 PC . -3.93 -58.18 -17.18
C31 DD6 PC . -2.85 -57.74 -17.99
C32 DD6 PC . -2.73 -56.23 -18.21
C33 DD6 PC . -1.65 -55.97 -19.27
C34 DD6 PC . -0.42 -56.86 -19.10
C35 DD6 PC . -0.85 -58.29 -19.34
C36 DD6 PC . -2.05 -58.68 -18.52
C37 DD6 PC . -2.26 -60.17 -18.37
C4 DD6 PC . -9.20 -62.84 -9.05
C40 DD6 PC . -2.36 -55.53 -16.90
C41 DD6 PC . -4.06 -55.66 -18.74
C5 DD6 PC . -10.20 -63.56 -8.35
C6 DD6 PC . -10.17 -63.98 -7.06
C7 DD6 PC . -9.03 -63.70 -6.13
C8 DD6 PC . -11.29 -64.76 -6.56
C9 DD6 PC . -11.49 -65.17 -5.30
O1 DD6 PC . -16.26 -69.17 -3.81
O2 DD6 PC . -18.99 -71.41 -1.41
O4 DD6 PC . 0.56 -56.47 -20.06
C1 LMG QC . -25.28 -76.78 -4.18
O1 LMG QC . -23.96 -76.85 -4.60
C2 LMG QC . -26.20 -76.66 -5.40
O2 LMG QC . -25.88 -75.45 -6.04
C3 LMG QC . -27.64 -76.67 -4.91
O3 LMG QC . -28.47 -76.59 -6.04
C4 LMG QC . -27.93 -77.90 -4.04
O4 LMG QC . -27.91 -79.05 -4.86
C5 LMG QC . -26.88 -77.97 -2.93
O5 LMG QC . -27.60 -78.84 -0.85
C6 LMG QC . -26.96 -79.20 -2.06
O6 LMG QC . -25.58 -77.96 -3.48
C7 LMG QC . -23.25 -75.63 -4.66
C8 LMG QC . -21.82 -75.92 -4.21
C9 LMG QC . -20.77 -75.38 -5.16
O7 LMG QC . -21.74 -75.34 -2.90
C10 LMG QC . -20.70 -74.59 -2.50
O9 LMG QC . -20.38 -73.55 -3.03
C11 LMG QC . -20.02 -75.20 -1.31
C12 LMG QC . -19.25 -74.14 -0.52
C13 LMG QC . -18.60 -74.68 0.75
C14 LMG QC . -19.42 -74.45 2.01
C15 LMG QC . -20.41 -75.58 2.30
C16 LMG QC . -19.90 -76.54 3.37
C17 LMG QC . -20.50 -76.27 4.75
C18 LMG QC . -19.60 -76.71 5.91
C19 LMG QC . -18.55 -75.68 6.31
C20 LMG QC . -18.79 -75.10 7.71
C21 LMG QC . -17.98 -73.84 7.96
O8 LMG QC . -19.50 -75.86 -4.72
C28 LMG QC . -18.41 -75.11 -4.90
O10 LMG QC . -18.45 -73.93 -5.17
C29 LMG QC . -17.15 -75.92 -4.73
C30 LMG QC . -16.07 -75.21 -3.95
C31 LMG QC . -14.66 -75.44 -4.49
C1 LMG RC . -23.60 -53.04 5.64
O1 LMG RC . -22.26 -52.97 5.32
C2 LMG RC . -23.77 -53.82 6.94
O2 LMG RC . -23.47 -55.17 6.68
C3 LMG RC . -25.20 -53.67 7.44
O3 LMG RC . -25.30 -54.38 8.64
C4 LMG RC . -25.56 -52.21 7.58
O4 LMG RC . -24.73 -51.62 8.55
C5 LMG RC . -25.38 -51.57 6.20
O5 LMG RC . -24.71 -49.48 5.33
C6 LMG RC . -25.68 -50.08 6.15
O6 LMG RC . -24.04 -51.72 5.79
C7 LMG RC . -21.71 -54.08 4.65
C8 LMG RC . -20.34 -53.65 4.12
C9 LMG RC . -19.19 -54.57 4.45
O7 LMG RC . -20.52 -53.57 2.71
C10 LMG RC . -20.17 -52.46 2.04
O9 LMG RC . -20.96 -51.75 1.49
C11 LMG RC . -18.68 -52.27 2.09
C12 LMG RC . -18.27 -50.89 1.53
C13 LMG RC . -18.57 -50.75 0.06
C14 LMG RC . -19.70 -49.75 -0.21
C15 LMG RC . -19.22 -48.37 -0.67
C16 LMG RC . -18.14 -47.77 0.21
C17 LMG RC . -17.76 -46.35 -0.18
C18 LMG RC . -18.72 -45.28 0.33
C19 LMG RC . -19.34 -44.42 -0.75
C20 LMG RC . -20.55 -45.07 -1.42
C21 LMG RC . -21.33 -44.11 -2.30
C22 LMG RC . -20.57 -43.66 -3.55
C23 LMG RC . -21.27 -42.58 -4.36
C24 LMG RC . -20.62 -41.20 -4.27
C25 LMG RC . -19.90 -40.79 -5.55
C26 LMG RC . -19.00 -39.57 -5.41
C27 LMG RC . -18.61 -38.97 -6.76
O8 LMG RC . -18.89 -54.45 5.84
C28 LMG RC . -18.10 -53.48 6.26
O10 LMG RC . -18.51 -52.45 6.71
C29 LMG RC . -16.64 -53.83 6.12
C30 LMG RC . -15.77 -53.28 7.24
C31 LMG RC . -14.47 -54.04 7.47
C32 LMG RC . -13.58 -53.36 8.49
C33 LMG RC . -12.07 -53.49 8.24
C34 LMG RC . -11.43 -54.75 8.80
C35 LMG RC . -9.96 -54.87 8.40
C36 LMG RC . -9.28 -56.13 8.92
O1 LHG SC . -4.45 -44.11 -31.43
C1 LHG SC . -3.72 -44.81 -30.44
C2 LHG SC . -2.41 -45.30 -31.00
O2 LHG SC . -2.66 -46.06 -32.16
C3 LHG SC . -1.59 -46.05 -29.96
O3 LHG SC . -1.82 -45.52 -28.66
P LHG SC . -2.44 -46.46 -27.47
O4 LHG SC . -1.38 -46.82 -26.47
O5 LHG SC . -3.27 -47.53 -28.11
O6 LHG SC . -3.50 -45.40 -26.85
C4 LHG SC . -4.88 -45.63 -27.02
C5 LHG SC . -5.66 -44.71 -26.08
C6 LHG SC . -7.03 -44.32 -26.60
O7 LHG SC . -5.83 -45.47 -24.87
C7 LHG SC . -6.03 -44.81 -23.73
O9 LHG SC . -5.49 -43.77 -23.47
C8 LHG SC . -6.99 -45.50 -22.81
C9 LHG SC . -6.70 -45.47 -21.31
C10 LHG SC . -7.85 -46.06 -20.49
O8 LHG SC . -8.02 -44.96 -25.81
C23 LHG SC . -9.01 -44.18 -25.38
O10 LHG SC . -8.98 -43.60 -24.34
C24 LHG SC . -10.16 -44.14 -26.36
C11 LHG SC . -8.20 -47.49 -20.91
C12 LHG SC . -9.15 -48.18 -19.96
C13 LHG SC . -9.19 -49.70 -20.15
C14 LHG SC . -10.52 -50.35 -19.77
C15 LHG SC . -10.42 -51.22 -18.52
C16 LHG SC . -11.70 -51.99 -18.18
C17 LHG SC . -12.58 -51.23 -17.19
C18 LHG SC . -12.97 -49.83 -17.66
C19 LHG SC . -14.13 -49.23 -16.88
C20 LHG SC . -14.78 -48.05 -17.58
C21 LHG SC . -14.36 -46.67 -17.07
C22 LHG SC . -15.51 -45.85 -16.52
C25 LHG SC . -11.35 -43.38 -25.82
C26 LHG SC . -12.66 -43.70 -26.53
C27 LHG SC . -13.88 -43.42 -25.66
C28 LHG SC . -15.19 -43.69 -26.40
C29 LHG SC . -16.40 -42.96 -25.81
C30 LHG SC . -17.66 -43.06 -26.65
C31 LHG SC . -18.78 -42.16 -26.16
C32 LHG SC . -18.88 -42.09 -24.64
C33 LHG SC . -20.10 -41.32 -24.13
C34 LHG SC . -20.21 -41.33 -22.62
C35 LHG SC . -20.65 -42.67 -22.03
C DD6 TC . -10.29 -55.01 12.91
C1 DD6 TC . -10.74 -56.41 12.57
C10 DD6 TC . -2.08 -59.66 15.02
C11 DD6 TC . -1.11 -60.13 14.21
C12 DD6 TC . -1.40 -61.07 13.07
C13 DD6 TC . 0.26 -59.68 14.39
C14 DD6 TC . 0.80 -58.82 15.22
C15 DD6 TC . 2.26 -58.45 15.26
C16 DD6 TC . 3.01 -58.64 16.54
C17 DD6 TC . 4.11 -57.58 16.68
C18 DD6 TC . 4.93 -57.36 15.41
C19 DD6 TC . 4.06 -56.76 14.33
C2 DD6 TC . -9.92 -57.48 12.63
C20 DD6 TC . 2.75 -57.50 14.18
C21 DD6 TC . 1.83 -56.92 13.12
C22 DD6 TC . 3.66 -60.03 16.56
C23 DD6 TC . 2.10 -58.56 17.78
C24 DD6 TC . -12.11 -56.59 12.11
C25 DD6 TC . -13.10 -55.69 12.15
C26 DD6 TC . -14.42 -55.97 11.65
C27 DD6 TC . -15.50 -55.15 11.71
C28 DD6 TC . -15.51 -53.81 12.38
C29 DD6 TC . -16.68 -55.56 11.02
C3 DD6 TC . -8.52 -57.51 12.94
C30 DD6 TC . -17.65 -55.80 10.35
C31 DD6 TC . -18.77 -56.00 9.51
C32 DD6 TC . -20.11 -55.44 9.97
C33 DD6 TC . -21.24 -56.18 9.25
C34 DD6 TC . -21.00 -56.34 7.76
C35 DD6 TC . -19.76 -57.18 7.56
C36 DD6 TC . -18.59 -56.64 8.33
C37 DD6 TC . -17.25 -56.88 7.69
C4 DD6 TC . -7.81 -58.64 13.07
C40 DD6 TC . -20.22 -53.94 9.67
C41 DD6 TC . -20.29 -55.65 11.48
C5 DD6 TC . -6.41 -58.65 13.37
C6 DD6 TC . -5.62 -59.72 13.66
C7 DD6 TC . -6.16 -61.13 13.76
C8 DD6 TC . -4.21 -59.51 13.90
C9 DD6 TC . -3.48 -59.90 14.94
O1 DD6 TC . 2.95 -58.94 14.11
O2 DD6 TC . 6.02 -56.48 15.70
O4 DD6 TC . -22.13 -56.99 7.16
NB KC2 UC . -5.76 -73.35 40.56
ND KC2 UC . -9.40 -72.93 41.94
C1A KC2 UC . -9.43 -75.23 39.67
C1B KC2 UC . -5.25 -74.20 39.55
C1C KC2 UC . -5.75 -71.22 42.63
C1D KC2 UC . -9.98 -72.10 42.87
C2A KC2 UC . -9.35 -76.21 38.64
C2B KC2 UC . -3.80 -73.99 39.39
C2C KC2 UC . -5.76 -70.18 43.60
C2D KC2 UC . -11.36 -72.38 42.94
C3A KC2 UC . -8.06 -76.23 38.19
C3B KC2 UC . -3.43 -73.03 40.29
C3C KC2 UC . -7.04 -70.05 44.05
C3D KC2 UC . -11.62 -73.44 41.99
C4A KC2 UC . -7.33 -75.28 38.96
C4B KC2 UC . -4.60 -72.61 41.01
C4C KC2 UC . -7.87 -71.00 43.37
C4D KC2 UC . -10.36 -73.74 41.40
CAA KC2 UC . -10.43 -77.09 38.23
CAB KC2 UC . -2.08 -72.50 40.55
CAC KC2 UC . -7.49 -69.10 45.08
CAD KC2 UC . -12.65 -74.29 41.45
CBA KC2 UC . -11.01 -77.16 37.04
CBB KC2 UC . -1.42 -72.51 41.67
CBC KC2 UC . -8.43 -68.21 44.97
CBD KC2 UC . -11.99 -75.17 40.42
CED KC2 UC . -11.26 -78.54 41.77
CGA KC2 UC . -12.10 -78.11 36.74
CGD KC2 UC . -12.24 -76.62 40.83
CHA KC2 UC . -10.51 -74.77 40.43
CHB KC2 UC . -5.96 -75.09 38.80
CHC KC2 UC . -4.60 -71.60 41.95
CHD KC2 UC . -9.22 -71.17 43.56
CMA KC2 UC . -7.50 -77.06 37.08
CMB KC2 UC . -2.95 -74.72 38.41
CMC KC2 UC . -4.56 -69.39 44.03
CMD KC2 UC . -12.38 -71.74 43.82
NA KC2 UC . -8.18 -74.67 39.86
NC KC2 UC . -7.02 -71.73 42.48
O1A KC2 UC . -11.88 -79.30 36.55
O1D KC2 UC . -13.30 -77.18 40.75
O2A KC2 UC . -13.30 -77.60 36.69
O2D KC2 UC . -11.13 -77.18 41.31
OBD KC2 UC . -13.85 -74.32 41.74
MG KC2 UC . -7.70 -73.25 41.27
MG CLA VC . -12.24 -66.59 30.86
CHA CLA VC . -15.13 -66.65 32.68
CHB CLA VC . -13.67 -64.50 28.70
CHC CLA VC . -9.54 -67.06 28.77
CHD CLA VC . -11.05 -69.34 32.75
NA CLA VC . -13.97 -65.72 30.79
C1A CLA VC . -15.04 -65.76 31.67
C2A CLA VC . -16.13 -64.76 31.37
C3A CLA VC . -15.78 -64.33 29.97
C4A CLA VC . -14.38 -64.88 29.79
CMA CLA VC . -16.73 -64.85 28.90
CAA CLA VC . -16.09 -63.63 32.41
CBA CLA VC . -14.74 -62.93 32.64
CGA CLA VC . -14.40 -61.91 31.59
O1A CLA VC . -15.11 -61.02 31.24
O2A CLA VC . -13.19 -62.16 31.07
NB CLA VC . -11.69 -65.89 29.12
C1B CLA VC . -12.39 -64.90 28.34
C2B CLA VC . -11.63 -64.53 27.21
C3B CLA VC . -10.46 -65.29 27.25
C4B CLA VC . -10.49 -66.11 28.38
CMB CLA VC . -12.00 -63.49 26.20
CAB CLA VC . -9.36 -65.26 26.27
CBB CLA VC . -8.81 -64.23 25.71
NC CLA VC . -10.70 -67.83 30.80
C1C CLA VC . -9.67 -67.85 29.86
C2C CLA VC . -8.68 -68.89 30.15
C3C CLA VC . -9.11 -69.52 31.28
C4C CLA VC . -10.34 -68.91 31.69
CMC CLA VC . -7.44 -69.20 29.36
CAC CLA VC . -8.44 -70.67 32.00
CBC CLA VC . -7.68 -70.22 33.22
ND CLA VC . -12.86 -67.73 32.31
C1D CLA VC . -12.28 -68.82 33.09
C2D CLA VC . -13.16 -69.18 34.14
C3D CLA VC . -14.30 -68.35 34.03
C4D CLA VC . -14.07 -67.53 32.93
CMD CLA VC . -12.92 -70.23 35.17
CAD CLA VC . -15.58 -67.97 34.59
OBD CLA VC . -16.12 -68.37 35.61
CBD CLA VC . -16.21 -66.94 33.72
CGD CLA VC . -17.47 -67.52 33.07
O1D CLA VC . -17.48 -68.40 32.26
O2D CLA VC . -18.56 -66.93 33.55
CED CLA VC . -19.82 -67.43 33.04
C1 CLA VC . -12.77 -61.26 30.01
C2 CLA VC . -11.37 -61.61 29.67
C3 CLA VC . -10.55 -60.80 29.01
C4 CLA VC . -10.96 -59.44 28.49
C5 CLA VC . -9.12 -61.17 28.75
C6 CLA VC . -8.12 -60.32 29.51
C7 CLA VC . -6.68 -60.76 29.31
C8 CLA VC . -5.62 -59.93 30.04
C9 CLA VC . -5.56 -58.51 29.49
C10 CLA VC . -4.26 -60.61 29.98
MG CLA WC . -6.46 -62.46 21.71
CHA CLA WC . -8.94 -60.17 21.15
CHB CLA WC . -6.47 -61.67 24.93
CHC CLA WC . -3.75 -64.52 22.09
CHD CLA WC . -5.89 -62.61 18.21
NA CLA WC . -7.55 -61.27 22.77
C1A CLA WC . -8.62 -60.46 22.44
C2A CLA WC . -9.37 -59.91 23.62
C3A CLA WC . -8.36 -60.10 24.73
C4A CLA WC . -7.39 -61.07 24.13
CMA CLA WC . -7.69 -58.81 25.19
CAA CLA WC . -10.62 -60.79 23.78
CBA CLA WC . -11.59 -60.32 24.87
CGA CLA WC . -12.10 -58.93 24.64
O1A CLA WC . -13.19 -58.66 24.20
O2A CLA WC . -11.19 -58.02 25.00
NB CLA WC . -5.33 -63.00 23.20
C1B CLA WC . -5.49 -62.58 24.58
C2B CLA WC . -4.53 -63.23 25.39
C3B CLA WC . -3.76 -64.03 24.56
C4B CLA WC . -4.23 -63.90 23.24
CMB CLA WC . -4.41 -63.09 26.88
CAB CLA WC . -2.61 -64.87 24.94
CBB CLA WC . -1.72 -64.63 25.85
NC CLA WC . -5.20 -63.36 20.48
C1C CLA WC . -4.19 -64.25 20.84
C2C CLA WC . -3.54 -64.82 19.68
C3C CLA WC . -4.14 -64.28 18.57
C4C CLA WC . -5.15 -63.37 19.04
CMC CLA WC . -2.41 -65.81 19.70
CAC CLA WC . -3.86 -64.59 17.13
CBC CLA WC . -3.08 -63.50 16.42
ND CLA WC . -7.14 -61.63 20.09
C1D CLA WC . -6.85 -61.72 18.66
C2D CLA WC . -7.71 -60.86 17.94
C3D CLA WC . -8.57 -60.24 18.88
C4D CLA WC . -8.18 -60.73 20.11
CMD CLA WC . -7.70 -60.66 16.46
CAD CLA WC . -9.66 -59.30 19.08
OBD CLA WC . -10.23 -58.61 18.27
CBD CLA WC . -10.04 -59.30 20.53
CGD CLA WC . -10.12 -57.87 21.05
O1D CLA WC . -11.07 -57.42 21.64
O2D CLA WC . -9.04 -57.17 20.73
CED CLA WC . -9.07 -55.76 21.07
C1 CLA WC . -11.58 -56.63 24.79
C2 CLA WC . -10.55 -55.75 25.39
MG CLA XC . -1.08 -77.38 10.10
CHA CLA XC . 1.74 -78.02 8.28
CHB CLA XC . -0.39 -74.14 10.02
CHC CLA XC . -3.55 -76.91 12.44
CHD CLA XC . -1.45 -80.87 10.64
NA CLA XC . 0.30 -76.35 9.23
C1A CLA XC . 1.36 -76.72 8.41
C2A CLA XC . 2.05 -75.58 7.72
C3A CLA XC . 1.50 -74.37 8.45
C4A CLA XC . 0.40 -74.97 9.30
CMA CLA XC . 2.53 -73.60 9.27
CAA CLA XC . 1.66 -75.59 6.24
CBA CLA XC . 0.16 -75.68 5.95
CGA CLA XC . -0.37 -77.08 5.88
O1A CLA XC . 0.13 -77.97 5.25
O2A CLA XC . -1.48 -77.21 6.62
NB CLA XC . -1.82 -75.84 11.05
C1B CLA XC . -1.44 -74.46 10.86
C2B CLA XC . -2.27 -73.62 11.62
C3B CLA XC . -3.17 -74.44 12.31
C4B CLA XC . -2.91 -75.78 11.97
CMB CLA XC . -2.21 -72.12 11.66
CAB CLA XC . -4.26 -74.03 13.20
CBB CLA XC . -4.26 -73.09 14.10
NC CLA XC . -2.22 -78.56 11.21
C1C CLA XC . -3.22 -78.18 12.08
C2C CLA XC . -3.91 -79.31 12.66
C3C CLA XC . -3.32 -80.44 12.14
C4C CLA XC . -2.27 -80.00 11.27
CMC CLA XC . -5.06 -79.28 13.63
CAC CLA XC . -3.70 -81.87 12.41
CBC CLA XC . -4.47 -82.50 11.27
ND CLA XC . -0.15 -79.03 9.64
C1D CLA XC . -0.39 -80.46 9.86
C2D CLA XC . 0.57 -81.22 9.16
C3D CLA XC . 1.43 -80.30 8.50
C4D CLA XC . 0.97 -79.04 8.84
CMD CLA XC . 0.63 -82.71 9.10
CAD CLA XC . 2.54 -80.13 7.59
OBD CLA XC . 3.14 -80.98 6.95
CBD CLA XC . 2.89 -78.68 7.53
CGD CLA XC . 4.23 -78.50 8.23
O1D CLA XC . 4.53 -78.99 9.29
O2D CLA XC . 5.06 -77.76 7.51
CED CLA XC . 6.39 -77.59 8.05
C1 CLA XC . -2.09 -78.53 6.57
C2 CLA XC . -3.19 -78.62 7.58
C3 CLA XC . -3.97 -79.69 7.63
C4 CLA XC . -3.85 -80.86 6.71
C5 CLA XC . -5.06 -79.82 8.68
C6 CLA XC . -5.81 -78.52 8.98
C7 CLA XC . -6.91 -78.74 10.01
C8 CLA XC . -7.66 -77.50 10.53
C9 CLA XC . -8.67 -76.99 9.52
C10 CLA XC . -6.69 -76.41 10.96
MG CLA YC . -4.56 -74.35 -2.21
CHA CLA YC . -1.20 -74.85 -2.53
CHB CLA YC . -4.65 -73.22 -5.34
CHC CLA YC . -7.87 -73.67 -1.76
CHD CLA YC . -4.19 -74.31 1.32
NA CLA YC . -3.24 -74.18 -3.60
C1A CLA YC . -1.91 -74.55 -3.65
C2A CLA YC . -1.33 -74.52 -5.03
C3A CLA YC . -2.19 -73.44 -5.63
C4A CLA YC . -3.45 -73.60 -4.83
CMA CLA YC . -1.61 -72.04 -5.52
CAA CLA YC . -1.54 -75.89 -5.71
CBA CLA YC . -0.46 -76.23 -6.73
CGA CLA YC . -0.71 -77.54 -7.44
O1A CLA YC . -1.04 -77.64 -8.59
O2A CLA YC . -0.51 -78.57 -6.63
NB CLA YC . -5.99 -73.67 -3.34
C1B CLA YC . -5.89 -73.29 -4.73
C2B CLA YC . -7.16 -72.96 -5.24
C3B CLA YC . -8.08 -73.10 -4.18
C4B CLA YC . -7.38 -73.51 -3.04
CMB CLA YC . -7.48 -72.56 -6.65
CAB CLA YC . -9.52 -72.87 -4.21
CBB CLA YC . -10.48 -73.74 -4.00
NC CLA YC . -5.73 -74.10 -0.65
C1C CLA YC . -7.09 -73.89 -0.67
C2C CLA YC . -7.66 -73.82 0.66
C3C CLA YC . -6.63 -73.97 1.55
C4C CLA YC . -5.43 -74.14 0.77
CMC CLA YC . -9.11 -73.61 1.00
CAC CLA YC . -6.72 -73.96 3.05
CBC CLA YC . -6.78 -72.57 3.62
ND CLA YC . -3.15 -74.53 -0.90
C1D CLA YC . -3.05 -74.51 0.55
C2D CLA YC . -1.73 -74.73 0.96
C3D CLA YC . -0.96 -74.93 -0.21
C4D CLA YC . -1.84 -74.79 -1.27
CMD CLA YC . -1.22 -74.72 2.37
CAD CLA YC . 0.35 -75.24 -0.77
OBD CLA YC . 1.39 -75.49 -0.19
CBD CLA YC . 0.25 -75.20 -2.27
CGD CLA YC . 1.25 -74.19 -2.83
O1D CLA YC . 2.12 -74.43 -3.61
O2D CLA YC . 1.03 -72.98 -2.31
CED CLA YC . 1.94 -71.94 -2.73
MG CLA ZC . 1.75 -64.10 10.78
CHA CLA ZC . 4.07 -62.69 8.71
CHB CLA ZC . 3.24 -62.69 13.39
CHC CLA ZC . -0.28 -65.97 12.83
CHD CLA ZC . 0.70 -66.18 8.09
NA CLA ZC . 3.24 -62.87 10.96
C1A CLA ZC . 4.04 -62.29 10.00
C2A CLA ZC . 4.92 -61.18 10.52
C3A CLA ZC . 4.82 -61.38 12.02
C4A CLA ZC . 3.70 -62.38 12.15
CMA CLA ZC . 6.11 -61.88 12.67
CAA CLA ZC . 4.27 -59.85 10.06
CBA CLA ZC . 5.18 -58.64 10.17
CGA CLA ZC . 4.66 -57.46 9.41
O1A CLA ZC . 4.72 -57.33 8.21
O2A CLA ZC . 4.11 -56.55 10.22
NB CLA ZC . 1.51 -64.29 12.72
C1B CLA ZC . 2.22 -63.56 13.74
C2B CLA ZC . 1.75 -63.91 15.02
C3B CLA ZC . 0.73 -64.85 14.83
C4B CLA ZC . 0.59 -65.08 13.45
CMB CLA ZC . 2.21 -63.35 16.33
CAB CLA ZC . -0.09 -65.49 15.86
CBB CLA ZC . -0.47 -66.73 15.97
NC CLA ZC . 0.52 -65.63 10.53
C1C CLA ZC . -0.27 -66.23 11.50
C2C CLA ZC . -1.09 -67.29 10.96
C3C CLA ZC . -0.83 -67.37 9.62
C4C CLA ZC . 0.16 -66.37 9.33
CMC CLA ZC . -2.05 -68.15 11.72
CAC CLA ZC . -1.45 -68.30 8.63
CBC CLA ZC . -0.76 -69.65 8.59
ND CLA ZC . 2.21 -64.42 8.92
C1D CLA ZC . 1.70 -65.27 7.84
C2D CLA ZC . 2.38 -64.98 6.64
C3D CLA ZC . 3.32 -63.97 6.92
C4D CLA ZC . 3.17 -63.68 8.27
CMD CLA ZC . 2.12 -65.62 5.31
CAD CLA ZC . 4.38 -63.12 6.40
OBD CLA ZC . 4.83 -63.06 5.26
CBD CLA ZC . 4.90 -62.24 7.51
CGD CLA ZC . 6.40 -62.44 7.72
O1D CLA ZC . 7.23 -61.60 7.55
O2D CLA ZC . 6.66 -63.68 8.12
CED CLA ZC . 8.05 -63.98 8.42
C1 CLA ZC . 3.51 -55.38 9.61
C2 CLA ZC . 2.02 -55.50 9.71
C3 CLA ZC . 1.25 -55.97 8.72
C4 CLA ZC . 1.77 -56.41 7.39
C5 CLA ZC . -0.24 -56.09 8.91
C6 CLA ZC . -0.63 -57.23 9.85
C7 CLA ZC . -1.22 -56.75 11.17
C8 CLA ZC . -2.72 -56.51 11.21
C9 CLA ZC . -3.21 -55.72 10.01
C10 CLA ZC . -3.12 -55.84 12.54
C11 CLA ZC . -4.57 -55.42 12.68
C12 CLA ZC . -4.82 -53.97 12.31
C13 CLA ZC . -6.27 -53.49 12.43
C14 CLA ZC . -6.45 -52.09 11.84
C15 CLA ZC . -6.74 -53.55 13.89
MG CLA AD . -10.26 -61.79 13.37
CHA CLA AD . -11.91 -61.59 16.35
CHB CLA AD . -12.74 -60.15 11.88
CHC CLA AD . -8.61 -62.19 10.40
CHD CLA AD . -8.30 -64.45 14.66
NA CLA AD . -11.94 -61.04 14.01
C1A CLA AD . -12.50 -60.99 15.29
C2A CLA AD . -13.79 -60.20 15.36
C3A CLA AD . -14.15 -60.05 13.90
C4A CLA AD . -12.87 -60.44 13.20
CMA CLA AD . -15.32 -60.92 13.45
CAA CLA AD . -13.50 -58.85 16.05
CBA CLA AD . -12.43 -58.00 15.38
CGA CLA AD . -12.49 -56.55 15.77
O1A CLA AD . -12.53 -55.64 14.98
O2A CLA AD . -12.41 -56.39 17.08
NB CLA AD . -10.57 -61.23 11.53
C1B CLA AD . -11.66 -60.41 11.06
C2B CLA AD . -11.47 -60.07 9.71
C3B CLA AD . -10.28 -60.66 9.30
C4B CLA AD . -9.74 -61.38 10.38
CMB CLA AD . -12.37 -59.21 8.88
CAB CLA AD . -9.65 -60.57 7.98
CBB CLA AD . -8.50 -60.04 7.68
NC CLA AD . -8.83 -62.98 12.71
C1C CLA AD . -8.24 -62.95 11.47
C2C CLA AD . -7.16 -63.91 11.35
C3C CLA AD . -7.07 -64.57 12.55
C4C CLA AD . -8.10 -64.02 13.39
CMC CLA AD . -6.29 -64.16 10.14
CAC CLA AD . -6.07 -65.62 12.96
CBC CLA AD . -6.68 -67.00 13.04
ND CLA AD . -10.09 -62.81 15.02
C1D CLA AD . -9.27 -63.90 15.50
C2D CLA AD . -9.58 -64.19 16.83
C3D CLA AD . -10.59 -63.27 17.24
C4D CLA AD . -10.84 -62.48 16.13
CMD CLA AD . -8.97 -65.28 17.66
CAD CLA AD . -11.48 -62.85 18.30
OBD CLA AD . -11.68 -63.36 19.38
CBD CLA AD . -12.22 -61.63 17.85
CGD CLA AD . -13.69 -61.73 18.20
O1D CLA AD . -14.26 -61.03 18.99
O2D CLA AD . -14.27 -62.72 17.53
CED CLA AD . -15.66 -62.94 17.83
C1 CLA AD . -11.71 -55.19 17.50
C2 CLA AD . -10.28 -55.48 17.25
C3 CLA AD . -9.32 -54.59 17.04
C4 CLA AD . -9.56 -53.10 17.00
C5 CLA AD . -7.89 -55.02 16.83
C6 CLA AD . -7.35 -55.85 17.98
C7 CLA AD . -6.05 -56.58 17.66
C8 CLA AD . -5.61 -57.59 18.73
C9 CLA AD . -5.43 -56.93 20.09
C10 CLA AD . -4.34 -58.33 18.28
C11 CLA AD . -3.65 -59.13 19.38
C12 CLA AD . -2.59 -60.10 18.86
C13 CLA AD . -1.62 -60.65 19.90
C14 CLA AD . -0.51 -61.45 19.25
C15 CLA AD . -2.34 -61.47 20.97
C16 CLA AD . -1.97 -61.16 22.42
C17 CLA AD . -2.72 -59.99 23.01
C18 CLA AD . -2.68 -59.87 24.53
C19 CLA AD . -1.26 -59.76 25.05
C20 CLA AD . -3.53 -58.73 25.04
MG CLA BD . -17.32 -77.35 18.96
CHA CLA BD . -20.44 -76.03 18.44
CHB CLA BD . -18.42 -78.81 21.72
CHC CLA BD . -14.08 -78.22 19.67
CHD CLA BD . -16.03 -75.15 16.49
NA CLA BD . -19.06 -77.47 19.78
C1A CLA BD . -20.31 -76.98 19.40
C2A CLA BD . -21.45 -77.55 20.18
C3A CLA BD . -20.74 -78.03 21.42
C4A CLA BD . -19.31 -78.12 20.97
CMA CLA BD . -20.92 -77.12 22.63
CAA CLA BD . -22.15 -78.66 19.39
CBA CLA BD . -21.28 -79.74 18.76
CGA CLA BD . -20.72 -80.74 19.73
O1A CLA BD . -21.28 -81.12 20.73
O2A CLA BD . -19.50 -81.14 19.37
NB CLA BD . -16.42 -78.36 20.37
C1B CLA BD . -17.07 -78.99 21.49
C2B CLA BD . -16.14 -79.73 22.24
C3B CLA BD . -14.89 -79.54 21.64
C4B CLA BD . -15.06 -78.71 20.53
CMB CLA BD . -16.43 -80.57 23.45
CAB CLA BD . -13.61 -80.14 22.05
CBB CLA BD . -13.18 -80.38 23.25
NC CLA BD . -15.54 -76.87 18.24
C1C CLA BD . -14.31 -77.36 18.64
C2C CLA BD . -13.22 -76.83 17.82
C3C CLA BD . -13.78 -76.00 16.90
C4C CLA BD . -15.19 -75.98 17.16
CMC CLA BD . -11.75 -77.11 17.95
CAC CLA BD . -13.10 -75.27 15.78
CBC CLA BD . -13.31 -75.92 14.44
ND CLA BD . -17.97 -75.94 17.78
C1D CLA BD . -17.39 -75.07 16.77
C2D CLA BD . -18.38 -74.26 16.20
C3D CLA BD . -19.60 -74.59 16.81
C4D CLA BD . -19.30 -75.59 17.74
CMD CLA BD . -18.16 -73.23 15.13
CAD CLA BD . -21.03 -74.31 16.91
OBD CLA BD . -21.68 -73.47 16.32
CBD CLA BD . -21.64 -75.27 17.89
CGD CLA BD . -22.41 -74.49 18.96
O1D CLA BD . -22.06 -73.44 19.42
O2D CLA BD . -23.52 -75.14 19.31
CED CLA BD . -24.31 -74.52 20.36
C1 CLA BD . -18.67 -81.72 20.42
C2 CLA BD . -18.61 -83.20 20.35
C3 CLA BD . -17.51 -83.92 20.11
C4 CLA BD . -17.50 -85.42 20.06
C5 CLA BD . -16.17 -83.25 19.86
C6 CLA BD . -15.11 -84.17 19.29
C7 CLA BD . -13.84 -83.41 18.91
C8 CLA BD . -12.96 -83.90 17.75
C9 CLA BD . -13.79 -84.29 16.53
C10 CLA BD . -12.02 -85.04 18.18
C11 CLA BD . -10.91 -85.37 17.19
C12 CLA BD . -10.08 -84.16 16.77
C13 CLA BD . -8.76 -84.45 16.03
C14 CLA BD . -7.64 -84.82 17.00
C15 CLA BD . -8.36 -83.27 15.14
MG CLA CD . -11.34 -81.78 35.41
CHA CLA CD . -13.87 -81.82 33.13
CHB CLA CD . -13.50 -82.64 37.79
CHC CLA CD . -8.82 -81.36 37.70
CHD CLA CD . -9.32 -80.00 33.09
NA CLA CD . -13.23 -82.22 35.40
C1A CLA CD . -14.15 -82.29 34.37
C2A CLA CD . -15.46 -82.92 34.74
C3A CLA CD . -15.40 -82.91 36.25
C4A CLA CD . -13.95 -82.57 36.52
CMA CLA CD . -16.36 -81.93 36.91
CAA CLA CD . -15.51 -84.34 34.16
CBA CLA CD . -14.25 -85.17 34.36
CGA CLA CD . -14.44 -86.62 33.99
O1A CLA CD . -14.84 -87.46 34.74
O2A CLA CD . -14.10 -86.84 32.72
NB CLA CD . -11.18 -81.96 37.36
C1B CLA CD . -12.22 -82.38 38.26
C2B CLA CD . -11.72 -82.45 39.58
C3B CLA CD . -10.37 -82.08 39.53
C4B CLA CD . -10.05 -81.78 38.19
CMB CLA CD . -12.47 -82.89 40.80
CAB CLA CD . -9.43 -81.99 40.65
CBB CLA CD . -9.07 -82.94 41.46
NC CLA CD . -9.55 -80.95 35.39
C1C CLA CD . -8.62 -80.95 36.42
C2C CLA CD . -7.37 -80.34 36.03
C3C CLA CD . -7.51 -79.92 34.74
C4C CLA CD . -8.84 -80.28 34.33
CMC CLA CD . -6.14 -80.21 36.89
CAC CLA CD . -6.50 -79.19 33.90
CBC CLA CD . -5.69 -80.14 33.03
ND CLA CD . -11.49 -81.07 33.61
C1D CLA CD . -10.61 -80.35 32.69
C2D CLA CD . -11.25 -80.15 31.47
C3D CLA CD . -12.55 -80.72 31.56
C4D CLA CD . -12.62 -81.24 32.86
CMD CLA CD . -10.67 -79.46 30.27
CAD CLA CD . -13.81 -80.98 30.90
OBD CLA CD . -14.17 -80.66 29.79
CBD CLA CD . -14.71 -81.75 31.85
CGD CLA CD . -16.06 -81.08 32.01
O1D CLA CD . -16.32 -80.25 32.84
O2D CLA CD . -16.93 -81.52 31.09
CED CLA CD . -18.25 -80.96 31.15
NB KC2 DD . -9.21 -83.64 24.42
ND KC2 DD . -10.45 -83.91 28.12
C1A KC2 DD . -13.02 -84.12 26.18
C1B KC2 DD . -9.94 -83.68 23.19
C1C KC2 DD . -6.87 -83.36 26.23
C1D KC2 DD . -9.83 -83.86 29.35
C2A KC2 DD . -14.10 -84.16 25.24
C2B KC2 DD . -9.01 -83.53 22.06
C2C KC2 DD . -5.75 -83.23 27.09
C2D KC2 DD . -10.78 -84.04 30.35
C3A KC2 DD . -13.56 -84.05 23.98
C3B KC2 DD . -7.75 -83.39 22.57
C3C KC2 DD . -6.23 -83.32 28.38
C3D KC2 DD . -12.06 -84.22 29.70
C4A KC2 DD . -12.15 -83.93 24.14
C4B KC2 DD . -7.85 -83.45 24.01
C4C KC2 DD . -7.65 -83.52 28.33
C4D KC2 DD . -11.79 -84.12 28.31
CAA KC2 DD . -15.50 -84.28 25.58
CAB KC2 DD . -6.50 -83.22 21.85
CAC KC2 DD . -5.40 -83.22 29.58
CAD KC2 DD . -13.45 -84.53 29.92
CBA KC2 DD . -16.41 -85.04 24.97
CBB KC2 DD . -6.06 -83.87 20.80
CBC KC2 DD . -5.36 -84.08 30.58
CBD KC2 DD . -14.13 -84.44 28.57
CED KC2 DD . -14.91 -88.06 28.68
CGA KC2 DD . -17.84 -85.14 25.34
CGD KC2 DD . -14.92 -85.73 28.36
CHA KC2 DD . -12.99 -84.22 27.56
CHB KC2 DD . -11.28 -83.82 23.05
CHC KC2 DD . -6.76 -83.32 24.83
CHD KC2 DD . -8.46 -83.65 29.44
CMA KC2 DD . -14.29 -84.06 22.67
CMB KC2 DD . -9.43 -83.55 20.62
CMC KC2 DD . -4.33 -83.04 26.66
CMD KC2 DD . -10.56 -84.05 31.83
NA KC2 DD . -11.83 -83.97 25.48
NC KC2 DD . -8.03 -83.54 26.96
O1A KC2 DD . -18.41 -84.23 25.92
O1D KC2 DD . -16.04 -85.78 27.90
O2A KC2 DD . -18.43 -86.25 25.00
O2D KC2 DD . -14.23 -86.79 28.78
OBD KC2 DD . -14.01 -84.85 30.98
MG KC2 DD . -9.96 -83.85 26.33
MG CLA ED . 5.19 -74.99 31.28
CHA CLA ED . 8.49 -75.85 31.53
CHB CLA ED . 4.40 -78.19 31.54
CHC CLA ED . 1.96 -74.10 30.65
CHD CLA ED . 6.17 -71.78 30.11
NA CLA ED . 6.23 -76.58 31.61
C1A CLA ED . 7.58 -76.77 31.88
C2A CLA ED . 7.86 -78.11 32.50
C3A CLA ED . 6.73 -78.93 31.93
C4A CLA ED . 5.70 -77.85 31.68
CMA CLA ED . 7.09 -79.73 30.68
CAA CLA ED . 7.72 -77.94 34.02
CBA CLA ED . 8.72 -76.99 34.68
CGA CLA ED . 8.63 -76.98 36.17
O1A CLA ED . 8.31 -77.93 36.84
O2A CLA ED . 8.98 -75.80 36.68
NB CLA ED . 3.51 -75.94 31.14
C1B CLA ED . 3.32 -77.36 31.32
C2B CLA ED . 1.95 -77.69 31.23
C3B CLA ED . 1.25 -76.50 30.99
C4B CLA ED . 2.19 -75.45 30.92
CMB CLA ED . 1.36 -79.06 31.39
CAB CLA ED . -0.20 -76.34 30.85
CBB CLA ED . -0.87 -75.59 30.03
NC CLA ED . 4.30 -73.37 30.60
C1C CLA ED . 2.93 -73.18 30.48
C2C CLA ED . 2.62 -71.83 30.06
C3C CLA ED . 3.79 -71.15 29.90
C4C CLA ED . 4.85 -72.09 30.21
CMC CLA ED . 1.25 -71.27 29.83
CAC CLA ED . 3.97 -69.71 29.53
CBC CLA ED . 3.84 -69.45 28.05
ND CLA ED . 6.83 -74.03 30.88
C1D CLA ED . 7.17 -72.68 30.42
C2D CLA ED . 8.57 -72.52 30.37
C3D CLA ED . 9.14 -73.74 30.80
C4D CLA ED . 8.08 -74.58 31.08
CMD CLA ED . 9.30 -71.28 29.98
CAD CLA ED . 10.37 -74.47 31.06
OBD CLA ED . 11.53 -74.11 30.92
CBD CLA ED . 10.02 -75.84 31.56
CGD CLA ED . 10.66 -76.88 30.63
O1D CLA ED . 10.87 -76.72 29.46
O2D CLA ED . 10.96 -77.99 31.30
CED CLA ED . 11.57 -79.05 30.52
C1 CLA ED . 9.06 -75.72 38.13
C2 CLA ED . 7.80 -75.19 38.69
C3 CLA ED . 7.65 -73.96 39.18
C4 CLA ED . 6.34 -73.46 39.74
C5 CLA ED . 8.80 -72.97 39.21
C6 CLA ED . 8.40 -71.51 39.37
C7 CLA ED . 8.48 -71.01 40.80
C8 CLA ED . 7.98 -69.57 41.02
C9 CLA ED . 8.53 -68.99 42.32
C10 CLA ED . 6.46 -69.46 40.95
C11 CLA ED . 5.66 -70.23 42.00
C12 CLA ED . 4.16 -69.97 41.90
C13 CLA ED . 3.26 -71.13 42.31
C14 CLA ED . 3.32 -72.28 41.32
C15 CLA ED . 1.83 -70.66 42.55
MG CLA FD . 6.52 -64.94 24.54
CHA CLA FD . 8.53 -65.28 21.80
CHB CLA FD . 8.72 -66.66 26.35
CHC CLA FD . 4.25 -64.92 27.12
CHD CLA FD . 3.88 -63.85 22.42
NA CLA FD . 8.27 -65.70 24.15
C1A CLA FD . 9.02 -65.70 22.98
C2A CLA FD . 10.43 -66.19 23.16
C3A CLA FD . 10.40 -66.78 24.55
C4A CLA FD . 9.04 -66.37 25.07
CMA CLA FD . 10.59 -68.30 24.58
CAA CLA FD . 11.37 -64.97 23.05
CBA CLA FD . 10.90 -63.70 23.75
CGA CLA FD . 11.86 -62.55 23.57
O1A CLA FD . 12.80 -62.56 22.84
O2A CLA FD . 11.51 -61.52 24.33
NB CLA FD . 6.48 -65.65 26.36
C1B CLA FD . 7.54 -66.37 27.02
C2B CLA FD . 7.17 -66.66 28.35
C3B CLA FD . 5.90 -66.13 28.55
C4B CLA FD . 5.47 -65.53 27.36
CMB CLA FD . 8.01 -67.41 29.36
CAB CLA FD . 5.11 -66.17 29.78
CBB CLA FD . 4.61 -65.15 30.43
NC CLA FD . 4.61 -64.47 24.72
C1C CLA FD . 3.86 -64.46 25.89
C2C CLA FD . 2.52 -63.96 25.68
C3C CLA FD . 2.41 -63.68 24.35
C4C CLA FD . 3.67 -63.99 23.74
CMC CLA FD . 1.46 -63.79 26.73
CAC CLA FD . 1.20 -63.14 23.62
CBC CLA FD . 0.51 -64.18 22.77
ND CLA FD . 6.22 -64.64 22.64
C1D CLA FD . 5.10 -64.17 21.82
C2D CLA FD . 5.50 -64.08 20.48
C3D CLA FD . 6.84 -64.49 20.41
C4D CLA FD . 7.21 -64.81 21.71
CMD CLA FD . 4.63 -63.63 19.33
CAD CLA FD . 8.01 -64.69 19.56
OBD CLA FD . 8.12 -64.52 18.36
CBD CLA FD . 9.15 -65.19 20.40
CGD CLA FD . 9.63 -66.52 19.85
O1D CLA FD . 9.30 -67.60 20.27
O2D CLA FD . 10.47 -66.34 18.83
CED CLA FD . 11.00 -67.54 18.22
C DD6 GD . -8.59 -80.32 18.02
C1 DD6 GD . -9.71 -80.37 19.02
C10 DD6 GD . -3.12 -79.87 25.99
C11 DD6 GD . -2.38 -79.98 27.13
C12 DD6 GD . -2.99 -80.08 28.50
C13 DD6 GD . -0.94 -80.08 27.00
C14 DD6 GD . -0.01 -80.25 27.92
C15 DD6 GD . 1.47 -80.34 27.63
C16 DD6 GD . 2.13 -81.64 27.97
C17 DD6 GD . 3.59 -81.37 28.38
C18 DD6 GD . 4.34 -80.42 27.48
C19 DD6 GD . 3.74 -79.03 27.57
C2 DD6 GD . -9.50 -80.30 20.36
C20 DD6 GD . 2.23 -79.05 27.42
C21 DD6 GD . 1.58 -77.68 27.49
C22 DD6 GD . 2.12 -82.55 26.74
C23 DD6 GD . 1.42 -82.39 29.11
C24 DD6 GD . -11.07 -80.46 18.52
C25 DD6 GD . -11.43 -80.47 17.23
C26 DD6 GD . -12.79 -80.57 16.80
C27 DD6 GD . -13.24 -80.58 15.52
C28 DD6 GD . -12.38 -80.45 14.30
C29 DD6 GD . -14.65 -80.73 15.32
C3 DD6 GD . -8.25 -80.20 21.03
C30 DD6 GD . -15.84 -80.79 15.21
C31 DD6 GD . -17.26 -80.77 15.05
C32 DD6 GD . -17.97 -79.45 15.31
C33 DD6 GD . -19.27 -79.44 14.48
C34 DD6 GD . -20.17 -80.66 14.64
C35 DD6 GD . -19.43 -81.93 15.01
C36 DD6 GD . -17.96 -81.85 14.69
C37 DD6 GD . -17.40 -83.04 13.98
C4 DD6 GD . -8.10 -80.08 22.37
C40 DD6 GD . -17.11 -78.27 14.86
C41 DD6 GD . -18.27 -79.30 16.80
C5 DD6 GD . -6.81 -79.98 22.96
C6 DD6 GD . -6.48 -79.86 24.27
C7 DD6 GD . -7.50 -79.78 25.37
C8 DD6 GD . -5.09 -79.85 24.63
C9 DD6 GD . -4.54 -79.86 25.84
O1 DD6 GD . 1.79 -79.88 26.31
O2 DD6 GD . 5.71 -80.36 27.87
O4 DD6 GD . -21.15 -80.38 15.64
C DD6 HD . -5.49 -67.95 19.70
C1 DD6 HD . -4.35 -68.74 20.29
C10 DD6 HD . -6.22 -65.59 29.31
C11 DD6 HD . -6.41 -65.64 30.65
C12 DD6 HD . -5.77 -66.67 31.55
C13 DD6 HD . -7.28 -64.65 31.27
C14 DD6 HD . -7.67 -64.57 32.54
C15 DD6 HD . -8.58 -63.51 33.11
C16 DD6 HD . -7.96 -62.54 34.07
C17 DD6 HD . -8.98 -62.18 35.17
C18 DD6 HD . -10.36 -61.82 34.65
C19 DD6 HD . -11.01 -63.04 34.02
C2 DD6 HD . -4.02 -68.69 21.61
C20 DD6 HD . -10.07 -63.80 33.11
C21 DD6 HD . -10.64 -65.07 32.54
C22 DD6 HD . -7.54 -61.26 33.32
C23 DD6 HD . -6.70 -63.11 34.73
C24 DD6 HD . -3.51 -69.50 19.39
C25 DD6 HD . -3.45 -69.40 18.05
C26 DD6 HD . -2.58 -70.18 17.25
C27 DD6 HD . -2.41 -70.11 15.91
C28 DD6 HD . -3.17 -69.17 15.01
C29 DD6 HD . -1.40 -70.92 15.31
C3 DD6 HD . -4.63 -67.91 22.63
C30 DD6 HD . -0.47 -71.53 14.84
C31 DD6 HD . 0.68 -72.14 14.29
C32 DD6 HD . 1.80 -71.23 13.80
C33 DD6 HD . 2.66 -71.99 12.79
C34 DD6 HD . 3.03 -73.38 13.25
C35 DD6 HD . 1.76 -74.20 13.39
C36 DD6 HD . 0.73 -73.49 14.25
C37 DD6 HD . -0.18 -74.40 15.01
C4 DD6 HD . -4.21 -67.92 23.92
C40 DD6 HD . 2.68 -70.78 14.98
C41 DD6 HD . 1.23 -69.99 13.11
C5 DD6 HD . -4.81 -67.14 24.95
C6 DD6 HD . -4.56 -67.18 26.28
C7 DD6 HD . -3.53 -68.10 26.88
C8 DD6 HD . -5.34 -66.36 27.18
C9 DD6 HD . -5.40 -66.45 28.51
O1 DD6 HD . -9.43 -62.93 32.13
O2 DD6 HD . -11.17 -61.34 35.72
O4 DD6 HD . 3.89 -74.00 12.28
C DD6 ID . 0.62 -74.16 34.03
C1 DD6 ID . -0.11 -72.85 34.09
C10 DD6 ID . 8.20 -67.93 32.82
C11 DD6 ID . 9.09 -66.94 32.57
C12 DD6 ID . 8.74 -65.48 32.68
C13 DD6 ID . 10.41 -67.29 32.08
C14 DD6 ID . 11.29 -66.50 31.48
C15 DD6 ID . 12.65 -66.87 30.97
C16 DD6 ID . 12.76 -67.83 29.85
C17 DD6 ID . 14.16 -67.72 29.20
C18 DD6 ID . 15.36 -67.68 30.13
C19 DD6 ID . 14.97 -67.76 31.60
C2 DD6 ID . 0.54 -71.65 34.03
C20 DD6 ID . 13.80 -66.88 31.94
C21 DD6 ID . 13.67 -66.43 33.38
C22 DD6 ID . 11.71 -67.47 28.79
C23 DD6 ID . 12.51 -69.29 30.26
C24 DD6 ID . -1.56 -72.86 34.16
C25 DD6 ID . -2.34 -73.95 34.24
C26 DD6 ID . -3.76 -73.89 34.31
C27 DD6 ID . -4.62 -74.93 34.34
C28 DD6 ID . -4.21 -76.38 34.33
C29 DD6 ID . -6.02 -74.66 34.36
C3 DD6 ID . 1.94 -71.42 33.88
C30 DD6 ID . -7.22 -74.48 34.31
C31 DD6 ID . -8.60 -74.21 34.15
C32 DD6 ID . -9.34 -74.92 33.03
C33 DD6 ID . -10.77 -74.37 32.92
C34 DD6 ID . -11.41 -74.11 34.27
C35 DD6 ID . -10.63 -73.03 34.98
C36 DD6 ID . -9.16 -73.34 35.02
C37 DD6 ID . -8.40 -72.60 36.09
C4 DD6 ID . 2.51 -70.19 33.86
C40 DD6 ID . -9.42 -76.43 33.31
C41 DD6 ID . -8.62 -74.71 31.69
C5 DD6 ID . 3.91 -69.99 33.69
C6 DD6 ID . 4.59 -68.82 33.66
C7 DD6 ID . 3.94 -67.49 33.87
C8 DD6 ID . 6.01 -68.84 33.34
C9 DD6 ID . 6.81 -67.79 33.17
O1 DD6 ID . 13.61 -65.82 30.96
O2 DD6 ID . 16.22 -68.78 29.82
O4 DD6 ID . -12.77 -73.68 34.08
C7 UIX JD . -9.51 -70.40 12.57
C8 UIX JD . -12.35 -72.16 12.86
C9 UIX JD . -10.72 -72.05 14.71
O1 UIX JD . -14.89 -69.67 14.40
C1 UIX JD . -11.69 -68.99 12.58
C5 UIX JD . -13.49 -69.41 14.26
C6 UIX JD . -11.09 -68.16 11.45
C4 UIX JD . -12.71 -70.61 14.80
O4 UIX JD . 4.65 -83.21 -6.67
C3 UIX JD . -13.18 -69.08 12.79
O3 UIX JD . 1.78 -78.61 -5.12
C2 UIX JD . -11.68 -71.23 13.86
C UIX JD . -10.88 -70.15 13.14
O UIX JD . -10.96 -68.88 13.80
C10 UIX JD . -9.27 -71.43 11.75
C11 UIX JD . -7.96 -71.73 11.15
C12 UIX JD . -6.71 -70.93 11.44
C13 UIX JD . -7.90 -72.77 10.30
C14 UIX JD . -6.67 -73.14 9.61
C15 UIX JD . 1.72 -81.33 -3.23
C16 UIX JD . 2.59 -79.01 -4.00
C17 UIX JD . 2.03 -81.62 -4.70
C18 UIX JD . 3.43 -81.17 -5.10
C19 UIX JD . 3.79 -79.82 -4.50
C20 UIX JD . 1.77 -79.84 -3.05
C21 UIX JD . 2.73 -81.99 -2.29
C22 UIX JD . 0.33 -81.84 -2.90
C23 UIX JD . -6.72 -74.12 8.71
C24 UIX JD . 3.11 -77.77 -3.29
C25 UIX JD . 1.15 -79.31 -2.09
C26 UIX JD . -5.57 -74.54 7.89
C27 UIX JD . 4.43 -83.32 -5.48
C28 UIX JD . 0.60 -78.74 -1.12
O2 UIX JD . 4.41 -82.12 -4.66
C29 UIX JD . -4.18 -74.01 8.11
C30 UIX JD . -5.80 -75.40 6.87
C31 UIX JD . 4.19 -84.65 -4.82
C32 UIX JD . -0.84 -78.85 -0.79
C33 UIX JD . -1.79 -79.57 -1.69
C34 UIX JD . -4.74 -75.82 5.96
C35 UIX JD . -1.20 -78.30 0.38
C36 UIX JD . -2.54 -78.31 0.95
C37 UIX JD . -5.00 -76.58 4.91
C38 UIX JD . -2.68 -77.72 2.13
C39 UIX JD . -3.88 -76.89 4.02
C40 UIX JD . -3.95 -77.58 2.86
C41 UIX JD . -5.23 -78.16 2.32
C DD6 KD . -0.55 -68.13 23.28
C1 DD6 KD . 0.82 -67.68 23.70
C10 DD6 KD . -1.25 -67.53 33.32
C11 DD6 KD . -1.08 -67.28 34.64
C12 DD6 KD . 0.15 -66.61 35.19
C13 DD6 KD . -2.11 -67.67 35.59
C14 DD6 KD . -3.29 -68.24 35.42
C15 DD6 KD . -4.24 -68.57 36.54
C16 DD6 KD . -4.19 -69.96 37.08
C17 DD6 KD . -5.59 -70.40 37.52
C18 DD6 KD . -6.31 -69.39 38.40
C19 DD6 KD . -6.63 -68.14 37.60
C2 DD6 KD . 1.16 -67.50 25.00
C20 DD6 KD . -5.45 -67.67 36.76
C21 DD6 KD . -5.74 -66.47 35.89
C22 DD6 KD . -3.25 -70.00 38.29
C23 DD6 KD . -3.65 -70.96 36.05
C24 DD6 KD . 1.81 -67.45 22.67
C25 DD6 KD . 1.67 -67.61 21.35
C26 DD6 KD . 2.71 -67.37 20.41
C27 DD6 KD . 2.66 -67.52 19.06
C28 DD6 KD . 1.43 -67.94 18.31
C29 DD6 KD . 3.83 -67.30 18.29
C3 DD6 KD . 0.36 -67.70 26.16
C30 DD6 KD . 4.76 -67.20 17.54
C31 DD6 KD . 5.79 -67.12 16.54
C32 DD6 KD . 5.55 -66.19 15.35
C33 DD6 KD . 6.63 -66.52 14.30
C34 DD6 KD . 8.05 -66.47 14.84
C35 DD6 KD . 8.22 -67.27 16.12
C36 DD6 KD . 6.92 -67.83 16.63
C37 DD6 KD . 7.01 -69.22 17.21
C4 DD6 KD . 0.80 -67.40 27.40
C40 DD6 KD . 5.67 -64.73 15.77
C41 DD6 KD . 4.16 -66.43 14.74
C5 DD6 KD . 0.02 -67.58 28.60
C6 DD6 KD . 0.34 -67.20 29.86
C7 DD6 KD . 1.62 -66.44 30.17
C8 DD6 KD . -0.55 -67.50 30.96
C9 DD6 KD . -0.35 -67.21 32.25
O1 DD6 KD . -4.23 -67.56 37.55
O2 DD6 KD . -7.53 -69.96 38.88
O4 DD6 KD . 8.94 -66.99 13.84
MG CLA LD . -30.04 4.90 -55.56
CHA CLA LD . -33.32 4.49 -54.75
CHB CLA LD . -29.89 7.54 -53.57
CHC CLA LD . -26.91 5.56 -56.83
CHD CLA LD . -30.46 2.58 -58.22
NA CLA LD . -31.31 5.73 -54.36
C1A CLA LD . -32.62 5.40 -54.04
C2A CLA LD . -33.18 6.14 -52.86
C3A CLA LD . -32.18 7.26 -52.71
C4A CLA LD . -31.05 6.84 -53.60
CMA CLA LD . -32.74 8.63 -53.09
CAA CLA LD . -33.24 5.19 -51.66
CBA CLA LD . -31.96 4.39 -51.34
CGA CLA LD . -30.93 5.18 -50.59
O1A CLA LD . -31.01 5.52 -49.45
O2A CLA LD . -29.88 5.45 -51.38
NB CLA LD . -28.66 6.25 -55.25
C1B CLA LD . -28.74 7.32 -54.30
C2B CLA LD . -27.52 8.06 -54.29
C3B CLA LD . -26.68 7.47 -55.24
C4B CLA LD . -27.36 6.39 -55.82
CMB CLA LD . -27.20 9.23 -53.41
CAB CLA LD . -25.33 7.88 -55.60
CBB CLA LD . -24.32 8.13 -54.82
NC CLA LD . -28.96 4.22 -57.08
C1C CLA LD . -27.65 4.58 -57.41
C2C CLA LD . -27.15 3.81 -58.55
C3C CLA LD . -28.14 2.95 -58.92
C4C CLA LD . -29.27 3.20 -58.05
CMC CLA LD . -25.80 3.91 -59.20
CAC CLA LD . -28.11 1.91 -60.00
CBC CLA LD . -27.83 0.52 -59.47
ND CLA LD . -31.45 3.82 -56.35
C1D CLA LD . -31.56 2.86 -57.44
C2D CLA LD . -32.86 2.33 -57.50
C3D CLA LD . -33.60 2.92 -56.45
C4D CLA LD . -32.73 3.79 -55.81
CMD CLA LD . -33.36 1.33 -58.48
CAD CLA LD . -34.88 3.00 -55.76
OBD CLA LD . -35.92 2.41 -56.00
CBD CLA LD . -34.77 3.98 -54.63
CGD CLA LD . -35.80 5.09 -54.78
O1D CLA LD . -36.03 5.69 -55.80
O2D CLA LD . -36.45 5.31 -53.64
CED CLA LD . -37.49 6.30 -53.67
C1 CLA LD . -28.80 6.22 -50.78
C2 CLA LD . -27.55 5.86 -51.49
C3 CLA LD . -26.36 6.13 -50.99
C4 CLA LD . -26.13 6.86 -49.70
C5 CLA LD . -25.10 5.67 -51.70
C6 CLA LD . -24.20 4.84 -50.81
C7 CLA LD . -23.22 3.97 -51.60
C8 CLA LD . -22.32 3.06 -50.77
C9 CLA LD . -21.74 3.77 -49.55
C10 CLA LD . -21.22 2.45 -51.63
C11 CLA LD . -21.67 1.30 -52.53
C12 CLA LD . -21.09 1.37 -53.94
C13 CLA LD . -21.54 0.24 -54.87
C14 CLA LD . -20.86 -1.08 -54.52
C15 CLA LD . -21.33 0.62 -56.33
MG CLA MD . -20.33 10.88 -54.30
CHA CLA MD . -21.74 12.40 -51.59
CHB CLA MD . -21.09 7.92 -53.02
CHC CLA MD . -18.66 9.46 -56.92
CHD CLA MD . -18.60 13.90 -55.04
NA CLA MD . -21.29 10.33 -52.72
C1A CLA MD . -21.96 11.06 -51.74
C2A CLA MD . -22.86 10.23 -50.88
C3A CLA MD . -22.20 8.88 -51.03
C4A CLA MD . -21.48 9.03 -52.34
CMA CLA MD . -21.28 8.49 -49.88
CAA CLA MD . -24.27 10.25 -51.48
CBA CLA MD . -25.25 11.24 -50.83
CGA CLA MD . -25.43 11.06 -49.36
O1A CLA MD . -25.94 11.88 -48.64
O2A CLA MD . -24.99 9.88 -48.94
NB CLA MD . -19.97 9.06 -54.88
C1B CLA MD . -20.42 7.85 -54.23
C2B CLA MD . -20.06 6.73 -54.99
C3B CLA MD . -19.37 7.19 -56.10
C4B CLA MD . -19.30 8.60 -56.04
CMB CLA MD . -20.38 5.30 -54.66
CAB CLA MD . -18.78 6.39 -57.19
CBB CLA MD . -18.25 5.21 -57.12
NC CLA MD . -19.02 11.51 -55.64
C1C CLA MD . -18.51 10.78 -56.70
C2C CLA MD . -17.64 11.58 -57.54
C3C CLA MD . -17.56 12.83 -56.98
C4C CLA MD . -18.41 12.81 -55.82
CMC CLA MD . -16.95 11.11 -58.79
CAC CLA MD . -16.76 14.00 -57.47
CBC CLA MD . -17.54 14.92 -58.36
ND CLA MD . -20.15 12.67 -53.57
C1D CLA MD . -19.43 13.89 -53.93
C2D CLA MD . -19.75 14.93 -53.04
C3D CLA MD . -20.69 14.41 -52.12
C4D CLA MD . -20.87 13.08 -52.47
CMD CLA MD . -19.22 16.33 -53.08
CAD CLA MD . -21.53 14.68 -50.97
OBD CLA MD . -21.71 15.73 -50.38
CBD CLA MD . -22.26 13.43 -50.59
CGD CLA MD . -21.97 13.09 -49.12
O1D CLA MD . -20.98 12.53 -48.74
O2D CLA MD . -22.96 13.50 -48.34
CED CLA MD . -22.81 13.21 -46.93
C1 CLA MD . -25.28 9.56 -47.55
C2 CLA MD . -24.28 8.62 -47.01
C3 CLA MD . -24.49 7.87 -45.93
C4 CLA MD . -25.76 7.89 -45.13
C5 CLA MD . -23.42 6.93 -45.42
C6 CLA MD . -23.97 5.73 -44.65
C7 CLA MD . -22.90 4.71 -44.30
C8 CLA MD . -23.32 3.60 -43.33
C9 CLA MD . -23.52 4.13 -41.92
C10 CLA MD . -22.35 2.42 -43.37
C11 CLA MD . -22.32 1.63 -44.67
MG CLA ND . -14.63 18.11 -71.39
CHA CLA ND . -11.45 18.80 -72.45
CHB CLA ND . -13.63 18.43 -68.25
CHC CLA ND . -17.68 16.92 -70.42
CHD CLA ND . -15.47 17.18 -74.71
NA CLA ND . -12.96 18.64 -70.59
C1A CLA ND . -11.75 19.03 -71.15
C2A CLA ND . -10.83 19.70 -70.19
C3A CLA ND . -11.38 19.27 -68.85
C4A CLA ND . -12.75 18.74 -69.23
CMA CLA ND . -10.54 18.24 -68.12
CAA CLA ND . -10.95 21.22 -70.43
CBA CLA ND . -12.38 21.77 -70.58
CGA CLA ND . -12.92 21.68 -71.98
O1A CLA ND . -12.31 21.93 -72.98
O2A CLA ND . -14.19 21.28 -71.98
NB CLA ND . -15.48 17.72 -69.68
C1B CLA ND . -14.92 17.95 -68.38
C2B CLA ND . -15.86 17.62 -67.38
C3B CLA ND . -17.02 17.20 -68.03
C4B CLA ND . -16.79 17.24 -69.41
CMB CLA ND . -15.65 17.75 -65.90
CAB CLA ND . -18.29 16.77 -67.42
CBB CLA ND . -18.47 15.96 -66.42
NC CLA ND . -16.17 17.31 -72.32
C1C CLA ND . -17.38 16.94 -71.75
C2C CLA ND . -18.34 16.49 -72.73
C3C CLA ND . -17.73 16.57 -73.96
C4C CLA ND . -16.39 17.05 -73.72
CMC CLA ND . -19.74 16.04 -72.46
CAC CLA ND . -18.35 16.25 -75.29
CBC CLA ND . -19.27 17.34 -75.78
ND CLA ND . -13.76 17.96 -73.13
C1D CLA ND . -14.17 17.59 -74.47
C2D CLA ND . -13.10 17.75 -75.37
C3D CLA ND . -11.99 18.23 -74.63
C4D CLA ND . -12.44 18.32 -73.32
CMD CLA ND . -13.14 17.49 -76.85
CAD CLA ND . -10.61 18.66 -74.65
OBD CLA ND . -9.85 18.74 -75.60
CBD CLA ND . -10.18 19.02 -73.27
CGD CLA ND . -9.01 18.16 -72.83
O1D CLA ND . -8.21 18.45 -71.98
O2D CLA ND . -8.98 17.02 -73.51
CED CLA ND . -7.92 16.09 -73.17
C1 CLA ND . -14.83 21.15 -73.28
C2 CLA ND . -16.25 20.75 -73.08
C3 CLA ND . -17.20 20.99 -73.97
C4 CLA ND . -16.97 21.69 -75.28
C5 CLA ND . -18.63 20.55 -73.72
C6 CLA ND . -19.09 20.74 -72.28
C7 CLA ND . -20.58 20.47 -72.09
MG CLA OD . -9.26 25.25 -58.04
CHA CLA OD . -8.90 22.17 -56.62
CHB CLA OD . -12.40 25.36 -56.98
CHC CLA OD . -9.74 28.05 -59.97
CHD CLA OD . -6.21 24.75 -59.78
NA CLA OD . -10.38 24.01 -57.05
C1A CLA OD . -10.11 22.75 -56.50
C2A CLA OD . -11.28 22.12 -55.79
C3A CLA OD . -12.36 23.15 -55.94
C4A CLA OD . -11.69 24.26 -56.70
CMA CLA OD . -13.59 22.65 -56.70
CAA CLA OD . -10.93 21.85 -54.32
CBA CLA OD . -10.28 23.02 -53.56
CGA CLA OD . -10.10 22.73 -52.11
O1A CLA OD . -9.07 22.36 -51.60
O2A CLA OD . -11.22 22.93 -51.43
NB CLA OD . -10.73 26.51 -58.35
C1B CLA OD . -12.01 26.47 -57.69
C2B CLA OD . -12.74 27.64 -58.01
C3B CLA OD . -11.98 28.38 -58.90
C4B CLA OD . -10.77 27.70 -59.12
CMB CLA OD . -14.10 28.01 -57.46
CAB CLA OD . -12.35 29.64 -59.56
CBB CLA OD . -13.09 30.59 -59.09
NC CLA OD . -8.25 26.16 -59.47
C1C CLA OD . -8.60 27.33 -60.14
C2C CLA OD . -7.62 27.71 -61.13
C3C CLA OD . -6.62 26.78 -61.11
C4C CLA OD . -6.98 25.82 -60.09
CMC CLA OD . -7.70 28.91 -62.03
CAC CLA OD . -5.37 26.75 -61.94
CBC CLA OD . -5.64 26.82 -63.43
ND CLA OD . -7.89 23.89 -58.21
C1D CLA OD . -6.60 23.77 -58.88
C2D CLA OD . -5.95 22.60 -58.47
C3D CLA OD . -6.79 21.92 -57.57
C4D CLA OD . -7.92 22.72 -57.45
CMD CLA OD . -4.58 22.17 -58.91
CAD CLA OD . -6.99 20.77 -56.72
OBD CLA OD . -6.23 19.83 -56.53
CBD CLA OD . -8.33 20.86 -56.06
CGD CLA OD . -9.19 19.65 -56.41
O1D CLA OD . -9.50 19.33 -57.52
O2D CLA OD . -9.57 19.02 -55.30
CED CLA OD . -10.56 17.98 -55.48
MG CLA PD . -16.58 30.54 -71.97
CHA CLA PD . -13.41 30.09 -73.14
CHB CLA PD . -16.51 33.67 -73.08
CHC CLA PD . -19.56 31.07 -70.36
CHD CLA PD . -16.28 27.53 -70.11
NA CLA PD . -15.29 31.57 -72.98
C1A CLA PD . -14.04 31.23 -73.50
C2A CLA PD . -13.47 32.22 -74.46
C3A CLA PD . -14.33 33.45 -74.19
C4A CLA PD . -15.46 32.88 -73.37
CMA CLA PD . -13.60 34.56 -73.46
CAA CLA PD . -13.63 31.57 -75.84
CBA CLA PD . -13.90 32.49 -77.03
CGA CLA PD . -15.37 32.64 -77.33
O1A CLA PD . -16.25 32.59 -76.52
O2A CLA PD . -15.57 32.84 -78.63
NB CLA PD . -17.80 32.05 -71.77
C1B CLA PD . -17.64 33.36 -72.35
C2B CLA PD . -18.75 34.19 -72.02
C3B CLA PD . -19.61 33.42 -71.24
C4B CLA PD . -19.05 32.14 -71.09
CMB CLA PD . -18.95 35.60 -72.45
CAB CLA PD . -20.89 33.83 -70.67
CBB CLA PD . -21.85 34.49 -71.24
NC CLA PD . -17.65 29.54 -70.64
C1C CLA PD . -18.90 29.91 -70.13
C2C CLA PD . -19.41 28.93 -69.21
C3C CLA PD . -18.50 27.92 -69.11
C4C CLA PD . -17.40 28.28 -69.98
CMC CLA PD . -20.73 29.00 -68.48
CAC CLA PD . -18.58 26.70 -68.24
CBC CLA PD . -19.79 25.84 -68.55
ND CLA PD . -15.26 29.16 -71.66
C1D CLA PD . -15.20 27.91 -70.90
C2D CLA PD . -13.98 27.27 -71.13
C3D CLA PD . -13.22 28.08 -72.00
C4D CLA PD . -14.03 29.18 -72.27
CMD CLA PD . -13.57 25.94 -70.56
CAD CLA PD . -11.95 28.28 -72.68
OBD CLA PD . -10.94 27.59 -72.64
CBD CLA PD . -12.03 29.53 -73.51
CGD CLA PD . -10.90 30.49 -73.20
O1D CLA PD . -10.51 30.75 -72.09
O2D CLA PD . -10.40 31.03 -74.30
CED CLA PD . -9.40 32.06 -74.13
MG CLA QD . -20.26 19.92 -55.02
CHA CLA QD . -22.68 18.07 -53.48
CHB CLA QD . -20.97 22.48 -53.02
CHC CLA QD . -18.12 21.86 -56.88
CHD CLA QD . -20.21 17.57 -57.69
NA CLA QD . -21.48 20.15 -53.54
C1A CLA QD . -22.36 19.26 -52.93
C2A CLA QD . -22.95 19.76 -51.63
C3A CLA QD . -22.68 21.24 -51.74
C4A CLA QD . -21.64 21.32 -52.83
CMA CLA QD . -23.91 22.07 -52.08
CAA CLA QD . -22.24 19.11 -50.44
CBA CLA QD . -20.73 18.94 -50.53
CGA CLA QD . -19.96 19.80 -49.56
O1A CLA QD . -20.04 19.72 -48.36
O2A CLA QD . -19.13 20.62 -50.19
NB CLA QD . -19.64 21.77 -54.94
C1B CLA QD . -20.00 22.76 -53.97
C2B CLA QD . -19.26 23.94 -54.16
C3B CLA QD . -18.43 23.73 -55.26
C4B CLA QD . -18.67 22.43 -55.75
CMB CLA QD . -19.35 25.20 -53.34
CAB CLA QD . -17.43 24.65 -55.82
CBB CLA QD . -16.39 25.15 -55.21
NC CLA QD . -19.37 19.75 -56.78
C1C CLA QD . -18.48 20.64 -57.35
C2C CLA QD . -17.97 20.17 -58.62
C3C CLA QD . -18.54 18.95 -58.87
C4C CLA QD . -19.43 18.68 -57.75
CMC CLA QD . -17.01 20.89 -59.51
CAC CLA QD . -18.28 18.04 -60.04
CBC CLA QD . -19.15 18.36 -61.22
ND CLA QD . -21.16 18.28 -55.52
C1D CLA QD . -21.07 17.33 -56.63
C2D CLA QD . -21.94 16.24 -56.40
C3D CLA QD . -22.57 16.46 -55.16
C4D CLA QD . -22.08 17.68 -54.70
CMD CLA QD . -22.12 15.08 -57.32
CAD CLA QD . -23.50 15.94 -54.16
OBD CLA QD . -24.09 14.89 -54.14
CBD CLA QD . -23.63 16.95 -53.05
CGD CLA QD . -25.08 17.39 -52.94
O1D CLA QD . -25.56 18.31 -53.54
O2D CLA QD . -25.76 16.60 -52.12
CED CLA QD . -27.18 16.87 -52.00
C1 CLA QD . -17.92 21.00 -49.49
C2 CLA QD . -16.83 20.73 -50.45
C3 CLA QD . -16.23 21.64 -51.21
C4 CLA QD . -16.50 23.12 -51.13
C5 CLA QD . -15.28 21.22 -52.31
C6 CLA QD . -15.83 20.06 -53.12
C7 CLA QD . -15.13 19.87 -54.46
C8 CLA QD . -15.71 18.82 -55.40
C9 CLA QD . -16.71 17.90 -54.68
C10 CLA QD . -14.63 18.00 -56.10
C11 CLA QD . -14.34 18.39 -57.54
C12 CLA QD . -13.49 17.37 -58.29
C13 CLA QD . -13.48 17.47 -59.81
C14 CLA QD . -12.84 16.23 -60.44
C15 CLA QD . -12.81 18.75 -60.29
C16 CLA QD . -13.70 19.98 -60.38
C17 CLA QD . -14.22 20.26 -61.78
C18 CLA QD . -13.23 20.82 -62.78
C19 CLA QD . -13.79 20.80 -64.19
C20 CLA QD . -12.80 22.24 -62.40
MG CLA RD . -32.50 17.04 -67.01
CHA CLA RD . -34.58 19.11 -65.25
CHB CLA RD . -35.07 15.04 -67.63
CHC CLA RD . -30.27 14.76 -68.26
CHD CLA RD . -29.72 18.82 -65.71
NA CLA RD . -34.39 17.16 -66.64
C1A CLA RD . -35.15 18.15 -66.02
C2A CLA RD . -36.62 18.02 -66.23
C3A CLA RD . -36.73 16.53 -66.57
C4A CLA RD . -35.31 16.19 -66.97
CMA CLA RD . -37.20 15.66 -65.40
CAA CLA RD . -36.96 19.02 -67.35
CBA CLA RD . -37.43 18.47 -68.70
CGA CLA RD . -36.36 17.74 -69.46
O1A CLA RD . -35.25 18.17 -69.68
O2A CLA RD . -36.77 16.54 -69.86
NB CLA RD . -32.63 15.28 -67.82
C1B CLA RD . -33.85 14.54 -68.06
C2B CLA RD . -33.57 13.33 -68.72
C3B CLA RD . -32.18 13.25 -68.87
C4B CLA RD . -31.62 14.42 -68.34
CMB CLA RD . -34.56 12.30 -69.16
CAB CLA RD . -31.41 12.17 -69.48
CBB CLA RD . -30.94 12.09 -70.69
NC CLA RD . -30.53 16.87 -67.03
C1C CLA RD . -29.79 15.87 -67.65
C2C CLA RD . -28.36 16.10 -67.53
C3C CLA RD . -28.20 17.26 -66.82
C4C CLA RD . -29.52 17.74 -66.49
CMC CLA RD . -27.26 15.23 -68.06
CAC CLA RD . -26.92 17.97 -66.50
CBC CLA RD . -26.56 19.05 -67.49
ND CLA RD . -32.16 18.52 -65.78
C1D CLA RD . -30.98 19.22 -65.29
C2D CLA RD . -31.37 20.28 -64.46
C3D CLA RD . -32.78 20.30 -64.40
C4D CLA RD . -33.19 19.23 -65.20
CMD CLA RD . -30.44 21.23 -63.76
CAD CLA RD . -33.97 20.93 -63.86
OBD CLA RD . -34.05 21.89 -63.12
CBD CLA RD . -35.19 20.22 -64.38
CGD CLA RD . -36.04 19.69 -63.24
O1D CLA RD . -37.05 20.21 -62.84
O2D CLA RD . -35.52 18.58 -62.73
CED CLA RD . -36.28 17.96 -61.66
MG CLA SD . -35.18 -1.17 -68.41
CHA CLA SD . -36.81 1.83 -68.70
CHB CLA SD . -38.10 -2.68 -67.91
CHC CLA SD . -33.43 -4.00 -67.57
CHD CLA SD . -32.09 0.59 -68.24
NA CLA SD . -37.02 -0.55 -68.43
C1A CLA SD . -37.57 0.71 -68.65
C2A CLA SD . -39.06 0.73 -68.82
C3A CLA SD . -39.44 -0.69 -68.44
C4A CLA SD . -38.12 -1.37 -68.24
CMA CLA SD . -40.35 -0.77 -67.20
CAA CLA SD . -39.36 1.04 -70.30
CBA CLA SD . -38.37 0.46 -71.29
CGA CLA SD . -38.88 0.48 -72.71
O1A CLA SD . -40.02 0.67 -73.02
O2A CLA SD . -37.89 0.29 -73.59
NB CLA SD . -35.66 -2.98 -67.85
C1B CLA SD . -36.99 -3.49 -67.68
C2B CLA SD . -36.95 -4.84 -67.27
C3B CLA SD . -35.61 -5.20 -67.18
C4B CLA SD . -34.82 -4.08 -67.52
CMB CLA SD . -38.13 -5.72 -66.99
CAB CLA SD . -35.04 -6.50 -66.78
CBB CLA SD . -34.19 -6.74 -65.82
NC CLA SD . -33.28 -1.59 -68.06
C1C CLA SD . -32.76 -2.85 -67.80
C2C CLA SD . -31.31 -2.83 -67.68
C3C CLA SD . -30.91 -1.54 -67.86
C4C CLA SD . -32.10 -0.76 -68.08
CMC CLA SD . -30.43 -4.01 -67.40
CAC CLA SD . -29.50 -1.01 -67.85
CBC CLA SD . -28.78 -1.25 -69.16
ND CLA SD . -34.55 0.68 -68.43
C1D CLA SD . -33.25 1.35 -68.37
C2D CLA SD . -33.41 2.74 -68.50
C3D CLA SD . -34.79 3.00 -68.65
C4D CLA SD . -35.41 1.74 -68.60
CMD CLA SD . -32.31 3.75 -68.50
CAD CLA SD . -35.84 3.99 -68.82
OBD CLA SD . -35.72 5.20 -68.90
CBD CLA SD . -37.17 3.30 -68.89
CGD CLA SD . -38.11 3.85 -67.82
O1D CLA SD . -38.20 3.42 -66.71
O2D CLA SD . -38.81 4.88 -68.29
CED CLA SD . -39.73 5.51 -67.36
NB KC2 TD . -29.40 7.40 -73.67
ND KC2 TD . -32.30 4.95 -72.76
C1A KC2 TD . -33.54 7.92 -73.07
C1B KC2 TD . -29.41 8.79 -73.91
C1C KC2 TD . -28.27 4.68 -73.30
C1D KC2 TD . -32.38 3.61 -72.46
C2A KC2 TD . -33.99 9.27 -73.20
C2B KC2 TD . -28.05 9.28 -74.19
C2C KC2 TD . -27.73 3.37 -73.11
C2D KC2 TD . -33.71 3.26 -72.18
C3A KC2 TD . -32.90 10.04 -73.51
C3B KC2 TD . -27.21 8.20 -74.13
C3C KC2 TD . -28.77 2.55 -72.79
C3D KC2 TD . -34.49 4.47 -72.32
C4A KC2 TD . -31.78 9.17 -73.56
C4B KC2 TD . -28.01 7.03 -73.79
C4C KC2 TD . -29.98 3.32 -72.76
C4D KC2 TD . -33.56 5.49 -72.68
CAA KC2 TD . -35.36 9.72 -73.01
CAB KC2 TD . -25.76 8.16 -74.34
CAC KC2 TD . -28.65 1.12 -72.49
CAD KC2 TD . -35.84 5.02 -72.23
CBA KC2 TD . -36.00 10.62 -73.74
CBB KC2 TD . -25.10 7.46 -75.23
CBC KC2 TD . -28.09 0.19 -73.23
CBD KC2 TD . -35.72 6.49 -72.57
CED KC2 TD . -37.08 6.04 -75.99
CGA KC2 TD . -37.40 11.08 -73.54
CGD KC2 TD . -36.57 6.76 -73.81
CHA KC2 TD . -34.22 6.74 -72.80
CHB KC2 TD . -30.49 9.63 -73.87
CHC KC2 TD . -27.48 5.78 -73.62
CHD KC2 TD . -31.23 2.82 -72.47
CMA KC2 TD . -32.86 11.52 -73.75
CMB KC2 TD . -27.69 10.70 -74.51
CMC KC2 TD . -26.29 3.00 -73.28
CMD KC2 TD . -34.25 1.91 -71.82
NA KC2 TD . -32.18 7.88 -73.30
NC KC2 TD . -29.63 4.67 -73.10
O1A KC2 TD . -37.74 12.19 -73.89
O1D KC2 TD . -37.37 7.66 -73.90
O2A KC2 TD . -38.20 10.22 -72.98
O2D KC2 TD . -36.31 5.89 -74.77
OBD KC2 TD . -36.88 4.42 -71.95
MG KC2 TD . -31.01 6.18 -73.25
MG CLA UD . -15.95 -7.49 -62.69
CHA CLA UD . -13.03 -8.57 -61.26
CHB CLA UD . -15.63 -9.83 -65.02
CHC CLA UD . -18.56 -6.01 -64.35
CHD CLA UD . -15.82 -4.60 -60.61
NA CLA UD . -14.69 -8.95 -62.95
C1A CLA UD . -13.58 -9.35 -62.21
C2A CLA UD . -13.06 -10.71 -62.58
C3A CLA UD . -13.73 -10.95 -63.92
C4A CLA UD . -14.76 -9.84 -63.99
CMA CLA UD . -12.77 -10.93 -65.11
CAA CLA UD . -13.55 -11.65 -61.47
CBA CLA UD . -12.42 -12.19 -60.57
CGA CLA UD . -12.76 -12.14 -59.11
O1A CLA UD . -13.87 -11.99 -58.66
O2A CLA UD . -11.67 -12.28 -58.36
NB CLA UD . -16.90 -7.84 -64.34
C1B CLA UD . -16.64 -8.92 -65.27
C2B CLA UD . -17.55 -8.86 -66.35
C3B CLA UD . -18.38 -7.76 -66.13
C4B CLA UD . -17.99 -7.14 -64.93
CMB CLA UD . -17.61 -9.81 -67.52
CAB CLA UD . -19.47 -7.28 -67.00
CBB CLA UD . -20.37 -7.98 -67.62
NC CLA UD . -16.96 -5.81 -62.49
C1C CLA UD . -18.05 -5.40 -63.24
C2C CLA UD . -18.60 -4.14 -62.76
C3C CLA UD . -17.84 -3.74 -61.70
C4C CLA UD . -16.81 -4.74 -61.53
CMC CLA UD . -19.78 -3.41 -63.34
CAC CLA UD . -18.00 -2.51 -60.86
CBC CLA UD . -16.96 -1.46 -61.15
ND CLA UD . -14.78 -6.73 -61.32
C1D CLA UD . -14.79 -5.52 -60.49
C2D CLA UD . -13.69 -5.53 -59.62
C3D CLA UD . -12.95 -6.71 -59.88
C4D CLA UD . -13.64 -7.36 -60.89
CMD CLA UD . -13.36 -4.47 -58.60
CAD CLA UD . -11.78 -7.50 -59.55
OBD CLA UD . -10.89 -7.26 -58.75
CBD CLA UD . -11.78 -8.75 -60.39
CGD CLA UD . -10.50 -8.88 -61.20
O1D CLA UD . -9.90 -9.90 -61.39
O2D CLA UD . -10.11 -7.69 -61.66
CED CLA UD . -8.87 -7.68 -62.41
C1 CLA UD . -11.88 -12.27 -56.92
C2 CLA UD . -10.62 -12.70 -56.25
C DD6 VD . -27.14 6.59 -70.08
C1 DD6 VD . -25.83 7.10 -70.60
C10 DD6 VD . -28.54 16.50 -71.55
C11 DD6 VD . -28.36 17.85 -71.47
C12 DD6 VD . -27.01 18.48 -71.44
C13 DD6 VD . -29.53 18.73 -71.45
C14 DD6 VD . -30.81 18.42 -71.53
C15 DD6 VD . -31.99 19.38 -71.50
C16 DD6 VD . -32.22 20.21 -72.74
C17 DD6 VD . -33.03 21.47 -72.38
C18 DD6 VD . -34.13 21.26 -71.36
C19 DD6 VD . -33.53 20.90 -70.02
C2 DD6 VD . -25.61 8.40 -70.96
C20 DD6 VD . -32.57 19.74 -70.15
C21 DD6 VD . -31.98 19.24 -68.85
C22 DD6 VD . -33.02 19.39 -73.76
C23 DD6 VD . -30.92 20.64 -73.44
C24 DD6 VD . -24.73 6.16 -70.74
C25 DD6 VD . -24.76 4.85 -70.55
C26 DD6 VD . -23.61 4.01 -70.73
C27 DD6 VD . -23.53 2.67 -70.60
C28 DD6 VD . -24.69 1.77 -70.21
C29 DD6 VD . -22.27 2.04 -70.85
C3 DD6 VD . -26.54 9.49 -70.94
C30 DD6 VD . -21.19 1.60 -71.10
C31 DD6 VD . -19.95 1.00 -71.48
C32 DD6 VD . -19.94 -0.01 -72.61
C33 DD6 VD . -18.81 -1.04 -72.33
C34 DD6 VD . -17.43 -0.44 -72.07
C35 DD6 VD . -17.48 0.98 -71.55
C36 DD6 VD . -18.79 1.29 -70.88
C37 DD6 VD . -18.67 1.95 -69.52
C4 DD6 VD . -26.19 10.73 -71.34
C40 DD6 VD . -19.69 0.68 -73.96
C41 DD6 VD . -21.27 -0.76 -72.68
C5 DD6 VD . -27.06 11.87 -71.34
C6 DD6 VD . -26.75 13.14 -71.71
C7 DD6 VD . -25.37 13.52 -72.19
C8 DD6 VD . -27.75 14.18 -71.60
C9 DD6 VD . -27.53 15.51 -71.64
O1 DD6 VD . -33.13 18.70 -71.00
O2 DD6 VD . -34.90 22.47 -71.24
O4 DD6 VD . -16.76 -1.28 -71.12
C DD6 WD . -20.78 11.94 -60.00
C1 DD6 WD . -20.06 10.90 -60.82
C10 DD6 WD . -24.17 3.58 -55.88
C11 DD6 WD . -24.78 2.41 -55.63
C12 DD6 WD . -24.67 1.21 -56.52
C13 DD6 WD . -25.62 2.30 -54.44
C14 DD6 WD . -26.40 1.30 -54.09
C15 DD6 WD . -27.23 1.24 -52.83
C16 DD6 WD . -26.89 0.16 -51.84
C17 DD6 WD . -28.17 -0.32 -51.13
C18 DD6 WD . -29.10 0.81 -50.69
C19 DD6 WD . -29.68 1.51 -51.90
C2 DD6 WD . -20.21 9.57 -60.62
C20 DD6 WD . -28.60 1.90 -52.88
C21 DD6 WD . -29.10 2.63 -54.11
C22 DD6 WD . -25.90 0.70 -50.80
C23 DD6 WD . -26.22 -1.05 -52.51
C24 DD6 WD . -19.09 11.36 -61.80
C25 DD6 WD . -18.60 12.59 -61.94
C26 DD6 WD . -17.64 12.94 -62.93
C27 DD6 WD . -17.05 14.14 -63.12
C28 DD6 WD . -17.35 15.37 -62.30
C29 DD6 WD . -16.05 14.25 -64.13
C3 DD6 WD . -21.03 8.92 -59.64
C30 DD6 WD . -15.15 14.27 -64.93
C31 DD6 WD . -14.04 14.24 -65.81
C32 DD6 WD . -14.07 13.25 -66.98
C33 DD6 WD . -13.16 13.77 -68.10
C34 DD6 WD . -11.82 14.32 -67.64
C35 DD6 WD . -12.06 15.46 -66.66
C36 DD6 WD . -13.01 15.07 -65.56
C37 DD6 WD . -12.71 15.69 -64.23
C4 DD6 WD . -21.08 7.58 -59.50
C40 DD6 WD . -15.48 13.15 -67.56
C41 DD6 WD . -13.63 11.86 -66.51
C5 DD6 WD . -21.89 6.93 -58.52
C6 DD6 WD . -22.01 5.60 -58.29
C7 DD6 WD . -21.30 4.57 -59.10
C8 DD6 WD . -22.88 5.15 -57.21
C9 DD6 WD . -23.32 3.92 -56.98
O1 DD6 WD . -27.45 2.52 -52.23
O2 DD6 WD . -30.16 0.26 -49.90
O4 DD6 WD . -11.07 13.28 -66.99
C7 UIX XD . -21.85 19.89 -63.15
C8 UIX XD . -21.96 20.42 -60.27
C9 UIX XD . -23.05 22.36 -61.34
O1 UIX XD . -26.84 20.49 -60.29
C1 UIX XD . -24.39 19.37 -62.91
C5 UIX XD . -25.68 20.56 -61.14
C6 UIX XD . -24.21 18.35 -64.02
C4 UIX XD . -24.43 20.58 -60.29
O4 UIX XD . -9.01 33.51 -82.57
C3 UIX XD . -25.65 19.35 -62.06
O3 UIX XD . -10.54 30.71 -78.19
C2 UIX XD . -23.16 20.87 -61.10
C UIX XD . -23.17 20.15 -62.45
O UIX XD . -24.12 20.70 -63.36
C10 UIX XD . -21.53 20.58 -64.23
C11 UIX XD . -20.26 20.40 -64.98
C12 UIX XD . -19.21 19.42 -64.57
C13 UIX XD . -20.09 21.19 -66.05
C14 UIX XD . -18.89 21.16 -66.88
C15 UIX XD . -11.02 28.38 -80.94
C16 UIX XD . -9.84 29.87 -79.11
C17 UIX XD . -11.31 29.64 -81.75
C18 UIX XD . -10.78 30.95 -81.17
C19 UIX XD . -9.51 30.70 -80.35
C20 UIX XD . -10.70 28.71 -79.49
C21 UIX XD . -9.84 27.61 -81.53
C22 UIX XD . -12.25 27.50 -80.99
C23 UIX XD . -18.84 22.00 -67.91
C24 UIX XD . -8.55 29.37 -78.47
C25 UIX XD . -11.15 27.94 -78.60
C26 UIX XD . -17.71 22.11 -68.86
C27 UIX XD . -9.96 33.13 -81.92
C28 UIX XD . -11.55 27.18 -77.68
O2 UIX XD . -10.54 31.83 -82.27
C29 UIX XD . -16.47 21.26 -68.77
C30 UIX XD . -17.82 23.05 -69.81
C31 UIX XD . -10.54 33.93 -80.79
C32 UIX XD . -12.86 27.35 -77.04
C33 UIX XD . -13.74 28.49 -77.47
C34 UIX XD . -16.77 23.29 -70.80
C35 UIX XD . -13.20 26.45 -76.11
C36 UIX XD . -14.46 26.47 -75.36
C37 UIX XD . -16.93 24.24 -71.71
C38 UIX XD . -14.64 25.52 -74.44
C39 UIX XD . -15.86 24.48 -72.66
C40 UIX XD . -15.86 25.45 -73.61
C41 UIX XD . -16.98 26.42 -73.81
C1 PID YD . -12.69 11.67 -62.16
C2 PID YD . -11.72 12.79 -62.55
C3 PID YD . -10.56 12.20 -63.33
C4 PID YD . -9.70 11.39 -62.40
C5 PID YD . -10.44 10.78 -61.20
C6 PID YD . -11.94 10.50 -61.43
C7 PID YD . -12.71 9.95 -60.22
C8 PID YD . -13.01 10.68 -59.14
C9 PID YD . -13.77 10.08 -58.01
C10 PID YD . -14.28 8.72 -57.78
C11 PID YD . -14.16 10.84 -56.93
C12 PID YD . -14.85 9.94 -56.12
C13 PID YD . -15.43 10.42 -54.85
C14 PID YD . -16.17 9.55 -53.90
C15 PID YD . -16.52 10.13 -52.73
C16 PID YD . -17.23 9.45 -51.65
C17 PID YD . -17.49 10.13 -50.54
C18 PID YD . -18.20 9.49 -49.44
C19 PID YD . -18.54 10.18 -48.36
C20 PID YD . -19.27 9.53 -47.27
C21 PID YD . -19.66 10.19 -46.17
C22 PID YD . -20.40 9.46 -45.12
C23 PID YD . -20.74 10.05 -44.07
C24 PID YD . -21.04 10.66 -43.02
C25 PID YD . -19.96 10.90 -41.99
C26 PID YD . -20.34 12.03 -41.07
C27 PID YD . -21.21 13.02 -41.82
C28 PID YD . -22.57 12.38 -41.98
C29 PID YD . -22.48 11.11 -42.83
C30 PID YD . -21.89 14.17 -39.81
C31 PID YD . -21.04 13.82 -38.61
CM1 PID YD . -13.96 12.14 -61.43
CM2 PID YD . -10.22 11.65 -59.95
CM3 PID YD . -9.78 9.43 -60.94
CM4 PID YD . -16.47 8.11 -54.20
CM5 PID YD . -19.35 11.64 -45.98
CM6 PID YD . -19.73 9.63 -41.17
CM7 PID YD . -18.67 11.26 -42.72
CM8 PID YD . -23.26 9.97 -42.20
O1 PID YD . -12.52 10.38 -62.73
O2 PID YD . -9.79 13.25 -63.92
O3 PID YD . -14.13 7.72 -58.57
O4 PID YD . -14.96 8.64 -56.59
O5 PID YD . -23.04 11.41 -44.11
O6 PID YD . -21.27 14.26 -41.12
O7 PID YD . -23.08 14.40 -39.72
C1 PID ZD . -7.21 12.78 -57.60
C2 PID ZD . -5.99 12.47 -58.46
C3 PID ZD . -5.52 13.68 -59.25
C4 PID ZD . -6.69 14.24 -60.04
C5 PID ZD . -7.75 14.86 -59.15
C6 PID ZD . -8.08 14.00 -57.93
C7 PID ZD . -9.47 14.03 -57.34
C8 PID ZD . -9.68 14.52 -56.12
C9 PID ZD . -11.04 14.54 -55.53
C10 PID ZD . -12.35 14.12 -56.07
C11 PID ZD . -11.26 15.00 -54.25
C12 PID ZD . -12.64 14.85 -54.09
C13 PID ZD . -13.28 15.23 -52.80
C14 PID ZD . -14.73 15.11 -52.53
C15 PID ZD . -15.16 15.57 -51.34
C16 PID ZD . -16.56 15.57 -50.90
C17 PID ZD . -16.89 16.12 -49.73
C18 PID ZD . -18.27 16.17 -49.30
C19 PID ZD . -18.61 16.77 -48.16
C20 PID ZD . -20.02 16.82 -47.76
C21 PID ZD . -20.44 17.48 -46.66
C22 PID ZD . -21.88 17.48 -46.37
C23 PID ZD . -22.35 18.10 -45.38
C24 PID ZD . -22.79 18.70 -44.37
C25 PID ZD . -23.37 20.10 -44.50
C26 PID ZD . -22.74 21.01 -43.43
C27 PID ZD . -22.72 20.37 -42.04
C28 PID ZD . -22.03 19.02 -42.07
C29 PID ZD . -22.73 18.06 -43.01
C30 PID ZD . -22.58 22.52 -40.93
C31 PID ZD . -24.04 22.68 -40.64
CM1 PID ZD . -7.77 11.71 -56.69
CM2 PID ZD . -9.01 15.04 -59.99
CM3 PID ZD . -7.29 16.24 -58.68
CM4 PID ZD . -15.62 14.51 -53.57
CM5 PID ZD . -19.44 18.16 -45.76
CM6 PID ZD . -24.88 20.04 -44.34
CM7 PID ZD . -23.04 20.66 -45.88
CM8 PID ZD . -22.00 16.73 -43.07
O1 PID ZD . -7.05 14.03 -56.93
O2 PID ZD . -4.46 13.30 -60.14
O3 PID ZD . -12.53 13.64 -57.23
O4 PID ZD . -13.35 14.32 -55.15
O5 PID ZD . -24.05 17.84 -42.52
O6 PID ZD . -22.01 21.20 -41.11
O7 PID ZD . -21.83 23.48 -41.00
C1 LMG AE . -21.34 7.58 -35.44
O1 LMG AE . -20.43 7.05 -36.32
C2 LMG AE . -21.77 8.96 -35.90
O2 LMG AE . -20.62 9.77 -35.99
C3 LMG AE . -22.76 9.49 -34.88
O3 LMG AE . -23.10 10.80 -35.23
C4 LMG AE . -23.96 8.55 -34.78
O4 LMG AE . -24.64 8.55 -36.01
C5 LMG AE . -23.42 7.17 -34.41
O5 LMG AE . -23.85 4.87 -34.16
C6 LMG AE . -24.50 6.10 -34.35
O6 LMG AE . -22.47 6.74 -35.36
C7 LMG AE . -20.96 6.40 -37.45
C8 LMG AE . -19.93 6.50 -38.56
C9 LMG AE . -18.55 5.94 -38.23
O7 LMG AE . -20.50 5.75 -39.64
C10 LMG AE . -20.50 6.26 -40.87
O9 LMG AE . -21.17 7.19 -41.21
C11 LMG AE . -19.55 5.49 -41.75
C12 LMG AE . -19.15 6.30 -42.99
C13 LMG AE . -18.70 5.41 -44.15
C14 LMG AE . -18.84 6.12 -45.48
C15 LMG AE . -18.45 5.25 -46.67
C16 LMG AE . -18.68 5.95 -48.00
C17 LMG AE . -18.33 5.10 -49.21
C18 LMG AE . -17.92 5.90 -50.44
C19 LMG AE . -17.75 5.07 -51.70
C20 LMG AE . -16.77 3.91 -51.52
C21 LMG AE . -15.87 3.69 -52.73
C22 LMG AE . -16.54 2.93 -53.86
C23 LMG AE . -15.64 2.70 -55.08
C24 LMG AE . -15.15 3.98 -55.74
C25 LMG AE . -14.34 3.76 -57.00
C26 LMG AE . -12.83 3.86 -56.81
C27 LMG AE . -12.05 3.01 -57.80
O8 LMG AE . -17.82 6.91 -37.50
C28 LMG AE . -17.20 7.91 -38.13
O10 LMG AE . -17.57 9.05 -38.04
C29 LMG AE . -16.00 7.45 -38.93
C30 LMG AE . -15.31 8.57 -39.69
C31 LMG AE . -14.12 8.12 -40.52
C32 LMG AE . -14.52 7.19 -41.66
C33 LMG AE . -14.41 5.70 -41.31
C34 LMG AE . -15.51 4.82 -41.88
C35 LMG AE . -15.44 3.40 -41.36
C36 LMG AE . -16.65 2.55 -41.74
MG CLA BE . -19.89 4.09 -31.29
CHA CLA BE . -22.41 6.22 -30.42
CHB CLA BE . -21.29 1.70 -29.45
CHC CLA BE . -17.04 2.21 -31.72
CHD CLA BE . -18.10 6.83 -32.67
NA CLA BE . -21.52 4.00 -30.24
C1A CLA BE . -22.54 4.93 -30.04
C2A CLA BE . -23.76 4.36 -29.38
C3A CLA BE . -23.22 3.08 -28.79
C4A CLA BE . -21.92 2.90 -29.53
CMA CLA BE . -23.03 3.11 -27.28
CAA CLA BE . -24.80 4.09 -30.47
CBA CLA BE . -24.35 3.13 -31.57
CGA CLA BE . -25.36 2.96 -32.67
O1A CLA BE . -26.38 3.59 -32.78
O2A CLA BE . -24.93 2.06 -33.56
NB CLA BE . -19.29 2.31 -30.74
C1B CLA BE . -20.09 1.35 -30.03
C2B CLA BE . -19.40 0.12 -29.95
C3B CLA BE . -18.16 0.29 -30.56
C4B CLA BE . -18.09 1.61 -31.04
CMB CLA BE . -19.96 -1.16 -29.39
CAB CLA BE . -17.07 -0.68 -30.69
CBB CLA BE . -17.12 -1.89 -31.13
NC CLA BE . -18.08 4.42 -32.03
C1C CLA BE . -17.04 3.49 -32.15
C2C CLA BE . -15.89 4.07 -32.82
C3C CLA BE . -16.20 5.37 -33.12
C4C CLA BE . -17.53 5.61 -32.62
CMC CLA BE . -14.59 3.37 -33.13
CAC CLA BE . -15.37 6.36 -33.89
CBC CLA BE . -14.78 7.43 -33.02
ND CLA BE . -20.10 6.00 -31.49
C1D CLA BE . -19.33 7.10 -32.11
C2D CLA BE . -20.06 8.29 -32.05
C3D CLA BE . -21.29 8.01 -31.39
C4D CLA BE . -21.25 6.65 -31.10
CMD CLA BE . -19.62 9.62 -32.57
CAD CLA BE . -22.55 8.54 -30.91
OBD CLA BE . -22.96 9.68 -30.95
CBD CLA BE . -23.35 7.42 -30.30
CGD CLA BE . -23.70 7.79 -28.87
O1D CLA BE . -22.94 7.78 -27.95
O2D CLA BE . -24.98 8.17 -28.78
CED CLA BE . -25.39 8.75 -27.51
C1 CLA BE . -25.48 2.16 -34.90
C2 CLA BE . -24.34 2.00 -35.83
C3 CLA BE . -24.24 2.63 -37.00
C4 CLA BE . -25.29 3.57 -37.53
C5 CLA BE . -23.04 2.41 -37.89
C6 CLA BE . -22.81 0.95 -38.25
C7 CLA BE . -21.40 0.45 -37.90
C8 CLA BE . -20.22 1.01 -38.68
C9 CLA BE . -20.62 1.51 -40.07
C10 CLA BE . -19.09 -0.02 -38.76
C11 CLA BE . -17.91 0.35 -39.64
C12 CLA BE . -16.67 -0.49 -39.41
C13 CLA BE . -16.80 -2.01 -39.57
C14 CLA BE . -15.44 -2.69 -39.70
C15 CLA BE . -17.71 -2.37 -40.75
O1 LHG CE . -30.32 20.93 -35.13
C1 LHG CE . -30.11 21.85 -34.09
C2 LHG CE . -28.66 22.29 -34.07
O2 LHG CE . -28.06 21.91 -35.28
C3 LHG CE . -27.92 21.77 -32.84
O3 LHG CE . -27.56 20.41 -32.99
P LHG CE . -26.48 19.71 -31.97
O4 LHG CE . -26.67 18.22 -31.94
O5 LHG CE . -26.45 20.51 -30.70
O6 LHG CE . -25.13 20.11 -32.79
C4 LHG CE . -23.97 19.31 -32.76
C5 LHG CE . -22.79 20.21 -33.11
C6 LHG CE . -22.15 20.90 -31.91
O7 LHG CE . -21.81 19.35 -33.71
C7 LHG CE . -21.38 18.26 -33.10
O9 LHG CE . -21.97 17.21 -33.11
C8 LHG CE . -20.06 18.44 -32.38
C9 LHG CE . -19.26 17.19 -32.06
C10 LHG CE . -17.85 17.50 -31.57
O8 LHG CE . -20.81 21.21 -32.26
C23 LHG CE . -20.06 21.84 -31.37
O10 LHG CE . -20.48 22.72 -30.65
C24 LHG CE . -18.64 21.33 -31.39
C11 LHG CE . -17.16 16.31 -30.91
C12 LHG CE . -17.52 14.98 -31.53
C13 LHG CE . -16.55 13.84 -31.20
C14 LHG CE . -17.08 12.45 -31.58
C15 LHG CE . -16.06 11.59 -32.34
C16 LHG CE . -14.81 11.26 -31.55
C25 LHG CE . -17.60 22.39 -31.06
C26 LHG CE . -17.42 22.64 -29.57
C27 LHG CE . -15.96 22.82 -29.17
C28 LHG CE . -15.73 22.63 -27.67
C29 LHG CE . -15.29 21.24 -27.26
C30 LHG CE . -15.14 21.04 -25.75
C31 LHG CE . -13.81 21.53 -25.21
C32 LHG CE . -13.90 22.01 -23.77
MG CLA DE . -19.80 28.19 -48.08
CHA CLA DE . -22.49 30.01 -49.13
CHB CLA DE . -20.69 28.71 -44.92
CHC CLA DE . -16.84 26.75 -47.11
CHD CLA DE . -18.46 28.37 -51.37
NA CLA DE . -21.30 29.11 -47.24
C1A CLA DE . -22.38 29.79 -47.80
C2A CLA DE . -23.40 30.25 -46.80
C3A CLA DE . -22.72 29.97 -45.48
C4A CLA DE . -21.48 29.22 -45.89
CMA CLA DE . -22.40 31.21 -44.67
CAA CLA DE . -24.68 29.42 -46.99
CBA CLA DE . -24.50 27.91 -47.00
CGA CLA DE . -24.19 27.35 -48.36
O1A CLA DE . -24.75 27.67 -49.37
O2A CLA DE . -23.24 26.40 -48.29
NB CLA DE . -18.95 27.78 -46.37
C1B CLA DE . -19.51 28.00 -45.06
C2B CLA DE . -18.66 27.47 -44.07
C3B CLA DE . -17.56 26.92 -44.72
C4B CLA DE . -17.72 27.11 -46.10
CMB CLA DE . -18.92 27.47 -42.59
CAB CLA DE . -16.40 26.26 -44.11
CBB CLA DE . -16.40 25.39 -43.14
NC CLA DE . -18.13 27.68 -48.99
C1C CLA DE . -17.02 27.03 -48.42
C2C CLA DE . -16.00 26.75 -49.40
C3C CLA DE . -16.44 27.21 -50.61
C4C CLA DE . -17.73 27.79 -50.37
CMC CLA DE . -14.70 26.02 -49.18
CAC CLA DE . -15.75 27.16 -51.93
CBC CLA DE . -15.16 28.49 -52.35
ND CLA DE . -20.28 28.95 -49.81
C1D CLA DE . -19.70 28.95 -51.14
C2D CLA DE . -20.57 29.58 -52.05
C3D CLA DE . -21.71 30.00 -51.31
C4D CLA DE . -21.47 29.61 -50.01
CMD CLA DE . -20.34 29.77 -53.52
CAD CLA DE . -23.01 30.63 -51.37
OBD CLA DE . -23.62 31.06 -52.33
CBD CLA DE . -23.57 30.70 -49.96
CGD CLA DE . -23.80 32.16 -49.57
O1D CLA DE . -24.78 32.57 -49.05
O2D CLA DE . -22.74 32.90 -49.89
CED CLA DE . -22.85 34.31 -49.57
C1 CLA DE . -23.14 25.50 -49.41
C2 CLA DE . -21.74 25.44 -49.92
C3 CLA DE . -20.76 24.83 -49.27
C4 CLA DE . -19.35 24.76 -49.79
C5 CLA DE . -21.00 24.14 -47.95
C6 CLA DE . -19.73 23.81 -47.17
C7 CLA DE . -19.99 23.15 -45.83
C8 CLA DE . -18.75 22.93 -44.95
C9 CLA DE . -17.69 22.09 -45.66
C10 CLA DE . -19.12 22.34 -43.60
NB KC2 EE . 9.53 -40.69 48.30
ND KC2 EE . 6.62 -39.55 50.64
C1A KC2 EE . 8.47 -41.67 52.25
C1B KC2 EE . 10.61 -41.60 48.52
C1C KC2 EE . 7.81 -38.79 46.81
C1D KC2 EE . 5.57 -38.69 50.50
C2A KC2 EE . 9.37 -42.58 52.89
C2B KC2 EE . 11.43 -41.72 47.31
C2C KC2 EE . 6.99 -37.86 46.10
C2D KC2 EE . 4.82 -38.69 51.68
C3A KC2 EE . 10.33 -42.91 51.98
C3B KC2 EE . 10.88 -40.92 46.36
C3C KC2 EE . 6.00 -37.48 46.95
C3D KC2 EE . 5.46 -39.61 52.59
C4A KC2 EE . 10.05 -42.19 50.79
C4B KC2 EE . 9.73 -40.27 46.93
C4C KC2 EE . 6.17 -38.16 48.21
C4D KC2 EE . 6.59 -40.13 51.88
CAA KC2 EE . 9.32 -42.99 54.28
CAB KC2 EE . 11.35 -40.68 44.99
CAC KC2 EE . 4.92 -36.52 46.64
CAD KC2 EE . 5.38 -40.20 53.91
CBA KC2 EE . 8.40 -43.71 54.89
CBB KC2 EE . 11.81 -39.57 44.48
CBC KC2 EE . 4.18 -36.47 45.57
CBD KC2 EE . 6.54 -41.16 54.02
CED KC2 EE . 9.51 -40.02 55.91
CGA KC2 EE . 8.47 -44.07 56.32
CGD KC2 EE . 7.38 -40.76 55.23
CHA KC2 EE . 7.31 -41.04 52.70
CHB KC2 EE . 10.87 -42.30 49.66
CHC KC2 EE . 8.93 -39.39 46.24
CHD KC2 EE . 5.36 -38.01 49.30
CMA KC2 EE . 11.48 -43.86 52.17
CMB KC2 EE . 12.65 -42.59 47.20
CMC KC2 EE . 7.21 -37.43 44.69
CMD KC2 EE . 3.58 -37.90 51.99
NA KC2 EE . 8.93 -41.43 50.97
NC KC2 EE . 7.34 -38.97 48.08
O1A KC2 EE . 9.52 -44.43 56.82
O1D KC2 EE . 7.03 -40.87 56.38
O2A KC2 EE . 7.36 -43.98 56.99
O2D KC2 EE . 8.56 -40.28 54.86
OBD KC2 EE . 4.54 -39.97 54.80
MG KC2 EE . 8.08 -40.10 49.63
MG CLA FE . 1.78 -51.61 48.69
CHA CLA FE . -0.54 -50.17 50.76
CHB CLA FE . -0.22 -54.24 48.32
CHC CLA FE . 4.35 -53.22 47.07
CHD CLA FE . 4.14 -49.18 49.73
NA CLA FE . -0.02 -52.03 49.32
C1A CLA FE . -0.91 -51.29 50.11
C2A CLA FE . -2.29 -51.89 50.18
C3A CLA FE . -2.09 -53.25 49.58
C4A CLA FE . -0.69 -53.19 49.03
CMA CLA FE . -2.27 -54.39 50.57
CAA CLA FE . -3.25 -50.99 49.37
CBA CLA FE . -2.85 -50.64 47.94
CGA CLA FE . -3.27 -51.66 46.93
O1A CLA FE . -4.40 -52.05 46.76
O2A CLA FE . -2.22 -52.11 46.24
NB CLA FE . 2.02 -53.35 47.85
C1B CLA FE . 1.03 -54.40 47.74
C2B CLA FE . 1.54 -55.49 47.01
C3B CLA FE . 2.85 -55.17 46.66
C4B CLA FE . 3.14 -53.89 47.16
CMB CLA FE . 0.81 -56.75 46.68
CAB CLA FE . 3.78 -55.99 45.89
CBB CLA FE . 3.84 -56.16 44.60
NC CLA FE . 3.71 -51.27 48.44
C1C CLA FE . 4.60 -52.03 47.69
C2C CLA FE . 5.94 -51.45 47.68
C3C CLA FE . 5.89 -50.31 48.44
C4C CLA FE . 4.53 -50.19 48.92
CMC CLA FE . 7.17 -51.95 46.98
CAC CLA FE . 7.01 -49.37 48.75
CBC CLA FE . 7.08 -48.22 47.78
ND CLA FE . 1.86 -50.09 49.89
C1D CLA FE . 2.87 -49.09 50.25
C2D CLA FE . 2.31 -48.13 51.12
C3D CLA FE . 0.96 -48.50 51.35
C4D CLA FE . 0.76 -49.66 50.61
CMD CLA FE . 3.01 -46.93 51.67
CAD CLA FE . -0.30 -48.16 51.99
OBD CLA FE . -0.58 -47.17 52.66
CBD CLA FE . -1.29 -49.25 51.71
CGD CLA FE . -1.68 -49.95 53.02
O1D CLA FE . -1.02 -50.79 53.56
O2D CLA FE . -2.83 -49.50 53.48
CED CLA FE . -3.32 -50.11 54.69
C1 CLA FE . -2.50 -53.15 45.26
C2 CLA FE . -1.22 -53.41 44.55
C3 CLA FE . -1.08 -54.27 43.55
C4 CLA FE . -2.21 -55.09 42.98
C5 CLA FE . 0.26 -54.48 42.91
C6 CLA FE . 0.41 -53.78 41.56
C7 CLA FE . 1.87 -53.51 41.21
C8 CLA FE . 2.14 -53.06 39.77
C9 CLA FE . 1.03 -52.14 39.24
C10 CLA FE . 2.36 -54.25 38.85
MG CLA GE . 4.55 -60.75 42.05
CHA CLA GE . 1.34 -61.94 42.23
CHB CLA GE . 3.37 -57.76 41.23
CHC CLA GE . 7.78 -59.75 41.45
CHD CLA GE . 5.74 -64.09 42.02
NA CLA GE . 2.76 -60.03 41.86
C1A CLA GE . 1.51 -60.61 42.05
C2A CLA GE . 0.36 -59.63 42.05
C3A CLA GE . 1.01 -58.40 41.46
C4A CLA GE . 2.48 -58.74 41.51
CMA CLA GE . 0.55 -58.07 40.05
CAA CLA GE . -0.07 -59.43 43.51
CBA CLA GE . -1.24 -58.47 43.71
CGA CLA GE . -2.45 -58.81 42.88
O1A CLA GE . -3.24 -59.68 43.15
O2A CLA GE . -2.53 -58.05 41.80
NB CLA GE . 5.41 -59.08 41.49
C1B CLA GE . 4.75 -57.84 41.21
C2B CLA GE . 5.70 -56.84 40.92
C3B CLA GE . 6.96 -57.43 40.98
C4B CLA GE . 6.79 -58.79 41.32
CMB CLA GE . 5.41 -55.40 40.61
CAB CLA GE . 8.26 -56.80 40.74
CBB CLA GE . 8.54 -55.85 39.89
NC CLA GE . 6.28 -61.66 41.85
C1C CLA GE . 7.53 -61.07 41.65
C2C CLA GE . 8.60 -62.03 41.62
C3C CLA GE . 8.04 -63.28 41.78
C4C CLA GE . 6.62 -63.07 41.90
CMC CLA GE . 10.05 -61.73 41.43
CAC CLA GE . 8.75 -64.59 41.83
CBC CLA GE . 9.38 -64.86 43.18
ND CLA GE . 3.82 -62.55 42.09
C1D CLA GE . 4.37 -63.90 42.08
C2D CLA GE . 3.33 -64.84 42.19
C3D CLA GE . 2.12 -64.13 42.28
C4D CLA GE . 2.46 -62.78 42.21
CMD CLA GE . 3.50 -66.33 42.22
CAD CLA GE . 0.67 -64.20 42.39
OBD CLA GE . -0.05 -65.19 42.43
CBD CLA GE . 0.11 -62.81 42.44
CGD CLA GE . -0.99 -62.70 41.39
O1D CLA GE . -2.09 -63.16 41.49
O2D CLA GE . -0.57 -62.01 40.33
CED CLA GE . -1.54 -61.79 39.28
C1 CLA GE . -3.65 -58.32 40.91
C2 CLA GE . -3.50 -57.49 39.68
C3 CLA GE . -4.14 -56.33 39.51
C4 CLA GE . -5.10 -55.73 40.49
C5 CLA GE . -3.94 -55.53 38.24
MG CLA HE . 19.45 -69.90 49.59
CHA CLA HE . 21.97 -71.79 48.24
CHB CLA HE . 17.97 -69.86 46.61
CHC CLA HE . 17.28 -67.57 50.83
CHD CLA HE . 21.47 -69.35 52.46
NA CLA HE . 19.82 -70.77 47.90
C1A CLA HE . 20.83 -71.65 47.53
C2A CLA HE . 20.55 -72.36 46.23
C3A CLA HE . 19.55 -71.45 45.60
C4A CLA HE . 19.07 -70.63 46.77
CMA CLA HE . 20.15 -70.58 44.50
CAA CLA HE . 20.01 -73.75 46.58
CBA CLA HE . 18.73 -73.81 47.42
CGA CLA HE . 18.60 -75.10 48.17
O1A CLA HE . 19.01 -76.17 47.80
O2A CLA HE . 17.97 -74.92 49.34
NB CLA HE . 17.92 -68.91 48.88
C1B CLA HE . 17.37 -69.04 47.56
C2B CLA HE . 16.23 -68.22 47.42
C3B CLA HE . 16.05 -67.55 48.63
C4B CLA HE . 17.07 -67.97 49.51
CMB CLA HE . 15.37 -68.09 46.20
CAB CLA HE . 15.02 -66.56 48.95
CBB CLA HE . 14.11 -66.61 49.88
NC CLA HE . 19.37 -68.81 51.22
C1C CLA HE . 18.35 -67.93 51.59
C2C CLA HE . 18.56 -67.37 52.92
C3C CLA HE . 19.76 -67.88 53.38
C4C CLA HE . 20.27 -68.75 52.34
CMC CLA HE . 17.67 -66.42 53.65
CAC CLA HE . 20.42 -67.61 54.70
CBC CLA HE . 20.40 -68.81 55.62
ND CLA HE . 21.23 -70.38 50.23
C1D CLA HE . 21.99 -70.16 51.45
C2D CLA HE . 23.22 -70.84 51.38
C3D CLA HE . 23.27 -71.50 50.14
C4D CLA HE . 22.08 -71.19 49.51
CMD CLA HE . 24.27 -70.88 52.46
CAD CLA HE . 24.03 -72.38 49.24
OBD CLA HE . 25.11 -72.91 49.43
CBD CLA HE . 23.26 -72.56 47.97
CGD CLA HE . 24.02 -71.97 46.78
O1D CLA HE . 24.53 -72.61 45.92
O2D CLA HE . 24.02 -70.64 46.84
CED CLA HE . 24.64 -69.97 45.72
C1 CLA HE . 17.89 -76.09 50.20
C2 CLA HE . 16.81 -75.89 51.19
MG CLA IE . 11.98 -70.89 38.62
CHA CLA IE . 12.03 -73.41 36.34
CHB CLA IE . 12.02 -68.70 36.13
CHC CLA IE . 12.22 -68.41 40.96
CHD CLA IE . 12.99 -73.18 41.14
NA CLA IE . 11.92 -71.07 36.71
C1A CLA IE . 11.77 -72.17 35.89
C2A CLA IE . 11.35 -71.79 34.51
C3A CLA IE . 12.07 -70.47 34.38
C4A CLA IE . 12.02 -70.02 35.83
CMA CLA IE . 13.49 -70.55 33.83
CAA CLA IE . 9.82 -71.61 34.48
CBA CLA IE . 9.00 -72.82 34.91
CGA CLA IE . 7.53 -72.57 34.83
O1A CLA IE . 7.01 -71.48 34.77
O2A CLA IE . 6.84 -73.71 34.80
NB CLA IE . 12.06 -68.95 38.57
C1B CLA IE . 11.98 -68.13 37.38
C2B CLA IE . 11.90 -66.76 37.74
C3B CLA IE . 11.94 -66.70 39.14
C4B CLA IE . 12.05 -68.01 39.64
CMB CLA IE . 11.78 -65.61 36.80
CAB CLA IE . 11.82 -65.50 39.97
CBB CLA IE . 12.43 -65.20 41.08
NC CLA IE . 12.46 -70.82 40.53
C1C CLA IE . 12.45 -69.70 41.34
C2C CLA IE . 12.80 -70.01 42.71
C3C CLA IE . 13.05 -71.35 42.77
C4C CLA IE . 12.85 -71.86 41.44
CMC CLA IE . 12.89 -69.04 43.85
CAC CLA IE . 13.45 -72.16 43.97
CBC CLA IE . 12.28 -72.86 44.62
ND CLA IE . 12.43 -72.78 38.77
C1D CLA IE . 12.80 -73.68 39.86
C2D CLA IE . 12.89 -74.99 39.38
C3D CLA IE . 12.59 -74.96 37.99
C4D CLA IE . 12.33 -73.63 37.70
CMD CLA IE . 13.21 -76.22 40.18
CAD CLA IE . 12.43 -75.72 36.77
OBD CLA IE . 12.55 -76.92 36.58
CBD CLA IE . 12.06 -74.79 35.65
CGD CLA IE . 13.08 -74.89 34.52
O1D CLA IE . 13.62 -73.95 34.01
O2D CLA IE . 13.29 -76.15 34.18
CED CLA IE . 14.21 -76.38 33.09
C1 CLA IE . 5.40 -73.58 34.62
C2 CLA IE . 4.79 -74.94 34.68
C3 CLA IE . 4.24 -75.45 35.77
C4 CLA IE . 4.16 -74.72 37.08
C5 CLA IE . 3.66 -76.84 35.77
C6 CLA IE . 2.15 -76.85 35.53
C7 CLA IE . 1.53 -78.23 35.71
C8 CLA IE . 0.07 -78.34 35.27
C9 CLA IE . -0.83 -77.42 36.08
C10 CLA IE . -0.41 -79.79 35.32
C11 CLA IE . -1.84 -80.03 34.87
C12 CLA IE . -2.11 -81.46 34.42
C13 CLA IE . -1.52 -81.89 33.08
C14 CLA IE . -2.07 -81.07 31.93
C15 CLA IE . -1.70 -83.38 32.85
MG CLA JE . 3.78 -69.50 45.67
CHA CLA JE . 1.61 -66.88 45.96
CHB CLA JE . 1.22 -71.60 45.90
CHC CLA JE . 6.05 -72.05 45.66
CHD CLA JE . 6.46 -67.29 46.36
NA CLA JE . 1.87 -69.25 45.76
C1A CLA JE . 1.10 -68.11 45.73
C2A CLA JE . -0.33 -68.37 45.38
C3A CLA JE . -0.48 -69.81 45.83
C4A CLA JE . 0.95 -70.28 45.83
CMA CLA JE . -1.16 -70.00 47.18
CAA CLA JE . -0.25 -68.10 43.87
CBA CLA JE . -1.28 -68.72 42.93
CGA CLA JE . -0.77 -68.74 41.52
O1A CLA JE . -0.72 -69.72 40.82
O2A CLA JE . -0.36 -67.53 41.13
NB CLA JE . 3.67 -71.44 45.79
C1B CLA JE . 2.47 -72.23 45.88
C2B CLA JE . 2.78 -73.61 45.87
C3B CLA JE . 4.17 -73.71 45.75
C4B CLA JE . 4.71 -72.41 45.72
CMB CLA JE . 1.81 -74.74 45.98
CAB CLA JE . 4.98 -74.92 45.60
CBB CLA JE . 4.70 -75.99 44.91
NC CLA JE . 5.73 -69.64 45.93
C1C CLA JE . 6.51 -70.78 45.80
C2C CLA JE . 7.92 -70.50 45.92
C3C CLA JE . 8.04 -69.16 46.17
C4C CLA JE . 6.71 -68.61 46.18
CMC CLA JE . 9.06 -71.47 45.75
CAC CLA JE . 9.29 -68.37 46.40
CBC CLA JE . 9.61 -67.43 45.25
ND CLA JE . 4.05 -67.62 46.06
C1D CLA JE . 5.20 -66.75 46.29
C2D CLA JE . 4.79 -65.43 46.42
C3D CLA JE . 3.38 -65.40 46.27
C4D CLA JE . 3.01 -66.72 46.08
CMD CLA JE . 5.68 -64.25 46.64
CAD CLA JE . 2.17 -64.58 46.21
OBD CLA JE . 2.07 -63.38 46.27
CBD CLA JE . 0.98 -65.48 46.03
CGD CLA JE . 0.02 -65.30 47.20
O1D CLA JE . 0.00 -65.98 48.19
O2D CLA JE . -0.80 -64.27 46.98
CED CLA JE . -1.73 -63.96 48.05
C1 CLA JE . 0.36 -67.47 39.86
C2 CLA JE . 0.32 -66.06 39.37
C3 CLA JE . 1.22 -65.54 38.54
C4 CLA JE . 2.40 -66.30 37.99
C5 CLA JE . 1.10 -64.10 38.08
C6 CLA JE . 2.42 -63.36 38.01
C7 CLA JE . 2.31 -61.88 38.41
C8 CLA JE . 2.96 -60.81 37.52
C9 CLA JE . 2.54 -60.94 36.05
C10 CLA JE . 4.48 -60.73 37.68
C11 CLA JE . 5.22 -62.07 37.70
C12 CLA JE . 6.72 -61.94 37.50
C13 CLA JE . 7.55 -63.20 37.78
C14 CLA JE . 8.80 -63.25 36.91
C15 CLA JE . 6.71 -64.48 37.65
C16 CLA JE . 7.45 -65.79 37.88
C17 CLA JE . 6.51 -66.98 38.04
C18 CLA JE . 6.56 -68.01 36.95
C19 CLA JE . 7.86 -68.77 36.95
C20 CLA JE . 5.38 -68.97 37.01
MG CLA KE . 7.77 -61.92 60.52
CHA CLA KE . 4.72 -62.91 61.69
CHB CLA KE . 7.46 -59.06 62.16
CHC CLA KE . 10.49 -60.75 58.78
CHD CLA KE . 7.78 -64.74 58.36
NA CLA KE . 6.42 -61.22 61.73
C1A CLA KE . 5.23 -61.77 62.19
C2A CLA KE . 4.56 -60.98 63.28
C3A CLA KE . 5.44 -59.74 63.39
C4A CLA KE . 6.51 -60.01 62.36
CMA CLA KE . 4.66 -58.46 63.08
CAA CLA KE . 4.51 -61.93 64.49
CBA CLA KE . 5.00 -61.42 65.84
CGA CLA KE . 6.46 -61.70 66.07
O1A CLA KE . 6.93 -62.09 67.10
O2A CLA KE . 7.18 -61.47 64.97
NB CLA KE . 8.78 -60.25 60.48
C1B CLA KE . 8.52 -59.08 61.28
C2B CLA KE . 9.46 -58.07 60.99
C3B CLA KE . 10.32 -58.57 60.01
C4B CLA KE . 9.91 -59.88 59.71
CMB CLA KE . 9.51 -56.71 61.61
CAB CLA KE . 11.45 -57.88 59.39
CBB CLA KE . 12.24 -56.98 59.92
NC CLA KE . 8.87 -62.58 59.02
C1C CLA KE . 10.00 -61.97 58.46
C2C CLA KE . 10.59 -62.79 57.41
C3C CLA KE . 9.84 -63.93 57.32
C4C CLA KE . 8.77 -63.82 58.28
CMC CLA KE . 11.78 -62.48 56.56
CAC CLA KE . 10.06 -65.11 56.42
CBC CLA KE . 10.66 -66.29 57.14
ND CLA KE . 6.60 -63.41 60.06
C1D CLA KE . 6.67 -64.57 59.16
C2D CLA KE . 5.55 -65.38 59.34
C3D CLA KE . 4.73 -64.78 60.32
C4D CLA KE . 5.40 -63.63 60.70
CMD CLA KE . 5.28 -66.68 58.63
CAD CLA KE . 3.48 -64.83 61.07
OBD CLA KE . 2.57 -65.65 61.00
CBD CLA KE . 3.43 -63.66 62.03
CGD CLA KE . 2.19 -62.82 61.85
O1D CLA KE . 1.14 -63.00 62.39
O2D CLA KE . 2.41 -61.80 61.01
CED CLA KE . 1.33 -60.86 60.84
MG CLA LE . 12.24 -44.33 58.46
CHA CLA LE . 10.88 -46.60 60.62
CHB CLA LE . 10.80 -41.90 60.21
CHC CLA LE . 13.34 -42.15 56.08
CHD CLA LE . 12.94 -46.97 56.20
NA CLA LE . 11.24 -44.30 60.11
C1A CLA LE . 10.90 -45.29 60.99
C2A CLA LE . 10.52 -44.76 62.34
C3A CLA LE . 9.91 -43.45 61.94
C4A CLA LE . 10.69 -43.16 60.68
CMA CLA LE . 8.40 -43.47 61.75
CAA CLA LE . 11.82 -44.59 63.15
CBA CLA LE . 12.73 -45.81 63.23
CGA CLA LE . 14.03 -45.50 63.90
O1A CLA LE . 14.23 -44.55 64.61
O2A CLA LE . 14.97 -46.40 63.60
NB CLA LE . 12.12 -42.40 58.21
C1B CLA LE . 11.48 -41.46 59.08
C2B CLA LE . 11.67 -40.14 58.60
C3B CLA LE . 12.43 -40.24 57.42
C4B CLA LE . 12.68 -41.60 57.17
CMB CLA LE . 11.15 -38.89 59.23
CAB CLA LE . 12.92 -39.14 56.59
CBB CLA LE . 12.28 -38.08 56.15
NC CLA LE . 12.97 -44.51 56.65
C1C CLA LE . 13.43 -43.48 55.83
C2C CLA LE . 13.98 -43.97 54.59
C3C CLA LE . 13.85 -45.34 54.60
C4C CLA LE . 13.23 -45.69 55.85
CMC CLA LE . 14.58 -43.14 53.50
CAC CLA LE . 14.28 -46.30 53.53
CBC CLA LE . 15.72 -46.74 53.68
ND CLA LE . 11.98 -46.26 58.35
C1D CLA LE . 12.32 -47.30 57.39
C2D CLA LE . 11.96 -48.56 57.90
C3D CLA LE . 11.37 -48.35 59.18
C4D CLA LE . 11.41 -46.98 59.38
CMD CLA LE . 12.18 -49.88 57.22
CAD CLA LE . 10.75 -48.95 60.34
OBD CLA LE . 10.49 -50.12 60.56
CBD CLA LE . 10.43 -47.87 61.35
CGD CLA LE . 8.95 -47.87 61.71
O1D CLA LE . 8.08 -47.36 61.07
O2D CLA LE . 8.74 -48.53 62.85
CED CLA LE . 7.36 -48.59 63.31
C1 CLA LE . 16.30 -46.11 64.12
C2 CLA LE . 17.19 -47.25 63.83
C3 CLA LE . 18.02 -47.29 62.78
C4 CLA LE . 18.15 -46.20 61.77
C5 CLA LE . 18.87 -48.51 62.54
C6 CLA LE . 18.31 -49.41 61.45
C7 CLA LE . 18.39 -50.90 61.78
C8 CLA LE . 19.59 -51.66 61.23
C9 CLA LE . 19.54 -51.79 59.71
C10 CLA LE . 19.71 -53.03 61.92
C11 CLA LE . 20.47 -54.10 61.15
C12 CLA LE . 20.79 -55.32 61.99
C13 CLA LE . 21.35 -56.53 61.24
C14 CLA LE . 22.07 -57.49 62.17
C15 CLA LE . 22.26 -56.08 60.09
MG CLA ME . 15.97 -53.26 59.15
CHA CLA ME . 14.26 -51.98 61.82
CHB CLA ME . 16.21 -56.18 60.71
CHC CLA ME . 18.24 -54.26 56.75
CHD CLA ME . 16.34 -49.96 57.86
NA CLA ME . 15.29 -53.92 60.86
C1A CLA ME . 14.56 -53.29 61.87
C2A CLA ME . 14.18 -54.20 63.02
C3A CLA ME . 14.75 -55.54 62.59
C4A CLA ME . 15.47 -55.21 61.31
CMA CLA ME . 15.65 -56.18 63.64
CAA CLA ME . 12.66 -54.28 63.16
CBA CLA ME . 12.18 -55.24 64.26
CGA CLA ME . 12.32 -54.70 65.65
O1A CLA ME . 11.71 -53.76 66.09
O2A CLA ME . 13.21 -55.40 66.37
NB CLA ME . 16.99 -54.90 58.78
C1B CLA ME . 16.95 -56.10 59.56
C2B CLA ME . 17.78 -57.09 58.97
C3B CLA ME . 18.34 -56.52 57.83
C4B CLA ME . 17.87 -55.19 57.71
CMB CLA ME . 18.01 -58.47 59.48
CAB CLA ME . 19.24 -57.16 56.87
CBB CLA ME . 20.42 -56.75 56.48
NC CLA ME . 16.96 -52.38 57.68
C1C CLA ME . 17.82 -52.97 56.77
C2C CLA ME . 18.36 -52.01 55.80
C3C CLA ME . 17.80 -50.79 56.11
C4C CLA ME . 16.96 -51.00 57.25
CMC CLA ME . 19.35 -52.27 54.72
CAC CLA ME . 18.01 -49.49 55.40
CBC CLA ME . 18.94 -48.55 56.16
ND CLA ME . 15.47 -51.45 59.63
C1D CLA ME . 15.63 -50.12 59.04
C2D CLA ME . 14.98 -49.16 59.83
C3D CLA ME . 14.41 -49.83 60.93
C4D CLA ME . 14.74 -51.18 60.77
CMD CLA ME . 14.91 -47.69 59.54
CAD CLA ME . 13.66 -49.70 62.16
OBD CLA ME . 13.23 -48.70 62.69
CBD CLA ME . 13.49 -51.06 62.76
CGD CLA ME . 14.10 -51.05 64.17
O1D CLA ME . 15.17 -50.61 64.45
O2D CLA ME . 13.26 -51.61 65.04
CED CLA ME . 13.75 -51.69 66.41
C1 CLA ME . 13.29 -55.04 67.77
C2 CLA ME . 14.28 -55.93 68.47
C3 CLA ME . 15.53 -55.57 68.78
C4 CLA ME . 16.48 -56.48 69.48
C5 CLA ME . 16.05 -54.20 68.43
C6 CLA ME . 17.56 -54.05 68.62
C7 CLA ME . 18.07 -52.66 68.22
C8 CLA ME . 18.06 -52.33 66.73
C9 CLA ME . 19.19 -53.05 66.00
C10 CLA ME . 18.11 -50.82 66.50
MG CLA NE . 19.37 -48.61 41.98
CHA CLA NE . 22.15 -47.86 40.15
CHB CLA NE . 20.99 -47.83 44.77
CHC CLA NE . 16.69 -49.84 43.78
CHD CLA NE . 17.98 -50.21 39.13
NA CLA NE . 21.15 -47.93 42.33
C1A CLA NE . 22.20 -47.61 41.47
C2A CLA NE . 23.40 -46.99 42.14
C3A CLA NE . 23.01 -47.02 43.61
C4A CLA NE . 21.63 -47.64 43.59
CMA CLA NE . 24.00 -47.81 44.47
CAA CLA NE . 23.56 -45.55 41.63
CBA CLA NE . 22.26 -44.75 41.50
CGA CLA NE . 22.49 -43.28 41.35
O1A CLA NE . 22.83 -42.54 42.24
O2A CLA NE . 22.28 -42.88 40.09
NB CLA NE . 18.92 -48.80 43.88
C1B CLA NE . 19.74 -48.37 44.99
C2B CLA NE . 19.07 -48.61 46.21
C3B CLA NE . 17.85 -49.18 45.90
C4B CLA NE . 17.74 -49.29 44.51
CMB CLA NE . 19.59 -48.29 47.58
CAB CLA NE . 16.80 -49.60 46.84
CBB CLA NE . 15.56 -49.20 46.89
NC CLA NE . 17.76 -49.68 41.56
C1C CLA NE . 16.73 -50.04 42.43
C2C CLA NE . 15.67 -50.76 41.77
C3C CLA NE . 16.05 -50.89 40.46
C4C CLA NE . 17.31 -50.25 40.31
CMC CLA NE . 14.40 -51.28 42.37
CAC CLA NE . 15.30 -51.59 39.35
CBC CLA NE . 14.64 -50.63 38.41
ND CLA NE . 19.85 -48.97 40.14
C1D CLA NE . 19.22 -49.62 38.98
C2D CLA NE . 20.03 -49.50 37.85
C3D CLA NE . 21.19 -48.78 38.23
C4D CLA NE . 21.03 -48.51 39.59
CMD CLA NE . 19.73 -50.02 36.48
CAD CLA NE . 22.46 -48.21 37.81
OBD CLA NE . 22.95 -48.19 36.70
CBD CLA NE . 23.14 -47.60 39.00
CGD CLA NE . 24.49 -48.29 39.20
O1D CLA NE . 25.49 -48.01 38.61
O2D CLA NE . 24.40 -49.24 40.12
CED CLA NE . 25.60 -50.01 40.35
C1 CLA NE . 22.49 -41.46 39.85
C2 CLA NE . 22.39 -41.20 38.39
MG CLA OE . 14.47 -57.37 34.31
CHA CLA OE . 16.42 -60.03 33.48
CHB CLA OE . 17.03 -55.32 33.72
CHC CLA OE . 12.51 -54.78 35.42
CHD CLA OE . 12.21 -59.58 35.94
NA CLA OE . 16.27 -57.65 33.66
C1A CLA OE . 16.92 -58.80 33.25
C2A CLA OE . 18.24 -58.55 32.57
C3A CLA OE . 18.54 -57.13 33.00
C4A CLA OE . 17.20 -56.64 33.49
CMA CLA OE . 19.62 -57.01 34.06
CAA CLA OE . 18.02 -58.70 31.06
CBA CLA OE . 17.05 -57.72 30.42
CGA CLA OE . 16.74 -58.06 28.99
O1A CLA OE . 16.92 -59.13 28.48
O2A CLA OE . 16.24 -57.01 28.34
NB CLA OE . 14.71 -55.44 34.52
C1B CLA OE . 15.88 -54.68 34.18
C2B CLA OE . 15.65 -53.30 34.38
C3B CLA OE . 14.34 -53.17 34.85
C4B CLA OE . 13.77 -54.45 34.95
CMB CLA OE . 16.63 -52.19 34.13
CAB CLA OE . 13.63 -51.93 35.16
CBB CLA OE . 13.75 -50.76 34.61
NC CLA OE . 12.80 -57.22 35.36
C1C CLA OE . 12.11 -56.06 35.65
C2C CLA OE . 10.88 -56.31 36.37
C3C CLA OE . 10.81 -57.67 36.57
C4C CLA OE . 11.97 -58.24 35.97
CMC CLA OE . 9.87 -55.30 36.82
CAC CLA OE . 9.73 -58.43 37.30
CBC CLA OE . 8.63 -58.91 36.37
ND CLA OE . 14.28 -59.27 34.66
C1D CLA OE . 13.31 -60.13 35.32
C2D CLA OE . 13.69 -61.48 35.18
C3D CLA OE . 14.89 -61.51 34.43
C4D CLA OE . 15.19 -60.18 34.16
CMD CLA OE . 12.96 -62.66 35.74
CAD CLA OE . 15.90 -62.33 33.78
OBD CLA OE . 15.95 -63.54 33.70
CBD CLA OE . 16.93 -61.44 33.18
CGD CLA OE . 18.27 -61.75 33.85
O1D CLA OE . 18.83 -61.02 34.62
O2D CLA OE . 18.73 -62.93 33.48
CED CLA OE . 19.97 -63.36 34.08
C DD6 PE . 16.28 -61.38 57.08
C1 DD6 PE . 15.22 -60.44 57.60
C10 DD6 PE . 18.43 -53.58 51.57
C11 DD6 PE . 18.79 -52.41 51.00
C12 DD6 PE . 18.18 -51.08 51.37
C13 DD6 PE . 19.83 -52.43 49.98
C14 DD6 PE . 20.51 -51.44 49.42
C15 DD6 PE . 21.57 -51.61 48.36
C16 DD6 PE . 22.88 -50.98 48.54
C17 DD6 PE . 23.89 -51.61 47.55
C18 DD6 PE . 23.46 -51.78 46.10
C19 DD6 PE . 22.03 -51.30 45.87
C2 DD6 PE . 15.07 -59.18 57.12
C20 DD6 PE . 21.08 -51.75 46.95
C21 DD6 PE . 19.62 -51.86 46.57
C22 DD6 PE . 23.37 -51.26 49.97
C23 DD6 PE . 22.89 -49.46 48.35
C24 DD6 PE . 14.32 -60.93 58.63
C25 DD6 PE . 14.29 -62.18 59.12
C26 DD6 PE . 13.39 -62.60 60.14
C27 DD6 PE . 13.26 -63.85 60.63
C28 DD6 PE . 14.07 -65.03 60.17
C29 DD6 PE . 12.29 -64.09 61.65
C3 DD6 PE . 15.84 -58.53 56.10
C30 DD6 PE . 11.48 -64.43 62.48
C31 DD6 PE . 10.55 -64.94 63.42
C32 DD6 PE . 9.07 -64.98 63.01
C33 DD6 PE . 8.42 -66.20 63.69
C34 DD6 PE . 8.58 -66.26 65.21
C35 DD6 PE . 9.82 -65.54 65.70
C36 DD6 PE . 10.87 -65.41 64.64
C37 DD6 PE . 12.25 -65.82 65.04
C4 DD6 PE . 15.63 -57.26 55.68
C40 DD6 PE . 8.93 -65.15 61.50
C41 DD6 PE . 8.35 -63.69 63.44
C5 DD6 PE . 16.43 -56.67 54.66
C6 DD6 PE . 16.32 -55.43 54.14
C7 DD6 PE . 15.29 -54.43 54.57
C8 DD6 PE . 17.26 -55.02 53.10
C9 DD6 PE . 17.45 -53.81 52.58
O1 DD6 PE . 21.59 -52.89 47.71
O2 DD6 PE . 24.34 -51.02 45.27
O4 DD6 PE . 7.41 -65.69 65.80
C DD6 QE . 9.41 -61.24 45.45
C1 DD6 QE . 10.57 -60.44 44.93
C10 DD6 QE . 5.86 -51.86 43.72
C11 DD6 QE . 5.74 -50.53 43.49
C12 DD6 QE . 6.92 -49.67 43.10
C13 DD6 QE . 4.46 -49.87 43.67
C14 DD6 QE . 3.26 -50.35 43.89
C15 DD6 QE . 2.00 -49.54 44.07
C16 DD6 QE . 1.14 -49.85 45.26
C17 DD6 QE . -0.34 -49.83 44.83
C18 DD6 QE . -0.75 -48.56 44.09
C19 DD6 QE . -0.04 -48.49 42.75
C2 DD6 QE . 10.50 -59.13 44.60
C20 DD6 QE . 1.43 -48.88 42.82
C21 DD6 QE . 2.10 -48.96 41.47
C22 DD6 QE . 1.36 -48.80 46.34
C23 DD6 QE . 1.46 -51.21 45.88
C24 DD6 QE . 11.84 -61.13 44.76
C25 DD6 QE . 12.08 -62.44 44.89
C26 DD6 QE . 13.38 -63.02 44.70
C27 DD6 QE . 13.70 -64.33 44.77
C28 DD6 QE . 12.74 -65.43 45.08
C29 DD6 QE . 15.06 -64.72 44.52
C3 DD6 QE . 9.35 -58.27 44.63
C30 DD6 QE . 16.16 -65.15 44.32
C31 DD6 QE . 17.43 -65.76 44.13
C32 DD6 QE . 17.78 -66.19 42.70
C33 DD6 QE . 19.13 -66.93 42.69
C34 DD6 QE . 20.16 -66.38 43.67
C35 DD6 QE . 19.59 -66.54 45.07
C36 DD6 QE . 18.23 -65.91 45.21
C37 DD6 QE . 17.86 -65.49 46.60
C4 DD6 QE . 9.42 -56.99 44.22
C40 DD6 QE . 17.87 -64.97 41.78
C41 DD6 QE . 16.72 -67.15 42.16
C5 DD6 QE . 8.33 -56.06 44.23
C6 DD6 QE . 8.34 -54.77 43.80
C7 DD6 QE . 9.57 -54.12 43.23
C8 DD6 QE . 7.14 -53.96 43.89
C9 DD6 QE . 7.05 -52.65 43.61
O1 DD6 QE . 2.17 -48.14 43.83
O2 DD6 QE . -2.16 -48.57 43.88
O4 DD6 QE . 21.38 -67.09 43.56
C DD6 RE . 15.47 -46.16 44.40
C1 DD6 RE . 14.06 -46.59 44.03
C10 DD6 RE . 16.56 -47.44 34.66
C11 DD6 RE . 16.55 -47.68 33.32
C12 DD6 RE . 15.34 -48.14 32.58
C13 DD6 RE . 17.77 -47.44 32.55
C14 DD6 RE . 18.95 -47.02 32.94
C15 DD6 RE . 20.17 -46.79 32.08
C16 DD6 RE . 21.17 -47.89 32.00
C17 DD6 RE . 22.59 -47.30 32.14
C18 DD6 RE . 22.86 -46.12 31.21
C19 DD6 RE . 21.99 -44.95 31.59
C2 DD6 RE . 13.69 -46.89 42.77
C20 DD6 RE . 20.56 -45.34 31.89
C21 DD6 RE . 19.70 -44.19 32.40
C22 DD6 RE . 21.06 -48.63 30.67
C23 DD6 RE . 20.97 -48.93 33.12
C24 DD6 RE . 13.08 -46.68 45.10
C25 DD6 RE . 13.29 -46.50 46.41
C26 DD6 RE . 12.27 -46.62 47.39
C27 DD6 RE . 12.40 -46.53 48.74
C28 DD6 RE . 13.69 -46.26 49.46
C29 DD6 RE . 11.23 -46.70 49.54
C3 DD6 RE . 14.51 -46.89 41.59
C30 DD6 RE . 10.29 -46.80 50.28
C31 DD6 RE . 9.24 -46.86 51.23
C32 DD6 RE . 9.47 -47.61 52.54
C33 DD6 RE . 8.63 -46.95 53.62
C34 DD6 RE . 7.14 -46.88 53.31
C35 DD6 RE . 6.84 -46.70 51.82
C36 DD6 RE . 8.05 -46.26 51.04
C37 DD6 RE . 7.80 -45.15 50.06
C4 DD6 RE . 14.06 -47.18 40.35
C40 DD6 RE . 10.95 -47.57 52.95
C41 DD6 RE . 9.05 -49.08 52.39
C5 DD6 RE . 14.90 -47.16 39.20
C6 DD6 RE . 14.56 -47.37 37.91
C7 DD6 RE . 13.16 -47.69 37.48
C8 DD6 RE . 15.60 -47.30 36.89
C9 DD6 RE . 15.47 -47.57 35.58
O1 DD6 RE . 19.93 -46.13 30.83
O2 DD6 RE . 24.23 -45.75 31.31
O4 DD6 RE . 6.52 -48.08 53.77
C7 UIX SE . 9.49 -68.81 51.80
C8 UIX SE . 7.75 -67.84 54.33
C9 UIX SE . 8.68 -66.13 52.80
O1 UIX SE . 4.18 -67.61 53.38
C1 UIX SE . 7.00 -69.41 51.68
C5 UIX SE . 5.21 -67.78 52.39
C6 UIX SE . 7.45 -70.80 51.25
C4 UIX SE . 6.29 -66.72 52.62
O4 UIX SE . 31.67 -77.22 56.66
C3 UIX SE . 5.71 -69.22 52.45
O3 UIX SE . 26.89 -76.09 60.70
C2 UIX SE . 7.68 -67.28 52.91
C UIX SE . 8.06 -68.35 51.90
O UIX SE . 7.26 -68.40 50.70
C10 UIX SE . 10.09 -68.85 50.60
C11 UIX SE . 11.49 -69.29 50.40
C12 UIX SE . 11.99 -69.35 48.99
C13 UIX SE . 12.29 -69.64 51.43
C14 UIX SE . 13.67 -70.07 51.19
C15 UIX SE . 29.08 -74.29 59.17
C16 UIX SE . 27.51 -76.36 59.44
C17 UIX SE . 30.28 -75.23 59.21
C18 UIX SE . 29.93 -76.65 58.80
C19 UIX SE . 28.79 -77.16 59.68
C20 UIX SE . 27.84 -75.05 58.77
C21 UIX SE . 29.34 -73.15 58.19
C22 UIX SE . 28.85 -73.70 60.56
C23 UIX SE . 14.42 -70.36 52.25
C24 UIX SE . 26.54 -77.17 58.58
C25 UIX SE . 27.09 -74.61 57.88
C26 UIX SE . 15.84 -70.79 52.16
C27 UIX SE . 30.68 -76.52 56.53
C28 UIX SE . 26.29 -74.18 57.00
O2 UIX SE . 29.56 -76.73 57.42
C29 UIX SE . 16.56 -70.97 50.86
C30 UIX SE . 16.47 -71.01 53.32
C31 UIX SE . 30.60 -75.46 55.46
C32 UIX SE . 24.94 -73.73 57.37
C33 UIX SE . 24.49 -73.69 58.81
C34 UIX SE . 17.88 -71.42 53.37
C35 UIX SE . 24.10 -73.37 56.37
C36 UIX SE . 22.73 -72.94 56.62
C37 UIX SE . 18.45 -71.60 54.55
C38 UIX SE . 21.96 -72.64 55.57
C39 UIX SE . 19.85 -72.01 54.59
C40 UIX SE . 20.56 -72.22 55.73
C41 UIX SE . 19.95 -72.06 57.10
C DD6 TE . 11.41 -51.41 38.37
C1 DD6 TE . 11.21 -51.69 39.84
C10 DD6 TE . 14.47 -60.86 39.07
C11 DD6 TE . 14.77 -62.15 39.35
C12 DD6 TE . 14.40 -62.80 40.66
C13 DD6 TE . 15.54 -62.93 38.40
C14 DD6 TE . 16.17 -64.07 38.59
C15 DD6 TE . 16.94 -64.86 37.57
C16 DD6 TE . 16.42 -66.22 37.21
C17 DD6 TE . 17.59 -67.17 36.88
C18 DD6 TE . 18.70 -66.55 36.05
C19 DD6 TE . 19.39 -65.47 36.84
C2 DD6 TE . 11.51 -52.88 40.41
C20 DD6 TE . 18.41 -64.47 37.41
C21 DD6 TE . 19.03 -63.31 38.15
C22 DD6 TE . 15.51 -66.11 35.99
C23 DD6 TE . 15.59 -66.84 38.33
C24 DD6 TE . 10.71 -50.62 40.68
C25 DD6 TE . 10.41 -49.37 40.28
C26 DD6 TE . 9.91 -48.37 41.19
C27 DD6 TE . 9.61 -47.09 40.89
C28 DD6 TE . 9.74 -46.46 39.53
C29 DD6 TE . 9.12 -46.26 41.95
C3 DD6 TE . 12.05 -54.05 39.78
C30 DD6 TE . 8.69 -45.49 42.76
C31 DD6 TE . 8.27 -44.58 43.78
C32 DD6 TE . 7.76 -45.17 45.09
C33 DD6 TE . 6.72 -44.22 45.70
C34 DD6 TE . 7.14 -42.75 45.70
C35 DD6 TE . 7.41 -42.31 44.27
C36 DD6 TE . 8.34 -43.26 43.55
C37 DD6 TE . 9.31 -42.61 42.61
C4 DD6 TE . 12.22 -55.23 40.43
C40 DD6 TE . 8.91 -45.38 46.08
C41 DD6 TE . 7.07 -46.52 44.84
C5 DD6 TE . 12.77 -56.39 39.80
C6 DD6 TE . 12.92 -57.62 40.33
C7 DD6 TE . 12.46 -57.98 41.72
C8 DD6 TE . 13.58 -58.66 39.55
C9 DD6 TE . 13.79 -59.93 39.90
O1 DD6 TE . 17.38 -64.09 36.45
O2 DD6 TE . 19.64 -67.56 35.69
O4 DD6 TE . 6.10 -41.95 46.26
O1 LHG UE . -5.06 -40.22 43.77
C1 LHG UE . -5.19 -40.71 45.09
C2 LHG UE . -4.13 -40.07 45.98
O2 LHG UE . -2.98 -39.84 45.22
C3 LHG UE . -3.88 -40.90 47.23
O3 LHG UE . -2.52 -41.32 47.31
P LHG UE . -1.36 -40.27 47.79
O4 LHG UE . -1.58 -38.93 47.18
O5 LHG UE . -1.15 -40.43 49.28
O6 LHG UE . -0.09 -41.02 47.08
C4 LHG UE . 1.20 -40.43 47.07
C5 LHG UE . 1.57 -40.17 45.62
C6 LHG UE . 1.30 -38.75 45.17
O7 LHG UE . 2.96 -40.46 45.53
C7 LHG UE . 3.58 -40.43 44.36
O9 LHG UE . 4.14 -39.45 43.94
C8 LHG UE . 3.51 -41.73 43.60
C9 LHG UE . 3.81 -41.70 42.10
C10 LHG UE . 3.64 -43.07 41.44
O8 LHG UE . 0.86 -38.79 43.82
C23 LHG UE . -0.07 -37.93 43.43
O10 LHG UE . -1.16 -38.27 43.04
C24 LHG UE . 0.41 -36.50 43.53
C11 LHG UE . 4.94 -43.86 41.36
C12 LHG UE . 4.75 -45.29 40.86
C13 LHG UE . 5.41 -45.58 39.52
C14 LHG UE . 5.17 -47.00 39.00
C15 LHG UE . 6.02 -48.05 39.69
C16 LHG UE . 5.59 -49.49 39.40
C17 LHG UE . 6.78 -50.44 39.28
C18 LHG UE . 6.38 -51.89 39.09
C25 LHG UE . 1.67 -36.21 42.73
C26 LHG UE . 1.41 -35.42 41.46
C27 LHG UE . 2.40 -35.74 40.34
C DD6 VE . 16.42 67.01 -29.72
C1 DD6 VE . 17.62 67.82 -30.12
C10 DD6 VE . 14.50 74.55 -23.99
C11 DD6 VE . 14.16 75.70 -23.37
C12 DD6 VE . 14.82 77.02 -23.69
C13 DD6 VE . 13.14 75.67 -22.34
C14 DD6 VE . 12.76 76.63 -21.51
C15 DD6 VE . 11.68 76.49 -20.46
C16 DD6 VE . 12.05 75.92 -19.17
C17 DD6 VE . 10.91 76.14 -18.16
C18 DD6 VE . 9.51 75.71 -18.59
C19 DD6 VE . 9.45 75.28 -20.05
C2 DD6 VE . 17.91 69.02 -29.56
C20 DD6 VE . 10.35 76.07 -20.97
C21 DD6 VE . 9.99 76.03 -22.43
C22 DD6 VE . 13.33 76.60 -18.63
C23 DD6 VE . 12.35 74.42 -19.26
C24 DD6 VE . 18.49 67.28 -31.14
C25 DD6 VE . 18.24 66.21 -31.91
C26 DD6 VE . 19.12 65.68 -32.89
C27 DD6 VE . 18.86 64.67 -33.73
C28 DD6 VE . 17.53 63.96 -33.82
C29 DD6 VE . 19.91 64.18 -34.57
C3 DD6 VE . 17.16 69.69 -28.54
C30 DD6 VE . 20.79 63.65 -35.19
C31 DD6 VE . 21.90 63.02 -35.82
C32 DD6 VE . 23.21 63.81 -35.87
C33 DD6 VE . 24.06 63.29 -37.02
C34 DD6 VE . 24.15 61.79 -37.07
C35 DD6 VE . 22.77 61.21 -37.28
C36 DD6 VE . 21.76 61.77 -36.31
C37 DD6 VE . 20.64 60.84 -35.95
C4 DD6 VE . 17.43 70.92 -28.05
C40 DD6 VE . 23.97 63.66 -34.54
C41 DD6 VE . 22.93 65.30 -36.11
C5 DD6 VE . 16.62 71.51 -27.04
C6 DD6 VE . 16.70 72.75 -26.51
C7 DD6 VE . 17.72 73.76 -26.92
C8 DD6 VE . 15.72 73.12 -25.49
C9 DD6 VE . 15.50 74.34 -24.98
O1 DD6 VE . 10.60 77.41 -20.46
O2 DD6 VE . 9.10 74.61 -17.77
O4 DD6 VE . 25.01 61.39 -38.15
NB KC2 WE . -15.72 68.11 -62.80
ND KC2 WE . -19.06 68.70 -60.87
C1A KC2 WE . -16.81 70.61 -59.58
C1B KC2 WE . -14.42 68.64 -62.57
C1C KC2 WE . -17.84 66.45 -64.04
C1D KC2 WE . -20.32 68.15 -60.93
C2A KC2 WE . -15.73 71.44 -59.09
C2B KC2 WE . -13.46 68.04 -63.51
C2C KC2 WE . -18.85 65.66 -64.65
C2D KC2 WE . -21.10 68.66 -59.89
C3A KC2 WE . -14.61 71.12 -59.81
C3B KC2 WE . -14.15 67.16 -64.29
C3C KC2 WE . -20.01 65.89 -63.95
C3D KC2 WE . -20.28 69.56 -59.15
C4A KC2 WE . -14.98 70.14 -60.77
C4B KC2 WE . -15.54 67.18 -63.88
C4C KC2 WE . -19.73 66.82 -62.89
C4D KC2 WE . -19.01 69.57 -59.81
CAA KC2 WE . -15.84 72.46 -58.05
CAB KC2 WE . -13.64 66.30 -65.37
CAC KC2 WE . -21.31 65.31 -64.25
CAD KC2 WE . -20.25 70.44 -58.00
CBA KC2 WE . -16.09 72.28 -56.77
CBB KC2 WE . -13.90 66.38 -66.65
CBC KC2 WE . -21.98 65.38 -65.38
CBD KC2 WE . -18.89 71.10 -57.99
CED KC2 WE . -18.44 74.47 -59.47
CGA KC2 WE . -16.18 73.36 -55.77
CGD KC2 WE . -19.05 72.60 -58.16
CHA KC2 WE . -18.12 70.46 -59.15
CHB KC2 WE . -14.06 69.58 -61.65
CHC KC2 WE . -16.50 66.42 -64.47
CHD KC2 WE . -20.64 67.24 -61.95
CMA KC2 WE . -13.24 71.70 -59.65
CMB KC2 WE . -11.99 68.37 -63.55
CMC KC2 WE . -18.66 64.76 -65.84
CMD KC2 WE . -22.53 68.31 -59.58
NA KC2 WE . -16.32 69.84 -60.62
NC KC2 WE . -18.34 67.17 -62.99
O1A KC2 WE . -15.70 74.47 -55.98
O1D KC2 WE . -19.69 73.31 -57.43
O2A KC2 WE . -16.79 73.07 -54.65
O2D KC2 WE . -18.38 73.04 -59.22
OBD KC2 WE . -21.14 70.64 -57.16
MG KC2 WE . -17.46 68.59 -61.79
MG CLA XE . -12.78 63.83 -49.06
CHA CLA XE . -15.99 64.65 -48.23
CHB CLA XE . -12.37 62.43 -46.08
CHC CLA XE . -9.41 63.60 -49.73
CHD CLA XE . -13.02 65.97 -51.88
NA CLA XE . -13.97 63.56 -47.54
C1A CLA XE . -15.31 63.90 -47.34
C2A CLA XE . -15.90 63.38 -46.07
C3A CLA XE . -14.68 62.82 -45.35
C4A CLA XE . -13.59 62.94 -46.37
CMA CLA XE . -14.35 63.56 -44.05
CAA CLA XE . -16.98 62.32 -46.36
CBA CLA XE . -16.61 61.20 -47.35
CGA CLA XE . -15.79 60.11 -46.75
O1A CLA XE . -16.10 59.46 -45.78
O2A CLA XE . -14.65 59.95 -47.40
NB CLA XE . -11.21 63.11 -48.13
C1B CLA XE . -11.23 62.44 -46.85
C2B CLA XE . -9.94 61.95 -46.55
C3B CLA XE . -9.10 62.31 -47.61
C4B CLA XE . -9.86 63.02 -48.56
CMB CLA XE . -9.56 61.16 -45.34
CAB CLA XE . -7.67 62.02 -47.76
CBB CLA XE . -7.04 60.92 -47.49
NC CLA XE . -11.56 64.55 -50.44
C1C CLA XE . -10.18 64.31 -50.57
C2C CLA XE . -9.62 64.99 -51.72
C3C CLA XE . -10.64 65.66 -52.34
C4C CLA XE . -11.83 65.40 -51.57
CMC CLA XE . -8.19 65.00 -52.19
CAC CLA XE . -10.57 66.50 -53.58
CBC CLA XE . -11.10 65.78 -54.80
ND CLA XE . -14.09 65.00 -49.88
C1D CLA XE . -14.14 65.82 -51.10
C2D CLA XE . -15.44 66.35 -51.27
C3D CLA XE . -16.22 65.89 -50.17
C4D CLA XE . -15.37 65.12 -49.40
CMD CLA XE . -15.89 67.23 -52.39
CAD CLA XE . -17.53 65.86 -49.56
OBD CLA XE . -18.59 66.30 -49.99
CBD CLA XE . -17.44 65.17 -48.25
CGD CLA XE . -17.73 66.18 -47.16
O1D CLA XE . -17.42 67.34 -47.20
O2D CLA XE . -18.40 65.63 -46.15
CED CLA XE . -18.78 66.53 -45.09
C1 CLA XE . -13.72 58.99 -46.82
C2 CLA XE . -12.44 59.06 -47.60
C3 CLA XE . -11.39 58.32 -47.29
C4 CLA XE . -11.36 57.32 -46.18
C5 CLA XE . -10.11 58.43 -48.10
C6 CLA XE . -10.12 57.60 -49.37
C7 CLA XE . -10.44 56.13 -49.11
C8 CLA XE . -9.79 55.11 -50.04
C9 CLA XE . -10.50 55.02 -51.38
C10 CLA XE . -9.66 53.75 -49.37
C11 CLA XE . -10.95 53.11 -48.86
C12 CLA XE . -10.71 51.96 -47.90
C13 CLA XE . -10.30 52.37 -46.48
C14 CLA XE . -9.72 51.19 -45.70
C15 CLA XE . -11.48 53.00 -45.73
MG CLA YE . -2.95 58.82 -46.89
CHA CLA YE . -4.10 57.23 -44.05
CHB CLA YE . -5.69 57.91 -48.51
CHC CLA YE . -1.51 59.94 -49.81
CHD CLA YE . 0.25 59.08 -45.40
NA CLA YE . -4.50 57.78 -46.37
C1A CLA YE . -4.84 57.09 -45.19
C2A CLA YE . -6.07 56.24 -45.38
C3A CLA YE . -6.74 56.89 -46.54
C4A CLA YE . -5.57 57.57 -47.21
CMA CLA YE . -7.45 55.86 -47.41
CAA CLA YE . -7.04 56.18 -44.19
CBA CLA YE . -7.50 57.49 -43.56
CGA CLA YE . -8.38 57.18 -42.38
O1A CLA YE . -8.62 57.92 -41.47
O2A CLA YE . -8.81 55.91 -42.44
NB CLA YE . -3.48 58.92 -48.78
C1B CLA YE . -4.74 58.51 -49.31
C2B CLA YE . -4.82 58.79 -50.69
C3B CLA YE . -3.60 59.37 -51.04
C4B CLA YE . -2.79 59.45 -49.90
CMB CLA YE . -5.98 58.53 -51.59
CAB CLA YE . -3.22 59.83 -52.38
CBB CLA YE . -3.59 59.33 -53.52
NC CLA YE . -1.15 59.41 -47.44
C1C CLA YE . -0.75 59.89 -48.68
C2C CLA YE . 0.65 60.27 -48.71
C3C CLA YE . 1.15 60.00 -47.47
C4C CLA YE . 0.07 59.47 -46.68
CMC CLA YE . 1.40 60.85 -49.88
CAC CLA YE . 2.56 60.18 -46.99
CBC CLA YE . 2.75 61.42 -46.15
ND CLA YE . -2.10 58.36 -45.21
C1D CLA YE . -0.76 58.53 -44.64
C2D CLA YE . -0.74 58.08 -43.31
C3D CLA YE . -2.04 57.61 -43.01
C4D CLA YE . -2.80 57.79 -44.17
CMD CLA YE . 0.45 58.06 -42.40
CAD CLA YE . -2.92 57.10 -41.99
OBD CLA YE . -2.69 56.89 -40.81
CBD CLA YE . -4.25 56.79 -42.60
CGD CLA YE . -4.48 55.30 -42.35
O1D CLA YE . -5.24 54.85 -41.54
O2D CLA YE . -3.70 54.56 -43.12
CED CLA YE . -3.78 53.13 -42.92
C1 CLA YE . -9.13 55.24 -41.20
C2 CLA YE . -10.36 54.42 -41.38
C3 CLA YE . -10.81 53.59 -40.45
C4 CLA YE . -10.09 53.34 -39.15
C5 CLA YE . -12.12 52.88 -40.60
C6 CLA YE . -12.14 51.84 -41.71
C7 CLA YE . -13.48 51.79 -42.44
C8 CLA YE . -13.96 50.44 -42.94
C9 CLA YE . -14.55 49.60 -41.81
C10 CLA YE . -12.85 49.67 -43.67
C11 CLA YE . -13.28 48.43 -44.43
C12 CLA YE . -12.56 48.26 -45.76
C13 CLA YE . -12.78 46.95 -46.50
C14 CLA YE . -12.18 46.99 -47.90
C15 CLA YE . -14.25 46.57 -46.53
MG CLA ZE . 11.74 71.29 -48.06
CHA CLA ZE . 14.96 70.77 -49.09
CHB CLA ZE . 11.37 68.01 -47.72
CHC CLA ZE . 8.41 71.83 -47.46
CHD CLA ZE . 11.91 74.61 -49.27
NA CLA ZE . 12.95 69.79 -48.25
C1A CLA ZE . 14.31 69.73 -48.52
C2A CLA ZE . 14.90 68.39 -48.19
C3A CLA ZE . 13.71 67.51 -48.41
C4A CLA ZE . 12.59 68.48 -48.11
CMA CLA ZE . 13.63 66.90 -49.80
CAA CLA ZE . 15.35 68.33 -46.72
CBA CLA ZE . 16.18 69.51 -46.24
CGA CLA ZE . 15.34 70.62 -45.69
O1A CLA ZE . 14.72 70.56 -44.66
O2A CLA ZE . 15.39 71.71 -46.47
NB CLA ZE . 10.21 70.16 -47.63
C1B CLA ZE . 10.23 68.74 -47.42
C2B CLA ZE . 8.98 68.29 -46.96
C3B CLA ZE . 8.13 69.40 -46.92
C4B CLA ZE . 8.86 70.53 -47.33
CMB CLA ZE . 8.64 66.89 -46.56
CAB CLA ZE . 6.72 69.45 -46.52
CBB CLA ZE . 5.79 68.56 -46.75
NC CLA ZE . 10.51 72.82 -48.27
C1C CLA ZE . 9.17 72.87 -47.91
C2C CLA ZE . 8.60 74.19 -48.11
C3C CLA ZE . 9.59 74.98 -48.62
C4C CLA ZE . 10.76 74.15 -48.74
CMC CLA ZE . 7.20 74.62 -47.80
CAC CLA ZE . 9.51 76.44 -48.98
CBC CLA ZE . 10.21 77.33 -47.98
ND CLA ZE . 13.02 72.43 -48.97
C1D CLA ZE . 13.04 73.82 -49.43
C2D CLA ZE . 14.30 74.13 -49.95
C3D CLA ZE . 15.10 72.97 -49.87
C4D CLA ZE . 14.30 72.00 -49.27
CMD CLA ZE . 14.72 75.46 -50.49
CAD CLA ZE . 16.38 72.35 -50.15
OBD CLA ZE . 17.35 72.83 -50.73
CBD CLA ZE . 16.40 70.95 -49.61
CGD CLA ZE . 16.77 69.96 -50.71
O1D CLA ZE . 17.36 68.93 -50.53
O2D CLA ZE . 16.35 70.39 -51.90
CED CLA ZE . 16.61 69.50 -53.01
C1 CLA ZE . 15.15 72.99 -45.82
C2 CLA ZE . 13.75 73.19 -45.32
C3 CLA ZE . 13.22 74.39 -45.19
C4 CLA ZE . 13.91 75.66 -45.60
C5 CLA ZE . 11.86 74.58 -44.54
C6 CLA ZE . 10.75 73.78 -45.20
C7 CLA ZE . 9.76 73.18 -44.21
C8 CLA ZE . 8.54 74.00 -43.79
C9 CLA ZE . 8.90 75.43 -43.44
C10 CLA ZE . 7.83 73.28 -42.64
C11 CLA ZE . 6.60 73.94 -42.03
C12 CLA ZE . 6.07 73.16 -40.84
C13 CLA ZE . 4.83 73.72 -40.13
C14 CLA ZE . 5.03 75.18 -39.73
C15 CLA ZE . 4.43 72.86 -38.93
MG CLA AF . 18.61 70.84 -36.93
CHA CLA AF . 20.86 69.93 -39.33
CHB CLA AF . 20.99 70.56 -34.61
CHC CLA AF . 16.23 71.45 -34.54
CHD CLA AF . 15.97 70.04 -39.17
NA CLA AF . 20.51 70.42 -37.00
C1A CLA AF . 21.34 70.15 -38.08
C2A CLA AF . 22.80 70.07 -37.73
C3A CLA AF . 22.75 69.98 -36.22
C4A CLA AF . 21.33 70.34 -35.90
CMA CLA AF . 23.08 68.59 -35.67
CAA CLA AF . 23.53 71.33 -38.22
CBA CLA AF . 22.97 72.67 -37.74
CGA CLA AF . 24.04 73.67 -37.41
O1A CLA AF . 25.22 73.51 -37.60
O2A CLA AF . 23.52 74.78 -36.90
NB CLA AF . 18.61 71.01 -34.98
C1B CLA AF . 19.75 70.90 -34.11
C2B CLA AF . 19.38 71.17 -32.78
C3B CLA AF . 18.00 71.44 -32.78
C4B CLA AF . 17.54 71.33 -34.11
CMB CLA AF . 20.27 71.15 -31.58
CAB CLA AF . 17.17 71.78 -31.64
CBB CLA AF . 17.26 72.83 -30.86
NC CLA AF . 16.63 70.80 -36.87
C1C CLA AF . 15.82 71.14 -35.81
C2C CLA AF . 14.41 71.04 -36.13
C3C CLA AF . 14.31 70.59 -37.41
C4C CLA AF . 15.67 70.44 -37.90
CMC CLA AF . 13.27 71.34 -35.21
CAC CLA AF . 13.06 70.27 -38.17
CBC CLA AF . 12.10 71.46 -38.26
ND CLA AF . 18.40 70.18 -38.74
C1D CLA AF . 17.27 69.90 -39.63
C2D CLA AF . 17.73 69.51 -40.89
C3D CLA AF . 19.15 69.54 -40.85
C4D CLA AF . 19.47 69.93 -39.56
CMD CLA AF . 16.88 69.13 -42.07
CAD CLA AF . 20.40 69.35 -41.58
OBD CLA AF . 20.55 69.05 -42.75
CBD CLA AF . 21.55 69.60 -40.65
CGD CLA AF . 22.43 68.34 -40.56
O1D CLA AF . 23.58 68.30 -40.89
O2D CLA AF . 21.75 67.31 -40.08
CED CLA AF . 22.49 66.08 -39.92
MG CLA BF . 9.83 58.54 -46.32
CHA CLA BF . 12.35 56.24 -45.99
CHB CLA BF . 8.53 56.74 -48.78
CHC CLA BF . 7.83 61.22 -47.08
CHD CLA BF . 11.53 60.66 -44.03
NA CLA BF . 10.29 56.82 -47.09
C1A CLA BF . 11.30 55.92 -46.79
C2A CLA BF . 11.12 54.57 -47.43
C3A CLA BF . 10.07 54.84 -48.48
C4A CLA BF . 9.59 56.23 -48.12
CMA CLA BF . 10.59 54.77 -49.91
CAA CLA BF . 10.62 53.60 -46.35
CBA CLA BF . 10.82 52.12 -46.70
CGA CLA BF . 10.23 51.18 -45.69
O1A CLA BF . 10.27 49.99 -45.76
O2A CLA BF . 9.65 51.85 -44.69
NB CLA BF . 8.45 58.91 -47.65
C1B CLA BF . 7.94 57.99 -48.61
C2B CLA BF . 6.91 58.58 -49.36
C3B CLA BF . 6.76 59.89 -48.89
C4B CLA BF . 7.67 60.09 -47.85
CMB CLA BF . 6.08 57.92 -50.42
CAB CLA BF . 5.90 60.93 -49.44
CBB CLA BF . 5.08 61.72 -48.81
NC CLA BF . 9.68 60.41 -45.68
C1C CLA BF . 8.75 61.35 -46.08
C2C CLA BF . 8.85 62.57 -45.33
C3C CLA BF . 9.85 62.41 -44.42
C4C CLA BF . 10.40 61.10 -44.64
CMC CLA BF . 8.01 63.80 -45.51
CAC CLA BF . 10.29 63.39 -43.36
CBC CLA BF . 9.29 63.48 -42.23
ND CLA BF . 11.49 58.55 -45.32
C1D CLA BF . 12.14 59.46 -44.36
C2D CLA BF . 13.32 58.89 -43.87
C3D CLA BF . 13.48 57.63 -44.51
C4D CLA BF . 12.36 57.49 -45.33
CMD CLA BF . 14.24 59.49 -42.86
CAD CLA BF . 14.33 56.47 -44.72
OBD CLA BF . 15.46 56.29 -44.32
CBD CLA BF . 13.61 55.48 -45.58
CGD CLA BF . 14.52 55.07 -46.73
O1D CLA BF . 15.41 54.28 -46.64
O2D CLA BF . 14.20 55.72 -47.84
CED CLA BF . 15.05 55.47 -48.98
MG CLA CF . 1.54 60.22 -39.13
CHA CLA CF . -1.86 60.17 -39.23
CHB CLA CF . 1.46 59.33 -35.92
CHC CLA CF . 4.95 60.64 -39.00
CHD CLA CF . 1.56 62.08 -42.15
NA CLA CF . 0.10 59.82 -37.90
C1A CLA CF . -1.28 59.76 -38.08
C2A CLA CF . -2.03 59.23 -36.90
C3A CLA CF . -0.99 59.25 -35.80
C4A CLA CF . 0.28 59.48 -36.57
CMA CLA CF . -1.23 60.32 -34.74
CAA CLA CF . -2.52 57.81 -37.26
CBA CLA CF . -1.41 56.79 -37.49
CGA CLA CF . -1.92 55.51 -38.08
O1A CLA CF . -3.07 55.29 -38.33
O2A CLA CF . -0.92 54.66 -38.32
NB CLA CF . 2.93 59.98 -37.77
C1B CLA CF . 2.74 59.49 -36.43
C2B CLA CF . 3.98 59.27 -35.81
C3B CLA CF . 4.96 59.63 -36.72
C4B CLA CF . 4.34 60.09 -37.89
CMB CLA CF . 4.19 58.74 -34.42
CAB CLA CF . 6.42 59.54 -36.55
CBB CLA CF . 7.09 58.61 -35.91
NC CLA CF . 2.90 61.11 -40.27
C1C CLA CF . 4.27 61.14 -40.07
C2C CLA CF . 4.95 61.86 -41.11
C3C CLA CF . 4.02 62.30 -42.01
C4C CLA CF . 2.74 61.85 -41.51
CMC CLA CF . 6.43 62.08 -41.21
CAC CLA CF . 4.28 63.09 -43.26
CBC CLA CF . 4.71 64.51 -42.97
ND CLA CF . 0.27 60.96 -40.39
C1D CLA CF . 0.34 61.67 -41.66
C2D CLA CF . -0.95 61.83 -42.19
C3D CLA CF . -1.87 61.23 -41.29
C4D CLA CF . -1.08 60.74 -40.25
CMD CLA CF . -1.29 62.50 -43.50
CAD CLA CF . -3.25 60.92 -41.01
OBD CLA CF . -4.24 61.17 -41.66
CBD CLA CF . -3.32 60.19 -39.69
CGD CLA CF . -4.25 60.93 -38.73
O1D CLA CF . -3.90 61.72 -37.90
O2D CLA CF . -5.52 60.59 -38.94
CED CLA CF . -6.50 61.28 -38.14
C1 CLA CF . -1.22 53.53 -39.19
C2 CLA CF . -0.53 53.78 -40.48
C3 CLA CF . 0.06 52.85 -41.23
C4 CLA CF . 0.74 53.15 -42.54
C5 CLA CF . 0.07 51.41 -40.81
C6 CLA CF . 1.10 51.11 -39.72
C7 CLA CF . 2.41 50.56 -40.26
C8 CLA CF . 2.38 49.10 -40.74
C9 CLA CF . 2.08 48.14 -39.60
C10 CLA CF . 3.69 48.74 -41.45
MG CLA DF . -4.77 76.61 -41.02
CHA CLA DF . -6.31 76.40 -37.98
CHB CLA DF . -7.40 78.29 -42.20
CHC CLA DF . -3.39 76.38 -44.15
CHD CLA DF . -2.40 74.20 -39.95
NA CLA DF . -6.41 77.27 -40.21
C1A CLA DF . -6.89 77.18 -38.92
C2A CLA DF . -8.10 78.03 -38.64
C3A CLA DF . -8.55 78.41 -40.03
C4A CLA DF . -7.39 77.97 -40.89
CMA CLA DF . -9.85 77.74 -40.44
CAA CLA DF . -7.67 79.22 -37.76
CBA CLA DF . -6.43 80.01 -38.21
CGA CLA DF . -6.71 81.00 -39.29
O1A CLA DF . -7.32 82.03 -39.13
O2A CLA DF . -6.16 80.63 -40.44
NB CLA DF . -5.28 77.22 -42.82
C1B CLA DF . -6.44 78.00 -43.16
C2B CLA DF . -6.42 78.34 -44.52
C3B CLA DF . -5.26 77.79 -45.07
C4B CLA DF . -4.57 77.10 -44.04
CMB CLA DF . -7.45 79.16 -45.25
CAB CLA DF . -4.78 77.92 -46.45
CBB CLA DF . -5.42 77.65 -47.54
NC CLA DF . -3.28 75.60 -41.82
C1C CLA DF . -2.82 75.68 -43.13
C2C CLA DF . -1.63 74.88 -43.34
C3C CLA DF . -1.34 74.28 -42.15
C4C CLA DF . -2.35 74.69 -41.21
CMC CLA DF . -0.85 74.74 -44.62
CAC CLA DF . -0.19 73.37 -41.83
CBC CLA DF . 0.93 74.08 -41.08
ND CLA DF . -4.42 75.53 -39.45
C1D CLA DF . -3.41 74.55 -39.05
C2D CLA DF . -3.63 74.12 -37.74
C3D CLA DF . -4.77 74.82 -37.26
C4D CLA DF . -5.17 75.64 -38.30
CMD CLA DF . -2.80 73.14 -36.97
CAD CLA DF . -5.73 74.98 -36.17
OBD CLA DF . -5.84 74.32 -35.15
CBD CLA DF . -6.64 76.13 -36.50
CGD CLA DF . -8.11 75.81 -36.26
O1D CLA DF . -8.64 74.77 -36.54
O2D CLA DF . -8.74 76.85 -35.73
CED CLA DF . -10.17 76.73 -35.60
C1 CLA DF . -6.26 81.60 -41.53
C2 CLA DF . -5.31 81.19 -42.60
C3 CLA DF . -5.00 81.95 -43.62
C4 CLA DF . -5.58 83.33 -43.85
C5 CLA DF . -4.02 81.48 -44.68
C6 CLA DF . -3.06 82.56 -45.13
C7 CLA DF . -1.80 82.02 -45.78
C8 CLA DF . -0.66 83.03 -45.94
C9 CLA DF . -0.88 83.92 -47.16
C10 CLA DF . 0.70 82.33 -45.98
C11 CLA DF . 1.09 81.68 -47.30
C12 CLA DF . 2.18 80.64 -47.14
C13 CLA DF . 3.38 80.71 -48.10
C14 CLA DF . 2.93 80.76 -49.56
C15 CLA DF . 4.36 79.56 -47.86
C16 CLA DF . 4.85 79.38 -46.43
C17 CLA DF . 5.87 78.26 -46.30
C18 CLA DF . 6.37 77.97 -44.88
C19 CLA DF . 7.02 79.18 -44.24
C20 CLA DF . 5.25 77.45 -43.98
MG CLA EF . -13.70 77.55 -57.00
CHA CLA EF . -13.64 78.73 -53.79
CHB CLA EF . -16.84 78.61 -57.25
CHC CLA EF . -13.81 76.08 -60.08
CHD CLA EF . -10.81 75.61 -56.32
NA CLA EF . -14.85 78.57 -55.84
C1A CLA EF . -14.63 79.15 -54.61
C2A CLA EF . -15.64 80.21 -54.28
C3A CLA EF . -16.85 79.62 -54.99
C4A CLA EF . -16.16 78.88 -56.11
CMA CLA EF . -17.71 78.71 -54.11
CAA CLA EF . -15.20 81.54 -54.91
CBA CLA EF . -13.70 81.70 -55.14
CGA CLA EF . -13.31 83.09 -55.52
O1A CLA EF . -14.06 83.94 -55.92
O2A CLA EF . -12.00 83.29 -55.37
NB CLA EF . -15.04 77.40 -58.40
C1B CLA EF . -16.37 77.94 -58.38
C2B CLA EF . -17.04 77.66 -59.59
C3B CLA EF . -16.15 76.94 -60.39
C4B CLA EF . -14.95 76.77 -59.68
CMB CLA EF . -18.43 78.08 -59.95
CAB CLA EF . -16.38 76.41 -61.74
CBB CLA EF . -16.80 77.06 -62.80
NC CLA EF . -12.59 76.24 -57.96
C1C CLA EF . -12.76 75.82 -59.27
C2C CLA EF . -11.70 74.93 -59.69
C3C CLA EF . -10.85 74.76 -58.63
C4C CLA EF . -11.39 75.56 -57.55
CMC CLA EF . -11.55 74.30 -61.05
CAC CLA EF . -9.59 73.94 -58.57
CBC CLA EF . -8.37 74.71 -59.01
ND CLA EF . -12.52 77.19 -55.51
C1D CLA EF . -11.33 76.37 -55.28
C2D CLA EF . -10.87 76.54 -53.97
C3D CLA EF . -11.75 77.45 -53.33
C4D CLA EF . -12.68 77.81 -54.28
CMD CLA EF . -9.66 75.88 -53.36
CAD CLA EF . -12.07 78.16 -52.11
OBD CLA EF . -11.53 78.09 -51.01
CBD CLA EF . -13.25 79.07 -52.35
CGD CLA EF . -14.36 78.83 -51.35
O1D CLA EF . -14.83 77.76 -51.08
O2D CLA EF . -14.76 79.97 -50.78
CED CLA EF . -15.81 79.86 -49.80
NB KC2 FF . -3.41 79.65 -52.95
ND KC2 FF . -7.15 80.12 -54.00
C1A KC2 FF . -6.71 81.49 -51.10
C1B KC2 FF . -2.72 80.02 -51.76
C1C KC2 FF . -3.80 78.43 -55.63
C1D KC2 FF . -7.89 79.73 -55.07
C2A KC2 FF . -6.43 82.05 -49.82
C2B KC2 FF . -1.33 79.59 -51.82
C2C KC2 FF . -3.99 77.84 -56.91
C2D KC2 FF . -9.22 80.14 -54.89
C3A KC2 FF . -5.12 81.81 -49.55
C3B KC2 FF . -1.14 78.97 -53.02
C3C KC2 FF . -5.32 78.00 -57.23
C3D KC2 FF . -9.27 80.83 -53.63
C4A KC2 FF . -4.58 81.10 -50.65
C4B KC2 FF . -2.40 78.98 -53.74
C4C KC2 FF . -5.97 78.70 -56.17
C4D KC2 FF . -7.94 80.78 -53.11
CAA KC2 FF . -7.37 82.79 -48.99
CAB KC2 FF . 0.10 78.41 -53.56
CAC KC2 FF . -5.94 77.53 -58.46
CAD KC2 FF . -10.15 81.54 -52.72
CBA KC2 FF . -7.87 82.42 -47.82
CBB KC2 FF . 0.70 78.72 -54.68
CBC KC2 FF . -6.52 78.26 -59.39
CBD KC2 FF . -9.29 81.95 -51.53
CED KC2 FF . -8.50 85.50 -52.21
CGA KC2 FF . -8.81 83.21 -47.01
CGD KC2 FF . -9.37 83.47 -51.41
CHA KC2 FF . -7.89 81.43 -51.84
CHB KC2 FF . -3.24 80.69 -50.69
CHC KC2 FF . -2.57 78.41 -54.96
CHD KC2 FF . -7.31 79.03 -56.14
CMA KC2 FF . -4.34 82.21 -48.32
CMB KC2 FF . -0.32 79.79 -50.72
CMC KC2 FF . -2.91 77.22 -57.75
CMD KC2 FF . -10.38 79.93 -55.82
NA KC2 FF . -5.56 80.91 -51.60
NC KC2 FF . -4.98 78.96 -55.17
O1A KC2 FF . -9.67 82.66 -46.34
O1D KC2 FF . -10.16 84.06 -50.71
O2A KC2 FF . -8.69 84.51 -47.09
O2D KC2 FF . -8.47 84.06 -52.18
OBD KC2 FF . -11.35 81.80 -52.85
MG KC2 FF . -5.37 80.03 -53.44
MG CLA GF . -1.86 65.82 -64.47
CHA CLA GF . -0.10 65.40 -67.36
CHB CLA GF . -2.16 69.05 -65.13
CHC CLA GF . -3.18 66.22 -61.35
CHD CLA GF . -0.80 62.57 -63.44
NA CLA GF . -1.33 66.91 -65.98
C1A CLA GF . -0.68 66.60 -67.16
C2A CLA GF . -0.67 67.72 -68.18
C3A CLA GF . -1.16 68.90 -67.38
C4A CLA GF . -1.58 68.27 -66.06
CMA CLA GF . -0.10 69.98 -67.19
CAA CLA GF . -1.64 67.33 -69.30
CBA CLA GF . -2.98 66.74 -68.83
NB CLA GF . -2.53 67.33 -63.44
C1B CLA GF . -2.62 68.68 -63.88
C2B CLA GF . -3.22 69.49 -62.89
C3B CLA GF . -3.50 68.66 -61.80
C4B CLA GF . -3.09 67.36 -62.13
CMB CLA GF . -3.51 70.96 -62.99
CAB CLA GF . -4.11 69.03 -60.52
CBB CLA GF . -5.10 69.87 -60.32
NC CLA GF . -2.01 64.69 -62.85
C1C CLA GF . -2.66 65.01 -61.67
C2C CLA GF . -2.67 63.92 -60.73
C3C CLA GF . -1.99 62.88 -61.30
C4C CLA GF . -1.56 63.34 -62.59
CMC CLA GF . -3.31 63.92 -59.38
CAC CLA GF . -1.72 61.54 -60.68
CBC CLA GF . -0.78 61.61 -59.49
ND CLA GF . -0.77 64.36 -65.15
C1D CLA GF . -0.39 63.02 -64.68
C2D CLA GF . 0.38 62.37 -65.66
C3D CLA GF . 0.53 63.26 -66.75
C4D CLA GF . -0.17 64.41 -66.38
CMD CLA GF . 0.92 60.97 -65.56
CAD CLA GF . 1.08 63.48 -68.07
OBD CLA GF . 1.76 62.72 -68.74
CBD CLA GF . 0.71 64.85 -68.54
CGD CLA GF . 1.95 65.67 -68.84
O1D CLA GF . 2.04 66.51 -69.70
O2D CLA GF . 2.94 65.34 -68.01
CED CLA GF . 4.17 66.10 -68.16
MG CLA HF . 2.69 56.39 -58.47
CHA CLA HF . 6.05 55.75 -58.40
CHB CLA HF . 2.90 57.11 -61.71
CHC CLA HF . -0.59 57.31 -58.35
CHD CLA HF . 2.72 56.55 -54.92
NA CLA HF . 4.13 56.30 -59.74
C1A CLA HF . 5.45 55.90 -59.62
C2A CLA HF . 6.14 55.65 -60.92
C3A CLA HF . 5.28 56.48 -61.87
C4A CLA HF . 4.01 56.65 -61.08
CMA CLA HF . 5.89 57.81 -62.29
CAA CLA HF . 6.07 54.14 -61.20
CBA CLA HF . 4.71 53.46 -61.05
CGA CLA HF . 4.37 53.06 -59.64
O1A CLA HF . 5.11 52.46 -58.90
O2A CLA HF . 3.15 53.48 -59.30
NB CLA HF . 1.41 57.07 -59.76
C1B CLA HF . 1.64 57.31 -61.16
C2B CLA HF . 0.45 57.72 -61.80
C3B CLA HF . -0.55 57.73 -60.83
C4B CLA HF . 0.02 57.36 -59.60
CMB CLA HF . 0.30 58.07 -63.25
CAB CLA HF . -1.97 58.03 -61.02
CBB CLA HF . -2.99 57.34 -60.59
NC CLA HF . 1.41 56.79 -57.03
C1C CLA HF . 0.06 57.08 -57.19
C2C CLA HF . -0.62 57.23 -55.92
C3C CLA HF . 0.33 57.08 -54.93
C4C CLA HF . 1.57 56.79 -55.60
CMC CLA HF . -2.08 57.45 -55.72
CAC CLA HF . 0.13 57.19 -53.45
CBC CLA HF . -0.01 55.85 -52.77
ND CLA HF . 3.97 56.22 -57.01
C1D CLA HF . 3.91 56.25 -55.55
C2D CLA HF . 5.17 55.95 -55.00
C3D CLA HF . 6.06 55.72 -56.09
C4D CLA HF . 5.30 55.91 -57.24
CMD CLA HF . 5.50 55.86 -53.55
CAD CLA HF . 7.39 55.34 -56.50
OBD CLA HF . 8.34 54.99 -55.81
CBD CLA HF . 7.48 55.39 -57.99
CGD CLA HF . 8.51 56.44 -58.41
O1D CLA HF . 8.26 57.59 -58.59
O2D CLA HF . 9.71 55.90 -58.54
CED CLA HF . 10.77 56.78 -58.96
C1 CLA HF . 2.74 53.17 -57.93
C2 CLA HF . 1.32 53.58 -57.74
C3 CLA HF . 0.65 53.37 -56.61
C4 CLA HF . 1.23 52.66 -55.42
C5 CLA HF . -0.75 53.89 -56.44
C6 CLA HF . -1.80 52.81 -56.23
C7 CLA HF . -3.14 53.22 -56.82
C8 CLA HF . -4.43 52.58 -56.31
C9 CLA HF . -4.23 51.12 -55.92
C10 CLA HF . -5.51 52.74 -57.38
C11 CLA HF . -6.96 52.66 -56.92
C12 CLA HF . -7.92 53.21 -57.98
C13 CLA HF . -9.42 52.94 -57.78
C14 CLA HF . -10.22 53.33 -59.01
C15 CLA HF . -9.93 53.63 -56.52
C7 UIX IF . -1.28 72.88 -60.51
C8 UIX IF . -1.21 74.18 -63.08
C9 UIX IF . 1.09 74.46 -62.32
O1 UIX IF . 2.15 71.06 -64.76
C1 UIX IF . 0.26 71.06 -61.51
C5 UIX IF . 1.62 71.62 -63.56
C6 UIX IF . -0.28 70.10 -60.47
C4 UIX IF . 0.54 72.64 -63.91
O4 UIX IF . 0.40 80.21 -34.38
C3 UIX IF . 1.00 70.51 -62.72
O3 UIX IF . -2.74 79.36 -38.36
C2 UIX IF . 0.06 73.43 -62.70
C UIX IF . -0.22 72.52 -61.51
O UIX IF . 1.01 72.10 -60.88
C10 UIX IF . -0.92 73.26 -59.29
C11 UIX IF . -1.88 73.64 -58.22
C12 UIX IF . -3.37 73.65 -58.41
C13 UIX IF . -1.33 73.96 -57.04
C14 UIX IF . -2.09 74.37 -55.85
C15 UIX IF . -0.89 81.46 -39.87
C16 UIX IF . -1.47 79.07 -38.96
C17 UIX IF . 0.16 81.55 -38.76
C18 UIX IF . -0.23 80.73 -37.54
C19 UIX IF . -0.38 79.27 -37.91
C20 UIX IF . -1.25 80.01 -40.11
C21 UIX IF . -0.31 82.08 -41.13
C22 UIX IF . -2.15 82.22 -39.47
C23 UIX IF . -1.37 74.70 -54.78
C24 UIX IF . -1.48 77.63 -39.44
C25 UIX IF . -1.41 79.62 -41.30
C26 UIX IF . -1.93 75.17 -53.50
C27 UIX IF . 0.27 81.09 -35.21
C28 UIX IF . -1.62 79.21 -42.46
O2 UIX IF . 0.79 80.88 -36.55
C29 UIX IF . -3.41 75.30 -53.24
C30 UIX IF . -1.05 75.52 -52.56
C31 UIX IF . -0.42 82.38 -34.89
C32 UIX IF . -0.54 78.85 -43.40
C33 UIX IF . 0.91 78.93 -42.98
C34 UIX IF . -1.45 76.03 -51.25
C35 UIX IF . -0.94 78.46 -44.62
C36 UIX IF . -0.08 78.05 -45.73
C37 UIX IF . -0.50 76.37 -50.37
C38 UIX IF . -0.71 77.67 -46.83
C39 UIX IF . -0.93 76.87 -49.07
C40 UIX IF . -0.08 77.20 -48.08
C41 UIX IF . 1.42 77.10 -48.23
C DD6 JF . -0.20 63.84 -47.87
C1 DD6 JF . 0.13 64.23 -49.28
C10 DD6 JF . -8.56 61.25 -52.45
C11 DD6 JF . -9.74 61.21 -53.12
C12 DD6 JF . -9.96 61.88 -54.46
C13 DD6 JF . -10.86 60.49 -52.53
C14 DD6 JF . -12.10 60.38 -52.96
C15 DD6 JF . -13.20 59.61 -52.26
C16 DD6 JF . -13.66 58.34 -52.92
C17 DD6 JF . -15.16 58.12 -52.61
C18 DD6 JF . -15.55 58.39 -51.16
C19 DD6 JF . -15.40 59.87 -50.86
C2 DD6 JF . -0.73 64.06 -50.31
C20 DD6 JF . -14.04 60.38 -51.27
C21 DD6 JF . -13.80 61.85 -50.97
C22 DD6 JF . -12.86 57.16 -52.37
C23 DD6 JF . -13.47 58.35 -54.44
C24 DD6 JF . 1.46 64.73 -49.55
C25 DD6 JF . 2.53 64.67 -48.75
C26 DD6 JF . 3.81 65.17 -49.13
C27 DD6 JF . 4.96 65.12 -48.42
C28 DD6 JF . 5.10 64.56 -47.03
C29 DD6 JF . 6.16 65.55 -49.07
C3 DD6 JF . -2.04 63.48 -50.28
C30 DD6 JF . 7.17 65.80 -49.67
C31 DD6 JF . 8.35 65.99 -50.43
C32 DD6 JF . 9.13 64.72 -50.77
C33 DD6 JF . 10.49 65.08 -51.40
C34 DD6 JF . 10.44 66.29 -52.33
C35 DD6 JF . 9.99 67.48 -51.52
C36 DD6 JF . 8.70 67.24 -50.80
C37 DD6 JF . 7.88 68.47 -50.54
C4 DD6 JF . -2.82 63.34 -51.37
C40 DD6 JF . 8.35 63.84 -51.74
C41 DD6 JF . 9.42 63.90 -49.50
C5 DD6 JF . -4.11 62.75 -51.32
C6 DD6 JF . -5.00 62.60 -52.32
C7 DD6 JF . -4.75 63.07 -53.73
C8 DD6 JF . -6.28 61.96 -52.05
C9 DD6 JF . -7.35 61.90 -52.85
O1 DD6 JF . -12.96 59.49 -50.85
O2 DD6 JF . -16.92 57.99 -50.95
O4 DD6 JF . 11.74 66.52 -52.88
C DD6 KF . -6.88 66.62 -62.44
C1 DD6 KF . -7.54 65.64 -61.50
C10 DD6 KF . -2.50 58.44 -65.50
C11 DD6 KF . -1.86 57.27 -65.76
C12 DD6 KF . -2.21 55.97 -65.10
C13 DD6 KF . -0.73 57.30 -66.68
C14 DD6 KF . 0.09 56.32 -67.01
C15 DD6 KF . 1.25 56.43 -67.97
C16 DD6 KF . 0.99 56.34 -69.44
C17 DD6 KF . 2.23 56.83 -70.20
C18 DD6 KF . 3.60 56.36 -69.73
C19 DD6 KF . 3.51 55.39 -68.56
C2 DD6 KF . -7.31 64.30 -61.55
C20 DD6 KF . 2.54 55.87 -67.50
C21 DD6 KF . 2.77 55.35 -66.10
C22 DD6 KF . -0.19 57.26 -69.79
C23 DD6 KF . 0.61 54.93 -69.90
C24 DD6 KF . -8.44 66.16 -60.49
C25 DD6 KF . -8.75 67.45 -60.28
C26 DD6 KF . -9.64 67.89 -59.26
C27 DD6 KF . -10.00 69.16 -59.00
C28 DD6 KF . -9.57 70.35 -59.80
C29 DD6 KF . -10.83 69.40 -57.85
C3 DD6 KF . -6.42 63.62 -62.42
C30 DD6 KF . -11.46 69.67 -56.88
C31 DD6 KF . -12.28 70.07 -55.78
C32 DD6 KF . -13.63 69.37 -55.62
C33 DD6 KF . -14.39 70.08 -54.50
C34 DD6 KF . -13.57 70.23 -53.23
C35 DD6 KF . -12.27 70.96 -53.46
C36 DD6 KF . -11.91 71.03 -54.93
C37 DD6 KF . -11.12 72.26 -55.32
C4 DD6 KF . -6.26 62.27 -62.45
C40 DD6 KF . -13.44 67.89 -55.25
C41 DD6 KF . -14.42 69.44 -56.93
C5 DD6 KF . -5.35 61.64 -63.33
C6 DD6 KF . -5.10 60.31 -63.47
C7 DD6 KF . -5.80 59.26 -62.66
C8 DD6 KF . -4.05 59.91 -64.38
C9 DD6 KF . -3.56 58.67 -64.56
O1 DD6 KF . 2.31 57.30 -67.60
O2 DD6 KF . 4.28 55.72 -70.82
O4 DD6 KF . -14.35 70.94 -52.26
C7 UIX LF . 3.90 68.10 -41.13
C8 UIX LF . 3.03 65.83 -39.62
C9 UIX LF . 3.35 67.54 -37.88
O1 UIX LF . -0.92 68.15 -37.96
C1 UIX LF . 1.58 69.16 -40.59
C5 UIX LF . 0.38 68.36 -38.54
C6 UIX LF . 1.69 69.93 -41.90
C4 UIX LF . 1.07 67.02 -38.73
O4 UIX LF . 26.70 77.11 -38.76
C3 UIX LF . 0.23 69.03 -39.90
O3 UIX LF . 25.03 71.84 -41.77
C2 UIX LF . 2.53 67.17 -39.12
C UIX LF . 2.73 68.24 -40.19
O UIX LF . 2.60 69.57 -39.67
C10 UIX LF . 4.97 68.87 -40.95
C11 UIX LF . 6.18 68.80 -41.82
C12 UIX LF . 6.32 67.88 -42.99
C13 UIX LF . 7.19 69.62 -41.48
C14 UIX LF . 8.46 69.64 -42.20
C15 UIX LF . 25.04 75.53 -42.69
C16 UIX LF . 25.70 73.05 -42.14
C17 UIX LF . 26.36 75.79 -41.96
C18 UIX LF . 26.45 75.01 -40.66
C19 UIX LF . 26.52 73.51 -40.94
C20 UIX LF . 24.66 74.08 -42.53
C21 UIX LF . 25.20 75.84 -44.17
C22 UIX LF . 23.94 76.40 -42.10
C23 UIX LF . 9.43 70.44 -41.74
C24 UIX LF . 26.60 72.75 -43.33
C25 UIX LF . 23.48 73.70 -42.77
C26 UIX LF . 10.77 70.55 -42.34
C27 UIX LF . 27.63 76.74 -39.46
C28 UIX LF . 22.33 73.30 -43.02
O2 UIX LF . 27.63 75.36 -39.93
C29 UIX LF . 11.19 69.80 -43.58
C30 UIX LF . 11.65 71.35 -41.71
C31 UIX LF . 28.77 77.63 -39.84
C32 UIX LF . 21.18 73.59 -42.13
C33 UIX LF . 21.37 74.38 -40.86
C34 UIX LF . 13.03 71.50 -42.18
C35 UIX LF . 19.97 73.14 -42.51
C36 UIX LF . 18.75 73.34 -41.73
C37 UIX LF . 13.92 72.24 -41.52
C38 UIX LF . 17.61 72.81 -42.20
C39 UIX LF . 15.29 72.30 -42.06
C40 UIX LF . 16.33 72.93 -41.48
C41 UIX LF . 16.23 73.71 -40.20
C DD6 MF . -5.05 59.71 -59.09
C1 DD6 MF . -5.30 60.79 -58.07
C10 DD6 MF . 3.81 60.22 -54.64
C11 DD6 MF . 4.95 60.52 -53.96
C12 DD6 MF . 4.99 61.57 -52.89
C13 DD6 MF . 6.18 59.81 -54.28
C14 DD6 MF . 7.42 60.05 -53.89
C15 DD6 MF . 8.66 59.27 -54.25
C16 DD6 MF . 9.38 58.61 -53.12
C17 DD6 MF . 10.91 58.63 -53.40
C18 DD6 MF . 11.30 58.29 -54.83
C19 DD6 MF . 10.79 59.36 -55.76
C2 DD6 MF . -4.35 61.22 -57.20
C20 DD6 MF . 9.33 59.67 -55.55
C21 DD6 MF . 8.76 60.72 -56.48
C22 DD6 MF . 8.93 57.14 -52.99
C23 DD6 MF . 9.12 59.28 -51.77
C24 DD6 MF . -6.61 61.43 -58.07
C25 DD6 MF . -7.58 61.27 -58.98
C26 DD6 MF . -8.84 61.94 -58.89
C27 DD6 MF . -9.85 61.86 -59.79
C28 DD6 MF . -9.81 61.03 -61.05
C29 DD6 MF . -11.04 62.62 -59.56
C3 DD6 MF . -3.00 60.78 -57.11
C30 DD6 MF . -12.06 63.24 -59.48
C31 DD6 MF . -13.30 63.93 -59.51
C32 DD6 MF . -14.10 63.94 -60.81
C33 DD6 MF . -15.57 64.14 -60.45
C34 DD6 MF . -15.87 65.40 -59.65
C35 DD6 MF . -14.77 65.73 -58.66
C36 DD6 MF . -13.82 64.59 -58.46
C37 DD6 MF . -13.52 64.26 -57.02
C4 DD6 MF . -2.13 61.24 -56.19
C40 DD6 MF . -13.94 62.60 -61.54
C41 DD6 MF . -13.62 65.07 -61.74
C5 DD6 MF . -0.77 60.78 -56.10
C6 DD6 MF . 0.14 61.09 -55.14
C7 DD6 MF . -0.16 61.99 -53.98
C8 DD6 MF . 1.48 60.53 -55.25
C9 DD6 MF . 2.53 60.82 -54.47
O1 DD6 MF . 8.52 58.47 -55.42
O2 DD6 MF . 12.71 58.20 -54.92
O4 DD6 MF . -16.05 66.50 -60.55
MG CLA NF . 1.54 55.70 -23.01
CHA CLA NF . -1.72 54.95 -23.70
CHB CLA NF . 0.76 56.08 -19.82
CHC CLA NF . 4.69 56.99 -22.50
CHD CLA NF . 2.17 55.98 -26.50
NA CLA NF . -0.10 55.49 -22.02
C1A CLA NF . -1.37 55.09 -22.41
C2A CLA NF . -2.33 54.85 -21.27
C3A CLA NF . -1.60 55.46 -20.10
C4A CLA NF . -0.22 55.70 -20.66
CMA CLA NF . -2.24 56.75 -19.59
CAA CLA NF . -2.53 53.34 -21.12
CBA CLA NF . -1.26 52.49 -21.11
CGA CLA NF . -1.51 51.03 -20.90
O1A CLA NF . -2.49 50.44 -21.30
O2A CLA NF . -0.53 50.45 -20.22
NB CLA NF . 2.54 56.35 -21.48
C1B CLA NF . 2.09 56.35 -20.12
C2B CLA NF . 3.13 56.73 -19.24
C3B CLA NF . 4.24 57.01 -20.03
C4B CLA NF . 3.89 56.81 -21.38
CMB CLA NF . 3.06 56.74 -17.74
CAB CLA NF . 5.57 57.47 -19.60
CBB CLA NF . 6.72 56.93 -19.85
NC CLA NF . 3.04 56.29 -24.18
C1C CLA NF . 4.27 56.76 -23.78
C2C CLA NF . 5.15 57.03 -24.90
C3C CLA NF . 4.44 56.76 -26.03
C4C CLA NF . 3.14 56.30 -25.61
CMC CLA NF . 6.56 57.53 -24.83
CAC CLA NF . 4.91 56.88 -27.46
CBC CLA NF . 5.38 55.57 -28.03
ND CLA NF . 0.56 55.54 -24.69
C1D CLA NF . 0.89 55.62 -26.11
C2D CLA NF . -0.23 55.27 -26.89
C3D CLA NF . -1.30 55.00 -25.99
C4D CLA NF . -0.77 55.17 -24.73
CMD CLA NF . -0.28 55.21 -28.38
CAD CLA NF . -2.69 54.64 -25.84
OBD CLA NF . -3.52 54.43 -26.71
CBD CLA NF . -3.03 54.54 -24.39
CGD CLA NF . -4.20 55.47 -24.06
O1D CLA NF . -4.31 56.59 -24.47
O2D CLA NF . -5.08 54.88 -23.26
CED CLA NF . -6.26 55.64 -22.95
C1 CLA NF . -0.54 49.00 -20.15
C2 CLA NF . -1.04 48.56 -18.82
C3 CLA NF . -0.40 47.73 -18.01
C4 CLA NF . -0.94 47.29 -16.67
C5 CLA NF . 0.93 47.13 -18.38
C6 CLA NF . 2.09 48.08 -18.12
C7 CLA NF . 3.41 47.59 -18.71
C8 CLA NF . 4.58 48.56 -18.60
C9 CLA NF . 5.25 48.81 -19.93
C10 CLA NF . 5.59 48.08 -17.55
C11 CLA NF . 6.43 46.86 -17.93
C12 CLA NF . 6.99 46.15 -16.71
C13 CLA NF . 8.04 45.07 -16.95
C14 CLA NF . 7.58 44.05 -17.98
C15 CLA NF . 8.44 44.43 -15.62
C16 CLA NF . 8.19 42.93 -15.43
C17 CLA NF . 8.26 42.48 -13.97
C18 CLA NF . 9.63 42.11 -13.41
C19 CLA NF . 10.11 40.79 -13.98
C20 CLA NF . 10.67 43.18 -13.61
O6 SQD OF . -12.74 58.41 -30.41
C44 SQD OF . -12.21 57.14 -30.76
C45 SQD OF . -10.69 57.29 -30.87
C46 SQD OF . -10.01 56.41 -29.82
O47 SQD OF . -10.08 56.86 -32.10
C7 SQD OF . -10.84 56.93 -33.33
O49 SQD OF . -11.60 57.86 -33.56
C8 SQD OF . -10.67 55.78 -34.28
C9 SQD OF . -9.41 55.96 -35.11
C10 SQD OF . -8.87 54.60 -35.55
C11 SQD OF . -7.68 54.72 -36.50
C12 SQD OF . -7.04 53.35 -36.68
C13 SQD OF . -6.21 53.27 -37.96
C14 SQD OF . -5.39 51.99 -37.96
C15 SQD OF . -4.94 51.60 -39.37
C16 SQD OF . -6.06 50.92 -40.14
C17 SQD OF . -5.54 50.33 -41.44
O48 SQD OF . -8.68 56.90 -29.66
C23 SQD OF . -7.56 56.21 -30.29
O10 SQD OF . -7.46 55.00 -30.21
C24 SQD OF . -6.56 57.04 -31.06
C25 SQD OF . -5.57 56.16 -31.81
C26 SQD OF . -4.77 57.02 -32.79
C27 SQD OF . -3.32 57.18 -32.35
C28 SQD OF . -2.45 56.08 -32.96
C29 SQD OF . -1.18 55.90 -32.16
C30 SQD OF . 0.01 55.70 -33.08
C31 SQD OF . 1.25 55.30 -32.28
C32 SQD OF . 2.50 55.32 -33.14
C33 SQD OF . 3.73 54.97 -32.32
C34 SQD OF . 4.88 54.52 -33.23
C35 SQD OF . 6.04 53.99 -32.41
C1 SQD OF . -12.88 58.54 -29.00
C2 SQD OF . -12.74 59.99 -28.56
O2 SQD OF . -11.57 60.57 -29.12
C3 SQD OF . -12.68 59.99 -27.04
O3 SQD OF . -12.56 61.32 -26.55
C4 SQD OF . -13.94 59.33 -26.49
O4 SQD OF . -13.82 59.20 -25.07
C5 SQD OF . -14.19 57.96 -27.13
C6 SQD OF . -15.56 57.43 -26.71
O5 SQD OF . -14.14 58.06 -28.55
S SQD OF . -15.92 56.08 -27.62
O7 SQD OF . -14.76 55.23 -27.69
O8 SQD OF . -17.15 55.27 -26.92
O9 SQD OF . -16.30 56.49 -28.94
MG CLA PF . 18.43 -19.61 59.29
CHA CLA PF . 15.32 -20.15 60.62
CHB CLA PF . 18.28 -16.45 60.27
CHC CLA PF . 21.22 -19.00 57.38
CHD CLA PF . 18.29 -22.82 57.78
NA CLA PF . 17.13 -18.59 60.30
C1A CLA PF . 15.91 -18.96 60.86
C2A CLA PF . 15.29 -17.92 61.76
C3A CLA PF . 16.17 -16.72 61.52
C4A CLA PF . 17.27 -17.27 60.64
CMA CLA PF . 15.43 -15.57 60.86
CAA CLA PF . 15.35 -18.43 63.21
CBA CLA PF . 16.60 -19.19 63.66
CGA CLA PF . 17.74 -18.29 64.03
O1A CLA PF . 17.90 -17.78 65.10
O2A CLA PF . 18.57 -18.12 63.00
NB CLA PF . 19.54 -18.05 58.92
C1B CLA PF . 19.38 -16.74 59.48
C2B CLA PF . 20.43 -15.90 59.08
C3B CLA PF . 21.28 -16.66 58.26
C4B CLA PF . 20.73 -17.94 58.15
CMB CLA PF . 20.61 -14.46 59.45
CAB CLA PF . 22.56 -16.24 57.68
CBB CLA PF . 22.90 -15.09 57.19
NC CLA PF . 19.49 -20.64 57.97
C1C CLA PF . 20.64 -20.21 57.29
C2C CLA PF . 21.19 -21.27 56.46
C3C CLA PF . 20.39 -22.37 56.61
C4C CLA PF . 19.32 -21.99 57.51
CMC CLA PF . 22.38 -21.20 55.54
CAC CLA PF . 20.59 -23.74 56.04
CBC CLA PF . 21.24 -24.68 57.02
ND CLA PF . 17.18 -21.09 59.16
C1D CLA PF . 17.20 -22.42 58.54
C2D CLA PF . 16.04 -23.13 58.89
C3D CLA PF . 15.26 -22.28 59.72
C4D CLA PF . 15.98 -21.11 59.83
CMD CLA PF . 15.71 -24.53 58.49
CAD CLA PF . 14.05 -22.14 60.51
OBD CLA PF . 13.17 -22.97 60.72
CBD CLA PF . 14.00 -20.77 61.09
CGD CLA PF . 12.77 -20.04 60.57
O1D CLA PF . 12.77 -19.23 59.69
O2D CLA PF . 11.68 -20.43 61.23
CED CLA PF . 10.43 -19.82 60.81
C1 CLA PF . 19.70 -17.23 63.24
C2 CLA PF . 20.88 -17.72 62.46
C3 CLA PF . 22.10 -17.25 62.65
C4 CLA PF . 22.44 -16.16 63.63
C5 CLA PF . 23.28 -17.81 61.88
C6 CLA PF . 24.38 -18.35 62.77
C7 CLA PF . 25.43 -19.15 62.01
C8 CLA PF . 26.53 -19.77 62.86
C9 CLA PF . 27.38 -18.70 63.55
C10 CLA PF . 27.39 -20.74 62.05
C11 CLA PF . 27.98 -20.19 60.75
C12 CLA PF . 29.03 -21.11 60.13
C13 CLA PF . 28.84 -21.50 58.67
C14 CLA PF . 28.73 -23.01 58.51
C15 CLA PF . 29.94 -20.91 57.78
C16 CLA PF . 31.36 -21.42 58.00
C17 CLA PF . 32.33 -20.93 56.92
C18 CLA PF . 33.81 -21.10 57.23
C19 CLA PF . 34.20 -22.57 57.37
C20 CLA PF . 34.67 -20.42 56.19
MG CLA QF . 27.80 -11.64 56.85
CHA CLA QF . 26.25 -12.10 59.86
CHB CLA QF . 26.81 -8.47 56.83
CHC CLA QF . 28.97 -11.40 53.63
CHD CLA QF . 28.18 -15.16 56.55
NA CLA QF . 26.79 -10.56 58.11
C1A CLA QF . 26.26 -10.85 59.36
C2A CLA QF . 25.69 -9.67 60.08
C3A CLA QF . 25.74 -8.58 59.04
C4A CLA QF . 26.49 -9.23 57.91
CMA CLA QF . 24.37 -8.06 58.62
CAA CLA QF . 26.59 -9.37 61.30
CBA CLA QF . 28.06 -9.07 61.00
CGA CLA QF . 28.98 -10.24 61.14
O1A CLA QF . 28.91 -11.07 62.02
O2A CLA QF . 29.93 -10.25 60.21
NB CLA QF . 27.90 -10.23 55.51
C1B CLA QF . 27.48 -8.87 55.68
C2B CLA QF . 27.82 -8.10 54.54
C3B CLA QF . 28.43 -8.97 53.64
C4B CLA QF . 28.47 -10.25 54.21
CMB CLA QF . 27.62 -6.62 54.38
CAB CLA QF . 28.95 -8.64 52.30
CBB CLA QF . 29.84 -7.74 51.99
NC CLA QF . 28.43 -12.92 55.48
C1C CLA QF . 28.94 -12.63 54.22
C2C CLA QF . 29.41 -13.81 53.53
C3C CLA QF . 29.20 -14.87 54.36
C4C CLA QF . 28.58 -14.35 55.55
CMC CLA QF . 30.03 -13.84 52.15
CAC CLA QF . 29.55 -16.31 54.11
CBC CLA QF . 30.82 -16.72 54.83
ND CLA QF . 27.33 -13.25 57.85
C1D CLA QF . 27.54 -14.68 57.67
C2D CLA QF . 27.06 -15.37 58.80
C3D CLA QF . 26.54 -14.41 59.70
C4D CLA QF . 26.74 -13.18 59.09
CMD CLA QF . 27.12 -16.85 59.01
CAD CLA QF . 25.87 -14.18 60.97
OBD CLA QF . 25.44 -14.99 61.77
CBD CLA QF . 25.77 -12.69 61.20
CGD CLA QF . 24.35 -12.31 61.62
O1D CLA QF . 24.06 -11.25 62.12
O2D CLA QF . 23.51 -13.30 61.42
CED CLA QF . 22.18 -13.12 61.96
C1 CLA QF . 31.12 -11.03 60.50
C2 CLA QF . 30.96 -12.43 60.03
C3 CLA QF . 31.01 -12.81 58.76
C4 CLA QF . 30.86 -14.24 58.32
C5 CLA QF . 31.23 -11.82 57.64
C6 CLA QF . 32.58 -11.94 56.95
C7 CLA QF . 32.58 -12.92 55.79
C8 CLA QF . 33.78 -12.86 54.85
C9 CLA QF . 33.79 -11.58 54.03
C10 CLA QF . 33.84 -14.10 53.95
MG CLA RF . 29.32 -11.80 38.06
CHA CLA RF . 32.24 -11.49 36.32
CHB CLA RF . 30.85 -10.72 40.79
CHC CLA RF . 26.55 -12.74 39.83
CHD CLA RF . 27.88 -13.42 35.24
NA CLA RF . 31.11 -11.15 38.41
C1A CLA RF . 32.19 -10.97 37.57
C2A CLA RF . 33.30 -10.15 38.16
C3A CLA RF . 32.94 -10.12 39.63
C4A CLA RF . 31.54 -10.70 39.63
CMA CLA RF . 33.91 -10.88 40.51
CAA CLA RF . 33.25 -8.76 37.50
CBA CLA RF . 31.90 -8.04 37.51
CGA CLA RF . 31.02 -8.27 36.31
O1A CLA RF . 30.86 -7.46 35.43
O2A CLA RF . 30.34 -9.40 36.42
NB CLA RF . 28.79 -11.75 39.94
C1B CLA RF . 29.57 -11.20 41.02
C2B CLA RF . 28.82 -11.23 42.21
C3B CLA RF . 27.60 -11.82 41.91
C4B CLA RF . 27.57 -12.14 40.55
CMB CLA RF . 29.27 -10.70 43.54
CAB CLA RF . 26.46 -12.04 42.82
CBB CLA RF . 26.48 -12.53 44.03
NC CLA RF . 27.65 -12.78 37.64
C1C CLA RF . 26.60 -13.03 38.51
C2C CLA RF . 25.49 -13.69 37.85
C3C CLA RF . 25.83 -13.88 36.54
C4C CLA RF . 27.18 -13.35 36.40
CMC CLA RF . 24.20 -14.10 38.49
CAC CLA RF . 24.99 -14.47 35.45
CBC CLA RF . 24.80 -15.95 35.61
ND CLA RF . 29.86 -12.37 36.27
C1D CLA RF . 29.19 -12.97 35.12
C2D CLA RF . 30.05 -13.00 34.02
C3D CLA RF . 31.29 -12.45 34.44
C4D CLA RF . 31.11 -12.10 35.76
CMD CLA RF . 29.72 -13.48 32.64
CAD CLA RF . 32.64 -12.08 34.06
OBD CLA RF . 33.19 -12.17 32.98
CBD CLA RF . 33.34 -11.50 35.26
CGD CLA RF . 34.52 -12.39 35.68
O1D CLA RF . 34.85 -12.59 36.81
O2D CLA RF . 35.13 -12.90 34.61
CED CLA RF . 36.25 -13.78 34.90
C1 CLA RF . 28.89 -9.24 36.41
C2 CLA RF . 28.23 -9.70 35.18
C3 CLA RF . 26.92 -9.96 35.16
C4 CLA RF . 26.18 -10.41 33.93
C5 CLA RF . 26.09 -9.82 36.41
C6 CLA RF . 24.59 -9.99 36.20
C7 CLA RF . 23.80 -9.73 37.48
C8 CLA RF . 22.33 -10.14 37.45
C9 CLA RF . 21.59 -9.47 36.29
C10 CLA RF . 21.63 -9.86 38.79
C11 CLA RF . 21.15 -8.44 39.07
C12 CLA RF . 20.45 -8.32 40.42
C13 CLA RF . 19.74 -6.98 40.69
C14 CLA RF . 20.74 -5.85 40.88
C15 CLA RF . 18.78 -7.09 41.86
C16 CLA RF . 17.93 -5.86 42.14
C17 CLA RF . 18.24 -5.21 43.49
C18 CLA RF . 17.71 -3.79 43.68
C19 CLA RF . 16.21 -3.72 43.48
C20 CLA RF . 18.10 -3.22 45.03
NB KC2 SF . 30.95 0.58 32.55
ND KC2 SF . 32.88 -2.59 33.78
C1A KC2 SF . 34.64 -1.15 31.50
C1B KC2 SF . 31.29 1.53 31.55
C1C KC2 SF . 29.33 -0.77 34.63
C1D KC2 SF . 32.59 -3.60 34.66
C2A KC2 SF . 35.34 -0.47 30.45
C2B KC2 SF . 30.21 2.51 31.41
C2C KC2 SF . 28.55 -1.40 35.63
C2D KC2 SF . 33.66 -4.51 34.67
C3A KC2 SF . 34.58 0.60 30.09
C3B KC2 SF . 29.22 2.17 32.29
C3C KC2 SF . 29.23 -2.52 36.02
C3D KC2 SF . 34.65 -4.02 33.75
C4A KC2 SF . 33.41 0.59 30.89
C4B KC2 SF . 29.66 0.99 33.00
C4C KC2 SF . 30.47 -2.60 35.29
C4D KC2 SF . 34.10 -2.81 33.22
CAA KC2 SF . 36.60 -0.90 29.88
CAB KC2 SF . 27.92 2.82 32.50
CAC KC2 SF . 28.73 -3.46 37.04
CAD KC2 SF . 35.97 -4.27 33.20
CBA KC2 SF . 37.65 -0.14 29.57
CBB KC2 SF . 27.53 3.51 33.55
CBC KC2 SF . 29.39 -4.16 37.90
CBD KC2 SF . 36.25 -3.13 32.25
CED KC2 SF . 39.81 -2.10 32.45
CGA KC2 SF . 38.91 -0.63 28.99
CGD KC2 SF . 37.48 -2.36 32.72
CHA KC2 SF . 34.99 -2.26 32.26
CHB KC2 SF . 32.41 1.56 30.77
CHC KC2 SF . 28.90 0.38 33.97
CHD KC2 SF . 31.40 -3.60 35.39
CMA KC2 SF . 34.89 1.62 29.02
CMB KC2 SF . 30.22 3.66 30.44
CMC KC2 SF . 27.23 -0.91 36.13
CMD KC2 SF . 33.78 -5.78 35.47
NA KC2 SF . 33.47 -0.48 31.75
NC KC2 SF . 30.50 -1.46 34.42
O1A KC2 SF . 39.73 0.15 28.51
O1D KC2 SF . 37.47 -1.51 33.56
O2A KC2 SF . 39.09 -1.92 29.04
O2D KC2 SF . 38.57 -2.77 32.09
OBD KC2 SF . 36.72 -5.22 33.43
MG KC2 SF . 32.08 -1.02 33.19
MG CLA TF . 26.14 -4.94 52.24
CHA CLA TF . 23.76 -5.89 54.49
CHB CLA TF . 25.63 -1.75 53.03
CHC CLA TF . 28.26 -4.08 49.69
CHD CLA TF . 25.98 -8.18 50.79
NA CLA TF . 24.97 -4.06 53.51
C1A CLA TF . 24.06 -4.57 54.43
C2A CLA TF . 23.46 -3.54 55.36
C3A CLA TF . 23.94 -2.24 54.75
C4A CLA TF . 24.91 -2.68 53.69
CMA CLA TF . 22.82 -1.36 54.19
CAA CLA TF . 24.02 -3.78 56.77
CBA CLA TF . 25.54 -3.92 56.84
CGA CLA TF . 26.05 -4.23 58.22
O1A CLA TF . 25.46 -4.87 59.04
O2A CLA TF . 27.29 -3.76 58.37
NB CLA TF . 26.82 -3.26 51.52
C1B CLA TF . 26.57 -1.94 52.03
C2B CLA TF . 27.37 -1.00 51.35
C3B CLA TF . 28.11 -1.69 50.40
C4B CLA TF . 27.79 -3.05 50.48
CMB CLA TF . 27.42 0.48 51.61
CAB CLA TF . 29.10 -1.15 49.47
CBB CLA TF . 30.15 -0.41 49.74
NC CLA TF . 26.92 -5.87 50.67
C1C CLA TF . 27.83 -5.35 49.76
C2C CLA TF . 28.25 -6.32 48.78
C3C CLA TF . 27.59 -7.50 49.06
C4C CLA TF . 26.77 -7.24 50.22
CMC CLA TF . 29.23 -6.12 47.68
CAC CLA TF . 27.70 -8.81 48.32
CBC CLA TF . 26.85 -8.84 47.07
ND CLA TF . 25.18 -6.61 52.50
C1D CLA TF . 25.19 -7.94 51.90
C2D CLA TF . 24.35 -8.80 52.62
C3D CLA TF . 23.78 -8.06 53.68
C4D CLA TF . 24.30 -6.78 53.55
CMD CLA TF . 24.11 -10.25 52.31
CAD CLA TF . 22.93 -8.08 54.85
OBD CLA TF . 22.33 -9.03 55.36
CBD CLA TF . 22.86 -6.70 55.43
CGD CLA TF . 21.41 -6.22 55.49
O1D CLA TF . 20.88 -5.54 54.66
O2D CLA TF . 20.81 -6.68 56.59
CED CLA TF . 19.41 -6.33 56.75
C1 CLA TF . 28.19 -4.56 59.20
C2 CLA TF . 29.18 -5.13 58.25
C3 CLA TF . 30.13 -6.01 58.58
C4 CLA TF . 30.29 -6.57 59.97
C5 CLA TF . 31.11 -6.51 57.55
C6 CLA TF . 31.05 -8.01 57.31
C7 CLA TF . 31.44 -8.40 55.90
C8 CLA TF . 32.79 -7.89 55.41
C9 CLA TF . 32.99 -8.18 53.92
C10 CLA TF . 33.94 -8.45 56.25
MG CLA UF . 12.55 -13.23 45.00
CHA CLA UF . 10.62 -10.84 46.49
CHB CLA UF . 10.16 -15.46 45.56
CHC CLA UF . 14.78 -15.67 44.11
CHD CLA UF . 15.27 -10.95 45.00
NA CLA UF . 10.76 -13.10 45.74
C1A CLA UF . 10.05 -12.03 46.22
C2A CLA UF . 8.58 -12.30 46.43
C3A CLA UF . 8.54 -13.80 46.40
C4A CLA UF . 9.90 -14.17 45.87
CMA CLA UF . 8.25 -14.45 47.75
CAA CLA UF . 7.79 -11.66 45.29
CBA CLA UF . 8.32 -11.92 43.88
CGA CLA UF . 9.27 -10.87 43.37
O1A CLA UF . 8.96 -9.75 43.08
O2A CLA UF . 10.50 -11.36 43.25
NB CLA UF . 12.48 -15.17 44.85
C1B CLA UF . 11.34 -16.00 45.08
C2B CLA UF . 11.65 -17.35 44.82
C3B CLA UF . 12.99 -17.41 44.45
C4B CLA UF . 13.50 -16.08 44.46
CMB CLA UF . 10.70 -18.51 44.90
CAB CLA UF . 13.79 -18.58 44.12
CBB CLA UF . 13.64 -19.82 44.51
NC CLA UF . 14.48 -13.28 44.61
C1C CLA UF . 15.21 -14.39 44.19
C2C CLA UF . 16.59 -14.04 43.88
C3C CLA UF . 16.73 -12.71 44.12
C4C CLA UF . 15.45 -12.23 44.58
CMC CLA UF . 17.65 -14.98 43.39
CAC CLA UF . 17.95 -11.86 43.91
CBC CLA UF . 17.91 -11.07 42.62
ND CLA UF . 12.93 -11.42 45.60
C1D CLA UF . 14.08 -10.51 45.53
C2D CLA UF . 13.72 -9.24 46.04
C3D CLA UF . 12.37 -9.31 46.45
C4D CLA UF . 11.97 -10.61 46.16
CMD CLA UF . 14.63 -8.05 46.12
CAD CLA UF . 11.24 -8.62 47.03
OBD CLA UF . 11.16 -7.46 47.41
CBD CLA UF . 10.06 -9.55 47.09
CGD CLA UF . 9.59 -9.76 48.53
O1D CLA UF . 10.27 -10.13 49.44
O2D CLA UF . 8.30 -9.46 48.64
CED CLA UF . 7.70 -9.71 49.94
C1 CLA UF . 11.42 -10.57 42.44
C2 CLA UF . 12.46 -11.49 41.91
C3 CLA UF . 13.15 -11.34 40.77
C4 CLA UF . 14.19 -12.32 40.31
C5 CLA UF . 12.92 -10.16 39.86
C6 CLA UF . 13.87 -9.01 40.11
C7 CLA UF . 13.57 -7.78 39.25
C8 CLA UF . 14.51 -6.60 39.44
C9 CLA UF . 14.05 -5.38 38.67
C10 CLA UF . 15.95 -6.98 39.07
MG CLA VF . 12.93 -29.91 50.90
CHA CLA VF . 11.01 -27.57 49.30
CHB CLA VF . 10.25 -31.00 52.50
CHC CLA VF . 15.02 -31.76 52.89
CHD CLA VF . 15.83 -28.33 49.58
NA CLA VF . 11.06 -29.45 50.79
C1A CLA VF . 10.37 -28.53 50.00
C2A CLA VF . 8.88 -28.67 50.05
C3A CLA VF . 8.67 -29.62 51.19
C4A CLA VF . 10.07 -30.06 51.53
CMA CLA VF . 7.95 -28.98 52.37
CAA CLA VF . 8.38 -29.22 48.70
CBA CLA VF . 9.02 -30.51 48.20
CGA CLA VF . 9.54 -30.41 46.80
O1A CLA VF . 9.89 -29.39 46.28
O2A CLA VF . 9.60 -31.60 46.20
NB CLA VF . 12.69 -31.13 52.38
C1B CLA VF . 11.44 -31.54 52.95
C2B CLA VF . 11.65 -32.48 53.97
C3B CLA VF . 13.02 -32.69 54.07
C4B CLA VF . 13.66 -31.87 53.13
CMB CLA VF . 10.58 -33.16 54.79
CAB CLA VF . 13.73 -33.59 54.99
CBB CLA VF . 13.44 -33.86 56.23
NC CLA VF . 14.89 -30.06 51.12
C1C CLA VF . 15.57 -30.92 51.97
C2C CLA VF . 17.00 -30.83 51.80
C3C CLA VF . 17.25 -29.91 50.83
C4C CLA VF . 15.96 -29.40 50.41
CMC CLA VF . 18.03 -31.62 52.56
CAC CLA VF . 18.58 -29.51 50.25
CBC CLA VF . 18.98 -30.36 49.07
ND CLA VF . 13.38 -28.34 49.82
C1D CLA VF . 14.61 -27.73 49.32
C2D CLA VF . 14.31 -26.62 48.53
C3D CLA VF . 12.90 -26.49 48.50
C4D CLA VF . 12.41 -27.53 49.27
CMD CLA VF . 15.30 -25.72 47.85
CAD CLA VF . 11.76 -25.72 48.02
OBD CLA VF . 11.75 -24.70 47.37
CBD CLA VF . 10.49 -26.41 48.45
CGD CLA VF . 9.58 -25.49 49.26
O1D CLA VF . 9.81 -25.11 50.37
O2D CLA VF . 8.47 -25.20 48.58
CED CLA VF . 7.42 -24.56 49.33
C1 CLA VF . 10.43 -31.66 45.01
C2 CLA VF . 9.75 -31.05 43.85
C3 CLA VF . 10.36 -30.60 42.75
C4 CLA VF . 9.64 -29.99 41.58
C5 CLA VF . 11.86 -30.66 42.61
C6 CLA VF . 12.45 -29.75 41.54
C7 CLA VF . 13.96 -29.62 41.65
C8 CLA VF . 14.73 -29.05 40.47
C9 CLA VF . 16.24 -29.13 40.70
C10 CLA VF . 14.29 -27.63 40.12
C11 CLA VF . 15.14 -26.96 39.04
C12 CLA VF . 14.54 -25.68 38.47
C13 CLA VF . 15.21 -25.17 37.19
C14 CLA VF . 16.72 -25.00 37.37
C15 CLA VF . 14.56 -23.89 36.70
C16 CLA VF . 15.12 -23.30 35.41
MG CLA WF . 15.78 -25.00 43.07
CHA CLA WF . 12.37 -25.06 43.32
CHB CLA WF . 15.58 -22.51 40.91
CHC CLA WF . 19.09 -25.56 42.27
CHD CLA WF . 15.94 -27.97 45.00
NA CLA WF . 14.29 -23.99 42.36
C1A CLA WF . 12.90 -24.10 42.54
C2A CLA WF . 12.10 -23.07 41.77
C3A CLA WF . 13.17 -22.13 41.29
C4A CLA WF . 14.44 -22.91 41.51
CMA CLA WF . 12.99 -21.69 39.84
CAA CLA WF . 11.10 -22.38 42.71
CBA CLA WF . 10.46 -21.11 42.17
CGA CLA WF . 9.65 -21.32 40.92
O1A CLA WF . 8.91 -22.26 40.74
O2A CLA WF . 9.86 -20.36 40.03
NB CLA WF . 17.08 -24.20 41.86
C1B CLA WF . 16.83 -23.09 40.97
C2B CLA WF . 18.01 -22.76 40.27
C3B CLA WF . 19.00 -23.63 40.67
C4B CLA WF . 18.45 -24.51 41.63
CMB CLA WF . 18.15 -21.66 39.24
CAB CLA WF . 20.40 -23.67 40.23
CBB CLA WF . 20.85 -23.60 39.02
NC CLA WF . 17.16 -26.34 43.57
C1C CLA WF . 18.48 -26.39 43.15
C2C CLA WF . 19.20 -27.49 43.75
C3C CLA WF . 18.33 -28.17 44.55
C4C CLA WF . 17.06 -27.49 44.44
CMC CLA WF . 20.64 -27.83 43.51
CAC CLA WF . 18.60 -29.38 45.39
CBC CLA WF . 18.17 -30.66 44.73
ND CLA WF . 14.55 -26.23 43.95
C1D CLA WF . 14.69 -27.43 44.77
C2D CLA WF . 13.44 -27.85 45.22
C3D CLA WF . 12.48 -26.96 44.69
C4D CLA WF . 13.19 -26.03 43.95
CMD CLA WF . 13.16 -29.01 46.12
CAD CLA WF . 11.07 -26.63 44.56
OBD CLA WF . 10.10 -27.21 45.03
CBD CLA WF . 10.93 -25.41 43.72
CGD CLA WF . 10.01 -25.71 42.54
O1D CLA WF . 8.83 -25.89 42.62
O2D CLA WF . 10.70 -25.75 41.41
CED CLA WF . 9.94 -26.02 40.20
C1 CLA WF . 9.22 -20.54 38.73
C2 CLA WF . 10.18 -20.04 37.69
C3 CLA WF . 10.56 -20.74 36.62
C4 CLA WF . 10.08 -22.13 36.31
C5 CLA WF . 11.54 -20.16 35.63
C6 CLA WF . 12.84 -19.68 36.27
C7 CLA WF . 13.93 -19.41 35.23
C8 CLA WF . 15.31 -19.01 35.74
C9 CLA WF . 15.75 -19.86 36.92
C10 CLA WF . 15.38 -17.51 36.06
C11 CLA WF . 16.68 -16.99 36.66
C12 CLA WF . 16.69 -15.49 36.88
C13 CLA WF . 17.82 -14.94 37.74
C14 CLA WF . 17.59 -13.46 38.09
C15 CLA WF . 19.17 -15.15 37.08
MG CLA XF . 31.33 -29.84 51.22
CHA CLA XF . 33.92 -31.92 50.44
CHB CLA XF . 29.60 -31.13 48.69
CHC CLA XF . 28.93 -27.46 51.79
CHD CLA XF . 33.52 -27.91 53.22
NA CLA XF . 31.67 -31.28 49.97
C1A CLA XF . 32.72 -32.16 49.86
C2A CLA XF . 32.40 -33.36 49.00
C3A CLA XF . 31.37 -32.76 48.09
C4A CLA XF . 30.82 -31.64 48.95
CMA CLA XF . 31.91 -32.26 46.75
CAA CLA XF . 31.82 -34.43 49.94
CBA CLA XF . 31.47 -35.76 49.25
CGA CLA XF . 32.67 -36.64 49.01
O1A CLA XF . 33.46 -36.97 49.84
O2A CLA XF . 32.73 -37.01 47.73
NB CLA XF . 29.59 -29.41 50.43
C1B CLA XF . 28.94 -30.11 49.36
C2B CLA XF . 27.66 -29.58 49.14
C3B CLA XF . 27.49 -28.52 50.03
C4B CLA XF . 28.66 -28.41 50.81
CMB CLA XF . 26.65 -30.09 48.15
CAB CLA XF . 26.31 -27.65 50.17
CBB CLA XF . 25.05 -27.97 50.06
NC CLA XF . 31.23 -28.17 52.26
C1C CLA XF . 30.12 -27.35 52.42
C2C CLA XF . 30.38 -26.25 53.33
C3C CLA XF . 31.68 -26.36 53.72
C4C CLA XF . 32.23 -27.52 53.08
CMC CLA XF . 29.40 -25.20 53.75
CAC CLA XF . 32.43 -25.46 54.67
CBC CLA XF . 32.42 -25.96 56.09
ND CLA XF . 33.20 -29.83 51.72
C1D CLA XF . 34.05 -29.01 52.58
C2D CLA XF . 35.35 -29.55 52.63
C3D CLA XF . 35.35 -30.71 51.82
C4D CLA XF . 34.07 -30.82 51.31
CMD CLA XF . 36.51 -29.00 53.40
CAD CLA XF . 36.12 -31.85 51.31
OBD CLA XF . 37.28 -32.16 51.57
CBD CLA XF . 35.26 -32.66 50.39
CGD CLA XF . 35.86 -32.68 49.00
O1D CLA XF . 36.06 -33.68 48.36
O2D CLA XF . 36.13 -31.46 48.57
CED CLA XF . 36.65 -31.35 47.22
MG CLA YF . 25.21 -15.67 30.16
CHA CLA YF . 26.25 -18.12 28.01
CHB CLA YF . 22.83 -17.71 31.25
CHC CLA YF . 23.80 -13.00 31.78
CHD CLA YF . 27.32 -13.38 28.47
NA CLA YF . 24.77 -17.51 29.79
C1A CLA YF . 25.39 -18.46 29.00
C2A CLA YF . 24.97 -19.86 29.34
C3A CLA YF . 23.57 -19.60 29.83
C4A CLA YF . 23.70 -18.19 30.33
CMA CLA YF . 22.48 -19.75 28.77
CAA CLA YF . 25.90 -20.33 30.45
CBA CLA YF . 25.95 -21.83 30.67
CGA CLA YF . 26.51 -22.21 32.01
O1A CLA YF . 27.45 -22.93 32.19
O2A CLA YF . 25.80 -21.63 33.00
NB CLA YF . 23.68 -15.41 31.34
C1B CLA YF . 22.79 -16.45 31.81
C2B CLA YF . 21.90 -15.92 32.77
C3B CLA YF . 22.20 -14.56 32.89
C4B CLA YF . 23.25 -14.26 32.02
CMB CLA YF . 20.87 -16.69 33.54
CAB CLA YF . 21.53 -13.59 33.77
CBB CLA YF . 21.22 -13.72 35.03
NC CLA YF . 25.51 -13.72 30.17
C1C CLA YF . 24.83 -12.77 30.91
C2C CLA YF . 25.32 -11.43 30.66
C3C CLA YF . 26.36 -11.55 29.77
C4C CLA YF . 26.47 -12.94 29.43
CMC CLA YF . 24.77 -10.13 31.18
CAC CLA YF . 27.25 -10.45 29.25
CBC CLA YF . 26.90 -10.02 27.84
ND CLA YF . 26.43 -15.67 28.64
C1D CLA YF . 27.30 -14.69 28.01
C2D CLA YF . 28.06 -15.29 27.00
C3D CLA YF . 27.70 -16.66 26.95
C4D CLA YF . 26.72 -16.81 27.93
CMD CLA YF . 29.10 -14.62 26.14
CAD CLA YF . 27.93 -17.96 26.36
OBD CLA YF . 28.77 -18.28 25.53
CBD CLA YF . 26.94 -18.93 26.91
CGD CLA YF . 26.00 -19.38 25.81
O1D CLA YF . 25.82 -20.52 25.47
O2D CLA YF . 25.41 -18.33 25.23
CED CLA YF . 24.53 -18.61 24.12
C1 CLA YF . 26.06 -22.11 34.35
C2 CLA YF . 24.77 -22.60 34.89
C3 CLA YF . 23.72 -21.82 35.04
C4 CLA YF . 23.71 -20.35 34.72
C5 CLA YF . 22.40 -22.37 35.54
C6 CLA YF . 21.33 -22.45 34.45
C7 CLA YF . 20.36 -21.28 34.47
C8 CLA YF . 19.40 -21.17 33.29
C9 CLA YF . 18.30 -20.16 33.55
C10 CLA YF . 18.83 -22.54 32.92
MG CLA ZF . 26.24 -30.85 33.45
CHA CLA ZF . 27.89 -33.77 32.87
CHB CLA ZF . 25.16 -30.92 30.32
CHC CLA ZF . 24.98 -27.70 33.95
CHD CLA ZF . 28.11 -30.43 36.44
NA CLA ZF . 26.36 -32.15 32.05
C1A CLA ZF . 26.93 -33.41 32.01
C2A CLA ZF . 26.40 -34.25 30.88
C3A CLA ZF . 26.10 -33.17 29.87
C4A CLA ZF . 25.85 -31.99 30.78
CMA CLA ZF . 27.23 -32.91 28.87
CAA CLA ZF . 25.14 -34.96 31.40
CBA CLA ZF . 25.19 -36.48 31.30
NB CLA ZF . 25.26 -29.57 32.37
C1B CLA ZF . 24.83 -29.75 31.00
C2B CLA ZF . 24.11 -28.63 30.56
C3B CLA ZF . 24.06 -27.72 31.61
C4B CLA ZF . 24.76 -28.28 32.71
CMB CLA ZF . 23.50 -28.45 29.20
CAB CLA ZF . 23.42 -26.41 31.64
CBB CLA ZF . 22.22 -26.09 31.22
NC CLA ZF . 26.45 -29.47 34.84
C1C CLA ZF . 25.78 -28.25 34.91
C2C CLA ZF . 26.08 -27.53 36.14
C3C CLA ZF . 26.96 -28.30 36.85
C4C CLA ZF . 27.21 -29.49 36.06
CMC CLA ZF . 25.53 -26.20 36.54
CAC CLA ZF . 27.52 -28.02 38.21
CBC CLA ZF . 26.71 -28.65 39.30
ND CLA ZF . 27.65 -31.77 34.42
C1D CLA ZF . 28.39 -31.54 35.66
C2D CLA ZF . 29.30 -32.59 35.88
C3D CLA ZF . 29.16 -33.52 34.81
C4D CLA ZF . 28.18 -32.97 33.99
CMD CLA ZF . 30.26 -32.71 37.03
CAD CLA ZF . 29.58 -34.77 34.22
OBD CLA ZF . 30.43 -35.55 34.62
CBD CLA ZF . 28.81 -35.00 32.95
CGD CLA ZF . 29.76 -35.07 31.75
O1D CLA ZF . 30.32 -36.05 31.37
O2D CLA ZF . 29.86 -33.87 31.16
CED CLA ZF . 30.69 -33.82 29.97
C7 UIX AG . 26.61 -28.06 45.26
C8 UIX AG . 27.57 -30.49 44.10
C9 UIX AG . 28.48 -28.76 42.64
O1 UIX AG . 32.23 -29.23 44.62
C1 UIX AG . 29.09 -27.68 46.03
C5 UIX AG . 30.90 -28.73 44.65
C6 UIX AG . 28.57 -26.88 47.21
C4 UIX AG . 29.92 -29.85 44.33
O4 UIX AG . 7.44 -11.04 40.44
C3 UIX AG . 30.54 -28.19 46.02
O3 UIX AG . 10.59 -16.12 37.61
C2 UIX AG . 28.53 -29.33 44.04
C UIX AG . 28.09 -28.25 45.03
O UIX AG . 28.78 -27.03 44.79
C10 UIX AG . 26.04 -26.87 45.06
C11 UIX AG . 24.58 -26.63 45.24
C12 UIX AG . 23.65 -27.70 45.72
C13 UIX AG . 24.13 -25.42 44.94
C14 UIX AG . 22.71 -25.07 45.01
C15 UIX AG . 9.65 -14.85 41.06
C16 UIX AG . 9.79 -15.36 38.51
C17 UIX AG . 8.83 -13.69 40.51
C18 UIX AG . 9.51 -12.96 39.35
C19 UIX AG . 10.05 -13.88 38.27
C20 UIX AG . 10.17 -15.68 39.92
C21 UIX AG . 8.77 -15.71 41.95
C22 UIX AG . 10.84 -14.34 41.86
C23 UIX AG . 22.34 -23.87 44.57
C24 UIX AG . 8.33 -15.70 38.26
C25 UIX AG . 10.97 -16.60 40.19
C26 UIX AG . 20.94 -23.43 44.49
C27 UIX AG . 8.25 -10.93 39.55
C28 UIX AG . 11.77 -17.48 40.55
O2 UIX AG . 8.55 -12.11 38.74
C29 UIX AG . 19.83 -24.27 45.05
C30 UIX AG . 20.73 -22.28 43.84
C31 UIX AG . 8.95 -9.65 39.23
C32 UIX AG . 13.22 -17.31 40.31
C33 UIX AG . 13.75 -16.17 39.48
C34 UIX AG . 19.39 -21.77 43.58
C35 UIX AG . 14.01 -18.21 40.90
C36 UIX AG . 15.47 -18.20 40.85
C37 UIX AG . 19.22 -20.71 42.81
C38 UIX AG . 16.05 -19.12 41.59
C39 UIX AG . 17.85 -20.31 42.56
C40 UIX AG . 17.51 -19.31 41.73
C41 UIX AG . 18.52 -18.47 41.01
C DD6 BG . 26.75 -20.47 55.16
C1 DD6 BG . 25.86 -19.34 55.59
C10 DD6 BG . 28.98 -14.71 47.84
C11 DD6 BG . 29.53 -13.81 46.99
C12 DD6 BG . 29.37 -12.33 47.13
C13 DD6 BG . 30.34 -14.32 45.90
C14 DD6 BG . 31.06 -13.67 45.00
C15 DD6 BG . 31.88 -14.30 43.90
C16 DD6 BG . 33.35 -14.03 43.91
C17 DD6 BG . 33.85 -13.94 42.46
C18 DD6 BG . 33.40 -15.07 41.56
C19 DD6 BG . 31.89 -14.99 41.35
C2 DD6 BG . 25.72 -18.19 54.89
C20 DD6 BG . 31.15 -14.75 42.64
C21 DD6 BG . 29.65 -14.60 42.46
C22 DD6 BG . 34.08 -15.18 44.63
C23 DD6 BG . 33.71 -12.74 44.64
C24 DD6 BG . 25.08 -19.53 56.81
C25 DD6 BG . 25.05 -20.63 57.56
C26 DD6 BG . 24.25 -20.77 58.73
C27 DD6 BG . 24.09 -21.90 59.46
C28 DD6 BG . 24.75 -23.22 59.16
C29 DD6 BG . 23.20 -21.86 60.58
C3 DD6 BG . 26.36 -17.87 53.66
C30 DD6 BG . 22.44 -21.91 61.50
C31 DD6 BG . 21.57 -22.09 62.61
C32 DD6 BG . 22.17 -22.62 63.90
C33 DD6 BG . 21.52 -21.87 65.09
C34 DD6 BG . 20.01 -21.73 65.07
C35 DD6 BG . 19.37 -22.10 63.74
C36 DD6 BG . 20.26 -21.78 62.56
C37 DD6 BG . 19.57 -21.14 61.39
C4 DD6 BG . 26.24 -16.71 53.00
C40 DD6 BG . 23.68 -22.37 63.96
C41 DD6 BG . 21.92 -24.13 64.03
C5 DD6 BG . 26.92 -16.51 51.77
C6 DD6 BG . 26.97 -15.41 50.98
C7 DD6 BG . 26.25 -14.13 51.31
C8 DD6 BG . 27.78 -15.47 49.77
C9 DD6 BG . 28.17 -14.46 48.99
O1 DD6 BG . 31.54 -15.67 43.71
O2 DD6 BG . 34.06 -14.96 40.30
O4 DD6 BG . 19.46 -22.56 66.09
C1 PID CG . 17.27 -25.83 53.51
C2 PID CG . 15.82 -26.20 53.22
C3 PID CG . 14.98 -26.26 54.50
C4 PID CG . 15.61 -27.15 55.57
C5 PID CG . 16.92 -27.79 55.14
C6 PID CG . 17.91 -26.75 54.58
C7 PID CG . 19.26 -27.29 54.12
C8 PID CG . 20.24 -27.40 55.01
C9 PID CG . 21.58 -27.91 54.60
C10 PID CG . 22.08 -28.36 53.28
C11 PID CG . 22.63 -27.98 55.48
C12 PID CG . 23.67 -28.47 54.70
C13 PID CG . 25.03 -28.73 55.27
C14 PID CG . 26.15 -29.26 54.45
C15 PID CG . 27.32 -29.46 55.09
C16 PID CG . 28.52 -29.99 54.43
C17 PID CG . 29.60 -30.21 55.16
C18 PID CG . 30.80 -30.76 54.53
C19 PID CG . 31.87 -31.02 55.27
C20 PID CG . 33.06 -31.61 54.64
C21 PID CG . 34.15 -31.93 55.35
C22 PID CG . 35.29 -32.53 54.65
C23 PID CG . 36.33 -32.87 55.27
C24 PID CG . 37.39 -33.20 55.86
C25 PID CG . 38.69 -32.53 55.48
C26 PID CG . 39.51 -32.16 56.72
C27 PID CG . 39.37 -33.12 57.88
C28 PID CG . 38.78 -34.46 57.46
C29 PID CG . 37.37 -34.26 56.91
C30 PID CG . 41.29 -32.13 58.90
C31 PID CG . 40.74 -31.42 60.10
CM1 PID CG . 18.16 -25.69 52.26
CM2 PID CG . 16.68 -28.89 54.12
CM3 PID CG . 17.56 -28.40 56.38
CM4 PID CG . 25.96 -29.52 52.99
CM5 PID CG . 34.20 -31.68 56.83
CM6 PID CG . 39.46 -33.49 54.58
CM7 PID CG . 38.38 -31.27 54.72
CM8 PID CG . 36.87 -35.56 56.29
O1 PID CG . 17.69 -25.35 54.78
O2 PID CG . 13.69 -26.77 54.16
O3 PID CG . 21.39 -28.42 52.20
O4 PID CG . 23.39 -28.72 53.37
O5 PID CG . 36.50 -33.87 57.97
O6 PID CG . 40.67 -33.36 58.46
O7 PID CG . 42.25 -31.70 58.28
C DD6 DG . 26.29 -4.08 33.07
C1 DD6 DG . 27.60 -4.68 33.50
C10 DD6 DG . 24.13 -7.56 42.12
C11 DD6 DG . 24.05 -7.99 43.40
C12 DD6 DG . 25.18 -8.68 44.11
C13 DD6 DG . 22.86 -7.69 44.17
C14 DD6 DG . 22.62 -7.85 45.46
C15 DD6 DG . 21.34 -7.48 46.15
C16 DD6 DG . 21.41 -6.30 47.06
C17 DD6 DG . 20.37 -6.44 48.18
C18 DD6 DG . 19.01 -6.93 47.73
C19 DD6 DG . 19.12 -8.37 47.25
C2 DD6 DG . 27.75 -5.36 34.67
C20 DD6 DG . 20.23 -8.53 46.24
C21 DD6 DG . 20.39 -9.92 45.67
C22 DD6 DG . 21.12 -5.02 46.27
C23 DD6 DG . 22.80 -6.14 47.68
C24 DD6 DG . 28.76 -4.44 32.66
C25 DD6 DG . 28.86 -3.57 31.66
C26 DD6 DG . 30.04 -3.41 30.87
C27 DD6 DG . 30.24 -2.51 29.88
C28 DD6 DG . 29.24 -1.48 29.43
C29 DD6 DG . 31.49 -2.56 29.17
C3 DD6 DG . 26.76 -5.62 35.67
C30 DD6 DG . 32.47 -2.69 28.49
C31 DD6 DG . 33.58 -2.94 27.65
C32 DD6 DG . 34.38 -4.21 27.91
C33 DD6 DG . 35.84 -3.99 27.43
C34 DD6 DG . 35.95 -3.34 26.06
C35 DD6 DG . 35.26 -1.99 26.09
C36 DD6 DG . 33.87 -2.08 26.64
C37 DD6 DG . 32.87 -1.16 26.01
C4 DD6 DG . 27.06 -6.17 36.86
C40 DD6 DG . 33.76 -5.39 27.16
C41 DD6 DG . 34.42 -4.53 29.40
C5 DD6 DG . 26.10 -6.44 37.87
C6 DD6 DG . 26.29 -7.08 39.05
C7 DD6 DG . 27.61 -7.69 39.44
C8 DD6 DG . 25.21 -7.12 40.01
C9 DD6 DG . 25.25 -7.61 41.25
O1 DD6 DG . 20.23 -7.46 45.25
O2 DD6 DG . 18.10 -6.88 48.84
O4 DD6 DG . 37.33 -3.18 25.72
MG CLA EG . 21.37 -45.38 21.28
CHA CLA EG . 23.51 -43.07 19.92
CHB CLA EG . 21.59 -43.86 24.22
CHC CLA EG . 19.86 -48.13 22.71
CHD CLA EG . 21.47 -47.22 18.25
NA CLA EG . 22.31 -43.79 21.88
C1A CLA EG . 23.20 -42.92 21.22
C2A CLA EG . 23.73 -41.85 22.14
C3A CLA EG . 22.75 -41.87 23.29
C4A CLA EG . 22.18 -43.27 23.16
CMA CLA EG . 23.39 -41.54 24.63
CAA CLA EG . 23.74 -40.46 21.46
CBA CLA EG . 22.45 -40.04 20.73
CGA CLA EG . 22.57 -38.69 20.12
O1A CLA EG . 23.60 -38.14 19.85
O2A CLA EG . 21.37 -38.15 19.91
NB CLA EG . 20.86 -45.92 23.10
C1B CLA EG . 21.01 -45.12 24.29
C2B CLA EG . 20.49 -45.80 25.41
C3B CLA EG . 20.00 -47.03 24.95
C4B CLA EG . 20.22 -47.10 23.57
CMB CLA EG . 20.44 -45.29 26.82
CAB CLA EG . 19.35 -48.07 25.75
CBB CLA EG . 19.60 -49.35 25.75
NC CLA EG . 20.77 -47.15 20.65
C1C CLA EG . 20.13 -48.14 21.38
C2C CLA EG . 19.79 -49.30 20.56
C3C CLA EG . 20.22 -49.04 19.29
C4C CLA EG . 20.84 -47.74 19.33
CMC CLA EG . 19.07 -50.54 21.03
CAC CLA EG . 20.10 -49.91 18.08
CBC CLA EG . 19.03 -49.42 17.11
ND CLA EG . 22.21 -45.25 19.54
C1D CLA EG . 22.17 -46.02 18.30
C2D CLA EG . 22.91 -45.37 17.30
C3D CLA EG . 23.44 -44.19 17.87
C4D CLA EG . 23.02 -44.19 19.19
CMD CLA EG . 23.07 -45.84 15.88
CAD CLA EG . 24.24 -43.00 17.65
OBD CLA EG . 24.75 -42.61 16.62
CBD CLA EG . 24.37 -42.26 18.93
CGD CLA EG . 25.84 -42.17 19.31
O1D CLA EG . 26.45 -41.16 19.51
O2D CLA EG . 26.39 -43.39 19.36
CED CLA EG . 27.80 -43.43 19.68
C1 CLA EG . 21.37 -36.79 19.38
C2 CLA EG . 20.11 -36.14 19.83
C3 CLA EG . 19.99 -34.82 20.00
C4 CLA EG . 21.10 -33.85 19.81
C5 CLA EG . 18.66 -34.22 20.40
C6 CLA EG . 18.49 -34.07 21.90
C7 CLA EG . 17.30 -33.15 22.23
C8 CLA EG . 16.95 -32.98 23.71
C9 CLA EG . 16.64 -34.31 24.37
C10 CLA EG . 15.80 -31.99 23.88
C11 CLA EG . 16.08 -30.54 23.50
C12 CLA EG . 14.84 -29.67 23.40
C13 CLA EG . 13.78 -30.06 22.37
C14 CLA EG . 14.41 -30.63 21.10
C15 CLA EG . 12.88 -28.87 22.04
C16 CLA EG . 11.98 -28.36 23.15
C17 CLA EG . 10.91 -27.39 22.65
C18 CLA EG . 9.99 -26.79 23.70
C19 CLA EG . 8.83 -26.06 23.05
C20 CLA EG . 9.49 -27.83 24.68
MG CLA FG . -35.80 41.95 -79.90
CHA CLA FG . -39.04 43.05 -79.68
CHB CLA FG . -35.98 40.96 -76.74
CHC CLA FG . -32.40 41.54 -79.94
CHD CLA FG . -35.50 43.63 -83.01
NA CLA FG . -37.24 41.90 -78.61
C1A CLA FG . -38.58 42.23 -78.71
C2A CLA FG . -39.41 41.64 -77.60
C3A CLA FG . -38.37 41.56 -76.50
C4A CLA FG . -37.10 41.47 -77.31
CMA CLA FG . -38.37 42.74 -75.55
CAA CLA FG . -39.92 40.30 -78.16
CBA CLA FG . -39.27 39.03 -77.61
CGA CLA FG . -39.65 37.80 -78.37
O1A CLA FG . -40.67 37.66 -78.99
O2A CLA FG . -38.70 36.87 -78.28
NB CLA FG . -34.47 41.31 -78.64
C1B CLA FG . -34.72 40.82 -77.31
C2B CLA FG . -33.54 40.34 -76.73
C3B CLA FG . -32.51 40.55 -77.64
C4B CLA FG . -33.07 41.14 -78.79
CMB CLA FG . -33.41 39.68 -75.38
CAB CLA FG . -31.09 40.29 -77.46
CBB CLA FG . -30.37 39.37 -78.01
NC CLA FG . -34.35 42.39 -81.16
C1C CLA FG . -33.00 42.12 -81.02
C2C CLA FG . -32.23 42.56 -82.17
C3C CLA FG . -33.10 43.11 -83.06
C4C CLA FG . -34.41 43.04 -82.45
CMC CLA FG . -30.74 42.46 -82.36
CAC CLA FG . -32.79 43.69 -84.41
CBC CLA FG . -32.96 42.69 -85.53
ND CLA FG . -36.89 43.08 -81.05
C1D CLA FG . -36.70 43.73 -82.35
C2D CLA FG . -37.91 44.34 -82.75
C3D CLA FG . -38.86 44.13 -81.72
C4D CLA FG . -38.21 43.38 -80.76
CMD CLA FG . -38.13 45.09 -84.04
CAD CLA FG . -40.21 44.37 -81.26
OBD CLA FG . -41.09 45.03 -81.78
CBD CLA FG . -40.41 43.68 -79.94
CGD CLA FG . -40.84 44.69 -78.89
O1D CLA FG . -40.43 45.82 -78.82
O2D CLA FG . -41.74 44.17 -78.07
CED CLA FG . -42.32 45.08 -77.11
NB KC2 GG . -26.49 37.12 -76.81
ND KC2 GG . -26.48 37.12 -72.91
C1A KC2 GG . -29.49 36.51 -73.91
C1B KC2 GG . -27.55 36.87 -77.73
C1C KC2 GG . -23.76 37.78 -75.87
C1D KC2 GG . -25.51 37.31 -71.95
C2A KC2 GG . -30.78 36.24 -74.44
C2B KC2 GG . -27.05 36.92 -79.11
C2C KC2 GG . -22.45 38.10 -75.43
C2D KC2 GG . -26.07 37.11 -70.68
C3A KC2 GG . -30.70 36.32 -75.81
C3B KC2 GG . -25.72 37.23 -79.04
C3C KC2 GG . -22.48 38.10 -74.05
C3D KC2 GG . -27.47 36.79 -70.88
C4A KC2 GG . -29.33 36.59 -76.12
C4B KC2 GG . -25.35 37.36 -77.65
C4C KC2 GG . -23.80 37.77 -73.63
C4D KC2 GG . -27.67 36.83 -72.30
CAA KC2 GG . -31.94 35.87 -73.66
CAB KC2 GG . -24.79 37.38 -80.17
CAC KC2 GG . -21.34 38.36 -73.17
CAD KC2 GG . -28.70 36.46 -70.20
CBA KC2 GG . -32.94 36.63 -73.24
CBB KC2 GG . -23.60 36.86 -80.32
CBC KC2 GG . -20.45 39.30 -73.26
CBD KC2 GG . -29.76 36.32 -71.28
CED KC2 GG . -29.95 32.63 -71.46
CGA KC2 GG . -34.08 36.12 -72.44
CGD KC2 GG . -30.36 34.93 -71.16
CHA KC2 GG . -29.02 36.55 -72.60
CHB KC2 GG . -28.86 36.62 -77.43
CHC KC2 GG . -24.09 37.67 -77.22
CHD KC2 GG . -24.20 37.63 -72.31
CMA KC2 GG . -31.79 36.15 -76.80
CMB KC2 GG . -27.87 36.62 -80.33
CMC KC2 GG . -21.27 38.36 -76.31
CMD KC2 GG . -25.37 37.17 -69.36
NA KC2 GG . -28.61 36.71 -74.95
NC KC2 GG . -24.60 37.58 -74.80
O1A KC2 GG . -35.12 35.77 -72.98
O1D KC2 GG . -31.49 34.69 -70.82
O2A KC2 GG . -33.90 36.07 -71.16
O2D KC2 GG . -29.48 34.00 -71.50
OBD KC2 GG . -28.89 36.30 -68.99
MG KC2 GG . -26.59 37.07 -74.76
MG CLA HG . -11.44 48.72 -75.24
CHA CLA HG . -8.12 48.31 -75.96
CHB CLA HG . -11.66 45.46 -74.66
CHC CLA HG . -14.84 49.10 -75.10
CHD CLA HG . -11.27 52.00 -76.58
NA CLA HG . -10.13 47.29 -75.18
C1A CLA HG . -8.75 47.29 -75.37
C2A CLA HG . -8.08 46.03 -74.89
C3A CLA HG . -9.23 45.06 -74.87
C4A CLA HG . -10.44 45.98 -74.90
CMA CLA HG . -9.21 44.08 -76.04
CAA CLA HG . -7.51 46.29 -73.48
CBA CLA HG . -8.43 46.94 -72.46
CGA CLA HG . -8.52 48.44 -72.58
O1A CLA HG . -7.59 49.16 -72.82
O2A CLA HG . -9.76 48.88 -72.39
NB CLA HG . -12.95 47.54 -74.93
C1B CLA HG . -12.88 46.12 -74.63
C2B CLA HG . -14.16 45.62 -74.36
C3B CLA HG . -15.06 46.67 -74.50
C4B CLA HG . -14.34 47.83 -74.85
CMB CLA HG . -14.50 44.21 -73.97
CAB CLA HG . -16.52 46.65 -74.31
CBB CLA HG . -17.39 45.85 -74.87
NC CLA HG . -12.70 50.17 -75.68
C1C CLA HG . -14.08 50.16 -75.49
C2C CLA HG . -14.69 51.43 -75.82
C3C CLA HG . -13.68 52.26 -76.24
C4C CLA HG . -12.46 51.50 -76.17
CMC CLA HG . -16.15 51.77 -75.72
CAC CLA HG . -13.79 53.69 -76.66
CBC CLA HG . -13.19 54.65 -75.65
ND CLA HG . -10.12 49.89 -76.07
C1D CLA HG . -10.11 51.26 -76.56
C2D CLA HG . -8.80 51.62 -76.96
C3D CLA HG . -7.97 50.50 -76.73
C4D CLA HG . -8.80 49.51 -76.22
CMD CLA HG . -8.38 52.95 -77.51
CAD CLA HG . -6.61 49.98 -76.72
OBD CLA HG . -5.57 50.57 -76.94
CBD CLA HG . -6.67 48.52 -76.42
CGD CLA HG . -6.38 47.77 -77.71
O1D CLA HG . -6.18 48.30 -78.77
O2D CLA HG . -6.45 46.46 -77.53
CED CLA HG . -6.53 45.66 -78.74
C1 CLA HG . -9.93 50.33 -72.41
C2 CLA HG . -11.39 50.63 -72.33
C3 CLA HG . -11.89 51.83 -72.03
C4 CLA HG . -13.36 52.11 -71.95
C5 CLA HG . -10.98 53.02 -71.76
C6 CLA HG . -10.72 53.23 -70.28
C7 CLA HG . -9.60 54.23 -70.02
C8 CLA HG . -8.22 53.61 -69.77
C9 CLA HG . -8.13 53.02 -68.37
C10 CLA HG . -7.11 54.62 -70.05
C11 CLA HG . -5.70 54.20 -69.63
C12 CLA HG . -4.61 55.01 -70.32
C13 CLA HG . -4.74 56.53 -70.23
C14 CLA HG . -3.70 57.23 -71.09
C15 CLA HG . -4.68 57.00 -68.77
NB KC2 IG . -6.12 47.01 -61.48
ND KC2 IG . -5.94 45.66 -65.15
C1A KC2 IG . -3.13 45.06 -63.70
C1B KC2 IG . -5.15 47.00 -60.44
C1C KC2 IG . -8.70 47.57 -62.83
C1D KC2 IG . -6.80 45.66 -66.21
C2A KC2 IG . -1.91 44.83 -62.98
C2B KC2 IG . -5.69 47.66 -59.24
C2C KC2 IG . -9.95 47.82 -63.47
C2D KC2 IG . -6.19 45.04 -67.31
C3A KC2 IG . -2.07 45.36 -61.73
C3B KC2 IG . -6.95 48.10 -59.54
C3C KC2 IG . -9.87 47.31 -64.74
C3D KC2 IG . -4.87 44.64 -66.88
C4A KC2 IG . -3.38 45.89 -61.66
C4B KC2 IG . -7.24 47.70 -60.90
C4C KC2 IG . -8.55 46.76 -64.92
C4D KC2 IG . -4.77 45.06 -65.52
CAA KC2 IG . -0.76 44.13 -63.49
CAB KC2 IG . -7.88 48.84 -58.69
CAC KC2 IG . -10.96 47.27 -65.71
CAD KC2 IG . -3.64 43.98 -67.29
CBA KC2 IG . 0.30 44.64 -64.12
CBB KC2 IG . -8.07 48.71 -57.41
CBC KC2 IG . -11.30 48.14 -66.60
CBD KC2 IG . -2.72 44.00 -66.10
CED KC2 IG . -1.16 40.67 -66.38
CGA KC2 IG . 1.43 43.83 -64.60
CGD KC2 IG . -2.37 42.57 -65.73
CHA KC2 IG . -3.49 44.73 -65.01
CHB KC2 IG . -3.89 46.48 -60.50
CHC KC2 IG . -8.45 47.95 -61.52
CHD KC2 IG . -8.10 46.19 -66.09
CMA KC2 IG . -1.06 45.38 -60.62
CMB KC2 IG . -4.97 47.80 -57.93
CMC KC2 IG . -11.12 48.51 -62.84
CMD KC2 IG . -6.76 44.81 -68.67
NA KC2 IG . -4.01 45.71 -62.87
NC KC2 IG . -7.86 46.93 -63.69
O1A KC2 IG . 2.45 44.34 -65.04
O1D KC2 IG . -2.75 42.01 -64.74
O2A KC2 IG . 1.26 42.54 -64.54
O2D KC2 IG . -1.59 42.02 -66.65
OBD KC2 IG . -3.39 43.47 -68.39
MG KC2 IG . -5.96 46.20 -63.37
MG CLA JG . -23.64 39.80 -66.64
CHA CLA JG . -26.95 39.61 -67.40
CHB CLA JG . -24.37 39.35 -63.42
CHC CLA JG . -20.32 40.21 -65.95
CHD CLA JG . -23.02 41.28 -69.81
NA CLA JG . -25.30 39.47 -65.69
C1A CLA JG . -26.61 39.35 -66.13
C2A CLA JG . -27.57 38.86 -65.09
C3A CLA JG . -26.78 39.02 -63.81
C4A CLA JG . -25.38 39.30 -64.31
CMA CLA JG . -27.30 40.14 -62.91
CAA CLA JG . -27.94 37.40 -65.41
CBA CLA JG . -26.79 36.40 -65.45
CGA CLA JG . -27.14 35.15 -66.21
O1A CLA JG . -27.94 34.33 -65.85
O2A CLA JG . -26.49 35.08 -67.38
NB CLA JG . -22.56 39.80 -65.02
C1B CLA JG . -23.02 39.56 -63.68
C2B CLA JG . -21.94 39.55 -62.78
C3B CLA JG . -20.78 39.77 -63.52
C4B CLA JG . -21.15 39.93 -64.87
CMB CLA JG . -22.01 39.34 -61.29
CAB CLA JG . -19.39 39.77 -63.06
CBB CLA JG . -18.81 38.91 -62.29
NC CLA JG . -22.09 40.53 -67.62
C1C CLA JG . -20.76 40.52 -67.19
C2C CLA JG . -19.86 41.00 -68.21
C3C CLA JG . -20.62 41.35 -69.30
C4C CLA JG . -21.99 41.07 -68.95
CMC CLA JG . -18.36 41.07 -68.14
CAC CLA JG . -20.15 41.91 -70.61
CBC CLA JG . -20.23 43.41 -70.65
ND CLA JG . -24.65 40.34 -68.21
C1D CLA JG . -24.33 40.93 -69.51
C2D CLA JG . -25.50 41.04 -70.28
C3D CLA JG . -26.57 40.51 -69.52
C4D CLA JG . -26.00 40.12 -68.31
CMD CLA JG . -25.59 41.61 -71.67
CAD CLA JG . -27.98 40.21 -69.46
OBD CLA JG . -28.84 40.42 -70.30
CBD CLA JG . -28.29 39.54 -68.15
CGD CLA JG . -29.44 40.20 -67.41
O1D CLA JG . -29.32 41.08 -66.61
O2D CLA JG . -30.60 39.63 -67.75
CED CLA JG . -31.73 39.87 -66.86
C1 CLA JG . -27.03 34.16 -68.37
C2 CLA JG . -26.44 32.80 -68.18
C3 CLA JG . -25.50 32.27 -68.96
C4 CLA JG . -24.94 30.88 -68.74
C5 CLA JG . -24.91 33.03 -70.12
C6 CLA JG . -25.78 33.03 -71.37
C7 CLA JG . -24.98 32.96 -72.66
C8 CLA JG . -25.55 33.73 -73.85
C9 CLA JG . -27.02 33.37 -74.11
C10 CLA JG . -24.71 33.53 -75.11
C11 CLA JG . -23.22 33.82 -74.96
C12 CLA JG . -22.47 33.87 -76.29
C13 CLA JG . -20.96 34.04 -76.19
C14 CLA JG . -20.33 34.37 -77.54
C15 CLA JG . -20.30 32.82 -75.56
NB KC2 KG . -28.97 55.34 -73.87
ND KC2 KG . -28.78 54.14 -70.15
C1A KC2 KG . -31.45 55.90 -70.52
C1B KC2 KG . -29.93 56.16 -74.52
C1C KC2 KG . -26.48 53.77 -73.51
C1D KC2 KG . -27.86 53.45 -69.42
C2A KC2 KG . -32.57 56.75 -70.74
C2B KC2 KG . -29.58 56.33 -75.93
C2C KC2 KG . -25.27 53.06 -73.32
C2D KC2 KG . -28.32 53.31 -68.10
C3A KC2 KG . -32.53 57.17 -72.03
C3B KC2 KG . -28.43 55.62 -76.16
C3C KC2 KG . -25.20 52.70 -72.01
C3D KC2 KG . -29.61 53.96 -68.04
C4A KC2 KG . -31.37 56.58 -72.63
C4B KC2 KG . -28.02 55.02 -74.90
C4C KC2 KG . -26.39 53.17 -71.34
C4D KC2 KG . -29.84 54.48 -69.36
CAA KC2 KG . -33.58 57.08 -69.74
CAB KC2 KG . -27.72 55.43 -77.42
CAC KC2 KG . -24.06 52.01 -71.40
CAD KC2 KG . -30.74 54.27 -67.18
CBA KC2 KG . -33.70 58.24 -69.10
CBB KC2 KG . -28.21 55.31 -78.62
CBC KC2 KG . -24.05 51.09 -70.48
CBD KC2 KG . -31.71 55.06 -68.02
CED KC2 KG . -34.20 52.61 -69.25
CGA KC2 KG . -34.72 58.58 -68.09
CGD KC2 KG . -33.03 54.31 -68.11
CHA KC2 KG . -31.04 55.20 -69.39
CHB KC2 KG . -31.03 56.75 -73.97
CHC KC2 KG . -26.86 54.32 -74.73
CHD KC2 KG . -26.68 52.98 -70.01
CMA KC2 KG . -33.49 58.08 -72.73
CMB KC2 KG . -30.39 57.12 -76.91
CMC KC2 KG . -24.28 52.75 -74.40
CMD KC2 KG . -27.64 52.63 -66.95
NA KC2 KG . -30.72 55.82 -71.68
NC KC2 KG . -27.17 53.84 -72.32
O1A KC2 KG . -35.29 59.66 -68.11
O1D KC2 KG . -33.97 54.50 -67.38
O2A KC2 KG . -34.98 57.66 -67.20
O2D KC2 KG . -33.00 53.42 -69.09
OBD KC2 KG . -30.90 53.94 -65.99
MG KC2 KG . -28.99 54.72 -71.90
MG CLA LG . -34.94 53.94 -88.35
CHA CLA LG . -34.79 55.62 -85.37
CHB CLA LG . -38.00 55.11 -88.84
CHC CLA LG . -35.13 51.95 -91.12
CHD CLA LG . -32.15 51.98 -87.31
NA CLA LG . -36.06 55.17 -87.36
C1A CLA LG . -35.84 55.88 -86.18
C2A CLA LG . -36.88 56.93 -85.91
C3A CLA LG . -38.02 56.50 -86.81
C4A CLA LG . -37.34 55.53 -87.73
CMA CLA LG . -39.19 55.87 -86.06
CAA CLA LG . -36.28 58.30 -86.30
CBA CLA LG . -35.69 58.38 -87.70
NB CLA LG . -36.28 53.61 -89.72
C1B CLA LG . -37.58 54.23 -89.82
C2B CLA LG . -38.25 53.79 -90.98
C3B CLA LG . -37.40 52.88 -91.62
C4B CLA LG . -36.21 52.76 -90.86
CMB CLA LG . -39.60 54.22 -91.43
CAB CLA LG . -37.66 52.14 -92.86
CBB CLA LG . -37.88 52.63 -94.05
NC CLA LG . -33.90 52.42 -89.05
C1C CLA LG . -34.10 51.77 -90.26
C2C CLA LG . -33.10 50.74 -90.50
C3C CLA LG . -32.26 50.73 -89.42
C4C CLA LG . -32.74 51.73 -88.51
CMC CLA LG . -33.00 49.87 -91.72
CAC CLA LG . -31.08 49.83 -89.20
CBC CLA LG . -29.79 50.44 -89.70
ND CLA LG . -33.76 53.78 -86.80
C1D CLA LG . -32.61 52.95 -86.44
C2D CLA LG . -32.12 53.33 -85.18
C3D CLA LG . -32.93 54.40 -84.71
C4D CLA LG . -33.88 54.61 -85.71
CMD CLA LG . -30.95 52.71 -84.47
CAD CLA LG . -33.19 55.35 -83.64
OBD CLA LG . -32.60 55.48 -82.59
CBD CLA LG . -34.36 56.22 -84.04
CGD CLA LG . -35.44 56.18 -82.95
O1D CLA LG . -35.82 55.18 -82.41
O2D CLA LG . -35.90 57.40 -82.71
CED CLA LG . -36.94 57.49 -81.70
NB KC2 MG . -25.30 56.36 -83.34
ND KC2 MG . -28.88 57.24 -84.66
C1A KC2 MG . -28.52 58.58 -81.75
C1B KC2 MG . -24.65 56.70 -82.13
C1C KC2 MG . -25.69 55.08 -85.99
C1D KC2 MG . -29.60 56.90 -85.78
C2A KC2 MG . -28.27 59.10 -80.43
C2B KC2 MG . -23.28 56.16 -82.11
C2C KC2 MG . -25.87 54.44 -87.24
C2D KC2 MG . -30.87 57.49 -85.72
C3A KC2 MG . -27.03 58.68 -80.05
C3B KC2 MG . -23.10 55.49 -83.29
C3C KC2 MG . -27.14 54.74 -87.67
C3D KC2 MG . -30.92 58.23 -84.49
C4A KC2 MG . -26.49 57.93 -81.12
C4B KC2 MG . -24.32 55.58 -84.06
C4C KC2 MG . -27.76 55.58 -86.68
C4D KC2 MG . -29.64 58.04 -83.87
CAA KC2 MG . -29.19 59.95 -79.68
CAB KC2 MG . -21.91 54.80 -83.76
CAC KC2 MG . -27.74 54.28 -88.92
CAD KC2 MG . -31.77 59.06 -83.64
CBA KC2 MG . -29.41 59.95 -78.38
CBB KC2 MG . -20.66 55.18 -83.63
CBC KC2 MG . -28.16 55.01 -89.92
CBD KC2 MG . -30.92 59.48 -82.47
CED KC2 MG . -31.46 63.06 -81.71
CGA KC2 MG . -30.36 60.85 -77.70
CGD KC2 MG . -30.75 61.00 -82.58
CHA KC2 MG . -29.60 58.71 -82.61
CHB KC2 MG . -25.19 57.42 -81.09
CHC KC2 MG . -24.49 54.98 -85.27
CHD KC2 MG . -29.03 56.08 -86.77
CMA KC2 MG . -26.34 58.95 -78.73
CMB KC2 MG . -22.29 56.36 -81.01
CMC KC2 MG . -24.85 53.61 -87.96
CMD KC2 MG . -31.97 57.41 -86.73
NA KC2 MG . -27.40 57.86 -82.15
NC KC2 MG . -26.81 55.77 -85.63
O1A KC2 MG . -30.92 60.52 -76.66
O1D KC2 MG . -30.01 61.55 -83.33
O2A KC2 MG . -30.55 62.00 -78.26
O2D KC2 MG . -31.53 61.62 -81.70
OBD KC2 MG . -32.96 59.36 -83.83
MG KC2 MG . -27.19 56.92 -83.97
MG CLA NG . -22.70 41.42 -92.97
CHA CLA NG . -20.63 40.79 -95.63
CHB CLA NG . -22.31 44.68 -93.52
CHC CLA NG . -24.44 41.99 -90.08
CHD CLA NG . -22.31 38.05 -91.92
NA CLA NG . -21.80 42.44 -94.35
C1A CLA NG . -21.12 42.04 -95.48
C2A CLA NG . -20.95 43.16 -96.47
C3A CLA NG . -20.90 44.33 -95.53
C4A CLA NG . -21.72 43.81 -94.38
CMA CLA NG . -19.50 44.75 -95.11
CAA CLA NG . -22.20 43.17 -97.37
NB CLA NG . -23.30 43.01 -92.02
C1B CLA NG . -23.09 44.38 -92.41
C2B CLA NG . -23.75 45.25 -91.52
C3B CLA NG . -24.36 44.46 -90.55
C4B CLA NG . -24.08 43.11 -90.83
CMB CLA NG . -23.78 46.74 -91.62
CAB CLA NG . -25.16 44.91 -89.41
CBB CLA NG . -25.01 46.00 -88.69
NC CLA NG . -23.27 40.31 -91.44
C1C CLA NG . -24.03 40.72 -90.36
C2C CLA NG . -24.31 39.64 -89.45
C3C CLA NG . -23.72 38.51 -89.95
C4C CLA NG . -23.05 38.91 -91.17
CMC CLA NG . -25.11 39.73 -88.19
CAC CLA NG . -23.76 37.13 -89.36
CBC CLA NG . -25.15 36.55 -89.31
ND CLA NG . -21.74 39.82 -93.53
C1D CLA NG . -21.63 38.45 -93.07
C2D CLA NG . -20.81 37.70 -93.93
C3D CLA NG . -20.38 38.57 -94.97
C4D CLA NG . -20.96 39.80 -94.68
CMD CLA NG . -20.47 36.25 -93.80
CAD CLA NG . -19.60 38.73 -96.18
OBD CLA NG . -18.91 37.91 -96.75
CBD CLA NG . -19.74 40.14 -96.69
CGD CLA NG . -18.38 40.79 -96.82
O1D CLA NG . -18.11 41.70 -97.57
O2D CLA NG . -17.50 40.22 -96.01
CED CLA NG . -16.15 40.76 -96.04
NB KC2 OG . -7.60 55.95 -61.89
ND KC2 OG . -10.65 57.78 -60.29
C1A KC2 OG . -11.37 57.11 -63.36
C1B KC2 OG . -7.39 55.46 -63.21
C1C KC2 OG . -6.92 56.62 -59.08
C1D KC2 OG . -10.89 58.35 -59.06
C2A KC2 OG . -11.59 56.80 -64.75
C2B KC2 OG . -6.06 54.86 -63.35
C2C KC2 OG . -6.60 56.96 -57.75
C2D KC2 OG . -12.17 58.93 -59.07
C3A KC2 OG . -10.45 56.19 -65.21
C3B KC2 OG . -5.45 54.98 -62.13
C3C KC2 OG . -7.67 57.62 -57.22
C3D KC2 OG . -12.72 58.70 -60.37
C4A KC2 OG . -9.54 56.11 -64.12
C4B KC2 OG . -6.36 55.65 -61.22
C4C KC2 OG . -8.69 57.70 -58.22
C4D KC2 OG . -11.73 57.97 -61.09
CAA KC2 OG . -12.79 57.09 -65.50
CAB KC2 OG . -4.11 54.51 -61.74
CAC KC2 OG . -7.75 58.14 -55.85
CAD KC2 OG . -13.89 58.95 -61.20
CBA KC2 OG . -12.84 57.66 -66.70
CBB KC2 OG . -3.79 53.67 -60.79
CBC KC2 OG . -8.61 57.86 -54.92
CBD KC2 OG . -13.63 58.23 -62.51
CED KC2 OG . -15.25 54.96 -61.91
CGA KC2 OG . -14.07 57.95 -67.48
CGD KC2 OG . -14.66 57.13 -62.64
CHA KC2 OG . -12.19 57.71 -62.41
CHB KC2 OG . -8.28 55.53 -64.25
CHC KC2 OG . -6.03 55.96 -59.93
CHD KC2 OG . -9.92 58.30 -58.05
CMA KC2 OG . -10.19 55.66 -66.59
CMB KC2 OG . -5.52 54.25 -64.60
CMC KC2 OG . -5.29 56.64 -57.06
CMD KC2 OG . -12.84 59.66 -57.94
NA KC2 OG . -10.11 56.67 -63.00
NC KC2 OG . -8.19 57.05 -59.39
O1A KC2 OG . -14.52 59.08 -67.56
O1D KC2 OG . -15.68 57.20 -63.27
O2A KC2 OG . -14.63 56.92 -68.06
O2D KC2 OG . -14.30 56.05 -61.95
OBD KC2 OG . -14.90 59.61 -60.93
MG KC2 OG . -9.28 56.84 -61.13
C1 PID PG . -20.23 46.50 -89.75
C2 PID PG . -19.88 46.02 -91.17
C3 PID PG . -18.49 46.50 -91.49
C4 PID PG . -18.47 48.00 -91.67
C5 PID PG . -19.62 48.72 -90.95
C6 PID PG . -20.02 48.03 -89.63
C7 PID PG . -21.15 48.73 -88.89
C8 PID PG . -20.96 49.01 -87.61
C9 PID PG . -21.96 49.73 -86.79
C10 PID PG . -23.31 50.25 -87.05
C11 PID PG . -21.64 50.07 -85.50
C12 PID PG . -22.77 50.74 -85.06
C13 PID PG . -22.74 51.23 -83.66
C14 PID PG . -23.77 52.00 -82.94
C15 PID PG . -23.36 52.47 -81.75
C16 PID PG . -24.12 53.31 -80.85
C17 PID PG . -23.50 53.73 -79.75
C18 PID PG . -24.12 54.60 -78.75
C19 PID PG . -23.39 54.95 -77.69
C20 PID PG . -23.94 55.80 -76.64
C21 PID PG . -23.22 56.13 -75.55
C22 PID PG . -23.82 56.99 -74.50
C23 PID PG . -23.20 57.25 -73.43
C24 PID PG . -22.60 57.49 -72.36
C25 PID PG . -22.32 56.36 -71.41
C26 PID PG . -21.11 56.73 -70.57
C27 PID PG . -20.17 57.56 -71.42
C28 PID PG . -20.76 58.96 -71.44
C29 PID PG . -22.16 58.91 -72.04
C30 PID PG . -18.63 57.94 -69.53
C31 PID PG . -17.47 58.80 -69.14
CM1 PID PG . -21.59 46.09 -89.18
CM2 PID PG . -20.79 48.90 -91.90
CM3 PID PG . -19.12 50.11 -90.59
CM4 PID PG . -25.11 52.29 -83.54
CM5 PID PG . -21.82 55.62 -75.39
CM6 PID PG . -23.49 56.10 -70.49
CM7 PID PG . -22.02 55.08 -72.17
CM8 PID PG . -23.12 59.55 -71.05
O1 PID PG . -19.21 47.08 -88.94
O2 PID PG . -18.03 45.92 -92.71
O3 PID PG . -23.93 50.10 -88.16
O4 PID PG . -23.81 50.88 -85.95
O5 PID PG . -22.16 59.68 -73.23
O6 PID PG . -18.83 57.59 -70.91
O7 PID PG . -19.38 57.51 -68.68
C DD6 QG . -23.67 41.46 -76.33
C1 DD6 QG . -23.07 41.44 -77.70
C10 DD6 QG . -31.28 38.73 -82.28
C11 DD6 QG . -32.23 38.63 -83.23
C12 DD6 QG . -31.98 38.97 -84.68
C13 DD6 QG . -33.55 38.15 -82.86
C14 DD6 QG . -34.64 38.09 -83.60
C15 DD6 QG . -36.00 37.56 -83.16
C16 DD6 QG . -36.54 36.39 -83.92
C17 DD6 QG . -38.09 36.49 -83.97
C18 DD6 QG . -38.73 36.83 -82.64
C19 DD6 QG . -38.37 38.25 -82.25
C2 DD6 QG . -23.75 41.12 -78.83
C20 DD6 QG . -36.87 38.51 -82.36
C21 DD6 QG . -36.46 39.91 -81.99
C22 DD6 QG . -36.14 35.09 -83.22
C23 DD6 QG . -36.01 36.32 -85.36
C24 DD6 QG . -21.64 41.73 -77.83
C25 DD6 QG . -20.75 41.86 -76.84
C26 DD6 QG . -19.38 42.14 -77.08
C27 DD6 QG . -18.38 42.21 -76.17
C28 DD6 QG . -18.56 42.04 -74.69
C29 DD6 QG . -17.05 42.44 -76.66
C3 DD6 QG . -25.13 40.74 -78.94
C30 DD6 QG . -15.96 42.55 -77.12
C31 DD6 QG . -14.61 42.68 -77.56
C32 DD6 QG . -13.66 41.50 -77.37
C33 DD6 QG . -12.24 42.05 -77.44
C34 DD6 QG . -11.95 42.80 -78.73
C35 DD6 QG . -13.03 43.80 -79.11
C36 DD6 QG . -14.18 43.82 -78.14
C37 DD6 QG . -14.79 45.18 -77.91
C4 DD6 QG . -25.70 40.45 -80.13
C40 DD6 QG . -13.87 40.46 -78.46
C41 DD6 QG . -13.87 40.86 -76.00
C5 DD6 QG . -27.07 40.06 -80.30
C6 DD6 QG . -27.69 39.73 -81.45
C7 DD6 QG . -27.02 39.75 -82.78
C8 DD6 QG . -29.09 39.34 -81.40
C9 DD6 QG . -29.92 39.13 -82.44
O1 DD6 QG . -36.09 37.46 -81.74
O2 DD6 QG . -40.15 36.72 -82.77
O4 DD6 QG . -10.70 43.49 -78.60
C1 PID RG . -22.65 48.25 -70.16
C2 PID RG . -24.01 47.58 -69.95
C3 PID RG . -24.49 47.72 -68.52
C4 PID RG . -23.46 47.20 -67.51
C5 PID RG . -22.17 46.71 -68.13
C6 PID RG . -21.59 47.72 -69.15
C7 PID RG . -20.30 47.29 -69.84
C8 PID RG . -19.22 47.94 -69.48
C9 PID RG . -17.85 47.64 -69.99
C10 PID RG . -17.29 46.70 -70.98
C11 PID RG . -16.78 48.30 -69.42
C12 PID RG . -15.68 47.77 -70.08
C13 PID RG . -14.38 48.36 -69.67
C14 PID RG . -13.05 47.96 -70.16
C15 PID RG . -12.05 48.55 -69.49
C16 PID RG . -10.63 48.30 -69.73
C17 PID RG . -9.76 48.94 -68.96
C18 PID RG . -8.32 48.71 -69.11
C19 PID RG . -7.48 49.30 -68.27
C20 PID RG . -6.06 49.05 -68.42
C21 PID RG . -5.15 49.60 -67.59
C22 PID RG . -3.73 49.28 -67.84
C23 PID RG . -2.82 49.84 -67.18
C24 PID RG . -1.91 50.41 -66.57
C25 PID RG . -1.46 51.76 -67.03
C26 PID RG . -0.27 52.21 -66.19
C27 PID RG . -0.57 52.13 -64.70
C28 PID RG . -1.06 50.75 -64.25
C29 PID RG . -1.25 49.74 -65.38
C30 PID RG . 0.37 53.31 -62.86
C31 PID RG . -0.14 52.73 -61.57
CM1 PID RG . -22.11 48.26 -71.59
CM2 PID RG . -22.38 45.33 -68.74
CM3 PID RG . -21.15 46.54 -67.02
CM4 PID RG . -12.84 46.96 -71.25
CM5 PID RG . -5.57 50.51 -66.49
CM6 PID RG . -1.06 51.67 -68.50
CM7 PID RG . -2.61 52.75 -66.88
CM8 PID RG . 0.07 49.13 -65.83
O1 PID RG . -22.04 49.07 -69.16
O2 PID RG . -25.70 46.97 -68.36
O3 PID RG . -17.98 45.90 -71.69
O4 PID RG . -15.91 46.80 -71.03
O5 PID RG . -2.11 48.69 -64.92
O6 PID RG . 0.63 52.43 -63.98
O7 PID RG . 0.58 54.50 -62.99
C1 PID SG . -18.36 54.08 -67.71
C2 PID SG . -19.74 54.25 -68.31
C3 PID SG . -20.77 53.33 -67.66
C4 PID SG . -20.24 51.91 -67.76
C5 PID SG . -19.06 51.70 -66.82
C6 PID SG . -18.02 52.80 -66.96
C7 PID SG . -16.56 52.44 -66.82
C8 PID SG . -15.87 52.73 -65.70
C9 PID SG . -14.45 52.35 -65.60
C10 PID SG . -13.55 51.68 -66.55
C11 PID SG . -13.71 52.60 -64.45
C12 PID SG . -12.45 52.08 -64.77
C13 PID SG . -11.33 52.18 -63.79
C14 PID SG . -9.97 51.64 -64.02
C15 PID SG . -9.11 51.67 -62.99
C16 PID SG . -7.75 51.13 -63.08
C17 PID SG . -6.93 51.15 -62.04
C18 PID SG . -5.60 50.58 -62.21
C19 PID SG . -4.72 50.56 -61.22
C20 PID SG . -3.41 49.97 -61.48
C21 PID SG . -2.40 49.90 -60.59
C22 PID SG . -1.16 49.26 -61.04
C23 PID SG . -0.15 49.10 -60.31
C24 PID SG . 0.92 48.86 -59.67
C25 PID SG . 0.93 48.40 -58.23
C26 PID SG . 1.90 49.28 -57.45
C27 PID SG . 3.28 49.37 -58.12
C28 PID SG . 3.13 49.92 -59.52
C29 PID SG . 2.22 49.06 -60.39
C30 PID SG . 4.56 49.74 -56.09
C31 PID SG . 5.33 50.63 -55.18
CM1 PID SG . -17.23 54.98 -68.22
CM2 PID SG . -18.44 50.34 -67.08
CM3 PID SG . -19.57 51.66 -65.39
CM4 PID SG . -9.55 51.02 -65.33
CM5 PID SG . -2.53 50.44 -59.19
CM6 PID SG . 1.34 46.94 -58.16
CM7 PID SG . -0.45 48.53 -57.59
CM8 PID SG . 2.03 49.71 -61.74
O1 PID SG . -18.37 54.01 -66.28
O2 PID SG . -22.02 53.43 -68.35
O3 PID SG . -13.88 51.29 -67.73
O4 PID SG . -12.30 51.53 -66.01
O5 PID SG . 2.85 47.79 -60.59
O6 PID SG . 4.13 50.25 -57.38
O7 PID SG . 4.28 48.59 -55.79
C1 PID TG . -12.92 51.96 -89.40
C2 PID TG . -11.84 50.99 -89.84
C3 PID TG . -11.05 51.55 -91.02
C4 PID TG . -11.92 52.09 -92.16
C5 PID TG . -13.42 52.10 -91.91
C6 PID TG . -13.75 52.59 -90.51
C7 PID TG . -15.07 53.28 -90.23
C8 PID TG . -15.19 54.13 -89.20
C9 PID TG . -16.49 54.80 -88.90
C10 PID TG . -17.79 54.80 -89.61
C11 PID TG . -16.63 55.54 -87.76
C12 PID TG . -17.96 55.95 -87.83
C13 PID TG . -18.51 56.83 -86.75
C14 PID TG . -19.91 57.31 -86.72
C15 PID TG . -20.26 58.01 -85.63
C16 PID TG . -21.59 58.57 -85.38
C17 PID TG . -21.78 59.23 -84.25
C18 PID TG . -23.07 59.82 -83.91
C19 PID TG . -23.19 60.49 -82.77
C20 PID TG . -24.47 61.10 -82.41
C21 PID TG . -24.62 61.81 -81.28
C22 PID TG . -25.96 62.41 -81.03
C23 PID TG . -26.22 63.20 -80.08
C24 PID TG . -26.61 63.99 -79.18
C25 PID TG . -26.49 63.71 -77.70
C26 PID TG . -26.64 65.02 -76.93
C27 PID TG . -25.97 66.15 -77.69
C28 PID TG . -26.80 66.50 -78.91
C29 PID TG . -27.28 65.26 -79.66
C30 PID TG . -25.19 68.42 -77.52
C31 PID TG . -23.87 68.25 -78.20
CM1 PID TG . -13.49 51.86 -87.98
CM2 PID TG . -14.00 50.71 -92.12
CM3 PID TG . -14.07 53.04 -92.92
CM4 PID TG . -20.84 56.97 -87.86
CM5 PID TG . -23.47 62.00 -80.33
CM6 PID TG . -25.13 63.10 -77.36
CM7 PID TG . -27.58 62.75 -77.30
CM8 PID TG . -28.79 65.10 -79.54
O1 PID TG . -12.67 53.29 -89.87
O2 PID TG . -10.21 50.51 -91.54
O3 PID TG . -18.03 54.20 -90.71
O4 PID TG . -18.71 55.55 -88.92
O5 PID TG . -26.98 65.44 -81.05
O6 PID TG . -25.81 67.30 -76.84
O7 PID TG . -25.79 69.48 -77.52
C7 UIX UG . -15.80 33.29 -86.72
C8 UIX UG . -13.11 32.27 -86.73
C9 UIX UG . -14.48 30.32 -87.32
O1 UIX UG . -13.37 30.98 -91.44
C1 UIX UG . -15.72 33.05 -89.33
C5 UIX UG . -14.16 31.32 -90.29
C6 UIX UG . -16.71 34.19 -89.46
C4 UIX UG . -13.25 31.56 -89.10
O4 UIX UG . -38.07 29.09 -73.70
C3 UIX UG . -14.97 32.58 -90.57
O3 UIX UG . -32.78 29.98 -73.32
C2 UIX UG . -14.03 31.69 -87.79
C UIX UG . -15.26 32.58 -87.95
O UIX UG . -16.31 31.93 -88.67
C10 UIX UG . -17.01 32.98 -86.26
C11 UIX UG . -17.61 33.60 -85.04
C12 UIX UG . -16.91 34.65 -84.22
C13 UIX UG . -18.82 33.17 -84.70
C14 UIX UG . -19.53 33.67 -83.52
C15 UIX UG . -34.99 32.16 -75.53
C16 UIX UG . -34.04 30.60 -73.64
C17 UIX UG . -36.17 31.22 -75.40
C18 UIX UG . -35.69 29.77 -75.38
C19 UIX UG . -35.02 29.49 -74.06
C20 UIX UG . -33.82 31.59 -74.76
C21 UIX UG . -35.33 33.53 -74.96
C22 UIX UG . -34.60 32.31 -77.00
C23 UIX UG . -20.72 33.16 -83.22
C24 UIX UG . -34.55 31.32 -72.41
C25 UIX UG . -32.66 31.96 -75.05
C26 UIX UG . -21.53 33.57 -82.05
C27 UIX UG . -38.01 29.24 -74.91
C28 UIX UG . -31.52 32.37 -75.38
O2 UIX UG . -36.78 28.87 -75.59
C29 UIX UG . -21.04 34.60 -81.08
C30 UIX UG . -22.72 32.97 -81.92
C31 UIX UG . -39.15 29.81 -75.69
C32 UIX UG . -30.85 31.85 -76.59
C33 UIX UG . -31.50 30.79 -77.45
C34 UIX UG . -23.64 33.25 -80.82
C35 UIX UG . -29.65 32.38 -76.91
C36 UIX UG . -28.90 31.97 -78.10
C37 UIX UG . -24.79 32.57 -80.76
C38 UIX UG . -27.72 32.55 -78.34
C39 UIX UG . -25.73 32.82 -79.66
C40 UIX UG . -26.90 32.18 -79.51
C41 UIX UG . -27.42 31.12 -80.46
MG CLA VG . 26.56 -38.60 86.98
CHA CLA VG . 23.96 -38.36 89.19
CHB CLA VG . 25.29 -36.05 85.27
CHC CLA VG . 28.78 -39.30 84.46
CHD CLA VG . 27.43 -41.71 88.44
NA CLA VG . 25.04 -37.43 87.27
C1A CLA VG . 24.09 -37.37 88.29
C2A CLA VG . 23.26 -36.13 88.27
C3A CLA VG . 23.45 -35.64 86.85
C4A CLA VG . 24.67 -36.41 86.41
CMA CLA VG . 22.25 -35.88 85.94
CAA CLA VG . 23.81 -35.16 89.33
CBA CLA VG . 25.33 -34.93 89.34
CGA CLA VG . 25.79 -33.96 88.28
O1A CLA VG . 25.13 -33.08 87.83
O2A CLA VG . 27.05 -34.22 87.91
NB CLA VG . 27.01 -37.81 85.26
C1B CLA VG . 26.42 -36.62 84.68
C2B CLA VG . 27.10 -36.26 83.51
C3B CLA VG . 28.10 -37.19 83.30
C4B CLA VG . 28.03 -38.15 84.34
CMB CLA VG . 26.79 -35.07 82.64
CAB CLA VG . 29.09 -37.22 82.22
CBB CLA VG . 29.01 -37.84 81.08
NC CLA VG . 27.81 -40.08 86.58
C1C CLA VG . 28.66 -40.19 85.49
C2C CLA VG . 29.44 -41.43 85.52
C3C CLA VG . 29.08 -42.09 86.67
C4C CLA VG . 28.08 -41.29 87.32
CMC CLA VG . 30.41 -41.93 84.50
CAC CLA VG . 29.61 -43.41 87.17
CBC CLA VG . 30.57 -43.25 88.32
ND CLA VG . 25.92 -39.78 88.40
C1D CLA VG . 26.36 -41.04 88.98
C2D CLA VG . 25.56 -41.36 90.10
C3D CLA VG . 24.60 -40.33 90.24
C4D CLA VG . 24.86 -39.44 89.21
CMD CLA VG . 25.71 -42.57 90.97
CAD CLA VG . 23.51 -39.80 91.02
OBD CLA VG . 23.03 -40.22 92.07
CBD CLA VG . 22.98 -38.57 90.35
CGD CLA VG . 21.55 -38.81 89.88
O1D CLA VG . 21.25 -39.46 88.92
O2D CLA VG . 20.68 -38.22 90.70
CED CLA VG . 19.28 -38.45 90.40
C1 CLA VG . 27.58 -33.39 86.84
C2 CLA VG . 29.05 -33.30 86.92
C3 CLA VG . 29.84 -33.13 85.86
C4 CLA VG . 29.36 -33.10 84.44
C5 CLA VG . 31.32 -32.86 86.04
C6 CLA VG . 32.19 -34.12 86.04
C7 CLA VG . 33.55 -33.85 86.68
C8 CLA VG . 34.67 -34.85 86.40
C9 CLA VG . 35.09 -34.82 84.94
C10 CLA VG . 34.28 -36.25 86.85
C11 CLA VG . 35.42 -37.15 87.34
C12 CLA VG . 36.33 -37.62 86.22
MG CLA WG . 32.18 -34.87 77.38
CHA CLA WG . 30.35 -31.98 77.43
CHB CLA WG . 32.61 -34.64 80.66
CHC CLA WG . 34.46 -37.43 77.14
CHD CLA WG . 32.31 -34.66 73.83
NA CLA WG . 31.51 -33.63 78.72
C1A CLA WG . 30.70 -32.51 78.62
C2A CLA WG . 30.26 -31.95 79.94
C3A CLA WG . 31.07 -32.74 80.93
C4A CLA WG . 31.79 -33.75 80.07
CMA CLA WG . 32.01 -31.89 81.78
CAA CLA WG . 28.75 -32.20 80.10
CBA CLA WG . 28.06 -31.44 81.23
CGA CLA WG . 28.50 -30.02 81.35
O1A CLA WG . 28.85 -29.33 80.43
O2A CLA WG . 28.51 -29.62 82.63
NB CLA WG . 33.31 -35.84 78.64
C1B CLA WG . 33.37 -35.64 80.06
C2B CLA WG . 34.28 -36.54 80.65
C3B CLA WG . 34.80 -37.32 79.62
C4B CLA WG . 34.22 -36.92 78.41
CMB CLA WG . 34.60 -36.65 82.10
CAB CLA WG . 35.80 -38.38 79.74
CBB CLA WG . 36.93 -38.35 80.39
NC CLA WG . 33.08 -35.82 75.89
C1C CLA WG . 33.95 -36.90 76.01
C2C CLA WG . 34.35 -37.41 74.70
C3C CLA WG . 33.73 -36.63 73.76
C4C CLA WG . 32.97 -35.64 74.47
CMC CLA WG . 35.27 -38.57 74.45
CAC CLA WG . 33.82 -36.78 72.27
CBC CLA WG . 34.73 -35.76 71.63
ND CLA WG . 31.55 -33.68 75.97
C1D CLA WG . 31.64 -33.66 74.51
C2D CLA WG . 30.92 -32.56 74.01
C3D CLA WG . 30.38 -31.87 75.11
C4D CLA WG . 30.80 -32.57 76.23
CMD CLA WG . 30.76 -32.20 72.56
CAD CLA WG . 29.60 -30.73 75.56
OBD CLA WG . 29.06 -29.85 74.89
CBD CLA WG . 29.51 -30.75 77.05
CGD CLA WG . 30.06 -29.45 77.61
O1D CLA WG . 29.39 -28.54 78.02
O2D CLA WG . 31.39 -29.45 77.60
CED CLA WG . 32.03 -28.28 78.16
C1 CLA WG . 29.52 -28.65 83.05
C2 CLA WG . 29.70 -27.52 82.10
C3 CLA WG . 30.88 -27.00 81.74
C4 CLA WG . 31.02 -25.84 80.80
C5 CLA WG . 32.18 -27.57 82.26
C6 CLA WG . 33.41 -27.18 81.44
C7 CLA WG . 34.65 -27.98 81.81
C8 CLA WG . 35.69 -27.25 82.66
C9 CLA WG . 36.48 -26.24 81.84
C10 CLA WG . 36.62 -28.25 83.35
MG CLA XG . 31.26 -47.80 63.47
CHA CLA XG . 33.21 -48.63 60.80
CHB CLA XG . 32.88 -44.91 63.75
CHC CLA XG . 29.61 -47.28 66.45
CHD CLA XG . 30.15 -51.19 63.62
NA CLA XG . 32.68 -46.97 62.44
C1A CLA XG . 33.36 -47.39 61.30
C2A CLA XG . 34.27 -46.36 60.70
C3A CLA XG . 34.26 -45.26 61.74
C4A CLA XG . 33.22 -45.73 62.72
CMA CLA XG . 35.62 -45.04 62.40
CAA CLA XG . 33.76 -45.92 59.31
CBA CLA XG . 32.26 -46.00 59.02
CGA CLA XG . 31.44 -44.93 59.67
O1A CLA XG . 31.62 -44.50 60.77
O2A CLA XG . 30.47 -44.52 58.86
NB CLA XG . 31.24 -46.39 64.82
C1B CLA XG . 31.98 -45.15 64.77
C2B CLA XG . 31.65 -44.34 65.87
C3B CLA XG . 30.75 -45.05 66.66
C4B CLA XG . 30.48 -46.28 66.03
CMB CLA XG . 32.16 -42.96 66.14
CAB CLA XG . 30.19 -44.63 67.94
CBB CLA XG . 28.95 -44.50 68.29
NC CLA XG . 30.14 -48.91 64.67
C1C CLA XG . 29.49 -48.50 65.82
C2C CLA XG . 28.66 -49.55 66.39
C3C CLA XG . 28.83 -50.66 65.60
C4C CLA XG . 29.73 -50.30 64.55
CMC CLA XG . 27.76 -49.46 67.59
CAC CLA XG . 28.21 -52.02 65.79
CBC CLA XG . 27.14 -52.32 64.78
ND CLA XG . 31.54 -49.48 62.52
C1D CLA XG . 31.03 -50.84 62.61
C2D CLA XG . 31.56 -51.63 61.57
C3D CLA XG . 32.41 -50.80 60.80
C4D CLA XG . 32.37 -49.56 61.41
CMD CLA XG . 31.27 -53.09 61.33
CAD CLA XG . 33.26 -50.68 59.63
OBD CLA XG . 33.50 -51.51 58.76
CBD CLA XG . 33.87 -49.31 59.59
CGD CLA XG . 35.38 -49.42 59.71
O1D CLA XG . 36.16 -48.77 59.06
O2D CLA XG . 35.72 -50.32 60.61
CED CLA XG . 37.14 -50.57 60.76
MG CLA YG . 27.82 -33.42 69.46
CHA CLA YG . 26.75 -32.48 72.57
CHB CLA YG . 26.04 -30.95 68.12
CHC CLA YG . 28.66 -34.64 66.38
CHD CLA YG . 28.86 -36.54 70.81
NA CLA YG . 26.73 -32.00 70.22
C1A CLA YG . 26.45 -31.66 71.53
C2A CLA YG . 25.79 -30.33 71.69
C3A CLA YG . 25.28 -30.06 70.29
C4A CLA YG . 26.06 -31.05 69.47
CMA CLA YG . 23.77 -30.22 70.13
CAA CLA YG . 26.86 -29.32 72.15
CBA CLA YG . 28.02 -29.09 71.18
CGA CLA YG . 29.08 -28.21 71.74
O1A CLA YG . 28.96 -27.02 71.96
O2A CLA YG . 30.19 -28.89 71.99
NB CLA YG . 27.46 -32.89 67.62
C1B CLA YG . 26.69 -31.75 67.18
C2B CLA YG . 26.70 -31.65 65.78
C3B CLA YG . 27.47 -32.72 65.31
C4B CLA YG . 27.92 -33.47 66.40
CMB CLA YG . 26.03 -30.59 64.96
CAB CLA YG . 27.80 -33.02 63.91
CBB CLA YG . 28.03 -32.19 62.93
NC CLA YG . 28.58 -35.11 68.79
C1C CLA YG . 28.93 -35.39 67.47
C2C CLA YG . 29.55 -36.69 67.34
C3C CLA YG . 29.60 -37.27 68.58
C4C CLA YG . 29.00 -36.31 69.48
CMC CLA YG . 30.07 -37.29 66.06
CAC CLA YG . 30.16 -38.61 68.92
CBC CLA YG . 29.43 -39.74 68.25
ND CLA YG . 27.83 -34.33 71.17
C1D CLA YG . 28.29 -35.62 71.68
C2D CLA YG . 28.09 -35.70 73.07
C3D CLA YG . 27.51 -34.48 73.48
C4D CLA YG . 27.38 -33.71 72.32
CMD CLA YG . 28.44 -36.86 73.94
CAD CLA YG . 27.03 -33.68 74.60
OBD CLA YG . 26.99 -33.97 75.78
CBD CLA YG . 26.53 -32.35 74.08
CGD CLA YG . 25.08 -32.15 74.49
O1D CLA YG . 24.14 -32.22 73.76
O2D CLA YG . 24.99 -31.89 75.80
CED CLA YG . 23.65 -31.67 76.31
C1 CLA YG . 31.28 -28.14 72.61
C2 CLA YG . 32.43 -29.05 72.77
C3 CLA YG . 33.31 -28.95 73.75
C4 CLA YG . 33.24 -27.89 74.82
C5 CLA YG . 34.47 -29.92 73.88
C6 CLA YG . 34.60 -30.53 75.27
C7 CLA YG . 35.37 -31.84 75.25
C8 CLA YG . 36.18 -32.17 76.52
C9 CLA YG . 36.77 -33.57 76.44
C10 CLA YG . 35.33 -31.98 77.79
C11 CLA YG . 36.03 -32.34 79.10
C12 CLA YG . 35.30 -31.83 80.33
MG CLA ZG . 17.09 -45.90 74.51
CHA CLA ZG . 14.28 -43.98 74.32
CHB CLA ZG . 15.95 -47.31 77.30
CHC CLA ZG . 20.10 -47.53 74.78
CHD CLA ZG . 18.62 -43.82 72.07
NA CLA ZG . 15.45 -45.69 75.53
C1A CLA ZG . 14.32 -44.90 75.31
C2A CLA ZG . 13.17 -45.19 76.23
C3A CLA ZG . 13.83 -46.05 77.31
C4A CLA ZG . 15.17 -46.39 76.70
CMA CLA ZG . 13.99 -45.36 78.67
CAA CLA ZG . 12.07 -45.83 75.37
CBA CLA ZG . 11.74 -47.32 75.56
CGA CLA ZG . 12.89 -48.23 75.24
O1A CLA ZG . 13.94 -47.88 74.76
O2A CLA ZG . 12.63 -49.48 75.63
NB CLA ZG . 17.86 -47.17 75.77
C1B CLA ZG . 17.22 -47.75 76.91
C2B CLA ZG . 18.03 -48.74 77.50
C3B CLA ZG . 19.22 -48.79 76.76
C4B CLA ZG . 19.12 -47.84 75.72
CMB CLA ZG . 17.68 -49.60 78.68
CAB CLA ZG . 20.37 -49.66 76.96
CBB CLA ZG . 20.87 -50.08 78.09
NC CLA ZG . 18.87 -45.73 73.67
C1C CLA ZG . 19.99 -46.53 73.87
C2C CLA ZG . 21.10 -46.16 73.02
C3C CLA ZG . 20.68 -45.11 72.25
C4C CLA ZG . 19.32 -44.82 72.64
CMC CLA ZG . 22.46 -46.78 72.98
CAC CLA ZG . 21.44 -44.42 71.15
CBC CLA ZG . 21.05 -44.93 69.77
ND CLA ZG . 16.65 -44.32 73.47
C1D CLA ZG . 17.32 -43.53 72.43
C2D CLA ZG . 16.44 -42.55 71.95
C3D CLA ZG . 15.23 -42.67 72.65
C4D CLA ZG . 15.41 -43.74 73.52
CMD CLA ZG . 16.75 -41.59 70.84
CAD CLA ZG . 13.91 -42.12 72.90
OBD CLA ZG . 13.41 -41.09 72.46
CBD CLA ZG . 13.17 -43.03 73.83
CGD CLA ZG . 12.44 -42.24 74.90
O1D CLA ZG . 12.86 -42.04 76.01
O2D CLA ZG . 11.26 -41.82 74.46
CED CLA ZG . 10.37 -41.25 75.45
C1 CLA ZG . 13.75 -50.25 76.16
C2 CLA ZG . 14.76 -50.60 75.13
C3 CLA ZG . 15.18 -51.84 74.90
C4 CLA ZG . 14.65 -53.05 75.60
C5 CLA ZG . 16.31 -52.10 73.94
C6 CLA ZG . 17.64 -52.34 74.65
C7 CLA ZG . 18.85 -52.28 73.72
C8 CLA ZG . 19.12 -53.52 72.86
C9 CLA ZG . 19.68 -54.67 73.69
C10 CLA ZG . 20.01 -53.15 71.68
C11 CLA ZG . 20.98 -54.21 71.17
C12 CLA ZG . 21.74 -53.76 69.93
C13 CLA ZG . 22.95 -54.61 69.54
C14 CLA ZG . 23.55 -54.16 68.22
C15 CLA ZG . 22.59 -56.10 69.51
MG CLA AH . 23.67 -52.78 89.89
CHA CLA AH . 20.80 -52.27 88.10
CHB CLA AH . 21.86 -52.65 92.69
CHC CLA AH . 26.59 -52.96 91.64
CHD CLA AH . 25.57 -51.93 87.02
NA CLA AH . 21.78 -52.66 90.24
C1A CLA AH . 20.69 -52.63 89.40
C2A CLA AH . 19.42 -52.99 90.10
C3A CLA AH . 19.71 -52.41 91.46
C4A CLA AH . 21.21 -52.58 91.49
CMA CLA AH . 19.25 -50.96 91.63
CAA CLA AH . 19.30 -54.53 90.11
NB CLA AH . 24.15 -52.83 91.78
C1B CLA AH . 23.23 -52.80 92.89
C2B CLA AH . 23.94 -52.92 94.11
C3B CLA AH . 25.30 -53.01 93.79
C4B CLA AH . 25.43 -52.95 92.39
CMB CLA AH . 23.34 -52.96 95.48
CAB CLA AH . 26.42 -53.15 94.70
CBB CLA AH . 26.84 -52.29 95.59
NC CLA AH . 25.56 -52.55 89.44
C1C CLA AH . 26.64 -52.75 90.29
C2C CLA AH . 27.91 -52.62 89.61
C3C CLA AH . 27.65 -52.32 88.30
C4C CLA AH . 26.21 -52.26 88.17
CMC CLA AH . 29.27 -52.77 90.23
CAC CLA AH . 28.64 -52.15 87.19
CBC CLA AH . 29.29 -53.45 86.78
ND CLA AH . 23.35 -52.21 88.07
C1D CLA AH . 24.19 -51.86 86.91
C2D CLA AH . 23.38 -51.54 85.81
C3D CLA AH . 22.03 -51.69 86.21
C4D CLA AH . 22.09 -52.07 87.54
CMD CLA AH . 23.87 -51.13 84.45
CAD CLA AH . 20.63 -51.59 85.83
OBD CLA AH . 20.16 -51.25 84.77
CBD CLA AH . 19.77 -52.02 87.00
CGD CLA AH . 18.74 -50.97 87.36
O1D CLA AH . 18.94 -50.02 88.08
O2D CLA AH . 17.56 -51.23 86.79
CED CLA AH . 16.46 -50.36 87.14
NB KC2 BH . 24.19 -54.89 78.66
ND KC2 BH . 23.18 -55.10 82.43
C1A KC2 BH . 20.50 -54.77 80.66
C1B KC2 BH . 23.40 -54.69 77.50
C1C KC2 BH . 26.64 -55.22 80.29
C1D KC2 BH . 23.88 -55.14 83.61
C2A KC2 BH . 19.36 -54.56 79.82
C2B KC2 BH . 24.26 -54.67 76.30
C2C KC2 BH . 27.82 -55.35 81.08
C2D KC2 BH . 22.96 -55.14 84.68
C3A KC2 BH . 19.83 -54.44 78.53
C3B KC2 BH . 25.55 -54.84 76.72
C3C KC2 BH . 27.45 -55.36 82.39
C3D KC2 BH . 21.64 -55.10 84.11
C4A KC2 BH . 21.24 -54.59 78.59
C4B KC2 BH . 25.54 -54.96 78.16
C4C KC2 BH . 26.01 -55.25 82.45
C4D KC2 BH . 21.84 -55.10 82.69
CAA KC2 BH . 17.98 -54.48 80.26
CAB KC2 BH . 26.77 -54.90 75.91
CAC KC2 BH . 28.34 -55.46 83.54
CAD KC2 BH . 20.23 -55.06 84.42
CBA KC2 BH . 16.96 -55.16 79.76
CBB KC2 BH . 26.94 -55.54 74.78
CBC KC2 BH . 28.29 -56.32 84.53
CBD KC2 BH . 19.51 -55.19 83.10
CED KC2 BH . 19.44 -58.89 82.89
CGA KC2 BH . 15.54 -55.09 80.20
CGD KC2 BH . 18.91 -56.59 83.06
CHA KC2 BH . 20.59 -55.01 82.03
CHB KC2 BH . 22.04 -54.55 77.44
CHC KC2 BH . 26.68 -55.11 78.90
CHD KC2 BH . 25.27 -55.22 83.61
CMA KC2 BH . 19.02 -54.20 77.29
CMB KC2 BH . 23.75 -54.48 74.90
CMC KC2 BH . 29.22 -55.50 80.53
CMD KC2 BH . 23.28 -55.17 86.15
NA KC2 BH . 21.63 -54.78 79.89
NC KC2 BH . 25.53 -55.16 81.10
O1A KC2 BH . 14.75 -55.97 79.92
O1D KC2 BH . 17.76 -56.85 83.30
O2A KC2 BH . 15.22 -54.04 80.90
O2D KC2 BH . 19.83 -57.50 82.76
OBD KC2 BH . 19.68 -54.94 85.53
MG KC2 BH . 23.54 -55.07 80.61
MG CLA CH . 41.30 -50.17 83.17
CHA CLA CH . 44.15 -51.95 82.51
CHB CLA CH . 39.64 -53.03 83.50
CHC CLA CH . 38.44 -48.32 83.43
CHD CLA CH . 42.89 -47.25 81.88
NA CLA CH . 41.85 -52.03 83.17
C1A CLA CH . 43.10 -52.62 83.03
C2A CLA CH . 43.14 -54.06 83.46
C3A CLA CH . 41.66 -54.44 83.38
C4A CLA CH . 40.98 -53.09 83.35
CMA CLA CH . 41.29 -55.29 82.18
CAA CLA CH . 43.72 -54.10 84.88
CBA CLA CH . 42.81 -53.60 86.00
CGA CLA CH . 43.56 -53.28 87.26
O1A CLA CH . 44.68 -52.85 87.31
O2A CLA CH . 42.82 -53.54 88.34
NB CLA CH . 39.42 -50.59 83.40
C1B CLA CH . 38.84 -51.90 83.51
C2B CLA CH . 37.43 -51.80 83.64
C3B CLA CH . 37.11 -50.44 83.62
C4B CLA CH . 38.30 -49.70 83.48
CMB CLA CH . 36.47 -52.95 83.78
CAB CLA CH . 35.78 -49.82 83.67
CBB CLA CH . 34.78 -50.06 82.89
NC CLA CH . 40.82 -48.29 82.83
C1C CLA CH . 39.60 -47.69 83.10
C2C CLA CH . 39.63 -46.26 82.87
C3C CLA CH . 40.88 -45.95 82.42
C4C CLA CH . 41.62 -47.18 82.36
CMC CLA CH . 38.49 -45.30 83.10
CAC CLA CH . 41.42 -44.59 82.06
CBC CLA CH . 42.43 -44.08 83.06
ND CLA CH . 43.00 -49.67 82.37
C1D CLA CH . 43.60 -48.44 81.83
C2D CLA CH . 44.89 -48.70 81.35
C3D CLA CH . 45.16 -50.07 81.59
C4D CLA CH . 44.02 -50.57 82.20
CMD CLA CH . 45.81 -47.70 80.72
CAD CLA CH . 46.09 -51.18 81.39
OBD CLA CH . 47.12 -51.21 80.74
CBD CLA CH . 45.59 -52.36 82.17
CGD CLA CH . 45.70 -53.64 81.35
O1D CLA CH . 45.03 -53.91 80.39
O2D CLA CH . 46.65 -54.43 81.84
CED CLA CH . 46.88 -55.68 81.15
C DD6 DH . 27.09 -51.28 78.61
C1 DD6 DH . 27.87 -51.69 77.40
C10 DD6 DH . 20.62 -49.58 71.25
C11 DD6 DH . 20.04 -48.99 70.17
C12 DD6 DH . 20.80 -48.62 68.94
C13 DD6 DH . 18.62 -48.64 70.23
C14 DD6 DH . 18.02 -47.61 69.67
C15 DD6 DH . 16.54 -47.27 69.72
C16 DD6 DH . 15.97 -46.46 68.58
C17 DD6 DH . 14.85 -45.55 69.11
C18 DD6 DH . 13.85 -46.25 70.02
C19 DD6 DH . 14.53 -46.65 71.31
C2 DD6 DH . 27.35 -51.70 76.15
C20 DD6 DH . 15.85 -47.37 71.08
C21 DD6 DH . 16.55 -47.78 72.35
C22 DD6 DH . 15.39 -47.42 67.54
C23 DD6 DH . 17.01 -45.59 67.85
C24 DD6 DH . 29.24 -52.13 77.59
C25 DD6 DH . 29.87 -52.36 78.75
C26 DD6 DH . 31.22 -52.81 78.83
C27 DD6 DH . 31.89 -53.17 79.94
C28 DD6 DH . 31.31 -53.15 81.33
C29 DD6 DH . 33.23 -53.65 79.81
C3 DD6 DH . 26.02 -51.37 75.75
C30 DD6 DH . 34.33 -54.12 79.78
C31 DD6 DH . 35.62 -54.71 79.84
C32 DD6 DH . 36.70 -54.14 78.92
C33 DD6 DH . 37.91 -55.09 78.87
C34 DD6 DH . 38.27 -55.68 80.23
C35 DD6 DH . 37.09 -56.50 80.72
C36 DD6 DH . 35.80 -55.72 80.72
C37 DD6 DH . 34.79 -56.18 81.72
C4 DD6 DH . 25.64 -51.32 74.46
C40 DD6 DH . 37.15 -52.76 79.41
C41 DD6 DH . 36.16 -54.00 77.49
C5 DD6 DH . 24.32 -50.99 74.03
C6 DD6 DH . 23.88 -50.81 72.76
C7 DD6 DH . 24.78 -50.95 71.56
C8 DD6 DH . 22.50 -50.42 72.53
C9 DD6 DH . 21.98 -49.94 71.40
O1 DD6 DH . 15.75 -48.42 70.07
O2 DD6 DH . 12.77 -45.35 70.30
O4 DD6 DH . 39.43 -56.51 80.10
C DD6 EH . 31.55 -40.15 75.81
C1 DD6 EH . 32.69 -41.06 76.14
C10 DD6 EH . 32.67 -39.39 85.86
C11 DD6 EH . 32.90 -39.65 87.17
C12 DD6 EH . 33.85 -40.72 87.63
C13 DD6 EH . 32.16 -38.93 88.20
C14 DD6 EH . 31.37 -37.88 88.13
C15 DD6 EH . 30.66 -37.24 89.30
C16 DD6 EH . 29.20 -36.92 89.13
C17 DD6 EH . 28.87 -35.63 89.92
C18 DD6 EH . 29.39 -35.61 91.34
C19 DD6 EH . 30.91 -35.57 91.34
C2 DD6 EH . 33.16 -41.24 77.40
C20 DD6 EH . 31.52 -36.57 90.37
C21 DD6 EH . 33.02 -36.50 90.31
C22 DD6 EH . 28.35 -38.06 89.68
C23 DD6 EH . 28.79 -36.71 87.67
C24 DD6 EH . 33.35 -41.77 75.04
C25 DD6 EH . 33.12 -41.61 73.73
C26 DD6 EH . 33.84 -42.36 72.73
C27 DD6 EH . 33.72 -42.27 71.38
C28 DD6 EH . 32.77 -41.35 70.67
C29 DD6 EH . 34.55 -43.10 70.57
C3 DD6 EH . 32.72 -40.60 78.61
C30 DD6 EH . 35.24 -43.74 69.82
C31 DD6 EH . 35.97 -44.50 68.86
C32 DD6 EH . 35.30 -45.73 68.27
C33 DD6 EH . 36.31 -46.41 67.31
C34 DD6 EH . 36.93 -45.45 66.32
C35 DD6 EH . 37.60 -44.28 67.02
C36 DD6 EH . 37.22 -44.18 68.46
C37 DD6 EH . 38.30 -43.72 69.39
C4 DD6 EH . 33.30 -40.85 79.81
C40 DD6 EH . 34.06 -45.34 67.46
C41 DD6 EH . 34.87 -46.70 69.37
C5 DD6 EH . 32.91 -40.24 81.06
C6 DD6 EH . 33.49 -40.43 82.27
C7 DD6 EH . 34.69 -41.31 82.47
C8 DD6 EH . 32.92 -39.78 83.44
C9 DD6 EH . 33.25 -40.03 84.72
O1 DD6 EH . 30.96 -37.91 90.53
O2 DD6 EH . 28.88 -34.47 92.02
O4 DD6 EH . 37.89 -46.15 65.53
C1 PID FH . 27.72 -47.43 90.23
C2 PID FH . 26.88 -46.18 89.94
C3 PID FH . 25.56 -46.56 89.28
C4 PID FH . 25.80 -47.25 87.94
C5 PID FH . 27.24 -47.65 87.69
C6 PID FH . 27.92 -48.29 88.95
C7 PID FH . 29.33 -48.79 88.67
C8 PID FH . 30.43 -48.03 88.61
C9 PID FH . 31.74 -48.65 88.28
C10 PID FH . 32.19 -50.03 87.99
C11 PID FH . 32.85 -47.84 88.10
C12 PID FH . 33.87 -48.74 87.77
C13 PID FH . 35.26 -48.30 87.50
C14 PID FH . 36.34 -49.25 87.14
C15 PID FH . 37.55 -48.72 86.90
C16 PID FH . 38.71 -49.53 86.52
C17 PID FH . 39.88 -48.93 86.33
C18 PID FH . 41.04 -49.73 85.96
C19 PID FH . 42.21 -49.14 85.78
C20 PID FH . 43.36 -49.96 85.43
C21 PID FH . 44.59 -49.43 85.26
C22 PID FH . 45.69 -50.34 84.92
C23 PID FH . 46.85 -49.85 84.83
C24 PID FH . 47.97 -49.30 84.78
C25 PID FH . 48.89 -49.35 85.94
C26 PID FH . 49.48 -47.96 86.11
C27 PID FH . 50.25 -47.47 84.88
C28 PID FH . 49.82 -48.17 83.59
C29 PID FH . 48.34 -48.52 83.56
C30 PID FH . 50.28 -45.33 85.95
C31 PID FH . 51.64 -45.44 86.56
CM1 PID FH . 29.03 -47.19 91.01
CM2 PID FH . 28.02 -46.46 87.15
CM3 PID FH . 27.22 -48.73 86.61
CM4 PID FH . 36.04 -50.73 87.01
CM5 PID FH . 44.81 -47.96 85.42
CM6 PID FH . 48.13 -49.74 87.20
CM7 PID FH . 49.99 -50.37 85.67
CM8 PID FH . 47.48 -47.27 83.51
O1 PID FH . 27.16 -48.73 90.07
O2 PID FH . 24.78 -45.39 89.05
O3 PID FH . 31.48 -51.08 88.04
O4 PID FH . 33.52 -50.06 87.69
O5 PID FH . 48.08 -49.31 82.40
O6 PID FH . 50.01 -46.06 84.72
O7 PID FH . 49.38 -44.67 86.44
C DD6 GH . 24.92 -52.98 62.21
C1 DD6 GH . 26.07 -52.51 61.35
C10 DD6 GH . 26.28 -43.91 65.90
C11 DD6 GH . 26.70 -42.73 66.41
C12 DD6 GH . 27.93 -42.02 65.91
C13 DD6 GH . 25.92 -42.10 67.47
C14 DD6 GH . 25.52 -40.85 67.56
C15 DD6 GH . 24.72 -40.22 68.68
C16 DD6 GH . 23.79 -41.09 69.51
C17 DD6 GH . 22.63 -40.24 70.07
C18 DD6 GH . 23.01 -38.86 70.57
C19 DD6 GH . 23.45 -38.01 69.40
C2 DD6 GH . 26.60 -51.27 61.45
C20 DD6 GH . 24.53 -38.70 68.59
C21 DD6 GH . 25.09 -37.87 67.46
C22 DD6 GH . 24.56 -41.70 70.68
C23 DD6 GH . 23.18 -42.26 68.72
C24 DD6 GH . 26.68 -53.46 60.44
C25 DD6 GH . 26.40 -54.77 60.33
C26 DD6 GH . 27.06 -55.61 59.38
C27 DD6 GH . 26.88 -56.95 59.21
C28 DD6 GH . 25.92 -57.80 59.98
C29 DD6 GH . 27.71 -57.60 58.23
C3 DD6 GH . 26.22 -50.23 62.35
C30 DD6 GH . 28.49 -58.12 57.49
C31 DD6 GH . 29.50 -58.74 56.69
C32 DD6 GH . 30.26 -59.91 57.30
C33 DD6 GH . 31.72 -59.85 56.82
C34 DD6 GH . 31.86 -59.67 55.31
C35 DD6 GH . 31.16 -58.39 54.88
C36 DD6 GH . 29.76 -58.30 55.45
C37 DD6 GH . 28.74 -57.70 54.52
C4 DD6 GH . 26.81 -49.01 62.39
C40 DD6 GH . 29.63 -61.25 56.88
C41 DD6 GH . 30.25 -59.83 58.83
C5 DD6 GH . 26.41 -47.98 63.29
C6 DD6 GH . 26.93 -46.73 63.42
C7 DD6 GH . 28.05 -46.22 62.56
C8 DD6 GH . 26.40 -45.88 64.46
C9 DD6 GH . 26.88 -44.68 64.85
O1 DD6 GH . 25.53 -39.32 69.45
O2 DD6 GH . 21.87 -38.26 71.20
O4 DD6 GH . 33.25 -59.59 54.97
C1 LMG HH . 12.43 -31.47 62.55
O1 LMG HH . 13.56 -32.03 62.01
C2 LMG HH . 11.66 -32.56 63.29
O2 LMG HH . 10.63 -33.00 62.44
C3 LMG HH . 11.11 -31.97 64.58
O3 LMG HH . 12.13 -32.02 65.54
C4 LMG HH . 10.57 -30.55 64.36
O4 LMG HH . 9.99 -30.09 65.56
C5 LMG HH . 11.74 -29.67 63.90
O5 LMG HH . 11.23 -28.13 65.64
C6 LMG HH . 12.31 -28.78 65.00
O6 LMG HH . 12.82 -30.46 63.45
C7 LMG HH . 14.47 -31.12 61.45
C8 LMG HH . 15.53 -31.93 60.71
C9 LMG HH . 15.01 -32.81 59.59
O7 LMG HH . 16.43 -30.96 60.19
C10 LMG HH . 17.75 -31.21 60.12
O9 LMG HH . 18.22 -32.31 60.29
C11 LMG HH . 18.51 -29.96 59.79
C12 LMG HH . 20.03 -30.15 59.90
C13 LMG HH . 20.76 -29.45 58.77
C14 LMG HH . 22.26 -29.37 58.99
C15 LMG HH . 22.74 -28.00 59.43
C16 LMG HH . 24.26 -27.86 59.35
C17 LMG HH . 24.84 -26.75 60.22
C18 LMG HH . 26.20 -27.08 60.81
C19 LMG HH . 26.89 -25.91 61.52
C20 LMG HH . 27.05 -26.14 63.02
C21 LMG HH . 28.03 -25.18 63.67
C22 LMG HH . 29.49 -25.59 63.50
C23 LMG HH . 30.32 -24.67 62.60
C24 LMG HH . 31.68 -25.26 62.24
C25 LMG HH . 32.21 -24.82 60.87
C26 LMG HH . 32.81 -23.41 60.85
C27 LMG HH . 34.34 -23.44 60.79
O8 LMG HH . 15.80 -32.57 58.43
C28 LMG HH . 16.41 -33.59 57.81
O10 LMG HH . 16.32 -34.73 58.15
C29 LMG HH . 17.19 -33.08 56.63
C30 LMG HH . 18.59 -33.69 56.50
C31 LMG HH . 19.46 -32.99 55.48
C32 LMG HH . 20.92 -33.42 55.56
C1A DGD IH . 15.73 -42.45 59.48
C2A DGD IH . 16.17 -43.87 59.53
C3A DGD IH . 16.36 -44.43 58.13
C4A DGD IH . 17.45 -43.64 57.42
C5A DGD IH . 18.30 -44.58 56.59
C6A DGD IH . 19.27 -43.81 55.73
O1A DGD IH . 15.65 -41.71 58.52
C1B DGD IH . 17.13 -42.59 63.85
C2B DGD IH . 18.62 -42.57 63.67
C3B DGD IH . 19.27 -43.72 64.43
C4B DGD IH . 20.59 -44.15 63.81
C5B DGD IH . 21.22 -45.03 64.89
C6B DGD IH . 21.88 -46.24 64.23
C7B DGD IH . 21.30 -47.43 64.97
C8B DGD IH . 21.90 -48.66 64.32
C9B DGD IH . 22.89 -49.27 65.27
CAB DGD IH . 22.48 -50.72 65.32
CBB DGD IH . 23.54 -51.34 66.14
O1B DGD IH . 16.55 -43.02 64.84
O1G DGD IH . 15.77 -41.93 60.74
C1G DGD IH . 14.63 -42.03 61.53
C2G DGD IH . 15.10 -41.70 62.97
O2G DGD IH . 16.51 -41.72 63.00
C3G DGD IH . 14.65 -40.25 63.25
O3G DGD IH . 13.37 -40.47 63.81
C1D DGD IH . 12.77 -39.29 64.23
C2D DGD IH . 11.50 -39.14 63.37
O2D DGD IH . 11.98 -39.04 62.07
C3D DGD IH . 10.89 -37.79 63.77
O3D DGD IH . 9.50 -37.93 63.79
C4D DGD IH . 11.35 -37.37 65.21
O4D DGD IH . 10.33 -36.64 65.83
C5D DGD IH . 11.56 -38.62 66.14
O5D DGD IH . 9.27 -38.40 66.57
C6D DGD IH . 10.27 -39.41 66.44
O6D DGD IH . 12.43 -39.57 65.56
C1E DGD IH . 8.00 -38.64 66.01
C2E DGD IH . 7.24 -39.67 66.91
O2E DGD IH . 7.98 -39.79 68.09
C3E DGD IH . 7.18 -41.02 66.18
O3E DGD IH . 6.44 -41.87 67.02
C4E DGD IH . 6.40 -40.80 64.86
O4E DGD IH . 5.14 -40.30 65.15
C5E DGD IH . 7.14 -39.74 64.02
O6E DGD IH . 8.21 -39.12 64.71
C6E DGD IH . 6.23 -38.54 63.63
O5E DGD IH . 5.32 -38.41 64.69
MG CLA JH . 37.95 -1.86 78.68
CHA CLA JH . 35.72 -0.07 80.55
CHB CLA JH . 35.48 -2.74 76.66
CHC CLA JH . 40.13 -4.01 77.13
CHD CLA JH . 40.31 -1.59 81.33
NA CLA JH . 36.09 -1.37 78.59
C1A CLA JH . 35.32 -0.49 79.34
C2A CLA JH . 34.03 -0.12 78.66
C3A CLA JH . 33.80 -1.35 77.81
C4A CLA JH . 35.20 -1.87 77.66
CMA CLA JH . 32.86 -2.39 78.44
CAA CLA JH . 34.23 1.17 77.86
CBA CLA JH . 35.44 1.23 76.92
CGA CLA JH . 35.28 0.49 75.63
O1A CLA JH . 34.23 0.28 75.09
O2A CLA JH . 36.45 0.09 75.14
NB CLA JH . 37.85 -3.10 77.18
C1B CLA JH . 36.69 -3.32 76.35
C2B CLA JH . 37.01 -4.23 75.31
C3B CLA JH . 38.34 -4.59 75.47
C4B CLA JH . 38.86 -3.91 76.60
CMB CLA JH . 36.08 -4.69 74.22
CAB CLA JH . 39.12 -5.51 74.64
CBB CLA JH . 38.69 -6.54 73.95
NC CLA JH . 39.75 -2.55 79.08
C1C CLA JH . 40.52 -3.39 78.28
C2C CLA JH . 41.84 -3.64 78.86
C3C CLA JH . 41.90 -2.95 80.04
C4C CLA JH . 40.62 -2.29 80.20
CMC CLA JH . 42.93 -4.48 78.28
CAC CLA JH . 43.05 -2.86 81.00
CBC CLA JH . 43.83 -1.59 80.86
ND CLA JH . 38.05 -1.12 80.49
C1D CLA JH . 39.05 -1.05 81.53
C2D CLA JH . 38.55 -0.33 82.64
C3D CLA JH . 37.23 0.06 82.32
C4D CLA JH . 37.00 -0.41 81.03
CMD CLA JH . 39.28 -0.06 83.92
CAD CLA JH . 36.00 0.67 82.79
OBD CLA JH . 35.71 1.02 83.92
CBD CLA JH . 35.06 0.80 81.62
CGD CLA JH . 33.64 0.37 82.00
O1D CLA JH . 32.64 0.86 81.58
O2D CLA JH . 33.67 -0.63 82.88
CED CLA JH . 32.38 -1.08 83.35
C1 CLA JH . 36.41 -0.55 73.83
C2 CLA JH . 37.78 -0.70 73.30
MG CLA KH . 38.57 -8.67 68.84
CHA CLA KH . 35.41 -7.69 68.02
CHB CLA KH . 39.30 -5.54 69.68
CHC CLA KH . 41.82 -9.65 69.24
CHD CLA KH . 38.02 -11.73 67.11
NA CLA KH . 37.52 -7.05 68.96
C1A CLA KH . 36.18 -6.81 68.70
C2A CLA KH . 35.68 -5.48 69.19
C3A CLA KH . 36.97 -4.74 69.47
C4A CLA KH . 38.01 -5.83 69.37
CMA CLA KH . 37.24 -3.58 68.51
CAA CLA KH . 34.82 -5.75 70.44
CBA CLA KH . 33.42 -5.16 70.39
CGA CLA KH . 33.40 -3.67 70.21
O1A CLA KH . 33.49 -2.88 71.11
O2A CLA KH . 33.30 -3.32 68.93
NB CLA KH . 40.23 -7.78 69.34
C1B CLA KH . 40.40 -6.38 69.66
C2B CLA KH . 41.75 -6.10 69.94
C3B CLA KH . 42.46 -7.29 69.80
C4B CLA KH . 41.55 -8.31 69.45
CMB CLA KH . 42.31 -4.76 70.30
CAB CLA KH . 43.90 -7.50 69.96
CBB CLA KH . 44.87 -6.70 69.60
NC CLA KH . 39.61 -10.27 68.37
C1C CLA KH . 40.94 -10.53 68.71
C2C CLA KH . 41.36 -11.86 68.30
C3C CLA KH . 40.29 -12.44 67.66
C4C CLA KH . 39.22 -11.48 67.69
CMC CLA KH . 42.70 -12.50 68.54
CAC CLA KH . 40.23 -13.80 67.02
CBC CLA KH . 39.51 -14.81 67.87
ND CLA KH . 37.16 -9.52 67.82
C1D CLA KH . 37.00 -10.81 67.12
C2D CLA KH . 35.71 -10.88 66.57
C3D CLA KH . 35.02 -9.69 66.90
C4D CLA KH . 35.93 -8.93 67.64
CMD CLA KH . 35.17 -12.03 65.76
CAD CLA KH . 33.79 -8.93 66.82
OBD CLA KH . 32.73 -9.23 66.27
CBD CLA KH . 33.95 -7.62 67.54
CGD CLA KH . 33.69 -6.45 66.60
O1D CLA KH . 32.93 -5.55 66.82
O2D CLA KH . 34.43 -6.56 65.50
CED CLA KH . 34.27 -5.50 64.52
MG CLA LH . 45.69 -25.50 73.62
CHA CLA LH . 47.73 -27.62 71.86
CHB CLA LH . 45.15 -23.74 70.86
CHC CLA LH . 44.21 -23.10 75.58
CHD CLA LH . 46.73 -27.09 76.62
NA CLA LH . 46.23 -25.74 71.77
C1A CLA LH . 47.00 -26.71 71.16
C2A CLA LH . 46.97 -26.66 69.66
C3A CLA LH . 46.24 -25.37 69.37
C4A CLA LH . 45.85 -24.90 70.75
CMA CLA LH . 47.09 -24.35 68.62
CAA CLA LH . 46.18 -27.90 69.17
CBA CLA LH . 44.78 -28.09 69.78
CGA CLA LH . 44.49 -29.51 70.14
O1A CLA LH . 45.00 -30.47 69.62
O2A CLA LH . 43.57 -29.58 71.10
NB CLA LH . 44.86 -23.76 73.30
C1B CLA LH . 44.68 -23.13 72.01
C2B CLA LH . 44.01 -21.90 72.16
C3B CLA LH . 43.77 -21.74 73.52
C4B CLA LH . 44.27 -22.85 74.22
CMB CLA LH . 43.60 -20.99 71.05
CAB CLA LH . 43.12 -20.58 74.17
CBB CLA LH . 42.19 -19.79 73.71
NC CLA LH . 45.47 -25.21 75.57
C1C CLA LH . 44.77 -24.18 76.18
C2C CLA LH . 44.71 -24.34 77.63
C3C CLA LH . 45.40 -25.48 77.94
C4C CLA LH . 45.89 -26.02 76.70
CMC CLA LH . 44.04 -23.43 78.61
CAC CLA LH . 45.58 -26.08 79.31
CBC CLA LH . 44.28 -26.24 80.07
ND CLA LH . 46.91 -26.91 74.18
C1D CLA LH . 47.29 -27.53 75.45
C2D CLA LH . 48.19 -28.58 75.22
C3D CLA LH . 48.40 -28.67 73.82
C4D CLA LH . 47.63 -27.65 73.26
CMD CLA LH . 48.81 -29.46 76.27
CAD CLA LH . 49.07 -29.37 72.74
OBD CLA LH . 49.83 -30.32 72.80
CBD CLA LH . 48.70 -28.72 71.43
CGD CLA LH . 49.95 -28.21 70.74
O1D CLA LH . 50.24 -28.42 69.60
O2D CLA LH . 50.70 -27.52 71.59
CED CLA LH . 51.96 -27.03 71.07
MG CLA MH . 45.92 -18.55 62.63
CHA CLA MH . 49.02 -17.19 62.11
CHB CLA MH . 45.43 -16.44 65.14
CHC CLA MH . 43.11 -20.34 63.44
CHD CLA MH . 46.82 -21.25 60.50
NA CLA MH . 46.97 -17.08 63.36
C1A CLA MH . 48.23 -16.59 63.02
C2A CLA MH . 48.62 -15.34 63.76
C3A CLA MH . 47.45 -15.10 64.69
C4A CLA MH . 46.55 -16.28 64.40
CMA CLA MH . 47.84 -14.99 66.15
CAA CLA MH . 48.79 -14.24 62.72
NB CLA MH . 44.55 -18.43 64.01
C1B CLA MH . 44.48 -17.44 65.06
C2B CLA MH . 43.34 -17.67 65.86
C3B CLA MH . 42.70 -18.80 65.36
C4B CLA MH . 43.42 -19.26 64.24
CMB CLA MH . 42.91 -16.84 67.04
CAB CLA MH . 41.50 -19.45 65.90
CBB CLA MH . 41.44 -20.27 66.92
NC CLA MH . 45.15 -20.29 62.08
C1C CLA MH . 43.93 -20.83 62.48
C2C CLA MH . 43.65 -22.10 61.82
C3C CLA MH . 44.71 -22.37 61.01
C4C CLA MH . 45.64 -21.28 61.15
CMC CLA MH . 42.42 -22.95 62.00
CAC CLA MH . 44.92 -23.58 60.15
CBC CLA MH . 44.74 -23.29 58.67
ND CLA MH . 47.45 -19.12 61.56
C1D CLA MH . 47.74 -20.24 60.65
C2D CLA MH . 49.01 -20.06 60.07
C3D CLA MH . 49.56 -18.87 60.58
C4D CLA MH . 48.60 -18.37 61.47
CMD CLA MH . 49.66 -20.99 59.08
CAD CLA MH . 50.66 -17.93 60.57
OBD CLA MH . 51.68 -17.96 59.88
CBD CLA MH . 50.42 -16.85 61.58
CGD CLA MH . 51.50 -16.91 62.65
O1D CLA MH . 51.29 -17.11 63.82
O2D CLA MH . 52.70 -16.76 62.12
CED CLA MH . 53.82 -16.91 63.03
MG CLA NH . 34.15 -15.87 67.95
CHA CLA NH . 32.78 -12.94 69.06
CHB CLA NH . 31.23 -16.74 66.63
CHC CLA NH . 35.52 -18.92 67.20
CHD CLA NH . 36.90 -15.37 70.16
NA CLA NH . 32.42 -14.99 67.87
C1A CLA NH . 31.98 -13.75 68.34
C2A CLA NH . 30.56 -13.42 67.98
C3A CLA NH . 30.08 -14.66 67.28
C4A CLA NH . 31.31 -15.54 67.25
CMA CLA NH . 28.89 -15.33 67.96
CAA CLA NH . 30.57 -12.21 67.04
CBA CLA NH . 31.64 -12.24 65.95
CGA CLA NH . 31.35 -11.32 64.80
O1A CLA NH . 30.44 -10.54 64.76
O2A CLA NH . 32.25 -11.47 63.83
NB CLA NH . 33.52 -17.50 67.07
C1B CLA NH . 32.22 -17.70 66.50
C2B CLA NH . 32.17 -18.95 65.85
C3B CLA NH . 33.41 -19.55 66.01
C4B CLA NH . 34.22 -18.69 66.76
CMB CLA NH . 30.99 -19.52 65.12
CAB CLA NH . 33.85 -20.85 65.49
CBB CLA NH . 33.62 -21.36 64.32
NC CLA NH . 35.79 -16.85 68.49
C1C CLA NH . 36.20 -18.09 68.02
C2C CLA NH . 37.48 -18.48 68.56
C3C CLA NH . 37.90 -17.49 69.41
C4C CLA NH . 36.85 -16.49 69.40
CMC CLA NH . 38.23 -19.75 68.25
CAC CLA NH . 39.19 -17.42 70.18
CBC CLA NH . 39.19 -18.34 71.38
ND CLA NH . 34.75 -14.56 69.26
C1D CLA NH . 35.91 -14.40 70.13
C2D CLA NH . 35.82 -13.19 70.83
C3D CLA NH . 34.62 -12.56 70.43
C4D CLA NH . 34.04 -13.40 69.50
CMD CLA NH . 36.81 -12.69 71.83
CAD CLA NH . 33.74 -11.42 70.60
OBD CLA NH . 33.83 -10.49 71.39
CBD CLA NH . 32.61 -11.53 69.62
CGD CLA NH . 31.28 -11.25 70.33
O1D CLA NH . 30.64 -12.07 70.91
O2D CLA NH . 30.95 -9.96 70.24
CED CLA NH . 29.77 -9.55 70.95
MG CLA OH . 34.77 -17.37 85.59
CHA CLA OH . 31.39 -17.62 86.01
CHB CLA OH . 34.93 -15.42 88.28
CHC CLA OH . 38.11 -16.94 84.95
CHD CLA OH . 34.42 -18.55 82.26
NA CLA OH . 33.45 -16.76 86.88
C1A CLA OH . 32.10 -17.04 87.00
C2A CLA OH . 31.51 -16.59 88.32
C3A CLA OH . 32.51 -15.53 88.74
C4A CLA OH . 33.73 -15.91 87.93
CMA CLA OH . 32.06 -14.10 88.47
CAA CLA OH . 31.44 -17.82 89.24
CBA CLA OH . 32.76 -18.45 89.67
CGA CLA OH . 33.33 -17.88 90.94
O1A CLA OH . 32.75 -17.14 91.67
O2A CLA OH . 34.57 -18.32 91.15
NB CLA OH . 36.24 -16.41 86.46
C1B CLA OH . 36.16 -15.63 87.67
C2B CLA OH . 37.43 -15.19 88.05
C3B CLA OH . 38.34 -15.65 87.09
C4B CLA OH . 37.62 -16.38 86.12
CMB CLA OH . 37.76 -14.37 89.27
CAB CLA OH . 39.79 -15.47 87.07
CBB CLA OH . 40.48 -14.42 87.46
NC CLA OH . 35.95 -17.68 84.04
C1C CLA OH . 37.33 -17.49 83.99
C2C CLA OH . 37.88 -17.90 82.69
C3C CLA OH . 36.83 -18.34 81.94
C4C CLA OH . 35.64 -18.22 82.73
CMC CLA OH . 39.31 -17.83 82.25
CAC CLA OH . 36.89 -18.90 80.54
CBC CLA OH . 36.95 -20.41 80.51
ND CLA OH . 33.34 -17.91 84.39
C1D CLA OH . 33.26 -18.41 83.02
C2D CLA OH . 31.92 -18.70 82.69
C3D CLA OH . 31.13 -18.42 83.83
C4D CLA OH . 32.02 -17.97 84.80
CMD CLA OH . 31.43 -19.24 81.38
CAD CLA OH . 29.81 -18.37 84.40
OBD CLA OH . 28.73 -18.58 83.87
CBD CLA OH . 29.91 -18.00 85.86
CGD CLA OH . 28.95 -16.87 86.23
O1D CLA OH . 29.16 -15.70 86.10
O2D CLA OH . 27.82 -17.37 86.75
CED CLA OH . 26.94 -16.43 87.40
MG CLA PH . 45.41 -3.43 91.17
CHA CLA PH . 42.92 -5.59 92.11
CHB CLA PH . 44.82 -1.62 93.89
CHC CLA PH . 47.39 -0.98 89.81
CHD CLA PH . 45.54 -5.07 88.01
NA CLA PH . 44.23 -3.67 92.69
C1A CLA PH . 43.30 -4.65 93.01
C2A CLA PH . 42.76 -4.59 94.40
C3A CLA PH . 43.35 -3.30 94.94
C4A CLA PH . 44.19 -2.81 93.78
CMA CLA PH . 42.29 -2.29 95.38
CAA CLA PH . 43.22 -5.82 95.19
CBA CLA PH . 44.56 -6.44 94.77
CGA CLA PH . 45.70 -5.48 94.78
O1A CLA PH . 46.08 -4.87 95.74
O2A CLA PH . 46.27 -5.38 93.57
NB CLA PH . 45.98 -1.65 91.71
C1B CLA PH . 45.63 -0.99 92.95
C2B CLA PH . 46.23 0.29 93.00
C3B CLA PH . 46.96 0.45 91.82
C4B CLA PH . 46.81 -0.71 91.04
CMB CLA PH . 46.10 1.28 94.12
CAB CLA PH . 47.74 1.62 91.40
CBB CLA PH . 47.31 2.84 91.21
NC CLA PH . 46.28 -3.14 89.42
C1C CLA PH . 47.12 -2.08 89.07
C2C CLA PH . 47.65 -2.22 87.73
C3C CLA PH . 47.14 -3.38 87.20
C4C CLA PH . 46.28 -3.94 88.22
CMC CLA PH . 48.61 -1.28 87.05
CAC CLA PH . 47.41 -3.95 85.85
CBC CLA PH . 48.68 -4.76 85.79
ND CLA PH . 44.54 -4.91 90.26
C1D CLA PH . 44.70 -5.59 88.98
C2D CLA PH . 43.86 -6.73 88.92
C3D CLA PH . 43.12 -6.76 90.12
C4D CLA PH . 43.56 -5.68 90.86
CMD CLA PH . 43.82 -7.74 87.82
CAD CLA PH . 42.10 -7.46 90.89
OBD CLA PH . 41.48 -8.46 90.60
CBD CLA PH . 41.89 -6.72 92.19
CGD CLA PH . 40.45 -6.21 92.24
O1D CLA PH . 39.97 -5.44 91.47
O2D CLA PH . 39.79 -6.76 93.26
CED CLA PH . 38.40 -6.39 93.38
NB KC2 QH . 46.19 -16.50 88.15
ND KC2 QH . 46.59 -13.30 90.36
C1A KC2 QH . 43.91 -14.86 91.30
C1B KC2 QH . 45.18 -17.49 88.12
C1C KC2 QH . 48.64 -15.05 87.28
C1D KC2 QH . 47.49 -12.26 90.39
C2A KC2 QH . 42.74 -15.62 91.62
C2B KC2 QH . 45.46 -18.50 87.10
C2C KC2 QH . 49.80 -14.35 86.85
C2D KC2 QH . 47.10 -11.34 91.38
C3A KC2 QH . 42.67 -16.67 90.76
C3B KC2 QH . 46.64 -18.14 86.49
C3C KC2 QH . 49.89 -13.23 87.64
C3D KC2 QH . 45.90 -11.86 91.99
C4A KC2 QH . 43.82 -16.60 89.92
C4B KC2 QH . 47.10 -16.92 87.09
C4C KC2 QH . 48.81 -13.21 88.57
C4D KC2 QH . 45.62 -13.09 91.31
CAA KC2 QH . 41.83 -15.35 92.72
CAB KC2 QH . 47.35 -18.88 85.45
CAC KC2 QH . 50.96 -12.22 87.54
CAD KC2 QH . 44.88 -11.58 92.98
CBA KC2 QH . 40.50 -15.22 92.65
CBB KC2 QH . 47.85 -18.45 84.31
CBC KC2 QH . 52.25 -12.43 87.48
CBD KC2 QH . 43.95 -12.78 92.97
CED KC2 QH . 43.48 -13.21 96.62
CGA KC2 QH . 39.63 -14.97 93.82
CGD KC2 QH . 44.02 -13.45 94.34
CHA KC2 QH . 44.44 -13.68 91.82
CHB KC2 QH . 44.07 -17.55 88.93
CHC KC2 QH . 48.22 -16.25 86.69
CHD KC2 QH . 48.57 -12.23 89.50
CMA KC2 QH . 41.61 -17.73 90.69
CMB KC2 QH . 44.60 -19.69 86.82
CMC KC2 QH . 50.72 -14.79 85.75
CMD KC2 QH . 47.80 -10.08 91.77
NA KC2 QH . 44.57 -15.48 90.25
NC KC2 QH . 48.02 -14.39 88.32
O1A KC2 QH . 39.40 -13.83 94.21
O1D KC2 QH . 44.52 -14.51 94.56
O2A KC2 QH . 39.12 -16.02 94.38
O2D KC2 QH . 43.47 -12.68 95.28
OBD KC2 QH . 44.76 -10.58 93.69
MG KC2 QH . 46.35 -14.89 89.41
MG CLA RH . 56.35 -7.13 76.68
CHA CLA RH . 59.26 -8.55 75.57
CHB CLA RH . 56.77 -8.67 79.59
CHC CLA RH . 53.28 -5.94 77.62
CHD CLA RH . 55.44 -6.45 73.31
NA CLA RH . 57.76 -8.21 77.41
C1A CLA RH . 58.99 -8.58 76.89
C2A CLA RH . 59.94 -9.09 77.94
C3A CLA RH . 58.95 -9.66 78.93
C4A CLA RH . 57.74 -8.81 78.66
CMA CLA RH . 58.67 -11.16 78.76
CAA CLA RH . 60.70 -7.88 78.49
NB CLA RH . 55.25 -7.24 78.29
C1B CLA RH . 55.61 -7.93 79.51
C2B CLA RH . 54.60 -7.74 80.48
C3B CLA RH . 53.61 -6.94 79.90
C4B CLA RH . 53.99 -6.65 78.58
CMB CLA RH . 54.60 -8.27 81.89
CAB CLA RH . 52.37 -6.47 80.51
CBB CLA RH . 51.51 -7.15 81.22
NC CLA RH . 54.80 -6.36 75.73
C1C CLA RH . 53.64 -5.87 76.31
C2C CLA RH . 52.74 -5.30 75.32
C3C CLA RH . 53.33 -5.46 74.10
C4C CLA RH . 54.59 -6.11 74.32
CMC CLA RH . 51.41 -4.66 75.60
CAC CLA RH . 52.79 -5.05 72.76
CBC CLA RH . 53.28 -3.68 72.32
ND CLA RH . 57.08 -7.40 74.89
C1D CLA RH . 56.65 -7.08 73.53
C2D CLA RH . 57.63 -7.49 72.61
C3D CLA RH . 58.70 -8.07 73.35
C4D CLA RH . 58.31 -7.99 74.69
CMD CLA RH . 57.57 -7.34 71.12
CAD CLA RH . 60.01 -8.71 73.32
OBD CLA RH . 60.68 -8.99 72.35
CBD CLA RH . 60.44 -9.01 74.73
CGD CLA RH . 60.76 -10.49 74.89
O1D CLA RH . 59.98 -11.31 75.28
O2D CLA RH . 62.01 -10.76 74.53
CED CLA RH . 62.43 -12.14 74.65
C DD6 SH . 46.10 -12.99 85.02
C1 DD6 SH . 46.74 -14.04 84.15
C10 DD6 SH . 39.38 -20.47 84.90
C11 DD6 SH . 38.55 -21.47 84.51
C12 DD6 SH . 38.92 -22.46 83.44
C13 DD6 SH . 37.23 -21.56 85.09
C14 DD6 SH . 36.13 -21.99 84.48
C15 DD6 SH . 34.73 -22.11 85.05
C16 DD6 SH . 33.74 -22.90 84.22
C17 DD6 SH . 32.31 -22.36 84.49
C18 DD6 SH . 31.96 -22.17 85.96
C19 DD6 SH . 32.79 -21.05 86.54
C2 DD6 SH . 46.15 -15.23 83.88
C20 DD6 SH . 34.26 -21.16 86.16
C21 DD6 SH . 35.09 -20.01 86.69
C22 DD6 SH . 33.80 -24.37 84.65
C23 DD6 SH . 33.98 -22.86 82.71
C24 DD6 SH . 48.07 -13.78 83.63
C25 DD6 SH . 48.86 -12.72 83.87
C26 DD6 SH . 50.16 -12.59 83.30
C27 DD6 SH . 51.05 -11.58 83.47
C28 DD6 SH . 50.78 -10.35 84.30
C29 DD6 SH . 52.33 -11.71 82.88
C3 DD6 SH . 44.90 -15.72 84.35
C30 DD6 SH . 53.45 -11.90 82.46
C31 DD6 SH . 54.78 -12.20 82.07
C32 DD6 SH . 55.87 -12.17 83.14
C33 DD6 SH . 57.08 -12.97 82.63
C34 DD6 SH . 56.73 -14.15 81.74
C35 DD6 SH . 56.01 -13.67 80.50
C36 DD6 SH . 55.10 -12.51 80.79
C37 DD6 SH . 54.60 -11.75 79.59
C4 DD6 SH . 44.46 -16.97 84.07
C40 DD6 SH . 55.36 -12.80 84.44
C41 DD6 SH . 56.30 -10.73 83.43
C5 DD6 SH . 43.22 -17.52 84.51
C6 DD6 SH . 42.73 -18.74 84.27
C7 DD6 SH . 43.48 -19.78 83.46
C8 DD6 SH . 41.40 -19.10 84.74
C9 DD6 SH . 40.69 -20.18 84.40
O1 DD6 SH . 34.80 -22.49 86.43
O2 DD6 SH . 30.57 -21.85 86.08
O4 DD6 SH . 57.94 -14.83 81.36
C DD6 TH . 45.16 -6.03 73.40
C1 DD6 TH . 43.66 -6.16 73.36
C10 DD6 TH . 44.73 -15.59 71.55
C11 DD6 TH . 44.61 -16.81 70.95
C12 DD6 TH . 43.36 -17.25 70.24
C13 DD6 TH . 45.75 -17.71 70.98
C14 DD6 TH . 45.90 -18.87 70.36
C15 DD6 TH . 47.08 -19.80 70.39
C16 DD6 TH . 47.93 -19.89 71.60
C17 DD6 TH . 48.79 -21.18 71.52
C18 DD6 TH . 49.54 -21.42 70.22
C19 DD6 TH . 49.26 -20.36 69.17
C2 DD6 TH . 43.03 -7.34 73.19
C20 DD6 TH . 47.80 -19.99 69.10
C21 DD6 TH . 47.31 -19.40 67.79
C22 DD6 TH . 47.07 -19.97 72.86
C23 DD6 TH . 48.86 -18.68 71.77
C24 DD6 TH . 42.88 -4.96 73.58
C25 DD6 TH . 43.33 -3.79 74.06
C26 DD6 TH . 42.52 -2.63 74.25
C27 DD6 TH . 42.90 -1.45 74.78
C28 DD6 TH . 44.30 -1.16 75.27
C29 DD6 TH . 41.95 -0.40 74.89
C3 DD6 TH . 43.64 -8.63 73.03
C30 DD6 TH . 41.23 0.56 74.99
C31 DD6 TH . 40.47 1.75 75.13
C32 DD6 TH . 39.89 2.07 76.51
C33 DD6 TH . 38.76 3.09 76.31
C34 DD6 TH . 39.19 4.36 75.59
C35 DD6 TH . 40.07 4.08 74.37
C36 DD6 TH . 40.26 2.61 74.11
C37 DD6 TH . 40.22 2.20 72.66
C4 DD6 TH . 42.97 -9.77 72.78
C40 DD6 TH . 40.97 2.66 77.42
C41 DD6 TH . 39.33 0.80 77.16
C5 DD6 TH . 43.65 -11.02 72.64
C6 DD6 TH . 43.12 -12.23 72.29
C7 DD6 TH . 41.66 -12.43 71.99
C8 DD6 TH . 44.00 -13.36 72.16
C9 DD6 TH . 43.75 -14.55 71.61
O1 DD6 TH . 46.94 -21.01 69.66
O2 DD6 TH . 50.94 -21.46 70.48
O4 DD6 TH . 38.02 5.07 75.17
C7 UIX UH . 36.84 -20.06 74.06
C8 UIX UH . 35.00 -18.46 72.46
C9 UIX UH . 33.58 -20.03 73.74
O1 UIX UH . 32.71 -16.74 76.42
C1 UIX UH . 35.95 -18.65 76.10
C5 UIX UH . 33.60 -17.77 75.96
C6 UIX UH . 37.29 -18.80 76.80
C4 UIX UH . 33.80 -17.65 74.46
O4 UIX UH . 55.21 -37.65 79.93
C3 UIX UH . 34.95 -17.64 76.65
O3 UIX UH . 50.45 -35.20 81.15
C2 UIX UH . 34.53 -18.85 73.87
C UIX UH . 35.73 -19.26 74.72
O UIX UH . 35.30 -19.91 75.91
C10 UIX UH . 37.38 -21.09 74.71
C11 UIX UH . 38.48 -21.92 74.15
C12 UIX UH . 39.06 -21.71 72.77
C13 UIX UH . 38.95 -22.87 74.95
C14 UIX UH . 40.03 -23.76 74.55
C15 UIX UH . 50.26 -37.59 78.20
C16 UIX UH . 50.38 -36.53 80.62
C17 UIX UH . 51.18 -38.62 78.86
C18 UIX UH . 52.29 -37.91 79.62
C19 UIX UH . 51.74 -37.20 80.84
C20 UIX UH . 50.00 -36.46 79.15
C21 UIX UH . 48.93 -38.24 77.85
C22 UIX UH . 50.90 -37.04 76.94
C23 UIX UH . 40.42 -24.67 75.44
C24 UIX UH . 49.30 -37.30 81.37
C25 UIX UH . 49.42 -35.44 78.70
C26 UIX UH . 41.52 -25.64 75.19
C27 UIX UH . 54.41 -38.23 80.65
C28 UIX UH . 48.87 -34.45 78.16
O2 UIX UH . 53.27 -38.87 80.03
C29 UIX UH . 42.28 -25.73 73.91
C30 UIX UH . 41.81 -26.46 76.22
C31 UIX UH . 54.58 -38.31 82.14
C32 UIX UH . 47.80 -33.68 78.82
C33 UIX UH . 47.34 -34.00 80.22
C34 UIX UH . 42.87 -27.45 76.12
C35 UIX UH . 47.25 -32.69 78.09
C36 UIX UH . 46.17 -31.84 78.57
C37 UIX UH . 43.12 -28.22 77.17
C38 UIX UH . 45.69 -30.94 77.70
C39 UIX UH . 44.20 -29.20 77.06
C40 UIX UH . 44.59 -30.03 78.04
C41 UIX UH . 43.95 -30.08 79.41
C1B LMU VH . 23.22 -13.28 71.35
C2B LMU VH . 23.42 -13.62 72.82
C3B LMU VH . 22.82 -14.99 73.17
C4B LMU VH . 21.98 -15.56 72.03
C5B LMU VH . 21.12 -14.52 71.33
C6B LMU VH . 19.90 -14.16 72.17
O1B LMU VH . 23.94 -14.18 70.50
O2B LMU VH . 24.81 -13.62 73.14
O3B LMU VH . 22.01 -14.87 74.35
O4' LMU VH . 22.84 -16.20 71.08
O5B LMU VH . 21.82 -13.29 71.06
O6B LMU VH . 19.15 -15.34 72.46
C1' LMU VH . 23.92 -14.02 66.28
C2' LMU VH . 23.13 -12.93 67.01
C3' LMU VH . 23.48 -12.82 68.49
C4' LMU VH . 23.53 -14.20 69.13
C5' LMU VH . 24.49 -15.06 68.33
C6' LMU VH . 24.73 -16.41 68.99
O1' LMU VH . 25.26 -13.59 66.04
O2' LMU VH . 23.37 -11.68 66.37
O3' LMU VH . 22.49 -11.99 69.10
O5' LMU VH . 23.94 -15.24 67.03
O6' LMU VH . 25.21 -16.22 70.32
C1 LMU VH . 26.00 -14.61 65.38
C2 LMU VH . 27.23 -14.01 64.71
C3 LMU VH . 28.00 -15.08 63.95
C4 LMU VH . 28.89 -14.46 62.87
C5 LMU VH . 29.44 -15.53 61.94
C6 LMU VH . 30.62 -16.30 62.55
C7 LMU VH . 31.83 -15.40 62.76
C8 LMU VH . 33.10 -16.21 62.92
C9 LMU VH . 34.20 -15.37 63.57
C10 LMU VH . 35.49 -16.17 63.70
C11 LMU VH . 36.52 -15.40 64.52
C12 LMU VH . 37.81 -16.20 64.65
MG CLA WH . 31.48 32.19 53.88
CHA CLA WH . 29.73 33.95 56.25
CHB CLA WH . 28.75 30.36 53.37
CHC CLA WH . 33.36 30.18 51.87
CHD CLA WH . 34.48 33.58 55.13
NA CLA WH . 29.66 32.31 54.52
C1A CLA WH . 29.04 33.22 55.34
C2A CLA WH . 27.55 33.23 55.17
C3A CLA WH . 27.34 31.75 54.86
C4A CLA WH . 28.66 31.43 54.19
CMA CLA WH . 27.06 30.89 56.09
CAA CLA WH . 27.26 34.15 53.97
CBA CLA WH . 25.78 34.45 53.73
CGA CLA WH . 25.08 33.42 52.91
NB CLA WH . 31.13 30.61 52.81
C1B CLA WH . 29.86 29.93 52.66
C2B CLA WH . 29.98 28.86 51.75
C3B CLA WH . 31.30 28.84 51.31
C4B CLA WH . 32.00 29.87 51.95
CMB CLA WH . 28.88 27.92 51.34
CAB CLA WH . 31.87 27.92 50.32
CBB CLA WH . 32.96 27.23 50.39
NC CLA WH . 33.39 31.97 53.55
C1C CLA WH . 33.98 31.11 52.63
C2C CLA WH . 35.44 31.27 52.60
C3C CLA WH . 35.77 32.23 53.52
C4C CLA WH . 34.53 32.67 54.12
CMC CLA WH . 36.41 30.51 51.75
CAC CLA WH . 37.13 32.74 53.86
CBC CLA WH . 37.59 33.86 52.94
ND CLA WH . 32.03 33.38 55.31
C1D CLA WH . 33.31 33.93 55.77
C2D CLA WH . 33.09 34.81 56.85
C3D CLA WH . 31.70 34.85 57.09
C4D CLA WH . 31.13 33.99 56.16
CMD CLA WH . 34.15 35.60 57.58
CAD CLA WH . 30.62 35.38 57.92
OBD CLA WH . 30.70 36.13 58.88
CBD CLA WH . 29.31 34.87 57.40
CGD CLA WH . 28.56 34.11 58.50
O1D CLA WH . 29.05 33.34 59.26
O2D CLA WH . 27.26 34.44 58.50
CED CLA WH . 26.44 33.76 59.48
NB KC2 XH . 34.69 24.68 45.99
ND KC2 XH . 31.62 22.30 46.37
C1A KC2 XH . 30.61 25.33 46.75
C1B KC2 XH . 34.77 26.09 46.00
C1C KC2 XH . 35.65 21.86 45.85
C1D KC2 XH . 31.45 20.93 46.31
C2A KC2 XH . 30.24 26.70 46.92
C2B KC2 XH . 36.16 26.53 45.73
C2C KC2 XH . 36.11 20.52 45.80
C2D KC2 XH . 30.08 20.63 46.44
C3A KC2 XH . 31.38 27.44 46.77
C3B KC2 XH . 36.91 25.40 45.61
C3C KC2 XH . 35.00 19.72 45.92
C3D KC2 XH . 29.40 21.88 46.63
C4A KC2 XH . 32.44 26.54 46.51
C4B KC2 XH . 36.05 24.25 45.76
C4C KC2 XH . 33.84 20.55 46.07
C4D KC2 XH . 30.41 22.89 46.57
CAA KC2 XH . 28.89 27.20 47.17
CAB KC2 XH . 38.36 25.27 45.35
CAC KC2 XH . 35.01 18.25 45.91
CAD KC2 XH . 28.09 22.49 46.86
CBA KC2 XH . 28.27 28.14 46.47
CBB KC2 XH . 38.95 24.76 44.30
CBC KC2 XH . 35.75 17.45 45.18
CBD KC2 XH . 28.32 23.98 46.93
CED KC2 XH . 25.39 24.73 44.78
CGA KC2 XH . 26.90 28.65 46.71
CGD KC2 XH . 27.51 24.64 45.82
CHA KC2 XH . 29.83 24.18 46.76
CHB KC2 XH . 33.75 26.98 46.24
CHC KC2 XH . 36.50 22.95 45.70
CHD KC2 XH . 32.55 20.08 46.17
CMA KC2 XH . 31.52 28.94 46.87
CMB KC2 XH . 36.62 27.95 45.59
CMC KC2 XH . 37.53 20.09 45.64
CMD KC2 XH . 29.42 19.29 46.32
NA KC2 XH . 31.95 25.25 46.51
NC KC2 XH . 34.28 21.89 46.02
O1A KC2 XH . 26.69 29.85 46.80
O1D KC2 XH . 27.95 25.44 45.03
O2A KC2 XH . 25.97 27.76 46.79
O2D KC2 XH . 26.25 24.22 45.83
OBD KC2 XH . 27.00 21.92 46.99
MG KC2 XH . 33.00 23.50 46.20
MG CLA YH . 47.32 12.54 51.66
CHA CLA YH . 50.12 11.14 50.36
CHB CLA YH . 45.93 12.51 48.64
CHC CLA YH . 44.71 14.28 52.99
CHD CLA YH . 49.09 13.17 54.68
NA CLA YH . 47.88 11.85 49.94
C1A CLA YH . 49.03 11.18 49.57
C2A CLA YH . 48.93 10.51 48.22
C3A CLA YH . 47.75 11.23 47.60
C4A CLA YH . 47.13 11.92 48.79
CMA CLA YH . 48.11 12.20 46.47
CAA CLA YH . 48.74 9.01 48.43
CBA CLA YH . 47.42 8.53 49.06
CGA CLA YH . 47.25 8.91 50.50
O1A CLA YH . 48.14 9.20 51.24
O2A CLA YH . 45.96 8.95 50.84
NB CLA YH . 45.66 13.28 50.96
C1B CLA YH . 45.18 13.19 49.60
C2B CLA YH . 43.93 13.80 49.48
C3B CLA YH . 43.58 14.29 50.74
C4B CLA YH . 44.63 13.99 51.63
CMB CLA YH . 43.11 13.91 48.23
CAB CLA YH . 42.35 15.00 51.09
CBB CLA YH . 41.95 16.17 50.69
NC CLA YH . 46.98 13.43 53.39
C1C CLA YH . 45.79 14.04 53.78
C2C CLA YH . 45.83 14.46 55.17
C3C CLA YH . 47.07 14.13 55.66
C4C CLA YH . 47.80 13.52 54.58
CMC CLA YH . 44.73 15.12 55.94
CAC CLA YH . 47.57 14.28 57.07
CBC CLA YH . 48.74 15.22 57.20
ND CLA YH . 49.11 12.34 52.37
C1D CLA YH . 49.80 12.63 53.63
C2D CLA YH . 51.14 12.23 53.54
C3D CLA YH . 51.33 11.65 52.27
C4D CLA YH . 50.10 11.72 51.64
CMD CLA YH . 52.18 12.37 54.62
CAD CLA YH . 52.28 11.10 51.32
OBD CLA YH . 53.50 11.09 51.36
CBD CLA YH . 51.50 10.52 50.19
CGD CLA YH . 52.15 10.81 48.85
O1D CLA YH . 51.97 11.80 48.20
O2D CLA YH . 52.92 9.79 48.48
CED CLA YH . 53.16 9.64 47.06
C1 CLA YH . 45.59 9.84 51.93
C2 CLA YH . 46.23 9.46 53.22
C3 CLA YH . 45.87 10.03 54.37
C4 CLA YH . 46.48 9.70 55.70
C5 CLA YH . 44.76 11.07 54.41
NB KC2 ZH . 41.77 -1.99 48.15
ND KC2 ZH . 43.68 1.18 46.91
C1A KC2 ZH . 44.87 -1.40 45.39
C1B KC2 ZH . 41.93 -3.36 47.84
C1C KC2 ZH . 40.65 0.40 49.54
C1D KC2 ZH . 43.64 2.52 47.24
C2A KC2 ZH . 45.35 -2.59 44.76
C2B KC2 ZH . 41.00 -4.19 48.63
C2C KC2 ZH . 40.12 1.54 50.19
C2D KC2 ZH . 44.65 3.19 46.52
C3A KC2 ZH . 44.65 -3.64 45.29
C3B KC2 ZH . 40.27 -3.34 49.41
C3C KC2 ZH . 40.82 2.63 49.74
C3D KC2 ZH . 45.33 2.21 45.72
C4A KC2 ZH . 43.72 -3.10 46.23
C4B KC2 ZH . 40.71 -2.00 49.15
C4C KC2 ZH . 41.80 2.18 48.79
C4D KC2 ZH . 44.67 0.97 45.99
CAA KC2 ZH . 46.36 -2.64 43.74
CAB KC2 ZH . 39.21 -3.66 50.37
CAC KC2 ZH . 40.60 4.02 50.16
CAD KC2 ZH . 46.42 2.01 44.78
CBA KC2 ZH . 47.67 -2.44 43.89
CBB KC2 ZH . 38.12 -4.35 50.16
CBC KC2 ZH . 41.37 4.73 50.93
CBD KC2 ZH . 46.35 0.56 44.36
CED KC2 ZH . 46.85 0.44 40.69
CGA KC2 ZH . 48.68 -2.49 42.82
CGD KC2 ZH . 45.98 0.47 42.88
CHA KC2 ZH . 45.27 -0.07 45.25
CHB KC2 ZH . 42.83 -3.90 46.95
CHC KC2 ZH . 40.19 -0.90 49.79
CHD KC2 ZH . 42.71 2.99 48.16
CMA KC2 ZH . 44.81 -5.09 44.97
CMB KC2 ZH . 40.91 -5.68 48.54
CMC KC2 ZH . 38.99 1.52 51.19
CMD KC2 ZH . 44.98 4.65 46.58
NA KC2 ZH . 43.86 -1.73 46.28
NC KC2 ZH . 41.66 0.77 48.67
O1A KC2 ZH . 49.36 -3.50 42.63
O1D KC2 ZH . 44.87 0.35 42.46
O2A KC2 ZH . 48.81 -1.41 42.10
O2D KC2 ZH . 47.07 0.55 42.12
OBD KC2 ZH . 47.26 2.83 44.39
MG KC2 ZH . 42.77 -0.37 47.37
MG CLA AI . 30.20 15.77 47.95
CHA CLA AI . 28.57 18.42 49.34
CHB CLA AI . 27.36 14.06 47.87
CHC CLA AI . 31.98 13.13 46.72
CHD CLA AI . 33.29 17.15 49.06
NA CLA AI . 28.38 16.21 48.43
C1A CLA AI . 27.81 17.37 48.94
C2A CLA AI . 26.31 17.37 48.99
C3A CLA AI . 25.98 15.90 48.75
C4A CLA AI . 27.32 15.33 48.32
CMA CLA AI . 25.41 15.18 49.96
CAA CLA AI . 25.79 18.31 47.90
CBA CLA AI . 26.11 17.94 46.46
CGA CLA AI . 25.94 19.08 45.50
O1A CLA AI . 25.26 20.05 45.70
O2A CLA AI . 26.66 18.89 44.39
NB CLA AI . 29.76 13.96 47.40
C1B CLA AI . 28.47 13.35 47.41
C2B CLA AI . 28.53 12.03 46.88
C3B CLA AI . 29.86 11.81 46.52
C4B CLA AI . 30.61 12.95 46.85
CMB CLA AI . 27.39 11.07 46.74
CAB CLA AI . 30.42 10.62 45.87
CBB CLA AI . 29.86 9.90 44.92
NC CLA AI . 32.11 15.29 47.87
C1C CLA AI . 32.66 14.19 47.24
C2C CLA AI . 34.11 14.21 47.27
C3C CLA AI . 34.49 15.32 47.97
C4C CLA AI . 33.29 16.00 48.35
CMC CLA AI . 35.04 13.20 46.64
CAC CLA AI . 35.90 15.79 48.24
CBC CLA AI . 36.39 15.40 49.62
ND CLA AI . 30.84 17.34 48.93
C1D CLA AI . 32.13 17.86 49.35
C2D CLA AI . 31.95 19.07 50.02
C3D CLA AI . 30.58 19.38 50.01
C4D CLA AI . 29.96 18.31 49.35
CMD CLA AI . 33.04 19.90 50.64
CAD CLA AI . 29.53 20.32 50.38
OBD CLA AI . 29.64 21.38 50.97
CBD CLA AI . 28.20 19.81 49.88
CGD CLA AI . 27.14 19.82 50.97
O1D CLA AI . 26.97 18.95 51.78
O2D CLA AI . 26.41 20.94 50.91
CED CLA AI . 25.38 21.08 51.91
C1 CLA AI . 26.64 19.96 43.39
C2 CLA AI . 28.03 20.14 42.87
C3 CLA AI . 28.38 21.15 42.10
C4 CLA AI . 27.44 22.22 41.61
C5 CLA AI . 29.83 21.33 41.68
C6 CLA AI . 30.75 21.69 42.84
C7 CLA AI . 32.23 21.69 42.48
C8 CLA AI . 32.81 20.40 41.91
C9 CLA AI . 32.33 19.16 42.66
C10 CLA AI . 34.33 20.46 41.87
C11 CLA AI . 34.97 20.56 40.49
C12 CLA AI . 36.49 20.39 40.52
C13 CLA AI . 37.02 18.99 40.24
C14 CLA AI . 36.43 17.95 41.19
C15 CLA AI . 38.55 18.96 40.27
MG CLA BI . 35.96 18.22 63.95
CHA CLA BI . 32.84 17.12 64.79
CHB CLA BI . 35.77 20.54 66.33
CHC CLA BI . 38.84 19.61 62.69
CHD CLA BI . 35.80 16.27 60.98
NA CLA BI . 34.63 18.63 65.29
C1A CLA BI . 33.40 18.05 65.59
C2A CLA BI . 32.77 18.53 66.86
C3A CLA BI . 33.64 19.71 67.24
C4A CLA BI . 34.76 19.65 66.23
CMA CLA BI . 32.90 21.06 67.19
CAA CLA BI . 32.86 17.39 67.89
CBA CLA BI . 34.14 16.57 67.86
CGA CLA BI . 34.30 15.67 69.04
O1A CLA BI . 34.91 15.93 70.03
O2A CLA BI . 33.66 14.51 68.85
NB CLA BI . 37.10 19.75 64.41
C1B CLA BI . 36.89 20.66 65.52
C2B CLA BI . 37.93 21.61 65.58
C3B CLA BI . 38.81 21.33 64.52
C4B CLA BI . 38.30 20.21 63.82
CMB CLA BI . 38.08 22.71 66.58
CAB CLA BI . 40.04 22.03 64.16
CBB CLA BI . 40.18 23.29 63.85
NC CLA BI . 37.04 17.97 62.31
C1C CLA BI . 38.24 18.61 61.99
C2C CLA BI . 38.80 18.13 60.74
C3C CLA BI . 37.93 17.20 60.25
C4C CLA BI . 36.86 17.08 61.19
CMC CLA BI . 40.08 18.59 60.11
CAC CLA BI . 38.05 16.41 58.98
CBC CLA BI . 38.50 14.98 59.20
ND CLA BI . 34.71 17.02 63.06
C1D CLA BI . 34.71 16.21 61.84
C2D CLA BI . 33.54 15.45 61.77
C3D CLA BI . 32.77 15.75 62.91
C4D CLA BI . 33.50 16.69 63.63
CMD CLA BI . 33.19 14.49 60.67
CAD CLA BI . 31.56 15.47 63.66
OBD CLA BI . 30.67 14.65 63.42
CBD CLA BI . 31.50 16.36 64.87
CGD CLA BI . 30.28 17.26 64.78
O1D CLA BI . 29.74 17.78 65.72
O2D CLA BI . 29.86 17.37 63.52
CED CLA BI . 28.66 18.15 63.31
C DD6 CI . 37.92 29.47 48.24
C1 DD6 CI . 36.69 28.73 48.68
C10 DD6 CI . 41.23 20.19 47.89
C11 DD6 CI . 41.50 18.89 47.68
C12 DD6 CI . 40.47 17.80 47.81
C13 DD6 CI . 42.85 18.51 47.28
C14 DD6 CI . 43.35 17.33 46.98
C15 DD6 CI . 44.78 17.06 46.56
C16 DD6 CI . 45.00 16.49 45.20
C17 DD6 CI . 46.22 15.54 45.23
C18 DD6 CI . 47.43 16.11 45.95
C19 DD6 CI . 47.13 16.26 47.43
C2 DD6 CI . 36.67 27.39 48.88
C20 DD6 CI . 45.81 16.96 47.68
C21 DD6 CI . 45.46 17.12 49.14
C22 DD6 CI . 45.27 17.61 44.21
C23 DD6 CI . 43.78 15.70 44.68
C24 DD6 CI . 35.46 29.48 48.83
C25 DD6 CI . 35.24 30.76 48.48
C26 DD6 CI . 33.99 31.42 48.66
C27 DD6 CI . 33.66 32.68 48.28
C28 DD6 CI . 34.56 33.62 47.54
C29 DD6 CI . 32.34 33.14 48.59
C3 DD6 CI . 37.73 26.45 48.69
C30 DD6 CI . 31.25 33.49 48.95
C31 DD6 CI . 29.98 33.88 49.47
C32 DD6 CI . 28.78 33.00 49.15
C33 DD6 CI . 27.55 33.92 48.93
C34 DD6 CI . 27.36 34.96 50.03
C35 DD6 CI . 28.60 35.81 50.16
C36 DD6 CI . 29.86 34.98 50.23
C37 DD6 CI . 30.91 35.49 51.18
C4 DD6 CI . 37.59 25.12 48.85
C40 DD6 CI . 28.49 32.04 50.31
C41 DD6 CI . 29.02 32.18 47.87
C5 DD6 CI . 38.66 24.22 48.64
C6 DD6 CI . 38.63 22.86 48.71
C7 DD6 CI . 37.40 22.08 49.07
C8 DD6 CI . 39.83 22.11 48.38
C9 DD6 CI . 39.98 20.79 48.23
O1 DD6 CI . 45.64 18.16 46.88
O2 DD6 CI . 48.54 15.22 45.78
O4 DD6 CI . 26.24 35.77 49.70
C1 PID DI . 35.44 15.62 55.33
C2 PID DI . 34.27 16.49 55.74
C3 PID DI . 33.04 15.61 56.00
C4 PID DI . 32.64 14.78 54.78
C5 PID DI . 33.74 14.48 53.76
C6 PID DI . 35.15 14.50 54.34
C7 PID DI . 36.32 13.99 53.54
C8 PID DI . 36.95 12.90 53.96
C9 PID DI . 38.10 12.33 53.21
C10 PID DI . 38.80 12.77 52.00
C11 PID DI . 38.68 11.15 53.61
C12 PID DI . 39.68 10.95 52.66
C13 PID DI . 40.57 9.76 52.75
C14 PID DI . 41.62 9.46 51.77
C15 PID DI . 42.26 8.29 51.93
C16 PID DI . 43.31 7.78 51.05
C17 PID DI . 43.84 6.59 51.31
C18 PID DI . 44.87 6.02 50.46
C19 PID DI . 45.31 4.80 50.72
C20 PID DI . 46.33 4.18 49.87
C21 PID DI . 46.77 2.93 50.09
C22 PID DI . 47.79 2.37 49.18
C23 PID DI . 48.24 1.21 49.35
C24 PID DI . 48.74 0.07 49.48
C25 PID DI . 48.09 -1.13 48.83
C26 PID DI . 49.11 -2.26 48.79
C27 PID DI . 49.64 -2.64 50.18
C28 PID DI . 49.86 -1.42 51.07
C29 PID DI . 49.99 -0.12 50.29
C30 PID DI . 49.15 -3.96 52.12
C31 PID DI . 50.46 -4.66 52.32
CM1 PID DI . 36.88 16.10 55.48
CM2 PID DI . 33.64 15.48 52.61
CM3 PID DI . 33.48 13.09 53.20
CM4 PID DI . 41.91 10.42 50.65
CM5 PID DI . 46.23 2.14 51.25
CM6 PID DI . 47.65 -0.79 47.42
CM7 PID DI . 46.86 -1.53 49.65
CM8 PID DI . 50.19 1.04 51.24
O1 PID DI . 35.25 14.26 55.75
O2 PID DI . 31.94 16.46 56.36
O3 PID DI . 38.52 13.84 51.34
O4 PID DI . 39.80 11.89 51.66
O5 PID DI . 51.12 -0.21 49.41
O6 PID DI . 48.73 -3.55 50.79
O7 PID DI . 48.41 -3.71 53.05
MG CLA EI . 13.02 -6.11 -9.38
CHA CLA EI . 12.20 -8.43 -7.06
CHB CLA EI . 9.98 -4.82 -9.21
CHC CLA EI . 13.99 -3.82 -11.72
CHD CLA EI . 15.71 -8.16 -10.47
NA CLA EI . 11.42 -6.60 -8.39
C1A CLA EI . 11.21 -7.59 -7.43
C2A CLA EI . 9.83 -7.56 -6.84
C3A CLA EI . 9.09 -6.63 -7.78
C4A CLA EI . 10.22 -5.95 -8.52
CMA CLA EI . 8.11 -7.29 -8.74
CAA CLA EI . 9.90 -6.96 -5.43
CBA CLA EI . 8.61 -7.13 -4.64
CGA CLA EI . 8.68 -6.57 -3.25
O1A CLA EI . 7.74 -6.22 -2.60
O2A CLA EI . 9.94 -6.51 -2.83
NB CLA EI . 12.18 -4.58 -10.23
C1B CLA EI . 10.88 -4.06 -9.95
C2B CLA EI . 10.70 -2.81 -10.58
C3B CLA EI . 11.85 -2.55 -11.32
C4B CLA EI . 12.74 -3.62 -11.12
CMB CLA EI . 9.53 -1.89 -10.41
CAB CLA EI . 12.13 -1.40 -12.17
CBB CLA EI . 11.36 -0.86 -13.07
NC CLA EI . 14.47 -6.00 -10.72
C1C CLA EI . 14.75 -4.93 -11.55
C2C CLA EI . 15.94 -5.15 -12.34
C3C CLA EI . 16.41 -6.39 -12.02
C4C CLA EI . 15.52 -6.94 -11.03
CMC CLA EI . 16.53 -4.20 -13.34
CAC CLA EI . 17.65 -7.07 -12.54
CBC CLA EI . 17.35 -8.14 -13.55
ND CLA EI . 13.80 -7.83 -8.98
C1D CLA EI . 14.89 -8.64 -9.47
C2D CLA EI . 14.96 -9.84 -8.73
C3D CLA EI . 13.94 -9.79 -7.76
C4D CLA EI . 13.31 -8.56 -7.93
CMD CLA EI . 15.95 -10.94 -8.94
CAD CLA EI . 13.22 -10.51 -6.73
OBD CLA EI . 13.19 -11.70 -6.49
CBD CLA EI . 12.47 -9.47 -5.98
CGD CLA EI . 11.29 -10.02 -5.17
O1D CLA EI . 10.43 -10.73 -5.60
O2D CLA EI . 11.38 -9.63 -3.90
CED CLA EI . 10.63 -10.40 -2.93
C1 CLA EI . 10.14 -5.96 -1.50
C2 CLA EI . 11.56 -5.52 -1.41
C3 CLA EI . 12.50 -6.15 -0.71
C4 CLA EI . 12.23 -7.37 0.12
C5 CLA EI . 13.93 -5.69 -0.74
C6 CLA EI . 14.81 -6.54 -1.63
C7 CLA EI . 16.09 -5.84 -2.07
C8 CLA EI . 16.93 -5.16 -0.98
C9 CLA EI . 18.15 -4.46 -1.58
C10 CLA EI . 17.32 -6.15 0.12
C11 CLA EI . 17.99 -5.52 1.33
C12 CLA EI . 18.20 -6.50 2.48
C13 CLA EI . 18.73 -5.90 3.79
C14 CLA EI . 19.06 -6.98 4.80
C15 CLA EI . 17.76 -4.87 4.36
C16 CLA EI . 16.34 -5.37 4.54
C17 CLA EI . 15.49 -4.48 5.44
C18 CLA EI . 14.20 -5.09 5.91
C19 CLA EI . 13.58 -4.32 7.05
C20 CLA EI . 13.22 -5.25 4.77
MG CLA FI . -4.46 0.33 -14.44
CHA CLA FI . -7.34 1.26 -16.02
CHB CLA FI . -4.43 -2.49 -16.20
CHC CLA FI . -1.67 -0.59 -12.71
CHD CLA FI . -5.15 2.66 -11.87
NA CLA FI . -5.61 -0.39 -15.83
C1A CLA FI . -6.71 0.16 -16.48
C2A CLA FI . -7.10 -0.62 -17.71
C3A CLA FI . -6.57 -1.99 -17.34
C4A CLA FI . -5.46 -1.63 -16.40
CMA CLA FI . -7.61 -2.94 -16.75
CAA CLA FI . -6.39 0.05 -18.89
CBA CLA FI . -6.76 -0.52 -20.26
CGA CLA FI . -6.04 -1.78 -20.58
O1A CLA FI . -4.84 -1.90 -20.61
O2A CLA FI . -6.88 -2.79 -20.80
NB CLA FI . -3.26 -1.19 -14.48
C1B CLA FI . -3.33 -2.32 -15.38
C2B CLA FI . -2.18 -3.14 -15.24
C3B CLA FI . -1.39 -2.55 -14.25
C4B CLA FI . -2.04 -1.40 -13.78
CMB CLA FI . -1.89 -4.39 -16.00
CAB CLA FI . -0.07 -3.00 -13.79
CBB CLA FI . 0.88 -3.51 -14.53
NC CLA FI . -3.63 0.89 -12.75
C1C CLA FI . -2.43 0.44 -12.23
C2C CLA FI . -2.06 1.13 -11.01
C3C CLA FI . -3.06 2.04 -10.76
C4C CLA FI . -4.03 1.90 -11.81
CMC CLA FI . -0.83 0.88 -10.19
CAC CLA FI . -3.14 3.02 -9.63
CBC CLA FI . -4.18 2.66 -8.60
ND CLA FI . -5.85 1.61 -13.97
C1D CLA FI . -6.07 2.54 -12.89
C2D CLA FI . -7.26 3.28 -13.13
C3D CLA FI . -7.78 2.84 -14.38
C4D CLA FI . -6.91 1.85 -14.82
CMD CLA FI . -7.84 4.31 -12.23
CAD CLA FI . -8.83 2.98 -15.37
OBD CLA FI . -9.82 3.69 -15.34
CBD CLA FI . -8.53 2.07 -16.54
CGD CLA FI . -9.74 1.23 -16.94
O1D CLA FI . -10.40 0.57 -16.20
O2D CLA FI . -9.96 1.33 -18.25
CED CLA FI . -11.07 0.56 -18.76
C1 CLA FI . -6.30 -4.07 -21.15
C2 CLA FI . -6.16 -4.94 -19.96
C3 CLA FI . -5.00 -5.36 -19.47
C4 CLA FI . -3.66 -5.00 -20.06
C5 CLA FI . -4.94 -6.25 -18.25
C6 CLA FI . -4.45 -7.66 -18.56
C7 CLA FI . -5.55 -8.57 -19.11
C8 CLA FI . -5.09 -9.94 -19.62
C9 CLA FI . -4.08 -10.59 -18.67
C10 CLA FI . -4.55 -9.84 -21.04
MG CLA GI . -15.40 -26.39 -2.03
CHA CLA GI . -18.71 -26.36 -1.24
CHB CLA GI . -14.95 -28.89 0.11
CHC CLA GI . -12.03 -26.06 -2.52
CHD CLA GI . -15.80 -23.18 -3.53
NA CLA GI . -16.60 -27.43 -0.92
C1A CLA GI . -17.98 -27.39 -0.78
C2A CLA GI . -18.56 -28.54 -0.01
C3A CLA GI . -17.32 -29.05 0.71
C4A CLA GI . -16.20 -28.43 -0.07
CMA CLA GI . -17.27 -28.65 2.19
CAA CLA GI . -19.23 -29.47 -1.02
CBA CLA GI . -18.50 -30.76 -1.43
CGA CLA GI . -19.33 -31.65 -2.30
O1A CLA GI . -20.53 -31.67 -2.30
O2A CLA GI . -18.58 -32.45 -3.05
NB CLA GI . -13.81 -27.31 -1.38
C1B CLA GI . -13.79 -28.44 -0.50
C2B CLA GI . -12.47 -28.93 -0.36
C3B CLA GI . -11.64 -28.10 -1.13
C4B CLA GI . -12.45 -27.12 -1.74
CMB CLA GI . -12.05 -30.11 0.46
CAB CLA GI . -10.19 -28.21 -1.32
CBB CLA GI . -9.27 -28.39 -0.43
NC CLA GI . -14.23 -25.02 -2.84
C1C CLA GI . -12.86 -25.08 -3.00
C2C CLA GI . -12.33 -23.92 -3.70
C3C CLA GI . -13.40 -23.11 -3.97
C4C CLA GI . -14.57 -23.75 -3.45
CMC CLA GI . -10.89 -23.64 -4.03
CAC CLA GI . -13.38 -21.79 -4.70
CBC CLA GI . -13.56 -20.61 -3.80
ND CLA GI . -16.82 -25.08 -2.34
C1D CLA GI . -16.92 -23.78 -3.00
C2D CLA GI . -18.26 -23.35 -2.99
C3D CLA GI . -19.03 -24.34 -2.34
C4D CLA GI . -18.12 -25.32 -1.97
CMD CLA GI . -18.78 -22.05 -3.56
CAD CLA GI . -20.35 -24.79 -1.93
OBD CLA GI . -21.43 -24.29 -2.17
CBD CLA GI . -20.21 -26.06 -1.13
CGD CLA GI . -20.60 -25.83 0.33
O1D CLA GI . -19.88 -25.35 1.16
O2D CLA GI . -21.82 -26.28 0.58
CED CLA GI . -22.25 -26.23 1.95
C1 CLA GI . -19.21 -33.65 -3.55
C2 CLA GI . -19.32 -33.63 -5.04
C3 CLA GI . -18.40 -34.16 -5.85
C4 CLA GI . -18.52 -34.15 -7.34
C5 CLA GI . -17.15 -34.80 -5.31
MG CLA HI . -10.13 -27.80 8.70
CHA CLA HI . -7.22 -28.87 10.13
CHB CLA HI . -8.91 -28.57 5.71
CHC CLA HI . -12.79 -26.14 7.26
CHD CLA HI . -11.01 -26.23 11.75
NA CLA HI . -8.47 -28.61 8.10
C1A CLA HI . -7.37 -29.11 8.82
C2A CLA HI . -6.39 -29.88 7.97
C3A CLA HI . -6.79 -29.43 6.58
C4A CLA HI . -8.15 -28.82 6.79
CMA CLA HI . -5.82 -28.45 5.94
CAA CLA HI . -6.62 -31.38 8.24
CBA CLA HI . -6.07 -32.37 7.22
CGA CLA HI . -4.65 -32.82 7.43
O1A CLA HI . -4.34 -33.81 8.04
O2A CLA HI . -3.79 -32.07 6.75
NB CLA HI . -10.77 -27.50 6.87
C1B CLA HI . -10.17 -28.00 5.68
C2B CLA HI . -10.98 -27.72 4.56
C3B CLA HI . -12.09 -27.02 5.02
C4B CLA HI . -11.97 -26.86 6.41
CMB CLA HI . -10.71 -28.14 3.13
CAB CLA HI . -13.20 -26.49 4.24
CBB CLA HI . -13.77 -27.02 3.18
NC CLA HI . -11.54 -26.55 9.33
C1C CLA HI . -12.56 -25.97 8.58
C2C CLA HI . -13.37 -25.07 9.38
C3C CLA HI . -12.87 -25.09 10.65
C4C CLA HI . -11.76 -26.00 10.64
CMC CLA HI . -14.52 -24.21 8.93
CAC CLA HI . -13.37 -24.34 11.84
CBC CLA HI . -12.42 -23.24 12.28
ND CLA HI . -9.39 -27.56 10.48
C1D CLA HI . -9.84 -26.97 11.73
C2D CLA HI . -8.94 -27.26 12.76
C3D CLA HI . -7.87 -28.00 12.19
C4D CLA HI . -8.19 -28.14 10.84
CMD CLA HI . -9.10 -26.90 14.20
CAD CLA HI . -6.59 -28.62 12.41
OBD CLA HI . -5.92 -28.67 13.42
CBD CLA HI . -6.11 -29.23 11.12
CGD CLA HI . -4.76 -28.63 10.75
O1D CLA HI . -3.83 -29.26 10.35
O2D CLA HI . -4.77 -27.32 10.90
CED CLA HI . -3.55 -26.63 10.56
C1 CLA HI . -2.92 -32.79 5.82
C2 CLA HI . -1.48 -32.95 6.23
C3 CLA HI . -0.98 -33.95 6.94
C4 CLA HI . 0.48 -34.07 7.28
C5 CLA HI . -1.86 -35.04 7.53
C6 CLA HI . -1.12 -36.32 7.89
C7 CLA HI . -2.09 -37.42 8.35
C8 CLA HI . -1.49 -38.79 8.70
C9 CLA HI . 0.00 -38.88 8.40
C10 CLA HI . -2.29 -39.91 8.00
C11 CLA HI . -1.60 -41.24 7.74
C12 CLA HI . -1.31 -42.05 8.99
C13 CLA HI . -1.59 -43.55 8.89
C14 CLA HI . -1.90 -44.16 10.25
C15 CLA HI . -0.45 -44.31 8.21
C16 CLA HI . -0.15 -43.97 6.74
C17 CLA HI . 1.15 -43.19 6.57
C18 CLA HI . 1.47 -42.77 5.14
C19 CLA HI . 0.50 -41.72 4.63
C20 CLA HI . 2.90 -42.27 5.02
MG CLA II . -4.13 -27.59 1.48
CHA CLA II . -6.76 -25.67 0.46
CHB CLA II . -4.07 -25.95 4.36
CHC CLA II . -1.19 -29.19 2.20
CHD CLA II . -3.71 -28.70 -1.87
NA CLA II . -5.25 -26.19 2.24
C1A CLA II . -6.37 -25.56 1.75
C2A CLA II . -7.09 -24.71 2.77
C3A CLA II . -6.01 -24.54 3.82
C4A CLA II . -5.03 -25.62 3.47
CMA CLA II . -5.36 -23.16 3.81
CAA CLA II . -8.31 -25.49 3.27
CBA CLA II . -9.65 -24.78 3.05
CGA CLA II . -9.72 -23.43 3.71
O1A CLA II . -10.05 -23.23 4.85
O2A CLA II . -9.37 -22.47 2.86
NB CLA II . -2.90 -27.62 2.99
C1B CLA II . -3.07 -26.90 4.23
C2B CLA II . -2.05 -27.25 5.14
C3B CLA II . -1.21 -28.16 4.49
C4B CLA II . -1.72 -28.39 3.20
CMB CLA II . -1.93 -26.77 6.55
CAB CLA II . 0.01 -28.76 5.03
CBB CLA II . 0.44 -29.99 4.90
NC CLA II . -2.84 -28.69 0.46
C1C CLA II . -1.70 -29.31 0.95
C2C CLA II . -1.02 -30.10 -0.05
C3C CLA II . -1.74 -29.97 -1.21
C4C CLA II . -2.85 -29.10 -0.92
CMC CLA II . 0.23 -30.91 0.15
CAC CLA II . -1.45 -30.61 -2.54
CBC CLA II . -0.71 -29.70 -3.48
ND CLA II . -4.94 -27.29 -0.27
C1D CLA II . -4.73 -27.80 -1.62
C2D CLA II . -5.70 -27.27 -2.49
C3D CLA II . -6.55 -26.44 -1.71
C4D CLA II . -6.05 -26.49 -0.43
CMD CLA II . -5.80 -27.52 -3.96
CAD CLA II . -7.74 -25.60 -1.70
OBD CLA II . -8.51 -25.36 -2.61
CBD CLA II . -7.91 -25.03 -0.33
CGD CLA II . -7.80 -23.51 -0.39
O1D CLA II . -8.68 -22.75 -0.12
O2D CLA II . -6.58 -23.14 -0.78
CED CLA II . -6.34 -21.72 -0.86
C1 CLA II . -9.23 -21.12 3.41
C2 CLA II . -8.16 -20.45 2.64
C3 CLA II . -7.90 -19.16 2.72
C4 CLA II . -8.66 -18.20 3.60
C5 CLA II . -6.77 -18.55 1.93
C6 CLA II . -5.41 -19.07 2.34
C7 CLA II . -4.30 -18.71 1.36
C8 CLA II . -2.89 -19.12 1.76
C9 CLA II . -1.91 -18.98 0.60
C10 CLA II . -2.89 -20.53 2.35
C11 CLA II . -1.53 -21.15 2.67
C12 CLA II . -0.99 -22.03 1.55
C13 CLA II . -1.71 -23.35 1.30
C14 CLA II . -1.34 -24.40 2.34
C15 CLA II . -1.45 -23.83 -0.13
C16 CLA II . -2.20 -25.07 -0.56
C17 CLA II . -2.05 -25.37 -2.05
C18 CLA II . -2.59 -24.32 -3.02
C19 CLA II . -3.94 -23.77 -2.60
C20 CLA II . -2.68 -24.90 -4.42
MG CLA JI . -0.60 -35.97 -14.02
CHA CLA JI . 0.80 -35.86 -17.14
CHB CLA JI . 0.32 -32.82 -13.52
CHC CLA JI . -1.53 -36.33 -10.74
CHD CLA JI . -0.98 -39.48 -14.38
NA CLA JI . 0.28 -34.64 -15.14
C1A CLA JI . 0.76 -34.70 -16.45
C2A CLA JI . 1.20 -33.39 -17.01
C3A CLA JI . 1.13 -32.46 -15.82
C4A CLA JI . 0.54 -33.35 -14.74
CMA CLA JI . 2.48 -31.87 -15.43
CAA CLA JI . 0.25 -32.97 -18.13
CBA CLA JI . -1.25 -33.08 -17.83
CGA CLA JI . -2.09 -32.77 -19.03
O1A CLA JI . -1.69 -32.79 -20.17
O2A CLA JI . -3.35 -32.49 -18.69
NB CLA JI . -0.60 -34.82 -12.44
C1B CLA JI . -0.19 -33.43 -12.39
C2B CLA JI . -0.42 -32.90 -11.11
C3B CLA JI . -0.95 -33.92 -10.33
C4B CLA JI . -1.06 -35.08 -11.12
CMB CLA JI . -0.15 -31.49 -10.67
CAB CLA JI . -1.38 -33.84 -8.93
CBB CLA JI . -0.75 -33.30 -7.93
NC CLA JI . -1.14 -37.48 -12.87
C1C CLA JI . -1.55 -37.43 -11.54
C2C CLA JI . -1.97 -38.72 -11.04
C3C CLA JI . -1.82 -39.63 -12.06
C4C CLA JI . -1.30 -38.89 -13.19
CMC CLA JI . -2.54 -39.02 -9.68
CAC CLA JI . -2.12 -41.10 -12.02
CBC CLA JI . -1.65 -41.79 -10.76
ND CLA JI . -0.21 -37.34 -15.34
C1D CLA JI . -0.44 -38.79 -15.44
C2D CLA JI . -0.04 -39.25 -16.71
C3D CLA JI . 0.46 -38.14 -17.43
C4D CLA JI . 0.34 -37.05 -16.57
CMD CLA JI . -0.16 -40.66 -17.22
CAD CLA JI . 1.05 -37.66 -18.66
OBD CLA JI . 1.34 -38.28 -19.67
CBD CLA JI . 1.29 -36.18 -18.56
CGD CLA JI . 2.75 -35.85 -18.78
O1D CLA JI . 3.52 -35.50 -17.93
O2D CLA JI . 3.09 -35.99 -20.06
CED CLA JI . 4.46 -35.69 -20.40
C1 CLA JI . -4.23 -32.24 -19.82
C2 CLA JI . -5.43 -31.46 -19.38
C3 CLA JI . -6.50 -32.01 -18.82
C4 CLA JI . -6.62 -33.48 -18.52
C5 CLA JI . -7.71 -31.17 -18.50
C6 CLA JI . -8.20 -31.31 -17.05
C7 CLA JI . -9.62 -30.77 -16.86
C8 CLA JI . -10.72 -31.40 -17.72
C9 CLA JI . -12.10 -31.02 -17.22
C10 CLA JI . -10.54 -32.92 -17.80
MG CLA KI . 5.72 -27.60 -12.28
CHA CLA KI . 6.96 -29.76 -9.93
CHB CLA KI . 3.00 -29.50 -12.55
CHC CLA KI . 4.71 -25.58 -14.84
CHD CLA KI . 8.96 -26.21 -12.64
NA CLA KI . 5.12 -29.19 -11.36
C1A CLA KI . 5.68 -29.94 -10.33
C2A CLA KI . 4.73 -30.91 -9.69
C3A CLA KI . 3.69 -31.06 -10.80
C4A CLA KI . 3.93 -29.84 -11.64
CMA CLA KI . 3.84 -32.32 -11.66
CAA CLA KI . 4.32 -30.18 -8.41
CBA CLA KI . 2.90 -30.36 -7.89
CGA CLA KI . 2.12 -29.09 -7.93
O1A CLA KI . 2.06 -28.35 -8.88
O2A CLA KI . 1.50 -28.85 -6.77
NB CLA KI . 4.16 -27.53 -13.46
C1B CLA KI . 3.02 -28.41 -13.42
C2B CLA KI . 2.06 -27.99 -14.35
C3B CLA KI . 2.56 -26.86 -14.99
C4B CLA KI . 3.83 -26.59 -14.46
CMB CLA KI . 0.73 -28.65 -14.61
CAB CLA KI . 1.90 -26.03 -16.00
CBB CLA KI . 1.04 -26.40 -16.91
NC CLA KI . 6.58 -26.24 -13.41
C1C CLA KI . 5.97 -25.46 -14.37
C2C CLA KI . 6.88 -24.49 -14.95
C3C CLA KI . 8.09 -24.68 -14.36
C4C CLA KI . 7.95 -25.75 -13.41
CMC CLA KI . 6.54 -23.47 -15.98
CAC CLA KI . 9.38 -23.94 -14.62
CBC CLA KI . 10.36 -24.74 -15.44
ND CLA KI . 7.50 -27.87 -11.55
C1D CLA KI . 8.80 -27.23 -11.72
C2D CLA KI . 9.75 -27.81 -10.84
C3D CLA KI . 9.08 -28.80 -10.10
C4D CLA KI . 7.76 -28.79 -10.56
CMD CLA KI . 11.19 -27.42 -10.72
CAD CLA KI . 9.17 -29.83 -9.08
OBD CLA KI . 10.15 -30.20 -8.45
CBD CLA KI . 7.81 -30.43 -8.84
CGD CLA KI . 7.84 -31.95 -8.94
O1D CLA KI . 8.12 -32.69 -8.04
O2D CLA KI . 7.50 -32.36 -10.16
CED CLA KI . 7.40 -33.79 -10.34
C1 CLA KI . 0.74 -27.61 -6.70
C2 CLA KI . 1.64 -26.47 -6.40
C3 CLA KI . 1.34 -25.19 -6.56
C4 CLA KI . 0.01 -24.70 -7.08
C5 CLA KI . 2.33 -24.11 -6.20
C6 CLA KI . 1.72 -22.73 -6.01
C7 CLA KI . 2.70 -21.70 -5.48
C8 CLA KI . 4.00 -21.53 -6.26
C9 CLA KI . 5.13 -22.38 -5.67
C10 CLA KI . 4.39 -20.06 -6.34
C11 CLA KI . 5.69 -19.75 -7.09
C12 CLA KI . 5.50 -18.76 -8.24
C13 CLA KI . 4.64 -19.22 -9.40
C14 CLA KI . 5.17 -20.51 -10.00
C15 CLA KI . 4.53 -18.13 -10.48
C16 CLA KI . 3.81 -16.84 -10.10
C17 CLA KI . 3.74 -15.83 -11.24
C18 CLA KI . 2.80 -16.19 -12.39
C19 CLA KI . 1.35 -16.03 -12.00
C20 CLA KI . 3.11 -15.38 -13.64
MG CLA LI . 2.51 -24.18 -21.28
CHA CLA LI . 2.46 -27.32 -19.94
CHB CLA LI . 0.08 -25.06 -23.36
CHC CLA LI . 2.92 -21.16 -22.84
CHD CLA LI . 5.64 -23.59 -19.68
NA CLA LI . 1.44 -25.78 -21.46
C1A CLA LI . 1.44 -26.98 -20.77
C2A CLA LI . 0.27 -27.87 -21.04
C3A CLA LI . -0.34 -27.22 -22.27
C4A CLA LI . 0.43 -25.92 -22.39
CMA CLA LI . -0.21 -28.05 -23.54
CAA CLA LI . -0.67 -27.85 -19.83
CBA CLA LI . -0.91 -29.22 -19.19
CGA CLA LI . -2.11 -29.26 -18.31
O1A CLA LI . -3.23 -29.51 -18.69
O2A CLA LI . -1.80 -29.00 -17.04
NB CLA LI . 1.69 -23.28 -22.80
C1B CLA LI . 0.64 -23.82 -23.64
C2B CLA LI . 0.33 -22.91 -24.66
C3B CLA LI . 1.14 -21.79 -24.50
C4B CLA LI . 1.96 -22.01 -23.38
CMB CLA LI . -0.69 -23.12 -25.75
CAB CLA LI . 1.20 -20.58 -25.31
CBB CLA LI . 0.23 -20.03 -26.00
NC CLA LI . 3.86 -22.74 -21.22
C1C CLA LI . 3.81 -21.52 -21.88
C2C CLA LI . 4.90 -20.65 -21.52
C3C CLA LI . 5.69 -21.34 -20.64
C4C CLA LI . 5.08 -22.63 -20.45
CMC CLA LI . 5.13 -19.25 -22.03
CAC CLA LI . 6.94 -20.85 -19.95
CBC CLA LI . 6.68 -20.32 -18.56
ND CLA LI . 3.77 -25.14 -20.14
C1D CLA LI . 5.06 -24.85 -19.52
C2D CLA LI . 5.50 -25.96 -18.78
C3D CLA LI . 4.51 -26.97 -18.89
C4D CLA LI . 3.52 -26.42 -19.70
CMD CLA LI . 6.80 -26.08 -18.04
CAD CLA LI . 4.10 -28.30 -18.52
OBD CLA LI . 4.67 -29.12 -17.83
CBD CLA LI . 2.76 -28.59 -19.13
CGD CLA LI . 2.87 -29.85 -19.96
O1D CLA LI . 2.83 -29.89 -21.16
O2D CLA LI . 3.01 -30.92 -19.19
CED CLA LI . 3.16 -32.20 -19.86
C1 CLA LI . -2.88 -29.03 -16.07
C2 CLA LI . -2.79 -30.26 -15.25
C3 CLA LI . -3.76 -30.63 -14.42
C4 CLA LI . -5.03 -29.85 -14.23
C5 CLA LI . -3.64 -31.89 -13.59
C6 CLA LI . -4.04 -33.15 -14.35
C7 CLA LI . -4.19 -34.37 -13.45
C8 CLA LI . -4.66 -35.65 -14.14
C9 CLA LI . -4.97 -36.74 -13.14
C10 CLA LI . -3.65 -36.11 -15.18
MG CLA MI . -14.03 -43.40 10.92
CHA CLA MI . -16.77 -44.67 12.51
CHB CLA MI . -13.52 -41.39 13.52
CHC CLA MI . -11.49 -41.95 9.17
CHD CLA MI . -15.23 -44.73 7.87
NA CLA MI . -14.92 -43.18 12.61
C1A CLA MI . -15.95 -43.86 13.21
C2A CLA MI . -16.03 -43.57 14.68
C3A CLA MI . -15.59 -42.15 14.68
C4A CLA MI . -14.61 -42.20 13.54
CMA CLA MI . -16.70 -41.14 14.44
CAA CLA MI . -15.01 -44.49 15.37
CBA CLA MI . -15.58 -45.84 15.79
CGA CLA MI . -14.77 -46.99 15.28
O1A CLA MI . -15.18 -47.84 14.55
O2A CLA MI . -13.53 -46.95 15.76
NB CLA MI . -12.71 -42.02 11.29
C1B CLA MI . -12.55 -41.30 12.54
C2B CLA MI . -11.40 -40.50 12.49
C3B CLA MI . -10.85 -40.65 11.21
C4B CLA MI . -11.64 -41.56 10.49
CMB CLA MI . -10.86 -39.66 13.62
CAB CLA MI . -9.67 -39.96 10.67
CBB CLA MI . -9.28 -38.74 10.91
NC CLA MI . -13.48 -43.37 9.04
C1C CLA MI . -12.36 -42.76 8.51
C2C CLA MI . -12.21 -43.03 7.09
C3C CLA MI . -13.28 -43.80 6.72
C4C CLA MI . -14.08 -44.01 7.89
CMC CLA MI . -11.12 -42.53 6.20
CAC CLA MI . -13.56 -44.40 5.37
CBC CLA MI . -13.13 -45.84 5.26
ND CLA MI . -15.57 -44.40 10.28
C1D CLA MI . -16.01 -44.93 9.00
C2D CLA MI . -17.21 -45.64 9.16
C3D CLA MI . -17.56 -45.59 10.52
C4D CLA MI . -16.56 -44.84 11.14
CMD CLA MI . -17.97 -46.33 8.06
CAD CLA MI . -18.51 -45.97 11.55
OBD CLA MI . -19.57 -46.56 11.43
CBD CLA MI . -18.01 -45.51 12.89
CGD CLA MI . -19.09 -44.77 13.65
O1D CLA MI . -19.21 -43.57 13.69
O2D CLA MI . -19.88 -45.62 14.30
CED CLA MI . -20.90 -45.03 15.14
C1 CLA MI . -12.67 -48.09 15.48
C2 CLA MI . -11.64 -47.71 14.48
MG CLA NI . -7.29 -38.38 14.86
CHA CLA NI . -7.89 -35.59 12.98
CHB CLA NI . -5.00 -39.36 12.65
CHC CLA NI . -7.11 -41.38 16.51
CHD CLA NI . -10.28 -37.74 16.67
NA CLA NI . -6.57 -37.58 13.24
C1A CLA NI . -6.86 -36.37 12.60
C2A CLA NI . -5.94 -36.05 11.45
C3A CLA NI . -5.12 -37.31 11.31
C4A CLA NI . -5.58 -38.16 12.47
CMA CLA NI . -5.29 -38.01 9.97
CAA CLA NI . -5.12 -34.83 11.88
CBA CLA NI . -3.84 -34.59 11.10
CGA CLA NI . -3.41 -33.16 11.11
O1A CLA NI . -4.12 -32.22 11.33
O2A CLA NI . -2.10 -33.05 10.83
NB CLA NI . -6.25 -40.04 14.65
C1B CLA NI . -5.26 -40.29 13.64
C2B CLA NI . -4.67 -41.56 13.84
C3B CLA NI . -5.27 -42.11 14.96
C4B CLA NI . -6.24 -41.21 15.45
CMB CLA NI . -3.60 -42.18 13.00
CAB CLA NI . -4.96 -43.41 15.59
CBB CLA NI . -5.78 -44.31 16.04
NC CLA NI . -8.36 -39.29 16.24
C1C CLA NI . -8.09 -40.51 16.84
C2C CLA NI . -9.06 -40.85 17.86
C3C CLA NI . -9.97 -39.83 17.90
C4C CLA NI . -9.56 -38.87 16.92
CMC CLA NI . -9.07 -42.09 18.69
CAC CLA NI . -11.17 -39.73 18.80
CBC CLA NI . -12.44 -40.22 18.15
ND CLA NI . -8.72 -37.06 14.89
C1D CLA NI . -9.93 -36.84 15.69
C2D CLA NI . -10.54 -35.63 15.31
C3D CLA NI . -9.77 -35.08 14.25
C4D CLA NI . -8.72 -35.97 14.05
CMD CLA NI . -11.80 -35.06 15.88
CAD CLA NI . -9.60 -33.97 13.32
OBD CLA NI . -10.27 -32.96 13.21
CBD CLA NI . -8.42 -34.25 12.45
CGD CLA NI . -8.86 -34.31 10.99
O1D CLA NI . -8.84 -33.38 10.23
O2D CLA NI . -9.26 -35.54 10.66
CED CLA NI . -9.73 -35.70 9.30
C1 CLA NI . -1.60 -31.68 10.73
C2 CLA NI . -0.41 -31.69 9.84
C3 CLA NI . 0.04 -30.59 9.24
C4 CLA NI . -0.57 -29.23 9.39
C5 CLA NI . 1.19 -30.65 8.26
MG CLA OI . 6.74 -49.85 5.13
CHA CLA OI . 7.67 -50.55 1.92
CHB CLA OI . 6.68 -46.61 4.38
CHC CLA OI . 6.05 -49.23 8.43
CHD CLA OI . 8.05 -53.00 6.14
NA CLA OI . 7.00 -48.87 3.49
C1A CLA OI . 7.25 -49.28 2.19
C2A CLA OI . 7.07 -48.19 1.16
C3A CLA OI . 7.32 -46.98 2.01
C4A CLA OI . 6.97 -47.49 3.40
CMA CLA OI . 8.73 -46.40 1.92
CAA CLA OI . 5.64 -48.21 0.62
CBA CLA OI . 5.22 -49.45 -0.17
CGA CLA OI . 3.76 -49.42 -0.53
O1A CLA OI . 3.18 -48.47 -0.99
O2A CLA OI . 3.16 -50.57 -0.23
NB CLA OI . 6.38 -48.26 6.19
C1B CLA OI . 6.36 -46.90 5.70
C2B CLA OI . 6.02 -46.01 6.75
C3B CLA OI . 5.85 -46.79 7.90
C4B CLA OI . 6.07 -48.13 7.57
CMB CLA OI . 5.87 -44.52 6.62
CAB CLA OI . 5.53 -46.31 9.25
CBB CLA OI . 4.56 -45.52 9.64
NC CLA OI . 6.95 -50.86 6.81
C1C CLA OI . 6.52 -50.46 8.08
C2C CLA OI . 6.79 -51.46 9.09
C3C CLA OI . 7.43 -52.51 8.46
C4C CLA OI . 7.52 -52.16 7.06
CMC CLA OI . 6.44 -51.39 10.55
CAC CLA OI . 7.95 -53.77 9.07
CBC CLA OI . 7.07 -54.97 8.81
ND CLA OI . 7.60 -51.40 4.32
C1D CLA OI . 8.09 -52.69 4.79
C2D CLA OI . 8.58 -53.44 3.71
C3D CLA OI . 8.39 -52.66 2.53
C4D CLA OI . 7.83 -51.48 2.96
CMD CLA OI . 9.17 -54.82 3.79
CAD CLA OI . 8.56 -52.59 1.09
OBD CLA OI . 8.99 -53.44 0.33
CBD CLA OI . 8.08 -51.25 0.62
CGD CLA OI . 9.19 -50.53 -0.13
O1D CLA OI . 9.15 -50.23 -1.30
O2D CLA OI . 10.21 -50.28 0.66
CED CLA OI . 11.33 -49.58 0.07
C1 CLA OI . 1.72 -50.58 -0.34
C2 CLA OI . 1.15 -51.65 0.52
C3 CLA OI . -0.16 -51.80 0.70
MG CLA PI . 11.02 -55.76 14.72
CHA CLA PI . 12.27 -58.77 13.72
CHB CLA PI . 8.42 -56.24 12.71
CHC CLA PI . 9.92 -52.67 15.62
CHD CLA PI . 14.28 -54.77 15.71
NA CLA PI . 10.46 -57.22 13.61
C1A CLA PI . 10.98 -58.49 13.43
C2A CLA PI . 9.98 -59.43 12.82
C3A CLA PI . 9.29 -58.44 11.90
C4A CLA PI . 9.36 -57.21 12.77
CMA CLA PI . 9.95 -58.25 10.54
CAA CLA PI . 9.05 -59.96 13.92
CBA CLA PI . 9.52 -59.80 15.36
CGA CLA PI . 8.57 -60.37 16.35
O1A CLA PI . 7.39 -60.51 16.16
O2A CLA PI . 9.17 -60.68 17.50
NB CLA PI . 9.45 -54.70 14.31
C1B CLA PI . 8.36 -55.07 13.44
C2B CLA PI . 7.35 -54.08 13.48
C3B CLA PI . 7.78 -53.09 14.37
C4B CLA PI . 9.07 -53.44 14.84
CMB CLA PI . 6.06 -54.09 12.71
CAB CLA PI . 7.06 -51.88 14.78
CBB CLA PI . 5.83 -51.80 15.20
NC CLA PI . 11.87 -54.16 15.47
C1C CLA PI . 11.22 -52.99 15.84
C2C CLA PI . 12.15 -52.00 16.39
C3C CLA PI . 13.39 -52.57 16.36
C4C CLA PI . 13.24 -53.89 15.82
CMC CLA PI . 11.78 -50.64 16.89
CAC CLA PI . 14.69 -51.94 16.79
CBC CLA PI . 15.04 -52.24 18.23
ND CLA PI . 12.82 -56.50 14.76
C1D CLA PI . 14.13 -56.05 15.21
C2D CLA PI . 15.07 -57.09 15.06
C3D CLA PI . 14.39 -58.20 14.51
C4D CLA PI . 13.08 -57.79 14.35
CMD CLA PI . 16.53 -57.01 15.43
CAD CLA PI . 14.49 -59.59 14.08
OBD CLA PI . 15.43 -60.34 14.14
CBD CLA PI . 13.15 -60.02 13.52
CGD CLA PI . 13.31 -60.39 12.05
O1D CLA PI . 12.62 -59.98 11.16
O2D CLA PI . 14.34 -61.22 11.88
CED CLA PI . 14.63 -61.59 10.52
C1 CLA PI . 8.30 -61.10 18.58
C2 CLA PI . 9.09 -61.17 19.85
C3 CLA PI . 8.58 -60.89 21.04
C4 CLA PI . 7.16 -60.47 21.26
C5 CLA PI . 9.43 -60.95 22.28
MG CLA QI . 5.51 -56.78 0.66
CHA CLA QI . 5.84 -57.02 -2.73
CHB CLA QI . 4.88 -53.52 0.35
CHC CLA QI . 5.57 -56.56 4.08
CHD CLA QI . 7.08 -59.95 1.00
NA CLA QI . 5.30 -55.61 -0.87
C1A CLA QI . 5.36 -55.87 -2.23
C2A CLA QI . 4.84 -54.75 -3.09
C3A CLA QI . 4.89 -53.56 -2.12
C4A CLA QI . 5.03 -54.26 -0.78
CMA CLA QI . 6.05 -52.62 -2.42
CAA CLA QI . 3.45 -55.21 -3.59
CBA CLA QI . 2.22 -54.44 -3.11
CGA CLA QI . 1.89 -54.65 -1.66
O1A CLA QI . 1.15 -53.95 -1.02
O2A CLA QI . 2.52 -55.71 -1.16
NB CLA QI . 5.27 -55.34 1.95
C1B CLA QI . 4.96 -53.95 1.67
C2B CLA QI . 4.78 -53.23 2.87
C3B CLA QI . 4.97 -54.14 3.92
C4B CLA QI . 5.27 -55.40 3.38
CMB CLA QI . 4.42 -51.78 2.98
CAB CLA QI . 4.87 -53.88 5.36
CBB CLA QI . 3.91 -53.29 6.01
NC CLA QI . 6.11 -57.95 2.13
C1C CLA QI . 5.99 -57.71 3.50
C2C CLA QI . 6.46 -58.82 4.30
C3C CLA QI . 6.90 -59.78 3.44
C4C CLA QI . 6.70 -59.27 2.10
CMC CLA QI . 6.48 -58.88 5.80
CAC CLA QI . 7.45 -61.14 3.77
CBC CLA QI . 8.96 -61.20 3.67
ND CLA QI . 6.28 -58.15 -0.48
C1D CLA QI . 6.91 -59.46 -0.28
C2D CLA QI . 7.22 -60.03 -1.52
C3D CLA QI . 6.82 -59.13 -2.53
C4D CLA QI . 6.27 -58.04 -1.86
CMD CLA QI . 7.89 -61.36 -1.73
CAD CLA QI . 6.71 -58.86 -3.96
OBD CLA QI . 7.07 -59.55 -4.90
CBD CLA QI . 6.05 -57.52 -4.16
CGD CLA QI . 6.93 -56.62 -5.01
O1D CLA QI . 7.73 -55.83 -4.57
O2D CLA QI . 6.70 -56.80 -6.30
CED CLA QI . 7.48 -55.98 -7.22
C1 CLA QI . 2.24 -56.01 0.24
C2 CLA QI . 2.72 -57.38 0.56
C3 CLA QI . 2.74 -57.85 1.79
MG CLA RI . 17.93 -37.17 18.01
CHA CLA RI . 17.92 -34.89 15.46
CHB CLA RI . 19.91 -39.15 16.22
CHC CLA RI . 17.46 -39.62 20.37
CHD CLA RI . 15.21 -35.43 19.49
NA CLA RI . 18.75 -37.00 16.26
C1A CLA RI . 18.74 -35.97 15.32
C2A CLA RI . 19.66 -36.16 14.15
C3A CLA RI . 20.05 -37.60 14.29
C4A CLA RI . 19.54 -37.96 15.67
CMA CLA RI . 19.45 -38.50 13.21
CAA CLA RI . 20.86 -35.22 14.33
CBA CLA RI . 21.35 -35.08 15.77
CGA CLA RI . 22.75 -34.57 15.87
O1A CLA RI . 23.47 -34.32 14.95
O2A CLA RI . 23.11 -34.42 17.15
NB CLA RI . 18.59 -38.98 18.27
C1B CLA RI . 19.54 -39.68 17.43
C2B CLA RI . 19.89 -40.92 18.01
C3B CLA RI . 19.16 -41.04 19.20
C4B CLA RI . 18.37 -39.89 19.36
CMB CLA RI . 20.86 -41.92 17.45
CAB CLA RI . 19.19 -42.15 20.16
CBB CLA RI . 18.84 -43.39 19.97
NC CLA RI . 16.70 -37.44 19.54
C1C CLA RI . 16.68 -38.51 20.43
C2C CLA RI . 15.68 -38.34 21.46
C3C CLA RI . 15.05 -37.16 21.22
C4C CLA RI . 15.64 -36.60 20.04
CMC CLA RI . 15.39 -39.30 22.58
CAC CLA RI . 13.95 -36.52 22.04
CBC CLA RI . 12.57 -36.81 21.49
ND CLA RI . 16.83 -35.61 17.65
C1D CLA RI . 15.74 -34.92 18.32
C2D CLA RI . 15.40 -33.75 17.62
C3D CLA RI . 16.25 -33.66 16.49
C4D CLA RI . 17.05 -34.79 16.56
CMD CLA RI . 14.32 -32.77 18.01
CAD CLA RI . 16.64 -32.90 15.33
OBD CLA RI . 16.22 -31.82 14.94
CBD CLA RI . 17.71 -33.65 14.58
CGD CLA RI . 17.22 -33.99 13.18
O1D CLA RI . 16.41 -34.84 12.93
O2D CLA RI . 17.81 -33.23 12.27
CED CLA RI . 17.40 -33.44 10.90
C1 CLA RI . 24.48 -34.00 17.41
C2 CLA RI . 24.94 -34.72 18.62
C3 CLA RI . 25.27 -34.12 19.76
C4 CLA RI . 25.21 -32.63 19.97
C5 CLA RI . 25.77 -34.92 20.94
C6 CLA RI . 24.86 -34.86 22.16
C7 CLA RI . 24.13 -36.16 22.42
C8 CLA RI . 23.54 -36.33 23.83
C9 CLA RI . 22.71 -35.12 24.23
C10 CLA RI . 24.64 -36.62 24.85
MG CLA SI . 10.57 -37.66 11.35
CHA CLA SI . 12.12 -38.50 8.42
CHB CLA SI . 13.30 -36.05 12.31
CHC CLA SI . 9.19 -37.39 14.50
CHD CLA SI . 7.99 -39.99 10.60
NA CLA SI . 12.27 -37.32 10.51
C1A CLA SI . 12.76 -37.64 9.24
C2A CLA SI . 14.07 -37.00 8.90
C3A CLA SI . 14.55 -36.53 10.25
C4A CLA SI . 13.31 -36.63 11.09
CMA CLA SI . 15.68 -37.36 10.84
CAA CLA SI . 13.81 -35.86 7.89
CBA CLA SI . 12.87 -34.74 8.35
CGA CLA SI . 13.58 -33.61 9.06
O1A CLA SI . 14.76 -33.42 9.04
O2A CLA SI . 12.71 -32.85 9.73
NB CLA SI . 11.10 -36.83 13.03
C1B CLA SI . 12.29 -36.05 13.25
C2B CLA SI . 12.25 -35.45 14.54
C3B CLA SI . 11.08 -35.86 15.15
C4B CLA SI . 10.38 -36.71 14.27
CMB CLA SI . 13.28 -34.52 15.10
CAB CLA SI . 10.60 -35.51 16.49
CBB CLA SI . 11.28 -35.39 17.58
NC CLA SI . 9.02 -38.45 12.29
C1C CLA SI . 8.60 -38.20 13.59
C2C CLA SI . 7.40 -38.93 13.94
C3C CLA SI . 7.05 -39.68 12.85
C4C CLA SI . 8.03 -39.40 11.82
CMC CLA SI . 6.69 -38.88 15.26
CAC CLA SI . 5.87 -40.60 12.71
CBC CLA SI . 4.62 -39.89 12.26
ND CLA SI . 10.11 -38.92 9.94
C1D CLA SI . 8.99 -39.80 9.66
C2D CLA SI . 9.12 -40.35 8.37
C3D CLA SI . 10.33 -39.86 7.82
C4D CLA SI . 10.88 -39.05 8.80
CMD CLA SI . 8.13 -41.26 7.69
CAD CLA SI . 11.22 -39.85 6.68
OBD CLA SI . 11.07 -40.35 5.58
CBD CLA SI . 12.44 -39.05 7.03
CGD CLA SI . 13.66 -39.97 7.03
O1D CLA SI . 13.82 -40.89 7.79
O2D CLA SI . 14.52 -39.64 6.07
CED CLA SI . 15.69 -40.47 5.96
C1 CLA SI . 13.26 -31.95 10.72
C2 CLA SI . 12.48 -32.19 11.97
C3 CLA SI . 11.51 -31.40 12.40
C4 CLA SI . 11.09 -30.12 11.73
C5 CLA SI . 10.69 -31.78 13.61
C6 CLA SI . 11.37 -31.50 14.94
C7 CLA SI . 11.35 -30.01 15.30
C8 CLA SI . 11.42 -29.62 16.79
C9 CLA SI . 12.85 -29.45 17.26
C10 CLA SI . 10.63 -30.59 17.68
C11 CLA SI . 10.39 -30.13 19.10
C12 CLA SI . 9.31 -30.93 19.83
C13 CLA SI . 9.69 -32.36 20.22
C14 CLA SI . 8.47 -33.16 20.66
C15 CLA SI . 10.77 -32.36 21.30
MG CLA TI . 9.39 -16.64 15.55
CHA CLA TI . 12.21 -18.38 14.70
CHB CLA TI . 9.44 -18.08 18.54
CHC CLA TI . 6.37 -15.16 16.18
CHD CLA TI . 8.85 -15.93 12.10
NA CLA TI . 10.64 -17.82 16.42
C1A CLA TI . 11.85 -18.36 16.00
C2A CLA TI . 12.67 -18.94 17.12
C3A CLA TI . 11.61 -19.20 18.15
C4A CLA TI . 10.48 -18.32 17.69
CMA CLA TI . 11.18 -20.67 18.25
CAA CLA TI . 13.66 -17.86 17.56
CBA CLA TI . 14.66 -18.30 18.63
CGA CLA TI . 15.68 -17.26 18.97
O1A CLA TI . 16.31 -16.63 18.15
O2A CLA TI . 15.81 -17.11 20.29
NB CLA TI . 8.15 -16.62 17.06
C1B CLA TI . 8.32 -17.29 18.31
C2B CLA TI . 7.25 -16.98 19.18
C3B CLA TI . 6.39 -16.13 18.49
C4B CLA TI . 6.93 -15.91 17.21
CMB CLA TI . 7.06 -17.49 20.57
CAB CLA TI . 5.16 -15.51 18.98
CBB CLA TI . 5.01 -14.81 20.06
NC CLA TI . 8.01 -15.76 14.44
C1C CLA TI . 6.86 -15.13 14.91
C2C CLA TI . 6.11 -14.49 13.85
C3C CLA TI . 6.78 -14.75 12.68
C4C CLA TI . 7.95 -15.52 13.03
CMC CLA TI . 4.85 -13.69 14.01
CAC CLA TI . 6.38 -14.35 11.29
CBC CLA TI . 7.23 -13.24 10.73
ND CLA TI . 10.24 -17.00 13.83
C1D CLA TI . 9.99 -16.64 12.43
C2D CLA TI . 11.03 -17.12 11.62
C3D CLA TI . 11.95 -17.80 12.46
C4D CLA TI . 11.42 -17.71 13.74
CMD CLA TI . 11.14 -16.94 10.14
CAD CLA TI . 13.20 -18.53 12.55
OBD CLA TI . 14.01 -18.77 11.67
CBD CLA TI . 13.41 -18.99 13.96
CGD CLA TI . 13.41 -20.51 14.00
O1D CLA TI . 12.59 -21.19 14.55
O2D CLA TI . 14.44 -21.00 13.31
CED CLA TI . 14.54 -22.43 13.25
C1 CLA TI . 16.76 -16.10 20.70
C2 CLA TI . 16.49 -15.68 22.10
C3 CLA TI . 17.25 -15.97 23.14
C4 CLA TI . 18.50 -16.81 23.06
C5 CLA TI . 16.93 -15.43 24.52
C6 CLA TI . 16.32 -14.04 24.52
C7 CLA TI . 16.75 -13.16 25.69
C8 CLA TI . 16.62 -13.68 27.14
C9 CLA TI . 15.61 -14.81 27.27
C10 CLA TI . 16.32 -12.55 28.11
C11 CLA TI . 14.92 -11.93 28.03
C12 CLA TI . 14.55 -11.13 29.27
C13 CLA TI . 13.15 -10.51 29.29
C14 CLA TI . 12.96 -9.51 28.15
C15 CLA TI . 12.87 -9.87 30.65
MG CLA UI . 18.29 -26.09 15.77
CHA CLA UI . 16.10 -23.66 16.74
CHB CLA UI . 17.04 -28.13 18.08
CHC CLA UI . 21.01 -28.15 15.29
CHD CLA UI . 19.99 -23.69 13.76
NA CLA UI . 16.83 -25.92 17.04
C1A CLA UI . 15.95 -24.87 17.32
C2A CLA UI . 14.89 -25.20 18.33
C3A CLA UI . 15.23 -26.61 18.74
C4A CLA UI . 16.45 -26.93 17.91
CMA CLA UI . 15.48 -26.76 20.23
CAA CLA UI . 13.48 -25.14 17.72
CBA CLA UI . 12.37 -25.31 18.76
CGA CLA UI . 11.00 -25.06 18.22
O1A CLA UI . 10.71 -24.25 17.38
O2A CLA UI . 10.10 -25.86 18.80
NB CLA UI . 18.89 -27.81 16.49
C1B CLA UI . 18.18 -28.61 17.45
C2B CLA UI . 18.87 -29.81 17.69
C3B CLA UI . 20.03 -29.78 16.92
C4B CLA UI . 20.05 -28.58 16.19
CMB CLA UI . 18.42 -30.94 18.59
CAB CLA UI . 21.10 -30.79 16.89
CBB CLA UI . 21.75 -31.26 15.87
NC CLA UI . 19.98 -25.98 14.75
C1C CLA UI . 20.97 -26.96 14.65
C2C CLA UI . 22.06 -26.56 13.78
C3C CLA UI . 21.76 -25.31 13.32
C4C CLA UI . 20.51 -24.92 13.91
CMC CLA UI . 23.27 -27.37 13.45
CAC CLA UI . 22.59 -24.46 12.38
CBC CLA UI . 23.53 -23.53 13.10
ND CLA UI . 18.15 -24.20 15.33
C1D CLA UI . 18.86 -23.27 14.44
C2D CLA UI . 18.21 -22.02 14.44
C3D CLA UI . 17.13 -22.11 15.34
C4D CLA UI . 17.14 -23.41 15.83
CMD CLA UI . 18.61 -20.83 13.63
CAD CLA UI . 16.02 -21.41 15.97
OBD CLA UI . 15.65 -20.26 15.81
CBD CLA UI . 15.33 -22.34 16.91
CGD CLA UI . 15.45 -21.84 18.34
O1D CLA UI . 14.53 -21.56 19.05
O2D CLA UI . 16.73 -21.74 18.69
CED CLA UI . 16.99 -21.29 20.05
C1 CLA UI . 8.71 -25.65 18.43
C2 CLA UI . 7.92 -26.85 18.84
C3 CLA UI . 6.61 -26.94 18.72
C4 CLA UI . 5.74 -25.84 18.19
C5 CLA UI . 5.88 -28.22 19.10
C6 CLA UI . 6.06 -28.63 20.55
C7 CLA UI . 5.11 -27.91 21.51
C8 CLA UI . 5.11 -28.44 22.94
C9 CLA UI . 4.03 -27.79 23.79
C10 CLA UI . 6.49 -28.32 23.58
MG CLA VI . 6.34 -24.10 -3.37
CHA CLA VI . 5.89 -27.36 -4.26
CHB CLA VI . 9.63 -24.47 -3.76
CHC CLA VI . 6.74 -20.90 -2.23
CHD CLA VI . 3.09 -24.06 -1.97
NA CLA VI . 7.47 -25.59 -3.90
C1A CLA VI . 7.15 -26.87 -4.34
C2A CLA VI . 8.32 -27.63 -4.89
C3A CLA VI . 9.48 -26.87 -4.28
C4A CLA VI . 8.84 -25.55 -3.95
CMA CLA VI . 10.09 -27.52 -3.05
CAA CLA VI . 8.26 -27.55 -6.43
CBA CLA VI . 8.18 -26.16 -7.06
CGA CLA VI . 7.18 -26.10 -8.17
O1A CLA VI . 7.44 -26.14 -9.35
O2A CLA VI . 5.93 -26.00 -7.69
NB CLA VI . 7.86 -22.91 -3.11
C1B CLA VI . 9.22 -23.18 -3.45
C2B CLA VI . 10.00 -22.00 -3.35
C3B CLA VI . 9.14 -20.98 -2.92
C4B CLA VI . 7.85 -21.53 -2.75
CMB CLA VI . 11.45 -21.87 -3.66
CAB CLA VI . 9.46 -19.57 -2.74
CBB CLA VI . 10.07 -18.76 -3.56
NC CLA VI . 5.22 -22.83 -2.37
C1C CLA VI . 5.54 -21.52 -2.02
C2C CLA VI . 4.46 -20.85 -1.34
C3C CLA VI . 3.43 -21.75 -1.24
C4C CLA VI . 3.88 -22.97 -1.86
CMC CLA VI . 4.44 -19.44 -0.83
CAC CLA VI . 2.06 -21.53 -0.64
CBC CLA VI . 1.02 -21.20 -1.68
ND CLA VI . 4.86 -25.32 -3.12
C1D CLA VI . 3.50 -25.24 -2.57
C2D CLA VI . 2.83 -26.45 -2.79
C3D CLA VI . 3.70 -27.31 -3.48
C4D CLA VI . 4.88 -26.60 -3.64
CMD CLA VI . 1.42 -26.74 -2.37
CAD CLA VI . 3.89 -28.62 -4.08
OBD CLA VI . 3.11 -29.56 -4.14
CBD CLA VI . 5.26 -28.69 -4.69
CGD CLA VI . 5.98 -29.93 -4.18
O1D CLA VI . 6.35 -30.10 -3.06
O2D CLA VI . 6.13 -30.83 -5.16
CED CLA VI . 6.71 -32.09 -4.78
C1 CLA VI . 4.87 -26.07 -8.68
C2 CLA VI . 4.90 -24.86 -9.54
C3 CLA VI . 3.91 -24.52 -10.35
C4 CLA VI . 2.64 -25.33 -10.49
C5 CLA VI . 3.98 -23.27 -11.18
C6 CLA VI . 3.49 -23.45 -12.62
C7 CLA VI . 2.24 -22.63 -12.94
C8 CLA VI . 2.43 -21.45 -13.89
C9 CLA VI . 2.75 -21.92 -15.32
C10 CLA VI . 3.49 -20.48 -13.37
MG CLA WI . 6.66 -30.87 3.77
CHA CLA WI . 9.38 -32.82 3.10
CHB CLA WI . 6.12 -30.52 0.51
CHC CLA WI . 4.21 -28.60 4.52
CHD CLA WI . 7.81 -30.51 7.12
NA CLA WI . 7.55 -31.58 2.19
C1A CLA WI . 8.64 -32.43 2.05
C2A CLA WI . 8.90 -32.87 0.64
C3A CLA WI . 8.04 -31.91 -0.16
C4A CLA WI . 7.17 -31.28 0.91
CMA CLA WI . 8.84 -30.86 -0.93
CAA CLA WI . 8.46 -34.34 0.49
CBA CLA WI . 6.99 -34.64 0.73
CGA CLA WI . 6.77 -35.90 1.51
O1A CLA WI . 6.48 -36.97 1.04
O2A CLA WI . 6.97 -35.68 2.81
NB CLA WI . 5.39 -29.82 2.74
C1B CLA WI . 5.22 -29.86 1.31
C2B CLA WI . 4.09 -29.10 0.94
C3B CLA WI . 3.55 -28.55 2.11
C4B CLA WI . 4.34 -28.97 3.20
CMB CLA WI . 3.57 -28.93 -0.45
CAB CLA WI . 2.36 -27.70 2.24
CBB CLA WI . 1.98 -26.74 1.43
NC CLA WI . 6.13 -29.86 5.38
C1C CLA WI . 5.06 -28.99 5.51
C2C CLA WI . 4.93 -28.45 6.85
C3C CLA WI . 5.97 -28.97 7.59
C4C CLA WI . 6.71 -29.83 6.71
CMC CLA WI . 3.89 -27.50 7.33
CAC CLA WI . 6.27 -28.74 9.03
CBC CLA WI . 5.75 -29.83 9.94
ND CLA WI . 8.15 -31.47 4.88
C1D CLA WI . 8.55 -31.32 6.27
C2D CLA WI . 9.70 -32.09 6.53
C3D CLA WI . 10.06 -32.72 5.33
C4D CLA WI . 9.12 -32.32 4.38
CMD CLA WI . 10.40 -32.21 7.86
CAD CLA WI . 10.99 -33.62 4.65
OBD CLA WI . 11.96 -34.19 5.11
CBD CLA WI . 10.59 -33.76 3.22
CGD CLA WI . 11.74 -33.37 2.30
O1D CLA WI . 12.13 -32.25 2.12
O2D CLA WI . 12.28 -34.45 1.72
CED CLA WI . 13.40 -34.21 0.84
C1 CLA WI . 6.83 -36.83 3.70
C2 CLA WI . 7.23 -36.36 5.06
C3 CLA WI . 8.41 -36.61 5.59
C4 CLA WI . 9.48 -37.44 4.93
C5 CLA WI . 8.81 -35.98 6.91
C6 CLA WI . 7.87 -36.32 8.06
C7 CLA WI . 8.06 -35.39 9.26
C8 CLA WI . 7.46 -35.84 10.59
C9 CLA WI . 5.97 -36.13 10.49
C10 CLA WI . 7.77 -34.81 11.68
C11 CLA WI . 6.86 -34.85 12.91
C12 CLA WI . 7.38 -34.01 14.07
C13 CLA WI . 6.42 -33.84 15.24
C14 CLA WI . 7.08 -33.12 16.42
C15 CLA WI . 5.82 -35.17 15.67
MG CLA XI . -8.76 -19.50 6.71
CHA CLA XI . -11.50 -17.45 6.84
CHB CLA XI . -10.66 -22.04 7.69
CHC CLA XI . -5.95 -21.42 6.75
CHD CLA XI . -6.66 -16.65 6.63
NA CLA XI . -10.66 -19.69 7.02
C1A CLA XI . -11.71 -18.79 6.88
C2A CLA XI . -13.04 -19.46 6.83
C3A CLA XI . -12.75 -20.71 7.66
C4A CLA XI . -11.27 -20.84 7.45
CMA CLA XI . -13.14 -20.60 9.12
CAA CLA XI . -13.43 -19.79 5.38
CBA CLA XI . -12.76 -18.97 4.29
CGA CLA XI . -13.35 -19.22 2.93
O1A CLA XI . -14.49 -19.53 2.74
O2A CLA XI . -12.45 -19.04 1.97
NB CLA XI . -8.37 -21.36 7.16
C1B CLA XI . -9.32 -22.36 7.55
C2B CLA XI . -8.66 -23.60 7.73
C3B CLA XI . -7.31 -23.40 7.46
C4B CLA XI . -7.13 -22.05 7.11
CMB CLA XI . -9.32 -24.89 8.11
CAB CLA XI . -6.23 -24.38 7.52
CBB CLA XI . -6.12 -25.42 8.30
NC CLA XI . -6.83 -19.13 6.67
C1C CLA XI . -5.83 -20.08 6.57
C2C CLA XI . -4.53 -19.49 6.38
C3C CLA XI . -4.71 -18.13 6.41
C4C CLA XI . -6.12 -17.90 6.59
CMC CLA XI . -3.25 -20.23 6.13
CAC CLA XI . -3.66 -17.06 6.29
CBC CLA XI . -3.66 -16.37 4.95
ND CLA XI . -8.95 -17.57 6.76
C1D CLA XI . -8.03 -16.43 6.70
C2D CLA XI . -8.75 -15.23 6.71
C3D CLA XI . -10.13 -15.56 6.74
C4D CLA XI . -10.18 -16.95 6.78
CMD CLA XI . -8.18 -13.85 6.67
CAD CLA XI . -11.50 -15.08 6.70
OBD CLA XI . -11.90 -13.93 6.61
CBD CLA XI . -12.45 -16.24 6.81
CGD CLA XI . -13.32 -16.03 8.03
O1D CLA XI . -13.95 -15.03 8.27
O2D CLA XI . -13.32 -17.11 8.82
CED CLA XI . -14.19 -17.05 9.97
C1 CLA XI . -12.97 -19.22 0.62
C2 CLA XI . -11.98 -18.74 -0.39
C3 CLA XI . -11.14 -19.55 -1.02
C4 CLA XI . -11.05 -21.03 -0.79
C5 CLA XI . -10.20 -19.02 -2.08
C6 CLA XI . -8.86 -18.55 -1.54
C7 CLA XI . -7.80 -18.37 -2.62
C8 CLA XI . -6.55 -17.61 -2.19
C9 CLA XI . -6.51 -16.21 -2.79
C10 CLA XI . -5.27 -18.39 -2.49
C11 CLA XI . -4.92 -18.63 -3.96
C12 CLA XI . -3.73 -19.56 -4.12
C13 CLA XI . -3.32 -19.95 -5.55
C14 CLA XI . -2.49 -21.22 -5.56
C15 CLA XI . -2.59 -18.79 -6.23
C16 CLA XI . -1.72 -19.15 -7.44
C17 CLA XI . -2.50 -19.74 -8.60
C18 CLA XI . -2.56 -18.89 -9.86
C19 CLA XI . -1.22 -18.79 -10.55
C20 CLA XI . -3.63 -19.38 -10.82
MG CLA YI . 20.40 4.39 20.99
CHA CLA YI . 17.02 4.83 20.96
CHB CLA YI . 20.63 6.03 18.12
CHC CLA YI . 23.71 3.48 20.84
CHD CLA YI . 20.02 2.02 23.61
NA CLA YI . 19.10 5.25 19.85
C1A CLA YI . 17.74 5.42 19.98
C2A CLA YI . 17.11 6.32 18.94
C3A CLA YI . 18.23 6.47 17.94
C4A CLA YI . 19.41 5.89 18.66
CMA CLA YI . 17.95 5.77 16.61
CAA CLA YI . 16.75 7.63 19.65
CBA CLA YI . 15.32 8.08 19.38
CGA CLA YI . 15.01 8.23 17.92
O1A CLA YI . 15.82 8.47 17.07
O2A CLA YI . 13.71 8.10 17.69
NB CLA YI . 21.88 4.72 19.77
C1B CLA YI . 21.85 5.57 18.60
C2B CLA YI . 23.14 5.75 18.08
C3B CLA YI . 24.00 5.01 18.88
C4B CLA YI . 23.25 4.37 19.88
CMB CLA YI . 23.52 6.60 16.91
CAB CLA YI . 25.46 4.90 18.76
CBB CLA YI . 26.33 5.87 18.82
NC CLA YI . 21.56 3.11 21.97
C1C CLA YI . 22.92 2.90 21.78
C2C CLA YI . 23.44 1.93 22.71
C3C CLA YI . 22.42 1.52 23.51
C4C CLA YI . 21.24 2.23 23.06
CMC CLA YI . 24.87 1.44 22.78
CAC CLA YI . 22.48 0.55 24.66
CBC CLA YI . 22.00 -0.83 24.29
ND CLA YI . 18.97 3.59 22.03
C1D CLA YI . 18.88 2.65 23.14
C2D CLA YI . 17.55 2.55 23.58
C3D CLA YI . 16.77 3.41 22.77
C4D CLA YI . 17.65 3.98 21.88
CMD CLA YI . 17.06 1.71 24.73
CAD CLA YI . 15.45 3.95 22.50
OBD CLA YI . 14.40 3.74 23.07
CBD CLA YI . 15.53 4.87 21.33
CGD CLA YI . 14.61 4.40 20.21
O1D CLA YI . 14.98 3.91 19.18
O2D CLA YI . 13.34 4.63 20.52
CED CLA YI . 12.37 4.32 19.49
C1 CLA YI . 13.27 8.47 16.35
C2 CLA YI . 11.78 8.51 16.36
C3 CLA YI . 11.00 9.16 15.51
C4 CLA YI . 9.50 9.15 15.60
C5 CLA YI . 11.56 9.98 14.37
C6 CLA YI . 11.02 11.41 14.33
C7 CLA YI . 11.86 12.36 13.48
C8 CLA YI . 11.85 12.13 11.98
C9 CLA YI . 13.02 12.83 11.30
C10 CLA YI . 10.50 12.56 11.37
C11 CLA YI . 10.43 13.87 10.59
C12 CLA YI . 10.71 13.70 9.10
C13 CLA YI . 9.54 14.05 8.17
C14 CLA YI . 9.80 13.53 6.76
C15 CLA YI . 9.27 15.55 8.18
C16 CLA YI . 8.26 16.12 7.17
C17 CLA YI . 6.80 15.91 7.56
C18 CLA YI . 6.28 16.76 8.71
C19 CLA YI . 6.48 18.24 8.48
C20 CLA YI . 4.80 16.47 8.97
MG CLA ZI . 20.12 -17.62 12.51
CHA CLA ZI . 22.33 -18.92 14.77
CHB CLA ZI . 17.97 -17.03 14.95
CHC CLA ZI . 17.77 -16.85 10.11
CHD CLA ZI . 22.11 -18.95 9.88
NA CLA ZI . 20.20 -17.86 14.42
C1A CLA ZI . 21.21 -18.33 15.26
C2A CLA ZI . 20.95 -18.13 16.72
C3A CLA ZI . 19.46 -17.83 16.73
C4A CLA ZI . 19.17 -17.55 15.28
CMA CLA ZI . 18.60 -18.97 17.28
CAA CLA ZI . 21.80 -16.94 17.17
CBA CLA ZI . 22.91 -17.29 18.17
CGA CLA ZI . 22.46 -17.32 19.60
O1A CLA ZI . 22.52 -16.38 20.36
O2A CLA ZI . 22.01 -18.52 19.96
NB CLA ZI . 18.26 -17.02 12.52
C1B CLA ZI . 17.48 -16.71 13.69
C2B CLA ZI . 16.24 -16.17 13.33
C3B CLA ZI . 16.19 -16.14 11.93
C4B CLA ZI . 17.40 -16.66 11.44
CMB CLA ZI . 15.18 -15.66 14.26
CAB CLA ZI . 15.08 -15.68 11.10
CBB CLA ZI . 14.53 -16.27 10.09
NC CLA ZI . 19.99 -17.82 10.54
C1C CLA ZI . 18.94 -17.40 9.72
C2C CLA ZI . 19.20 -17.65 8.32
C3C CLA ZI . 20.43 -18.25 8.25
C4C CLA ZI . 20.93 -18.36 9.58
CMC CLA ZI . 18.29 -17.35 7.17
CAC CLA ZI . 21.17 -18.70 7.01
CBC CLA ZI . 21.22 -20.21 6.89
ND CLA ZI . 21.75 -18.66 12.29
C1D CLA ZI . 22.54 -19.15 11.17
C2D CLA ZI . 23.71 -19.77 11.65
C3D CLA ZI . 23.69 -19.71 13.06
C4D CLA ZI . 22.51 -19.05 13.38
CMD CLA ZI . 24.79 -20.38 10.79
CAD CLA ZI . 24.37 -20.03 14.29
OBD CLA ZI . 25.44 -20.59 14.45
CBD CLA ZI . 23.55 -19.55 15.44
CGD CLA ZI . 23.18 -20.72 16.34
O1D CLA ZI . 23.92 -21.26 17.11
O2D CLA ZI . 21.91 -21.09 16.15
CED CLA ZI . 21.45 -22.21 16.92
C1 CLA ZI . 21.71 -18.67 21.37
C2 CLA ZI . 21.23 -20.04 21.65
C3 CLA ZI . 22.00 -21.11 21.51
C4 CLA ZI . 23.43 -21.05 21.01
C5 CLA ZI . 21.48 -22.48 21.82
C6 CLA ZI . 20.95 -23.23 20.62
C7 CLA ZI . 20.52 -24.67 20.93
C8 CLA ZI . 20.43 -25.58 19.72
C9 CLA ZI . 19.46 -25.03 18.67
C10 CLA ZI . 20.06 -27.00 20.11
C11 CLA ZI . 21.09 -27.77 20.94
C12 CLA ZI . 20.78 -29.25 21.06
C13 CLA ZI . 21.86 -30.11 21.72
C14 CLA ZI . 22.11 -29.69 23.16
C15 CLA ZI . 23.15 -30.08 20.90
MG CLA AJ . 20.23 -9.14 20.39
CHA CLA AJ . 21.92 -11.78 19.05
CHB CLA AJ . 17.52 -10.09 18.73
CHC CLA AJ . 18.68 -6.31 21.54
CHD CLA AJ . 23.33 -7.66 21.29
NA CLA AJ . 19.83 -10.65 19.27
C1A CLA AJ . 20.58 -11.76 18.93
C2A CLA AJ . 19.72 -12.86 18.38
C3A CLA AJ . 18.64 -12.06 17.72
C4A CLA AJ . 18.64 -10.84 18.61
CMA CLA AJ . 18.86 -11.75 16.24
CAA CLA AJ . 19.17 -13.68 19.56
CBA CLA AJ . 20.22 -14.49 20.32
CGA CLA AJ . 20.98 -13.73 21.36
O1A CLA AJ . 22.11 -13.98 21.70
O2A CLA AJ . 20.26 -12.73 21.88
NB CLA AJ . 18.46 -8.37 20.21
C1B CLA AJ . 17.35 -8.95 19.49
C2B CLA AJ . 16.18 -8.18 19.70
C3B CLA AJ . 16.53 -7.11 20.50
C4B CLA AJ . 17.90 -7.20 20.80
CMB CLA AJ . 14.82 -8.51 19.17
CAB CLA AJ . 15.65 -6.05 21.00
CBB CLA AJ . 15.83 -4.76 20.97
NC CLA AJ . 20.84 -7.46 21.22
C1C CLA AJ . 20.03 -6.42 21.68
C2C CLA AJ . 20.80 -5.38 22.33
C3C CLA AJ . 22.12 -5.75 22.25
C4C CLA AJ . 22.17 -7.01 21.56
CMC CLA AJ . 20.26 -4.13 22.95
CAC CLA AJ . 23.30 -5.01 22.80
CBC CLA AJ . 23.94 -4.08 21.79
ND CLA AJ . 22.13 -9.53 20.23
C1D CLA AJ . 23.37 -8.88 20.64
C2D CLA AJ . 24.47 -9.69 20.31
C3D CLA AJ . 23.96 -10.86 19.68
C4D CLA AJ . 22.58 -10.70 19.67
CMD CLA AJ . 25.91 -9.36 20.57
CAD CLA AJ . 24.27 -12.13 19.06
OBD CLA AJ . 25.36 -12.64 18.86
CBD CLA AJ . 23.00 -12.81 18.67
CGD CLA AJ . 23.02 -13.19 17.20
O1D CLA AJ . 22.40 -14.09 16.71
O2D CLA AJ . 23.84 -12.40 16.52
CED CLA AJ . 24.07 -12.76 15.14
C1 CLA AJ . 20.95 -11.96 22.91
C2 CLA AJ . 20.08 -10.83 23.36
C3 CLA AJ . 20.56 -9.83 24.07
C4 CLA AJ . 21.99 -9.71 24.51
C5 CLA AJ . 19.66 -8.70 24.52
C6 CLA AJ . 19.04 -8.94 25.89
C7 CLA AJ . 17.58 -8.45 25.98
C8 CLA AJ . 17.35 -6.98 26.30
C9 CLA AJ . 18.39 -6.06 25.68
C10 CLA AJ . 17.23 -6.76 27.82
C11 CLA AJ . 16.91 -5.34 28.27
C12 CLA AJ . 15.97 -5.27 29.48
C13 CLA AJ . 16.44 -4.44 30.67
C14 CLA AJ . 16.45 -5.26 31.95
C15 CLA AJ . 15.60 -3.17 30.83
C16 CLA AJ . 15.82 -2.07 29.80
C17 CLA AJ . 15.06 -0.79 30.13
C18 CLA AJ . 15.19 0.35 29.12
C19 CLA AJ . 14.38 1.55 29.56
C20 CLA AJ . 16.63 0.74 28.86
MG CLA BJ . 10.74 -10.18 22.39
CHA CLA BJ . 12.71 -12.41 20.71
CHB CLA BJ . 8.05 -11.62 21.10
CHC CLA BJ . 8.92 -7.47 23.45
CHD CLA BJ . 13.65 -8.46 23.43
NA CLA BJ . 10.48 -11.73 21.26
C1A CLA BJ . 11.38 -12.64 20.76
C2A CLA BJ . 10.72 -13.89 20.28
C3A CLA BJ . 9.32 -13.44 20.01
C4A CLA BJ . 9.25 -12.17 20.83
CMA CLA BJ . 9.02 -13.20 18.53
CAA CLA BJ . 10.84 -14.81 21.51
CBA CLA BJ . 10.32 -16.22 21.31
CGA CLA BJ . 10.50 -17.06 22.54
O1A CLA BJ . 10.67 -16.61 23.64
O2A CLA BJ . 10.53 -18.35 22.25
NB CLA BJ . 8.86 -9.65 22.33
C1B CLA BJ . 7.78 -10.46 21.81
C2B CLA BJ . 6.55 -9.83 22.08
C3B CLA BJ . 6.83 -8.63 22.71
C4B CLA BJ . 8.21 -8.52 22.86
CMB CLA BJ . 5.18 -10.38 21.78
CAB CLA BJ . 5.87 -7.61 23.16
CBB CLA BJ . 4.78 -7.77 23.86
NC CLA BJ . 11.16 -8.45 23.24
C1C CLA BJ . 10.26 -7.47 23.63
C2C CLA BJ . 10.92 -6.37 24.30
C3C CLA BJ . 12.25 -6.65 24.32
C4C CLA BJ . 12.42 -7.92 23.67
CMC CLA BJ . 10.24 -5.14 24.84
CAC CLA BJ . 13.36 -5.84 24.94
CBC CLA BJ . 13.67 -6.27 26.36
ND CLA BJ . 12.66 -10.30 22.13
C1D CLA BJ . 13.83 -9.59 22.66
C2D CLA BJ . 15.00 -10.25 22.28
C3D CLA BJ . 14.63 -11.37 21.49
C4D CLA BJ . 13.24 -11.33 21.43
CMD CLA BJ . 16.40 -9.87 22.67
CAD CLA BJ . 15.07 -12.53 20.75
OBD CLA BJ . 16.21 -12.96 20.60
CBD CLA BJ . 13.89 -13.20 20.13
CGD CLA BJ . 14.01 -13.12 18.61
O1D CLA BJ . 14.88 -12.55 18.02
O2D CLA BJ . 13.03 -13.80 18.02
CED CLA BJ . 13.09 -13.88 16.58
C1 CLA BJ . 11.16 -19.22 23.23
C2 CLA BJ . 12.34 -19.83 22.54
C3 CLA BJ . 13.60 -19.77 22.95
C4 CLA BJ . 14.73 -20.39 22.19
C5 CLA BJ . 13.99 -19.05 24.22
C6 CLA BJ . 15.39 -19.37 24.69
C7 CLA BJ . 15.74 -18.71 26.03
C8 CLA BJ . 16.05 -19.69 27.16
C9 CLA BJ . 14.83 -20.50 27.57
C10 CLA BJ . 16.68 -18.95 28.35
C11 CLA BJ . 18.09 -18.40 28.12
C12 CLA BJ . 18.75 -17.92 29.40
C13 CLA BJ . 18.31 -16.56 29.92
C14 CLA BJ . 19.41 -15.51 29.73
C15 CLA BJ . 17.84 -16.65 31.38
C16 CLA BJ . 18.01 -15.42 32.27
C17 CLA BJ . 17.12 -14.24 31.90
C18 CLA BJ . 17.52 -12.91 32.52
C19 CLA BJ . 18.75 -12.34 31.85
C20 CLA BJ . 16.39 -11.90 32.49
MG CLA CJ . -6.71 -12.84 -11.27
CHA CLA CJ . -8.07 -13.79 -8.30
CHB CLA CJ . -4.08 -14.76 -10.65
CHC CLA CJ . -5.18 -11.43 -13.99
CHD CLA CJ . -9.15 -10.27 -11.51
NA CLA CJ . -6.28 -14.08 -9.85
C1A CLA CJ . -6.99 -14.47 -8.72
C2A CLA CJ . -6.42 -15.67 -8.02
C3A CLA CJ . -5.03 -15.74 -8.60
C4A CLA CJ . -5.12 -14.81 -9.78
CMA CLA CJ . -3.93 -15.31 -7.63
CAA CLA CJ . -7.28 -16.89 -8.35
CBA CLA CJ . -7.61 -17.77 -7.15
CGA CLA CJ . -7.75 -19.22 -7.49
O1A CLA CJ . -7.08 -19.81 -8.30
O2A CLA CJ . -8.70 -19.80 -6.75
NB CLA CJ . -4.98 -13.06 -12.16
C1B CLA CJ . -3.94 -13.97 -11.78
C2B CLA CJ . -2.88 -13.91 -12.70
C3B CLA CJ . -3.20 -12.95 -13.65
C4B CLA CJ . -4.48 -12.42 -13.33
CMB CLA CJ . -1.62 -14.73 -12.65
CAB CLA CJ . -2.41 -12.52 -14.81
CBB CLA CJ . -2.78 -12.45 -16.06
NC CLA CJ . -7.09 -11.30 -12.46
C1C CLA CJ . -6.36 -10.91 -13.58
C2C CLA CJ . -6.99 -9.82 -14.28
C3C CLA CJ . -8.13 -9.50 -13.60
C4C CLA CJ . -8.20 -10.38 -12.46
CMC CLA CJ . -6.49 -9.16 -15.54
CAC CLA CJ . -9.18 -8.50 -14.00
CBC CLA CJ . -8.92 -7.12 -13.45
ND CLA CJ . -8.19 -12.15 -10.24
C1D CLA CJ . -9.19 -11.09 -10.40
C2D CLA CJ . -10.10 -11.11 -9.33
C3D CLA CJ . -9.72 -12.16 -8.46
C4D CLA CJ . -8.59 -12.72 -9.04
CMD CLA CJ . -11.26 -10.18 -9.15
CAD CLA CJ . -10.01 -12.91 -7.25
OBD CLA CJ . -10.93 -12.76 -6.47
CBD CLA CJ . -8.96 -13.96 -7.06
CGD CLA CJ . -8.23 -13.71 -5.74
O1D CLA CJ . -7.06 -13.48 -5.65
O2D CLA CJ . -9.07 -13.75 -4.72
CED CLA CJ . -8.53 -13.38 -3.42
C1 CLA CJ . -8.79 -21.25 -6.88
C2 CLA CJ . -7.61 -21.85 -6.22
C3 CLA CJ . -7.16 -23.09 -6.40
C4 CLA CJ . -5.94 -23.63 -5.70
C5 CLA CJ . -7.84 -24.05 -7.35
C6 CLA CJ . -8.02 -25.45 -6.78
C7 CLA CJ . -9.48 -25.91 -6.82
C8 CLA CJ . -9.78 -27.35 -6.40
C9 CLA CJ . -8.79 -27.88 -5.36
C10 CLA CJ . -9.86 -28.27 -7.63
C11 CLA CJ . -10.35 -29.69 -7.34
C12 CLA CJ . -11.02 -30.34 -8.54
C13 CLA CJ . -11.72 -31.67 -8.26
C14 CLA CJ . -10.76 -32.84 -8.44
C15 CLA CJ . -12.96 -31.83 -9.13
C16 CLA CJ . -13.95 -32.89 -8.65
C17 CLA CJ . -15.16 -33.05 -9.58
C18 CLA CJ . -16.40 -32.23 -9.24
C19 CLA CJ . -16.17 -30.74 -9.38
C20 CLA CJ . -17.59 -32.66 -10.08
MG CLA DJ . 3.20 -1.91 -15.27
CHA CLA DJ . 6.07 -3.62 -14.56
CHB CLA DJ . 3.13 -3.28 -18.28
CHC CLA DJ . 0.55 0.13 -16.07
CHD CLA DJ . 3.76 0.15 -12.43
NA CLA DJ . 4.38 -3.13 -16.19
C1A CLA DJ . 5.55 -3.79 -15.79
C2A CLA DJ . 6.13 -4.70 -16.85
C3A CLA DJ . 5.27 -4.44 -18.04
C4A CLA DJ . 4.18 -3.56 -17.49
CMA CLA DJ . 5.96 -3.76 -19.21
CAA CLA DJ . 6.01 -6.16 -16.37
CBA CLA DJ . 6.88 -7.15 -17.16
CGA CLA DJ . 6.23 -7.60 -18.43
O1A CLA DJ . 6.79 -7.69 -19.49
O2A CLA DJ . 4.95 -7.91 -18.24
NB CLA DJ . 2.03 -1.68 -16.81
C1B CLA DJ . 2.04 -2.50 -17.99
C2B CLA DJ . 0.89 -2.26 -18.77
C3B CLA DJ . 0.18 -1.25 -18.15
C4B CLA DJ . 0.87 -0.89 -16.96
CMB CLA DJ . 0.46 -3.01 -19.98
CAB CLA DJ . -1.07 -0.65 -18.62
CBB CLA DJ . -2.27 -1.11 -18.48
NC CLA DJ . 2.37 -0.30 -14.47
C1C CLA DJ . 1.26 0.39 -14.94
C2C CLA DJ . 0.92 1.52 -14.08
C3C CLA DJ . 1.83 1.53 -13.05
C4C CLA DJ . 2.72 0.43 -13.28
CMC CLA DJ . -0.20 2.49 -14.28
CAC CLA DJ . 1.87 2.47 -11.88
CBC CLA DJ . 3.02 3.46 -11.96
ND CLA DJ . 4.52 -1.71 -13.86
C1D CLA DJ . 4.66 -0.86 -12.68
C2D CLA DJ . 5.76 -1.30 -11.93
C3D CLA DJ . 6.32 -2.42 -12.58
C4D CLA DJ . 5.56 -2.60 -13.72
CMD CLA DJ . 6.25 -0.69 -10.63
CAD CLA DJ . 7.29 -3.50 -12.53
OBD CLA DJ . 8.05 -3.81 -11.63
CBD CLA DJ . 7.22 -4.27 -13.80
CGD CLA DJ . 8.59 -4.25 -14.49
O1D CLA DJ . 8.76 -4.00 -15.65
O2D CLA DJ . 9.56 -4.57 -13.64
CED CLA DJ . 10.88 -4.64 -14.21
C1 CLA DJ . 4.23 -8.42 -19.40
C2 CLA DJ . 4.58 -9.85 -19.59
C3 CLA DJ . 3.74 -10.88 -19.58
C4 CLA DJ . 4.19 -12.30 -19.78
C5 CLA DJ . 2.26 -10.69 -19.35
C6 CLA DJ . 1.40 -11.86 -19.80
C7 CLA DJ . -0.08 -11.57 -19.71
C8 CLA DJ . -1.01 -12.46 -20.52
C9 CLA DJ . -0.79 -13.94 -20.21
C10 CLA DJ . -0.85 -12.18 -22.02
MG CLA EJ . -2.77 -28.55 21.37
CHA CLA EJ . -2.54 -31.48 19.64
CHB CLA EJ . 0.47 -28.08 20.89
CHC CLA EJ . -2.95 -25.88 23.52
CHD CLA EJ . -5.92 -29.58 22.59
NA CLA EJ . -1.44 -29.49 20.35
C1A CLA EJ . -1.52 -30.60 19.52
C2A CLA EJ . -0.32 -30.73 18.62
C3A CLA EJ . 0.72 -30.16 19.54
C4A CLA EJ . -0.11 -29.17 20.33
CMA CLA EJ . 1.42 -31.17 20.45
CAA CLA EJ . -0.48 -29.86 17.36
CBA CLA EJ . -1.79 -30.01 16.58
CGA CLA EJ . -2.01 -31.38 16.00
O1A CLA EJ . -1.22 -32.29 16.06
O2A CLA EJ . -3.23 -31.48 15.47
NB CLA EJ . -1.52 -27.21 22.02
C1B CLA EJ . -0.13 -27.09 21.64
C2B CLA EJ . 0.43 -25.93 22.21
C3B CLA EJ . -0.57 -25.32 22.98
C4B CLA EJ . -1.74 -26.09 22.87
CMB CLA EJ . 1.83 -25.44 22.02
CAB CLA EJ . -0.47 -24.08 23.76
CBB CLA EJ . -1.25 -23.05 23.72
NC CLA EJ . -4.10 -27.88 22.67
C1C CLA EJ . -4.01 -26.73 23.45
C2C CLA EJ . -5.21 -26.51 24.25
C3C CLA EJ . -6.05 -27.57 23.99
C4C CLA EJ . -5.39 -28.41 23.03
CMC CLA EJ . -5.48 -25.36 25.18
CAC CLA EJ . -7.42 -27.85 24.54
CBC CLA EJ . -7.66 -27.28 25.91
ND CLA EJ . -3.95 -30.09 21.23
C1D CLA EJ . -5.26 -30.44 21.75
C2D CLA EJ . -5.67 -31.68 21.24
C3D CLA EJ . -4.62 -32.16 20.40
C4D CLA EJ . -3.64 -31.17 20.43
CMD CLA EJ . -6.97 -32.37 21.52
CAD CLA EJ . -4.14 -33.22 19.54
OBD CLA EJ . -4.70 -34.27 19.25
CBD CLA EJ . -2.80 -32.86 19.01
CGD CLA EJ . -1.76 -33.89 19.45
O1D CLA EJ . -1.32 -34.76 18.74
O2D CLA EJ . -1.41 -33.70 20.71
CED CLA EJ . -0.41 -34.61 21.22
C1 CLA EJ . -3.78 -32.82 15.31
C2 CLA EJ . -5.11 -32.83 15.97
C3 CLA EJ . -6.19 -32.30 15.41
C4 CLA EJ . -6.19 -31.68 14.04
C5 CLA EJ . -7.50 -32.26 16.15
C6 CLA EJ . -8.03 -30.84 16.36
C7 CLA EJ . -9.01 -30.72 17.54
C8 CLA EJ . -10.53 -30.68 17.29
C9 CLA EJ . -10.91 -31.13 15.89
C10 CLA EJ . -11.12 -29.31 17.62
C11 CLA EJ . -12.56 -29.34 18.11
C12 CLA EJ . -13.05 -27.98 18.63
C13 CLA EJ . -14.33 -27.98 19.48
C14 CLA EJ . -15.20 -29.20 19.20
C15 CLA EJ . -15.13 -26.69 19.29
C16 CLA EJ . -16.46 -26.60 20.02
C17 CLA EJ . -16.98 -25.17 20.15
C18 CLA EJ . -18.37 -25.01 20.75
C19 CLA EJ . -18.62 -25.95 21.92
C20 CLA EJ . -18.60 -23.58 21.18
MG CLA FJ . 6.09 -28.93 32.59
CHA CLA FJ . 6.58 -26.98 35.36
CHB CLA FJ . 3.81 -26.76 31.58
CHC CLA FJ . 5.40 -31.09 30.05
CHD CLA FJ . 7.89 -31.55 34.17
NA CLA FJ . 5.54 -27.21 33.23
C1A CLA FJ . 5.98 -26.44 34.29
C2A CLA FJ . 5.66 -24.99 34.11
C3A CLA FJ . 4.35 -25.12 33.37
C4A CLA FJ . 4.55 -26.44 32.67
CMA CLA FJ . 3.11 -25.08 34.24
CAA CLA FJ . 6.78 -24.38 33.25
CBA CLA FJ . 8.22 -24.65 33.72
CGA CLA FJ . 9.27 -24.29 32.72
O1A CLA FJ . 10.46 -24.38 32.90
O2A CLA FJ . 8.73 -23.88 31.57
NB CLA FJ . 4.84 -28.94 31.12
C1B CLA FJ . 3.88 -27.91 30.81
C2B CLA FJ . 3.14 -28.26 29.66
C3B CLA FJ . 3.62 -29.51 29.22
C4B CLA FJ . 4.65 -29.91 30.10
CMB CLA FJ . 2.05 -27.46 29.02
CAB CLA FJ . 3.18 -30.28 28.06
CBB CLA FJ . 2.82 -29.82 26.88
NC CLA FJ . 6.57 -30.79 32.19
C1C CLA FJ . 6.26 -31.48 31.03
C2C CLA FJ . 6.88 -32.78 30.99
C3C CLA FJ . 7.59 -32.94 32.15
C4C CLA FJ . 7.40 -31.73 32.92
CMC CLA FJ . 6.79 -33.78 29.88
CAC CLA FJ . 8.44 -34.11 32.55
CBC CLA FJ . 7.62 -35.33 32.90
ND CLA FJ . 6.97 -29.27 34.30
C1D CLA FJ . 7.71 -30.38 34.90
C2D CLA FJ . 8.14 -30.03 36.19
C3D CLA FJ . 7.69 -28.71 36.46
C4D CLA FJ . 7.04 -28.32 35.29
CMD CLA FJ . 8.95 -30.89 37.12
CAD CLA FJ . 7.57 -27.63 37.42
OBD CLA FJ . 7.84 -27.63 38.61
CBD CLA FJ . 7.01 -26.42 36.72
CGD CLA FJ . 5.85 -25.78 37.49
O1D CLA FJ . 4.98 -26.39 38.05
O2D CLA FJ . 5.93 -24.45 37.45
CED CLA FJ . 4.87 -23.72 38.11
C1 CLA FJ . 9.64 -23.74 30.44
C2 CLA FJ . 10.57 -22.60 30.66
C3 CLA FJ . 11.65 -22.42 29.91
MG CLA GJ . -21.66 -33.71 -0.66
CHA CLA GJ . -22.48 -31.11 1.39
CHB CLA GJ . -24.83 -33.88 -1.67
CHC CLA GJ . -20.83 -36.51 -2.46
CHD CLA GJ . -18.63 -34.13 1.14
NA CLA GJ . -23.25 -32.67 -0.26
C1A CLA GJ . -23.42 -31.54 0.53
C2A CLA GJ . -24.75 -30.87 0.32
C3A CLA GJ . -25.57 -32.02 -0.24
C4A CLA GJ . -24.49 -32.94 -0.77
CMA CLA GJ . -26.48 -32.71 0.77
CAA CLA GJ . -24.55 -29.72 -0.66
CBA CLA GJ . -23.29 -29.79 -1.52
CGA CLA GJ . -23.24 -28.76 -2.60
O1A CLA GJ . -23.88 -27.73 -2.61
O2A CLA GJ . -22.38 -29.10 -3.56
NB CLA GJ . -22.62 -34.92 -1.86
C1B CLA GJ . -23.99 -34.82 -2.26
C2B CLA GJ . -24.29 -35.77 -3.26
C3B CLA GJ . -23.12 -36.51 -3.49
C4B CLA GJ . -22.11 -36.01 -2.63
CMB CLA GJ . -25.61 -35.95 -3.95
CAB CLA GJ . -22.94 -37.57 -4.47
CBB CLA GJ . -21.91 -37.80 -5.25
NC CLA GJ . -20.13 -34.97 -0.67
C1C CLA GJ . -19.94 -36.03 -1.54
C2C CLA GJ . -18.66 -36.68 -1.33
C3C CLA GJ . -18.05 -36.02 -0.31
C4C CLA GJ . -18.93 -34.98 0.12
CMC CLA GJ . -18.12 -37.83 -2.13
CAC CLA GJ . -16.68 -36.29 0.27
CBC CLA GJ . -15.61 -35.38 -0.32
ND CLA GJ . -20.75 -32.92 0.85
C1D CLA GJ . -19.48 -33.12 1.55
C2D CLA GJ . -19.32 -32.16 2.56
C3D CLA GJ . -20.46 -31.32 2.53
C4D CLA GJ . -21.26 -31.81 1.51
CMD CLA GJ . -18.15 -32.03 3.49
CAD CLA GJ . -21.14 -30.16 3.10
OBD CLA GJ . -20.77 -29.44 4.01
CBD CLA GJ . -22.43 -29.92 2.35
CGD CLA GJ . -23.61 -29.85 3.31
O1D CLA GJ . -24.31 -28.89 3.45
O2D CLA GJ . -23.77 -30.99 3.97
CED CLA GJ . -24.88 -31.04 4.89
C1 CLA GJ . -22.17 -28.13 -4.62
C2 CLA GJ . -20.77 -28.28 -5.10
C3 CLA GJ . -20.40 -29.19 -5.99
C4 CLA GJ . -21.35 -30.19 -6.61
C5 CLA GJ . -18.98 -29.26 -6.48
C6 CLA GJ . -17.94 -29.33 -5.37
C7 CLA GJ . -16.53 -29.01 -5.87
C8 CLA GJ . -15.43 -28.89 -4.82
C9 CLA GJ . -14.29 -28.02 -5.33
C10 CLA GJ . -14.95 -30.26 -4.36
C11 CLA GJ . -13.59 -30.28 -3.67
C12 CLA GJ . -13.35 -31.54 -2.86
C13 CLA GJ . -12.95 -32.79 -3.66
C14 CLA GJ . -13.78 -34.00 -3.25
C15 CLA GJ . -11.44 -33.07 -3.57
C16 CLA GJ . -10.97 -34.46 -3.17
C17 CLA GJ . -11.03 -35.49 -4.30
C18 CLA GJ . -9.69 -35.86 -4.94
C19 CLA GJ . -9.71 -37.31 -5.40
C20 CLA GJ . -9.36 -34.95 -6.10
MG CLA HJ . -18.76 -5.66 -23.09
CHA CLA HJ . -17.60 -2.52 -23.78
CHB CLA HJ . -20.88 -5.42 -25.63
CHC CLA HJ . -20.11 -8.65 -22.10
CHD CLA HJ . -17.15 -5.51 -19.93
NA CLA HJ . -19.08 -4.30 -24.43
C1A CLA HJ . -18.47 -3.07 -24.66
C2A CLA HJ . -18.88 -2.41 -25.94
C3A CLA HJ . -20.10 -3.20 -26.33
C4A CLA HJ . -20.03 -4.39 -25.41
CMA CLA HJ . -21.41 -2.45 -26.16
CAA CLA HJ . -17.74 -2.52 -26.96
CBA CLA HJ . -17.13 -3.90 -27.15
CGA CLA HJ . -16.01 -4.16 -26.20
O1A CLA HJ . -15.41 -3.30 -25.60
O2A CLA HJ . -15.74 -5.46 -26.09
NB CLA HJ . -20.18 -6.82 -23.74
C1B CLA HJ . -20.98 -6.60 -24.92
C2B CLA HJ . -21.83 -7.71 -25.13
C3B CLA HJ . -21.61 -8.61 -24.11
C4B CLA HJ . -20.62 -8.09 -23.26
CMB CLA HJ . -22.79 -7.87 -26.29
CAB CLA HJ . -22.23 -9.92 -23.91
CBB CLA HJ . -23.51 -10.20 -23.85
NC CLA HJ . -18.64 -6.79 -21.47
C1C CLA HJ . -19.21 -8.04 -21.28
C2C CLA HJ . -18.80 -8.65 -20.02
C3C CLA HJ . -17.98 -7.74 -19.40
C4C CLA HJ . -17.88 -6.60 -20.26
CMC CLA HJ . -19.16 -10.00 -19.51
CAC CLA HJ . -17.28 -7.88 -18.08
CBC CLA HJ . -15.81 -8.20 -18.22
ND CLA HJ . -17.67 -4.42 -22.07
C1D CLA HJ . -17.01 -4.42 -20.77
C2D CLA HJ . -16.28 -3.23 -20.59
C3D CLA HJ . -16.47 -2.44 -21.75
C4D CLA HJ . -17.30 -3.19 -22.58
CMD CLA HJ . -15.45 -2.89 -19.39
CAD CLA HJ . -16.17 -1.19 -22.42
OBD CLA HJ . -15.52 -0.25 -22.03
CBD CLA HJ . -16.83 -1.20 -23.78
CGD CLA HJ . -17.70 0.02 -23.98
O1D CLA HJ . -18.34 0.56 -23.12
O2D CLA HJ . -17.68 0.42 -25.25
CED CLA HJ . -18.55 1.53 -25.58
C1 CLA HJ . -14.70 -5.84 -25.15
C2 CLA HJ . -15.27 -6.88 -24.25
C3 CLA HJ . -14.72 -7.16 -23.07
C4 CLA HJ . -13.53 -6.44 -22.51
C5 CLA HJ . -15.26 -8.28 -22.21
C6 CLA HJ . -15.97 -9.37 -23.00
C7 CLA HJ . -16.20 -10.63 -22.19
C8 CLA HJ . -16.68 -11.86 -22.98
C9 CLA HJ . -15.70 -12.25 -24.08
C10 CLA HJ . -18.09 -11.66 -23.54
C11 CLA HJ . -19.22 -12.34 -22.78
C12 CLA HJ . -20.04 -13.28 -23.66
C13 CLA HJ . -21.19 -14.00 -22.97
C14 CLA HJ . -20.71 -14.94 -21.87
C15 CLA HJ . -22.05 -14.72 -24.01
C16 CLA HJ . -22.97 -15.81 -23.48
C17 CLA HJ . -24.05 -16.20 -24.47
C18 CLA HJ . -24.53 -17.63 -24.39
C19 CLA HJ . -25.62 -17.89 -25.41
C20 CLA HJ . -25.02 -17.97 -23.00
MG CLA IJ . -17.36 -20.63 -8.78
CHA CLA IJ . -18.43 -18.07 -10.80
CHB CLA IJ . -14.29 -20.30 -10.01
CHC CLA IJ . -16.53 -23.60 -7.28
CHD CLA IJ . -20.75 -21.37 -8.03
NA CLA IJ . -16.56 -19.39 -10.06
C1A CLA IJ . -17.10 -18.32 -10.77
C2A CLA IJ . -16.09 -17.52 -11.55
C3A CLA IJ . -14.83 -18.34 -11.40
C4A CLA IJ . -15.23 -19.42 -10.43
CMA CLA IJ . -14.32 -18.92 -12.72
CAA CLA IJ . -15.95 -16.14 -10.89
CBA CLA IJ . -15.36 -15.07 -11.81
CGA CLA IJ . -16.30 -14.64 -12.90
O1A CLA IJ . -17.49 -14.54 -12.79
O2A CLA IJ . -15.64 -14.37 -14.02
NB CLA IJ . -15.74 -21.70 -8.62
C1B CLA IJ . -14.44 -21.36 -9.15
C2B CLA IJ . -13.48 -22.28 -8.70
C3B CLA IJ . -14.14 -23.22 -7.90
C4B CLA IJ . -15.51 -22.89 -7.88
CMB CLA IJ . -12.01 -22.23 -8.98
CAB CLA IJ . -13.57 -24.36 -7.19
CBB CLA IJ . -12.50 -25.04 -7.46
NC CLA IJ . -18.36 -22.06 -7.86
C1C CLA IJ . -17.83 -23.21 -7.29
C2C CLA IJ . -18.84 -24.04 -6.70
C3C CLA IJ . -20.04 -23.43 -6.87
C4C CLA IJ . -19.77 -22.20 -7.59
CMC CLA IJ . -18.61 -25.36 -6.03
CAC CLA IJ . -21.38 -23.90 -6.41
CBC CLA IJ . -21.96 -24.98 -7.29
ND CLA IJ . -19.13 -19.94 -9.21
C1D CLA IJ . -20.50 -20.27 -8.81
C2D CLA IJ . -21.39 -19.34 -9.38
C3D CLA IJ . -20.64 -18.44 -10.16
C4D CLA IJ . -19.32 -18.85 -10.03
CMD CLA IJ . -22.89 -19.33 -9.20
CAD CLA IJ . -20.66 -17.29 -11.03
OBD CLA IJ . -21.61 -16.61 -11.37
CBD CLA IJ . -19.26 -17.00 -11.52
CGD CLA IJ . -19.22 -17.11 -13.04
O1D CLA IJ . -19.75 -16.34 -13.79
O2D CLA IJ . -18.52 -18.17 -13.43
CED CLA IJ . -18.37 -18.34 -14.86
C1 CLA IJ . -16.44 -13.80 -15.10
C2 CLA IJ . -15.61 -13.66 -16.32
C3 CLA IJ . -15.80 -12.70 -17.23
C4 CLA IJ . -16.86 -11.66 -17.10
C5 CLA IJ . -14.96 -12.61 -18.48
C6 CLA IJ . -13.93 -13.72 -18.65
C7 CLA IJ . -13.19 -13.63 -19.98
C8 CLA IJ . -12.01 -14.57 -20.17
C9 CLA IJ . -12.41 -16.03 -20.02
C10 CLA IJ . -10.86 -14.21 -19.23
C1 PQN JJ . -9.75 -2.37 -8.29
O1 PQN JJ . -8.56 -2.17 -8.30
C2 PQN JJ . -10.48 -2.72 -9.53
C2M PQN JJ . -9.66 -2.81 -10.78
C3 PQN JJ . -11.80 -2.94 -9.53
C4 PQN JJ . -12.59 -2.86 -8.27
O4 PQN JJ . -13.78 -3.06 -8.27
C5 PQN JJ . -11.88 -2.51 -7.03
C6 PQN JJ . -12.59 -2.42 -5.84
C7 PQN JJ . -11.94 -2.08 -4.66
C8 PQN JJ . -10.58 -1.85 -4.68
C9 PQN JJ . -9.86 -1.95 -5.85
C10 PQN JJ . -10.52 -2.27 -7.03
C11 PQN JJ . -12.56 -3.31 -10.77
C12 PQN JJ . -12.31 -4.77 -11.04
C13 PQN JJ . -13.22 -5.71 -11.30
C14 PQN JJ . -14.70 -5.44 -11.38
C15 PQN JJ . -12.74 -7.11 -11.51
C16 PQN JJ . -13.28 -7.77 -12.78
C17 PQN JJ . -13.72 -9.20 -12.52
C18 PQN JJ . -13.65 -10.12 -13.74
C19 PQN JJ . -14.91 -10.02 -14.59
C20 PQN JJ . -13.37 -11.56 -13.29
C21 PQN JJ . -12.94 -12.50 -14.40
C22 PQN JJ . -11.43 -12.78 -14.42
C23 PQN JJ . -10.53 -12.02 -15.39
C24 PQN JJ . -11.26 -11.28 -16.51
C25 PQN JJ . -9.52 -13.03 -15.95
C26 PQN JJ . -8.47 -12.50 -16.92
C27 PQN JJ . -7.43 -13.56 -17.23
C28 PQN JJ . -6.43 -13.21 -18.32
C29 PQN JJ . -5.29 -14.22 -18.34
C30 PQN JJ . -7.07 -13.11 -19.70
C1 BCR KJ . 0.15 -14.98 17.37
C2 BCR KJ . -1.27 -14.44 17.56
C3 BCR KJ . -1.83 -14.74 18.93
C4 BCR KJ . -1.89 -16.24 19.12
C5 BCR KJ . -0.71 -17.01 18.60
C6 BCR KJ . 0.22 -16.45 17.81
C7 BCR KJ . 1.46 -17.12 17.43
C8 BCR KJ . 2.31 -17.76 18.26
C9 BCR KJ . 3.54 -18.41 17.87
C10 BCR KJ . 4.20 -19.14 18.82
C11 BCR KJ . 5.43 -19.85 18.68
C33 BCR KJ . -0.91 -18.49 18.76
C31 BCR KJ . 1.15 -14.15 18.20
C32 BCR KJ . 0.52 -14.83 15.90
C34 BCR KJ . 4.01 -18.26 16.45
C12 BCR KJ . 6.02 -20.52 19.70
C13 BCR KJ . 7.27 -21.24 19.61
C14 BCR KJ . 7.94 -21.48 20.77
C15 BCR KJ . 9.20 -22.12 20.95
C16 BCR KJ . 9.80 -22.23 22.16
C17 BCR KJ . 11.08 -22.83 22.34
C18 BCR KJ . 11.66 -23.23 23.50
C19 BCR KJ . 13.01 -23.75 23.42
C20 BCR KJ . 14.02 -23.22 24.14
C21 BCR KJ . 15.39 -23.66 24.11
C22 BCR KJ . 16.16 -24.03 25.17
C23 BCR KJ . 17.54 -24.40 24.92
C24 BCR KJ . 18.56 -23.96 25.67
C25 BCR KJ . 19.99 -24.26 25.51
C26 BCR KJ . 20.91 -23.27 25.55
C27 BCR KJ . 22.37 -23.51 25.29
C28 BCR KJ . 22.80 -24.96 25.23
C29 BCR KJ . 21.87 -25.87 26.03
C30 BCR KJ . 20.38 -25.72 25.68
C35 BCR KJ . 7.75 -21.67 18.26
C36 BCR KJ . 11.01 -23.12 24.84
C37 BCR KJ . 15.64 -24.09 26.58
C38 BCR KJ . 20.57 -21.81 25.71
C39 BCR KJ . 19.53 -26.38 26.78
C40 BCR KJ . 20.15 -26.49 24.37
C1 BCR LJ . 3.12 -44.47 0.90
C2 BCR LJ . 2.84 -43.22 0.07
C3 BCR LJ . 1.95 -42.22 0.76
C4 BCR LJ . 0.62 -42.87 1.08
C5 BCR LJ . 0.76 -44.19 1.76
C6 BCR LJ . 1.90 -44.91 1.71
C7 BCR LJ . 2.08 -46.16 2.45
C8 BCR LJ . 2.52 -46.27 3.71
C9 BCR LJ . 2.70 -47.52 4.44
C10 BCR LJ . 2.75 -47.46 5.80
C11 BCR LJ . 2.92 -48.58 6.69
C33 BCR LJ . -0.50 -44.61 2.47
C31 BCR LJ . 4.31 -44.21 1.84
C32 BCR LJ . 3.51 -45.58 -0.09
C34 BCR LJ . 2.83 -48.79 3.65
C12 BCR LJ . 2.45 -48.59 7.95
C13 BCR LJ . 2.61 -49.70 8.86
C14 BCR LJ . 2.63 -49.45 10.20
C15 BCR LJ . 2.79 -50.40 11.25
C16 BCR LJ . 2.39 -50.15 12.52
C17 BCR LJ . 2.57 -51.10 13.58
C18 BCR LJ . 2.15 -51.00 14.87
C19 BCR LJ . 2.46 -52.10 15.75
C20 BCR LJ . 2.37 -52.08 17.10
C21 BCR LJ . 2.70 -53.23 17.89
C22 BCR LJ . 2.35 -53.45 19.19
C23 BCR LJ . 2.81 -54.69 19.79
C24 BCR LJ . 2.63 -55.08 21.07
C25 BCR LJ . 3.11 -56.34 21.62
C26 BCR LJ . 4.38 -56.74 21.45
C27 BCR LJ . 4.80 -58.19 21.49
C28 BCR LJ . 3.79 -59.11 22.15
C29 BCR LJ . 2.38 -58.77 21.72
C30 BCR LJ . 2.00 -57.32 22.05
C35 BCR LJ . 2.77 -51.06 8.27
C36 BCR LJ . 1.39 -49.83 15.42
C37 BCR LJ . 1.53 -52.51 20.00
C38 BCR LJ . 5.54 -55.81 21.24
C39 BCR LJ . 1.74 -57.17 23.55
C40 BCR LJ . 0.69 -57.02 21.31
O1 LHG MJ . -19.63 -13.54 4.85
C1 LHG MJ . -20.36 -13.22 3.69
C2 LHG MJ . -19.47 -12.54 2.67
O2 LHG MJ . -18.26 -13.26 2.57
C3 LHG MJ . -19.24 -11.07 3.02
O3 LHG MJ . -18.02 -10.90 3.73
P LHG MJ . -16.96 -9.73 3.30
O4 LHG MJ . -17.18 -8.49 4.10
O5 LHG MJ . -16.86 -9.69 1.80
O6 LHG MJ . -15.60 -10.51 3.80
C4 LHG MJ . -14.33 -9.98 3.49
C5 LHG MJ . -13.43 -11.12 2.99
C6 LHG MJ . -13.57 -12.44 3.73
O7 LHG MJ . -13.82 -11.30 1.63
C7 LHG MJ . -12.91 -11.16 0.66
O9 LHG MJ . -11.87 -10.59 0.80
C8 LHG MJ . -13.34 -11.83 -0.63
C9 LHG MJ . -12.24 -12.39 -1.53
C10 LHG MJ . -12.81 -13.03 -2.78
O8 LHG MJ . -13.45 -13.46 2.75
C23 LHG MJ . -12.23 -13.85 2.42
O10 LHG MJ . -11.32 -13.07 2.30
C24 LHG MJ . -12.15 -15.34 2.21
C11 LHG MJ . -12.81 -14.56 -2.71
C12 LHG MJ . -13.36 -15.21 -3.97
C13 LHG MJ . -12.37 -16.16 -4.64
C14 LHG MJ . -12.90 -16.79 -5.93
C15 LHG MJ . -11.88 -17.66 -6.65
C16 LHG MJ . -12.05 -17.71 -8.15
C17 LHG MJ . -11.60 -16.44 -8.85
C18 LHG MJ . -11.00 -16.67 -10.23
C19 LHG MJ . -11.49 -15.69 -11.28
C20 LHG MJ . -10.76 -14.35 -11.22
C21 LHG MJ . -9.45 -14.31 -12.02
C25 LHG MJ . -10.78 -15.95 2.45
C26 LHG MJ . -9.65 -15.28 1.67
C27 LHG MJ . -8.76 -14.39 2.54
C28 LHG MJ . -8.17 -13.22 1.76
C29 LHG MJ . -7.01 -13.58 0.83
C30 LHG MJ . -5.65 -13.61 1.52
C31 LHG MJ . -4.54 -14.11 0.62
C32 LHG MJ . -3.17 -14.14 1.31
C33 LHG MJ . -2.00 -14.09 0.34
C34 LHG MJ . -2.15 -15.06 -0.82
C35 LHG MJ . -0.86 -15.31 -1.57
C36 LHG MJ . -1.00 -16.37 -2.66
C37 LHG MJ . 0.26 -16.59 -3.50
C38 LHG MJ . 1.41 -17.21 -2.73
C1 BCR NJ . 4.10 -33.23 5.71
C2 BCR NJ . 3.20 -32.25 5.00
C3 BCR NJ . 3.54 -32.15 3.52
C4 BCR NJ . 3.50 -33.50 2.82
C5 BCR NJ . 3.36 -34.62 3.81
C6 BCR NJ . 3.92 -34.56 5.03
C7 BCR NJ . 4.34 -35.81 5.68
C8 BCR NJ . 3.45 -36.46 6.45
C9 BCR NJ . 3.79 -37.72 7.13
C10 BCR NJ . 3.21 -37.98 8.31
C11 BCR NJ . 3.50 -39.23 9.02
C33 BCR NJ . 2.58 -35.83 3.41
C31 BCR NJ . 3.75 -33.32 7.19
C32 BCR NJ . 5.55 -32.82 5.57
C34 BCR NJ . 4.73 -38.70 6.52
C12 BCR NJ . 2.70 -40.26 8.78
C13 BCR NJ . 2.90 -41.55 9.46
C14 BCR NJ . 1.97 -41.98 10.32
C15 BCR NJ . 2.14 -43.26 11.00
C16 BCR NJ . 1.06 -43.95 11.37
C17 BCR NJ . 1.25 -45.23 12.03
C18 BCR NJ . 0.29 -45.75 12.81
C19 BCR NJ . 0.51 -47.05 13.47
C20 BCR NJ . -0.35 -47.50 14.36
C21 BCR NJ . -0.09 -48.78 14.98
C22 BCR NJ . -1.09 -49.55 15.43
C23 BCR NJ . -0.78 -50.85 16.05
C24 BCR NJ . -1.59 -51.88 15.83
C25 BCR NJ . -1.31 -53.20 16.42
C26 BCR NJ . -0.86 -54.17 15.65
C27 BCR NJ . -1.51 -55.53 15.70
C28 BCR NJ . -1.84 -55.88 17.15
C29 BCR NJ . -1.16 -54.94 18.13
C30 BCR NJ . -1.55 -53.49 17.88
C35 BCR NJ . 4.12 -42.37 9.18
C36 BCR NJ . -1.00 -45.02 13.02
C37 BCR NJ . -2.51 -49.07 15.32
C38 BCR NJ . 0.29 -53.93 14.72
C39 BCR NJ . -0.73 -52.56 18.75
C40 BCR NJ . -3.04 -53.29 18.17
MG CLA OJ . 10.97 -1.58 1.86
CHA CLA OJ . 12.66 -1.15 -1.05
CHB CLA OJ . 13.78 -1.13 3.55
CHC CLA OJ . 9.29 -2.38 4.73
CHD CLA OJ . 8.26 -2.97 0.04
NA CLA OJ . 12.80 -1.24 1.33
C1A CLA OJ . 13.38 -1.04 0.09
C2A CLA OJ . 14.84 -0.68 0.12
C3A CLA OJ . 15.20 -1.05 1.53
C4A CLA OJ . 13.86 -1.15 2.20
CMA CLA OJ . 16.01 -2.34 1.67
CAA CLA OJ . 14.94 0.83 -0.16
CBA CLA OJ . 16.35 1.31 -0.52
CGA CLA OJ . 17.14 1.77 0.67
O1A CLA OJ . 16.68 1.99 1.76
O2A CLA OJ . 18.42 1.93 0.36
NB CLA OJ . 11.41 -1.63 3.75
C1B CLA OJ . 12.64 -1.22 4.33
C2B CLA OJ . 12.51 -1.06 5.72
C3B CLA OJ . 11.19 -1.40 6.04
C4B CLA OJ . 10.55 -1.79 4.86
CMB CLA OJ . 13.56 -0.58 6.67
CAB CLA OJ . 10.53 -1.30 7.34
CBB CLA OJ . 10.68 -0.37 8.25
NC CLA OJ . 9.24 -2.46 2.28
C1C CLA OJ . 8.72 -2.71 3.54
C2C CLA OJ . 7.45 -3.40 3.48
C3C CLA OJ . 7.16 -3.59 2.16
C4C CLA OJ . 8.23 -3.02 1.40
CMC CLA OJ . 6.63 -3.86 4.65
CAC CLA OJ . 5.93 -4.24 1.58
CBC CLA OJ . 6.11 -5.72 1.33
ND CLA OJ . 10.49 -1.98 0.03
C1D CLA OJ . 9.33 -2.45 -0.67
C2D CLA OJ . 9.49 -2.29 -2.05
C3D CLA OJ . 10.77 -1.71 -2.26
C4D CLA OJ . 11.32 -1.59 -1.00
CMD CLA OJ . 8.49 -2.65 -3.11
CAD CLA OJ . 11.68 -1.06 -3.19
OBD CLA OJ . 11.46 -0.64 -4.31
CBD CLA OJ . 12.99 -0.91 -2.52
CGD CLA OJ . 13.97 -1.91 -3.11
O1D CLA OJ . 13.99 -3.09 -2.84
O2D CLA OJ . 14.80 -1.34 -3.97
CED CLA OJ . 15.72 -2.22 -4.67
C1 CLA OJ . 19.28 2.33 1.46
C2 CLA OJ . 19.05 3.77 1.77
C3 CLA OJ . 19.95 4.72 1.61
C4 CLA OJ . 21.35 4.49 1.08
C5 CLA OJ . 19.63 6.15 1.97
C6 CLA OJ . 19.33 6.34 3.44
C7 CLA OJ . 18.87 7.75 3.77
C8 CLA OJ . 18.65 8.05 5.26
C9 CLA OJ . 17.70 7.06 5.91
C10 CLA OJ . 18.16 9.49 5.46
C11 CLA OJ . 19.03 10.57 4.83
C12 CLA OJ . 18.68 11.97 5.29
C13 CLA OJ . 19.38 13.11 4.56
C14 CLA OJ . 20.89 13.04 4.73
C15 CLA OJ . 18.80 14.45 5.01
C16 CLA OJ . 19.55 15.70 4.56
C17 CLA OJ . 18.68 16.95 4.61
C18 CLA OJ . 19.42 18.28 4.66
C19 CLA OJ . 18.48 19.43 4.46
C20 CLA OJ . 20.58 18.34 3.67
FE1 SF4 PJ . -13.60 3.23 2.13
FE2 SF4 PJ . -11.90 3.98 4.12
FE3 SF4 PJ . -14.27 2.75 4.74
FE4 SF4 PJ . -14.26 5.31 3.78
S1 SF4 PJ . -13.38 4.61 5.74
S2 SF4 PJ . -15.62 3.60 3.13
S3 SF4 PJ . -12.52 5.23 2.31
S4 SF4 PJ . -12.51 1.86 3.59
MG CLA QJ . -20.53 -9.70 -16.47
CHA CLA QJ . -22.41 -11.89 -18.29
CHB CLA QJ . -20.16 -11.99 -14.10
CHC CLA QJ . -18.85 -7.35 -14.65
CHD CLA QJ . -21.75 -7.05 -18.51
NA CLA QJ . -21.11 -11.55 -16.30
C1A CLA QJ . -21.80 -12.37 -17.19
C2A CLA QJ . -21.83 -13.82 -16.77
C3A CLA QJ . -21.42 -13.73 -15.31
C4A CLA QJ . -20.85 -12.34 -15.21
CMA CLA QJ . -22.58 -13.95 -14.34
CAA CLA QJ . -20.86 -14.55 -17.72
CBA CLA QJ . -19.42 -14.72 -17.25
CGA CLA QJ . -18.51 -15.23 -18.32
O1A CLA QJ . -18.20 -14.63 -19.30
O2A CLA QJ . -18.06 -16.45 -18.02
NB CLA QJ . -19.68 -9.67 -14.72
C1B CLA QJ . -19.56 -10.77 -13.81
C2B CLA QJ . -18.78 -10.40 -12.70
C3B CLA QJ . -18.40 -9.07 -12.88
C4B CLA QJ . -18.95 -8.61 -14.10
CMB CLA QJ . -18.40 -11.28 -11.54
CAB CLA QJ . -17.54 -8.23 -12.04
CBB CLA QJ . -17.59 -8.05 -10.75
NC CLA QJ . -20.33 -7.74 -16.57
C1C CLA QJ . -19.51 -6.96 -15.78
C2C CLA QJ . -19.47 -5.59 -16.21
C3C CLA QJ . -20.29 -5.49 -17.30
C4C CLA QJ . -20.85 -6.79 -17.51
CMC CLA QJ . -18.68 -4.48 -15.59
CAC CLA QJ . -20.51 -4.28 -18.18
CBC CLA QJ . -21.75 -3.51 -17.81
ND CLA QJ . -21.77 -9.45 -17.96
C1D CLA QJ . -22.24 -8.32 -18.74
C2D CLA QJ . -23.13 -8.76 -19.74
C3D CLA QJ . -23.23 -10.17 -19.63
C4D CLA QJ . -22.40 -10.51 -18.57
CMD CLA QJ . -23.84 -7.90 -20.73
CAD CLA QJ . -23.80 -11.40 -20.15
OBD CLA QJ . -24.60 -11.55 -21.05
CBD CLA QJ . -23.22 -12.57 -19.41
CGD CLA QJ . -24.32 -13.49 -18.89
O1D CLA QJ . -24.82 -13.41 -17.80
O2D CLA QJ . -24.64 -14.40 -19.80
CED CLA QJ . -25.65 -15.36 -19.41
C1 CLA QJ . -16.91 -16.93 -18.75
C2 CLA QJ . -15.93 -17.43 -17.76
C3 CLA QJ . -14.90 -18.20 -18.08
C4 CLA QJ . -14.62 -18.69 -19.47
C5 CLA QJ . -13.87 -18.59 -17.04
C6 CLA QJ . -13.60 -20.09 -16.96
C7 CLA QJ . -12.10 -20.39 -16.94
C8 CLA QJ . -11.66 -21.76 -16.41
C9 CLA QJ . -12.41 -22.89 -17.07
C10 CLA QJ . -11.76 -21.83 -14.88
C11 CLA QJ . -10.91 -20.84 -14.09
C12 CLA QJ . -10.01 -21.51 -13.06
C13 CLA QJ . -9.42 -20.58 -11.99
C14 CLA QJ . -8.85 -19.30 -12.62
C15 CLA QJ . -8.38 -21.28 -11.14
C16 CLA QJ . -7.11 -21.71 -11.88
MG CLA RJ . 8.60 10.63 21.96
CHA CLA RJ . 8.55 7.26 22.55
CHB CLA RJ . 9.29 11.16 25.18
CHC CLA RJ . 8.26 13.98 21.37
CHD CLA RJ . 6.92 10.07 18.87
NA CLA RJ . 8.90 9.45 23.48
C1A CLA RJ . 8.92 8.05 23.58
C2A CLA RJ . 9.34 7.54 24.92
C3A CLA RJ . 9.36 8.78 25.77
C4A CLA RJ . 9.17 9.88 24.75
CMA CLA RJ . 8.27 8.80 26.83
CAA CLA RJ . 10.71 6.85 24.84
CBA CLA RJ . 11.85 7.70 24.26
CGA CLA RJ . 12.02 7.53 22.78
O1A CLA RJ . 12.39 6.52 22.25
O2A CLA RJ . 11.70 8.64 22.13
NB CLA RJ . 8.76 12.26 23.04
C1B CLA RJ . 9.14 12.32 24.43
C2B CLA RJ . 9.28 13.66 24.83
C3B CLA RJ . 8.96 14.46 23.73
C4B CLA RJ . 8.65 13.61 22.65
CMB CLA RJ . 9.70 14.14 26.19
CAB CLA RJ . 8.97 15.92 23.65
CBB CLA RJ . 8.41 16.77 24.47
NC CLA RJ . 7.84 11.73 20.51
C1C CLA RJ . 7.85 13.11 20.41
C2C CLA RJ . 7.28 13.59 19.17
C3C CLA RJ . 6.87 12.48 18.47
C4C CLA RJ . 7.19 11.34 19.28
CMC CLA RJ . 7.18 15.02 18.71
CAC CLA RJ . 6.22 12.44 17.12
CBC CLA RJ . 7.19 12.19 15.99
ND CLA RJ . 7.91 9.13 20.93
C1D CLA RJ . 7.24 8.96 19.64
C2D CLA RJ . 7.05 7.60 19.37
C3D CLA RJ . 7.56 6.87 20.48
C4D CLA RJ . 8.05 7.83 21.35
CMD CLA RJ . 6.40 7.02 18.15
CAD CLA RJ . 7.77 5.57 21.08
OBD CLA RJ . 7.46 4.47 20.65
CBD CLA RJ . 8.47 5.74 22.39
CGD CLA RJ . 7.67 5.06 23.50
O1D CLA RJ . 6.56 5.38 23.84
O2D CLA RJ . 8.36 4.08 24.05
CED CLA RJ . 7.67 3.31 25.07
C1 CLA RJ . 11.96 8.62 20.70
C2 CLA RJ . 11.30 9.77 20.04
C3 CLA RJ . 11.60 11.05 20.23
C4 CLA RJ . 10.90 12.18 19.53
C5 CLA RJ . 12.68 11.46 21.20
C6 CLA RJ . 12.25 12.55 22.18
C7 CLA RJ . 12.41 13.97 21.65
C8 CLA RJ . 13.39 14.85 22.42
C9 CLA RJ . 12.85 15.23 23.79
C10 CLA RJ . 13.78 16.08 21.59
C11 CLA RJ . 14.58 17.15 22.32
C12 CLA RJ . 15.54 17.91 21.41
C13 CLA RJ . 14.94 18.66 20.22
C14 CLA RJ . 15.19 17.91 18.92
C15 CLA RJ . 15.47 20.09 20.16
C16 CLA RJ . 15.13 20.89 18.92
C17 CLA RJ . 15.35 22.39 19.10
C18 CLA RJ . 15.24 23.24 17.84
C19 CLA RJ . 13.88 23.10 17.17
C20 CLA RJ . 15.52 24.70 18.13
MG CLA SJ . 14.12 -0.80 -9.80
CHA CLA SJ . 13.28 1.98 -11.57
CHB CLA SJ . 11.61 -0.28 -7.72
CHC CLA SJ . 15.16 -3.54 -7.99
CHD CLA SJ . 17.29 -0.83 -11.38
NA CLA SJ . 12.80 0.61 -9.66
C1A CLA SJ . 12.52 1.71 -10.48
C2A CLA SJ . 11.31 2.49 -10.04
C3A CLA SJ . 11.04 1.94 -8.66
C4A CLA SJ . 11.86 0.67 -8.65
CMA CLA SJ . 11.40 2.89 -7.52
CAA CLA SJ . 10.13 2.20 -10.99
CBA CLA SJ . 8.89 3.03 -10.69
CGA CLA SJ . 7.70 2.60 -11.50
O1A CLA SJ . 6.70 2.12 -11.04
O2A CLA SJ . 7.92 2.76 -12.80
NB CLA SJ . 13.48 -1.76 -8.22
C1B CLA SJ . 12.25 -1.49 -7.53
C2B CLA SJ . 11.95 -2.55 -6.65
C3B CLA SJ . 13.00 -3.46 -6.72
C4B CLA SJ . 13.94 -2.97 -7.65
CMB CLA SJ . 10.67 -2.72 -5.88
CAB CLA SJ . 13.15 -4.75 -6.04
CBB CLA SJ . 12.76 -5.10 -4.84
NC CLA SJ . 15.77 -1.89 -9.71
C1C CLA SJ . 15.99 -3.02 -8.94
C2C CLA SJ . 17.28 -3.63 -9.21
C3C CLA SJ . 17.90 -2.87 -10.15
C4C CLA SJ . 16.99 -1.79 -10.47
CMC CLA SJ . 17.82 -4.88 -8.58
CAC CLA SJ . 19.23 -3.11 -10.81
CBC CLA SJ . 20.34 -2.30 -10.19
ND CLA SJ . 15.11 0.25 -11.08
C1D CLA SJ . 16.42 0.19 -11.70
C2D CLA SJ . 16.55 1.22 -12.64
C3D CLA SJ . 15.33 1.93 -12.66
C4D CLA SJ . 14.52 1.32 -11.72
CMD CLA SJ . 17.76 1.50 -13.48
CAD CLA SJ . 14.60 3.06 -13.21
OBD CLA SJ . 15.01 3.95 -13.93
CBD CLA SJ . 13.19 2.97 -12.75
CGD CLA SJ . 12.70 4.40 -12.53
O1D CLA SJ . 13.40 5.33 -12.23
O2D CLA SJ . 11.41 4.51 -12.83
CED CLA SJ . 10.94 5.82 -13.18
C1 CLA SJ . 7.15 1.90 -13.69
C2 CLA SJ . 8.16 1.20 -14.51
C3 CLA SJ . 7.93 0.77 -15.75
C4 CLA SJ . 6.61 0.89 -16.44
C5 CLA SJ . 9.03 0.13 -16.56
C6 CLA SJ . 9.02 -1.39 -16.53
C7 CLA SJ . 10.02 -2.03 -17.48
C8 CLA SJ . 9.45 -2.45 -18.84
C9 CLA SJ . 10.14 -3.71 -19.36
C10 CLA SJ . 9.52 -1.33 -19.87
C11 CLA SJ . 8.42 -1.32 -20.92
C12 CLA SJ . 8.50 -0.12 -21.85
C13 CLA SJ . 7.55 -0.11 -23.05
C14 CLA SJ . 7.90 1.01 -24.01
C15 CLA SJ . 6.09 -0.01 -22.61
C16 CLA SJ . 5.32 -1.32 -22.42
C17 CLA SJ . 3.85 -1.17 -22.77
C18 CLA SJ . 2.91 -2.23 -22.26
C19 CLA SJ . 1.52 -2.03 -22.84
C20 CLA SJ . 3.40 -3.64 -22.54
MG CLA TJ . 6.07 -0.03 7.24
CHA CLA TJ . 5.34 -0.12 10.57
CHB CLA TJ . 8.57 2.06 7.83
CHC CLA TJ . 6.67 0.03 3.89
CHD CLA TJ . 2.79 -1.15 6.52
NA CLA TJ . 6.78 0.75 8.87
C1A CLA TJ . 6.44 0.60 10.20
C2A CLA TJ . 7.39 1.26 11.16
C3A CLA TJ . 8.14 2.20 10.23
C4A CLA TJ . 7.82 1.64 8.88
CMA CLA TJ . 7.77 3.68 10.35
CAA CLA TJ . 8.27 0.17 11.78
CBA CLA TJ . 9.01 0.63 13.05
CGA CLA TJ . 10.01 1.70 12.79
O1A CLA TJ . 9.73 2.84 12.50
O2A CLA TJ . 11.26 1.23 12.83
NB CLA TJ . 7.38 0.82 6.09
C1B CLA TJ . 8.46 1.67 6.52
C2B CLA TJ . 9.31 1.96 5.43
C3B CLA TJ . 8.79 1.31 4.32
C4B CLA TJ . 7.61 0.66 4.70
CMB CLA TJ . 10.53 2.83 5.48
CAB CLA TJ . 9.42 1.18 3.00
CBB CLA TJ . 10.70 1.12 2.77
NC CLA TJ . 5.02 -0.46 5.64
C1C CLA TJ . 5.47 -0.42 4.33
C2C CLA TJ . 4.44 -0.83 3.40
C3C CLA TJ . 3.32 -1.12 4.13
C4C CLA TJ . 3.66 -0.91 5.51
CMC CLA TJ . 4.59 -0.90 1.91
CAC CLA TJ . 1.98 -1.58 3.63
CBC CLA TJ . 1.78 -3.08 3.78
ND CLA TJ . 4.46 -0.52 8.21
C1D CLA TJ . 3.12 -0.98 7.85
C2D CLA TJ . 2.37 -1.22 9.02
C3D CLA TJ . 3.21 -0.94 10.12
C4D CLA TJ . 4.43 -0.54 9.58
CMD CLA TJ . 0.96 -1.70 9.07
CAD CLA TJ . 3.34 -0.91 11.57
OBD CLA TJ . 2.50 -1.12 12.42
CBD CLA TJ . 4.76 -0.53 11.92
CGD CLA TJ . 4.82 0.54 13.01
O1D CLA TJ . 4.56 1.69 12.84
O2D CLA TJ . 5.24 0.02 14.16
CED CLA TJ . 5.56 0.96 15.20
C1 CLA TJ . 12.17 1.50 11.72
C2 CLA TJ . 12.05 2.80 11.00
C3 CLA TJ . 12.67 2.98 9.83
C4 CLA TJ . 13.55 1.96 9.18
C5 CLA TJ . 12.50 4.27 9.07
C6 CLA TJ . 13.80 4.85 8.54
C7 CLA TJ . 14.79 5.22 9.65
C8 CLA TJ . 16.16 5.70 9.16
C9 CLA TJ . 17.06 4.53 8.80
C10 CLA TJ . 16.83 6.63 10.17
C11 CLA TJ . 16.45 8.10 10.10
C12 CLA TJ . 17.66 9.02 10.07
C13 CLA TJ . 17.42 10.51 10.29
C14 CLA TJ . 16.91 10.80 11.68
C15 CLA TJ . 16.51 11.10 9.21
C16 CLA TJ . 16.31 12.61 9.32
C17 CLA TJ . 15.75 13.24 8.06
C18 CLA TJ . 15.45 14.74 8.14
C19 CLA TJ . 16.62 15.53 8.69
C20 CLA TJ . 15.04 15.29 6.79
MG CLA UJ . 3.75 31.00 1.21
CHA CLA UJ . 1.37 31.77 3.54
CHB CLA UJ . 2.36 33.13 -0.93
CHC CLA UJ . 5.97 29.91 -1.17
CHD CLA UJ . 4.68 28.18 3.16
NA CLA UJ . 2.23 32.19 1.33
C1A CLA UJ . 1.35 32.46 2.37
C2A CLA UJ . 0.40 33.60 2.11
C3A CLA UJ . 0.59 33.85 0.63
C4A CLA UJ . 1.81 33.01 0.30
CMA CLA UJ . -0.62 33.49 -0.23
CAA CLA UJ . 0.84 34.78 2.97
CBA CLA UJ . 2.32 35.14 2.94
CGA CLA UJ . 3.11 34.46 4.03
O1A CLA UJ . 2.77 34.39 5.17
O2A CLA UJ . 4.23 33.92 3.55
NB CLA UJ . 4.11 31.44 -0.67
C1B CLA UJ . 3.46 32.46 -1.44
C2B CLA UJ . 4.10 32.62 -2.68
C3B CLA UJ . 5.15 31.70 -2.73
C4B CLA UJ . 5.14 30.96 -1.53
CMB CLA UJ . 3.75 33.62 -3.73
CAB CLA UJ . 6.14 31.52 -3.79
CBB CLA UJ . 6.10 30.76 -4.84
NC CLA UJ . 5.00 29.48 1.04
C1C CLA UJ . 5.88 29.23 0.01
C2C CLA UJ . 6.72 28.07 0.27
C3C CLA UJ . 6.35 27.58 1.49
C4C CLA UJ . 5.29 28.42 1.97
CMC CLA UJ . 7.83 27.52 -0.60
CAC CLA UJ . 6.93 26.40 2.21
CBC CLA UJ . 7.80 26.80 3.39
ND CLA UJ . 3.21 30.13 2.86
C1D CLA UJ . 3.66 28.98 3.64
C2D CLA UJ . 2.93 28.91 4.84
C3D CLA UJ . 2.03 30.00 4.87
C4D CLA UJ . 2.24 30.68 3.68
CMD CLA UJ . 3.11 27.87 5.91
CAD CLA UJ . 0.99 30.69 5.61
OBD CLA UJ . 0.49 30.39 6.67
CBD CLA UJ . 0.58 31.90 4.83
CGD CLA UJ . -0.94 31.92 4.66
O1D CLA UJ . -1.61 32.92 4.56
O2D CLA UJ . -1.43 30.69 4.65
CED CLA UJ . -2.88 30.57 4.65
C1 CLA UJ . 4.97 33.09 4.49
C2 CLA UJ . 6.41 33.04 4.12
C3 CLA UJ . 7.18 32.00 4.41
C4 CLA UJ . 6.69 30.78 5.11
C5 CLA UJ . 8.64 32.02 4.09
C6 CLA UJ . 9.40 33.18 4.74
C7 CLA UJ . 9.67 34.34 3.79
C8 CLA UJ . 11.10 34.88 3.84
C9 CLA UJ . 11.22 36.20 3.09
C10 CLA UJ . 12.08 33.85 3.29
C11 CLA UJ . 13.54 33.99 3.72
C12 CLA UJ . 14.44 32.95 3.09
C13 CLA UJ . 15.93 33.31 3.02
C14 CLA UJ . 16.66 32.44 2.00
C15 CLA UJ . 16.60 33.23 4.40
C16 CLA UJ . 18.11 33.39 4.42
C17 CLA UJ . 18.68 33.55 5.81
C18 CLA UJ . 20.07 32.96 6.04
C19 CLA UJ . 21.10 33.57 5.11
C20 CLA UJ . 20.50 33.08 7.48
MG CLA VJ . -1.18 31.86 -9.69
CHA CLA VJ . -0.41 31.93 -13.02
CHB CLA VJ . 2.02 31.32 -9.01
CHC CLA VJ . -2.07 31.27 -6.43
CHD CLA VJ . -4.61 31.61 -10.53
NA CLA VJ . 0.40 31.78 -10.78
C1A CLA VJ . 0.60 31.98 -12.13
C2A CLA VJ . 2.05 32.23 -12.46
C3A CLA VJ . 2.71 31.42 -11.39
C4A CLA VJ . 1.67 31.49 -10.31
CMA CLA VJ . 3.07 29.99 -11.78
CAA CLA VJ . 2.27 33.74 -12.25
CBA CLA VJ . 3.15 34.42 -13.29
CGA CLA VJ . 4.41 33.69 -13.62
O1A CLA VJ . 5.47 33.88 -13.10
O2A CLA VJ . 4.21 32.81 -14.60
NB CLA VJ . -0.22 31.45 -8.04
C1B CLA VJ . 1.20 31.35 -7.89
C2B CLA VJ . 1.55 31.20 -6.54
C3B CLA VJ . 0.36 31.18 -5.81
C4B CLA VJ . -0.71 31.32 -6.70
CMB CLA VJ . 2.95 31.11 -5.99
CAB CLA VJ . 0.22 31.04 -4.36
CBB CLA VJ . -0.29 31.90 -3.52
NC CLA VJ . -2.88 31.54 -8.73
C1C CLA VJ . -3.04 31.34 -7.37
C2C CLA VJ . -4.44 31.16 -7.02
C3C CLA VJ . -5.17 31.26 -8.18
C4C CLA VJ . -4.23 31.49 -9.23
CMC CLA VJ . -5.00 30.90 -5.65
CAC CLA VJ . -6.65 31.15 -8.35
CBC CLA VJ . -7.07 29.87 -9.02
ND CLA VJ . -2.28 31.76 -11.29
C1D CLA VJ . -3.71 31.72 -11.57
C2D CLA VJ . -3.93 31.83 -12.96
C3D CLA VJ . -2.67 31.89 -13.59
C4D CLA VJ . -1.73 31.85 -12.55
CMD CLA VJ . -5.26 31.89 -13.63
CAD CLA VJ . -1.93 31.98 -14.83
OBD CLA VJ . -2.37 32.02 -15.97
CBD CLA VJ . -0.46 32.03 -14.55
CGD CLA VJ . 0.25 30.87 -15.25
O1D CLA VJ . 1.25 30.97 -15.89
O2D CLA VJ . -0.41 29.73 -15.06
CED CLA VJ . 0.17 28.55 -15.67
C1 CLA VJ . 5.40 32.22 -15.19
C2 CLA VJ . 4.94 31.41 -16.35
C3 CLA VJ . 5.61 31.29 -17.49
C4 CLA VJ . 6.94 31.95 -17.75
C5 CLA VJ . 5.04 30.49 -18.62
C6 CLA VJ . 4.24 31.32 -19.61
C7 CLA VJ . 3.39 30.48 -20.55
C8 CLA VJ . 1.92 30.29 -20.13
C9 CLA VJ . 1.80 29.74 -18.71
C10 CLA VJ . 1.18 29.42 -21.14
C11 CLA VJ . 0.49 30.17 -22.27
C12 CLA VJ . -0.33 29.26 -23.17
C13 CLA VJ . -1.33 29.97 -24.09
C14 CLA VJ . -2.53 30.49 -23.31
C15 CLA VJ . -1.77 29.08 -25.26
C16 CLA VJ . -0.68 28.67 -26.24
C17 CLA VJ . -1.24 28.06 -27.53
C18 CLA VJ . -0.23 27.30 -28.38
C19 CLA VJ . 0.08 25.93 -27.79
C20 CLA VJ . -0.71 27.16 -29.81
MG CLA WJ . 6.91 27.78 -9.64
CHA CLA WJ . 5.46 27.28 -6.58
CHB CLA WJ . 4.13 26.71 -11.11
CHC CLA WJ . 8.55 27.99 -12.63
CHD CLA WJ . 10.08 28.01 -8.05
NA CLA WJ . 5.19 27.19 -8.96
C1A CLA WJ . 4.69 27.10 -7.67
C2A CLA WJ . 3.22 26.75 -7.59
C3A CLA WJ . 2.92 26.33 -9.01
C4A CLA WJ . 4.15 26.77 -9.76
CMA CLA WJ . 2.64 24.84 -9.16
CAA CLA WJ . 2.44 28.02 -7.19
CBA CLA WJ . 0.94 27.79 -7.04
CGA CLA WJ . 0.57 26.94 -5.87
O1A CLA WJ . 0.26 27.34 -4.78
O2A CLA WJ . 0.63 25.65 -6.19
NB CLA WJ . 6.43 27.46 -11.50
C1B CLA WJ . 5.15 27.06 -12.00
C2B CLA WJ . 5.14 27.07 -13.41
C3B CLA WJ . 6.41 27.44 -13.82
C4B CLA WJ . 7.20 27.67 -12.68
CMB CLA WJ . 3.97 26.74 -14.29
CAB CLA WJ . 6.90 27.63 -15.19
CBB CLA WJ . 6.31 28.29 -16.16
NC CLA WJ . 8.79 27.97 -10.20
C1C CLA WJ . 9.27 28.09 -11.49
C2C CLA WJ . 10.69 28.26 -11.54
C3C CLA WJ . 11.15 28.25 -10.25
C4C CLA WJ . 10.00 28.07 -9.41
CMC CLA WJ . 11.54 28.42 -12.77
CAC CLA WJ . 12.57 28.39 -9.78
CBC CLA WJ . 13.24 27.07 -9.55
ND CLA WJ . 7.64 27.68 -7.84
C1D CLA WJ . 8.97 27.82 -7.25
C2D CLA WJ . 8.88 27.76 -5.85
C3D CLA WJ . 7.51 27.59 -5.53
C4D CLA WJ . 6.84 27.54 -6.74
CMD CLA WJ . 10.02 27.85 -4.88
CAD CLA WJ . 6.52 27.49 -4.47
OBD CLA WJ . 6.67 27.59 -3.27
CBD CLA WJ . 5.18 27.25 -5.08
CGD CLA WJ . 4.65 25.94 -4.53
O1D CLA WJ . 4.62 24.90 -5.12
O2D CLA WJ . 4.24 26.10 -3.26
CED CLA WJ . 3.89 24.88 -2.55
C1 CLA WJ . 0.37 24.70 -5.12
C2 CLA WJ . 1.30 23.56 -5.31
C3 CLA WJ . 1.04 22.56 -6.13
C4 CLA WJ . -0.22 22.46 -6.94
C5 CLA WJ . 2.03 21.45 -6.35
C6 CLA WJ . 3.40 21.95 -6.81
C7 CLA WJ . 3.80 21.41 -8.18
C8 CLA WJ . 4.52 20.06 -8.17
C9 CLA WJ . 5.90 20.16 -7.55
C10 CLA WJ . 4.55 19.42 -9.56
C11 CLA WJ . 4.52 20.33 -10.79
C12 CLA WJ . 5.80 21.13 -10.98
C13 CLA WJ . 5.60 22.56 -11.49
C14 CLA WJ . 5.29 22.59 -12.97
C15 CLA WJ . 6.82 23.42 -11.14
C16 CLA WJ . 6.93 23.81 -9.68
C17 CLA WJ . 8.33 24.24 -9.25
C18 CLA WJ . 8.86 23.61 -7.98
C19 CLA WJ . 7.92 23.82 -6.80
C20 CLA WJ . 10.25 24.11 -7.65
MG CLA XJ . 23.72 30.27 -3.20
CHA CLA XJ . 26.30 28.55 -1.76
CHB CLA XJ . 22.19 27.39 -3.79
CHC CLA XJ . 21.45 31.97 -5.13
CHD CLA XJ . 25.75 33.16 -3.27
NA CLA XJ . 24.12 28.43 -2.73
C1A CLA XJ . 25.15 27.87 -2.00
C2A CLA XJ . 24.91 26.46 -1.59
C3A CLA XJ . 23.91 26.04 -2.63
C4A CLA XJ . 23.35 27.36 -3.09
CMA CLA XJ . 24.51 25.22 -3.78
CAA CLA XJ . 24.35 26.39 -0.16
CBA CLA XJ . 23.37 27.50 0.25
CGA CLA XJ . 24.03 28.74 0.74
O1A CLA XJ . 25.06 28.76 1.37
O2A CLA XJ . 23.35 29.82 0.40
NB CLA XJ . 22.11 29.80 -4.20
C1B CLA XJ . 21.52 28.50 -4.29
C2B CLA XJ . 20.29 28.56 -4.97
C3B CLA XJ . 20.10 29.88 -5.34
C4B CLA XJ . 21.20 30.63 -4.90
CMB CLA XJ . 19.36 27.41 -5.22
CAB CLA XJ . 18.95 30.46 -6.04
CBB CLA XJ . 17.70 30.47 -5.65
NC CLA XJ . 23.62 32.08 -3.96
C1C CLA XJ . 22.57 32.62 -4.71
C2C CLA XJ . 22.80 34.01 -5.05
C3C CLA XJ . 24.02 34.35 -4.53
C4C CLA XJ . 24.53 33.18 -3.86
CMC CLA XJ . 21.90 34.91 -5.85
CAC CLA XJ . 24.72 35.68 -4.60
CBC CLA XJ . 24.59 36.48 -3.34
ND CLA XJ . 25.52 30.78 -2.70
C1D CLA XJ . 26.29 32.02 -2.70
C2D CLA XJ . 27.53 31.82 -2.07
C3D CLA XJ . 27.59 30.46 -1.68
C4D CLA XJ . 26.39 29.91 -2.08
CMD CLA XJ . 28.59 32.86 -1.85
CAD CLA XJ . 28.36 29.42 -1.01
OBD CLA XJ . 29.44 29.50 -0.45
CBD CLA XJ . 27.61 28.12 -1.11
CGD CLA XJ . 28.40 27.16 -2.00
O1D CLA XJ . 28.72 27.39 -3.13
O2D CLA XJ . 28.69 26.04 -1.35
CED CLA XJ . 29.49 25.09 -2.08
C1 CLA XJ . 23.96 31.10 0.74
C2 CLA XJ . 23.40 32.17 -0.13
C3 CLA XJ . 22.52 33.08 0.25
C4 CLA XJ . 21.94 33.14 1.64
C5 CLA XJ . 22.04 34.15 -0.69
C6 CLA XJ . 20.57 34.05 -1.05
C7 CLA XJ . 20.23 32.79 -1.82
C8 CLA XJ . 18.88 32.71 -2.56
C9 CLA XJ . 18.59 33.97 -3.35
C10 CLA XJ . 17.74 32.35 -1.62
C11 CLA XJ . 16.41 32.06 -2.32
C12 CLA XJ . 15.34 31.52 -1.38
C13 CLA XJ . 14.19 30.78 -2.06
C14 CLA XJ . 13.64 31.56 -3.25
C15 CLA XJ . 13.08 30.43 -1.07
C16 CLA XJ . 13.53 29.76 0.23
C17 CLA XJ . 12.36 29.33 1.11
C18 CLA XJ . 12.74 28.69 2.43
C19 CLA XJ . 11.92 29.25 3.57
C20 CLA XJ . 12.62 27.18 2.38
MG CLA YJ . 22.35 21.24 -7.56
CHA CLA YJ . 22.52 22.94 -10.53
CHB CLA YJ . 21.64 24.06 -5.98
CHC CLA YJ . 22.65 19.54 -4.59
CHD CLA YJ . 23.74 18.39 -9.15
NA CLA YJ . 22.14 23.08 -8.16
C1A CLA YJ . 22.16 23.65 -9.43
C2A CLA YJ . 21.71 25.08 -9.45
C3A CLA YJ . 21.81 25.46 -7.99
C4A CLA YJ . 21.88 24.13 -7.30
CMA CLA YJ . 23.00 26.36 -7.66
CAA CLA YJ . 20.26 25.17 -9.98
CBA CLA YJ . 19.47 23.87 -10.12
CGA CLA YJ . 19.30 23.10 -8.87
O1A CLA YJ . 19.14 23.58 -7.77
O2A CLA YJ . 19.36 21.78 -9.08
NB CLA YJ . 22.13 21.68 -5.68
C1B CLA YJ . 21.66 22.94 -5.15
C2B CLA YJ . 21.39 22.81 -3.78
C3B CLA YJ . 21.73 21.53 -3.40
C4B CLA YJ . 22.19 20.85 -4.54
CMB CLA YJ . 20.72 23.85 -2.92
CAB CLA YJ . 21.66 20.95 -2.06
CBB CLA YJ . 20.82 20.05 -1.63
NC CLA YJ . 23.00 19.45 -7.02
C1C CLA YJ . 23.02 18.93 -5.74
C2C CLA YJ . 23.52 17.57 -5.70
C3C CLA YJ . 23.83 17.22 -6.99
C4C CLA YJ . 23.53 18.38 -7.81
CMC CLA YJ . 23.64 16.70 -4.49
CAC CLA YJ . 24.37 15.91 -7.48
CBC CLA YJ . 23.28 14.88 -7.72
ND CLA YJ . 23.01 20.74 -9.31
C1D CLA YJ . 23.52 19.52 -9.93
C2D CLA YJ . 23.69 19.70 -11.30
C3D CLA YJ . 23.31 21.03 -11.61
C4D CLA YJ . 22.92 21.59 -10.40
CMD CLA YJ . 24.13 18.66 -12.28
CAD CLA YJ . 23.16 22.05 -12.63
OBD CLA YJ . 23.45 21.99 -13.82
CBD CLA YJ . 22.58 23.29 -12.02
CGD CLA YJ . 23.41 24.52 -12.42
O1D CLA YJ . 23.41 25.02 -13.51
O2D CLA YJ . 24.12 24.96 -11.39
CED CLA YJ . 24.86 26.18 -11.62
C1 CLA YJ . 19.27 20.93 -7.91
C2 CLA YJ . 19.75 19.56 -8.25
C3 CLA YJ . 19.58 18.51 -7.45
C4 CLA YJ . 20.06 17.13 -7.79
C5 CLA YJ . 18.85 18.64 -6.14
C6 CLA YJ . 18.94 17.42 -5.24
C7 CLA YJ . 18.15 17.55 -3.93
C8 CLA YJ . 16.61 17.46 -3.99
C9 CLA YJ . 16.11 16.70 -5.20
C10 CLA YJ . 15.98 18.85 -3.89
C11 CLA YJ . 14.46 18.91 -3.93
C12 CLA YJ . 13.92 20.31 -3.69
C13 CLA YJ . 12.41 20.47 -3.54
C14 CLA YJ . 11.65 19.84 -4.70
C15 CLA YJ . 12.01 21.93 -3.37
C16 CLA YJ . 12.77 22.72 -2.29
C17 CLA YJ . 12.26 24.14 -2.13
C18 CLA YJ . 13.03 25.03 -1.16
C19 CLA YJ . 14.52 25.06 -1.47
C20 CLA YJ . 12.45 26.43 -1.14
MG CLA ZJ . 25.38 15.72 1.14
CHA CLA ZJ . 25.75 18.78 -0.31
CHB CLA ZJ . 24.65 17.16 4.04
CHC CLA ZJ . 25.40 12.61 2.60
CHD CLA ZJ . 26.94 14.24 -1.68
NA CLA ZJ . 25.24 17.57 1.70
C1A CLA ZJ . 25.37 18.75 1.00
C2A CLA ZJ . 25.06 19.99 1.80
C3A CLA ZJ . 24.92 19.46 3.20
C4A CLA ZJ . 24.94 17.96 2.99
CMA CLA ZJ . 26.02 19.92 4.15
CAA CLA ZJ . 23.72 20.56 1.28
CBA CLA ZJ . 23.52 22.03 1.67
CGA CLA ZJ . 22.28 22.62 1.08
O1A CLA ZJ . 22.24 23.36 0.14
O2A CLA ZJ . 21.19 22.21 1.75
NB CLA ZJ . 25.05 15.02 2.94
C1B CLA ZJ . 24.62 15.78 4.07
C2B CLA ZJ . 24.26 14.92 5.13
C3B CLA ZJ . 24.51 13.62 4.71
C4B CLA ZJ . 25.00 13.67 3.39
CMB CLA ZJ . 23.64 15.33 6.43
CAB CLA ZJ . 24.32 12.40 5.48
CBB CLA ZJ . 24.44 12.22 6.76
NC CLA ZJ . 25.99 13.91 0.60
C1C CLA ZJ . 25.86 12.74 1.32
C2C CLA ZJ . 26.33 11.58 0.60
C3C CLA ZJ . 26.77 12.02 -0.61
C4C CLA ZJ . 26.59 13.46 -0.63
CMC CLA ZJ . 26.32 10.16 1.07
CAC CLA ZJ . 27.31 11.19 -1.74
CBC CLA ZJ . 28.79 10.89 -1.60
ND CLA ZJ . 26.17 16.27 -0.55
C1D CLA ZJ . 26.76 15.60 -1.69
C2D CLA ZJ . 27.05 16.54 -2.70
C3D CLA ZJ . 26.64 17.81 -2.22
C4D CLA ZJ . 26.14 17.59 -0.95
CMD CLA ZJ . 27.65 16.24 -4.03
CAD CLA ZJ . 26.51 19.23 -2.51
OBD CLA ZJ . 26.82 19.84 -3.51
CBD CLA ZJ . 25.92 19.92 -1.32
CGD CLA ZJ . 26.83 21.05 -0.85
O1D CLA ZJ . 28.00 20.93 -0.64
O2D CLA ZJ . 26.14 22.18 -0.73
CED CLA ZJ . 26.91 23.34 -0.32
C1 CLA ZJ . 19.90 22.70 1.26
C2 CLA ZJ . 18.97 21.54 1.20
C3 CLA ZJ . 17.94 21.50 0.35
C4 CLA ZJ . 17.61 22.60 -0.61
C5 CLA ZJ . 17.02 20.31 0.33
C6 CLA ZJ . 15.86 20.44 1.30
C7 CLA ZJ . 14.88 19.28 1.22
C8 CLA ZJ . 13.94 19.15 2.40
C9 CLA ZJ . 12.94 18.01 2.20
C10 CLA ZJ . 13.24 20.46 2.74
C11 CLA ZJ . 12.38 21.08 1.63
C12 CLA ZJ . 11.88 22.48 1.96
C13 CLA ZJ . 10.61 22.59 2.80
C14 CLA ZJ . 9.77 23.78 2.37
C15 CLA ZJ . 10.89 22.63 4.31
C16 CLA ZJ . 11.62 23.86 4.85
C17 CLA ZJ . 11.79 23.83 6.36
C18 CLA ZJ . 12.72 24.87 6.95
C19 CLA ZJ . 12.30 26.29 6.61
C20 CLA ZJ . 12.85 24.70 8.45
MG CLA AK . 0.51 48.68 -13.25
CHA CLA AK . -2.38 49.89 -11.86
CHB CLA AK . -1.01 45.74 -13.67
CHC CLA AK . 3.52 47.40 -14.24
CHD CLA AK . 2.26 51.47 -11.96
NA CLA AK . -1.31 48.06 -12.97
C1A CLA AK . -2.45 48.73 -12.56
C2A CLA AK . -3.70 47.98 -12.90
C3A CLA AK . -3.19 46.57 -12.84
C4A CLA AK . -1.74 46.77 -13.18
CMA CLA AK . -3.40 45.87 -11.50
CAA CLA AK . -4.16 48.35 -14.32
CBA CLA AK . -4.17 49.84 -14.67
CGA CLA AK . -2.89 50.32 -15.30
O1A CLA AK . -2.34 49.80 -16.22
O2A CLA AK . -2.48 51.46 -14.73
NB CLA AK . 1.13 46.93 -13.86
C1B CLA AK . 0.33 45.74 -14.03
C2B CLA AK . 1.12 44.70 -14.56
C3B CLA AK . 2.42 45.21 -14.71
C4B CLA AK . 2.42 46.54 -14.29
CMB CLA AK . 0.65 43.32 -14.89
CAB CLA AK . 3.60 44.50 -15.22
CBB CLA AK . 3.64 43.59 -16.16
NC CLA AK . 2.38 49.29 -13.17
C1C CLA AK . 3.47 48.64 -13.69
C2C CLA AK . 4.69 49.42 -13.53
C3C CLA AK . 4.35 50.57 -12.88
C4C CLA AK . 2.93 50.50 -12.63
CMC CLA AK . 6.07 49.04 -14.00
CAC CLA AK . 5.26 51.70 -12.49
CBC CLA AK . 5.80 51.56 -11.09
ND CLA AK . 0.13 50.25 -12.18
C1D CLA AK . 0.90 51.40 -11.70
C2D CLA AK . 0.06 52.29 -11.03
C3D CLA AK . -1.24 51.75 -11.05
C4D CLA AK . -1.14 50.56 -11.74
CMD CLA AK . 0.47 53.59 -10.40
CAD CLA AK . -2.63 51.92 -10.66
OBD CLA AK . -3.15 52.84 -10.05
CBD CLA AK . -3.43 50.75 -11.16
CGD CLA AK . -4.09 50.03 -9.99
O1D CLA AK . -3.66 49.04 -9.47
O2D CLA AK . -5.23 50.63 -9.64
CED CLA AK . -5.99 49.98 -8.60
C1 CLA AK . -1.59 52.27 -15.54
C2 CLA AK . -0.18 51.77 -15.47
C3 CLA AK . 0.69 51.86 -16.46
C4 CLA AK . 0.37 52.43 -17.81
C5 CLA AK . 2.12 51.40 -16.29
C6 CLA AK . 3.15 52.37 -16.86
C7 CLA AK . 4.58 52.05 -16.45
C8 CLA AK . 5.65 53.02 -16.93
C9 CLA AK . 5.57 53.27 -18.43
C10 CLA AK . 7.05 52.54 -16.53
MG CLA BK . 0.36 41.49 -17.80
CHA CLA BK . 0.75 39.11 -15.40
CHB CLA BK . 3.59 41.23 -18.53
CHC CLA BK . -0.03 44.18 -19.87
CHD CLA BK . -2.78 42.33 -16.36
NA CLA BK . 1.79 40.33 -17.16
C1A CLA BK . 1.80 39.32 -16.22
C2A CLA BK . 3.06 38.52 -16.17
C3A CLA BK . 4.00 39.34 -17.02
C4A CLA BK . 3.09 40.37 -17.63
CMA CLA BK . 5.14 39.98 -16.23
CAA CLA BK . 2.76 37.13 -16.79
CBA CLA BK . 3.76 36.05 -16.40
CGA CLA BK . 5.05 36.14 -17.16
O1A CLA BK . 6.01 36.78 -16.83
O2A CLA BK . 4.99 35.42 -18.28
NB CLA BK . 1.54 42.50 -18.98
C1B CLA BK . 2.93 42.25 -19.21
C2B CLA BK . 3.44 43.16 -20.16
C3B CLA BK . 2.39 43.99 -20.55
C4B CLA BK . 1.24 43.59 -19.83
CMB CLA BK . 4.85 43.22 -20.67
CAB CLA BK . 2.41 45.08 -21.53
CBB CLA BK . 3.41 45.85 -21.86
NC CLA BK . -1.05 42.83 -18.09
C1C CLA BK . -1.05 43.83 -19.05
C2C CLA BK . -2.28 44.60 -19.04
C3C CLA BK . -3.06 44.10 -18.03
C4C CLA BK . -2.32 43.02 -17.43
CMC CLA BK . -2.64 45.73 -19.95
CAC CLA BK . -4.44 44.54 -17.64
CBC CLA BK . -4.42 45.62 -16.59
ND CLA BK . -0.76 40.93 -16.31
C1D CLA BK . -2.06 41.32 -15.76
C2D CLA BK . -2.37 40.52 -14.66
C3D CLA BK . -1.32 39.61 -14.47
C4D CLA BK . -0.39 39.90 -15.47
CMD CLA BK . -3.61 40.63 -13.81
CAD CLA BK . -0.78 38.50 -13.70
OBD CLA BK . -1.27 37.94 -12.73
CBD CLA BK . 0.54 38.10 -14.26
CGD CLA BK . 1.65 38.23 -13.23
O1D CLA BK . 2.47 37.40 -13.00
O2D CLA BK . 1.61 39.43 -12.65
CED CLA BK . 2.80 39.81 -11.91
C1 CLA BK . 6.10 35.59 -19.21
C2 CLA BK . 5.59 35.25 -20.56
C3 CLA BK . 6.30 35.42 -21.67
C4 CLA BK . 7.70 35.96 -21.69
C5 CLA BK . 5.72 35.05 -23.02
C6 CLA BK . 5.28 33.60 -23.11
C7 CLA BK . 4.62 33.24 -24.43
C8 CLA BK . 3.77 31.97 -24.38
C9 CLA BK . 4.62 30.76 -24.00
C10 CLA BK . 2.99 31.75 -25.67
C11 CLA BK . 3.78 31.49 -26.95
C12 CLA BK . 2.89 31.17 -28.14
C13 CLA BK . 3.55 30.52 -29.36
C14 CLA BK . 2.53 30.23 -30.46
C15 CLA BK . 4.30 29.25 -28.98
MG CLA CK . 20.03 42.17 -24.22
CHA CLA CK . 23.15 41.65 -22.94
CHB CLA CK . 18.98 39.41 -22.72
CHC CLA CK . 17.05 42.59 -25.82
CHD CLA CK . 21.40 44.59 -26.43
NA CLA CK . 20.87 40.94 -22.99
C1A CLA CK . 22.13 40.91 -22.44
C2A CLA CK . 22.26 40.02 -21.25
C3A CLA CK . 21.05 39.12 -21.41
C4A CLA CK . 20.23 39.86 -22.44
CMA CLA CK . 21.36 37.68 -21.83
CAA CLA CK . 22.17 41.01 -20.09
CBA CLA CK . 21.94 40.43 -18.70
CGA CLA CK . 20.95 41.25 -17.93
O1A CLA CK . 21.20 42.29 -17.39
O2A CLA CK . 19.74 40.68 -17.93
NB CLA CK . 18.36 41.18 -24.30
C1B CLA CK . 18.07 39.95 -23.61
C2B CLA CK . 16.78 39.51 -23.94
C3B CLA CK . 16.23 40.43 -24.82
C4B CLA CK . 17.18 41.45 -25.04
CMB CLA CK . 16.12 38.25 -23.44
CAB CLA CK . 14.91 40.40 -25.48
CBB CLA CK . 13.84 39.77 -25.11
NC CLA CK . 19.39 43.32 -25.69
C1C CLA CK . 18.08 43.41 -26.15
C2C CLA CK . 17.93 44.43 -27.16
C3C CLA CK . 19.17 44.98 -27.36
C4C CLA CK . 20.08 44.31 -26.48
CMC CLA CK . 16.65 44.81 -27.85
CAC CLA CK . 19.52 46.09 -28.30
CBC CLA CK . 20.26 45.60 -29.51
ND CLA CK . 21.76 42.94 -24.64
C1D CLA CK . 22.28 43.95 -25.56
C2D CLA CK . 23.66 44.12 -25.38
C3D CLA CK . 24.06 43.23 -24.35
C4D CLA CK . 22.91 42.58 -23.96
CMD CLA CK . 24.53 45.06 -26.16
CAD CLA CK . 25.17 42.71 -23.58
OBD CLA CK . 26.36 42.95 -23.67
CBD CLA CK . 24.63 41.74 -22.56
CGD CLA CK . 25.36 40.41 -22.59
O1D CLA CK . 25.93 39.91 -21.66
O2D CLA CK . 25.26 39.84 -23.78
CED CLA CK . 25.85 38.52 -23.91
C1 CLA CK . 18.69 41.40 -17.22
C2 CLA CK . 18.37 42.65 -17.97
C3 CLA CK . 18.10 43.79 -17.35
MG CLA DK . 17.92 47.42 -34.17
CHA CLA DK . 20.83 48.89 -35.19
CHB CLA DK . 18.48 48.56 -31.09
CHC CLA DK . 15.29 45.50 -33.09
CHD CLA DK . 17.87 45.54 -37.19
NA CLA DK . 19.29 48.55 -33.39
C1A CLA DK . 20.36 49.20 -33.96
C2A CLA DK . 21.00 50.22 -33.06
C3A CLA DK . 20.61 49.67 -31.71
C4A CLA DK . 19.37 48.87 -32.05
CMA CLA DK . 21.69 48.82 -31.04
CAA CLA DK . 20.44 51.61 -33.39
CBA CLA DK . 19.08 52.02 -32.83
CGA CLA DK . 17.95 51.92 -33.80
O1A CLA DK . 17.59 50.91 -34.35
O2A CLA DK . 17.35 53.09 -33.95
NB CLA DK . 17.02 47.15 -32.47
C1B CLA DK . 17.31 47.82 -31.23
C2B CLA DK . 16.33 47.53 -30.27
C3B CLA DK . 15.43 46.63 -30.85
C4B CLA DK . 15.86 46.38 -32.17
CMB CLA DK . 16.24 48.10 -28.88
CAB CLA DK . 14.24 46.02 -30.26
CBB CLA DK . 13.43 46.52 -29.35
NC CLA DK . 16.86 45.93 -34.93
C1C CLA DK . 15.78 45.29 -34.34
C2C CLA DK . 15.21 44.28 -35.21
C3C CLA DK . 15.93 44.28 -36.37
C4C CLA DK . 16.96 45.29 -36.21
CMC CLA DK . 14.03 43.41 -34.89
CAC CLA DK . 15.72 43.43 -37.59
CBC CLA DK . 14.88 44.13 -38.65
ND CLA DK . 18.99 47.21 -35.78
C1D CLA DK . 18.89 46.47 -37.02
C2D CLA DK . 19.92 46.84 -37.90
C3D CLA DK . 20.71 47.81 -37.25
C4D CLA DK . 20.13 47.97 -35.99
CMD CLA DK . 20.13 46.32 -39.29
CAD CLA DK . 21.80 48.77 -37.35
OBD CLA DK . 22.44 49.09 -38.33
CBD CLA DK . 22.04 49.35 -35.99
CGD CLA DK . 23.31 48.76 -35.40
O1D CLA DK . 23.34 47.83 -34.63
O2D CLA DK . 24.40 49.36 -35.88
CED CLA DK . 25.66 48.80 -35.48
C1 CLA DK . 16.03 53.07 -34.57
C2 CLA DK . 15.42 54.40 -34.34
C3 CLA DK . 15.00 54.78 -33.14
C4 CLA DK . 15.10 53.91 -31.91
C5 CLA DK . 14.41 56.15 -32.92
C6 CLA DK . 12.90 56.12 -32.76
C7 CLA DK . 12.30 57.50 -32.51
C8 CLA DK . 11.67 58.18 -33.73
C9 CLA DK . 12.72 58.78 -34.66
C10 CLA DK . 10.63 59.23 -33.30
C11 CLA DK . 9.37 58.65 -32.68
C12 CLA DK . 8.85 59.48 -31.51
C13 CLA DK . 7.89 58.76 -30.57
C14 CLA DK . 6.47 58.72 -31.12
C15 CLA DK . 7.94 59.36 -29.17
C16 CLA DK . 7.45 60.80 -29.04
C17 CLA DK . 7.86 61.47 -27.75
C18 CLA DK . 6.91 62.51 -27.20
C19 CLA DK . 5.68 61.84 -26.60
C20 CLA DK . 7.57 63.42 -26.19
MG CLA EK . 10.36 28.64 -37.91
CHA CLA EK . 11.63 26.19 -35.90
CHB CLA EK . 13.46 29.49 -38.74
CHC CLA EK . 9.07 31.39 -39.50
CHD CLA EK . 7.22 28.28 -36.27
NA CLA EK . 12.09 27.91 -37.49
C1A CLA EK . 12.47 26.79 -36.78
C2A CLA EK . 13.88 26.38 -37.07
C3A CLA EK . 14.49 27.74 -37.34
C4A CLA EK . 13.28 28.45 -37.90
CMA CLA EK . 15.05 28.45 -36.11
CAA CLA EK . 13.84 25.51 -38.34
CBA CLA EK . 13.78 24.02 -38.07
CGA CLA EK . 13.79 23.20 -39.34
O1A CLA EK . 14.77 22.94 -39.99
O2A CLA EK . 12.56 22.78 -39.65
NB CLA EK . 11.09 30.09 -38.97
C1B CLA EK . 12.48 30.27 -39.33
C2B CLA EK . 12.62 31.35 -40.22
C3B CLA EK . 11.35 31.89 -40.41
C4B CLA EK . 10.43 31.15 -39.65
CMB CLA EK . 13.91 31.82 -40.84
CAB CLA EK . 11.00 33.05 -41.24
CBB CLA EK . 11.47 33.35 -42.41
NC CLA EK . 8.62 29.58 -37.91
C1C CLA EK . 8.26 30.67 -38.67
C2C CLA EK . 6.88 31.06 -38.47
C3C CLA EK . 6.36 30.20 -37.53
C4C CLA EK . 7.40 29.28 -37.18
CMC CLA EK . 6.16 32.18 -39.15
CAC CLA EK . 4.96 30.19 -36.97
CBC CLA EK . 4.07 29.15 -37.61
ND CLA EK . 9.57 27.57 -36.49
C1D CLA EK . 8.24 27.43 -35.89
C2D CLA EK . 8.24 26.37 -34.97
C3D CLA EK . 9.55 25.83 -34.93
C4D CLA EK . 10.28 26.59 -35.83
CMD CLA EK . 7.05 25.88 -34.19
CAD CLA EK . 10.43 24.82 -34.38
OBD CLA EK . 10.16 23.92 -33.60
CBD CLA EK . 11.81 25.04 -34.91
CGD CLA EK . 12.74 25.38 -33.75
O1D CLA EK . 12.86 26.47 -33.27
O2D CLA EK . 13.39 24.30 -33.33
CED CLA EK . 14.18 24.47 -32.13
C1 CLA EK . 12.47 21.98 -40.85
C2 CLA EK . 11.03 21.64 -41.10
C3 CLA EK . 10.49 20.50 -40.69
MG CLA FK . 11.75 31.28 -28.56
CHA CLA FK . 15.06 31.06 -27.73
CHB CLA FK . 12.16 28.73 -30.66
CHC CLA FK . 8.59 31.87 -29.72
CHD CLA FK . 11.61 34.42 -26.91
NA CLA FK . 13.24 30.13 -28.98
C1A CLA FK . 14.50 30.05 -28.44
C2A CLA FK . 15.18 28.75 -28.75
C3A CLA FK . 14.55 28.44 -30.08
C4A CLA FK . 13.22 29.13 -29.93
CMA CLA FK . 15.33 28.94 -31.29
CAA CLA FK . 14.72 27.87 -27.58
CBA CLA FK . 15.09 26.39 -27.69
CGA CLA FK . 14.06 25.57 -28.40
O1A CLA FK . 14.29 24.70 -29.18
O2A CLA FK . 12.83 25.94 -28.05
NB CLA FK . 10.58 30.44 -29.87
C1B CLA FK . 10.88 29.26 -30.64
C2B CLA FK . 9.73 28.82 -31.32
C3B CLA FK . 8.70 29.74 -31.04
C4B CLA FK . 9.23 30.73 -30.19
CMB CLA FK . 9.61 27.60 -32.19
CAB CLA FK . 7.31 29.69 -31.49
CBB CLA FK . 6.83 29.21 -32.60
NC CLA FK . 10.45 32.74 -28.36
C1C CLA FK . 9.17 32.79 -28.90
C2C CLA FK . 8.46 33.97 -28.51
C3C CLA FK . 9.29 34.70 -27.70
C4C CLA FK . 10.53 33.97 -27.61
CMC CLA FK . 7.07 34.34 -28.92
CAC CLA FK . 8.95 35.99 -26.99
CBC CLA FK . 7.96 35.78 -25.86
ND CLA FK . 12.96 32.48 -27.61
C1D CLA FK . 12.82 33.76 -26.90
C2D CLA FK . 14.03 34.09 -26.27
C3D CLA FK . 14.96 33.05 -26.56
C4D CLA FK . 14.27 32.15 -27.35
CMD CLA FK . 14.28 35.30 -25.42
CAD CLA FK . 16.31 32.53 -26.36
OBD CLA FK . 17.22 32.98 -25.68
CBD CLA FK . 16.46 31.24 -27.13
CGD CLA FK . 17.53 31.33 -28.21
O1D CLA FK . 17.33 31.12 -29.38
O2D CLA FK . 18.71 31.62 -27.69
CED CLA FK . 19.82 31.63 -28.61
C1 CLA FK . 11.73 25.26 -28.73
C2 CLA FK . 10.47 25.62 -28.04
C3 CLA FK . 9.28 25.37 -28.56
C4 CLA FK . 9.07 24.71 -29.89
C5 CLA FK . 8.02 25.71 -27.80
C6 CLA FK . 7.73 27.20 -27.72
C7 CLA FK . 8.59 27.94 -26.69
C8 CLA FK . 7.85 29.05 -25.95
C9 CLA FK . 7.16 30.01 -26.91
C10 CLA FK . 8.74 29.79 -24.95
C11 CLA FK . 9.66 30.88 -25.50
C12 CLA FK . 9.81 32.07 -24.54
C13 CLA FK . 10.58 31.81 -23.25
C14 CLA FK . 10.61 33.07 -22.37
C15 CLA FK . 11.98 31.29 -23.55
C16 CLA FK . 13.02 31.37 -22.44
C17 CLA FK . 14.26 30.57 -22.76
C18 CLA FK . 15.46 30.83 -21.87
C19 CLA FK . 16.39 29.64 -21.83
C20 CLA FK . 16.22 32.06 -22.33
MG CLA GK . -11.22 42.01 -36.94
CHA CLA GK . -13.23 44.72 -36.32
CHB CLA GK . -13.91 40.24 -37.71
CHC CLA GK . -9.18 39.28 -37.16
CHD CLA GK . -8.52 43.74 -35.43
NA CLA GK . -13.10 42.45 -37.09
C1A CLA GK . -13.77 43.65 -36.94
C2A CLA GK . -15.15 43.64 -37.52
C3A CLA GK . -15.46 42.16 -37.54
C4A CLA GK . -14.08 41.55 -37.45
CMA CLA GK . -16.39 41.71 -36.42
CAA CLA GK . -15.05 44.27 -38.92
CBA CLA GK . -14.12 43.56 -39.91
CGA CLA GK . -13.87 44.36 -41.16
O1A CLA GK . -14.42 45.39 -41.43
O2A CLA GK . -12.96 43.76 -41.94
NB CLA GK . -11.48 40.13 -37.33
C1B CLA GK . -12.73 39.50 -37.68
C2B CLA GK . -12.53 38.13 -37.98
C3B CLA GK . -11.16 37.88 -37.81
C4B CLA GK . -10.53 39.07 -37.42
CMB CLA GK . -13.57 37.15 -38.42
CAB CLA GK . -10.46 36.61 -38.03
CBB CLA GK . -9.63 36.01 -37.23
NC CLA GK . -9.35 41.63 -36.47
C1C CLA GK . -8.66 40.45 -36.72
C2C CLA GK . -7.25 40.55 -36.39
C3C CLA GK . -7.06 41.82 -35.90
C4C CLA GK . -8.33 42.48 -35.92
CMC CLA GK . -6.21 39.50 -36.57
CAC CLA GK . -5.76 42.44 -35.48
CBC CLA GK . -5.11 43.25 -36.58
ND CLA GK . -10.90 43.71 -36.04
C1D CLA GK . -9.75 44.37 -35.43
C2D CLA GK . -10.11 45.65 -34.97
C3D CLA GK . -11.48 45.84 -35.29
C4D CLA GK . -11.87 44.68 -35.92
CMD CLA GK . -9.20 46.63 -34.29
CAD CLA GK . -12.64 46.71 -35.19
OBD CLA GK . -12.75 47.78 -34.61
CBD CLA GK . -13.77 46.10 -35.97
CGD CLA GK . -15.07 46.09 -35.17
O1D CLA GK . -16.13 46.47 -35.60
O2D CLA GK . -14.88 45.61 -33.95
CED CLA GK . -16.05 45.62 -33.09
C1 CLA GK . -12.67 44.39 -43.22
C2 CLA GK . -11.37 45.10 -43.15
C3 CLA GK . -10.23 44.61 -43.63
C4 CLA GK . -10.11 43.27 -44.30
C5 CLA GK . -8.95 45.41 -43.56
C6 CLA GK . -7.98 44.91 -42.49
C7 CLA GK . -6.60 45.56 -42.62
C8 CLA GK . -5.68 45.50 -41.38
C9 CLA GK . -4.29 46.02 -41.71
C10 CLA GK . -5.63 44.10 -40.77
C11 CLA GK . -5.08 42.98 -41.64
C12 CLA GK . -3.99 42.17 -40.95
C13 CLA GK . -3.62 40.85 -41.64
C14 CLA GK . -4.80 39.87 -41.66
C15 CLA GK . -2.39 40.21 -41.00
C16 CLA GK . -1.04 40.67 -41.57
C17 CLA GK . 0.10 39.72 -41.21
C18 CLA GK . 1.49 40.13 -41.68
C19 CLA GK . 2.41 38.93 -41.81
C20 CLA GK . 1.47 40.91 -42.99
MG CLA HK . 14.55 18.80 -12.97
CHA CLA HK . 16.61 21.51 -12.97
CHB CLA HK . 16.55 17.27 -15.13
CHC CLA HK . 12.20 16.31 -13.25
CHD CLA HK . 12.06 20.76 -11.37
NA CLA HK . 16.21 19.31 -13.83
C1A CLA HK . 17.00 20.45 -13.71
C2A CLA HK . 18.31 20.40 -14.43
C3A CLA HK . 18.11 19.17 -15.33
C4A CLA HK . 16.88 18.53 -14.75
CMA CLA HK . 17.91 19.51 -16.80
CAA CLA HK . 19.40 20.30 -13.34
CBA CLA HK . 20.43 19.18 -13.41
CGA CLA HK . 19.88 17.85 -13.00
O1A CLA HK . 20.21 16.79 -13.48
O2A CLA HK . 18.93 17.98 -12.08
NB CLA HK . 14.43 17.10 -13.92
C1B CLA HK . 15.46 16.51 -14.73
C2B CLA HK . 15.14 15.19 -15.05
C3B CLA HK . 13.88 14.93 -14.49
C4B CLA HK . 13.44 16.09 -13.84
CMB CLA HK . 15.98 14.23 -15.84
CAB CLA HK . 13.13 13.66 -14.50
CBB CLA HK . 13.59 12.44 -14.50
NC CLA HK . 12.65 18.59 -12.45
C1C CLA HK . 11.85 17.47 -12.65
C2C CLA HK . 10.49 17.67 -12.12
C3C CLA HK . 10.45 18.94 -11.60
C4C CLA HK . 11.76 19.51 -11.79
CMC CLA HK . 9.35 16.69 -12.16
CAC CLA HK . 9.29 19.64 -10.96
CBC CLA HK . 9.39 19.67 -9.45
ND CLA HK . 14.32 20.61 -12.31
C1D CLA HK . 13.29 21.33 -11.57
C2D CLA HK . 13.78 22.59 -11.19
C3D CLA HK . 15.09 22.72 -11.71
C4D CLA HK . 15.35 21.53 -12.36
CMD CLA HK . 13.05 23.59 -10.34
CAD CLA HK . 16.26 23.57 -11.85
OBD CLA HK . 16.42 24.71 -11.46
CBD CLA HK . 17.31 22.82 -12.60
CGD CLA HK . 17.79 23.65 -13.79
O1D CLA HK . 17.34 23.58 -14.90
O2D CLA HK . 18.78 24.46 -13.44
CED CLA HK . 19.29 25.34 -14.47
C1 CLA HK . 17.88 16.98 -12.09
C2 CLA HK . 18.05 16.05 -10.94
C3 CLA HK . 17.05 15.45 -10.30
C4 CLA HK . 17.26 14.52 -9.14
C5 CLA HK . 15.61 15.66 -10.70
C6 CLA HK . 14.87 16.63 -9.80
C7 CLA HK . 15.45 18.04 -9.76
C8 CLA HK . 14.97 18.86 -8.55
C9 CLA HK . 13.45 18.91 -8.47
C10 CLA HK . 15.56 20.27 -8.55
C11 CLA HK . 15.55 20.95 -7.19
C12 CLA HK . 15.72 22.47 -7.26
C13 CLA HK . 16.64 23.09 -6.20
C14 CLA HK . 16.22 22.72 -4.78
C15 CLA HK . 16.70 24.61 -6.38
C16 CLA HK . 15.56 25.36 -5.71
C17 CLA HK . 15.41 26.79 -6.22
C18 CLA HK . 14.62 27.73 -5.32
C19 CLA HK . 14.31 29.04 -6.02
C20 CLA HK . 13.35 27.10 -4.81
MG CLA IK . 12.63 25.84 -19.06
CHA CLA IK . 15.44 25.94 -20.99
CHB CLA IK . 14.46 24.65 -16.57
CHC CLA IK . 9.74 25.32 -17.30
CHD CLA IK . 10.65 26.30 -21.96
NA CLA IK . 14.51 25.47 -18.86
C1A CLA IK . 15.59 25.71 -19.67
C2A CLA IK . 16.89 25.65 -18.93
C3A CLA IK . 16.54 24.60 -17.91
C4A CLA IK . 15.07 24.91 -17.74
CMA CLA IK . 16.79 23.16 -18.34
CAA CLA IK . 17.09 27.03 -18.28
CBA CLA IK . 18.14 27.92 -18.95
CGA CLA IK . 18.32 29.22 -18.21
O1A CLA IK . 17.79 29.49 -17.16
O2A CLA IK . 19.15 30.04 -18.86
NB CLA IK . 12.18 25.22 -17.28
C1B CLA IK . 13.13 24.86 -16.26
C2B CLA IK . 12.47 24.68 -15.03
C3B CLA IK . 11.11 24.87 -15.26
C4B CLA IK . 10.93 25.16 -16.62
CMB CLA IK . 13.12 24.37 -13.72
CAB CLA IK . 10.02 24.82 -14.28
CBB CLA IK . 9.95 24.12 -13.18
NC CLA IK . 10.71 25.82 -19.50
C1C CLA IK . 9.66 25.61 -18.63
C2C CLA IK . 8.37 25.70 -19.29
C3C CLA IK . 8.62 25.98 -20.61
C4C CLA IK . 10.04 26.06 -20.76
CMC CLA IK . 7.03 25.49 -18.65
CAC CLA IK . 7.60 26.21 -21.69
CBC CLA IK . 7.22 27.67 -21.83
ND CLA IK . 12.88 26.03 -20.97
C1D CLA IK . 12.02 26.27 -22.12
C2D CLA IK . 12.80 26.47 -23.27
C3D CLA IK . 14.16 26.35 -22.90
C4D CLA IK . 14.14 26.09 -21.54
CMD CLA IK . 12.27 26.79 -24.65
CAD CLA IK . 15.54 26.40 -23.32
OBD CLA IK . 15.99 26.60 -24.44
CBD CLA IK . 16.43 26.14 -22.14
CGD CLA IK . 17.32 24.92 -22.42
O1D CLA IK . 16.92 23.81 -22.59
O2D CLA IK . 18.60 25.27 -22.45
CED CLA IK . 19.54 24.21 -22.78
C1 CLA IK . 19.52 31.26 -18.15
C2 CLA IK . 18.71 32.39 -18.68
C3 CLA IK . 19.23 33.34 -19.45
C4 CLA IK . 20.67 33.38 -19.87
C5 CLA IK . 18.38 34.47 -20.00
C6 CLA IK . 16.90 34.36 -19.70
C7 CLA IK . 16.07 35.37 -20.47
C8 CLA IK . 14.65 35.62 -19.94
C9 CLA IK . 13.79 36.35 -20.96
C10 CLA IK . 14.71 36.35 -18.60
C11 CLA IK . 13.44 36.99 -18.08
C12 CLA IK . 13.14 38.35 -18.69
C13 CLA IK . 12.95 39.51 -17.71
C14 CLA IK . 11.80 39.25 -16.74
C15 CLA IK . 12.75 40.82 -18.48
C16 CLA IK . 12.74 42.10 -17.64
C17 CLA IK . 11.68 43.10 -18.07
C18 CLA IK . 12.00 43.98 -19.27
C19 CLA IK . 12.12 43.19 -20.56
C20 CLA IK . 10.99 45.10 -19.41
MG CLA JK . -2.68 23.52 -8.09
CHA CLA JK . -5.20 23.02 -5.83
CHB CLA JK . -3.04 26.79 -7.74
CHC CLA JK . -0.38 23.89 -10.57
CHD CLA JK . -2.91 20.08 -9.00
NA CLA JK . -3.77 24.61 -6.92
C1A CLA JK . -4.69 24.27 -5.96
C2A CLA JK . -5.09 25.41 -5.07
C3A CLA JK . -4.58 26.62 -5.83
C4A CLA JK . -3.73 25.99 -6.91
CMA CLA JK . -5.68 27.51 -6.39
CAA CLA JK . -4.42 25.20 -3.70
CBA CLA JK . -2.93 24.84 -3.72
CGA CLA JK . -2.44 24.38 -2.39
O1A CLA JK . -3.06 24.46 -1.36
O2A CLA JK . -1.23 23.84 -2.47
NB CLA JK . -1.91 25.03 -9.02
C1B CLA JK . -2.20 26.42 -8.78
C2B CLA JK . -1.46 27.23 -9.67
C3B CLA JK . -0.71 26.38 -10.47
C4B CLA JK . -0.96 25.05 -10.08
CMB CLA JK . -1.48 28.73 -9.73
CAB CLA JK . 0.21 26.74 -11.56
CBB CLA JK . 0.16 27.77 -12.35
NC CLA JK . -1.84 22.31 -9.39
C1C CLA JK . -0.82 22.64 -10.25
C2C CLA JK . -0.27 21.49 -10.92
C3C CLA JK . -1.01 20.41 -10.53
C4C CLA JK . -1.99 20.90 -9.59
CMC CLA JK . 0.94 21.49 -11.82
CAC CLA JK . -0.84 18.98 -10.96
CBC CLA JK . -0.08 18.15 -9.96
ND CLA JK . -3.73 21.95 -7.62
C1D CLA JK . -3.78 20.54 -8.03
C2D CLA JK . -4.76 19.86 -7.30
C3D CLA JK . -5.35 20.78 -6.40
C4D CLA JK . -4.71 21.99 -6.64
CMD CLA JK . -5.11 18.41 -7.44
CAD CLA JK . -6.32 21.00 -5.35
OBD CLA JK . -7.10 20.20 -4.84
CBD CLA JK . -6.26 22.43 -4.90
CGD CLA JK . -7.62 23.10 -5.00
O1D CLA JK . -7.89 24.00 -5.75
O2D CLA JK . -8.48 22.57 -4.16
CED CLA JK . -9.82 23.12 -4.17
C1 CLA JK . -0.76 23.15 -1.27
C2 CLA JK . 0.70 22.88 -1.40
C3 CLA JK . 1.28 21.75 -1.04
C4 CLA JK . 0.53 20.57 -0.48
C5 CLA JK . 2.77 21.56 -1.19
C6 CLA JK . 3.16 20.28 -1.90
C7 CLA JK . 4.49 20.39 -2.62
C8 CLA JK . 5.21 19.08 -2.95
C9 CLA JK . 4.22 18.03 -3.43
C10 CLA JK . 6.01 18.61 -1.74
C11 CLA JK . 6.85 17.34 -1.90
C12 CLA JK . 8.20 17.56 -2.56
C13 CLA JK . 9.40 17.26 -1.67
C14 CLA JK . 9.89 18.51 -0.94
C15 CLA JK . 10.55 16.57 -2.42
C16 CLA JK . 11.54 15.84 -1.52
C17 CLA JK . 12.44 14.86 -2.26
C18 CLA JK . 13.01 13.73 -1.40
C19 CLA JK . 13.91 12.80 -2.18
C20 CLA JK . 13.73 14.26 -0.18
MG CLA KK . -18.93 14.44 -28.35
CHA CLA KK . -21.71 16.31 -29.05
CHB CLA KK . -20.70 11.67 -28.88
CHC CLA KK . -16.21 12.64 -27.32
CHD CLA KK . -17.48 17.28 -26.79
NA CLA KK . -20.75 14.11 -28.95
C1A CLA KK . -21.76 14.99 -29.33
C2A CLA KK . -22.92 14.30 -30.01
C3A CLA KK . -22.75 12.88 -29.54
C4A CLA KK . -21.30 12.86 -29.09
CMA CLA KK . -23.71 12.45 -28.43
CAA CLA KK . -22.75 14.46 -31.53
CBA CLA KK . -21.44 13.93 -32.09
CGA CLA KK . -21.33 14.07 -33.58
O1A CLA KK . -22.05 14.74 -34.27
O2A CLA KK . -20.30 13.36 -34.06
NB CLA KK . -18.52 12.55 -28.16
C1B CLA KK . -19.40 11.45 -28.46
C2B CLA KK . -18.73 10.22 -28.27
C3B CLA KK . -17.44 10.51 -27.86
C4B CLA KK . -17.31 11.91 -27.77
CMB CLA KK . -19.32 8.85 -28.47
CAB CLA KK . -16.36 9.56 -27.57
CBB CLA KK . -15.57 8.99 -28.43
NC CLA KK . -17.28 14.85 -27.36
C1C CLA KK . -16.23 13.98 -27.09
C2C CLA KK . -15.14 14.64 -26.40
C3C CLA KK . -15.50 15.95 -26.21
C4C CLA KK . -16.81 16.10 -26.79
CMC CLA KK . -13.84 14.02 -25.96
CAC CLA KK . -14.72 17.03 -25.54
CBC CLA KK . -15.09 17.21 -24.09
ND CLA KK . -19.39 16.30 -28.00
C1D CLA KK . -18.73 17.43 -27.36
C2D CLA KK . -19.54 18.57 -27.46
C3D CLA KK . -20.72 18.20 -28.15
C4D CLA KK . -20.57 16.85 -28.42
CMD CLA KK . -19.21 19.94 -26.93
CAD CLA KK . -21.98 18.64 -28.73
OBD CLA KK . -22.44 19.76 -28.80
CBD CLA KK . -22.70 17.45 -29.28
CGD CLA KK . -24.02 17.27 -28.55
O1D CLA KK . -25.09 17.64 -28.95
O2D CLA KK . -23.84 16.61 -27.40
CED CLA KK . -25.03 16.39 -26.61
C1 CLA KK . -20.04 13.49 -35.49
C2 CLA KK . -18.66 13.00 -35.76
C3 CLA KK . -17.96 13.42 -36.80
MG CLA LK . -0.45 -15.85 -30.27
CHA CLA LK . 0.94 -18.28 -32.22
CHB CLA LK . -1.46 -14.28 -33.01
CHC CLA LK . -1.60 -13.35 -28.26
CHD CLA LK . 1.59 -16.91 -27.56
NA CLA LK . -0.40 -16.30 -32.15
C1A CLA LK . 0.07 -17.42 -32.80
C2A CLA LK . -0.41 -17.53 -34.22
C3A CLA LK . -0.68 -16.07 -34.53
C4A CLA LK . -0.87 -15.49 -33.15
CMA CLA LK . 0.42 -15.36 -35.32
CAA CLA LK . -1.65 -18.43 -34.22
CBA CLA LK . -2.45 -18.40 -35.52
CGA CLA LK . -3.35 -19.59 -35.70
O1A CLA LK . -3.19 -20.66 -35.17
O2A CLA LK . -4.36 -19.32 -36.55
NB CLA LK . -1.35 -14.16 -30.56
C1B CLA LK . -1.73 -13.60 -31.84
C2B CLA LK . -2.40 -12.36 -31.66
C3B CLA LK . -2.47 -12.13 -30.28
C4B CLA LK . -1.83 -13.20 -29.62
CMB CLA LK . -2.89 -11.46 -32.74
CAB CLA LK . -3.13 -11.02 -29.60
CBB CLA LK . -3.22 -9.78 -29.98
NC CLA LK . -0.13 -15.30 -28.41
C1C CLA LK . -0.77 -14.28 -27.72
C2C CLA LK . -0.36 -14.21 -26.34
C3C CLA LK . 0.58 -15.19 -26.14
C4C CLA LK . 0.74 -15.87 -27.40
CMC CLA LK . -0.88 -13.26 -25.30
CAC CLA LK . 1.32 -15.51 -24.88
CBC CLA LK . 0.72 -16.67 -24.11
ND CLA LK . 0.91 -17.20 -29.90
C1D CLA LK . 1.71 -17.60 -28.75
C2D CLA LK . 2.52 -18.70 -29.10
C3D CLA LK . 2.24 -19.03 -30.45
C4D CLA LK . 1.28 -18.11 -30.86
CMD CLA LK . 3.50 -19.38 -28.19
CAD CLA LK . 2.51 -19.92 -31.55
OBD CLA LK . 3.27 -20.89 -31.59
CBD CLA LK . 1.70 -19.50 -32.74
CGD CLA LK . 2.61 -19.16 -33.92
O1D CLA LK . 3.14 -19.97 -34.62
O2D CLA LK . 2.76 -17.84 -34.04
CED CLA LK . 3.63 -17.40 -35.10
C1 CLA LK . -5.26 -20.42 -36.83
C2 CLA LK . -6.60 -19.87 -37.19
C3 CLA LK . -7.14 -19.94 -38.40
C4 CLA LK . -6.49 -20.58 -39.59
C5 CLA LK . -8.51 -19.35 -38.66
MG CLA MK . -8.49 9.50 -29.53
CHA CLA MK . -5.21 10.12 -30.24
CHB CLA MK . -8.19 11.36 -26.78
CHC CLA MK . -11.60 8.42 -28.58
CHD CLA MK . -8.49 6.92 -31.96
NA CLA MK . -7.05 10.57 -28.78
C1A CLA MK . -5.78 10.83 -29.26
C2A CLA MK . -5.11 11.97 -28.55
C3A CLA MK . -5.85 11.98 -27.23
C4A CLA MK . -7.12 11.26 -27.60
CMA CLA MK . -5.11 11.30 -26.08
CAA CLA MK . -5.38 13.24 -29.38
CBA CLA MK . -4.35 14.35 -29.19
CGA CLA MK . -3.03 14.07 -29.84
O1A CLA MK . -2.14 13.44 -29.34
O2A CLA MK . -2.96 14.62 -31.05
NB CLA MK . -9.68 9.85 -28.02
C1B CLA MK . -9.43 10.76 -26.93
C2B CLA MK . -10.55 10.82 -26.09
C3B CLA MK . -11.51 9.94 -26.60
C4B CLA MK . -10.98 9.36 -27.77
CMB CLA MK . -10.70 11.68 -24.86
CAB CLA MK . -12.81 9.56 -26.03
CBB CLA MK . -13.75 10.32 -25.56
NC CLA MK . -9.73 8.08 -30.13
C1C CLA MK . -11.00 7.83 -29.64
C2C CLA MK . -11.66 6.75 -30.35
C3C CLA MK . -10.77 6.31 -31.30
C4C CLA MK . -9.59 7.11 -31.18
CMC CLA MK . -13.05 6.26 -30.09
CAC CLA MK . -10.97 5.19 -32.29
CBC CLA MK . -11.37 5.68 -33.65
ND CLA MK . -7.25 8.69 -30.78
C1D CLA MK . -7.33 7.65 -31.80
C2D CLA MK . -6.11 7.57 -32.51
C3D CLA MK . -5.23 8.52 -31.94
C4D CLA MK . -5.95 9.14 -30.93
CMD CLA MK . -5.81 6.66 -33.66
CAD CLA MK . -3.92 9.14 -31.98
OBD CLA MK . -3.01 8.95 -32.77
CBD CLA MK . -3.81 10.13 -30.87
CGD CLA MK . -2.73 9.71 -29.89
O1D CLA MK . -2.90 9.49 -28.72
O2D CLA MK . -1.55 9.60 -30.49
CED CLA MK . -0.43 9.23 -29.65
C1 CLA MK . -1.67 14.55 -31.72
C2 CLA MK . -1.55 13.26 -32.45
C3 CLA MK . -2.39 12.93 -33.42
MG CLA NK . -2.83 2.63 -35.14
CHA CLA NK . 0.16 4.10 -35.94
CHB CLA NK . -3.11 4.70 -32.56
CHC CLA NK . -5.52 0.78 -34.10
CHD CLA NK . -2.06 -0.01 -37.40
NA CLA NK . -1.77 4.13 -34.52
C1A CLA NK . -0.61 4.72 -35.02
C2A CLA NK . -0.29 6.05 -34.42
C3A CLA NK . -1.10 6.03 -33.16
C4A CLA NK . -2.08 4.89 -33.41
CMA CLA NK . -0.28 5.80 -31.89
CAA CLA NK . -0.70 7.15 -35.42
CBA CLA NK . -2.15 7.13 -35.91
CGA CLA NK . -2.43 6.09 -36.96
O1A CLA NK . -1.59 5.59 -37.68
O2A CLA NK . -3.72 5.75 -36.97
NB CLA NK . -4.08 2.73 -33.65
C1B CLA NK . -4.10 3.74 -32.62
C2B CLA NK . -5.21 3.53 -31.76
C3B CLA NK . -5.87 2.40 -32.22
C4B CLA NK . -5.20 1.91 -33.35
CMB CLA NK . -5.57 4.37 -30.58
CAB CLA NK . -7.09 1.80 -31.67
CBB CLA NK . -8.14 2.40 -31.19
NC CLA NK . -3.60 0.89 -35.64
C1C CLA NK . -4.77 0.31 -35.13
C2C CLA NK . -5.08 -0.95 -35.79
C3C CLA NK . -4.11 -1.17 -36.72
C4C CLA NK . -3.19 -0.07 -36.63
CMC CLA NK . -6.25 -1.85 -35.53
CAC CLA NK . -4.01 -2.33 -37.68
CBC CLA NK . -3.09 -3.42 -37.17
ND CLA NK . -1.39 2.12 -36.35
C1D CLA NK . -1.15 1.03 -37.28
C2D CLA NK . 0.05 1.23 -37.98
C3D CLA NK . 0.61 2.45 -37.49
C4D CLA NK . -0.27 2.91 -36.53
CMD CLA NK . 0.64 0.33 -39.02
CAD CLA NK . 1.69 3.42 -37.61
OBD CLA NK . 2.61 3.46 -38.42
CBD CLA NK . 1.51 4.47 -36.56
CGD CLA NK . 2.64 4.38 -35.55
O1D CLA NK . 2.50 4.07 -34.40
O2D CLA NK . 3.81 4.68 -36.11
CED CLA NK . 4.97 4.59 -35.25
C1 CLA NK . -4.06 4.47 -37.58
C2 CLA NK . -5.17 3.93 -36.76
C3 CLA NK . -6.38 4.48 -36.78
C4 CLA NK . -6.76 5.61 -37.70
C5 CLA NK . -7.44 4.07 -35.79
C6 CLA NK . -8.16 2.78 -36.16
C7 CLA NK . -9.47 2.63 -35.38
C8 CLA NK . -10.31 1.40 -35.71
C9 CLA NK . -11.76 1.60 -35.28
C10 CLA NK . -9.71 0.14 -35.07
C11 CLA NK . -9.56 -1.05 -35.99
C12 CLA NK . -10.87 -1.54 -36.59
C13 CLA NK . -10.78 -2.73 -37.55
C14 CLA NK . -10.20 -3.96 -36.87
C15 CLA NK . -10.00 -2.36 -38.80
C16 CLA NK . -9.92 -3.40 -39.92
C17 CLA NK . -11.26 -3.63 -40.63
C18 CLA NK . -11.22 -4.55 -41.83
C19 CLA NK . -10.76 -5.95 -41.46
C20 CLA NK . -12.56 -4.61 -42.55
MG CLA OK . 4.22 15.85 18.50
CHA CLA OK . 5.27 18.23 20.72
CHB CLA OK . 3.64 18.23 16.26
CHC CLA OK . 2.82 13.46 16.48
CHD CLA OK . 4.10 13.48 21.14
NA CLA OK . 4.49 17.77 18.51
C1A CLA OK . 5.04 18.61 19.45
C2A CLA OK . 5.32 20.00 18.93
C3A CLA OK . 4.39 20.06 17.74
C4A CLA OK . 4.14 18.60 17.46
CMA CLA OK . 3.11 20.84 18.01
CAA CLA OK . 6.80 20.14 18.55
CBA CLA OK . 7.48 18.92 17.93
CGA CLA OK . 8.28 18.12 18.91
O1A CLA OK . 8.01 17.99 20.07
O2A CLA OK . 9.35 17.58 18.33
NB CLA OK . 3.43 15.83 16.71
C1B CLA OK . 3.33 16.95 15.82
C2B CLA OK . 2.86 16.54 14.56
C3B CLA OK . 2.63 15.16 14.64
C4B CLA OK . 2.96 14.73 15.94
CMB CLA OK . 2.68 17.40 13.35
CAB CLA OK . 2.16 14.26 13.59
CBB CLA OK . 1.31 14.53 12.63
NC CLA OK . 3.64 13.97 18.74
C1C CLA OK . 3.13 13.13 17.77
C2C CLA OK . 2.89 11.79 18.27
C3C CLA OK . 3.27 11.79 19.59
C4C CLA OK . 3.71 13.12 19.89
CMC CLA OK . 2.34 10.63 17.49
CAC CLA OK . 3.28 10.62 20.53
CBC CLA OK . 2.15 10.65 21.52
ND CLA OK . 4.52 15.80 20.42
C1D CLA OK . 4.50 14.77 21.45
C2D CLA OK . 4.93 15.31 22.68
C3D CLA OK . 5.23 16.68 22.46
C4D CLA OK . 4.99 16.90 21.11
CMD CLA OK . 5.11 14.55 23.96
CAD CLA OK . 5.66 17.93 23.04
OBD CLA OK . 5.89 18.19 24.21
CBD CLA OK . 5.80 18.96 21.96
CGD CLA OK . 5.04 20.23 22.29
O1D CLA OK . 3.85 20.30 22.43
O2D CLA OK . 5.87 21.27 22.39
CED CLA OK . 5.26 22.55 22.68
C1 CLA OK . 10.26 16.88 19.21
C2 CLA OK . 11.53 16.64 18.49
C3 CLA OK . 11.60 15.94 17.37
C4 CLA OK . 10.41 15.33 16.69
C5 CLA OK . 12.93 15.70 16.69
C6 CLA OK . 13.50 14.32 16.99
C7 CLA OK . 15.00 14.23 16.77
C8 CLA OK . 15.65 12.95 17.28
C9 CLA OK . 14.94 11.71 16.74
C10 CLA OK . 15.76 12.93 18.80
C11 CLA OK . 16.64 14.00 19.40
C12 CLA OK . 17.20 13.64 20.78
C13 CLA OK . 17.99 14.76 21.46
C14 CLA OK . 18.80 15.59 20.48
C15 CLA OK . 18.87 14.21 22.59
C16 CLA OK . 18.20 14.12 23.95
C17 CLA OK . 19.19 13.92 25.08
C18 CLA OK . 18.65 14.04 26.49
C19 CLA OK . 19.60 13.45 27.49
C20 CLA OK . 18.32 15.48 26.86
MG CLA PK . 8.84 11.08 4.83
CHA CLA PK . 6.99 13.73 3.73
CHB CLA PK . 10.74 11.26 2.10
CHC CLA PK . 10.33 8.14 5.77
CHD CLA PK . 6.29 10.36 7.21
NA CLA PK . 8.84 12.26 3.29
C1A CLA PK . 8.02 13.34 2.95
C2A CLA PK . 8.41 14.01 1.65
C3A CLA PK . 9.59 13.22 1.18
C4A CLA PK . 9.75 12.17 2.25
CMA CLA PK . 9.38 12.63 -0.21
CAA CLA PK . 8.78 15.47 1.97
CBA CLA PK . 9.77 15.67 3.11
CGA CLA PK . 9.88 17.11 3.49
O1A CLA PK . 9.44 18.03 2.85
O2A CLA PK . 10.53 17.26 4.64
NB CLA PK . 10.26 9.96 4.11
C1B CLA PK . 11.05 10.21 2.93
C2B CLA PK . 12.08 9.25 2.81
C3B CLA PK . 11.94 8.37 3.88
C4B CLA PK . 10.85 8.78 4.66
CMB CLA PK . 13.13 9.22 1.75
CAB CLA PK . 12.79 7.23 4.22
CBB CLA PK . 13.86 7.22 4.97
NC CLA PK . 8.44 9.66 6.15
C1C CLA PK . 9.21 8.55 6.43
C2C CLA PK . 8.66 7.74 7.48
C3C CLA PK . 7.50 8.33 7.89
C4C CLA PK . 7.35 9.51 7.09
CMC CLA PK . 9.25 6.47 8.04
CAC CLA PK . 6.57 7.85 8.97
CBC CLA PK . 5.76 6.65 8.56
ND CLA PK . 7.13 11.80 5.39
C1D CLA PK . 6.14 11.48 6.42
C2D CLA PK . 5.11 12.45 6.42
C3D CLA PK . 5.43 13.39 5.41
C4D CLA PK . 6.61 12.95 4.83
CMD CLA PK . 3.93 12.47 7.33
CAD CLA PK . 5.04 14.62 4.75
OBD CLA PK . 4.12 15.37 5.00
CBD CLA PK . 6.00 14.90 3.64
CGD CLA PK . 5.19 14.95 2.34
O1D CLA PK . 5.36 14.25 1.39
O2D CLA PK . 4.25 15.88 2.43
CED CLA PK . 3.33 15.95 1.32
C1 CLA PK . 10.58 18.61 5.16
C2 CLA PK . 11.58 18.62 6.27
C3 CLA PK . 11.47 19.43 7.31
C4 CLA PK . 10.38 20.45 7.47
C5 CLA PK . 12.46 19.36 8.44
C6 CLA PK . 12.69 17.95 8.96
C7 CLA PK . 13.55 17.93 10.19
C8 CLA PK . 12.98 17.21 11.41
C9 CLA PK . 11.71 17.90 11.91
C10 CLA PK . 14.02 17.09 12.52
C11 CLA PK . 14.54 18.42 13.08
C12 CLA PK . 15.71 18.24 14.03
C13 CLA PK . 16.28 19.49 14.69
C14 CLA PK . 16.16 20.72 13.78
C15 CLA PK . 17.73 19.25 15.10
C16 CLA PK . 17.96 18.05 16.00
C17 CLA PK . 19.43 17.78 16.26
C18 CLA PK . 19.70 16.71 17.29
C19 CLA PK . 19.09 15.38 16.91
C20 CLA PK . 21.19 16.55 17.55
MG CLA QK . -0.19 49.77 -31.54
CHA CLA QK . -3.34 49.37 -30.27
CHB CLA QK . -1.37 51.90 -33.80
CHC CLA QK . 2.83 49.55 -33.18
CHD CLA QK . 0.93 47.10 -29.48
NA CLA QK . -1.96 50.51 -31.86
C1A CLA QK . -3.17 50.31 -31.23
C2A CLA QK . -4.29 51.20 -31.73
C3A CLA QK . -3.62 52.02 -32.80
C4A CLA QK . -2.22 51.45 -32.84
CMA CLA QK . -4.34 51.94 -34.14
CAA CLA QK . -4.81 52.09 -30.59
CBA CLA QK . -3.75 52.74 -29.71
CGA CLA QK . -3.57 52.05 -28.39
O1A CLA QK . -4.46 51.79 -27.63
O2A CLA QK . -2.29 51.77 -28.16
NB CLA QK . 0.58 50.56 -33.15
C1B CLA QK . -0.06 51.51 -34.02
C2B CLA QK . 0.82 51.92 -35.05
C3B CLA QK . 2.02 51.23 -34.85
C4B CLA QK . 1.88 50.41 -33.71
CMB CLA QK . 0.53 52.91 -36.12
CAB CLA QK . 3.23 51.29 -35.67
CBB CLA QK . 3.80 52.35 -36.17
NC CLA QK . 1.45 48.67 -31.34
C1C CLA QK . 2.62 48.76 -32.10
C2C CLA QK . 3.64 47.88 -31.62
C3C CLA QK . 3.14 47.19 -30.55
C4C CLA QK . 1.78 47.65 -30.38
CMC CLA QK . 5.03 47.74 -32.18
CAC CLA QK . 3.84 46.17 -29.70
CBC CLA QK . 4.62 46.80 -28.57
ND CLA QK . -0.92 48.53 -30.24
C1D CLA QK . -0.40 47.46 -29.39
C2D CLA QK . -1.42 46.97 -28.55
C3D CLA QK . -2.60 47.69 -28.85
C4D CLA QK . -2.25 48.58 -29.85
CMD CLA QK . -1.26 45.88 -27.53
CAD CLA QK . -4.01 47.89 -28.54
OBD CLA QK . -4.68 47.35 -27.69
CBD CLA QK . -4.56 48.93 -29.47
CGD CLA QK . -5.63 48.33 -30.39
O1D CLA QK . -5.45 48.04 -31.54
O2D CLA QK . -6.79 48.19 -29.75
CED CLA QK . -7.87 47.65 -30.53
C1 CLA QK . -2.00 51.09 -26.91
C2 CLA QK . -0.65 50.49 -27.03
C3 CLA QK . 0.35 50.69 -26.18
C4 CLA QK . 0.24 51.54 -24.94
C5 CLA QK . 1.70 50.07 -26.42
C6 CLA QK . 2.29 50.40 -27.79
C7 CLA QK . 2.64 51.88 -27.93
C8 CLA QK . 2.93 52.44 -29.33
C9 CLA QK . 1.94 51.94 -30.38
C10 CLA QK . 4.39 52.21 -29.77
C11 CLA QK . 5.02 50.86 -29.50
C12 CLA QK . 6.43 50.73 -30.08
C13 CLA QK . 7.51 51.50 -29.35
C14 CLA QK . 8.79 51.61 -30.17
C15 CLA QK . 7.79 50.88 -27.98
MG CLA RK . 25.90 16.63 10.04
CHA CLA RK . 28.37 15.32 11.98
CHB CLA RK . 27.54 19.52 9.98
CHC CLA RK . 23.18 18.05 8.52
CHD CLA RK . 23.83 13.86 10.85
NA CLA RK . 27.61 17.20 10.73
C1A CLA RK . 28.61 16.50 11.39
C2A CLA RK . 29.91 17.25 11.44
C3A CLA RK . 29.40 18.67 11.39
C4A CLA RK . 28.10 18.48 10.64
CMA CLA RK . 29.21 19.33 12.75
CAA CLA RK . 30.75 16.90 10.20
CBA CLA RK . 31.74 15.74 10.34
CGA CLA RK . 32.85 15.98 11.32
O1A CLA RK . 33.80 15.25 11.46
O2A CLA RK . 32.64 17.08 12.03
NB CLA RK . 25.47 18.39 9.31
C1B CLA RK . 26.35 19.53 9.27
C2B CLA RK . 25.78 20.57 8.51
C3B CLA RK . 24.52 20.12 8.09
C4B CLA RK . 24.33 18.82 8.60
CMB CLA RK . 26.42 21.88 8.17
CAB CLA RK . 23.56 20.82 7.24
CBB CLA RK . 22.90 20.35 6.22
NC CLA RK . 24.02 16.09 9.73
C1C CLA RK . 23.05 16.81 9.06
C2C CLA RK . 21.80 16.10 8.98
C3C CLA RK . 21.96 14.91 9.64
C4C CLA RK . 23.32 14.89 10.11
CMC CLA RK . 20.55 16.57 8.30
CAC CLA RK . 20.93 13.83 9.84
CBC CLA RK . 20.71 13.00 8.61
ND CLA RK . 25.98 15.02 11.12
C1D CLA RK . 25.10 13.89 11.38
C2D CLA RK . 25.77 12.94 12.19
C3D CLA RK . 27.06 13.45 12.46
C4D CLA RK . 27.13 14.67 11.80
CMD CLA RK . 25.21 11.63 12.64
CAD CLA RK . 28.34 13.24 13.12
OBD CLA RK . 28.69 12.29 13.80
CBD CLA RK . 29.23 14.41 12.86
CGD CLA RK . 29.58 15.07 14.18
O1D CLA RK . 30.69 15.11 14.66
O2D CLA RK . 28.51 15.60 14.75
CED CLA RK . 28.72 16.27 16.02
C1 CLA RK . 33.44 17.22 13.25
C2 CLA RK . 32.56 17.81 14.30
C3 CLA RK . 32.92 18.80 15.10
C4 CLA RK . 34.29 19.42 15.12
C5 CLA RK . 31.95 19.38 16.10
C6 CLA RK . 32.02 20.90 16.19
C7 CLA RK . 30.71 21.53 16.65
C8 CLA RK . 30.81 23.04 16.93
C9 CLA RK . 30.89 23.33 18.42
C10 CLA RK . 29.71 23.83 16.24
C11 CLA RK . 28.26 23.44 16.51
C12 CLA RK . 27.39 23.49 15.24
C13 CLA RK . 27.40 24.80 14.46
C14 CLA RK . 26.09 25.56 14.61
C15 CLA RK . 27.75 24.56 12.99
C16 CLA RK . 29.16 24.05 12.70
C17 CLA RK . 29.45 23.85 11.22
C18 CLA RK . 30.75 23.14 10.91
C19 CLA RK . 30.94 22.97 9.42
C20 CLA RK . 31.96 23.84 11.52
MG CLA SK . -9.39 -8.76 -30.90
CHA CLA SK . -11.43 -6.73 -29.06
CHB CLA SK . -8.66 -10.51 -28.18
CHC CLA SK . -7.05 -10.47 -32.75
CHD CLA SK . -9.62 -6.46 -33.60
NA CLA SK . -10.00 -8.66 -29.07
C1A CLA SK . -10.90 -7.81 -28.43
C2A CLA SK . -11.21 -8.17 -27.01
C3A CLA SK . -10.22 -9.29 -26.72
C4A CLA SK . -9.58 -9.52 -28.06
CMA CLA SK . -9.21 -8.96 -25.63
CAA CLA SK . -12.68 -8.64 -26.93
CBA CLA SK . -13.01 -9.89 -27.75
CGA CLA SK . -14.42 -9.90 -28.27
O1A CLA SK . -14.74 -9.51 -29.36
O2A CLA SK . -15.27 -10.41 -27.38
NB CLA SK . -8.12 -10.19 -30.55
C1B CLA SK . -7.96 -10.90 -29.30
C2B CLA SK . -7.06 -11.98 -29.45
C3B CLA SK . -6.63 -11.97 -30.78
C4B CLA SK . -7.24 -10.89 -31.43
CMB CLA SK . -6.63 -12.93 -28.38
CAB CLA SK . -5.75 -12.94 -31.44
CBB CLA SK . -5.58 -14.21 -31.14
NC CLA SK . -8.57 -8.53 -32.68
C1C CLA SK . -7.64 -9.38 -33.30
C2C CLA SK . -7.31 -8.94 -34.64
C3C CLA SK . -8.01 -7.80 -34.88
C4C CLA SK . -8.79 -7.53 -33.70
CMC CLA SK . -6.35 -9.62 -35.58
CAC CLA SK . -8.01 -6.97 -36.12
CBC CLA SK . -7.21 -5.69 -35.99
ND CLA SK . -10.25 -7.06 -31.30
C1D CLA SK . -10.36 -6.19 -32.46
C2D CLA SK . -11.26 -5.15 -32.20
C3D CLA SK . -11.73 -5.31 -30.88
C4D CLA SK . -11.08 -6.44 -30.39
CMD CLA SK . -11.66 -4.06 -33.15
CAD CLA SK . -12.60 -4.83 -29.83
OBD CLA SK . -13.42 -3.92 -29.87
CBD CLA SK . -12.40 -5.64 -28.59
CGD CLA SK . -11.80 -4.78 -27.49
O1D CLA SK . -10.63 -4.72 -27.23
O2D CLA SK . -12.74 -4.11 -26.83
CED CLA SK . -12.29 -3.31 -25.72
C1 CLA SK . -16.59 -10.78 -27.89
C2 CLA SK . -17.33 -9.59 -28.40
C3 CLA SK . -18.07 -8.83 -27.61
C4 CLA SK . -18.24 -9.08 -26.14
C5 CLA SK . -18.83 -7.63 -28.14
C6 CLA SK . -18.60 -7.31 -29.61
C7 CLA SK . -17.21 -6.76 -29.91
C8 CLA SK . -16.69 -6.99 -31.34
C9 CLA SK . -15.23 -6.61 -31.46
C10 CLA SK . -17.56 -6.27 -32.38
C11 CLA SK . -17.07 -6.39 -33.81
C12 CLA SK . -18.10 -6.00 -34.86
C13 CLA SK . -18.53 -4.53 -34.92
C14 CLA SK . -19.70 -4.35 -35.88
C15 CLA SK . -17.37 -3.61 -35.29
C16 CLA SK . -17.13 -2.44 -34.34
C17 CLA SK . -16.60 -1.19 -35.04
C18 CLA SK . -15.11 -1.11 -35.29
C19 CLA SK . -14.58 -2.36 -35.96
C20 CLA SK . -14.33 -0.82 -34.02
C1 PQN TK . 0.35 5.87 7.62
O1 PQN TK . 0.90 5.19 6.79
C2 PQN TK . 1.05 6.31 8.85
C2M PQN TK . 2.49 5.86 9.00
C3 PQN TK . 0.44 7.07 9.77
C4 PQN TK . -0.98 7.49 9.60
O4 PQN TK . -1.53 8.17 10.42
C5 PQN TK . -1.70 7.06 8.38
C6 PQN TK . -3.02 7.44 8.20
C7 PQN TK . -3.70 7.05 7.06
C8 PQN TK . -3.06 6.25 6.11
C9 PQN TK . -1.75 5.87 6.29
C10 PQN TK . -1.06 6.28 7.42
C11 PQN TK . 1.10 7.53 11.04
C12 PQN TK . 1.95 8.75 10.78
C13 PQN TK . 1.84 9.93 11.38
C14 PQN TK . 0.80 10.27 12.42
C15 PQN TK . 2.78 11.03 11.01
C16 PQN TK . 4.14 10.76 11.66
C17 PQN TK . 4.89 12.02 12.05
C18 PQN TK . 6.14 12.26 11.21
C19 PQN TK . 7.31 11.42 11.71
C20 PQN TK . 6.48 13.76 11.16
C21 PQN TK . 6.60 14.43 12.52
C22 PQN TK . 7.86 15.27 12.64
C23 PQN TK . 7.84 16.36 13.71
C24 PQN TK . 6.94 15.98 14.89
C25 PQN TK . 7.45 17.69 13.09
C26 PQN TK . 6.88 18.72 14.06
C27 PQN TK . 6.86 20.12 13.48
C28 PQN TK . 5.48 20.80 13.41
C29 PQN TK . 5.57 22.20 14.01
C30 PQN TK . 4.93 20.85 11.99
C DD6 UK . 4.81 44.59 -37.07
C1 DD6 UK . 4.80 45.91 -36.35
C10 DD6 UK . -4.77 47.65 -37.47
C11 DD6 UK . -5.99 47.97 -37.01
C12 DD6 UK . -6.22 48.69 -35.70
C13 DD6 UK . -7.16 47.75 -37.86
C14 DD6 UK . -8.41 48.03 -37.58
C15 DD6 UK . -9.61 47.83 -38.49
C16 DD6 UK . -10.59 48.96 -38.51
C17 DD6 UK . -11.99 48.41 -38.84
C18 DD6 UK . -12.04 47.38 -39.95
C19 DD6 UK . -11.32 46.12 -39.51
C2 DD6 UK . 3.69 46.67 -36.20
C20 DD6 UK . -9.94 46.42 -38.96
C21 DD6 UK . -9.14 45.20 -38.56
C22 DD6 UK . -10.16 49.94 -39.61
C23 DD6 UK . -10.67 49.76 -37.21
C24 DD6 UK . 6.06 46.40 -35.82
C25 DD6 UK . 7.28 45.90 -36.00
C26 DD6 UK . 8.45 46.48 -35.44
C27 DD6 UK . 9.73 46.09 -35.61
C28 DD6 UK . 10.17 44.92 -36.45
C29 DD6 UK . 10.76 46.86 -34.96
C3 DD6 UK . 2.37 46.41 -36.69
C30 DD6 UK . 11.55 47.60 -34.47
C31 DD6 UK . 12.46 48.55 -33.95
C32 DD6 UK . 11.94 49.50 -32.86
C33 DD6 UK . 13.04 50.50 -32.49
C34 DD6 UK . 14.42 49.88 -32.43
C35 DD6 UK . 14.79 49.40 -33.83
C36 DD6 UK . 13.71 48.56 -34.45
C37 DD6 UK . 14.14 47.76 -35.65
C4 DD6 UK . 1.35 47.26 -36.49
C40 DD6 UK . 11.54 48.71 -31.61
C41 DD6 UK . 10.72 50.28 -33.37
C5 DD6 UK . 0.02 47.06 -36.95
C6 DD6 UK . -1.04 47.88 -36.76
C7 DD6 UK . -0.94 49.16 -35.99
C8 DD6 UK . -2.33 47.52 -37.31
C9 DD6 UK . -3.52 47.99 -36.90
O1 DD6 UK . -9.21 47.38 -39.78
O2 DD6 UK . -13.40 47.07 -40.25
O4 DD6 UK . 15.36 50.86 -31.99
C1 BCR VK . 4.67 52.43 -23.37
C2 BCR VK . 3.89 53.52 -22.66
C3 BCR VK . 3.38 53.08 -21.30
C4 BCR VK . 2.42 51.93 -21.49
C5 BCR VK . 2.90 50.89 -22.45
C6 BCR VK . 3.92 51.10 -23.31
C7 BCR VK . 4.63 49.97 -23.93
C8 BCR VK . 5.62 49.28 -23.37
C9 BCR VK . 6.33 48.16 -23.95
C10 BCR VK . 6.86 47.28 -23.06
C11 BCR VK . 7.58 46.08 -23.32
C33 BCR VK . 2.25 49.55 -22.21
C31 BCR VK . 6.06 52.29 -22.72
C32 BCR VK . 4.86 52.86 -24.82
C34 BCR VK . 6.41 48.04 -25.44
C12 BCR VK . 7.45 45.04 -22.49
C13 BCR VK . 8.11 43.76 -22.60
C14 BCR VK . 8.05 42.94 -21.51
C15 BCR VK . 8.61 41.64 -21.35
C16 BCR VK . 8.40 40.90 -20.24
C17 BCR VK . 8.96 39.61 -20.07
C18 BCR VK . 8.85 38.80 -18.98
C19 BCR VK . 9.51 37.52 -19.03
C20 BCR VK . 9.21 36.45 -18.27
C21 BCR VK . 9.92 35.21 -18.40
C22 BCR VK . 9.94 34.19 -17.51
C23 BCR VK . 10.75 33.04 -17.86
C24 BCR VK . 11.17 32.10 -17.00
C25 BCR VK . 11.99 30.94 -17.34
C26 BCR VK . 13.28 31.05 -17.72
C27 BCR VK . 14.11 29.85 -18.08
C28 BCR VK . 13.47 28.54 -17.68
C29 BCR VK . 12.02 28.54 -18.12
C30 BCR VK . 11.20 29.63 -17.45
C35 BCR VK . 8.80 43.43 -23.89
C36 BCR VK . 8.11 39.18 -17.73
C37 BCR VK . 9.17 34.18 -16.23
C38 BCR VK . 14.07 32.33 -17.73
C39 BCR VK . 10.78 29.18 -16.04
C40 BCR VK . 9.94 29.82 -18.29
C1 BCR WK . 21.81 15.44 -0.21
C2 BCR WK . 23.07 15.16 -1.03
C3 BCR WK . 23.06 13.82 -1.74
C4 BCR WK . 21.82 13.65 -2.61
C5 BCR WK . 20.60 14.39 -2.16
C6 BCR WK . 20.55 15.04 -0.98
C7 BCR WK . 19.31 15.34 -0.28
C8 BCR WK . 18.55 14.43 0.36
C9 BCR WK . 17.30 14.71 1.06
C10 BCR WK . 16.80 13.74 1.85
C11 BCR WK . 15.60 13.78 2.62
C33 BCR WK . 19.38 13.92 -2.89
C31 BCR WK . 21.74 16.93 0.16
C32 BCR WK . 21.90 14.63 1.09
C34 BCR WK . 16.67 16.06 0.84
C12 BCR WK . 15.31 12.84 3.54
C13 BCR WK . 14.12 12.79 4.35
C14 BCR WK . 14.04 11.79 5.27
C15 BCR WK . 12.98 11.49 6.18
C16 BCR WK . 13.05 10.47 7.04
C17 BCR WK . 11.99 10.14 7.93
C18 BCR WK . 11.99 9.18 8.90
C19 BCR WK . 10.80 9.00 9.67
C20 BCR WK . 10.65 8.24 10.77
C21 BCR WK . 9.39 8.12 11.42
C22 BCR WK . 9.07 7.38 12.52
C23 BCR WK . 7.69 7.43 12.94
C24 BCR WK . 7.12 6.67 13.90
C25 BCR WK . 5.70 6.74 14.27
C26 BCR WK . 5.07 7.92 14.42
C27 BCR WK . 3.60 7.99 14.72
C28 BCR WK . 2.88 6.65 14.78
C29 BCR WK . 3.44 5.66 13.79
C30 BCR WK . 4.97 5.49 13.80
C35 BCR WK . 13.05 13.82 4.14
C36 BCR WK . 13.15 8.29 9.18
C37 BCR WK . 10.06 6.53 13.26
C38 BCR WK . 5.77 9.22 14.68
C39 BCR WK . 5.43 5.11 12.39
C40 BCR WK . 5.29 4.33 14.73
C1 LMG XK . -7.76 18.43 1.68
O1 LMG XK . -6.43 18.81 1.81
C2 LMG XK . -8.30 18.12 3.07
O2 LMG XK . -7.56 17.04 3.58
C3 LMG XK . -9.77 17.79 2.92
O3 LMG XK . -10.27 17.49 4.20
C4 LMG XK . -10.53 18.92 2.24
O4 LMG XK . -10.52 20.04 3.09
C5 LMG XK . -9.84 19.21 0.90
O5 LMG XK . -10.18 20.23 -1.21
C6 LMG XK . -10.41 20.40 0.16
O6 LMG XK . -8.47 19.49 1.10
C7 LMG XK . -5.73 19.06 0.61
C8 LMG XK . -5.03 17.77 0.18
C9 LMG XK . -3.79 18.00 -0.65
O7 LMG XK . -4.72 17.09 1.39
C10 LMG XK . -3.88 17.60 2.30
O9 LMG XK . -4.22 18.41 3.14
C11 LMG XK . -2.51 17.04 2.14
C12 LMG XK . -1.62 17.26 3.38
C13 LMG XK . -0.38 18.09 3.04
C14 LMG XK . 0.71 17.95 4.08
C15 LMG XK . 2.01 18.67 3.70
C16 LMG XK . 2.76 19.23 4.90
C17 LMG XK . 4.27 19.08 4.79
C18 LMG XK . 4.93 19.99 3.76
C19 LMG XK . 6.44 19.85 3.69
C20 LMG XK . 7.01 20.13 2.30
C21 LMG XK . 7.14 21.61 1.99
C22 LMG XK . 6.01 22.18 1.13
C23 LMG XK . 6.46 23.29 0.20
C24 LMG XK . 7.19 22.79 -1.05
C25 LMG XK . 8.26 23.73 -1.58
C26 LMG XK . 8.39 23.74 -3.10
C27 LMG XK . 9.05 25.01 -3.62
O8 LMG XK . -4.21 18.48 -1.93
C28 LMG XK . -3.51 19.47 -2.49
O10 LMG XK . -3.47 20.58 -2.04
C29 LMG XK . -2.82 19.01 -3.73
C30 LMG XK . -2.01 20.08 -4.45
C31 LMG XK . -0.69 19.57 -4.99
C32 LMG XK . -0.86 18.54 -6.11
C33 LMG XK . 0.37 17.69 -6.36
C34 LMG XK . 0.14 16.19 -6.20
C35 LMG XK . 1.39 15.35 -6.49
C36 LMG XK . 2.60 15.77 -5.68
C37 LMG XK . 3.72 16.41 -6.51
C38 LMG XK . 4.81 15.43 -6.91
C39 LMG XK . 6.00 15.49 -5.96
C40 LMG XK . 6.95 16.63 -6.27
C41 LMG XK . 7.98 16.28 -7.34
C42 LMG XK . 8.93 15.18 -6.87
C43 LMG XK . 10.17 15.00 -7.74
C44 LMG XK . 11.07 16.23 -7.81
C45 LMG XK . 11.51 16.73 -6.45
FE1 SF4 YK . -22.87 8.40 12.71
FE2 SF4 YK . -25.02 9.34 14.10
FE3 SF4 YK . -24.93 9.62 11.39
FE4 SF4 YK . -23.26 11.10 12.97
S1 SF4 YK . -25.54 11.21 12.90
S2 SF4 YK . -22.70 9.98 11.07
S3 SF4 YK . -22.83 9.61 14.64
S4 SF4 YK . -25.02 7.67 12.56
FE1 SF4 ZK . -36.01 6.56 7.54
FE2 SF4 ZK . -34.18 7.87 9.09
FE3 SF4 ZK . -35.66 9.26 7.26
FE4 SF4 ZK . -33.71 7.54 6.41
S1 SF4 ZK . -33.42 9.45 7.62
S2 SF4 ZK . -35.84 7.73 5.58
S3 SF4 ZK . -33.87 5.90 7.98
S4 SF4 ZK . -36.43 8.16 9.10
C1 BCR AL . -7.89 -15.42 -35.13
C2 BCR AL . -6.91 -16.15 -36.06
C3 BCR AL . -5.54 -16.36 -35.48
C4 BCR AL . -5.56 -16.96 -34.08
C5 BCR AL . -6.84 -16.79 -33.32
C6 BCR AL . -7.74 -15.88 -33.68
C7 BCR AL . -8.72 -15.27 -32.76
C8 BCR AL . -9.97 -15.69 -32.57
C9 BCR AL . -10.94 -15.09 -31.67
C10 BCR AL . -10.54 -14.61 -30.47
C11 BCR AL . -11.36 -13.98 -29.49
C33 BCR AL . -6.87 -17.55 -32.02
C31 BCR AL . -9.33 -15.67 -35.62
C32 BCR AL . -7.58 -13.92 -35.27
C34 BCR AL . -12.36 -15.03 -32.15
C12 BCR AL . -11.23 -14.13 -28.16
C13 BCR AL . -12.08 -13.45 -27.20
C14 BCR AL . -11.45 -12.92 -26.12
C15 BCR AL . -12.01 -12.16 -25.05
C16 BCR AL . -11.27 -11.78 -23.99
C17 BCR AL . -11.77 -10.97 -22.92
C18 BCR AL . -11.13 -10.60 -21.78
C19 BCR AL . -11.83 -9.73 -20.88
C20 BCR AL . -11.22 -8.77 -20.16
C21 BCR AL . -11.88 -7.86 -19.28
C22 BCR AL . -11.33 -7.12 -18.29
C23 BCR AL . -12.19 -6.22 -17.54
C24 BCR AL . -11.84 -5.53 -16.45
C25 BCR AL . -12.69 -4.59 -15.71
C26 BCR AL . -13.99 -4.79 -15.45
C27 BCR AL . -14.97 -3.66 -15.30
C28 BCR AL . -14.40 -2.25 -15.26
C29 BCR AL . -12.94 -2.21 -14.85
C30 BCR AL . -12.04 -3.21 -15.56
C35 BCR AL . -13.55 -13.38 -27.47
C36 BCR AL . -9.72 -11.02 -21.47
C37 BCR AL . -9.87 -7.16 -17.93
C38 BCR AL . -14.70 -6.10 -15.66
C39 BCR AL . -10.71 -3.33 -14.81
C40 BCR AL . -11.74 -2.62 -16.96
MG CLA BL . -15.85 -17.90 -28.96
CHA CLA BL . -18.57 -19.02 -30.72
CHB CLA BL . -13.83 -19.12 -31.29
CHC CLA BL . -13.21 -17.16 -26.90
CHD CLA BL . -17.98 -17.25 -26.19
NA CLA BL . -16.18 -18.81 -30.65
C1A CLA BL . -17.35 -19.18 -31.30
C2A CLA BL . -17.16 -19.75 -32.68
C3A CLA BL . -15.65 -19.86 -32.78
C4A CLA BL . -15.17 -19.23 -31.50
CMA CLA BL . -15.15 -21.30 -32.94
CAA CLA BL . -17.79 -18.74 -33.66
CBA CLA BL . -17.34 -18.80 -35.13
CGA CLA BL . -17.70 -20.09 -35.80
O1A CLA BL . -18.05 -21.09 -35.24
O2A CLA BL . -17.59 -19.99 -37.13
NB CLA BL . -13.91 -18.09 -29.08
C1B CLA BL . -13.17 -18.57 -30.21
C2B CLA BL . -11.79 -18.44 -29.99
C3B CLA BL . -11.62 -17.87 -28.71
C4B CLA BL . -12.89 -17.67 -28.16
CMB CLA BL . -10.70 -18.81 -30.96
CAB CLA BL . -10.37 -17.48 -28.05
CBB CLA BL . -9.14 -17.82 -28.33
NC CLA BL . -15.65 -17.34 -27.08
C1C CLA BL . -14.47 -17.04 -26.42
C2C CLA BL . -14.69 -16.59 -25.06
C3C CLA BL . -16.04 -16.61 -24.84
C4C CLA BL . -16.65 -17.07 -26.06
CMC CLA BL . -13.63 -16.19 -24.07
CAC CLA BL . -16.77 -16.22 -23.59
CBC CLA BL . -17.08 -17.39 -22.69
ND CLA BL . -17.73 -18.08 -28.51
C1D CLA BL . -18.57 -17.75 -27.34
C2D CLA BL . -19.92 -17.98 -27.64
C3D CLA BL . -19.99 -18.45 -28.97
C4D CLA BL . -18.67 -18.51 -29.42
CMD CLA BL . -21.07 -17.73 -26.72
CAD CLA BL . -20.84 -18.85 -30.07
OBD CLA BL . -22.06 -18.83 -30.13
CBD CLA BL . -19.99 -19.30 -31.21
CGD CLA BL . -20.28 -20.77 -31.52
O1D CLA BL . -19.75 -21.70 -30.98
O2D CLA BL . -21.21 -20.88 -32.46
CED CLA BL . -21.63 -22.23 -32.78
C1 CLA BL . -17.98 -21.16 -37.89
C2 CLA BL . -18.18 -20.77 -39.32
C3 CLA BL . -17.18 -20.34 -40.07
MG CLA CL . -4.45 1.60 -47.06
CHA CLA CL . -5.84 -0.50 -49.36
CHB CLA CL . -7.48 2.42 -45.98
CHC CLA CL . -2.96 3.77 -44.87
CHD CLA CL . -1.48 1.71 -48.99
NA CLA CL . -6.22 1.01 -47.54
C1A CLA CL . -6.67 0.05 -48.43
C2A CLA CL . -8.13 -0.29 -48.26
C3A CLA CL . -8.64 1.01 -47.68
C4A CLA CL . -7.38 1.54 -47.01
CMA CLA CL . -9.21 2.00 -48.70
CAA CLA CL . -8.24 -1.46 -47.29
CBA CLA CL . -9.67 -2.00 -47.14
CGA CLA CL . -10.25 -2.46 -48.45
O1A CLA CL . -9.78 -3.32 -49.14
O2A CLA CL . -11.34 -1.76 -48.77
NB CLA CL . -5.08 2.79 -45.66
C1B CLA CL . -6.45 3.00 -45.26
C2B CLA CL . -6.52 3.84 -44.14
C3B CLA CL . -5.20 4.21 -43.83
C4B CLA CL . -4.35 3.60 -44.75
CMB CLA CL . -7.76 4.28 -43.42
CAB CLA CL . -4.75 5.07 -42.73
CBB CLA CL . -5.30 6.17 -42.29
NC CLA CL . -2.68 2.48 -46.95
C1C CLA CL . -2.23 3.28 -45.91
C2C CLA CL . -0.86 3.71 -46.12
C3C CLA CL . -0.44 3.16 -47.31
C4C CLA CL . -1.56 2.40 -47.82
CMC CLA CL . -0.05 4.58 -45.20
CAC CLA CL . 0.89 3.31 -47.97
CBC CLA CL . 1.75 2.06 -47.83
ND CLA CL . -3.77 0.86 -48.72
C1D CLA CL . -2.52 0.94 -49.47
C2D CLA CL . -2.61 0.14 -50.63
C3D CLA CL . -3.87 -0.47 -50.62
C4D CLA CL . -4.51 -0.02 -49.47
CMD CLA CL . -1.53 -0.02 -51.66
CAD CLA CL . -4.81 -1.34 -51.33
OBD CLA CL . -4.70 -1.83 -52.44
CBD CLA CL . -6.02 -1.56 -50.46
CGD CLA CL . -7.29 -1.47 -51.30
O1D CLA CL . -7.90 -0.45 -51.52
O2D CLA CL . -7.63 -2.66 -51.76
CED CLA CL . -8.80 -2.72 -52.62
C1 CLA CL . -11.87 -1.98 -50.11
C2 CLA CL . -12.48 -3.33 -50.19
C3 CLA CL . -11.96 -4.30 -50.93
C1 BCR DL . -22.84 -5.57 -30.61
C2 BCR DL . -22.60 -7.08 -30.56
C3 BCR DL . -21.61 -7.55 -31.60
C4 BCR DL . -22.14 -7.24 -32.98
C5 BCR DL . -22.66 -5.84 -33.12
C6 BCR DL . -22.96 -5.07 -32.06
C7 BCR DL . -23.08 -3.61 -32.18
C8 BCR DL . -22.13 -2.79 -32.64
C9 BCR DL . -22.24 -1.34 -32.76
C10 BCR DL . -21.20 -0.68 -33.33
C11 BCR DL . -21.09 0.73 -33.55
C33 BCR DL . -22.96 -5.46 -34.54
C31 BCR DL . -21.70 -4.82 -29.89
C32 BCR DL . -24.15 -5.29 -29.85
C34 BCR DL . -23.49 -0.69 -32.25
C12 BCR DL . -20.13 1.29 -34.33
C13 BCR DL . -19.99 2.71 -34.59
C14 BCR DL . -18.89 3.17 -35.24
C15 BCR DL . -17.76 2.44 -35.76
C16 BCR DL . -16.84 3.06 -36.54
C17 BCR DL . -15.70 2.41 -37.12
C18 BCR DL . -14.55 3.01 -37.54
C19 BCR DL . -13.52 2.18 -38.11
C20 BCR DL . -12.52 2.63 -38.91
C21 BCR DL . -11.50 1.79 -39.47
C22 BCR DL . -10.27 2.18 -39.91
C23 BCR DL . -9.39 1.16 -40.43
C24 BCR DL . -8.27 1.36 -41.17
C25 BCR DL . -7.39 0.32 -41.69
C26 BCR DL . -7.79 -0.51 -42.68
C27 BCR DL . -7.03 -1.77 -43.03
C28 BCR DL . -5.64 -1.85 -42.43
C29 BCR DL . -5.69 -1.41 -40.98
C30 BCR DL . -6.16 0.05 -40.83
C35 BCR DL . -21.07 3.63 -34.11
C36 BCR DL . -14.31 4.48 -37.45
C37 BCR DL . -9.79 3.61 -39.87
C38 BCR DL . -9.05 -0.37 -43.48
C39 BCR DL . -5.03 1.01 -41.22
C40 BCR DL . -6.48 0.27 -39.34
C1A DGD EL . -26.51 -6.28 -45.14
C2A DGD EL . -25.05 -6.53 -45.10
C3A DGD EL . -24.33 -5.40 -44.38
C4A DGD EL . -23.16 -5.96 -43.60
C5A DGD EL . -22.20 -6.67 -44.53
C6A DGD EL . -20.83 -6.77 -43.91
O1A DGD EL . -27.21 -5.67 -44.36
C1B DGD EL . -27.78 -9.41 -47.77
C2B DGD EL . -26.84 -10.38 -47.13
C3B DGD EL . -25.88 -10.98 -48.14
C4B DGD EL . -24.49 -10.44 -47.93
C5B DGD EL . -23.93 -11.27 -46.79
C6B DGD EL . -22.67 -10.54 -46.30
C7B DGD EL . -22.34 -11.14 -44.94
C8B DGD EL . -21.13 -12.00 -45.16
C9B DGD EL . -20.49 -12.17 -43.81
CAB DGD EL . -19.49 -13.28 -44.02
CBB DGD EL . -18.23 -12.74 -43.45
CCB DGD EL . -17.23 -13.85 -43.53
CDB DGD EL . -15.99 -13.15 -43.04
CEB DGD EL . -14.82 -14.09 -43.08
CFB DGD EL . -15.11 -15.15 -42.04
CGB DGD EL . -15.45 -16.41 -42.78
O1B DGD EL . -28.22 -9.51 -48.90
O1G DGD EL . -27.03 -6.89 -46.24
C1G DGD EL . -28.14 -6.31 -46.87
C2G DGD EL . -29.09 -7.49 -47.21
O2G DGD EL . -28.45 -8.69 -46.83
C3G DGD EL . -30.33 -7.35 -46.31
O3G DGD EL . -31.27 -8.11 -47.04
C1D DGD EL . -32.23 -7.32 -47.67
C2D DGD EL . -32.82 -8.20 -48.81
O2D DGD EL . -31.93 -8.07 -49.86
C3D DGD EL . -34.16 -7.55 -49.26
O3D DGD EL . -34.82 -8.43 -50.11
C4D DGD EL . -35.05 -7.36 -48.03
O4D DGD EL . -35.17 -8.56 -47.33
C5D DGD EL . -34.27 -6.41 -47.11
O5D DGD EL . -36.30 -5.55 -46.33
C6D DGD EL . -35.04 -5.97 -45.85
O6D DGD EL . -33.15 -7.10 -46.63
C1E DGD EL . -36.31 -4.37 -47.09
C2E DGD EL . -37.27 -3.36 -46.45
O2E DGD EL . -38.52 -3.93 -46.47
C3E DGD EL . -37.25 -2.09 -47.31
O3E DGD EL . -35.92 -1.66 -47.37
C4E DGD EL . -37.75 -2.46 -48.74
O4E DGD EL . -37.44 -1.42 -49.61
C5E DGD EL . -37.04 -3.74 -49.31
O6E DGD EL . -36.78 -4.75 -48.35
C6E DGD EL . -35.64 -3.44 -49.88
O5E DGD EL . -35.79 -3.48 -51.27
C1 BCR FL . 18.41 27.41 -0.64
C2 BCR FL . 19.84 27.94 -0.74
C3 BCR FL . 20.00 29.37 -0.30
C4 BCR FL . 19.22 29.72 0.96
C5 BCR FL . 18.38 28.61 1.54
C6 BCR FL . 17.84 27.67 0.75
C7 BCR FL . 17.07 26.55 1.29
C8 BCR FL . 17.33 25.91 2.44
C9 BCR FL . 16.58 24.79 2.97
C10 BCR FL . 17.05 24.22 4.10
C11 BCR FL . 16.52 23.09 4.81
C33 BCR FL . 17.79 29.01 2.86
C31 BCR FL . 18.40 25.91 -1.00
C32 BCR FL . 17.57 28.15 -1.70
C34 BCR FL . 15.36 24.34 2.25
C12 BCR FL . 17.07 22.65 5.96
C13 BCR FL . 16.63 21.51 6.73
C14 BCR FL . 17.49 21.07 7.67
C15 BCR FL . 17.35 19.96 8.55
C16 BCR FL . 18.29 19.65 9.46
C17 BCR FL . 18.20 18.51 10.31
C18 BCR FL . 19.06 18.14 11.29
C19 BCR FL . 18.78 16.90 11.96
C20 BCR FL . 19.75 16.06 12.37
C21 BCR FL . 19.51 14.80 13.01
C22 BCR FL . 20.43 14.04 13.63
C23 BCR FL . 20.02 12.76 14.18
C24 BCR FL . 20.71 11.64 13.97
C25 BCR FL . 20.44 10.28 14.44
C26 BCR FL . 19.21 9.83 14.68
C27 BCR FL . 18.74 8.44 14.30
C28 BCR FL . 19.82 7.52 13.75
C29 BCR FL . 21.17 7.90 14.34
C30 BCR FL . 21.55 9.32 13.97
C35 BCR FL . 15.30 20.89 6.42
C36 BCR FL . 20.27 18.93 11.69
C37 BCR FL . 21.88 14.42 13.76
C38 BCR FL . 18.29 10.44 15.71
C39 BCR FL . 21.76 9.44 12.46
C40 BCR FL . 22.88 9.64 14.66
C DD6 GL . 21.10 31.74 16.84
C1 DD6 GL . 21.69 32.54 15.71
C10 DD6 GL . 12.97 36.01 13.80
C11 DD6 GL . 11.88 36.21 13.01
C12 DD6 GL . 11.98 36.62 11.57
C13 DD6 GL . 10.55 35.99 13.58
C14 DD6 GL . 9.39 36.18 12.98
C15 DD6 GL . 8.02 35.97 13.57
C16 DD6 GL . 7.74 36.25 15.00
C17 DD6 GL . 6.24 36.48 15.21
C18 DD6 GL . 5.28 35.52 14.53
C19 DD6 GL . 6.01 34.39 13.82
C2 DD6 GL . 20.98 33.47 15.03
C20 DD6 GL . 7.15 34.90 12.97
C21 DD6 GL . 7.58 34.04 11.80
C22 DD6 GL . 8.49 37.52 15.44
C23 DD6 GL . 8.23 35.12 15.94
C24 DD6 GL . 23.03 32.20 15.27
C25 DD6 GL . 23.78 31.18 15.70
C26 DD6 GL . 25.08 30.89 15.20
C27 DD6 GL . 25.88 29.86 15.56
C28 DD6 GL . 25.55 28.87 16.64
C29 DD6 GL . 27.07 29.64 14.82
C3 DD6 GL . 19.61 33.81 15.20
C30 DD6 GL . 27.98 29.41 14.07
C31 DD6 GL . 28.98 29.12 13.09
C32 DD6 GL . 28.60 29.41 11.63
C33 DD6 GL . 29.49 28.55 10.72
C34 DD6 GL . 30.96 28.58 11.11
C35 DD6 GL . 31.10 27.99 12.51
C36 DD6 GL . 30.16 28.63 13.49
C37 DD6 GL . 30.65 28.64 14.91
C4 DD6 GL . 18.94 34.75 14.50
C40 DD6 GL . 28.79 30.89 11.30
C41 DD6 GL . 27.13 29.02 11.37
C5 DD6 GL . 17.56 35.01 14.71
C6 DD6 GL . 16.76 35.87 14.03
C7 DD6 GL . 17.26 36.78 12.95
C8 DD6 GL . 15.33 35.82 14.28
C9 DD6 GL . 14.34 36.14 13.45
O1 DD6 GL . 6.97 36.31 12.67
O2 DD6 GL . 4.39 34.97 15.50
O4 DD6 GL . 31.72 27.81 10.17
C1A DGD HL . -19.02 -50.30 10.37
C2A DGD HL . -17.72 -50.98 10.63
C3A DGD HL . -16.94 -50.27 11.71
C4A DGD HL . -16.22 -49.05 11.13
C5A DGD HL . -14.73 -49.09 11.50
C6A DGD HL . -14.15 -47.69 11.67
C7A DGD HL . -13.08 -47.48 10.60
C8A DGD HL . -12.12 -46.41 11.08
C9A DGD HL . -11.39 -45.84 9.88
CAA DGD HL . -10.56 -46.92 9.22
CBA DGD HL . -9.55 -46.23 8.31
CCA DGD HL . -8.62 -47.31 7.82
O1A DGD HL . -19.59 -49.47 11.06
C1B DGD HL . -20.21 -49.15 5.41
C2B DGD HL . -18.87 -49.71 5.06
C3B DGD HL . -17.91 -48.62 4.64
C4B DGD HL . -16.58 -49.22 4.22
C5B DGD HL . -15.96 -48.19 3.29
C6B DGD HL . -14.63 -48.77 2.82
C7B DGD HL . -14.17 -47.84 1.72
C8B DGD HL . -12.96 -48.49 1.12
C9B DGD HL . -12.97 -48.15 -0.34
CAB DGD HL . -11.62 -48.64 -0.83
CBB DGD HL . -11.81 -48.78 -2.31
CCB DGD HL . -10.53 -49.36 -2.85
CDB DGD HL . -11.04 -50.02 -4.09
CEB DGD HL . -9.88 -50.37 -4.97
CFB DGD HL . -10.21 -49.69 -6.28
CGB DGD HL . -9.10 -50.04 -7.24
CHB DGD HL . -9.42 -49.41 -8.59
CIB DGD HL . -8.56 -48.18 -8.75
O1B DGD HL . -20.94 -48.56 4.64
O1G DGD HL . -19.69 -50.98 9.40
C1G DGD HL . -20.81 -50.40 8.81
C2G DGD HL . -20.28 -49.40 7.78
O2G DGD HL . -20.74 -49.77 6.50
C3G DGD HL . -20.94 -48.05 8.12
O3G DGD HL . -22.30 -48.35 7.85
C1D DGD HL . -23.20 -47.58 8.59
C2D DGD HL . -23.87 -46.63 7.59
O2D DGD HL . -22.89 -45.69 7.26
C3D DGD HL . -24.99 -45.92 8.36
O3D DGD HL . -25.75 -45.18 7.48
C4D DGD HL . -25.95 -46.98 8.98
O4D DGD HL . -26.56 -47.73 7.98
C5D DGD HL . -25.10 -47.99 9.80
O5D DGD HL . -27.12 -48.70 10.69
C6D DGD HL . -25.89 -49.21 10.26
O6D DGD HL . -24.11 -48.54 9.02
C1E DGD HL . -27.91 -49.59 11.38
C2E DGD HL . -29.23 -48.85 11.76
O2E DGD HL . -29.02 -47.51 11.53
C3E DGD HL . -29.52 -49.09 13.26
O3E DGD HL . -30.88 -48.82 13.41
C4E DGD HL . -29.24 -50.58 13.55
O4E DGD HL . -29.84 -51.37 12.57
C5E DGD HL . -27.72 -50.79 13.45
O6E DGD HL . -27.15 -49.93 12.50
C6E DGD HL . -27.33 -52.19 12.94
O5E DGD HL . -27.63 -53.06 13.98
MG CLA IL . -8.77 -33.59 -27.73
CHA CLA IL . -6.90 -36.32 -28.59
CHB CLA IL . -9.50 -33.07 -30.92
CHC CLA IL . -10.46 -30.78 -26.76
CHD CLA IL . -7.15 -33.53 -24.57
NA CLA IL . -8.35 -34.55 -29.36
C1A CLA IL . -7.63 -35.73 -29.57
C2A CLA IL . -7.80 -36.29 -30.95
C3A CLA IL . -8.33 -35.09 -31.72
C4A CLA IL . -8.76 -34.16 -30.62
CMA CLA IL . -7.32 -34.44 -32.66
CAA CLA IL . -8.81 -37.44 -30.85
CBA CLA IL . -10.13 -37.15 -30.12
CGA CLA IL . -10.02 -37.16 -28.62
O1A CLA IL . -9.37 -37.94 -27.98
O2A CLA IL . -10.73 -36.16 -28.08
NB CLA IL . -9.77 -32.19 -28.65
C1B CLA IL . -10.01 -32.11 -30.07
C2B CLA IL . -10.82 -30.99 -30.36
C3B CLA IL . -11.10 -30.35 -29.15
C4B CLA IL . -10.47 -31.07 -28.12
CMB CLA IL . -11.28 -30.56 -31.72
CAB CLA IL . -11.91 -29.15 -28.94
CBB CLA IL . -13.09 -28.88 -29.44
NC CLA IL . -8.82 -32.48 -26.09
C1C CLA IL . -9.68 -31.42 -25.85
C2C CLA IL . -9.58 -30.93 -24.48
C3C CLA IL . -8.62 -31.71 -23.87
C4C CLA IL . -8.13 -32.65 -24.85
CMC CLA IL . -10.37 -29.82 -23.87
CAC CLA IL . -8.20 -31.68 -22.43
CBC CLA IL . -8.63 -32.93 -21.67
ND CLA IL . -7.39 -34.58 -26.78
C1D CLA IL . -6.74 -34.49 -25.48
C2D CLA IL . -5.78 -35.50 -25.35
C3D CLA IL . -5.80 -36.26 -26.54
C4D CLA IL . -6.79 -35.68 -27.34
CMD CLA IL . -4.88 -35.72 -24.17
CAD CLA IL . -5.22 -37.36 -27.29
OBD CLA IL . -4.21 -38.00 -27.04
CBD CLA IL . -6.08 -37.61 -28.50
CGD CLA IL . -5.27 -37.99 -29.74
O1D CLA IL . -5.71 -38.48 -30.73
O2D CLA IL . -3.98 -37.72 -29.56
CED CLA IL . -3.09 -38.23 -30.58
C1 CLA IL . -10.66 -36.06 -26.63
C2 CLA IL . -11.47 -34.87 -26.21
C3 CLA IL . -11.67 -34.47 -24.97
C4 CLA IL . -12.50 -33.26 -24.61
C5 CLA IL . -11.06 -35.19 -23.79
C6 CLA IL . -12.09 -35.63 -22.75
C7 CLA IL . -11.81 -35.07 -21.36
C8 CLA IL . -12.63 -35.63 -20.19
C9 CLA IL . -12.32 -37.09 -19.93
C10 CLA IL . -14.13 -35.39 -20.40
C11 CLA IL . -14.84 -36.35 -21.35
C1 BCR JL . -3.23 -30.20 -6.99
C2 BCR JL . -3.73 -31.63 -6.85
C3 BCR JL . -5.23 -31.79 -6.74
C4 BCR JL . -6.00 -30.91 -7.71
C5 BCR JL . -5.19 -29.94 -8.52
C6 BCR JL . -4.02 -29.45 -8.07
C7 BCR JL . -3.25 -28.44 -8.80
C8 BCR JL . -2.66 -28.63 -10.00
C9 BCR JL . -1.90 -27.66 -10.74
C10 BCR JL . -2.45 -27.16 -11.88
C11 BCR JL . -1.89 -26.20 -12.78
C33 BCR JL . -6.00 -29.32 -9.62
C31 BCR JL . -1.73 -30.20 -7.33
C32 BCR JL . -3.43 -29.51 -5.63
C34 BCR JL . -0.56 -27.25 -10.22
C12 BCR JL . -2.46 -25.92 -13.98
C13 BCR JL . -1.99 -24.97 -14.95
C14 BCR JL . -2.52 -25.04 -16.20
C15 BCR JL . -2.25 -24.22 -17.34
C16 BCR JL . -2.60 -24.57 -18.60
C17 BCR JL . -2.34 -23.75 -19.73
C18 BCR JL . -3.06 -23.73 -20.89
C19 BCR JL . -2.67 -22.81 -21.94
C20 BCR JL . -3.54 -22.13 -22.72
C21 BCR JL . -3.15 -21.22 -23.76
C22 BCR JL . -3.95 -20.70 -24.72
C23 BCR JL . -3.36 -19.80 -25.69
C24 BCR JL . -3.82 -19.57 -26.93
C25 BCR JL . -3.24 -18.65 -27.93
C26 BCR JL . -2.46 -19.10 -28.94
C27 BCR JL . -2.43 -18.42 -30.28
C28 BCR JL . -3.42 -17.28 -30.43
C29 BCR JL . -3.43 -16.46 -29.16
C30 BCR JL . -3.91 -17.28 -27.95
C35 BCR JL . -0.95 -23.97 -14.54
C36 BCR JL . -4.24 -24.62 -21.15
C37 BCR JL . -5.41 -21.01 -24.86
C38 BCR JL . -1.82 -20.46 -28.97
C39 BCR JL . -5.45 -17.45 -28.02
C40 BCR JL . -3.57 -16.48 -26.69
C7 UIX KL . -12.58 -25.77 -11.99
C8 UIX KL . -13.89 -28.23 -11.53
C9 UIX KL . -14.04 -27.25 -9.28
O1 UIX KL . -18.06 -26.03 -10.30
C1 UIX KL . -14.84 -24.61 -11.65
C5 UIX KL . -16.65 -25.84 -10.35
C6 UIX KL . -14.34 -23.57 -12.63
C4 UIX KL . -15.99 -27.13 -10.81
O4 UIX KL . 3.35 -34.85 -29.25
C3 UIX KL . -16.33 -24.73 -11.35
O3 UIX KL . -0.84 -32.97 -28.67
C2 UIX KL . -14.47 -27.07 -10.73
C UIX KL . -13.90 -25.75 -11.28
O UIX KL . -14.08 -24.62 -10.43
C10 UIX KL . -11.45 -25.72 -11.28
C11 UIX KL . -10.11 -25.80 -11.91
C12 UIX KL . -8.92 -25.95 -11.01
C13 UIX KL . -9.95 -25.78 -13.24
C14 UIX KL . -8.64 -25.93 -13.87
C15 UIX KL . -1.13 -34.50 -26.13
C16 UIX KL . -0.10 -32.57 -27.52
C17 UIX KL . 0.23 -35.19 -26.21
C18 UIX KL . 1.10 -34.79 -27.41
C19 UIX KL . 1.24 -33.27 -27.50
C20 UIX KL . -0.92 -33.02 -26.36
C21 UIX KL . -1.72 -34.72 -24.75
C22 UIX KL . -2.08 -35.05 -27.19
C23 UIX KL . -8.63 -26.03 -15.19
C24 UIX KL . 0.08 -31.06 -27.53
C25 UIX KL . -1.42 -32.17 -25.59
C26 UIX KL . -7.42 -26.29 -15.98
C27 UIX KL . 3.43 -34.81 -28.03
C28 UIX KL . -1.83 -31.28 -24.82
O2 UIX KL . 2.37 -35.41 -27.24
C29 UIX KL . -6.05 -26.36 -15.39
C30 UIX KL . -7.63 -26.54 -17.29
C31 UIX KL . 4.59 -34.17 -27.33
C32 UIX KL . -3.25 -30.93 -24.66
C33 UIX KL . -4.30 -31.53 -25.55
C34 UIX KL . -6.55 -26.92 -18.18
C35 UIX KL . -3.49 -30.04 -23.67
C36 UIX KL . -4.80 -29.58 -23.25
C37 UIX KL . -6.86 -27.30 -19.41
C38 UIX KL . -4.80 -28.83 -22.15
C39 UIX KL . -5.78 -27.77 -20.27
C40 UIX KL . -6.01 -28.32 -21.48
C41 UIX KL . -7.39 -28.44 -22.04
O1 LHG LL . -36.12 -30.31 -22.03
C1 LHG LL . -34.97 -29.52 -22.19
C2 LHG LL . -33.81 -30.14 -21.45
O2 LHG LL . -33.81 -31.53 -21.69
C3 LHG LL . -33.84 -29.79 -19.96
O3 LHG LL . -33.52 -28.42 -19.76
P LHG LL . -32.04 -27.97 -19.23
O4 LHG LL . -31.89 -26.49 -19.30
O5 LHG LL . -31.74 -28.71 -17.95
O6 LHG LL . -31.15 -28.70 -20.40
C4 LHG LL . -30.63 -30.00 -20.23
C5 LHG LL . -29.29 -30.06 -20.96
C6 LHG LL . -29.32 -29.50 -22.37
O7 LHG LL . -28.40 -29.30 -20.15
C7 LHG LL . -27.26 -29.84 -19.73
O9 LHG LL . -27.18 -30.49 -18.72
C8 LHG LL . -26.09 -29.56 -20.63
C9 LHG LL . -25.06 -28.54 -20.15
C10 LHG LL . -23.62 -28.97 -20.43
O8 LHG LL . -28.18 -30.00 -23.05
C23 LHG LL . -27.94 -29.57 -24.28
O10 LHG LL . -28.70 -28.83 -24.88
C24 LHG LL . -26.63 -30.10 -24.81
C11 LHG LL . -22.73 -27.80 -20.85
C12 LHG LL . -22.93 -27.36 -22.29
C13 LHG LL . -21.70 -26.73 -22.91
C14 LHG LL . -21.99 -25.82 -24.11
C15 LHG LL . -20.89 -24.80 -24.39
C16 LHG LL . -20.18 -24.98 -25.73
C25 LHG LL . -26.77 -30.77 -26.18
C26 LHG LL . -25.47 -30.81 -26.96
C27 LHG LL . -25.68 -30.88 -28.48
C28 LHG LL . -25.01 -29.72 -29.21
C29 LHG LL . -23.51 -29.87 -29.40
C30 LHG LL . -23.08 -30.68 -30.62
C31 LHG LL . -21.72 -30.27 -31.17
C32 LHG LL . -21.33 -31.05 -32.42
O1 LHG ML . 10.93 34.86 31.87
C1 LHG ML . 10.46 33.79 32.65
C2 LHG ML . 8.95 33.71 32.55
O2 LHG ML . 8.43 33.43 33.82
C3 LHG ML . 8.52 32.71 31.49
O3 LHG ML . 9.43 32.67 30.40
P LHG ML . 8.89 32.54 28.86
O4 LHG ML . 8.57 31.13 28.53
O5 LHG ML . 7.88 33.62 28.61
O6 LHG ML . 10.27 33.01 28.10
C4 LHG ML . 11.53 32.79 28.70
C5 LHG ML . 12.59 32.86 27.61
C6 LHG ML . 13.96 32.40 28.08
O7 LHG ML . 12.13 32.02 26.56
C7 LHG ML . 12.82 31.98 25.43
O9 LHG ML . 13.79 32.65 25.22
C8 LHG ML . 12.28 31.00 24.41
C9 LHG ML . 13.28 30.41 23.43
C10 LHG ML . 12.62 29.92 22.13
O8 LHG ML . 14.93 33.20 27.40
C23 LHG ML . 16.20 33.03 27.73
O10 LHG ML . 16.55 32.54 28.78
C24 LHG ML . 17.12 33.51 26.64
C11 LHG ML . 13.32 30.44 20.88
C12 LHG ML . 12.82 29.77 19.60
C13 LHG ML . 13.86 29.69 18.48
C14 LHG ML . 14.85 28.54 18.63
C15 LHG ML . 16.27 28.89 18.19
C16 LHG ML . 17.12 27.69 17.79
C17 LHG ML . 18.52 28.09 17.35
C18 LHG ML . 19.51 26.93 17.31
C19 LHG ML . 20.65 27.13 16.33
C20 LHG ML . 21.76 26.11 16.50
C21 LHG ML . 22.32 25.52 15.20
C22 LHG ML . 22.26 23.99 15.14
C25 LHG ML . 16.77 32.99 25.26
C26 LHG ML . 17.95 32.96 24.30
C27 LHG ML . 17.61 32.42 22.92
C28 LHG ML . 18.82 32.43 21.98
C29 LHG ML . 18.86 31.31 20.96
C30 LHG ML . 20.16 31.22 20.17
C31 LHG ML . 21.12 30.18 20.73
C32 LHG ML . 22.45 30.12 19.99
C33 LHG ML . 23.60 29.63 20.87
C34 LHG ML . 24.90 29.44 20.09
C35 LHG ML . 26.13 29.37 20.98
MG CLA NL . 8.44 0.13 30.83
CHA CLA NL . 5.58 -0.10 32.68
CHB CLA NL . 7.50 3.15 29.81
CHC CLA NL . 11.01 0.06 28.54
CHD CLA NL . 8.95 -3.35 31.29
NA CLA NL . 6.94 1.27 31.27
C1A CLA NL . 5.86 1.09 32.13
C2A CLA NL . 5.04 2.32 32.35
C3A CLA NL . 5.49 3.21 31.22
C4A CLA NL . 6.73 2.52 30.73
CMA CLA NL . 4.46 3.36 30.10
CAA CLA NL . 5.40 2.87 33.75
CBA CLA NL . 6.82 3.38 33.91
CGA CLA NL . 7.28 3.45 35.33
O1A CLA NL . 6.60 3.83 36.25
O2A CLA NL . 8.53 3.01 35.46
NB CLA NL . 9.15 1.37 29.49
C1B CLA NL . 8.65 2.70 29.21
C2B CLA NL . 9.46 3.32 28.23
C3B CLA NL . 10.45 2.41 27.86
C4B CLA NL . 10.27 1.23 28.61
CMB CLA NL . 9.29 4.71 27.70
CAB CLA NL . 11.49 2.58 26.85
CBB CLA NL . 12.08 3.68 26.48
NC CLA NL . 9.67 -1.25 30.14
C1C CLA NL . 10.70 -1.07 29.23
C2C CLA NL . 11.44 -2.31 28.98
C3C CLA NL . 10.85 -3.27 29.75
C4C CLA NL . 9.77 -2.65 30.46
CMC CLA NL . 12.61 -2.49 28.06
CAC CLA NL . 11.24 -4.72 29.85
CBC CLA NL . 10.28 -5.64 29.11
ND CLA NL . 7.56 -1.36 31.70
C1D CLA NL . 7.85 -2.78 31.91
C2D CLA NL . 6.90 -3.36 32.76
C3D CLA NL . 5.98 -2.34 33.11
C4D CLA NL . 6.42 -1.21 32.46
CMD CLA NL . 6.87 -4.79 33.22
CAD CLA NL . 4.79 -1.99 33.87
OBD CLA NL . 4.15 -2.67 34.64
CBD CLA NL . 4.44 -0.57 33.59
CGD CLA NL . 3.08 -0.49 32.92
O1D CLA NL . 2.89 -0.70 31.75
O2D CLA NL . 2.12 -0.18 33.79
CED CLA NL . 0.78 -0.10 33.25
C1 CLA NL . 9.05 2.90 36.80
C2 CLA NL . 10.50 3.24 36.78
C3 CLA NL . 11.31 3.02 37.81
C4 CLA NL . 10.87 2.39 39.10
C5 CLA NL . 12.76 3.44 37.74
C6 CLA NL . 13.59 2.58 36.81
C7 CLA NL . 14.99 3.16 36.62
C8 CLA NL . 15.96 2.39 35.71
C9 CLA NL . 16.21 0.97 36.20
C10 CLA NL . 17.27 3.18 35.55
C11 CLA NL . 17.91 3.67 36.83
C12 CLA NL . 19.41 3.93 36.69
C13 CLA NL . 19.97 5.08 37.53
C14 CLA NL . 19.60 6.43 36.95
C15 CLA NL . 21.48 4.94 37.73
MG CLA OL . 25.36 7.22 12.39
CHA CLA OL . 28.46 8.61 12.69
CHB CLA OL . 26.10 5.10 14.84
CHC CLA OL . 22.39 5.64 11.77
CHD CLA OL . 24.96 8.87 9.27
NA CLA OL . 26.89 7.01 13.55
C1A CLA OL . 28.08 7.73 13.63
C2A CLA OL . 28.90 7.40 14.86
C3A CLA OL . 28.30 6.09 15.29
C4A CLA OL . 27.00 6.05 14.53
CMA CLA OL . 29.18 4.88 15.03
CAA CLA OL . 28.71 8.53 15.89
CBA CLA OL . 27.27 9.03 16.08
CGA CLA OL . 27.14 10.00 17.21
O1A CLA OL . 27.81 10.99 17.34
O2A CLA OL . 26.18 9.63 18.05
NB CLA OL . 24.41 5.69 13.16
C1B CLA OL . 24.85 4.88 14.26
C2B CLA OL . 23.86 3.95 14.61
C3B CLA OL . 22.79 4.15 13.75
C4B CLA OL . 23.14 5.18 12.85
CMB CLA OL . 23.94 2.93 15.71
CAB CLA OL . 21.48 3.50 13.77
CBB CLA OL . 20.44 3.87 14.46
NC CLA OL . 24.03 7.25 10.93
C1C CLA OL . 22.83 6.56 10.88
C2C CLA OL . 22.05 6.89 9.71
C3C CLA OL . 22.79 7.79 8.98
C4C CLA OL . 24.00 8.02 9.71
CMC CLA OL . 20.69 6.36 9.38
CAC CLA OL . 22.40 8.42 7.68
CBC CLA OL . 21.64 9.71 7.85
ND CLA OL . 26.37 8.41 11.24
C1D CLA OL . 26.13 9.09 9.97
C2D CLA OL . 27.22 9.93 9.67
C3D CLA OL . 28.17 9.79 10.71
C4D CLA OL . 27.62 8.88 11.59
CMD CLA OL . 27.33 10.81 8.46
CAD CLA OL . 29.45 10.21 11.24
OBD CLA OL . 30.24 11.03 10.79
CBD CLA OL . 29.71 9.47 12.51
CGD CLA OL . 31.00 8.66 12.38
O1D CLA OL . 32.09 9.14 12.21
O2D CLA OL . 30.76 7.36 12.51
CED CLA OL . 31.92 6.52 12.69
C1 CLA OL . 25.95 10.53 19.17
C2 CLA OL . 25.27 9.75 20.24
C3 CLA OL . 24.46 10.28 21.16
C4 CLA OL . 24.11 11.73 21.24
C5 CLA OL . 23.83 9.40 22.21
C6 CLA OL . 22.60 8.65 21.72
C7 CLA OL . 22.64 7.16 22.05
C8 CLA OL . 22.67 6.85 23.55
C9 CLA OL . 23.87 5.98 23.91
C10 CLA OL . 21.35 6.22 23.98
C11 CLA OL . 21.35 5.66 25.39
C12 CLA OL . 19.96 5.28 25.90
C13 CLA OL . 19.98 4.67 27.30
C14 CLA OL . 20.29 3.17 27.25
C15 CLA OL . 18.68 4.96 28.04
C16 CLA OL . 18.71 4.59 29.52
C17 CLA OL . 17.64 5.29 30.33
C18 CLA OL . 17.54 4.88 31.80
C19 CLA OL . 18.81 5.23 32.55
C20 CLA OL . 17.25 3.40 31.91
MG CLA PL . 2.59 -8.87 30.75
CHA CLA PL . 1.18 -9.03 33.84
CHB CLA PL . 3.28 -5.66 31.26
CHC CLA PL . 3.75 -8.70 27.54
CHD CLA PL . 0.91 -11.85 29.85
NA CLA PL . 2.33 -7.67 32.25
C1A CLA PL . 1.84 -7.89 33.53
C2A CLA PL . 2.07 -6.73 34.46
C3A CLA PL . 2.13 -5.60 33.45
C4A CLA PL . 2.61 -6.33 32.23
CMA CLA PL . 0.83 -4.86 33.22
CAA CLA PL . 3.38 -6.92 35.22
CBA CLA PL . 3.77 -5.71 36.06
CGA CLA PL . 4.67 -6.03 37.22
O1A CLA PL . 4.30 -6.12 38.36
O2A CLA PL . 5.93 -6.19 36.83
NB CLA PL . 3.42 -7.50 29.65
C1B CLA PL . 3.76 -6.18 30.07
C2B CLA PL . 4.53 -5.53 29.09
C3B CLA PL . 4.65 -6.42 28.01
C4B CLA PL . 3.96 -7.60 28.35
CMB CLA PL . 5.14 -4.18 29.20
CAB CLA PL . 5.37 -6.20 26.76
CBB CLA PL . 6.56 -6.63 26.44
NC CLA PL . 2.41 -9.98 29.14
C1C CLA PL . 3.01 -9.77 27.91
C2C CLA PL . 2.71 -10.84 26.97
C3C CLA PL . 1.88 -11.72 27.62
C4C CLA PL . 1.68 -11.22 28.94
CMC CLA PL . 3.20 -10.95 25.55
CAC CLA PL . 1.33 -13.00 27.08
CBC CLA PL . 2.01 -14.23 27.65
ND CLA PL . 1.36 -10.14 31.55
C1D CLA PL . 0.72 -11.38 31.14
C2D CLA PL . -0.02 -11.91 32.21
C3D CLA PL . 0.14 -11.04 33.31
C4D CLA PL . 0.96 -10.02 32.87
CMD CLA PL . -0.84 -13.16 32.17
CAD CLA PL . -0.17 -10.79 34.71
OBD CLA PL . -0.85 -11.44 35.48
CBD CLA PL . 0.49 -9.51 35.13
CGD CLA PL . -0.56 -8.51 35.62
O1D CLA PL . -0.54 -7.98 36.70
O2D CLA PL . -1.49 -8.31 34.70
CED CLA PL . -2.45 -7.27 34.99
C1 CLA PL . 6.87 -6.48 37.91
C2 CLA PL . 8.14 -7.04 37.36
C3 CLA PL . 9.26 -6.34 37.22
C4 CLA PL . 9.36 -4.86 37.51
C5 CLA PL . 10.55 -7.01 36.82
C6 CLA PL . 10.87 -6.90 35.33
C7 CLA PL . 12.35 -7.09 35.06
C8 CLA PL . 12.73 -7.70 33.71
C9 CLA PL . 12.06 -6.95 32.55
C10 CLA PL . 12.41 -9.18 33.68
MG CLA QL . 21.34 12.24 42.78
CHA CLA QL . 21.51 14.30 45.49
CHB CLA QL . 23.57 14.16 41.22
CHC CLA QL . 20.81 10.38 39.96
CHD CLA QL . 18.39 10.79 44.12
NA CLA QL . 22.37 13.78 43.31
C1A CLA QL . 22.45 14.45 44.51
C2A CLA QL . 23.63 15.36 44.61
C3A CLA QL . 23.87 15.68 43.15
C4A CLA QL . 23.23 14.47 42.49
CMA CLA QL . 23.28 16.99 42.67
CAA CLA QL . 24.80 14.61 45.27
CBA CLA QL . 25.12 13.21 44.76
CGA CLA QL . 24.30 12.13 45.37
O1A CLA QL . 23.91 12.12 46.50
O2A CLA QL . 24.03 11.16 44.49
NB CLA QL . 22.07 12.22 40.97
C1B CLA QL . 23.11 13.09 40.46
C2B CLA QL . 23.50 12.67 39.18
C3B CLA QL . 22.73 11.55 38.85
C4B CLA QL . 21.84 11.31 39.91
CMB CLA QL . 24.55 13.32 38.32
CAB CLA QL . 22.83 10.70 37.67
CBB CLA QL . 22.78 9.40 37.60
NC CLA QL . 19.98 10.94 42.20
C1C CLA QL . 19.95 10.24 40.99
C2C CLA QL . 18.82 9.33 40.91
C3C CLA QL . 18.12 9.45 42.08
C4C CLA QL . 18.81 10.43 42.88
CMC CLA QL . 18.50 8.45 39.75
CAC CLA QL . 16.88 8.71 42.49
CBC CLA QL . 17.19 7.48 43.32
ND CLA QL . 20.21 12.44 44.34
C1D CLA QL . 19.02 11.76 44.87
C2D CLA QL . 18.71 12.27 46.14
C3D CLA QL . 19.66 13.27 46.45
C4D CLA QL . 20.50 13.33 45.35
CMD CLA QL . 17.59 11.80 47.03
CAD CLA QL . 20.15 14.22 47.43
OBD CLA QL . 19.73 14.43 48.56
CBD CLA QL . 21.30 14.99 46.84
CGD CLA QL . 20.91 16.46 46.70
O1D CLA QL . 19.88 16.86 46.24
O2D CLA QL . 21.86 17.25 47.18
CED CLA QL . 21.59 18.67 47.13
C1 CLA QL . 23.21 10.07 44.99
C2 CLA QL . 22.63 9.30 43.86
C3 CLA QL . 23.24 8.28 43.27
C4 CLA QL . 24.58 7.76 43.67
C5 CLA QL . 22.57 7.53 42.13
C6 CLA QL . 22.14 6.12 42.50
C7 CLA QL . 21.35 5.42 41.40
C8 CLA QL . 21.28 3.89 41.55
C9 CLA QL . 22.43 3.19 40.83
C10 CLA QL . 19.92 3.34 41.10
C11 CLA QL . 19.67 1.89 41.48
C12 CLA QL . 18.20 1.50 41.46
C13 CLA QL . 17.64 1.06 40.11
C14 CLA QL . 16.15 1.34 40.00
C15 CLA QL . 17.95 -0.41 39.83
C16 CLA QL . 17.19 -1.41 40.70
MG CLA RL . 16.69 11.66 31.52
CHA CLA RL . 16.81 12.11 34.89
CHB CLA RL . 19.40 9.76 31.67
CHC CLA RL . 16.67 11.55 28.08
CHD CLA RL . 14.41 14.38 31.29
NA CLA RL . 17.81 11.07 32.99
C1A CLA RL . 17.72 11.28 34.36
C2A CLA RL . 18.72 10.50 35.16
C3A CLA RL . 19.62 9.90 34.11
C4A CLA RL . 18.91 10.25 32.83
CMA CLA RL . 21.05 10.43 34.13
CAA CLA RL . 17.95 9.43 35.96
CBA CLA RL . 17.20 8.40 35.10
CGA CLA RL . 15.86 8.03 35.66
O1A CLA RL . 15.27 8.66 36.51
O2A CLA RL . 15.37 6.96 35.05
NB CLA RL . 17.79 10.81 30.15
C1B CLA RL . 18.92 9.94 30.39
C2B CLA RL . 19.38 9.40 29.18
C3B CLA RL . 18.58 9.92 28.16
C4B CLA RL . 17.64 10.79 28.74
CMB CLA RL . 20.49 8.40 29.02
CAB CLA RL . 18.66 9.66 26.71
CBB CLA RL . 19.71 9.52 25.96
NC CLA RL . 15.78 12.66 30.09
C1C CLA RL . 15.85 12.42 28.72
C2C CLA RL . 14.95 13.28 27.96
C3C CLA RL . 14.32 14.09 28.86
C4C CLA RL . 14.82 13.74 30.16
CMC CLA RL . 14.75 13.27 26.47
CAC CLA RL . 13.27 15.14 28.58
CBC CLA RL . 11.87 14.62 28.81
ND CLA RL . 15.82 12.95 32.70
C1D CLA RL . 14.87 14.05 32.55
C2D CLA RL . 14.53 14.57 33.80
C3D CLA RL . 15.23 13.82 34.78
C4D CLA RL . 15.97 12.89 34.06
CMD CLA RL . 13.61 15.72 34.05
CAD CLA RL . 15.50 13.61 36.18
OBD CLA RL . 15.04 14.21 37.14
CBD CLA RL . 16.47 12.48 36.34
CGD CLA RL . 17.66 12.89 37.18
O1D CLA RL . 18.67 13.36 36.75
O2D CLA RL . 17.44 12.67 38.47
CED CLA RL . 18.51 13.02 39.37
C1 CLA RL . 13.95 6.70 35.23
C2 CLA RL . 13.42 6.18 33.95
C3 CLA RL . 12.21 6.46 33.50
C4 CLA RL . 11.21 7.29 34.26
C5 CLA RL . 11.74 5.97 32.15
C6 CLA RL . 11.09 4.60 32.19
C7 CLA RL . 12.06 3.49 32.58
C8 CLA RL . 11.57 2.06 32.34
C9 CLA RL . 10.17 1.85 32.91
C10 CLA RL . 12.56 1.04 32.87
C11 CLA RL . 12.19 -0.42 32.67
C12 CLA RL . 11.42 -1.03 33.84
C13 CLA RL . 12.23 -1.94 34.77
C14 CLA RL . 12.66 -3.22 34.05
C15 CLA RL . 11.48 -2.26 36.06
C16 CLA RL . 11.31 -1.10 37.04
C17 CLA RL . 10.60 -1.51 38.33
C18 CLA RL . 11.34 -2.45 39.26
C19 CLA RL . 12.68 -1.89 39.69
C20 CLA RL . 10.50 -2.80 40.47
MG CLA SL . 37.94 22.69 30.73
CHA CLA SL . 40.29 22.42 28.26
CHB CLA SL . 40.00 21.08 32.80
CHC CLA SL . 35.44 22.74 33.07
CHD CLA SL . 35.48 23.37 28.28
NA CLA SL . 39.76 22.02 30.57
C1A CLA SL . 40.66 22.11 29.52
C2A CLA SL . 42.06 21.76 29.93
C3A CLA SL . 41.80 20.88 31.13
C4A CLA SL . 40.43 21.34 31.55
CMA CLA SL . 41.85 19.39 30.84
CAA CLA SL . 42.82 23.06 30.28
CBA CLA SL . 42.03 24.10 31.07
CGA CLA SL . 42.87 25.23 31.57
O1A CLA SL . 43.86 25.11 32.25
O2A CLA SL . 42.39 26.41 31.18
NB CLA SL . 37.76 22.07 32.57
C1B CLA SL . 38.77 21.43 33.37
C2B CLA SL . 38.30 21.20 34.68
C3B CLA SL . 36.99 21.67 34.73
C4B CLA SL . 36.65 22.19 33.47
CMB CLA SL . 39.07 20.58 35.81
CAB CLA SL . 36.07 21.64 35.87
CBB CLA SL . 36.35 21.88 37.12
NC CLA SL . 36.00 23.02 30.69
C1C CLA SL . 35.15 23.06 31.78
C2C CLA SL . 33.79 23.38 31.39
C3C CLA SL . 33.78 23.52 30.03
C4C CLA SL . 35.12 23.30 29.59
CMC CLA SL . 32.61 23.55 32.31
CAC CLA SL . 32.60 23.81 29.15
CBC CLA SL . 32.52 25.24 28.70
ND CLA SL . 37.84 22.86 28.80
C1D CLA SL . 36.78 23.16 27.84
C2D CLA SL . 37.31 23.20 26.54
C3D CLA SL . 38.70 22.93 26.65
C4D CLA SL . 38.94 22.75 28.00
CMD CLA SL . 36.54 23.48 25.28
CAD CLA SL . 39.95 22.76 25.94
OBD CLA SL . 40.17 22.79 24.74
CBD CLA SL . 41.05 22.52 26.95
CGD CLA SL . 41.86 21.27 26.60
O1D CLA SL . 43.04 21.16 26.74
O2D CLA SL . 41.08 20.31 26.10
CED CLA SL . 41.75 19.08 25.74
C1 CLA SL . 43.09 27.58 31.69
C2 CLA SL . 42.27 28.79 31.39
C3 CLA SL . 41.16 29.06 32.05
MG CLA TL . 25.91 27.14 23.97
CHA CLA TL . 24.82 28.80 26.75
CHB CLA TL . 22.75 26.74 23.02
CHC CLA TL . 27.04 25.11 21.47
CHD CLA TL . 29.13 26.85 25.46
NA CLA TL . 24.23 27.75 24.69
C1A CLA TL . 23.92 28.56 25.76
C2A CLA TL . 22.52 29.09 25.72
C3A CLA TL . 21.84 27.98 24.96
C4A CLA TL . 22.99 27.44 24.15
CMA CLA TL . 21.17 26.93 25.83
CAA CLA TL . 22.59 30.41 24.93
CBA CLA TL . 21.32 31.26 24.99
CGA CLA TL . 20.94 31.63 26.39
O1A CLA TL . 21.46 32.50 27.03
O2A CLA TL . 19.95 30.86 26.85
NB CLA TL . 25.07 26.16 22.51
C1B CLA TL . 23.68 26.17 22.17
C2B CLA TL . 23.47 25.49 20.94
C3B CLA TL . 24.72 25.04 20.51
C4B CLA TL . 25.68 25.42 21.45
CMB CLA TL . 22.15 25.31 20.24
CAB CLA TL . 25.02 24.33 19.26
CBB CLA TL . 24.27 23.51 18.58
NC CLA TL . 27.62 26.25 23.56
C1C CLA TL . 27.90 25.47 22.44
C2C CLA TL . 29.28 25.04 22.43
C3C CLA TL . 29.89 25.53 23.55
C4C CLA TL . 28.88 26.27 24.26
CMC CLA TL . 29.91 24.18 21.37
CAC CLA TL . 31.33 25.41 23.93
CBC CLA TL . 31.58 24.31 24.93
ND CLA TL . 26.80 27.64 25.63
C1D CLA TL . 28.15 27.52 26.18
C2D CLA TL . 28.22 28.18 27.41
C3D CLA TL . 26.94 28.71 27.69
C4D CLA TL . 26.14 28.35 26.61
CMD CLA TL . 29.45 28.30 28.28
CAD CLA TL . 26.12 29.48 28.60
OBD CLA TL . 26.44 30.03 29.65
CBD CLA TL . 24.72 29.55 28.07
CGD CLA TL . 23.76 28.89 29.06
O1D CLA TL . 23.72 27.72 29.29
O2D CLA TL . 22.99 29.80 29.65
CED CLA TL . 22.10 29.30 30.68
C1 CLA TL . 19.62 30.99 28.26
C2 CLA TL . 19.56 29.62 28.84
MG CLA UL . 29.59 6.11 28.69
CHA CLA UL . 32.13 7.25 30.67
CHB CLA UL . 31.58 6.27 26.05
CHC CLA UL . 26.85 5.51 26.73
CHD CLA UL . 27.34 6.61 31.41
NA CLA UL . 31.45 6.58 28.48
C1A CLA UL . 32.43 6.94 29.39
C2A CLA UL . 33.83 6.95 28.83
C3A CLA UL . 33.56 6.99 27.34
C4A CLA UL . 32.11 6.59 27.26
CMA CLA UL . 33.85 8.33 26.69
CAA CLA UL . 34.49 5.64 29.29
CBA CLA UL . 35.91 5.43 28.79
CGA CLA UL . 36.90 6.42 29.31
O1A CLA UL . 37.61 7.10 28.61
O2A CLA UL . 36.93 6.43 30.64
NB CLA UL . 29.28 5.90 26.79
C1B CLA UL . 30.28 5.89 25.76
C2B CLA UL . 29.72 5.51 24.53
C3B CLA UL . 28.36 5.30 24.74
C4B CLA UL . 28.08 5.56 26.09
CMB CLA UL . 30.47 5.27 23.25
CAB CLA UL . 27.36 4.89 23.75
CBB CLA UL . 27.29 5.19 22.49
NC CLA UL . 27.63 6.05 28.99
C1C CLA UL . 26.65 5.76 28.05
C2C CLA UL . 25.33 5.73 28.61
C3C CLA UL . 25.44 6.02 29.95
C4C CLA UL . 26.85 6.24 30.20
CMC CLA UL . 24.05 5.44 27.88
CAC CLA UL . 24.33 6.06 30.97
CBC CLA UL . 23.35 7.17 30.72
ND CLA UL . 29.64 6.76 30.53
C1D CLA UL . 28.67 6.89 31.63
C2D CLA UL . 29.34 7.27 32.80
C3D CLA UL . 30.71 7.42 32.49
C4D CLA UL . 30.82 7.12 31.14
CMD CLA UL . 28.70 7.47 34.14
CAD CLA UL . 32.04 7.68 33.00
OBD CLA UL . 32.41 7.82 34.14
CBD CLA UL . 32.99 7.73 31.85
CGD CLA UL . 33.47 9.17 31.69
O1D CLA UL . 32.94 10.00 31.00
O2D CLA UL . 34.53 9.40 32.45
CED CLA UL . 35.00 10.77 32.51
C1 CLA UL . 38.13 6.97 31.26
C2 CLA UL . 37.77 7.77 32.46
C3 CLA UL . 38.55 7.87 33.53
C4 CLA UL . 39.87 7.16 33.67
C5 CLA UL . 38.17 8.77 34.68
C6 CLA UL . 36.88 8.36 35.38
C7 CLA UL . 37.09 7.49 36.61
C8 CLA UL . 36.83 8.14 37.97
C9 CLA UL . 35.41 8.68 38.07
C10 CLA UL . 37.88 9.21 38.30
C11 CLA UL . 38.52 9.12 39.68
C12 CLA UL . 37.61 9.63 40.81
C13 CLA UL . 37.83 11.02 41.39
C14 CLA UL . 38.66 11.93 40.49
C15 CLA UL . 38.40 10.94 42.80
C16 CLA UL . 38.81 12.26 43.45
C17 CLA UL . 38.92 12.17 44.96
C18 CLA UL . 39.76 13.25 45.64
C19 CLA UL . 39.33 14.65 45.24
C20 CLA UL . 39.74 13.10 47.15
MG CLA VL . 19.97 34.42 31.58
CHA CLA VL . 17.61 33.55 33.90
CHB CLA VL . 17.58 35.85 29.77
CHC CLA VL . 22.31 34.95 29.14
CHD CLA VL . 22.21 32.10 33.04
NA CLA VL . 18.09 34.74 31.88
C1A CLA VL . 17.28 34.47 32.97
C2A CLA VL . 16.01 35.27 32.95
C3A CLA VL . 15.82 35.42 31.46
C4A CLA VL . 17.24 35.35 30.98
CMA CLA VL . 14.91 34.38 30.83
CAA CLA VL . 16.34 36.59 33.67
CBA CLA VL . 15.13 37.33 34.25
CGA CLA VL . 14.48 36.61 35.39
O1A CLA VL . 14.49 35.42 35.55
O2A CLA VL . 13.86 37.46 36.21
NB CLA VL . 19.96 35.25 29.82
C1B CLA VL . 18.83 35.88 29.17
C2B CLA VL . 19.23 36.44 27.95
C3B CLA VL . 20.60 36.19 27.79
C4B CLA VL . 21.04 35.46 28.91
CMB CLA VL . 18.37 37.21 26.99
CAB CLA VL . 21.47 36.61 26.69
CBB CLA VL . 21.92 37.80 26.44
NC CLA VL . 21.78 33.75 31.22
C1C CLA VL . 22.63 34.15 30.19
C2C CLA VL . 23.93 33.52 30.28
C3C CLA VL . 23.90 32.69 31.38
C4C CLA VL . 22.59 32.82 31.96
CMC CLA VL . 25.10 33.74 29.36
CAC CLA VL . 25.01 31.82 31.91
CBC CLA VL . 25.60 32.36 33.19
ND CLA VL . 19.97 33.13 33.03
C1D CLA VL . 20.94 32.20 33.59
C2D CLA VL . 20.38 31.54 34.70
C3D CLA VL . 19.07 32.03 34.88
C4D CLA VL . 18.89 32.96 33.86
CMD CLA VL . 21.08 30.53 35.56
CAD CLA VL . 17.83 31.96 35.64
OBD CLA VL . 17.55 31.23 36.58
CBD CLA VL . 16.87 32.98 35.11
CGD CLA VL . 15.53 32.34 34.74
O1D CLA VL . 15.36 31.58 33.82
O2D CLA VL . 14.57 32.72 35.57
CED CLA VL . 13.23 32.24 35.29
C1 CLA VL . 13.06 36.86 37.27
C2 CLA VL . 13.95 36.13 38.22
C3 CLA VL . 13.86 34.82 38.41
MG CLA WL . 2.66 -22.04 25.57
CHA CLA WL . 4.24 -22.79 28.50
CHB CLA WL . 5.19 -23.41 23.89
CHC CLA WL . 1.32 -20.75 22.69
CHD CLA WL . 0.51 -19.85 27.37
NA CLA WL . 4.28 -22.96 26.11
C1A CLA WL . 4.77 -23.30 27.37
C2A CLA WL . 5.93 -24.25 27.34
C3A CLA WL . 6.41 -24.11 25.91
C4A CLA WL . 5.23 -23.45 25.25
CMA CLA WL . 7.69 -23.29 25.75
CAA CLA WL . 5.35 -25.64 27.65
CBA CLA WL . 6.36 -26.80 27.65
CGA CLA WL . 7.34 -26.73 28.79
O1A CLA WL . 7.31 -25.92 29.68
O2A CLA WL . 8.26 -27.68 28.67
NB CLA WL . 3.11 -22.11 23.68
C1B CLA WL . 4.20 -22.86 23.09
C2B CLA WL . 4.11 -22.83 21.68
C3B CLA WL . 2.99 -22.07 21.36
C4B CLA WL . 2.40 -21.62 22.56
CMB CLA WL . 5.03 -23.52 20.72
CAB CLA WL . 2.44 -21.81 20.02
CBB CLA WL . 1.18 -21.85 19.67
NC CLA WL . 1.29 -20.69 25.15
C1C CLA WL . 0.85 -20.32 23.88
C2C CLA WL . -0.16 -19.28 23.94
C3C CLA WL . -0.35 -18.98 25.26
C4C CLA WL . 0.51 -19.85 26.02
CMC CLA WL . -0.89 -18.67 22.78
CAC CLA WL . -1.19 -17.87 25.85
CBC CLA WL . -2.46 -18.36 26.46
ND CLA WL . 2.37 -21.47 27.40
C1D CLA WL . 1.38 -20.65 28.10
C2D CLA WL . 1.54 -20.77 29.48
C3D CLA WL . 2.65 -21.62 29.71
C4D CLA WL . 3.11 -21.98 28.45
CMD CLA WL . 0.67 -20.15 30.53
CAD CLA WL . 3.47 -22.30 30.68
OBD CLA WL . 3.32 -22.38 31.89
CBD CLA WL . 4.62 -22.94 29.97
CGD CLA WL . 5.88 -22.14 30.28
O1D CLA WL . 6.73 -22.46 31.06
O2D CLA WL . 5.92 -21.02 29.56
CED CLA WL . 7.04 -20.14 29.81
C1 CLA WL . 9.33 -27.69 29.67
C2 CLA WL . 8.98 -28.63 30.76
C3 CLA WL . 9.68 -29.74 30.98
MG CLA XL . 9.73 -12.27 30.63
CHA CLA XL . 10.54 -13.66 27.62
CHB CLA XL . 8.20 -9.77 29.04
CHC CLA XL . 9.33 -10.70 33.64
CHD CLA XL . 12.17 -14.32 32.19
NA CLA XL . 9.38 -11.88 28.76
C1A CLA XL . 9.69 -12.60 27.61
C2A CLA XL . 9.05 -12.07 26.36
C3A CLA XL . 8.61 -10.69 26.79
C4A CLA XL . 8.73 -10.77 28.30
CMA CLA XL . 9.45 -9.57 26.21
CAA CLA XL . 7.87 -12.99 26.02
CBA CLA XL . 7.52 -13.04 24.54
CGA CLA XL . 6.53 -14.11 24.20
O1A CLA XL . 6.76 -15.07 23.51
O2A CLA XL . 5.36 -13.89 24.79
NB CLA XL . 8.89 -10.61 31.24
C1B CLA XL . 8.20 -9.65 30.41
C2B CLA XL . 7.62 -8.65 31.22
C3B CLA XL . 7.93 -8.95 32.53
C4B CLA XL . 8.72 -10.12 32.55
CMB CLA XL . 6.80 -7.49 30.74
CAB CLA XL . 7.49 -8.25 33.75
CBB CLA XL . 6.53 -8.59 34.55
NC CLA XL . 10.50 -12.48 32.43
C1C CLA XL . 10.18 -11.75 33.56
C2C CLA XL . 10.92 -12.17 34.73
C3C CLA XL . 11.74 -13.20 34.33
C4C CLA XL . 11.50 -13.39 32.91
CMC CLA XL . 10.82 -11.58 36.10
CAC CLA XL . 12.71 -13.97 35.16
CBC CLA XL . 14.15 -13.56 34.92
ND CLA XL . 11.02 -13.63 30.13
C1D CLA XL . 11.98 -14.48 30.83
C2D CLA XL . 12.59 -15.37 29.93
C3D CLA XL . 12.03 -15.11 28.65
C4D CLA XL . 11.13 -14.07 28.83
CMD CLA XL . 13.62 -16.40 30.26
CAD CLA XL . 12.00 -15.49 27.25
OBD CLA XL . 12.60 -16.38 26.68
CBD CLA XL . 11.06 -14.58 26.51
CGD CLA XL . 11.82 -13.84 25.43
O1D CLA XL . 12.12 -14.30 24.36
O2D CLA XL . 12.13 -12.61 25.81
CED CLA XL . 12.91 -11.83 24.88
C1 CLA XL . 4.38 -14.96 24.67
C2 CLA XL . 3.52 -14.72 23.48
C3 CLA XL . 2.49 -15.51 23.20
C4 CLA XL . 2.11 -16.71 24.01
C5 CLA XL . 1.61 -15.23 22.00
C6 CLA XL . 0.82 -13.94 22.13
C7 CLA XL . -0.15 -13.97 23.30
C8 CLA XL . -1.11 -12.78 23.40
C9 CLA XL . -0.44 -11.55 24.01
C10 CLA XL . -2.38 -13.16 24.13
C11 CLA XL . -3.38 -13.95 23.29
C12 CLA XL . -4.71 -14.18 23.99
C13 CLA XL . -5.95 -14.00 23.13
C14 CLA XL . -6.95 -13.06 23.78
C15 CLA XL . -6.60 -15.34 22.78
C16 CLA XL . -5.69 -16.42 22.20
C17 CLA XL . -6.23 -17.05 20.93
C18 CLA XL . -5.74 -18.46 20.61
C19 CLA XL . -4.26 -18.62 20.80
C20 CLA XL . -6.50 -19.49 21.43
C1 BCR YL . 31.57 23.01 37.56
C2 BCR YL . 31.42 24.27 36.70
C3 BCR YL . 30.12 25.01 36.98
C4 BCR YL . 28.95 24.09 36.66
C5 BCR YL . 29.08 22.72 37.26
C6 BCR YL . 30.28 22.21 37.60
C7 BCR YL . 30.45 20.84 38.12
C8 BCR YL . 29.87 19.74 37.63
C9 BCR YL . 30.02 18.38 38.13
C10 BCR YL . 29.33 17.41 37.51
C11 BCR YL . 29.32 16.01 37.82
C33 BCR YL . 27.75 22.10 37.59
C31 BCR YL . 31.99 23.39 38.98
C32 BCR YL . 32.71 22.18 36.93
C34 BCR YL . 30.94 18.17 39.29
C12 BCR YL . 28.58 15.12 37.12
C13 BCR YL . 28.52 13.70 37.35
C14 BCR YL . 27.64 12.98 36.61
C15 BCR YL . 27.38 11.58 36.63
C16 BCR YL . 26.59 10.99 35.71
C17 BCR YL . 26.31 9.59 35.71
C18 BCR YL . 25.38 8.95 34.97
C19 BCR YL . 25.24 7.52 35.11
C20 BCR YL . 24.11 6.83 34.88
C21 BCR YL . 24.01 5.39 35.04
C22 BCR YL . 23.04 4.58 34.54
C23 BCR YL . 23.14 3.16 34.83
C24 BCR YL . 22.24 2.22 34.47
C25 BCR YL . 22.28 0.77 34.75
C26 BCR YL . 21.15 0.02 34.74
C27 BCR YL . 21.13 -1.42 35.18
C28 BCR YL . 22.47 -1.96 35.64
C29 BCR YL . 23.59 -1.39 34.78
C30 BCR YL . 23.67 0.13 34.79
C35 BCR YL . 29.44 13.10 38.38
C36 BCR YL . 24.49 9.65 33.99
C37 BCR YL . 21.89 5.06 33.72
C38 BCR YL . 19.77 0.59 34.69
C39 BCR YL . 24.52 0.60 33.60
C40 BCR YL . 24.38 0.54 36.10
C1 BCR ZL . 6.75 23.41 7.59
C2 BCR ZL . 6.31 24.42 6.53
C3 BCR ZL . 6.16 25.85 7.01
C4 BCR ZL . 7.42 26.35 7.71
C5 BCR ZL . 8.19 25.30 8.44
C6 BCR ZL . 7.75 24.03 8.57
C7 BCR ZL . 8.49 23.03 9.36
C8 BCR ZL . 8.35 22.81 10.68
C9 BCR ZL . 9.10 21.84 11.44
C10 BCR ZL . 9.39 22.14 12.73
C11 BCR ZL . 10.13 21.34 13.67
C33 BCR ZL . 9.24 25.92 9.33
C31 BCR ZL . 7.35 22.18 6.92
C32 BCR ZL . 5.49 22.98 8.36
C34 BCR ZL . 9.51 20.57 10.76
C12 BCR ZL . 10.10 21.61 14.99
C13 BCR ZL . 10.81 20.90 16.03
C14 BCR ZL . 10.62 21.35 17.29
C15 BCR ZL . 11.20 20.87 18.51
C16 BCR ZL . 10.67 21.20 19.71
C17 BCR ZL . 11.23 20.77 20.96
C18 BCR ZL . 10.57 20.60 22.13
C19 BCR ZL . 11.36 20.20 23.27
C20 BCR ZL . 10.94 19.63 24.41
C21 BCR ZL . 11.86 19.32 25.46
C22 BCR ZL . 11.59 19.21 26.79
C23 BCR ZL . 12.69 18.91 27.68
C24 BCR ZL . 12.67 19.07 29.01
C25 BCR ZL . 13.71 18.80 30.02
C26 BCR ZL . 13.40 18.94 31.32
C27 BCR ZL . 14.45 19.08 32.38
C28 BCR ZL . 15.69 18.30 32.02
C29 BCR ZL . 16.19 18.83 30.69
C30 BCR ZL . 15.18 18.80 29.54
C35 BCR ZL . 11.68 19.75 15.65
C36 BCR ZL . 9.10 20.83 22.31
C37 BCR ZL . 10.22 19.37 27.37
C38 BCR ZL . 12.01 18.78 31.89
C39 BCR ZL . 15.52 17.57 28.69
C40 BCR ZL . 15.49 20.05 28.73
C1 BCR AM . 12.34 9.16 29.04
C2 BCR AM . 11.70 10.04 30.12
C3 BCR AM . 12.70 10.94 30.82
C4 BCR AM . 13.75 10.09 31.50
C5 BCR AM . 14.31 9.00 30.64
C6 BCR AM . 13.68 8.58 29.51
C7 BCR AM . 14.15 7.43 28.74
C8 BCR AM . 14.73 7.49 27.52
C9 BCR AM . 15.20 6.35 26.73
C10 BCR AM . 15.84 6.55 25.56
C11 BCR AM . 16.16 7.80 24.92
C33 BCR AM . 15.50 8.33 31.24
C31 BCR AM . 12.55 9.98 27.76
C32 BCR AM . 11.36 8.03 28.75
C34 BCR AM . 14.94 4.97 27.27
C12 BCR AM . 16.87 7.86 23.76
C13 BCR AM . 17.23 9.09 23.07
C14 BCR AM . 18.38 9.08 22.35
C15 BCR AM . 18.95 10.16 21.61
C16 BCR AM . 19.81 9.99 20.57
C17 BCR AM . 20.40 11.10 19.88
C18 BCR AM . 21.23 11.07 18.80
C19 BCR AM . 21.72 12.33 18.29
C20 BCR AM . 22.92 12.50 17.68
C21 BCR AM . 23.40 13.76 17.18
C22 BCR AM . 24.43 13.91 16.30
C23 BCR AM . 24.86 15.23 15.84
C24 BCR AM . 24.47 16.42 16.34
C25 BCR AM . 24.94 17.74 15.88
C26 BCR AM . 25.51 18.62 16.72
C27 BCR AM . 25.78 20.05 16.33
C28 BCR AM . 25.83 20.28 14.83
C29 BCR AM . 24.65 19.59 14.18
C30 BCR AM . 24.67 18.07 14.40
C35 BCR AM . 16.33 10.27 23.24
C36 BCR AM . 21.67 9.81 18.13
C37 BCR AM . 25.18 12.74 15.74
C38 BCR AM . 26.12 18.24 18.04
C39 BCR AM . 25.75 17.44 13.51
C40 BCR AM . 23.31 17.54 13.95
C1A DGD BM . -9.93 -43.56 22.61
C2A DGD BM . -8.64 -43.87 21.95
C3A DGD BM . -8.31 -45.34 22.09
C4A DGD BM . -8.97 -46.13 20.97
C5A DGD BM . -8.17 -47.40 20.72
C6A DGD BM . -8.43 -48.42 21.81
C7A DGD BM . -7.24 -48.30 22.75
O1A DGD BM . -10.12 -42.98 23.67
C1B DGD BM . -12.56 -45.41 18.98
C2B DGD BM . -11.66 -44.46 18.26
C3B DGD BM . -11.59 -44.77 16.77
C4B DGD BM . -10.41 -44.08 16.10
C5B DGD BM . -10.66 -44.27 14.60
C6B DGD BM . -9.31 -44.57 13.93
C7B DGD BM . -9.03 -43.38 13.05
C8B DGD BM . -7.85 -43.77 12.21
C9B DGD BM . -7.81 -42.83 11.05
CAB DGD BM . -6.56 -43.22 10.31
CBB DGD BM . -6.58 -42.38 9.07
CCB DGD BM . -6.29 -43.36 7.95
CDB DGD BM . -6.19 -42.46 6.75
CEB DGD BM . -5.00 -42.89 5.94
CFB DGD BM . -5.33 -44.30 5.46
CGB DGD BM . -4.47 -44.57 4.25
CHB DGD BM . -3.66 -45.85 4.47
CIB DGD BM . -3.77 -46.69 3.21
O1B DGD BM . -13.05 -46.42 18.51
O1G DGD BM . -10.94 -43.72 21.73
C1G DGD BM . -12.22 -43.90 22.24
C2G DGD BM . -13.11 -44.46 21.11
O2G DGD BM . -12.34 -45.35 20.33
C3G DGD BM . -14.21 -45.29 21.80
O3G DGD BM . -14.99 -44.27 22.41
C1D DGD BM . -15.00 -44.29 23.81
C2D DGD BM . -15.71 -42.99 24.24
O2D DGD BM . -14.78 -41.98 24.02
C3D DGD BM . -15.95 -43.10 25.75
O3D DGD BM . -16.75 -42.04 26.15
C4D DGD BM . -16.74 -44.40 26.05
O4D DGD BM . -17.95 -44.40 25.34
C5D DGD BM . -15.93 -45.57 25.49
O5D DGD BM . -16.72 -47.08 27.07
C6D DGD BM . -16.61 -46.94 25.68
O6D DGD BM . -15.79 -45.42 24.11
C1E DGD BM . -18.01 -47.05 27.59
C2E DGD BM . -17.92 -47.06 29.15
O2E DGD BM . -17.21 -45.94 29.52
C3E DGD BM . -17.18 -48.33 29.59
O3E DGD BM . -17.27 -48.34 30.99
C4E DGD BM . -17.92 -49.56 29.03
O4E DGD BM . -19.21 -49.61 29.55
C5E DGD BM . -18.06 -49.42 27.50
O6E DGD BM . -18.65 -48.20 27.12
C6E DGD BM . -19.05 -50.46 26.93
O5E DGD BM . -19.45 -51.22 28.03
C1 LMG CM . -14.30 -47.25 31.71
O1 LMG CM . -13.48 -47.99 30.87
C2 LMG CM . -14.42 -47.99 33.04
O2 LMG CM . -15.29 -49.07 32.84
C3 LMG CM . -14.95 -47.01 34.09
O3 LMG CM . -13.88 -46.71 34.94
C4 LMG CM . -15.59 -45.78 33.47
O4 LMG CM . -16.08 -44.96 34.50
C5 LMG CM . -14.53 -45.07 32.61
O5 LMG CM . -13.36 -43.01 32.70
C6 LMG CM . -13.56 -44.21 33.40
O6 LMG CM . -13.73 -45.98 31.90
C7 LMG CM . -13.32 -47.44 29.57
C8 LMG CM . -13.36 -48.60 28.58
C9 LMG CM . -12.26 -48.56 27.54
O7 LMG CM . -13.30 -49.78 29.39
C10 LMG CM . -12.96 -50.97 28.88
O9 LMG CM . -11.97 -51.57 29.22
C11 LMG CM . -13.95 -51.43 27.84
C12 LMG CM . -13.41 -52.60 27.03
C13 LMG CM . -13.99 -52.63 25.62
C14 LMG CM . -13.66 -53.94 24.89
C15 LMG CM . -14.75 -54.42 23.94
C16 LMG CM . -14.45 -54.11 22.47
C17 LMG CM . -15.66 -54.30 21.57
C18 LMG CM . -15.34 -54.27 20.08
C19 LMG CM . -15.21 -52.88 19.49
C20 LMG CM . -16.26 -52.53 18.44
C21 LMG CM . -15.72 -51.66 17.31
C22 LMG CM . -14.83 -52.44 16.35
C23 LMG CM . -14.23 -51.59 15.22
C24 LMG CM . -12.71 -51.47 15.27
C25 LMG CM . -12.08 -50.96 13.98
C26 LMG CM . -11.65 -52.05 13.01
C27 LMG CM . -11.88 -51.66 11.56
O8 LMG CM . -12.45 -47.40 26.75
C28 LMG CM . -11.79 -47.33 25.59
O10 LMG CM . -10.61 -47.08 25.52
C29 LMG CM . -12.70 -47.56 24.41
C30 LMG CM . -13.24 -48.99 24.29
C31 LMG CM . -14.27 -49.15 23.18
C32 LMG CM . -15.42 -50.06 23.57
C33 LMG CM . -16.66 -49.93 22.71
C34 LMG CM . -17.91 -50.61 23.26
C35 LMG CM . -19.10 -50.54 22.32
C36 LMG CM . -19.07 -51.58 21.20
C37 LMG CM . -20.45 -52.09 20.80
C38 LMG CM . -20.45 -53.30 19.86
C39 LMG CM . -20.12 -54.60 20.58
C40 LMG CM . -20.27 -55.83 19.70
C1 BCR DM . 7.70 35.56 -0.63
C2 BCR DM . 6.58 35.14 0.33
C3 BCR DM . 6.21 33.68 0.23
C4 BCR DM . 7.40 32.76 0.39
C5 BCR DM . 8.72 33.31 -0.07
C6 BCR DM . 8.84 34.53 -0.64
C7 BCR DM . 10.16 35.12 -0.86
C8 BCR DM . 10.92 34.98 -1.96
C9 BCR DM . 12.21 35.60 -2.11
C10 BCR DM . 13.11 35.48 -1.11
C11 BCR DM . 14.42 36.06 -1.08
C33 BCR DM . 9.73 32.22 -0.24
C31 BCR DM . 8.20 36.95 -0.23
C32 BCR DM . 7.08 35.66 -2.03
C34 BCR DM . 12.47 36.37 -3.38
C12 BCR DM . 15.52 35.51 -0.51
C13 BCR DM . 16.79 36.18 -0.52
C14 BCR DM . 17.61 36.10 0.57
C15 BCR DM . 18.87 36.75 0.71
C16 BCR DM . 19.63 36.70 1.83
C17 BCR DM . 20.86 37.43 1.91
C18 BCR DM . 21.56 37.72 3.04
C19 BCR DM . 22.76 38.50 2.90
C20 BCR DM . 23.18 39.41 3.81
C21 BCR DM . 24.38 40.19 3.66
C22 BCR DM . 24.90 41.04 4.57
C23 BCR DM . 26.11 41.77 4.26
C24 BCR DM . 26.17 43.09 4.05
C25 BCR DM . 27.36 43.89 3.73
C26 BCR DM . 28.27 43.54 2.79
C27 BCR DM . 29.39 44.44 2.37
C28 BCR DM . 29.21 45.88 2.82
C29 BCR DM . 28.80 45.90 4.28
C30 BCR DM . 27.44 45.21 4.50
C35 BCR DM . 17.14 36.99 -1.73
C36 BCR DM . 21.13 37.31 4.41
C37 BCR DM . 24.29 41.28 5.93
C38 BCR DM . 28.22 42.27 1.98
C39 BCR DM . 26.31 46.16 4.09
C40 BCR DM . 27.31 44.95 6.01
C DD6 EM . -18.71 35.35 -63.34
C1 DD6 EM . -18.86 35.21 -61.86
C10 DD6 EM . -9.46 33.10 -61.13
C11 DD6 EM . -8.22 32.73 -60.75
C12 DD6 EM . -7.83 32.56 -59.31
C13 DD6 EM . -7.23 32.46 -61.77
C14 DD6 EM . -5.91 32.40 -61.71
C15 DD6 EM . -5.01 32.09 -62.89
C16 DD6 EM . -3.72 31.34 -62.63
C17 DD6 EM . -2.70 31.65 -63.73
C18 DD6 EM . -3.27 31.64 -65.14
C19 DD6 EM . -4.24 32.80 -65.32
C2 DD6 EM . -17.82 34.96 -61.03
C20 DD6 EM . -5.25 32.85 -64.19
C21 DD6 EM . -6.26 33.96 -64.32
C22 DD6 EM . -4.03 29.84 -62.64
C23 DD6 EM . -3.09 31.66 -61.27
C24 DD6 EM . -20.19 35.31 -61.29
C25 DD6 EM . -21.34 35.42 -61.98
C26 DD6 EM . -22.62 35.52 -61.36
C27 DD6 EM . -23.83 35.62 -61.99
C28 DD6 EM . -24.01 35.64 -63.48
C29 DD6 EM . -25.00 35.71 -61.18
C3 DD6 EM . -16.45 34.75 -61.40
C30 DD6 EM . -26.06 35.78 -60.61
C31 DD6 EM . -27.36 35.82 -60.03
C32 DD6 EM . -28.22 34.57 -60.16
C33 DD6 EM . -29.46 34.73 -59.26
C34 DD6 EM . -29.19 35.50 -57.98
C35 DD6 EM . -28.81 36.92 -58.35
C36 DD6 EM . -27.77 36.96 -59.43
C37 DD6 EM . -27.24 38.33 -59.77
C4 DD6 EM . -15.45 34.51 -60.53
C40 DD6 EM . -27.44 33.33 -59.73
C41 DD6 EM . -28.67 34.38 -61.61
C5 DD6 EM . -14.12 34.30 -60.95
C6 DD6 EM . -13.02 34.04 -60.19
C7 DD6 EM . -13.05 33.99 -58.70
C8 DD6 EM . -11.77 33.74 -60.87
C9 DD6 EM . -10.60 33.38 -60.33
O1 DD6 EM . -5.81 31.54 -63.94
O2 DD6 EM . -2.20 31.76 -66.08
O4 DD6 EM . -30.38 35.52 -57.17
O1 LHG FM . 2.93 36.24 -64.64
C1 LHG FM . 3.11 37.11 -63.55
C2 LHG FM . 1.84 37.90 -63.29
O2 LHG FM . 1.44 38.51 -64.50
C3 LHG FM . 2.03 38.90 -62.15
O3 LHG FM . 0.78 39.40 -61.70
P LHG FM . 0.57 41.02 -61.50
O4 LHG FM . 0.92 41.41 -60.11
O5 LHG FM . 1.21 41.72 -62.67
O6 LHG FM . -1.04 41.08 -61.75
C4 LHG FM . -1.91 40.27 -61.00
C5 LHG FM . -3.31 40.88 -61.04
C6 LHG FM . -4.41 39.93 -61.44
O7 LHG FM . -3.56 41.33 -59.70
C7 LHG FM . -4.02 42.56 -59.49
O9 LHG FM . -3.46 43.55 -59.86
C8 LHG FM . -5.34 42.59 -58.76
C9 LHG FM . -6.00 43.94 -58.55
C10 LHG FM . -7.46 43.81 -58.08
O8 LHG FM . -5.34 39.88 -60.38
C23 LHG FM . -6.14 38.81 -60.28
O10 LHG FM . -5.83 37.83 -59.66
C24 LHG FM . -7.43 39.01 -61.02
C11 LHG FM . -8.46 43.79 -59.23
C12 LHG FM . -9.57 44.81 -59.10
C13 LHG FM . -10.43 45.00 -60.34
C14 LHG FM . -11.87 45.41 -60.07
C15 LHG FM . -12.01 46.69 -59.23
C16 LHG FM . -13.45 47.14 -59.03
C17 LHG FM . -13.55 48.50 -58.38
C18 LHG FM . -13.13 49.65 -59.29
C19 LHG FM . -13.72 51.00 -58.88
C20 LHG FM . -15.21 51.12 -59.19
C21 LHG FM . -16.06 51.57 -58.01
C22 LHG FM . -17.47 52.01 -58.39
C25 LHG FM . -8.40 37.86 -60.84
C26 LHG FM . -9.59 38.17 -59.93
C27 LHG FM . -10.93 38.02 -60.65
C28 LHG FM . -12.14 38.13 -59.72
C29 LHG FM . -13.45 37.68 -60.34
C30 LHG FM . -14.54 38.73 -60.41
C31 LHG FM . -15.65 38.51 -59.38
C32 LHG FM . -16.61 39.69 -59.27
C33 LHG FM . -17.75 39.42 -58.31
C34 LHG FM . -19.13 39.84 -58.81
C35 LHG FM . -20.25 38.99 -58.24
MG CLA GM . 10.79 38.16 -44.25
CHA CLA GM . 12.66 36.37 -46.46
CHB CLA GM . 13.24 40.39 -44.07
CHC CLA GM . 9.08 39.64 -41.69
CHD CLA GM . 8.55 35.43 -43.99
NA CLA GM . 12.47 38.36 -45.19
C1A CLA GM . 13.05 37.62 -46.20
C2A CLA GM . 14.14 38.36 -46.93
C3A CLA GM . 14.58 39.34 -45.87
C4A CLA GM . 13.36 39.39 -44.97
CMA CLA GM . 15.84 38.93 -45.11
CAA CLA GM . 13.52 39.02 -48.16
CBA CLA GM . 12.00 39.21 -48.12
CGA CLA GM . 11.46 40.06 -49.24
O1A CLA GM . 12.01 40.23 -50.29
O2A CLA GM . 10.29 40.59 -48.90
NB CLA GM . 11.09 39.70 -43.11
C1B CLA GM . 12.20 40.62 -43.18
C2B CLA GM . 12.04 41.66 -42.25
C3B CLA GM . 10.83 41.43 -41.58
C4B CLA GM . 10.27 40.24 -42.08
CMB CLA GM . 12.97 42.82 -42.05
CAB CLA GM . 10.23 42.26 -40.53
CBB CLA GM . 9.98 43.54 -40.57
NC CLA GM . 9.21 37.69 -43.17
C1C CLA GM . 8.61 38.47 -42.19
C2C CLA GM . 7.38 37.87 -41.70
C3C CLA GM . 7.21 36.69 -42.38
C4C CLA GM . 8.34 36.54 -43.26
CMC CLA GM . 6.46 38.41 -40.66
CAC CLA GM . 6.04 35.75 -42.32
CBC CLA GM . 6.32 34.49 -41.52
ND CLA GM . 10.62 36.36 -44.95
C1D CLA GM . 9.66 35.26 -44.81
C2D CLA GM . 10.03 34.18 -45.62
C3D CLA GM . 11.22 34.54 -46.29
C4D CLA GM . 11.52 35.83 -45.86
CMD CLA GM . 9.29 32.88 -45.75
CAD CLA GM . 12.28 34.14 -47.22
OBD CLA GM . 12.44 33.07 -47.76
CBD CLA GM . 13.22 35.30 -47.43
CGD CLA GM . 14.66 34.90 -47.14
O1D CLA GM . 15.36 35.39 -46.31
O2D CLA GM . 15.04 33.92 -47.96
CED CLA GM . 16.43 33.52 -47.86
C1 CLA GM . 9.64 41.42 -49.91
C2 CLA GM . 9.12 42.65 -49.26
C3 CLA GM . 8.07 42.62 -48.43
MG CLA HM . -15.17 33.40 -37.35
CHA CLA HM . -16.19 36.39 -36.07
CHB CLA HM . -18.29 32.71 -38.22
CHC CLA HM . -14.09 30.28 -38.27
CHD CLA HM . -12.08 33.78 -35.60
NA CLA HM . -16.83 34.39 -37.21
C1A CLA HM . -17.11 35.66 -36.71
C2A CLA HM . -18.51 36.12 -36.98
C3A CLA HM . -19.20 34.88 -37.49
C4A CLA HM . -18.05 33.92 -37.66
CMA CLA HM . -20.27 34.34 -36.55
CAA CLA HM . -18.47 37.26 -38.02
CBA CLA HM . -17.53 37.06 -39.21
CGA CLA HM . -17.55 38.24 -40.13
O1A CLA HM . -18.55 38.75 -40.57
O2A CLA HM . -16.33 38.70 -40.38
NB CLA HM . -16.01 31.82 -38.11
C1B CLA HM . -17.40 31.69 -38.48
C2B CLA HM . -17.62 30.44 -39.09
C3B CLA HM . -16.41 29.76 -39.10
C4B CLA HM . -15.43 30.58 -38.50
CMB CLA HM . -18.93 29.93 -39.62
CAB CLA HM . -16.13 28.43 -39.67
CBB CLA HM . -15.56 27.41 -39.09
NC CLA HM . -13.52 32.33 -37.05
C1C CLA HM . -13.26 31.08 -37.57
C2C CLA HM . -11.94 30.61 -37.21
C3C CLA HM . -11.36 31.58 -36.43
C4C CLA HM . -12.32 32.65 -36.31
CMC CLA HM . -11.32 29.31 -37.62
CAC CLA HM . -9.99 31.54 -35.82
CBC CLA HM . -8.90 31.89 -36.80
ND CLA HM . -14.31 34.67 -36.14
C1D CLA HM . -13.02 34.78 -35.47
C2D CLA HM . -12.94 36.01 -34.78
C3D CLA HM . -14.15 36.70 -35.00
C4D CLA HM . -14.92 35.87 -35.80
CMD CLA HM . -11.76 36.49 -33.97
CAD CLA HM . -14.92 37.91 -34.75
OBD CLA HM . -14.61 38.87 -34.08
CBD CLA HM . -16.23 37.81 -35.47
CGD CLA HM . -17.37 38.10 -34.49
O1D CLA HM . -18.49 38.37 -34.83
O2D CLA HM . -16.94 38.06 -33.25
CED CLA HM . -17.85 38.59 -32.25
C1 CLA HM . -16.23 40.10 -40.78
C2 CLA HM . -15.76 40.24 -42.19
C3 CLA HM . -14.52 40.06 -42.60
C4 CLA HM . -14.08 40.24 -44.03
C5 CLA HM . -13.42 39.61 -41.66
C6 CLA HM . -12.36 40.68 -41.41
C7 CLA HM . -10.94 40.17 -41.58
C8 CLA HM . -9.85 40.75 -40.67
C9 CLA HM . -10.02 42.26 -40.48
C10 CLA HM . -8.45 40.43 -41.19
C11 CLA HM . -8.17 39.02 -41.73
C12 CLA HM . -7.99 37.97 -40.63
C13 CLA HM . -6.81 37.00 -40.83
C14 CLA HM . -6.74 36.46 -42.26
C15 CLA HM . -6.85 35.87 -39.81
C DD6 IM . -15.85 33.96 -51.65
C1 DD6 IM . -16.62 32.73 -51.31
C10 DD6 IM . -8.82 29.57 -46.49
C11 DD6 IM . -7.99 28.91 -45.65
C12 DD6 IM . -8.40 27.68 -44.89
C13 DD6 IM . -6.63 29.39 -45.48
C14 DD6 IM . -6.04 30.48 -45.93
C15 DD6 IM . -4.61 30.90 -45.72
C16 DD6 IM . -4.18 31.23 -44.33
C17 DD6 IM . -3.32 32.50 -44.35
C18 DD6 IM . -2.18 32.46 -45.35
C19 DD6 IM . -2.74 32.45 -46.77
C2 DD6 IM . -16.07 31.69 -50.62
C20 DD6 IM . -3.91 31.50 -46.93
C21 DD6 IM . -4.55 31.57 -48.30
C22 DD6 IM . -3.37 30.07 -43.75
C23 DD6 IM . -5.37 31.47 -43.38
C24 DD6 IM . -18.02 32.67 -51.69
C25 DD6 IM . -18.71 33.67 -52.27
C26 DD6 IM . -20.08 33.63 -52.65
C27 DD6 IM . -20.79 34.68 -53.12
C28 DD6 IM . -20.21 36.06 -53.29
C29 DD6 IM . -22.15 34.55 -53.51
C3 DD6 IM . -14.73 31.60 -50.13
C30 DD6 IM . -23.28 34.70 -53.92
C31 DD6 IM . -24.57 35.01 -54.42
C32 DD6 IM . -25.07 34.29 -55.68
C33 DD6 IM . -25.46 35.36 -56.75
C34 DD6 IM . -25.74 36.77 -56.23
C35 DD6 IM . -26.25 36.78 -54.80
C36 DD6 IM . -25.35 35.97 -53.91
C37 DD6 IM . -25.38 36.34 -52.44
C4 DD6 IM . -14.25 30.60 -49.36
C40 DD6 IM . -26.31 33.45 -55.36
C41 DD6 IM . -23.98 33.37 -56.25
C5 DD6 IM . -12.90 30.60 -48.92
C6 DD6 IM . -12.29 29.72 -48.08
C7 DD6 IM . -13.00 28.53 -47.49
C8 DD6 IM . -10.91 29.95 -47.69
C9 DD6 IM . -10.18 29.26 -46.81
O1 DD6 IM . -3.65 30.15 -46.46
O2 DD6 IM . -1.35 33.62 -45.19
O4 DD6 IM . -24.54 37.55 -56.32
C DD6 JM . 4.61 44.46 -41.01
C1 DD6 JM . 6.08 44.48 -41.33
C10 DD6 JM . 5.54 36.22 -46.57
C11 DD6 JM . 5.93 35.15 -47.31
C12 DD6 JM . 7.34 35.01 -47.84
C13 DD6 JM . 4.98 34.13 -47.67
C14 DD6 JM . 3.72 33.96 -47.32
C15 DD6 JM . 2.82 32.84 -47.80
C16 DD6 JM . 1.59 33.19 -48.53
C17 DD6 JM . 1.14 31.98 -49.37
C18 DD6 JM . 1.11 30.61 -48.68
C19 DD6 JM . 1.58 30.68 -47.24
C2 DD6 JM . 6.68 43.53 -42.09
C20 DD6 JM . 2.80 31.55 -47.05
C21 DD6 JM . 3.67 31.27 -45.85
C22 DD6 JM . 1.90 34.36 -49.47
C23 DD6 JM . 0.44 33.64 -47.61
C24 DD6 JM . 6.89 45.54 -40.76
C25 DD6 JM . 6.46 46.57 -40.01
C26 DD6 JM . 7.32 47.58 -39.49
C27 DD6 JM . 6.97 48.63 -38.72
C28 DD6 JM . 5.56 48.94 -38.28
C29 DD6 JM . 7.99 49.53 -38.29
C3 DD6 JM . 6.06 42.38 -42.69
C30 DD6 JM . 8.79 50.31 -37.85
C31 DD6 JM . 9.78 51.15 -37.26
C32 DD6 JM . 11.21 51.04 -37.77
C33 DD6 JM . 12.07 52.02 -36.98
C34 DD6 JM . 11.44 53.39 -36.85
C35 DD6 JM . 10.12 53.33 -36.11
C36 DD6 JM . 9.43 51.99 -36.27
C37 DD6 JM . 8.37 51.71 -35.24
C4 DD6 JM . 6.73 41.54 -43.52
C40 DD6 JM . 11.27 51.40 -39.27
C41 DD6 JM . 11.74 49.61 -37.59
C5 DD6 JM . 6.11 40.38 -44.12
C6 DD6 JM . 6.65 39.54 -45.02
C7 DD6 JM . 8.03 39.71 -45.59
C8 DD6 JM . 5.89 38.37 -45.45
C9 DD6 JM . 6.35 37.34 -46.18
O1 DD6 JM . 3.53 31.71 -48.30
O2 DD6 JM . -0.23 30.11 -48.72
O4 DD6 JM . 12.34 54.26 -36.15
O6 SQD KM . 3.68 -63.50 -7.24
C44 SQD KM . 2.95 -62.29 -7.02
C45 SQD KM . 2.32 -62.35 -5.64
C46 SQD KM . 3.36 -62.02 -4.57
O47 SQD KM . 1.24 -61.40 -5.53
C7 SQD KM . -0.01 -61.93 -5.00
O49 SQD KM . -0.10 -63.10 -4.67
C8 SQD KM . -1.19 -61.00 -4.84
C9 SQD KM . -2.25 -61.62 -3.93
C10 SQD KM . -1.80 -61.68 -2.47
C11 SQD KM . -2.97 -62.06 -1.57
C12 SQD KM . -2.52 -62.51 -0.18
C13 SQD KM . -2.66 -61.41 0.87
C14 SQD KM . -3.40 -61.94 2.11
C15 SQD KM . -3.60 -60.82 3.13
C16 SQD KM . -4.39 -61.32 4.33
C17 SQD KM . -4.43 -60.27 5.44
C18 SQD KM . -4.98 -60.83 6.74
C19 SQD KM . -5.18 -59.74 7.78
C20 SQD KM . -3.85 -59.12 8.20
O48 SQD KM . 2.80 -62.24 -3.28
C23 SQD KM . 3.42 -61.69 -2.10
O10 SQD KM . 4.32 -60.87 -2.23
C24 SQD KM . 2.95 -62.11 -0.72
C25 SQD KM . 3.42 -61.11 0.32
C26 SQD KM . 3.36 -61.70 1.73
C27 SQD KM . 1.95 -61.68 2.32
C28 SQD KM . 1.96 -61.01 3.68
C29 SQD KM . 0.57 -61.03 4.31
C30 SQD KM . 0.49 -60.13 5.55
C31 SQD KM . 1.00 -60.85 6.79
C32 SQD KM . 0.72 -60.02 8.04
C1 SQD KM . 4.71 -63.40 -8.23
C2 SQD KM . 5.45 -64.74 -8.26
O2 SQD KM . 6.08 -64.98 -7.00
C3 SQD KM . 6.51 -64.74 -9.35
O3 SQD KM . 7.10 -66.04 -9.45
C4 SQD KM . 5.86 -64.37 -10.68
O4 SQD KM . 6.86 -64.31 -11.71
C5 SQD KM . 5.16 -63.02 -10.53
C6 SQD KM . 4.52 -62.61 -11.86
O5 SQD KM . 4.15 -63.11 -9.52
S SQD KM . 5.18 -61.20 -12.45
O7 SQD KM . 6.58 -61.14 -12.17
O8 SQD KM . 4.96 -61.13 -14.07
O9 SQD KM . 4.53 -60.07 -11.83
#